data_8JZE
#
_entry.id   8JZE
#
_cell.length_a   1.00
_cell.length_b   1.00
_cell.length_c   1.00
_cell.angle_alpha   90.00
_cell.angle_beta   90.00
_cell.angle_gamma   90.00
#
_symmetry.space_group_name_H-M   'P 1'
#
loop_
_entity.id
_entity.type
_entity.pdbx_description
1 polymer 'Chlorophyll a-chlorophyll c-peridinin-protein-complex I-7, acpPCI-7'
2 polymer 'Chlorophyll a-chlorophyll c-peridinin-protein-complex I-6, acpPCI-6'
3 polymer 'Photosystem I unk'
4 polymer 'Photosystem I unk'
5 polymer 'Chlorophyll a-chlorophyll c-peridinin-protein-complex I-8, acpPCI-8'
6 polymer 'Chlorophyll a-chlorophyll c-peridinin-protein-complex I-10, acpPCI-10'
7 polymer 'Photosystem I PsaC'
8 polymer 'Photosystem I PsaD'
9 polymer 'Photosystem I PsaE'
10 polymer 'Photosystem I PsaF'
11 polymer 'Photosystem I PsaR'
12 polymer 'Photosystem I PsaI'
13 polymer 'Photosystem I PsaJ'
14 polymer 'Photosystem I PsaL'
15 polymer 'Photosystem I PsaM'
16 polymer 'Photosystem I PsaA'
17 polymer 'Photosystem I PsaB'
18 polymer 'Chlorophyll a-chlorophyll c-peridinin-protein-complex I-11, acpPCI-11'
19 polymer 'Chlorophyll a-chlorophyll c-peridinin-protein-complex I-9, acpPCI-9'
20 polymer 'Chlorophyll a-chlorophyll c-peridinin-protein-complex I-2, acpPCI-2'
21 polymer 'Chlorophyll a-chlorophyll c-peridinin-protein-complex I-12, acpPCI-12'
22 polymer 'Chlorophyll a-chlorophyll c-peridinin-protein-complex I-3, acpPCI-3'
23 polymer 'Chlorophyll a-chlorophyll c-peridinin-protein-complex I-5, acpPCI-5'
24 polymer 'Chlorophyll a-chlorophyll c-peridinin-protein-complex I-4, acpPCI-4'
25 polymer 'Chlorophyll a-chlorophyll c-peridinin-protein-complex I-13, acpPCI-13'
26 polymer 'Chlorophyll a-chlorophyll c-peridinin-protein-complex I-15, acpPCI-15'
27 polymer 'Chlorophyll a-chlorophyll c-peridinin-protein-complex I-14, acpPCI-14'
28 non-polymer "(3S,3'R,5R,6S,7cis)-7',8'-didehydro-5,6-dihydro-5,6-epoxy-beta,beta-carotene-3,3'-diol"
29 non-polymer '[(1~{S},5~{R})-3,3,5-trimethyl-5-oxidanyl-4-[(3~{E},5~{E},7~{E},9~{E},11~{E},13~{E},15~{E},17~{E})-3,7,12,16-tetramethyl-18-[(1~{S},4~{S},6~{R})-2,2,6-trimethyl-4-oxidanyl-7-oxabicyclo[4.1.0]heptan-1-yl]octadeca-1,3,5,7,9,11,13,15,17-nonaenylidene]cyclohexyl] ethanoate'
30 non-polymer 'CHLOROPHYLL A'
31 non-polymer 'Chlorophyll c1'
32 non-polymer 'DIGALACTOSYL DIACYL GLYCEROL (DGDG)'
33 non-polymer 1,2-DISTEAROYL-MONOGALACTOSYL-DIGLYCERIDE
34 non-polymer PERIDININ
35 non-polymer 1,2-DI-O-ACYL-3-O-[6-DEOXY-6-SULFO-ALPHA-D-GLUCOPYRANOSYL]-SN-GLYCEROL
36 non-polymer 'IRON/SULFUR CLUSTER'
37 non-polymer BETA-CAROTENE
38 non-polymer PHYLLOQUINONE
39 non-polymer 1,2-DIPALMITOYL-PHOSPHATIDYL-GLYCEROLE
#
loop_
_entity_poly.entity_id
_entity_poly.type
_entity_poly.pdbx_seq_one_letter_code
_entity_poly.pdbx_strand_id
1 'polypeptide(L)'
;KETSASVPFLPKPKNLAGWVGGETEFDPIGFSNWFDMKWLREAELKHGRVCMMATVGFVLQPYIGAYPGVEMPADSLQAV
YAAPSEAWFAFIFAAGYIESSSYNGKITQLNMFEDSDRVPGNLGWGSTRLEGMSKEESELMQLKELKNGRLAMLAFSGMV
HHNIVVKGALFPLVPDGWTGPEPWAVGSIMNN(UNK)(UNK)(UNK)(UNK)(UNK)(UNK)(UNK)(UNK)
;
I
2 'polypeptide(L)'
;GGYKMSKAVPFLPMSPALEGYVGAEEEGFDPMGFSLALDIRWLREAELKHGRICMLATVGWIATDLGMRLPGPAYQVSTL
EAHDAMVKFGPMAQILIWLGIIEVFSFLAITNMMEGTTDRQPGDYGLRRLYPKDEEGQYEMQLKELRNGRLAMLAFSGIV
TTAVLTGRTWPF(UNK)(UNK)(UNK)(UNK)(UNK)
;
K
3 'polypeptide(L)'
;(UNK)(UNK)(UNK)(UNK)(UNK)(UNK)(UNK)(UNK)(UNK)(UNK)(UNK)(UNK)(UNK)(UNK)(UNK)(UNK)
(UNK)(UNK)(UNK)(UNK)(UNK)(UNK)(UNK)(UNK)(UNK)(UNK)(UNK)(UNK)(UNK)(UNK)(UNK)(UNK)
(UNK)(UNK)(UNK)(UNK)(UNK)(UNK)(UNK)(UNK)(UNK)(UNK)(UNK)(UNK)(UNK)(UNK)(UNK)(UNK)
(UNK)(UNK)(UNK)(UNK)(UNK)(UNK)(UNK)(UNK)(UNK)(UNK)(UNK)(UNK)(UNK)(UNK)(UNK)(UNK)
(UNK)(UNK)(UNK)(UNK)(UNK)(UNK)(UNK)(UNK)(UNK)(UNK)(UNK)(UNK)(UNK)(UNK)
;
z
4 'polypeptide(L)'
;(UNK)(UNK)(UNK)(UNK)(UNK)(UNK)(UNK)(UNK)(UNK)(UNK)(UNK)(UNK)(UNK)(UNK)(UNK)(UNK)
(UNK)(UNK)(UNK)(UNK)(UNK)(UNK)(UNK)(UNK)(UNK)(UNK)(UNK)(UNK)(UNK)(UNK)(UNK)(UNK)
(UNK)(UNK)(UNK)(UNK)(UNK)(UNK)(UNK)(UNK)(UNK)(UNK)(UNK)(UNK)(UNK)(UNK)(UNK)(UNK)
(UNK)(UNK)(UNK)(UNK)(UNK)(UNK)(UNK)(UNK)(UNK)(UNK)(UNK)(UNK)(UNK)(UNK)(UNK)(UNK)
(UNK)(UNK)(UNK)(UNK)(UNK)(UNK)(UNK)(UNK)(UNK)(UNK)(UNK)(UNK)(UNK)(UNK)(UNK)(UNK)
(UNK)(UNK)(UNK)(UNK)(UNK)(UNK)(UNK)(UNK)(UNK)(UNK)(UNK)(UNK)(UNK)(UNK)(UNK)(UNK)
(UNK)(UNK)(UNK)(UNK)(UNK)(UNK)(UNK)(UNK)(UNK)(UNK)(UNK)(UNK)(UNK)(UNK)(UNK)(UNK)
(UNK)(UNK)(UNK)(UNK)(UNK)(UNK)(UNK)(UNK)(UNK)(UNK)(UNK)(UNK)(UNK)(UNK)(UNK)(UNK)
(UNK)(UNK)(UNK)
;
y
5 'polypeptide(L)'
;(UNK)(UNK)(UNK)(UNK)(UNK)(UNK)(UNK)(UNK)(UNK)(UNK)HPKHMLVAGVRGYEMEWQPIPGDAVKYPKP
NSEEMFKTMIGADVETGGEAWDPLGFHKLFDRNFDFNMLPVYPHVQWLREAEIKHGRVCMLAFIGCFAQAGYHIGSYPVQ
PDWSKALAECYASPTGAVGLFQISVLIGWIEGKNYNGDAWVGMSEKEPGDLGFDPAGFTKNPDFDLKKAQLQEIKNGRLA
MVGCASIAANHFIPGSVPLLTGFY
;
G
6 'polypeptide(L)'
;EFAGGLIGGQSAFASQEYNFDPLGLAEKFPEQLPFFREAELKHGRIAMLAWVGLVVPEFVRIPGPEKCWQASAVDAHSAC
V(UNK)(UNK)(UNK)(UNK)(UNK)(UNK)(UNK)(UNK)(UNK)(UNK)(UNK)(UNK)(UNK)(UNK)(UNK)
(UNK)(UNK)(UNK)(UNK)(UNK)GALTQVFIFCGTLEICGTWAKMNPM(UNK)(UNK)(UNK)GLTMENAGDYRLGVN
FLPDEPEKVKEMKLKELKNGRLAMLAFGGAITQATLTGSGFPWLY
;
A
7 'polypeptide(L)'
;SHAVKIYDTCIGCTLCVRACPTDVLEMVPASINAAKQVASSPRVEDCVGCKRCETACPTDFLSIRVYLQDNEETQYSLGL
DLVDWS
;
c
8 'polypeptide(L)'
;VVAEAIPRPEDLLDSPKFPMFEGSTGGYMSRSTRERHAITWTAKGQAKFEMPTGGFAIMNQGENLCYFRKKEQCIALGKQ
LRKMKIENYKIYRLKKDGTVIFMHPADGVFPEKVNKGRVQVNGRPFTIRGNPQQSELKFTKYQGKGYEADPLTTMFVKAR
VMAFADVPNLFALPQPNMDELVPAEEVDKYTRQEYTTRMMEALKRVQDDRAAKAAKSL
;
d
9 'polypeptide(L)' PWVGPKKGSWVKILRPESYWFQQRGQVVNVNQKPEVKYPVTVKFDSVNYANVNTNGYALWEVIEAPAPGPGEV e
10 'polypeptide(L)'
;AKPLEMFGGVDIDLEDTPAHWTIKASPVLEPCKDNKKFHKKLKDELYKVKKNQQKFAEGSAAYARFNKKIKMIELRETAY
GDRLCGKKDGLPRTIATGEWNVRGSAMWPAAIFLYIAGWIGWAGRSYLIRTNDAAKEINIDVPLAVTCMASGFSWPVAAW
QEIVNGEMAVPNDQIHNGGPWNQS
;
f
11 'polypeptide(L)'
;YTETVADERLFEQVYLQYTSEYLKGPLYWHPDKLQGWLPDYPGTPMIKEGKYTSHVIGNLKAFSSNELAFLSMLFFGVGL
YGNLQFNFYDPQWAKVDAGGFFNVSYIVESFLLPISFFMHIACYIQRQNGK
;
h
12 'polypeptide(L)'
;KYGDQRKFAAVLVPLTTLVFPAVAMGMFVLYSFQEDAFWRIVPGTKRARELDEAWREHPLFANSKDPLDGLINPDDYEKG
LEEAWERAKPAGSTVTVKDKLKQLSKQNNPHWESWRAMS
;
i
13 'polypeptide(L)'
;AETEEGLIIKPEEAGKITSRDKNNNPPRIVVKTNDWDIPEYQLSTGASNQVSYITPVVESEDIKAWLSLNVNFFSIIILF
TVGGLIEIQRFFPDTLYW
;
j
14 'polypeptide(L)'
;KIAYLQDIPRTIVEKDALELILKNTPKEQWENPPEDSYLYTVKAFAEMYGPGKATKMGWWDYYRLKMDMPDTTRLSSERE
LQEIEEYEKLMMSGKVPFAVPGPSGYFFTGFVTQWKGKEPFAGDQVITLTENGLFAKQFLSALAFYREGLKPWQRGLEIG
MAHGYFLIGPFTSLGPLRNTPEAATVGLLCGCAIVGIVSIGGLIFGSTIKPTRFDKDGDKPGAGFIEMINWHAVGGLGGA
GFAHALITVF
;
l
15 'polypeptide(L)' RVPGGKRTQELGLVIPMADEDGLTDGQVAGLFVIALVVFISAMDLAKTMYNGINPAKFKTSKGKGYISPLVKRYIENGF m
16 'polypeptide(L)'
;IFRYINTTLWAKAGHFNKALSKGAKTTTWIWNLHDYAHDFDIQQRSTGLIARKVFSSNLAHLSLVFFWISGMHLHGAYLS
NYDIWLKDPKSITPSSHLAYSLIGQDILNSYTSEYFSGITITSGFFQLYRSEGIITQSQLKYACATSLIATLICLSGSYL
HMQLMSKFTSFYKKFQSLSQDHLIIIFGSRSTSLSAHQIHKMLPANPLLDSGISKPSILQVISNSLSYTLALFSTNLSST
GKLLNPSTRSVFLSQVAAHHKTTGVVFITLGLIRFLTMYKSQFSILTSYIDYHIVLSINLALIASLSIIVADHLTRTPIY
PHKSTSYPTILCLSIHHAWLSGFLIIGSGAHASIFNLLGSPTSEIRHRDPIYSHLIWVCIAIGLHSFSLYCHNDTLEALG
RPEDIFHDNSIQLKAIFAKQSFLRAELQPDIEMLDKKIIRITQELGTADFIVHHIHAFTIHVTLLILSKGVLYARNSRFV
SDKLELGFTYPCDGPGRGGTCQISPWDHLFSAVFWMYNCLNVVTFHYFWKMQSDVWGFVSIQKHISHYSQGDFSVNSITI
NGWLRNLLWSEASQVIQSYALSSICPYGFIFLIGHFIWAFSLMFLFSGRAYWQELIESILWSHHKLKIIPHIQPRALSIS
QGRAVGFIHYTLGGIGSTWAFIISRLLVLT
;
a
17 'polypeptide(L)'
;GRCASSRYLQVLGSIHDIECGFGIDNTLSLNLQIFTAHWGHLTIILIWVSSNLYHIASNANYSLWVKNPIPSMPIAHNIW
DPHFTNSTSTPYSHTIITTILIAYSGIYNQLYTSGFNTINQIYKTTFTFSCLAVISILLAKIHINTHSELLHKLASHTSQ
IPSFFQLLYFLDVAISSVNIRFNFHTGILVGLFSIGYTGHLLDITIPASRAPLIHTSPSYLTFFGGLKSNTSSLYLTDIA
HHHLAIGIISILTGHLYSSFRAALGTYIRDILYTSHLTHSIKSLHLALSLILASCTPLTSTTAQHIYSLTPYFYLSYDHI
YSTALYVHHSYITSFLAIASHAHTAITLVRDWVAPLEQESSSKQIRIHTHKAAIISHLSWVSLWLGFHTLAVYSHNDTCI
AFNSPSKQILIEASNGQLIQQASGKALYGTINSINNYNKSFDSFIHPISPGDLYVHHAIALGLHITVLILLKGGLEARGS
KLMPDKMEHSFGFSCDGPGRGGTCDISAWDSFYLATFWMLNSNAWISFYFHYKHLTPRQFSESSTYLESWFRDYLWFNST
PLIHGYSTLGANDLSVQSWSFLLTHLAWASGFMFLISWRGYWQELIDIILYIHLKTPILINLWNGDIYTPLALSIVQARF
IGLVHFSTGLILTYPPFIIGATS
;
b
18 'polypeptide(L)'
;(UNK)(UNK)(UNK)(UNK)(UNK)(UNK)(UNK)(UNK)(UNK)(UNK)(UNK)(UNK)(UNK)(UNK)(UNK)(UNK)
(UNK)(UNK)(UNK)(UNK)VKMSPSVPYLPYPERLEGWVGGEKGFDPLRTSDIIDVYWLREAELKHGRICMLATLGWIS
VDAGWRFEAEMFQGVSVINAHNKMVEMGVMQQMLSIVGVCEIFSLYLIKEGLLGKIQRKAGDYFIGKNFLPKEEDKAKDM
QLKELENGRLAMLAFSGICTQANLFPESHFPY
;
B
19 'polypeptide(L)'
;FENELGVQAPTGFFDPLGLSSDGSIDNFKRRRASEIKHGRVAMLATMGYMTPEITGKFPGYLSYSQSIKFADVPNGLAAM
SKVPVLGWAQVAAYGAVCELSQDQSPGTPGAAGDFGF(UNK)(UNK)(UNK)(UNK)(UNK)KVITSEDEETLKRKLNSE
LANGRLAMMAIIGLFFQDGLTGGAY
;
D
20 'polypeptide(L)'
;FEGELGVTPPMGYFDPLGLSSDGDKKTFIRRRKSELKNGRVAMWACMGWIVPEWYRFPGELSPSSGLKFSEIPNGMAALK
ALPTEAWAQMGAFVALLELGPLWQDESRAPGDFKTCAKYGFPMFFVGGREGSDSDPVKNQYSLNSEINNGRLAMMAITGM
VFQNGITGTTGPEMWA
;
F
21 'polypeptide(L)'
;FESELGVQAPTGFWDPLGFAKDGSMKAFKRRRASEIKHGRIAMLATMGYITPEITGKFPGYLSPSTLLKYDDIPNGLGAI
SKVPALGWAQIFVYCGYAELSQDQTPGSPGAEGNFGFKVLTSSDPDSLEKKLASEIANGRLAMMAFTGMATQDGLTGSAW
;
H
22 'polypeptide(L)'
;REAPKVLAGTGGPLPESFWDPAGFTNNKTDEELLFYRAAELKHGRIAMAAVVGWFTNASGFHYLGDLWLKKPASDNPIEA
FNQLSLLGVFQMVFFIGCLEWLTTVPCPPPKDAPWDVIGMSDVLEEDTDENPMAEYKKIQMQELNNSRLAMVAIIGLIVQ
ATTTG(UNK)(UNK)(UNK)(UNK)(UNK)(UNK)(UNK)(UNK)(UNK)(UNK)(UNK)(UNK)(UNK)(UNK)(UNK)
(UNK)(UNK)(UNK)(UNK)(UNK)(UNK)(UNK)(UNK)(UNK)(UNK)(UNK)(UNK)(UNK)(UNK)(UNK)(UNK)
(UNK)(UNK)(UNK)(UNK)(UNK)(UNK)(UNK)(UNK)(UNK)(UNK)(UNK)(UNK)(UNK)(UNK)(UNK)(UNK)
(UNK)(UNK)(UNK)(UNK)(UNK)(UNK)(UNK)(UNK)
;
J
23 'polypeptide(L)'
;ARRELAVAYEDAGIDLMDNGKFAQGLVGAEAAFGRYEFDPIGFSKYTELVPWFREAELKHGRIAMLAWLGLVVPDFVRIP
GEAYSFEAVPRVIDAHDALNADAGPNFQIILFISIVELCCAKKVFEWNSVETAGDYNLTRLFPEDDEAQKQMRIAELKNG
RLAMIAFGGAVTQAVITGKPFPWTF
;
L
24 'polypeptide(L)'
;FAGGLTGSDYGGFGGKYEWDPVGFSTRWPEHLAWYREAELKHGRIAMLAFAGLLAPDLFRLPWAEFQDSSLDFANAHDKF
VAG(UNK)(UNK)(UNK)(UNK)(UNK)FGPMWWGFIACGGIEYQRFRKLGLGMEGLTLENAGNLGWFDLPKNSEERLFY
ETAELKNGRLAMLAVSGIFTAGIFWDQHHFPFI
;
M
25 'polypeptide(L)'
;FENELGVQAPVGFWDPVGFTADGNVASFRRRRTVELKHGRISMLAAMGYMTPEITGKFPGYLSPSTLLKYDDIPNGLGAI
SKVPALGWAQIFVYCGYAELSQDQTPGSPGAEGNFGFKVLTSSDPDSLEKKLASEIANGRLAMMAFTGMATQDGLTGSAW
;
N
26 'polypeptide(L)'
;ESERGAQPPFGFWDPLGLSADGDVATFKRRRASEIKHGRIAMLAAMGYMTPEITGKFPGYLSPSTGVKYADIPNGLAAIS
KVPVVGWLQIFAWTAVCELWEDQVPGTPGHEGEFCFKAFKVTSDAPETRETKLASELANGRLAMMAIIGLFFQDGLTGSA
Y
;
O
27 'polypeptide(L)'
;FENELGVQAPTGFWDPLGFAKDGSMKAFKRRRASEIKHGRIAMLATMGYITPELTGKFPGLLSPSMGLKYEDIPNGLGAI
SKVPAVGWAQILAYTFYCEQSQDQSEGSAGEAGDFGFKVLTSKDEEGLKRKLNSELANGRLAMMAIIGMFFQDGLTGSAW
;
P
#
loop_
_chem_comp.id
_chem_comp.type
_chem_comp.name
_chem_comp.formula
BCR non-polymer BETA-CAROTENE 'C40 H56'
CLA non-polymer 'CHLOROPHYLL A' 'C55 H72 Mg N4 O5'
DD6 non-polymer (3S,3'R,5R,6S,7cis)-7',8'-didehydro-5,6-dihydro-5,6-epoxy-beta,beta-carotene-3,3'-diol 'C40 H54 O3'
DGD saccharide 'DIGALACTOSYL DIACYL GLYCEROL (DGDG)' 'C51 H96 O15'
KC1 non-polymer 'Chlorophyll c1' 'C35 H30 Mg N4 O5'
LHG non-polymer 1,2-DIPALMITOYL-PHOSPHATIDYL-GLYCEROLE 'C38 H75 O10 P'
LMG non-polymer 1,2-DISTEAROYL-MONOGALACTOSYL-DIGLYCERIDE 'C45 H86 O10'
PID non-polymer PERIDININ 'C39 H50 O7'
PQN non-polymer PHYLLOQUINONE 'C31 H46 O2'
SF4 non-polymer 'IRON/SULFUR CLUSTER' 'Fe4 S4'
SQD non-polymer 1,2-DI-O-ACYL-3-O-[6-DEOXY-6-SULFO-ALPHA-D-GLUCOPYRANOSYL]-SN-GLYCEROL 'C41 H78 O12 S'
UIX non-polymer '[(1~{S},5~{R})-3,3,5-trimethyl-5-oxidanyl-4-[(3~{E},5~{E},7~{E},9~{E},11~{E},13~{E},15~{E},17~{E})-3,7,12,16-tetramethyl-18-[(1~{S},4~{S},6~{R})-2,2,6-trimethyl-4-oxidanyl-7-oxabicyclo[4.1.0]heptan-1-yl]octadeca-1,3,5,7,9,11,13,15,17-nonaenylidene]cyclohexyl] ethanoate' 'C42 H58 O5'
#
# COMPACT_ATOMS: atom_id res chain seq x y z
N LYS A 1 -51.97 26.83 20.43
CA LYS A 1 -51.00 26.99 19.34
C LYS A 1 -51.61 27.78 18.18
N GLU A 2 -51.30 29.07 18.14
CA GLU A 2 -51.84 29.93 17.10
C GLU A 2 -51.19 29.62 15.75
N THR A 3 -51.82 30.14 14.70
CA THR A 3 -51.31 30.02 13.34
C THR A 3 -51.08 31.41 12.75
N SER A 4 -50.22 31.48 11.75
CA SER A 4 -49.94 32.73 11.08
C SER A 4 -51.18 33.20 10.32
N ALA A 5 -51.38 34.52 10.30
CA ALA A 5 -52.51 35.07 9.56
C ALA A 5 -52.33 34.86 8.06
N SER A 6 -51.11 35.00 7.55
CA SER A 6 -50.88 34.85 6.12
C SER A 6 -51.09 33.41 5.70
N VAL A 7 -50.25 32.50 6.17
CA VAL A 7 -50.40 31.08 5.85
C VAL A 7 -51.06 30.40 7.05
N PRO A 8 -52.38 30.18 7.02
CA PRO A 8 -53.08 29.69 8.21
C PRO A 8 -52.81 28.24 8.55
N PHE A 9 -52.17 27.49 7.65
CA PHE A 9 -51.82 26.10 7.90
C PHE A 9 -50.44 25.94 8.50
N LEU A 10 -49.78 27.04 8.86
CA LEU A 10 -48.46 27.03 9.47
C LEU A 10 -48.48 27.73 10.81
N PRO A 11 -47.62 27.32 11.74
CA PRO A 11 -47.60 27.98 13.05
C PRO A 11 -47.20 29.45 12.94
N LYS A 12 -47.74 30.25 13.84
CA LYS A 12 -47.46 31.69 13.82
C LYS A 12 -45.99 31.94 14.10
N PRO A 13 -45.28 32.65 13.24
CA PRO A 13 -43.85 32.88 13.47
C PRO A 13 -43.57 33.75 14.70
N LYS A 14 -42.95 33.15 15.71
CA LYS A 14 -42.49 33.92 16.85
C LYS A 14 -41.29 34.77 16.45
N ASN A 15 -40.93 35.72 17.32
CA ASN A 15 -39.91 36.74 17.12
C ASN A 15 -40.30 37.74 16.05
N LEU A 16 -41.44 37.56 15.38
CA LEU A 16 -41.98 38.56 14.45
C LEU A 16 -43.08 39.33 15.18
N ALA A 17 -42.63 40.22 16.07
CA ALA A 17 -43.53 41.16 16.73
C ALA A 17 -43.92 42.24 15.72
N GLY A 18 -44.58 43.29 16.19
CA GLY A 18 -44.99 44.33 15.28
C GLY A 18 -43.86 45.17 14.75
N TRP A 19 -43.45 44.95 13.50
CA TRP A 19 -42.58 45.89 12.81
C TRP A 19 -43.29 46.51 11.60
N VAL A 20 -43.67 45.71 10.61
CA VAL A 20 -44.62 46.17 9.60
C VAL A 20 -45.72 45.13 9.38
N GLY A 21 -45.31 43.91 9.01
CA GLY A 21 -46.24 42.87 8.66
C GLY A 21 -46.72 42.05 9.84
N GLY A 22 -46.87 42.71 10.99
CA GLY A 22 -47.37 42.04 12.18
C GLY A 22 -48.80 41.56 12.08
N GLU A 23 -49.54 42.05 11.08
CA GLU A 23 -50.90 41.59 10.82
C GLU A 23 -50.95 40.39 9.90
N THR A 24 -49.89 40.14 9.14
CA THR A 24 -49.80 39.05 8.17
C THR A 24 -48.48 38.33 8.32
N GLU A 25 -48.15 37.94 9.56
CA GLU A 25 -46.86 37.33 9.86
C GLU A 25 -46.53 36.23 8.86
N PHE A 26 -45.49 36.45 8.08
CA PHE A 26 -45.16 35.61 6.92
C PHE A 26 -43.69 35.21 7.01
N ASP A 27 -43.43 34.02 7.54
CA ASP A 27 -42.09 33.46 7.59
C ASP A 27 -42.20 31.95 7.61
N PRO A 28 -42.54 31.35 6.47
CA PRO A 28 -42.70 29.88 6.44
C PRO A 28 -41.40 29.14 6.73
N ILE A 29 -40.31 29.51 6.04
CA ILE A 29 -39.03 28.84 6.25
C ILE A 29 -38.54 29.06 7.68
N GLY A 30 -38.65 30.29 8.18
CA GLY A 30 -38.29 30.58 9.55
C GLY A 30 -36.93 31.22 9.71
N PHE A 31 -36.60 32.17 8.84
CA PHE A 31 -35.32 32.87 8.97
C PHE A 31 -35.28 33.73 10.23
N SER A 32 -36.43 34.29 10.64
CA SER A 32 -36.47 35.10 11.86
C SER A 32 -36.09 34.29 13.08
N ASN A 33 -36.45 32.99 13.11
CA ASN A 33 -36.04 32.12 14.20
C ASN A 33 -34.60 31.66 14.06
N TRP A 34 -34.01 31.77 12.87
CA TRP A 34 -32.64 31.35 12.64
C TRP A 34 -31.65 32.51 12.66
N PHE A 35 -32.10 33.72 12.35
CA PHE A 35 -31.21 34.88 12.25
C PHE A 35 -31.75 36.03 13.08
N ASP A 36 -30.87 36.99 13.36
CA ASP A 36 -31.25 38.22 14.04
C ASP A 36 -32.18 39.00 13.13
N MET A 37 -33.47 39.03 13.46
CA MET A 37 -34.46 39.60 12.55
C MET A 37 -34.30 41.10 12.36
N LYS A 38 -33.55 41.78 13.23
CA LYS A 38 -33.22 43.17 12.97
C LYS A 38 -32.35 43.30 11.73
N TRP A 39 -31.37 42.41 11.57
CA TRP A 39 -30.59 42.37 10.35
C TRP A 39 -31.47 42.04 9.14
N LEU A 40 -32.43 41.13 9.32
CA LEU A 40 -33.34 40.80 8.23
C LEU A 40 -34.17 42.01 7.82
N ARG A 41 -34.64 42.79 8.80
CA ARG A 41 -35.40 44.00 8.48
C ARG A 41 -34.52 45.01 7.77
N GLU A 42 -33.28 45.17 8.22
CA GLU A 42 -32.36 46.09 7.55
C GLU A 42 -32.14 45.68 6.10
N ALA A 43 -31.93 44.38 5.88
CA ALA A 43 -31.72 43.89 4.52
C ALA A 43 -32.95 44.08 3.66
N GLU A 44 -34.14 43.81 4.22
CA GLU A 44 -35.36 43.99 3.46
C GLU A 44 -35.58 45.45 3.09
N LEU A 45 -35.34 46.36 4.04
CA LEU A 45 -35.52 47.78 3.76
C LEU A 45 -34.54 48.28 2.72
N LYS A 46 -33.26 47.88 2.84
CA LYS A 46 -32.28 48.30 1.85
C LYS A 46 -32.62 47.73 0.47
N HIS A 47 -33.06 46.47 0.41
CA HIS A 47 -33.47 45.88 -0.85
C HIS A 47 -34.64 46.65 -1.45
N GLY A 48 -35.64 46.97 -0.62
CA GLY A 48 -36.80 47.67 -1.12
C GLY A 48 -36.45 49.05 -1.66
N ARG A 49 -35.60 49.79 -0.96
CA ARG A 49 -35.22 51.12 -1.41
C ARG A 49 -34.38 51.07 -2.67
N VAL A 50 -33.38 50.17 -2.69
CA VAL A 50 -32.55 50.01 -3.88
C VAL A 50 -33.41 49.60 -5.07
N CYS A 51 -34.43 48.78 -4.83
CA CYS A 51 -35.29 48.33 -5.92
C CYS A 51 -36.28 49.39 -6.38
N MET A 52 -36.76 50.25 -5.47
CA MET A 52 -37.54 51.40 -5.93
C MET A 52 -36.70 52.27 -6.86
N MET A 53 -35.50 52.63 -6.41
CA MET A 53 -34.61 53.43 -7.26
C MET A 53 -34.29 52.69 -8.55
N ALA A 54 -34.13 51.37 -8.47
CA ALA A 54 -33.77 50.58 -9.64
C ALA A 54 -34.91 50.52 -10.64
N THR A 55 -36.15 50.36 -10.17
CA THR A 55 -37.28 50.38 -11.08
C THR A 55 -37.40 51.73 -11.76
N VAL A 56 -37.24 52.82 -11.00
CA VAL A 56 -37.37 54.14 -11.60
C VAL A 56 -36.28 54.35 -12.65
N GLY A 57 -35.04 54.01 -12.33
CA GLY A 57 -33.96 54.18 -13.29
C GLY A 57 -34.08 53.27 -14.50
N PHE A 58 -34.47 52.02 -14.27
CA PHE A 58 -34.64 51.06 -15.37
C PHE A 58 -35.71 51.53 -16.33
N VAL A 59 -36.82 52.05 -15.80
CA VAL A 59 -37.87 52.59 -16.66
C VAL A 59 -37.37 53.85 -17.39
N LEU A 60 -36.65 54.72 -16.68
CA LEU A 60 -36.32 56.03 -17.23
C LEU A 60 -35.25 55.94 -18.31
N GLN A 61 -34.30 55.02 -18.17
CA GLN A 61 -33.12 55.01 -19.04
C GLN A 61 -33.45 54.98 -20.53
N PRO A 62 -34.37 54.14 -21.03
CA PRO A 62 -34.61 54.12 -22.48
C PRO A 62 -35.16 55.43 -23.03
N TYR A 63 -35.77 56.28 -22.21
CA TYR A 63 -36.47 57.46 -22.70
C TYR A 63 -35.81 58.77 -22.27
N ILE A 64 -35.67 59.01 -20.97
CA ILE A 64 -35.15 60.29 -20.48
C ILE A 64 -33.79 60.04 -19.85
N GLY A 65 -33.07 59.05 -20.37
CA GLY A 65 -31.69 58.87 -19.98
C GLY A 65 -30.84 59.87 -20.73
N ALA A 66 -29.76 59.42 -21.34
CA ALA A 66 -28.95 60.26 -22.23
C ALA A 66 -28.46 61.52 -21.51
N TYR A 67 -27.63 61.29 -20.51
CA TYR A 67 -26.81 62.37 -19.98
C TYR A 67 -25.99 62.96 -21.13
N PRO A 68 -25.80 64.27 -21.18
CA PRO A 68 -25.05 64.85 -22.29
C PRO A 68 -23.68 64.22 -22.45
N GLY A 69 -23.47 63.50 -23.55
CA GLY A 69 -22.23 62.83 -23.85
C GLY A 69 -22.23 61.33 -23.63
N VAL A 70 -23.23 60.76 -22.95
CA VAL A 70 -23.25 59.32 -22.71
C VAL A 70 -24.05 58.66 -23.82
N GLU A 71 -23.68 57.41 -24.13
CA GLU A 71 -24.32 56.65 -25.19
C GLU A 71 -25.55 55.93 -24.67
N MET A 72 -26.45 55.59 -25.60
CA MET A 72 -27.80 55.15 -25.25
C MET A 72 -28.10 53.75 -25.79
N PRO A 73 -28.08 52.72 -24.95
CA PRO A 73 -28.62 51.43 -25.35
C PRO A 73 -30.10 51.31 -25.01
N ALA A 74 -30.86 50.77 -25.96
CA ALA A 74 -32.29 50.60 -25.74
C ALA A 74 -32.56 49.58 -24.63
N ASP A 75 -31.81 48.48 -24.63
CA ASP A 75 -31.93 47.46 -23.59
C ASP A 75 -31.25 47.98 -22.33
N SER A 76 -32.04 48.29 -21.31
CA SER A 76 -31.52 48.91 -20.10
C SER A 76 -30.52 48.03 -19.37
N LEU A 77 -30.58 46.71 -19.58
CA LEU A 77 -29.58 45.82 -18.99
C LEU A 77 -28.19 46.14 -19.51
N GLN A 78 -28.08 46.44 -20.81
CA GLN A 78 -26.81 46.74 -21.43
C GLN A 78 -26.26 48.10 -21.03
N ALA A 79 -27.04 48.91 -20.31
CA ALA A 79 -26.60 50.25 -19.94
C ALA A 79 -25.35 50.25 -19.07
N VAL A 80 -25.10 49.15 -18.36
CA VAL A 80 -23.88 49.08 -17.54
C VAL A 80 -22.65 49.18 -18.44
N TYR A 81 -22.65 48.46 -19.56
CA TYR A 81 -21.52 48.47 -20.48
C TYR A 81 -21.49 49.75 -21.31
N ALA A 82 -22.65 50.23 -21.74
CA ALA A 82 -22.72 51.44 -22.56
C ALA A 82 -22.88 52.69 -21.70
N ALA A 83 -21.99 52.83 -20.72
CA ALA A 83 -21.94 53.99 -19.84
C ALA A 83 -20.48 54.32 -19.57
N PRO A 84 -20.17 55.58 -19.28
CA PRO A 84 -18.79 55.93 -18.94
C PRO A 84 -18.33 55.18 -17.69
N SER A 85 -17.10 54.64 -17.76
CA SER A 85 -16.54 53.97 -16.59
C SER A 85 -16.28 54.96 -15.47
N GLU A 86 -16.05 56.23 -15.80
CA GLU A 86 -15.80 57.24 -14.78
C GLU A 86 -17.05 57.52 -13.96
N ALA A 87 -18.19 57.70 -14.61
CA ALA A 87 -19.43 57.94 -13.89
C ALA A 87 -19.83 56.74 -13.04
N TRP A 88 -19.66 55.54 -13.58
CA TRP A 88 -19.96 54.33 -12.83
C TRP A 88 -19.04 54.20 -11.61
N PHE A 89 -17.76 54.52 -11.80
CA PHE A 89 -16.80 54.48 -10.69
C PHE A 89 -17.17 55.47 -9.60
N ALA A 90 -17.51 56.70 -9.99
CA ALA A 90 -17.90 57.70 -9.01
C ALA A 90 -19.18 57.30 -8.29
N PHE A 91 -20.13 56.70 -9.02
CA PHE A 91 -21.38 56.26 -8.42
C PHE A 91 -21.15 55.14 -7.40
N ILE A 92 -20.32 54.16 -7.74
CA ILE A 92 -20.01 53.10 -6.80
C ILE A 92 -19.26 53.65 -5.60
N PHE A 93 -18.38 54.63 -5.83
CA PHE A 93 -17.66 55.28 -4.74
C PHE A 93 -18.62 55.95 -3.78
N ALA A 94 -19.61 56.69 -4.32
CA ALA A 94 -20.60 57.35 -3.47
C ALA A 94 -21.45 56.33 -2.71
N ALA A 95 -21.84 55.25 -3.39
CA ALA A 95 -22.64 54.23 -2.71
C ALA A 95 -21.86 53.58 -1.57
N GLY A 96 -20.58 53.29 -1.80
CA GLY A 96 -19.76 52.73 -0.75
C GLY A 96 -19.55 53.68 0.40
N TYR A 97 -19.36 54.97 0.11
CA TYR A 97 -19.23 55.96 1.17
C TYR A 97 -20.50 56.03 2.02
N ILE A 98 -21.67 56.03 1.36
CA ILE A 98 -22.93 56.09 2.10
C ILE A 98 -23.10 54.83 2.95
N GLU A 99 -22.80 53.66 2.38
CA GLU A 99 -22.93 52.42 3.12
C GLU A 99 -22.01 52.38 4.33
N SER A 100 -20.77 52.86 4.17
CA SER A 100 -19.81 52.77 5.26
C SER A 100 -20.09 53.80 6.35
N SER A 101 -20.40 55.03 5.97
CA SER A 101 -20.56 56.10 6.96
C SER A 101 -21.87 55.98 7.73
N SER A 102 -22.91 55.42 7.11
CA SER A 102 -24.21 55.38 7.75
C SER A 102 -24.20 54.49 8.99
N TYR A 103 -23.43 53.41 8.95
CA TYR A 103 -23.38 52.44 10.04
C TYR A 103 -22.15 52.63 10.94
N ASN A 104 -21.41 53.73 10.76
CA ASN A 104 -20.24 54.05 11.58
C ASN A 104 -19.19 52.94 11.53
N GLY A 105 -19.08 52.26 10.40
CA GLY A 105 -18.08 51.23 10.23
C GLY A 105 -18.45 49.87 10.78
N LYS A 106 -19.60 49.74 11.43
CA LYS A 106 -20.08 48.44 11.90
C LYS A 106 -20.88 47.74 10.83
N ILE A 107 -20.31 47.67 9.64
CA ILE A 107 -21.01 47.13 8.46
C ILE A 107 -20.68 45.64 8.42
N THR A 108 -21.41 44.87 9.23
CA THR A 108 -21.14 43.45 9.39
C THR A 108 -22.26 42.77 10.16
N GLN A 109 -22.75 41.62 9.67
CA GLN A 109 -23.87 40.94 10.32
C GLN A 109 -23.57 40.62 11.77
N LEU A 110 -22.30 40.37 12.10
CA LEU A 110 -21.91 40.16 13.50
C LEU A 110 -21.93 41.48 14.28
N ASN A 111 -21.40 42.56 13.67
CA ASN A 111 -21.23 43.83 14.37
C ASN A 111 -22.29 44.87 14.01
N MET A 112 -23.28 44.52 13.20
CA MET A 112 -24.29 45.49 12.80
C MET A 112 -25.06 46.01 14.02
N PHE A 113 -25.59 45.10 14.82
CA PHE A 113 -26.31 45.46 16.05
C PHE A 113 -25.61 44.75 17.21
N GLU A 114 -24.57 45.39 17.72
CA GLU A 114 -23.85 44.88 18.88
C GLU A 114 -23.73 45.90 20.00
N ASP A 115 -23.53 47.17 19.67
CA ASP A 115 -23.52 48.25 20.64
C ASP A 115 -24.49 49.37 20.28
N SER A 116 -24.63 49.68 18.99
CA SER A 116 -25.58 50.68 18.52
C SER A 116 -26.81 49.96 17.96
N ASP A 117 -27.65 49.48 18.87
CA ASP A 117 -28.92 48.85 18.50
C ASP A 117 -29.98 49.94 18.33
N ARG A 118 -29.76 50.79 17.33
CA ARG A 118 -30.58 51.97 17.10
C ARG A 118 -32.04 51.63 16.78
N VAL A 119 -32.26 51.05 15.61
CA VAL A 119 -33.58 50.69 15.11
C VAL A 119 -33.38 49.94 13.80
N PRO A 120 -34.19 48.94 13.47
CA PRO A 120 -33.97 48.21 12.22
C PRO A 120 -34.37 49.03 11.00
N GLY A 121 -33.38 49.45 10.22
CA GLY A 121 -33.63 50.19 9.00
C GLY A 121 -33.72 51.69 9.14
N ASN A 122 -33.30 52.24 10.28
CA ASN A 122 -33.34 53.67 10.52
C ASN A 122 -31.95 54.27 10.28
N LEU A 123 -31.90 55.33 9.47
CA LEU A 123 -30.64 55.99 9.16
C LEU A 123 -30.67 57.49 9.44
N GLY A 124 -31.73 57.99 10.09
CA GLY A 124 -31.82 59.40 10.38
C GLY A 124 -31.91 60.28 9.16
N TRP A 125 -32.28 59.73 8.01
CA TRP A 125 -32.33 60.46 6.75
C TRP A 125 -33.79 60.81 6.46
N GLY A 126 -34.12 62.11 6.55
CA GLY A 126 -35.48 62.53 6.31
C GLY A 126 -36.45 62.23 7.42
N SER A 127 -35.96 62.00 8.65
CA SER A 127 -36.85 61.75 9.77
C SER A 127 -37.65 62.98 10.16
N THR A 128 -37.24 64.17 9.71
CA THR A 128 -37.98 65.39 10.01
C THR A 128 -39.38 65.38 9.40
N ARG A 129 -39.58 64.62 8.33
CA ARG A 129 -40.89 64.49 7.71
C ARG A 129 -41.72 63.36 8.32
N LEU A 130 -41.19 62.68 9.33
CA LEU A 130 -41.89 61.63 10.06
C LEU A 130 -42.17 62.11 11.49
N GLU A 131 -42.83 61.25 12.26
CA GLU A 131 -43.10 61.40 13.70
C GLU A 131 -44.15 62.47 14.00
N GLY A 132 -44.59 63.22 13.01
CA GLY A 132 -45.68 64.17 13.21
C GLY A 132 -47.05 63.54 13.23
N MET A 133 -47.12 62.24 13.03
CA MET A 133 -48.37 61.50 12.99
C MET A 133 -48.68 60.80 14.30
N SER A 134 -47.97 61.14 15.38
CA SER A 134 -48.24 60.64 16.73
C SER A 134 -48.09 59.13 16.82
N LYS A 135 -47.04 58.60 16.19
CA LYS A 135 -46.62 57.21 16.29
C LYS A 135 -47.69 56.22 15.85
N GLU A 136 -48.78 56.69 15.24
CA GLU A 136 -49.85 55.83 14.75
C GLU A 136 -49.87 55.77 13.23
N GLU A 137 -49.96 56.92 12.56
CA GLU A 137 -49.80 56.94 11.12
C GLU A 137 -48.35 56.93 10.67
N SER A 138 -47.41 57.11 11.61
CA SER A 138 -46.00 56.85 11.29
C SER A 138 -45.78 55.38 11.02
N GLU A 139 -46.43 54.51 11.80
CA GLU A 139 -46.39 53.08 11.51
C GLU A 139 -47.01 52.78 10.16
N LEU A 140 -48.08 53.51 9.79
CA LEU A 140 -48.66 53.34 8.47
C LEU A 140 -47.70 53.79 7.38
N MET A 141 -46.94 54.86 7.63
CA MET A 141 -45.94 55.31 6.67
C MET A 141 -44.85 54.25 6.49
N GLN A 142 -44.41 53.64 7.59
CA GLN A 142 -43.44 52.56 7.50
C GLN A 142 -44.02 51.37 6.74
N LEU A 143 -45.30 51.07 6.97
CA LEU A 143 -45.97 50.00 6.22
C LEU A 143 -45.98 50.31 4.73
N LYS A 144 -46.30 51.55 4.36
CA LYS A 144 -46.32 51.92 2.95
C LYS A 144 -44.93 51.79 2.34
N GLU A 145 -43.90 52.22 3.07
CA GLU A 145 -42.54 52.06 2.59
C GLU A 145 -42.23 50.60 2.33
N LEU A 146 -42.59 49.72 3.27
CA LEU A 146 -42.28 48.30 3.10
C LEU A 146 -43.05 47.68 1.94
N LYS A 147 -44.33 48.03 1.80
CA LYS A 147 -45.12 47.47 0.70
C LYS A 147 -44.58 47.93 -0.65
N ASN A 148 -44.26 49.21 -0.75
CA ASN A 148 -43.68 49.73 -1.99
C ASN A 148 -42.33 49.07 -2.27
N GLY A 149 -41.54 48.81 -1.22
CA GLY A 149 -40.26 48.17 -1.42
C GLY A 149 -40.38 46.75 -1.95
N ARG A 150 -41.28 45.97 -1.34
CA ARG A 150 -41.49 44.60 -1.80
C ARG A 150 -42.04 44.56 -3.22
N LEU A 151 -43.02 45.43 -3.51
CA LEU A 151 -43.55 45.50 -4.87
C LEU A 151 -42.47 45.91 -5.86
N ALA A 152 -41.60 46.84 -5.47
CA ALA A 152 -40.53 47.28 -6.35
C ALA A 152 -39.51 46.17 -6.59
N MET A 153 -39.21 45.37 -5.56
CA MET A 153 -38.30 44.25 -5.74
C MET A 153 -38.85 43.26 -6.74
N LEU A 154 -40.11 42.85 -6.56
CA LEU A 154 -40.71 41.91 -7.51
C LEU A 154 -40.80 42.53 -8.90
N ALA A 155 -41.12 43.81 -8.98
CA ALA A 155 -41.25 44.49 -10.26
C ALA A 155 -39.92 44.59 -10.98
N PHE A 156 -38.84 44.89 -10.27
CA PHE A 156 -37.53 44.96 -10.92
C PHE A 156 -37.09 43.60 -11.39
N SER A 157 -37.35 42.55 -10.60
CA SER A 157 -37.07 41.20 -11.07
C SER A 157 -37.81 40.92 -12.37
N GLY A 158 -39.10 41.27 -12.41
CA GLY A 158 -39.88 41.05 -13.61
C GLY A 158 -39.37 41.85 -14.80
N MET A 159 -38.93 43.08 -14.56
CA MET A 159 -38.43 43.90 -15.65
C MET A 159 -37.14 43.34 -16.22
N VAL A 160 -36.22 42.90 -15.36
CA VAL A 160 -34.98 42.30 -15.83
C VAL A 160 -35.28 41.06 -16.67
N HIS A 161 -36.14 40.18 -16.16
CA HIS A 161 -36.39 38.95 -16.90
C HIS A 161 -37.24 39.17 -18.15
N HIS A 162 -38.09 40.20 -18.18
CA HIS A 162 -38.77 40.57 -19.40
C HIS A 162 -37.78 41.07 -20.45
N ASN A 163 -36.84 41.93 -20.05
CA ASN A 163 -35.82 42.37 -20.99
C ASN A 163 -34.97 41.20 -21.48
N ILE A 164 -34.81 40.16 -20.68
CA ILE A 164 -34.06 38.99 -21.15
C ILE A 164 -34.88 38.16 -22.12
N VAL A 165 -36.15 37.90 -21.81
CA VAL A 165 -36.97 37.06 -22.70
C VAL A 165 -37.23 37.77 -24.01
N VAL A 166 -37.29 39.11 -24.01
CA VAL A 166 -37.53 39.86 -25.23
C VAL A 166 -36.24 40.14 -25.99
N LYS A 167 -35.12 40.25 -25.29
CA LYS A 167 -33.83 40.62 -25.89
C LYS A 167 -33.94 41.95 -26.64
N GLY A 168 -34.58 42.92 -26.02
CA GLY A 168 -34.73 44.24 -26.60
C GLY A 168 -35.03 45.24 -25.52
N ALA A 169 -35.81 46.26 -25.88
CA ALA A 169 -36.21 47.27 -24.91
C ALA A 169 -37.26 46.68 -23.96
N LEU A 170 -37.80 47.51 -23.08
CA LEU A 170 -38.74 47.06 -22.07
C LEU A 170 -40.18 47.40 -22.43
N PHE A 171 -40.49 48.68 -22.64
CA PHE A 171 -41.86 49.13 -22.81
C PHE A 171 -42.54 48.66 -24.09
N PRO A 172 -41.81 48.36 -25.19
CA PRO A 172 -42.46 47.61 -26.27
C PRO A 172 -42.77 46.19 -25.83
N LEU A 173 -43.58 46.08 -24.78
CA LEU A 173 -43.98 44.78 -24.25
C LEU A 173 -44.70 43.97 -25.31
N VAL A 174 -44.35 42.70 -25.41
CA VAL A 174 -44.83 41.81 -26.47
C VAL A 174 -44.52 42.49 -27.81
N PRO A 175 -43.26 42.54 -28.22
CA PRO A 175 -42.92 43.22 -29.48
C PRO A 175 -43.48 42.46 -30.68
N ASP A 176 -43.33 43.09 -31.84
CA ASP A 176 -43.88 42.53 -33.06
C ASP A 176 -43.15 41.25 -33.43
N GLY A 177 -43.91 40.21 -33.78
CA GLY A 177 -43.32 38.94 -34.15
C GLY A 177 -42.68 38.18 -33.00
N TRP A 178 -43.02 38.51 -31.76
CA TRP A 178 -42.41 37.84 -30.61
C TRP A 178 -42.96 36.44 -30.39
N THR A 179 -44.24 36.22 -30.72
CA THR A 179 -44.93 34.93 -30.68
C THR A 179 -44.55 34.05 -29.50
N GLY A 180 -44.44 34.63 -28.32
CA GLY A 180 -44.25 33.86 -27.10
C GLY A 180 -42.80 33.61 -26.76
N PRO A 181 -42.52 33.36 -25.48
CA PRO A 181 -41.13 33.15 -25.06
C PRO A 181 -40.66 31.70 -25.12
N GLU A 182 -39.62 31.44 -25.89
CA GLU A 182 -38.86 30.20 -25.77
C GLU A 182 -37.37 30.51 -25.85
N PRO A 183 -36.86 31.47 -25.08
CA PRO A 183 -35.50 31.97 -25.31
C PRO A 183 -34.40 31.33 -24.45
N TRP A 184 -34.75 30.48 -23.50
CA TRP A 184 -33.75 29.90 -22.59
C TRP A 184 -32.99 28.83 -23.35
N ALA A 185 -31.89 29.23 -23.98
CA ALA A 185 -31.11 28.34 -24.84
C ALA A 185 -29.92 27.78 -24.06
N VAL A 186 -30.24 26.98 -23.04
CA VAL A 186 -29.23 26.26 -22.26
C VAL A 186 -29.65 24.80 -22.21
N GLY A 187 -28.72 23.91 -22.55
CA GLY A 187 -29.03 22.49 -22.54
C GLY A 187 -29.23 21.95 -21.14
N SER A 188 -30.07 20.93 -21.04
CA SER A 188 -30.40 20.29 -19.78
C SER A 188 -30.50 18.79 -20.00
N ILE A 189 -30.32 18.04 -18.91
CA ILE A 189 -30.37 16.58 -19.01
C ILE A 189 -31.75 16.13 -19.48
N MET A 190 -32.80 16.70 -18.89
CA MET A 190 -34.14 16.45 -19.39
C MET A 190 -34.31 16.99 -20.81
N ASN A 191 -33.69 18.15 -21.09
CA ASN A 191 -33.69 18.67 -22.45
C ASN A 191 -32.94 17.74 -23.39
N ASN A 192 -31.80 17.21 -22.95
CA ASN A 192 -31.01 16.31 -23.80
C ASN A 192 -31.80 15.05 -24.13
N UNK A 193 -32.45 14.45 -23.14
CA UNK A 193 -33.19 13.23 -23.38
C UNK A 193 -34.47 13.51 -24.18
N UNK A 194 -35.11 14.65 -23.93
CA UNK A 194 -36.34 14.98 -24.65
C UNK A 194 -36.05 15.29 -26.12
N UNK A 195 -35.02 16.09 -26.38
CA UNK A 195 -34.70 16.51 -27.74
C UNK A 195 -33.90 15.47 -28.51
N UNK A 196 -33.68 14.30 -27.93
CA UNK A 196 -32.92 13.20 -28.54
C UNK A 196 -31.49 13.59 -28.87
N UNK A 197 -30.92 14.53 -28.11
CA UNK A 197 -29.52 14.91 -28.33
C UNK A 197 -28.59 13.74 -28.08
N UNK A 198 -28.75 13.08 -26.93
CA UNK A 198 -28.02 11.85 -26.65
C UNK A 198 -28.73 10.69 -27.34
N UNK A 199 -28.34 9.47 -26.99
CA UNK A 199 -28.97 8.24 -27.49
C UNK A 199 -28.83 8.08 -28.99
N UNK A 200 -29.40 7.00 -29.52
CA UNK A 200 -29.37 6.70 -30.95
C UNK A 200 -27.95 6.64 -31.50
N GLY B 1 -71.48 -6.94 19.41
CA GLY B 1 -71.13 -7.36 20.75
C GLY B 1 -69.64 -7.64 20.91
N GLY B 2 -68.94 -7.74 19.79
CA GLY B 2 -67.52 -7.99 19.80
C GLY B 2 -66.71 -6.87 19.17
N TYR B 3 -65.91 -7.20 18.16
CA TYR B 3 -65.13 -6.19 17.46
C TYR B 3 -66.03 -5.20 16.74
N LYS B 4 -65.55 -3.97 16.60
CA LYS B 4 -66.23 -2.99 15.78
C LYS B 4 -66.04 -3.37 14.32
N MET B 5 -66.97 -4.15 13.79
CA MET B 5 -66.79 -4.74 12.47
C MET B 5 -66.87 -3.67 11.38
N SER B 6 -65.96 -3.75 10.42
CA SER B 6 -65.96 -2.81 9.31
C SER B 6 -67.22 -2.97 8.47
N LYS B 7 -67.79 -1.84 8.04
CA LYS B 7 -69.00 -1.89 7.24
C LYS B 7 -68.72 -2.33 5.81
N ALA B 8 -67.59 -1.93 5.25
CA ALA B 8 -67.27 -2.30 3.87
C ALA B 8 -67.01 -3.79 3.78
N VAL B 9 -65.97 -4.28 4.44
CA VAL B 9 -65.61 -5.69 4.41
C VAL B 9 -66.17 -6.37 5.66
N PRO B 10 -67.34 -7.00 5.56
CA PRO B 10 -68.02 -7.45 6.79
C PRO B 10 -67.29 -8.54 7.55
N PHE B 11 -66.37 -9.26 6.91
CA PHE B 11 -65.65 -10.34 7.58
C PHE B 11 -64.30 -9.91 8.14
N LEU B 12 -64.00 -8.60 8.12
CA LEU B 12 -62.77 -8.08 8.67
C LEU B 12 -63.09 -6.95 9.63
N PRO B 13 -62.57 -6.98 10.86
CA PRO B 13 -62.83 -5.89 11.80
C PRO B 13 -62.22 -4.59 11.33
N MET B 14 -62.89 -3.48 11.67
CA MET B 14 -62.43 -2.17 11.24
C MET B 14 -61.15 -1.78 11.98
N SER B 15 -60.19 -1.22 11.24
CA SER B 15 -58.94 -0.82 11.84
C SER B 15 -59.16 0.34 12.81
N PRO B 16 -58.51 0.32 13.97
CA PRO B 16 -58.74 1.37 14.97
C PRO B 16 -58.35 2.76 14.50
N ALA B 17 -57.47 2.88 13.49
CA ALA B 17 -57.06 4.18 12.98
C ALA B 17 -58.16 4.86 12.18
N LEU B 18 -59.23 4.15 11.84
CA LEU B 18 -60.33 4.69 11.07
C LEU B 18 -61.42 5.31 11.93
N GLU B 19 -61.21 5.40 13.24
CA GLU B 19 -62.22 5.93 14.15
C GLU B 19 -62.20 7.45 14.17
N GLY B 20 -63.37 8.05 14.06
CA GLY B 20 -63.50 9.49 14.20
C GLY B 20 -62.96 10.31 13.07
N TYR B 21 -62.69 9.70 11.92
CA TYR B 21 -62.16 10.40 10.76
C TYR B 21 -63.22 10.50 9.67
N VAL B 22 -63.02 11.46 8.77
CA VAL B 22 -63.93 11.63 7.65
C VAL B 22 -63.91 10.38 6.76
N GLY B 23 -65.01 10.13 6.09
CA GLY B 23 -65.18 8.84 5.44
C GLY B 23 -65.16 7.81 6.53
N ALA B 24 -64.21 6.88 6.45
CA ALA B 24 -63.81 6.08 7.59
C ALA B 24 -64.99 5.41 8.28
N GLU B 25 -65.48 6.02 9.36
CA GLU B 25 -66.54 5.39 10.15
C GLU B 25 -67.89 5.60 9.49
N GLU B 26 -67.98 5.30 8.19
CA GLU B 26 -69.24 5.11 7.50
C GLU B 26 -69.11 3.88 6.61
N GLU B 27 -67.89 3.59 6.20
CA GLU B 27 -67.55 2.41 5.41
C GLU B 27 -66.40 1.61 5.99
N GLY B 28 -65.38 2.28 6.53
CA GLY B 28 -64.27 1.59 7.17
C GLY B 28 -63.54 0.61 6.27
N PHE B 29 -63.34 0.98 5.00
CA PHE B 29 -62.73 0.08 4.04
C PHE B 29 -61.21 0.11 4.20
N ASP B 30 -60.65 -0.97 4.75
CA ASP B 30 -59.21 -1.17 4.80
C ASP B 30 -58.92 -2.64 5.02
N PRO B 31 -59.18 -3.49 4.02
CA PRO B 31 -58.94 -4.93 4.22
C PRO B 31 -57.47 -5.29 4.31
N MET B 32 -56.61 -4.61 3.55
CA MET B 32 -55.19 -4.91 3.58
C MET B 32 -54.47 -4.28 4.77
N GLY B 33 -55.15 -3.44 5.54
CA GLY B 33 -54.55 -2.87 6.74
C GLY B 33 -53.40 -1.93 6.50
N PHE B 34 -53.52 -1.04 5.51
CA PHE B 34 -52.50 0.00 5.35
C PHE B 34 -52.52 0.98 6.51
N SER B 35 -53.70 1.28 7.04
CA SER B 35 -53.80 2.14 8.21
C SER B 35 -53.19 1.51 9.45
N LEU B 36 -53.06 0.19 9.47
CA LEU B 36 -52.40 -0.50 10.57
C LEU B 36 -50.88 -0.43 10.48
N ALA B 37 -50.33 0.00 9.35
CA ALA B 37 -48.89 0.07 9.15
C ALA B 37 -48.37 1.49 8.96
N LEU B 38 -49.20 2.45 8.57
CA LEU B 38 -48.78 3.83 8.38
C LEU B 38 -49.69 4.74 9.18
N ASP B 39 -49.19 5.94 9.46
CA ASP B 39 -49.97 6.93 10.19
C ASP B 39 -51.21 7.30 9.39
N ILE B 40 -52.35 7.31 10.07
CA ILE B 40 -53.62 7.62 9.39
C ILE B 40 -53.61 9.06 8.89
N ARG B 41 -52.94 9.96 9.60
CA ARG B 41 -52.89 11.35 9.17
C ARG B 41 -52.16 11.49 7.84
N TRP B 42 -51.02 10.82 7.68
CA TRP B 42 -50.28 10.90 6.42
C TRP B 42 -51.04 10.23 5.29
N LEU B 43 -51.69 9.09 5.57
CA LEU B 43 -52.51 8.44 4.55
C LEU B 43 -53.65 9.33 4.10
N ARG B 44 -54.32 9.99 5.05
CA ARG B 44 -55.41 10.90 4.71
C ARG B 44 -54.90 12.09 3.90
N GLU B 45 -53.75 12.63 4.28
CA GLU B 45 -53.17 13.73 3.51
C GLU B 45 -52.91 13.30 2.07
N ALA B 46 -52.29 12.13 1.89
CA ALA B 46 -52.01 11.63 0.55
C ALA B 46 -53.29 11.38 -0.22
N GLU B 47 -54.31 10.82 0.43
CA GLU B 47 -55.57 10.54 -0.23
C GLU B 47 -56.24 11.82 -0.70
N LEU B 48 -56.27 12.84 0.16
CA LEU B 48 -56.90 14.10 -0.22
C LEU B 48 -56.13 14.78 -1.34
N LYS B 49 -54.80 14.77 -1.27
CA LYS B 49 -54.00 15.36 -2.34
C LYS B 49 -54.24 14.65 -3.66
N HIS B 50 -54.26 13.31 -3.64
CA HIS B 50 -54.54 12.55 -4.85
C HIS B 50 -55.93 12.86 -5.39
N GLY B 51 -56.91 12.95 -4.49
CA GLY B 51 -58.26 13.26 -4.94
C GLY B 51 -58.34 14.61 -5.63
N ARG B 52 -57.72 15.63 -5.03
CA ARG B 52 -57.74 16.95 -5.63
C ARG B 52 -57.00 16.98 -6.96
N ILE B 53 -55.84 16.32 -7.03
CA ILE B 53 -55.08 16.26 -8.27
C ILE B 53 -55.92 15.61 -9.36
N CYS B 54 -56.60 14.52 -9.02
CA CYS B 54 -57.42 13.81 -10.01
C CYS B 54 -58.64 14.62 -10.41
N MET B 55 -59.25 15.33 -9.48
CA MET B 55 -60.41 16.14 -9.82
C MET B 55 -60.02 17.27 -10.77
N LEU B 56 -58.83 17.83 -10.62
CA LEU B 56 -58.36 18.80 -11.61
C LEU B 56 -57.99 18.12 -12.92
N ALA B 57 -57.31 16.97 -12.85
CA ALA B 57 -56.76 16.34 -14.05
C ALA B 57 -57.86 15.74 -14.93
N THR B 58 -58.89 15.17 -14.32
CA THR B 58 -60.00 14.62 -15.09
C THR B 58 -60.69 15.72 -15.89
N VAL B 59 -60.99 16.84 -15.25
CA VAL B 59 -61.65 17.95 -15.94
C VAL B 59 -60.73 18.54 -17.00
N GLY B 60 -59.42 18.58 -16.73
CA GLY B 60 -58.49 19.03 -17.74
C GLY B 60 -58.49 18.13 -18.96
N TRP B 61 -58.51 16.81 -18.75
CA TRP B 61 -58.57 15.88 -19.86
C TRP B 61 -59.88 16.04 -20.62
N ILE B 62 -60.99 16.20 -19.91
CA ILE B 62 -62.29 16.39 -20.58
C ILE B 62 -62.22 17.63 -21.46
N ALA B 63 -61.76 18.75 -20.90
CA ALA B 63 -61.75 20.00 -21.64
C ALA B 63 -60.82 19.92 -22.84
N THR B 64 -59.65 19.30 -22.68
CA THR B 64 -58.72 19.20 -23.80
C THR B 64 -59.25 18.28 -24.89
N ASP B 65 -59.85 17.15 -24.52
CA ASP B 65 -60.38 16.24 -25.52
C ASP B 65 -61.56 16.85 -26.27
N LEU B 66 -62.44 17.55 -25.55
CA LEU B 66 -63.62 18.14 -26.18
C LEU B 66 -63.28 19.29 -27.11
N GLY B 67 -62.04 19.78 -27.09
CA GLY B 67 -61.59 20.79 -28.03
C GLY B 67 -61.23 22.13 -27.42
N MET B 68 -61.37 22.31 -26.11
CA MET B 68 -61.00 23.57 -25.50
C MET B 68 -59.47 23.72 -25.52
N ARG B 69 -59.00 24.84 -26.03
CA ARG B 69 -57.58 25.07 -26.20
C ARG B 69 -57.26 26.52 -25.88
N LEU B 70 -55.98 26.76 -25.55
CA LEU B 70 -55.51 28.12 -25.36
C LEU B 70 -55.26 28.78 -26.72
N PRO B 71 -55.43 30.10 -26.82
CA PRO B 71 -55.36 30.75 -28.13
C PRO B 71 -53.96 30.82 -28.70
N GLY B 72 -53.30 29.68 -28.84
CA GLY B 72 -51.97 29.61 -29.39
C GLY B 72 -51.80 28.42 -30.32
N PRO B 73 -51.17 28.64 -31.47
CA PRO B 73 -50.92 27.53 -32.40
C PRO B 73 -50.01 26.46 -31.83
N ALA B 74 -49.24 26.76 -30.79
CA ALA B 74 -48.39 25.77 -30.15
C ALA B 74 -49.19 24.72 -29.38
N TYR B 75 -50.48 24.98 -29.11
CA TYR B 75 -51.30 24.08 -28.32
C TYR B 75 -52.20 23.20 -29.19
N GLN B 76 -52.02 23.21 -30.51
CA GLN B 76 -52.85 22.41 -31.41
C GLN B 76 -52.30 20.99 -31.48
N VAL B 77 -52.37 20.31 -30.34
CA VAL B 77 -51.93 18.93 -30.21
C VAL B 77 -53.02 18.15 -29.48
N SER B 78 -52.98 16.83 -29.65
CA SER B 78 -53.90 15.96 -28.93
C SER B 78 -53.52 15.92 -27.45
N THR B 79 -54.46 15.43 -26.64
CA THR B 79 -54.22 15.36 -25.19
C THR B 79 -53.11 14.37 -24.86
N LEU B 80 -52.95 13.32 -25.65
CA LEU B 80 -51.89 12.35 -25.42
C LEU B 80 -50.51 13.00 -25.57
N GLU B 81 -50.32 13.75 -26.65
CA GLU B 81 -49.05 14.42 -26.90
C GLU B 81 -48.94 15.75 -26.18
N ALA B 82 -49.99 16.17 -25.46
CA ALA B 82 -49.94 17.45 -24.77
C ALA B 82 -48.79 17.50 -23.77
N HIS B 83 -48.58 16.41 -23.03
CA HIS B 83 -47.53 16.42 -22.03
C HIS B 83 -46.16 16.60 -22.65
N ASP B 84 -45.82 15.77 -23.66
CA ASP B 84 -44.50 15.86 -24.27
C ASP B 84 -44.33 17.17 -25.04
N ALA B 85 -45.36 17.58 -25.77
CA ALA B 85 -45.28 18.81 -26.55
C ALA B 85 -45.07 20.01 -25.64
N MET B 86 -45.75 20.04 -24.51
CA MET B 86 -45.60 21.18 -23.60
C MET B 86 -44.34 21.09 -22.75
N VAL B 87 -43.84 19.88 -22.49
CA VAL B 87 -42.55 19.74 -21.85
C VAL B 87 -41.46 20.32 -22.75
N LYS B 88 -41.51 20.00 -24.03
CA LYS B 88 -40.58 20.59 -24.98
C LYS B 88 -40.86 22.07 -25.23
N PHE B 89 -42.10 22.51 -25.03
CA PHE B 89 -42.45 23.92 -25.24
C PHE B 89 -41.96 24.80 -24.10
N GLY B 90 -41.93 24.28 -22.86
CA GLY B 90 -41.52 25.09 -21.74
C GLY B 90 -42.49 25.20 -20.56
N PRO B 91 -43.80 25.30 -20.81
CA PRO B 91 -44.72 25.56 -19.69
C PRO B 91 -44.79 24.45 -18.67
N MET B 92 -44.44 23.21 -19.03
CA MET B 92 -44.45 22.15 -18.04
C MET B 92 -43.38 22.36 -16.99
N ALA B 93 -42.21 22.86 -17.40
CA ALA B 93 -41.17 23.18 -16.42
C ALA B 93 -41.62 24.28 -15.47
N GLN B 94 -42.28 25.31 -16.00
CA GLN B 94 -42.76 26.40 -15.15
C GLN B 94 -43.87 25.93 -14.22
N ILE B 95 -44.78 25.10 -14.72
CA ILE B 95 -45.80 24.51 -13.88
C ILE B 95 -45.16 23.69 -12.77
N LEU B 96 -44.09 22.96 -13.11
CA LEU B 96 -43.39 22.18 -12.09
C LEU B 96 -42.74 23.08 -11.05
N ILE B 97 -42.20 24.23 -11.46
CA ILE B 97 -41.62 25.16 -10.50
C ILE B 97 -42.69 25.69 -9.54
N TRP B 98 -43.85 26.06 -10.10
CA TRP B 98 -44.91 26.60 -9.25
C TRP B 98 -45.48 25.54 -8.32
N LEU B 99 -45.73 24.33 -8.84
CA LEU B 99 -46.16 23.24 -7.97
C LEU B 99 -45.07 22.90 -6.97
N GLY B 100 -43.81 23.14 -7.30
CA GLY B 100 -42.74 22.92 -6.35
C GLY B 100 -42.78 23.88 -5.18
N ILE B 101 -43.04 25.16 -5.43
CA ILE B 101 -43.14 26.09 -4.31
C ILE B 101 -44.38 25.80 -3.48
N ILE B 102 -45.51 25.48 -4.14
CA ILE B 102 -46.72 25.15 -3.40
C ILE B 102 -46.52 23.88 -2.58
N GLU B 103 -45.77 22.91 -3.11
CA GLU B 103 -45.50 21.68 -2.38
C GLU B 103 -44.46 21.87 -1.30
N VAL B 104 -43.58 22.86 -1.43
CA VAL B 104 -42.71 23.23 -0.31
C VAL B 104 -43.57 23.73 0.86
N PHE B 105 -44.57 24.56 0.55
CA PHE B 105 -45.48 25.01 1.60
C PHE B 105 -46.28 23.85 2.18
N SER B 106 -46.73 22.92 1.32
CA SER B 106 -47.45 21.75 1.80
C SER B 106 -46.57 20.86 2.66
N PHE B 107 -45.29 20.72 2.29
CA PHE B 107 -44.36 19.94 3.09
C PHE B 107 -44.14 20.58 4.45
N LEU B 108 -44.04 21.91 4.49
CA LEU B 108 -43.96 22.60 5.78
C LEU B 108 -45.21 22.34 6.60
N ALA B 109 -46.38 22.36 5.96
CA ALA B 109 -47.63 22.08 6.67
C ALA B 109 -47.61 20.67 7.27
N ILE B 110 -47.17 19.69 6.49
CA ILE B 110 -47.12 18.32 6.98
C ILE B 110 -46.13 18.19 8.13
N THR B 111 -44.95 18.79 7.99
CA THR B 111 -43.94 18.68 9.03
C THR B 111 -44.41 19.33 10.34
N ASN B 112 -45.06 20.49 10.23
CA ASN B 112 -45.52 21.18 11.43
C ASN B 112 -46.81 20.59 11.99
N MET B 113 -47.54 19.79 11.22
CA MET B 113 -48.71 19.10 11.75
C MET B 113 -48.34 17.78 12.40
N MET B 114 -47.46 17.00 11.77
CA MET B 114 -47.06 15.71 12.32
C MET B 114 -46.28 15.89 13.62
N GLU B 115 -45.49 16.96 13.72
CA GLU B 115 -44.77 17.26 14.96
C GLU B 115 -45.65 17.93 16.01
N GLY B 116 -46.88 18.28 15.66
CA GLY B 116 -47.78 18.90 16.61
C GLY B 116 -47.55 20.37 16.86
N THR B 117 -46.65 21.01 16.10
CA THR B 117 -46.42 22.44 16.26
C THR B 117 -47.67 23.24 15.96
N THR B 118 -48.49 22.77 15.02
CA THR B 118 -49.79 23.35 14.73
C THR B 118 -50.86 22.30 15.03
N ASP B 119 -52.13 22.70 14.89
CA ASP B 119 -53.27 21.84 15.14
C ASP B 119 -54.05 21.58 13.86
N ARG B 120 -53.31 21.29 12.78
CA ARG B 120 -53.90 21.18 11.45
C ARG B 120 -54.52 19.80 11.24
N GLN B 121 -55.74 19.79 10.69
CA GLN B 121 -56.31 18.55 10.21
C GLN B 121 -55.55 18.10 8.96
N PRO B 122 -55.56 16.79 8.65
CA PRO B 122 -54.68 16.27 7.59
C PRO B 122 -54.72 17.04 6.28
N GLY B 123 -55.89 17.14 5.65
CA GLY B 123 -55.97 17.84 4.39
C GLY B 123 -56.27 19.31 4.45
N ASP B 124 -56.42 19.87 5.65
CA ASP B 124 -56.85 21.25 5.79
C ASP B 124 -55.73 22.22 5.44
N TYR B 125 -56.01 23.15 4.53
CA TYR B 125 -55.11 24.25 4.22
C TYR B 125 -55.68 25.60 4.62
N GLY B 126 -56.86 25.62 5.23
CA GLY B 126 -57.44 26.87 5.71
C GLY B 126 -58.56 27.39 4.86
N LEU B 127 -58.63 26.96 3.60
CA LEU B 127 -59.67 27.41 2.69
C LEU B 127 -61.05 27.05 3.24
N ARG B 128 -61.84 28.05 3.60
CA ARG B 128 -63.19 27.84 4.15
C ARG B 128 -64.16 28.66 3.30
N ARG B 129 -64.58 28.10 2.17
CA ARG B 129 -65.56 28.71 1.29
C ARG B 129 -66.58 27.65 0.92
N LEU B 130 -67.87 28.00 0.98
CA LEU B 130 -68.97 27.06 0.79
C LEU B 130 -68.91 25.91 1.81
N TYR B 131 -68.26 26.17 2.94
CA TYR B 131 -68.11 25.15 3.98
C TYR B 131 -69.23 25.33 5.00
N PRO B 132 -70.02 24.28 5.28
CA PRO B 132 -71.13 24.43 6.22
C PRO B 132 -70.65 24.83 7.60
N LYS B 133 -71.48 25.63 8.29
CA LYS B 133 -71.14 26.07 9.63
C LYS B 133 -71.33 24.94 10.66
N ASP B 134 -72.41 24.18 10.52
CA ASP B 134 -72.70 23.10 11.47
C ASP B 134 -71.65 21.99 11.36
N GLU B 135 -71.31 21.41 12.51
CA GLU B 135 -70.24 20.41 12.55
C GLU B 135 -70.60 19.19 11.72
N GLU B 136 -71.85 18.72 11.81
CA GLU B 136 -72.28 17.62 10.95
C GLU B 136 -72.23 18.02 9.49
N GLY B 137 -72.55 19.28 9.20
CA GLY B 137 -72.43 19.78 7.83
C GLY B 137 -71.00 19.75 7.35
N GLN B 138 -70.05 20.15 8.20
CA GLN B 138 -68.64 20.07 7.84
C GLN B 138 -68.22 18.63 7.59
N TYR B 139 -68.67 17.71 8.45
CA TYR B 139 -68.30 16.31 8.30
C TYR B 139 -68.82 15.74 6.99
N GLU B 140 -70.08 16.05 6.64
CA GLU B 140 -70.63 15.52 5.40
C GLU B 140 -70.05 16.22 4.18
N MET B 141 -69.65 17.49 4.30
CA MET B 141 -68.96 18.15 3.20
C MET B 141 -67.60 17.51 2.93
N GLN B 142 -66.87 17.20 4.00
CA GLN B 142 -65.61 16.48 3.83
C GLN B 142 -65.85 15.09 3.24
N LEU B 143 -66.95 14.46 3.64
CA LEU B 143 -67.35 13.19 3.03
C LEU B 143 -67.54 13.35 1.53
N LYS B 144 -68.24 14.40 1.11
CA LYS B 144 -68.47 14.64 -0.31
C LYS B 144 -67.15 14.87 -1.03
N GLU B 145 -66.24 15.63 -0.42
CA GLU B 145 -64.94 15.84 -1.04
C GLU B 145 -64.20 14.53 -1.25
N LEU B 146 -64.20 13.66 -0.22
CA LEU B 146 -63.50 12.39 -0.33
C LEU B 146 -64.13 11.50 -1.41
N ARG B 147 -65.46 11.44 -1.44
CA ARG B 147 -66.14 10.59 -2.42
C ARG B 147 -65.85 11.08 -3.84
N ASN B 148 -65.94 12.39 -4.05
CA ASN B 148 -65.66 12.95 -5.37
C ASN B 148 -64.21 12.74 -5.76
N GLY B 149 -63.29 12.87 -4.80
CA GLY B 149 -61.88 12.65 -5.09
C GLY B 149 -61.60 11.23 -5.52
N ARG B 150 -62.14 10.26 -4.79
CA ARG B 150 -61.92 8.86 -5.15
C ARG B 150 -62.56 8.54 -6.51
N LEU B 151 -63.77 9.05 -6.75
CA LEU B 151 -64.41 8.83 -8.04
C LEU B 151 -63.57 9.42 -9.17
N ALA B 152 -63.04 10.63 -8.96
CA ALA B 152 -62.22 11.26 -9.99
C ALA B 152 -60.91 10.51 -10.19
N MET B 153 -60.33 9.95 -9.13
CA MET B 153 -59.11 9.16 -9.28
C MET B 153 -59.36 7.96 -10.20
N LEU B 154 -60.40 7.18 -9.88
CA LEU B 154 -60.71 6.03 -10.73
C LEU B 154 -61.08 6.46 -12.14
N ALA B 155 -61.83 7.56 -12.27
CA ALA B 155 -62.26 8.04 -13.57
C ALA B 155 -61.09 8.47 -14.43
N PHE B 156 -60.15 9.22 -13.85
CA PHE B 156 -58.98 9.64 -14.61
C PHE B 156 -58.13 8.45 -15.01
N SER B 157 -57.99 7.48 -14.10
CA SER B 157 -57.27 6.26 -14.46
C SER B 157 -57.87 5.61 -15.70
N GLY B 158 -59.19 5.41 -15.68
CA GLY B 158 -59.85 4.81 -16.83
C GLY B 158 -59.74 5.65 -18.08
N ILE B 159 -59.85 6.98 -17.93
CA ILE B 159 -59.80 7.88 -19.08
C ILE B 159 -58.43 7.78 -19.76
N VAL B 160 -57.36 7.85 -18.96
CA VAL B 160 -56.01 7.78 -19.53
C VAL B 160 -55.78 6.43 -20.20
N THR B 161 -56.13 5.35 -19.51
CA THR B 161 -55.88 4.03 -20.09
C THR B 161 -56.66 3.83 -21.38
N THR B 162 -57.94 4.21 -21.40
CA THR B 162 -58.75 4.04 -22.59
C THR B 162 -58.27 4.93 -23.73
N ALA B 163 -57.86 6.17 -23.41
CA ALA B 163 -57.39 7.09 -24.44
C ALA B 163 -56.10 6.57 -25.07
N VAL B 164 -55.19 6.03 -24.26
CA VAL B 164 -53.97 5.48 -24.82
C VAL B 164 -54.26 4.23 -25.64
N LEU B 165 -55.13 3.35 -25.14
CA LEU B 165 -55.43 2.12 -25.86
C LEU B 165 -56.13 2.40 -27.17
N THR B 166 -57.10 3.31 -27.18
CA THR B 166 -57.84 3.68 -28.38
C THR B 166 -57.67 5.17 -28.61
N GLY B 167 -56.93 5.54 -29.65
CA GLY B 167 -56.80 6.93 -30.00
C GLY B 167 -58.15 7.53 -30.28
N ARG B 168 -58.66 8.33 -29.34
CA ARG B 168 -60.04 8.75 -29.34
C ARG B 168 -60.23 9.78 -28.23
N THR B 169 -61.12 10.74 -28.47
CA THR B 169 -61.38 11.77 -27.48
C THR B 169 -62.22 11.19 -26.34
N TRP B 170 -62.42 12.01 -25.30
CA TRP B 170 -62.78 11.52 -23.97
C TRP B 170 -63.97 10.56 -23.91
N PRO B 171 -65.12 10.82 -24.54
CA PRO B 171 -66.27 9.95 -24.29
C PRO B 171 -66.03 8.48 -24.62
N PHE B 172 -65.11 8.18 -25.53
CA PHE B 172 -64.72 6.83 -25.89
C PHE B 172 -65.90 5.98 -26.35
N UNK B 173 -67.03 6.61 -26.65
CA UNK B 173 -68.27 5.86 -26.91
C UNK B 173 -68.17 5.06 -28.20
N UNK B 174 -67.65 5.67 -29.27
CA UNK B 174 -67.56 4.97 -30.54
C UNK B 174 -66.63 3.76 -30.43
N UNK B 175 -65.33 4.03 -30.28
CA UNK B 175 -64.29 3.03 -30.07
C UNK B 175 -64.39 1.79 -30.95
N UNK B 176 -63.61 0.76 -30.63
CA UNK B 176 -63.76 -0.56 -31.24
C UNK B 176 -63.01 -1.56 -30.37
N UNK B 177 -63.73 -2.52 -29.79
CA UNK B 177 -63.10 -3.52 -28.95
C UNK B 177 -63.66 -4.91 -29.22
N UNK C 1 26.83 -19.57 40.45
CA UNK C 1 25.51 -19.51 41.06
C UNK C 1 25.19 -18.09 41.51
N UNK C 2 25.53 -17.78 42.77
CA UNK C 2 25.36 -16.45 43.31
C UNK C 2 26.68 -15.82 43.76
N UNK C 3 27.81 -16.41 43.37
CA UNK C 3 29.10 -15.79 43.66
C UNK C 3 29.25 -14.47 42.94
N UNK C 4 28.77 -14.40 41.70
CA UNK C 4 28.72 -13.15 40.95
C UNK C 4 27.66 -13.28 39.87
N UNK C 5 26.56 -12.53 40.01
CA UNK C 5 25.51 -12.51 39.01
C UNK C 5 25.74 -11.47 37.93
N UNK C 6 26.99 -11.03 37.74
CA UNK C 6 27.31 -9.94 36.84
C UNK C 6 27.82 -10.41 35.48
N UNK C 7 28.32 -11.64 35.38
CA UNK C 7 28.92 -12.12 34.14
C UNK C 7 27.92 -12.05 33.00
N UNK C 8 28.38 -11.57 31.84
CA UNK C 8 27.56 -11.44 30.64
C UNK C 8 26.21 -10.80 30.95
N UNK C 9 25.13 -11.54 30.68
CA UNK C 9 23.80 -11.13 31.10
C UNK C 9 23.27 -11.96 32.27
N UNK C 10 24.04 -12.95 32.71
CA UNK C 10 23.68 -13.81 33.84
C UNK C 10 24.90 -14.65 34.20
N UNK C 11 24.89 -15.16 35.44
CA UNK C 11 26.02 -15.93 35.96
C UNK C 11 26.22 -17.26 35.23
N UNK C 12 25.42 -17.58 34.21
CA UNK C 12 25.62 -18.78 33.40
C UNK C 12 26.80 -18.53 32.47
N UNK C 13 27.94 -19.14 32.79
CA UNK C 13 29.16 -18.91 32.02
C UNK C 13 29.01 -19.41 30.59
N UNK C 14 29.45 -18.61 29.63
CA UNK C 14 29.39 -18.98 28.23
C UNK C 14 30.62 -18.57 27.43
N UNK C 15 31.66 -18.04 28.08
CA UNK C 15 32.85 -17.63 27.36
C UNK C 15 33.54 -18.82 26.71
N UNK C 16 33.49 -19.99 27.34
CA UNK C 16 34.10 -21.17 26.75
C UNK C 16 33.33 -21.66 25.53
N UNK C 17 32.01 -21.49 25.53
CA UNK C 17 31.20 -21.91 24.39
C UNK C 17 31.23 -20.91 23.25
N UNK C 18 31.67 -19.68 23.51
CA UNK C 18 31.77 -18.66 22.48
C UNK C 18 33.19 -18.48 21.96
N UNK C 19 34.18 -19.04 22.65
CA UNK C 19 35.54 -19.14 22.13
C UNK C 19 35.71 -20.42 21.33
N UNK C 20 34.82 -20.62 20.35
CA UNK C 20 34.80 -21.79 19.49
C UNK C 20 34.59 -23.07 20.30
N UNK C 21 34.89 -24.22 19.69
CA UNK C 21 34.74 -25.53 20.31
C UNK C 21 33.30 -25.77 20.74
N UNK C 22 32.42 -25.83 19.74
CA UNK C 22 31.02 -26.16 20.00
C UNK C 22 30.91 -27.55 20.61
N UNK C 23 30.07 -27.67 21.64
CA UNK C 23 29.92 -28.88 22.42
C UNK C 23 31.27 -29.30 23.04
N UNK C 24 31.83 -28.39 23.84
CA UNK C 24 33.15 -28.58 24.42
C UNK C 24 33.03 -29.27 25.79
N UNK C 25 32.60 -30.52 25.74
CA UNK C 25 32.46 -31.32 26.95
C UNK C 25 32.63 -32.79 26.58
N UNK C 26 32.24 -33.68 27.49
CA UNK C 26 32.21 -35.11 27.24
C UNK C 26 30.76 -35.56 27.25
N UNK C 27 29.91 -34.82 26.55
CA UNK C 27 28.46 -34.90 26.65
C UNK C 27 27.96 -36.34 26.58
N UNK C 28 27.08 -36.69 27.51
CA UNK C 28 26.37 -37.96 27.48
C UNK C 28 25.29 -37.89 26.39
N UNK C 29 24.52 -38.96 26.24
CA UNK C 29 23.56 -39.07 25.14
C UNK C 29 22.15 -39.22 25.71
N UNK C 30 21.48 -38.10 25.95
CA UNK C 30 20.06 -38.10 26.28
C UNK C 30 19.30 -38.33 24.98
N UNK C 31 19.07 -39.61 24.67
CA UNK C 31 18.55 -40.01 23.37
C UNK C 31 17.21 -39.34 23.08
N UNK C 32 17.11 -38.76 21.89
CA UNK C 32 15.89 -38.12 21.42
C UNK C 32 15.21 -38.90 20.31
N UNK C 33 15.79 -40.01 19.86
CA UNK C 33 15.15 -40.88 18.88
C UNK C 33 15.79 -42.25 19.02
N UNK C 34 15.05 -43.21 19.58
CA UNK C 34 15.56 -44.55 19.80
C UNK C 34 15.23 -45.42 18.59
N UNK C 35 16.26 -45.85 17.85
CA UNK C 35 16.04 -46.73 16.71
C UNK C 35 15.48 -48.08 17.16
N UNK C 36 16.15 -48.70 18.14
CA UNK C 36 15.63 -49.90 18.82
C UNK C 36 15.33 -51.03 17.85
N UNK C 37 16.19 -51.21 16.85
CA UNK C 37 16.07 -52.33 15.90
C UNK C 37 16.86 -53.49 16.47
N UNK C 38 16.17 -54.43 17.13
CA UNK C 38 16.77 -55.57 17.79
C UNK C 38 17.69 -55.10 18.91
N UNK C 39 18.81 -54.46 18.55
CA UNK C 39 19.66 -53.76 19.49
C UNK C 39 19.21 -52.31 19.55
N UNK C 40 19.24 -51.72 20.75
CA UNK C 40 18.68 -50.39 20.96
C UNK C 40 19.28 -49.36 20.00
N UNK C 41 20.61 -49.25 19.98
CA UNK C 41 21.33 -48.36 19.07
C UNK C 41 20.69 -46.98 19.01
N UNK C 42 20.39 -46.45 20.21
CA UNK C 42 19.66 -45.19 20.30
C UNK C 42 20.45 -44.05 19.66
N UNK C 43 19.74 -43.23 18.88
CA UNK C 43 20.36 -42.03 18.31
C UNK C 43 20.56 -41.01 19.43
N UNK C 44 21.06 -39.82 19.08
CA UNK C 44 21.58 -38.92 20.09
C UNK C 44 20.93 -37.55 20.01
N UNK C 45 20.86 -36.90 21.18
CA UNK C 45 20.65 -35.47 21.29
C UNK C 45 21.84 -34.76 21.94
N UNK C 46 22.76 -35.52 22.53
CA UNK C 46 24.07 -35.02 22.98
C UNK C 46 23.93 -33.89 24.00
N UNK C 47 23.36 -34.24 25.16
CA UNK C 47 23.29 -33.31 26.28
C UNK C 47 24.46 -33.55 27.23
N UNK C 48 25.06 -32.45 27.70
CA UNK C 48 26.16 -32.54 28.65
C UNK C 48 25.60 -32.86 30.04
N UNK C 49 26.44 -32.83 31.05
CA UNK C 49 26.04 -33.24 32.39
C UNK C 49 25.47 -32.06 33.17
N UNK C 50 24.63 -32.38 34.15
CA UNK C 50 24.08 -31.41 35.08
C UNK C 50 24.46 -31.81 36.50
N UNK C 51 24.82 -30.82 37.31
CA UNK C 51 25.29 -31.09 38.66
C UNK C 51 24.21 -31.74 39.50
N UNK C 52 24.62 -32.65 40.37
CA UNK C 52 23.68 -33.41 41.19
C UNK C 52 23.05 -32.52 42.25
N UNK C 53 21.72 -32.61 42.37
CA UNK C 53 20.92 -31.90 43.35
C UNK C 53 20.88 -30.39 43.09
N UNK C 54 21.66 -29.94 42.11
CA UNK C 54 21.73 -28.54 41.68
C UNK C 54 21.82 -27.61 42.89
N UNK C 55 21.23 -26.43 42.79
CA UNK C 55 21.15 -25.49 43.89
C UNK C 55 20.07 -24.45 43.59
N UNK C 56 19.65 -23.76 44.64
CA UNK C 56 18.72 -22.64 44.52
C UNK C 56 19.47 -21.35 44.82
N UNK C 57 19.45 -20.41 43.87
CA UNK C 57 20.32 -19.25 43.91
C UNK C 57 20.08 -18.38 45.15
N UNK C 58 18.94 -17.70 45.18
CA UNK C 58 18.60 -16.78 46.27
C UNK C 58 17.15 -16.35 46.08
N UNK C 59 16.70 -15.42 46.91
CA UNK C 59 15.38 -14.83 46.80
C UNK C 59 15.51 -13.32 46.60
N UNK C 60 14.45 -12.72 46.08
CA UNK C 60 14.42 -11.30 45.73
C UNK C 60 15.53 -10.96 44.72
N UNK C 61 15.41 -11.58 43.54
CA UNK C 61 16.42 -11.45 42.50
C UNK C 61 16.18 -10.16 41.74
N UNK C 62 17.01 -9.14 42.02
CA UNK C 62 17.07 -7.93 41.22
C UNK C 62 18.14 -8.00 40.15
N UNK C 63 18.46 -9.20 39.66
CA UNK C 63 19.55 -9.44 38.72
C UNK C 63 20.84 -8.86 39.29
N UNK C 64 21.40 -7.86 38.61
CA UNK C 64 22.49 -7.07 39.17
C UNK C 64 21.92 -6.29 40.35
N UNK C 65 22.22 -6.74 41.57
CA UNK C 65 21.59 -6.17 42.74
C UNK C 65 22.03 -4.72 42.95
N UNK C 66 21.37 -4.05 43.90
CA UNK C 66 21.52 -2.61 44.08
C UNK C 66 22.98 -2.24 44.26
N UNK C 67 23.33 -1.03 43.81
CA UNK C 67 24.71 -0.57 43.76
C UNK C 67 25.19 0.02 45.08
N UNK C 68 24.57 -0.36 46.19
CA UNK C 68 25.02 0.13 47.50
C UNK C 68 26.46 -0.29 47.77
N UNK C 69 26.79 -1.54 47.47
CA UNK C 69 28.15 -2.05 47.67
C UNK C 69 28.99 -2.02 46.40
N UNK C 70 28.37 -1.80 45.24
CA UNK C 70 29.07 -1.80 43.95
C UNK C 70 29.83 -3.09 43.71
N UNK C 71 30.75 -3.08 42.76
CA UNK C 71 31.58 -4.24 42.40
C UNK C 71 30.63 -5.38 42.03
N UNK C 72 30.68 -6.54 42.69
CA UNK C 72 29.74 -7.60 42.39
C UNK C 72 28.33 -7.26 42.87
N UNK C 73 28.19 -6.29 43.77
CA UNK C 73 26.90 -5.84 44.29
C UNK C 73 26.07 -6.97 44.87
N UNK C 74 26.73 -8.02 45.36
CA UNK C 74 26.01 -9.21 45.81
C UNK C 74 25.07 -8.89 46.95
N UNK C 75 23.85 -9.42 46.86
CA UNK C 75 22.84 -9.15 47.88
C UNK C 75 21.77 -10.23 47.82
N UNK C 76 21.33 -10.69 49.00
CA UNK C 76 20.09 -11.44 49.09
C UNK C 76 18.87 -10.53 49.07
N UNK C 77 19.08 -9.21 49.10
CA UNK C 77 18.05 -8.20 48.94
C UNK C 77 17.03 -8.24 50.08
N UNK C 78 15.99 -7.41 49.97
CA UNK C 78 14.97 -7.26 51.01
C UNK C 78 15.59 -6.89 52.35
N UNK D 1 36.82 11.16 -51.69
CA UNK D 1 37.85 10.93 -52.71
C UNK D 1 38.92 9.99 -52.19
N UNK D 2 38.83 8.71 -52.56
CA UNK D 2 39.79 7.69 -52.15
C UNK D 2 39.87 7.60 -50.63
N UNK D 3 38.76 7.10 -50.05
CA UNK D 3 38.65 7.00 -48.60
C UNK D 3 39.83 6.25 -48.00
N UNK D 4 40.38 5.28 -48.72
CA UNK D 4 41.62 4.63 -48.27
C UNK D 4 42.74 5.65 -48.18
N UNK D 5 42.87 6.52 -49.18
CA UNK D 5 43.90 7.56 -49.13
C UNK D 5 43.62 8.56 -48.02
N UNK D 6 42.34 8.88 -47.78
CA UNK D 6 42.00 9.78 -46.69
C UNK D 6 42.39 9.20 -45.34
N UNK D 7 42.15 7.91 -45.14
CA UNK D 7 42.53 7.27 -43.88
C UNK D 7 44.03 7.08 -43.78
N UNK D 8 44.72 6.96 -44.93
CA UNK D 8 46.17 6.82 -44.91
C UNK D 8 46.85 8.14 -44.56
N UNK D 9 46.37 9.24 -45.15
CA UNK D 9 46.94 10.55 -44.84
C UNK D 9 46.58 11.02 -43.44
N UNK D 10 45.54 10.44 -42.83
CA UNK D 10 45.08 10.78 -41.50
C UNK D 10 44.72 12.26 -41.39
N UNK D 11 44.56 12.74 -40.15
CA UNK D 11 44.26 14.14 -39.92
C UNK D 11 44.85 14.56 -38.59
N UNK D 12 45.23 15.84 -38.51
CA UNK D 12 45.76 16.41 -37.27
C UNK D 12 45.38 17.88 -37.25
N UNK D 13 44.54 18.27 -36.28
CA UNK D 13 44.05 19.63 -36.21
C UNK D 13 45.18 20.64 -36.00
N UNK D 14 46.33 20.20 -35.51
CA UNK D 14 47.47 21.08 -35.30
C UNK D 14 48.39 21.18 -36.50
N UNK D 15 48.21 20.33 -37.52
CA UNK D 15 49.03 20.35 -38.72
C UNK D 15 48.09 20.28 -39.92
N UNK D 16 47.66 21.45 -40.39
CA UNK D 16 46.66 21.56 -41.46
C UNK D 16 45.37 20.87 -41.05
N UNK D 17 44.52 20.53 -42.04
CA UNK D 17 43.24 19.86 -41.79
C UNK D 17 42.41 20.60 -40.75
N UNK D 18 42.47 21.93 -40.78
CA UNK D 18 41.76 22.73 -39.79
C UNK D 18 40.25 22.74 -40.05
N UNK D 19 39.85 22.75 -41.32
CA UNK D 19 38.44 22.78 -41.68
C UNK D 19 37.73 21.54 -41.14
N UNK D 20 36.60 21.77 -40.46
CA UNK D 20 35.86 20.66 -39.87
C UNK D 20 35.36 19.67 -40.90
N UNK D 21 35.24 20.10 -42.16
CA UNK D 21 34.84 19.17 -43.22
C UNK D 21 35.86 18.06 -43.39
N UNK D 22 37.15 18.40 -43.39
CA UNK D 22 38.19 17.40 -43.55
C UNK D 22 38.21 16.43 -42.37
N UNK D 23 38.09 16.95 -41.15
CA UNK D 23 38.09 16.08 -39.98
C UNK D 23 36.88 15.16 -39.97
N UNK D 24 35.72 15.69 -40.32
CA UNK D 24 34.51 14.87 -40.38
C UNK D 24 34.62 13.82 -41.49
N UNK D 25 35.26 14.17 -42.61
CA UNK D 25 35.46 13.20 -43.68
C UNK D 25 36.38 12.08 -43.24
N UNK D 26 37.46 12.41 -42.55
CA UNK D 26 38.36 11.37 -42.03
C UNK D 26 37.63 10.48 -41.04
N UNK D 27 36.83 11.08 -40.17
CA UNK D 27 36.05 10.29 -39.21
C UNK D 27 35.07 9.36 -39.92
N UNK D 28 34.40 9.87 -40.96
CA UNK D 28 33.47 9.04 -41.71
C UNK D 28 34.19 7.89 -42.40
N UNK D 29 35.38 8.15 -42.94
CA UNK D 29 36.18 7.09 -43.54
C UNK D 29 36.54 6.02 -42.51
N UNK D 30 36.97 6.45 -41.33
CA UNK D 30 37.30 5.48 -40.28
C UNK D 30 36.08 4.67 -39.86
N UNK D 31 34.93 5.33 -39.71
CA UNK D 31 33.71 4.63 -39.33
C UNK D 31 33.29 3.62 -40.39
N UNK D 32 33.39 4.01 -41.66
CA UNK D 32 33.05 3.08 -42.73
C UNK D 32 34.01 1.90 -42.75
N UNK D 33 35.28 2.14 -42.45
CA UNK D 33 36.27 1.07 -42.52
C UNK D 33 36.12 0.08 -41.38
N UNK D 34 35.94 0.59 -40.15
CA UNK D 34 36.10 -0.25 -38.96
C UNK D 34 34.83 -0.42 -38.13
N UNK D 35 33.73 0.24 -38.47
CA UNK D 35 32.49 0.12 -37.70
C UNK D 35 31.43 -0.58 -38.54
N UNK D 36 30.71 -1.51 -37.90
CA UNK D 36 29.68 -2.29 -38.56
C UNK D 36 28.31 -1.92 -38.00
N UNK D 37 27.28 -2.10 -38.82
CA UNK D 37 25.93 -1.69 -38.43
C UNK D 37 25.33 -2.64 -37.41
N UNK D 38 25.49 -3.94 -37.60
CA UNK D 38 24.86 -4.94 -36.74
C UNK D 38 25.90 -5.91 -36.21
N UNK D 39 25.68 -6.42 -35.00
CA UNK D 39 26.57 -7.38 -34.36
C UNK D 39 26.53 -8.76 -35.01
N UNK D 40 25.72 -8.94 -36.05
CA UNK D 40 25.63 -10.17 -36.83
C UNK D 40 25.21 -11.36 -35.95
N UNK D 41 24.02 -11.21 -35.38
CA UNK D 41 23.34 -12.30 -34.71
C UNK D 41 22.48 -13.03 -35.73
N UNK D 42 22.41 -14.36 -35.60
CA UNK D 42 21.69 -15.17 -36.58
C UNK D 42 20.24 -14.75 -36.66
N UNK D 43 19.72 -14.71 -37.89
CA UNK D 43 18.33 -14.29 -38.10
C UNK D 43 17.33 -15.26 -37.51
N UNK D 44 17.78 -16.46 -37.12
CA UNK D 44 16.87 -17.45 -36.54
C UNK D 44 16.25 -16.95 -35.24
N UNK D 45 17.06 -16.31 -34.40
CA UNK D 45 16.59 -15.90 -33.08
C UNK D 45 15.44 -14.89 -33.18
N UNK D 46 15.47 -14.01 -34.18
CA UNK D 46 14.44 -12.99 -34.31
C UNK D 46 13.12 -13.54 -34.84
N UNK D 47 13.14 -14.70 -35.50
CA UNK D 47 11.93 -15.25 -36.09
C UNK D 47 10.95 -15.69 -35.01
N UNK D 48 9.69 -15.31 -35.15
CA UNK D 48 8.67 -15.68 -34.19
C UNK D 48 8.49 -17.19 -34.16
N UNK D 49 8.28 -17.74 -32.97
CA UNK D 49 8.23 -19.18 -32.76
C UNK D 49 6.85 -19.71 -32.47
N UNK D 50 6.05 -19.00 -31.66
CA UNK D 50 4.77 -19.50 -31.18
C UNK D 50 3.58 -18.72 -31.70
N UNK D 51 3.77 -17.93 -32.76
CA UNK D 51 2.67 -17.13 -33.30
C UNK D 51 2.36 -17.44 -34.75
N UNK D 52 3.37 -17.46 -35.62
CA UNK D 52 3.13 -17.55 -37.07
C UNK D 52 3.13 -19.00 -37.57
N UNK D 53 2.36 -19.85 -36.89
CA UNK D 53 2.08 -21.22 -37.35
C UNK D 53 3.33 -22.07 -37.53
N UNK D 54 4.50 -21.53 -37.22
CA UNK D 54 5.75 -22.29 -37.32
C UNK D 54 6.13 -22.89 -35.97
N UNK D 55 5.19 -23.61 -35.36
CA UNK D 55 5.40 -24.19 -34.04
C UNK D 55 5.87 -25.63 -34.08
N UNK D 56 5.43 -26.40 -35.08
CA UNK D 56 5.88 -27.79 -35.19
C UNK D 56 7.34 -27.90 -35.58
N UNK D 57 7.93 -26.84 -36.15
CA UNK D 57 9.33 -26.87 -36.52
C UNK D 57 10.23 -26.99 -35.30
N UNK D 58 9.90 -26.26 -34.23
CA UNK D 58 10.71 -26.29 -33.02
C UNK D 58 10.52 -27.58 -32.23
N UNK D 59 9.41 -28.29 -32.44
CA UNK D 59 9.12 -29.55 -31.75
C UNK D 59 9.13 -29.38 -30.24
N UNK D 60 8.60 -28.25 -29.77
CA UNK D 60 8.43 -28.03 -28.33
C UNK D 60 7.20 -28.71 -27.77
N UNK D 61 6.38 -29.33 -28.62
CA UNK D 61 5.17 -30.02 -28.19
C UNK D 61 5.25 -31.49 -28.58
N UNK D 62 6.38 -32.13 -28.30
CA UNK D 62 6.62 -33.50 -28.70
C UNK D 62 5.85 -34.47 -27.82
N UNK D 63 6.15 -35.76 -27.94
CA UNK D 63 5.38 -36.82 -27.28
C UNK D 63 3.91 -36.74 -27.69
N UNK D 64 3.04 -36.38 -26.76
CA UNK D 64 1.61 -36.30 -27.01
C UNK D 64 1.29 -34.93 -27.59
N UNK D 65 1.27 -34.83 -28.92
CA UNK D 65 1.10 -33.56 -29.59
C UNK D 65 -0.32 -33.03 -29.43
N UNK D 66 -0.47 -31.73 -29.73
CA UNK D 66 -1.76 -31.06 -29.62
C UNK D 66 -2.45 -31.06 -30.98
N UNK D 67 -3.74 -31.42 -30.98
CA UNK D 67 -4.46 -31.58 -32.24
C UNK D 67 -4.68 -30.25 -32.94
N UNK D 68 -5.01 -29.20 -32.19
CA UNK D 68 -5.49 -27.96 -32.80
C UNK D 68 -4.40 -27.19 -33.55
N UNK D 69 -3.13 -27.46 -33.26
CA UNK D 69 -2.06 -26.78 -33.99
C UNK D 69 -2.05 -27.22 -35.44
N UNK D 70 -1.58 -26.32 -36.31
CA UNK D 70 -1.68 -26.55 -37.75
C UNK D 70 -0.87 -27.76 -38.18
N UNK D 71 0.33 -27.93 -37.61
CA UNK D 71 1.25 -29.02 -37.94
C UNK D 71 1.67 -28.99 -39.41
N UNK D 72 1.50 -27.86 -40.08
CA UNK D 72 1.88 -27.70 -41.47
C UNK D 72 3.13 -26.84 -41.63
N UNK D 73 3.77 -26.45 -40.52
CA UNK D 73 4.86 -25.48 -40.54
C UNK D 73 4.46 -24.25 -41.36
N UNK D 74 5.29 -23.90 -42.34
CA UNK D 74 5.03 -22.77 -43.25
C UNK D 74 4.66 -21.56 -42.41
N UNK D 75 3.60 -20.81 -42.76
CA UNK D 75 3.14 -19.73 -41.91
C UNK D 75 1.62 -19.61 -41.86
N UNK D 76 0.88 -20.55 -42.45
CA UNK D 76 -0.56 -20.41 -42.65
C UNK D 76 -1.35 -21.34 -41.74
N UNK D 77 -2.53 -20.86 -41.34
CA UNK D 77 -3.53 -21.64 -40.63
C UNK D 77 -4.47 -22.29 -41.64
N UNK D 78 -5.58 -22.85 -41.16
CA UNK D 78 -6.48 -23.60 -42.03
C UNK D 78 -7.97 -23.34 -41.83
N UNK D 79 -8.36 -22.39 -40.98
CA UNK D 79 -9.75 -21.93 -40.88
C UNK D 79 -10.71 -23.08 -40.56
N UNK D 80 -10.58 -23.57 -39.33
CA UNK D 80 -11.30 -24.77 -38.88
C UNK D 80 -12.79 -24.70 -39.20
N UNK D 81 -13.33 -25.88 -39.51
CA UNK D 81 -14.76 -26.04 -39.81
C UNK D 81 -15.18 -25.16 -40.98
N UNK D 82 -14.45 -25.27 -42.09
CA UNK D 82 -14.79 -24.51 -43.29
C UNK D 82 -16.12 -24.96 -43.88
N UNK D 83 -16.37 -26.27 -43.91
CA UNK D 83 -17.62 -26.79 -44.43
C UNK D 83 -18.82 -26.37 -43.57
N UNK D 84 -18.58 -26.10 -42.29
CA UNK D 84 -19.66 -25.64 -41.42
C UNK D 84 -20.22 -24.31 -41.90
N UNK D 85 -19.37 -23.44 -42.45
CA UNK D 85 -19.86 -22.17 -42.99
C UNK D 85 -20.79 -22.40 -44.18
N UNK D 86 -20.42 -23.31 -45.09
CA UNK D 86 -21.26 -23.61 -46.23
C UNK D 86 -22.59 -24.20 -45.79
N UNK D 87 -22.56 -25.09 -44.79
CA UNK D 87 -23.81 -25.65 -44.28
C UNK D 87 -24.65 -24.58 -43.60
N UNK D 88 -24.02 -23.69 -42.83
CA UNK D 88 -24.75 -22.68 -42.08
C UNK D 88 -25.39 -21.65 -42.99
N UNK D 89 -24.77 -21.34 -44.12
CA UNK D 89 -25.39 -20.42 -45.08
C UNK D 89 -26.73 -20.98 -45.56
N UNK D 90 -26.76 -22.25 -45.94
CA UNK D 90 -28.00 -22.88 -46.37
C UNK D 90 -29.00 -22.97 -45.24
N UNK D 91 -28.53 -23.26 -44.02
CA UNK D 91 -29.45 -23.33 -42.88
C UNK D 91 -30.09 -21.97 -42.61
N UNK D 92 -29.31 -20.90 -42.66
CA UNK D 92 -29.85 -19.56 -42.45
C UNK D 92 -30.83 -19.18 -43.57
N UNK D 93 -30.51 -19.54 -44.81
CA UNK D 93 -31.42 -19.26 -45.91
C UNK D 93 -32.74 -19.99 -45.72
N UNK D 94 -32.68 -21.26 -45.29
CA UNK D 94 -33.90 -22.03 -45.04
C UNK D 94 -34.72 -21.41 -43.92
N UNK D 95 -34.05 -20.98 -42.84
CA UNK D 95 -34.76 -20.34 -41.74
C UNK D 95 -35.43 -19.05 -42.20
N UNK D 96 -34.74 -18.25 -43.00
CA UNK D 96 -35.33 -17.02 -43.51
C UNK D 96 -36.54 -17.32 -44.39
N UNK D 97 -36.44 -18.34 -45.25
CA UNK D 97 -37.57 -18.70 -46.10
C UNK D 97 -38.77 -19.16 -45.27
N UNK D 98 -38.53 -19.98 -44.25
CA UNK D 98 -39.62 -20.44 -43.40
C UNK D 98 -40.27 -19.28 -42.66
N UNK D 99 -39.46 -18.36 -42.13
CA UNK D 99 -40.01 -17.20 -41.44
C UNK D 99 -40.82 -16.32 -42.39
N UNK D 100 -40.33 -16.14 -43.62
CA UNK D 100 -41.07 -15.35 -44.60
C UNK D 100 -42.40 -16.01 -44.93
N UNK D 101 -42.40 -17.34 -45.08
CA UNK D 101 -43.66 -18.04 -45.35
C UNK D 101 -44.63 -17.91 -44.19
N UNK D 102 -44.13 -18.00 -42.95
CA UNK D 102 -45.01 -17.86 -41.79
C UNK D 102 -45.58 -16.46 -41.69
N UNK D 103 -44.75 -15.44 -41.88
CA UNK D 103 -45.23 -14.05 -41.82
C UNK D 103 -46.01 -13.66 -43.06
N UNK D 104 -45.76 -14.33 -44.18
CA UNK D 104 -46.49 -14.10 -45.45
C UNK D 104 -46.36 -12.66 -45.92
N UNK D 105 -45.23 -12.02 -45.65
CA UNK D 105 -44.98 -10.67 -46.12
C UNK D 105 -43.48 -10.40 -46.08
N UNK D 106 -43.07 -9.35 -46.79
CA UNK D 106 -41.67 -8.94 -46.74
C UNK D 106 -41.30 -8.48 -45.34
N UNK D 107 -40.10 -8.85 -44.91
CA UNK D 107 -39.66 -8.52 -43.56
C UNK D 107 -39.53 -7.01 -43.38
N UNK D 108 -39.89 -6.53 -42.19
CA UNK D 108 -39.84 -5.11 -41.86
C UNK D 108 -38.92 -4.90 -40.66
N UNK D 109 -38.07 -3.88 -40.75
CA UNK D 109 -37.10 -3.60 -39.69
C UNK D 109 -37.80 -3.17 -38.41
N UNK D 110 -37.21 -3.55 -37.28
CA UNK D 110 -37.71 -3.15 -35.97
C UNK D 110 -37.02 -1.88 -35.53
N UNK D 111 -37.80 -0.83 -35.31
CA UNK D 111 -37.28 0.45 -34.83
C UNK D 111 -37.24 0.43 -33.31
N UNK D 112 -36.07 0.75 -32.74
CA UNK D 112 -35.91 0.70 -31.30
C UNK D 112 -36.82 1.71 -30.60
N UNK D 113 -36.89 2.93 -31.13
CA UNK D 113 -37.72 3.96 -30.52
C UNK D 113 -39.20 3.61 -30.62
N UNK D 114 -39.62 3.02 -31.74
CA UNK D 114 -41.02 2.75 -31.97
C UNK D 114 -41.53 1.65 -31.04
N UNK D 115 -42.85 1.59 -30.88
CA UNK D 115 -43.52 0.60 -30.04
C UNK D 115 -44.70 0.04 -30.83
N UNK D 116 -44.45 -1.05 -31.56
CA UNK D 116 -45.51 -1.70 -32.31
C UNK D 116 -46.55 -2.29 -31.36
N UNK D 117 -47.79 -2.34 -31.83
CA UNK D 117 -48.87 -2.89 -31.03
C UNK D 117 -48.80 -4.41 -30.99
N UNK D 118 -49.32 -4.98 -29.91
CA UNK D 118 -49.42 -6.43 -29.81
C UNK D 118 -50.46 -6.96 -30.80
N UNK D 119 -50.19 -8.14 -31.36
CA UNK D 119 -51.07 -8.69 -32.38
C UNK D 119 -52.44 -9.04 -31.81
N UNK D 120 -52.48 -9.59 -30.59
CA UNK D 120 -53.72 -10.08 -29.99
C UNK D 120 -54.40 -9.03 -29.12
N UNK D 121 -54.14 -7.74 -29.36
CA UNK D 121 -54.81 -6.70 -28.60
C UNK D 121 -56.30 -6.66 -28.90
N UNK D 122 -57.08 -6.23 -27.92
CA UNK D 122 -58.52 -6.16 -28.07
C UNK D 122 -58.99 -4.91 -28.81
N UNK D 123 -58.12 -3.91 -28.91
CA UNK D 123 -58.49 -2.64 -29.57
C UNK D 123 -57.76 -2.52 -30.91
N UNK D 124 -58.09 -1.49 -31.70
CA UNK D 124 -57.42 -1.28 -33.00
C UNK D 124 -55.91 -1.12 -32.78
N UNK D 125 -55.10 -1.75 -33.61
CA UNK D 125 -53.63 -1.66 -33.47
C UNK D 125 -53.12 -0.35 -34.05
N UNK D 126 -53.34 0.76 -33.35
CA UNK D 126 -52.85 2.07 -33.83
C UNK D 126 -51.33 1.99 -34.00
N UNK D 127 -50.63 1.39 -33.05
CA UNK D 127 -49.16 1.20 -33.16
C UNK D 127 -48.87 0.21 -34.29
N UNK D 128 -49.82 -0.70 -34.57
CA UNK D 128 -49.67 -1.69 -35.66
C UNK D 128 -48.66 -2.76 -35.26
N UNK D 129 -48.64 -3.89 -35.98
CA UNK D 129 -47.71 -4.99 -35.68
C UNK D 129 -46.82 -5.28 -36.89
N UNK D 130 -46.45 -4.23 -37.64
CA UNK D 130 -45.58 -4.40 -38.81
C UNK D 130 -46.09 -5.52 -39.72
N UNK D 131 -47.32 -5.33 -40.20
CA UNK D 131 -47.93 -6.22 -41.18
C UNK D 131 -47.92 -7.69 -40.73
N UNK E 1 -6.33 32.55 54.27
CA UNK E 1 -4.98 33.08 54.20
C UNK E 1 -4.08 32.17 53.37
N UNK E 2 -3.52 32.71 52.29
CA UNK E 2 -2.63 31.96 51.42
C UNK E 2 -1.18 32.21 51.83
N UNK E 3 -0.45 31.13 52.06
CA UNK E 3 0.95 31.24 52.45
C UNK E 3 1.79 31.77 51.30
N UNK E 4 2.74 32.65 51.62
CA UNK E 4 3.64 33.16 50.60
C UNK E 4 4.67 32.11 50.23
N UNK E 5 4.83 31.89 48.92
CA UNK E 5 5.82 30.93 48.45
C UNK E 5 7.22 31.50 48.64
N UNK E 6 8.10 30.71 49.26
CA UNK E 6 9.47 31.15 49.47
C UNK E 6 10.19 31.31 48.14
N UNK E 7 11.26 32.10 48.16
CA UNK E 7 12.03 32.33 46.95
C UNK E 7 12.62 31.04 46.41
N UNK E 8 12.85 30.06 47.28
CA UNK E 8 13.36 28.77 46.82
C UNK E 8 12.36 28.08 45.90
N UNK E 9 11.07 28.19 46.19
CA UNK E 9 10.02 27.55 45.41
C UNK E 9 9.20 28.54 44.59
N UNK E 10 9.78 29.70 44.27
CA UNK E 10 9.08 30.69 43.45
C UNK E 10 9.18 30.28 41.98
N HIS E 11 8.78 31.17 41.08
CA HIS E 11 8.72 30.83 39.67
C HIS E 11 9.51 31.83 38.84
N PRO E 12 10.04 31.40 37.69
CA PRO E 12 10.77 32.35 36.82
C PRO E 12 9.84 33.18 35.96
N LYS E 13 8.66 32.64 35.65
CA LYS E 13 7.70 33.29 34.76
C LYS E 13 8.35 33.53 33.40
N HIS E 14 7.76 34.43 32.60
CA HIS E 14 8.34 34.80 31.31
C HIS E 14 8.38 36.32 31.17
N MET E 15 8.81 36.99 32.23
CA MET E 15 9.16 38.40 32.11
C MET E 15 10.45 38.59 31.34
N LEU E 16 11.29 37.57 31.30
CA LEU E 16 12.56 37.61 30.59
C LEU E 16 12.31 37.24 29.13
N VAL E 17 12.33 38.24 28.25
CA VAL E 17 11.98 38.06 26.85
C VAL E 17 13.24 38.20 26.01
N ALA E 18 13.08 37.92 24.71
CA ALA E 18 14.21 37.93 23.79
C ALA E 18 14.80 39.32 23.59
N GLY E 19 14.05 40.37 23.90
CA GLY E 19 14.53 41.73 23.77
C GLY E 19 15.35 42.24 24.93
N VAL E 20 15.55 41.44 25.97
CA VAL E 20 16.27 41.86 27.16
C VAL E 20 17.24 40.75 27.55
N ARG E 21 18.20 41.10 28.41
CA ARG E 21 19.14 40.13 28.92
C ARG E 21 18.40 39.04 29.70
N GLY E 22 18.98 37.85 29.72
CA GLY E 22 18.33 36.70 30.32
C GLY E 22 18.46 36.68 31.83
N TYR E 23 18.85 35.52 32.38
CA TYR E 23 19.01 35.41 33.82
C TYR E 23 20.02 36.41 34.35
N GLU E 24 21.21 36.44 33.76
CA GLU E 24 22.23 37.43 34.13
C GLU E 24 23.24 37.50 33.00
N MET E 25 23.22 38.61 32.26
CA MET E 25 24.16 38.85 31.16
C MET E 25 24.03 40.31 30.74
N GLU E 26 24.73 40.64 29.65
CA GLU E 26 24.60 41.94 29.01
C GLU E 26 24.37 41.71 27.52
N TRP E 27 23.49 42.51 26.93
CA TRP E 27 23.18 42.38 25.51
C TRP E 27 24.37 42.83 24.66
N GLN E 28 24.33 42.45 23.39
CA GLN E 28 25.39 42.81 22.45
C GLN E 28 25.44 44.32 22.27
N PRO E 29 26.63 44.94 22.30
CA PRO E 29 26.77 46.41 22.14
C PRO E 29 26.71 46.87 20.69
N ILE E 30 25.49 47.04 20.19
CA ILE E 30 25.33 47.45 18.79
C ILE E 30 25.64 48.94 18.67
N PRO E 31 26.37 49.37 17.62
CA PRO E 31 26.52 50.81 17.37
C PRO E 31 25.20 51.44 16.96
N GLY E 32 25.21 52.70 16.55
CA GLY E 32 23.97 53.46 16.41
C GLY E 32 22.87 52.75 15.66
N ASP E 33 21.86 52.33 16.42
CA ASP E 33 20.76 51.49 15.96
C ASP E 33 19.72 51.51 17.07
N ALA E 34 18.77 50.58 17.01
CA ALA E 34 17.93 50.30 18.18
C ALA E 34 18.81 49.81 19.33
N VAL E 35 18.97 50.62 20.37
CA VAL E 35 19.75 50.25 21.55
C VAL E 35 18.82 50.22 22.76
N LYS E 36 19.35 49.74 23.87
CA LYS E 36 18.68 49.76 25.17
C LYS E 36 17.41 48.91 25.19
N TYR E 37 16.77 48.82 26.35
CA TYR E 37 15.61 47.94 26.51
C TYR E 37 14.34 48.66 26.08
N PRO E 38 13.61 48.15 25.08
CA PRO E 38 12.38 48.83 24.64
C PRO E 38 11.27 48.67 25.66
N LYS E 39 10.35 49.63 25.65
CA LYS E 39 9.15 49.60 26.49
C LYS E 39 7.97 50.10 25.68
N PRO E 40 6.79 49.49 25.86
CA PRO E 40 5.62 49.89 25.06
C PRO E 40 5.07 51.25 25.46
N ASN E 41 5.16 52.23 24.57
CA ASN E 41 4.61 53.54 24.84
C ASN E 41 4.23 54.32 23.63
N SER E 42 4.34 53.73 22.45
CA SER E 42 4.07 54.49 21.25
C SER E 42 2.71 55.11 21.22
N GLU E 43 1.65 54.34 21.33
CA GLU E 43 0.33 54.96 21.21
C GLU E 43 0.11 56.01 22.28
N GLU E 44 0.54 55.74 23.52
CA GLU E 44 0.30 56.67 24.62
C GLU E 44 0.98 58.01 24.37
N MET E 45 2.26 57.99 24.01
CA MET E 45 2.95 59.23 23.69
C MET E 45 2.47 59.82 22.37
N PHE E 46 1.82 59.01 21.53
CA PHE E 46 1.25 59.54 20.30
C PHE E 46 0.01 60.38 20.57
N LYS E 47 -0.71 60.08 21.65
CA LYS E 47 -1.88 60.88 22.02
C LYS E 47 -1.50 62.18 22.71
N THR E 48 -0.24 62.35 23.10
CA THR E 48 0.25 63.60 23.64
C THR E 48 1.04 64.42 22.62
N MET E 49 1.50 63.80 21.53
CA MET E 49 2.22 64.51 20.50
C MET E 49 1.29 65.45 19.74
N ILE E 50 1.82 66.59 19.32
CA ILE E 50 1.04 67.59 18.62
C ILE E 50 1.10 67.34 17.13
N GLY E 51 0.15 67.89 16.40
CA GLY E 51 0.04 67.68 14.97
C GLY E 51 -1.39 67.44 14.53
N ALA E 52 -2.18 66.87 15.43
CA ALA E 52 -3.61 66.72 15.18
C ALA E 52 -4.27 68.09 15.11
N ASP E 53 -5.19 68.24 14.16
CA ASP E 53 -5.83 69.53 13.92
C ASP E 53 -7.23 69.29 13.37
N VAL E 54 -7.96 70.39 13.15
CA VAL E 54 -9.39 70.32 12.85
C VAL E 54 -9.71 69.87 11.43
N GLU E 55 -8.70 69.76 10.56
CA GLU E 55 -8.97 69.31 9.19
C GLU E 55 -9.49 67.88 9.18
N THR E 56 -8.94 67.02 10.04
CA THR E 56 -9.35 65.62 10.15
C THR E 56 -9.64 65.33 11.63
N GLY E 57 -10.85 65.64 12.07
CA GLY E 57 -11.22 65.35 13.43
C GLY E 57 -10.81 66.43 14.41
N GLY E 58 -9.66 66.22 15.05
CA GLY E 58 -9.16 67.13 16.07
C GLY E 58 -8.40 66.37 17.14
N GLU E 59 -8.53 65.05 17.11
CA GLU E 59 -7.73 64.17 17.95
C GLU E 59 -6.65 63.51 17.09
N ALA E 60 -5.87 62.62 17.70
CA ALA E 60 -4.74 62.03 17.00
C ALA E 60 -5.21 61.22 15.81
N TRP E 61 -5.03 61.76 14.61
CA TRP E 61 -5.55 61.17 13.38
C TRP E 61 -4.57 60.13 12.88
N ASP E 62 -4.93 58.87 13.00
CA ASP E 62 -4.08 57.82 12.50
C ASP E 62 -4.94 56.66 12.18
N PRO E 63 -5.58 56.67 11.00
CA PRO E 63 -6.29 55.44 10.65
C PRO E 63 -5.18 54.48 10.27
N LEU E 64 -5.43 53.24 9.93
CA LEU E 64 -4.32 52.31 9.67
C LEU E 64 -3.43 52.12 10.90
N GLY E 65 -3.59 52.93 11.94
CA GLY E 65 -2.91 52.73 13.21
C GLY E 65 -1.42 52.51 13.10
N PHE E 66 -0.75 53.28 12.24
CA PHE E 66 0.69 53.09 12.06
C PHE E 66 1.48 53.43 13.33
N HIS E 67 0.91 54.21 14.23
CA HIS E 67 1.63 54.52 15.43
C HIS E 67 1.73 53.29 16.26
N LYS E 68 0.62 52.60 16.44
CA LYS E 68 0.59 51.45 17.32
C LYS E 68 1.50 50.25 17.02
N LEU E 69 2.08 50.17 15.84
CA LEU E 69 2.86 48.99 15.47
C LEU E 69 4.08 48.80 16.37
N PHE E 70 4.63 49.88 16.93
CA PHE E 70 5.70 49.70 17.90
C PHE E 70 5.21 48.96 19.14
N ASP E 71 4.00 49.30 19.57
CA ASP E 71 3.45 48.66 20.79
C ASP E 71 3.16 47.20 20.47
N ARG E 72 2.87 46.89 19.21
CA ARG E 72 2.54 45.51 18.80
C ARG E 72 3.82 44.69 18.67
N ASN E 73 4.95 45.34 18.41
CA ASN E 73 6.21 44.60 18.18
C ASN E 73 6.37 43.57 19.30
N PHE E 74 5.98 43.93 20.52
CA PHE E 74 6.17 43.04 21.69
C PHE E 74 5.29 41.80 21.55
N ASP E 75 4.07 41.97 21.04
CA ASP E 75 3.16 40.83 20.82
C ASP E 75 3.64 40.00 19.63
N PHE E 76 4.08 40.66 18.57
CA PHE E 76 4.45 39.93 17.33
C PHE E 76 5.69 39.06 17.55
N ASN E 77 6.88 39.59 17.23
CA ASN E 77 8.14 38.83 17.38
C ASN E 77 8.89 39.32 18.63
N MET E 78 8.22 40.13 19.47
CA MET E 78 8.87 40.70 20.68
C MET E 78 10.11 41.48 20.24
N LEU E 79 10.12 41.96 19.00
CA LEU E 79 11.28 42.75 18.47
C LEU E 79 10.75 44.05 17.86
N PRO E 80 11.39 45.22 18.13
CA PRO E 80 10.89 46.50 17.63
C PRO E 80 11.15 46.67 16.12
N VAL E 81 10.56 45.79 15.30
CA VAL E 81 10.72 45.90 13.82
C VAL E 81 10.07 47.21 13.35
N TYR E 82 8.94 47.58 13.97
CA TYR E 82 8.22 48.82 13.58
C TYR E 82 8.72 49.99 14.45
N PRO E 83 8.96 51.17 13.86
CA PRO E 83 9.50 52.31 14.61
C PRO E 83 8.50 52.88 15.61
N HIS E 84 9.06 53.48 16.67
CA HIS E 84 8.26 54.21 17.65
C HIS E 84 7.77 55.51 17.04
N VAL E 85 6.76 56.12 17.71
CA VAL E 85 6.19 57.36 17.20
C VAL E 85 7.23 58.47 17.17
N GLN E 86 8.26 58.39 18.01
CA GLN E 86 9.32 59.38 17.99
C GLN E 86 10.07 59.36 16.66
N TRP E 87 10.41 58.15 16.18
CA TRP E 87 11.02 58.03 14.86
C TRP E 87 10.06 58.46 13.77
N LEU E 88 8.78 58.15 13.93
CA LEU E 88 7.78 58.55 12.95
C LEU E 88 7.68 60.07 12.86
N ARG E 89 7.80 60.76 14.00
CA ARG E 89 7.77 62.23 13.99
C ARG E 89 9.06 62.80 13.43
N GLU E 90 10.19 62.14 13.69
CA GLU E 90 11.44 62.57 13.07
C GLU E 90 11.34 62.48 11.56
N ALA E 91 10.79 61.38 11.05
CA ALA E 91 10.56 61.25 9.61
C ALA E 91 9.54 62.27 9.13
N GLU E 92 8.48 62.50 9.91
CA GLU E 92 7.50 63.54 9.61
C GLU E 92 8.18 64.86 9.30
N ILE E 93 8.94 65.37 10.27
CA ILE E 93 9.48 66.71 10.14
C ILE E 93 10.60 66.76 9.12
N LYS E 94 11.40 65.68 9.03
CA LYS E 94 12.46 65.67 8.01
C LYS E 94 11.86 65.72 6.61
N HIS E 95 10.83 64.91 6.36
CA HIS E 95 10.14 64.96 5.08
C HIS E 95 9.51 66.32 4.86
N GLY E 96 8.93 66.91 5.91
CA GLY E 96 8.31 68.21 5.75
C GLY E 96 9.30 69.30 5.35
N ARG E 97 10.44 69.35 6.04
CA ARG E 97 11.47 70.32 5.70
C ARG E 97 11.99 70.09 4.28
N VAL E 98 12.31 68.83 3.96
CA VAL E 98 12.87 68.53 2.65
C VAL E 98 11.87 68.87 1.55
N CYS E 99 10.58 68.64 1.79
CA CYS E 99 9.56 68.96 0.80
C CYS E 99 9.36 70.46 0.67
N MET E 100 9.36 71.18 1.79
CA MET E 100 9.19 72.63 1.72
C MET E 100 10.34 73.27 0.94
N LEU E 101 11.54 72.70 1.06
CA LEU E 101 12.64 73.16 0.21
C LEU E 101 12.45 72.71 -1.24
N ALA E 102 12.09 71.44 -1.43
CA ALA E 102 12.09 70.83 -2.76
C ALA E 102 11.00 71.40 -3.66
N PHE E 103 9.86 71.78 -3.10
CA PHE E 103 8.78 72.31 -3.91
C PHE E 103 9.16 73.65 -4.52
N ILE E 104 9.64 74.57 -3.71
CA ILE E 104 10.10 75.84 -4.26
C ILE E 104 11.34 75.64 -5.10
N GLY E 105 12.11 74.57 -4.87
CA GLY E 105 13.17 74.24 -5.81
C GLY E 105 12.65 73.89 -7.19
N CYS E 106 11.61 73.05 -7.23
CA CYS E 106 10.97 72.71 -8.49
C CYS E 106 10.44 73.95 -9.19
N PHE E 107 9.82 74.85 -8.42
CA PHE E 107 9.27 76.07 -9.01
C PHE E 107 10.38 76.99 -9.53
N ALA E 108 11.45 77.15 -8.76
CA ALA E 108 12.48 78.11 -9.13
C ALA E 108 13.32 77.63 -10.31
N GLN E 109 13.66 76.34 -10.33
CA GLN E 109 14.46 75.81 -11.44
C GLN E 109 13.73 75.95 -12.76
N ALA E 110 12.39 75.96 -12.74
CA ALA E 110 11.60 76.30 -13.92
C ALA E 110 11.36 77.81 -13.94
N GLY E 111 12.43 78.54 -14.23
CA GLY E 111 12.39 79.98 -14.22
C GLY E 111 13.65 80.64 -13.72
N TYR E 112 14.59 79.86 -13.20
CA TYR E 112 15.88 80.38 -12.75
C TYR E 112 16.97 79.37 -13.07
N HIS E 113 18.19 79.85 -13.17
CA HIS E 113 19.34 79.00 -13.47
C HIS E 113 20.62 79.69 -13.03
N ILE E 114 21.66 78.88 -12.86
CA ILE E 114 22.99 79.38 -12.50
C ILE E 114 23.97 78.99 -13.60
N GLY E 115 25.12 79.64 -13.59
CA GLY E 115 26.15 79.39 -14.59
C GLY E 115 26.82 78.03 -14.42
N VAL E 119 24.20 73.23 -14.56
CA VAL E 119 23.82 72.78 -15.88
C VAL E 119 22.30 72.79 -16.00
N GLN E 120 21.79 72.93 -17.23
CA GLN E 120 20.36 73.10 -17.46
C GLN E 120 19.72 71.80 -17.92
N PRO E 121 18.82 71.20 -17.13
CA PRO E 121 18.16 69.97 -17.57
C PRO E 121 16.90 69.63 -16.78
N ASP E 122 15.75 70.13 -17.23
CA ASP E 122 14.44 69.79 -16.66
C ASP E 122 14.46 70.06 -15.15
N TRP E 123 13.60 69.36 -14.41
CA TRP E 123 13.72 69.31 -12.96
C TRP E 123 13.74 67.85 -12.51
N SER E 124 13.02 66.99 -13.23
CA SER E 124 12.97 65.57 -12.93
C SER E 124 14.23 64.83 -13.35
N LYS E 125 15.10 65.47 -14.13
CA LYS E 125 16.38 64.89 -14.53
C LYS E 125 17.55 65.78 -14.16
N ALA E 126 17.33 66.80 -13.31
CA ALA E 126 18.42 67.71 -12.96
C ALA E 126 19.52 66.99 -12.18
N LEU E 127 19.15 66.15 -11.22
CA LEU E 127 20.17 65.48 -10.41
C LEU E 127 20.92 64.44 -11.22
N ALA E 128 20.20 63.61 -11.98
CA ALA E 128 20.86 62.59 -12.79
C ALA E 128 21.79 63.21 -13.81
N GLU E 129 21.44 64.40 -14.31
CA GLU E 129 22.34 65.14 -15.19
C GLU E 129 23.56 65.64 -14.42
N CYS E 130 23.33 66.25 -13.26
CA CYS E 130 24.43 66.77 -12.47
C CYS E 130 25.36 65.65 -11.99
N TYR E 131 24.80 64.46 -11.75
CA TYR E 131 25.58 63.30 -11.38
C TYR E 131 26.18 62.59 -12.58
N ALA E 132 26.12 63.20 -13.76
CA ALA E 132 26.66 62.60 -14.98
C ALA E 132 27.45 63.57 -15.84
N SER E 133 27.68 64.81 -15.40
CA SER E 133 28.45 65.79 -16.17
C SER E 133 29.10 66.79 -15.22
N PRO E 134 30.14 66.38 -14.50
CA PRO E 134 30.86 67.32 -13.63
C PRO E 134 31.91 68.14 -14.38
N THR E 135 31.69 69.45 -14.48
CA THR E 135 32.71 70.37 -14.97
C THR E 135 33.11 71.39 -13.92
N GLY E 136 32.15 72.12 -13.36
CA GLY E 136 32.37 72.95 -12.20
C GLY E 136 31.38 72.56 -11.13
N ALA E 137 30.94 71.30 -11.20
CA ALA E 137 29.91 70.80 -10.30
C ALA E 137 30.54 70.02 -9.14
N VAL E 138 31.26 70.78 -8.30
CA VAL E 138 31.57 70.27 -6.96
C VAL E 138 30.42 70.54 -6.02
N GLY E 139 29.41 71.29 -6.46
CA GLY E 139 28.26 71.53 -5.63
C GLY E 139 27.57 70.26 -5.19
N LEU E 140 27.64 69.22 -6.01
CA LEU E 140 27.16 67.91 -5.58
C LEU E 140 27.94 67.42 -4.36
N PHE E 141 29.27 67.56 -4.41
CA PHE E 141 30.09 67.15 -3.28
C PHE E 141 29.76 67.99 -2.04
N GLN E 142 29.62 69.30 -2.21
CA GLN E 142 29.36 70.16 -1.06
C GLN E 142 28.00 69.86 -0.44
N ILE E 143 26.97 69.68 -1.29
CA ILE E 143 25.64 69.38 -0.78
C ILE E 143 25.63 68.03 -0.07
N SER E 144 26.28 67.03 -0.67
CA SER E 144 26.28 65.71 -0.08
C SER E 144 27.06 65.68 1.23
N VAL E 145 28.16 66.43 1.33
CA VAL E 145 28.90 66.45 2.59
C VAL E 145 28.14 67.24 3.65
N LEU E 146 27.42 68.30 3.26
CA LEU E 146 26.57 68.97 4.23
C LEU E 146 25.52 68.02 4.77
N ILE E 147 24.88 67.25 3.88
CA ILE E 147 23.86 66.31 4.32
C ILE E 147 24.47 65.25 5.23
N GLY E 148 25.66 64.75 4.88
CA GLY E 148 26.29 63.72 5.69
C GLY E 148 26.66 64.23 7.07
N TRP E 149 27.26 65.41 7.13
CA TRP E 149 27.59 65.99 8.44
C TRP E 149 26.33 66.28 9.25
N ILE E 150 25.29 66.79 8.59
CA ILE E 150 24.10 67.23 9.31
C ILE E 150 23.40 66.05 9.97
N GLU E 151 23.18 64.96 9.21
CA GLU E 151 22.54 63.80 9.83
C GLU E 151 23.54 62.73 10.24
N GLY E 152 24.80 63.11 10.42
CA GLY E 152 25.67 62.34 11.28
C GLY E 152 25.69 62.95 12.67
N LYS E 153 25.74 64.29 12.72
CA LYS E 153 25.67 64.97 14.01
C LYS E 153 24.28 64.86 14.62
N ASN E 154 23.25 65.10 13.81
CA ASN E 154 21.87 65.10 14.30
C ASN E 154 21.17 63.78 14.03
N TYR E 155 21.91 62.67 13.95
CA TYR E 155 21.27 61.37 13.93
C TYR E 155 20.43 61.22 15.18
N ASN E 156 19.18 60.77 15.01
CA ASN E 156 18.19 60.91 16.06
C ASN E 156 18.37 59.89 17.18
N GLY E 157 19.57 59.84 17.75
CA GLY E 157 19.83 59.07 18.96
C GLY E 157 19.30 57.65 18.91
N ASP E 158 18.28 57.39 19.72
CA ASP E 158 17.60 56.10 19.78
C ASP E 158 16.10 56.29 19.60
N ALA E 159 15.73 57.10 18.61
CA ALA E 159 14.32 57.44 18.39
C ALA E 159 13.50 56.23 17.96
N TRP E 160 14.13 55.17 17.46
CA TRP E 160 13.38 54.02 16.97
C TRP E 160 12.63 53.32 18.09
N VAL E 161 13.18 53.32 19.30
CA VAL E 161 12.54 52.67 20.45
C VAL E 161 11.97 53.69 21.42
N GLY E 162 11.80 54.94 20.99
CA GLY E 162 11.16 55.93 21.83
C GLY E 162 12.00 56.47 22.96
N MET E 163 13.31 56.32 22.89
CA MET E 163 14.18 56.83 23.95
C MET E 163 15.15 57.86 23.41
N SER E 164 14.66 58.79 22.61
CA SER E 164 15.47 59.89 22.09
C SER E 164 15.42 61.05 23.07
N GLU E 165 16.59 61.40 23.61
CA GLU E 165 16.67 62.55 24.52
C GLU E 165 16.29 63.85 23.80
N LYS E 166 16.74 64.00 22.56
CA LYS E 166 16.37 65.16 21.76
C LYS E 166 14.89 65.09 21.39
N GLU E 167 14.20 66.22 21.50
CA GLU E 167 12.82 66.28 21.04
C GLU E 167 12.78 66.10 19.52
N PRO E 168 11.81 65.37 19.00
CA PRO E 168 11.80 65.06 17.56
C PRO E 168 11.79 66.32 16.71
N GLY E 169 12.70 66.36 15.74
CA GLY E 169 12.83 67.49 14.85
C GLY E 169 13.56 68.68 15.43
N ASP E 170 14.01 68.61 16.68
CA ASP E 170 14.68 69.73 17.33
C ASP E 170 16.18 69.58 17.13
N LEU E 171 16.68 70.15 16.04
CA LEU E 171 18.10 70.13 15.73
C LEU E 171 18.85 71.29 16.36
N GLY E 172 18.17 72.13 17.15
CA GLY E 172 18.82 73.29 17.70
C GLY E 172 19.14 74.37 16.70
N PHE E 173 18.44 74.39 15.57
CA PHE E 173 18.66 75.38 14.51
C PHE E 173 17.59 76.46 14.64
N ASP E 174 17.89 77.47 15.45
CA ASP E 174 17.04 78.65 15.58
C ASP E 174 17.93 79.89 15.54
N PRO E 175 18.55 80.16 14.37
CA PRO E 175 19.56 81.23 14.31
C PRO E 175 19.04 82.61 14.68
N ALA E 176 18.04 83.10 13.96
CA ALA E 176 17.55 84.46 14.18
C ALA E 176 16.40 84.49 15.16
N GLY E 177 16.57 83.81 16.29
CA GLY E 177 15.65 83.85 17.42
C GLY E 177 14.18 83.95 17.10
N PHE E 178 13.72 83.20 16.10
CA PHE E 178 12.36 83.39 15.60
C PHE E 178 11.31 83.03 16.65
N THR E 179 11.53 81.95 17.39
CA THR E 179 10.62 81.54 18.46
C THR E 179 11.39 81.15 19.72
N LYS E 180 12.43 81.92 20.05
CA LYS E 180 13.09 81.72 21.34
C LYS E 180 12.25 82.21 22.51
N ASN E 181 11.05 82.71 22.25
CA ASN E 181 10.17 83.17 23.31
C ASN E 181 9.79 82.00 24.21
N PRO E 182 9.52 82.26 25.49
CA PRO E 182 9.35 81.13 26.45
C PRO E 182 8.34 80.09 25.99
N ASP E 183 7.19 80.53 25.50
CA ASP E 183 6.36 79.58 24.77
C ASP E 183 5.98 80.08 23.39
N PHE E 184 5.57 81.34 23.25
CA PHE E 184 5.05 81.88 22.00
C PHE E 184 3.99 80.97 21.40
N ASP E 185 3.35 80.17 22.24
CA ASP E 185 2.65 78.97 21.80
C ASP E 185 3.52 78.19 20.82
N LEU E 186 4.66 77.72 21.32
CA LEU E 186 5.56 76.91 20.49
C LEU E 186 4.85 75.70 19.95
N LYS E 187 3.84 75.20 20.66
CA LYS E 187 2.94 74.21 20.09
C LYS E 187 2.30 74.70 18.80
N LYS E 188 1.88 75.96 18.75
CA LYS E 188 1.28 76.53 17.55
C LYS E 188 2.28 76.69 16.41
N ALA E 189 3.49 77.17 16.71
CA ALA E 189 4.50 77.31 15.67
C ALA E 189 4.90 75.95 15.11
N GLN E 190 5.07 74.96 15.99
CA GLN E 190 5.37 73.60 15.54
C GLN E 190 4.22 73.04 14.73
N LEU E 191 2.97 73.32 15.14
CA LEU E 191 1.82 72.85 14.38
C LEU E 191 1.79 73.46 12.99
N GLN E 192 2.08 74.76 12.88
CA GLN E 192 2.12 75.40 11.57
C GLN E 192 3.22 74.80 10.71
N GLU E 193 4.39 74.53 11.31
CA GLU E 193 5.47 73.88 10.58
C GLU E 193 5.04 72.52 10.06
N ILE E 194 4.37 71.73 10.90
CA ILE E 194 3.97 70.38 10.50
C ILE E 194 2.92 70.45 9.40
N LYS E 195 1.95 71.37 9.53
CA LYS E 195 0.92 71.51 8.50
C LYS E 195 1.55 71.89 7.16
N ASN E 196 2.47 72.85 7.18
CA ASN E 196 3.12 73.26 5.93
C ASN E 196 3.99 72.14 5.37
N GLY E 197 4.66 71.38 6.23
CA GLY E 197 5.45 70.26 5.75
C GLY E 197 4.60 69.18 5.11
N ARG E 198 3.45 68.88 5.71
CA ARG E 198 2.52 67.92 5.11
C ARG E 198 2.00 68.43 3.77
N LEU E 199 1.68 69.72 3.70
CA LEU E 199 1.21 70.30 2.45
C LEU E 199 2.28 70.21 1.36
N ALA E 200 3.53 70.49 1.72
CA ALA E 200 4.63 70.38 0.76
C ALA E 200 4.89 68.94 0.37
N MET E 201 4.70 67.99 1.30
CA MET E 201 4.81 66.58 0.95
C MET E 201 3.77 66.20 -0.08
N VAL E 202 2.52 66.65 0.13
CA VAL E 202 1.46 66.35 -0.83
C VAL E 202 1.75 67.00 -2.17
N GLY E 203 2.30 68.23 -2.15
CA GLY E 203 2.65 68.89 -3.40
C GLY E 203 3.73 68.16 -4.17
N CYS E 204 4.80 67.75 -3.47
CA CYS E 204 5.88 67.03 -4.13
C CYS E 204 5.41 65.67 -4.65
N ALA E 205 4.57 64.98 -3.88
CA ALA E 205 4.00 63.72 -4.35
C ALA E 205 3.14 63.94 -5.59
N SER E 206 2.36 65.02 -5.60
CA SER E 206 1.54 65.34 -6.76
C SER E 206 2.40 65.57 -8.00
N ILE E 207 3.48 66.35 -7.84
CA ILE E 207 4.34 66.65 -8.99
C ILE E 207 5.04 65.40 -9.48
N ALA E 208 5.57 64.59 -8.56
CA ALA E 208 6.27 63.36 -8.96
C ALA E 208 5.33 62.38 -9.64
N ALA E 209 4.12 62.21 -9.10
CA ALA E 209 3.17 61.29 -9.72
C ALA E 209 2.66 61.83 -11.05
N ASN E 210 2.56 63.15 -11.20
CA ASN E 210 2.05 63.72 -12.43
C ASN E 210 3.08 63.65 -13.55
N HIS E 211 4.35 63.93 -13.25
CA HIS E 211 5.35 63.93 -14.32
C HIS E 211 5.52 62.54 -14.93
N PHE E 212 5.29 61.49 -14.16
CA PHE E 212 5.44 60.13 -14.66
C PHE E 212 4.11 59.46 -14.99
N ILE E 213 2.99 60.00 -14.51
CA ILE E 213 1.68 59.58 -14.97
C ILE E 213 1.00 60.80 -15.59
N PRO E 214 1.10 60.97 -16.91
CA PRO E 214 0.59 62.20 -17.52
C PRO E 214 -0.92 62.35 -17.32
N GLY E 215 -1.34 63.59 -17.10
CA GLY E 215 -2.75 63.87 -16.90
C GLY E 215 -3.33 63.33 -15.63
N SER E 216 -2.48 62.96 -14.66
CA SER E 216 -2.98 62.43 -13.39
C SER E 216 -3.44 63.56 -12.49
N VAL E 217 -2.53 64.44 -12.10
CA VAL E 217 -2.85 65.61 -11.29
C VAL E 217 -3.24 66.75 -12.22
N PRO E 218 -4.30 67.50 -11.92
CA PRO E 218 -4.63 68.65 -12.76
C PRO E 218 -3.49 69.65 -12.79
N LEU E 219 -3.20 70.17 -13.99
CA LEU E 219 -2.03 71.02 -14.25
C LEU E 219 -0.75 70.22 -14.05
N LEU E 220 0.34 70.71 -14.63
CA LEU E 220 1.61 69.98 -14.54
C LEU E 220 2.24 70.14 -13.15
N GLU F 1 57.62 57.22 30.36
CA GLU F 1 58.86 57.20 29.61
C GLU F 1 58.58 57.34 28.11
N PHE F 2 59.37 58.16 27.43
CA PHE F 2 59.12 58.46 26.03
C PHE F 2 59.69 57.35 25.14
N ALA F 3 58.81 56.80 24.29
CA ALA F 3 59.20 55.81 23.27
C ALA F 3 59.92 54.61 23.89
N GLY F 4 59.48 54.20 25.07
CA GLY F 4 60.09 53.05 25.72
C GLY F 4 61.53 53.26 26.13
N GLY F 5 61.98 54.49 26.23
CA GLY F 5 63.36 54.77 26.57
C GLY F 5 64.34 54.35 25.49
N LEU F 6 64.19 54.88 24.29
CA LEU F 6 65.09 54.61 23.18
C LEU F 6 66.07 55.76 23.00
N ILE F 7 67.26 55.42 22.54
CA ILE F 7 68.28 56.43 22.24
C ILE F 7 67.90 57.14 20.95
N GLY F 8 68.06 58.46 20.93
CA GLY F 8 67.78 59.22 19.73
C GLY F 8 66.86 60.40 19.94
N GLY F 9 66.07 60.35 21.01
CA GLY F 9 65.10 61.39 21.28
C GLY F 9 65.59 62.56 22.10
N GLN F 10 66.87 62.59 22.46
CA GLN F 10 67.41 63.63 23.32
C GLN F 10 67.88 64.82 22.48
N SER F 11 67.59 66.02 22.95
CA SER F 11 67.98 67.24 22.26
C SER F 11 69.49 67.43 22.31
N ALA F 12 69.97 68.36 21.49
CA ALA F 12 71.39 68.66 21.42
C ALA F 12 71.78 69.89 22.22
N PHE F 13 70.80 70.72 22.54
CA PHE F 13 71.05 71.92 23.39
C PHE F 13 71.20 71.43 24.83
N ALA F 14 70.96 70.14 25.05
CA ALA F 14 71.11 69.54 26.40
C ALA F 14 70.12 70.18 27.37
N SER F 15 69.94 69.57 28.55
CA SER F 15 68.99 70.11 29.55
C SER F 15 67.59 70.12 28.96
N GLN F 16 67.42 69.48 27.80
CA GLN F 16 66.10 69.45 27.12
C GLN F 16 65.99 68.13 26.36
N GLU F 17 64.78 67.69 26.02
CA GLU F 17 64.62 66.45 25.23
C GLU F 17 63.77 66.78 24.00
N TYR F 18 64.33 66.58 22.81
CA TYR F 18 63.59 66.87 21.56
C TYR F 18 62.40 65.91 21.47
N ASN F 19 62.59 64.69 21.97
CA ASN F 19 61.50 63.70 21.89
C ASN F 19 60.58 64.01 20.71
N PHE F 20 61.17 64.07 19.52
CA PHE F 20 60.42 64.44 18.33
C PHE F 20 59.49 63.30 17.92
N ASP F 21 58.18 63.53 18.04
CA ASP F 21 57.15 62.60 17.58
C ASP F 21 55.84 63.36 17.45
N PRO F 22 55.73 64.27 16.47
CA PRO F 22 54.50 65.07 16.35
C PRO F 22 53.25 64.24 16.14
N LEU F 23 53.35 63.14 15.39
CA LEU F 23 52.22 62.24 15.23
C LEU F 23 51.98 61.36 16.44
N GLY F 24 52.91 61.33 17.38
CA GLY F 24 52.74 60.50 18.57
C GLY F 24 52.67 59.02 18.27
N LEU F 25 53.49 58.55 17.32
CA LEU F 25 53.44 57.14 16.95
C LEU F 25 54.06 56.25 18.02
N ALA F 26 54.97 56.80 18.84
CA ALA F 26 55.60 56.01 19.89
C ALA F 26 54.55 55.54 20.91
N GLU F 27 53.62 56.43 21.28
CA GLU F 27 52.57 56.05 22.22
C GLU F 27 51.42 55.31 21.56
N LYS F 28 51.24 55.49 20.24
CA LYS F 28 50.17 54.75 19.55
C LYS F 28 50.59 53.30 19.32
N PHE F 29 51.87 53.06 19.07
CA PHE F 29 52.38 51.73 18.73
C PHE F 29 53.56 51.38 19.62
N PRO F 30 53.31 51.17 20.93
CA PRO F 30 54.42 50.77 21.81
C PRO F 30 54.87 49.33 21.64
N GLU F 31 54.01 48.46 21.10
CA GLU F 31 54.37 47.07 20.88
C GLU F 31 55.18 46.88 19.60
N GLN F 32 55.24 47.87 18.72
CA GLN F 32 56.06 47.81 17.52
C GLN F 32 57.20 48.81 17.56
N LEU F 33 57.49 49.39 18.73
CA LEU F 33 58.65 50.27 18.86
C LEU F 33 59.97 49.57 18.57
N PRO F 34 60.25 48.36 19.05
CA PRO F 34 61.50 47.69 18.61
C PRO F 34 61.58 47.51 17.12
N PHE F 35 60.46 47.19 16.46
CA PHE F 35 60.47 47.08 15.00
C PHE F 35 60.68 48.44 14.36
N PHE F 36 60.11 49.50 14.96
CA PHE F 36 60.32 50.85 14.44
C PHE F 36 61.79 51.24 14.50
N ARG F 37 62.46 50.93 15.61
CA ARG F 37 63.89 51.26 15.72
C ARG F 37 64.72 50.39 14.79
N GLU F 38 64.33 49.12 14.62
CA GLU F 38 65.00 48.27 13.65
C GLU F 38 64.91 48.88 12.25
N ALA F 39 63.71 49.33 11.87
CA ALA F 39 63.53 49.94 10.55
C ALA F 39 64.30 51.23 10.43
N GLU F 40 64.31 52.05 11.48
CA GLU F 40 65.03 53.32 11.44
C GLU F 40 66.52 53.09 11.25
N LEU F 41 67.10 52.15 12.00
CA LEU F 41 68.52 51.88 11.88
C LEU F 41 68.86 51.26 10.54
N LYS F 42 68.00 50.36 10.04
CA LYS F 42 68.23 49.77 8.73
C LYS F 42 68.20 50.83 7.64
N HIS F 43 67.20 51.72 7.69
CA HIS F 43 67.14 52.81 6.72
C HIS F 43 68.37 53.70 6.82
N GLY F 44 68.80 54.02 8.04
CA GLY F 44 69.96 54.88 8.20
C GLY F 44 71.22 54.27 7.62
N ARG F 45 71.46 52.99 7.90
CA ARG F 45 72.65 52.32 7.40
C ARG F 45 72.62 52.20 5.88
N ILE F 46 71.48 51.76 5.34
CA ILE F 46 71.35 51.64 3.88
C ILE F 46 71.54 53.00 3.23
N ALA F 47 71.05 54.07 3.87
CA ALA F 47 71.16 55.39 3.30
C ALA F 47 72.57 55.94 3.38
N MET F 48 73.30 55.62 4.45
CA MET F 48 74.72 55.98 4.50
C MET F 48 75.46 55.35 3.34
N LEU F 49 75.32 54.04 3.17
CA LEU F 49 76.00 53.36 2.07
C LEU F 49 75.52 53.89 0.73
N ALA F 50 74.23 54.23 0.64
CA ALA F 50 73.67 54.72 -0.61
C ALA F 50 74.23 56.09 -0.98
N TRP F 51 74.40 56.98 0.00
CA TRP F 51 74.98 58.28 -0.31
C TRP F 51 76.44 58.15 -0.68
N VAL F 52 77.18 57.28 0.02
CA VAL F 52 78.58 57.08 -0.33
C VAL F 52 78.71 56.55 -1.75
N GLY F 53 77.88 55.57 -2.11
CA GLY F 53 77.88 55.02 -3.46
C GLY F 53 77.07 55.80 -4.48
N LEU F 54 76.49 56.91 -4.05
CA LEU F 54 75.95 57.91 -4.97
C LEU F 54 76.99 58.95 -5.33
N VAL F 55 77.93 59.20 -4.41
CA VAL F 55 79.02 60.13 -4.71
C VAL F 55 80.14 59.43 -5.47
N VAL F 56 80.53 58.23 -5.02
CA VAL F 56 81.77 57.62 -5.51
C VAL F 56 81.75 57.35 -7.01
N PRO F 57 80.71 56.74 -7.61
CA PRO F 57 80.80 56.40 -9.04
C PRO F 57 81.02 57.58 -9.96
N GLU F 58 80.86 58.82 -9.49
CA GLU F 58 81.22 59.98 -10.28
C GLU F 58 82.71 60.06 -10.55
N PHE F 59 83.53 59.30 -9.83
CA PHE F 59 84.98 59.30 -9.97
C PHE F 59 85.52 58.00 -10.52
N VAL F 60 85.14 56.87 -9.92
CA VAL F 60 85.62 55.55 -10.31
C VAL F 60 84.43 54.69 -10.72
N ARG F 61 84.59 53.93 -11.78
CA ARG F 61 83.49 53.02 -12.24
C ARG F 61 84.06 51.63 -12.52
N ILE F 62 83.68 50.64 -11.71
CA ILE F 62 84.20 49.25 -11.87
C ILE F 62 84.00 48.84 -13.32
N PRO F 63 85.02 48.28 -14.00
CA PRO F 63 84.88 47.93 -15.41
C PRO F 63 84.19 46.58 -15.57
N GLY F 64 82.93 46.56 -16.01
CA GLY F 64 82.18 45.30 -16.10
C GLY F 64 81.11 45.32 -17.17
N PRO F 65 80.14 44.39 -17.16
CA PRO F 65 79.08 44.34 -18.16
C PRO F 65 78.79 45.76 -18.68
N GLU F 66 79.32 46.11 -19.84
CA GLU F 66 79.17 47.51 -20.33
C GLU F 66 77.69 47.92 -20.41
N LYS F 67 76.77 46.96 -20.51
CA LYS F 67 75.33 47.35 -20.50
C LYS F 67 75.10 48.20 -19.26
N CYS F 68 75.68 47.81 -18.13
CA CYS F 68 75.60 48.64 -16.91
C CYS F 68 76.94 49.38 -16.84
N TRP F 69 77.49 49.56 -15.65
CA TRP F 69 78.83 50.19 -15.54
C TRP F 69 78.94 51.33 -16.55
N GLN F 70 77.89 52.16 -16.67
CA GLN F 70 77.92 53.33 -17.57
C GLN F 70 76.73 54.26 -17.30
N ALA F 71 76.90 55.59 -17.48
CA ALA F 71 75.81 56.59 -17.35
C ALA F 71 75.83 57.38 -16.05
N SER F 72 74.84 58.24 -15.82
CA SER F 72 74.73 59.02 -14.60
C SER F 72 74.25 58.13 -13.45
N ALA F 73 74.33 58.65 -12.23
CA ALA F 73 73.87 57.89 -11.08
C ALA F 73 72.38 57.60 -11.16
N VAL F 74 71.62 58.47 -11.83
CA VAL F 74 70.19 58.23 -11.99
C VAL F 74 69.94 57.07 -12.93
N ASP F 75 70.57 57.08 -14.10
CA ASP F 75 70.37 56.00 -15.06
C ASP F 75 71.31 54.84 -14.74
N ALA F 76 71.35 54.44 -13.48
CA ALA F 76 72.22 53.35 -13.04
C ALA F 76 71.46 52.21 -12.40
N HIS F 77 70.18 52.39 -12.08
CA HIS F 77 69.37 51.30 -11.54
C HIS F 77 68.66 50.56 -12.67
N SER F 78 67.81 51.26 -13.42
CA SER F 78 67.09 50.62 -14.51
C SER F 78 68.03 50.15 -15.62
N ALA F 79 69.24 50.69 -15.66
CA ALA F 79 70.24 50.20 -16.61
C ALA F 79 70.96 48.97 -16.07
N CYS F 80 71.24 48.92 -14.77
CA CYS F 80 71.94 47.79 -14.18
C CYS F 80 71.00 46.67 -13.76
N VAL F 81 69.74 46.73 -14.19
CA VAL F 81 68.84 45.59 -14.07
C VAL F 81 68.31 45.13 -15.42
N UNK F 82 68.31 45.99 -16.45
CA UNK F 82 67.88 45.68 -17.79
C UNK F 82 66.40 45.32 -17.84
N UNK F 83 65.87 45.12 -19.05
CA UNK F 83 64.44 44.87 -19.24
C UNK F 83 64.12 43.44 -18.82
N UNK F 84 64.06 43.24 -17.50
CA UNK F 84 63.65 41.96 -16.96
C UNK F 84 62.25 41.61 -17.44
N UNK F 85 61.93 40.32 -17.40
CA UNK F 85 60.67 39.83 -17.94
C UNK F 85 59.47 40.56 -17.32
N UNK F 86 59.24 40.37 -16.03
CA UNK F 86 58.23 41.18 -15.33
C UNK F 86 58.85 42.05 -14.24
N UNK F 87 59.45 41.45 -13.21
CA UNK F 87 60.21 42.18 -12.20
C UNK F 87 61.04 41.20 -11.38
N UNK F 88 62.37 41.31 -11.44
CA UNK F 88 63.28 40.44 -10.68
C UNK F 88 63.01 38.96 -10.97
N UNK F 89 62.60 38.66 -12.19
CA UNK F 89 62.35 37.28 -12.61
C UNK F 89 63.35 36.95 -13.71
N UNK F 90 64.26 36.02 -13.42
CA UNK F 90 65.28 35.63 -14.37
C UNK F 90 64.65 34.96 -15.58
N UNK F 91 65.24 35.20 -16.75
CA UNK F 91 64.76 34.60 -18.01
C UNK F 91 65.47 33.27 -18.17
N UNK F 92 64.78 32.18 -17.80
CA UNK F 92 65.38 30.86 -17.89
C UNK F 92 65.49 30.36 -19.33
N UNK F 93 64.66 30.90 -20.24
CA UNK F 93 64.74 30.48 -21.63
C UNK F 93 66.05 30.93 -22.27
N UNK F 94 66.54 32.10 -21.86
CA UNK F 94 67.79 32.63 -22.45
C UNK F 94 68.74 33.12 -21.35
N UNK F 95 69.16 32.24 -20.46
CA UNK F 95 70.17 32.68 -19.46
C UNK F 95 71.41 33.09 -20.24
N UNK F 96 72.33 33.80 -19.60
CA UNK F 96 73.53 34.29 -20.33
C UNK F 96 73.13 35.49 -21.19
N UNK F 97 72.00 36.13 -20.85
CA UNK F 97 71.56 37.37 -21.55
C UNK F 97 71.13 37.09 -22.98
N UNK F 98 71.59 37.91 -23.94
CA UNK F 98 71.19 37.79 -25.36
C UNK F 98 69.85 38.52 -25.57
N UNK F 99 69.42 39.33 -24.59
CA UNK F 99 68.18 40.12 -24.73
C UNK F 99 67.77 40.76 -23.40
N UNK F 100 67.31 39.95 -22.43
CA UNK F 100 66.78 40.54 -21.17
C UNK F 100 67.11 39.68 -19.94
N UNK F 101 67.74 40.24 -18.92
CA UNK F 101 68.05 39.54 -17.65
C UNK F 101 68.66 40.57 -16.69
N GLY F 102 68.71 40.29 -15.38
CA GLY F 102 69.18 41.32 -14.42
C GLY F 102 70.70 41.36 -14.27
N ALA F 103 71.25 42.41 -13.66
CA ALA F 103 72.71 42.48 -13.36
C ALA F 103 72.90 42.77 -11.88
N LEU F 104 71.83 43.16 -11.20
CA LEU F 104 71.87 43.44 -9.74
C LEU F 104 71.16 42.30 -9.02
N THR F 105 70.37 41.50 -9.72
CA THR F 105 69.65 40.48 -8.97
C THR F 105 70.58 39.68 -8.06
N GLN F 106 71.89 39.67 -8.32
CA GLN F 106 72.82 39.06 -7.38
C GLN F 106 72.86 39.85 -6.09
N VAL F 107 72.90 41.18 -6.18
CA VAL F 107 72.81 42.01 -4.99
C VAL F 107 71.48 41.77 -4.29
N PHE F 108 70.41 41.61 -5.07
CA PHE F 108 69.09 41.38 -4.49
C PHE F 108 69.04 40.07 -3.71
N ILE F 109 69.59 38.99 -4.28
CA ILE F 109 69.53 37.70 -3.60
C ILE F 109 70.47 37.67 -2.40
N PHE F 110 71.63 38.33 -2.51
CA PHE F 110 72.51 38.42 -1.34
C PHE F 110 71.83 39.19 -0.21
N CYS F 111 71.18 40.30 -0.54
CA CYS F 111 70.47 41.06 0.47
C CYS F 111 69.32 40.25 1.06
N GLY F 112 68.63 39.47 0.24
CA GLY F 112 67.56 38.64 0.76
C GLY F 112 68.04 37.57 1.71
N THR F 113 69.11 36.87 1.33
CA THR F 113 69.68 35.84 2.20
C THR F 113 70.17 36.45 3.50
N LEU F 114 70.90 37.57 3.42
CA LEU F 114 71.41 38.21 4.63
C LEU F 114 70.25 38.71 5.50
N GLU F 115 69.21 39.27 4.88
CA GLU F 115 68.08 39.80 5.64
C GLU F 115 67.32 38.69 6.36
N ILE F 116 67.10 37.56 5.68
CA ILE F 116 66.39 36.45 6.30
C ILE F 116 67.20 35.84 7.43
N CYS F 117 68.49 35.66 7.23
CA CYS F 117 69.30 35.15 8.31
C CYS F 117 69.85 36.32 9.06
N GLY F 118 69.04 37.36 9.27
CA GLY F 118 69.51 38.56 9.94
C GLY F 118 68.37 39.06 10.78
N THR F 119 67.47 39.85 10.21
CA THR F 119 66.29 40.36 10.91
C THR F 119 65.27 39.25 11.16
N TRP F 120 64.97 38.46 10.14
CA TRP F 120 63.97 37.40 10.27
C TRP F 120 64.41 36.38 11.31
N ALA F 121 65.68 35.98 11.28
CA ALA F 121 66.20 35.07 12.28
C ALA F 121 66.25 35.70 13.67
N LYS F 122 66.33 37.03 13.74
CA LYS F 122 66.32 37.71 15.03
C LYS F 122 64.92 37.78 15.64
N MET F 123 63.89 37.82 14.80
CA MET F 123 62.52 38.01 15.29
C MET F 123 61.72 36.71 15.37
N ASN F 124 61.77 35.86 14.32
CA ASN F 124 60.90 34.70 14.29
C ASN F 124 61.36 33.60 15.24
N PRO F 125 62.59 33.07 15.14
CA PRO F 125 62.96 31.88 15.94
C PRO F 125 63.08 32.15 17.43
N MET F 126 63.50 31.11 18.16
CA MET F 126 63.79 31.23 19.57
C MET F 126 64.89 32.26 19.84
N GLY F 130 62.76 37.53 19.18
CA GLY F 130 63.36 37.73 20.49
C GLY F 130 63.98 39.10 20.65
N LEU F 131 63.71 40.00 19.71
CA LEU F 131 64.24 41.35 19.80
C LEU F 131 63.42 42.17 20.80
N THR F 132 64.10 43.07 21.49
CA THR F 132 63.47 43.92 22.50
C THR F 132 63.83 45.37 22.25
N MET F 133 63.53 46.23 23.22
CA MET F 133 63.83 47.65 23.07
C MET F 133 65.33 47.89 22.95
N GLU F 134 66.12 47.26 23.83
CA GLU F 134 67.54 47.57 23.91
C GLU F 134 68.32 46.95 22.74
N ASN F 135 68.02 45.71 22.36
CA ASN F 135 68.75 45.03 21.29
C ASN F 135 68.06 45.23 19.95
N ALA F 136 67.75 46.47 19.60
CA ALA F 136 66.98 46.73 18.38
C ALA F 136 67.84 46.58 17.14
N GLY F 137 68.83 47.46 16.98
CA GLY F 137 69.74 47.34 15.86
C GLY F 137 70.97 46.51 16.14
N ASP F 138 71.07 45.95 17.33
CA ASP F 138 72.26 45.24 17.77
C ASP F 138 72.26 43.85 17.15
N TYR F 139 73.06 43.67 16.10
CA TYR F 139 73.33 42.35 15.53
C TYR F 139 74.65 41.78 16.00
N ARG F 140 75.24 42.36 17.05
CA ARG F 140 76.49 41.89 17.64
C ARG F 140 77.63 41.89 16.61
N LEU F 141 77.61 42.86 15.71
CA LEU F 141 78.62 43.00 14.67
C LEU F 141 79.55 44.15 15.05
N GLY F 142 80.81 43.83 15.30
CA GLY F 142 81.77 44.83 15.72
C GLY F 142 81.49 45.46 17.06
N VAL F 143 80.99 44.66 18.02
CA VAL F 143 80.78 45.17 19.36
C VAL F 143 82.09 45.21 20.16
N ASN F 144 83.07 44.39 19.79
CA ASN F 144 84.38 44.47 20.44
C ASN F 144 84.99 45.86 20.29
N PHE F 145 84.67 46.55 19.20
CA PHE F 145 85.13 47.93 19.01
C PHE F 145 84.35 48.92 19.87
N LEU F 146 83.21 48.51 20.41
CA LEU F 146 82.41 49.42 21.23
C LEU F 146 83.07 49.60 22.58
N PRO F 147 83.25 50.84 23.03
CA PRO F 147 83.96 51.07 24.30
C PRO F 147 83.18 50.52 25.49
N ASP F 148 83.93 50.16 26.54
CA ASP F 148 83.33 49.61 27.75
C ASP F 148 83.08 50.75 28.74
N GLU F 149 81.97 51.45 28.53
CA GLU F 149 81.54 52.54 29.40
C GLU F 149 80.07 52.83 29.15
N PRO F 150 79.25 52.94 30.19
CA PRO F 150 77.79 53.02 29.98
C PRO F 150 77.34 54.20 29.13
N GLU F 151 78.00 55.36 29.26
CA GLU F 151 77.63 56.51 28.47
C GLU F 151 78.30 56.53 27.10
N LYS F 152 79.49 55.93 26.99
CA LYS F 152 80.18 55.90 25.71
C LYS F 152 79.39 55.08 24.69
N VAL F 153 78.86 53.94 25.09
CA VAL F 153 78.03 53.14 24.17
C VAL F 153 76.79 53.92 23.79
N LYS F 154 76.17 54.61 24.75
CA LYS F 154 74.94 55.35 24.47
C LYS F 154 75.20 56.48 23.48
N GLU F 155 76.30 57.22 23.66
CA GLU F 155 76.59 58.31 22.74
C GLU F 155 77.03 57.79 21.38
N MET F 156 77.71 56.64 21.31
CA MET F 156 78.04 56.06 20.02
C MET F 156 76.77 55.64 19.28
N LYS F 157 75.82 55.03 19.99
CA LYS F 157 74.55 54.67 19.36
C LYS F 157 73.79 55.91 18.90
N LEU F 158 73.82 56.98 19.70
CA LEU F 158 73.17 58.22 19.31
C LEU F 158 73.81 58.80 18.05
N LYS F 159 75.14 58.76 17.97
CA LYS F 159 75.82 59.25 16.77
C LYS F 159 75.46 58.40 15.56
N GLU F 160 75.38 57.08 15.73
CA GLU F 160 74.93 56.21 14.64
C GLU F 160 73.54 56.61 14.16
N LEU F 161 72.62 56.80 15.11
CA LEU F 161 71.25 57.15 14.76
C LEU F 161 71.15 58.48 14.03
N LYS F 162 71.88 59.48 14.52
CA LYS F 162 71.77 60.81 13.91
C LYS F 162 72.45 60.85 12.56
N ASN F 163 73.59 60.15 12.42
CA ASN F 163 74.20 60.01 11.10
C ASN F 163 73.26 59.27 10.14
N GLY F 164 72.53 58.27 10.64
CA GLY F 164 71.60 57.56 9.78
C GLY F 164 70.45 58.43 9.31
N ARG F 165 69.87 59.21 10.22
CA ARG F 165 68.79 60.12 9.82
C ARG F 165 69.30 61.16 8.83
N LEU F 166 70.47 61.74 9.10
CA LEU F 166 71.05 62.71 8.18
C LEU F 166 71.31 62.08 6.82
N ALA F 167 71.79 60.83 6.81
CA ALA F 167 72.07 60.15 5.54
C ALA F 167 70.79 59.85 4.78
N MET F 168 69.71 59.51 5.50
CA MET F 168 68.43 59.26 4.83
C MET F 168 67.93 60.53 4.14
N LEU F 169 67.90 61.64 4.88
CA LEU F 169 67.46 62.90 4.27
C LEU F 169 68.39 63.31 3.14
N ALA F 170 69.69 63.13 3.34
CA ALA F 170 70.69 63.51 2.34
C ALA F 170 70.55 62.68 1.07
N PHE F 171 70.32 61.37 1.21
CA PHE F 171 70.14 60.55 0.03
C PHE F 171 68.88 60.94 -0.72
N GLY F 172 67.79 61.20 0.00
CA GLY F 172 66.58 61.64 -0.67
C GLY F 172 66.82 62.91 -1.49
N GLY F 173 67.45 63.91 -0.85
CA GLY F 173 67.73 65.14 -1.56
C GLY F 173 68.69 64.95 -2.72
N ALA F 174 69.73 64.15 -2.52
CA ALA F 174 70.73 63.95 -3.56
C ALA F 174 70.14 63.27 -4.77
N ILE F 175 69.37 62.20 -4.56
CA ILE F 175 68.81 61.48 -5.70
C ILE F 175 67.76 62.33 -6.39
N THR F 176 66.97 63.10 -5.64
CA THR F 176 65.98 63.96 -6.29
C THR F 176 66.66 65.04 -7.12
N GLN F 177 67.70 65.69 -6.58
CA GLN F 177 68.42 66.71 -7.35
C GLN F 177 69.09 66.11 -8.58
N ALA F 178 69.66 64.90 -8.44
CA ALA F 178 70.30 64.26 -9.58
C ALA F 178 69.28 63.94 -10.67
N THR F 179 68.09 63.48 -10.28
CA THR F 179 67.05 63.23 -11.27
C THR F 179 66.60 64.52 -11.93
N LEU F 180 66.51 65.61 -11.17
CA LEU F 180 66.02 66.87 -11.72
C LEU F 180 67.05 67.51 -12.64
N THR F 181 68.34 67.39 -12.33
CA THR F 181 69.39 68.14 -13.01
C THR F 181 70.42 67.25 -13.69
N GLY F 182 70.78 66.13 -13.10
CA GLY F 182 71.97 65.38 -13.52
C GLY F 182 73.21 65.85 -12.75
N SER F 183 74.16 66.44 -13.48
CA SER F 183 75.31 67.11 -12.89
C SER F 183 76.16 66.20 -12.02
N GLY F 184 77.16 66.77 -11.34
CA GLY F 184 78.09 66.02 -10.53
C GLY F 184 77.71 65.97 -9.07
N PHE F 185 78.73 65.85 -8.22
CA PHE F 185 78.51 65.75 -6.78
C PHE F 185 77.69 66.89 -6.18
N PRO F 186 77.88 68.16 -6.56
CA PRO F 186 77.02 69.21 -5.97
C PRO F 186 75.53 68.97 -6.20
N TRP F 187 75.17 68.30 -7.30
CA TRP F 187 73.77 68.03 -7.66
C TRP F 187 72.96 69.33 -7.70
N LEU F 188 73.44 70.27 -8.50
CA LEU F 188 72.84 71.59 -8.62
C LEU F 188 72.53 71.89 -10.07
N TYR F 189 71.61 72.83 -10.28
CA TYR F 189 71.23 73.26 -11.62
C TYR F 189 72.41 73.92 -12.33
N SER G 1 21.40 -5.00 27.18
CA SER G 1 20.33 -4.59 28.08
C SER G 1 20.02 -3.10 27.91
N HIS G 2 18.75 -2.75 28.00
CA HIS G 2 18.32 -1.36 27.87
C HIS G 2 18.55 -0.64 29.20
N ALA G 3 18.02 0.59 29.30
CA ALA G 3 18.13 1.39 30.51
C ALA G 3 16.76 1.98 30.81
N VAL G 4 16.11 1.49 31.85
CA VAL G 4 14.78 1.95 32.25
C VAL G 4 14.95 2.77 33.52
N LYS G 5 14.67 4.06 33.44
CA LYS G 5 14.83 4.98 34.55
C LYS G 5 13.48 5.52 35.00
N ILE G 6 13.31 5.65 36.32
CA ILE G 6 12.09 6.19 36.91
C ILE G 6 12.41 7.56 37.48
N TYR G 7 11.58 8.55 37.15
CA TYR G 7 11.80 9.92 37.57
C TYR G 7 10.83 10.29 38.70
N ASP G 8 11.12 11.43 39.34
CA ASP G 8 10.37 11.83 40.53
C ASP G 8 8.90 12.12 40.24
N THR G 9 8.56 12.45 38.99
CA THR G 9 7.18 12.79 38.65
C THR G 9 6.22 11.61 38.78
N CYS G 10 6.71 10.42 39.13
CA CYS G 10 5.85 9.26 39.30
C CYS G 10 4.80 9.51 40.37
N ILE G 11 3.58 9.05 40.13
CA ILE G 11 2.47 9.21 41.04
C ILE G 11 1.91 7.88 41.51
N GLY G 12 2.70 6.81 41.39
CA GLY G 12 2.29 5.50 41.87
C GLY G 12 1.07 4.94 41.18
N CYS G 13 1.02 5.03 39.84
CA CYS G 13 -0.11 4.50 39.10
C CYS G 13 -0.17 2.98 39.21
N THR G 14 0.98 2.32 39.21
CA THR G 14 1.18 0.88 39.06
C THR G 14 0.81 0.39 37.66
N LEU G 15 0.37 1.29 36.77
CA LEU G 15 0.03 0.87 35.41
C LEU G 15 1.27 0.41 34.65
N CYS G 16 2.40 1.10 34.85
CA CYS G 16 3.64 0.69 34.19
C CYS G 16 4.06 -0.71 34.62
N VAL G 17 3.92 -1.01 35.90
CA VAL G 17 4.26 -2.34 36.40
C VAL G 17 3.35 -3.39 35.78
N ARG G 18 2.04 -3.10 35.70
CA ARG G 18 1.09 -4.07 35.16
C ARG G 18 1.29 -4.29 33.67
N ALA G 19 1.74 -3.26 32.95
CA ALA G 19 1.91 -3.37 31.50
C ALA G 19 3.20 -4.08 31.11
N CYS G 20 4.15 -4.22 32.02
CA CYS G 20 5.44 -4.83 31.65
C CYS G 20 5.27 -6.32 31.41
N PRO G 21 5.69 -6.83 30.26
CA PRO G 21 5.50 -8.25 29.94
C PRO G 21 6.60 -9.18 30.45
N THR G 22 7.63 -8.66 31.11
CA THR G 22 8.73 -9.48 31.59
C THR G 22 9.10 -9.18 33.05
N ASP G 23 8.21 -8.55 33.80
CA ASP G 23 8.41 -8.26 35.22
C ASP G 23 9.74 -7.55 35.46
N VAL G 24 9.89 -6.42 34.78
CA VAL G 24 11.05 -5.57 34.99
C VAL G 24 10.80 -4.56 36.10
N LEU G 25 9.59 -4.03 36.18
CA LEU G 25 9.24 -2.95 37.10
C LEU G 25 8.60 -3.51 38.37
N GLU G 26 8.65 -2.70 39.42
CA GLU G 26 8.03 -3.04 40.69
C GLU G 26 7.71 -1.74 41.44
N MET G 27 6.83 -1.87 42.42
CA MET G 27 6.41 -0.73 43.24
C MET G 27 7.18 -0.71 44.55
N VAL G 28 7.78 0.43 44.87
CA VAL G 28 8.52 0.58 46.11
C VAL G 28 7.88 1.71 46.93
N PRO G 29 7.92 1.65 48.26
CA PRO G 29 7.37 2.74 49.06
C PRO G 29 8.22 4.00 48.93
N ALA G 30 7.56 5.14 49.01
CA ALA G 30 8.20 6.44 48.92
C ALA G 30 7.31 7.48 49.58
N SER G 31 7.76 8.74 49.55
CA SER G 31 7.05 9.80 50.24
C SER G 31 6.99 11.08 49.40
N ILE G 32 7.05 10.96 48.07
CA ILE G 32 7.07 12.11 47.18
C ILE G 32 5.75 12.30 46.45
N ASN G 33 4.71 11.53 46.79
CA ASN G 33 3.42 11.65 46.14
C ASN G 33 2.33 11.19 47.10
N ALA G 34 1.09 11.52 46.75
CA ALA G 34 -0.05 11.17 47.60
C ALA G 34 -0.26 9.66 47.68
N ALA G 35 0.26 8.91 46.71
CA ALA G 35 0.14 7.46 46.73
C ALA G 35 1.19 6.79 47.61
N LYS G 36 2.19 7.53 48.08
CA LYS G 36 3.25 7.02 48.95
C LYS G 36 3.98 5.84 48.31
N GLN G 37 4.12 5.85 46.98
CA GLN G 37 4.76 4.77 46.26
C GLN G 37 5.26 5.29 44.93
N VAL G 38 6.41 4.78 44.48
CA VAL G 38 6.96 5.10 43.17
C VAL G 38 7.42 3.80 42.52
N ALA G 39 7.53 3.83 41.20
CA ALA G 39 7.98 2.67 40.46
C ALA G 39 9.49 2.50 40.59
N SER G 40 9.95 1.29 40.30
CA SER G 40 11.37 0.99 40.26
C SER G 40 11.60 -0.07 39.19
N SER G 41 12.82 -0.12 38.67
CA SER G 41 13.18 -1.05 37.61
C SER G 41 14.40 -1.84 38.07
N PRO G 42 14.22 -2.81 38.97
CA PRO G 42 15.35 -3.57 39.48
C PRO G 42 15.87 -4.63 38.53
N ARG G 43 15.14 -4.95 37.47
CA ARG G 43 15.46 -6.10 36.60
C ARG G 43 15.42 -5.69 35.13
N VAL G 44 16.07 -4.58 34.79
CA VAL G 44 16.09 -4.12 33.40
C VAL G 44 16.86 -5.07 32.48
N GLU G 45 17.61 -6.01 33.05
CA GLU G 45 18.24 -7.04 32.21
C GLU G 45 17.21 -7.90 31.50
N ASP G 46 15.96 -7.91 31.98
CA ASP G 46 14.87 -8.61 31.32
C ASP G 46 14.01 -7.67 30.49
N CYS G 47 14.41 -6.40 30.36
CA CYS G 47 13.62 -5.44 29.59
C CYS G 47 13.82 -5.68 28.11
N VAL G 48 12.79 -6.21 27.45
CA VAL G 48 12.86 -6.40 26.00
C VAL G 48 12.91 -5.05 25.28
N GLY G 49 12.22 -4.05 25.80
CA GLY G 49 12.13 -2.74 25.18
C GLY G 49 10.81 -2.43 24.51
N CYS G 50 9.74 -3.14 24.84
CA CYS G 50 8.46 -2.95 24.19
C CYS G 50 7.87 -1.57 24.44
N LYS G 51 8.33 -0.88 25.48
CA LYS G 51 7.87 0.47 25.83
C LYS G 51 6.37 0.52 26.15
N ARG G 52 5.77 -0.61 26.53
CA ARG G 52 4.39 -0.58 27.01
C ARG G 52 4.28 0.24 28.29
N CYS G 53 5.32 0.22 29.12
CA CYS G 53 5.34 1.04 30.32
C CYS G 53 5.22 2.52 29.99
N GLU G 54 5.87 2.96 28.91
CA GLU G 54 5.75 4.35 28.49
C GLU G 54 4.35 4.65 27.95
N THR G 55 3.74 3.68 27.28
CA THR G 55 2.36 3.87 26.80
C THR G 55 1.41 4.02 27.97
N ALA G 56 1.62 3.26 29.05
CA ALA G 56 0.71 3.26 30.18
C ALA G 56 0.92 4.42 31.14
N CYS G 57 2.04 5.14 31.06
CA CYS G 57 2.34 6.18 32.04
C CYS G 57 1.52 7.43 31.73
N PRO G 58 0.72 7.93 32.67
CA PRO G 58 -0.16 9.09 32.40
C PRO G 58 0.40 10.44 32.80
N THR G 59 1.62 10.52 33.30
CA THR G 59 2.17 11.83 33.65
C THR G 59 2.42 12.64 32.38
N ASP G 60 2.57 13.96 32.56
CA ASP G 60 2.62 14.87 31.41
C ASP G 60 3.69 14.45 30.41
N PHE G 61 4.91 14.27 30.90
CA PHE G 61 5.90 13.47 30.18
C PHE G 61 6.30 12.32 31.08
N LEU G 62 6.47 11.15 30.47
CA LEU G 62 6.62 9.87 31.15
C LEU G 62 7.54 9.96 32.35
N SER G 63 7.04 9.53 33.51
CA SER G 63 7.90 9.37 34.68
C SER G 63 8.82 8.18 34.54
N ILE G 64 8.52 7.27 33.63
CA ILE G 64 9.37 6.13 33.32
C ILE G 64 9.84 6.26 31.88
N ARG G 65 11.15 6.19 31.69
CA ARG G 65 11.75 6.38 30.36
C ARG G 65 12.63 5.19 30.05
N VAL G 66 12.43 4.59 28.88
CA VAL G 66 13.22 3.45 28.42
C VAL G 66 14.15 3.94 27.32
N TYR G 67 15.46 3.76 27.54
CA TYR G 67 16.46 4.20 26.58
C TYR G 67 16.98 2.96 25.85
N LEU G 68 16.74 2.89 24.55
CA LEU G 68 17.16 1.74 23.75
C LEU G 68 18.67 1.79 23.54
N GLN G 69 19.31 0.62 23.66
CA GLN G 69 20.75 0.48 23.48
C GLN G 69 20.98 -0.74 22.59
N ASP G 70 21.04 -0.52 21.28
CA ASP G 70 21.10 -1.62 20.32
C ASP G 70 22.47 -2.29 20.28
N ASN G 71 23.55 -1.54 20.48
CA ASN G 71 24.87 -2.14 20.56
C ASN G 71 25.11 -2.83 21.91
N GLU G 72 24.06 -3.02 22.68
CA GLU G 72 24.13 -3.58 24.03
C GLU G 72 23.30 -4.84 24.18
N GLU G 73 22.60 -5.26 23.12
CA GLU G 73 21.56 -6.28 23.24
C GLU G 73 22.11 -7.58 23.81
N THR G 74 21.38 -8.14 24.77
CA THR G 74 21.62 -9.46 25.32
C THR G 74 20.53 -10.41 24.82
N GLN G 75 20.64 -11.68 25.20
CA GLN G 75 19.65 -12.65 24.75
C GLN G 75 18.27 -12.36 25.36
N TYR G 76 18.24 -11.81 26.57
CA TYR G 76 16.98 -11.47 27.20
C TYR G 76 16.38 -10.21 26.60
N SER G 77 17.20 -9.21 26.28
CA SER G 77 16.71 -7.99 25.67
C SER G 77 16.30 -8.18 24.21
N LEU G 78 16.68 -9.29 23.59
CA LEU G 78 16.27 -9.60 22.23
C LEU G 78 15.11 -10.59 22.16
N GLY G 79 14.77 -11.23 23.26
CA GLY G 79 13.72 -12.23 23.24
C GLY G 79 14.06 -13.42 22.38
N LEU G 80 15.30 -13.91 22.50
CA LEU G 80 15.73 -15.05 21.71
C LEU G 80 15.04 -16.32 22.20
N ASP G 81 14.47 -17.08 21.27
CA ASP G 81 13.78 -18.33 21.58
C ASP G 81 14.46 -19.53 20.96
N LEU G 82 14.78 -19.48 19.67
CA LEU G 82 15.42 -20.61 19.00
C LEU G 82 16.86 -20.80 19.43
N VAL G 83 17.47 -19.79 20.07
CA VAL G 83 18.91 -19.78 20.30
C VAL G 83 19.18 -19.37 21.75
N ASP G 84 20.12 -20.07 22.38
CA ASP G 84 20.53 -19.78 23.75
C ASP G 84 21.92 -19.14 23.75
N TRP G 85 22.08 -18.07 24.52
CA TRP G 85 23.37 -17.41 24.70
C TRP G 85 23.95 -17.69 26.08
N SER G 86 23.67 -18.87 26.63
CA SER G 86 24.15 -19.23 27.95
C SER G 86 24.39 -20.74 28.06
N VAL H 1 10.96 -16.66 51.50
CA VAL H 1 10.47 -17.42 50.36
C VAL H 1 11.40 -18.59 50.08
N VAL H 2 10.84 -19.77 49.85
CA VAL H 2 11.61 -20.99 49.62
C VAL H 2 11.46 -21.37 48.15
N ALA H 3 12.58 -21.39 47.43
CA ALA H 3 12.57 -21.85 46.06
C ALA H 3 12.30 -23.35 46.01
N GLU H 4 11.48 -23.76 45.04
CA GLU H 4 11.13 -25.17 44.89
C GLU H 4 12.32 -25.93 44.30
N ALA H 5 12.10 -27.19 43.95
CA ALA H 5 13.13 -28.07 43.42
C ALA H 5 12.86 -28.42 41.97
N ILE H 6 12.49 -27.42 41.18
CA ILE H 6 12.14 -27.56 39.77
C ILE H 6 13.25 -28.32 39.04
N PRO H 7 12.99 -29.56 38.61
CA PRO H 7 14.02 -30.32 37.91
C PRO H 7 14.14 -29.89 36.46
N ARG H 8 15.26 -30.26 35.86
CA ARG H 8 15.51 -29.93 34.46
C ARG H 8 14.44 -30.59 33.58
N PRO H 9 13.91 -29.88 32.59
CA PRO H 9 12.81 -30.45 31.79
C PRO H 9 13.21 -31.70 31.01
N GLU H 10 14.49 -31.92 30.75
CA GLU H 10 14.92 -33.13 30.08
C GLU H 10 15.01 -34.33 31.00
N ASP H 11 14.84 -34.14 32.31
CA ASP H 11 14.88 -35.22 33.28
C ASP H 11 13.55 -35.44 33.97
N LEU H 12 12.50 -34.70 33.62
CA LEU H 12 11.20 -34.89 34.24
C LEU H 12 10.15 -35.28 33.19
N LEU H 13 10.49 -36.23 32.34
CA LEU H 13 9.52 -36.74 31.38
C LEU H 13 8.37 -37.42 32.12
N ASP H 14 7.15 -37.17 31.65
CA ASP H 14 5.93 -37.79 32.16
C ASP H 14 5.75 -37.49 33.66
N SER H 15 5.52 -36.21 33.93
CA SER H 15 5.26 -35.82 35.31
C SER H 15 3.77 -35.61 35.54
N PRO H 16 3.26 -35.95 36.73
CA PRO H 16 1.83 -35.72 37.01
C PRO H 16 1.47 -34.25 37.11
N LYS H 17 2.45 -33.36 37.28
CA LYS H 17 2.17 -31.93 37.40
C LYS H 17 1.91 -31.26 36.06
N PHE H 18 2.24 -31.92 34.96
CA PHE H 18 2.07 -31.31 33.64
C PHE H 18 0.58 -31.22 33.30
N PRO H 19 0.08 -30.03 32.96
CA PRO H 19 -1.31 -29.94 32.50
C PRO H 19 -1.49 -30.63 31.16
N MET H 20 -2.72 -31.08 30.90
CA MET H 20 -3.05 -31.66 29.60
C MET H 20 -3.05 -30.55 28.56
N PHE H 21 -2.01 -30.51 27.73
CA PHE H 21 -1.90 -29.54 26.66
C PHE H 21 -1.65 -30.24 25.34
N GLU H 22 -2.14 -29.62 24.26
CA GLU H 22 -2.13 -30.28 22.96
C GLU H 22 -0.71 -30.53 22.47
N GLY H 23 0.19 -29.57 22.65
CA GLY H 23 1.56 -29.73 22.20
C GLY H 23 1.73 -29.28 20.76
N SER H 24 2.65 -28.35 20.52
CA SER H 24 2.84 -27.77 19.20
C SER H 24 4.33 -27.62 18.94
N THR H 25 4.66 -27.08 17.76
CA THR H 25 6.04 -26.78 17.42
C THR H 25 6.55 -25.52 18.10
N GLY H 26 5.67 -24.77 18.76
CA GLY H 26 6.07 -23.53 19.42
C GLY H 26 6.81 -23.70 20.72
N GLY H 27 6.91 -24.93 21.23
CA GLY H 27 7.62 -25.16 22.47
C GLY H 27 9.11 -24.86 22.34
N TYR H 28 9.78 -24.88 23.49
CA TYR H 28 11.20 -24.52 23.52
C TYR H 28 12.01 -25.45 22.64
N MET H 29 12.96 -24.89 21.91
CA MET H 29 13.74 -25.62 20.92
C MET H 29 14.87 -26.35 21.63
N SER H 30 14.67 -27.64 21.90
CA SER H 30 15.76 -28.45 22.43
C SER H 30 16.83 -28.63 21.35
N ARG H 31 17.92 -29.28 21.74
CA ARG H 31 19.07 -29.57 20.86
C ARG H 31 19.81 -28.30 20.48
N SER H 32 19.28 -27.14 20.90
CA SER H 32 19.97 -25.86 20.70
C SER H 32 19.93 -24.95 21.91
N THR H 33 18.97 -25.08 22.82
CA THR H 33 18.83 -24.21 23.98
C THR H 33 18.84 -25.05 25.25
N ARG H 34 19.54 -24.56 26.27
CA ARG H 34 19.59 -25.24 27.56
C ARG H 34 19.00 -24.42 28.70
N GLU H 35 18.74 -23.13 28.49
CA GLU H 35 18.11 -22.30 29.52
C GLU H 35 16.60 -22.35 29.35
N ARG H 36 15.92 -22.84 30.39
CA ARG H 36 14.47 -22.99 30.37
C ARG H 36 13.87 -22.25 31.55
N HIS H 37 12.68 -21.71 31.35
CA HIS H 37 11.93 -21.05 32.40
C HIS H 37 10.73 -21.92 32.75
N ALA H 38 10.47 -22.08 34.05
CA ALA H 38 9.39 -22.91 34.53
C ALA H 38 8.45 -22.08 35.41
N ILE H 39 7.15 -22.26 35.20
CA ILE H 39 6.13 -21.59 36.00
C ILE H 39 5.24 -22.66 36.62
N THR H 40 5.05 -22.56 37.93
CA THR H 40 4.22 -23.51 38.69
C THR H 40 3.09 -22.75 39.35
N TRP H 41 1.94 -23.41 39.48
CA TRP H 41 0.81 -22.81 40.17
C TRP H 41 -0.12 -23.92 40.66
N THR H 42 -0.96 -23.56 41.63
CA THR H 42 -1.98 -24.45 42.18
C THR H 42 -3.34 -23.89 41.81
N ALA H 43 -4.16 -24.71 41.14
CA ALA H 43 -5.47 -24.30 40.68
C ALA H 43 -6.56 -24.98 41.53
N LYS H 44 -7.79 -24.54 41.31
CA LYS H 44 -8.95 -25.11 41.99
C LYS H 44 -9.81 -25.98 41.10
N GLY H 45 -9.92 -25.64 39.81
CA GLY H 45 -10.66 -26.46 38.88
C GLY H 45 -9.93 -26.53 37.56
N GLN H 46 -10.19 -27.61 36.82
CA GLN H 46 -9.51 -27.85 35.53
C GLN H 46 -10.11 -26.91 34.49
N ALA H 47 -9.70 -25.65 34.57
CA ALA H 47 -10.16 -24.63 33.63
C ALA H 47 -9.22 -24.57 32.43
N LYS H 48 -9.78 -24.60 31.23
CA LYS H 48 -8.97 -24.54 30.03
C LYS H 48 -8.33 -23.18 29.88
N PHE H 49 -7.07 -23.17 29.43
CA PHE H 49 -6.35 -21.93 29.14
C PHE H 49 -5.57 -22.11 27.85
N GLU H 50 -4.82 -21.08 27.48
CA GLU H 50 -4.07 -21.08 26.23
C GLU H 50 -2.57 -21.02 26.53
N MET H 51 -1.83 -21.97 25.98
CA MET H 51 -0.38 -21.97 26.15
C MET H 51 0.23 -20.80 25.39
N PRO H 52 1.29 -20.18 25.94
CA PRO H 52 1.95 -19.09 25.21
C PRO H 52 2.62 -19.53 23.92
N THR H 53 2.83 -20.84 23.75
CA THR H 53 3.52 -21.38 22.58
C THR H 53 2.56 -22.08 21.62
N GLY H 54 1.34 -21.58 21.49
CA GLY H 54 0.37 -22.18 20.59
C GLY H 54 -0.29 -23.40 21.19
N GLY H 55 -1.57 -23.58 20.93
CA GLY H 55 -2.29 -24.71 21.48
C GLY H 55 -2.86 -24.41 22.85
N PHE H 56 -3.96 -25.09 23.17
CA PHE H 56 -4.66 -24.89 24.43
C PHE H 56 -4.28 -25.97 25.43
N ALA H 57 -4.68 -25.76 26.68
CA ALA H 57 -4.29 -26.64 27.77
C ALA H 57 -5.38 -26.64 28.83
N ILE H 58 -5.41 -27.70 29.62
CA ILE H 58 -6.32 -27.85 30.74
C ILE H 58 -5.49 -28.04 32.00
N MET H 59 -5.69 -27.18 33.00
CA MET H 59 -4.95 -27.27 34.24
C MET H 59 -5.30 -28.55 34.99
N ASN H 60 -4.57 -28.79 36.08
CA ASN H 60 -4.89 -29.86 37.00
C ASN H 60 -5.52 -29.29 38.25
N GLN H 61 -6.37 -30.08 38.90
CA GLN H 61 -7.02 -29.64 40.12
C GLN H 61 -6.02 -29.37 41.24
N GLY H 62 -4.84 -29.98 41.16
CA GLY H 62 -3.80 -29.73 42.16
C GLY H 62 -2.67 -28.88 41.62
N GLU H 63 -1.45 -29.38 41.72
CA GLU H 63 -0.28 -28.63 41.27
C GLU H 63 -0.20 -28.62 39.74
N ASN H 64 0.43 -27.58 39.20
CA ASN H 64 0.68 -27.47 37.78
C ASN H 64 2.13 -27.06 37.56
N LEU H 65 2.68 -27.44 36.42
CA LEU H 65 4.06 -27.12 36.08
C LEU H 65 4.20 -27.07 34.57
N CYS H 66 4.82 -26.00 34.07
CA CYS H 66 5.06 -25.82 32.65
C CYS H 66 6.47 -25.32 32.44
N TYR H 67 7.05 -25.65 31.29
CA TYR H 67 8.39 -25.23 30.93
C TYR H 67 8.34 -24.38 29.67
N PHE H 68 9.10 -23.28 29.68
CA PHE H 68 9.14 -22.39 28.54
C PHE H 68 10.57 -21.90 28.33
N ARG H 69 10.87 -21.51 27.08
CA ARG H 69 12.19 -21.03 26.73
C ARG H 69 12.45 -19.63 27.27
N LYS H 70 11.43 -18.77 27.25
CA LYS H 70 11.59 -17.36 27.57
C LYS H 70 10.79 -16.99 28.82
N LYS H 71 11.32 -16.05 29.58
CA LYS H 71 10.59 -15.52 30.72
C LYS H 71 9.33 -14.80 30.30
N GLU H 72 9.33 -14.21 29.09
CA GLU H 72 8.17 -13.48 28.60
C GLU H 72 6.95 -14.40 28.47
N GLN H 73 7.17 -15.62 27.97
CA GLN H 73 6.07 -16.58 27.85
C GLN H 73 5.52 -16.94 29.23
N CYS H 74 6.41 -17.15 30.21
CA CYS H 74 5.97 -17.46 31.56
C CYS H 74 5.17 -16.31 32.16
N ILE H 75 5.60 -15.07 31.93
CA ILE H 75 4.88 -13.92 32.45
C ILE H 75 3.53 -13.76 31.76
N ALA H 76 3.47 -14.03 30.46
CA ALA H 76 2.19 -13.99 29.75
C ALA H 76 1.22 -15.01 30.31
N LEU H 77 1.70 -16.24 30.53
CA LEU H 77 0.86 -17.25 31.15
C LEU H 77 0.48 -16.85 32.58
N GLY H 78 1.37 -16.17 33.29
CA GLY H 78 1.04 -15.72 34.63
C GLY H 78 -0.06 -14.68 34.64
N LYS H 79 -0.01 -13.73 33.71
CA LYS H 79 -1.10 -12.77 33.58
C LYS H 79 -2.40 -13.46 33.21
N GLN H 80 -2.33 -14.44 32.30
CA GLN H 80 -3.53 -15.19 31.92
C GLN H 80 -4.12 -15.93 33.12
N LEU H 81 -3.28 -16.56 33.93
CA LEU H 81 -3.76 -17.23 35.14
C LEU H 81 -4.33 -16.24 36.14
N ARG H 82 -3.65 -15.12 36.36
CA ARG H 82 -4.10 -14.13 37.33
C ARG H 82 -5.43 -13.53 36.93
N LYS H 83 -5.71 -13.47 35.62
CA LYS H 83 -7.04 -13.07 35.18
C LYS H 83 -8.10 -14.05 35.64
N MET H 84 -7.73 -15.33 35.82
CA MET H 84 -8.64 -16.35 36.32
C MET H 84 -8.60 -16.48 37.84
N LYS H 85 -8.17 -15.43 38.54
CA LYS H 85 -8.12 -15.41 40.01
C LYS H 85 -7.26 -16.54 40.55
N ILE H 86 -6.14 -16.80 39.90
CA ILE H 86 -5.17 -17.81 40.35
C ILE H 86 -3.91 -17.07 40.77
N GLU H 87 -3.74 -16.89 42.07
CA GLU H 87 -2.52 -16.32 42.63
C GLU H 87 -1.56 -17.46 42.96
N ASN H 88 -0.50 -17.16 43.71
CA ASN H 88 0.43 -18.16 44.24
C ASN H 88 1.15 -18.91 43.12
N TYR H 89 1.29 -18.29 41.96
CA TYR H 89 2.06 -18.87 40.86
C TYR H 89 3.47 -18.28 40.90
N LYS H 90 4.46 -19.15 40.75
CA LYS H 90 5.87 -18.77 40.83
C LYS H 90 6.56 -19.11 39.52
N ILE H 91 7.50 -18.25 39.11
CA ILE H 91 8.21 -18.41 37.85
C ILE H 91 9.70 -18.55 38.15
N TYR H 92 10.30 -19.63 37.67
CA TYR H 92 11.70 -19.94 37.93
C TYR H 92 12.48 -19.94 36.63
N ARG H 93 13.72 -19.47 36.70
CA ARG H 93 14.67 -19.60 35.60
C ARG H 93 15.62 -20.75 35.91
N LEU H 94 15.69 -21.71 35.00
CA LEU H 94 16.54 -22.87 35.18
C LEU H 94 17.82 -22.65 34.40
N LYS H 95 18.95 -22.67 35.10
CA LYS H 95 20.24 -22.59 34.44
C LYS H 95 20.56 -23.92 33.77
N LYS H 96 21.60 -23.90 32.92
CA LYS H 96 21.99 -25.11 32.22
C LYS H 96 22.43 -26.20 33.19
N ASP H 97 23.11 -25.81 34.27
CA ASP H 97 23.52 -26.76 35.29
C ASP H 97 22.37 -27.30 36.11
N GLY H 98 21.18 -26.71 35.99
CA GLY H 98 20.04 -27.08 36.79
C GLY H 98 19.77 -26.17 37.96
N THR H 99 20.57 -25.12 38.14
CA THR H 99 20.33 -24.17 39.21
C THR H 99 18.98 -23.49 39.01
N VAL H 100 18.22 -23.39 40.09
CA VAL H 100 16.87 -22.82 40.05
C VAL H 100 16.93 -21.42 40.63
N ILE H 101 16.50 -20.44 39.83
CA ILE H 101 16.47 -19.04 40.23
C ILE H 101 15.02 -18.59 40.28
N PHE H 102 14.61 -18.05 41.43
CA PHE H 102 13.23 -17.64 41.65
C PHE H 102 13.07 -16.19 41.20
N MET H 103 12.19 -15.95 40.23
CA MET H 103 12.21 -14.70 39.48
C MET H 103 10.97 -13.83 39.69
N HIS H 104 9.76 -14.30 39.34
CA HIS H 104 8.68 -13.33 39.17
C HIS H 104 8.17 -12.76 40.50
N PRO H 105 7.54 -13.55 41.40
CA PRO H 105 7.14 -12.86 42.64
C PRO H 105 8.31 -12.82 43.61
N ALA H 106 9.31 -12.02 43.25
CA ALA H 106 10.66 -12.16 43.80
C ALA H 106 10.66 -12.16 45.32
N ASP H 107 9.98 -11.20 45.94
CA ASP H 107 9.87 -11.15 47.38
C ASP H 107 8.58 -11.78 47.90
N GLY H 108 7.87 -12.52 47.05
CA GLY H 108 6.62 -13.14 47.43
C GLY H 108 5.40 -12.27 47.27
N VAL H 109 5.58 -11.00 46.93
CA VAL H 109 4.48 -10.07 46.71
C VAL H 109 4.59 -9.55 45.28
N PHE H 110 3.46 -9.53 44.58
CA PHE H 110 3.46 -9.17 43.17
C PHE H 110 3.94 -7.72 43.00
N PRO H 111 4.67 -7.44 41.91
CA PRO H 111 5.34 -6.13 41.78
C PRO H 111 4.40 -4.94 41.76
N GLU H 112 3.12 -5.14 41.43
CA GLU H 112 2.17 -4.04 41.45
C GLU H 112 1.68 -3.71 42.86
N LYS H 113 2.06 -4.49 43.85
CA LYS H 113 1.67 -4.26 45.23
C LYS H 113 2.88 -3.82 46.04
N VAL H 114 2.76 -2.70 46.74
CA VAL H 114 3.86 -2.16 47.51
C VAL H 114 4.25 -3.13 48.62
N ASN H 115 5.54 -3.40 48.73
CA ASN H 115 6.08 -4.27 49.77
C ASN H 115 7.26 -3.58 50.44
N LYS H 116 7.31 -3.67 51.76
CA LYS H 116 8.40 -3.05 52.51
C LYS H 116 9.72 -3.74 52.22
N GLY H 117 10.81 -2.99 52.35
CA GLY H 117 12.13 -3.48 52.06
C GLY H 117 12.61 -3.27 50.65
N ARG H 118 11.74 -2.79 49.76
CA ARG H 118 12.13 -2.46 48.40
C ARG H 118 12.68 -1.04 48.34
N VAL H 119 13.61 -0.81 47.41
CA VAL H 119 14.24 0.48 47.23
C VAL H 119 14.15 0.84 45.74
N GLN H 120 13.90 2.11 45.45
CA GLN H 120 13.74 2.54 44.07
C GLN H 120 15.08 2.41 43.33
N VAL H 121 15.18 1.38 42.51
CA VAL H 121 16.34 1.16 41.66
C VAL H 121 16.16 1.96 40.38
N ASN H 122 17.26 2.50 39.84
CA ASN H 122 17.23 3.33 38.63
C ASN H 122 16.29 4.51 38.79
N GLY H 123 16.28 5.11 39.98
CA GLY H 123 15.49 6.30 40.23
C GLY H 123 16.31 7.56 40.03
N ARG H 124 15.67 8.59 39.48
CA ARG H 124 16.31 9.87 39.22
C ARG H 124 15.51 10.98 39.86
N PRO H 125 16.11 11.77 40.75
CA PRO H 125 15.34 12.72 41.58
C PRO H 125 15.10 14.07 40.91
N PHE H 126 14.46 14.04 39.75
CA PHE H 126 14.05 15.25 39.05
C PHE H 126 13.12 14.85 37.91
N THR H 127 12.51 15.87 37.29
CA THR H 127 11.74 15.63 36.08
C THR H 127 12.65 15.10 34.98
N ILE H 128 12.04 14.44 33.99
CA ILE H 128 12.81 13.83 32.92
C ILE H 128 13.63 14.87 32.18
N ARG H 129 13.15 16.12 32.12
CA ARG H 129 13.89 17.18 31.47
C ARG H 129 15.12 17.61 32.27
N GLY H 130 15.21 17.23 33.54
CA GLY H 130 16.34 17.62 34.38
C GLY H 130 17.65 16.95 34.05
N ASN H 131 17.66 16.00 33.12
CA ASN H 131 18.89 15.31 32.76
C ASN H 131 19.90 16.27 32.14
N PRO H 132 21.18 16.06 32.39
CA PRO H 132 22.19 16.96 31.82
C PRO H 132 22.31 16.79 30.32
N GLN H 133 22.78 17.85 29.67
CA GLN H 133 22.98 17.81 28.22
C GLN H 133 24.09 16.83 27.87
N GLN H 134 23.89 16.09 26.77
CA GLN H 134 24.93 15.16 26.31
C GLN H 134 26.21 15.89 25.95
N SER H 135 26.11 17.11 25.41
CA SER H 135 27.29 17.85 25.01
C SER H 135 28.19 18.19 26.19
N GLU H 136 27.60 18.30 27.39
CA GLU H 136 28.39 18.71 28.54
C GLU H 136 29.28 17.58 29.05
N LEU H 137 28.87 16.33 28.86
CA LEU H 137 29.55 15.17 29.43
C LEU H 137 30.43 14.46 28.42
N LYS H 138 30.99 15.18 27.45
CA LYS H 138 31.83 14.55 26.45
C LYS H 138 33.13 14.05 27.07
N PHE H 139 33.49 12.80 26.74
CA PHE H 139 34.74 12.18 27.15
C PHE H 139 34.87 12.06 28.67
N THR H 140 33.75 12.09 29.39
CA THR H 140 33.67 11.81 30.80
C THR H 140 33.12 10.39 30.99
N LYS H 141 32.77 10.04 32.23
CA LYS H 141 32.16 8.75 32.50
C LYS H 141 30.86 8.54 31.73
N TYR H 142 30.21 9.62 31.31
CA TYR H 142 28.89 9.56 30.69
C TYR H 142 28.94 10.10 29.27
N GLN H 143 29.91 9.61 28.49
CA GLN H 143 30.23 10.20 27.19
C GLN H 143 28.99 10.34 26.30
N GLY H 144 28.22 9.28 26.15
CA GLY H 144 27.00 9.34 25.36
C GLY H 144 25.80 8.86 26.14
N LYS H 145 25.85 9.00 27.46
CA LYS H 145 24.86 8.44 28.38
C LYS H 145 24.45 9.47 29.42
N GLY H 146 24.06 10.65 28.95
CA GLY H 146 23.68 11.73 29.85
C GLY H 146 22.56 11.39 30.81
N TYR H 147 21.73 10.40 30.48
CA TYR H 147 20.65 9.98 31.38
C TYR H 147 21.15 9.10 32.52
N GLU H 148 22.41 8.69 32.51
CA GLU H 148 22.98 7.89 33.58
C GLU H 148 23.73 8.71 34.61
N ALA H 149 23.79 10.04 34.44
CA ALA H 149 24.56 10.87 35.34
C ALA H 149 23.93 10.92 36.73
N ASP H 150 24.78 10.84 37.76
CA ASP H 150 24.31 11.02 39.12
C ASP H 150 23.82 12.46 39.31
N PRO H 151 22.86 12.68 40.20
CA PRO H 151 22.28 14.03 40.33
C PRO H 151 23.31 15.09 40.70
N LEU H 152 24.37 14.72 41.44
CA LEU H 152 25.41 15.70 41.74
C LEU H 152 26.10 16.17 40.48
N THR H 153 26.40 15.26 39.54
CA THR H 153 27.00 15.66 38.28
C THR H 153 26.05 16.54 37.47
N THR H 154 24.75 16.24 37.50
CA THR H 154 23.79 17.07 36.80
C THR H 154 23.75 18.47 37.37
N MET H 155 23.76 18.61 38.69
CA MET H 155 23.80 19.94 39.30
C MET H 155 25.11 20.65 38.97
N PHE H 156 26.22 19.92 38.97
CA PHE H 156 27.51 20.54 38.69
C PHE H 156 27.55 21.08 37.26
N VAL H 157 27.07 20.30 36.29
CA VAL H 157 27.08 20.78 34.91
C VAL H 157 26.05 21.89 34.73
N LYS H 158 24.94 21.85 35.48
CA LYS H 158 23.98 22.96 35.43
C LYS H 158 24.61 24.25 35.94
N ALA H 159 25.35 24.17 37.04
CA ALA H 159 26.04 25.35 37.56
C ALA H 159 27.10 25.83 36.56
N ARG H 160 27.78 24.89 35.89
CA ARG H 160 28.74 25.28 34.88
C ARG H 160 28.07 26.00 33.71
N VAL H 161 26.89 25.52 33.31
CA VAL H 161 26.14 26.19 32.25
C VAL H 161 25.74 27.59 32.70
N MET H 162 25.30 27.73 33.95
CA MET H 162 24.97 29.05 34.48
C MET H 162 26.19 29.97 34.46
N ALA H 163 27.35 29.44 34.82
CA ALA H 163 28.55 30.26 34.92
C ALA H 163 29.06 30.67 33.55
N PHE H 164 29.14 29.72 32.62
CA PHE H 164 29.75 30.00 31.33
C PHE H 164 28.76 30.65 30.37
N ALA H 165 28.09 31.69 30.86
CA ALA H 165 27.34 32.61 30.03
C ALA H 165 27.64 34.06 30.35
N ASP H 166 28.16 34.35 31.54
CA ASP H 166 28.66 35.67 31.90
C ASP H 166 30.11 35.76 31.44
N VAL H 167 30.27 35.94 30.13
CA VAL H 167 31.60 35.92 29.52
C VAL H 167 32.53 36.99 30.09
N PRO H 168 32.11 38.25 30.25
CA PRO H 168 33.08 39.29 30.67
C PRO H 168 33.76 39.01 32.00
N ASN H 169 33.11 38.31 32.92
CA ASN H 169 33.68 38.06 34.24
C ASN H 169 34.42 36.74 34.34
N LEU H 170 34.56 35.98 33.25
CA LEU H 170 35.29 34.73 33.30
C LEU H 170 36.78 34.99 33.50
N PHE H 171 37.49 33.93 33.86
CA PHE H 171 38.94 33.96 34.05
C PHE H 171 39.59 33.10 32.97
N ALA H 172 40.33 33.74 32.06
CA ALA H 172 41.05 33.00 31.05
C ALA H 172 42.17 32.20 31.69
N LEU H 173 42.30 30.94 31.30
CA LEU H 173 43.33 30.10 31.88
C LEU H 173 44.70 30.50 31.35
N PRO H 174 45.69 30.74 32.21
CA PRO H 174 47.00 31.18 31.73
C PRO H 174 47.65 30.14 30.84
N GLN H 175 48.39 30.61 29.85
CA GLN H 175 49.09 29.70 28.95
C GLN H 175 50.30 29.10 29.66
N PRO H 176 50.47 27.78 29.63
CA PRO H 176 51.60 27.17 30.32
C PRO H 176 52.92 27.56 29.69
N ASN H 177 53.95 27.64 30.53
CA ASN H 177 55.30 28.01 30.08
C ASN H 177 56.08 26.73 29.82
N MET H 178 55.87 26.18 28.61
CA MET H 178 56.40 24.86 28.28
C MET H 178 57.92 24.85 28.28
N ASP H 179 58.54 25.90 27.73
CA ASP H 179 59.98 25.86 27.46
C ASP H 179 60.82 25.78 28.74
N GLU H 180 60.36 26.42 29.82
CA GLU H 180 61.18 26.54 31.02
C GLU H 180 60.65 25.73 32.19
N LEU H 181 59.37 25.37 32.18
CA LEU H 181 58.86 24.30 33.03
C LEU H 181 59.18 22.98 32.35
N VAL H 182 58.53 21.91 32.76
CA VAL H 182 58.70 20.60 32.14
C VAL H 182 60.13 20.10 32.36
N PRO H 183 60.56 19.85 33.62
CA PRO H 183 61.78 19.09 33.83
C PRO H 183 61.46 17.61 33.95
N ALA H 184 62.48 16.77 34.17
CA ALA H 184 62.23 15.36 34.42
C ALA H 184 61.38 15.20 35.67
N GLU H 185 60.49 14.20 35.66
CA GLU H 185 59.53 14.05 36.73
C GLU H 185 60.19 13.80 38.08
N GLU H 186 61.40 13.24 38.08
CA GLU H 186 62.14 13.11 39.33
C GLU H 186 62.55 14.47 39.89
N VAL H 187 62.54 15.51 39.05
CA VAL H 187 62.91 16.86 39.49
C VAL H 187 61.61 17.53 39.95
N ASP H 188 61.25 17.29 41.21
CA ASP H 188 60.12 17.95 41.83
C ASP H 188 60.50 18.31 43.26
N LYS H 189 59.81 19.33 43.80
CA LYS H 189 60.12 19.87 45.12
C LYS H 189 59.26 19.29 46.22
N TYR H 190 58.40 18.32 45.91
CA TYR H 190 57.45 17.73 46.87
C TYR H 190 56.63 18.87 47.48
N THR H 191 56.44 18.91 48.80
CA THR H 191 55.71 19.99 49.46
C THR H 191 54.36 20.23 48.80
N ARG H 192 53.51 19.20 48.81
CA ARG H 192 52.23 19.28 48.12
C ARG H 192 51.37 20.41 48.68
N GLN H 193 51.34 20.55 50.01
CA GLN H 193 50.55 21.62 50.60
C GLN H 193 51.13 22.98 50.28
N GLU H 194 52.44 23.06 50.04
CA GLU H 194 53.03 24.31 49.58
C GLU H 194 52.70 24.56 48.11
N TYR H 195 52.42 23.50 47.34
CA TYR H 195 52.13 23.67 45.93
C TYR H 195 50.83 24.44 45.71
N THR H 196 49.84 24.24 46.59
CA THR H 196 48.63 25.05 46.50
C THR H 196 48.88 26.50 46.87
N THR H 197 49.77 26.77 47.81
CA THR H 197 50.16 28.15 48.10
C THR H 197 50.85 28.78 46.89
N ARG H 198 51.70 28.01 46.20
CA ARG H 198 52.31 28.48 44.97
C ARG H 198 51.26 28.74 43.90
N MET H 199 50.25 27.88 43.81
CA MET H 199 49.11 28.13 42.93
C MET H 199 48.46 29.47 43.25
N MET H 200 48.19 29.71 44.53
CA MET H 200 47.54 30.95 44.94
C MET H 200 48.37 32.15 44.53
N GLU H 201 49.67 32.14 44.84
CA GLU H 201 50.49 33.31 44.55
C GLU H 201 50.69 33.52 43.05
N ALA H 202 50.87 32.43 42.30
CA ALA H 202 51.05 32.55 40.85
C ALA H 202 49.78 33.06 40.19
N LEU H 203 48.61 32.56 40.60
CA LEU H 203 47.37 33.06 40.03
C LEU H 203 47.11 34.50 40.44
N LYS H 204 47.50 34.89 41.66
CA LYS H 204 47.40 36.29 42.05
C LYS H 204 48.27 37.18 41.17
N ARG H 205 49.49 36.73 40.87
CA ARG H 205 50.36 37.49 39.98
C ARG H 205 49.76 37.59 38.59
N VAL H 206 49.18 36.50 38.09
CA VAL H 206 48.56 36.50 36.77
C VAL H 206 47.40 37.49 36.73
N GLN H 207 46.54 37.46 37.74
CA GLN H 207 45.39 38.36 37.77
C GLN H 207 45.82 39.82 37.90
N ASP H 208 46.83 40.09 38.73
CA ASP H 208 47.31 41.46 38.86
C ASP H 208 47.91 41.96 37.55
N ASP H 209 48.67 41.10 36.86
CA ASP H 209 49.23 41.49 35.57
C ASP H 209 48.13 41.76 34.55
N ARG H 210 47.09 40.92 34.53
CA ARG H 210 45.99 41.14 33.59
C ARG H 210 45.24 42.43 33.90
N ALA H 211 45.01 42.72 35.17
CA ALA H 211 44.35 43.98 35.53
C ALA H 211 45.20 45.17 35.12
N ALA H 212 46.51 45.10 35.37
CA ALA H 212 47.39 46.21 34.99
C ALA H 212 47.40 46.42 33.48
N LYS H 213 47.45 45.32 32.71
CA LYS H 213 47.44 45.44 31.26
C LYS H 213 46.12 45.98 30.75
N ALA H 214 45.00 45.53 31.33
CA ALA H 214 43.70 46.02 30.91
C ALA H 214 43.53 47.49 31.22
N ALA H 215 44.08 47.96 32.34
CA ALA H 215 43.97 49.37 32.70
C ALA H 215 45.01 50.20 31.99
N LYS H 216 45.10 50.07 30.66
CA LYS H 216 45.99 50.87 29.83
C LYS H 216 45.25 51.60 28.71
N SER H 217 44.26 50.94 28.09
CA SER H 217 43.45 51.57 27.06
C SER H 217 41.95 51.43 27.31
N LEU H 218 41.53 50.61 28.26
CA LEU H 218 40.12 50.44 28.58
C LEU H 218 39.51 51.72 29.13
N PRO I 1 -2.88 27.35 56.84
CA PRO I 1 -2.49 28.30 55.79
C PRO I 1 -2.38 27.62 54.43
N TRP I 2 -3.24 28.02 53.48
CA TRP I 2 -3.22 27.42 52.16
C TRP I 2 -1.91 27.72 51.45
N VAL I 3 -1.43 26.76 50.67
CA VAL I 3 -0.19 26.89 49.93
C VAL I 3 -0.46 26.59 48.46
N GLY I 4 0.15 27.38 47.58
CA GLY I 4 -0.05 27.24 46.16
C GLY I 4 -1.26 28.01 45.68
N PRO I 5 -1.57 27.90 44.39
CA PRO I 5 -2.72 28.63 43.85
C PRO I 5 -4.03 28.07 44.37
N LYS I 6 -5.05 28.93 44.38
CA LYS I 6 -6.36 28.53 44.85
C LYS I 6 -7.01 27.53 43.89
N LYS I 7 -7.97 26.79 44.41
CA LYS I 7 -8.72 25.86 43.59
C LYS I 7 -9.55 26.62 42.54
N GLY I 8 -9.61 26.06 41.34
CA GLY I 8 -10.36 26.70 40.27
C GLY I 8 -9.71 27.93 39.69
N SER I 9 -8.46 28.22 40.06
CA SER I 9 -7.74 29.38 39.55
C SER I 9 -6.85 28.97 38.39
N TRP I 10 -6.87 29.77 37.33
CA TRP I 10 -6.07 29.47 36.15
C TRP I 10 -4.59 29.71 36.44
N VAL I 11 -3.75 28.83 35.93
CA VAL I 11 -2.31 28.91 36.11
C VAL I 11 -1.63 28.63 34.77
N LYS I 12 -0.54 29.33 34.51
CA LYS I 12 0.25 29.09 33.31
C LYS I 12 1.35 28.09 33.62
N ILE I 13 1.47 27.07 32.77
CA ILE I 13 2.41 25.99 33.01
C ILE I 13 3.81 26.44 32.62
N LEU I 14 4.78 26.20 33.51
CA LEU I 14 6.16 26.58 33.27
C LEU I 14 7.08 25.37 33.12
N ARG I 15 6.53 24.17 32.99
CA ARG I 15 7.33 22.98 32.80
C ARG I 15 7.73 22.86 31.34
N PRO I 16 9.03 22.95 31.01
CA PRO I 16 9.41 23.03 29.59
C PRO I 16 9.03 21.81 28.77
N GLU I 17 9.10 20.61 29.35
CA GLU I 17 8.79 19.39 28.62
C GLU I 17 7.31 19.05 28.65
N SER I 18 6.50 19.83 29.37
CA SER I 18 5.07 19.59 29.42
C SER I 18 4.43 19.83 28.06
N TYR I 19 3.42 19.01 27.74
CA TYR I 19 2.65 19.24 26.52
C TYR I 19 1.94 20.59 26.56
N TRP I 20 1.63 21.08 27.76
CA TRP I 20 0.95 22.35 27.93
C TRP I 20 1.88 23.45 28.41
N PHE I 21 3.16 23.41 28.00
CA PHE I 21 4.09 24.47 28.38
C PHE I 21 3.57 25.81 27.89
N GLN I 22 3.56 26.79 28.80
CA GLN I 22 3.06 28.14 28.56
C GLN I 22 1.57 28.18 28.24
N GLN I 23 0.88 27.05 28.35
CA GLN I 23 -0.58 27.03 28.24
C GLN I 23 -1.19 27.32 29.62
N ARG I 24 -2.52 27.25 29.69
CA ARG I 24 -3.23 27.53 30.93
C ARG I 24 -4.22 26.41 31.22
N GLY I 25 -4.48 26.20 32.51
CA GLY I 25 -5.42 25.19 32.93
C GLY I 25 -5.89 25.44 34.35
N GLN I 26 -7.12 25.03 34.62
CA GLN I 26 -7.69 25.23 35.95
C GLN I 26 -7.00 24.32 36.96
N VAL I 27 -6.83 24.84 38.17
CA VAL I 27 -6.27 24.05 39.27
C VAL I 27 -7.38 23.21 39.88
N VAL I 28 -7.26 21.89 39.76
CA VAL I 28 -8.24 21.00 40.37
C VAL I 28 -8.07 20.99 41.89
N ASN I 29 -6.85 20.72 42.35
CA ASN I 29 -6.57 20.68 43.79
C ASN I 29 -5.06 20.84 43.98
N VAL I 30 -4.69 21.24 45.18
CA VAL I 30 -3.29 21.36 45.59
C VAL I 30 -3.11 20.52 46.85
N ASN I 31 -2.22 19.52 46.77
CA ASN I 31 -1.96 18.69 47.93
C ASN I 31 -1.22 19.50 48.99
N GLN I 32 -1.69 19.44 50.22
CA GLN I 32 -1.16 20.26 51.29
C GLN I 32 -0.03 19.59 52.07
N LYS I 33 0.30 18.35 51.76
CA LYS I 33 1.42 17.69 52.42
C LYS I 33 2.73 18.31 51.93
N PRO I 34 3.59 18.80 52.83
CA PRO I 34 4.87 19.37 52.38
C PRO I 34 5.78 18.34 51.75
N GLU I 35 5.56 17.05 52.00
CA GLU I 35 6.40 16.00 51.45
C GLU I 35 6.13 15.73 49.98
N VAL I 36 5.02 16.21 49.45
CA VAL I 36 4.67 15.97 48.05
C VAL I 36 5.45 16.94 47.17
N LYS I 37 6.20 16.40 46.21
CA LYS I 37 7.03 17.26 45.35
C LYS I 37 6.21 17.96 44.27
N TYR I 38 5.18 17.32 43.75
CA TYR I 38 4.37 17.87 42.67
C TYR I 38 2.91 17.85 43.13
N PRO I 39 2.53 18.77 44.02
CA PRO I 39 1.20 18.72 44.63
C PRO I 39 0.11 19.34 43.76
N VAL I 40 0.46 20.34 42.96
CA VAL I 40 -0.54 21.07 42.19
C VAL I 40 -1.08 20.19 41.08
N THR I 41 -2.40 20.02 41.05
CA THR I 41 -3.08 19.26 40.01
C THR I 41 -3.84 20.21 39.12
N VAL I 42 -3.57 20.14 37.81
CA VAL I 42 -4.12 21.07 36.83
C VAL I 42 -4.80 20.27 35.74
N LYS I 43 -6.01 20.69 35.34
CA LYS I 43 -6.74 20.06 34.25
C LYS I 43 -6.81 21.03 33.06
N PHE I 44 -6.74 20.48 31.86
CA PHE I 44 -6.67 21.29 30.64
C PHE I 44 -7.80 20.90 29.69
N ASP I 45 -8.18 21.85 28.83
CA ASP I 45 -9.16 21.57 27.79
C ASP I 45 -8.56 20.78 26.63
N SER I 46 -7.27 20.95 26.37
CA SER I 46 -6.60 20.28 25.27
C SER I 46 -5.84 19.07 25.80
N VAL I 47 -6.23 17.88 25.34
CA VAL I 47 -5.57 16.65 25.76
C VAL I 47 -4.26 16.50 25.02
N ASN I 48 -3.31 15.79 25.64
CA ASN I 48 -2.03 15.51 25.01
C ASN I 48 -2.15 14.23 24.17
N TYR I 49 -1.02 13.72 23.70
CA TYR I 49 -1.06 12.56 22.81
C TYR I 49 -1.49 11.30 23.51
N ALA I 50 -1.39 11.24 24.84
CA ALA I 50 -1.88 10.11 25.61
C ALA I 50 -3.35 10.27 25.98
N ASN I 51 -4.03 11.26 25.40
CA ASN I 51 -5.45 11.51 25.65
C ASN I 51 -5.72 11.77 27.13
N VAL I 52 -4.76 12.43 27.79
CA VAL I 52 -4.86 12.79 29.20
C VAL I 52 -4.91 14.31 29.30
N ASN I 53 -5.92 14.84 29.98
CA ASN I 53 -6.13 16.28 30.08
C ASN I 53 -5.78 16.83 31.46
N THR I 54 -5.21 16.02 32.35
CA THR I 54 -4.85 16.46 33.69
C THR I 54 -3.47 15.95 34.04
N ASN I 55 -2.76 16.72 34.87
CA ASN I 55 -1.42 16.33 35.30
C ASN I 55 -1.08 17.06 36.59
N GLY I 56 -0.16 16.48 37.35
CA GLY I 56 0.29 17.09 38.58
C GLY I 56 1.60 17.83 38.43
N TYR I 57 1.60 19.10 38.77
CA TYR I 57 2.78 19.91 38.66
C TYR I 57 3.36 20.34 39.97
N ALA I 58 4.59 20.77 39.94
CA ALA I 58 5.32 21.25 41.11
C ALA I 58 4.81 22.63 41.52
N LEU I 59 5.18 23.03 42.73
CA LEU I 59 4.79 24.35 43.22
C LEU I 59 5.44 25.48 42.45
N TRP I 60 6.56 25.22 41.80
CA TRP I 60 7.33 26.22 41.07
C TRP I 60 7.10 26.15 39.56
N GLU I 61 6.00 25.54 39.12
CA GLU I 61 5.71 25.41 37.71
C GLU I 61 4.34 25.97 37.33
N VAL I 62 3.71 26.73 38.22
CA VAL I 62 2.41 27.35 37.97
C VAL I 62 2.46 28.78 38.48
N ILE I 63 1.98 29.73 37.68
CA ILE I 63 2.24 31.15 37.92
C ILE I 63 0.94 31.96 38.06
N GLU I 64 -0.21 31.29 38.15
CA GLU I 64 -1.49 31.95 38.39
C GLU I 64 -1.80 32.99 37.31
N ALA I 65 -1.98 32.50 36.09
CA ALA I 65 -2.30 33.35 34.96
C ALA I 65 -3.80 33.63 34.90
N PRO I 66 -4.21 34.70 34.20
CA PRO I 66 -5.64 35.00 34.09
C PRO I 66 -6.40 34.00 33.25
N ALA I 67 -7.70 34.23 33.06
CA ALA I 67 -8.50 33.33 32.25
C ALA I 67 -8.07 33.39 30.78
N PRO I 68 -8.25 32.29 30.04
CA PRO I 68 -7.74 32.29 28.64
C PRO I 68 -8.38 33.35 27.76
N GLY I 69 -9.70 33.42 27.72
CA GLY I 69 -10.37 34.38 26.87
C GLY I 69 -10.78 33.78 25.54
N PRO I 70 -11.26 34.62 24.62
CA PRO I 70 -11.78 34.11 23.34
C PRO I 70 -10.65 33.72 22.40
N GLY I 71 -10.67 32.47 21.94
CA GLY I 71 -9.69 32.01 20.97
C GLY I 71 -8.25 32.07 21.46
N GLU I 72 -8.01 31.68 22.70
CA GLU I 72 -6.68 31.77 23.29
C GLU I 72 -6.44 30.55 24.17
N VAL I 73 -5.28 29.92 24.01
CA VAL I 73 -4.94 28.73 24.77
C VAL I 73 -4.45 29.08 26.17
N ALA J 1 26.99 44.62 -32.42
CA ALA J 1 27.71 43.57 -33.12
C ALA J 1 26.94 42.26 -33.06
N LYS J 2 25.65 42.31 -33.40
CA LYS J 2 24.77 41.15 -33.47
C LYS J 2 24.72 40.41 -32.13
N PRO J 3 24.02 40.96 -31.14
CA PRO J 3 23.95 40.26 -29.83
C PRO J 3 23.30 38.89 -29.91
N LEU J 4 22.54 38.60 -30.98
CA LEU J 4 21.91 37.29 -31.11
C LEU J 4 22.95 36.19 -31.19
N GLU J 5 23.98 36.37 -32.03
CA GLU J 5 25.02 35.36 -32.15
C GLU J 5 26.01 35.40 -30.99
N MET J 6 26.21 36.59 -30.39
CA MET J 6 27.17 36.71 -29.29
C MET J 6 26.72 35.89 -28.08
N PHE J 7 25.43 35.86 -27.81
CA PHE J 7 24.87 35.21 -26.63
C PHE J 7 24.20 33.88 -26.94
N GLY J 8 24.51 33.29 -28.09
CA GLY J 8 23.93 32.00 -28.45
C GLY J 8 22.44 32.01 -28.70
N GLY J 9 21.94 32.99 -29.44
CA GLY J 9 20.55 32.99 -29.86
C GLY J 9 19.69 34.04 -29.20
N VAL J 10 19.87 34.25 -27.90
CA VAL J 10 19.05 35.22 -27.18
C VAL J 10 19.46 36.64 -27.57
N ASP J 11 18.48 37.53 -27.62
CA ASP J 11 18.70 38.92 -28.02
C ASP J 11 18.44 39.84 -26.83
N ILE J 12 19.16 40.96 -26.81
CA ILE J 12 19.13 41.91 -25.69
C ILE J 12 18.54 43.23 -26.20
N ASP J 13 17.85 43.93 -25.28
CA ASP J 13 17.18 45.18 -25.65
C ASP J 13 18.18 46.24 -26.07
N LEU J 14 19.28 46.37 -25.34
CA LEU J 14 20.37 47.32 -25.60
C LEU J 14 19.94 48.79 -25.46
N GLU J 15 18.72 49.05 -24.98
CA GLU J 15 18.22 50.41 -24.86
C GLU J 15 17.71 50.63 -23.44
N ASP J 16 18.08 51.77 -22.86
CA ASP J 16 17.72 52.12 -21.49
C ASP J 16 16.73 53.29 -21.54
N THR J 17 15.45 52.97 -21.68
CA THR J 17 14.37 53.94 -21.64
C THR J 17 13.23 53.38 -20.81
N PRO J 18 12.53 54.23 -20.06
CA PRO J 18 11.39 53.74 -19.27
C PRO J 18 10.27 53.17 -20.12
N ALA J 19 10.18 53.54 -21.39
CA ALA J 19 9.10 53.07 -22.25
C ALA J 19 9.21 51.58 -22.56
N HIS J 20 10.37 50.98 -22.32
CA HIS J 20 10.56 49.55 -22.57
C HIS J 20 10.34 48.69 -21.33
N TRP J 21 9.99 49.29 -20.19
CA TRP J 21 9.74 48.52 -18.99
C TRP J 21 8.46 47.71 -19.07
N THR J 22 7.53 48.10 -19.95
CA THR J 22 6.31 47.33 -20.12
C THR J 22 6.63 45.99 -20.79
N ILE J 23 5.77 45.00 -20.55
CA ILE J 23 5.95 43.70 -21.17
C ILE J 23 5.70 43.77 -22.66
N LYS J 24 4.87 44.72 -23.11
CA LYS J 24 4.52 44.80 -24.52
C LYS J 24 5.69 45.18 -25.41
N ALA J 25 6.76 45.74 -24.84
CA ALA J 25 7.94 46.12 -25.60
C ALA J 25 8.96 45.00 -25.73
N SER J 26 8.69 43.85 -25.13
CA SER J 26 9.64 42.74 -25.18
C SER J 26 9.78 42.22 -26.62
N PRO J 27 11.00 41.93 -27.07
CA PRO J 27 11.17 41.35 -28.40
C PRO J 27 10.91 39.86 -28.45
N VAL J 28 10.83 39.18 -27.29
CA VAL J 28 10.45 37.78 -27.27
C VAL J 28 8.98 37.63 -27.65
N LEU J 29 8.14 38.54 -27.18
CA LEU J 29 6.70 38.44 -27.37
C LEU J 29 6.26 39.21 -28.62
N GLU J 30 4.98 39.06 -28.95
CA GLU J 30 4.35 39.67 -30.12
C GLU J 30 2.84 39.53 -29.98
N PRO J 31 2.06 40.53 -30.37
CA PRO J 31 0.59 40.38 -30.29
C PRO J 31 0.13 39.18 -31.09
N CYS J 32 -0.83 38.45 -30.51
CA CYS J 32 -1.22 37.16 -31.06
C CYS J 32 -1.88 37.29 -32.43
N LYS J 33 -2.57 38.41 -32.68
CA LYS J 33 -3.34 38.55 -33.92
C LYS J 33 -2.45 38.71 -35.15
N ASP J 34 -1.13 38.91 -34.98
CA ASP J 34 -0.21 39.00 -36.10
C ASP J 34 0.98 38.08 -35.91
N ASN J 35 0.76 36.90 -35.32
CA ASN J 35 1.81 35.93 -35.08
C ASN J 35 1.52 34.68 -35.92
N LYS J 36 2.53 34.21 -36.66
CA LYS J 36 2.33 33.09 -37.57
C LYS J 36 2.00 31.81 -36.81
N LYS J 37 2.68 31.56 -35.68
CA LYS J 37 2.45 30.33 -34.93
C LYS J 37 1.03 30.31 -34.34
N PHE J 38 0.54 31.46 -33.89
CA PHE J 38 -0.84 31.53 -33.40
C PHE J 38 -1.83 31.15 -34.50
N HIS J 39 -1.65 31.73 -35.69
CA HIS J 39 -2.51 31.41 -36.81
C HIS J 39 -2.45 29.92 -37.13
N LYS J 40 -1.25 29.36 -37.20
CA LYS J 40 -1.11 27.95 -37.57
C LYS J 40 -1.74 27.05 -36.53
N LYS J 41 -1.53 27.35 -35.25
CA LYS J 41 -2.08 26.50 -34.18
C LYS J 41 -3.61 26.51 -34.19
N LEU J 42 -4.21 27.71 -34.28
CA LEU J 42 -5.66 27.72 -34.23
C LEU J 42 -6.28 27.25 -35.54
N LYS J 43 -5.58 27.42 -36.67
CA LYS J 43 -6.04 26.82 -37.91
C LYS J 43 -5.99 25.30 -37.82
N ASP J 44 -4.97 24.75 -37.18
CA ASP J 44 -4.89 23.30 -37.00
C ASP J 44 -6.00 22.81 -36.07
N GLU J 45 -6.31 23.57 -35.02
CA GLU J 45 -7.44 23.23 -34.16
C GLU J 45 -8.74 23.19 -34.96
N LEU J 46 -8.99 24.24 -35.75
CA LEU J 46 -10.19 24.28 -36.57
C LEU J 46 -10.22 23.11 -37.56
N TYR J 47 -9.08 22.80 -38.18
CA TYR J 47 -9.02 21.72 -39.15
C TYR J 47 -9.31 20.37 -38.51
N LYS J 48 -8.72 20.11 -37.34
CA LYS J 48 -8.95 18.83 -36.66
C LYS J 48 -10.40 18.69 -36.24
N VAL J 49 -10.96 19.74 -35.64
CA VAL J 49 -12.35 19.65 -35.18
C VAL J 49 -13.30 19.51 -36.37
N LYS J 50 -13.03 20.24 -37.46
CA LYS J 50 -13.86 20.12 -38.64
C LYS J 50 -13.77 18.73 -39.26
N LYS J 51 -12.56 18.16 -39.29
CA LYS J 51 -12.39 16.82 -39.83
C LYS J 51 -13.14 15.80 -38.98
N ASN J 52 -13.13 15.98 -37.65
CA ASN J 52 -13.97 15.14 -36.80
C ASN J 52 -15.45 15.33 -37.12
N GLN J 53 -15.86 16.57 -37.39
CA GLN J 53 -17.27 16.87 -37.63
C GLN J 53 -17.79 16.18 -38.88
N GLN J 54 -17.00 16.19 -39.96
CA GLN J 54 -17.46 15.59 -41.21
C GLN J 54 -17.70 14.09 -41.09
N LYS J 55 -17.07 13.45 -40.10
CA LYS J 55 -17.22 12.00 -39.94
C LYS J 55 -18.64 11.60 -39.56
N PHE J 56 -19.43 12.52 -39.02
CA PHE J 56 -20.78 12.23 -38.57
C PHE J 56 -21.79 12.63 -39.65
N ALA J 57 -23.06 12.30 -39.39
CA ALA J 57 -24.13 12.66 -40.31
C ALA J 57 -24.37 14.16 -40.30
N GLU J 58 -24.97 14.64 -41.38
CA GLU J 58 -25.19 16.09 -41.53
C GLU J 58 -26.28 16.58 -40.58
N GLY J 59 -27.38 15.86 -40.47
CA GLY J 59 -28.52 16.27 -39.68
C GLY J 59 -28.50 15.80 -38.24
N SER J 60 -27.42 15.17 -37.77
CA SER J 60 -27.37 14.64 -36.42
C SER J 60 -27.15 15.76 -35.40
N ALA J 61 -27.37 15.42 -34.13
CA ALA J 61 -27.08 16.36 -33.06
C ALA J 61 -25.59 16.55 -32.86
N ALA J 62 -24.79 15.51 -33.15
CA ALA J 62 -23.34 15.64 -33.04
C ALA J 62 -22.82 16.71 -33.99
N TYR J 63 -23.42 16.82 -35.18
CA TYR J 63 -23.02 17.86 -36.12
C TYR J 63 -23.27 19.25 -35.55
N ALA J 64 -24.42 19.45 -34.91
CA ALA J 64 -24.72 20.74 -34.30
C ALA J 64 -23.77 21.04 -33.15
N ARG J 65 -23.46 20.04 -32.33
CA ARG J 65 -22.53 20.26 -31.22
C ARG J 65 -21.14 20.58 -31.73
N PHE J 66 -20.73 19.96 -32.84
CA PHE J 66 -19.44 20.30 -33.44
C PHE J 66 -19.45 21.70 -34.05
N ASN J 67 -20.59 22.13 -34.61
CA ASN J 67 -20.69 23.52 -35.07
C ASN J 67 -20.53 24.48 -33.91
N LYS J 68 -21.15 24.18 -32.76
CA LYS J 68 -21.00 25.01 -31.58
C LYS J 68 -19.55 25.04 -31.11
N LYS J 69 -18.87 23.88 -31.15
CA LYS J 69 -17.46 23.82 -30.78
C LYS J 69 -16.61 24.66 -31.72
N ILE J 70 -16.92 24.62 -33.02
CA ILE J 70 -16.18 25.41 -34.00
C ILE J 70 -16.37 26.91 -33.72
N LYS J 71 -17.60 27.31 -33.41
CA LYS J 71 -17.85 28.70 -33.06
C LYS J 71 -17.09 29.10 -31.81
N MET J 72 -17.03 28.21 -30.81
CA MET J 72 -16.24 28.50 -29.62
C MET J 72 -14.77 28.66 -29.95
N ILE J 73 -14.23 27.82 -30.83
CA ILE J 73 -12.82 27.91 -31.20
C ILE J 73 -12.53 29.22 -31.92
N GLU J 74 -13.41 29.62 -32.84
CA GLU J 74 -13.19 30.87 -33.56
C GLU J 74 -13.32 32.08 -32.62
N LEU J 75 -14.26 32.01 -31.68
CA LEU J 75 -14.37 33.07 -30.68
C LEU J 75 -13.11 33.13 -29.82
N ARG J 76 -12.54 31.98 -29.48
CA ARG J 76 -11.28 31.98 -28.73
C ARG J 76 -10.15 32.59 -29.55
N GLU J 77 -10.12 32.31 -30.85
CA GLU J 77 -9.09 32.88 -31.71
C GLU J 77 -9.20 34.40 -31.75
N THR J 78 -10.42 34.92 -31.91
CA THR J 78 -10.57 36.37 -32.00
C THR J 78 -10.42 37.04 -30.64
N ALA J 79 -10.69 36.33 -29.54
CA ALA J 79 -10.60 36.93 -28.22
C ALA J 79 -9.17 37.03 -27.72
N TYR J 80 -8.31 36.10 -28.09
CA TYR J 80 -6.92 36.11 -27.67
C TYR J 80 -6.03 36.92 -28.60
N GLY J 81 -6.62 37.61 -29.59
CA GLY J 81 -5.81 38.36 -30.54
C GLY J 81 -5.00 39.46 -29.89
N ASP J 82 -5.59 40.17 -28.92
CA ASP J 82 -4.88 41.22 -28.22
C ASP J 82 -3.92 40.68 -27.15
N ARG J 83 -4.00 39.40 -26.82
CA ARG J 83 -3.08 38.82 -25.84
C ARG J 83 -1.71 38.59 -26.46
N LEU J 84 -0.67 38.77 -25.65
CA LEU J 84 0.70 38.65 -26.13
C LEU J 84 1.12 37.17 -26.16
N CYS J 85 1.73 36.76 -27.26
CA CYS J 85 2.32 35.42 -27.36
C CYS J 85 3.72 35.51 -27.93
N GLY J 86 4.53 34.52 -27.60
CA GLY J 86 5.92 34.51 -28.04
C GLY J 86 6.05 34.41 -29.54
N LYS J 87 7.12 35.01 -30.06
CA LYS J 87 7.38 35.05 -31.49
C LYS J 87 7.75 33.70 -32.07
N LYS J 88 7.74 32.64 -31.28
CA LYS J 88 8.13 31.32 -31.74
C LYS J 88 7.16 30.21 -31.35
N ASP J 89 6.35 30.39 -30.31
CA ASP J 89 5.40 29.38 -29.87
C ASP J 89 3.98 29.66 -30.36
N GLY J 90 3.54 30.91 -30.33
CA GLY J 90 2.17 31.26 -30.65
C GLY J 90 1.21 31.08 -29.51
N LEU J 91 1.68 30.62 -28.35
CA LEU J 91 0.83 30.42 -27.19
C LEU J 91 0.77 31.71 -26.37
N PRO J 92 -0.42 32.26 -26.10
CA PRO J 92 -0.48 33.54 -25.40
C PRO J 92 0.09 33.46 -23.99
N ARG J 93 0.68 34.56 -23.54
CA ARG J 93 1.38 34.62 -22.28
C ARG J 93 0.54 35.33 -21.22
N THR J 94 0.88 35.05 -19.96
CA THR J 94 0.28 35.70 -18.81
C THR J 94 1.28 36.68 -18.23
N ILE J 95 0.83 37.91 -17.99
CA ILE J 95 1.71 38.99 -17.55
C ILE J 95 1.74 39.01 -16.03
N ALA J 96 2.92 38.86 -15.46
CA ALA J 96 3.12 38.85 -14.01
C ALA J 96 4.12 39.92 -13.59
N THR J 97 4.01 41.11 -14.18
CA THR J 97 4.83 42.24 -13.82
C THR J 97 4.06 43.30 -13.03
N GLY J 98 2.82 43.03 -12.65
CA GLY J 98 2.01 44.06 -12.02
C GLY J 98 1.58 45.16 -12.95
N GLU J 99 1.35 44.84 -14.23
CA GLU J 99 1.04 45.87 -15.21
C GLU J 99 -0.33 46.50 -14.96
N TRP J 100 -1.32 45.67 -14.62
CA TRP J 100 -2.69 46.08 -14.30
C TRP J 100 -3.50 46.52 -15.52
N ASN J 101 -2.85 46.69 -16.67
CA ASN J 101 -3.53 47.24 -17.84
C ASN J 101 -3.09 46.54 -19.12
N VAL J 102 -2.96 45.21 -19.08
CA VAL J 102 -2.69 44.43 -20.27
C VAL J 102 -3.58 43.20 -20.29
N ARG J 103 -3.81 42.68 -21.49
CA ARG J 103 -4.58 41.46 -21.64
C ARG J 103 -3.84 40.29 -21.00
N GLY J 104 -4.54 39.47 -20.23
CA GLY J 104 -3.91 38.35 -19.59
C GLY J 104 -3.05 38.70 -18.40
N SER J 105 -3.22 39.87 -17.82
CA SER J 105 -2.45 40.25 -16.64
C SER J 105 -2.87 39.44 -15.43
N ALA J 106 -1.92 39.17 -14.54
CA ALA J 106 -2.17 38.39 -13.34
C ALA J 106 -2.56 39.23 -12.15
N MET J 107 -2.69 40.55 -12.32
CA MET J 107 -3.04 41.41 -11.18
C MET J 107 -4.49 41.26 -10.78
N TRP J 108 -5.40 41.24 -11.75
CA TRP J 108 -6.82 41.10 -11.44
C TRP J 108 -7.14 39.75 -10.80
N PRO J 109 -6.71 38.61 -11.35
CA PRO J 109 -6.97 37.34 -10.65
C PRO J 109 -6.33 37.30 -9.28
N ALA J 110 -5.14 37.89 -9.13
CA ALA J 110 -4.48 37.92 -7.83
C ALA J 110 -5.31 38.69 -6.82
N ALA J 111 -5.81 39.87 -7.22
CA ALA J 111 -6.62 40.68 -6.30
C ALA J 111 -7.90 39.95 -5.93
N ILE J 112 -8.59 39.39 -6.91
CA ILE J 112 -9.85 38.69 -6.63
C ILE J 112 -9.61 37.52 -5.69
N PHE J 113 -8.59 36.69 -6.00
CA PHE J 113 -8.34 35.54 -5.15
C PHE J 113 -7.92 35.94 -3.76
N LEU J 114 -7.06 36.95 -3.63
CA LEU J 114 -6.62 37.35 -2.31
C LEU J 114 -7.80 37.84 -1.47
N TYR J 115 -8.70 38.60 -2.09
CA TYR J 115 -9.88 39.05 -1.36
C TYR J 115 -10.71 37.86 -0.88
N ILE J 116 -11.03 36.92 -1.78
CA ILE J 116 -11.93 35.84 -1.38
C ILE J 116 -11.24 34.85 -0.45
N ALA J 117 -9.93 34.65 -0.60
CA ALA J 117 -9.20 33.76 0.31
C ALA J 117 -9.10 34.35 1.70
N GLY J 118 -8.82 35.66 1.81
CA GLY J 118 -8.88 36.31 3.09
C GLY J 118 -10.27 36.25 3.69
N TRP J 119 -11.30 36.33 2.84
CA TRP J 119 -12.67 36.18 3.29
C TRP J 119 -12.89 34.80 3.92
N ILE J 120 -12.44 33.75 3.24
CA ILE J 120 -12.61 32.38 3.75
C ILE J 120 -11.88 32.22 5.08
N GLY J 121 -10.61 32.64 5.12
CA GLY J 121 -9.83 32.50 6.34
C GLY J 121 -10.40 33.31 7.49
N TRP J 122 -10.88 34.51 7.20
CA TRP J 122 -11.47 35.35 8.24
C TRP J 122 -12.76 34.75 8.77
N ALA J 123 -13.60 34.20 7.89
CA ALA J 123 -14.82 33.56 8.35
C ALA J 123 -14.50 32.36 9.24
N GLY J 124 -13.53 31.54 8.83
CA GLY J 124 -13.15 30.41 9.66
C GLY J 124 -12.60 30.82 11.00
N ARG J 125 -11.73 31.83 11.02
CA ARG J 125 -11.15 32.31 12.27
C ARG J 125 -12.22 32.91 13.18
N SER J 126 -13.15 33.67 12.61
CA SER J 126 -14.24 34.23 13.40
C SER J 126 -15.09 33.13 14.02
N TYR J 127 -15.41 32.10 13.23
CA TYR J 127 -16.21 31.00 13.77
C TYR J 127 -15.46 30.28 14.88
N LEU J 128 -14.15 30.05 14.69
CA LEU J 128 -13.38 29.37 15.73
C LEU J 128 -13.29 30.20 17.00
N ILE J 129 -13.16 31.53 16.87
CA ILE J 129 -13.09 32.39 18.04
C ILE J 129 -14.43 32.42 18.77
N ARG J 130 -15.54 32.46 18.02
CA ARG J 130 -16.85 32.55 18.65
C ARG J 130 -17.39 31.19 19.10
N THR J 131 -16.76 30.09 18.70
CA THR J 131 -17.10 28.75 19.18
C THR J 131 -15.83 28.14 19.75
N ASN J 132 -15.55 28.43 21.02
CA ASN J 132 -14.33 27.96 21.67
C ASN J 132 -14.57 26.59 22.31
N ASP J 133 -15.00 25.65 21.47
CA ASP J 133 -15.37 24.31 21.93
C ASP J 133 -15.17 23.32 20.80
N ALA J 134 -14.82 22.08 21.19
CA ALA J 134 -14.69 21.01 20.21
C ALA J 134 -16.05 20.51 19.74
N ALA J 135 -17.07 20.60 20.60
CA ALA J 135 -18.40 20.14 20.21
C ALA J 135 -18.97 20.98 19.07
N LYS J 136 -18.58 22.24 18.98
CA LYS J 136 -19.06 23.13 17.93
C LYS J 136 -18.31 22.97 16.62
N GLU J 137 -17.23 22.17 16.59
CA GLU J 137 -16.49 21.93 15.36
C GLU J 137 -16.96 20.67 14.65
N ILE J 138 -17.51 19.70 15.37
CA ILE J 138 -18.08 18.52 14.75
C ILE J 138 -19.55 18.71 14.42
N ASN J 139 -20.29 19.36 15.30
CA ASN J 139 -21.69 19.73 15.08
C ASN J 139 -21.70 21.24 14.86
N ILE J 140 -21.58 21.65 13.60
CA ILE J 140 -21.46 23.06 13.27
C ILE J 140 -22.72 23.80 13.66
N ASP J 141 -22.55 24.94 14.34
CA ASP J 141 -23.66 25.86 14.61
C ASP J 141 -23.94 26.60 13.32
N VAL J 142 -24.83 26.04 12.50
CA VAL J 142 -25.04 26.56 11.15
C VAL J 142 -25.46 28.01 11.13
N PRO J 143 -26.40 28.48 11.95
CA PRO J 143 -26.71 29.92 11.94
C PRO J 143 -25.49 30.79 12.22
N LEU J 144 -24.70 30.44 13.23
CA LEU J 144 -23.49 31.21 13.51
C LEU J 144 -22.48 31.05 12.39
N ALA J 145 -22.39 29.87 11.80
CA ALA J 145 -21.43 29.64 10.72
C ALA J 145 -21.74 30.53 9.52
N VAL J 146 -23.02 30.58 9.10
CA VAL J 146 -23.37 31.42 7.98
C VAL J 146 -23.30 32.88 8.35
N THR J 147 -23.54 33.23 9.62
CA THR J 147 -23.37 34.61 10.06
C THR J 147 -21.92 35.05 9.88
N CYS J 148 -20.97 34.22 10.31
CA CYS J 148 -19.56 34.52 10.13
C CYS J 148 -19.19 34.55 8.65
N MET J 149 -19.75 33.62 7.86
CA MET J 149 -19.47 33.58 6.44
C MET J 149 -19.90 34.86 5.74
N ALA J 150 -21.08 35.37 6.10
CA ALA J 150 -21.53 36.65 5.53
C ALA J 150 -20.72 37.81 6.09
N SER J 151 -20.33 37.73 7.36
CA SER J 151 -19.58 38.83 7.99
C SER J 151 -18.16 38.93 7.49
N GLY J 152 -17.64 37.89 6.84
CA GLY J 152 -16.26 37.91 6.40
C GLY J 152 -15.93 38.87 5.27
N PHE J 153 -16.93 39.55 4.69
CA PHE J 153 -16.66 40.42 3.54
C PHE J 153 -15.77 41.61 3.92
N SER J 154 -15.87 42.08 5.16
CA SER J 154 -15.09 43.22 5.62
C SER J 154 -13.73 42.82 6.20
N TRP J 155 -13.21 41.66 5.77
CA TRP J 155 -11.94 41.19 6.31
C TRP J 155 -10.76 42.13 6.07
N PRO J 156 -10.59 42.78 4.91
CA PRO J 156 -9.38 43.59 4.71
C PRO J 156 -9.27 44.77 5.67
N VAL J 157 -10.39 45.22 6.24
CA VAL J 157 -10.38 46.32 7.20
C VAL J 157 -10.39 45.81 8.64
N ALA J 158 -11.26 44.84 8.93
CA ALA J 158 -11.34 44.30 10.28
C ALA J 158 -10.05 43.60 10.69
N ALA J 159 -9.44 42.85 9.76
CA ALA J 159 -8.19 42.17 10.06
C ALA J 159 -7.08 43.15 10.37
N TRP J 160 -6.98 44.23 9.59
CA TRP J 160 -5.94 45.22 9.86
C TRP J 160 -6.21 45.94 11.18
N GLN J 161 -7.48 46.27 11.45
CA GLN J 161 -7.82 46.93 12.70
C GLN J 161 -7.52 46.04 13.89
N GLU J 162 -7.61 44.72 13.71
CA GLU J 162 -7.22 43.80 14.77
C GLU J 162 -5.70 43.68 14.88
N ILE J 163 -5.00 43.76 13.75
CA ILE J 163 -3.54 43.68 13.76
C ILE J 163 -2.95 44.85 14.54
N VAL J 164 -3.39 46.07 14.22
CA VAL J 164 -2.80 47.24 14.86
C VAL J 164 -3.26 47.40 16.30
N ASN J 165 -4.44 46.90 16.66
CA ASN J 165 -4.98 47.06 18.00
C ASN J 165 -4.66 45.88 18.92
N GLY J 166 -3.77 44.98 18.50
CA GLY J 166 -3.36 43.88 19.34
C GLY J 166 -4.44 42.86 19.62
N GLU J 167 -5.21 42.47 18.60
CA GLU J 167 -6.25 41.49 18.76
C GLU J 167 -6.15 40.32 17.79
N MET J 168 -5.14 40.30 16.92
CA MET J 168 -4.89 39.16 16.04
C MET J 168 -3.76 38.28 16.57
N ALA J 169 -2.58 38.85 16.77
CA ALA J 169 -1.44 38.07 17.24
C ALA J 169 -1.51 37.88 18.74
N VAL J 170 -0.69 36.94 19.22
CA VAL J 170 -0.59 36.61 20.64
C VAL J 170 0.88 36.53 20.99
N PRO J 171 1.32 37.07 22.14
CA PRO J 171 2.74 36.99 22.50
C PRO J 171 3.19 35.53 22.60
N ASN J 172 4.45 35.31 22.22
CA ASN J 172 5.00 33.95 22.19
C ASN J 172 4.96 33.28 23.55
N ASP J 173 4.91 34.05 24.63
CA ASP J 173 4.89 33.52 25.99
C ASP J 173 3.50 33.08 26.42
N GLN J 174 2.55 32.97 25.49
CA GLN J 174 1.21 32.48 25.79
C GLN J 174 0.82 31.24 25.01
N ILE J 175 1.65 30.79 24.06
CA ILE J 175 1.41 29.57 23.31
C ILE J 175 2.64 28.69 23.43
N HIS J 176 2.46 27.39 23.21
CA HIS J 176 3.56 26.45 23.35
C HIS J 176 4.63 26.72 22.31
N ASN J 177 5.80 27.16 22.77
CA ASN J 177 6.87 27.53 21.85
C ASN J 177 7.36 26.33 21.05
N GLY J 178 7.48 25.18 21.69
CA GLY J 178 8.00 24.00 21.04
C GLY J 178 8.73 23.15 22.06
N GLY J 179 9.38 22.10 21.56
CA GLY J 179 10.10 21.19 22.41
C GLY J 179 11.25 21.85 23.12
N PRO J 180 11.53 21.42 24.34
CA PRO J 180 12.69 21.95 25.06
C PRO J 180 13.99 21.54 24.38
N TRP J 181 14.94 22.46 24.36
CA TRP J 181 16.22 22.19 23.75
C TRP J 181 17.35 22.21 24.74
N ASN J 182 17.00 22.39 26.01
CA ASN J 182 17.99 22.52 27.06
C ASN J 182 17.42 22.49 28.44
N GLN J 183 18.22 22.12 29.43
CA GLN J 183 17.83 22.20 30.84
C GLN J 183 19.02 21.87 31.72
N SER J 184 19.49 20.62 31.65
CA SER J 184 20.57 20.12 32.48
C SER J 184 20.31 20.36 33.97
N TYR K 1 12.97 17.28 62.34
CA TYR K 1 13.11 17.77 60.97
C TYR K 1 13.28 16.65 59.96
N THR K 2 12.51 16.72 58.88
CA THR K 2 12.68 15.84 57.74
C THR K 2 12.84 16.68 56.48
N GLU K 3 13.63 16.17 55.53
CA GLU K 3 14.00 16.94 54.35
C GLU K 3 12.84 16.95 53.38
N THR K 4 12.03 18.02 53.45
CA THR K 4 10.95 18.20 52.49
C THR K 4 11.51 18.51 51.11
N VAL K 5 10.66 18.38 50.10
CA VAL K 5 11.09 18.66 48.73
C VAL K 5 11.45 20.13 48.57
N ALA K 6 10.80 21.01 49.35
CA ALA K 6 11.16 22.42 49.32
C ALA K 6 12.57 22.64 49.86
N ASP K 7 12.95 21.90 50.90
CA ASP K 7 14.31 22.02 51.43
C ASP K 7 15.33 21.51 50.42
N GLU K 8 15.03 20.42 49.73
CA GLU K 8 15.93 19.94 48.68
C GLU K 8 16.06 20.96 47.57
N ARG K 9 14.95 21.58 47.17
CA ARG K 9 15.00 22.63 46.15
C ARG K 9 15.82 23.83 46.63
N LEU K 10 15.69 24.17 47.92
CA LEU K 10 16.49 25.24 48.49
C LEU K 10 17.98 24.91 48.43
N PHE K 11 18.34 23.66 48.73
CA PHE K 11 19.73 23.26 48.61
C PHE K 11 20.19 23.33 47.16
N GLU K 12 19.32 22.93 46.23
CA GLU K 12 19.65 23.06 44.81
C GLU K 12 19.97 24.51 44.47
N GLN K 13 19.12 25.43 44.90
CA GLN K 13 19.33 26.85 44.59
C GLN K 13 20.61 27.37 45.21
N VAL K 14 20.87 27.02 46.48
CA VAL K 14 22.08 27.48 47.16
C VAL K 14 23.32 26.94 46.46
N TYR K 15 23.32 25.64 46.15
CA TYR K 15 24.45 25.02 45.49
C TYR K 15 24.72 25.64 44.13
N LEU K 16 23.66 25.83 43.34
CA LEU K 16 23.84 26.41 42.01
C LEU K 16 24.33 27.85 42.09
N GLN K 17 23.74 28.65 42.99
CA GLN K 17 24.16 30.04 43.10
C GLN K 17 25.61 30.16 43.55
N TYR K 18 26.04 29.30 44.47
CA TYR K 18 27.43 29.34 44.91
C TYR K 18 28.38 28.85 43.82
N THR K 19 28.05 27.70 43.20
CA THR K 19 28.97 27.08 42.27
C THR K 19 29.09 27.88 40.97
N SER K 20 27.99 28.47 40.50
CA SER K 20 28.08 29.27 39.28
C SER K 20 28.98 30.48 39.47
N GLU K 21 29.03 31.02 40.68
CA GLU K 21 29.98 32.09 40.98
C GLU K 21 31.39 31.56 41.15
N TYR K 22 31.53 30.37 41.74
CA TYR K 22 32.86 29.82 41.98
C TYR K 22 33.56 29.42 40.68
N LEU K 23 32.81 28.86 39.73
CA LEU K 23 33.42 28.34 38.51
C LEU K 23 33.94 29.46 37.62
N LYS K 24 33.37 30.66 37.73
CA LYS K 24 33.89 31.80 36.98
C LYS K 24 35.28 32.20 37.45
N GLY K 25 35.66 31.84 38.67
CA GLY K 25 36.90 32.31 39.25
C GLY K 25 38.11 31.56 38.73
N PRO K 26 39.27 31.83 39.33
CA PRO K 26 40.52 31.22 38.84
C PRO K 26 40.74 29.82 39.37
N LEU K 27 39.70 29.17 39.90
CA LEU K 27 39.84 27.90 40.59
C LEU K 27 38.90 26.85 40.02
N TYR K 28 38.66 26.87 38.71
CA TYR K 28 37.91 25.73 38.15
C TYR K 28 38.59 25.09 36.96
N TRP K 29 39.22 25.87 36.08
CA TRP K 29 40.12 25.35 35.05
C TRP K 29 39.43 24.29 34.18
N HIS K 30 38.42 24.75 33.45
CA HIS K 30 37.73 23.91 32.49
C HIS K 30 38.23 24.22 31.07
N PRO K 31 38.24 23.24 30.17
CA PRO K 31 38.70 23.52 28.79
C PRO K 31 37.91 24.59 28.09
N ASP K 32 36.63 24.78 28.45
CA ASP K 32 35.85 25.87 27.89
C ASP K 32 36.30 27.24 28.40
N LYS K 33 37.20 27.27 29.38
CA LYS K 33 37.73 28.53 29.91
C LYS K 33 39.12 28.86 29.37
N LEU K 34 39.56 28.17 28.32
CA LEU K 34 40.86 28.46 27.72
C LEU K 34 40.78 29.72 26.85
N GLN K 35 41.95 30.23 26.49
CA GLN K 35 42.03 31.30 25.51
C GLN K 35 41.60 30.78 24.15
N GLY K 36 40.83 31.57 23.42
CA GLY K 36 40.17 31.12 22.21
C GLY K 36 38.83 30.46 22.44
N TRP K 37 38.56 30.08 23.69
CA TRP K 37 37.26 29.60 24.13
C TRP K 37 36.46 30.79 24.65
N LEU K 38 35.38 30.53 25.39
CA LEU K 38 34.46 31.58 25.84
C LEU K 38 35.14 32.80 26.46
N PRO K 39 36.05 32.68 27.43
CA PRO K 39 36.55 33.89 28.10
C PRO K 39 37.41 34.73 27.17
N ASP K 40 37.42 36.04 27.44
CA ASP K 40 38.23 36.97 26.68
C ASP K 40 39.71 36.71 26.93
N TYR K 41 40.53 37.17 25.98
CA TYR K 41 41.97 37.06 26.14
C TYR K 41 42.42 37.94 27.31
N PRO K 42 43.52 37.56 27.98
CA PRO K 42 43.84 38.18 29.28
C PRO K 42 43.89 39.70 29.30
N GLY K 43 44.75 40.29 28.48
CA GLY K 43 44.91 41.73 28.48
C GLY K 43 44.03 42.48 27.51
N THR K 44 43.12 41.80 26.83
CA THR K 44 42.35 42.38 25.74
C THR K 44 40.86 42.08 25.95
N PRO K 45 40.22 42.79 26.88
CA PRO K 45 38.77 42.63 27.04
C PRO K 45 38.04 43.29 25.88
N MET K 46 37.14 42.55 25.25
CA MET K 46 36.43 43.06 24.08
C MET K 46 35.18 43.84 24.45
N ILE K 47 34.28 43.24 25.23
CA ILE K 47 33.01 43.85 25.57
C ILE K 47 32.92 43.98 27.09
N LYS K 48 32.75 45.21 27.56
CA LYS K 48 32.47 45.49 28.96
C LYS K 48 31.35 46.52 29.05
N GLU K 49 30.53 46.40 30.10
CA GLU K 49 29.42 47.33 30.35
C GLU K 49 28.43 47.34 29.19
N GLY K 50 28.41 46.28 28.40
CA GLY K 50 27.60 46.27 27.19
C GLY K 50 28.04 47.31 26.19
N LYS K 51 29.34 47.57 26.11
CA LYS K 51 29.91 48.52 25.16
C LYS K 51 31.24 47.97 24.65
N TYR K 52 31.47 48.14 23.35
CA TYR K 52 32.74 47.72 22.76
C TYR K 52 33.89 48.46 23.44
N THR K 53 34.77 47.70 24.12
CA THR K 53 35.92 48.30 24.75
C THR K 53 36.91 48.78 23.68
N SER K 54 37.85 49.64 24.11
CA SER K 54 38.81 50.21 23.18
C SER K 54 39.70 49.15 22.54
N HIS K 55 39.86 48.00 23.19
CA HIS K 55 40.72 46.93 22.67
C HIS K 55 40.13 46.25 21.45
N VAL K 56 38.87 46.52 21.09
CA VAL K 56 38.26 45.90 19.92
C VAL K 56 38.98 46.33 18.65
N ILE K 57 39.34 47.60 18.56
CA ILE K 57 39.87 48.17 17.33
C ILE K 57 41.36 47.88 17.20
N GLY K 58 41.88 47.02 18.07
CA GLY K 58 43.24 46.54 17.91
C GLY K 58 44.27 47.63 18.07
N ASN K 59 45.13 47.78 17.07
CA ASN K 59 46.21 48.77 17.13
C ASN K 59 45.70 50.20 17.09
N LEU K 60 44.43 50.41 16.78
CA LEU K 60 43.83 51.74 16.78
C LEU K 60 43.30 52.15 18.15
N LYS K 61 43.50 51.32 19.18
CA LYS K 61 42.97 51.64 20.50
C LYS K 61 43.57 52.92 21.08
N ALA K 62 44.79 53.26 20.66
CA ALA K 62 45.43 54.48 21.15
C ALA K 62 45.02 55.72 20.37
N PHE K 63 44.36 55.56 19.23
CA PHE K 63 43.96 56.71 18.42
C PHE K 63 42.86 57.49 19.13
N SER K 64 42.88 58.81 18.92
CA SER K 64 41.85 59.67 19.45
C SER K 64 40.60 59.59 18.58
N SER K 65 39.46 59.97 19.16
CA SER K 65 38.22 59.98 18.41
C SER K 65 38.26 60.99 17.27
N ASN K 66 38.87 62.16 17.51
CA ASN K 66 39.01 63.16 16.45
C ASN K 66 39.92 62.67 15.33
N GLU K 67 41.02 62.01 15.70
CA GLU K 67 41.92 61.47 14.67
C GLU K 67 41.22 60.43 13.82
N LEU K 68 40.46 59.54 14.45
CA LEU K 68 39.74 58.51 13.70
C LEU K 68 38.64 59.14 12.85
N ALA K 69 37.96 60.17 13.35
CA ALA K 69 36.95 60.85 12.54
C ALA K 69 37.57 61.50 11.31
N PHE K 70 38.70 62.19 11.50
CA PHE K 70 39.38 62.81 10.37
C PHE K 70 39.83 61.76 9.35
N LEU K 71 40.43 60.67 9.84
CA LEU K 71 40.86 59.61 8.94
C LEU K 71 39.68 58.99 8.21
N SER K 72 38.56 58.81 8.91
CA SER K 72 37.38 58.21 8.29
C SER K 72 36.86 59.08 7.17
N MET K 73 36.68 60.39 7.44
CA MET K 73 36.15 61.27 6.41
C MET K 73 37.14 61.42 5.25
N LEU K 74 38.44 61.52 5.55
CA LEU K 74 39.43 61.65 4.49
C LEU K 74 39.46 60.41 3.61
N PHE K 75 39.45 59.23 4.23
CA PHE K 75 39.47 57.99 3.46
C PHE K 75 38.18 57.83 2.67
N PHE K 76 37.04 58.25 3.24
CA PHE K 76 35.79 58.20 2.48
C PHE K 76 35.86 59.07 1.24
N GLY K 77 36.34 60.30 1.40
CA GLY K 77 36.46 61.19 0.26
C GLY K 77 37.39 60.63 -0.80
N VAL K 78 38.57 60.15 -0.39
CA VAL K 78 39.57 59.67 -1.34
C VAL K 78 39.08 58.40 -2.04
N GLY K 79 38.50 57.46 -1.27
CA GLY K 79 38.02 56.23 -1.88
C GLY K 79 36.83 56.42 -2.79
N LEU K 80 35.90 57.28 -2.39
CA LEU K 80 34.77 57.58 -3.27
C LEU K 80 35.25 58.27 -4.53
N TYR K 81 36.23 59.18 -4.40
CA TYR K 81 36.80 59.80 -5.58
C TYR K 81 37.44 58.77 -6.50
N GLY K 82 38.18 57.83 -5.93
CA GLY K 82 38.81 56.80 -6.74
C GLY K 82 37.79 55.93 -7.45
N ASN K 83 36.74 55.51 -6.74
CA ASN K 83 35.72 54.67 -7.36
C ASN K 83 34.99 55.42 -8.47
N LEU K 84 34.63 56.68 -8.24
CA LEU K 84 33.90 57.43 -9.24
C LEU K 84 34.78 57.79 -10.44
N GLN K 85 36.07 58.01 -10.21
CA GLN K 85 37.00 58.30 -11.29
C GLN K 85 37.53 57.05 -11.97
N PHE K 86 37.24 55.87 -11.44
CA PHE K 86 37.57 54.63 -12.13
C PHE K 86 36.39 54.03 -12.88
N ASN K 87 35.17 54.18 -12.36
CA ASN K 87 34.02 53.53 -12.96
C ASN K 87 33.32 54.44 -13.99
N PHE K 88 32.86 55.61 -13.55
CA PHE K 88 31.96 56.44 -14.35
C PHE K 88 32.69 57.57 -15.06
N TYR K 89 33.36 58.44 -14.31
CA TYR K 89 34.15 59.51 -14.89
C TYR K 89 35.58 59.02 -15.09
N ASP K 90 36.21 59.45 -16.18
CA ASP K 90 37.57 59.03 -16.53
C ASP K 90 37.72 57.51 -16.49
N PRO K 91 36.96 56.77 -17.32
CA PRO K 91 37.07 55.32 -17.30
C PRO K 91 38.45 54.86 -17.76
N GLN K 92 38.95 53.80 -17.13
CA GLN K 92 40.26 53.25 -17.47
C GLN K 92 40.17 52.05 -18.39
N TRP K 93 38.97 51.55 -18.68
CA TRP K 93 38.83 50.30 -19.41
C TRP K 93 39.32 50.43 -20.85
N ALA K 94 38.93 51.51 -21.54
CA ALA K 94 39.39 51.70 -22.91
C ALA K 94 40.89 51.92 -22.96
N LYS K 95 41.43 52.68 -22.00
CA LYS K 95 42.87 52.97 -21.99
C LYS K 95 43.69 51.70 -21.80
N VAL K 96 43.28 50.86 -20.85
CA VAL K 96 44.02 49.62 -20.62
C VAL K 96 43.76 48.60 -21.72
N ASP K 97 42.63 48.69 -22.42
CA ASP K 97 42.31 47.72 -23.46
C ASP K 97 43.27 47.85 -24.64
N ALA K 98 43.66 49.08 -24.98
CA ALA K 98 44.54 49.32 -26.12
C ALA K 98 46.02 49.15 -25.79
N GLY K 99 46.34 48.43 -24.72
CA GLY K 99 47.71 48.21 -24.32
C GLY K 99 48.23 49.14 -23.25
N GLY K 100 47.40 50.02 -22.72
CA GLY K 100 47.81 50.93 -21.68
C GLY K 100 47.87 50.28 -20.31
N PHE K 101 47.95 51.12 -19.30
CA PHE K 101 48.01 50.67 -17.91
C PHE K 101 47.02 51.47 -17.07
N PHE K 102 46.56 50.86 -15.99
CA PHE K 102 45.64 51.53 -15.09
C PHE K 102 46.32 52.73 -14.43
N ASN K 103 45.52 53.74 -14.11
CA ASN K 103 45.97 54.82 -13.24
C ASN K 103 46.08 54.24 -11.84
N VAL K 104 47.29 53.90 -11.43
CA VAL K 104 47.51 53.15 -10.18
C VAL K 104 46.96 53.93 -8.99
N SER K 105 46.95 55.26 -9.07
CA SER K 105 46.41 56.05 -7.98
C SER K 105 44.93 55.73 -7.76
N TYR K 106 44.17 55.57 -8.84
CA TYR K 106 42.76 55.22 -8.70
C TYR K 106 42.58 53.89 -7.99
N ILE K 107 43.38 52.88 -8.38
CA ILE K 107 43.26 51.55 -7.78
C ILE K 107 43.59 51.60 -6.30
N VAL K 108 44.67 52.31 -5.95
CA VAL K 108 45.04 52.41 -4.54
C VAL K 108 43.97 53.15 -3.75
N GLU K 109 43.44 54.25 -4.29
CA GLU K 109 42.46 55.06 -3.57
C GLU K 109 41.16 54.29 -3.37
N SER K 110 40.69 53.57 -4.40
CA SER K 110 39.38 52.93 -4.33
C SER K 110 39.28 51.91 -3.20
N PHE K 111 40.40 51.39 -2.73
CA PHE K 111 40.41 50.46 -1.61
C PHE K 111 40.24 51.16 -0.27
N LEU K 112 40.21 52.49 -0.25
CA LEU K 112 40.06 53.25 0.98
C LEU K 112 38.60 53.49 1.36
N LEU K 113 37.64 53.01 0.56
CA LEU K 113 36.23 53.21 0.91
C LEU K 113 35.81 52.27 2.05
N PRO K 114 35.93 50.95 1.93
CA PRO K 114 35.60 50.09 3.08
C PRO K 114 36.50 50.35 4.27
N ILE K 115 37.77 50.70 4.03
CA ILE K 115 38.65 51.12 5.10
C ILE K 115 38.06 52.30 5.83
N SER K 116 37.47 53.25 5.09
CA SER K 116 36.83 54.40 5.72
C SER K 116 35.59 53.97 6.51
N PHE K 117 34.82 53.02 5.99
CA PHE K 117 33.66 52.52 6.72
C PHE K 117 34.07 51.99 8.09
N PHE K 118 35.06 51.09 8.11
CA PHE K 118 35.50 50.54 9.38
C PHE K 118 36.21 51.59 10.23
N MET K 119 36.83 52.57 9.60
CA MET K 119 37.47 53.65 10.35
C MET K 119 36.44 54.50 11.09
N HIS K 120 35.31 54.78 10.46
CA HIS K 120 34.27 55.54 11.15
C HIS K 120 33.57 54.71 12.20
N ILE K 121 33.46 53.40 11.98
CA ILE K 121 33.01 52.51 13.06
C ILE K 121 33.93 52.61 14.26
N ALA K 122 35.25 52.56 14.01
CA ALA K 122 36.23 52.67 15.08
C ALA K 122 36.17 54.05 15.75
N CYS K 123 35.90 55.10 14.97
CA CYS K 123 35.74 56.42 15.54
C CYS K 123 34.58 56.47 16.52
N TYR K 124 33.45 55.87 16.14
CA TYR K 124 32.31 55.84 17.07
C TYR K 124 32.64 55.01 18.30
N ILE K 125 33.32 53.88 18.12
CA ILE K 125 33.68 53.05 19.27
C ILE K 125 34.59 53.82 20.23
N GLN K 126 35.56 54.55 19.70
CA GLN K 126 36.42 55.37 20.53
C GLN K 126 35.63 56.47 21.25
N ARG K 127 34.70 57.10 20.54
CA ARG K 127 33.92 58.18 21.15
C ARG K 127 33.07 57.65 22.31
N GLN K 128 32.52 56.45 22.16
CA GLN K 128 31.70 55.89 23.24
C GLN K 128 32.51 55.71 24.52
N ASN K 129 33.75 55.26 24.39
CA ASN K 129 34.60 55.01 25.55
C ASN K 129 35.26 56.27 26.09
N GLY K 130 35.02 57.42 25.47
CA GLY K 130 35.57 58.67 25.95
C GLY K 130 37.01 58.95 25.56
N LYS K 131 37.63 58.06 24.79
CA LYS K 131 39.00 58.25 24.34
C LYS K 131 39.09 59.36 23.30
N LYS L 1 51.32 -4.72 -31.01
CA LYS L 1 49.89 -4.62 -31.28
C LYS L 1 49.19 -3.86 -30.15
N TYR L 2 47.97 -3.37 -30.41
CA TYR L 2 47.22 -2.66 -29.37
C TYR L 2 46.89 -3.56 -28.19
N GLY L 3 46.92 -4.87 -28.37
CA GLY L 3 46.76 -5.77 -27.25
C GLY L 3 48.03 -5.85 -26.45
N ASP L 4 48.37 -7.06 -25.99
CA ASP L 4 49.64 -7.35 -25.33
C ASP L 4 49.68 -6.73 -23.93
N GLN L 5 48.68 -5.92 -23.59
CA GLN L 5 48.42 -5.54 -22.21
C GLN L 5 47.44 -6.51 -21.55
N ARG L 6 46.73 -7.30 -22.34
CA ARG L 6 45.85 -8.32 -21.81
C ARG L 6 46.61 -9.44 -21.13
N LYS L 7 47.93 -9.54 -21.36
CA LYS L 7 48.73 -10.47 -20.58
C LYS L 7 48.73 -10.09 -19.11
N PHE L 8 48.71 -8.79 -18.82
CA PHE L 8 48.57 -8.35 -17.44
C PHE L 8 47.15 -8.55 -16.93
N ALA L 9 46.15 -8.31 -17.79
CA ALA L 9 44.76 -8.41 -17.37
C ALA L 9 44.39 -9.84 -17.00
N ALA L 10 44.85 -10.81 -17.81
CA ALA L 10 44.47 -12.21 -17.59
C ALA L 10 44.95 -12.74 -16.24
N VAL L 11 45.91 -12.06 -15.63
CA VAL L 11 46.34 -12.41 -14.28
C VAL L 11 45.70 -11.50 -13.23
N LEU L 12 45.65 -10.19 -13.50
CA LEU L 12 45.23 -9.24 -12.47
C LEU L 12 43.72 -9.31 -12.23
N VAL L 13 42.92 -9.32 -13.30
CA VAL L 13 41.47 -9.32 -13.13
C VAL L 13 41.00 -10.56 -12.37
N PRO L 14 41.34 -11.79 -12.77
CA PRO L 14 40.96 -12.94 -11.94
C PRO L 14 41.50 -12.84 -10.53
N LEU L 15 42.76 -12.43 -10.37
CA LEU L 15 43.34 -12.28 -9.04
C LEU L 15 42.53 -11.31 -8.20
N THR L 16 42.58 -10.02 -8.51
CA THR L 16 41.93 -9.04 -7.66
C THR L 16 40.44 -8.99 -7.59
N THR L 17 39.75 -9.71 -8.46
CA THR L 17 38.31 -9.75 -8.36
C THR L 17 37.76 -11.12 -8.04
N LEU L 18 38.62 -12.09 -7.75
CA LEU L 18 38.16 -13.42 -7.32
C LEU L 18 39.01 -13.95 -6.17
N VAL L 19 40.33 -14.01 -6.32
CA VAL L 19 41.20 -14.58 -5.29
C VAL L 19 41.29 -13.65 -4.10
N PHE L 20 41.59 -12.37 -4.33
CA PHE L 20 41.62 -11.41 -3.23
C PHE L 20 40.26 -11.26 -2.55
N PRO L 21 39.14 -11.12 -3.26
CA PRO L 21 37.86 -11.01 -2.54
C PRO L 21 37.52 -12.25 -1.74
N ALA L 22 37.79 -13.45 -2.26
CA ALA L 22 37.48 -14.67 -1.51
C ALA L 22 38.37 -14.79 -0.28
N VAL L 23 39.67 -14.50 -0.43
CA VAL L 23 40.58 -14.52 0.72
C VAL L 23 40.15 -13.49 1.74
N ALA L 24 39.71 -12.32 1.28
CA ALA L 24 39.28 -11.26 2.19
C ALA L 24 38.03 -11.68 2.96
N MET L 25 37.07 -12.31 2.27
CA MET L 25 35.86 -12.76 2.96
C MET L 25 36.17 -13.86 3.96
N GLY L 26 37.03 -14.81 3.59
CA GLY L 26 37.40 -15.84 4.54
C GLY L 26 38.15 -15.30 5.73
N MET L 27 39.08 -14.37 5.49
CA MET L 27 39.79 -13.73 6.58
C MET L 27 38.86 -12.91 7.46
N PHE L 28 37.84 -12.27 6.87
CA PHE L 28 36.90 -11.50 7.66
C PHE L 28 36.04 -12.39 8.54
N VAL L 29 35.57 -13.52 8.00
CA VAL L 29 34.77 -14.41 8.84
C VAL L 29 35.64 -15.08 9.90
N LEU L 30 36.92 -15.32 9.61
CA LEU L 30 37.83 -15.79 10.65
C LEU L 30 38.03 -14.73 11.73
N TYR L 31 38.23 -13.47 11.31
CA TYR L 31 38.43 -12.37 12.26
C TYR L 31 37.19 -12.15 13.12
N SER L 32 36.02 -12.45 12.58
CA SER L 32 34.78 -12.29 13.32
C SER L 32 34.73 -13.13 14.59
N PHE L 33 35.49 -14.22 14.65
CA PHE L 33 35.48 -15.11 15.80
C PHE L 33 36.65 -14.89 16.74
N GLN L 34 37.47 -13.86 16.52
CA GLN L 34 38.48 -13.48 17.49
C GLN L 34 37.82 -12.76 18.67
N GLU L 35 38.47 -12.87 19.83
CA GLU L 35 37.99 -12.13 21.00
C GLU L 35 38.21 -10.63 20.84
N ASP L 36 39.05 -10.22 19.90
CA ASP L 36 39.34 -8.83 19.63
C ASP L 36 38.45 -8.24 18.54
N ALA L 37 37.51 -9.03 18.01
CA ALA L 37 36.75 -8.61 16.84
C ALA L 37 35.95 -7.34 17.12
N PHE L 38 36.16 -6.33 16.28
CA PHE L 38 35.42 -5.07 16.34
C PHE L 38 35.48 -4.46 17.75
N TRP L 39 36.68 -4.47 18.32
CA TRP L 39 36.87 -4.05 19.71
C TRP L 39 36.58 -2.57 19.93
N ARG L 40 36.48 -1.76 18.87
CA ARG L 40 36.23 -0.34 19.02
C ARG L 40 34.75 0.01 19.03
N ILE L 41 33.86 -0.89 18.61
CA ILE L 41 32.44 -0.58 18.53
C ILE L 41 31.64 -1.60 19.33
N VAL L 42 32.17 -2.81 19.48
CA VAL L 42 31.51 -3.87 20.22
C VAL L 42 31.88 -3.74 21.69
N PRO L 43 30.91 -3.62 22.60
CA PRO L 43 31.24 -3.49 24.02
C PRO L 43 31.81 -4.78 24.59
N GLY L 44 32.53 -4.62 25.69
CA GLY L 44 33.04 -5.75 26.44
C GLY L 44 34.13 -6.56 25.76
N THR L 45 35.05 -5.90 25.07
CA THR L 45 36.22 -6.57 24.52
C THR L 45 37.43 -6.31 25.40
N LYS L 46 38.35 -7.28 25.40
CA LYS L 46 39.52 -7.21 26.27
C LYS L 46 40.39 -6.00 25.94
N ARG L 47 40.62 -5.78 24.65
CA ARG L 47 41.49 -4.68 24.22
C ARG L 47 40.93 -3.33 24.62
N ALA L 48 39.59 -3.19 24.66
CA ALA L 48 39.01 -1.93 25.11
C ALA L 48 39.36 -1.66 26.57
N ARG L 49 39.27 -2.69 27.42
CA ARG L 49 39.66 -2.53 28.81
C ARG L 49 41.13 -2.15 28.93
N GLU L 50 42.00 -2.84 28.19
CA GLU L 50 43.41 -2.54 28.28
C GLU L 50 43.71 -1.12 27.82
N LEU L 51 43.04 -0.66 26.75
CA LEU L 51 43.26 0.69 26.27
C LEU L 51 42.77 1.72 27.28
N ASP L 52 41.61 1.49 27.89
CA ASP L 52 41.12 2.44 28.90
C ASP L 52 42.06 2.51 30.09
N GLU L 53 42.55 1.36 30.55
CA GLU L 53 43.48 1.36 31.68
C GLU L 53 44.81 2.01 31.31
N ALA L 54 45.27 1.80 30.06
CA ALA L 54 46.49 2.45 29.62
C ALA L 54 46.33 3.97 29.59
N TRP L 55 45.17 4.45 29.15
CA TRP L 55 44.90 5.89 29.22
C TRP L 55 44.90 6.36 30.66
N ARG L 56 44.29 5.60 31.57
CA ARG L 56 44.22 6.01 32.97
C ARG L 56 45.60 6.02 33.62
N GLU L 57 46.54 5.20 33.11
CA GLU L 57 47.87 5.17 33.69
C GLU L 57 48.70 6.41 33.32
N HIS L 58 48.34 7.11 32.26
CA HIS L 58 49.07 8.32 31.88
C HIS L 58 48.85 9.39 32.94
N PRO L 59 49.90 10.08 33.38
CA PRO L 59 49.73 11.07 34.46
C PRO L 59 48.79 12.19 34.10
N LEU L 60 48.68 12.55 32.82
CA LEU L 60 47.76 13.63 32.43
C LEU L 60 46.32 13.18 32.50
N PHE L 61 46.04 11.93 32.11
CA PHE L 61 44.68 11.44 31.95
C PHE L 61 44.22 10.57 33.12
N ALA L 62 44.83 10.73 34.29
CA ALA L 62 44.41 9.97 35.46
C ALA L 62 42.97 10.31 35.84
N ASN L 63 42.73 11.56 36.23
CA ASN L 63 41.38 12.03 36.56
C ASN L 63 40.77 12.78 35.36
N SER L 64 40.68 12.08 34.24
CA SER L 64 40.09 12.66 33.04
C SER L 64 38.61 12.33 32.91
N LYS L 65 38.19 11.15 33.35
CA LYS L 65 36.79 10.76 33.22
C LYS L 65 35.89 11.40 34.26
N ASP L 66 36.46 11.96 35.33
CA ASP L 66 35.65 12.56 36.38
C ASP L 66 34.98 13.82 35.87
N PRO L 67 33.65 13.89 35.87
CA PRO L 67 32.97 15.12 35.43
C PRO L 67 33.28 16.33 36.30
N LEU L 68 33.69 16.11 37.55
CA LEU L 68 34.00 17.19 38.47
C LEU L 68 35.47 17.58 38.46
N ASP L 69 36.27 16.99 37.59
CA ASP L 69 37.68 17.34 37.52
C ASP L 69 37.85 18.80 37.13
N GLY L 70 38.79 19.48 37.78
CA GLY L 70 39.06 20.87 37.48
C GLY L 70 39.24 21.73 38.72
N LEU L 71 38.52 21.40 39.80
CA LEU L 71 38.62 22.17 41.02
C LEU L 71 40.04 22.15 41.54
N ILE L 72 40.72 23.30 41.43
CA ILE L 72 42.13 23.38 41.83
C ILE L 72 42.29 23.10 43.31
N ASN L 73 41.41 23.67 44.13
CA ASN L 73 41.44 23.51 45.58
C ASN L 73 40.05 23.08 46.03
N PRO L 74 39.73 21.78 45.90
CA PRO L 74 38.38 21.32 46.27
C PRO L 74 38.04 21.56 47.73
N ASP L 75 39.03 21.62 48.61
CA ASP L 75 38.76 21.95 50.01
C ASP L 75 38.21 23.37 50.15
N ASP L 76 38.79 24.31 49.43
CA ASP L 76 38.28 25.68 49.46
C ASP L 76 36.85 25.74 48.92
N TYR L 77 36.58 25.04 47.83
CA TYR L 77 35.24 25.02 47.25
C TYR L 77 34.24 24.44 48.25
N GLU L 78 34.60 23.32 48.89
CA GLU L 78 33.70 22.69 49.85
C GLU L 78 33.47 23.58 51.06
N LYS L 79 34.52 24.24 51.56
CA LYS L 79 34.36 25.13 52.70
C LYS L 79 33.46 26.31 52.36
N GLY L 80 33.66 26.90 51.18
CA GLY L 80 32.80 28.00 50.78
C GLY L 80 31.35 27.57 50.60
N LEU L 81 31.14 26.39 50.02
CA LEU L 81 29.77 25.88 49.88
C LEU L 81 29.13 25.64 51.24
N GLU L 82 29.89 25.07 52.18
CA GLU L 82 29.36 24.83 53.52
C GLU L 82 29.02 26.13 54.22
N GLU L 83 29.88 27.14 54.09
CA GLU L 83 29.60 28.44 54.69
C GLU L 83 28.36 29.07 54.08
N ALA L 84 28.21 28.99 52.76
CA ALA L 84 27.03 29.57 52.10
C ALA L 84 25.76 28.81 52.48
N TRP L 85 25.86 27.49 52.70
CA TRP L 85 24.68 26.74 53.10
C TRP L 85 24.33 26.98 54.55
N GLU L 86 25.31 27.29 55.39
CA GLU L 86 25.01 27.55 56.80
C GLU L 86 24.13 28.77 56.97
N ARG L 87 24.41 29.85 56.22
CA ARG L 87 23.60 31.06 56.31
C ARG L 87 22.21 30.90 55.70
N ALA L 88 22.00 29.85 54.89
CA ALA L 88 20.72 29.62 54.25
C ALA L 88 20.05 28.34 54.73
N LYS L 89 20.63 27.66 55.70
CA LYS L 89 20.04 26.42 56.21
C LYS L 89 18.68 26.71 56.82
N PRO L 90 17.63 25.97 56.44
CA PRO L 90 16.27 26.31 56.89
C PRO L 90 16.02 25.86 58.32
N ALA L 91 15.94 26.84 59.23
CA ALA L 91 15.54 26.65 60.63
C ALA L 91 16.46 25.59 61.25
N GLY L 92 15.94 24.58 61.94
CA GLY L 92 16.76 23.56 62.56
C GLY L 92 17.01 22.37 61.66
N SER L 93 17.37 22.63 60.41
CA SER L 93 17.66 21.55 59.47
C SER L 93 18.92 20.80 59.90
N THR L 94 18.88 19.47 59.74
CA THR L 94 19.96 18.61 60.20
C THR L 94 20.83 18.08 59.07
N VAL L 95 20.68 18.60 57.85
CA VAL L 95 21.48 18.14 56.72
C VAL L 95 22.71 19.02 56.60
N THR L 96 23.88 18.38 56.50
CA THR L 96 25.13 19.06 56.26
C THR L 96 25.45 19.02 54.77
N VAL L 97 26.44 19.82 54.37
CA VAL L 97 26.84 19.83 52.96
C VAL L 97 27.55 18.54 52.60
N LYS L 98 28.40 18.03 53.51
CA LYS L 98 29.23 16.88 53.19
C LYS L 98 28.39 15.65 52.86
N ASP L 99 27.48 15.28 53.76
CA ASP L 99 26.67 14.09 53.53
C ASP L 99 25.63 14.33 52.44
N LYS L 100 25.19 15.58 52.25
CA LYS L 100 24.28 15.88 51.16
C LYS L 100 24.95 15.62 49.81
N LEU L 101 26.18 16.11 49.64
CA LEU L 101 26.91 15.84 48.41
C LEU L 101 27.23 14.35 48.28
N LYS L 102 27.55 13.69 49.40
CA LYS L 102 27.87 12.26 49.36
C LYS L 102 26.68 11.44 48.89
N GLN L 103 25.48 11.78 49.36
CA GLN L 103 24.28 11.05 48.94
C GLN L 103 23.75 11.52 47.59
N LEU L 104 24.12 12.72 47.14
CA LEU L 104 23.78 13.15 45.79
C LEU L 104 24.73 12.58 44.74
N SER L 105 25.91 12.12 45.16
CA SER L 105 26.80 11.45 44.21
C SER L 105 26.46 9.98 44.07
N LYS L 106 25.98 9.35 45.13
CA LYS L 106 25.67 7.92 45.13
C LYS L 106 24.25 7.73 44.61
N GLN L 107 24.14 7.27 43.37
CA GLN L 107 22.87 6.85 42.79
C GLN L 107 22.83 5.31 42.72
N ASN L 108 21.70 4.78 42.29
CA ASN L 108 21.46 3.33 42.26
C ASN L 108 21.12 2.94 40.82
N ASN L 109 22.14 2.66 40.01
CA ASN L 109 21.98 2.20 38.64
C ASN L 109 22.86 0.97 38.41
N PRO L 110 22.46 -0.18 38.95
CA PRO L 110 23.28 -1.38 38.78
C PRO L 110 23.48 -1.78 37.34
N HIS L 111 22.49 -1.55 36.48
CA HIS L 111 22.57 -1.95 35.08
C HIS L 111 23.12 -0.83 34.20
N TRP L 112 24.28 -0.28 34.56
CA TRP L 112 24.97 0.70 33.74
C TRP L 112 26.37 0.19 33.44
N GLU L 113 26.66 -0.03 32.15
CA GLU L 113 27.95 -0.55 31.71
C GLU L 113 28.29 -1.85 32.43
N SER L 114 27.28 -2.69 32.65
CA SER L 114 27.49 -4.01 33.23
C SER L 114 28.25 -4.94 32.29
N TRP L 115 28.41 -4.55 31.02
CA TRP L 115 29.20 -5.30 30.06
C TRP L 115 30.70 -5.25 30.36
N ARG L 116 31.10 -4.61 31.44
CA ARG L 116 32.50 -4.63 31.88
C ARG L 116 32.73 -5.75 32.88
N ALA L 117 32.27 -6.96 32.51
CA ALA L 117 32.43 -8.12 33.39
C ALA L 117 32.81 -9.41 32.68
N MET L 118 32.93 -9.43 31.35
CA MET L 118 33.28 -10.65 30.63
C MET L 118 34.74 -10.67 30.18
N SER L 119 35.18 -9.63 29.49
CA SER L 119 36.51 -9.60 28.90
C SER L 119 37.63 -9.47 29.92
N ALA M 1 -46.96 6.10 25.13
CA ALA M 1 -47.32 7.13 24.17
C ALA M 1 -48.06 6.53 22.98
N GLU M 2 -47.35 5.73 22.18
CA GLU M 2 -47.96 5.04 21.05
C GLU M 2 -48.74 3.80 21.49
N THR M 3 -48.63 3.39 22.74
CA THR M 3 -49.38 2.26 23.27
C THR M 3 -50.25 2.74 24.43
N GLU M 4 -50.95 3.86 24.24
CA GLU M 4 -51.78 4.41 25.30
C GLU M 4 -52.86 3.43 25.75
N GLU M 5 -53.29 2.54 24.86
CA GLU M 5 -54.28 1.51 25.17
C GLU M 5 -53.80 0.18 24.59
N GLY M 6 -53.10 -0.60 25.40
CA GLY M 6 -52.67 -1.91 24.96
C GLY M 6 -52.91 -3.01 25.96
N LEU M 7 -53.28 -2.64 27.19
CA LEU M 7 -53.39 -3.57 28.31
C LEU M 7 -52.11 -4.38 28.43
N ILE M 8 -50.98 -3.68 28.38
CA ILE M 8 -49.68 -4.33 28.39
C ILE M 8 -49.46 -5.01 29.74
N ILE M 9 -49.06 -6.27 29.71
CA ILE M 9 -48.87 -7.06 30.92
C ILE M 9 -47.49 -7.72 30.88
N LYS M 10 -47.03 -8.10 32.06
CA LYS M 10 -45.72 -8.71 32.29
C LYS M 10 -45.80 -10.22 32.14
N PRO M 11 -44.68 -10.85 31.78
CA PRO M 11 -44.62 -12.32 31.70
C PRO M 11 -45.24 -13.06 32.88
N GLU M 12 -45.12 -12.50 34.08
CA GLU M 12 -45.60 -13.20 35.27
C GLU M 12 -47.11 -13.43 35.25
N GLU M 13 -47.85 -12.64 34.47
CA GLU M 13 -49.30 -12.75 34.38
C GLU M 13 -49.73 -13.06 32.94
N ALA M 14 -49.02 -13.98 32.29
CA ALA M 14 -49.33 -14.30 30.90
C ALA M 14 -50.73 -14.88 30.75
N GLY M 15 -51.09 -15.81 31.63
CA GLY M 15 -52.40 -16.41 31.62
C GLY M 15 -53.36 -15.91 32.68
N LYS M 16 -53.03 -14.83 33.38
CA LYS M 16 -53.85 -14.32 34.47
C LYS M 16 -54.70 -13.12 34.03
N ILE M 17 -54.10 -12.15 33.36
CA ILE M 17 -54.82 -10.97 32.89
C ILE M 17 -55.58 -11.34 31.62
N THR M 18 -56.86 -10.96 31.57
CA THR M 18 -57.70 -11.24 30.40
C THR M 18 -58.47 -10.02 29.91
N SER M 19 -58.67 -8.99 30.72
CA SER M 19 -59.29 -7.75 30.27
C SER M 19 -58.61 -7.27 29.00
N ARG M 20 -59.39 -7.17 27.91
CA ARG M 20 -58.77 -7.12 26.59
C ARG M 20 -58.20 -5.74 26.27
N ASP M 21 -59.06 -4.73 26.11
CA ASP M 21 -58.62 -3.42 25.64
C ASP M 21 -59.79 -2.44 25.53
N LYS M 22 -59.51 -1.20 25.17
CA LYS M 22 -60.57 -0.34 24.63
C LYS M 22 -61.05 -0.87 23.28
N ASN M 23 -60.14 -1.44 22.51
CA ASN M 23 -60.50 -2.33 21.41
C ASN M 23 -60.79 -3.71 22.00
N ASN M 24 -60.87 -4.74 21.16
CA ASN M 24 -61.03 -6.10 21.66
C ASN M 24 -59.74 -6.91 21.54
N ASN M 25 -58.61 -6.24 21.36
CA ASN M 25 -57.33 -6.92 21.28
C ASN M 25 -56.98 -7.52 22.63
N PRO M 26 -56.51 -8.78 22.68
CA PRO M 26 -56.11 -9.38 23.96
C PRO M 26 -54.86 -8.71 24.49
N PRO M 27 -54.57 -8.86 25.78
CA PRO M 27 -53.39 -8.19 26.35
C PRO M 27 -52.10 -8.68 25.70
N ARG M 28 -51.13 -7.78 25.61
CA ARG M 28 -49.85 -8.07 24.99
C ARG M 28 -48.77 -8.21 26.05
N ILE M 29 -47.93 -9.22 25.89
CA ILE M 29 -46.81 -9.47 26.81
C ILE M 29 -45.66 -8.57 26.40
N VAL M 30 -45.11 -7.83 27.35
CA VAL M 30 -43.94 -6.99 27.12
C VAL M 30 -42.72 -7.71 27.67
N VAL M 31 -41.74 -7.94 26.80
CA VAL M 31 -40.48 -8.59 27.18
C VAL M 31 -39.40 -7.53 27.14
N LYS M 32 -38.72 -7.33 28.28
CA LYS M 32 -37.69 -6.31 28.41
C LYS M 32 -36.37 -6.90 27.93
N THR M 33 -36.10 -6.75 26.64
CA THR M 33 -34.83 -7.20 26.12
C THR M 33 -33.77 -6.19 26.51
N ASN M 34 -32.52 -6.59 26.48
CA ASN M 34 -31.43 -5.72 26.87
C ASN M 34 -30.86 -4.91 25.70
N ASP M 35 -31.28 -5.20 24.47
CA ASP M 35 -30.84 -4.42 23.32
C ASP M 35 -31.35 -2.99 23.43
N TRP M 36 -30.47 -2.02 23.15
CA TRP M 36 -30.90 -0.62 23.19
C TRP M 36 -31.75 -0.27 21.98
N ASP M 37 -31.50 -0.90 20.83
CA ASP M 37 -32.29 -0.62 19.64
C ASP M 37 -33.67 -1.26 19.73
N ILE M 38 -33.81 -2.35 20.48
CA ILE M 38 -35.10 -2.97 20.73
C ILE M 38 -35.24 -3.18 22.23
N PRO M 39 -35.44 -2.12 23.02
CA PRO M 39 -35.51 -2.30 24.48
C PRO M 39 -36.65 -3.20 24.94
N GLU M 40 -37.78 -3.18 24.24
CA GLU M 40 -38.95 -3.96 24.65
C GLU M 40 -39.58 -4.59 23.42
N TYR M 41 -39.65 -5.92 23.40
CA TYR M 41 -40.35 -6.65 22.36
C TYR M 41 -41.70 -7.10 22.91
N GLN M 42 -42.77 -6.69 22.23
CA GLN M 42 -44.13 -6.99 22.67
C GLN M 42 -44.65 -8.24 21.95
N LEU M 43 -45.20 -9.16 22.73
CA LEU M 43 -45.74 -10.41 22.20
C LEU M 43 -47.25 -10.43 22.37
N SER M 44 -47.95 -10.98 21.40
CA SER M 44 -49.41 -11.01 21.42
C SER M 44 -49.92 -12.28 22.08
N THR M 45 -51.19 -12.24 22.47
CA THR M 45 -51.88 -13.38 23.06
C THR M 45 -52.96 -13.94 22.16
N GLY M 46 -53.28 -13.26 21.07
CA GLY M 46 -54.26 -13.77 20.12
C GLY M 46 -54.35 -12.86 18.91
N ALA M 47 -55.37 -13.11 18.10
CA ALA M 47 -55.62 -12.25 16.96
C ALA M 47 -55.96 -10.84 17.42
N SER M 48 -55.43 -9.85 16.71
CA SER M 48 -55.62 -8.46 17.11
C SER M 48 -55.37 -7.55 15.91
N ASN M 49 -56.13 -6.47 15.82
CA ASN M 49 -55.89 -5.42 14.83
C ASN M 49 -55.10 -4.28 15.46
N GLN M 50 -53.87 -4.60 15.87
CA GLN M 50 -53.02 -3.63 16.54
C GLN M 50 -52.32 -2.74 15.50
N VAL M 51 -52.31 -1.44 15.78
CA VAL M 51 -51.69 -0.46 14.90
C VAL M 51 -50.22 -0.38 15.26
N SER M 52 -49.38 -1.08 14.49
CA SER M 52 -47.94 -1.05 14.66
C SER M 52 -47.34 -0.40 13.41
N TYR M 53 -46.96 0.87 13.54
CA TYR M 53 -46.40 1.58 12.41
C TYR M 53 -45.03 1.01 12.04
N ILE M 54 -44.80 0.84 10.74
CA ILE M 54 -43.47 0.46 10.24
C ILE M 54 -42.63 1.67 9.88
N THR M 55 -43.22 2.85 9.81
CA THR M 55 -42.46 4.06 9.51
C THR M 55 -41.57 4.43 10.71
N PRO M 56 -40.45 5.08 10.46
CA PRO M 56 -39.56 5.50 11.56
C PRO M 56 -40.14 6.73 12.24
N VAL M 57 -39.47 7.16 13.31
CA VAL M 57 -39.83 8.38 14.02
C VAL M 57 -38.69 9.38 13.80
N VAL M 58 -38.88 10.29 12.85
CA VAL M 58 -37.94 11.38 12.61
C VAL M 58 -38.63 12.68 12.95
N GLU M 59 -37.82 13.71 13.19
CA GLU M 59 -38.35 15.04 13.45
C GLU M 59 -37.47 16.06 12.75
N SER M 60 -38.03 17.26 12.52
CA SER M 60 -37.30 18.30 11.83
C SER M 60 -36.05 18.72 12.60
N GLU M 61 -36.15 18.73 13.93
CA GLU M 61 -35.05 19.24 14.75
C GLU M 61 -33.78 18.41 14.59
N ASP M 62 -33.90 17.08 14.76
CA ASP M 62 -32.68 16.28 14.68
C ASP M 62 -32.27 15.99 13.24
N ILE M 63 -33.19 16.08 12.27
CA ILE M 63 -32.77 16.05 10.87
C ILE M 63 -31.92 17.26 10.55
N LYS M 64 -32.33 18.44 11.02
CA LYS M 64 -31.53 19.65 10.86
C LYS M 64 -30.21 19.53 11.62
N ALA M 65 -30.24 18.88 12.79
CA ALA M 65 -29.02 18.65 13.54
C ALA M 65 -28.05 17.77 12.76
N TRP M 66 -28.57 16.74 12.10
CA TRP M 66 -27.74 15.90 11.24
C TRP M 66 -27.20 16.69 10.06
N LEU M 67 -28.03 17.53 9.45
CA LEU M 67 -27.54 18.38 8.37
C LEU M 67 -26.60 19.45 8.88
N SER M 68 -26.61 19.74 10.19
CA SER M 68 -25.66 20.66 10.79
C SER M 68 -24.35 19.98 11.16
N LEU M 69 -24.26 18.67 10.99
CA LEU M 69 -22.99 17.97 11.20
C LEU M 69 -21.96 18.48 10.20
N ASN M 70 -20.69 18.52 10.63
CA ASN M 70 -19.66 19.19 9.84
C ASN M 70 -19.52 18.56 8.46
N VAL M 71 -19.77 17.26 8.34
CA VAL M 71 -19.68 16.60 7.03
C VAL M 71 -20.73 17.17 6.09
N ASN M 72 -21.99 17.21 6.54
CA ASN M 72 -23.05 17.70 5.68
C ASN M 72 -22.86 19.17 5.35
N PHE M 73 -22.45 19.98 6.33
CA PHE M 73 -22.22 21.40 6.08
C PHE M 73 -21.12 21.60 5.06
N PHE M 74 -19.96 20.98 5.29
CA PHE M 74 -18.79 21.15 4.42
C PHE M 74 -18.89 20.36 3.13
N SER M 75 -19.90 19.50 2.99
CA SER M 75 -20.19 18.87 1.72
C SER M 75 -21.17 19.68 0.89
N ILE M 76 -22.18 20.26 1.54
CA ILE M 76 -23.11 21.15 0.84
C ILE M 76 -22.37 22.37 0.32
N ILE M 77 -21.51 22.97 1.14
CA ILE M 77 -20.81 24.18 0.69
C ILE M 77 -19.86 23.85 -0.46
N ILE M 78 -19.13 22.73 -0.37
CA ILE M 78 -18.19 22.41 -1.43
C ILE M 78 -18.92 21.95 -2.68
N LEU M 79 -20.06 21.27 -2.54
CA LEU M 79 -20.86 20.90 -3.70
C LEU M 79 -21.38 22.13 -4.42
N PHE M 80 -21.87 23.12 -3.65
CA PHE M 80 -22.34 24.35 -4.27
C PHE M 80 -21.19 25.10 -4.94
N THR M 81 -20.01 25.10 -4.32
CA THR M 81 -18.86 25.77 -4.92
C THR M 81 -18.45 25.11 -6.24
N VAL M 82 -18.38 23.78 -6.25
CA VAL M 82 -18.00 23.07 -7.46
C VAL M 82 -19.06 23.27 -8.54
N GLY M 83 -20.34 23.21 -8.16
CA GLY M 83 -21.39 23.46 -9.13
C GLY M 83 -21.34 24.87 -9.69
N GLY M 84 -21.04 25.85 -8.83
CA GLY M 84 -20.90 27.21 -9.32
C GLY M 84 -19.75 27.37 -10.28
N LEU M 85 -18.63 26.72 -10.00
CA LEU M 85 -17.51 26.73 -10.94
C LEU M 85 -17.90 26.12 -12.28
N ILE M 86 -18.61 24.98 -12.24
CA ILE M 86 -19.02 24.33 -13.47
C ILE M 86 -20.00 25.22 -14.26
N GLU M 87 -20.94 25.86 -13.56
CA GLU M 87 -21.89 26.74 -14.23
C GLU M 87 -21.20 27.95 -14.83
N ILE M 88 -20.23 28.52 -14.12
CA ILE M 88 -19.47 29.64 -14.65
C ILE M 88 -18.70 29.21 -15.90
N GLN M 89 -18.12 28.02 -15.87
CA GLN M 89 -17.41 27.52 -17.04
C GLN M 89 -18.36 27.33 -18.22
N ARG M 90 -19.57 26.84 -17.96
CA ARG M 90 -20.54 26.71 -19.05
C ARG M 90 -20.93 28.06 -19.60
N PHE M 91 -21.12 29.06 -18.74
CA PHE M 91 -21.64 30.35 -19.18
C PHE M 91 -20.56 31.27 -19.74
N PHE M 92 -19.33 31.17 -19.23
CA PHE M 92 -18.23 32.00 -19.68
C PHE M 92 -17.04 31.11 -20.01
N PRO M 93 -17.16 30.29 -21.06
CA PRO M 93 -16.07 29.37 -21.39
C PRO M 93 -14.87 30.08 -22.00
N ASP M 94 -13.71 29.44 -21.86
CA ASP M 94 -12.45 29.85 -22.45
C ASP M 94 -11.95 31.20 -21.93
N THR M 95 -12.54 31.71 -20.85
CA THR M 95 -12.18 32.99 -20.20
C THR M 95 -11.79 34.06 -21.22
N LEU M 96 -12.68 34.27 -22.19
CA LEU M 96 -12.42 35.24 -23.25
C LEU M 96 -12.30 36.65 -22.72
N TYR M 97 -13.02 36.98 -21.65
CA TYR M 97 -13.01 38.32 -21.08
C TYR M 97 -11.65 38.70 -20.51
N TRP M 98 -10.81 37.73 -20.17
CA TRP M 98 -9.51 38.02 -19.55
C TRP M 98 -8.57 38.69 -20.55
N LYS N 1 -37.49 -31.56 38.68
CA LYS N 1 -36.72 -31.23 37.49
C LYS N 1 -36.87 -29.74 37.18
N ILE N 2 -36.42 -29.33 36.00
CA ILE N 2 -36.51 -27.93 35.59
C ILE N 2 -37.94 -27.60 35.22
N ALA N 3 -38.39 -26.41 35.66
CA ALA N 3 -39.81 -26.08 35.57
C ALA N 3 -40.27 -25.93 34.11
N TYR N 4 -39.55 -25.13 33.33
CA TYR N 4 -40.04 -24.76 32.00
C TYR N 4 -39.90 -25.87 30.96
N LEU N 5 -39.19 -26.95 31.29
CA LEU N 5 -39.03 -28.06 30.36
C LEU N 5 -40.12 -29.11 30.50
N GLN N 6 -41.12 -28.88 31.37
CA GLN N 6 -42.20 -29.81 31.61
C GLN N 6 -43.47 -29.33 30.92
N ASP N 7 -44.20 -30.27 30.30
CA ASP N 7 -45.51 -30.00 29.71
C ASP N 7 -45.44 -28.89 28.65
N ILE N 8 -44.29 -28.74 28.02
CA ILE N 8 -44.15 -27.72 26.97
C ILE N 8 -44.98 -28.15 25.76
N PRO N 9 -45.83 -27.29 25.22
CA PRO N 9 -46.68 -27.69 24.09
C PRO N 9 -45.84 -28.11 22.89
N ARG N 10 -46.35 -29.12 22.17
CA ARG N 10 -45.67 -29.55 20.95
C ARG N 10 -45.64 -28.44 19.91
N THR N 11 -46.65 -27.56 19.91
CA THR N 11 -46.68 -26.47 18.95
C THR N 11 -45.51 -25.51 19.12
N ILE N 12 -45.04 -25.32 20.37
CA ILE N 12 -43.88 -24.47 20.60
C ILE N 12 -42.62 -25.12 20.07
N VAL N 13 -42.40 -26.40 20.41
CA VAL N 13 -41.32 -27.18 19.83
C VAL N 13 -41.68 -28.65 20.02
N GLU N 14 -41.28 -29.47 19.06
CA GLU N 14 -41.63 -30.89 19.09
C GLU N 14 -40.82 -31.61 20.16
N LYS N 15 -41.28 -32.81 20.52
CA LYS N 15 -40.64 -33.58 21.59
C LYS N 15 -39.24 -34.02 21.20
N ASP N 16 -39.10 -34.61 20.00
CA ASP N 16 -37.79 -35.08 19.56
C ASP N 16 -36.82 -33.92 19.39
N ALA N 17 -37.29 -32.79 18.84
CA ALA N 17 -36.43 -31.62 18.69
C ALA N 17 -35.98 -31.08 20.04
N LEU N 18 -36.89 -31.07 21.02
CA LEU N 18 -36.52 -30.60 22.36
C LEU N 18 -35.49 -31.52 23.00
N GLU N 19 -35.67 -32.84 22.83
CA GLU N 19 -34.68 -33.77 23.37
C GLU N 19 -33.33 -33.59 22.70
N LEU N 20 -33.33 -33.34 21.38
CA LEU N 20 -32.09 -33.08 20.67
C LEU N 20 -31.42 -31.81 21.18
N ILE N 21 -32.21 -30.77 21.45
CA ILE N 21 -31.67 -29.54 22.03
C ILE N 21 -31.03 -29.84 23.38
N LEU N 22 -31.75 -30.54 24.25
CA LEU N 22 -31.24 -30.81 25.58
C LEU N 22 -29.96 -31.63 25.52
N LYS N 23 -29.87 -32.57 24.58
CA LYS N 23 -28.64 -33.34 24.42
C LYS N 23 -27.50 -32.45 23.94
N ASN N 24 -27.75 -31.62 22.92
CA ASN N 24 -26.69 -30.75 22.40
C ASN N 24 -26.26 -29.72 23.43
N THR N 25 -27.20 -29.12 24.12
CA THR N 25 -26.87 -28.12 25.14
C THR N 25 -26.19 -28.80 26.33
N PRO N 26 -25.10 -28.26 26.86
CA PRO N 26 -24.49 -28.85 28.04
C PRO N 26 -25.44 -28.84 29.22
N LYS N 27 -25.27 -29.82 30.11
CA LYS N 27 -26.24 -30.04 31.18
C LYS N 27 -26.34 -28.84 32.10
N GLU N 28 -25.21 -28.19 32.40
CA GLU N 28 -25.21 -27.08 33.35
C GLU N 28 -25.97 -25.87 32.85
N GLN N 29 -26.26 -25.78 31.56
CA GLN N 29 -26.95 -24.63 30.99
C GLN N 29 -28.45 -24.81 30.91
N TRP N 30 -28.98 -25.97 31.30
CA TRP N 30 -30.42 -26.18 31.23
C TRP N 30 -31.18 -25.25 32.17
N GLU N 31 -30.69 -25.10 33.39
CA GLU N 31 -31.44 -24.29 34.39
C GLU N 31 -31.59 -22.87 33.87
N ASN N 32 -30.47 -22.23 33.55
CA ASN N 32 -30.52 -20.86 33.00
C ASN N 32 -29.80 -20.86 31.64
N PRO N 33 -30.51 -21.15 30.53
CA PRO N 33 -29.87 -21.10 29.24
C PRO N 33 -29.12 -19.77 29.19
N PRO N 34 -27.97 -19.66 28.52
CA PRO N 34 -27.27 -18.39 28.40
C PRO N 34 -28.14 -17.40 27.63
N GLU N 35 -27.63 -16.88 26.50
CA GLU N 35 -28.44 -15.99 25.64
C GLU N 35 -28.03 -16.28 24.20
N ASP N 36 -28.96 -16.16 23.25
CA ASP N 36 -28.63 -16.53 21.85
C ASP N 36 -28.45 -18.05 21.77
N SER N 37 -29.04 -18.80 22.69
CA SER N 37 -29.00 -20.28 22.62
C SER N 37 -30.44 -20.77 22.44
N TYR N 38 -30.68 -21.69 21.49
CA TYR N 38 -32.06 -22.05 21.23
C TYR N 38 -32.81 -22.34 22.52
N LEU N 39 -32.12 -22.92 23.50
CA LEU N 39 -32.74 -23.20 24.79
C LEU N 39 -33.17 -21.92 25.50
N TYR N 40 -32.43 -20.82 25.29
CA TYR N 40 -32.85 -19.55 25.88
C TYR N 40 -34.20 -19.11 25.33
N THR N 41 -34.40 -19.23 24.01
CA THR N 41 -35.69 -18.87 23.43
C THR N 41 -36.78 -19.83 23.90
N VAL N 42 -36.45 -21.13 24.00
CA VAL N 42 -37.41 -22.11 24.51
C VAL N 42 -37.86 -21.74 25.91
N LYS N 43 -36.93 -21.32 26.76
CA LYS N 43 -37.30 -20.90 28.11
C LYS N 43 -38.11 -19.62 28.10
N ALA N 44 -37.68 -18.64 27.31
CA ALA N 44 -38.34 -17.34 27.29
C ALA N 44 -39.73 -17.41 26.69
N PHE N 45 -40.06 -18.47 25.95
CA PHE N 45 -41.40 -18.63 25.42
C PHE N 45 -42.25 -19.65 26.16
N ALA N 46 -41.68 -20.79 26.55
CA ALA N 46 -42.43 -21.80 27.30
C ALA N 46 -42.90 -21.28 28.66
N GLU N 47 -42.24 -20.25 29.18
CA GLU N 47 -42.69 -19.60 30.40
C GLU N 47 -43.77 -18.56 30.14
N MET N 48 -44.11 -18.30 28.88
CA MET N 48 -45.20 -17.42 28.51
C MET N 48 -46.38 -18.15 27.90
N TYR N 49 -46.13 -19.19 27.12
CA TYR N 49 -47.17 -19.94 26.43
C TYR N 49 -47.15 -21.37 26.91
N GLY N 50 -48.33 -21.89 27.27
CA GLY N 50 -48.46 -23.23 27.79
C GLY N 50 -49.86 -23.52 28.27
N PRO N 51 -50.02 -24.63 29.01
CA PRO N 51 -51.37 -25.00 29.48
C PRO N 51 -51.97 -23.99 30.44
N GLY N 52 -51.24 -23.58 31.47
CA GLY N 52 -51.73 -22.62 32.44
C GLY N 52 -51.51 -21.18 32.06
N LYS N 53 -51.00 -20.91 30.86
CA LYS N 53 -50.63 -19.56 30.44
C LYS N 53 -51.32 -19.22 29.12
N ALA N 54 -50.88 -18.14 28.47
CA ALA N 54 -51.41 -17.75 27.18
C ALA N 54 -51.36 -18.92 26.20
N THR N 55 -52.53 -19.40 25.79
CA THR N 55 -52.64 -20.55 24.92
C THR N 55 -52.75 -20.20 23.45
N LYS N 56 -52.72 -18.91 23.10
CA LYS N 56 -52.86 -18.49 21.71
C LYS N 56 -51.81 -17.42 21.41
N MET N 57 -51.48 -17.32 20.12
CA MET N 57 -50.54 -16.32 19.65
C MET N 57 -51.05 -15.73 18.35
N GLY N 58 -50.64 -14.50 18.06
CA GLY N 58 -50.85 -13.95 16.74
C GLY N 58 -50.10 -14.75 15.70
N TRP N 59 -50.64 -14.77 14.48
CA TRP N 59 -50.04 -15.59 13.43
C TRP N 59 -48.60 -15.15 13.14
N TRP N 60 -48.33 -13.85 13.18
CA TRP N 60 -46.98 -13.39 12.89
C TRP N 60 -46.03 -13.69 14.04
N ASP N 61 -46.51 -13.58 15.28
CA ASP N 61 -45.66 -13.94 16.42
C ASP N 61 -45.32 -15.41 16.40
N TYR N 62 -46.30 -16.28 16.10
CA TYR N 62 -46.02 -17.70 15.99
C TYR N 62 -45.10 -17.99 14.81
N TYR N 63 -45.26 -17.26 13.71
CA TYR N 63 -44.38 -17.44 12.56
C TYR N 63 -42.94 -17.09 12.92
N ARG N 64 -42.75 -15.99 13.65
CA ARG N 64 -41.40 -15.61 14.05
C ARG N 64 -40.83 -16.59 15.06
N LEU N 65 -41.67 -17.11 15.97
CA LEU N 65 -41.21 -18.12 16.92
C LEU N 65 -40.75 -19.38 16.19
N LYS N 66 -41.51 -19.81 15.18
CA LYS N 66 -41.14 -21.01 14.43
C LYS N 66 -39.84 -20.84 13.66
N MET N 67 -39.41 -19.60 13.43
CA MET N 67 -38.12 -19.33 12.78
C MET N 67 -37.02 -19.00 13.78
N ASP N 68 -37.32 -19.08 15.07
CA ASP N 68 -36.30 -18.96 16.11
C ASP N 68 -35.93 -20.30 16.70
N MET N 69 -36.84 -21.27 16.66
CA MET N 69 -36.58 -22.61 17.14
C MET N 69 -35.76 -23.39 16.12
N PRO N 70 -35.03 -24.41 16.56
CA PRO N 70 -34.33 -25.29 15.61
C PRO N 70 -35.33 -26.04 14.73
N ASP N 71 -34.91 -26.32 13.51
CA ASP N 71 -35.73 -27.06 12.55
C ASP N 71 -35.34 -28.54 12.49
N THR N 72 -34.90 -29.10 13.61
CA THR N 72 -34.72 -30.53 13.83
C THR N 72 -33.61 -31.12 12.97
N THR N 73 -33.01 -30.33 12.08
CA THR N 73 -31.94 -30.78 11.22
C THR N 73 -30.62 -30.05 11.44
N ARG N 74 -30.63 -28.92 12.13
CA ARG N 74 -29.43 -28.14 12.38
C ARG N 74 -28.75 -28.53 13.69
N LEU N 75 -29.16 -29.64 14.31
CA LEU N 75 -28.60 -30.08 15.58
C LEU N 75 -27.82 -31.36 15.38
N SER N 76 -26.67 -31.44 16.05
CA SER N 76 -25.82 -32.63 15.96
C SER N 76 -26.51 -33.82 16.62
N SER N 77 -26.41 -34.98 15.98
CA SER N 77 -26.95 -36.21 16.53
C SER N 77 -25.97 -36.80 17.54
N GLU N 78 -26.35 -37.95 18.11
CA GLU N 78 -25.52 -38.56 19.16
C GLU N 78 -24.16 -38.97 18.62
N ARG N 79 -24.12 -39.53 17.42
CA ARG N 79 -22.85 -39.97 16.86
C ARG N 79 -21.93 -38.79 16.56
N GLU N 80 -22.49 -37.68 16.06
CA GLU N 80 -21.67 -36.49 15.83
C GLU N 80 -21.13 -35.92 17.13
N LEU N 81 -21.96 -35.87 18.18
CA LEU N 81 -21.49 -35.41 19.47
C LEU N 81 -20.38 -36.32 20.00
N GLN N 82 -20.50 -37.63 19.76
CA GLN N 82 -19.42 -38.55 20.14
C GLN N 82 -18.16 -38.26 19.33
N GLU N 83 -18.31 -37.97 18.04
CA GLU N 83 -17.17 -37.61 17.20
C GLU N 83 -16.43 -36.43 17.79
N ILE N 84 -17.16 -35.38 18.17
CA ILE N 84 -16.51 -34.20 18.72
C ILE N 84 -15.89 -34.49 20.08
N GLU N 85 -16.65 -35.14 20.96
CA GLU N 85 -16.18 -35.38 22.32
C GLU N 85 -14.95 -36.28 22.34
N GLU N 86 -14.75 -37.09 21.31
CA GLU N 86 -13.59 -37.96 21.21
C GLU N 86 -12.45 -37.32 20.42
N TYR N 87 -12.76 -36.54 19.39
CA TYR N 87 -11.72 -35.81 18.65
C TYR N 87 -11.02 -34.82 19.56
N GLU N 88 -11.79 -34.06 20.34
CA GLU N 88 -11.18 -33.12 21.29
C GLU N 88 -10.36 -33.85 22.35
N LYS N 89 -10.84 -35.01 22.79
CA LYS N 89 -10.10 -35.81 23.76
C LYS N 89 -8.75 -36.25 23.18
N LEU N 90 -8.75 -36.71 21.93
CA LEU N 90 -7.51 -37.06 21.27
C LEU N 90 -6.56 -35.86 21.19
N MET N 91 -7.09 -34.72 20.74
CA MET N 91 -6.24 -33.55 20.55
C MET N 91 -5.63 -33.08 21.86
N MET N 92 -6.41 -33.07 22.94
CA MET N 92 -5.89 -32.64 24.23
C MET N 92 -4.98 -33.69 24.87
N SER N 93 -5.15 -34.96 24.51
CA SER N 93 -4.29 -36.01 25.06
C SER N 93 -2.92 -36.06 24.39
N GLY N 94 -2.64 -35.15 23.46
CA GLY N 94 -1.36 -35.15 22.78
C GLY N 94 -1.25 -36.05 21.58
N LYS N 95 -2.37 -36.61 21.11
CA LYS N 95 -2.40 -37.47 19.94
C LYS N 95 -3.20 -36.78 18.84
N VAL N 96 -2.74 -36.93 17.60
CA VAL N 96 -3.32 -36.25 16.45
C VAL N 96 -3.89 -37.30 15.51
N PRO N 97 -5.17 -37.23 15.13
CA PRO N 97 -5.65 -38.08 14.04
C PRO N 97 -4.93 -37.72 12.76
N PHE N 98 -4.09 -38.63 12.26
CA PHE N 98 -3.16 -38.27 11.20
C PHE N 98 -3.90 -37.90 9.92
N ALA N 99 -3.55 -36.77 9.34
CA ALA N 99 -4.14 -36.28 8.11
C ALA N 99 -3.03 -35.80 7.18
N VAL N 100 -3.31 -35.86 5.88
CA VAL N 100 -2.31 -35.55 4.87
C VAL N 100 -2.90 -34.52 3.90
N PRO N 101 -2.22 -33.39 3.68
CA PRO N 101 -2.76 -32.38 2.77
C PRO N 101 -2.98 -32.91 1.37
N GLY N 102 -4.02 -32.41 0.71
CA GLY N 102 -4.33 -32.79 -0.64
C GLY N 102 -4.68 -31.60 -1.50
N PRO N 103 -5.54 -31.80 -2.50
CA PRO N 103 -5.92 -30.69 -3.38
C PRO N 103 -6.78 -29.66 -2.66
N SER N 104 -6.13 -28.74 -1.94
CA SER N 104 -6.79 -27.75 -1.10
C SER N 104 -7.66 -28.44 -0.05
N GLY N 105 -6.98 -29.15 0.84
CA GLY N 105 -7.64 -29.95 1.85
C GLY N 105 -6.74 -31.08 2.28
N TYR N 106 -7.28 -31.93 3.15
CA TYR N 106 -6.50 -33.03 3.68
C TYR N 106 -7.37 -34.28 3.83
N PHE N 107 -6.79 -35.44 3.51
CA PHE N 107 -7.44 -36.71 3.73
C PHE N 107 -7.02 -37.27 5.09
N PHE N 108 -8.01 -37.68 5.88
CA PHE N 108 -7.69 -38.36 7.13
C PHE N 108 -7.26 -39.79 6.83
N THR N 109 -6.08 -40.16 7.31
CA THR N 109 -5.52 -41.48 7.05
C THR N 109 -5.94 -42.51 8.07
N GLY N 110 -6.78 -42.14 9.02
CA GLY N 110 -7.26 -43.10 10.02
C GLY N 110 -6.16 -43.66 10.90
N PHE N 111 -5.22 -42.82 11.32
CA PHE N 111 -4.12 -43.26 12.16
C PHE N 111 -3.93 -42.26 13.29
N VAL N 112 -3.60 -42.78 14.47
CA VAL N 112 -3.35 -41.96 15.65
C VAL N 112 -1.84 -41.93 15.85
N THR N 113 -1.18 -40.91 15.34
CA THR N 113 0.23 -40.70 15.61
C THR N 113 0.35 -39.90 16.90
N GLN N 114 0.99 -40.48 17.89
CA GLN N 114 1.26 -39.75 19.13
C GLN N 114 2.13 -38.54 18.81
N TRP N 115 1.63 -37.35 19.13
CA TRP N 115 2.21 -36.11 18.64
C TRP N 115 3.28 -35.53 19.56
N LYS N 116 2.96 -35.30 20.83
CA LYS N 116 3.92 -34.75 21.76
C LYS N 116 5.06 -35.73 22.00
N GLY N 117 6.29 -35.22 21.97
CA GLY N 117 7.46 -36.05 22.14
C GLY N 117 7.69 -36.44 23.59
N LYS N 118 8.89 -36.96 23.84
CA LYS N 118 9.25 -37.34 25.20
C LYS N 118 9.31 -36.13 26.12
N GLU N 119 9.81 -35.01 25.61
CA GLU N 119 9.69 -33.73 26.32
C GLU N 119 8.45 -33.01 25.78
N PRO N 120 7.32 -33.11 26.48
CA PRO N 120 6.07 -32.58 25.92
C PRO N 120 6.11 -31.08 25.65
N PHE N 121 6.90 -30.32 26.39
CA PHE N 121 7.01 -28.89 26.19
C PHE N 121 8.05 -28.51 25.13
N ALA N 122 8.83 -29.47 24.63
CA ALA N 122 9.82 -29.17 23.61
C ALA N 122 9.16 -29.04 22.25
N GLY N 123 9.53 -27.99 21.51
CA GLY N 123 8.90 -27.75 20.22
C GLY N 123 9.43 -28.61 19.10
N ASP N 124 10.68 -29.03 19.18
CA ASP N 124 11.31 -29.81 18.12
C ASP N 124 11.23 -31.31 18.35
N GLN N 125 10.64 -31.75 19.46
CA GLN N 125 10.50 -33.16 19.73
C GLN N 125 9.14 -33.72 19.35
N VAL N 126 8.26 -32.89 18.79
CA VAL N 126 6.98 -33.41 18.28
C VAL N 126 7.28 -34.40 17.17
N ILE N 127 6.96 -35.67 17.41
CA ILE N 127 7.44 -36.74 16.55
C ILE N 127 6.54 -36.85 15.32
N THR N 128 7.15 -36.83 14.14
CA THR N 128 6.47 -37.00 12.87
C THR N 128 7.01 -38.22 12.16
N LEU N 129 6.27 -38.69 11.15
CA LEU N 129 6.69 -39.90 10.45
C LEU N 129 7.99 -39.69 9.70
N THR N 130 8.16 -38.53 9.08
CA THR N 130 9.31 -38.30 8.20
C THR N 130 10.61 -38.09 8.96
N GLU N 131 10.57 -37.93 10.29
CA GLU N 131 11.80 -37.71 11.05
C GLU N 131 11.91 -38.67 12.22
N ASN N 132 10.78 -39.13 12.75
CA ASN N 132 10.78 -39.99 13.91
C ASN N 132 10.21 -41.38 13.64
N GLY N 133 9.84 -41.69 12.41
CA GLY N 133 9.49 -43.04 12.07
C GLY N 133 10.70 -43.95 12.07
N LEU N 134 10.44 -45.26 12.08
CA LEU N 134 11.54 -46.22 12.14
C LEU N 134 12.45 -46.09 10.92
N PHE N 135 11.86 -46.02 9.73
CA PHE N 135 12.66 -45.88 8.52
C PHE N 135 13.44 -44.57 8.52
N ALA N 136 12.79 -43.47 8.90
CA ALA N 136 13.47 -42.18 8.91
C ALA N 136 14.63 -42.17 9.90
N LYS N 137 14.41 -42.71 11.09
CA LYS N 137 15.47 -42.76 12.10
C LYS N 137 16.64 -43.61 11.63
N GLN N 138 16.35 -44.79 11.07
CA GLN N 138 17.44 -45.66 10.64
C GLN N 138 18.13 -45.13 9.39
N PHE N 139 17.43 -44.37 8.56
CA PHE N 139 18.07 -43.76 7.40
C PHE N 139 18.99 -42.62 7.81
N LEU N 140 18.53 -41.76 8.72
CA LEU N 140 19.37 -40.66 9.19
C LEU N 140 20.58 -41.20 9.95
N SER N 141 20.38 -42.22 10.78
CA SER N 141 21.48 -42.77 11.57
C SER N 141 22.52 -43.45 10.69
N ALA N 142 22.11 -44.00 9.55
CA ALA N 142 23.01 -44.73 8.67
C ALA N 142 23.68 -43.84 7.63
N LEU N 143 23.41 -42.54 7.65
CA LEU N 143 24.12 -41.63 6.78
C LEU N 143 25.60 -41.58 7.15
N ALA N 144 26.43 -41.16 6.19
CA ALA N 144 27.87 -41.12 6.42
C ALA N 144 28.20 -40.20 7.58
N PHE N 145 27.47 -39.09 7.72
CA PHE N 145 27.71 -38.15 8.81
C PHE N 145 27.39 -38.77 10.17
N TYR N 146 26.49 -39.76 10.24
CA TYR N 146 26.05 -40.33 11.50
C TYR N 146 26.38 -41.80 11.69
N ARG N 147 26.84 -42.50 10.66
CA ARG N 147 26.96 -43.95 10.75
C ARG N 147 27.95 -44.35 11.84
N GLU N 148 27.55 -45.32 12.66
CA GLU N 148 28.38 -45.75 13.77
C GLU N 148 29.57 -46.55 13.26
N GLY N 149 30.71 -46.38 13.93
CA GLY N 149 31.89 -47.16 13.62
C GLY N 149 32.72 -46.64 12.46
N LEU N 150 32.39 -45.49 11.90
CA LEU N 150 33.15 -44.93 10.79
C LEU N 150 34.20 -43.97 11.31
N LYS N 151 35.44 -44.15 10.87
CA LYS N 151 36.48 -43.18 11.14
C LYS N 151 36.15 -41.88 10.42
N PRO N 152 36.57 -40.74 10.95
CA PRO N 152 36.18 -39.45 10.33
C PRO N 152 36.58 -39.35 8.87
N TRP N 153 37.74 -39.88 8.51
CA TRP N 153 38.17 -39.85 7.12
C TRP N 153 37.26 -40.69 6.23
N GLN N 154 36.66 -41.75 6.77
CA GLN N 154 35.73 -42.55 5.98
C GLN N 154 34.45 -41.77 5.67
N ARG N 155 33.91 -41.06 6.67
CA ARG N 155 32.74 -40.22 6.43
C ARG N 155 33.08 -39.15 5.39
N GLY N 156 34.23 -38.49 5.56
CA GLY N 156 34.63 -37.50 4.59
C GLY N 156 34.78 -38.07 3.20
N LEU N 157 35.40 -39.23 3.08
CA LEU N 157 35.60 -39.86 1.77
C LEU N 157 34.27 -40.18 1.10
N GLU N 158 33.33 -40.75 1.87
CA GLU N 158 32.04 -41.12 1.28
C GLU N 158 31.27 -39.90 0.82
N ILE N 159 31.16 -38.89 1.69
CA ILE N 159 30.44 -37.67 1.33
C ILE N 159 31.10 -36.99 0.13
N GLY N 160 32.43 -36.94 0.13
CA GLY N 160 33.14 -36.32 -0.98
C GLY N 160 32.96 -37.05 -2.28
N MET N 161 32.97 -38.39 -2.25
CA MET N 161 32.75 -39.15 -3.47
C MET N 161 31.37 -38.84 -4.03
N ALA N 162 30.35 -38.83 -3.16
CA ALA N 162 29.00 -38.48 -3.64
C ALA N 162 28.98 -37.10 -4.27
N HIS N 163 29.52 -36.10 -3.57
CA HIS N 163 29.46 -34.73 -4.06
C HIS N 163 30.24 -34.55 -5.35
N GLY N 164 31.45 -35.10 -5.41
CA GLY N 164 32.27 -34.95 -6.60
C GLY N 164 31.68 -35.65 -7.81
N TYR N 165 31.11 -36.84 -7.61
CA TYR N 165 30.46 -37.53 -8.73
C TYR N 165 29.26 -36.75 -9.23
N PHE N 166 28.47 -36.18 -8.31
CA PHE N 166 27.26 -35.47 -8.74
C PHE N 166 27.60 -34.13 -9.40
N LEU N 167 28.58 -33.41 -8.87
CA LEU N 167 28.81 -32.02 -9.26
C LEU N 167 29.34 -31.88 -10.69
N ILE N 168 29.84 -32.96 -11.30
CA ILE N 168 30.36 -32.86 -12.65
C ILE N 168 29.24 -32.57 -13.64
N GLY N 169 28.10 -33.21 -13.47
CA GLY N 169 27.00 -33.14 -14.41
C GLY N 169 26.50 -31.75 -14.77
N PRO N 170 26.23 -30.91 -13.76
CA PRO N 170 25.67 -29.58 -14.07
C PRO N 170 26.59 -28.71 -14.91
N PHE N 171 27.89 -28.99 -14.96
CA PHE N 171 28.82 -28.19 -15.74
C PHE N 171 29.11 -28.80 -17.11
N THR N 172 29.43 -30.09 -17.18
CA THR N 172 29.72 -30.72 -18.46
C THR N 172 28.52 -30.69 -19.39
N SER N 173 27.31 -30.65 -18.83
CA SER N 173 26.09 -30.43 -19.59
C SER N 173 25.57 -29.03 -19.28
N LEU N 174 24.91 -28.44 -20.28
CA LEU N 174 24.35 -27.08 -20.20
C LEU N 174 25.35 -26.06 -19.64
N GLY N 175 26.65 -26.29 -19.86
CA GLY N 175 27.66 -25.37 -19.42
C GLY N 175 28.09 -24.43 -20.53
N PRO N 176 29.02 -23.52 -20.23
CA PRO N 176 29.51 -22.61 -21.28
C PRO N 176 30.17 -23.31 -22.44
N LEU N 177 30.86 -24.43 -22.19
CA LEU N 177 31.52 -25.21 -23.21
C LEU N 177 30.86 -26.57 -23.39
N ARG N 178 29.53 -26.60 -23.27
CA ARG N 178 28.78 -27.85 -23.34
C ARG N 178 28.85 -28.51 -24.70
N ASN N 179 29.12 -27.75 -25.76
CA ASN N 179 29.13 -28.27 -27.12
C ASN N 179 30.53 -28.43 -27.69
N THR N 180 31.56 -28.07 -26.92
CA THR N 180 32.93 -28.22 -27.39
C THR N 180 33.28 -29.71 -27.48
N PRO N 181 34.32 -30.06 -28.25
CA PRO N 181 34.70 -31.48 -28.34
C PRO N 181 35.04 -32.10 -27.00
N GLU N 182 35.61 -31.34 -26.07
CA GLU N 182 35.91 -31.89 -24.75
C GLU N 182 34.66 -31.88 -23.88
N ALA N 183 34.18 -30.68 -23.53
CA ALA N 183 32.89 -30.45 -22.90
C ALA N 183 32.71 -31.18 -21.58
N ALA N 184 33.73 -31.91 -21.14
CA ALA N 184 33.67 -32.69 -19.91
C ALA N 184 34.86 -32.42 -19.00
N THR N 185 36.05 -32.23 -19.57
CA THR N 185 37.19 -31.79 -18.76
C THR N 185 36.90 -30.43 -18.14
N VAL N 186 36.19 -29.57 -18.87
CA VAL N 186 35.73 -28.30 -18.30
C VAL N 186 34.80 -28.57 -17.12
N GLY N 187 33.87 -29.50 -17.30
CA GLY N 187 32.99 -29.87 -16.20
C GLY N 187 33.75 -30.49 -15.05
N LEU N 188 34.77 -31.29 -15.34
CA LEU N 188 35.59 -31.87 -14.29
C LEU N 188 36.29 -30.79 -13.48
N LEU N 189 36.88 -29.81 -14.18
CA LEU N 189 37.57 -28.72 -13.50
C LEU N 189 36.61 -27.91 -12.64
N CYS N 190 35.41 -27.61 -13.18
CA CYS N 190 34.44 -26.83 -12.43
C CYS N 190 33.94 -27.60 -11.21
N GLY N 191 33.70 -28.90 -11.35
CA GLY N 191 33.27 -29.69 -10.21
C GLY N 191 34.33 -29.79 -9.14
N CYS N 192 35.59 -29.97 -9.55
CA CYS N 192 36.69 -29.96 -8.58
C CYS N 192 36.80 -28.61 -7.89
N ALA N 193 36.55 -27.52 -8.64
CA ALA N 193 36.58 -26.19 -8.03
C ALA N 193 35.47 -26.03 -7.00
N ILE N 194 34.26 -26.52 -7.31
CA ILE N 194 33.16 -26.44 -6.36
C ILE N 194 33.47 -27.26 -5.11
N VAL N 195 34.03 -28.47 -5.30
CA VAL N 195 34.41 -29.29 -4.17
C VAL N 195 35.46 -28.59 -3.31
N GLY N 196 36.45 -27.96 -3.94
CA GLY N 196 37.46 -27.23 -3.20
C GLY N 196 36.89 -26.04 -2.44
N ILE N 197 35.96 -25.32 -3.06
CA ILE N 197 35.35 -24.16 -2.42
C ILE N 197 34.55 -24.58 -1.20
N VAL N 198 33.73 -25.63 -1.33
CA VAL N 198 32.95 -26.07 -0.18
C VAL N 198 33.85 -26.69 0.88
N SER N 199 34.96 -27.30 0.48
CA SER N 199 35.92 -27.81 1.46
C SER N 199 36.59 -26.68 2.21
N ILE N 200 36.91 -25.57 1.53
CA ILE N 200 37.45 -24.41 2.19
C ILE N 200 36.43 -23.83 3.17
N GLY N 201 35.17 -23.79 2.76
CA GLY N 201 34.12 -23.37 3.69
C GLY N 201 34.03 -24.26 4.91
N GLY N 202 34.15 -25.58 4.71
CA GLY N 202 34.14 -26.49 5.84
C GLY N 202 35.33 -26.30 6.75
N LEU N 203 36.49 -25.98 6.17
CA LEU N 203 37.67 -25.68 6.99
C LEU N 203 37.47 -24.40 7.80
N ILE N 204 36.84 -23.39 7.19
CA ILE N 204 36.49 -22.18 7.92
C ILE N 204 35.56 -22.52 9.08
N PHE N 205 34.55 -23.35 8.81
CA PHE N 205 33.62 -23.74 9.86
C PHE N 205 34.31 -24.48 11.00
N GLY N 206 35.22 -25.40 10.66
CA GLY N 206 35.92 -26.17 11.67
C GLY N 206 36.97 -25.37 12.42
N SER N 207 37.48 -24.29 11.84
CA SER N 207 38.41 -23.43 12.55
C SER N 207 37.73 -22.27 13.28
N THR N 208 36.43 -22.06 13.05
CA THR N 208 35.69 -21.03 13.76
C THR N 208 34.69 -21.60 14.76
N ILE N 209 33.79 -22.49 14.32
CA ILE N 209 32.87 -23.12 15.24
C ILE N 209 33.56 -24.24 16.02
N LYS N 210 34.41 -25.01 15.33
CA LYS N 210 35.12 -26.15 15.89
C LYS N 210 34.17 -27.17 16.49
N PRO N 211 33.38 -27.88 15.68
CA PRO N 211 32.59 -28.99 16.22
C PRO N 211 33.50 -30.06 16.81
N THR N 212 33.07 -30.62 17.94
CA THR N 212 33.89 -31.60 18.66
C THR N 212 33.21 -32.96 18.77
N ARG N 213 32.22 -33.24 17.91
CA ARG N 213 31.50 -34.50 17.96
C ARG N 213 32.24 -35.63 17.25
N PHE N 214 33.23 -35.31 16.42
CA PHE N 214 34.03 -36.31 15.74
C PHE N 214 35.42 -36.49 16.33
N ASP N 215 35.85 -35.59 17.22
CA ASP N 215 37.16 -35.72 17.84
C ASP N 215 37.16 -36.91 18.78
N LYS N 216 38.21 -37.73 18.68
CA LYS N 216 38.43 -38.76 19.69
C LYS N 216 38.90 -38.11 20.98
N ASP N 217 38.86 -38.89 22.06
CA ASP N 217 39.18 -38.35 23.37
C ASP N 217 40.62 -37.85 23.41
N GLY N 218 40.83 -36.73 24.09
CA GLY N 218 42.16 -36.18 24.26
C GLY N 218 42.85 -35.78 22.97
N ASP N 219 42.16 -35.02 22.13
CA ASP N 219 42.73 -34.55 20.87
C ASP N 219 42.48 -33.05 20.75
N LYS N 220 43.17 -32.43 19.80
CA LYS N 220 42.97 -31.03 19.51
C LYS N 220 41.52 -30.80 19.11
N PRO N 221 40.81 -29.86 19.74
CA PRO N 221 39.38 -29.71 19.44
C PRO N 221 39.13 -29.40 17.97
N GLY N 222 38.14 -30.07 17.41
CA GLY N 222 37.81 -29.92 16.01
C GLY N 222 38.68 -30.72 15.05
N ALA N 223 39.60 -31.55 15.56
CA ALA N 223 40.48 -32.30 14.68
C ALA N 223 39.71 -33.31 13.85
N GLY N 224 38.70 -33.94 14.44
CA GLY N 224 37.89 -34.89 13.68
C GLY N 224 37.15 -34.23 12.53
N PHE N 225 36.59 -33.04 12.78
CA PHE N 225 35.87 -32.33 11.73
C PHE N 225 36.82 -31.90 10.61
N ILE N 226 38.01 -31.44 10.96
CA ILE N 226 38.98 -31.02 9.96
C ILE N 226 39.42 -32.20 9.11
N GLU N 227 39.64 -33.35 9.74
CA GLU N 227 39.99 -34.56 9.00
C GLU N 227 38.86 -34.97 8.06
N MET N 228 37.61 -34.88 8.55
CA MET N 228 36.46 -35.19 7.70
C MET N 228 36.41 -34.26 6.49
N ILE N 229 36.68 -32.98 6.70
CA ILE N 229 36.59 -32.02 5.59
C ILE N 229 37.70 -32.25 4.58
N ASN N 230 38.93 -32.50 5.06
CA ASN N 230 40.03 -32.78 4.15
C ASN N 230 39.75 -34.04 3.33
N TRP N 231 39.25 -35.09 3.96
CA TRP N 231 38.92 -36.28 3.20
C TRP N 231 37.68 -36.11 2.35
N HIS N 232 36.80 -35.16 2.67
CA HIS N 232 35.75 -34.80 1.74
C HIS N 232 36.32 -34.17 0.49
N ALA N 233 37.33 -33.31 0.65
CA ALA N 233 37.98 -32.73 -0.53
C ALA N 233 38.62 -33.82 -1.39
N VAL N 234 39.31 -34.76 -0.74
CA VAL N 234 39.93 -35.87 -1.47
C VAL N 234 38.88 -36.70 -2.18
N GLY N 235 37.79 -37.03 -1.48
CA GLY N 235 36.72 -37.81 -2.08
C GLY N 235 36.01 -37.08 -3.19
N GLY N 236 35.88 -35.75 -3.08
CA GLY N 236 35.30 -34.98 -4.17
C GLY N 236 36.15 -35.02 -5.41
N LEU N 237 37.47 -34.86 -5.23
CA LEU N 237 38.38 -35.04 -6.36
C LEU N 237 38.20 -36.42 -6.98
N GLY N 238 38.16 -37.45 -6.14
CA GLY N 238 38.05 -38.81 -6.66
C GLY N 238 36.74 -39.07 -7.38
N GLY N 239 35.64 -38.61 -6.82
CA GLY N 239 34.34 -38.81 -7.44
C GLY N 239 34.20 -38.03 -8.73
N ALA N 240 34.71 -36.80 -8.76
CA ALA N 240 34.70 -36.03 -10.00
C ALA N 240 35.52 -36.72 -11.08
N GLY N 241 36.72 -37.19 -10.72
CA GLY N 241 37.54 -37.89 -11.68
C GLY N 241 36.90 -39.18 -12.16
N PHE N 242 36.24 -39.91 -11.27
CA PHE N 242 35.58 -41.15 -11.66
C PHE N 242 34.41 -40.90 -12.59
N ALA N 243 33.60 -39.86 -12.30
CA ALA N 243 32.51 -39.52 -13.20
C ALA N 243 33.04 -39.10 -14.56
N HIS N 244 34.11 -38.30 -14.58
CA HIS N 244 34.71 -37.91 -15.85
C HIS N 244 35.25 -39.11 -16.62
N ALA N 245 35.88 -40.05 -15.91
CA ALA N 245 36.41 -41.25 -16.56
C ALA N 245 35.29 -42.08 -17.15
N LEU N 246 34.17 -42.23 -16.43
CA LEU N 246 33.04 -42.97 -16.97
C LEU N 246 32.47 -42.26 -18.20
N ILE N 247 32.37 -40.94 -18.16
CA ILE N 247 31.81 -40.20 -19.29
C ILE N 247 32.70 -40.34 -20.51
N THR N 248 34.02 -40.21 -20.34
CA THR N 248 34.93 -40.28 -21.48
C THR N 248 35.01 -41.70 -22.04
N VAL N 249 35.17 -42.69 -21.15
CA VAL N 249 35.29 -44.07 -21.61
C VAL N 249 33.99 -44.55 -22.24
N PHE N 250 32.87 -44.29 -21.58
CA PHE N 250 31.57 -44.73 -22.07
C PHE N 250 30.78 -43.58 -22.69
N ARG O 1 33.64 -2.02 -34.17
CA ARG O 1 32.70 -1.53 -33.16
C ARG O 1 31.32 -1.33 -33.77
N VAL O 2 30.29 -1.69 -33.02
CA VAL O 2 28.91 -1.50 -33.46
C VAL O 2 28.32 -0.32 -32.69
N PRO O 3 28.26 0.86 -33.30
CA PRO O 3 27.84 2.05 -32.54
C PRO O 3 26.36 2.01 -32.17
N GLY O 4 26.05 2.66 -31.04
CA GLY O 4 24.69 2.89 -30.65
C GLY O 4 24.46 4.37 -30.41
N GLY O 5 23.19 4.74 -30.40
CA GLY O 5 22.85 6.15 -30.24
C GLY O 5 22.78 6.86 -31.58
N LYS O 6 21.82 7.79 -31.70
CA LYS O 6 21.56 8.43 -32.98
C LYS O 6 22.75 9.27 -33.45
N ARG O 7 23.38 9.99 -32.53
CA ARG O 7 24.37 11.00 -32.91
C ARG O 7 25.63 10.37 -33.48
N THR O 8 26.09 9.26 -32.90
CA THR O 8 27.29 8.61 -33.39
C THR O 8 27.12 8.16 -34.84
N GLN O 9 25.94 7.63 -35.17
CA GLN O 9 25.70 7.16 -36.53
C GLN O 9 25.45 8.31 -37.50
N GLU O 10 24.74 9.35 -37.06
CA GLU O 10 24.40 10.43 -37.98
C GLU O 10 25.49 11.48 -38.10
N LEU O 11 26.53 11.43 -37.27
CA LEU O 11 27.68 12.32 -37.40
C LEU O 11 28.94 11.59 -37.82
N GLY O 12 28.96 10.26 -37.76
CA GLY O 12 30.16 9.52 -38.10
C GLY O 12 31.23 9.55 -37.05
N LEU O 13 30.87 9.80 -35.79
CA LEU O 13 31.87 9.80 -34.72
C LEU O 13 32.52 8.44 -34.61
N VAL O 14 33.86 8.43 -34.56
CA VAL O 14 34.64 7.20 -34.54
C VAL O 14 35.57 7.26 -33.34
N ILE O 15 36.00 6.09 -32.89
CA ILE O 15 36.90 5.96 -31.75
C ILE O 15 38.20 5.37 -32.23
N PRO O 16 39.21 6.20 -32.49
CA PRO O 16 40.49 5.69 -32.96
C PRO O 16 41.18 4.85 -31.90
N MET O 17 41.92 3.84 -32.37
CA MET O 17 42.71 2.99 -31.49
C MET O 17 44.15 2.99 -31.98
N ALA O 18 45.08 3.24 -31.07
CA ALA O 18 46.49 3.19 -31.41
C ALA O 18 46.88 1.77 -31.82
N ASP O 19 47.62 1.68 -32.92
CA ASP O 19 48.15 0.38 -33.35
C ASP O 19 49.37 -0.04 -32.54
N GLU O 20 50.00 0.88 -31.82
CA GLU O 20 51.12 0.55 -30.95
C GLU O 20 50.59 0.01 -29.63
N ASP O 21 51.47 -0.14 -28.65
CA ASP O 21 51.11 -0.79 -27.39
C ASP O 21 50.66 0.19 -26.32
N GLY O 22 51.10 1.44 -26.38
CA GLY O 22 50.88 2.34 -25.26
C GLY O 22 52.09 2.37 -24.35
N LEU O 23 52.04 1.60 -23.27
CA LEU O 23 53.17 1.46 -22.36
C LEU O 23 53.79 0.08 -22.52
N THR O 24 55.12 0.03 -22.54
CA THR O 24 55.83 -1.23 -22.57
C THR O 24 55.70 -1.93 -21.22
N ASP O 25 56.01 -3.23 -21.22
CA ASP O 25 55.90 -4.01 -19.98
C ASP O 25 56.83 -3.49 -18.91
N GLY O 26 58.00 -2.96 -19.30
CA GLY O 26 58.91 -2.41 -18.31
C GLY O 26 58.33 -1.23 -17.57
N GLN O 27 57.62 -0.35 -18.27
CA GLN O 27 56.99 0.80 -17.62
C GLN O 27 55.88 0.35 -16.68
N VAL O 28 55.09 -0.66 -17.08
CA VAL O 28 54.05 -1.18 -16.20
C VAL O 28 54.66 -1.77 -14.95
N ALA O 29 55.77 -2.50 -15.09
CA ALA O 29 56.45 -3.05 -13.92
C ALA O 29 57.00 -1.94 -13.02
N GLY O 30 57.54 -0.89 -13.62
CA GLY O 30 58.01 0.24 -12.83
C GLY O 30 56.90 0.89 -12.04
N LEU O 31 55.71 1.00 -12.65
CA LEU O 31 54.56 1.51 -11.90
C LEU O 31 54.13 0.53 -10.81
N PHE O 32 54.22 -0.77 -11.08
CA PHE O 32 53.76 -1.76 -10.10
C PHE O 32 54.68 -1.81 -8.89
N VAL O 33 55.97 -1.52 -9.06
CA VAL O 33 56.87 -1.47 -7.90
C VAL O 33 56.40 -0.42 -6.91
N ILE O 34 56.13 0.79 -7.40
CA ILE O 34 55.70 1.86 -6.50
C ILE O 34 54.29 1.60 -6.01
N ALA O 35 53.44 0.94 -6.81
CA ALA O 35 52.13 0.54 -6.32
C ALA O 35 52.25 -0.43 -5.14
N LEU O 36 53.19 -1.37 -5.23
CA LEU O 36 53.43 -2.29 -4.12
C LEU O 36 53.95 -1.53 -2.90
N VAL O 37 54.79 -0.52 -3.11
CA VAL O 37 55.26 0.29 -1.99
C VAL O 37 54.09 0.99 -1.31
N VAL O 38 53.20 1.59 -2.10
CA VAL O 38 51.99 2.20 -1.56
C VAL O 38 51.19 1.17 -0.78
N PHE O 39 51.10 -0.04 -1.32
CA PHE O 39 50.28 -1.09 -0.71
C PHE O 39 50.83 -1.50 0.66
N ILE O 40 52.15 -1.70 0.74
CA ILE O 40 52.76 -2.06 2.01
C ILE O 40 52.58 -0.94 3.03
N SER O 41 52.83 0.30 2.60
CA SER O 41 52.70 1.43 3.51
C SER O 41 51.25 1.59 3.97
N ALA O 42 50.29 1.33 3.08
CA ALA O 42 48.88 1.46 3.43
C ALA O 42 48.45 0.38 4.39
N MET O 43 48.96 -0.84 4.23
CA MET O 43 48.67 -1.90 5.20
C MET O 43 49.23 -1.54 6.57
N ASP O 44 50.45 -1.00 6.60
CA ASP O 44 51.02 -0.55 7.87
C ASP O 44 50.18 0.55 8.50
N LEU O 45 49.74 1.52 7.69
CA LEU O 45 48.91 2.61 8.21
C LEU O 45 47.58 2.08 8.73
N ALA O 46 46.99 1.11 8.04
CA ALA O 46 45.74 0.53 8.51
C ALA O 46 45.94 -0.17 9.85
N LYS O 47 47.07 -0.88 10.01
CA LYS O 47 47.36 -1.50 11.29
C LYS O 47 47.47 -0.44 12.39
N THR O 48 48.20 0.64 12.12
CA THR O 48 48.40 1.67 13.14
C THR O 48 47.10 2.35 13.51
N MET O 49 46.24 2.62 12.53
CA MET O 49 44.94 3.23 12.81
C MET O 49 44.04 2.27 13.57
N TYR O 50 44.08 0.99 13.24
CA TYR O 50 43.26 0.00 13.94
C TYR O 50 43.66 -0.09 15.41
N ASN O 51 44.96 -0.17 15.68
CA ASN O 51 45.41 -0.28 17.06
C ASN O 51 45.34 1.04 17.81
N GLY O 52 45.50 2.17 17.12
CA GLY O 52 45.41 3.46 17.76
C GLY O 52 46.64 3.80 18.57
N ILE O 53 46.54 4.93 19.28
CA ILE O 53 47.66 5.42 20.08
C ILE O 53 47.83 4.54 21.31
N ASN O 54 49.08 4.31 21.69
CA ASN O 54 49.39 3.59 22.92
C ASN O 54 49.95 4.57 23.95
N PRO O 55 49.17 4.95 24.96
CA PRO O 55 49.66 5.95 25.92
C PRO O 55 50.67 5.38 26.89
N ALA O 56 50.59 4.08 27.14
CA ALA O 56 51.46 3.41 28.10
C ALA O 56 52.86 3.16 27.57
N LYS O 57 53.23 3.77 26.44
CA LYS O 57 54.56 3.57 25.88
C LYS O 57 55.64 4.17 26.78
N PHE O 58 55.31 5.21 27.55
CA PHE O 58 56.32 5.84 28.40
C PHE O 58 56.82 4.93 29.51
N LYS O 59 56.11 3.83 29.79
CA LYS O 59 56.58 2.88 30.79
C LYS O 59 57.60 1.90 30.22
N THR O 60 57.53 1.61 28.93
CA THR O 60 58.39 0.59 28.32
C THR O 60 59.29 1.13 27.22
N SER O 61 58.78 2.00 26.36
CA SER O 61 59.57 2.49 25.23
C SER O 61 60.76 3.32 25.71
N LYS O 62 61.83 3.28 24.94
CA LYS O 62 63.06 4.00 25.29
C LYS O 62 62.89 5.48 24.94
N GLY O 63 63.95 6.25 25.11
CA GLY O 63 63.88 7.66 24.86
C GLY O 63 63.08 8.37 25.96
N LYS O 64 62.81 9.65 25.71
CA LYS O 64 62.04 10.44 26.66
C LYS O 64 61.02 11.33 25.96
N GLY O 65 60.65 11.01 24.72
CA GLY O 65 59.74 11.85 23.97
C GLY O 65 60.41 13.13 23.52
N TYR O 66 59.66 13.92 22.75
CA TYR O 66 60.18 15.18 22.26
C TYR O 66 59.02 16.04 21.79
N ILE O 67 59.04 17.32 22.18
CA ILE O 67 58.12 18.32 21.67
C ILE O 67 58.97 19.32 20.89
N SER O 68 58.68 19.46 19.60
CA SER O 68 59.48 20.33 18.75
C SER O 68 59.39 21.77 19.26
N PRO O 69 60.45 22.57 19.11
CA PRO O 69 60.40 23.94 19.65
C PRO O 69 59.28 24.79 19.07
N LEU O 70 58.81 24.51 17.86
CA LEU O 70 57.66 25.25 17.35
C LEU O 70 56.37 24.74 18.00
N VAL O 71 56.30 23.45 18.32
CA VAL O 71 55.08 22.92 18.93
C VAL O 71 54.85 23.54 20.30
N LYS O 72 55.94 23.79 21.04
CA LYS O 72 55.81 24.49 22.32
C LYS O 72 55.27 25.91 22.12
N ARG O 73 55.80 26.61 21.11
CA ARG O 73 55.32 27.96 20.82
C ARG O 73 53.85 27.94 20.44
N TYR O 74 53.44 26.96 19.64
CA TYR O 74 52.04 26.83 19.27
C TYR O 74 51.17 26.50 20.47
N ILE O 75 51.72 25.76 21.44
CA ILE O 75 51.00 25.48 22.67
C ILE O 75 50.75 26.77 23.45
N GLU O 76 51.80 27.56 23.64
CA GLU O 76 51.68 28.76 24.47
C GLU O 76 51.23 29.99 23.70
N ASN O 77 51.12 29.91 22.37
CA ASN O 77 50.55 31.02 21.62
C ASN O 77 49.04 31.13 21.79
N GLY O 78 48.39 30.06 22.22
CA GLY O 78 46.94 30.07 22.37
C GLY O 78 46.29 28.83 21.81
N PHE O 79 45.05 28.96 21.36
CA PHE O 79 44.29 27.81 20.86
C PHE O 79 43.28 28.22 19.81
N ILE P 1 -42.26 -1.58 18.04
CA ILE P 1 -41.14 -2.24 17.39
C ILE P 1 -40.31 -1.24 16.60
N PHE P 2 -40.94 -0.58 15.64
CA PHE P 2 -40.26 0.41 14.81
C PHE P 2 -40.23 1.80 15.44
N ARG P 3 -40.87 1.99 16.60
CA ARG P 3 -40.83 3.26 17.29
C ARG P 3 -39.43 3.61 17.77
N TYR P 4 -38.52 2.63 17.81
CA TYR P 4 -37.15 2.87 18.21
C TYR P 4 -36.23 3.23 17.04
N ILE P 5 -36.76 3.25 15.81
CA ILE P 5 -36.00 3.72 14.66
C ILE P 5 -36.08 5.23 14.65
N ASN P 6 -35.14 5.88 15.32
CA ASN P 6 -35.16 7.31 15.55
C ASN P 6 -33.94 7.96 14.92
N THR P 7 -34.10 9.22 14.50
CA THR P 7 -33.01 9.99 13.94
C THR P 7 -32.12 10.63 14.99
N THR P 8 -32.43 10.45 16.27
CA THR P 8 -31.67 11.11 17.34
C THR P 8 -30.20 10.74 17.34
N LEU P 9 -29.83 9.60 16.75
CA LEU P 9 -28.44 9.19 16.68
C LEU P 9 -27.73 9.67 15.42
N TRP P 10 -28.47 10.23 14.44
CA TRP P 10 -27.83 10.72 13.24
C TRP P 10 -26.89 11.87 13.54
N ALA P 11 -27.32 12.81 14.38
CA ALA P 11 -26.44 13.91 14.77
C ALA P 11 -25.31 13.44 15.68
N LYS P 12 -25.55 12.39 16.47
CA LYS P 12 -24.55 11.87 17.40
C LYS P 12 -23.64 10.91 16.66
N ALA P 13 -22.64 11.47 15.99
CA ALA P 13 -21.66 10.67 15.27
C ALA P 13 -20.82 9.84 16.25
N GLY P 14 -20.44 8.65 15.81
CA GLY P 14 -19.64 7.76 16.63
C GLY P 14 -20.39 7.05 17.74
N HIS P 15 -21.72 7.03 17.67
CA HIS P 15 -22.51 6.41 18.73
C HIS P 15 -22.29 4.91 18.79
N PHE P 16 -22.02 4.28 17.64
CA PHE P 16 -21.98 2.82 17.57
C PHE P 16 -20.84 2.21 18.38
N ASN P 17 -19.75 2.95 18.58
CA ASN P 17 -18.61 2.44 19.33
C ASN P 17 -18.48 3.19 20.64
N LYS P 18 -18.27 2.44 21.73
CA LYS P 18 -18.12 3.04 23.04
C LYS P 18 -16.75 3.67 23.26
N ALA P 19 -15.80 3.42 22.36
CA ALA P 19 -14.50 4.09 22.45
C ALA P 19 -14.54 5.50 21.87
N LEU P 20 -15.57 5.83 21.09
CA LEU P 20 -15.74 7.15 20.53
C LEU P 20 -16.69 8.02 21.33
N SER P 21 -17.20 7.53 22.45
CA SER P 21 -18.20 8.28 23.22
C SER P 21 -17.60 9.48 23.94
N LYS P 22 -16.28 9.53 24.09
CA LYS P 22 -15.65 10.65 24.78
C LYS P 22 -15.70 11.95 23.98
N GLY P 23 -16.09 11.91 22.72
CA GLY P 23 -16.14 13.08 21.90
C GLY P 23 -14.90 13.23 21.03
N ALA P 24 -15.02 14.10 20.02
CA ALA P 24 -13.95 14.32 19.04
C ALA P 24 -12.93 15.28 19.65
N LYS P 25 -12.09 14.75 20.53
CA LYS P 25 -11.03 15.56 21.12
C LYS P 25 -9.89 15.80 20.16
N THR P 26 -9.60 14.86 19.27
CA THR P 26 -8.54 14.97 18.28
C THR P 26 -9.06 14.52 16.92
N THR P 27 -8.25 14.79 15.88
CA THR P 27 -8.62 14.39 14.54
C THR P 27 -8.52 12.88 14.33
N THR P 28 -7.80 12.17 15.21
CA THR P 28 -7.79 10.71 15.17
C THR P 28 -9.19 10.15 15.38
N TRP P 29 -10.04 10.90 16.09
CA TRP P 29 -11.41 10.47 16.33
C TRP P 29 -12.17 10.30 15.02
N ILE P 30 -11.95 11.18 14.06
CA ILE P 30 -12.65 11.10 12.78
C ILE P 30 -12.27 9.81 12.05
N TRP P 31 -10.97 9.52 11.98
CA TRP P 31 -10.53 8.32 11.28
C TRP P 31 -10.98 7.06 11.99
N ASN P 32 -10.96 7.07 13.32
CA ASN P 32 -11.48 5.92 14.07
C ASN P 32 -12.98 5.74 13.82
N LEU P 33 -13.73 6.84 13.74
CA LEU P 33 -15.15 6.77 13.44
C LEU P 33 -15.38 6.11 12.08
N HIS P 34 -14.59 6.50 11.09
CA HIS P 34 -14.72 5.88 9.77
C HIS P 34 -14.25 4.43 9.76
N ASP P 35 -13.27 4.09 10.58
CA ASP P 35 -12.70 2.76 10.62
C ASP P 35 -13.62 1.75 11.29
N TYR P 36 -14.35 2.16 12.33
CA TYR P 36 -15.23 1.26 13.07
C TYR P 36 -16.66 1.25 12.53
N ALA P 37 -16.91 1.92 11.39
CA ALA P 37 -18.27 2.10 10.91
C ALA P 37 -18.93 0.75 10.63
N HIS P 38 -18.24 -0.13 9.93
CA HIS P 38 -18.79 -1.43 9.55
C HIS P 38 -18.31 -2.56 10.45
N ASP P 39 -17.53 -2.26 11.48
CA ASP P 39 -17.05 -3.28 12.42
C ASP P 39 -18.15 -3.56 13.44
N PHE P 40 -19.16 -4.31 13.00
CA PHE P 40 -20.33 -4.56 13.82
C PHE P 40 -19.98 -5.38 15.06
N ASP P 41 -18.91 -6.17 15.01
CA ASP P 41 -18.56 -7.03 16.13
C ASP P 41 -18.20 -6.23 17.37
N ILE P 42 -17.41 -5.16 17.19
CA ILE P 42 -16.92 -4.38 18.33
C ILE P 42 -17.88 -3.27 18.73
N GLN P 43 -18.97 -3.07 18.00
CA GLN P 43 -19.90 -1.99 18.30
C GLN P 43 -20.79 -2.37 19.47
N GLN P 44 -21.49 -1.37 20.00
CA GLN P 44 -22.26 -1.53 21.23
C GLN P 44 -23.49 -2.40 21.02
N ARG P 45 -23.87 -3.13 22.08
CA ARG P 45 -25.09 -3.93 22.25
C ARG P 45 -24.81 -5.42 22.06
N SER P 46 -25.86 -6.23 22.09
CA SER P 46 -25.73 -7.68 22.16
C SER P 46 -25.43 -8.28 20.79
N THR P 47 -25.35 -9.61 20.75
CA THR P 47 -24.99 -10.32 19.53
C THR P 47 -26.12 -10.30 18.51
N GLY P 48 -27.37 -10.20 18.97
CA GLY P 48 -28.48 -10.11 18.04
C GLY P 48 -28.39 -8.90 17.14
N LEU P 49 -27.93 -7.78 17.69
CA LEU P 49 -27.73 -6.58 16.88
C LEU P 49 -26.67 -6.83 15.81
N ILE P 50 -25.66 -7.64 16.12
CA ILE P 50 -24.65 -7.96 15.12
C ILE P 50 -25.27 -8.66 13.93
N ALA P 51 -26.13 -9.65 14.20
CA ALA P 51 -26.80 -10.37 13.13
C ALA P 51 -27.71 -9.45 12.33
N ARG P 52 -28.48 -8.62 13.03
CA ARG P 52 -29.37 -7.70 12.33
C ARG P 52 -28.58 -6.75 11.42
N LYS P 53 -27.50 -6.19 11.94
CA LYS P 53 -26.66 -5.28 11.16
C LYS P 53 -26.09 -5.98 9.95
N VAL P 54 -25.53 -7.18 10.15
CA VAL P 54 -24.90 -7.89 9.03
C VAL P 54 -25.92 -8.18 7.94
N PHE P 55 -27.08 -8.74 8.31
CA PHE P 55 -28.06 -9.12 7.29
C PHE P 55 -28.63 -7.90 6.58
N SER P 56 -28.97 -6.85 7.34
CA SER P 56 -29.55 -5.66 6.72
C SER P 56 -28.53 -4.94 5.85
N SER P 57 -27.27 -4.93 6.26
CA SER P 57 -26.24 -4.33 5.41
C SER P 57 -26.03 -5.12 4.13
N ASN P 58 -26.12 -6.45 4.22
CA ASN P 58 -26.08 -7.26 3.01
C ASN P 58 -27.21 -6.88 2.07
N LEU P 59 -28.42 -6.73 2.62
CA LEU P 59 -29.56 -6.34 1.79
C LEU P 59 -29.35 -4.94 1.17
N ALA P 60 -28.81 -4.01 1.96
CA ALA P 60 -28.57 -2.67 1.44
C ALA P 60 -27.56 -2.68 0.30
N HIS P 61 -26.48 -3.45 0.46
CA HIS P 61 -25.51 -3.56 -0.62
C HIS P 61 -26.11 -4.23 -1.85
N LEU P 62 -26.99 -5.21 -1.64
CA LEU P 62 -27.66 -5.83 -2.77
C LEU P 62 -28.53 -4.82 -3.51
N SER P 63 -29.22 -3.95 -2.76
CA SER P 63 -29.97 -2.86 -3.39
C SER P 63 -29.05 -1.93 -4.16
N LEU P 64 -27.85 -1.68 -3.63
CA LEU P 64 -26.89 -0.83 -4.32
C LEU P 64 -26.46 -1.45 -5.65
N VAL P 65 -26.20 -2.77 -5.65
CA VAL P 65 -25.83 -3.45 -6.88
C VAL P 65 -26.98 -3.41 -7.89
N PHE P 66 -28.22 -3.58 -7.40
CA PHE P 66 -29.37 -3.49 -8.28
C PHE P 66 -29.51 -2.08 -8.86
N PHE P 67 -29.23 -1.05 -8.06
CA PHE P 67 -29.25 0.31 -8.57
C PHE P 67 -28.20 0.52 -9.65
N TRP P 68 -27.01 -0.05 -9.46
CA TRP P 68 -25.97 0.03 -10.48
C TRP P 68 -26.40 -0.66 -11.78
N ILE P 69 -27.03 -1.84 -11.66
CA ILE P 69 -27.55 -2.53 -12.83
C ILE P 69 -28.61 -1.68 -13.53
N SER P 70 -29.49 -1.06 -12.75
CA SER P 70 -30.52 -0.21 -13.33
C SER P 70 -29.92 0.98 -14.06
N GLY P 71 -28.86 1.57 -13.49
CA GLY P 71 -28.17 2.66 -14.17
C GLY P 71 -27.57 2.22 -15.49
N MET P 72 -26.94 1.04 -15.50
CA MET P 72 -26.40 0.53 -16.75
C MET P 72 -27.51 0.30 -17.78
N HIS P 73 -28.64 -0.23 -17.33
CA HIS P 73 -29.75 -0.48 -18.25
C HIS P 73 -30.32 0.83 -18.81
N LEU P 74 -30.47 1.85 -17.97
CA LEU P 74 -30.99 3.12 -18.48
C LEU P 74 -29.98 3.79 -19.41
N HIS P 75 -28.69 3.66 -19.12
CA HIS P 75 -27.69 4.19 -20.04
C HIS P 75 -27.77 3.48 -21.39
N GLY P 76 -28.08 2.21 -21.35
CA GLY P 76 -28.19 1.47 -22.59
C GLY P 76 -29.45 1.77 -23.33
N ALA P 77 -30.45 2.31 -22.68
CA ALA P 77 -31.70 2.51 -23.38
C ALA P 77 -31.80 3.89 -23.84
N TYR P 78 -31.19 4.80 -23.13
CA TYR P 78 -31.39 6.20 -23.45
C TYR P 78 -30.12 6.99 -23.70
N LEU P 79 -28.94 6.39 -23.53
CA LEU P 79 -27.68 7.11 -23.72
C LEU P 79 -26.69 6.25 -24.48
N SER P 80 -27.21 5.51 -25.45
CA SER P 80 -26.37 4.58 -26.18
C SER P 80 -26.63 4.40 -27.63
N ASN P 81 -25.63 3.91 -28.33
CA ASN P 81 -25.79 3.57 -29.75
C ASN P 81 -26.05 2.08 -29.92
N TYR P 82 -26.79 1.48 -28.98
CA TYR P 82 -27.07 0.05 -29.02
C TYR P 82 -27.88 -0.34 -30.24
N ASP P 83 -28.65 0.59 -30.83
CA ASP P 83 -29.42 0.27 -32.03
C ASP P 83 -28.51 -0.08 -33.20
N ILE P 84 -27.60 0.85 -33.54
CA ILE P 84 -26.71 0.61 -34.67
C ILE P 84 -25.74 -0.52 -34.35
N TRP P 85 -25.37 -0.70 -33.08
CA TRP P 85 -24.55 -1.85 -32.71
C TRP P 85 -25.30 -3.14 -32.97
N LEU P 86 -26.60 -3.18 -32.66
CA LEU P 86 -27.41 -4.34 -33.00
C LEU P 86 -27.41 -4.58 -34.49
N LYS P 87 -27.62 -3.52 -35.27
CA LYS P 87 -27.66 -3.68 -36.73
C LYS P 87 -26.32 -4.12 -37.31
N ASP P 88 -25.23 -3.56 -36.80
CA ASP P 88 -23.89 -3.87 -37.31
C ASP P 88 -22.89 -3.84 -36.17
N PRO P 89 -22.74 -4.95 -35.44
CA PRO P 89 -21.82 -4.95 -34.29
C PRO P 89 -20.35 -4.97 -34.67
N LYS P 90 -20.02 -5.41 -35.88
CA LYS P 90 -18.63 -5.52 -36.31
C LYS P 90 -18.05 -4.20 -36.81
N SER P 91 -18.88 -3.17 -36.96
CA SER P 91 -18.41 -1.86 -37.43
C SER P 91 -18.68 -0.75 -36.43
N ILE P 92 -19.37 -1.03 -35.32
CA ILE P 92 -19.73 -0.02 -34.34
C ILE P 92 -19.16 -0.43 -32.99
N THR P 93 -18.41 0.48 -32.36
CA THR P 93 -17.92 0.23 -31.01
C THR P 93 -19.04 0.48 -30.00
N PRO P 94 -19.19 -0.39 -29.00
CA PRO P 94 -20.22 -0.16 -27.99
C PRO P 94 -19.99 1.15 -27.25
N SER P 95 -21.08 1.87 -26.97
CA SER P 95 -20.97 3.14 -26.27
C SER P 95 -22.31 3.46 -25.64
N SER P 96 -22.38 3.40 -24.31
CA SER P 96 -23.52 3.86 -23.53
C SER P 96 -23.09 4.92 -22.52
N HIS P 97 -22.13 5.76 -22.91
CA HIS P 97 -21.46 6.64 -21.97
C HIS P 97 -21.02 7.89 -22.72
N LEU P 98 -21.69 9.01 -22.46
CA LEU P 98 -21.36 10.28 -23.08
C LEU P 98 -20.64 11.19 -22.10
N ALA P 99 -20.14 12.30 -22.62
CA ALA P 99 -19.50 13.34 -21.81
C ALA P 99 -20.07 14.68 -22.22
N TYR P 100 -20.31 15.53 -21.22
CA TYR P 100 -20.91 16.86 -21.48
C TYR P 100 -19.88 17.73 -22.19
N SER P 101 -20.34 18.68 -22.98
CA SER P 101 -19.44 19.61 -23.69
C SER P 101 -19.04 20.76 -22.77
N LEU P 102 -18.25 20.47 -21.74
CA LEU P 102 -17.79 21.53 -20.80
C LEU P 102 -16.27 21.47 -20.78
N ILE P 103 -15.61 22.62 -20.58
CA ILE P 103 -14.12 22.67 -20.48
C ILE P 103 -13.51 21.89 -21.64
N GLY P 104 -14.20 21.80 -22.78
CA GLY P 104 -13.66 21.10 -23.96
C GLY P 104 -13.73 19.60 -23.79
N GLN P 105 -14.36 19.11 -22.71
CA GLN P 105 -14.48 17.66 -22.46
C GLN P 105 -15.13 17.01 -23.68
N ASP P 106 -15.69 17.82 -24.57
CA ASP P 106 -16.32 17.29 -25.80
C ASP P 106 -15.29 16.47 -26.57
N ILE P 107 -14.00 16.69 -26.31
CA ILE P 107 -12.95 15.97 -27.07
C ILE P 107 -12.94 14.50 -26.63
N LEU P 108 -13.66 14.15 -25.56
CA LEU P 108 -13.58 12.77 -25.11
C LEU P 108 -14.49 11.87 -25.92
N ASN P 109 -15.69 12.34 -26.25
CA ASN P 109 -16.58 11.62 -27.13
C ASN P 109 -15.92 11.44 -28.49
N SER P 110 -15.98 10.23 -29.04
CA SER P 110 -15.36 9.92 -30.31
C SER P 110 -16.40 9.26 -31.22
N TYR P 111 -16.06 9.21 -32.51
CA TYR P 111 -16.96 8.62 -33.50
C TYR P 111 -17.09 7.12 -33.23
N THR P 112 -18.28 6.71 -32.79
CA THR P 112 -18.64 5.30 -32.74
C THR P 112 -19.64 4.92 -33.82
N SER P 113 -20.52 5.83 -34.21
CA SER P 113 -21.46 5.63 -35.30
C SER P 113 -21.67 6.96 -35.99
N GLU P 114 -22.29 6.92 -37.17
CA GLU P 114 -22.51 8.13 -37.94
C GLU P 114 -23.46 9.10 -37.23
N TYR P 115 -24.28 8.60 -36.30
CA TYR P 115 -25.21 9.44 -35.56
C TYR P 115 -24.90 9.51 -34.07
N PHE P 116 -23.80 8.91 -33.62
CA PHE P 116 -23.49 8.86 -32.20
C PHE P 116 -22.02 9.14 -31.97
N SER P 117 -21.73 9.96 -30.96
CA SER P 117 -20.38 10.19 -30.48
C SER P 117 -20.37 10.02 -28.97
N GLY P 118 -19.44 9.21 -28.48
CA GLY P 118 -19.39 8.94 -27.06
C GLY P 118 -18.17 8.12 -26.70
N ILE P 119 -18.10 7.74 -25.43
CA ILE P 119 -16.98 6.97 -24.90
C ILE P 119 -17.25 5.49 -25.13
N THR P 120 -16.31 4.83 -25.79
CA THR P 120 -16.44 3.39 -26.07
C THR P 120 -16.40 2.62 -24.76
N ILE P 121 -17.52 2.01 -24.40
CA ILE P 121 -17.58 1.20 -23.19
C ILE P 121 -16.98 -0.16 -23.48
N THR P 122 -16.29 -0.72 -22.49
CA THR P 122 -15.69 -2.05 -22.61
C THR P 122 -16.22 -3.01 -21.56
N SER P 123 -17.38 -2.71 -20.97
CA SER P 123 -18.00 -3.59 -19.99
C SER P 123 -18.64 -4.82 -20.62
N GLY P 124 -18.84 -4.82 -21.93
CA GLY P 124 -19.48 -5.95 -22.58
C GLY P 124 -20.96 -6.04 -22.35
N PHE P 125 -21.61 -4.94 -21.96
CA PHE P 125 -23.04 -4.97 -21.70
C PHE P 125 -23.85 -5.16 -22.98
N PHE P 126 -23.35 -4.65 -24.11
CA PHE P 126 -24.08 -4.80 -25.36
C PHE P 126 -24.14 -6.26 -25.80
N GLN P 127 -23.02 -6.98 -25.67
CA GLN P 127 -23.03 -8.41 -25.97
C GLN P 127 -23.95 -9.17 -25.02
N LEU P 128 -23.97 -8.77 -23.74
CA LEU P 128 -24.89 -9.40 -22.80
C LEU P 128 -26.34 -9.15 -23.18
N TYR P 129 -26.66 -7.93 -23.61
CA TYR P 129 -28.02 -7.61 -24.03
C TYR P 129 -28.41 -8.43 -25.25
N ARG P 130 -27.52 -8.54 -26.24
CA ARG P 130 -27.83 -9.31 -27.43
C ARG P 130 -28.01 -10.80 -27.09
N SER P 131 -27.16 -11.32 -26.21
CA SER P 131 -27.34 -12.68 -25.72
C SER P 131 -28.58 -12.81 -24.85
N GLU P 132 -29.11 -11.69 -24.35
CA GLU P 132 -30.35 -11.66 -23.59
C GLU P 132 -31.55 -11.26 -24.46
N GLY P 133 -31.41 -11.32 -25.78
CA GLY P 133 -32.52 -11.09 -26.67
C GLY P 133 -33.16 -9.73 -26.53
N ILE P 134 -32.39 -8.72 -26.15
CA ILE P 134 -32.90 -7.37 -25.97
C ILE P 134 -32.65 -6.60 -27.26
N ILE P 135 -33.73 -6.22 -27.94
CA ILE P 135 -33.66 -5.60 -29.26
C ILE P 135 -34.24 -4.20 -29.26
N THR P 136 -35.42 -4.02 -28.66
CA THR P 136 -36.09 -2.73 -28.65
C THR P 136 -35.72 -1.93 -27.41
N GLN P 137 -35.92 -0.61 -27.51
CA GLN P 137 -35.66 0.25 -26.36
C GLN P 137 -36.62 -0.03 -25.22
N SER P 138 -37.83 -0.51 -25.52
CA SER P 138 -38.79 -0.82 -24.48
C SER P 138 -38.29 -1.93 -23.57
N GLN P 139 -37.61 -2.93 -24.14
CA GLN P 139 -37.07 -4.01 -23.32
C GLN P 139 -36.05 -3.50 -22.32
N LEU P 140 -35.17 -2.59 -22.75
CA LEU P 140 -34.21 -2.01 -21.83
C LEU P 140 -34.90 -1.11 -20.81
N LYS P 141 -35.96 -0.41 -21.23
CA LYS P 141 -36.74 0.40 -20.30
C LYS P 141 -37.30 -0.46 -19.18
N TYR P 142 -37.87 -1.61 -19.53
CA TYR P 142 -38.49 -2.46 -18.53
C TYR P 142 -37.44 -3.19 -17.70
N ALA P 143 -36.27 -3.50 -18.28
CA ALA P 143 -35.18 -4.03 -17.47
C ALA P 143 -34.73 -3.02 -16.42
N CYS P 144 -34.58 -1.76 -16.83
CA CYS P 144 -34.22 -0.71 -15.88
C CYS P 144 -35.30 -0.53 -14.83
N ALA P 145 -36.57 -0.58 -15.23
CA ALA P 145 -37.66 -0.45 -14.27
C ALA P 145 -37.65 -1.59 -13.26
N THR P 146 -37.43 -2.83 -13.72
CA THR P 146 -37.40 -3.96 -12.80
C THR P 146 -36.21 -3.87 -11.87
N SER P 147 -35.07 -3.38 -12.36
CA SER P 147 -33.91 -3.22 -11.50
C SER P 147 -34.13 -2.13 -10.45
N LEU P 148 -34.80 -1.03 -10.84
CA LEU P 148 -35.14 0.00 -9.86
C LEU P 148 -36.11 -0.53 -8.81
N ILE P 149 -37.10 -1.33 -9.24
CA ILE P 149 -38.03 -1.93 -8.30
C ILE P 149 -37.30 -2.85 -7.35
N ALA P 150 -36.34 -3.62 -7.87
CA ALA P 150 -35.54 -4.48 -7.00
C ALA P 150 -34.72 -3.67 -6.02
N THR P 151 -34.18 -2.54 -6.46
CA THR P 151 -33.45 -1.65 -5.56
C THR P 151 -34.34 -1.18 -4.42
N LEU P 152 -35.55 -0.74 -4.75
CA LEU P 152 -36.48 -0.29 -3.71
C LEU P 152 -36.85 -1.43 -2.77
N ILE P 153 -37.09 -2.62 -3.33
CA ILE P 153 -37.48 -3.77 -2.52
C ILE P 153 -36.37 -4.15 -1.55
N CYS P 154 -35.14 -4.22 -2.04
CA CYS P 154 -34.02 -4.59 -1.18
C CYS P 154 -33.73 -3.53 -0.14
N LEU P 155 -33.86 -2.26 -0.51
CA LEU P 155 -33.68 -1.18 0.47
C LEU P 155 -34.73 -1.27 1.56
N SER P 156 -35.99 -1.51 1.18
CA SER P 156 -37.05 -1.63 2.19
C SER P 156 -36.83 -2.86 3.06
N GLY P 157 -36.34 -3.96 2.49
CA GLY P 157 -36.07 -5.13 3.29
C GLY P 157 -34.94 -4.92 4.27
N SER P 158 -33.88 -4.24 3.85
CA SER P 158 -32.81 -3.88 4.77
C SER P 158 -33.33 -2.99 5.89
N TYR P 159 -34.21 -2.05 5.55
CA TYR P 159 -34.82 -1.20 6.59
C TYR P 159 -35.66 -2.04 7.55
N LEU P 160 -36.43 -2.98 7.03
CA LEU P 160 -37.36 -3.75 7.86
C LEU P 160 -36.62 -4.72 8.77
N HIS P 161 -35.59 -5.37 8.27
CA HIS P 161 -34.96 -6.46 9.02
C HIS P 161 -34.20 -5.95 10.26
N MET P 162 -33.93 -4.65 10.34
CA MET P 162 -33.32 -4.11 11.56
C MET P 162 -34.26 -4.19 12.74
N GLN P 163 -35.56 -4.41 12.50
CA GLN P 163 -36.54 -4.55 13.57
C GLN P 163 -37.37 -5.82 13.47
N LEU P 164 -37.46 -6.46 12.31
CA LEU P 164 -38.09 -7.77 12.23
C LEU P 164 -37.28 -8.81 13.00
N MET P 165 -35.98 -8.86 12.74
CA MET P 165 -35.10 -9.69 13.55
C MET P 165 -35.02 -9.13 14.97
N SER P 166 -34.90 -10.03 15.94
CA SER P 166 -34.93 -9.66 17.35
C SER P 166 -33.83 -10.43 18.07
N LYS P 167 -33.88 -10.38 19.41
CA LYS P 167 -32.92 -11.12 20.22
C LYS P 167 -33.06 -12.62 20.03
N PHE P 168 -34.27 -13.09 19.75
CA PHE P 168 -34.53 -14.50 19.56
C PHE P 168 -34.23 -14.98 18.14
N THR P 169 -33.89 -14.07 17.22
CA THR P 169 -33.69 -14.43 15.82
C THR P 169 -32.58 -15.46 15.69
N SER P 170 -32.85 -16.52 14.90
CA SER P 170 -31.90 -17.60 14.74
C SER P 170 -31.83 -18.17 13.33
N PHE P 171 -32.55 -17.58 12.36
CA PHE P 171 -32.57 -18.15 11.01
C PHE P 171 -31.23 -18.08 10.32
N TYR P 172 -30.37 -17.13 10.71
CA TYR P 172 -29.05 -17.03 10.09
C TYR P 172 -28.11 -18.13 10.57
N LYS P 173 -28.33 -18.66 11.77
CA LYS P 173 -27.49 -19.72 12.32
C LYS P 173 -27.86 -21.10 11.80
N LYS P 174 -28.99 -21.26 11.11
CA LYS P 174 -29.42 -22.55 10.60
C LYS P 174 -28.69 -22.83 9.28
N PHE P 175 -27.46 -23.32 9.41
CA PHE P 175 -26.61 -23.48 8.24
C PHE P 175 -27.08 -24.62 7.34
N GLN P 176 -27.68 -25.67 7.90
CA GLN P 176 -28.27 -26.71 7.06
C GLN P 176 -29.36 -26.13 6.18
N SER P 177 -30.25 -25.33 6.76
CA SER P 177 -31.32 -24.71 6.00
C SER P 177 -30.76 -23.80 4.92
N LEU P 178 -29.80 -22.94 5.29
CA LEU P 178 -29.22 -22.02 4.31
C LEU P 178 -28.61 -22.79 3.15
N SER P 179 -27.77 -23.78 3.44
CA SER P 179 -27.10 -24.52 2.38
C SER P 179 -28.12 -25.22 1.48
N GLN P 180 -29.10 -25.89 2.08
CA GLN P 180 -30.07 -26.65 1.29
C GLN P 180 -30.89 -25.72 0.39
N ASP P 181 -31.50 -24.67 0.96
CA ASP P 181 -32.36 -23.82 0.16
C ASP P 181 -31.55 -23.06 -0.89
N HIS P 182 -30.41 -22.48 -0.49
CA HIS P 182 -29.53 -21.85 -1.47
C HIS P 182 -29.25 -22.79 -2.63
N LEU P 183 -28.58 -23.92 -2.33
CA LEU P 183 -28.20 -24.88 -3.36
C LEU P 183 -29.39 -25.19 -4.27
N ILE P 184 -30.43 -25.81 -3.72
CA ILE P 184 -31.53 -26.28 -4.55
C ILE P 184 -32.21 -25.13 -5.27
N ILE P 185 -32.84 -24.23 -4.51
CA ILE P 185 -33.74 -23.24 -5.11
C ILE P 185 -33.01 -22.23 -5.97
N ILE P 186 -31.70 -21.99 -5.77
CA ILE P 186 -31.02 -20.96 -6.53
C ILE P 186 -30.13 -21.60 -7.58
N PHE P 187 -29.18 -22.44 -7.15
CA PHE P 187 -28.26 -23.01 -8.11
C PHE P 187 -28.97 -24.03 -8.99
N GLY P 188 -29.97 -24.73 -8.47
CA GLY P 188 -30.73 -25.67 -9.29
C GLY P 188 -32.00 -25.11 -9.89
N SER P 189 -32.88 -24.54 -9.05
CA SER P 189 -34.20 -24.11 -9.52
C SER P 189 -34.18 -22.76 -10.22
N ARG P 190 -33.09 -21.99 -10.10
CA ARG P 190 -32.96 -20.76 -10.88
C ARG P 190 -32.11 -20.94 -12.12
N SER P 191 -31.18 -21.91 -12.11
CA SER P 191 -30.45 -22.23 -13.33
C SER P 191 -31.39 -22.79 -14.40
N THR P 192 -32.30 -23.68 -13.99
CA THR P 192 -33.30 -24.17 -14.94
C THR P 192 -34.27 -23.06 -15.34
N SER P 193 -34.51 -22.10 -14.46
CA SER P 193 -35.34 -20.95 -14.83
C SER P 193 -34.67 -20.13 -15.91
N LEU P 194 -33.36 -19.90 -15.80
CA LEU P 194 -32.66 -19.18 -16.86
C LEU P 194 -32.58 -20.01 -18.13
N SER P 195 -32.47 -21.33 -17.99
CA SER P 195 -32.53 -22.19 -19.17
C SER P 195 -33.87 -22.04 -19.87
N ALA P 196 -34.95 -21.96 -19.11
CA ALA P 196 -36.27 -21.70 -19.68
C ALA P 196 -36.30 -20.35 -20.37
N HIS P 197 -35.74 -19.33 -19.72
CA HIS P 197 -35.70 -17.99 -20.32
C HIS P 197 -34.98 -18.02 -21.66
N GLN P 198 -33.84 -18.72 -21.72
CA GLN P 198 -33.10 -18.79 -22.97
C GLN P 198 -33.87 -19.56 -24.02
N ILE P 199 -34.37 -20.75 -23.67
CA ILE P 199 -35.08 -21.58 -24.63
C ILE P 199 -36.29 -20.84 -25.21
N HIS P 200 -36.94 -20.01 -24.39
CA HIS P 200 -38.17 -19.35 -24.83
C HIS P 200 -37.97 -17.92 -25.34
N LYS P 201 -36.79 -17.34 -25.19
CA LYS P 201 -36.65 -15.95 -25.65
C LYS P 201 -35.38 -15.71 -26.47
N MET P 202 -34.32 -16.48 -26.26
CA MET P 202 -33.08 -16.33 -27.01
C MET P 202 -33.13 -17.11 -28.31
N LEU P 203 -33.31 -18.43 -28.21
CA LEU P 203 -33.49 -19.26 -29.39
C LEU P 203 -34.62 -18.79 -30.30
N PRO P 204 -35.75 -18.29 -29.79
CA PRO P 204 -36.69 -17.59 -30.69
C PRO P 204 -36.14 -16.31 -31.29
N ALA P 205 -35.12 -15.69 -30.68
CA ALA P 205 -34.65 -14.39 -31.13
C ALA P 205 -33.26 -14.42 -31.74
N ASN P 206 -32.27 -14.93 -31.01
CA ASN P 206 -30.89 -14.88 -31.51
C ASN P 206 -30.71 -15.62 -32.84
N PRO P 207 -31.28 -16.82 -33.06
CA PRO P 207 -31.27 -17.37 -34.42
C PRO P 207 -31.94 -16.50 -35.45
N LEU P 208 -32.99 -15.76 -35.10
CA LEU P 208 -33.61 -14.86 -36.05
C LEU P 208 -32.64 -13.77 -36.50
N LEU P 209 -31.90 -13.19 -35.55
CA LEU P 209 -30.88 -12.21 -35.91
C LEU P 209 -29.77 -12.85 -36.73
N ASP P 210 -29.29 -14.03 -36.31
CA ASP P 210 -28.24 -14.71 -37.04
C ASP P 210 -28.72 -15.18 -38.41
N SER P 211 -30.02 -15.46 -38.55
CA SER P 211 -30.60 -15.80 -39.85
C SER P 211 -30.63 -14.62 -40.80
N GLY P 212 -30.06 -13.48 -40.38
CA GLY P 212 -30.00 -12.30 -41.19
C GLY P 212 -31.18 -11.37 -41.07
N ILE P 213 -32.25 -11.80 -40.39
CA ILE P 213 -33.42 -10.94 -40.21
C ILE P 213 -33.16 -10.15 -38.94
N SER P 214 -32.36 -9.09 -39.07
CA SER P 214 -32.31 -8.07 -38.03
C SER P 214 -33.62 -7.30 -38.00
N LYS P 215 -34.30 -7.24 -39.14
CA LYS P 215 -35.71 -6.86 -39.15
C LYS P 215 -36.55 -7.76 -38.26
N PRO P 216 -36.41 -9.10 -38.30
CA PRO P 216 -37.28 -10.00 -37.55
C PRO P 216 -38.77 -9.68 -37.71
N SER P 217 -39.12 -9.08 -38.85
CA SER P 217 -40.49 -8.61 -39.11
C SER P 217 -40.99 -7.74 -37.96
N ILE P 218 -40.10 -6.90 -37.44
CA ILE P 218 -40.30 -6.17 -36.20
C ILE P 218 -40.80 -7.14 -35.13
N LEU P 219 -41.98 -6.88 -34.58
CA LEU P 219 -42.54 -7.73 -33.54
C LEU P 219 -43.31 -8.93 -34.08
N GLN P 220 -43.55 -8.99 -35.39
CA GLN P 220 -44.32 -10.10 -35.95
C GLN P 220 -43.62 -11.43 -35.72
N VAL P 221 -42.29 -11.44 -35.71
CA VAL P 221 -41.51 -12.64 -35.47
C VAL P 221 -40.68 -12.54 -34.19
N ILE P 222 -40.12 -11.36 -33.91
CA ILE P 222 -39.24 -11.23 -32.76
C ILE P 222 -40.01 -11.38 -31.45
N SER P 223 -41.25 -10.91 -31.41
CA SER P 223 -42.06 -10.98 -30.20
C SER P 223 -42.64 -12.38 -30.04
N ASN P 224 -41.74 -13.33 -29.81
CA ASN P 224 -42.05 -14.76 -29.63
C ASN P 224 -42.93 -15.20 -30.80
N SER P 225 -43.98 -15.99 -30.57
CA SER P 225 -44.87 -16.47 -31.63
C SER P 225 -44.08 -17.18 -32.73
N LEU P 226 -43.06 -17.92 -32.32
CA LEU P 226 -42.16 -18.61 -33.25
C LEU P 226 -41.96 -20.05 -32.81
N SER P 227 -43.06 -20.74 -32.49
CA SER P 227 -43.01 -22.14 -32.08
C SER P 227 -42.78 -23.09 -33.24
N TYR P 228 -42.46 -22.56 -34.43
CA TYR P 228 -42.12 -23.38 -35.59
C TYR P 228 -40.63 -23.38 -35.88
N THR P 229 -39.80 -23.07 -34.88
CA THR P 229 -38.36 -22.98 -35.06
C THR P 229 -37.59 -24.11 -34.38
N LEU P 230 -38.20 -24.82 -33.43
CA LEU P 230 -37.59 -25.92 -32.70
C LEU P 230 -36.50 -25.43 -31.75
N ALA P 231 -36.35 -26.09 -30.60
CA ALA P 231 -35.39 -25.65 -29.60
C ALA P 231 -33.96 -25.84 -30.09
N LEU P 232 -33.64 -27.03 -30.58
CA LEU P 232 -32.30 -27.32 -31.10
C LEU P 232 -32.30 -27.15 -32.62
N PHE P 233 -32.51 -25.89 -33.02
CA PHE P 233 -32.68 -25.59 -34.45
C PHE P 233 -31.37 -25.74 -35.21
N SER P 234 -30.26 -25.27 -34.65
CA SER P 234 -29.00 -25.22 -35.37
C SER P 234 -27.86 -25.75 -34.50
N THR P 235 -28.11 -26.83 -33.76
CA THR P 235 -27.04 -27.46 -33.00
C THR P 235 -25.96 -28.01 -33.92
N ASN P 236 -26.34 -28.46 -35.11
CA ASN P 236 -25.40 -28.98 -36.11
C ASN P 236 -24.56 -30.13 -35.55
N LEU P 237 -25.20 -30.99 -34.76
CA LEU P 237 -24.52 -32.10 -34.07
C LEU P 237 -23.26 -31.62 -33.38
N SER P 238 -22.12 -32.19 -33.75
CA SER P 238 -20.82 -31.79 -33.21
C SER P 238 -20.78 -31.89 -31.69
N SER P 239 -19.83 -31.20 -31.06
CA SER P 239 -19.75 -31.14 -29.62
C SER P 239 -19.71 -29.67 -29.20
N THR P 240 -20.34 -29.38 -28.06
CA THR P 240 -20.39 -28.01 -27.56
C THR P 240 -19.00 -27.45 -27.36
N GLY P 241 -18.66 -26.40 -28.12
CA GLY P 241 -17.38 -25.76 -28.07
C GLY P 241 -16.44 -26.14 -29.19
N LYS P 242 -16.61 -27.34 -29.76
CA LYS P 242 -15.80 -27.73 -30.91
C LYS P 242 -16.13 -26.89 -32.13
N LEU P 243 -17.42 -26.62 -32.35
CA LEU P 243 -17.87 -25.84 -33.49
C LEU P 243 -18.59 -24.60 -32.97
N LEU P 244 -18.04 -23.43 -33.28
CA LEU P 244 -18.64 -22.16 -32.88
C LEU P 244 -19.66 -21.72 -33.92
N ASN P 245 -20.53 -20.79 -33.51
CA ASN P 245 -21.50 -20.21 -34.43
C ASN P 245 -20.76 -19.31 -35.42
N PRO P 246 -20.77 -19.62 -36.71
CA PRO P 246 -19.96 -18.83 -37.67
C PRO P 246 -20.38 -17.38 -37.76
N SER P 247 -21.62 -17.04 -37.42
CA SER P 247 -22.10 -15.68 -37.59
C SER P 247 -21.70 -14.79 -36.41
N THR P 248 -21.96 -15.23 -35.19
CA THR P 248 -21.68 -14.42 -34.01
C THR P 248 -20.34 -14.75 -33.35
N ARG P 249 -19.66 -15.80 -33.81
CA ARG P 249 -18.36 -16.22 -33.26
C ARG P 249 -18.48 -16.54 -31.78
N SER P 250 -19.38 -17.45 -31.47
CA SER P 250 -19.63 -17.86 -30.09
C SER P 250 -20.27 -19.23 -30.09
N VAL P 251 -20.35 -19.83 -28.91
CA VAL P 251 -21.06 -21.09 -28.73
C VAL P 251 -22.54 -20.86 -28.98
N PHE P 252 -23.18 -21.80 -29.68
CA PHE P 252 -24.61 -21.68 -29.96
C PHE P 252 -25.39 -21.58 -28.66
N LEU P 253 -26.36 -20.66 -28.63
CA LEU P 253 -27.12 -20.40 -27.41
C LEU P 253 -28.00 -21.58 -27.03
N SER P 254 -28.35 -22.45 -27.98
CA SER P 254 -29.07 -23.67 -27.61
C SER P 254 -28.23 -24.54 -26.69
N GLN P 255 -26.92 -24.64 -26.98
CA GLN P 255 -26.03 -25.39 -26.13
C GLN P 255 -25.89 -24.74 -24.75
N VAL P 256 -25.89 -23.41 -24.70
CA VAL P 256 -25.85 -22.71 -23.41
C VAL P 256 -27.10 -22.99 -22.60
N ALA P 257 -28.27 -22.97 -23.26
CA ALA P 257 -29.52 -23.28 -22.57
C ALA P 257 -29.52 -24.71 -22.04
N ALA P 258 -29.04 -25.66 -22.85
CA ALA P 258 -28.92 -27.03 -22.40
C ALA P 258 -27.96 -27.13 -21.22
N HIS P 259 -26.87 -26.37 -21.26
CA HIS P 259 -25.92 -26.35 -20.16
C HIS P 259 -26.59 -25.89 -18.87
N HIS P 260 -27.36 -24.80 -18.95
CA HIS P 260 -28.01 -24.28 -17.76
C HIS P 260 -29.06 -25.26 -17.23
N LYS P 261 -29.82 -25.89 -18.12
CA LYS P 261 -30.79 -26.89 -17.69
C LYS P 261 -30.10 -28.05 -16.97
N THR P 262 -29.02 -28.57 -17.56
CA THR P 262 -28.33 -29.71 -16.97
C THR P 262 -27.63 -29.34 -15.66
N THR P 263 -27.09 -28.13 -15.58
CA THR P 263 -26.45 -27.68 -14.35
C THR P 263 -27.49 -27.49 -13.24
N GLY P 264 -28.67 -26.97 -13.58
CA GLY P 264 -29.73 -26.91 -12.59
C GLY P 264 -30.18 -28.28 -12.12
N VAL P 265 -30.29 -29.22 -13.05
CA VAL P 265 -30.62 -30.60 -12.67
C VAL P 265 -29.55 -31.16 -11.75
N VAL P 266 -28.28 -30.93 -12.07
CA VAL P 266 -27.17 -31.44 -11.26
C VAL P 266 -27.21 -30.83 -9.87
N PHE P 267 -27.46 -29.52 -9.78
CA PHE P 267 -27.53 -28.87 -8.47
C PHE P 267 -28.70 -29.39 -7.64
N ILE P 268 -29.87 -29.60 -8.27
CA ILE P 268 -31.00 -30.16 -7.54
C ILE P 268 -30.68 -31.57 -7.04
N THR P 269 -30.04 -32.38 -7.89
CA THR P 269 -29.67 -33.72 -7.48
C THR P 269 -28.62 -33.71 -6.38
N LEU P 270 -27.70 -32.75 -6.40
CA LEU P 270 -26.73 -32.63 -5.30
C LEU P 270 -27.42 -32.22 -4.00
N GLY P 271 -28.42 -31.34 -4.09
CA GLY P 271 -29.19 -30.99 -2.90
C GLY P 271 -29.93 -32.19 -2.34
N LEU P 272 -30.44 -33.06 -3.23
CA LEU P 272 -31.06 -34.30 -2.77
C LEU P 272 -30.03 -35.25 -2.18
N ILE P 273 -28.83 -35.30 -2.77
CA ILE P 273 -27.77 -36.19 -2.29
C ILE P 273 -27.32 -35.79 -0.89
N ARG P 274 -27.23 -34.48 -0.65
CA ARG P 274 -26.77 -33.97 0.64
C ARG P 274 -27.60 -34.47 1.81
N PHE P 275 -28.74 -35.13 1.56
CA PHE P 275 -29.45 -35.80 2.63
C PHE P 275 -28.67 -37.00 3.16
N LEU P 276 -27.82 -37.61 2.31
CA LEU P 276 -26.96 -38.71 2.76
C LEU P 276 -25.75 -38.76 1.84
N THR P 277 -24.62 -38.25 2.34
CA THR P 277 -23.38 -38.21 1.56
C THR P 277 -22.20 -38.31 2.51
N MET P 278 -21.01 -37.98 2.00
CA MET P 278 -19.78 -38.11 2.78
C MET P 278 -19.67 -36.98 3.79
N TYR P 279 -19.51 -37.34 5.06
CA TYR P 279 -19.40 -36.39 6.15
C TYR P 279 -18.53 -37.01 7.24
N LYS P 280 -18.60 -36.46 8.44
CA LYS P 280 -17.91 -36.94 9.64
C LYS P 280 -16.39 -36.78 9.57
N SER P 281 -15.88 -36.14 8.52
CA SER P 281 -14.47 -35.76 8.43
C SER P 281 -14.29 -34.25 8.38
N GLN P 282 -15.09 -33.56 7.58
CA GLN P 282 -15.20 -32.11 7.63
C GLN P 282 -16.03 -31.64 8.81
N PHE P 283 -16.32 -32.53 9.76
CA PHE P 283 -17.21 -32.20 10.86
C PHE P 283 -16.55 -31.27 11.88
N SER P 284 -15.25 -31.44 12.13
CA SER P 284 -14.54 -30.48 12.95
C SER P 284 -14.59 -29.09 12.31
N ILE P 285 -14.41 -29.05 10.98
CA ILE P 285 -14.61 -27.83 10.23
C ILE P 285 -16.05 -27.34 10.36
N LEU P 286 -17.00 -28.28 10.40
CA LEU P 286 -18.41 -27.91 10.49
C LEU P 286 -18.71 -27.19 11.80
N THR P 287 -18.20 -27.72 12.93
CA THR P 287 -18.51 -27.13 14.22
C THR P 287 -17.64 -25.91 14.53
N SER P 288 -16.39 -25.89 14.08
CA SER P 288 -15.46 -24.84 14.45
C SER P 288 -15.54 -23.61 13.57
N TYR P 289 -16.29 -23.66 12.47
CA TYR P 289 -16.32 -22.57 11.50
C TYR P 289 -17.70 -21.90 11.43
N ILE P 290 -18.50 -22.01 12.49
CA ILE P 290 -19.81 -21.32 12.55
C ILE P 290 -19.54 -19.96 13.19
N ASP P 291 -19.13 -19.01 12.36
CA ASP P 291 -18.86 -17.65 12.80
C ASP P 291 -18.91 -16.74 11.58
N TYR P 292 -19.11 -15.46 11.83
CA TYR P 292 -19.26 -14.51 10.73
C TYR P 292 -17.97 -14.40 9.92
N HIS P 293 -16.83 -14.21 10.60
CA HIS P 293 -15.60 -13.92 9.88
C HIS P 293 -15.08 -15.13 9.13
N ILE P 294 -15.25 -16.34 9.68
CA ILE P 294 -14.75 -17.52 8.99
C ILE P 294 -15.56 -17.80 7.73
N VAL P 295 -16.89 -17.75 7.84
CA VAL P 295 -17.71 -17.97 6.66
C VAL P 295 -17.50 -16.86 5.65
N LEU P 296 -17.28 -15.64 6.12
CA LEU P 296 -16.97 -14.54 5.22
C LEU P 296 -15.66 -14.80 4.46
N SER P 297 -14.63 -15.28 5.17
CA SER P 297 -13.37 -15.60 4.50
C SER P 297 -13.53 -16.73 3.50
N ILE P 298 -14.27 -17.77 3.89
CA ILE P 298 -14.49 -18.91 3.00
C ILE P 298 -15.21 -18.45 1.73
N ASN P 299 -16.27 -17.67 1.91
CA ASN P 299 -17.02 -17.18 0.75
C ASN P 299 -16.18 -16.23 -0.09
N LEU P 300 -15.36 -15.39 0.53
CA LEU P 300 -14.50 -14.50 -0.24
C LEU P 300 -13.49 -15.29 -1.08
N ALA P 301 -12.86 -16.31 -0.49
CA ALA P 301 -11.92 -17.13 -1.25
C ALA P 301 -12.63 -17.86 -2.38
N LEU P 302 -13.81 -18.40 -2.11
CA LEU P 302 -14.54 -19.14 -3.13
C LEU P 302 -14.95 -18.22 -4.27
N ILE P 303 -15.48 -17.04 -3.95
CA ILE P 303 -15.93 -16.11 -4.97
C ILE P 303 -14.76 -15.57 -5.77
N ALA P 304 -13.61 -15.37 -5.12
CA ALA P 304 -12.43 -14.91 -5.85
C ALA P 304 -11.91 -15.99 -6.80
N SER P 305 -11.89 -17.25 -6.35
CA SER P 305 -11.50 -18.33 -7.24
C SER P 305 -12.46 -18.44 -8.41
N LEU P 306 -13.76 -18.31 -8.16
CA LEU P 306 -14.73 -18.31 -9.25
C LEU P 306 -14.49 -17.13 -10.19
N SER P 307 -14.07 -15.99 -9.64
CA SER P 307 -13.79 -14.82 -10.46
C SER P 307 -12.61 -15.08 -11.38
N ILE P 308 -11.56 -15.72 -10.89
CA ILE P 308 -10.42 -16.00 -11.77
C ILE P 308 -10.79 -17.05 -12.81
N ILE P 309 -11.63 -18.03 -12.44
CA ILE P 309 -12.10 -18.99 -13.44
C ILE P 309 -12.91 -18.28 -14.52
N VAL P 310 -13.74 -17.32 -14.11
CA VAL P 310 -14.50 -16.51 -15.06
C VAL P 310 -13.57 -15.71 -15.95
N ALA P 311 -12.51 -15.15 -15.37
CA ALA P 311 -11.56 -14.36 -16.14
C ALA P 311 -10.91 -15.22 -17.22
N ASP P 312 -10.50 -16.45 -16.86
CA ASP P 312 -9.87 -17.30 -17.87
C ASP P 312 -10.87 -17.93 -18.83
N HIS P 313 -12.14 -18.06 -18.45
CA HIS P 313 -13.14 -18.72 -19.29
C HIS P 313 -13.94 -17.77 -20.17
N LEU P 314 -13.89 -16.46 -19.91
CA LEU P 314 -14.65 -15.52 -20.71
C LEU P 314 -13.94 -15.11 -21.99
N THR P 315 -12.67 -15.48 -22.14
CA THR P 315 -11.87 -14.99 -23.25
C THR P 315 -11.78 -15.98 -24.41
N ARG P 316 -11.38 -17.22 -24.15
CA ARG P 316 -11.22 -18.23 -25.20
C ARG P 316 -12.19 -19.39 -25.03
N THR P 317 -13.30 -19.18 -24.33
CA THR P 317 -14.47 -20.05 -24.39
C THR P 317 -15.65 -19.12 -24.72
N PRO P 318 -15.70 -18.62 -25.95
CA PRO P 318 -16.59 -17.50 -26.28
C PRO P 318 -18.05 -17.90 -26.15
N ILE P 319 -18.78 -17.18 -25.30
CA ILE P 319 -20.17 -17.50 -25.07
C ILE P 319 -21.01 -16.39 -25.64
N TYR P 320 -20.54 -15.17 -25.48
CA TYR P 320 -21.33 -14.04 -25.91
C TYR P 320 -21.28 -13.72 -27.43
N PRO P 321 -22.44 -13.38 -28.08
CA PRO P 321 -22.31 -13.09 -29.51
C PRO P 321 -21.48 -11.84 -29.76
N HIS P 322 -20.72 -11.87 -30.85
CA HIS P 322 -19.96 -10.71 -31.33
C HIS P 322 -19.02 -10.15 -30.26
N LYS P 323 -18.60 -11.01 -29.33
CA LYS P 323 -17.76 -10.57 -28.22
C LYS P 323 -16.30 -10.95 -28.39
N SER P 324 -16.01 -12.08 -29.04
CA SER P 324 -14.62 -12.48 -29.26
C SER P 324 -13.89 -11.50 -30.16
N THR P 325 -14.59 -10.93 -31.15
CA THR P 325 -13.96 -9.96 -32.03
C THR P 325 -13.76 -8.61 -31.35
N SER P 326 -14.63 -8.27 -30.39
CA SER P 326 -14.51 -7.03 -29.63
C SER P 326 -13.36 -7.19 -28.63
N TYR P 327 -12.15 -6.98 -29.12
CA TYR P 327 -10.96 -7.24 -28.32
C TYR P 327 -10.88 -6.40 -27.05
N PRO P 328 -11.17 -5.09 -27.04
CA PRO P 328 -11.17 -4.37 -25.76
C PRO P 328 -12.12 -4.97 -24.74
N THR P 329 -13.29 -5.44 -25.18
CA THR P 329 -14.25 -6.08 -24.27
C THR P 329 -13.67 -7.37 -23.69
N ILE P 330 -13.04 -8.19 -24.52
CA ILE P 330 -12.44 -9.42 -24.04
C ILE P 330 -11.35 -9.11 -23.02
N LEU P 331 -10.49 -8.14 -23.34
CA LEU P 331 -9.40 -7.78 -22.44
C LEU P 331 -9.94 -7.31 -21.10
N CYS P 332 -10.93 -6.42 -21.12
CA CYS P 332 -11.51 -5.91 -19.88
C CYS P 332 -12.16 -7.02 -19.08
N LEU P 333 -12.91 -7.89 -19.74
CA LEU P 333 -13.61 -8.95 -19.01
C LEU P 333 -12.64 -9.90 -18.35
N SER P 334 -11.50 -10.19 -18.99
CA SER P 334 -10.49 -11.00 -18.34
C SER P 334 -9.86 -10.26 -17.16
N ILE P 335 -9.40 -9.03 -17.40
CA ILE P 335 -8.49 -8.39 -16.44
C ILE P 335 -9.25 -7.90 -15.21
N HIS P 336 -10.47 -7.39 -15.40
CA HIS P 336 -11.26 -6.92 -14.26
C HIS P 336 -11.53 -8.06 -13.28
N HIS P 337 -11.93 -9.21 -13.80
CA HIS P 337 -12.17 -10.36 -12.95
C HIS P 337 -10.88 -10.91 -12.34
N ALA P 338 -9.76 -10.79 -13.06
CA ALA P 338 -8.48 -11.15 -12.45
C ALA P 338 -8.20 -10.29 -11.21
N TRP P 339 -8.36 -8.97 -11.35
CA TRP P 339 -8.11 -8.08 -10.22
C TRP P 339 -9.06 -8.36 -9.07
N LEU P 340 -10.34 -8.62 -9.38
CA LEU P 340 -11.28 -8.91 -8.31
C LEU P 340 -10.93 -10.23 -7.63
N SER P 341 -10.46 -11.21 -8.38
CA SER P 341 -9.99 -12.46 -7.77
C SER P 341 -8.88 -12.18 -6.78
N GLY P 342 -7.89 -11.40 -7.19
CA GLY P 342 -6.80 -11.09 -6.28
C GLY P 342 -7.26 -10.38 -5.02
N PHE P 343 -8.10 -9.36 -5.19
CA PHE P 343 -8.55 -8.56 -4.05
C PHE P 343 -9.38 -9.39 -3.09
N LEU P 344 -10.30 -10.21 -3.61
CA LEU P 344 -11.16 -10.99 -2.73
C LEU P 344 -10.40 -12.13 -2.07
N ILE P 345 -9.36 -12.66 -2.73
CA ILE P 345 -8.48 -13.63 -2.07
C ILE P 345 -7.77 -12.97 -0.88
N ILE P 346 -7.26 -11.75 -1.09
CA ILE P 346 -6.61 -11.04 0.02
C ILE P 346 -7.60 -10.81 1.15
N GLY P 347 -8.83 -10.43 0.83
CA GLY P 347 -9.85 -10.26 1.87
C GLY P 347 -10.15 -11.55 2.61
N SER P 348 -10.16 -12.67 1.89
CA SER P 348 -10.34 -13.96 2.54
C SER P 348 -9.23 -14.22 3.55
N GLY P 349 -7.99 -13.93 3.18
CA GLY P 349 -6.89 -14.08 4.12
C GLY P 349 -7.06 -13.20 5.35
N ALA P 350 -7.46 -11.94 5.13
CA ALA P 350 -7.66 -11.01 6.24
C ALA P 350 -8.72 -11.53 7.21
N HIS P 351 -9.84 -12.00 6.67
CA HIS P 351 -10.91 -12.45 7.55
C HIS P 351 -10.60 -13.81 8.17
N ALA P 352 -9.74 -14.61 7.55
CA ALA P 352 -9.21 -15.79 8.24
C ALA P 352 -8.43 -15.36 9.46
N SER P 353 -7.59 -14.34 9.33
CA SER P 353 -6.85 -13.82 10.48
C SER P 353 -7.80 -13.30 11.56
N ILE P 354 -8.83 -12.57 11.15
CA ILE P 354 -9.79 -12.01 12.11
C ILE P 354 -10.51 -13.13 12.85
N PHE P 355 -10.92 -14.19 12.12
CA PHE P 355 -11.55 -15.32 12.77
C PHE P 355 -10.62 -16.00 13.75
N ASN P 356 -9.34 -16.14 13.39
CA ASN P 356 -8.38 -16.73 14.32
C ASN P 356 -8.28 -15.91 15.59
N LEU P 357 -8.32 -14.58 15.47
CA LEU P 357 -8.19 -13.74 16.66
C LEU P 357 -9.47 -13.69 17.49
N LEU P 358 -10.64 -13.78 16.86
CA LEU P 358 -11.90 -13.74 17.60
C LEU P 358 -12.31 -15.14 18.05
N GLY P 359 -12.48 -16.07 17.11
CA GLY P 359 -12.82 -17.43 17.43
C GLY P 359 -11.59 -18.21 17.85
N SER P 360 -11.73 -19.54 17.85
CA SER P 360 -10.64 -20.41 18.22
C SER P 360 -10.16 -21.21 17.02
N PRO P 361 -8.86 -21.27 16.77
CA PRO P 361 -8.36 -21.90 15.55
C PRO P 361 -8.46 -23.42 15.57
N THR P 362 -7.90 -24.07 14.55
CA THR P 362 -8.00 -25.51 14.39
C THR P 362 -6.62 -26.15 14.51
N SER P 363 -6.55 -27.45 14.19
CA SER P 363 -5.36 -28.24 14.48
C SER P 363 -4.15 -27.79 13.69
N GLU P 364 -4.35 -27.27 12.47
CA GLU P 364 -3.25 -26.96 11.58
C GLU P 364 -2.34 -25.86 12.12
N ILE P 365 -2.79 -25.09 13.12
CA ILE P 365 -1.98 -24.00 13.65
C ILE P 365 -0.87 -24.47 14.58
N ARG P 366 -0.88 -25.74 14.97
CA ARG P 366 0.09 -26.23 15.95
C ARG P 366 1.40 -26.68 15.32
N HIS P 367 1.38 -27.13 14.07
CA HIS P 367 2.61 -27.36 13.31
C HIS P 367 2.82 -26.25 12.29
N ARG P 368 2.52 -25.02 12.70
CA ARG P 368 2.60 -23.87 11.81
C ARG P 368 4.02 -23.62 11.31
N ASP P 369 5.02 -23.92 12.12
CA ASP P 369 6.40 -23.69 11.69
C ASP P 369 6.76 -24.55 10.47
N PRO P 370 6.54 -25.87 10.45
CA PRO P 370 6.80 -26.62 9.20
C PRO P 370 6.01 -26.08 8.01
N ILE P 371 4.75 -25.69 8.21
CA ILE P 371 3.93 -25.21 7.10
C ILE P 371 4.51 -23.94 6.51
N TYR P 372 4.57 -22.89 7.32
CA TYR P 372 5.07 -21.58 6.90
C TYR P 372 6.57 -21.57 6.70
N SER P 373 7.25 -22.69 6.89
CA SER P 373 8.66 -22.83 6.59
C SER P 373 8.93 -23.49 5.24
N HIS P 374 8.24 -24.59 4.97
CA HIS P 374 8.31 -25.16 3.63
C HIS P 374 7.69 -24.22 2.61
N LEU P 375 6.71 -23.41 3.03
CA LEU P 375 6.22 -22.37 2.13
C LEU P 375 7.31 -21.36 1.83
N ILE P 376 8.08 -20.96 2.86
CA ILE P 376 9.21 -20.05 2.66
C ILE P 376 10.21 -20.65 1.68
N TRP P 377 10.56 -21.93 1.89
CA TRP P 377 11.55 -22.56 1.04
C TRP P 377 11.07 -22.65 -0.40
N VAL P 378 9.81 -23.01 -0.60
CA VAL P 378 9.29 -23.12 -1.96
C VAL P 378 9.25 -21.77 -2.64
N CYS P 379 8.89 -20.71 -1.88
CA CYS P 379 8.89 -19.37 -2.44
C CYS P 379 10.30 -18.98 -2.88
N ILE P 380 11.30 -19.25 -2.04
CA ILE P 380 12.67 -18.93 -2.38
C ILE P 380 13.12 -19.74 -3.58
N ALA P 381 12.74 -21.01 -3.64
CA ALA P 381 13.17 -21.87 -4.74
C ALA P 381 12.61 -21.40 -6.07
N ILE P 382 11.30 -21.12 -6.13
CA ILE P 382 10.70 -20.71 -7.40
C ILE P 382 10.94 -19.24 -7.71
N GLY P 383 11.41 -18.45 -6.75
CA GLY P 383 11.83 -17.10 -7.06
C GLY P 383 13.24 -17.08 -7.61
N LEU P 384 14.11 -17.89 -7.03
CA LEU P 384 15.47 -17.95 -7.48
C LEU P 384 15.55 -18.77 -8.73
N HIS P 385 14.47 -19.42 -9.15
CA HIS P 385 14.45 -20.17 -10.39
C HIS P 385 13.67 -19.51 -11.51
N SER P 386 12.42 -19.12 -11.28
CA SER P 386 11.61 -18.56 -12.36
C SER P 386 12.16 -17.23 -12.86
N PHE P 387 12.39 -16.31 -11.93
CA PHE P 387 12.85 -14.98 -12.31
C PHE P 387 14.21 -14.99 -12.84
N SER P 388 15.03 -15.86 -12.34
CA SER P 388 16.40 -15.80 -12.75
C SER P 388 16.59 -16.39 -14.11
N LEU P 389 15.66 -17.15 -14.61
CA LEU P 389 15.82 -17.62 -15.95
C LEU P 389 15.71 -16.36 -16.78
N TYR P 390 14.89 -15.40 -16.35
CA TYR P 390 14.87 -14.13 -17.06
C TYR P 390 16.18 -13.38 -16.91
N CYS P 391 16.74 -13.37 -15.69
CA CYS P 391 18.01 -12.69 -15.49
C CYS P 391 19.13 -13.34 -16.29
N HIS P 392 19.13 -14.67 -16.35
CA HIS P 392 20.14 -15.40 -17.12
C HIS P 392 20.02 -15.08 -18.61
N ASN P 393 18.81 -15.16 -19.15
CA ASN P 393 18.60 -14.81 -20.55
C ASN P 393 19.03 -13.38 -20.82
N ASP P 394 18.68 -12.46 -19.92
CA ASP P 394 19.03 -11.06 -20.07
C ASP P 394 20.54 -10.86 -20.10
N THR P 395 21.24 -11.44 -19.13
CA THR P 395 22.69 -11.27 -19.05
C THR P 395 23.39 -11.87 -20.25
N LEU P 396 22.98 -13.07 -20.66
CA LEU P 396 23.68 -13.72 -21.76
C LEU P 396 23.32 -13.11 -23.11
N GLU P 397 22.14 -12.49 -23.22
CA GLU P 397 21.81 -11.75 -24.44
C GLU P 397 22.59 -10.44 -24.49
N ALA P 398 22.75 -9.78 -23.35
CA ALA P 398 23.57 -8.57 -23.32
C ALA P 398 25.02 -8.88 -23.64
N LEU P 399 25.52 -10.03 -23.17
CA LEU P 399 26.88 -10.46 -23.47
C LEU P 399 27.05 -10.90 -24.91
N GLY P 400 25.97 -11.02 -25.68
CA GLY P 400 26.08 -11.46 -27.06
C GLY P 400 26.15 -12.95 -27.25
N ARG P 401 25.63 -13.74 -26.30
CA ARG P 401 25.67 -15.19 -26.34
C ARG P 401 24.24 -15.72 -26.40
N PRO P 402 23.53 -15.51 -27.52
CA PRO P 402 22.12 -15.93 -27.59
C PRO P 402 21.93 -17.44 -27.57
N GLU P 403 22.97 -18.22 -27.88
CA GLU P 403 22.85 -19.67 -27.89
C GLU P 403 22.90 -20.27 -26.49
N ASP P 404 23.13 -19.45 -25.46
CA ASP P 404 23.20 -19.91 -24.08
C ASP P 404 22.00 -19.45 -23.25
N ILE P 405 20.98 -18.89 -23.88
CA ILE P 405 19.83 -18.36 -23.16
C ILE P 405 18.69 -19.39 -23.21
N PHE P 406 17.66 -19.15 -22.41
CA PHE P 406 16.50 -20.04 -22.38
C PHE P 406 15.47 -19.51 -23.36
N HIS P 407 15.48 -20.03 -24.58
CA HIS P 407 14.55 -19.66 -25.63
C HIS P 407 14.20 -20.89 -26.44
N ASP P 408 13.29 -20.74 -27.40
CA ASP P 408 12.93 -21.85 -28.27
C ASP P 408 14.07 -22.18 -29.24
N ASN P 409 14.78 -21.15 -29.71
CA ASN P 409 15.91 -21.32 -30.60
C ASN P 409 17.21 -21.59 -29.85
N SER P 410 17.12 -21.98 -28.58
CA SER P 410 18.26 -22.15 -27.71
C SER P 410 17.91 -23.26 -26.72
N ILE P 411 18.61 -23.31 -25.59
CA ILE P 411 18.22 -24.19 -24.50
C ILE P 411 16.75 -23.92 -24.21
N GLN P 412 15.89 -24.91 -24.43
CA GLN P 412 14.45 -24.71 -24.39
C GLN P 412 13.84 -25.51 -23.25
N LEU P 413 12.95 -24.86 -22.49
CA LEU P 413 12.25 -25.49 -21.38
C LEU P 413 10.83 -25.76 -21.86
N LYS P 414 10.60 -26.97 -22.34
CA LYS P 414 9.31 -27.32 -22.91
C LYS P 414 8.24 -27.42 -21.83
N ALA P 415 7.08 -26.85 -22.10
CA ALA P 415 5.92 -26.96 -21.22
C ALA P 415 5.30 -28.34 -21.46
N ILE P 416 5.83 -29.34 -20.74
CA ILE P 416 5.51 -30.73 -21.06
C ILE P 416 4.04 -31.03 -20.78
N PHE P 417 3.55 -30.62 -19.61
CA PHE P 417 2.18 -30.98 -19.23
C PHE P 417 1.16 -30.17 -20.01
N ALA P 418 1.47 -28.90 -20.28
CA ALA P 418 0.57 -28.09 -21.10
C ALA P 418 0.55 -28.58 -22.55
N LYS P 419 1.72 -28.91 -23.10
CA LYS P 419 1.77 -29.44 -24.47
C LYS P 419 1.04 -30.77 -24.56
N GLN P 420 1.05 -31.54 -23.48
CA GLN P 420 0.24 -32.75 -23.38
C GLN P 420 -1.14 -32.47 -22.80
N SER P 421 -1.50 -31.21 -22.61
CA SER P 421 -2.81 -30.81 -22.13
C SER P 421 -3.75 -30.43 -23.27
N PHE P 422 -3.65 -31.10 -24.42
CA PHE P 422 -4.61 -30.90 -25.49
C PHE P 422 -6.01 -31.39 -25.13
N LEU P 423 -6.19 -31.87 -23.89
CA LEU P 423 -7.52 -32.29 -23.43
C LEU P 423 -8.51 -31.15 -23.51
N ARG P 424 -8.16 -30.00 -22.93
CA ARG P 424 -9.04 -28.84 -22.99
C ARG P 424 -9.26 -28.43 -24.44
N ALA P 425 -10.48 -27.97 -24.72
CA ALA P 425 -10.90 -27.61 -26.07
C ALA P 425 -10.89 -28.81 -27.00
N GLU P 426 -9.69 -29.31 -27.33
CA GLU P 426 -9.52 -30.43 -28.26
C GLU P 426 -10.15 -30.11 -29.61
N LEU P 427 -9.97 -28.87 -30.05
CA LEU P 427 -10.58 -28.42 -31.30
C LEU P 427 -9.83 -28.99 -32.51
N GLN P 428 -10.43 -28.80 -33.69
CA GLN P 428 -9.87 -29.31 -34.92
C GLN P 428 -8.61 -28.52 -35.29
N PRO P 429 -7.78 -29.07 -36.17
CA PRO P 429 -6.42 -28.53 -36.40
C PRO P 429 -6.39 -27.28 -37.27
N ASP P 430 -7.09 -26.24 -36.82
CA ASP P 430 -7.09 -24.96 -37.53
C ASP P 430 -7.65 -23.90 -36.58
N ILE P 431 -7.99 -22.73 -37.14
CA ILE P 431 -8.44 -21.57 -36.37
C ILE P 431 -9.87 -21.23 -36.78
N GLU P 432 -10.44 -20.24 -36.07
CA GLU P 432 -11.76 -19.72 -36.39
C GLU P 432 -11.67 -18.19 -36.49
N MET P 433 -12.37 -17.62 -37.47
CA MET P 433 -12.34 -16.19 -37.72
C MET P 433 -13.71 -15.74 -38.21
N LEU P 434 -14.12 -14.53 -37.78
CA LEU P 434 -15.41 -14.00 -38.20
C LEU P 434 -15.32 -12.96 -39.32
N ASP P 435 -14.63 -11.84 -39.06
CA ASP P 435 -14.58 -10.72 -40.01
C ASP P 435 -13.26 -10.00 -39.82
N LYS P 436 -12.24 -10.42 -40.58
CA LYS P 436 -10.91 -9.81 -40.55
C LYS P 436 -10.27 -9.96 -39.17
N LYS P 437 -11.01 -10.58 -38.25
CA LYS P 437 -10.61 -10.70 -36.86
C LYS P 437 -10.56 -12.17 -36.47
N ILE P 438 -9.57 -12.52 -35.66
CA ILE P 438 -9.41 -13.88 -35.20
C ILE P 438 -10.32 -14.12 -34.00
N ILE P 439 -11.11 -15.18 -34.07
CA ILE P 439 -12.01 -15.51 -32.96
C ILE P 439 -11.23 -16.21 -31.85
N ARG P 440 -10.60 -17.33 -32.17
CA ARG P 440 -9.71 -18.01 -31.25
C ARG P 440 -8.78 -18.92 -32.03
N ILE P 441 -7.49 -18.83 -31.76
CA ILE P 441 -6.53 -19.83 -32.21
C ILE P 441 -5.81 -20.36 -30.97
N THR P 442 -5.48 -21.65 -31.01
CA THR P 442 -4.86 -22.28 -29.86
C THR P 442 -3.52 -21.63 -29.55
N GLN P 443 -3.32 -21.23 -28.30
CA GLN P 443 -2.07 -20.63 -27.89
C GLN P 443 -0.99 -21.69 -27.87
N GLU P 444 -0.04 -21.60 -28.80
CA GLU P 444 1.07 -22.53 -28.85
C GLU P 444 2.04 -22.21 -27.72
N LEU P 445 2.08 -23.06 -26.70
CA LEU P 445 2.87 -22.80 -25.50
C LEU P 445 4.29 -23.30 -25.69
N GLY P 446 5.26 -22.41 -25.46
CA GLY P 446 6.67 -22.72 -25.64
C GLY P 446 7.45 -22.44 -24.36
N THR P 447 8.69 -21.99 -24.55
CA THR P 447 9.57 -21.73 -23.41
C THR P 447 9.11 -20.51 -22.63
N ALA P 448 8.79 -19.41 -23.33
CA ALA P 448 8.40 -18.18 -22.65
C ALA P 448 7.15 -18.40 -21.81
N ASP P 449 6.20 -19.16 -22.33
CA ASP P 449 5.00 -19.48 -21.56
C ASP P 449 5.34 -20.28 -20.31
N PHE P 450 6.26 -21.23 -20.42
CA PHE P 450 6.73 -21.98 -19.26
C PHE P 450 7.29 -21.05 -18.20
N ILE P 451 8.19 -20.15 -18.60
CA ILE P 451 8.84 -19.27 -17.64
C ILE P 451 7.82 -18.34 -16.98
N VAL P 452 6.91 -17.78 -17.77
CA VAL P 452 5.95 -16.83 -17.20
C VAL P 452 4.94 -17.54 -16.30
N HIS P 453 4.58 -18.79 -16.63
CA HIS P 453 3.72 -19.56 -15.74
C HIS P 453 4.42 -19.84 -14.41
N HIS P 454 5.73 -20.11 -14.45
CA HIS P 454 6.46 -20.29 -13.21
C HIS P 454 6.56 -18.98 -12.42
N ILE P 455 6.66 -17.84 -13.12
CA ILE P 455 6.61 -16.55 -12.44
C ILE P 455 5.28 -16.37 -11.72
N HIS P 456 4.19 -16.74 -12.40
CA HIS P 456 2.86 -16.69 -11.78
C HIS P 456 2.81 -17.56 -10.53
N ALA P 457 3.32 -18.79 -10.64
CA ALA P 457 3.33 -19.69 -9.50
C ALA P 457 4.12 -19.12 -8.34
N PHE P 458 5.28 -18.52 -8.63
CA PHE P 458 6.11 -17.95 -7.58
C PHE P 458 5.41 -16.79 -6.87
N THR P 459 4.81 -15.89 -7.65
CA THR P 459 4.13 -14.75 -7.04
C THR P 459 2.94 -15.21 -6.21
N ILE P 460 2.17 -16.17 -6.73
CA ILE P 460 1.04 -16.72 -5.98
C ILE P 460 1.53 -17.32 -4.67
N HIS P 461 2.63 -18.07 -4.70
CA HIS P 461 3.14 -18.71 -3.50
C HIS P 461 3.63 -17.69 -2.48
N VAL P 462 4.24 -16.60 -2.93
CA VAL P 462 4.70 -15.60 -1.97
C VAL P 462 3.52 -14.87 -1.33
N THR P 463 2.52 -14.52 -2.13
CA THR P 463 1.32 -13.90 -1.55
C THR P 463 0.66 -14.84 -0.55
N LEU P 464 0.58 -16.13 -0.89
CA LEU P 464 0.04 -17.11 0.03
C LEU P 464 0.90 -17.25 1.28
N LEU P 465 2.22 -17.13 1.14
CA LEU P 465 3.09 -17.17 2.30
C LEU P 465 2.76 -16.04 3.26
N ILE P 466 2.61 -14.83 2.73
CA ILE P 466 2.28 -13.69 3.59
C ILE P 466 0.94 -13.91 4.27
N LEU P 467 -0.06 -14.37 3.51
CA LEU P 467 -1.40 -14.54 4.07
C LEU P 467 -1.41 -15.62 5.15
N SER P 468 -0.84 -16.78 4.86
CA SER P 468 -0.85 -17.88 5.83
C SER P 468 0.04 -17.58 7.03
N LYS P 469 1.12 -16.82 6.85
CA LYS P 469 1.94 -16.41 7.98
C LYS P 469 1.17 -15.47 8.89
N GLY P 470 0.41 -14.54 8.31
CA GLY P 470 -0.43 -13.69 9.12
C GLY P 470 -1.50 -14.46 9.86
N VAL P 471 -2.10 -15.44 9.19
CA VAL P 471 -3.19 -16.21 9.79
C VAL P 471 -2.66 -17.09 10.93
N LEU P 472 -1.59 -17.84 10.67
CA LEU P 472 -1.13 -18.82 11.64
C LEU P 472 -0.46 -18.17 12.84
N TYR P 473 0.22 -17.04 12.64
CA TYR P 473 0.91 -16.36 13.72
C TYR P 473 0.11 -15.17 14.26
N ALA P 474 -1.22 -15.31 14.29
CA ALA P 474 -2.07 -14.23 14.77
C ALA P 474 -2.17 -14.24 16.29
N ARG P 475 -2.41 -15.41 16.88
CA ARG P 475 -2.64 -15.48 18.32
C ARG P 475 -1.36 -15.23 19.10
N ASN P 476 -0.26 -15.88 18.70
CA ASN P 476 1.00 -15.74 19.41
C ASN P 476 2.13 -16.17 18.49
N SER P 477 3.36 -15.91 18.94
CA SER P 477 4.55 -16.21 18.16
C SER P 477 5.74 -16.34 19.11
N ARG P 478 6.82 -16.93 18.58
CA ARG P 478 8.08 -16.94 19.32
C ARG P 478 8.62 -15.54 19.55
N PHE P 479 8.18 -14.57 18.74
CA PHE P 479 8.64 -13.20 18.88
C PHE P 479 7.87 -12.48 19.98
N VAL P 480 6.54 -12.50 19.90
CA VAL P 480 5.67 -11.92 20.93
C VAL P 480 4.69 -13.00 21.36
N SER P 481 4.61 -13.25 22.66
CA SER P 481 3.85 -14.38 23.18
C SER P 481 2.42 -14.02 23.61
N ASP P 482 2.00 -12.77 23.42
CA ASP P 482 0.65 -12.35 23.76
C ASP P 482 0.06 -11.49 22.66
N LYS P 483 0.25 -11.90 21.40
CA LYS P 483 -0.34 -11.18 20.28
C LYS P 483 -1.85 -11.21 20.29
N LEU P 484 -2.46 -12.20 20.97
CA LEU P 484 -3.92 -12.26 21.05
C LEU P 484 -4.48 -11.05 21.78
N GLU P 485 -3.85 -10.65 22.88
CA GLU P 485 -4.33 -9.50 23.64
C GLU P 485 -4.14 -8.19 22.90
N LEU P 486 -3.23 -8.14 21.93
CA LEU P 486 -2.99 -6.93 21.16
C LEU P 486 -4.09 -6.65 20.15
N GLY P 487 -5.01 -7.58 19.94
CA GLY P 487 -6.09 -7.38 19.00
C GLY P 487 -5.73 -7.85 17.60
N PHE P 488 -6.62 -7.52 16.66
CA PHE P 488 -6.38 -7.88 15.27
C PHE P 488 -5.43 -6.91 14.58
N THR P 489 -5.71 -5.63 14.72
CA THR P 489 -4.88 -4.68 14.04
C THR P 489 -4.15 -3.75 14.97
N TYR P 490 -2.84 -3.80 14.90
CA TYR P 490 -2.05 -2.96 15.75
C TYR P 490 -0.79 -2.51 15.01
N PRO P 491 -0.22 -1.29 15.31
CA PRO P 491 1.00 -0.97 14.55
C PRO P 491 2.16 -1.91 14.84
N CYS P 492 2.42 -2.18 16.10
CA CYS P 492 3.57 -2.97 16.52
C CYS P 492 3.35 -3.36 17.98
N ASP P 493 4.40 -3.91 18.60
CA ASP P 493 4.46 -4.09 20.04
C ASP P 493 5.55 -3.23 20.67
N GLY P 494 6.31 -2.48 19.87
CA GLY P 494 7.34 -1.62 20.37
C GLY P 494 8.68 -1.86 19.70
N PRO P 495 9.61 -0.93 19.88
CA PRO P 495 10.95 -1.09 19.30
C PRO P 495 11.79 -2.16 19.98
N GLY P 496 11.26 -2.83 21.00
CA GLY P 496 12.02 -3.82 21.71
C GLY P 496 12.17 -5.11 20.94
N ARG P 497 12.96 -6.02 21.52
CA ARG P 497 13.30 -7.30 20.89
C ARG P 497 13.90 -7.09 19.50
N GLY P 498 14.63 -5.99 19.33
CA GLY P 498 15.18 -5.62 18.04
C GLY P 498 14.25 -4.75 17.21
N GLY P 499 12.94 -4.87 17.43
CA GLY P 499 11.95 -4.15 16.64
C GLY P 499 10.78 -5.04 16.28
N THR P 500 9.56 -4.61 16.58
CA THR P 500 8.37 -5.43 16.41
C THR P 500 7.37 -4.80 15.46
N CYS P 501 7.84 -3.99 14.51
CA CYS P 501 6.93 -3.32 13.58
C CYS P 501 6.31 -4.34 12.64
N GLN P 502 4.99 -4.22 12.44
CA GLN P 502 4.25 -4.99 11.42
C GLN P 502 4.23 -6.48 11.74
N ILE P 503 3.91 -6.83 12.99
CA ILE P 503 3.66 -8.21 13.36
C ILE P 503 2.18 -8.57 13.33
N SER P 504 1.30 -7.59 13.28
CA SER P 504 -0.13 -7.87 13.35
C SER P 504 -0.60 -8.52 12.06
N PRO P 505 -1.68 -9.31 12.12
CA PRO P 505 -2.25 -9.84 10.88
C PRO P 505 -2.70 -8.75 9.92
N TRP P 506 -3.08 -7.58 10.44
CA TRP P 506 -3.44 -6.48 9.56
C TRP P 506 -2.25 -6.06 8.71
N ASP P 507 -1.06 -5.97 9.31
CA ASP P 507 0.13 -5.63 8.55
C ASP P 507 0.51 -6.74 7.58
N HIS P 508 0.19 -7.99 7.93
CA HIS P 508 0.41 -9.07 6.98
C HIS P 508 -0.49 -8.92 5.76
N LEU P 509 -1.75 -8.53 5.96
CA LEU P 509 -2.57 -8.16 4.80
C LEU P 509 -1.97 -6.97 4.07
N PHE P 510 -1.44 -6.00 4.82
CA PHE P 510 -0.86 -4.82 4.19
C PHE P 510 0.24 -5.18 3.20
N SER P 511 1.10 -6.12 3.59
CA SER P 511 2.13 -6.61 2.67
C SER P 511 1.54 -7.50 1.58
N ALA P 512 0.54 -8.30 1.94
CA ALA P 512 -0.05 -9.24 0.98
C ALA P 512 -0.77 -8.53 -0.14
N VAL P 513 -1.30 -7.33 0.12
CA VAL P 513 -1.93 -6.55 -0.95
C VAL P 513 -0.89 -6.13 -1.98
N PHE P 514 0.26 -5.64 -1.51
CA PHE P 514 1.35 -5.34 -2.42
C PHE P 514 1.75 -6.57 -3.23
N TRP P 515 1.86 -7.72 -2.56
CA TRP P 515 2.34 -8.90 -3.29
C TRP P 515 1.30 -9.46 -4.25
N MET P 516 0.01 -9.39 -3.90
CA MET P 516 -1.04 -9.77 -4.84
C MET P 516 -1.07 -8.83 -6.04
N TYR P 517 -0.92 -7.53 -5.79
CA TYR P 517 -0.88 -6.57 -6.90
C TYR P 517 0.27 -6.90 -7.83
N ASN P 518 1.46 -7.14 -7.27
CA ASN P 518 2.60 -7.53 -8.09
C ASN P 518 2.37 -8.87 -8.77
N CYS P 519 1.60 -9.76 -8.14
CA CYS P 519 1.36 -11.08 -8.69
C CYS P 519 0.53 -11.01 -9.96
N LEU P 520 -0.58 -10.28 -9.93
CA LEU P 520 -1.46 -10.25 -11.10
C LEU P 520 -1.22 -9.06 -12.01
N ASN P 521 -0.30 -8.15 -11.69
CA ASN P 521 0.20 -7.26 -12.74
C ASN P 521 0.95 -8.06 -13.79
N VAL P 522 1.72 -9.06 -13.35
CA VAL P 522 2.39 -9.95 -14.28
C VAL P 522 1.36 -10.79 -15.03
N VAL P 523 0.27 -11.18 -14.37
CA VAL P 523 -0.79 -11.92 -15.05
C VAL P 523 -1.44 -11.06 -16.13
N THR P 524 -1.73 -9.81 -15.79
CA THR P 524 -2.29 -8.86 -16.74
C THR P 524 -1.36 -8.68 -17.94
N PHE P 525 -0.07 -8.50 -17.66
CA PHE P 525 0.88 -8.28 -18.74
C PHE P 525 1.06 -9.53 -19.60
N HIS P 526 1.12 -10.70 -18.97
CA HIS P 526 1.22 -11.95 -19.72
C HIS P 526 0.03 -12.11 -20.65
N TYR P 527 -1.18 -11.89 -20.13
CA TYR P 527 -2.36 -11.99 -20.97
C TYR P 527 -2.34 -10.94 -22.08
N PHE P 528 -2.04 -9.70 -21.73
CA PHE P 528 -2.12 -8.59 -22.67
C PHE P 528 -1.11 -8.74 -23.80
N TRP P 529 0.06 -9.28 -23.50
CA TRP P 529 1.07 -9.47 -24.53
C TRP P 529 0.84 -10.74 -25.32
N LYS P 530 0.49 -11.84 -24.64
CA LYS P 530 0.30 -13.11 -25.31
C LYS P 530 -0.87 -13.06 -26.29
N MET P 531 -1.99 -12.47 -25.87
CA MET P 531 -3.15 -12.43 -26.77
C MET P 531 -2.84 -11.61 -28.02
N GLN P 532 -2.23 -10.43 -27.83
CA GLN P 532 -1.88 -9.60 -28.98
C GLN P 532 -0.89 -10.31 -29.89
N SER P 533 0.12 -10.97 -29.31
CA SER P 533 1.19 -11.54 -30.12
C SER P 533 0.75 -12.80 -30.84
N ASP P 534 -0.05 -13.65 -30.19
CA ASP P 534 -0.27 -15.01 -30.67
C ASP P 534 -1.72 -15.35 -30.97
N VAL P 535 -2.69 -14.53 -30.57
CA VAL P 535 -4.09 -14.88 -30.79
C VAL P 535 -4.80 -13.80 -31.61
N TRP P 536 -4.90 -12.60 -31.05
CA TRP P 536 -5.64 -11.52 -31.70
C TRP P 536 -4.92 -11.05 -32.96
N GLY P 537 -5.64 -10.32 -33.79
CA GLY P 537 -5.03 -9.70 -34.95
C GLY P 537 -5.83 -9.81 -36.23
N PHE P 538 -5.27 -9.29 -37.32
CA PHE P 538 -5.93 -9.32 -38.62
C PHE P 538 -5.74 -10.70 -39.25
N VAL P 539 -6.04 -10.79 -40.56
CA VAL P 539 -5.89 -12.03 -41.30
C VAL P 539 -5.52 -11.69 -42.74
N SER P 540 -5.05 -12.68 -43.47
CA SER P 540 -4.83 -12.59 -44.90
C SER P 540 -5.63 -13.69 -45.58
N ILE P 541 -6.15 -13.37 -46.78
CA ILE P 541 -7.01 -14.31 -47.50
C ILE P 541 -6.27 -15.59 -47.86
N GLN P 542 -4.94 -15.56 -47.87
CA GLN P 542 -4.14 -16.74 -48.13
C GLN P 542 -3.83 -17.53 -46.87
N LYS P 543 -4.70 -17.43 -45.86
CA LYS P 543 -4.64 -18.16 -44.58
C LYS P 543 -3.47 -17.72 -43.70
N HIS P 544 -2.78 -16.64 -44.07
CA HIS P 544 -1.72 -16.10 -43.24
C HIS P 544 -2.29 -15.13 -42.22
N ILE P 545 -1.66 -15.07 -41.06
CA ILE P 545 -2.14 -14.31 -39.92
C ILE P 545 -1.16 -13.19 -39.61
N SER P 546 -1.68 -11.98 -39.46
CA SER P 546 -0.90 -10.82 -39.03
C SER P 546 -1.46 -10.35 -37.68
N HIS P 547 -0.80 -10.75 -36.60
CA HIS P 547 -1.26 -10.38 -35.27
C HIS P 547 -0.94 -8.91 -34.99
N TYR P 548 -1.41 -8.44 -33.83
CA TYR P 548 -1.20 -7.05 -33.46
C TYR P 548 0.24 -6.78 -33.06
N SER P 549 0.83 -7.67 -32.27
CA SER P 549 2.21 -7.53 -31.83
C SER P 549 3.20 -8.23 -32.73
N GLN P 550 2.73 -8.86 -33.82
CA GLN P 550 3.58 -9.49 -34.81
C GLN P 550 4.48 -10.56 -34.18
N GLY P 551 3.92 -11.34 -33.26
CA GLY P 551 4.66 -12.44 -32.67
C GLY P 551 5.88 -12.02 -31.86
N ASP P 552 5.76 -10.93 -31.09
CA ASP P 552 6.87 -10.48 -30.26
C ASP P 552 7.08 -11.36 -29.03
N PHE P 553 6.06 -12.08 -28.58
CA PHE P 553 6.12 -12.73 -27.27
C PHE P 553 7.18 -13.82 -27.25
N SER P 554 7.17 -14.71 -28.25
CA SER P 554 8.08 -15.86 -28.22
C SER P 554 9.53 -15.46 -28.42
N VAL P 555 9.80 -14.24 -28.89
CA VAL P 555 11.17 -13.81 -29.16
C VAL P 555 11.66 -12.74 -28.20
N ASN P 556 10.76 -12.00 -27.54
CA ASN P 556 11.16 -10.92 -26.64
C ASN P 556 10.85 -11.19 -25.18
N SER P 557 9.77 -11.90 -24.88
CA SER P 557 9.38 -12.13 -23.48
C SER P 557 10.30 -13.08 -22.74
N ILE P 558 11.39 -13.56 -23.35
CA ILE P 558 12.35 -14.39 -22.62
C ILE P 558 13.31 -13.57 -21.77
N THR P 559 13.35 -12.25 -21.95
CA THR P 559 14.24 -11.38 -21.22
C THR P 559 13.44 -10.20 -20.65
N ILE P 560 13.91 -9.69 -19.52
CA ILE P 560 13.24 -8.56 -18.87
C ILE P 560 13.27 -7.33 -19.79
N ASN P 561 14.38 -7.15 -20.51
CA ASN P 561 14.47 -6.05 -21.47
C ASN P 561 13.41 -6.19 -22.55
N GLY P 562 13.05 -7.41 -22.92
CA GLY P 562 11.97 -7.60 -23.87
C GLY P 562 10.64 -7.08 -23.33
N TRP P 563 10.36 -7.36 -22.07
CA TRP P 563 9.16 -6.83 -21.45
C TRP P 563 9.20 -5.31 -21.39
N LEU P 564 10.36 -4.74 -21.06
CA LEU P 564 10.48 -3.29 -20.94
C LEU P 564 10.27 -2.61 -22.29
N ARG P 565 10.86 -3.16 -23.35
CA ARG P 565 10.88 -2.52 -24.66
C ARG P 565 9.61 -2.81 -25.47
N ASN P 566 9.30 -4.10 -25.66
CA ASN P 566 8.20 -4.46 -26.56
C ASN P 566 6.83 -4.42 -25.90
N LEU P 567 6.75 -4.28 -24.57
CA LEU P 567 5.46 -4.23 -23.90
C LEU P 567 5.22 -2.87 -23.23
N LEU P 568 6.11 -2.44 -22.34
CA LEU P 568 5.88 -1.21 -21.59
C LEU P 568 6.29 0.03 -22.36
N TRP P 569 7.04 -0.10 -23.45
CA TRP P 569 7.47 1.05 -24.23
C TRP P 569 6.83 1.10 -25.61
N SER P 570 6.98 0.04 -26.41
CA SER P 570 6.43 0.07 -27.76
C SER P 570 4.91 0.03 -27.75
N GLU P 571 4.32 -0.77 -26.85
CA GLU P 571 2.87 -0.85 -26.76
C GLU P 571 2.28 0.26 -25.90
N ALA P 572 3.10 1.11 -25.31
CA ALA P 572 2.63 2.30 -24.62
C ALA P 572 2.63 3.52 -25.53
N SER P 573 2.97 3.36 -26.81
CA SER P 573 2.95 4.49 -27.72
C SER P 573 1.54 5.01 -27.94
N GLN P 574 0.54 4.13 -27.89
CA GLN P 574 -0.85 4.56 -28.06
C GLN P 574 -1.29 5.46 -26.92
N VAL P 575 -1.00 5.08 -25.68
CA VAL P 575 -1.44 5.87 -24.54
C VAL P 575 -0.61 7.14 -24.39
N ILE P 576 0.70 7.07 -24.64
CA ILE P 576 1.55 8.24 -24.42
C ILE P 576 1.28 9.31 -25.47
N GLN P 577 1.05 8.91 -26.72
CA GLN P 577 0.71 9.85 -27.79
C GLN P 577 -0.81 9.94 -27.98
N SER P 578 -1.53 10.20 -26.88
CA SER P 578 -2.99 10.20 -26.89
C SER P 578 -3.59 11.56 -26.60
N TYR P 579 -2.78 12.62 -26.64
CA TYR P 579 -3.31 13.96 -26.42
C TYR P 579 -3.93 14.50 -27.70
N ALA P 580 -5.08 15.17 -27.55
CA ALA P 580 -5.90 15.73 -28.62
C ALA P 580 -6.53 14.68 -29.51
N LEU P 581 -6.28 13.39 -29.27
CA LEU P 581 -6.94 12.31 -30.01
C LEU P 581 -8.26 11.99 -29.32
N SER P 582 -9.36 12.07 -30.09
CA SER P 582 -10.69 12.22 -29.51
C SER P 582 -11.00 11.15 -28.48
N SER P 583 -10.85 9.87 -28.85
CA SER P 583 -11.30 8.81 -27.97
C SER P 583 -10.40 8.65 -26.74
N ILE P 584 -9.10 8.86 -26.90
CA ILE P 584 -8.11 8.37 -25.94
C ILE P 584 -7.44 9.49 -25.16
N CYS P 585 -7.97 10.71 -25.20
CA CYS P 585 -7.47 11.76 -24.32
C CYS P 585 -7.59 11.39 -22.85
N PRO P 586 -8.75 10.95 -22.34
CA PRO P 586 -8.83 10.62 -20.92
C PRO P 586 -7.88 9.51 -20.52
N TYR P 587 -7.57 8.59 -21.43
CA TYR P 587 -6.67 7.50 -21.07
C TYR P 587 -5.24 7.99 -20.87
N GLY P 588 -4.77 8.90 -21.74
CA GLY P 588 -3.48 9.52 -21.49
C GLY P 588 -3.45 10.32 -20.20
N PHE P 589 -4.50 11.11 -19.96
CA PHE P 589 -4.53 11.89 -18.73
C PHE P 589 -4.55 10.97 -17.50
N ILE P 590 -5.35 9.90 -17.55
CA ILE P 590 -5.43 8.97 -16.42
C ILE P 590 -4.14 8.20 -16.26
N PHE P 591 -3.41 7.94 -17.35
CA PHE P 591 -2.06 7.38 -17.23
C PHE P 591 -1.18 8.30 -16.40
N LEU P 592 -1.20 9.60 -16.73
CA LEU P 592 -0.42 10.57 -15.97
C LEU P 592 -0.86 10.61 -14.50
N ILE P 593 -2.18 10.61 -14.27
CA ILE P 593 -2.70 10.71 -12.91
C ILE P 593 -2.36 9.44 -12.12
N GLY P 594 -2.39 8.28 -12.77
CA GLY P 594 -2.02 7.06 -12.09
C GLY P 594 -0.57 7.06 -11.67
N HIS P 595 0.31 7.57 -12.54
CA HIS P 595 1.70 7.75 -12.12
C HIS P 595 1.79 8.68 -10.91
N PHE P 596 1.05 9.79 -10.95
CA PHE P 596 1.11 10.73 -9.83
C PHE P 596 0.64 10.10 -8.53
N ILE P 597 -0.49 9.38 -8.57
CA ILE P 597 -1.04 8.77 -7.37
C ILE P 597 -0.12 7.68 -6.84
N TRP P 598 0.44 6.87 -7.75
CA TRP P 598 1.36 5.82 -7.31
C TRP P 598 2.58 6.39 -6.63
N ALA P 599 3.15 7.45 -7.20
CA ALA P 599 4.29 8.08 -6.55
C ALA P 599 3.89 8.78 -5.25
N PHE P 600 2.66 9.30 -5.20
CA PHE P 600 2.17 9.97 -4.01
C PHE P 600 2.02 9.00 -2.84
N SER P 601 1.67 7.75 -3.13
CA SER P 601 1.55 6.75 -2.07
C SER P 601 2.85 6.56 -1.31
N LEU P 602 3.99 6.77 -1.98
CA LEU P 602 5.27 6.51 -1.36
C LEU P 602 5.55 7.43 -0.17
N MET P 603 4.94 8.61 -0.16
CA MET P 603 5.09 9.50 0.98
C MET P 603 4.54 8.87 2.25
N PHE P 604 3.38 8.21 2.14
CA PHE P 604 2.82 7.49 3.28
C PHE P 604 3.54 6.18 3.53
N LEU P 605 4.02 5.51 2.48
CA LEU P 605 4.63 4.20 2.65
C LEU P 605 5.99 4.28 3.31
N PHE P 606 6.80 5.29 2.96
CA PHE P 606 8.17 5.35 3.43
C PHE P 606 8.34 6.10 4.75
N SER P 607 7.39 6.96 5.12
CA SER P 607 7.56 7.84 6.26
C SER P 607 6.80 7.33 7.47
N GLY P 608 7.26 7.75 8.65
CA GLY P 608 6.59 7.48 9.90
C GLY P 608 5.77 8.68 10.35
N ARG P 609 4.86 8.43 11.29
CA ARG P 609 3.91 9.48 11.69
C ARG P 609 4.50 10.49 12.66
N ALA P 610 5.64 10.19 13.28
CA ALA P 610 6.20 11.11 14.26
C ALA P 610 6.71 12.39 13.61
N TYR P 611 7.36 12.26 12.44
CA TYR P 611 7.80 13.44 11.72
C TYR P 611 6.63 14.33 11.35
N TRP P 612 5.55 13.73 10.84
CA TRP P 612 4.38 14.50 10.47
C TRP P 612 3.70 15.11 11.67
N GLN P 613 3.71 14.41 12.81
CA GLN P 613 3.15 14.97 14.03
C GLN P 613 3.94 16.20 14.47
N GLU P 614 5.28 16.13 14.43
CA GLU P 614 6.09 17.28 14.80
C GLU P 614 5.88 18.45 13.84
N LEU P 615 5.77 18.17 12.54
CA LEU P 615 5.50 19.24 11.58
C LEU P 615 4.13 19.87 11.83
N ILE P 616 3.13 19.03 12.14
CA ILE P 616 1.81 19.55 12.43
C ILE P 616 1.84 20.42 13.68
N GLU P 617 2.64 20.05 14.68
CA GLU P 617 2.79 20.89 15.86
C GLU P 617 3.45 22.23 15.52
N SER P 618 4.46 22.20 14.65
CA SER P 618 5.09 23.44 14.23
C SER P 618 4.09 24.37 13.54
N ILE P 619 3.24 23.81 12.69
CA ILE P 619 2.21 24.60 12.02
C ILE P 619 1.16 25.08 13.02
N LEU P 620 0.79 24.22 13.97
CA LEU P 620 -0.18 24.58 14.99
C LEU P 620 0.32 25.73 15.85
N TRP P 621 1.65 25.88 15.97
CA TRP P 621 2.17 27.06 16.63
C TRP P 621 1.72 28.33 15.91
N SER P 622 1.88 28.37 14.59
CA SER P 622 1.48 29.54 13.83
C SER P 622 -0.03 29.75 13.92
N HIS P 623 -0.79 28.66 13.94
CA HIS P 623 -2.24 28.80 14.09
C HIS P 623 -2.61 29.39 15.44
N HIS P 624 -1.98 28.92 16.51
CA HIS P 624 -2.26 29.48 17.84
C HIS P 624 -1.78 30.91 17.96
N LYS P 625 -0.76 31.30 17.18
CA LYS P 625 -0.25 32.66 17.23
C LYS P 625 -1.34 33.66 16.83
N LEU P 626 -2.12 33.32 15.81
CA LEU P 626 -3.16 34.20 15.31
C LEU P 626 -4.54 33.87 15.89
N LYS P 627 -4.57 33.26 17.07
CA LYS P 627 -5.82 32.94 17.78
C LYS P 627 -6.73 32.04 16.95
N ILE P 628 -6.13 31.17 16.14
CA ILE P 628 -6.89 30.17 15.39
C ILE P 628 -6.63 28.81 16.03
N ILE P 629 -7.48 28.41 16.97
CA ILE P 629 -7.27 27.19 17.74
C ILE P 629 -8.28 26.14 17.26
N PRO P 630 -7.85 25.11 16.56
CA PRO P 630 -8.74 23.98 16.27
C PRO P 630 -8.90 23.11 17.51
N HIS P 631 -10.11 23.10 18.08
CA HIS P 631 -10.31 22.33 19.30
C HIS P 631 -10.43 20.84 19.03
N ILE P 632 -10.72 20.43 17.80
CA ILE P 632 -10.45 19.07 17.36
C ILE P 632 -8.96 19.05 17.03
N GLN P 633 -8.14 18.63 18.00
CA GLN P 633 -6.71 18.86 17.92
C GLN P 633 -6.12 18.12 16.73
N PRO P 634 -5.31 18.78 15.90
CA PRO P 634 -4.73 18.13 14.73
C PRO P 634 -3.69 17.09 15.15
N ARG P 635 -3.94 15.83 14.79
CA ARG P 635 -3.00 14.75 15.01
C ARG P 635 -2.69 14.10 13.67
N ALA P 636 -1.43 13.68 13.50
CA ALA P 636 -1.07 12.98 12.29
C ALA P 636 -1.79 11.63 12.22
N LEU P 637 -1.83 11.06 11.02
CA LEU P 637 -2.49 9.78 10.84
C LEU P 637 -1.82 8.71 11.70
N SER P 638 -2.63 7.81 12.24
CA SER P 638 -2.08 6.69 12.99
C SER P 638 -1.25 5.79 12.08
N ILE P 639 -0.35 5.03 12.69
CA ILE P 639 0.59 4.21 11.93
C ILE P 639 -0.15 3.27 10.98
N SER P 640 -1.15 2.57 11.52
CA SER P 640 -1.96 1.67 10.69
C SER P 640 -2.66 2.43 9.57
N GLN P 641 -3.18 3.62 9.88
CA GLN P 641 -3.84 4.41 8.85
C GLN P 641 -2.85 4.90 7.81
N GLY P 642 -1.65 5.29 8.22
CA GLY P 642 -0.64 5.68 7.25
C GLY P 642 -0.33 4.55 6.29
N ARG P 643 -0.17 3.34 6.82
CA ARG P 643 0.08 2.18 5.97
C ARG P 643 -1.11 1.92 5.05
N ALA P 644 -2.33 2.03 5.57
CA ALA P 644 -3.52 1.77 4.76
C ALA P 644 -3.63 2.76 3.61
N VAL P 645 -3.42 4.05 3.90
CA VAL P 645 -3.49 5.07 2.88
C VAL P 645 -2.41 4.84 1.83
N GLY P 646 -1.19 4.51 2.26
CA GLY P 646 -0.13 4.23 1.32
C GLY P 646 -0.46 3.06 0.40
N PHE P 647 -0.97 1.97 0.98
CA PHE P 647 -1.32 0.80 0.17
C PHE P 647 -2.43 1.12 -0.81
N ILE P 648 -3.46 1.86 -0.35
CA ILE P 648 -4.59 2.17 -1.22
C ILE P 648 -4.15 3.03 -2.39
N HIS P 649 -3.38 4.09 -2.10
CA HIS P 649 -2.90 4.94 -3.19
C HIS P 649 -1.98 4.18 -4.13
N TYR P 650 -1.11 3.32 -3.58
CA TYR P 650 -0.19 2.55 -4.41
C TYR P 650 -0.95 1.68 -5.39
N THR P 651 -1.87 0.86 -4.88
CA THR P 651 -2.62 -0.04 -5.74
C THR P 651 -3.51 0.74 -6.72
N LEU P 652 -4.16 1.80 -6.25
CA LEU P 652 -5.03 2.57 -7.13
C LEU P 652 -4.26 3.20 -8.28
N GLY P 653 -3.11 3.82 -7.97
CA GLY P 653 -2.33 4.45 -9.01
C GLY P 653 -1.77 3.45 -10.01
N GLY P 654 -1.25 2.32 -9.52
CA GLY P 654 -0.75 1.32 -10.43
C GLY P 654 -1.83 0.69 -11.30
N ILE P 655 -2.98 0.40 -10.70
CA ILE P 655 -4.10 -0.15 -11.44
C ILE P 655 -4.57 0.85 -12.49
N GLY P 656 -4.61 2.13 -12.15
CA GLY P 656 -4.99 3.13 -13.14
C GLY P 656 -4.00 3.23 -14.27
N SER P 657 -2.70 3.14 -13.95
CA SER P 657 -1.68 3.16 -14.98
C SER P 657 -1.88 2.00 -15.95
N THR P 658 -1.98 0.78 -15.47
CA THR P 658 -2.23 -0.35 -16.35
C THR P 658 -3.52 -0.19 -17.08
N TRP P 659 -4.56 0.23 -16.38
CA TRP P 659 -5.87 0.38 -16.98
C TRP P 659 -5.81 1.27 -18.21
N ALA P 660 -5.24 2.47 -18.06
CA ALA P 660 -5.10 3.36 -19.21
C ALA P 660 -4.23 2.72 -20.28
N PHE P 661 -3.11 2.13 -19.88
CA PHE P 661 -2.16 1.59 -20.85
C PHE P 661 -2.79 0.52 -21.72
N ILE P 662 -3.55 -0.40 -21.13
CA ILE P 662 -4.15 -1.45 -21.93
C ILE P 662 -5.34 -0.93 -22.73
N ILE P 663 -6.20 -0.13 -22.10
CA ILE P 663 -7.45 0.23 -22.76
C ILE P 663 -7.21 1.15 -23.94
N SER P 664 -6.34 2.15 -23.78
CA SER P 664 -6.10 3.07 -24.90
C SER P 664 -5.51 2.34 -26.09
N ARG P 665 -4.55 1.43 -25.84
CA ARG P 665 -3.96 0.69 -26.94
C ARG P 665 -5.00 -0.19 -27.65
N LEU P 666 -5.83 -0.89 -26.89
CA LEU P 666 -6.80 -1.76 -27.54
C LEU P 666 -7.88 -0.97 -28.26
N LEU P 667 -8.21 0.23 -27.78
CA LEU P 667 -9.17 1.05 -28.49
C LEU P 667 -8.58 1.61 -29.78
N VAL P 668 -7.30 1.97 -29.76
CA VAL P 668 -6.66 2.48 -30.98
C VAL P 668 -6.53 1.38 -32.02
N LEU P 669 -6.05 0.20 -31.59
CA LEU P 669 -5.81 -0.88 -32.54
C LEU P 669 -7.11 -1.37 -33.17
N THR P 670 -8.17 -1.49 -32.38
CA THR P 670 -9.45 -1.94 -32.89
C THR P 670 -10.12 -0.86 -33.74
N GLY Q 1 27.47 -14.68 27.28
CA GLY Q 1 26.70 -14.20 26.15
C GLY Q 1 27.55 -13.60 25.04
N ARG Q 2 27.03 -13.64 23.82
CA ARG Q 2 27.72 -13.11 22.66
C ARG Q 2 26.69 -12.42 21.77
N CYS Q 3 27.07 -12.16 20.52
CA CYS Q 3 26.33 -11.32 19.61
C CYS Q 3 25.49 -12.14 18.64
N ALA Q 4 24.65 -11.43 17.88
CA ALA Q 4 23.80 -11.98 16.84
C ALA Q 4 24.27 -11.48 15.47
N SER Q 5 23.50 -11.82 14.43
CA SER Q 5 23.87 -11.42 13.07
C SER Q 5 23.82 -9.92 12.87
N SER Q 6 23.08 -9.19 13.71
CA SER Q 6 22.99 -7.75 13.58
C SER Q 6 24.26 -7.04 13.99
N ARG Q 7 25.25 -7.75 14.53
CA ARG Q 7 26.51 -7.12 14.92
C ARG Q 7 27.20 -6.50 13.71
N TYR Q 8 27.20 -7.19 12.58
CA TYR Q 8 27.87 -6.66 11.40
C TYR Q 8 27.27 -5.32 10.98
N LEU Q 9 25.93 -5.26 10.88
CA LEU Q 9 25.28 -4.02 10.50
C LEU Q 9 25.48 -2.94 11.55
N GLN Q 10 25.41 -3.30 12.83
CA GLN Q 10 25.61 -2.31 13.89
C GLN Q 10 27.02 -1.72 13.83
N VAL Q 11 28.03 -2.57 13.61
CA VAL Q 11 29.40 -2.10 13.55
C VAL Q 11 29.63 -1.24 12.32
N LEU Q 12 29.17 -1.71 11.16
CA LEU Q 12 29.39 -0.98 9.93
C LEU Q 12 28.58 0.31 9.85
N GLY Q 13 27.52 0.44 10.65
CA GLY Q 13 26.78 1.68 10.67
C GLY Q 13 27.49 2.82 11.37
N SER Q 14 28.52 2.51 12.17
CA SER Q 14 29.35 3.51 12.81
C SER Q 14 30.81 3.13 12.71
N ILE Q 15 31.19 2.54 11.57
CA ILE Q 15 32.56 2.07 11.40
C ILE Q 15 33.54 3.23 11.37
N HIS Q 16 33.10 4.40 10.89
CA HIS Q 16 33.94 5.59 10.84
C HIS Q 16 33.52 6.64 11.85
N ASP Q 17 32.57 6.33 12.74
CA ASP Q 17 32.14 7.25 13.78
C ASP Q 17 33.18 7.19 14.91
N ILE Q 18 34.28 7.92 14.69
CA ILE Q 18 35.42 7.86 15.60
C ILE Q 18 35.06 8.41 16.98
N GLU Q 19 34.04 9.27 17.06
CA GLU Q 19 33.56 9.71 18.37
C GLU Q 19 32.96 8.57 19.17
N CYS Q 20 32.42 7.55 18.48
CA CYS Q 20 31.79 6.41 19.13
C CYS Q 20 32.77 5.28 19.44
N GLY Q 21 34.05 5.46 19.13
CA GLY Q 21 35.02 4.44 19.45
C GLY Q 21 35.10 4.19 20.95
N PHE Q 22 35.44 2.96 21.31
CA PHE Q 22 35.46 2.56 22.71
C PHE Q 22 36.79 2.84 23.40
N GLY Q 23 37.91 2.70 22.69
CA GLY Q 23 39.19 3.00 23.29
C GLY Q 23 39.47 4.49 23.39
N ILE Q 24 38.85 5.26 22.50
CA ILE Q 24 39.06 6.71 22.45
C ILE Q 24 38.55 7.33 23.74
N ASP Q 25 39.43 8.08 24.42
CA ASP Q 25 39.11 8.69 25.71
C ASP Q 25 39.21 10.20 25.73
N ASN Q 26 39.83 10.82 24.73
CA ASN Q 26 40.09 12.25 24.77
C ASN Q 26 40.13 12.81 23.36
N THR Q 27 40.05 14.14 23.27
CA THR Q 27 40.12 14.82 21.98
C THR Q 27 41.45 14.61 21.28
N LEU Q 28 42.51 14.27 22.02
CA LEU Q 28 43.79 13.97 21.39
C LEU Q 28 43.66 12.75 20.49
N SER Q 29 43.11 11.65 21.01
CA SER Q 29 42.94 10.45 20.21
C SER Q 29 42.01 10.70 19.03
N LEU Q 30 40.89 11.40 19.28
CA LEU Q 30 39.94 11.66 18.20
C LEU Q 30 40.57 12.48 17.08
N ASN Q 31 41.26 13.55 17.46
CA ASN Q 31 41.87 14.42 16.45
C ASN Q 31 42.99 13.69 15.70
N LEU Q 32 43.79 12.88 16.40
CA LEU Q 32 44.86 12.17 15.71
C LEU Q 32 44.30 11.11 14.76
N GLN Q 33 43.26 10.40 15.19
CA GLN Q 33 42.60 9.44 14.30
C GLN Q 33 42.05 10.13 13.07
N ILE Q 34 41.40 11.28 13.26
CA ILE Q 34 40.83 12.01 12.13
C ILE Q 34 41.93 12.49 11.19
N PHE Q 35 43.05 12.99 11.74
CA PHE Q 35 44.16 13.45 10.91
C PHE Q 35 44.76 12.31 10.10
N THR Q 36 44.96 11.15 10.73
CA THR Q 36 45.49 10.01 10.00
C THR Q 36 44.52 9.53 8.93
N ALA Q 37 43.22 9.55 9.23
CA ALA Q 37 42.23 9.19 8.23
C ALA Q 37 42.25 10.17 7.06
N HIS Q 38 42.46 11.45 7.34
CA HIS Q 38 42.61 12.43 6.28
C HIS Q 38 43.80 12.10 5.39
N TRP Q 39 44.92 11.73 6.01
CA TRP Q 39 46.09 11.37 5.21
C TRP Q 39 45.81 10.16 4.32
N GLY Q 40 45.17 9.13 4.89
CA GLY Q 40 44.83 7.96 4.09
C GLY Q 40 43.88 8.29 2.96
N HIS Q 41 42.90 9.16 3.21
CA HIS Q 41 41.96 9.56 2.17
C HIS Q 41 42.66 10.34 1.06
N LEU Q 42 43.60 11.22 1.42
CA LEU Q 42 44.38 11.92 0.41
C LEU Q 42 45.19 10.94 -0.41
N THR Q 43 45.75 9.90 0.23
CA THR Q 43 46.44 8.86 -0.51
C THR Q 43 45.52 8.17 -1.50
N ILE Q 44 44.29 7.88 -1.07
CA ILE Q 44 43.31 7.25 -1.97
C ILE Q 44 43.02 8.15 -3.17
N ILE Q 45 42.84 9.45 -2.92
CA ILE Q 45 42.58 10.39 -4.01
C ILE Q 45 43.75 10.40 -5.00
N LEU Q 46 44.98 10.46 -4.48
CA LEU Q 46 46.16 10.48 -5.35
C LEU Q 46 46.26 9.20 -6.15
N ILE Q 47 45.97 8.06 -5.54
CA ILE Q 47 46.02 6.79 -6.25
C ILE Q 47 44.95 6.75 -7.34
N TRP Q 48 43.77 7.33 -7.07
CA TRP Q 48 42.72 7.41 -8.08
C TRP Q 48 43.15 8.26 -9.27
N VAL Q 49 43.78 9.40 -8.99
CA VAL Q 49 44.29 10.26 -10.06
C VAL Q 49 45.33 9.51 -10.89
N SER Q 50 46.26 8.85 -10.21
CA SER Q 50 47.29 8.07 -10.92
C SER Q 50 46.65 6.94 -11.70
N SER Q 51 45.55 6.37 -11.20
CA SER Q 51 44.84 5.31 -11.90
C SER Q 51 44.30 5.80 -13.23
N ASN Q 52 43.57 6.91 -13.20
CA ASN Q 52 43.03 7.47 -14.43
C ASN Q 52 44.15 7.82 -15.40
N LEU Q 53 45.22 8.42 -14.89
CA LEU Q 53 46.34 8.80 -15.77
C LEU Q 53 47.00 7.57 -16.37
N TYR Q 54 47.16 6.50 -15.60
CA TYR Q 54 47.74 5.28 -16.14
C TYR Q 54 46.89 4.69 -17.24
N HIS Q 55 45.59 4.54 -16.97
CA HIS Q 55 44.72 3.90 -17.96
C HIS Q 55 44.60 4.74 -19.21
N ILE Q 56 44.66 6.06 -19.09
CA ILE Q 56 44.76 6.89 -20.28
C ILE Q 56 46.09 6.66 -20.99
N ALA Q 57 47.15 6.43 -20.22
CA ALA Q 57 48.47 6.20 -20.81
C ALA Q 57 48.54 4.84 -21.50
N SER Q 58 48.05 3.79 -20.84
CA SER Q 58 48.25 2.44 -21.33
C SER Q 58 47.10 1.94 -22.20
N ASN Q 59 45.91 1.82 -21.61
CA ASN Q 59 44.76 1.23 -22.31
C ASN Q 59 43.88 2.30 -22.94
N ALA Q 60 44.45 3.18 -23.76
CA ALA Q 60 43.68 4.29 -24.29
C ALA Q 60 44.37 4.86 -25.53
N ASN Q 61 43.78 5.92 -26.08
CA ASN Q 61 44.17 6.50 -27.36
C ASN Q 61 44.32 8.01 -27.24
N TYR Q 62 44.99 8.47 -26.19
CA TYR Q 62 45.21 9.92 -26.04
C TYR Q 62 46.07 10.46 -27.16
N SER Q 63 47.06 9.68 -27.61
CA SER Q 63 47.95 10.15 -28.67
C SER Q 63 47.22 10.39 -29.98
N LEU Q 64 46.11 9.68 -30.20
CA LEU Q 64 45.32 9.87 -31.42
C LEU Q 64 44.14 10.81 -31.24
N TRP Q 65 43.53 10.83 -30.06
CA TRP Q 65 42.43 11.75 -29.81
C TRP Q 65 42.90 13.20 -29.83
N VAL Q 66 44.13 13.46 -29.38
CA VAL Q 66 44.65 14.82 -29.33
C VAL Q 66 44.78 15.40 -30.73
N LYS Q 67 44.99 14.56 -31.74
CA LYS Q 67 45.16 15.05 -33.11
C LYS Q 67 43.85 15.54 -33.71
N ASN Q 68 42.78 14.78 -33.55
CA ASN Q 68 41.48 15.08 -34.16
C ASN Q 68 40.38 14.95 -33.11
N PRO Q 69 40.32 15.89 -32.17
CA PRO Q 69 39.44 15.69 -31.00
C PRO Q 69 37.96 15.79 -31.30
N ILE Q 70 37.55 16.63 -32.27
CA ILE Q 70 36.13 16.88 -32.47
C ILE Q 70 35.35 15.62 -32.85
N PRO Q 71 35.76 14.84 -33.87
CA PRO Q 71 34.96 13.65 -34.21
C PRO Q 71 35.41 12.39 -33.51
N SER Q 72 36.60 12.40 -32.93
CA SER Q 72 37.13 11.23 -32.26
C SER Q 72 36.47 11.02 -30.90
N MET Q 73 36.65 9.82 -30.35
CA MET Q 73 36.14 9.48 -29.03
C MET Q 73 37.26 8.90 -28.18
N PRO Q 74 37.36 9.34 -26.93
CA PRO Q 74 38.41 8.82 -26.05
C PRO Q 74 38.06 7.43 -25.54
N ILE Q 75 39.07 6.77 -24.98
CA ILE Q 75 38.95 5.42 -24.42
C ILE Q 75 39.16 5.49 -22.92
N ALA Q 76 38.23 4.93 -22.16
CA ALA Q 76 38.40 4.86 -20.71
C ALA Q 76 39.44 3.82 -20.33
N HIS Q 77 39.20 2.57 -20.71
CA HIS Q 77 40.12 1.47 -20.46
C HIS Q 77 39.65 0.28 -21.28
N ASN Q 78 40.49 -0.74 -21.34
CA ASN Q 78 40.12 -1.97 -22.03
C ASN Q 78 39.07 -2.73 -21.25
N ILE Q 79 38.40 -3.65 -21.93
CA ILE Q 79 37.45 -4.58 -21.31
C ILE Q 79 38.08 -5.96 -21.33
N TRP Q 80 38.31 -6.52 -20.14
CA TRP Q 80 38.73 -7.91 -20.01
C TRP Q 80 37.73 -8.61 -19.11
N ASP Q 81 36.76 -9.28 -19.74
CA ASP Q 81 35.71 -10.00 -19.04
C ASP Q 81 35.51 -11.35 -19.70
N PRO Q 82 35.77 -12.45 -18.99
CA PRO Q 82 35.67 -13.78 -19.60
C PRO Q 82 34.26 -14.19 -19.94
N HIS Q 83 33.25 -13.40 -19.55
CA HIS Q 83 31.86 -13.74 -19.83
C HIS Q 83 31.43 -13.38 -21.24
N PHE Q 84 32.20 -12.56 -21.96
CA PHE Q 84 31.83 -12.19 -23.31
C PHE Q 84 32.00 -13.39 -24.25
N THR Q 85 31.66 -13.18 -25.52
CA THR Q 85 31.75 -14.24 -26.50
C THR Q 85 33.21 -14.48 -26.88
N ASN Q 86 33.72 -15.68 -26.61
CA ASN Q 86 35.05 -16.04 -27.08
C ASN Q 86 35.11 -16.15 -28.60
N SER Q 87 33.96 -16.19 -29.27
CA SER Q 87 33.87 -16.17 -30.72
C SER Q 87 33.35 -14.81 -31.19
N THR Q 88 33.25 -14.66 -32.50
CA THR Q 88 32.75 -13.45 -33.16
C THR Q 88 33.52 -12.24 -32.63
N SER Q 89 32.86 -11.08 -32.58
CA SER Q 89 33.45 -9.88 -32.03
C SER Q 89 32.38 -9.09 -31.30
N THR Q 90 32.73 -8.60 -30.11
CA THR Q 90 31.79 -7.80 -29.34
C THR Q 90 31.55 -6.47 -30.02
N PRO Q 91 30.40 -5.84 -29.78
CA PRO Q 91 30.15 -4.51 -30.34
C PRO Q 91 31.05 -3.43 -29.79
N TYR Q 92 31.96 -3.75 -28.88
CA TYR Q 92 32.86 -2.79 -28.26
C TYR Q 92 34.29 -2.91 -28.80
N SER Q 93 34.50 -3.67 -29.86
CA SER Q 93 35.83 -3.87 -30.41
C SER Q 93 35.77 -3.86 -31.93
N HIS Q 94 36.86 -3.40 -32.55
CA HIS Q 94 37.00 -3.41 -34.01
C HIS Q 94 37.48 -4.79 -34.43
N THR Q 95 36.52 -5.70 -34.57
CA THR Q 95 36.77 -7.09 -34.97
C THR Q 95 37.76 -7.78 -34.04
N ILE Q 96 38.93 -8.14 -34.57
CA ILE Q 96 39.91 -8.91 -33.82
C ILE Q 96 40.63 -8.11 -32.76
N ILE Q 97 40.52 -6.78 -32.80
CA ILE Q 97 41.22 -5.92 -31.85
C ILE Q 97 40.60 -6.06 -30.47
N THR Q 98 41.27 -5.53 -29.44
CA THR Q 98 40.80 -5.67 -28.08
C THR Q 98 39.53 -4.83 -27.86
N THR Q 99 38.91 -5.04 -26.71
CA THR Q 99 37.66 -4.42 -26.33
C THR Q 99 37.93 -3.15 -25.53
N ILE Q 100 37.19 -2.07 -25.82
CA ILE Q 100 37.45 -0.76 -25.24
C ILE Q 100 36.15 -0.13 -24.76
N LEU Q 101 36.31 0.86 -23.87
CA LEU Q 101 35.19 1.64 -23.34
C LEU Q 101 35.45 3.12 -23.58
N ILE Q 102 34.41 3.84 -23.99
CA ILE Q 102 34.54 5.27 -24.27
C ILE Q 102 34.44 6.05 -22.97
N ALA Q 103 35.44 6.90 -22.71
CA ALA Q 103 35.49 7.66 -21.47
C ALA Q 103 34.51 8.83 -21.52
N TYR Q 104 33.67 8.94 -20.48
CA TYR Q 104 32.72 10.04 -20.36
C TYR Q 104 33.04 10.92 -19.16
N SER Q 105 34.26 10.83 -18.64
CA SER Q 105 34.64 11.63 -17.48
C SER Q 105 35.02 13.05 -17.89
N GLY Q 106 35.94 13.18 -18.85
CA GLY Q 106 36.37 14.49 -19.30
C GLY Q 106 37.83 14.74 -19.05
N ILE Q 107 38.57 13.69 -18.67
CA ILE Q 107 39.98 13.85 -18.36
C ILE Q 107 40.78 14.16 -19.62
N TYR Q 108 40.33 13.70 -20.78
CA TYR Q 108 41.05 13.97 -22.02
C TYR Q 108 41.14 15.47 -22.28
N ASN Q 109 40.02 16.18 -22.17
CA ASN Q 109 40.04 17.62 -22.35
C ASN Q 109 40.84 18.30 -21.26
N GLN Q 110 40.77 17.79 -20.03
CA GLN Q 110 41.54 18.35 -18.93
C GLN Q 110 43.04 18.28 -19.22
N LEU Q 111 43.52 17.11 -19.63
CA LEU Q 111 44.94 16.94 -19.91
C LEU Q 111 45.36 17.72 -21.15
N TYR Q 112 44.51 17.75 -22.18
CA TYR Q 112 44.83 18.50 -23.39
C TYR Q 112 44.96 19.99 -23.08
N THR Q 113 44.03 20.53 -22.29
CA THR Q 113 44.10 21.93 -21.91
C THR Q 113 45.31 22.20 -21.02
N SER Q 114 45.60 21.30 -20.09
CA SER Q 114 46.71 21.49 -19.16
C SER Q 114 48.07 21.44 -19.83
N GLY Q 115 48.14 20.98 -21.08
CA GLY Q 115 49.39 20.98 -21.82
C GLY Q 115 49.99 19.63 -22.13
N PHE Q 116 49.27 18.54 -21.87
CA PHE Q 116 49.78 17.22 -22.21
C PHE Q 116 49.74 16.99 -23.72
N ASN Q 117 50.82 16.43 -24.25
CA ASN Q 117 50.93 16.16 -25.67
C ASN Q 117 51.25 14.70 -25.96
N THR Q 118 51.99 14.07 -25.07
CA THR Q 118 52.52 12.72 -25.30
C THR Q 118 52.06 11.77 -24.20
N ILE Q 119 52.07 10.48 -24.53
CA ILE Q 119 51.78 9.44 -23.54
C ILE Q 119 52.86 9.40 -22.46
N ASN Q 120 54.11 9.70 -22.83
CA ASN Q 120 55.21 9.65 -21.88
C ASN Q 120 55.00 10.63 -20.73
N GLN Q 121 54.49 11.83 -21.04
CA GLN Q 121 54.20 12.80 -19.99
C GLN Q 121 53.14 12.27 -19.03
N ILE Q 122 52.11 11.59 -19.56
CA ILE Q 122 51.08 11.03 -18.72
C ILE Q 122 51.65 9.91 -17.85
N TYR Q 123 52.57 9.11 -18.40
CA TYR Q 123 53.19 8.05 -17.62
C TYR Q 123 54.03 8.62 -16.47
N LYS Q 124 54.81 9.66 -16.76
CA LYS Q 124 55.59 10.32 -15.72
C LYS Q 124 54.68 10.94 -14.67
N THR Q 125 53.55 11.50 -15.09
CA THR Q 125 52.59 12.07 -14.16
C THR Q 125 52.00 10.99 -13.25
N THR Q 126 51.67 9.82 -13.81
CA THR Q 126 51.20 8.70 -13.01
C THR Q 126 52.23 8.30 -11.98
N PHE Q 127 53.49 8.21 -12.39
CA PHE Q 127 54.55 7.86 -11.45
C PHE Q 127 54.65 8.89 -10.32
N THR Q 128 54.59 10.18 -10.67
CA THR Q 128 54.70 11.22 -9.67
C THR Q 128 53.54 11.17 -8.68
N PHE Q 129 52.34 10.90 -9.16
CA PHE Q 129 51.20 10.86 -8.24
C PHE Q 129 51.23 9.62 -7.34
N SER Q 130 51.75 8.49 -7.85
CA SER Q 130 51.98 7.35 -6.96
C SER Q 130 53.03 7.69 -5.90
N CYS Q 131 54.08 8.43 -6.29
CA CYS Q 131 55.05 8.91 -5.32
C CYS Q 131 54.37 9.78 -4.27
N LEU Q 132 53.47 10.65 -4.69
CA LEU Q 132 52.76 11.52 -3.75
C LEU Q 132 51.88 10.72 -2.80
N ALA Q 133 51.29 9.62 -3.28
CA ALA Q 133 50.54 8.75 -2.39
C ALA Q 133 51.45 8.14 -1.32
N VAL Q 134 52.63 7.68 -1.73
CA VAL Q 134 53.62 7.20 -0.75
C VAL Q 134 53.93 8.29 0.26
N ILE Q 135 54.13 9.52 -0.23
CA ILE Q 135 54.50 10.64 0.64
C ILE Q 135 53.38 10.91 1.65
N SER Q 136 52.13 10.83 1.20
CA SER Q 136 51.01 11.08 2.11
C SER Q 136 50.94 10.02 3.20
N ILE Q 137 51.11 8.74 2.85
CA ILE Q 137 51.07 7.70 3.87
C ILE Q 137 52.23 7.87 4.86
N LEU Q 138 53.42 8.21 4.33
CA LEU Q 138 54.56 8.43 5.22
C LEU Q 138 54.34 9.63 6.12
N LEU Q 139 53.65 10.67 5.64
CA LEU Q 139 53.31 11.79 6.50
C LEU Q 139 52.34 11.38 7.59
N ALA Q 140 51.39 10.50 7.27
CA ALA Q 140 50.51 9.97 8.30
C ALA Q 140 51.30 9.27 9.40
N LYS Q 141 52.24 8.41 8.99
CA LYS Q 141 53.08 7.72 9.97
C LYS Q 141 53.91 8.71 10.78
N ILE Q 142 54.44 9.73 10.11
CA ILE Q 142 55.27 10.74 10.76
C ILE Q 142 54.48 11.44 11.85
N HIS Q 143 53.24 11.84 11.55
CA HIS Q 143 52.46 12.60 12.51
C HIS Q 143 51.98 11.73 13.66
N ILE Q 144 51.63 10.47 13.37
CA ILE Q 144 51.32 9.54 14.45
C ILE Q 144 52.50 9.43 15.40
N ASN Q 145 53.71 9.28 14.85
CA ASN Q 145 54.88 9.18 15.70
C ASN Q 145 55.16 10.47 16.46
N THR Q 146 54.98 11.63 15.83
CA THR Q 146 55.27 12.89 16.53
C THR Q 146 54.30 13.10 17.69
N HIS Q 147 53.03 12.76 17.51
CA HIS Q 147 52.09 12.92 18.61
C HIS Q 147 52.34 11.88 19.70
N SER Q 148 52.70 10.65 19.33
CA SER Q 148 53.07 9.67 20.33
C SER Q 148 54.35 10.08 21.06
N GLU Q 149 55.24 10.81 20.38
CA GLU Q 149 56.46 11.30 21.01
C GLU Q 149 56.17 12.45 21.96
N LEU Q 150 55.21 13.31 21.65
CA LEU Q 150 54.75 14.29 22.63
C LEU Q 150 54.17 13.58 23.85
N LEU Q 151 53.34 12.56 23.61
CA LEU Q 151 52.76 11.80 24.71
C LEU Q 151 53.85 11.17 25.58
N HIS Q 152 54.90 10.64 24.95
CA HIS Q 152 56.03 10.09 25.69
C HIS Q 152 56.83 11.18 26.37
N LYS Q 153 56.85 12.40 25.80
CA LYS Q 153 57.52 13.52 26.45
C LYS Q 153 56.74 13.98 27.66
N LEU Q 154 55.50 13.52 27.81
CA LEU Q 154 54.81 13.71 29.08
C LEU Q 154 55.36 12.79 30.17
N ALA Q 155 56.31 11.91 29.84
CA ALA Q 155 57.05 11.19 30.87
C ALA Q 155 58.21 12.02 31.43
N SER Q 156 58.55 13.12 30.79
CA SER Q 156 59.53 14.09 31.29
C SER Q 156 58.89 15.46 31.37
N HIS Q 157 57.62 15.51 31.79
CA HIS Q 157 56.87 16.75 31.82
C HIS Q 157 56.17 16.92 33.16
N THR Q 158 56.43 18.06 33.81
CA THR Q 158 55.72 18.47 35.01
C THR Q 158 55.93 19.96 35.18
N SER Q 159 54.89 20.66 35.61
CA SER Q 159 55.00 22.10 35.83
C SER Q 159 55.46 22.42 37.25
N GLN Q 160 55.74 21.41 38.06
CA GLN Q 160 56.14 21.57 39.47
C GLN Q 160 55.00 22.20 40.26
N ILE Q 161 53.85 22.39 39.61
CA ILE Q 161 52.68 23.01 40.24
C ILE Q 161 51.44 22.27 39.78
N PRO Q 162 50.37 22.34 40.58
CA PRO Q 162 49.12 21.65 40.21
C PRO Q 162 48.53 22.09 38.88
N SER Q 163 49.02 23.17 38.26
CA SER Q 163 48.52 23.58 36.96
C SER Q 163 49.05 22.73 35.83
N PHE Q 164 49.89 21.73 36.13
CA PHE Q 164 50.47 20.90 35.08
C PHE Q 164 49.41 20.17 34.27
N PHE Q 165 48.25 19.88 34.88
CA PHE Q 165 47.20 19.18 34.18
C PHE Q 165 46.60 20.00 33.05
N GLN Q 166 46.88 21.31 33.01
CA GLN Q 166 46.38 22.13 31.91
C GLN Q 166 46.93 21.67 30.57
N LEU Q 167 48.08 21.00 30.57
CA LEU Q 167 48.68 20.54 29.32
C LEU Q 167 47.79 19.51 28.64
N LEU Q 168 46.82 18.95 29.36
CA LEU Q 168 45.89 17.98 28.77
C LEU Q 168 45.15 18.59 27.59
N TYR Q 169 44.81 19.88 27.68
CA TYR Q 169 44.01 20.52 26.65
C TYR Q 169 44.83 20.98 25.44
N PHE Q 170 46.15 21.03 25.54
CA PHE Q 170 46.99 21.56 24.48
C PHE Q 170 47.75 20.48 23.71
N LEU Q 171 47.52 19.20 24.02
CA LEU Q 171 48.27 18.15 23.33
C LEU Q 171 47.95 18.11 21.84
N ASP Q 172 46.69 18.34 21.47
CA ASP Q 172 46.27 18.36 20.08
C ASP Q 172 46.10 19.77 19.54
N VAL Q 173 46.86 20.74 20.09
CA VAL Q 173 46.83 22.10 19.57
C VAL Q 173 47.32 22.12 18.13
N ALA Q 174 48.08 21.11 17.72
CA ALA Q 174 48.52 21.01 16.33
C ALA Q 174 47.33 20.89 15.39
N ILE Q 175 46.35 20.07 15.75
CA ILE Q 175 45.19 19.85 14.89
C ILE Q 175 44.08 20.85 15.18
N SER Q 176 43.80 21.13 16.45
CA SER Q 176 42.63 21.90 16.84
C SER Q 176 42.83 23.41 16.70
N SER Q 177 44.05 23.89 16.46
CA SER Q 177 44.26 25.32 16.28
C SER Q 177 43.53 25.80 15.03
N VAL Q 178 42.89 26.96 15.13
CA VAL Q 178 42.02 27.46 14.08
C VAL Q 178 42.64 28.65 13.35
N ASN Q 179 43.24 29.59 14.09
CA ASN Q 179 43.80 30.79 13.45
C ASN Q 179 44.91 30.43 12.49
N ILE Q 180 45.85 29.58 12.92
CA ILE Q 180 46.94 29.17 12.04
C ILE Q 180 46.41 28.43 10.83
N ARG Q 181 45.43 27.53 11.05
CA ARG Q 181 44.87 26.76 9.95
C ARG Q 181 44.19 27.68 8.95
N PHE Q 182 43.39 28.64 9.42
CA PHE Q 182 42.72 29.56 8.51
C PHE Q 182 43.72 30.38 7.73
N ASN Q 183 44.70 30.96 8.44
CA ASN Q 183 45.70 31.78 7.77
C ASN Q 183 46.42 30.99 6.67
N PHE Q 184 46.90 29.80 7.01
CA PHE Q 184 47.73 29.08 6.05
C PHE Q 184 46.88 28.45 4.94
N HIS Q 185 45.67 28.00 5.25
CA HIS Q 185 44.78 27.54 4.19
C HIS Q 185 44.53 28.66 3.21
N THR Q 186 43.88 29.75 3.67
CA THR Q 186 43.49 30.82 2.75
C THR Q 186 44.69 31.42 2.03
N GLY Q 187 45.83 31.57 2.69
CA GLY Q 187 46.99 32.06 1.98
C GLY Q 187 47.61 31.02 1.08
N ILE Q 188 48.28 30.02 1.64
CA ILE Q 188 49.04 29.09 0.83
C ILE Q 188 48.08 28.29 -0.05
N LEU Q 189 47.24 27.47 0.58
CA LEU Q 189 46.53 26.41 -0.13
C LEU Q 189 45.60 26.96 -1.20
N VAL Q 190 45.18 28.21 -1.08
CA VAL Q 190 44.29 28.82 -2.06
C VAL Q 190 45.07 29.78 -2.94
N GLY Q 191 45.58 30.86 -2.34
CA GLY Q 191 46.21 31.89 -3.16
C GLY Q 191 47.48 31.43 -3.83
N LEU Q 192 48.39 30.80 -3.08
CA LEU Q 192 49.65 30.43 -3.71
C LEU Q 192 49.48 29.22 -4.62
N PHE Q 193 48.49 28.35 -4.33
CA PHE Q 193 48.20 27.29 -5.29
C PHE Q 193 47.67 27.88 -6.59
N SER Q 194 46.83 28.92 -6.52
CA SER Q 194 46.38 29.59 -7.73
C SER Q 194 47.54 30.24 -8.47
N ILE Q 195 48.46 30.86 -7.72
CA ILE Q 195 49.62 31.52 -8.35
C ILE Q 195 50.53 30.49 -9.00
N GLY Q 196 50.75 29.35 -8.34
CA GLY Q 196 51.53 28.29 -8.93
C GLY Q 196 50.87 27.72 -10.17
N TYR Q 197 49.54 27.64 -10.18
CA TYR Q 197 48.87 27.18 -11.38
C TYR Q 197 48.95 28.21 -12.50
N THR Q 198 48.95 29.50 -12.16
CA THR Q 198 49.21 30.52 -13.17
C THR Q 198 50.59 30.34 -13.76
N GLY Q 199 51.58 30.05 -12.91
CA GLY Q 199 52.91 29.75 -13.42
C GLY Q 199 52.92 28.54 -14.33
N HIS Q 200 52.18 27.49 -13.96
CA HIS Q 200 52.08 26.31 -14.81
C HIS Q 200 51.50 26.66 -16.16
N LEU Q 201 50.42 27.45 -16.17
CA LEU Q 201 49.80 27.82 -17.43
C LEU Q 201 50.77 28.61 -18.30
N LEU Q 202 51.41 29.63 -17.71
CA LEU Q 202 52.31 30.49 -18.47
C LEU Q 202 53.53 29.72 -18.98
N ASP Q 203 53.96 28.67 -18.27
CA ASP Q 203 55.16 27.95 -18.67
C ASP Q 203 54.87 26.79 -19.62
N ILE Q 204 53.68 26.20 -19.55
CA ILE Q 204 53.39 25.00 -20.34
C ILE Q 204 52.15 25.19 -21.18
N THR Q 205 51.03 25.52 -20.53
CA THR Q 205 49.72 25.40 -21.18
C THR Q 205 49.59 26.37 -22.34
N ILE Q 206 49.98 27.62 -22.15
CA ILE Q 206 49.93 28.62 -23.20
C ILE Q 206 51.05 28.38 -24.21
N PRO Q 207 52.29 28.06 -23.79
CA PRO Q 207 53.29 27.66 -24.79
C PRO Q 207 52.89 26.46 -25.61
N ALA Q 208 52.29 25.44 -25.01
CA ALA Q 208 51.85 24.26 -25.77
C ALA Q 208 50.40 24.37 -26.20
N SER Q 209 50.02 25.53 -26.76
CA SER Q 209 48.73 25.67 -27.42
C SER Q 209 48.78 26.52 -28.68
N ARG Q 210 49.84 27.28 -28.92
CA ARG Q 210 49.94 28.18 -30.05
C ARG Q 210 51.36 28.16 -30.58
N ALA Q 211 51.62 28.97 -31.60
CA ALA Q 211 52.96 29.06 -32.17
C ALA Q 211 53.93 29.63 -31.15
N PRO Q 212 55.22 29.36 -31.31
CA PRO Q 212 56.20 29.84 -30.32
C PRO Q 212 56.15 31.35 -30.17
N LEU Q 213 56.25 31.81 -28.92
CA LEU Q 213 56.09 33.23 -28.62
C LEU Q 213 57.23 33.73 -27.75
N ILE Q 214 57.07 34.94 -27.21
CA ILE Q 214 58.11 35.58 -26.40
C ILE Q 214 58.27 34.81 -25.11
N HIS Q 215 59.30 35.14 -24.32
CA HIS Q 215 59.64 34.35 -23.15
C HIS Q 215 58.59 34.55 -22.05
N THR Q 216 57.37 34.06 -22.33
CA THR Q 216 56.26 34.09 -21.37
C THR Q 216 56.03 35.49 -20.82
N SER Q 217 56.06 36.49 -21.70
CA SER Q 217 55.95 37.88 -21.32
C SER Q 217 54.63 38.19 -20.62
N PRO Q 218 54.49 39.34 -19.98
CA PRO Q 218 53.23 39.68 -19.31
C PRO Q 218 52.06 39.89 -20.27
N SER Q 219 52.29 39.81 -21.58
CA SER Q 219 51.21 39.81 -22.55
C SER Q 219 50.40 38.52 -22.51
N TYR Q 220 50.86 37.52 -21.76
CA TYR Q 220 50.13 36.28 -21.53
C TYR Q 220 48.97 36.45 -20.56
N LEU Q 221 48.79 37.63 -19.98
CA LEU Q 221 47.70 37.93 -19.06
C LEU Q 221 46.71 38.83 -19.80
N THR Q 222 45.63 38.24 -20.30
CA THR Q 222 44.65 38.96 -21.10
C THR Q 222 43.34 39.12 -20.33
N PHE Q 223 42.45 39.91 -20.91
CA PHE Q 223 41.14 40.20 -20.34
C PHE Q 223 40.07 40.14 -21.43
N PHE Q 224 40.13 39.10 -22.26
CA PHE Q 224 39.29 39.04 -23.44
C PHE Q 224 37.82 38.82 -23.08
N GLY Q 225 37.52 37.72 -22.40
CA GLY Q 225 36.15 37.31 -22.21
C GLY Q 225 36.03 35.80 -22.15
N GLY Q 226 35.23 35.21 -23.03
CA GLY Q 226 35.06 33.78 -23.04
C GLY Q 226 35.04 33.22 -24.44
N LEU Q 227 35.17 31.88 -24.51
CA LEU Q 227 34.88 31.09 -25.71
C LEU Q 227 35.73 31.53 -26.91
N LYS Q 228 37.03 31.27 -26.78
CA LYS Q 228 37.93 31.35 -27.93
C LYS Q 228 37.35 30.53 -29.07
N SER Q 229 37.33 31.12 -30.26
CA SER Q 229 36.51 30.60 -31.35
C SER Q 229 36.94 29.21 -31.79
N ASN Q 230 38.25 28.99 -31.96
CA ASN Q 230 38.72 27.75 -32.58
C ASN Q 230 38.48 26.55 -31.68
N THR Q 231 38.86 26.64 -30.41
CA THR Q 231 38.72 25.53 -29.47
C THR Q 231 37.41 25.56 -28.69
N SER Q 232 36.59 26.59 -28.89
CA SER Q 232 35.30 26.73 -28.20
C SER Q 232 35.46 26.62 -26.70
N SER Q 233 36.46 27.31 -26.16
CA SER Q 233 36.72 27.29 -24.72
C SER Q 233 37.31 28.63 -24.31
N LEU Q 234 37.46 28.79 -23.00
CA LEU Q 234 38.03 30.02 -22.46
C LEU Q 234 39.48 30.18 -22.90
N TYR Q 235 39.91 31.44 -23.04
CA TYR Q 235 41.30 31.70 -23.37
C TYR Q 235 42.19 31.29 -22.22
N LEU Q 236 43.26 30.54 -22.54
CA LEU Q 236 44.21 30.13 -21.52
C LEU Q 236 44.88 31.32 -20.86
N THR Q 237 45.10 32.39 -21.63
CA THR Q 237 45.61 33.62 -21.04
C THR Q 237 44.62 34.19 -20.03
N ASP Q 238 43.33 34.16 -20.35
CA ASP Q 238 42.31 34.60 -19.41
C ASP Q 238 42.31 33.74 -18.16
N ILE Q 239 42.46 32.42 -18.32
CA ILE Q 239 42.47 31.52 -17.16
C ILE Q 239 43.69 31.80 -16.28
N ALA Q 240 44.86 32.00 -16.89
CA ALA Q 240 46.06 32.33 -16.13
C ALA Q 240 45.89 33.64 -15.38
N HIS Q 241 45.33 34.65 -16.04
CA HIS Q 241 45.12 35.93 -15.38
C HIS Q 241 44.11 35.80 -14.24
N HIS Q 242 43.05 35.01 -14.44
CA HIS Q 242 42.06 34.80 -13.40
C HIS Q 242 42.69 34.15 -12.17
N HIS Q 243 43.48 33.10 -12.39
CA HIS Q 243 44.13 32.43 -11.27
C HIS Q 243 45.12 33.36 -10.59
N LEU Q 244 45.80 34.22 -11.36
CA LEU Q 244 46.72 35.18 -10.77
C LEU Q 244 45.97 36.17 -9.88
N ALA Q 245 44.84 36.68 -10.35
CA ALA Q 245 44.08 37.64 -9.56
C ALA Q 245 43.55 37.00 -8.28
N ILE Q 246 42.97 35.79 -8.41
CA ILE Q 246 42.46 35.09 -7.24
C ILE Q 246 43.59 34.79 -6.26
N GLY Q 247 44.75 34.40 -6.79
CA GLY Q 247 45.88 34.11 -5.92
C GLY Q 247 46.34 35.32 -5.15
N ILE Q 248 46.45 36.47 -5.83
CA ILE Q 248 46.88 37.69 -5.14
C ILE Q 248 45.88 38.06 -4.06
N ILE Q 249 44.58 38.01 -4.39
CA ILE Q 249 43.56 38.40 -3.43
C ILE Q 249 43.60 37.49 -2.20
N SER Q 250 43.70 36.18 -2.42
CA SER Q 250 43.69 35.25 -1.29
C SER Q 250 44.99 35.27 -0.51
N ILE Q 251 46.13 35.56 -1.17
CA ILE Q 251 47.37 35.73 -0.44
C ILE Q 251 47.27 36.93 0.50
N LEU Q 252 46.72 38.04 -0.01
CA LEU Q 252 46.53 39.20 0.86
C LEU Q 252 45.58 38.86 2.00
N THR Q 253 44.49 38.16 1.71
CA THR Q 253 43.52 37.81 2.75
C THR Q 253 44.11 36.87 3.79
N GLY Q 254 45.06 36.02 3.41
CA GLY Q 254 45.60 35.03 4.30
C GLY Q 254 46.42 35.57 5.45
N HIS Q 255 46.68 36.87 5.47
CA HIS Q 255 47.42 37.52 6.55
C HIS Q 255 46.48 38.12 7.59
N LEU Q 256 45.30 37.53 7.77
CA LEU Q 256 44.27 38.12 8.63
C LEU Q 256 44.37 37.66 10.07
N TYR Q 257 44.46 36.37 10.31
CA TYR Q 257 44.41 35.84 11.67
C TYR Q 257 45.81 35.76 12.27
N SER Q 258 45.84 35.62 13.60
CA SER Q 258 47.08 35.52 14.36
C SER Q 258 47.57 34.07 14.31
N SER Q 259 48.46 33.78 13.37
CA SER Q 259 48.86 32.39 13.13
C SER Q 259 50.11 31.99 13.89
N PHE Q 260 51.24 32.64 13.60
CA PHE Q 260 52.52 32.21 14.14
C PHE Q 260 53.02 33.09 15.28
N ARG Q 261 52.66 34.36 15.29
CA ARG Q 261 53.06 35.29 16.33
C ARG Q 261 51.83 35.90 16.99
N ALA Q 262 51.96 36.20 18.27
CA ALA Q 262 50.86 36.81 19.02
C ALA Q 262 50.73 38.30 18.77
N ALA Q 263 51.66 38.91 18.04
CA ALA Q 263 51.67 40.34 17.82
C ALA Q 263 51.11 40.76 16.46
N LEU Q 264 50.68 39.81 15.65
CA LEU Q 264 50.13 40.11 14.33
C LEU Q 264 48.83 39.36 14.12
N GLY Q 265 47.84 40.04 13.56
CA GLY Q 265 46.59 39.39 13.19
C GLY Q 265 45.60 39.34 14.34
N THR Q 266 44.32 39.32 13.98
CA THR Q 266 43.24 39.23 14.96
C THR Q 266 42.81 37.78 15.13
N TYR Q 267 42.32 37.47 16.32
CA TYR Q 267 41.90 36.11 16.65
C TYR Q 267 40.47 35.88 16.16
N ILE Q 268 40.20 34.66 15.71
CA ILE Q 268 38.87 34.33 15.20
C ILE Q 268 37.84 34.42 16.31
N ARG Q 269 38.22 34.07 17.54
CA ARG Q 269 37.29 34.14 18.66
C ARG Q 269 36.85 35.58 18.90
N ASP Q 270 37.79 36.53 18.85
CA ASP Q 270 37.43 37.92 19.03
C ASP Q 270 36.62 38.45 17.85
N ILE Q 271 36.87 37.95 16.65
CA ILE Q 271 36.07 38.34 15.49
C ILE Q 271 34.62 37.89 15.67
N LEU Q 272 34.42 36.66 16.13
CA LEU Q 272 33.07 36.13 16.29
C LEU Q 272 32.37 36.77 17.49
N TYR Q 273 33.10 37.00 18.58
CA TYR Q 273 32.48 37.50 19.80
C TYR Q 273 31.86 38.88 19.63
N THR Q 274 32.31 39.65 18.65
CA THR Q 274 31.78 40.98 18.38
C THR Q 274 30.92 40.99 17.12
N SER Q 275 30.24 39.89 16.85
CA SER Q 275 29.38 39.75 15.68
C SER Q 275 28.18 38.89 16.05
N HIS Q 276 27.36 38.59 15.05
CA HIS Q 276 26.19 37.73 15.24
C HIS Q 276 26.58 36.27 15.00
N LEU Q 277 27.46 35.79 15.88
CA LEU Q 277 27.93 34.42 15.82
C LEU Q 277 28.35 33.89 17.19
N THR Q 278 29.66 33.82 17.42
CA THR Q 278 30.23 33.30 18.66
C THR Q 278 29.80 31.86 18.91
N HIS Q 279 29.81 31.05 17.86
CA HIS Q 279 29.45 29.64 17.96
C HIS Q 279 30.58 28.84 18.62
N SER Q 280 30.27 27.59 18.95
CA SER Q 280 31.25 26.68 19.54
C SER Q 280 32.19 26.15 18.46
N ILE Q 281 33.27 26.87 18.19
CA ILE Q 281 34.17 26.51 17.08
C ILE Q 281 35.03 25.30 17.38
N LYS Q 282 34.99 24.77 18.60
CA LYS Q 282 35.76 23.57 18.92
C LYS Q 282 35.06 22.29 18.49
N SER Q 283 33.80 22.38 18.05
CA SER Q 283 33.10 21.20 17.57
C SER Q 283 33.62 20.79 16.20
N LEU Q 284 33.98 19.52 16.06
CA LEU Q 284 34.40 19.02 14.74
C LEU Q 284 33.21 18.85 13.81
N HIS Q 285 32.05 18.46 14.34
CA HIS Q 285 30.86 18.33 13.52
C HIS Q 285 30.41 19.68 12.97
N LEU Q 286 30.53 20.75 13.76
CA LEU Q 286 30.15 22.06 13.27
C LEU Q 286 31.05 22.53 12.13
N ALA Q 287 32.36 22.35 12.28
CA ALA Q 287 33.29 22.70 11.21
C ALA Q 287 33.00 21.87 9.97
N LEU Q 288 32.78 20.56 10.14
CA LEU Q 288 32.48 19.70 9.00
C LEU Q 288 31.21 20.15 8.30
N SER Q 289 30.18 20.50 9.07
CA SER Q 289 28.92 20.94 8.48
C SER Q 289 29.11 22.23 7.69
N LEU Q 290 29.85 23.20 8.24
CA LEU Q 290 29.96 24.47 7.56
C LEU Q 290 31.01 24.47 6.44
N ILE Q 291 31.82 23.43 6.32
CA ILE Q 291 32.71 23.34 5.17
C ILE Q 291 32.09 22.47 4.09
N LEU Q 292 31.25 21.51 4.50
CA LEU Q 292 30.42 20.81 3.51
C LEU Q 292 29.43 21.77 2.87
N ALA Q 293 28.90 22.70 3.67
CA ALA Q 293 28.07 23.78 3.14
C ALA Q 293 28.87 24.77 2.32
N SER Q 294 30.20 24.68 2.32
CA SER Q 294 31.03 25.50 1.45
C SER Q 294 31.40 24.79 0.17
N CYS Q 295 31.70 23.49 0.25
CA CYS Q 295 31.93 22.71 -0.96
C CYS Q 295 30.68 22.58 -1.80
N THR Q 296 29.50 22.85 -1.23
CA THR Q 296 28.26 22.73 -1.99
C THR Q 296 28.11 23.84 -3.01
N PRO Q 297 28.20 25.13 -2.66
CA PRO Q 297 28.17 26.16 -3.71
C PRO Q 297 29.31 26.01 -4.69
N LEU Q 298 30.49 25.59 -4.22
CA LEU Q 298 31.62 25.41 -5.12
C LEU Q 298 31.33 24.33 -6.17
N THR Q 299 30.79 23.19 -5.73
CA THR Q 299 30.51 22.10 -6.66
C THR Q 299 29.33 22.43 -7.57
N SER Q 300 28.31 23.12 -7.03
CA SER Q 300 27.17 23.50 -7.86
C SER Q 300 27.59 24.50 -8.93
N THR Q 301 28.41 25.49 -8.56
CA THR Q 301 28.92 26.43 -9.54
C THR Q 301 29.89 25.77 -10.50
N THR Q 302 30.61 24.73 -10.04
CA THR Q 302 31.43 23.95 -10.96
C THR Q 302 30.56 23.30 -12.03
N ALA Q 303 29.46 22.67 -11.60
CA ALA Q 303 28.53 22.07 -12.56
C ALA Q 303 27.98 23.11 -13.52
N GLN Q 304 27.61 24.27 -13.00
CA GLN Q 304 27.01 25.30 -13.84
C GLN Q 304 28.02 25.87 -14.84
N HIS Q 305 29.24 26.14 -14.40
CA HIS Q 305 30.20 26.89 -15.19
C HIS Q 305 31.13 26.03 -16.03
N ILE Q 306 31.21 24.72 -15.77
CA ILE Q 306 31.85 23.84 -16.74
C ILE Q 306 31.04 23.80 -18.02
N TYR Q 307 29.71 23.88 -17.90
CA TYR Q 307 28.83 23.86 -19.06
C TYR Q 307 28.66 25.25 -19.67
N SER Q 308 28.31 26.24 -18.86
CA SER Q 308 28.00 27.57 -19.38
C SER Q 308 29.22 28.19 -20.06
N LEU Q 309 30.37 28.13 -19.39
CA LEU Q 309 31.62 28.68 -19.91
C LEU Q 309 32.63 27.55 -19.93
N THR Q 310 32.65 26.79 -21.02
CA THR Q 310 33.48 25.60 -21.09
C THR Q 310 34.95 25.99 -21.05
N PRO Q 311 35.72 25.52 -20.06
CA PRO Q 311 37.12 25.95 -19.95
C PRO Q 311 38.13 25.04 -20.63
N TYR Q 312 37.68 23.88 -21.11
CA TYR Q 312 38.59 22.91 -21.68
C TYR Q 312 38.47 22.79 -23.17
N PHE Q 313 39.56 22.43 -23.83
CA PHE Q 313 39.57 22.38 -25.28
C PHE Q 313 38.56 21.35 -25.79
N TYR Q 314 37.71 21.79 -26.72
CA TYR Q 314 36.76 20.92 -27.43
C TYR Q 314 35.82 20.19 -26.47
N LEU Q 315 35.58 20.78 -25.29
CA LEU Q 315 34.67 20.14 -24.34
C LEU Q 315 33.22 20.30 -24.79
N SER Q 316 32.89 21.45 -25.37
CA SER Q 316 31.54 21.67 -25.87
C SER Q 316 31.23 20.82 -27.09
N TYR Q 317 32.25 20.36 -27.81
CA TYR Q 317 32.05 19.53 -28.98
C TYR Q 317 31.71 18.09 -28.65
N ASP Q 318 31.79 17.69 -27.38
CA ASP Q 318 31.40 16.37 -26.93
C ASP Q 318 29.99 16.44 -26.35
N HIS Q 319 29.06 15.74 -27.00
CA HIS Q 319 27.66 15.79 -26.59
C HIS Q 319 27.39 15.01 -25.31
N ILE Q 320 28.30 14.13 -24.91
CA ILE Q 320 28.12 13.32 -23.72
C ILE Q 320 28.91 13.86 -22.53
N TYR Q 321 30.11 14.39 -22.78
CA TYR Q 321 30.90 14.99 -21.70
C TYR Q 321 30.13 16.08 -20.99
N SER Q 322 29.50 16.98 -21.76
CA SER Q 322 28.87 18.16 -21.17
C SER Q 322 27.73 17.80 -20.24
N THR Q 323 26.92 16.81 -20.61
CA THR Q 323 25.82 16.40 -19.74
C THR Q 323 26.32 15.57 -18.55
N ALA Q 324 27.26 14.65 -18.79
CA ALA Q 324 27.73 13.79 -17.72
C ALA Q 324 28.41 14.59 -16.63
N LEU Q 325 29.26 15.55 -17.00
CA LEU Q 325 29.93 16.37 -16.01
C LEU Q 325 28.95 17.16 -15.17
N TYR Q 326 27.95 17.79 -15.82
CA TYR Q 326 26.98 18.59 -15.10
C TYR Q 326 26.18 17.75 -14.13
N VAL Q 327 25.69 16.59 -14.59
CA VAL Q 327 24.88 15.74 -13.73
C VAL Q 327 25.72 15.21 -12.56
N HIS Q 328 26.96 14.81 -12.84
CA HIS Q 328 27.83 14.30 -11.78
C HIS Q 328 28.05 15.35 -10.70
N HIS Q 329 28.41 16.57 -11.11
CA HIS Q 329 28.71 17.59 -10.10
C HIS Q 329 27.45 18.07 -9.40
N SER Q 330 26.29 18.06 -10.08
CA SER Q 330 25.05 18.38 -9.40
C SER Q 330 24.74 17.36 -8.31
N TYR Q 331 24.94 16.08 -8.60
CA TYR Q 331 24.70 15.07 -7.59
C TYR Q 331 25.69 15.19 -6.43
N ILE Q 332 26.96 15.47 -6.74
CA ILE Q 332 27.96 15.61 -5.69
C ILE Q 332 27.59 16.78 -4.77
N THR Q 333 27.20 17.92 -5.35
CA THR Q 333 26.88 19.07 -4.53
C THR Q 333 25.58 18.89 -3.77
N SER Q 334 24.62 18.13 -4.31
CA SER Q 334 23.43 17.81 -3.54
C SER Q 334 23.77 16.95 -2.33
N PHE Q 335 24.66 15.97 -2.51
CA PHE Q 335 25.08 15.15 -1.39
C PHE Q 335 25.78 16.00 -0.33
N LEU Q 336 26.67 16.91 -0.76
CA LEU Q 336 27.35 17.76 0.20
C LEU Q 336 26.39 18.71 0.91
N ALA Q 337 25.39 19.21 0.18
CA ALA Q 337 24.40 20.11 0.77
C ALA Q 337 23.60 19.41 1.86
N ILE Q 338 23.15 18.20 1.59
CA ILE Q 338 22.40 17.49 2.63
C ILE Q 338 23.33 17.05 3.75
N ALA Q 339 24.62 16.83 3.43
CA ALA Q 339 25.60 16.51 4.46
C ALA Q 339 25.76 17.64 5.45
N SER Q 340 25.77 18.88 4.95
CA SER Q 340 25.92 20.03 5.84
C SER Q 340 24.81 20.06 6.88
N HIS Q 341 23.57 19.84 6.46
CA HIS Q 341 22.45 19.83 7.39
C HIS Q 341 22.51 18.63 8.32
N ALA Q 342 22.89 17.46 7.80
CA ALA Q 342 22.99 16.28 8.65
C ALA Q 342 24.00 16.50 9.78
N HIS Q 343 25.16 17.06 9.45
CA HIS Q 343 26.16 17.30 10.48
C HIS Q 343 25.83 18.51 11.35
N THR Q 344 25.01 19.45 10.87
CA THR Q 344 24.48 20.48 11.77
C THR Q 344 23.58 19.85 12.82
N ALA Q 345 22.73 18.91 12.40
CA ALA Q 345 21.88 18.19 13.36
C ALA Q 345 22.72 17.39 14.34
N ILE Q 346 23.77 16.72 13.84
CA ILE Q 346 24.65 15.96 14.73
C ILE Q 346 25.38 16.91 15.68
N THR Q 347 25.73 18.10 15.22
CA THR Q 347 26.35 19.10 16.09
C THR Q 347 25.40 19.49 17.22
N LEU Q 348 24.14 19.73 16.89
CA LEU Q 348 23.18 20.11 17.91
C LEU Q 348 22.93 18.98 18.90
N VAL Q 349 22.93 17.73 18.42
CA VAL Q 349 22.74 16.59 19.31
C VAL Q 349 23.93 16.41 20.23
N ARG Q 350 25.14 16.49 19.69
CA ARG Q 350 26.34 16.03 20.37
C ARG Q 350 27.22 17.15 20.92
N ASP Q 351 27.47 18.20 20.15
CA ASP Q 351 28.52 19.16 20.48
C ASP Q 351 27.98 20.58 20.63
N TRP Q 352 26.86 20.76 21.32
CA TRP Q 352 26.34 22.10 21.56
C TRP Q 352 25.86 22.23 22.99
N VAL Q 353 26.41 23.20 23.71
CA VAL Q 353 26.04 23.50 25.08
C VAL Q 353 25.11 24.71 25.06
N ALA Q 354 23.95 24.57 25.68
CA ALA Q 354 22.95 25.63 25.65
C ALA Q 354 22.74 26.21 27.04
N PRO Q 355 22.33 27.48 27.12
CA PRO Q 355 22.01 28.08 28.43
C PRO Q 355 20.83 27.41 29.12
N LEU Q 356 20.44 27.92 30.28
CA LEU Q 356 19.45 27.23 31.10
C LEU Q 356 18.10 27.13 30.41
N GLU Q 357 17.38 28.24 30.28
CA GLU Q 357 16.16 28.26 29.47
C GLU Q 357 15.98 29.52 28.62
N GLN Q 358 16.50 30.68 29.05
CA GLN Q 358 16.08 31.95 28.49
C GLN Q 358 17.23 32.83 28.01
N GLU Q 359 18.48 32.48 28.29
CA GLU Q 359 19.61 33.32 27.89
C GLU Q 359 19.73 33.28 26.38
N SER Q 360 19.21 34.31 25.72
CA SER Q 360 19.22 34.39 24.26
C SER Q 360 20.50 35.07 23.78
N SER Q 361 21.60 34.32 23.92
CA SER Q 361 22.93 34.80 23.57
C SER Q 361 23.52 34.07 22.38
N SER Q 362 23.52 32.74 22.39
CA SER Q 362 24.03 31.97 21.26
C SER Q 362 23.11 32.14 20.05
N LYS Q 363 23.69 32.03 18.86
CA LYS Q 363 22.89 32.09 17.64
C LYS Q 363 21.93 30.91 17.56
N GLN Q 364 22.40 29.71 17.92
CA GLN Q 364 21.51 28.56 17.96
C GLN Q 364 20.39 28.77 18.96
N ILE Q 365 20.65 29.48 20.06
CA ILE Q 365 19.60 29.77 21.03
C ILE Q 365 18.51 30.61 20.39
N ARG Q 366 18.91 31.70 19.72
CA ARG Q 366 17.93 32.58 19.10
C ARG Q 366 17.16 31.88 18.00
N ILE Q 367 17.83 30.98 17.27
CA ILE Q 367 17.13 30.20 16.26
C ILE Q 367 16.12 29.26 16.91
N HIS Q 368 16.51 28.60 18.02
CA HIS Q 368 15.64 27.66 18.69
C HIS Q 368 14.47 28.34 19.40
N THR Q 369 14.61 29.61 19.76
CA THR Q 369 13.51 30.31 20.45
C THR Q 369 12.28 30.40 19.56
N HIS Q 370 12.48 30.64 18.26
CA HIS Q 370 11.39 30.80 17.31
C HIS Q 370 11.44 29.75 16.21
N LYS Q 371 11.94 28.56 16.54
CA LYS Q 371 12.07 27.49 15.54
C LYS Q 371 10.72 27.14 14.92
N ALA Q 372 9.65 27.23 15.71
CA ALA Q 372 8.32 26.94 15.19
C ALA Q 372 7.94 27.91 14.09
N ALA Q 373 8.29 29.19 14.24
CA ALA Q 373 8.02 30.16 13.19
C ALA Q 373 8.78 29.82 11.92
N ILE Q 374 10.06 29.43 12.06
CA ILE Q 374 10.85 29.05 10.89
C ILE Q 374 10.19 27.89 10.16
N ILE Q 375 9.84 26.84 10.90
CA ILE Q 375 9.31 25.64 10.26
C ILE Q 375 7.93 25.92 9.67
N SER Q 376 7.10 26.72 10.35
CA SER Q 376 5.78 27.04 9.82
C SER Q 376 5.88 27.83 8.53
N HIS Q 377 6.77 28.81 8.46
CA HIS Q 377 6.89 29.60 7.23
C HIS Q 377 7.53 28.79 6.11
N LEU Q 378 8.47 27.91 6.45
CA LEU Q 378 9.03 27.01 5.43
C LEU Q 378 7.96 26.09 4.88
N SER Q 379 7.10 25.56 5.76
CA SER Q 379 5.97 24.76 5.31
C SER Q 379 5.04 25.57 4.43
N TRP Q 380 4.80 26.84 4.78
CA TRP Q 380 3.90 27.66 3.98
C TRP Q 380 4.46 27.87 2.57
N VAL Q 381 5.74 28.21 2.47
CA VAL Q 381 6.30 28.47 1.15
C VAL Q 381 6.38 27.18 0.34
N SER Q 382 6.69 26.05 1.00
CA SER Q 382 6.69 24.77 0.30
C SER Q 382 5.30 24.44 -0.22
N LEU Q 383 4.26 24.64 0.61
CA LEU Q 383 2.90 24.37 0.17
C LEU Q 383 2.51 25.27 -0.98
N TRP Q 384 2.85 26.55 -0.91
CA TRP Q 384 2.50 27.46 -1.99
C TRP Q 384 3.15 27.02 -3.30
N LEU Q 385 4.46 26.75 -3.26
CA LEU Q 385 5.16 26.38 -4.47
C LEU Q 385 4.60 25.08 -5.05
N GLY Q 386 4.38 24.08 -4.20
CA GLY Q 386 3.84 22.82 -4.69
C GLY Q 386 2.47 22.98 -5.29
N PHE Q 387 1.56 23.65 -4.56
CA PHE Q 387 0.20 23.85 -5.05
C PHE Q 387 0.21 24.57 -6.40
N HIS Q 388 0.90 25.70 -6.49
CA HIS Q 388 0.81 26.54 -7.67
C HIS Q 388 1.68 26.09 -8.82
N THR Q 389 2.63 25.18 -8.58
CA THR Q 389 3.34 24.58 -9.71
C THR Q 389 2.57 23.37 -10.23
N LEU Q 390 2.14 22.48 -9.35
CA LEU Q 390 1.38 21.31 -9.78
C LEU Q 390 0.06 21.71 -10.42
N ALA Q 391 -0.61 22.73 -9.88
CA ALA Q 391 -1.91 23.12 -10.42
C ALA Q 391 -1.78 23.74 -11.79
N VAL Q 392 -0.77 24.59 -12.00
CA VAL Q 392 -0.58 25.18 -13.32
C VAL Q 392 -0.12 24.12 -14.33
N TYR Q 393 0.73 23.19 -13.90
CA TYR Q 393 1.10 22.08 -14.77
C TYR Q 393 -0.12 21.24 -15.13
N SER Q 394 -1.00 21.01 -14.16
CA SER Q 394 -2.22 20.24 -14.42
C SER Q 394 -3.15 20.99 -15.37
N HIS Q 395 -3.26 22.31 -15.21
CA HIS Q 395 -4.03 23.12 -16.14
C HIS Q 395 -3.49 22.95 -17.56
N ASN Q 396 -2.17 23.08 -17.71
CA ASN Q 396 -1.59 22.95 -19.04
C ASN Q 396 -1.80 21.56 -19.61
N ASP Q 397 -1.62 20.52 -18.79
CA ASP Q 397 -1.82 19.15 -19.24
C ASP Q 397 -3.25 18.93 -19.69
N THR Q 398 -4.22 19.38 -18.89
CA THR Q 398 -5.62 19.17 -19.22
C THR Q 398 -6.03 19.94 -20.45
N CYS Q 399 -5.61 21.20 -20.56
CA CYS Q 399 -6.04 22.03 -21.68
C CYS Q 399 -5.32 21.66 -22.96
N ILE Q 400 -4.14 21.04 -22.87
CA ILE Q 400 -3.46 20.57 -24.08
C ILE Q 400 -3.90 19.16 -24.46
N ALA Q 401 -4.41 18.37 -23.50
CA ALA Q 401 -5.04 17.11 -23.85
C ALA Q 401 -6.37 17.35 -24.54
N PHE Q 402 -7.03 18.47 -24.23
CA PHE Q 402 -8.32 18.82 -24.81
C PHE Q 402 -8.18 19.63 -26.10
N ASN Q 403 -7.08 19.46 -26.83
CA ASN Q 403 -6.87 20.07 -28.14
C ASN Q 403 -6.83 21.60 -28.08
N SER Q 404 -6.46 22.17 -26.94
CA SER Q 404 -6.46 23.62 -26.75
C SER Q 404 -5.12 24.08 -26.21
N PRO Q 405 -4.09 24.10 -27.07
CA PRO Q 405 -2.80 24.65 -26.62
C PRO Q 405 -2.86 26.11 -26.22
N SER Q 406 -3.81 26.86 -26.76
CA SER Q 406 -3.91 28.29 -26.51
C SER Q 406 -4.63 28.63 -25.21
N LYS Q 407 -5.17 27.64 -24.51
CA LYS Q 407 -5.83 27.86 -23.22
C LYS Q 407 -4.89 27.69 -22.03
N GLN Q 408 -3.60 27.46 -22.27
CA GLN Q 408 -2.65 27.26 -21.20
C GLN Q 408 -2.39 28.55 -20.43
N ILE Q 409 -2.00 28.40 -19.17
CA ILE Q 409 -1.51 29.51 -18.36
C ILE Q 409 0.00 29.52 -18.47
N LEU Q 410 0.55 30.49 -19.19
CA LEU Q 410 1.99 30.59 -19.43
C LEU Q 410 2.46 31.94 -18.89
N ILE Q 411 2.93 31.94 -17.64
CA ILE Q 411 3.50 33.15 -17.07
C ILE Q 411 4.87 33.38 -17.69
N GLU Q 412 5.02 34.50 -18.39
CA GLU Q 412 6.30 34.82 -18.99
C GLU Q 412 7.32 35.09 -17.89
N ALA Q 413 8.49 34.46 -18.00
CA ALA Q 413 9.52 34.53 -16.95
C ALA Q 413 10.16 35.91 -17.01
N SER Q 414 9.46 36.89 -16.46
CA SER Q 414 9.86 38.29 -16.63
C SER Q 414 11.03 38.68 -15.74
N ASN Q 415 11.11 38.16 -14.53
CA ASN Q 415 12.19 38.54 -13.62
C ASN Q 415 13.54 37.97 -14.09
N GLY Q 416 13.55 36.69 -14.43
CA GLY Q 416 14.76 36.10 -15.00
C GLY Q 416 15.16 36.77 -16.29
N GLN Q 417 14.16 37.14 -17.11
CA GLN Q 417 14.45 37.86 -18.34
C GLN Q 417 15.04 39.24 -18.06
N LEU Q 418 14.57 39.93 -17.03
CA LEU Q 418 15.15 41.22 -16.68
C LEU Q 418 16.60 41.07 -16.23
N ILE Q 419 16.87 40.07 -15.40
CA ILE Q 419 18.24 39.82 -14.96
C ILE Q 419 19.13 39.50 -16.17
N GLN Q 420 18.63 38.65 -17.09
CA GLN Q 420 19.39 38.32 -18.28
C GLN Q 420 19.62 39.56 -19.15
N GLN Q 421 18.61 40.42 -19.27
CA GLN Q 421 18.77 41.64 -20.08
C GLN Q 421 19.82 42.56 -19.48
N ALA Q 422 19.81 42.73 -18.16
CA ALA Q 422 20.82 43.56 -17.52
C ALA Q 422 22.22 43.00 -17.72
N SER Q 423 22.37 41.68 -17.52
CA SER Q 423 23.67 41.05 -17.70
C SER Q 423 24.12 41.15 -19.15
N GLY Q 424 23.19 40.97 -20.09
CA GLY Q 424 23.53 41.06 -21.50
C GLY Q 424 23.92 42.46 -21.91
N LYS Q 425 23.24 43.47 -21.37
CA LYS Q 425 23.64 44.85 -21.63
C LYS Q 425 25.03 45.12 -21.09
N ALA Q 426 25.33 44.63 -19.89
CA ALA Q 426 26.67 44.81 -19.33
C ALA Q 426 27.72 44.12 -20.21
N LEU Q 427 27.46 42.88 -20.62
CA LEU Q 427 28.41 42.15 -21.44
C LEU Q 427 28.59 42.80 -22.81
N TYR Q 428 27.50 43.28 -23.41
CA TYR Q 428 27.58 43.91 -24.72
C TYR Q 428 28.30 45.25 -24.62
N GLY Q 429 28.13 45.98 -23.53
CA GLY Q 429 28.91 47.18 -23.32
C GLY Q 429 30.38 46.88 -23.15
N THR Q 430 30.70 45.77 -22.48
CA THR Q 430 32.09 45.35 -22.38
C THR Q 430 32.66 45.02 -23.76
N ILE Q 431 31.89 44.29 -24.57
CA ILE Q 431 32.39 43.83 -25.86
C ILE Q 431 32.55 44.99 -26.84
N ASN Q 432 31.56 45.88 -26.89
CA ASN Q 432 31.59 46.98 -27.85
C ASN Q 432 32.78 47.90 -27.60
N SER Q 433 33.25 47.98 -26.36
CA SER Q 433 34.44 48.77 -26.04
C SER Q 433 35.71 47.92 -26.12
N ILE Q 434 35.85 47.19 -27.23
CA ILE Q 434 37.02 46.36 -27.48
C ILE Q 434 37.41 46.52 -28.95
N ASN Q 435 38.72 46.59 -29.21
CA ASN Q 435 39.21 46.56 -30.57
C ASN Q 435 39.30 45.15 -31.14
N ASN Q 436 39.05 44.13 -30.31
CA ASN Q 436 39.07 42.72 -30.67
C ASN Q 436 37.77 42.06 -30.27
N TYR Q 437 36.66 42.71 -30.66
CA TYR Q 437 35.31 42.30 -30.26
C TYR Q 437 34.82 41.11 -31.08
N ASN Q 438 33.51 40.88 -31.07
CA ASN Q 438 32.88 39.67 -31.64
C ASN Q 438 33.24 38.44 -30.83
N LYS Q 439 33.00 38.52 -29.52
CA LYS Q 439 33.25 37.43 -28.61
C LYS Q 439 31.98 36.63 -28.38
N SER Q 440 32.12 35.49 -27.72
CA SER Q 440 31.00 34.60 -27.43
C SER Q 440 31.06 34.17 -25.98
N PHE Q 441 29.89 33.92 -25.40
CA PHE Q 441 29.80 33.49 -24.00
C PHE Q 441 29.06 32.16 -23.86
N ASP Q 442 28.77 31.48 -24.98
CA ASP Q 442 28.15 30.16 -25.01
C ASP Q 442 26.81 30.24 -24.28
N SER Q 443 26.61 29.50 -23.19
CA SER Q 443 25.30 29.40 -22.55
C SER Q 443 25.25 30.15 -21.21
N PHE Q 444 26.01 31.24 -21.09
CA PHE Q 444 25.92 32.03 -19.85
C PHE Q 444 24.54 32.63 -19.69
N ILE Q 445 23.95 33.14 -20.76
CA ILE Q 445 22.55 33.52 -20.79
C ILE Q 445 21.86 32.69 -21.86
N HIS Q 446 20.79 32.02 -21.48
CA HIS Q 446 20.05 31.09 -22.32
C HIS Q 446 18.63 31.60 -22.51
N PRO Q 447 17.95 31.19 -23.59
CA PRO Q 447 16.55 31.60 -23.78
C PRO Q 447 15.68 31.13 -22.63
N ILE Q 448 14.99 32.07 -22.00
CA ILE Q 448 14.12 31.78 -20.86
C ILE Q 448 12.68 31.91 -21.32
N SER Q 449 11.89 30.88 -21.05
CA SER Q 449 10.52 30.74 -21.50
C SER Q 449 9.63 30.39 -20.32
N PRO Q 450 8.31 30.35 -20.51
CA PRO Q 450 7.43 29.92 -19.41
C PRO Q 450 7.76 28.54 -18.88
N GLY Q 451 8.20 27.61 -19.74
CA GLY Q 451 8.66 26.33 -19.25
C GLY Q 451 9.81 26.47 -18.28
N ASP Q 452 10.74 27.38 -18.57
CA ASP Q 452 11.84 27.65 -17.64
C ASP Q 452 11.30 28.15 -16.31
N LEU Q 453 10.29 29.03 -16.34
CA LEU Q 453 9.72 29.55 -15.10
C LEU Q 453 9.10 28.44 -14.28
N TYR Q 454 8.33 27.56 -14.91
CA TYR Q 454 7.69 26.48 -14.17
C TYR Q 454 8.71 25.50 -13.61
N VAL Q 455 9.75 25.18 -14.38
CA VAL Q 455 10.77 24.27 -13.88
C VAL Q 455 11.55 24.91 -12.74
N HIS Q 456 11.81 26.22 -12.82
CA HIS Q 456 12.49 26.90 -11.73
C HIS Q 456 11.64 26.92 -10.47
N HIS Q 457 10.32 27.08 -10.62
CA HIS Q 457 9.45 27.00 -9.46
C HIS Q 457 9.46 25.59 -8.86
N ALA Q 458 9.49 24.56 -9.72
CA ALA Q 458 9.59 23.19 -9.21
C ALA Q 458 10.89 22.96 -8.46
N ILE Q 459 12.00 23.48 -9.00
CA ILE Q 459 13.30 23.33 -8.34
C ILE Q 459 13.31 24.08 -7.01
N ALA Q 460 12.73 25.28 -6.97
CA ALA Q 460 12.63 26.01 -5.72
C ALA Q 460 11.79 25.26 -4.71
N LEU Q 461 10.72 24.61 -5.18
CA LEU Q 461 9.89 23.78 -4.30
C LEU Q 461 10.71 22.65 -3.70
N GLY Q 462 11.49 21.96 -4.54
CA GLY Q 462 12.29 20.86 -4.05
C GLY Q 462 13.34 21.31 -3.05
N LEU Q 463 14.02 22.42 -3.35
CA LEU Q 463 15.01 22.95 -2.41
C LEU Q 463 14.35 23.36 -1.10
N HIS Q 464 13.18 24.01 -1.18
CA HIS Q 464 12.49 24.45 0.02
C HIS Q 464 12.11 23.27 0.90
N ILE Q 465 11.59 22.20 0.29
CA ILE Q 465 11.16 21.05 1.08
C ILE Q 465 12.35 20.30 1.65
N THR Q 466 13.43 20.16 0.88
CA THR Q 466 14.63 19.52 1.43
C THR Q 466 15.17 20.29 2.62
N VAL Q 467 15.25 21.62 2.49
CA VAL Q 467 15.70 22.45 3.59
C VAL Q 467 14.71 22.37 4.75
N LEU Q 468 13.42 22.25 4.45
CA LEU Q 468 12.41 22.13 5.51
C LEU Q 468 12.63 20.88 6.34
N ILE Q 469 12.77 19.74 5.68
CA ILE Q 469 12.96 18.48 6.41
C ILE Q 469 14.26 18.53 7.20
N LEU Q 470 15.35 18.96 6.56
CA LEU Q 470 16.65 18.98 7.23
C LEU Q 470 16.65 19.96 8.40
N LEU Q 471 16.07 21.14 8.21
CA LEU Q 471 16.06 22.17 9.25
C LEU Q 471 15.17 21.76 10.41
N LYS Q 472 14.02 21.14 10.12
CA LYS Q 472 13.17 20.63 11.19
C LYS Q 472 13.89 19.54 11.99
N GLY Q 473 14.59 18.65 11.30
CA GLY Q 473 15.35 17.63 12.01
C GLY Q 473 16.44 18.23 12.88
N GLY Q 474 17.15 19.23 12.36
CA GLY Q 474 18.19 19.88 13.15
C GLY Q 474 17.63 20.60 14.36
N LEU Q 475 16.53 21.35 14.17
CA LEU Q 475 16.00 22.17 15.25
C LEU Q 475 15.30 21.34 16.31
N GLU Q 476 14.65 20.24 15.92
CA GLU Q 476 13.97 19.37 16.88
C GLU Q 476 14.78 18.13 17.21
N ALA Q 477 16.07 18.11 16.86
CA ALA Q 477 16.94 17.01 17.24
C ALA Q 477 17.14 16.93 18.75
N ARG Q 478 17.11 18.08 19.43
CA ARG Q 478 17.30 18.14 20.87
C ARG Q 478 15.98 18.06 21.64
N GLY Q 479 14.85 17.94 20.96
CA GLY Q 479 13.58 17.83 21.63
C GLY Q 479 12.45 18.55 20.93
N SER Q 480 11.35 17.84 20.71
CA SER Q 480 10.13 18.38 20.14
C SER Q 480 9.00 18.21 21.14
N LYS Q 481 7.81 18.72 20.79
CA LYS Q 481 6.65 18.56 21.66
C LYS Q 481 6.28 17.09 21.81
N LEU Q 482 6.42 16.31 20.74
CA LEU Q 482 6.08 14.90 20.80
C LEU Q 482 7.04 14.11 21.69
N MET Q 483 8.34 14.40 21.59
CA MET Q 483 9.38 13.68 22.35
C MET Q 483 10.30 14.70 22.98
N PRO Q 484 9.92 15.28 24.12
CA PRO Q 484 10.74 16.35 24.72
C PRO Q 484 11.92 15.82 25.54
N ASP Q 485 12.62 14.80 25.03
CA ASP Q 485 13.88 14.38 25.61
C ASP Q 485 14.84 13.86 24.55
N LYS Q 486 14.70 14.31 23.30
CA LYS Q 486 15.37 13.67 22.17
C LYS Q 486 16.89 13.82 22.23
N MET Q 487 17.41 14.76 23.02
CA MET Q 487 18.86 14.90 23.11
C MET Q 487 19.48 13.94 24.11
N GLU Q 488 18.66 13.22 24.89
CA GLU Q 488 19.19 12.17 25.75
C GLU Q 488 19.50 10.90 24.97
N HIS Q 489 18.89 10.71 23.80
CA HIS Q 489 19.07 9.52 22.99
C HIS Q 489 20.13 9.76 21.93
N SER Q 490 20.41 8.73 21.13
CA SER Q 490 21.40 8.85 20.07
C SER Q 490 20.87 9.75 18.95
N PHE Q 491 21.79 10.10 18.02
CA PHE Q 491 21.36 10.83 16.84
C PHE Q 491 20.39 10.01 16.00
N GLY Q 492 20.64 8.71 15.89
CA GLY Q 492 19.72 7.81 15.23
C GLY Q 492 19.25 6.71 16.14
N PHE Q 493 17.92 6.57 16.29
CA PHE Q 493 17.35 5.50 17.07
C PHE Q 493 16.03 5.09 16.42
N SER Q 494 15.57 3.89 16.78
CA SER Q 494 14.45 3.26 16.08
C SER Q 494 13.18 4.11 16.12
N CYS Q 495 12.63 4.31 17.31
CA CYS Q 495 11.37 5.00 17.50
C CYS Q 495 11.21 5.27 18.99
N ASP Q 496 10.01 5.71 19.38
CA ASP Q 496 9.67 5.91 20.79
C ASP Q 496 8.49 5.05 21.22
N GLY Q 497 8.18 3.99 20.48
CA GLY Q 497 7.11 3.09 20.83
C GLY Q 497 5.81 3.41 20.14
N PRO Q 498 4.87 2.45 20.14
CA PRO Q 498 3.58 2.70 19.50
C PRO Q 498 2.68 3.61 20.30
N GLY Q 499 2.95 3.82 21.58
CA GLY Q 499 2.12 4.68 22.40
C GLY Q 499 2.36 6.14 22.13
N ARG Q 500 1.62 6.97 22.87
CA ARG Q 500 1.64 8.42 22.69
C ARG Q 500 1.31 8.82 21.25
N GLY Q 501 0.47 8.00 20.60
CA GLY Q 501 0.04 8.23 19.25
C GLY Q 501 0.78 7.44 18.19
N GLY Q 502 1.96 6.92 18.51
CA GLY Q 502 2.81 6.28 17.52
C GLY Q 502 3.95 7.17 17.11
N THR Q 503 5.17 6.64 17.08
CA THR Q 503 6.36 7.48 16.96
C THR Q 503 7.37 6.89 15.96
N CYS Q 504 6.90 6.44 14.81
CA CYS Q 504 7.81 6.00 13.77
C CYS Q 504 8.51 7.20 13.12
N ASP Q 505 9.79 7.04 12.82
CA ASP Q 505 10.60 8.07 12.16
C ASP Q 505 10.63 9.35 12.99
N ILE Q 506 11.11 9.22 14.22
CA ILE Q 506 11.13 10.35 15.15
C ILE Q 506 12.52 10.92 15.36
N SER Q 507 13.58 10.17 15.11
CA SER Q 507 14.93 10.66 15.34
C SER Q 507 15.31 11.70 14.30
N ALA Q 508 16.36 12.46 14.60
CA ALA Q 508 16.91 13.39 13.62
C ALA Q 508 17.48 12.64 12.41
N TRP Q 509 18.06 11.46 12.64
CA TRP Q 509 18.51 10.64 11.53
C TRP Q 509 17.35 10.28 10.62
N ASP Q 510 16.17 10.07 11.20
CA ASP Q 510 14.99 9.81 10.38
C ASP Q 510 14.60 11.02 9.57
N SER Q 511 14.81 12.22 10.12
CA SER Q 511 14.60 13.43 9.32
C SER Q 511 15.57 13.49 8.15
N PHE Q 512 16.84 13.13 8.37
CA PHE Q 512 17.77 13.03 7.26
C PHE Q 512 17.31 12.00 6.23
N TYR Q 513 16.84 10.85 6.72
CA TYR Q 513 16.39 9.79 5.83
C TYR Q 513 15.22 10.25 4.95
N LEU Q 514 14.28 10.97 5.55
CA LEU Q 514 13.18 11.53 4.78
C LEU Q 514 13.67 12.59 3.80
N ALA Q 515 14.64 13.41 4.21
CA ALA Q 515 15.11 14.50 3.38
C ALA Q 515 15.96 14.02 2.21
N THR Q 516 16.57 12.83 2.31
CA THR Q 516 17.37 12.32 1.20
C THR Q 516 16.52 12.00 0.00
N PHE Q 517 15.28 11.53 0.22
CA PHE Q 517 14.37 11.32 -0.90
C PHE Q 517 14.09 12.63 -1.62
N TRP Q 518 13.88 13.71 -0.87
CA TRP Q 518 13.61 15.00 -1.50
C TRP Q 518 14.85 15.57 -2.16
N MET Q 519 16.03 15.32 -1.60
CA MET Q 519 17.27 15.71 -2.27
C MET Q 519 17.39 14.99 -3.62
N LEU Q 520 17.13 13.69 -3.63
CA LEU Q 520 17.19 12.94 -4.88
C LEU Q 520 16.16 13.44 -5.88
N ASN Q 521 14.94 13.75 -5.42
CA ASN Q 521 13.91 14.23 -6.32
C ASN Q 521 14.24 15.61 -6.89
N SER Q 522 14.75 16.52 -6.06
CA SER Q 522 15.13 17.84 -6.54
C SER Q 522 16.28 17.74 -7.53
N ASN Q 523 17.27 16.87 -7.25
CA ASN Q 523 18.37 16.68 -8.17
C ASN Q 523 17.88 16.07 -9.49
N ALA Q 524 16.93 15.13 -9.41
CA ALA Q 524 16.35 14.57 -10.62
C ALA Q 524 15.65 15.63 -11.45
N TRP Q 525 14.93 16.55 -10.78
CA TRP Q 525 14.28 17.64 -11.49
C TRP Q 525 15.31 18.54 -12.17
N ILE Q 526 16.37 18.90 -11.46
CA ILE Q 526 17.40 19.77 -12.03
C ILE Q 526 18.07 19.09 -13.22
N SER Q 527 18.42 17.81 -13.07
CA SER Q 527 19.08 17.07 -14.14
C SER Q 527 18.17 16.88 -15.33
N PHE Q 528 16.89 16.60 -15.10
CA PHE Q 528 15.94 16.49 -16.19
C PHE Q 528 15.79 17.81 -16.93
N TYR Q 529 15.71 18.92 -16.19
CA TYR Q 529 15.65 20.23 -16.81
C TYR Q 529 16.86 20.45 -17.71
N PHE Q 530 18.06 20.25 -17.17
CA PHE Q 530 19.27 20.49 -17.95
C PHE Q 530 19.33 19.57 -19.17
N HIS Q 531 19.06 18.28 -18.98
CA HIS Q 531 19.20 17.32 -20.08
C HIS Q 531 18.16 17.56 -21.16
N TYR Q 532 16.91 17.86 -20.77
CA TYR Q 532 15.88 18.15 -21.74
C TYR Q 532 16.21 19.40 -22.54
N LYS Q 533 16.66 20.46 -21.86
CA LYS Q 533 17.04 21.67 -22.59
C LYS Q 533 18.27 21.43 -23.46
N HIS Q 534 19.12 20.47 -23.07
CA HIS Q 534 20.31 20.16 -23.85
C HIS Q 534 19.96 19.37 -25.10
N LEU Q 535 19.00 18.45 -25.00
CA LEU Q 535 18.69 17.58 -26.13
C LEU Q 535 18.01 18.35 -27.26
N THR Q 536 17.00 19.14 -26.94
CA THR Q 536 16.27 19.92 -27.94
C THR Q 536 15.78 21.21 -27.32
N PRO Q 537 16.55 22.30 -27.47
CA PRO Q 537 16.11 23.58 -26.89
C PRO Q 537 14.79 24.07 -27.44
N ARG Q 538 14.52 23.84 -28.73
CA ARG Q 538 13.29 24.34 -29.34
C ARG Q 538 12.06 23.63 -28.79
N GLN Q 539 12.10 22.29 -28.76
CA GLN Q 539 10.96 21.53 -28.25
C GLN Q 539 10.76 21.78 -26.77
N PHE Q 540 11.83 21.94 -26.00
CA PHE Q 540 11.68 22.31 -24.61
C PHE Q 540 11.04 23.69 -24.47
N SER Q 541 11.48 24.65 -25.28
CA SER Q 541 10.95 26.00 -25.18
C SER Q 541 9.45 26.01 -25.46
N GLU Q 542 9.01 25.28 -26.47
CA GLU Q 542 7.59 25.28 -26.81
C GLU Q 542 6.79 24.33 -25.91
N SER Q 543 7.03 23.03 -26.02
CA SER Q 543 6.27 22.03 -25.30
C SER Q 543 7.06 21.51 -24.09
N SER Q 544 7.09 22.33 -23.04
CA SER Q 544 7.51 21.85 -21.73
C SER Q 544 6.67 22.46 -20.62
N THR Q 545 5.58 23.16 -20.95
CA THR Q 545 4.71 23.74 -19.95
C THR Q 545 3.67 22.77 -19.41
N TYR Q 546 3.52 21.61 -20.06
CA TYR Q 546 2.63 20.56 -19.60
C TYR Q 546 3.43 19.29 -19.35
N LEU Q 547 3.14 18.62 -18.23
CA LEU Q 547 3.98 17.51 -17.79
C LEU Q 547 3.95 16.34 -18.75
N GLU Q 548 2.88 16.21 -19.54
CA GLU Q 548 2.83 15.14 -20.53
C GLU Q 548 3.95 15.27 -21.55
N SER Q 549 4.38 16.49 -21.85
CA SER Q 549 5.53 16.68 -22.72
C SER Q 549 6.79 16.09 -22.09
N TRP Q 550 7.01 16.35 -20.79
CA TRP Q 550 8.14 15.74 -20.10
C TRP Q 550 8.04 14.22 -20.12
N PHE Q 551 6.83 13.69 -20.00
CA PHE Q 551 6.65 12.24 -19.95
C PHE Q 551 6.89 11.59 -21.31
N ARG Q 552 6.45 12.26 -22.39
CA ARG Q 552 6.45 11.66 -23.73
C ARG Q 552 7.65 12.07 -24.55
N ASP Q 553 7.82 13.38 -24.79
CA ASP Q 553 8.84 13.87 -25.69
C ASP Q 553 10.24 13.79 -25.11
N TYR Q 554 10.38 13.48 -23.82
CA TYR Q 554 11.69 13.33 -23.20
C TYR Q 554 11.95 11.90 -22.74
N LEU Q 555 11.13 11.38 -21.81
CA LEU Q 555 11.41 10.08 -21.23
C LEU Q 555 11.10 8.97 -22.23
N TRP Q 556 9.85 8.88 -22.67
CA TRP Q 556 9.45 7.82 -23.59
C TRP Q 556 10.19 7.94 -24.92
N PHE Q 557 10.35 9.16 -25.43
CA PHE Q 557 10.95 9.32 -26.75
C PHE Q 557 12.45 9.07 -26.72
N ASN Q 558 13.16 9.62 -25.74
CA ASN Q 558 14.61 9.54 -25.75
C ASN Q 558 15.15 8.21 -25.25
N SER Q 559 14.29 7.32 -24.74
CA SER Q 559 14.71 6.00 -24.27
C SER Q 559 14.73 4.96 -25.38
N THR Q 560 14.49 5.37 -26.63
CA THR Q 560 14.50 4.41 -27.74
C THR Q 560 15.85 3.75 -27.95
N PRO Q 561 16.97 4.47 -28.06
CA PRO Q 561 18.24 3.78 -28.36
C PRO Q 561 18.70 2.87 -27.24
N LEU Q 562 18.36 3.19 -25.99
CA LEU Q 562 18.88 2.42 -24.87
C LEU Q 562 18.26 1.04 -24.79
N ILE Q 563 16.93 0.95 -24.94
CA ILE Q 563 16.26 -0.34 -24.84
C ILE Q 563 16.65 -1.23 -26.02
N HIS Q 564 16.84 -0.65 -27.19
CA HIS Q 564 17.27 -1.41 -28.37
C HIS Q 564 18.70 -1.89 -28.28
N GLY Q 565 19.43 -1.55 -27.21
CA GLY Q 565 20.83 -1.89 -27.07
C GLY Q 565 21.14 -3.36 -27.31
N TYR Q 566 20.70 -4.23 -26.41
CA TYR Q 566 20.74 -5.66 -26.62
C TYR Q 566 19.32 -6.16 -26.78
N SER Q 567 19.08 -6.92 -27.84
CA SER Q 567 17.75 -7.42 -28.17
C SER Q 567 17.92 -8.72 -28.95
N THR Q 568 16.82 -9.22 -29.52
CA THR Q 568 16.92 -10.38 -30.41
C THR Q 568 17.12 -9.93 -31.85
N LEU Q 569 18.06 -9.01 -32.03
CA LEU Q 569 18.48 -8.51 -33.33
C LEU Q 569 19.96 -8.18 -33.38
N GLY Q 570 20.70 -8.43 -32.31
CA GLY Q 570 22.08 -7.99 -32.17
C GLY Q 570 22.24 -7.04 -31.00
N ALA Q 571 23.49 -6.62 -30.80
CA ALA Q 571 23.84 -5.74 -29.70
C ALA Q 571 24.59 -4.52 -30.23
N ASN Q 572 24.50 -3.43 -29.48
CA ASN Q 572 25.25 -2.21 -29.75
C ASN Q 572 26.31 -2.03 -28.67
N ASP Q 573 27.04 -0.92 -28.76
CA ASP Q 573 27.95 -0.52 -27.70
C ASP Q 573 27.22 0.10 -26.51
N LEU Q 574 25.90 0.10 -26.54
CA LEU Q 574 25.06 0.52 -25.42
C LEU Q 574 24.53 -0.67 -24.63
N SER Q 575 25.04 -1.88 -24.89
CA SER Q 575 24.54 -3.07 -24.19
C SER Q 575 24.78 -2.96 -22.69
N VAL Q 576 25.96 -2.51 -22.29
CA VAL Q 576 26.23 -2.30 -20.87
C VAL Q 576 25.28 -1.26 -20.30
N GLN Q 577 24.96 -0.23 -21.09
CA GLN Q 577 24.05 0.81 -20.61
C GLN Q 577 22.67 0.24 -20.32
N SER Q 578 22.15 -0.58 -21.24
CA SER Q 578 20.82 -1.16 -21.02
C SER Q 578 20.83 -2.17 -19.88
N TRP Q 579 21.89 -2.98 -19.78
CA TRP Q 579 21.96 -3.96 -18.70
C TRP Q 579 22.04 -3.27 -17.34
N SER Q 580 22.86 -2.23 -17.24
CA SER Q 580 22.95 -1.46 -16.00
C SER Q 580 21.65 -0.72 -15.73
N PHE Q 581 20.95 -0.28 -16.77
CA PHE Q 581 19.64 0.34 -16.61
C PHE Q 581 18.68 -0.62 -15.90
N LEU Q 582 18.58 -1.84 -16.41
CA LEU Q 582 17.69 -2.82 -15.78
C LEU Q 582 18.17 -3.19 -14.39
N LEU Q 583 19.48 -3.34 -14.20
CA LEU Q 583 20.01 -3.70 -12.89
C LEU Q 583 19.71 -2.61 -11.86
N THR Q 584 19.82 -1.35 -12.26
CA THR Q 584 19.53 -0.26 -11.34
C THR Q 584 18.05 -0.13 -11.08
N HIS Q 585 17.20 -0.46 -12.05
CA HIS Q 585 15.78 -0.56 -11.75
C HIS Q 585 15.52 -1.63 -10.70
N LEU Q 586 16.18 -2.78 -10.83
CA LEU Q 586 16.01 -3.84 -9.84
C LEU Q 586 16.51 -3.41 -8.47
N ALA Q 587 17.64 -2.70 -8.43
CA ALA Q 587 18.16 -2.20 -7.16
C ALA Q 587 17.22 -1.19 -6.53
N TRP Q 588 16.66 -0.30 -7.35
CA TRP Q 588 15.73 0.71 -6.85
C TRP Q 588 14.48 0.07 -6.28
N ALA Q 589 13.94 -0.93 -6.97
CA ALA Q 589 12.72 -1.58 -6.48
C ALA Q 589 13.01 -2.49 -5.30
N SER Q 590 14.22 -3.04 -5.22
CA SER Q 590 14.57 -3.94 -4.12
C SER Q 590 14.58 -3.21 -2.79
N GLY Q 591 14.92 -1.92 -2.80
CA GLY Q 591 14.92 -1.16 -1.57
C GLY Q 591 13.57 -0.73 -1.09
N PHE Q 592 12.53 -0.95 -1.91
CA PHE Q 592 11.17 -0.67 -1.46
C PHE Q 592 10.79 -1.55 -0.28
N MET Q 593 11.17 -2.83 -0.30
CA MET Q 593 10.78 -3.73 0.77
C MET Q 593 11.47 -3.40 2.08
N PHE Q 594 12.71 -2.89 2.02
CA PHE Q 594 13.37 -2.43 3.23
C PHE Q 594 12.73 -1.17 3.78
N LEU Q 595 12.01 -0.42 2.94
CA LEU Q 595 11.34 0.80 3.37
C LEU Q 595 9.88 0.56 3.75
N ILE Q 596 9.18 -0.27 2.98
CA ILE Q 596 7.76 -0.49 3.23
C ILE Q 596 7.55 -1.57 4.29
N SER Q 597 8.02 -2.79 4.01
CA SER Q 597 7.94 -3.85 5.01
C SER Q 597 8.92 -3.58 6.14
N TRP Q 598 8.44 -3.70 7.37
CA TRP Q 598 9.24 -3.37 8.54
C TRP Q 598 9.60 -4.64 9.31
N ARG Q 599 10.24 -4.47 10.47
CA ARG Q 599 11.08 -5.53 11.02
C ARG Q 599 10.30 -6.75 11.45
N GLY Q 600 9.23 -6.56 12.23
CA GLY Q 600 8.64 -7.68 12.97
C GLY Q 600 8.22 -8.83 12.08
N TYR Q 601 7.72 -8.51 10.89
CA TYR Q 601 7.34 -9.54 9.94
C TYR Q 601 8.54 -10.38 9.68
N TRP Q 602 9.63 -9.73 9.33
CA TRP Q 602 10.82 -10.46 8.97
C TRP Q 602 11.45 -11.15 10.13
N GLN Q 603 11.35 -10.59 11.31
CA GLN Q 603 11.86 -11.30 12.48
C GLN Q 603 11.12 -12.61 12.68
N GLU Q 604 9.80 -12.61 12.51
CA GLU Q 604 9.07 -13.88 12.57
C GLU Q 604 9.50 -14.81 11.44
N LEU Q 605 9.72 -14.26 10.25
CA LEU Q 605 10.18 -15.08 9.13
C LEU Q 605 11.54 -15.71 9.44
N ILE Q 606 12.45 -14.93 10.03
CA ILE Q 606 13.77 -15.44 10.38
C ILE Q 606 13.67 -16.47 11.48
N ASP Q 607 12.73 -16.30 12.42
CA ASP Q 607 12.51 -17.32 13.44
C ASP Q 607 12.06 -18.63 12.81
N ILE Q 608 11.19 -18.55 11.80
CA ILE Q 608 10.74 -19.75 11.11
C ILE Q 608 11.89 -20.42 10.36
N ILE Q 609 12.69 -19.63 9.65
CA ILE Q 609 13.83 -20.18 8.92
C ILE Q 609 14.82 -20.82 9.88
N LEU Q 610 15.09 -20.15 11.00
CA LEU Q 610 16.00 -20.69 12.00
C LEU Q 610 15.45 -21.97 12.61
N TYR Q 611 14.13 -22.04 12.79
CA TYR Q 611 13.50 -23.29 13.19
C TYR Q 611 13.84 -24.39 12.19
N ILE Q 612 13.75 -24.08 10.89
CA ILE Q 612 14.08 -25.09 9.89
C ILE Q 612 15.52 -25.54 10.04
N HIS Q 613 16.45 -24.59 10.16
CA HIS Q 613 17.86 -24.95 10.23
C HIS Q 613 18.17 -25.79 11.45
N LEU Q 614 17.58 -25.44 12.60
CA LEU Q 614 17.75 -26.23 13.81
C LEU Q 614 16.94 -27.52 13.79
N LYS Q 615 16.18 -27.76 12.72
CA LYS Q 615 15.40 -28.97 12.55
C LYS Q 615 15.95 -29.87 11.45
N THR Q 616 16.87 -29.38 10.62
CA THR Q 616 17.39 -30.19 9.53
C THR Q 616 18.42 -31.15 10.04
N PRO Q 617 18.30 -32.42 9.69
CA PRO Q 617 19.22 -33.45 10.13
C PRO Q 617 20.66 -33.08 10.32
N ILE Q 618 21.39 -32.73 9.29
CA ILE Q 618 22.81 -32.49 9.51
C ILE Q 618 23.12 -31.14 10.16
N LEU Q 619 22.36 -30.09 9.85
CA LEU Q 619 22.74 -28.77 10.35
C LEU Q 619 22.71 -28.73 11.87
N ILE Q 620 21.72 -29.38 12.50
CA ILE Q 620 21.52 -29.25 13.94
C ILE Q 620 22.71 -29.79 14.73
N ASN Q 621 23.43 -30.77 14.18
CA ASN Q 621 24.57 -31.35 14.86
C ASN Q 621 25.87 -30.61 14.58
N LEU Q 622 25.82 -29.51 13.82
CA LEU Q 622 26.98 -28.68 13.58
C LEU Q 622 26.79 -27.22 13.98
N TRP Q 623 25.56 -26.72 13.98
CA TRP Q 623 25.33 -25.29 14.12
C TRP Q 623 24.00 -25.10 14.84
N ASN Q 624 24.06 -24.73 16.12
CA ASN Q 624 22.87 -24.50 16.92
C ASN Q 624 22.42 -23.04 16.91
N GLY Q 625 23.13 -22.16 16.21
CA GLY Q 625 22.77 -20.77 16.13
C GLY Q 625 23.19 -19.93 17.31
N ASP Q 626 23.87 -20.51 18.30
CA ASP Q 626 24.25 -19.80 19.51
C ASP Q 626 25.41 -18.84 19.31
N ILE Q 627 26.04 -18.87 18.13
CA ILE Q 627 27.29 -18.15 17.93
C ILE Q 627 27.04 -16.82 17.22
N TYR Q 628 26.38 -16.87 16.07
CA TYR Q 628 26.10 -15.70 15.24
C TYR Q 628 24.62 -15.66 14.88
N THR Q 629 23.76 -15.79 15.90
CA THR Q 629 22.31 -15.91 15.81
C THR Q 629 21.73 -15.03 14.71
N PRO Q 630 21.10 -15.62 13.70
CA PRO Q 630 20.47 -14.83 12.63
C PRO Q 630 19.27 -14.07 13.17
N LEU Q 631 19.29 -12.75 12.97
CA LEU Q 631 18.18 -11.89 13.36
C LEU Q 631 17.85 -10.94 12.22
N ALA Q 632 16.60 -10.51 12.18
CA ALA Q 632 16.19 -9.51 11.19
C ALA Q 632 16.90 -8.19 11.46
N LEU Q 633 17.14 -7.43 10.39
CA LEU Q 633 17.81 -6.15 10.52
C LEU Q 633 17.03 -5.23 11.44
N SER Q 634 17.74 -4.46 12.27
CA SER Q 634 17.07 -3.54 13.15
C SER Q 634 16.40 -2.42 12.34
N ILE Q 635 15.61 -1.60 13.03
CA ILE Q 635 14.75 -0.64 12.34
C ILE Q 635 15.58 0.41 11.62
N VAL Q 636 16.55 1.01 12.31
CA VAL Q 636 17.40 2.03 11.70
C VAL Q 636 18.23 1.43 10.57
N GLN Q 637 18.78 0.24 10.80
CA GLN Q 637 19.54 -0.44 9.75
C GLN Q 637 18.67 -0.70 8.54
N ALA Q 638 17.41 -1.11 8.77
CA ALA Q 638 16.50 -1.37 7.67
C ALA Q 638 16.21 -0.10 6.87
N ARG Q 639 15.93 1.00 7.57
CA ARG Q 639 15.69 2.25 6.88
C ARG Q 639 16.90 2.69 6.08
N PHE Q 640 18.09 2.53 6.66
CA PHE Q 640 19.31 2.93 5.95
C PHE Q 640 19.55 2.06 4.73
N ILE Q 641 19.33 0.75 4.84
CA ILE Q 641 19.56 -0.14 3.71
C ILE Q 641 18.57 0.14 2.59
N GLY Q 642 17.30 0.37 2.93
CA GLY Q 642 16.33 0.78 1.93
C GLY Q 642 16.69 2.10 1.29
N LEU Q 643 17.17 3.05 2.08
CA LEU Q 643 17.61 4.33 1.54
C LEU Q 643 18.79 4.15 0.59
N VAL Q 644 19.72 3.27 0.95
CA VAL Q 644 20.87 3.03 0.09
C VAL Q 644 20.44 2.41 -1.23
N HIS Q 645 19.55 1.42 -1.18
CA HIS Q 645 19.04 0.83 -2.40
C HIS Q 645 18.33 1.85 -3.27
N PHE Q 646 17.45 2.66 -2.65
CA PHE Q 646 16.70 3.66 -3.39
C PHE Q 646 17.63 4.68 -4.03
N SER Q 647 18.61 5.15 -3.27
CA SER Q 647 19.55 6.15 -3.77
C SER Q 647 20.39 5.58 -4.91
N THR Q 648 20.90 4.36 -4.73
CA THR Q 648 21.70 3.74 -5.78
C THR Q 648 20.88 3.56 -7.05
N GLY Q 649 19.66 3.04 -6.92
CA GLY Q 649 18.83 2.86 -8.10
C GLY Q 649 18.54 4.16 -8.80
N LEU Q 650 18.09 5.17 -8.04
CA LEU Q 650 17.70 6.44 -8.66
C LEU Q 650 18.90 7.12 -9.31
N ILE Q 651 20.06 7.08 -8.66
CA ILE Q 651 21.23 7.76 -9.21
C ILE Q 651 21.78 7.00 -10.41
N LEU Q 652 22.07 5.71 -10.24
CA LEU Q 652 22.72 4.92 -11.27
C LEU Q 652 21.80 4.55 -12.42
N THR Q 653 20.50 4.80 -12.36
CA THR Q 653 19.61 4.56 -13.52
C THR Q 653 19.76 5.67 -14.54
N TYR Q 654 20.27 6.81 -14.12
CA TYR Q 654 20.32 7.97 -15.00
C TYR Q 654 21.49 7.97 -15.99
N PRO Q 655 22.71 7.60 -15.61
CA PRO Q 655 23.84 7.66 -16.56
C PRO Q 655 23.62 6.81 -17.79
N PRO Q 656 23.03 5.60 -17.67
CA PRO Q 656 22.69 4.88 -18.91
C PRO Q 656 21.75 5.66 -19.82
N PHE Q 657 20.75 6.34 -19.24
CA PHE Q 657 19.85 7.14 -20.05
C PHE Q 657 20.59 8.30 -20.71
N ILE Q 658 21.48 8.95 -19.96
CA ILE Q 658 22.23 10.07 -20.52
C ILE Q 658 23.09 9.61 -21.69
N ILE Q 659 23.79 8.49 -21.52
CA ILE Q 659 24.67 8.00 -22.57
C ILE Q 659 23.86 7.56 -23.78
N GLY Q 660 22.74 6.86 -23.57
CA GLY Q 660 21.91 6.44 -24.69
C GLY Q 660 21.30 7.61 -25.44
N ALA Q 661 20.94 8.68 -24.72
CA ALA Q 661 20.26 9.80 -25.37
C ALA Q 661 21.24 10.73 -26.07
N THR Q 662 22.39 11.01 -25.47
CA THR Q 662 23.31 11.99 -26.04
C THR Q 662 24.26 11.36 -27.06
N SER Q 663 24.83 10.20 -26.74
CA SER Q 663 25.75 9.53 -27.67
C SER Q 663 24.98 8.85 -28.80
N UNK R 1 72.03 30.80 30.92
CA UNK R 1 70.58 30.60 30.94
C UNK R 1 70.12 29.85 29.69
N UNK R 2 70.04 28.52 29.79
CA UNK R 2 69.60 27.72 28.64
C UNK R 2 68.11 27.93 28.37
N UNK R 3 67.31 28.07 29.43
CA UNK R 3 65.88 28.25 29.26
C UNK R 3 65.57 29.60 28.62
N UNK R 4 64.48 29.64 27.85
CA UNK R 4 64.09 30.87 27.16
C UNK R 4 63.68 31.97 28.14
N UNK R 5 63.26 31.60 29.34
CA UNK R 5 62.91 32.54 30.40
C UNK R 5 62.89 31.77 31.72
N UNK R 6 62.28 32.36 32.74
CA UNK R 6 62.12 31.69 34.04
C UNK R 6 60.79 32.13 34.64
N UNK R 7 59.80 31.24 34.65
CA UNK R 7 58.46 31.60 35.11
C UNK R 7 57.68 30.33 35.42
N UNK R 8 56.37 30.49 35.60
CA UNK R 8 55.42 29.39 35.72
C UNK R 8 54.33 29.41 34.66
N UNK R 9 53.89 30.59 34.22
CA UNK R 9 52.93 30.73 33.15
C UNK R 9 53.41 31.81 32.19
N UNK R 10 53.14 31.62 30.90
CA UNK R 10 53.67 32.53 29.89
C UNK R 10 52.81 33.79 29.76
N UNK R 11 52.50 34.41 30.90
CA UNK R 11 51.86 35.73 30.93
C UNK R 11 52.62 36.61 31.90
N UNK R 12 53.18 35.99 32.94
CA UNK R 12 54.04 36.65 33.91
C UNK R 12 55.47 36.14 33.78
N UNK R 13 55.90 35.90 32.54
CA UNK R 13 57.21 35.34 32.29
C UNK R 13 58.31 36.34 32.61
N UNK R 14 59.40 35.84 33.18
CA UNK R 14 60.58 36.64 33.47
C UNK R 14 61.68 36.19 32.52
N UNK R 15 61.92 37.00 31.48
CA UNK R 15 62.93 36.64 30.49
C UNK R 15 64.32 36.65 31.12
N UNK R 16 65.17 35.75 30.61
CA UNK R 16 66.52 35.63 31.14
C UNK R 16 67.33 36.90 30.87
N UNK R 17 68.32 37.14 31.73
CA UNK R 17 69.16 38.32 31.60
C UNK R 17 69.91 38.28 30.27
N UNK R 18 69.98 39.44 29.62
CA UNK R 18 70.50 39.50 28.25
C UNK R 18 71.94 39.04 28.18
N UNK R 19 72.77 39.48 29.13
CA UNK R 19 74.16 39.03 29.15
C UNK R 19 74.31 37.59 29.63
N UNK R 20 73.23 36.99 30.14
CA UNK R 20 73.28 35.64 30.67
C UNK R 20 72.73 34.59 29.71
N VAL R 21 72.26 34.98 28.54
CA VAL R 21 71.78 34.01 27.56
C VAL R 21 72.96 33.28 26.94
N LYS R 22 72.70 32.04 26.49
CA LYS R 22 73.78 31.18 26.03
C LYS R 22 74.41 31.71 24.74
N MET R 23 73.57 32.03 23.75
CA MET R 23 73.98 32.65 22.49
C MET R 23 74.75 31.70 21.59
N SER R 24 74.47 31.74 20.28
CA SER R 24 75.19 30.92 19.32
C SER R 24 76.58 31.51 19.05
N PRO R 25 77.59 30.66 18.85
CA PRO R 25 78.92 31.17 18.53
C PRO R 25 79.06 31.53 17.06
N SER R 26 78.31 30.86 16.19
CA SER R 26 78.33 31.21 14.78
C SER R 26 77.62 32.55 14.56
N VAL R 27 76.32 32.59 14.81
CA VAL R 27 75.56 33.85 14.74
C VAL R 27 75.51 34.43 16.14
N PRO R 28 76.38 35.40 16.46
CA PRO R 28 76.51 35.86 17.85
C PRO R 28 75.25 36.54 18.40
N TYR R 29 74.38 37.06 17.54
CA TYR R 29 73.20 37.78 17.98
C TYR R 29 72.00 36.88 18.19
N LEU R 30 72.16 35.56 18.03
CA LEU R 30 71.04 34.65 18.20
C LEU R 30 71.26 33.76 19.43
N PRO R 31 70.21 33.41 20.15
CA PRO R 31 70.34 32.43 21.22
C PRO R 31 70.67 31.06 20.67
N TYR R 32 71.35 30.26 21.49
CA TYR R 32 71.79 28.95 21.06
C TYR R 32 70.58 28.02 20.87
N PRO R 33 70.48 27.32 19.74
CA PRO R 33 69.42 26.32 19.59
C PRO R 33 69.73 25.09 20.43
N GLU R 34 68.99 24.91 21.54
CA GLU R 34 69.30 23.83 22.48
C GLU R 34 68.98 22.46 21.90
N ARG R 35 68.16 22.37 20.86
CA ARG R 35 67.84 21.09 20.26
C ARG R 35 69.05 20.46 19.58
N LEU R 36 70.04 21.26 19.19
CA LEU R 36 71.24 20.76 18.54
C LEU R 36 72.28 20.22 19.52
N GLU R 37 72.07 20.40 20.82
CA GLU R 37 73.09 20.03 21.80
C GLU R 37 73.11 18.51 21.95
N GLY R 38 74.29 17.93 21.77
CA GLY R 38 74.44 16.48 21.80
C GLY R 38 74.90 15.93 20.47
N TRP R 39 74.44 16.54 19.38
CA TRP R 39 74.83 16.11 18.06
C TRP R 39 76.26 16.57 17.75
N VAL R 40 76.81 16.04 16.66
CA VAL R 40 78.25 16.14 16.43
C VAL R 40 78.66 17.60 16.24
N GLY R 41 78.05 18.29 15.29
CA GLY R 41 78.44 19.65 15.00
C GLY R 41 77.94 20.69 15.98
N GLY R 42 77.27 20.28 17.05
CA GLY R 42 76.64 21.22 17.95
C GLY R 42 77.58 21.97 18.86
N GLU R 43 78.67 22.50 18.29
CA GLU R 43 79.52 23.46 18.98
C GLU R 43 79.65 24.77 18.25
N LYS R 44 79.47 24.81 16.94
CA LYS R 44 79.28 26.08 16.24
C LYS R 44 77.85 26.59 16.34
N GLY R 45 76.91 25.73 16.76
CA GLY R 45 75.54 26.11 17.03
C GLY R 45 74.91 26.99 15.97
N PHE R 46 74.97 26.55 14.72
CA PHE R 46 74.54 27.35 13.57
C PHE R 46 73.20 26.83 13.09
N ASP R 47 72.15 27.57 13.38
CA ASP R 47 70.85 27.25 12.83
C ASP R 47 70.07 28.52 12.85
N PRO R 48 70.21 29.33 11.79
CA PRO R 48 69.34 30.48 11.71
C PRO R 48 68.20 29.91 10.85
N LEU R 49 67.28 30.69 10.30
CA LEU R 49 66.15 30.10 9.54
C LEU R 49 65.33 29.15 10.42
N ARG R 50 65.86 28.77 11.58
CA ARG R 50 65.18 27.88 12.52
C ARG R 50 64.49 26.70 11.82
N THR R 51 65.30 25.86 11.17
CA THR R 51 64.77 24.63 10.61
C THR R 51 64.88 23.46 11.57
N SER R 52 65.64 23.59 12.66
CA SER R 52 65.65 22.59 13.71
C SER R 52 64.69 22.92 14.85
N ASP R 53 64.10 24.12 14.83
CA ASP R 53 63.01 24.45 15.74
C ASP R 53 61.72 23.75 15.37
N ILE R 54 61.67 23.10 14.21
CA ILE R 54 60.43 22.55 13.68
C ILE R 54 60.56 21.07 13.33
N ILE R 55 61.77 20.65 12.98
CA ILE R 55 62.01 19.33 12.41
C ILE R 55 63.00 18.60 13.29
N ASP R 56 62.71 17.33 13.59
CA ASP R 56 63.60 16.53 14.42
C ASP R 56 64.99 16.52 13.81
N VAL R 57 66.01 16.81 14.63
CA VAL R 57 67.38 16.90 14.15
C VAL R 57 67.83 15.59 13.53
N TYR R 58 67.27 14.46 14.00
CA TYR R 58 67.59 13.18 13.41
C TYR R 58 67.35 13.18 11.91
N TRP R 59 66.29 13.86 11.45
CA TRP R 59 66.03 13.98 10.03
C TRP R 59 67.09 14.83 9.34
N LEU R 60 67.37 16.02 9.90
CA LEU R 60 68.28 16.95 9.26
C LEU R 60 69.70 16.37 9.17
N ARG R 61 70.18 15.77 10.26
CA ARG R 61 71.50 15.15 10.23
C ARG R 61 71.53 13.98 9.26
N GLU R 62 70.41 13.26 9.13
CA GLU R 62 70.31 12.25 8.10
C GLU R 62 70.40 12.88 6.71
N ALA R 63 69.73 14.00 6.51
CA ALA R 63 69.78 14.67 5.21
C ALA R 63 71.13 15.35 4.99
N GLU R 64 71.71 15.90 6.05
CA GLU R 64 73.01 16.55 5.92
C GLU R 64 74.08 15.56 5.52
N LEU R 65 74.09 14.39 6.17
CA LEU R 65 75.08 13.36 5.84
C LEU R 65 74.89 12.84 4.43
N LYS R 66 73.64 12.59 4.03
CA LYS R 66 73.38 12.07 2.70
C LYS R 66 73.81 13.06 1.63
N HIS R 67 73.55 14.35 1.86
CA HIS R 67 73.99 15.37 0.91
C HIS R 67 75.51 15.43 0.83
N GLY R 68 76.17 15.46 1.99
CA GLY R 68 77.63 15.54 2.00
C GLY R 68 78.28 14.33 1.37
N ARG R 69 77.81 13.13 1.76
CA ARG R 69 78.37 11.91 1.20
C ARG R 69 78.14 11.82 -0.30
N ILE R 70 76.93 12.16 -0.76
CA ILE R 70 76.65 12.09 -2.18
C ILE R 70 77.42 13.17 -2.94
N CYS R 71 77.68 14.31 -2.30
CA CYS R 71 78.47 15.36 -2.95
C CYS R 71 79.95 15.02 -2.96
N MET R 72 80.45 14.36 -1.93
CA MET R 72 81.86 13.96 -1.92
C MET R 72 82.16 12.99 -3.06
N LEU R 73 81.24 12.05 -3.32
CA LEU R 73 81.41 11.17 -4.47
C LEU R 73 81.20 11.92 -5.78
N ALA R 74 80.16 12.76 -5.86
CA ALA R 74 79.86 13.45 -7.11
C ALA R 74 80.99 14.40 -7.49
N THR R 75 81.59 15.08 -6.52
CA THR R 75 82.72 15.95 -6.81
C THR R 75 83.89 15.15 -7.36
N LEU R 76 84.18 13.99 -6.74
CA LEU R 76 85.25 13.14 -7.25
C LEU R 76 84.90 12.58 -8.62
N GLY R 77 83.63 12.19 -8.82
CA GLY R 77 83.23 11.69 -10.12
C GLY R 77 83.39 12.72 -11.23
N TRP R 78 82.95 13.95 -10.96
CA TRP R 78 83.08 14.99 -11.97
C TRP R 78 84.53 15.32 -12.26
N ILE R 79 85.36 15.39 -11.21
CA ILE R 79 86.77 15.71 -11.40
C ILE R 79 87.46 14.64 -12.23
N SER R 80 87.23 13.38 -11.89
CA SER R 80 87.91 12.28 -12.57
C SER R 80 87.44 12.15 -14.01
N VAL R 81 86.13 12.22 -14.24
CA VAL R 81 85.61 12.13 -15.60
C VAL R 81 86.07 13.32 -16.43
N ASP R 82 86.19 14.50 -15.82
CA ASP R 82 86.67 15.67 -16.55
C ASP R 82 88.16 15.56 -16.86
N ALA R 83 88.97 15.18 -15.87
CA ALA R 83 90.38 14.94 -16.13
C ALA R 83 90.59 13.81 -17.11
N GLY R 84 89.60 12.94 -17.29
CA GLY R 84 89.62 11.86 -18.24
C GLY R 84 89.97 10.56 -17.55
N TRP R 85 88.94 9.79 -17.18
CA TRP R 85 89.17 8.52 -16.51
C TRP R 85 88.17 7.45 -16.94
N ARG R 86 87.56 7.59 -18.11
CA ARG R 86 86.48 6.71 -18.55
C ARG R 86 86.76 5.25 -18.21
N PHE R 87 85.73 4.56 -17.71
CA PHE R 87 85.86 3.16 -17.28
C PHE R 87 86.52 2.31 -18.35
N GLU R 88 87.12 1.19 -17.94
CA GLU R 88 87.94 0.40 -18.85
C GLU R 88 87.14 -0.10 -20.04
N ALA R 89 85.89 -0.51 -19.82
CA ALA R 89 85.07 -1.04 -20.90
C ALA R 89 84.77 0.03 -21.93
N GLU R 90 84.51 -0.40 -23.16
CA GLU R 90 84.08 0.51 -24.22
C GLU R 90 82.62 0.90 -23.95
N MET R 91 82.01 1.59 -24.91
CA MET R 91 80.69 2.21 -24.76
C MET R 91 80.70 3.32 -23.71
N PHE R 92 81.87 3.60 -23.12
CA PHE R 92 82.03 4.64 -22.12
C PHE R 92 82.80 5.85 -22.66
N GLN R 93 82.68 6.12 -23.95
CA GLN R 93 83.37 7.25 -24.57
C GLN R 93 82.39 8.43 -24.71
N GLY R 94 82.02 8.98 -23.55
CA GLY R 94 81.10 10.10 -23.49
C GLY R 94 81.73 11.45 -23.80
N VAL R 95 83.05 11.48 -23.99
CA VAL R 95 83.83 12.64 -24.42
C VAL R 95 83.79 13.77 -23.39
N SER R 96 82.62 14.04 -22.81
CA SER R 96 82.48 15.15 -21.88
C SER R 96 81.49 14.79 -20.78
N VAL R 97 81.79 15.22 -19.55
CA VAL R 97 80.98 14.88 -18.40
C VAL R 97 79.60 15.54 -18.49
N ILE R 98 79.55 16.75 -19.03
CA ILE R 98 78.28 17.48 -19.09
C ILE R 98 77.24 16.72 -19.89
N ASN R 99 77.68 16.03 -20.95
CA ASN R 99 76.80 15.21 -21.76
C ASN R 99 76.86 13.74 -21.39
N ALA R 100 77.57 13.39 -20.31
CA ALA R 100 77.65 11.99 -19.90
C ALA R 100 76.30 11.47 -19.43
N HIS R 101 75.53 12.31 -18.73
CA HIS R 101 74.26 11.86 -18.18
C HIS R 101 73.28 11.47 -19.29
N ASN R 102 73.08 12.36 -20.26
CA ASN R 102 72.14 12.07 -21.34
C ASN R 102 72.66 10.96 -22.24
N LYS R 103 73.99 10.90 -22.43
CA LYS R 103 74.56 9.84 -23.25
C LYS R 103 74.32 8.47 -22.62
N MET R 104 74.54 8.35 -21.31
CA MET R 104 74.49 7.04 -20.66
C MET R 104 73.05 6.58 -20.48
N VAL R 105 72.13 7.49 -20.15
CA VAL R 105 70.73 7.12 -20.04
C VAL R 105 70.20 6.64 -21.38
N GLU R 106 70.78 7.12 -22.48
CA GLU R 106 70.44 6.58 -23.79
C GLU R 106 71.01 5.18 -23.97
N MET R 107 72.26 4.97 -23.55
CA MET R 107 72.89 3.66 -23.74
C MET R 107 72.17 2.58 -22.96
N GLY R 108 71.72 2.89 -21.75
CA GLY R 108 70.97 1.94 -20.93
C GLY R 108 71.62 1.59 -19.61
N VAL R 109 72.74 2.20 -19.24
CA VAL R 109 73.40 1.85 -17.98
C VAL R 109 72.95 2.73 -16.82
N MET R 110 72.35 3.89 -17.08
CA MET R 110 71.84 4.72 -16.01
C MET R 110 70.58 4.12 -15.38
N GLN R 111 69.74 3.46 -16.19
CA GLN R 111 68.54 2.84 -15.66
C GLN R 111 68.90 1.73 -14.66
N GLN R 112 70.02 1.06 -14.88
CA GLN R 112 70.47 0.06 -13.92
C GLN R 112 70.88 0.70 -12.61
N MET R 113 71.72 1.74 -12.67
CA MET R 113 72.21 2.38 -11.45
C MET R 113 71.07 3.04 -10.68
N LEU R 114 70.12 3.66 -11.38
CA LEU R 114 68.98 4.26 -10.70
C LEU R 114 68.20 3.21 -9.93
N SER R 115 68.11 2.00 -10.48
CA SER R 115 67.46 0.90 -9.75
C SER R 115 68.26 0.52 -8.52
N ILE R 116 69.58 0.42 -8.66
CA ILE R 116 70.41 -0.01 -7.53
C ILE R 116 70.44 1.06 -6.44
N VAL R 117 70.50 2.34 -6.84
CA VAL R 117 70.37 3.40 -5.85
C VAL R 117 68.97 3.41 -5.25
N GLY R 118 67.97 3.09 -6.05
CA GLY R 118 66.60 3.10 -5.56
C GLY R 118 66.35 2.08 -4.46
N VAL R 119 66.82 0.85 -4.67
CA VAL R 119 66.59 -0.20 -3.68
C VAL R 119 67.32 0.11 -2.39
N CYS R 120 68.57 0.57 -2.49
CA CYS R 120 69.31 0.93 -1.27
C CYS R 120 68.65 2.09 -0.55
N GLU R 121 68.07 3.03 -1.29
CA GLU R 121 67.40 4.15 -0.64
C GLU R 121 66.07 3.73 -0.02
N ILE R 122 65.35 2.80 -0.66
CA ILE R 122 64.16 2.25 -0.03
C ILE R 122 64.53 1.51 1.25
N PHE R 123 65.64 0.76 1.21
CA PHE R 123 66.17 0.19 2.45
C PHE R 123 66.58 1.28 3.42
N SER R 124 67.12 2.38 2.91
CA SER R 124 67.45 3.51 3.78
C SER R 124 66.18 4.09 4.40
N LEU R 125 65.10 4.20 3.63
CA LEU R 125 63.86 4.74 4.16
C LEU R 125 63.33 3.92 5.31
N TYR R 126 63.39 2.58 5.20
CA TYR R 126 63.02 1.73 6.31
C TYR R 126 63.92 1.98 7.51
N LEU R 127 65.22 2.15 7.28
CA LEU R 127 66.15 2.41 8.38
C LEU R 127 65.87 3.76 9.03
N ILE R 128 65.60 4.80 8.24
CA ILE R 128 65.42 6.13 8.78
C ILE R 128 64.20 6.18 9.68
N LYS R 129 63.09 5.59 9.24
CA LYS R 129 61.87 5.56 10.03
C LYS R 129 62.12 4.86 11.37
N GLU R 130 62.50 3.58 11.31
CA GLU R 130 62.71 2.81 12.53
C GLU R 130 63.84 3.39 13.37
N GLY R 131 64.81 4.05 12.74
CA GLY R 131 65.81 4.77 13.51
C GLY R 131 65.22 5.92 14.30
N LEU R 132 64.36 6.71 13.65
CA LEU R 132 63.68 7.80 14.34
C LEU R 132 62.72 7.27 15.40
N LEU R 133 61.96 6.22 15.08
CA LEU R 133 60.95 5.70 15.99
C LEU R 133 61.54 5.04 17.23
N GLY R 134 62.86 5.01 17.37
CA GLY R 134 63.47 4.42 18.54
C GLY R 134 63.24 2.94 18.68
N LYS R 135 62.94 2.25 17.57
CA LYS R 135 62.73 0.81 17.60
C LYS R 135 64.05 0.07 17.39
N ILE R 136 64.76 0.36 16.32
CA ILE R 136 66.11 -0.15 16.11
C ILE R 136 67.09 0.75 16.84
N GLN R 137 68.33 0.30 17.00
CA GLN R 137 69.40 1.10 17.62
C GLN R 137 70.25 1.67 16.49
N ARG R 138 69.80 2.79 15.92
CA ARG R 138 70.49 3.39 14.78
C ARG R 138 70.52 4.90 14.96
N LYS R 139 71.67 5.50 14.68
CA LYS R 139 71.82 6.95 14.75
C LYS R 139 71.48 7.57 13.39
N ALA R 140 71.78 8.85 13.22
CA ALA R 140 71.48 9.53 11.97
C ALA R 140 72.60 9.29 10.97
N GLY R 141 72.23 8.91 9.74
CA GLY R 141 73.21 8.66 8.71
C GLY R 141 74.15 7.51 9.01
N ASP R 142 73.77 6.61 9.90
CA ASP R 142 74.61 5.49 10.31
C ASP R 142 74.02 4.22 9.67
N TYR R 143 74.57 3.85 8.51
CA TYR R 143 74.14 2.64 7.81
C TYR R 143 74.95 1.42 8.22
N PHE R 144 75.65 1.49 9.36
CA PHE R 144 76.39 0.38 9.95
C PHE R 144 77.55 -0.10 9.09
N ILE R 145 77.91 0.65 8.05
CA ILE R 145 79.09 0.30 7.27
C ILE R 145 80.35 0.80 7.98
N GLY R 146 81.47 0.15 7.69
CA GLY R 146 82.68 0.48 8.40
C GLY R 146 82.56 0.09 9.86
N LYS R 147 82.56 1.10 10.74
CA LYS R 147 82.37 0.95 12.18
C LYS R 147 83.55 0.22 12.83
N ASN R 148 84.50 -0.24 12.01
CA ASN R 148 85.73 -0.82 12.53
C ASN R 148 86.89 0.16 12.48
N PHE R 149 86.92 1.04 11.48
CA PHE R 149 87.90 2.11 11.43
C PHE R 149 87.47 3.33 12.23
N LEU R 150 86.25 3.32 12.76
CA LEU R 150 85.78 4.45 13.56
C LEU R 150 86.60 4.52 14.85
N PRO R 151 87.24 5.65 15.14
CA PRO R 151 88.03 5.75 16.38
C PRO R 151 87.16 5.54 17.60
N LYS R 152 87.75 4.94 18.62
CA LYS R 152 87.03 4.46 19.80
C LYS R 152 87.55 5.13 21.07
N GLU R 153 87.84 6.43 20.99
CA GLU R 153 88.34 7.17 22.14
C GLU R 153 87.29 8.06 22.77
N GLU R 154 86.04 8.01 22.27
CA GLU R 154 84.91 8.77 22.80
C GLU R 154 85.07 10.26 22.57
N ASP R 155 86.22 10.68 22.06
CA ASP R 155 86.49 12.03 21.60
C ASP R 155 87.05 12.04 20.19
N LYS R 156 87.88 11.05 19.84
CA LYS R 156 88.35 10.91 18.47
C LYS R 156 87.19 10.59 17.53
N ALA R 157 86.23 9.80 18.00
CA ALA R 157 85.03 9.55 17.21
C ALA R 157 84.26 10.83 16.96
N LYS R 158 84.21 11.71 17.96
CA LYS R 158 83.57 13.02 17.78
C LYS R 158 84.28 13.82 16.70
N ASP R 159 85.62 13.73 16.64
CA ASP R 159 86.36 14.49 15.65
C ASP R 159 86.14 13.93 14.25
N MET R 160 86.20 12.60 14.11
CA MET R 160 86.03 11.99 12.80
C MET R 160 84.62 12.21 12.27
N GLN R 161 83.62 12.07 13.13
CA GLN R 161 82.25 12.39 12.72
C GLN R 161 82.12 13.85 12.32
N LEU R 162 82.80 14.74 13.05
CA LEU R 162 82.86 16.13 12.63
C LEU R 162 83.64 16.28 11.33
N LYS R 163 84.73 15.53 11.16
CA LYS R 163 85.51 15.62 9.93
C LYS R 163 84.68 15.19 8.73
N GLU R 164 83.85 14.17 8.89
CA GLU R 164 82.96 13.75 7.80
C GLU R 164 82.00 14.88 7.42
N LEU R 165 81.47 15.58 8.42
CA LEU R 165 80.54 16.67 8.14
C LEU R 165 81.25 17.83 7.44
N GLU R 166 82.43 18.21 7.92
CA GLU R 166 83.13 19.35 7.32
C GLU R 166 83.51 19.06 5.89
N ASN R 167 84.02 17.86 5.61
CA ASN R 167 84.30 17.48 4.23
C ASN R 167 83.02 17.39 3.41
N GLY R 168 81.94 16.89 4.01
CA GLY R 168 80.68 16.83 3.30
C GLY R 168 80.14 18.21 2.98
N ARG R 169 80.23 19.14 3.93
CA ARG R 169 79.79 20.51 3.68
C ARG R 169 80.62 21.18 2.60
N LEU R 170 81.94 20.97 2.62
CA LEU R 170 82.79 21.54 1.59
C LEU R 170 82.46 20.96 0.22
N ALA R 171 82.20 19.65 0.15
CA ALA R 171 81.87 19.04 -1.12
C ALA R 171 80.55 19.57 -1.67
N MET R 172 79.58 19.84 -0.78
CA MET R 172 78.31 20.38 -1.23
C MET R 172 78.50 21.71 -1.95
N LEU R 173 79.30 22.61 -1.37
CA LEU R 173 79.58 23.88 -2.03
C LEU R 173 80.59 23.70 -3.15
N ALA R 174 81.44 22.68 -3.08
CA ALA R 174 82.40 22.44 -4.15
C ALA R 174 81.72 21.95 -5.41
N PHE R 175 80.84 20.94 -5.29
CA PHE R 175 80.20 20.38 -6.47
C PHE R 175 79.29 21.38 -7.15
N SER R 176 78.60 22.20 -6.36
CA SER R 176 77.72 23.22 -6.94
C SER R 176 78.52 24.19 -7.80
N GLY R 177 79.69 24.61 -7.32
CA GLY R 177 80.57 25.42 -8.13
C GLY R 177 81.13 24.67 -9.32
N ILE R 178 81.45 23.39 -9.13
CA ILE R 178 81.98 22.58 -10.22
C ILE R 178 80.96 22.46 -11.34
N CYS R 179 79.74 22.07 -10.98
CA CYS R 179 78.69 21.89 -11.99
C CYS R 179 78.32 23.21 -12.64
N THR R 180 78.14 24.26 -11.84
CA THR R 180 77.71 25.55 -12.39
C THR R 180 78.77 26.13 -13.32
N GLN R 181 80.05 26.03 -12.94
CA GLN R 181 81.11 26.55 -13.80
C GLN R 181 81.20 25.76 -15.09
N ALA R 182 80.89 24.46 -15.05
CA ALA R 182 80.96 23.64 -16.26
C ALA R 182 79.96 24.13 -17.30
N ASN R 183 78.74 24.43 -16.88
CA ASN R 183 77.73 24.86 -17.83
C ASN R 183 78.02 26.25 -18.36
N LEU R 184 78.40 27.19 -17.49
CA LEU R 184 78.71 28.54 -17.93
C LEU R 184 79.88 28.54 -18.92
N PHE R 185 80.99 27.93 -18.53
CA PHE R 185 82.16 27.80 -19.40
C PHE R 185 82.35 26.33 -19.70
N PRO R 186 81.98 25.87 -20.91
CA PRO R 186 82.12 24.44 -21.24
C PRO R 186 83.55 23.92 -21.10
N GLU R 187 84.54 24.80 -20.99
CA GLU R 187 85.86 24.39 -20.51
C GLU R 187 85.65 23.61 -19.22
N SER R 188 85.93 22.31 -19.25
CA SER R 188 85.49 21.41 -18.21
C SER R 188 86.71 20.69 -17.63
N HIS R 189 86.95 20.91 -16.34
CA HIS R 189 88.07 20.30 -15.62
C HIS R 189 87.93 20.70 -14.16
N PHE R 190 88.59 19.92 -13.30
CA PHE R 190 88.72 20.32 -11.90
C PHE R 190 89.33 21.71 -11.74
N PRO R 191 90.35 22.11 -12.50
CA PRO R 191 90.79 23.52 -12.41
C PRO R 191 89.85 24.50 -13.07
N TYR R 192 89.20 24.12 -14.16
CA TYR R 192 88.38 25.03 -14.97
C TYR R 192 89.21 26.20 -15.48
N PHE S 1 29.92 92.99 28.39
CA PHE S 1 31.00 92.02 28.22
C PHE S 1 32.35 92.71 28.10
N GLU S 2 32.41 93.99 28.47
CA GLU S 2 33.68 94.71 28.43
C GLU S 2 34.64 94.12 29.46
N ASN S 3 35.87 94.61 29.43
CA ASN S 3 37.07 94.12 30.11
C ASN S 3 37.59 92.83 29.47
N GLU S 4 36.86 92.24 28.52
CA GLU S 4 37.39 91.17 27.70
C GLU S 4 38.27 91.76 26.61
N LEU S 5 39.20 90.94 26.10
CA LEU S 5 40.13 91.39 25.08
C LEU S 5 39.38 91.83 23.82
N GLY S 6 39.76 93.00 23.29
CA GLY S 6 39.14 93.51 22.08
C GLY S 6 38.88 95.00 22.11
N VAL S 7 38.80 95.57 23.32
CA VAL S 7 38.48 96.98 23.50
C VAL S 7 39.78 97.74 23.73
N GLN S 8 40.36 98.35 22.69
CA GLN S 8 41.58 99.08 23.03
C GLN S 8 41.57 100.59 22.83
N ALA S 9 41.81 101.07 21.59
CA ALA S 9 41.89 102.52 21.46
C ALA S 9 40.67 103.26 20.90
N PRO S 10 40.25 103.01 19.65
CA PRO S 10 39.38 103.98 18.98
C PRO S 10 37.93 103.81 19.33
N THR S 11 37.56 102.67 19.88
CA THR S 11 36.22 102.45 20.42
C THR S 11 36.35 101.52 21.60
N GLY S 12 35.48 101.71 22.59
CA GLY S 12 35.42 100.80 23.71
C GLY S 12 34.60 99.58 23.34
N PHE S 13 33.67 99.19 24.21
CA PHE S 13 32.71 98.15 23.86
C PHE S 13 31.89 98.66 22.68
N PHE S 14 32.12 98.10 21.49
CA PHE S 14 31.70 98.77 20.27
C PHE S 14 30.22 98.61 19.95
N ASP S 15 29.57 97.54 20.43
CA ASP S 15 28.30 97.06 19.90
C ASP S 15 27.28 98.17 19.68
N PRO S 16 27.01 98.53 18.42
CA PRO S 16 25.90 99.45 18.14
C PRO S 16 24.57 98.72 18.10
N LEU S 17 24.61 97.48 17.60
CA LEU S 17 23.41 96.65 17.44
C LEU S 17 23.25 95.67 18.59
N GLY S 18 24.03 95.82 19.65
CA GLY S 18 23.96 94.90 20.77
C GLY S 18 24.60 93.56 20.44
N LEU S 19 23.76 92.52 20.31
CA LEU S 19 24.19 91.17 19.97
C LEU S 19 25.00 90.54 21.10
N SER S 20 25.32 91.33 22.12
CA SER S 20 25.97 90.81 23.31
C SER S 20 25.42 91.43 24.59
N SER S 21 24.39 92.28 24.49
CA SER S 21 23.76 92.82 25.69
C SER S 21 23.01 91.74 26.48
N ASP S 22 22.77 90.58 25.85
CA ASP S 22 22.14 89.48 26.57
C ASP S 22 23.03 88.98 27.70
N GLY S 23 24.35 89.09 27.53
CA GLY S 23 25.27 88.64 28.55
C GLY S 23 25.53 87.16 28.58
N SER S 24 25.00 86.41 27.62
CA SER S 24 25.20 84.97 27.57
C SER S 24 26.69 84.64 27.41
N ILE S 25 27.29 84.07 28.46
CA ILE S 25 28.73 83.85 28.45
C ILE S 25 29.11 82.80 27.41
N ASP S 26 28.30 81.76 27.25
CA ASP S 26 28.58 80.75 26.24
C ASP S 26 28.49 81.33 24.84
N ASN S 27 27.50 82.21 24.61
CA ASN S 27 27.36 82.83 23.29
C ASN S 27 28.57 83.69 22.95
N PHE S 28 29.09 84.44 23.92
CA PHE S 28 30.25 85.29 23.66
C PHE S 28 31.48 84.47 23.32
N LYS S 29 31.69 83.36 24.03
CA LYS S 29 32.87 82.54 23.76
C LYS S 29 32.86 82.00 22.34
N ARG S 30 31.70 81.53 21.88
CA ARG S 30 31.59 81.05 20.51
C ARG S 30 31.80 82.17 19.51
N ARG S 31 31.25 83.36 19.78
CA ARG S 31 31.50 84.50 18.91
C ARG S 31 32.96 84.91 18.94
N ARG S 32 33.59 84.88 20.12
CA ARG S 32 35.00 85.22 20.22
C ARG S 32 35.86 84.24 19.43
N ALA S 33 35.57 82.94 19.56
CA ALA S 33 36.31 81.94 18.79
C ALA S 33 36.09 82.14 17.30
N SER S 34 34.85 82.44 16.90
CA SER S 34 34.58 82.73 15.50
C SER S 34 35.30 83.99 15.04
N GLU S 35 35.24 85.06 15.84
CA GLU S 35 35.89 86.31 15.44
C GLU S 35 37.39 86.11 15.23
N ILE S 36 38.04 85.40 16.15
CA ILE S 36 39.47 85.18 16.06
C ILE S 36 39.79 84.26 14.88
N LYS S 37 38.99 83.20 14.70
CA LYS S 37 39.25 82.26 13.61
C LYS S 37 39.11 82.92 12.25
N HIS S 38 38.15 83.81 12.11
CA HIS S 38 37.95 84.47 10.86
C HIS S 38 39.12 85.35 10.61
N GLY S 39 39.59 86.03 11.64
CA GLY S 39 40.68 86.95 11.46
C GLY S 39 41.88 86.16 11.06
N ARG S 40 42.22 85.14 11.82
CA ARG S 40 43.35 84.28 11.53
C ARG S 40 43.29 83.74 10.11
N VAL S 41 42.11 83.35 9.64
CA VAL S 41 41.96 82.93 8.25
C VAL S 41 42.14 84.11 7.30
N ALA S 42 41.53 85.25 7.64
CA ALA S 42 41.61 86.41 6.76
C ALA S 42 43.04 86.94 6.66
N MET S 43 43.78 86.92 7.75
CA MET S 43 45.15 87.42 7.74
C MET S 43 46.02 86.61 6.78
N LEU S 44 45.89 85.29 6.80
CA LEU S 44 46.56 84.47 5.80
C LEU S 44 45.98 84.74 4.41
N ALA S 45 44.68 85.04 4.34
CA ALA S 45 44.06 85.32 3.05
C ALA S 45 44.63 86.59 2.42
N THR S 46 44.82 87.64 3.22
CA THR S 46 45.38 88.87 2.69
C THR S 46 46.82 88.65 2.23
N MET S 47 47.59 87.87 2.98
CA MET S 47 48.89 87.42 2.48
C MET S 47 48.74 86.65 1.18
N GLY S 48 47.63 85.91 1.02
CA GLY S 48 47.45 85.11 -0.17
C GLY S 48 47.12 85.94 -1.40
N TYR S 49 46.65 87.18 -1.19
CA TYR S 49 46.38 88.05 -2.32
C TYR S 49 47.62 88.82 -2.74
N MET S 50 48.45 89.22 -1.78
CA MET S 50 49.62 90.03 -2.08
C MET S 50 50.72 89.22 -2.75
N THR S 51 51.03 88.02 -2.22
CA THR S 51 52.25 87.34 -2.64
C THR S 51 52.14 86.79 -4.05
N PRO S 52 51.15 85.96 -4.40
CA PRO S 52 51.06 85.47 -5.79
C PRO S 52 50.92 86.59 -6.81
N GLU S 53 50.38 87.73 -6.40
CA GLU S 53 50.26 88.87 -7.30
C GLU S 53 51.64 89.35 -7.74
N ILE S 54 52.51 89.68 -6.78
CA ILE S 54 53.73 90.38 -7.12
C ILE S 54 54.82 89.40 -7.57
N THR S 55 54.96 88.27 -6.88
CA THR S 55 56.03 87.32 -7.16
C THR S 55 55.64 85.94 -6.65
N GLY S 56 56.63 85.07 -6.52
CA GLY S 56 56.47 83.74 -5.97
C GLY S 56 55.97 82.75 -7.02
N LYS S 57 54.65 82.72 -7.22
CA LYS S 57 54.02 81.96 -8.31
C LYS S 57 54.70 80.62 -8.52
N PHE S 58 54.62 79.77 -7.46
CA PHE S 58 55.48 78.60 -7.26
C PHE S 58 55.85 77.90 -8.55
N PRO S 59 57.13 77.65 -8.80
CA PRO S 59 57.49 76.84 -9.98
C PRO S 59 56.90 75.46 -9.86
N GLY S 60 56.45 74.92 -11.00
CA GLY S 60 55.86 73.61 -11.00
C GLY S 60 54.50 73.63 -11.67
N TYR S 61 53.67 72.66 -11.29
CA TYR S 61 52.41 72.40 -11.98
C TYR S 61 51.19 72.59 -11.11
N LEU S 62 51.15 71.95 -9.93
CA LEU S 62 50.00 71.90 -9.03
C LEU S 62 48.91 71.01 -9.61
N SER S 63 49.03 70.66 -10.89
CA SER S 63 48.17 69.64 -11.50
C SER S 63 48.95 69.10 -12.70
N TYR S 64 49.62 67.97 -12.51
CA TYR S 64 50.37 67.37 -13.60
C TYR S 64 49.43 66.71 -14.61
N SER S 65 48.33 66.15 -14.13
CA SER S 65 47.38 65.48 -15.02
C SER S 65 46.68 66.48 -15.93
N GLN S 66 46.21 67.60 -15.37
CA GLN S 66 45.56 68.64 -16.15
C GLN S 66 46.56 69.58 -16.82
N SER S 67 47.86 69.37 -16.61
CA SER S 67 48.94 70.17 -17.16
C SER S 67 48.90 71.62 -16.71
N ILE S 68 48.10 71.94 -15.69
CA ILE S 68 48.11 73.29 -15.15
C ILE S 68 49.48 73.57 -14.53
N LYS S 69 49.81 74.85 -14.43
CA LYS S 69 51.00 75.31 -13.73
C LYS S 69 50.57 76.46 -12.82
N PHE S 70 51.29 76.63 -11.70
CA PHE S 70 50.93 77.65 -10.72
C PHE S 70 50.82 79.01 -11.39
N ALA S 71 51.68 79.27 -12.38
CA ALA S 71 51.62 80.53 -13.10
C ALA S 71 50.32 80.67 -13.89
N ASP S 72 49.77 79.55 -14.36
CA ASP S 72 48.55 79.60 -15.17
C ASP S 72 47.35 80.04 -14.35
N VAL S 73 47.28 79.61 -13.09
CA VAL S 73 46.10 79.91 -12.27
C VAL S 73 46.04 81.40 -12.00
N PRO S 74 44.94 82.08 -12.34
CA PRO S 74 44.85 83.52 -12.07
C PRO S 74 44.72 83.79 -10.58
N ASN S 75 45.36 84.86 -10.12
CA ASN S 75 45.27 85.25 -8.73
C ASN S 75 43.90 85.85 -8.42
N GLY S 76 43.43 85.61 -7.19
CA GLY S 76 42.19 86.21 -6.74
C GLY S 76 40.95 85.36 -6.96
N LEU S 77 39.83 86.02 -7.24
CA LEU S 77 38.54 85.33 -7.34
C LEU S 77 38.54 84.27 -8.42
N ALA S 78 39.12 84.57 -9.58
CA ALA S 78 39.00 83.69 -10.73
C ALA S 78 39.65 82.32 -10.49
N ALA S 79 40.48 82.20 -9.46
CA ALA S 79 41.16 80.94 -9.20
C ALA S 79 40.19 79.83 -8.82
N MET S 80 39.14 80.14 -8.05
CA MET S 80 38.29 79.10 -7.49
C MET S 80 37.49 78.35 -8.55
N SER S 81 37.45 78.83 -9.79
CA SER S 81 36.93 78.05 -10.90
C SER S 81 38.04 77.53 -11.80
N LYS S 82 39.30 77.89 -11.54
CA LYS S 82 40.45 77.44 -12.31
C LYS S 82 41.33 76.48 -11.55
N VAL S 83 41.48 76.67 -10.24
CA VAL S 83 42.19 75.67 -9.44
C VAL S 83 41.46 74.34 -9.56
N PRO S 84 42.14 73.24 -9.88
CA PRO S 84 41.44 71.96 -10.03
C PRO S 84 40.68 71.62 -8.75
N VAL S 85 39.45 71.14 -8.92
CA VAL S 85 38.54 71.01 -7.79
C VAL S 85 39.09 70.04 -6.76
N LEU S 86 39.95 69.11 -7.20
CA LEU S 86 40.60 68.21 -6.26
C LEU S 86 41.50 68.97 -5.30
N GLY S 87 42.05 70.09 -5.74
CA GLY S 87 42.86 70.90 -4.84
C GLY S 87 42.06 71.52 -3.72
N TRP S 88 40.87 72.04 -4.04
CA TRP S 88 40.07 72.72 -3.02
C TRP S 88 39.59 71.75 -1.95
N ALA S 89 39.17 70.55 -2.35
CA ALA S 89 38.73 69.56 -1.36
C ALA S 89 39.87 69.15 -0.45
N GLN S 90 41.10 69.16 -0.96
CA GLN S 90 42.26 68.83 -0.13
C GLN S 90 42.66 69.98 0.77
N VAL S 91 42.40 71.22 0.37
CA VAL S 91 42.55 72.35 1.29
C VAL S 91 41.60 72.20 2.46
N ALA S 92 40.36 71.78 2.18
CA ALA S 92 39.42 71.50 3.26
C ALA S 92 39.92 70.39 4.16
N ALA S 93 40.67 69.43 3.62
CA ALA S 93 41.22 68.36 4.44
C ALA S 93 42.34 68.89 5.33
N TYR S 94 43.28 69.66 4.76
CA TYR S 94 44.37 70.20 5.56
C TYR S 94 43.86 71.16 6.63
N GLY S 95 42.76 71.86 6.35
CA GLY S 95 42.11 72.61 7.40
C GLY S 95 41.55 71.71 8.48
N ALA S 96 40.88 70.64 8.06
CA ALA S 96 40.21 69.76 9.02
C ALA S 96 41.19 69.10 9.98
N VAL S 97 42.32 68.61 9.45
CA VAL S 97 43.28 67.94 10.32
C VAL S 97 43.81 68.91 11.37
N CYS S 98 43.99 70.17 11.02
CA CYS S 98 44.36 71.19 11.99
C CYS S 98 43.17 71.68 12.82
N GLU S 99 41.94 71.53 12.31
CA GLU S 99 40.78 71.75 13.17
C GLU S 99 40.68 70.67 14.25
N LEU S 100 41.32 69.52 14.03
CA LEU S 100 41.35 68.43 14.99
C LEU S 100 42.76 68.15 15.48
N SER S 101 43.70 69.04 15.19
CA SER S 101 45.03 69.04 15.80
C SER S 101 45.27 70.26 16.66
N GLN S 102 44.55 71.35 16.42
CA GLN S 102 44.58 72.54 17.28
C GLN S 102 43.45 72.43 18.31
N ASP S 103 43.66 71.54 19.27
CA ASP S 103 42.67 71.33 20.31
C ASP S 103 42.56 72.56 21.21
N GLN S 104 41.35 72.78 21.74
CA GLN S 104 41.08 73.93 22.59
C GLN S 104 41.30 73.56 24.05
N SER S 105 42.16 74.31 24.74
CA SER S 105 42.45 74.03 26.14
C SER S 105 41.36 74.59 27.06
N PRO S 106 41.02 75.89 27.00
CA PRO S 106 40.08 76.43 27.99
C PRO S 106 38.75 76.88 27.40
N GLY S 107 38.47 78.17 27.49
CA GLY S 107 37.22 78.72 27.00
C GLY S 107 37.31 79.33 25.62
N THR S 108 38.36 80.09 25.35
CA THR S 108 38.57 80.79 24.10
C THR S 108 39.88 80.34 23.45
N PRO S 109 40.01 80.50 22.11
CA PRO S 109 41.12 79.86 21.37
C PRO S 109 42.49 79.93 22.03
N GLY S 110 43.21 78.81 21.97
CA GLY S 110 44.50 78.75 22.63
C GLY S 110 45.28 77.49 22.26
N ALA S 111 46.37 77.29 23.01
CA ALA S 111 47.23 76.10 22.92
C ALA S 111 48.04 76.04 21.61
N ALA S 112 48.64 77.16 21.23
CA ALA S 112 49.63 77.13 20.16
C ALA S 112 50.83 78.05 20.35
N GLY S 113 50.95 78.75 21.48
CA GLY S 113 52.02 79.73 21.58
C GLY S 113 51.68 80.96 20.75
N ASP S 114 52.68 81.84 20.59
CA ASP S 114 52.46 83.09 19.87
C ASP S 114 51.83 82.83 18.51
N PHE S 115 52.55 82.17 17.62
CA PHE S 115 51.94 81.53 16.46
C PHE S 115 52.64 80.21 16.18
N GLY S 116 53.16 79.57 17.23
CA GLY S 116 54.09 78.46 17.08
C GLY S 116 53.49 77.10 16.80
N PHE S 117 53.06 76.88 15.56
CA PHE S 117 52.61 75.56 15.15
C PHE S 117 53.18 75.20 13.76
N LYS S 123 56.39 72.52 20.97
CA LYS S 123 55.38 73.12 21.85
C LYS S 123 55.89 74.44 22.43
N VAL S 124 55.34 75.55 21.96
CA VAL S 124 55.72 76.87 22.45
C VAL S 124 54.89 77.20 23.68
N ILE S 125 55.40 78.11 24.50
CA ILE S 125 54.74 78.49 25.75
C ILE S 125 54.20 79.91 25.64
N THR S 126 53.50 80.35 26.68
CA THR S 126 52.78 81.62 26.64
C THR S 126 53.75 82.80 26.70
N SER S 127 53.18 84.00 26.72
CA SER S 127 53.95 85.23 26.85
C SER S 127 54.22 85.60 28.30
N GLU S 128 53.73 84.82 29.25
CA GLU S 128 54.01 84.99 30.68
C GLU S 128 53.58 86.36 31.19
N ASP S 129 54.46 87.35 31.03
CA ASP S 129 54.15 88.72 31.45
C ASP S 129 52.79 89.15 30.91
N GLU S 130 51.85 89.41 31.82
CA GLU S 130 50.46 89.64 31.42
C GLU S 130 50.33 90.86 30.54
N GLU S 131 51.13 91.90 30.79
CA GLU S 131 51.05 93.10 29.97
C GLU S 131 51.30 92.77 28.50
N THR S 132 52.26 91.89 28.24
CA THR S 132 52.45 91.40 26.87
C THR S 132 51.38 90.38 26.47
N LEU S 133 50.85 89.62 27.43
CA LEU S 133 49.81 88.66 27.13
C LEU S 133 48.56 89.37 26.60
N LYS S 134 48.17 90.47 27.23
CA LYS S 134 47.02 91.23 26.75
C LYS S 134 47.37 92.03 25.50
N ARG S 135 48.55 92.65 25.47
CA ARG S 135 48.91 93.50 24.35
C ARG S 135 48.99 92.70 23.05
N LYS S 136 49.61 91.52 23.10
CA LYS S 136 49.67 90.68 21.92
C LYS S 136 48.28 90.15 21.54
N LEU S 137 47.48 89.77 22.55
CA LEU S 137 46.14 89.27 22.26
C LEU S 137 45.28 90.34 21.61
N ASN S 138 45.35 91.58 22.11
CA ASN S 138 44.64 92.67 21.48
C ASN S 138 45.20 92.96 20.09
N SER S 139 46.52 92.82 19.92
CA SER S 139 47.12 93.01 18.62
C SER S 139 46.61 91.98 17.62
N GLU S 140 46.44 90.73 18.06
CA GLU S 140 45.89 89.70 17.18
C GLU S 140 44.47 90.05 16.77
N LEU S 141 43.65 90.52 17.72
CA LEU S 141 42.27 90.86 17.42
C LEU S 141 42.20 92.02 16.43
N ALA S 142 42.94 93.09 16.71
CA ALA S 142 42.89 94.26 15.84
C ALA S 142 43.42 93.93 14.45
N ASN S 143 44.51 93.18 14.37
CA ASN S 143 45.02 92.75 13.07
C ASN S 143 44.03 91.85 12.36
N GLY S 144 43.42 90.92 13.09
CA GLY S 144 42.47 90.01 12.46
C GLY S 144 41.25 90.73 11.90
N ARG S 145 40.70 91.67 12.67
CA ARG S 145 39.55 92.43 12.20
C ARG S 145 39.89 93.25 10.96
N LEU S 146 41.06 93.89 10.97
CA LEU S 146 41.47 94.69 9.80
C LEU S 146 41.61 93.81 8.57
N ALA S 147 42.22 92.63 8.72
CA ALA S 147 42.35 91.72 7.59
C ALA S 147 40.99 91.23 7.13
N MET S 148 40.06 91.02 8.06
CA MET S 148 38.70 90.66 7.67
C MET S 148 38.08 91.72 6.78
N MET S 149 38.22 93.00 7.16
CA MET S 149 37.73 94.08 6.33
C MET S 149 38.55 94.22 5.05
N ALA S 150 39.82 93.83 5.10
CA ALA S 150 40.68 93.97 3.92
C ALA S 150 40.35 92.93 2.85
N ILE S 151 40.15 91.68 3.26
CA ILE S 151 40.01 90.59 2.28
C ILE S 151 38.70 90.73 1.52
N ILE S 152 37.63 91.15 2.20
CA ILE S 152 36.38 91.44 1.50
C ILE S 152 36.55 92.64 0.58
N GLY S 153 37.35 93.62 1.01
CA GLY S 153 37.69 94.73 0.13
C GLY S 153 38.47 94.27 -1.09
N LEU S 154 39.39 93.32 -0.90
CA LEU S 154 40.12 92.76 -2.03
C LEU S 154 39.22 91.91 -2.91
N PHE S 155 38.23 91.23 -2.32
CA PHE S 155 37.21 90.55 -3.11
C PHE S 155 36.43 91.55 -3.96
N PHE S 156 35.98 92.63 -3.35
CA PHE S 156 35.23 93.65 -4.08
C PHE S 156 36.10 94.34 -5.13
N GLN S 157 37.36 94.64 -4.78
CA GLN S 157 38.26 95.25 -5.75
C GLN S 157 38.53 94.31 -6.91
N ASP S 158 38.64 93.02 -6.64
CA ASP S 158 38.82 92.05 -7.71
C ASP S 158 37.63 92.05 -8.65
N GLY S 159 36.41 92.07 -8.10
CA GLY S 159 35.23 92.13 -8.95
C GLY S 159 35.10 93.42 -9.72
N LEU S 160 35.45 94.55 -9.08
CA LEU S 160 35.26 95.85 -9.70
C LEU S 160 36.19 96.05 -10.89
N THR S 161 37.45 95.61 -10.77
CA THR S 161 38.50 95.99 -11.72
C THR S 161 39.19 94.74 -12.30
N GLY S 162 38.39 93.78 -12.76
CA GLY S 162 38.97 92.65 -13.48
C GLY S 162 39.83 91.75 -12.60
N GLY S 163 41.14 91.84 -12.77
CA GLY S 163 42.06 91.11 -11.92
C GLY S 163 42.06 91.65 -10.50
N ALA S 164 42.89 91.03 -9.66
CA ALA S 164 42.94 91.37 -8.25
C ALA S 164 43.40 92.81 -8.01
N TYR S 165 44.08 93.42 -8.97
CA TYR S 165 44.53 94.80 -8.84
C TYR S 165 44.46 95.53 -10.18
N PHE T 1 50.07 -58.98 15.02
CA PHE T 1 48.98 -59.79 14.50
C PHE T 1 49.47 -61.12 13.95
N GLU T 2 50.68 -61.52 14.35
CA GLU T 2 51.20 -62.82 13.96
C GLU T 2 50.29 -63.92 14.50
N GLY T 3 49.96 -64.87 13.64
CA GLY T 3 48.95 -65.87 13.92
C GLY T 3 47.63 -65.62 13.22
N GLU T 4 47.41 -64.40 12.74
CA GLU T 4 46.25 -64.14 11.89
C GLU T 4 46.42 -64.83 10.55
N LEU T 5 45.30 -65.24 9.96
CA LEU T 5 45.34 -65.98 8.72
C LEU T 5 45.88 -65.24 7.53
N GLY T 6 47.19 -65.13 7.40
CA GLY T 6 47.78 -64.36 6.31
C GLY T 6 49.26 -64.35 6.51
N VAL T 7 49.70 -64.95 7.60
CA VAL T 7 51.13 -65.05 7.88
C VAL T 7 51.68 -66.30 7.22
N THR T 8 52.77 -66.14 6.48
CA THR T 8 53.35 -67.24 5.71
C THR T 8 54.85 -67.33 5.95
N PRO T 9 55.42 -68.52 5.80
CA PRO T 9 56.86 -68.72 6.06
C PRO T 9 57.76 -67.81 5.24
N PRO T 10 57.45 -67.50 3.96
CA PRO T 10 58.38 -66.65 3.19
C PRO T 10 58.70 -65.31 3.85
N MET T 11 57.73 -64.70 4.54
CA MET T 11 57.95 -63.42 5.19
C MET T 11 57.60 -63.43 6.67
N GLY T 12 57.02 -64.51 7.17
CA GLY T 12 56.51 -64.50 8.54
C GLY T 12 55.38 -63.50 8.64
N TYR T 13 55.55 -62.53 9.53
CA TYR T 13 54.62 -61.40 9.66
C TYR T 13 55.29 -60.21 8.98
N PHE T 14 54.88 -59.92 7.75
CA PHE T 14 55.64 -59.04 6.87
C PHE T 14 55.79 -57.63 7.42
N ASP T 15 54.70 -56.86 7.41
CA ASP T 15 54.57 -55.49 7.91
C ASP T 15 55.86 -54.69 7.80
N PRO T 16 56.46 -54.54 6.62
CA PRO T 16 57.74 -53.81 6.53
C PRO T 16 57.60 -52.34 6.91
N LEU T 17 56.64 -51.64 6.32
CA LEU T 17 56.44 -50.22 6.62
C LEU T 17 55.72 -49.98 7.93
N GLY T 18 55.31 -51.04 8.63
CA GLY T 18 54.68 -50.89 9.93
C GLY T 18 53.35 -50.18 9.90
N LEU T 19 52.45 -50.62 9.03
CA LEU T 19 51.14 -50.01 8.89
C LEU T 19 50.12 -50.52 9.91
N SER T 20 50.49 -51.50 10.74
CA SER T 20 49.59 -52.02 11.75
C SER T 20 50.30 -52.27 13.07
N SER T 21 51.29 -51.44 13.41
CA SER T 21 52.04 -51.63 14.66
C SER T 21 51.11 -51.56 15.86
N ASP T 22 50.29 -50.52 15.94
CA ASP T 22 49.26 -50.46 16.96
C ASP T 22 48.17 -51.49 16.67
N GLY T 23 47.43 -51.87 17.71
CA GLY T 23 46.40 -52.88 17.57
C GLY T 23 45.40 -52.59 16.47
N ASP T 24 44.60 -51.54 16.66
CA ASP T 24 43.58 -51.10 15.71
C ASP T 24 42.87 -52.28 15.05
N LYS T 25 42.28 -53.13 15.90
CA LYS T 25 41.64 -54.35 15.40
C LYS T 25 40.59 -54.03 14.34
N LYS T 26 39.93 -52.87 14.44
CA LYS T 26 39.03 -52.45 13.38
C LYS T 26 39.78 -52.21 12.07
N THR T 27 40.93 -51.56 12.14
CA THR T 27 41.71 -51.31 10.93
C THR T 27 42.14 -52.61 10.27
N PHE T 28 42.58 -53.59 11.06
CA PHE T 28 42.98 -54.87 10.48
C PHE T 28 41.80 -55.58 9.82
N ILE T 29 40.63 -55.54 10.45
CA ILE T 29 39.45 -56.19 9.87
C ILE T 29 39.11 -55.56 8.54
N ARG T 30 39.12 -54.24 8.46
CA ARG T 30 38.82 -53.56 7.20
C ARG T 30 39.87 -53.88 6.14
N ARG T 31 41.15 -53.84 6.51
CA ARG T 31 42.21 -54.08 5.53
C ARG T 31 42.24 -55.54 5.10
N ARG T 32 41.92 -56.47 6.00
CA ARG T 32 41.84 -57.88 5.62
C ARG T 32 40.70 -58.13 4.63
N LYS T 33 39.54 -57.55 4.91
CA LYS T 33 38.42 -57.68 3.98
C LYS T 33 38.78 -57.13 2.61
N SER T 34 39.50 -56.00 2.59
CA SER T 34 39.98 -55.47 1.31
C SER T 34 40.99 -56.42 0.67
N GLU T 35 41.89 -56.99 1.47
CA GLU T 35 42.92 -57.89 0.92
C GLU T 35 42.28 -59.12 0.29
N LEU T 36 41.30 -59.72 0.96
CA LEU T 36 40.61 -60.87 0.39
C LEU T 36 39.81 -60.48 -0.84
N LYS T 37 39.02 -59.42 -0.74
CA LYS T 37 38.15 -59.03 -1.85
C LYS T 37 38.96 -58.57 -3.06
N ASN T 38 40.02 -57.79 -2.83
CA ASN T 38 40.89 -57.41 -3.94
C ASN T 38 41.59 -58.62 -4.54
N GLY T 39 41.96 -59.59 -3.71
CA GLY T 39 42.56 -60.80 -4.25
C GLY T 39 41.58 -61.59 -5.11
N ARG T 40 40.34 -61.74 -4.63
CA ARG T 40 39.34 -62.47 -5.39
C ARG T 40 39.03 -61.78 -6.71
N VAL T 41 38.92 -60.46 -6.69
CA VAL T 41 38.71 -59.72 -7.94
C VAL T 41 39.92 -59.87 -8.84
N ALA T 42 41.13 -59.76 -8.27
CA ALA T 42 42.35 -59.94 -9.06
C ALA T 42 42.45 -61.36 -9.61
N MET T 43 42.11 -62.35 -8.79
CA MET T 43 42.15 -63.75 -9.25
C MET T 43 41.20 -63.97 -10.41
N TRP T 44 39.97 -63.46 -10.29
CA TRP T 44 39.03 -63.55 -11.41
C TRP T 44 39.49 -62.70 -12.58
N ALA T 45 40.16 -61.58 -12.29
CA ALA T 45 40.67 -60.73 -13.36
C ALA T 45 41.85 -61.38 -14.07
N CYS T 46 42.73 -62.02 -13.32
CA CYS T 46 43.90 -62.65 -13.93
C CYS T 46 43.49 -63.75 -14.89
N MET T 47 42.51 -64.57 -14.50
CA MET T 47 41.96 -65.54 -15.45
C MET T 47 41.21 -64.84 -16.57
N GLY T 48 40.77 -63.60 -16.35
CA GLY T 48 40.03 -62.90 -17.38
C GLY T 48 40.91 -62.39 -18.50
N TRP T 49 42.21 -62.35 -18.28
CA TRP T 49 43.13 -61.95 -19.33
C TRP T 49 43.70 -63.15 -20.07
N ILE T 50 43.97 -64.24 -19.35
CA ILE T 50 44.61 -65.40 -19.95
C ILE T 50 43.67 -66.11 -20.92
N VAL T 51 42.43 -66.38 -20.49
CA VAL T 51 41.51 -67.24 -21.24
C VAL T 51 41.15 -66.65 -22.60
N PRO T 52 40.80 -65.36 -22.72
CA PRO T 52 40.50 -64.82 -24.05
C PRO T 52 41.65 -64.92 -25.03
N GLU T 53 42.89 -64.99 -24.52
CA GLU T 53 44.03 -65.20 -25.41
C GLU T 53 44.10 -66.61 -25.97
N TRP T 54 43.32 -67.54 -25.44
CA TRP T 54 43.23 -68.90 -25.98
C TRP T 54 41.85 -69.20 -26.55
N TYR T 55 40.80 -68.93 -25.79
CA TYR T 55 39.44 -69.30 -26.17
C TYR T 55 38.51 -68.10 -26.09
N ARG T 56 37.54 -68.06 -27.00
CA ARG T 56 36.50 -67.03 -27.02
C ARG T 56 35.14 -67.71 -27.03
N PHE T 57 34.20 -67.11 -26.30
CA PHE T 57 32.86 -67.69 -26.19
C PHE T 57 32.17 -67.67 -27.55
N PRO T 58 31.30 -68.65 -27.83
CA PRO T 58 30.81 -68.85 -29.20
C PRO T 58 29.89 -67.75 -29.73
N GLY T 59 28.88 -67.37 -28.95
CA GLY T 59 27.79 -66.56 -29.48
C GLY T 59 28.11 -65.10 -29.70
N GLU T 60 27.10 -64.25 -29.56
CA GLU T 60 27.24 -62.82 -29.76
C GLU T 60 27.02 -62.08 -28.44
N LEU T 61 27.88 -61.11 -28.15
CA LEU T 61 27.70 -60.31 -26.95
C LEU T 61 26.44 -59.47 -27.03
N SER T 62 26.27 -58.73 -28.12
CA SER T 62 25.08 -57.92 -28.37
C SER T 62 24.55 -58.29 -29.74
N PRO T 63 23.66 -59.29 -29.81
CA PRO T 63 23.19 -59.76 -31.12
C PRO T 63 22.60 -58.67 -32.00
N SER T 64 21.89 -57.70 -31.42
CA SER T 64 21.47 -56.54 -32.20
C SER T 64 22.55 -55.46 -32.26
N SER T 65 23.79 -55.87 -32.48
CA SER T 65 24.85 -54.95 -32.87
C SER T 65 25.85 -55.60 -33.82
N GLY T 66 25.67 -56.86 -34.22
CA GLY T 66 26.67 -57.57 -34.98
C GLY T 66 27.81 -58.07 -34.10
N LEU T 67 27.93 -57.50 -32.91
CA LEU T 67 29.07 -57.76 -32.03
C LEU T 67 29.03 -59.19 -31.49
N LYS T 68 30.09 -59.94 -31.77
CA LYS T 68 30.29 -61.28 -31.25
C LYS T 68 31.53 -61.32 -30.37
N PHE T 69 31.55 -62.26 -29.44
CA PHE T 69 32.61 -62.37 -28.44
C PHE T 69 34.00 -62.34 -29.07
N SER T 70 34.13 -62.87 -30.28
CA SER T 70 35.44 -62.97 -30.92
C SER T 70 36.05 -61.59 -31.18
N GLU T 71 35.26 -60.68 -31.76
CA GLU T 71 35.82 -59.41 -32.21
C GLU T 71 36.01 -58.38 -31.10
N ILE T 72 35.54 -58.66 -29.89
CA ILE T 72 35.84 -57.74 -28.80
C ILE T 72 37.33 -57.79 -28.48
N PRO T 73 38.04 -56.67 -28.47
CA PRO T 73 39.45 -56.69 -28.10
C PRO T 73 39.63 -57.08 -26.66
N ASN T 74 40.78 -57.71 -26.37
CA ASN T 74 41.10 -58.12 -25.01
C ASN T 74 41.90 -57.03 -24.31
N GLY T 75 41.78 -57.00 -22.99
CA GLY T 75 42.49 -56.01 -22.20
C GLY T 75 41.70 -54.73 -22.01
N MET T 76 42.42 -53.68 -21.62
CA MET T 76 41.78 -52.40 -21.35
C MET T 76 41.53 -51.64 -22.65
N ALA T 77 40.94 -52.33 -23.61
CA ALA T 77 40.36 -51.72 -24.79
C ALA T 77 38.94 -52.19 -25.05
N ALA T 78 38.51 -53.28 -24.39
CA ALA T 78 37.12 -53.70 -24.47
C ALA T 78 36.19 -52.71 -23.78
N LEU T 79 36.73 -51.90 -22.86
CA LEU T 79 35.91 -50.91 -22.17
C LEU T 79 35.30 -49.91 -23.15
N LYS T 80 36.04 -49.55 -24.20
CA LYS T 80 35.57 -48.62 -25.21
C LYS T 80 35.13 -49.31 -26.49
N ALA T 81 35.09 -50.64 -26.50
CA ALA T 81 34.58 -51.39 -27.65
C ALA T 81 33.39 -52.27 -27.33
N LEU T 82 33.21 -52.69 -26.08
CA LEU T 82 32.00 -53.36 -25.62
C LEU T 82 30.95 -52.29 -25.30
N PRO T 83 29.72 -52.45 -25.79
CA PRO T 83 28.73 -51.37 -25.66
C PRO T 83 28.48 -51.01 -24.20
N THR T 84 28.22 -49.72 -23.97
CA THR T 84 28.09 -49.22 -22.60
C THR T 84 26.98 -49.93 -21.84
N GLU T 85 25.91 -50.34 -22.53
CA GLU T 85 24.86 -51.10 -21.86
C GLU T 85 25.39 -52.43 -21.34
N ALA T 86 26.32 -53.05 -22.07
CA ALA T 86 26.92 -54.30 -21.61
C ALA T 86 27.67 -54.09 -20.31
N TRP T 87 28.56 -53.09 -20.27
CA TRP T 87 29.34 -52.85 -19.07
C TRP T 87 28.49 -52.39 -17.91
N ALA T 88 27.43 -51.63 -18.19
CA ALA T 88 26.55 -51.17 -17.12
C ALA T 88 25.83 -52.34 -16.45
N GLN T 89 25.54 -53.40 -17.20
CA GLN T 89 24.85 -54.55 -16.64
C GLN T 89 25.77 -55.40 -15.77
N MET T 90 27.07 -55.46 -16.09
CA MET T 90 28.02 -56.06 -15.17
C MET T 90 28.09 -55.26 -13.88
N GLY T 91 28.11 -53.94 -13.99
CA GLY T 91 28.11 -53.11 -12.78
C GLY T 91 26.87 -53.32 -11.94
N ALA T 92 25.71 -53.45 -12.59
CA ALA T 92 24.48 -53.74 -11.86
C ALA T 92 24.55 -55.10 -11.19
N PHE T 93 25.12 -56.11 -11.87
CA PHE T 93 25.21 -57.44 -11.27
C PHE T 93 26.18 -57.46 -10.11
N VAL T 94 27.36 -56.84 -10.27
CA VAL T 94 28.29 -56.76 -9.15
C VAL T 94 27.68 -55.97 -8.01
N ALA T 95 26.82 -55.00 -8.32
CA ALA T 95 26.08 -54.30 -7.28
C ALA T 95 25.19 -55.26 -6.50
N LEU T 96 24.52 -56.18 -7.20
CA LEU T 96 23.71 -57.18 -6.53
C LEU T 96 24.55 -58.02 -5.58
N LEU T 97 25.72 -58.47 -6.05
CA LEU T 97 26.58 -59.30 -5.22
C LEU T 97 27.06 -58.54 -3.99
N GLU T 98 27.48 -57.29 -4.18
CA GLU T 98 28.03 -56.53 -3.06
C GLU T 98 26.96 -56.15 -2.05
N LEU T 99 25.72 -56.00 -2.49
CA LEU T 99 24.62 -55.61 -1.60
C LEU T 99 23.79 -56.79 -1.12
N GLY T 100 23.68 -57.85 -1.92
CA GLY T 100 22.83 -58.97 -1.59
C GLY T 100 23.61 -60.14 -1.05
N PRO T 101 23.88 -61.13 -1.91
CA PRO T 101 24.52 -62.37 -1.42
C PRO T 101 25.89 -62.15 -0.80
N LEU T 102 26.81 -61.52 -1.52
CA LEU T 102 28.18 -61.34 -1.04
C LEU T 102 28.27 -60.07 -0.19
N TRP T 103 27.43 -60.03 0.84
CA TRP T 103 27.40 -58.94 1.81
C TRP T 103 28.12 -59.41 3.06
N GLN T 104 29.27 -58.82 3.35
CA GLN T 104 30.04 -59.22 4.52
C GLN T 104 29.30 -58.86 5.81
N ASP T 105 28.76 -59.87 6.48
CA ASP T 105 28.18 -59.66 7.79
C ASP T 105 29.27 -59.28 8.79
N GLU T 106 28.94 -58.33 9.69
CA GLU T 106 29.94 -57.86 10.64
C GLU T 106 30.40 -58.98 11.57
N SER T 107 29.47 -59.80 12.05
CA SER T 107 29.83 -60.86 12.99
C SER T 107 30.55 -62.02 12.32
N ARG T 108 30.51 -62.11 11.00
CA ARG T 108 31.08 -63.26 10.30
C ARG T 108 32.59 -63.09 10.14
N ALA T 109 33.21 -64.07 9.49
CA ALA T 109 34.64 -64.04 9.22
C ALA T 109 34.93 -62.94 8.20
N PRO T 110 36.20 -62.49 8.13
CA PRO T 110 36.57 -61.40 7.20
C PRO T 110 36.00 -61.56 5.79
N GLY T 111 36.30 -62.68 5.13
CA GLY T 111 35.83 -62.92 3.79
C GLY T 111 34.59 -63.78 3.67
N ASP T 112 33.95 -64.13 4.79
CA ASP T 112 32.81 -65.03 4.75
C ASP T 112 31.58 -64.35 4.17
N PHE T 113 30.93 -65.02 3.23
CA PHE T 113 29.65 -64.58 2.67
C PHE T 113 28.59 -65.63 2.97
N LYS T 114 27.38 -65.17 3.27
CA LYS T 114 26.32 -66.02 3.77
C LYS T 114 25.59 -66.80 2.68
N THR T 115 26.16 -66.86 1.47
CA THR T 115 25.52 -67.61 0.39
C THR T 115 26.48 -68.38 -0.49
N CYS T 116 27.76 -68.46 -0.16
CA CYS T 116 28.75 -69.12 -1.02
C CYS T 116 29.50 -70.19 -0.25
N ALA T 117 30.00 -71.18 -1.00
CA ALA T 117 30.55 -72.41 -0.45
C ALA T 117 32.05 -72.28 -0.23
N LYS T 118 32.71 -73.43 -0.02
CA LYS T 118 34.14 -73.49 0.31
C LYS T 118 35.23 -72.93 -0.58
N TYR T 119 34.95 -72.70 -1.84
CA TYR T 119 35.96 -72.09 -2.68
C TYR T 119 35.25 -71.02 -3.41
N GLY T 120 33.98 -70.86 -3.07
CA GLY T 120 33.20 -69.84 -3.70
C GLY T 120 32.04 -70.45 -4.42
N PHE T 121 32.00 -71.76 -4.48
CA PHE T 121 30.93 -72.45 -5.20
C PHE T 121 29.54 -71.86 -4.89
N PRO T 122 28.78 -71.34 -5.90
CA PRO T 122 27.48 -70.82 -5.47
C PRO T 122 26.57 -71.92 -4.94
N MET T 123 25.91 -71.63 -3.81
CA MET T 123 25.10 -72.60 -3.09
C MET T 123 25.90 -73.84 -2.72
N GLY T 131 25.69 -72.66 0.21
CA GLY T 131 27.02 -72.38 0.74
C GLY T 131 27.28 -73.05 2.07
N SER T 132 28.13 -72.43 2.88
CA SER T 132 28.44 -72.96 4.20
C SER T 132 29.02 -71.84 5.05
N ASP T 133 28.79 -71.93 6.36
CA ASP T 133 29.46 -71.04 7.30
C ASP T 133 30.93 -71.45 7.44
N SER T 134 31.79 -70.44 7.61
CA SER T 134 33.22 -70.69 7.59
C SER T 134 33.67 -71.45 8.84
N ASP T 135 34.74 -72.23 8.66
CA ASP T 135 35.41 -72.94 9.75
C ASP T 135 36.90 -72.62 9.63
N PRO T 136 37.32 -71.44 10.09
CA PRO T 136 38.70 -70.99 9.83
C PRO T 136 39.78 -71.93 10.36
N VAL T 137 39.57 -72.52 11.55
CA VAL T 137 40.64 -73.31 12.16
C VAL T 137 40.92 -74.55 11.33
N LYS T 138 39.87 -75.28 10.93
CA LYS T 138 40.05 -76.44 10.08
C LYS T 138 40.58 -76.05 8.71
N ASN T 139 40.06 -74.96 8.14
CA ASN T 139 40.40 -74.53 6.79
C ASN T 139 41.54 -73.51 6.77
N GLN T 140 42.38 -73.51 7.81
CA GLN T 140 43.48 -72.54 7.86
C GLN T 140 44.42 -72.68 6.67
N TYR T 141 44.52 -73.88 6.10
CA TYR T 141 45.38 -74.09 4.93
C TYR T 141 44.84 -73.37 3.70
N SER T 142 43.56 -73.58 3.39
CA SER T 142 43.00 -72.99 2.18
C SER T 142 42.76 -71.50 2.34
N LEU T 143 42.39 -71.04 3.54
CA LEU T 143 42.25 -69.61 3.77
C LEU T 143 43.57 -68.89 3.50
N ASN T 144 44.68 -69.45 3.99
CA ASN T 144 45.98 -68.91 3.65
C ASN T 144 46.25 -69.04 2.15
N SER T 145 45.88 -70.18 1.57
CA SER T 145 46.10 -70.38 0.14
C SER T 145 45.36 -69.34 -0.70
N GLU T 146 44.13 -69.01 -0.30
CA GLU T 146 43.37 -67.99 -1.03
C GLU T 146 44.07 -66.64 -0.96
N ILE T 147 44.55 -66.26 0.23
CA ILE T 147 45.17 -64.95 0.39
C ILE T 147 46.44 -64.86 -0.44
N ASN T 148 47.30 -65.88 -0.37
CA ASN T 148 48.53 -65.87 -1.14
C ASN T 148 48.26 -65.87 -2.63
N ASN T 149 47.29 -66.67 -3.08
CA ASN T 149 46.90 -66.65 -4.49
C ASN T 149 46.33 -65.30 -4.86
N GLY T 150 45.48 -64.72 -4.00
CA GLY T 150 45.01 -63.37 -4.23
C GLY T 150 46.15 -62.37 -4.22
N ARG T 151 47.09 -62.52 -3.28
CA ARG T 151 48.26 -61.66 -3.24
C ARG T 151 49.07 -61.78 -4.53
N LEU T 152 49.28 -63.02 -5.01
CA LEU T 152 49.96 -63.21 -6.28
C LEU T 152 49.19 -62.60 -7.42
N ALA T 153 47.86 -62.80 -7.44
CA ALA T 153 47.04 -62.29 -8.53
C ALA T 153 47.08 -60.77 -8.60
N MET T 154 47.06 -60.12 -7.44
CA MET T 154 47.06 -58.65 -7.42
C MET T 154 48.33 -58.09 -8.03
N MET T 155 49.48 -58.74 -7.78
CA MET T 155 50.70 -58.34 -8.46
C MET T 155 50.60 -58.58 -9.96
N ALA T 156 50.00 -59.71 -10.35
CA ALA T 156 49.94 -60.08 -11.76
C ALA T 156 49.00 -59.17 -12.54
N ILE T 157 47.78 -58.96 -12.02
CA ILE T 157 46.80 -58.16 -12.75
C ILE T 157 47.26 -56.72 -12.88
N THR T 158 47.94 -56.20 -11.85
CA THR T 158 48.57 -54.90 -11.97
C THR T 158 49.65 -54.91 -13.06
N GLY T 159 50.32 -56.05 -13.23
CA GLY T 159 51.24 -56.20 -14.33
C GLY T 159 50.55 -56.21 -15.67
N MET T 160 49.60 -57.13 -15.87
CA MET T 160 48.97 -57.32 -17.16
C MET T 160 48.35 -56.02 -17.68
N VAL T 161 47.64 -55.30 -16.81
CA VAL T 161 47.09 -54.00 -17.20
C VAL T 161 48.21 -53.03 -17.57
N PHE T 162 49.28 -53.03 -16.79
CA PHE T 162 50.43 -52.18 -17.12
C PHE T 162 51.07 -52.61 -18.44
N GLN T 163 51.16 -53.92 -18.68
CA GLN T 163 51.70 -54.40 -19.96
C GLN T 163 50.85 -53.91 -21.12
N ASN T 164 49.53 -53.98 -20.98
CA ASN T 164 48.64 -53.49 -22.04
C ASN T 164 48.77 -51.98 -22.21
N GLY T 165 48.99 -51.26 -21.11
CA GLY T 165 49.08 -49.82 -21.19
C GLY T 165 50.27 -49.34 -22.00
N ILE T 166 51.37 -50.10 -22.00
CA ILE T 166 52.59 -49.70 -22.67
C ILE T 166 52.66 -50.35 -24.05
N THR T 167 52.60 -51.68 -24.09
CA THR T 167 52.70 -52.39 -25.37
C THR T 167 51.53 -52.05 -26.28
N GLY T 168 50.33 -51.95 -25.72
CA GLY T 168 49.17 -51.57 -26.50
C GLY T 168 48.40 -52.70 -27.14
N THR T 169 48.46 -53.89 -26.56
CA THR T 169 47.75 -55.04 -27.10
C THR T 169 47.54 -56.06 -25.98
N THR T 170 47.11 -57.26 -26.35
CA THR T 170 47.03 -58.39 -25.43
C THR T 170 47.70 -59.63 -25.99
N GLY T 171 48.45 -59.50 -27.10
CA GLY T 171 49.07 -60.62 -27.74
C GLY T 171 50.43 -60.97 -27.19
N PRO T 172 51.29 -61.57 -28.03
CA PRO T 172 52.60 -62.02 -27.53
C PRO T 172 53.47 -60.91 -26.98
N GLU T 173 53.43 -59.71 -27.56
CA GLU T 173 54.29 -58.63 -27.09
C GLU T 173 53.91 -58.21 -25.67
N MET T 174 52.61 -58.19 -25.37
CA MET T 174 52.18 -57.77 -24.04
C MET T 174 52.73 -58.68 -22.95
N TRP T 175 52.98 -59.95 -23.28
CA TRP T 175 53.56 -60.92 -22.35
C TRP T 175 54.74 -61.57 -23.05
N ALA T 176 55.91 -60.96 -22.92
CA ALA T 176 57.12 -61.43 -23.60
C ALA T 176 57.46 -62.88 -23.23
N PHE U 1 22.60 -86.29 8.67
CA PHE U 1 21.66 -87.34 8.33
C PHE U 1 22.33 -88.41 7.46
N GLU U 2 22.35 -89.65 7.95
CA GLU U 2 22.96 -90.74 7.22
C GLU U 2 22.16 -92.03 7.28
N SER U 3 20.91 -92.00 7.72
CA SER U 3 20.16 -93.23 7.93
C SER U 3 18.72 -93.14 7.43
N GLU U 4 18.46 -92.39 6.36
CA GLU U 4 17.11 -92.22 5.85
C GLU U 4 16.84 -93.24 4.74
N LEU U 5 15.73 -93.07 4.03
CA LEU U 5 15.30 -94.04 3.03
C LEU U 5 16.16 -94.02 1.77
N GLY U 6 17.03 -93.02 1.62
CA GLY U 6 17.76 -92.87 0.37
C GLY U 6 18.96 -93.80 0.21
N VAL U 7 19.59 -94.17 1.33
CA VAL U 7 20.79 -95.01 1.27
C VAL U 7 20.34 -96.44 1.00
N GLN U 8 20.45 -96.87 -0.26
CA GLN U 8 19.94 -98.20 -0.63
C GLN U 8 20.96 -99.30 -0.33
N ALA U 9 22.10 -99.28 -1.04
CA ALA U 9 23.15 -100.30 -0.95
C ALA U 9 24.28 -100.05 -1.96
N PRO U 10 24.01 -99.94 -3.26
CA PRO U 10 25.13 -99.80 -4.22
C PRO U 10 26.01 -98.59 -3.96
N THR U 11 25.42 -97.49 -3.46
CA THR U 11 26.17 -96.36 -2.98
C THR U 11 25.70 -96.03 -1.57
N GLY U 12 26.62 -95.56 -0.74
CA GLY U 12 26.27 -95.19 0.62
C GLY U 12 25.63 -93.82 0.67
N PHE U 13 26.05 -92.99 1.63
CA PHE U 13 25.55 -91.63 1.68
C PHE U 13 26.18 -90.81 0.56
N TRP U 14 25.57 -90.86 -0.62
CA TRP U 14 26.17 -90.30 -1.83
C TRP U 14 25.89 -88.81 -1.86
N ASP U 15 26.79 -88.02 -1.26
CA ASP U 15 26.76 -86.56 -1.33
C ASP U 15 28.15 -86.06 -1.70
N PRO U 16 28.59 -86.30 -2.94
CA PRO U 16 29.94 -85.83 -3.34
C PRO U 16 30.15 -84.34 -3.23
N LEU U 17 29.12 -83.54 -3.51
CA LEU U 17 29.26 -82.09 -3.54
C LEU U 17 29.00 -81.43 -2.19
N GLY U 18 28.77 -82.21 -1.14
CA GLY U 18 28.65 -81.68 0.19
C GLY U 18 27.44 -80.80 0.44
N PHE U 19 26.27 -81.21 -0.03
CA PHE U 19 25.04 -80.54 0.36
C PHE U 19 24.59 -80.90 1.77
N ALA U 20 25.22 -81.91 2.39
CA ALA U 20 24.84 -82.37 3.72
C ALA U 20 25.78 -81.91 4.82
N LYS U 21 27.00 -81.48 4.48
CA LYS U 21 27.87 -80.88 5.49
C LYS U 21 27.23 -79.66 6.11
N ASP U 22 26.37 -78.96 5.37
CA ASP U 22 25.60 -77.84 5.86
C ASP U 22 24.10 -78.05 5.74
N GLY U 23 23.66 -79.18 5.18
CA GLY U 23 22.25 -79.46 5.06
C GLY U 23 21.55 -79.56 6.39
N SER U 24 20.71 -78.57 6.70
CA SER U 24 19.99 -78.59 7.97
C SER U 24 18.99 -79.73 7.98
N MET U 25 18.52 -80.06 9.18
CA MET U 25 17.63 -81.20 9.34
C MET U 25 16.32 -80.98 8.58
N LYS U 26 15.78 -79.76 8.64
CA LYS U 26 14.61 -79.45 7.84
C LYS U 26 14.95 -79.35 6.36
N ALA U 27 16.18 -78.95 6.04
CA ALA U 27 16.58 -78.86 4.64
C ALA U 27 16.60 -80.22 3.98
N PHE U 28 16.97 -81.26 4.73
CA PHE U 28 16.89 -82.63 4.20
C PHE U 28 15.47 -82.95 3.79
N LYS U 29 14.51 -82.74 4.68
CA LYS U 29 13.11 -83.03 4.37
C LYS U 29 12.61 -82.17 3.23
N ARG U 30 12.99 -80.90 3.22
CA ARG U 30 12.65 -80.02 2.10
C ARG U 30 13.24 -80.56 0.80
N ARG U 31 14.53 -80.91 0.81
CA ARG U 31 15.14 -81.50 -0.38
C ARG U 31 14.62 -82.90 -0.63
N ARG U 32 14.30 -83.65 0.42
CA ARG U 32 13.65 -84.95 0.24
C ARG U 32 12.28 -84.77 -0.40
N ALA U 33 11.51 -83.78 0.07
CA ALA U 33 10.23 -83.48 -0.56
C ALA U 33 10.43 -83.10 -2.02
N SER U 34 11.50 -82.37 -2.32
CA SER U 34 11.84 -82.07 -3.71
C SER U 34 12.20 -83.36 -4.47
N GLU U 35 12.96 -84.25 -3.83
CA GLU U 35 13.35 -85.48 -4.49
C GLU U 35 12.15 -86.39 -4.75
N ILE U 36 11.29 -86.56 -3.74
CA ILE U 36 10.11 -87.40 -3.91
C ILE U 36 9.19 -86.83 -4.98
N LYS U 37 8.96 -85.52 -4.95
CA LYS U 37 8.12 -84.89 -5.95
C LYS U 37 8.74 -85.00 -7.34
N HIS U 38 10.07 -84.80 -7.44
CA HIS U 38 10.75 -84.94 -8.72
C HIS U 38 10.66 -86.37 -9.24
N GLY U 39 10.89 -87.34 -8.36
CA GLY U 39 10.86 -88.72 -8.80
C GLY U 39 9.49 -89.17 -9.26
N ARG U 40 8.44 -88.78 -8.53
CA ARG U 40 7.09 -89.15 -8.90
C ARG U 40 6.69 -88.53 -10.23
N ILE U 41 7.09 -87.27 -10.46
CA ILE U 41 6.84 -86.65 -11.76
C ILE U 41 7.57 -87.40 -12.87
N ALA U 42 8.83 -87.77 -12.61
CA ALA U 42 9.62 -88.46 -13.63
C ALA U 42 9.01 -89.81 -13.99
N MET U 43 8.53 -90.56 -13.00
CA MET U 43 7.86 -91.83 -13.28
C MET U 43 6.63 -91.60 -14.15
N LEU U 44 5.83 -90.59 -13.82
CA LEU U 44 4.69 -90.25 -14.66
C LEU U 44 5.15 -89.73 -16.02
N ALA U 45 6.22 -88.94 -16.04
CA ALA U 45 6.74 -88.44 -17.31
C ALA U 45 7.24 -89.57 -18.19
N THR U 46 8.00 -90.51 -17.61
CA THR U 46 8.54 -91.62 -18.40
C THR U 46 7.41 -92.47 -18.98
N MET U 47 6.43 -92.78 -18.15
CA MET U 47 5.36 -93.61 -18.63
C MET U 47 4.76 -92.85 -19.76
N GLY U 48 4.57 -91.55 -19.57
CA GLY U 48 3.99 -90.70 -20.60
C GLY U 48 4.67 -90.64 -21.95
N TYR U 49 5.82 -91.26 -22.11
CA TYR U 49 6.48 -91.31 -23.41
C TYR U 49 6.59 -92.76 -23.91
N ILE U 50 6.96 -93.69 -23.05
CA ILE U 50 7.10 -95.08 -23.46
C ILE U 50 5.75 -95.73 -23.73
N THR U 51 4.69 -95.28 -23.06
CA THR U 51 3.38 -95.89 -23.27
C THR U 51 2.72 -95.45 -24.57
N PRO U 52 2.75 -94.17 -24.96
CA PRO U 52 2.22 -93.82 -26.29
C PRO U 52 3.05 -94.35 -27.44
N GLU U 53 4.27 -94.84 -27.19
CA GLU U 53 5.08 -95.39 -28.26
C GLU U 53 4.61 -96.80 -28.64
N ILE U 54 4.51 -97.69 -27.67
CA ILE U 54 4.02 -99.05 -27.94
C ILE U 54 2.50 -99.04 -28.11
N THR U 55 1.78 -98.64 -27.08
CA THR U 55 0.34 -98.46 -27.20
C THR U 55 0.06 -97.23 -28.05
N GLY U 56 -0.86 -97.37 -29.00
CA GLY U 56 -1.15 -96.27 -29.90
C GLY U 56 -1.73 -95.07 -29.17
N LYS U 57 -1.73 -93.94 -29.87
CA LYS U 57 -2.26 -92.71 -29.30
C LYS U 57 -3.73 -92.87 -28.97
N PHE U 58 -4.19 -92.10 -27.99
CA PHE U 58 -5.55 -92.17 -27.45
C PHE U 58 -6.59 -92.25 -28.55
N PRO U 59 -7.45 -93.27 -28.53
CA PRO U 59 -8.62 -93.25 -29.42
C PRO U 59 -9.62 -92.23 -28.95
N GLY U 60 -9.70 -91.10 -29.66
CA GLY U 60 -10.52 -89.99 -29.19
C GLY U 60 -10.29 -88.76 -30.04
N TYR U 61 -10.54 -87.59 -29.43
CA TYR U 61 -10.49 -86.34 -30.17
C TYR U 61 -9.77 -85.21 -29.43
N LEU U 62 -9.30 -85.44 -28.20
CA LEU U 62 -8.50 -84.48 -27.44
C LEU U 62 -9.16 -83.12 -27.31
N SER U 63 -9.33 -82.41 -28.43
CA SER U 63 -10.06 -81.15 -28.45
C SER U 63 -11.26 -81.30 -29.36
N PRO U 64 -12.49 -81.33 -28.82
CA PRO U 64 -13.66 -81.55 -29.68
C PRO U 64 -13.91 -80.45 -30.70
N SER U 65 -13.10 -79.39 -30.71
CA SER U 65 -13.29 -78.29 -31.64
C SER U 65 -12.14 -78.09 -32.62
N THR U 66 -10.95 -78.61 -32.31
CA THR U 66 -9.77 -78.33 -33.15
C THR U 66 -9.09 -79.61 -33.63
N LEU U 67 -9.87 -80.67 -33.86
CA LEU U 67 -9.48 -81.86 -34.62
C LEU U 67 -8.09 -82.37 -34.24
N LEU U 68 -7.99 -82.86 -33.01
CA LEU U 68 -6.76 -83.45 -32.49
C LEU U 68 -6.99 -84.93 -32.22
N LYS U 69 -6.69 -85.77 -33.22
CA LYS U 69 -6.87 -87.21 -33.11
C LYS U 69 -5.77 -87.88 -32.28
N TYR U 70 -4.93 -87.10 -31.58
CA TYR U 70 -3.81 -87.57 -30.78
C TYR U 70 -2.68 -88.10 -31.66
N ASP U 71 -2.92 -88.17 -32.97
CA ASP U 71 -1.93 -88.67 -33.90
C ASP U 71 -1.12 -87.55 -34.56
N ASP U 72 -1.73 -86.37 -34.72
CA ASP U 72 -0.99 -85.20 -35.17
C ASP U 72 -0.08 -84.64 -34.09
N ILE U 73 -0.28 -85.02 -32.83
CA ILE U 73 0.58 -84.60 -31.74
C ILE U 73 1.66 -85.68 -31.56
N PRO U 74 2.92 -85.38 -31.82
CA PRO U 74 3.97 -86.38 -31.68
C PRO U 74 4.30 -86.66 -30.22
N ASN U 75 4.75 -87.88 -29.97
CA ASN U 75 5.21 -88.28 -28.63
C ASN U 75 6.63 -87.76 -28.43
N GLY U 76 6.78 -86.74 -27.61
CA GLY U 76 8.07 -86.16 -27.31
C GLY U 76 8.00 -84.65 -27.30
N LEU U 77 9.17 -84.03 -27.25
CA LEU U 77 9.25 -82.57 -27.32
C LEU U 77 8.71 -82.09 -28.66
N GLY U 78 8.11 -80.89 -28.64
CA GLY U 78 7.34 -80.38 -29.74
C GLY U 78 5.84 -80.61 -29.59
N ALA U 79 5.45 -81.58 -28.77
CA ALA U 79 4.05 -81.75 -28.43
C ALA U 79 3.54 -80.61 -27.55
N ILE U 80 4.45 -79.87 -26.92
CA ILE U 80 4.05 -78.71 -26.12
C ILE U 80 3.36 -77.67 -26.98
N SER U 81 3.81 -77.51 -28.23
CA SER U 81 3.17 -76.59 -29.16
C SER U 81 2.01 -77.23 -29.93
N LYS U 82 1.81 -78.54 -29.79
CA LYS U 82 0.71 -79.22 -30.47
C LYS U 82 -0.52 -79.36 -29.57
N VAL U 83 -0.31 -79.75 -28.32
CA VAL U 83 -1.41 -79.82 -27.35
C VAL U 83 -1.94 -78.41 -27.11
N PRO U 84 -3.25 -78.20 -27.02
CA PRO U 84 -3.76 -76.83 -26.83
C PRO U 84 -3.28 -76.23 -25.52
N ALA U 85 -3.14 -74.91 -25.53
CA ALA U 85 -2.76 -74.19 -24.31
C ALA U 85 -3.78 -74.40 -23.19
N LEU U 86 -5.04 -74.69 -23.53
CA LEU U 86 -6.05 -74.93 -22.51
C LEU U 86 -5.93 -76.35 -21.95
N GLY U 87 -5.76 -77.35 -22.81
CA GLY U 87 -5.37 -78.66 -22.33
C GLY U 87 -4.06 -78.59 -21.57
N TRP U 88 -3.20 -77.65 -21.95
CA TRP U 88 -2.03 -77.33 -21.14
C TRP U 88 -2.43 -76.55 -19.88
N ALA U 89 -3.37 -75.62 -20.00
CA ALA U 89 -3.86 -74.91 -18.83
C ALA U 89 -4.58 -75.85 -17.87
N GLN U 90 -5.37 -76.78 -18.42
CA GLN U 90 -6.17 -77.67 -17.56
C GLN U 90 -5.29 -78.67 -16.82
N ILE U 91 -4.21 -79.16 -17.45
CA ILE U 91 -3.28 -80.00 -16.71
C ILE U 91 -2.49 -79.16 -15.71
N PHE U 92 -2.18 -77.91 -16.07
CA PHE U 92 -1.56 -77.00 -15.11
C PHE U 92 -2.48 -76.77 -13.91
N VAL U 93 -3.77 -76.60 -14.17
CA VAL U 93 -4.73 -76.41 -13.08
C VAL U 93 -4.83 -77.66 -12.22
N TYR U 94 -4.91 -78.84 -12.85
CA TYR U 94 -5.03 -80.07 -12.09
C TYR U 94 -3.80 -80.29 -11.21
N CYS U 95 -2.61 -80.09 -11.77
CA CYS U 95 -1.40 -80.14 -10.96
C CYS U 95 -1.36 -78.99 -9.96
N GLY U 96 -1.99 -77.86 -10.30
CA GLY U 96 -2.05 -76.75 -9.37
C GLY U 96 -2.78 -77.10 -8.10
N TYR U 97 -3.92 -77.79 -8.21
CA TYR U 97 -4.64 -78.21 -7.01
C TYR U 97 -3.84 -79.24 -6.22
N ALA U 98 -3.28 -80.24 -6.92
CA ALA U 98 -2.64 -81.37 -6.25
C ALA U 98 -1.59 -80.93 -5.24
N GLU U 99 -1.15 -79.67 -5.30
CA GLU U 99 -0.30 -79.08 -4.29
C GLU U 99 -1.03 -78.06 -3.42
N LEU U 100 -2.10 -77.43 -3.96
CA LEU U 100 -2.95 -76.54 -3.17
C LEU U 100 -4.04 -77.29 -2.43
N SER U 101 -3.87 -78.62 -2.43
CA SER U 101 -4.66 -79.55 -1.61
C SER U 101 -4.11 -79.53 -0.19
N GLN U 102 -4.41 -80.57 0.58
CA GLN U 102 -3.77 -80.80 1.86
C GLN U 102 -2.29 -80.41 1.79
N ASP U 103 -1.90 -79.50 2.67
CA ASP U 103 -0.69 -78.71 2.43
C ASP U 103 0.58 -79.55 2.56
N GLN U 104 1.58 -79.17 1.79
CA GLN U 104 2.94 -79.70 1.91
C GLN U 104 3.89 -78.66 2.49
N THR U 105 3.38 -77.77 3.34
CA THR U 105 4.20 -76.77 3.98
C THR U 105 5.21 -77.44 4.91
N PRO U 106 6.35 -76.77 5.18
CA PRO U 106 7.36 -77.38 6.06
C PRO U 106 6.79 -77.82 7.41
N GLY U 107 6.97 -79.11 7.73
CA GLY U 107 6.44 -79.70 8.92
C GLY U 107 5.10 -80.39 8.75
N SER U 108 4.36 -80.06 7.68
CA SER U 108 3.08 -80.69 7.42
C SER U 108 3.28 -82.14 6.96
N PRO U 109 2.26 -82.98 7.08
CA PRO U 109 2.39 -84.36 6.58
C PRO U 109 2.65 -84.43 5.08
N GLY U 110 2.30 -83.40 4.32
CA GLY U 110 2.63 -83.36 2.91
C GLY U 110 4.07 -83.02 2.59
N ALA U 111 4.86 -82.66 3.60
CA ALA U 111 6.23 -82.22 3.39
C ALA U 111 7.24 -83.35 3.38
N GLU U 112 6.83 -84.58 3.68
CA GLU U 112 7.72 -85.73 3.61
C GLU U 112 7.30 -86.71 2.52
N GLY U 113 6.53 -86.25 1.53
CA GLY U 113 6.06 -87.11 0.47
C GLY U 113 4.78 -87.86 0.77
N ASN U 114 4.20 -87.67 1.95
CA ASN U 114 2.96 -88.33 2.32
C ASN U 114 1.77 -87.47 1.88
N PHE U 115 0.89 -88.04 1.07
CA PHE U 115 -0.30 -87.33 0.60
C PHE U 115 -1.58 -88.12 0.75
N GLY U 116 -1.54 -89.44 0.84
CA GLY U 116 -2.75 -90.21 1.05
C GLY U 116 -3.15 -91.10 -0.11
N PHE U 117 -2.17 -91.54 -0.90
CA PHE U 117 -2.45 -92.46 -2.00
C PHE U 117 -2.75 -93.86 -1.47
N LYS U 118 -1.77 -94.46 -0.78
CA LYS U 118 -1.93 -95.76 -0.13
C LYS U 118 -2.43 -96.83 -1.09
N VAL U 119 -1.89 -96.84 -2.30
CA VAL U 119 -2.19 -97.93 -3.24
C VAL U 119 -1.54 -99.22 -2.75
N LEU U 120 -0.34 -99.13 -2.22
CA LEU U 120 0.42 -100.27 -1.71
C LEU U 120 0.74 -99.97 -0.25
N THR U 121 -0.17 -100.32 0.64
CA THR U 121 0.02 -100.22 2.08
C THR U 121 0.10 -101.63 2.63
N SER U 122 1.30 -102.20 2.59
CA SER U 122 1.52 -103.51 3.18
C SER U 122 1.37 -103.42 4.69
N SER U 123 0.88 -104.50 5.30
CA SER U 123 0.55 -104.47 6.72
C SER U 123 1.81 -104.51 7.56
N ASP U 124 2.64 -103.47 7.44
CA ASP U 124 3.90 -103.26 8.15
C ASP U 124 4.73 -104.54 8.28
N PRO U 125 4.98 -105.30 7.18
CA PRO U 125 5.79 -106.51 7.27
C PRO U 125 7.27 -106.23 7.02
N ASP U 126 7.83 -105.25 7.74
CA ASP U 126 9.17 -104.75 7.48
C ASP U 126 9.33 -104.33 6.01
N SER U 127 8.24 -103.84 5.42
CA SER U 127 8.21 -103.46 4.03
C SER U 127 7.91 -101.99 3.81
N LEU U 128 7.61 -101.24 4.87
CA LEU U 128 7.38 -99.81 4.70
C LEU U 128 8.65 -99.12 4.22
N GLU U 129 9.82 -99.56 4.69
CA GLU U 129 11.07 -99.05 4.16
C GLU U 129 11.31 -99.57 2.74
N LYS U 130 10.87 -100.79 2.44
CA LYS U 130 11.04 -101.33 1.11
C LYS U 130 10.29 -100.51 0.07
N LYS U 131 9.00 -100.28 0.30
CA LYS U 131 8.21 -99.50 -0.63
C LYS U 131 8.70 -98.06 -0.70
N LEU U 132 9.07 -97.47 0.44
CA LEU U 132 9.59 -96.11 0.44
C LEU U 132 10.89 -96.03 -0.34
N ALA U 133 11.85 -96.91 -0.02
CA ALA U 133 13.15 -96.87 -0.69
C ALA U 133 13.00 -97.18 -2.18
N SER U 134 12.10 -98.10 -2.55
CA SER U 134 11.89 -98.40 -3.95
C SER U 134 11.36 -97.18 -4.70
N GLU U 135 10.43 -96.44 -4.09
CA GLU U 135 9.90 -95.25 -4.74
C GLU U 135 10.98 -94.19 -4.93
N ILE U 136 11.84 -94.00 -3.91
CA ILE U 136 12.92 -93.04 -4.04
C ILE U 136 13.93 -93.50 -5.08
N ALA U 137 14.33 -94.77 -5.02
CA ALA U 137 15.32 -95.29 -5.95
C ALA U 137 14.81 -95.27 -7.39
N ASN U 138 13.55 -95.68 -7.59
CA ASN U 138 12.97 -95.63 -8.92
C ASN U 138 12.84 -94.18 -9.42
N GLY U 139 12.47 -93.27 -8.53
CA GLY U 139 12.40 -91.86 -8.92
C GLY U 139 13.76 -91.33 -9.35
N ARG U 140 14.82 -91.72 -8.64
CA ARG U 140 16.17 -91.37 -9.07
C ARG U 140 16.49 -91.94 -10.43
N LEU U 141 16.12 -93.21 -10.66
CA LEU U 141 16.31 -93.82 -11.97
C LEU U 141 15.45 -93.13 -13.01
N ALA U 142 14.20 -92.81 -12.66
CA ALA U 142 13.29 -92.19 -13.62
C ALA U 142 13.77 -90.81 -14.05
N MET U 143 14.31 -90.03 -13.11
CA MET U 143 14.84 -88.71 -13.46
C MET U 143 16.00 -88.84 -14.44
N MET U 144 16.94 -89.75 -14.15
CA MET U 144 18.06 -89.97 -15.07
C MET U 144 17.56 -90.52 -16.40
N ALA U 145 16.60 -91.43 -16.35
CA ALA U 145 16.04 -91.98 -17.59
C ALA U 145 15.35 -90.90 -18.41
N PHE U 146 14.62 -90.00 -17.76
CA PHE U 146 13.91 -88.95 -18.48
C PHE U 146 14.89 -87.99 -19.17
N THR U 147 15.92 -87.54 -18.45
CA THR U 147 16.85 -86.57 -19.01
C THR U 147 17.55 -87.15 -20.24
N GLY U 148 17.96 -88.43 -20.15
CA GLY U 148 18.43 -89.10 -21.35
C GLY U 148 17.38 -89.18 -22.42
N MET U 149 16.14 -89.51 -22.02
CA MET U 149 15.04 -89.59 -22.98
C MET U 149 14.77 -88.22 -23.61
N ALA U 150 14.83 -87.16 -22.80
CA ALA U 150 14.67 -85.81 -23.35
C ALA U 150 15.80 -85.49 -24.33
N THR U 151 17.03 -85.86 -23.99
CA THR U 151 18.14 -85.69 -24.92
C THR U 151 18.01 -86.61 -26.12
N GLN U 152 17.45 -87.81 -25.93
CA GLN U 152 17.19 -88.69 -27.06
C GLN U 152 16.21 -88.05 -28.03
N ASP U 153 15.12 -87.49 -27.51
CA ASP U 153 14.10 -86.90 -28.36
C ASP U 153 14.59 -85.61 -29.00
N GLY U 154 15.51 -84.90 -28.36
CA GLY U 154 16.00 -83.65 -28.89
C GLY U 154 17.14 -83.79 -29.87
N LEU U 155 18.23 -84.44 -29.44
CA LEU U 155 19.43 -84.51 -30.28
C LEU U 155 19.18 -85.31 -31.55
N THR U 156 18.48 -86.45 -31.44
CA THR U 156 18.14 -87.18 -32.66
C THR U 156 17.16 -86.38 -33.47
N GLY U 157 16.16 -85.81 -32.82
CA GLY U 157 15.16 -85.06 -33.55
C GLY U 157 13.75 -85.41 -33.16
N SER U 158 13.44 -86.70 -33.00
CA SER U 158 12.07 -87.12 -32.69
C SER U 158 12.11 -88.45 -31.95
N ALA U 159 11.22 -88.59 -30.97
CA ALA U 159 11.00 -89.84 -30.24
C ALA U 159 12.29 -90.40 -29.66
N TRP U 160 12.79 -91.49 -30.24
CA TRP U 160 14.00 -92.13 -29.75
C TRP U 160 15.06 -92.19 -30.85
N ARG V 1 -7.55 -70.89 16.25
CA ARG V 1 -6.54 -70.61 15.23
C ARG V 1 -5.15 -70.49 15.85
N GLU V 2 -5.05 -69.70 16.91
CA GLU V 2 -3.84 -69.47 17.70
C GLU V 2 -2.87 -68.54 16.97
N ALA V 3 -2.04 -69.10 16.09
CA ALA V 3 -1.04 -68.31 15.39
C ALA V 3 -1.64 -67.44 14.29
N PRO V 4 -2.62 -67.93 13.49
CA PRO V 4 -3.27 -67.03 12.52
C PRO V 4 -4.03 -65.87 13.15
N LYS V 5 -4.04 -65.79 14.48
CA LYS V 5 -4.65 -64.64 15.13
C LYS V 5 -3.81 -63.38 14.96
N VAL V 6 -2.53 -63.51 14.63
CA VAL V 6 -1.69 -62.34 14.42
C VAL V 6 -2.05 -61.62 13.12
N LEU V 7 -2.60 -62.32 12.14
CA LEU V 7 -3.13 -61.72 10.93
C LEU V 7 -4.65 -61.90 10.88
N ALA V 8 -5.31 -61.80 12.02
CA ALA V 8 -6.74 -61.99 12.11
C ALA V 8 -7.47 -60.67 11.88
N GLY V 9 -8.71 -60.79 11.41
CA GLY V 9 -9.51 -59.61 11.13
C GLY V 9 -8.90 -58.71 10.07
N THR V 10 -8.24 -59.30 9.08
CA THR V 10 -7.55 -58.51 8.08
C THR V 10 -7.69 -59.05 6.66
N GLY V 11 -8.49 -60.09 6.42
CA GLY V 11 -8.68 -60.61 5.09
C GLY V 11 -10.10 -61.03 4.81
N GLY V 12 -10.29 -61.95 3.87
CA GLY V 12 -11.61 -62.45 3.54
C GLY V 12 -12.45 -61.42 2.81
N PRO V 13 -13.60 -61.86 2.27
CA PRO V 13 -14.54 -60.87 1.70
C PRO V 13 -14.93 -59.81 2.70
N LEU V 14 -15.50 -60.22 3.83
CA LEU V 14 -15.69 -59.38 5.00
C LEU V 14 -14.43 -59.41 5.86
N PRO V 15 -14.13 -58.34 6.58
CA PRO V 15 -12.77 -58.18 7.15
C PRO V 15 -12.37 -59.28 8.12
N GLU V 16 -13.31 -59.99 8.72
CA GLU V 16 -12.96 -60.96 9.76
C GLU V 16 -13.24 -62.39 9.33
N SER V 17 -12.90 -62.71 8.07
CA SER V 17 -13.12 -64.05 7.52
C SER V 17 -11.77 -64.61 7.07
N PHE V 18 -11.17 -65.46 7.90
CA PHE V 18 -9.93 -66.12 7.51
C PHE V 18 -10.23 -67.10 6.39
N TRP V 19 -9.84 -66.76 5.15
CA TRP V 19 -10.31 -67.52 4.00
C TRP V 19 -9.59 -68.85 3.87
N ASP V 20 -8.28 -68.82 3.56
CA ASP V 20 -7.36 -69.95 3.48
C ASP V 20 -8.04 -71.25 3.08
N PRO V 21 -8.61 -71.37 1.88
CA PRO V 21 -9.23 -72.64 1.52
C PRO V 21 -8.22 -73.63 0.95
N ALA V 22 -7.02 -73.65 1.52
CA ALA V 22 -6.02 -74.63 1.19
C ALA V 22 -5.19 -75.08 2.38
N GLY V 23 -5.47 -74.57 3.58
CA GLY V 23 -4.65 -74.89 4.73
C GLY V 23 -3.22 -74.40 4.64
N PHE V 24 -2.97 -73.36 3.85
CA PHE V 24 -1.60 -72.86 3.69
C PHE V 24 -1.05 -72.24 4.97
N THR V 25 -1.93 -71.85 5.91
CA THR V 25 -1.50 -71.19 7.13
C THR V 25 -1.52 -72.10 8.35
N ASN V 26 -2.45 -73.06 8.41
CA ASN V 26 -2.51 -73.94 9.56
C ASN V 26 -1.22 -74.74 9.66
N ASN V 27 -0.80 -75.01 10.90
CA ASN V 27 0.44 -75.71 11.24
C ASN V 27 1.66 -74.82 11.02
N LYS V 28 1.46 -73.63 10.45
CA LYS V 28 2.58 -72.71 10.28
C LYS V 28 2.72 -71.82 11.51
N THR V 29 3.95 -71.42 11.80
CA THR V 29 4.27 -70.68 13.00
C THR V 29 3.97 -69.19 12.82
N ASP V 30 4.02 -68.46 13.94
CA ASP V 30 3.64 -67.05 13.93
C ASP V 30 4.55 -66.23 13.03
N GLU V 31 5.86 -66.46 13.09
CA GLU V 31 6.78 -65.72 12.25
C GLU V 31 6.57 -66.04 10.78
N GLU V 32 6.29 -67.30 10.46
CA GLU V 32 6.02 -67.67 9.07
C GLU V 32 4.76 -66.98 8.56
N LEU V 33 3.72 -66.91 9.39
CA LEU V 33 2.49 -66.24 8.99
C LEU V 33 2.73 -64.74 8.77
N LEU V 34 3.51 -64.13 9.65
CA LEU V 34 3.86 -62.72 9.47
C LEU V 34 4.68 -62.53 8.20
N PHE V 35 5.61 -63.44 7.93
CA PHE V 35 6.39 -63.36 6.69
C PHE V 35 5.52 -63.58 5.47
N TYR V 36 4.49 -64.43 5.58
CA TYR V 36 3.57 -64.62 4.46
C TYR V 36 2.81 -63.35 4.16
N ARG V 37 2.40 -62.60 5.20
CA ARG V 37 1.75 -61.31 4.98
C ARG V 37 2.71 -60.31 4.37
N ALA V 38 3.97 -60.29 4.83
CA ALA V 38 4.94 -59.38 4.26
C ALA V 38 5.10 -59.61 2.76
N ALA V 39 5.03 -60.88 2.33
CA ALA V 39 5.02 -61.18 0.91
C ALA V 39 3.74 -60.69 0.25
N GLU V 40 2.60 -60.83 0.93
CA GLU V 40 1.32 -60.44 0.35
C GLU V 40 1.26 -58.93 0.13
N LEU V 41 1.61 -58.15 1.16
CA LEU V 41 1.52 -56.71 1.06
C LEU V 41 2.52 -56.18 0.02
N LYS V 42 3.73 -56.75 -0.01
CA LYS V 42 4.73 -56.29 -0.97
C LYS V 42 4.30 -56.56 -2.39
N HIS V 43 3.72 -57.75 -2.64
CA HIS V 43 3.18 -58.04 -3.96
C HIS V 43 2.06 -57.07 -4.30
N GLY V 44 1.15 -56.84 -3.34
CA GLY V 44 0.02 -55.99 -3.61
C GLY V 44 0.39 -54.53 -3.82
N ARG V 45 1.33 -54.02 -3.02
CA ARG V 45 1.77 -52.63 -3.18
C ARG V 45 2.41 -52.42 -4.54
N ILE V 46 3.22 -53.39 -4.99
CA ILE V 46 3.78 -53.30 -6.33
C ILE V 46 2.69 -53.47 -7.38
N ALA V 47 1.74 -54.36 -7.13
CA ALA V 47 0.65 -54.58 -8.08
C ALA V 47 -0.18 -53.31 -8.27
N MET V 48 -0.46 -52.58 -7.18
CA MET V 48 -1.20 -51.33 -7.29
C MET V 48 -0.46 -50.34 -8.17
N ALA V 49 0.83 -50.15 -7.93
CA ALA V 49 1.62 -49.28 -8.78
C ALA V 49 1.76 -49.86 -10.18
N ALA V 50 1.84 -51.18 -10.30
CA ALA V 50 1.94 -51.80 -11.63
C ALA V 50 0.71 -51.51 -12.46
N VAL V 51 -0.48 -51.63 -11.87
CA VAL V 51 -1.71 -51.36 -12.60
C VAL V 51 -1.79 -49.89 -12.99
N VAL V 52 -1.44 -48.99 -12.06
CA VAL V 52 -1.42 -47.56 -12.38
C VAL V 52 -0.40 -47.27 -13.46
N GLY V 53 0.78 -47.86 -13.35
CA GLY V 53 1.79 -47.67 -14.38
C GLY V 53 1.36 -48.24 -15.72
N TRP V 54 0.62 -49.35 -15.69
CA TRP V 54 0.12 -49.92 -16.94
C TRP V 54 -0.85 -48.97 -17.63
N PHE V 55 -1.74 -48.34 -16.86
CA PHE V 55 -2.78 -47.50 -17.46
C PHE V 55 -2.24 -46.16 -17.94
N THR V 56 -1.33 -45.54 -17.17
CA THR V 56 -0.72 -44.30 -17.64
C THR V 56 0.23 -44.54 -18.81
N ASN V 57 0.56 -45.79 -19.11
CA ASN V 57 1.40 -46.13 -20.25
C ASN V 57 0.61 -46.69 -21.42
N ALA V 58 -0.52 -47.33 -21.16
CA ALA V 58 -1.37 -47.84 -22.24
C ALA V 58 -2.29 -46.78 -22.82
N SER V 59 -2.31 -45.58 -22.24
CA SER V 59 -3.12 -44.50 -22.76
C SER V 59 -2.35 -43.55 -23.67
N GLY V 60 -1.02 -43.54 -23.58
CA GLY V 60 -0.22 -42.72 -24.48
C GLY V 60 0.75 -41.79 -23.78
N PHE V 61 1.00 -42.02 -22.50
CA PHE V 61 1.89 -41.16 -21.70
C PHE V 61 3.12 -41.97 -21.31
N HIS V 62 4.12 -41.97 -22.18
CA HIS V 62 5.41 -42.60 -21.93
C HIS V 62 6.53 -41.61 -22.23
N TYR V 63 6.43 -40.42 -21.66
CA TYR V 63 7.35 -39.31 -21.95
C TYR V 63 8.81 -39.76 -21.88
N LEU V 64 9.25 -40.20 -20.71
CA LEU V 64 10.60 -40.73 -20.56
C LEU V 64 10.64 -42.12 -21.16
N GLY V 65 11.07 -42.21 -22.42
CA GLY V 65 10.83 -43.34 -23.27
C GLY V 65 10.30 -42.95 -24.63
N ASP V 66 9.59 -41.83 -24.72
CA ASP V 66 9.35 -41.14 -25.97
C ASP V 66 10.43 -40.09 -26.22
N LEU V 67 10.89 -39.43 -25.16
CA LEU V 67 11.99 -38.47 -25.25
C LEU V 67 13.36 -39.13 -25.23
N TRP V 68 13.47 -40.38 -24.78
CA TRP V 68 14.72 -41.12 -24.82
C TRP V 68 14.86 -41.93 -26.10
N LEU V 69 13.76 -42.47 -26.62
CA LEU V 69 13.79 -43.19 -27.88
C LEU V 69 13.61 -42.29 -29.09
N LYS V 70 13.28 -41.01 -28.88
CA LYS V 70 13.09 -40.04 -29.95
C LYS V 70 11.98 -40.47 -30.92
N LYS V 71 10.98 -41.19 -30.40
CA LYS V 71 9.83 -41.64 -31.18
C LYS V 71 8.75 -42.12 -30.22
N PRO V 72 7.47 -41.89 -30.54
CA PRO V 72 6.41 -42.38 -29.65
C PRO V 72 6.37 -43.89 -29.56
N ALA V 73 6.68 -44.43 -28.39
CA ALA V 73 6.65 -45.87 -28.20
C ALA V 73 5.21 -46.38 -28.31
N SER V 74 5.09 -47.68 -28.61
CA SER V 74 3.77 -48.28 -28.76
C SER V 74 3.02 -48.25 -27.43
N ASP V 75 1.69 -48.10 -27.53
CA ASP V 75 0.86 -47.99 -26.33
C ASP V 75 0.86 -49.28 -25.53
N ASN V 76 0.93 -50.43 -26.20
CA ASN V 76 0.94 -51.72 -25.53
C ASN V 76 2.13 -51.79 -24.58
N PRO V 77 1.90 -51.84 -23.27
CA PRO V 77 3.01 -51.75 -22.31
C PRO V 77 4.03 -52.87 -22.46
N ILE V 78 3.60 -54.07 -22.85
CA ILE V 78 4.54 -55.16 -23.06
C ILE V 78 5.47 -54.85 -24.24
N GLU V 79 4.91 -54.33 -25.33
CA GLU V 79 5.73 -54.01 -26.49
C GLU V 79 6.57 -52.76 -26.25
N ALA V 80 6.07 -51.83 -25.44
CA ALA V 80 6.83 -50.63 -25.11
C ALA V 80 8.06 -50.97 -24.28
N PHE V 81 8.01 -52.07 -23.52
CA PHE V 81 9.17 -52.48 -22.74
C PHE V 81 10.35 -52.84 -23.66
N ASN V 82 10.07 -53.51 -24.77
CA ASN V 82 11.13 -53.84 -25.71
C ASN V 82 11.72 -52.59 -26.34
N GLN V 83 10.87 -51.66 -26.74
CA GLN V 83 11.35 -50.44 -27.41
C GLN V 83 12.14 -49.57 -26.46
N LEU V 84 11.81 -49.61 -25.16
CA LEU V 84 12.52 -48.81 -24.17
C LEU V 84 14.00 -49.14 -24.20
N SER V 85 14.83 -48.11 -24.25
CA SER V 85 16.26 -48.31 -24.43
C SER V 85 16.85 -49.10 -23.27
N LEU V 86 17.82 -49.96 -23.58
CA LEU V 86 18.35 -50.87 -22.58
C LEU V 86 18.98 -50.12 -21.41
N LEU V 87 19.50 -48.92 -21.66
CA LEU V 87 20.00 -48.11 -20.55
C LEU V 87 18.89 -47.79 -19.57
N GLY V 88 17.69 -47.51 -20.07
CA GLY V 88 16.58 -47.20 -19.18
C GLY V 88 16.18 -48.36 -18.29
N VAL V 89 16.13 -49.57 -18.87
CA VAL V 89 15.71 -50.74 -18.09
C VAL V 89 16.72 -51.05 -17.00
N PHE V 90 18.01 -51.01 -17.34
CA PHE V 90 19.04 -51.35 -16.36
C PHE V 90 19.05 -50.36 -15.21
N GLN V 91 18.85 -49.07 -15.49
CA GLN V 91 18.71 -48.09 -14.43
C GLN V 91 17.46 -48.34 -13.60
N MET V 92 16.38 -48.79 -14.24
CA MET V 92 15.16 -49.10 -13.52
C MET V 92 15.38 -50.25 -12.54
N VAL V 93 16.09 -51.30 -12.98
CA VAL V 93 16.40 -52.41 -12.09
C VAL V 93 17.29 -51.95 -10.95
N PHE V 94 18.29 -51.12 -11.24
CA PHE V 94 19.23 -50.68 -10.22
C PHE V 94 18.53 -49.84 -9.15
N PHE V 95 17.61 -48.98 -9.56
CA PHE V 95 16.90 -48.15 -8.59
C PHE V 95 16.07 -48.99 -7.64
N ILE V 96 15.38 -50.01 -8.16
CA ILE V 96 14.62 -50.89 -7.30
C ILE V 96 15.57 -51.73 -6.43
N GLY V 97 16.71 -52.13 -7.01
CA GLY V 97 17.70 -52.85 -6.22
C GLY V 97 18.22 -52.04 -5.05
N CYS V 98 18.45 -50.75 -5.27
CA CYS V 98 18.84 -49.88 -4.17
C CYS V 98 17.73 -49.76 -3.14
N LEU V 99 16.50 -49.61 -3.59
CA LEU V 99 15.37 -49.52 -2.65
C LEU V 99 15.22 -50.82 -1.87
N GLU V 100 15.34 -51.96 -2.55
CA GLU V 100 15.23 -53.24 -1.84
C GLU V 100 16.39 -53.44 -0.87
N TRP V 101 17.60 -53.05 -1.28
CA TRP V 101 18.71 -53.07 -0.34
C TRP V 101 18.44 -52.14 0.83
N LEU V 102 18.01 -50.92 0.56
CA LEU V 102 17.82 -49.91 1.59
C LEU V 102 16.84 -50.39 2.66
N THR V 103 15.71 -50.96 2.23
CA THR V 103 14.71 -51.40 3.20
C THR V 103 15.21 -52.59 4.00
N THR V 104 15.90 -53.54 3.35
CA THR V 104 16.28 -54.76 4.05
C THR V 104 17.42 -54.56 5.04
N VAL V 105 18.61 -54.23 4.54
CA VAL V 105 19.81 -54.23 5.40
C VAL V 105 19.94 -52.96 6.25
N PRO V 106 19.97 -51.73 5.66
CA PRO V 106 20.20 -50.55 6.51
C PRO V 106 19.03 -50.17 7.40
N CYS V 107 17.82 -50.16 6.86
CA CYS V 107 16.63 -49.73 7.58
C CYS V 107 15.62 -50.87 7.64
N PRO V 108 15.95 -51.96 8.33
CA PRO V 108 15.09 -53.13 8.31
C PRO V 108 13.75 -52.86 9.00
N PRO V 109 12.66 -53.39 8.46
CA PRO V 109 11.39 -53.33 9.18
C PRO V 109 11.45 -54.21 10.40
N PRO V 110 10.57 -54.00 11.38
CA PRO V 110 10.59 -54.85 12.59
C PRO V 110 10.33 -56.30 12.25
N LYS V 111 10.55 -57.17 13.22
CA LYS V 111 10.28 -58.59 13.04
C LYS V 111 8.87 -58.99 13.46
N ASP V 112 8.19 -58.16 14.25
CA ASP V 112 6.80 -58.41 14.58
C ASP V 112 5.83 -57.91 13.52
N ALA V 113 6.20 -56.85 12.81
CA ALA V 113 5.42 -56.32 11.68
C ALA V 113 6.37 -56.11 10.50
N PRO V 114 6.69 -57.18 9.76
CA PRO V 114 7.72 -57.07 8.73
C PRO V 114 7.27 -56.35 7.47
N TRP V 115 6.09 -55.72 7.50
CA TRP V 115 5.60 -54.92 6.39
C TRP V 115 5.66 -53.43 6.66
N ASP V 116 6.19 -53.01 7.81
CA ASP V 116 6.27 -51.60 8.16
C ASP V 116 7.55 -50.97 7.59
N VAL V 117 7.63 -51.00 6.27
CA VAL V 117 8.83 -50.51 5.58
C VAL V 117 9.03 -49.01 5.77
N ILE V 118 7.96 -48.27 6.08
CA ILE V 118 8.08 -46.85 6.40
C ILE V 118 8.26 -46.72 7.91
N GLY V 119 7.78 -47.72 8.65
CA GLY V 119 8.02 -47.76 10.08
C GLY V 119 7.12 -46.86 10.91
N MET V 120 5.81 -46.95 10.67
CA MET V 120 4.86 -46.17 11.45
C MET V 120 4.72 -46.70 12.87
N SER V 121 5.16 -47.94 13.13
CA SER V 121 4.90 -48.58 14.42
C SER V 121 5.55 -47.83 15.58
N ASP V 122 6.55 -46.99 15.32
CA ASP V 122 7.20 -46.23 16.38
C ASP V 122 6.50 -44.92 16.69
N VAL V 123 5.61 -44.45 15.81
CA VAL V 123 4.78 -43.29 16.10
C VAL V 123 3.29 -43.61 16.12
N LEU V 124 2.88 -44.77 15.61
CA LEU V 124 1.47 -45.14 15.56
C LEU V 124 0.99 -45.61 16.93
N GLU V 125 -0.33 -45.57 17.12
CA GLU V 125 -0.97 -46.12 18.31
C GLU V 125 -1.59 -47.48 18.04
N GLU V 126 -2.55 -47.53 17.10
CA GLU V 126 -3.14 -48.78 16.60
C GLU V 126 -3.96 -49.52 17.66
N ASP V 127 -3.95 -49.02 18.89
CA ASP V 127 -4.63 -49.72 19.99
C ASP V 127 -5.41 -48.76 20.89
N THR V 128 -5.66 -47.54 20.44
CA THR V 128 -6.48 -46.61 21.18
C THR V 128 -7.95 -46.88 20.86
N ASP V 129 -8.85 -46.01 21.36
CA ASP V 129 -10.28 -46.25 21.23
C ASP V 129 -11.05 -45.11 20.57
N GLU V 130 -10.36 -44.08 20.08
CA GLU V 130 -11.04 -42.96 19.45
C GLU V 130 -11.73 -43.39 18.16
N ASN V 131 -12.87 -42.75 17.85
CA ASN V 131 -13.55 -43.02 16.60
C ASN V 131 -12.96 -42.21 15.45
N PRO V 132 -12.72 -40.90 15.63
CA PRO V 132 -12.23 -40.07 14.51
C PRO V 132 -10.79 -40.40 14.17
N MET V 133 -10.31 -41.49 14.77
CA MET V 133 -9.02 -42.10 14.48
C MET V 133 -9.13 -43.56 14.88
N ALA V 134 -8.00 -44.25 14.98
CA ALA V 134 -7.95 -45.66 15.36
C ALA V 134 -8.72 -46.54 14.39
N GLU V 135 -9.08 -45.99 13.23
CA GLU V 135 -9.60 -46.75 12.12
C GLU V 135 -8.48 -47.34 11.27
N TYR V 136 -7.29 -47.49 11.86
CA TYR V 136 -6.14 -48.02 11.16
C TYR V 136 -6.38 -49.45 10.67
N LYS V 137 -7.18 -50.22 11.39
CA LYS V 137 -7.53 -51.55 10.90
C LYS V 137 -8.34 -51.46 9.62
N LYS V 138 -9.25 -50.48 9.53
CA LYS V 138 -10.03 -50.32 8.31
C LYS V 138 -9.13 -49.95 7.13
N ILE V 139 -8.17 -49.04 7.33
CA ILE V 139 -7.29 -48.68 6.24
C ILE V 139 -6.32 -49.79 5.91
N GLN V 140 -6.06 -50.71 6.86
CA GLN V 140 -5.35 -51.93 6.52
C GLN V 140 -6.17 -52.82 5.60
N MET V 141 -7.49 -52.86 5.82
CA MET V 141 -8.36 -53.62 4.93
C MET V 141 -8.34 -53.05 3.52
N GLN V 142 -8.41 -51.72 3.41
CA GLN V 142 -8.46 -51.10 2.09
C GLN V 142 -7.15 -51.32 1.33
N GLU V 143 -6.02 -51.30 2.05
CA GLU V 143 -4.76 -51.61 1.40
C GLU V 143 -4.74 -53.05 0.91
N LEU V 144 -5.13 -53.99 1.77
CA LEU V 144 -5.05 -55.40 1.41
C LEU V 144 -6.07 -55.75 0.32
N ASN V 145 -7.33 -55.35 0.50
CA ASN V 145 -8.36 -55.72 -0.46
C ASN V 145 -8.11 -55.09 -1.83
N ASN V 146 -7.68 -53.83 -1.85
CA ASN V 146 -7.31 -53.21 -3.12
C ASN V 146 -6.10 -53.89 -3.74
N SER V 147 -5.09 -54.17 -2.93
CA SER V 147 -3.86 -54.79 -3.44
C SER V 147 -4.13 -56.18 -3.99
N ARG V 148 -4.95 -56.96 -3.29
CA ARG V 148 -5.31 -58.30 -3.77
C ARG V 148 -6.02 -58.22 -5.11
N LEU V 149 -6.91 -57.23 -5.27
CA LEU V 149 -7.57 -57.02 -6.55
C LEU V 149 -6.55 -56.62 -7.62
N ALA V 150 -5.59 -55.76 -7.25
CA ALA V 150 -4.58 -55.35 -8.21
C ALA V 150 -3.70 -56.51 -8.64
N MET V 151 -3.46 -57.47 -7.74
CA MET V 151 -2.62 -58.62 -8.09
C MET V 151 -3.25 -59.45 -9.20
N VAL V 152 -4.53 -59.80 -9.05
CA VAL V 152 -5.20 -60.56 -10.10
C VAL V 152 -5.46 -59.67 -11.32
N ALA V 153 -5.59 -58.36 -11.12
CA ALA V 153 -5.83 -57.46 -12.25
C ALA V 153 -4.61 -57.38 -13.15
N ILE V 154 -3.42 -57.16 -12.57
CA ILE V 154 -2.23 -56.99 -13.39
C ILE V 154 -1.88 -58.29 -14.10
N ILE V 155 -2.11 -59.44 -13.46
CA ILE V 155 -1.91 -60.72 -14.15
C ILE V 155 -2.85 -60.85 -15.32
N GLY V 156 -4.11 -60.45 -15.15
CA GLY V 156 -5.04 -60.45 -16.26
C GLY V 156 -4.56 -59.59 -17.42
N LEU V 157 -4.00 -58.42 -17.11
CA LEU V 157 -3.46 -57.56 -18.15
C LEU V 157 -2.32 -58.25 -18.89
N ILE V 158 -1.39 -58.86 -18.15
CA ILE V 158 -0.24 -59.49 -18.79
C ILE V 158 -0.66 -60.73 -19.57
N VAL V 159 -1.54 -61.54 -19.00
CA VAL V 159 -1.96 -62.77 -19.67
C VAL V 159 -2.72 -62.47 -20.94
N GLN V 160 -3.68 -61.53 -20.86
CA GLN V 160 -4.45 -61.17 -22.05
C GLN V 160 -3.58 -60.51 -23.11
N ALA V 161 -2.66 -59.63 -22.69
CA ALA V 161 -1.79 -58.95 -23.64
C ALA V 161 -0.90 -59.95 -24.37
N THR V 162 -0.38 -60.92 -23.60
CA THR V 162 0.59 -61.89 -24.17
C THR V 162 -0.14 -62.93 -25.01
N THR V 163 -1.47 -62.94 -24.95
CA THR V 163 -2.24 -63.97 -25.68
C THR V 163 -3.21 -63.30 -26.65
N THR V 164 -4.32 -62.80 -26.14
CA THR V 164 -5.37 -62.24 -27.05
C THR V 164 -5.12 -60.74 -27.26
N GLY V 165 -3.86 -60.32 -27.40
CA GLY V 165 -3.56 -58.88 -27.53
C GLY V 165 -4.21 -58.11 -26.40
N UNK V 166 -4.87 -56.99 -26.70
CA UNK V 166 -5.63 -56.27 -25.65
C UNK V 166 -4.72 -55.68 -24.58
N UNK V 167 -3.91 -54.68 -24.93
CA UNK V 167 -3.10 -54.00 -23.91
C UNK V 167 -4.01 -53.74 -22.73
N UNK V 168 -5.23 -53.27 -23.01
CA UNK V 168 -6.22 -52.97 -21.96
C UNK V 168 -7.35 -52.17 -22.59
N UNK V 169 -7.05 -50.96 -23.07
CA UNK V 169 -8.04 -50.05 -23.69
C UNK V 169 -7.71 -48.62 -23.27
N UNK V 170 -8.11 -48.25 -22.05
CA UNK V 170 -7.82 -46.90 -21.53
C UNK V 170 -8.33 -45.85 -22.51
N UNK V 171 -9.62 -45.90 -22.87
CA UNK V 171 -10.08 -44.91 -23.87
C UNK V 171 -10.34 -43.58 -23.16
N UNK V 172 -9.30 -42.78 -22.92
CA UNK V 172 -9.44 -41.47 -22.24
C UNK V 172 -9.38 -40.37 -23.30
N UNK V 173 -10.47 -39.63 -23.50
CA UNK V 173 -10.50 -38.64 -24.61
C UNK V 173 -9.81 -37.35 -24.21
N UNK V 174 -8.48 -37.38 -24.08
CA UNK V 174 -7.71 -36.17 -23.68
C UNK V 174 -6.24 -36.40 -23.99
N UNK V 175 -5.43 -35.35 -23.91
CA UNK V 175 -3.97 -35.51 -24.09
C UNK V 175 -3.65 -36.26 -25.37
N UNK V 176 -3.04 -37.45 -25.23
CA UNK V 176 -2.63 -38.23 -26.41
C UNK V 176 -3.83 -38.58 -27.27
N UNK V 177 -4.95 -38.94 -26.65
CA UNK V 177 -6.16 -39.33 -27.40
C UNK V 177 -6.95 -38.08 -27.79
N UNK V 178 -7.35 -37.97 -29.05
CA UNK V 178 -8.19 -36.84 -29.50
C UNK V 178 -9.54 -37.38 -29.96
N UNK V 179 -10.64 -36.86 -29.40
CA UNK V 179 -11.99 -37.34 -29.73
C UNK V 179 -12.77 -36.16 -30.29
N UNK V 180 -13.25 -36.25 -31.53
CA UNK V 180 -13.87 -35.06 -32.17
C UNK V 180 -15.38 -35.22 -32.39
N UNK V 181 -16.00 -36.29 -31.89
CA UNK V 181 -17.47 -36.41 -32.01
C UNK V 181 -18.03 -37.09 -30.77
N UNK V 182 -19.29 -36.80 -30.42
CA UNK V 182 -19.86 -37.37 -29.18
C UNK V 182 -19.51 -38.85 -29.13
N UNK V 183 -19.58 -39.53 -30.26
CA UNK V 183 -19.33 -40.99 -30.28
C UNK V 183 -17.93 -41.25 -29.73
N UNK V 184 -16.95 -40.47 -30.18
CA UNK V 184 -15.55 -40.72 -29.76
C UNK V 184 -15.46 -40.69 -28.23
N UNK V 185 -16.28 -39.84 -27.59
CA UNK V 185 -16.20 -39.71 -26.12
C UNK V 185 -17.19 -40.67 -25.48
N UNK V 186 -18.49 -40.36 -25.52
CA UNK V 186 -19.52 -41.28 -25.00
C UNK V 186 -19.91 -42.25 -26.09
N UNK V 187 -19.60 -43.54 -25.91
CA UNK V 187 -19.85 -44.54 -26.94
C UNK V 187 -21.32 -44.57 -27.34
N UNK V 188 -21.55 -44.72 -28.66
CA UNK V 188 -22.86 -44.93 -29.26
C UNK V 188 -23.78 -43.71 -29.18
N UNK V 189 -23.30 -42.62 -28.57
CA UNK V 189 -24.05 -41.38 -28.56
C UNK V 189 -23.69 -40.56 -29.79
N UNK V 190 -24.69 -40.23 -30.61
CA UNK V 190 -24.45 -39.66 -31.93
C UNK V 190 -25.00 -38.26 -32.12
N UNK V 191 -25.76 -37.73 -31.16
CA UNK V 191 -26.37 -36.42 -31.33
C UNK V 191 -26.53 -35.76 -29.97
N UNK V 192 -27.15 -34.58 -29.98
CA UNK V 192 -27.31 -33.82 -28.74
C UNK V 192 -28.32 -34.49 -27.82
N UNK V 193 -29.46 -34.93 -28.34
CA UNK V 193 -30.57 -35.39 -27.51
C UNK V 193 -30.46 -36.91 -27.30
N UNK V 194 -29.53 -37.29 -26.42
CA UNK V 194 -29.40 -38.67 -25.94
C UNK V 194 -29.19 -39.67 -27.06
N UNK V 195 -29.26 -40.97 -26.73
CA UNK V 195 -29.08 -42.05 -27.69
C UNK V 195 -30.15 -43.11 -27.55
N UNK V 196 -31.36 -42.71 -27.16
CA UNK V 196 -32.46 -43.65 -26.97
C UNK V 196 -33.01 -44.07 -28.33
N UNK V 197 -34.10 -44.84 -28.32
CA UNK V 197 -34.72 -45.31 -29.54
C UNK V 197 -36.22 -45.06 -29.63
N UNK V 198 -36.90 -44.87 -28.51
CA UNK V 198 -38.34 -44.61 -28.56
C UNK V 198 -38.62 -43.27 -29.22
N UNK V 199 -39.77 -43.20 -29.90
CA UNK V 199 -40.17 -41.97 -30.57
C UNK V 199 -40.65 -40.89 -29.62
N UNK V 200 -40.91 -41.24 -28.36
CA UNK V 200 -41.46 -40.32 -27.37
C UNK V 200 -42.71 -39.64 -27.90
N UNK V 201 -43.72 -40.46 -28.17
CA UNK V 201 -44.94 -39.99 -28.81
C UNK V 201 -45.65 -38.97 -27.92
N UNK V 202 -46.39 -38.07 -28.57
CA UNK V 202 -47.10 -37.03 -27.85
C UNK V 202 -48.16 -37.62 -26.93
N UNK V 203 -48.20 -37.11 -25.69
CA UNK V 203 -49.18 -37.60 -24.73
C UNK V 203 -50.57 -37.10 -25.05
N UNK V 204 -50.74 -35.78 -25.09
CA UNK V 204 -52.02 -35.18 -25.43
C UNK V 204 -52.23 -35.19 -26.93
N UNK V 205 -53.48 -35.40 -27.34
CA UNK V 205 -53.82 -35.34 -28.75
C UNK V 205 -53.63 -33.92 -29.28
N UNK V 206 -53.36 -33.83 -30.58
CA UNK V 206 -53.08 -32.54 -31.19
C UNK V 206 -54.34 -31.69 -31.26
N UNK V 207 -54.21 -30.50 -31.84
CA UNK V 207 -55.30 -29.54 -31.93
C UNK V 207 -56.16 -29.74 -33.17
N UNK V 208 -55.88 -30.78 -33.95
CA UNK V 208 -56.62 -31.09 -35.19
C UNK V 208 -56.46 -29.91 -36.13
N UNK V 209 -57.53 -29.24 -36.56
CA UNK V 209 -57.38 -28.04 -37.38
C UNK V 209 -56.86 -26.91 -36.50
N UNK V 210 -55.55 -26.73 -36.45
CA UNK V 210 -54.92 -25.84 -35.48
C UNK V 210 -54.96 -24.39 -35.97
N UNK V 211 -56.18 -23.88 -36.09
CA UNK V 211 -56.44 -22.46 -36.31
C UNK V 211 -57.48 -22.04 -35.27
N UNK V 212 -57.02 -21.70 -34.08
CA UNK V 212 -57.91 -21.40 -32.96
C UNK V 212 -57.39 -20.23 -32.13
N UNK V 213 -56.74 -19.27 -32.79
CA UNK V 213 -56.30 -18.03 -32.15
C UNK V 213 -55.36 -18.33 -30.98
N UNK V 214 -54.17 -18.84 -31.35
CA UNK V 214 -53.02 -19.18 -30.51
C UNK V 214 -53.05 -20.65 -30.12
N UNK V 215 -51.98 -21.36 -30.45
CA UNK V 215 -51.89 -22.80 -30.28
C UNK V 215 -50.40 -23.18 -30.26
N UNK V 216 -50.13 -24.47 -30.48
CA UNK V 216 -48.80 -25.01 -30.79
C UNK V 216 -47.94 -25.19 -29.56
N UNK V 217 -47.03 -26.17 -29.62
CA UNK V 217 -46.13 -26.49 -28.54
C UNK V 217 -44.70 -26.56 -29.07
N UNK V 218 -43.74 -26.28 -28.19
CA UNK V 218 -42.34 -26.30 -28.58
C UNK V 218 -41.90 -27.72 -28.91
N UNK V 219 -41.06 -27.84 -29.94
CA UNK V 219 -40.60 -29.13 -30.43
C UNK V 219 -39.11 -29.29 -30.16
N UNK V 220 -38.65 -30.55 -30.25
CA UNK V 220 -37.26 -30.91 -30.03
C UNK V 220 -36.75 -30.44 -28.67
N ALA W 1 -75.06 -22.93 16.47
CA ALA W 1 -73.77 -22.60 17.07
C ALA W 1 -72.77 -22.16 16.01
N ARG W 2 -73.04 -21.01 15.39
CA ARG W 2 -72.08 -20.44 14.40
C ARG W 2 -71.70 -19.04 14.87
N ARG W 3 -70.88 -18.94 15.89
CA ARG W 3 -70.56 -17.59 16.45
C ARG W 3 -70.23 -16.64 15.31
N GLU W 4 -70.75 -15.42 15.35
CA GLU W 4 -70.52 -14.36 14.33
C GLU W 4 -69.04 -13.95 14.38
N LEU W 5 -68.44 -13.67 13.22
CA LEU W 5 -67.01 -13.27 13.17
C LEU W 5 -66.78 -12.11 14.15
N ALA W 6 -67.78 -11.25 14.34
CA ALA W 6 -67.63 -10.09 15.24
C ALA W 6 -67.16 -10.56 16.62
N VAL W 7 -67.73 -11.65 17.13
CA VAL W 7 -67.32 -12.19 18.46
C VAL W 7 -66.37 -13.38 18.24
N ALA W 8 -66.72 -14.28 17.32
CA ALA W 8 -65.85 -15.43 17.02
C ALA W 8 -64.40 -15.00 16.87
N TYR W 9 -64.16 -13.81 16.33
CA TYR W 9 -62.78 -13.36 16.12
C TYR W 9 -62.04 -13.14 17.43
N GLU W 10 -62.74 -13.06 18.56
CA GLU W 10 -62.08 -12.85 19.85
C GLU W 10 -61.33 -14.09 20.32
N ASP W 11 -61.56 -15.25 19.71
CA ASP W 11 -60.84 -16.48 20.04
C ASP W 11 -60.01 -16.98 18.87
N ALA W 12 -59.58 -16.07 17.99
CA ALA W 12 -58.80 -16.42 16.83
C ALA W 12 -57.30 -16.31 17.14
N GLY W 13 -56.50 -16.87 16.23
CA GLY W 13 -55.06 -16.91 16.38
C GLY W 13 -54.53 -18.32 16.28
N ILE W 14 -53.20 -18.43 16.34
CA ILE W 14 -52.53 -19.73 16.26
C ILE W 14 -52.69 -20.41 17.62
N ASP W 15 -53.65 -21.33 17.72
CA ASP W 15 -53.87 -22.03 18.98
C ASP W 15 -52.67 -22.93 19.29
N LEU W 16 -52.20 -22.86 20.53
CA LEU W 16 -51.03 -23.62 20.97
C LEU W 16 -51.42 -24.85 21.79
N MET W 17 -52.71 -25.20 21.81
CA MET W 17 -53.19 -26.33 22.58
C MET W 17 -53.88 -27.33 21.66
N ASP W 18 -54.18 -28.50 22.21
CA ASP W 18 -54.77 -29.60 21.45
C ASP W 18 -56.16 -29.90 21.97
N ASN W 19 -57.14 -29.92 21.07
CA ASN W 19 -58.50 -30.26 21.47
C ASN W 19 -58.61 -31.72 21.88
N GLY W 20 -57.80 -32.59 21.28
CA GLY W 20 -57.89 -34.01 21.51
C GLY W 20 -58.80 -34.74 20.54
N LYS W 21 -59.47 -34.02 19.64
CA LYS W 21 -60.31 -34.62 18.63
C LYS W 21 -59.45 -35.06 17.44
N PHE W 22 -60.09 -35.52 16.37
CA PHE W 22 -59.35 -35.99 15.20
C PHE W 22 -58.54 -34.88 14.57
N ALA W 23 -59.20 -33.87 14.02
CA ALA W 23 -58.53 -32.66 13.54
C ALA W 23 -59.16 -31.48 14.26
N GLN W 24 -58.73 -31.27 15.50
CA GLN W 24 -59.22 -30.20 16.37
C GLN W 24 -60.74 -30.02 16.30
N GLY W 25 -61.47 -31.12 16.24
CA GLY W 25 -62.92 -31.08 16.21
C GLY W 25 -63.50 -30.37 15.01
N LEU W 26 -62.97 -30.68 13.82
CA LEU W 26 -63.40 -30.02 12.59
C LEU W 26 -64.26 -30.97 11.75
N VAL W 27 -65.18 -30.38 11.00
CA VAL W 27 -66.12 -31.13 10.17
C VAL W 27 -65.37 -31.76 9.00
N GLY W 28 -66.02 -32.70 8.32
CA GLY W 28 -65.45 -33.35 7.15
C GLY W 28 -65.07 -34.80 7.37
N ALA W 29 -65.03 -35.26 8.61
CA ALA W 29 -64.62 -36.63 8.89
C ALA W 29 -65.79 -37.61 8.94
N GLU W 30 -66.96 -37.15 9.40
CA GLU W 30 -68.11 -38.03 9.52
C GLU W 30 -68.55 -38.53 8.15
N ALA W 31 -68.42 -39.83 7.94
CA ALA W 31 -68.81 -40.48 6.70
C ALA W 31 -70.24 -41.01 6.81
N ALA W 32 -70.63 -41.85 5.85
CA ALA W 32 -71.98 -42.40 5.83
C ALA W 32 -72.21 -43.39 6.97
N PHE W 33 -71.46 -44.49 6.96
CA PHE W 33 -71.67 -45.57 7.92
C PHE W 33 -71.14 -45.25 9.30
N GLY W 34 -70.44 -44.13 9.47
CA GLY W 34 -69.87 -43.76 10.75
C GLY W 34 -68.83 -42.65 10.54
N ARG W 35 -67.79 -42.69 11.36
CA ARG W 35 -66.69 -41.76 11.22
C ARG W 35 -65.64 -42.31 10.28
N TYR W 36 -65.04 -41.40 9.50
CA TYR W 36 -63.99 -41.73 8.54
C TYR W 36 -62.84 -40.74 8.69
N GLU W 37 -62.36 -40.56 9.91
CA GLU W 37 -61.14 -39.81 10.14
C GLU W 37 -60.06 -40.35 9.21
N PHE W 38 -59.64 -39.54 8.23
CA PHE W 38 -58.90 -40.07 7.10
C PHE W 38 -57.39 -39.93 7.21
N ASP W 39 -56.89 -38.79 7.69
CA ASP W 39 -55.51 -38.37 7.51
C ASP W 39 -54.54 -39.51 7.81
N PRO W 40 -53.95 -40.11 6.77
CA PRO W 40 -53.05 -41.25 6.98
C PRO W 40 -51.59 -40.84 7.10
N ILE W 41 -51.27 -39.66 6.56
CA ILE W 41 -49.91 -39.13 6.61
C ILE W 41 -49.72 -38.23 7.84
N GLY W 42 -50.75 -38.07 8.66
CA GLY W 42 -50.62 -37.33 9.90
C GLY W 42 -50.34 -35.86 9.71
N PHE W 43 -50.96 -35.23 8.71
CA PHE W 43 -50.84 -33.79 8.56
C PHE W 43 -51.59 -33.05 9.66
N SER W 44 -52.70 -33.61 10.14
CA SER W 44 -53.49 -32.96 11.17
C SER W 44 -52.86 -33.05 12.55
N LYS W 45 -51.83 -33.89 12.72
CA LYS W 45 -51.09 -33.89 13.98
C LYS W 45 -50.38 -32.58 14.22
N TYR W 46 -50.05 -31.84 13.16
CA TYR W 46 -49.58 -30.46 13.29
C TYR W 46 -50.79 -29.56 13.52
N THR W 47 -51.29 -29.62 14.76
CA THR W 47 -52.57 -29.00 15.10
C THR W 47 -52.56 -27.49 14.89
N GLU W 48 -51.38 -26.87 14.96
CA GLU W 48 -51.28 -25.42 14.75
C GLU W 48 -51.73 -25.01 13.36
N LEU W 49 -51.68 -25.91 12.39
CA LEU W 49 -52.02 -25.60 11.00
C LEU W 49 -53.38 -26.14 10.59
N VAL W 50 -54.11 -26.79 11.48
CA VAL W 50 -55.42 -27.35 11.12
C VAL W 50 -56.39 -26.28 10.63
N PRO W 51 -56.54 -25.13 11.30
CA PRO W 51 -57.39 -24.08 10.70
C PRO W 51 -56.92 -23.64 9.33
N TRP W 52 -55.60 -23.60 9.11
CA TRP W 52 -55.07 -23.25 7.80
C TRP W 52 -55.42 -24.31 6.76
N PHE W 53 -55.26 -25.59 7.11
CA PHE W 53 -55.53 -26.66 6.16
C PHE W 53 -57.00 -26.69 5.76
N ARG W 54 -57.90 -26.48 6.73
CA ARG W 54 -59.33 -26.43 6.41
C ARG W 54 -59.64 -25.26 5.49
N GLU W 55 -58.99 -24.12 5.71
CA GLU W 55 -59.18 -22.99 4.80
C GLU W 55 -58.72 -23.35 3.40
N ALA W 56 -57.58 -24.03 3.28
CA ALA W 56 -57.09 -24.44 1.97
C ALA W 56 -58.04 -25.45 1.32
N GLU W 57 -58.55 -26.40 2.11
CA GLU W 57 -59.47 -27.40 1.57
C GLU W 57 -60.75 -26.75 1.07
N LEU W 58 -61.29 -25.81 1.83
CA LEU W 58 -62.49 -25.10 1.39
C LEU W 58 -62.19 -24.24 0.17
N LYS W 59 -61.06 -23.53 0.17
CA LYS W 59 -60.73 -22.68 -0.96
C LYS W 59 -60.53 -23.49 -2.23
N HIS W 60 -59.85 -24.63 -2.13
CA HIS W 60 -59.67 -25.49 -3.30
C HIS W 60 -61.00 -26.06 -3.78
N GLY W 61 -61.82 -26.55 -2.86
CA GLY W 61 -63.12 -27.08 -3.27
C GLY W 61 -63.99 -26.05 -3.92
N ARG W 62 -63.98 -24.82 -3.40
CA ARG W 62 -64.78 -23.74 -3.97
C ARG W 62 -64.32 -23.38 -5.38
N ILE W 63 -63.00 -23.32 -5.59
CA ILE W 63 -62.50 -23.07 -6.93
C ILE W 63 -62.85 -24.22 -7.86
N ALA W 64 -62.66 -25.46 -7.39
CA ALA W 64 -62.91 -26.63 -8.22
C ALA W 64 -64.39 -26.78 -8.54
N MET W 65 -65.26 -26.44 -7.59
CA MET W 65 -66.70 -26.54 -7.83
C MET W 65 -67.11 -25.60 -8.96
N LEU W 66 -66.58 -24.38 -8.98
CA LEU W 66 -66.81 -23.50 -10.11
C LEU W 66 -66.06 -24.00 -11.34
N ALA W 67 -64.82 -24.45 -11.17
CA ALA W 67 -64.01 -24.84 -12.30
C ALA W 67 -64.61 -26.01 -13.07
N TRP W 68 -65.11 -27.03 -12.35
CA TRP W 68 -65.76 -28.12 -13.04
C TRP W 68 -67.03 -27.64 -13.75
N LEU W 69 -67.87 -26.87 -13.06
CA LEU W 69 -68.99 -26.23 -13.72
C LEU W 69 -68.50 -25.33 -14.85
N GLY W 70 -67.28 -24.84 -14.74
CA GLY W 70 -66.66 -24.09 -15.82
C GLY W 70 -66.47 -24.90 -17.08
N LEU W 71 -65.95 -26.13 -16.99
CA LEU W 71 -65.70 -26.90 -18.20
C LEU W 71 -66.99 -27.46 -18.80
N VAL W 72 -68.11 -27.38 -18.09
CA VAL W 72 -69.35 -27.96 -18.59
C VAL W 72 -70.10 -26.95 -19.45
N VAL W 73 -70.23 -25.72 -18.97
CA VAL W 73 -71.18 -24.76 -19.53
C VAL W 73 -70.70 -24.19 -20.86
N PRO W 74 -69.43 -23.75 -21.01
CA PRO W 74 -68.94 -23.39 -22.35
C PRO W 74 -69.23 -24.41 -23.43
N ASP W 75 -69.31 -25.69 -23.09
CA ASP W 75 -69.62 -26.71 -24.10
C ASP W 75 -71.08 -26.69 -24.52
N PHE W 76 -71.93 -25.94 -23.84
CA PHE W 76 -73.34 -25.83 -24.22
C PHE W 76 -73.81 -24.40 -24.45
N VAL W 77 -73.11 -23.40 -23.94
CA VAL W 77 -73.44 -22.00 -24.21
C VAL W 77 -72.17 -21.18 -24.02
N ARG W 78 -72.04 -20.11 -24.80
CA ARG W 78 -70.89 -19.24 -24.69
C ARG W 78 -71.29 -17.78 -24.68
N ILE W 79 -70.44 -16.90 -24.17
CA ILE W 79 -70.74 -15.47 -24.07
C ILE W 79 -71.07 -14.92 -25.45
N PRO W 80 -72.09 -14.07 -25.59
CA PRO W 80 -72.44 -13.57 -26.93
C PRO W 80 -71.34 -12.71 -27.53
N GLY W 81 -70.68 -13.22 -28.55
CA GLY W 81 -69.57 -12.52 -29.16
C GLY W 81 -68.77 -13.47 -30.01
N GLU W 82 -67.88 -12.88 -30.83
CA GLU W 82 -67.07 -13.67 -31.75
C GLU W 82 -65.84 -14.25 -31.09
N ALA W 83 -65.32 -13.60 -30.06
CA ALA W 83 -64.09 -14.08 -29.45
C ALA W 83 -64.34 -15.34 -28.67
N TYR W 84 -65.59 -15.64 -28.38
CA TYR W 84 -65.90 -16.78 -27.56
C TYR W 84 -66.73 -17.75 -28.32
N SER W 85 -66.90 -17.52 -29.61
CA SER W 85 -67.75 -18.37 -30.44
C SER W 85 -67.21 -19.79 -30.48
N PHE W 86 -68.08 -20.73 -30.82
CA PHE W 86 -67.73 -22.14 -30.86
C PHE W 86 -66.73 -22.42 -31.98
N GLU W 87 -66.54 -21.46 -32.88
CA GLU W 87 -65.60 -21.61 -33.98
C GLU W 87 -64.22 -21.05 -33.67
N ALA W 88 -64.12 -20.05 -32.80
CA ALA W 88 -62.83 -19.50 -32.42
C ALA W 88 -62.16 -20.29 -31.31
N VAL W 89 -62.94 -20.77 -30.35
CA VAL W 89 -62.46 -21.64 -29.29
C VAL W 89 -63.34 -22.88 -29.29
N PRO W 90 -63.02 -23.90 -30.10
CA PRO W 90 -63.94 -25.04 -30.25
C PRO W 90 -64.22 -25.78 -28.95
N ARG W 91 -63.18 -26.28 -28.31
CA ARG W 91 -63.33 -26.95 -27.02
C ARG W 91 -63.05 -25.97 -25.89
N VAL W 92 -63.55 -26.31 -24.70
CA VAL W 92 -63.47 -25.38 -23.58
C VAL W 92 -62.03 -25.22 -23.11
N ILE W 93 -61.24 -26.29 -23.11
CA ILE W 93 -59.90 -26.23 -22.52
C ILE W 93 -58.96 -25.33 -23.30
N ASP W 94 -59.18 -25.13 -24.59
CA ASP W 94 -58.32 -24.22 -25.34
C ASP W 94 -58.79 -22.78 -25.17
N ALA W 95 -59.01 -22.38 -23.92
CA ALA W 95 -59.39 -21.02 -23.56
C ALA W 95 -58.32 -20.28 -22.78
N HIS W 96 -57.60 -20.99 -21.90
CA HIS W 96 -56.43 -20.39 -21.27
C HIS W 96 -55.36 -20.06 -22.30
N ASP W 97 -55.32 -20.76 -23.42
CA ASP W 97 -54.34 -20.48 -24.46
C ASP W 97 -54.84 -19.43 -25.45
N ALA W 98 -56.15 -19.40 -25.71
CA ALA W 98 -56.70 -18.44 -26.66
C ALA W 98 -56.94 -17.10 -26.00
N LEU W 99 -57.80 -17.06 -24.98
CA LEU W 99 -58.17 -15.82 -24.31
C LEU W 99 -57.23 -15.63 -23.12
N ASN W 100 -56.08 -15.03 -23.36
CA ASN W 100 -55.10 -14.79 -22.30
C ASN W 100 -54.05 -13.81 -22.80
N ALA W 101 -53.23 -13.34 -21.87
CA ALA W 101 -52.07 -12.48 -22.14
C ALA W 101 -52.55 -11.20 -22.79
N ASP W 102 -52.06 -10.82 -23.97
CA ASP W 102 -52.46 -9.57 -24.60
C ASP W 102 -53.93 -9.55 -24.98
N ALA W 103 -54.58 -10.70 -25.04
CA ALA W 103 -55.99 -10.75 -25.42
C ALA W 103 -56.84 -9.93 -24.45
N GLY W 104 -56.64 -10.14 -23.15
CA GLY W 104 -57.37 -9.39 -22.16
C GLY W 104 -58.25 -10.17 -21.20
N PRO W 105 -59.06 -11.14 -21.70
CA PRO W 105 -60.02 -11.81 -20.82
C PRO W 105 -59.41 -12.45 -19.57
N ASN W 106 -58.47 -13.37 -19.75
CA ASN W 106 -57.90 -14.07 -18.60
C ASN W 106 -57.08 -13.13 -17.73
N PHE W 107 -56.40 -12.15 -18.34
CA PHE W 107 -55.57 -11.23 -17.58
C PHE W 107 -56.41 -10.43 -16.60
N GLN W 108 -57.57 -9.95 -17.04
CA GLN W 108 -58.46 -9.22 -16.14
C GLN W 108 -58.98 -10.11 -15.02
N ILE W 109 -59.27 -11.38 -15.34
CA ILE W 109 -59.71 -12.31 -14.30
C ILE W 109 -58.61 -12.52 -13.28
N ILE W 110 -57.35 -12.57 -13.73
CA ILE W 110 -56.23 -12.72 -12.81
C ILE W 110 -56.15 -11.52 -11.87
N LEU W 111 -56.28 -10.30 -12.41
CA LEU W 111 -56.13 -9.10 -11.60
C LEU W 111 -57.22 -9.02 -10.55
N PHE W 112 -58.48 -9.20 -10.95
CA PHE W 112 -59.57 -9.01 -10.00
C PHE W 112 -59.65 -10.15 -9.00
N ILE W 113 -59.22 -11.36 -9.37
CA ILE W 113 -59.08 -12.42 -8.37
C ILE W 113 -57.94 -12.08 -7.42
N SER W 114 -56.87 -11.47 -7.94
CA SER W 114 -55.77 -11.03 -7.09
C SER W 114 -56.24 -9.96 -6.11
N ILE W 115 -57.07 -9.02 -6.57
CA ILE W 115 -57.55 -7.95 -5.70
C ILE W 115 -58.38 -8.53 -4.57
N VAL W 116 -59.28 -9.46 -4.89
CA VAL W 116 -60.10 -10.09 -3.86
C VAL W 116 -59.22 -10.85 -2.88
N GLU W 117 -58.26 -11.61 -3.39
CA GLU W 117 -57.41 -12.42 -2.52
C GLU W 117 -56.52 -11.54 -1.64
N LEU W 118 -55.93 -10.49 -2.22
CA LEU W 118 -55.10 -9.58 -1.42
C LEU W 118 -55.91 -8.85 -0.37
N CYS W 119 -57.21 -8.68 -0.58
CA CYS W 119 -58.08 -8.05 0.41
C CYS W 119 -58.56 -9.02 1.48
N CYS W 120 -58.92 -10.24 1.08
CA CYS W 120 -59.34 -11.26 2.03
C CYS W 120 -58.19 -12.15 2.50
N ALA W 121 -56.96 -11.64 2.45
CA ALA W 121 -55.81 -12.39 2.90
C ALA W 121 -55.55 -12.25 4.40
N LYS W 122 -55.94 -11.12 4.99
CA LYS W 122 -55.77 -10.95 6.43
C LYS W 122 -56.68 -11.87 7.23
N LYS W 123 -57.78 -12.33 6.62
CA LYS W 123 -58.64 -13.31 7.26
C LYS W 123 -58.03 -14.71 7.23
N VAL W 124 -57.21 -15.01 6.22
CA VAL W 124 -56.62 -16.34 6.13
C VAL W 124 -55.53 -16.53 7.17
N PHE W 125 -54.72 -15.50 7.42
CA PHE W 125 -53.62 -15.61 8.37
C PHE W 125 -54.04 -15.16 9.77
N GLU W 126 -54.43 -13.90 9.92
CA GLU W 126 -55.06 -13.43 11.14
C GLU W 126 -56.55 -13.78 11.10
N TRP W 127 -57.19 -13.72 12.27
CA TRP W 127 -58.64 -13.92 12.37
C TRP W 127 -59.09 -15.30 11.92
N ASN W 128 -58.14 -16.19 11.62
CA ASN W 128 -58.45 -17.54 11.21
C ASN W 128 -58.23 -18.49 12.38
N SER W 129 -59.30 -19.12 12.85
CA SER W 129 -59.25 -20.06 13.95
C SER W 129 -59.84 -21.38 13.49
N VAL W 130 -59.86 -22.36 14.40
CA VAL W 130 -60.51 -23.64 14.13
C VAL W 130 -62.02 -23.51 14.11
N GLU W 131 -62.55 -22.32 14.39
CA GLU W 131 -63.99 -22.07 14.39
C GLU W 131 -64.45 -21.25 13.19
N THR W 132 -63.66 -20.28 12.75
CA THR W 132 -64.02 -19.40 11.65
C THR W 132 -63.15 -19.65 10.42
N ALA W 133 -62.83 -20.90 10.15
CA ALA W 133 -62.01 -21.28 9.01
C ALA W 133 -62.91 -21.44 7.78
N GLY W 134 -62.70 -20.60 6.78
CA GLY W 134 -63.52 -20.59 5.59
C GLY W 134 -64.78 -19.78 5.69
N ASP W 135 -65.08 -19.23 6.88
CA ASP W 135 -66.29 -18.44 7.09
C ASP W 135 -66.02 -17.00 6.68
N TYR W 136 -66.63 -16.57 5.57
CA TYR W 136 -66.52 -15.20 5.10
C TYR W 136 -67.83 -14.43 5.26
N ASN W 137 -68.60 -14.78 6.30
CA ASN W 137 -69.84 -14.14 6.73
C ASN W 137 -70.99 -14.37 5.75
N LEU W 138 -70.77 -15.05 4.63
CA LEU W 138 -71.82 -15.27 3.63
C LEU W 138 -72.68 -16.46 4.03
N THR W 139 -73.49 -16.24 5.06
CA THR W 139 -74.38 -17.26 5.61
C THR W 139 -75.82 -16.84 5.35
N ARG W 140 -76.34 -17.20 4.17
CA ARG W 140 -77.71 -16.86 3.79
C ARG W 140 -78.64 -18.05 3.96
N LEU W 141 -78.32 -19.18 3.32
CA LEU W 141 -79.13 -20.38 3.40
C LEU W 141 -78.66 -21.32 4.51
N PHE W 142 -77.74 -20.86 5.34
CA PHE W 142 -77.22 -21.69 6.42
C PHE W 142 -78.33 -22.02 7.41
N PRO W 143 -78.52 -23.29 7.76
CA PRO W 143 -79.49 -23.62 8.80
C PRO W 143 -79.07 -23.04 10.14
N GLU W 144 -80.03 -22.99 11.06
CA GLU W 144 -79.80 -22.37 12.35
C GLU W 144 -79.38 -23.37 13.42
N ASP W 145 -79.97 -24.55 13.42
CA ASP W 145 -79.61 -25.58 14.39
C ASP W 145 -78.18 -26.06 14.18
N ASP W 146 -77.56 -26.51 15.28
CA ASP W 146 -76.14 -26.89 15.23
C ASP W 146 -75.94 -28.13 14.36
N GLU W 147 -76.78 -29.15 14.51
CA GLU W 147 -76.55 -30.40 13.80
C GLU W 147 -76.76 -30.23 12.31
N ALA W 148 -77.72 -29.40 11.90
CA ALA W 148 -77.94 -29.15 10.48
C ALA W 148 -76.85 -28.28 9.90
N GLN W 149 -76.29 -27.35 10.69
CA GLN W 149 -75.13 -26.60 10.25
C GLN W 149 -73.97 -27.54 9.95
N LYS W 150 -73.83 -28.60 10.74
CA LYS W 150 -72.78 -29.58 10.48
C LYS W 150 -73.02 -30.30 9.16
N GLN W 151 -74.28 -30.59 8.85
CA GLN W 151 -74.60 -31.27 7.60
C GLN W 151 -74.24 -30.40 6.39
N MET W 152 -74.61 -29.12 6.43
CA MET W 152 -74.25 -28.21 5.35
C MET W 152 -72.74 -28.04 5.25
N ARG W 153 -72.06 -27.93 6.38
CA ARG W 153 -70.60 -27.91 6.37
C ARG W 153 -70.05 -29.21 5.80
N ILE W 154 -70.64 -30.34 6.18
CA ILE W 154 -70.22 -31.62 5.62
C ILE W 154 -70.59 -31.70 4.13
N ALA W 155 -71.74 -31.12 3.76
CA ALA W 155 -72.16 -31.15 2.37
C ALA W 155 -71.20 -30.37 1.48
N GLU W 156 -70.78 -29.18 1.93
CA GLU W 156 -69.84 -28.38 1.14
C GLU W 156 -68.51 -29.10 0.99
N LEU W 157 -68.00 -29.68 2.07
CA LEU W 157 -66.70 -30.33 2.03
C LEU W 157 -66.71 -31.53 1.08
N LYS W 158 -67.76 -32.36 1.16
CA LYS W 158 -67.83 -33.52 0.28
C LYS W 158 -68.00 -33.10 -1.17
N ASN W 159 -68.80 -32.07 -1.43
CA ASN W 159 -68.91 -31.53 -2.78
C ASN W 159 -67.61 -30.90 -3.24
N GLY W 160 -66.95 -30.15 -2.36
CA GLY W 160 -65.68 -29.55 -2.72
C GLY W 160 -64.60 -30.58 -2.98
N ARG W 161 -64.53 -31.61 -2.14
CA ARG W 161 -63.58 -32.69 -2.36
C ARG W 161 -63.86 -33.41 -3.67
N LEU W 162 -65.14 -33.66 -3.96
CA LEU W 162 -65.51 -34.33 -5.19
C LEU W 162 -65.13 -33.50 -6.41
N ALA W 163 -65.42 -32.19 -6.37
CA ALA W 163 -65.09 -31.32 -7.48
C ALA W 163 -63.58 -31.24 -7.70
N MET W 164 -62.81 -31.21 -6.61
CA MET W 164 -61.35 -31.22 -6.73
C MET W 164 -60.88 -32.41 -7.52
N ILE W 165 -61.38 -33.60 -7.18
CA ILE W 165 -61.03 -34.80 -7.93
C ILE W 165 -61.68 -34.78 -9.30
N ALA W 166 -62.94 -34.36 -9.38
CA ALA W 166 -63.65 -34.37 -10.65
C ALA W 166 -62.99 -33.42 -11.66
N PHE W 167 -62.56 -32.25 -11.22
CA PHE W 167 -61.89 -31.32 -12.14
C PHE W 167 -60.59 -31.92 -12.65
N GLY W 168 -59.86 -32.63 -11.79
CA GLY W 168 -58.63 -33.26 -12.23
C GLY W 168 -58.86 -34.21 -13.40
N GLY W 169 -59.90 -35.03 -13.31
CA GLY W 169 -60.27 -35.85 -14.44
C GLY W 169 -60.76 -35.03 -15.62
N ALA W 170 -61.45 -33.92 -15.33
CA ALA W 170 -62.06 -33.13 -16.39
C ALA W 170 -61.01 -32.59 -17.35
N VAL W 171 -59.96 -31.95 -16.83
CA VAL W 171 -58.92 -31.42 -17.69
C VAL W 171 -58.11 -32.55 -18.33
N THR W 172 -57.81 -33.59 -17.55
CA THR W 172 -57.00 -34.69 -18.08
C THR W 172 -57.74 -35.45 -19.18
N GLN W 173 -59.02 -35.77 -18.95
CA GLN W 173 -59.79 -36.45 -19.98
C GLN W 173 -60.00 -35.55 -21.19
N ALA W 174 -60.25 -34.27 -20.97
CA ALA W 174 -60.48 -33.35 -22.09
C ALA W 174 -59.22 -33.19 -22.93
N VAL W 175 -58.07 -33.03 -22.29
CA VAL W 175 -56.83 -32.76 -23.02
C VAL W 175 -56.42 -33.97 -23.83
N ILE W 176 -56.63 -35.19 -23.30
CA ILE W 176 -56.29 -36.40 -24.05
C ILE W 176 -57.32 -36.75 -25.10
N THR W 177 -58.43 -36.03 -25.16
CA THR W 177 -59.51 -36.37 -26.09
C THR W 177 -59.86 -35.21 -27.01
N GLY W 178 -59.84 -34.00 -26.48
CA GLY W 178 -60.31 -32.86 -27.26
C GLY W 178 -61.76 -32.97 -27.64
N LYS W 179 -62.61 -33.41 -26.70
CA LYS W 179 -63.99 -33.74 -26.96
C LYS W 179 -64.93 -32.91 -26.08
N PRO W 180 -66.23 -32.85 -26.41
CA PRO W 180 -67.16 -32.03 -25.60
C PRO W 180 -67.41 -32.60 -24.20
N PHE W 181 -68.37 -32.00 -23.48
CA PHE W 181 -68.57 -32.18 -22.04
C PHE W 181 -68.35 -33.60 -21.55
N PRO W 182 -69.03 -34.63 -22.08
CA PRO W 182 -68.66 -35.99 -21.64
C PRO W 182 -67.33 -36.37 -22.28
N TRP W 183 -66.26 -36.27 -21.49
CA TRP W 183 -64.91 -36.34 -22.03
C TRP W 183 -64.47 -37.76 -22.36
N THR W 184 -65.41 -38.70 -22.41
CA THR W 184 -65.10 -40.05 -22.88
C THR W 184 -64.68 -40.01 -24.34
N PHE W 185 -63.79 -40.92 -24.71
CA PHE W 185 -63.25 -41.01 -26.06
C PHE W 185 -64.33 -41.10 -27.13
N PHE X 1 -38.40 -54.47 14.67
CA PHE X 1 -38.48 -53.69 13.43
C PHE X 1 -39.67 -54.14 12.59
N ALA X 2 -40.58 -53.20 12.33
CA ALA X 2 -41.78 -53.44 11.52
C ALA X 2 -42.57 -54.64 12.06
N GLY X 3 -42.91 -54.55 13.34
CA GLY X 3 -43.63 -55.65 13.98
C GLY X 3 -42.83 -56.93 13.92
N GLY X 4 -43.49 -58.01 13.52
CA GLY X 4 -42.82 -59.28 13.32
C GLY X 4 -42.73 -59.65 11.86
N LEU X 5 -42.85 -58.65 10.99
CA LEU X 5 -42.82 -58.89 9.55
C LEU X 5 -41.49 -59.52 9.14
N THR X 6 -41.57 -60.41 8.14
CA THR X 6 -40.44 -61.26 7.76
C THR X 6 -39.61 -60.68 6.62
N GLY X 7 -39.73 -59.40 6.32
CA GLY X 7 -38.89 -58.81 5.29
C GLY X 7 -37.42 -58.93 5.62
N SER X 8 -37.06 -58.60 6.87
CA SER X 8 -35.74 -58.91 7.38
C SER X 8 -35.69 -60.36 7.83
N ASP X 9 -34.53 -60.77 8.36
CA ASP X 9 -34.26 -62.13 8.82
C ASP X 9 -34.12 -63.07 7.63
N TYR X 10 -33.18 -64.01 7.73
CA TYR X 10 -32.87 -64.93 6.61
C TYR X 10 -32.58 -64.15 5.34
N GLY X 11 -31.87 -63.03 5.47
CA GLY X 11 -31.70 -62.10 4.38
C GLY X 11 -30.28 -61.91 3.88
N GLY X 12 -29.53 -62.99 3.73
CA GLY X 12 -28.21 -62.91 3.12
C GLY X 12 -27.06 -63.25 4.06
N PHE X 13 -25.90 -62.63 3.83
CA PHE X 13 -24.73 -62.95 4.65
C PHE X 13 -24.99 -62.58 6.11
N GLY X 14 -25.67 -61.46 6.34
CA GLY X 14 -26.20 -61.17 7.66
C GLY X 14 -27.54 -61.86 7.83
N GLY X 15 -27.79 -62.35 9.04
CA GLY X 15 -29.06 -62.99 9.32
C GLY X 15 -30.23 -62.05 9.09
N LYS X 16 -30.12 -60.83 9.61
CA LYS X 16 -31.17 -59.82 9.51
C LYS X 16 -30.61 -58.56 8.86
N TYR X 17 -31.37 -57.99 7.93
CA TYR X 17 -31.01 -56.74 7.26
C TYR X 17 -31.70 -55.53 7.86
N GLU X 18 -33.03 -55.53 7.90
CA GLU X 18 -33.83 -54.43 8.45
C GLU X 18 -33.51 -53.11 7.73
N TRP X 19 -33.83 -53.09 6.44
CA TRP X 19 -33.55 -51.92 5.60
C TRP X 19 -34.77 -51.00 5.61
N ASP X 20 -34.74 -49.97 6.45
CA ASP X 20 -35.74 -48.90 6.45
C ASP X 20 -35.04 -47.56 6.60
N PRO X 21 -34.23 -47.15 5.61
CA PRO X 21 -33.45 -45.92 5.78
C PRO X 21 -34.20 -44.66 5.38
N VAL X 22 -35.49 -44.59 5.70
CA VAL X 22 -36.23 -43.32 5.71
C VAL X 22 -37.10 -43.29 6.96
N GLY X 23 -37.27 -44.44 7.60
CA GLY X 23 -38.14 -44.53 8.74
C GLY X 23 -39.62 -44.57 8.43
N PHE X 24 -40.01 -45.03 7.24
CA PHE X 24 -41.41 -45.08 6.87
C PHE X 24 -42.21 -46.04 7.73
N SER X 25 -41.55 -46.91 8.49
CA SER X 25 -42.19 -47.80 9.45
C SER X 25 -42.31 -47.18 10.83
N THR X 26 -41.21 -46.63 11.36
CA THR X 26 -41.27 -45.97 12.66
C THR X 26 -42.13 -44.72 12.61
N ARG X 27 -42.01 -43.93 11.53
CA ARG X 27 -42.80 -42.71 11.40
C ARG X 27 -44.29 -43.02 11.29
N TRP X 28 -44.64 -44.09 10.57
CA TRP X 28 -46.03 -44.48 10.37
C TRP X 28 -46.19 -45.94 10.76
N PRO X 29 -46.24 -46.23 12.07
CA PRO X 29 -46.37 -47.63 12.50
C PRO X 29 -47.76 -48.21 12.29
N GLU X 30 -48.79 -47.38 12.20
CA GLU X 30 -50.14 -47.86 11.95
C GLU X 30 -50.32 -48.43 10.55
N HIS X 31 -49.39 -48.15 9.63
CA HIS X 31 -49.50 -48.59 8.26
C HIS X 31 -48.61 -49.78 7.92
N LEU X 32 -47.95 -50.39 8.91
CA LEU X 32 -47.14 -51.57 8.63
C LEU X 32 -47.98 -52.69 8.06
N ALA X 33 -49.25 -52.78 8.46
CA ALA X 33 -50.17 -53.71 7.81
C ALA X 33 -50.39 -53.32 6.36
N TRP X 34 -50.63 -52.03 6.11
CA TRP X 34 -50.86 -51.56 4.75
C TRP X 34 -49.61 -51.72 3.89
N TYR X 35 -48.44 -51.41 4.45
CA TYR X 35 -47.22 -51.48 3.68
C TYR X 35 -46.88 -52.92 3.27
N ARG X 36 -47.05 -53.86 4.19
CA ARG X 36 -46.80 -55.25 3.84
C ARG X 36 -47.77 -55.67 2.78
N GLU X 37 -49.03 -55.39 3.02
CA GLU X 37 -50.04 -55.76 2.04
C GLU X 37 -49.69 -55.19 0.67
N ALA X 38 -49.23 -53.94 0.63
CA ALA X 38 -48.84 -53.34 -0.65
C ALA X 38 -47.57 -53.96 -1.19
N GLU X 39 -46.57 -54.18 -0.32
CA GLU X 39 -45.30 -54.75 -0.77
C GLU X 39 -45.51 -56.13 -1.36
N LEU X 40 -46.27 -56.99 -0.66
CA LEU X 40 -46.53 -58.32 -1.18
C LEU X 40 -47.30 -58.25 -2.49
N LYS X 41 -48.43 -57.54 -2.50
CA LYS X 41 -49.24 -57.45 -3.70
C LYS X 41 -48.45 -56.88 -4.88
N HIS X 42 -47.51 -55.99 -4.60
CA HIS X 42 -46.62 -55.51 -5.65
C HIS X 42 -45.73 -56.64 -6.17
N GLY X 43 -45.15 -57.41 -5.26
CA GLY X 43 -44.27 -58.50 -5.68
C GLY X 43 -44.99 -59.53 -6.51
N ARG X 44 -46.16 -59.98 -6.06
CA ARG X 44 -46.88 -61.02 -6.77
C ARG X 44 -47.24 -60.57 -8.18
N ILE X 45 -47.71 -59.33 -8.33
CA ILE X 45 -48.09 -58.84 -9.65
C ILE X 45 -46.85 -58.68 -10.53
N ALA X 46 -45.76 -58.17 -9.97
CA ALA X 46 -44.53 -58.01 -10.74
C ALA X 46 -44.00 -59.34 -11.21
N MET X 47 -44.05 -60.36 -10.34
CA MET X 47 -43.61 -61.70 -10.74
C MET X 47 -44.47 -62.25 -11.86
N LEU X 48 -45.79 -62.06 -11.76
CA LEU X 48 -46.65 -62.44 -12.87
C LEU X 48 -46.43 -61.56 -14.09
N ALA X 49 -46.03 -60.30 -13.87
CA ALA X 49 -45.75 -59.41 -14.99
C ALA X 49 -44.52 -59.87 -15.77
N PHE X 50 -43.43 -60.17 -15.07
CA PHE X 50 -42.21 -60.62 -15.74
C PHE X 50 -42.44 -61.96 -16.44
N ALA X 51 -42.99 -62.93 -15.72
CA ALA X 51 -43.36 -64.19 -16.35
C ALA X 51 -44.44 -63.98 -17.40
N GLY X 52 -45.14 -62.85 -17.35
CA GLY X 52 -46.06 -62.49 -18.40
C GLY X 52 -45.35 -62.24 -19.70
N LEU X 53 -44.52 -61.19 -19.77
CA LEU X 53 -43.90 -60.73 -21.00
C LEU X 53 -43.27 -61.85 -21.83
N LEU X 54 -42.91 -62.96 -21.17
CA LEU X 54 -42.22 -64.05 -21.86
C LEU X 54 -43.18 -65.04 -22.50
N ALA X 55 -44.30 -65.35 -21.83
CA ALA X 55 -45.13 -66.49 -22.25
C ALA X 55 -45.99 -66.16 -23.47
N PRO X 56 -46.66 -64.99 -23.55
CA PRO X 56 -47.27 -64.58 -24.82
C PRO X 56 -46.39 -64.73 -26.04
N ASP X 57 -45.07 -64.63 -25.88
CA ASP X 57 -44.17 -64.85 -27.01
C ASP X 57 -44.23 -66.28 -27.54
N LEU X 58 -44.74 -67.23 -26.75
CA LEU X 58 -44.84 -68.62 -27.18
C LEU X 58 -46.28 -69.06 -27.36
N PHE X 59 -47.10 -68.96 -26.31
CA PHE X 59 -48.51 -69.32 -26.39
C PHE X 59 -49.35 -68.05 -26.30
N ARG X 60 -50.51 -68.07 -26.95
CA ARG X 60 -51.47 -66.97 -26.88
C ARG X 60 -52.83 -67.52 -26.48
N LEU X 61 -53.55 -66.75 -25.67
CA LEU X 61 -54.84 -67.21 -25.16
C LEU X 61 -55.83 -67.40 -26.30
N PRO X 62 -56.80 -68.31 -26.13
CA PRO X 62 -57.76 -68.60 -27.20
C PRO X 62 -58.85 -67.56 -27.37
N TRP X 63 -58.69 -66.36 -26.80
CA TRP X 63 -59.71 -65.33 -26.91
C TRP X 63 -59.95 -64.89 -28.34
N ALA X 64 -59.02 -65.17 -29.25
CA ALA X 64 -59.14 -64.93 -30.69
C ALA X 64 -59.12 -63.45 -31.04
N GLU X 65 -59.08 -62.58 -30.03
CA GLU X 65 -58.69 -61.19 -30.26
C GLU X 65 -57.26 -60.95 -29.84
N PHE X 66 -56.84 -61.58 -28.74
CA PHE X 66 -55.43 -61.63 -28.39
C PHE X 66 -54.63 -62.52 -29.32
N GLN X 67 -55.30 -63.34 -30.14
CA GLN X 67 -54.63 -64.25 -31.06
C GLN X 67 -54.19 -63.49 -32.32
N ASP X 68 -53.31 -62.52 -32.10
CA ASP X 68 -52.78 -61.71 -33.19
C ASP X 68 -51.36 -61.31 -32.85
N SER X 69 -50.49 -61.30 -33.86
CA SER X 69 -49.11 -60.86 -33.69
C SER X 69 -49.06 -59.35 -33.45
N SER X 70 -47.85 -58.83 -33.31
CA SER X 70 -47.54 -57.42 -33.12
C SER X 70 -48.12 -56.85 -31.82
N LEU X 71 -48.68 -57.67 -30.94
CA LEU X 71 -49.16 -57.20 -29.64
C LEU X 71 -48.07 -57.48 -28.60
N ASP X 72 -47.02 -56.66 -28.67
CA ASP X 72 -45.91 -56.74 -27.73
C ASP X 72 -46.29 -55.95 -26.47
N PHE X 73 -45.32 -55.69 -25.60
CA PHE X 73 -45.60 -55.08 -24.31
C PHE X 73 -45.67 -53.55 -24.38
N ALA X 74 -45.52 -52.97 -25.57
CA ALA X 74 -45.65 -51.54 -25.75
C ALA X 74 -46.95 -51.13 -26.43
N ASN X 75 -47.73 -52.09 -26.92
CA ASN X 75 -48.97 -51.80 -27.61
C ASN X 75 -50.15 -52.67 -27.19
N ALA X 76 -49.94 -53.74 -26.42
CA ALA X 76 -51.04 -54.62 -26.06
C ALA X 76 -52.10 -53.88 -25.25
N HIS X 77 -51.67 -52.98 -24.36
CA HIS X 77 -52.61 -52.23 -23.53
C HIS X 77 -53.52 -51.37 -24.39
N ASP X 78 -52.95 -50.41 -25.12
CA ASP X 78 -53.74 -49.45 -25.89
C ASP X 78 -54.48 -50.09 -27.05
N LYS X 79 -54.16 -51.33 -27.41
CA LYS X 79 -54.82 -52.02 -28.52
C LYS X 79 -56.06 -52.78 -28.08
N PHE X 80 -55.99 -53.48 -26.94
CA PHE X 80 -57.08 -54.34 -26.54
C PHE X 80 -58.29 -53.55 -26.05
N VAL X 81 -58.07 -52.51 -25.24
CA VAL X 81 -59.18 -51.68 -24.81
C VAL X 81 -59.76 -50.99 -26.04
N ALA X 82 -61.04 -51.24 -26.30
CA ALA X 82 -61.67 -50.92 -27.58
C ALA X 82 -62.75 -49.87 -27.38
N GLY X 83 -63.50 -49.60 -28.45
CA GLY X 83 -64.51 -48.57 -28.47
C GLY X 83 -65.50 -48.54 -27.32
N PHE X 89 -64.76 -53.55 -22.28
CA PHE X 89 -65.10 -53.80 -23.67
C PHE X 89 -64.25 -54.93 -24.25
N GLY X 90 -62.93 -54.71 -24.29
CA GLY X 90 -62.02 -55.67 -24.86
C GLY X 90 -61.41 -56.60 -23.82
N PRO X 91 -60.32 -57.26 -24.19
CA PRO X 91 -59.67 -58.20 -23.25
C PRO X 91 -59.18 -57.54 -21.98
N MET X 92 -58.72 -56.29 -22.04
CA MET X 92 -58.21 -55.63 -20.85
C MET X 92 -59.28 -55.47 -19.80
N TRP X 93 -60.54 -55.26 -20.22
CA TRP X 93 -61.63 -55.21 -19.27
C TRP X 93 -61.97 -56.59 -18.73
N TRP X 94 -61.73 -57.64 -19.52
CA TRP X 94 -61.89 -59.00 -19.00
C TRP X 94 -60.91 -59.26 -17.87
N GLY X 95 -59.67 -58.81 -18.02
CA GLY X 95 -58.71 -58.93 -16.93
C GLY X 95 -59.05 -58.06 -15.74
N PHE X 96 -59.47 -56.82 -15.99
CA PHE X 96 -59.76 -55.89 -14.90
C PHE X 96 -60.94 -56.37 -14.06
N ILE X 97 -61.99 -56.90 -14.72
CA ILE X 97 -63.12 -57.44 -13.99
C ILE X 97 -62.68 -58.63 -13.14
N ALA X 98 -61.81 -59.48 -13.68
CA ALA X 98 -61.29 -60.61 -12.91
C ALA X 98 -60.53 -60.14 -11.68
N CYS X 99 -59.67 -59.13 -11.85
CA CYS X 99 -58.94 -58.59 -10.71
C CYS X 99 -59.88 -57.98 -9.69
N GLY X 100 -61.02 -57.46 -10.13
CA GLY X 100 -62.01 -56.98 -9.19
C GLY X 100 -62.63 -58.10 -8.38
N GLY X 101 -62.88 -59.24 -9.01
CA GLY X 101 -63.44 -60.37 -8.29
C GLY X 101 -62.53 -60.86 -7.19
N ILE X 102 -61.23 -61.01 -7.50
CA ILE X 102 -60.27 -61.46 -6.50
C ILE X 102 -60.12 -60.42 -5.40
N GLU X 103 -59.99 -59.14 -5.78
CA GLU X 103 -59.75 -58.10 -4.78
C GLU X 103 -60.95 -57.92 -3.87
N TYR X 104 -62.15 -58.22 -4.35
CA TYR X 104 -63.33 -58.15 -3.49
C TYR X 104 -63.26 -59.19 -2.38
N GLN X 105 -62.69 -60.35 -2.67
CA GLN X 105 -62.55 -61.39 -1.67
C GLN X 105 -61.69 -60.91 -0.50
N ARG X 106 -60.61 -60.18 -0.80
CA ARG X 106 -59.75 -59.66 0.25
C ARG X 106 -60.50 -58.71 1.17
N PHE X 107 -61.47 -57.96 0.62
CA PHE X 107 -62.27 -57.06 1.45
C PHE X 107 -63.09 -57.83 2.47
N ARG X 108 -63.69 -58.96 2.05
CA ARG X 108 -64.54 -59.71 2.95
C ARG X 108 -63.77 -60.25 4.15
N LYS X 109 -62.54 -60.71 3.92
CA LYS X 109 -61.77 -61.32 5.00
C LYS X 109 -61.31 -60.30 6.03
N LEU X 110 -61.04 -59.06 5.61
CA LEU X 110 -60.49 -58.05 6.50
C LEU X 110 -61.45 -56.89 6.75
N GLY X 111 -62.71 -57.04 6.40
CA GLY X 111 -63.68 -55.98 6.57
C GLY X 111 -63.59 -54.93 5.48
N LEU X 112 -64.60 -54.07 5.43
CA LEU X 112 -64.68 -53.07 4.37
C LEU X 112 -63.57 -52.05 4.48
N GLY X 113 -63.35 -51.50 5.67
CA GLY X 113 -62.28 -50.54 5.87
C GLY X 113 -60.93 -51.16 6.10
N MET X 114 -60.80 -52.47 5.90
CA MET X 114 -59.58 -53.23 6.19
C MET X 114 -59.13 -52.99 7.62
N GLU X 115 -60.11 -52.97 8.54
CA GLU X 115 -59.79 -52.82 9.96
C GLU X 115 -59.08 -54.05 10.50
N GLY X 116 -59.44 -55.24 10.02
CA GLY X 116 -58.78 -56.46 10.48
C GLY X 116 -57.35 -56.60 10.01
N LEU X 117 -56.94 -55.79 9.02
CA LEU X 117 -55.57 -55.83 8.53
C LEU X 117 -54.59 -55.49 9.65
N THR X 118 -53.79 -56.49 10.03
CA THR X 118 -52.74 -56.26 11.03
C THR X 118 -51.38 -56.68 10.47
N LEU X 119 -50.37 -56.71 11.34
CA LEU X 119 -49.00 -56.96 10.92
C LEU X 119 -48.69 -58.44 10.76
N GLU X 120 -49.69 -59.32 10.86
CA GLU X 120 -49.45 -60.76 10.75
C GLU X 120 -50.34 -61.39 9.69
N ASN X 121 -51.53 -60.81 9.47
CA ASN X 121 -52.43 -61.30 8.44
C ASN X 121 -52.23 -60.58 7.11
N ALA X 122 -51.29 -59.65 7.03
CA ALA X 122 -51.08 -58.89 5.81
C ALA X 122 -50.54 -59.79 4.70
N GLY X 123 -51.08 -59.62 3.50
CA GLY X 123 -50.66 -60.40 2.35
C GLY X 123 -50.86 -61.88 2.53
N ASN X 124 -51.84 -62.27 3.34
CA ASN X 124 -52.16 -63.66 3.63
C ASN X 124 -53.61 -63.89 3.20
N LEU X 125 -53.80 -64.26 1.94
CA LEU X 125 -55.14 -64.54 1.44
C LEU X 125 -55.65 -65.91 1.89
N GLY X 126 -54.79 -66.75 2.44
CA GLY X 126 -55.20 -68.04 2.98
C GLY X 126 -55.02 -69.21 2.04
N TRP X 127 -54.45 -69.01 0.86
CA TRP X 127 -54.23 -70.09 -0.10
C TRP X 127 -53.00 -70.88 0.32
N PHE X 128 -53.24 -71.97 1.06
CA PHE X 128 -52.18 -72.81 1.61
C PHE X 128 -52.30 -74.20 0.97
N ASP X 129 -51.45 -74.48 -0.03
CA ASP X 129 -51.38 -75.81 -0.60
C ASP X 129 -49.99 -76.43 -0.44
N LEU X 130 -48.93 -75.74 -0.84
CA LEU X 130 -47.56 -76.19 -0.74
C LEU X 130 -46.94 -76.05 0.66
N PRO X 131 -47.19 -74.97 1.41
CA PRO X 131 -46.42 -74.76 2.65
C PRO X 131 -46.71 -75.83 3.69
N LYS X 132 -45.72 -76.06 4.54
CA LYS X 132 -45.85 -77.03 5.63
C LYS X 132 -45.16 -76.48 6.85
N ASN X 133 -45.58 -76.94 8.04
CA ASN X 133 -44.92 -76.63 9.30
C ASN X 133 -45.02 -75.15 9.61
N SER X 134 -44.26 -74.68 10.60
CA SER X 134 -44.26 -73.29 11.04
C SER X 134 -43.00 -72.52 10.69
N GLU X 135 -41.83 -73.17 10.79
CA GLU X 135 -40.59 -72.49 10.43
C GLU X 135 -40.44 -72.34 8.92
N GLU X 136 -40.95 -73.31 8.16
CA GLU X 136 -40.92 -73.19 6.71
C GLU X 136 -41.77 -72.02 6.24
N ARG X 137 -42.93 -71.83 6.87
CA ARG X 137 -43.76 -70.66 6.55
C ARG X 137 -42.97 -69.38 6.73
N LEU X 138 -42.16 -69.31 7.79
CA LEU X 138 -41.25 -68.18 7.95
C LEU X 138 -40.21 -68.17 6.84
N PHE X 139 -39.64 -69.33 6.53
CA PHE X 139 -38.65 -69.41 5.45
C PHE X 139 -39.28 -69.10 4.10
N TYR X 140 -40.47 -69.64 3.84
CA TYR X 140 -41.14 -69.38 2.57
C TYR X 140 -41.59 -67.94 2.44
N GLU X 141 -42.02 -67.32 3.55
CA GLU X 141 -42.44 -65.93 3.50
C GLU X 141 -41.29 -65.01 3.10
N THR X 142 -40.09 -65.28 3.60
CA THR X 142 -38.93 -64.52 3.19
C THR X 142 -38.55 -64.86 1.74
N ALA X 143 -38.68 -66.13 1.37
CA ALA X 143 -38.43 -66.53 -0.02
C ALA X 143 -39.42 -65.86 -0.96
N GLU X 144 -40.67 -65.71 -0.52
CA GLU X 144 -41.65 -64.96 -1.29
C GLU X 144 -41.16 -63.55 -1.55
N LEU X 145 -40.89 -62.79 -0.48
CA LEU X 145 -40.54 -61.39 -0.63
C LEU X 145 -39.27 -61.21 -1.44
N LYS X 146 -38.24 -62.01 -1.13
CA LYS X 146 -36.96 -61.85 -1.81
C LYS X 146 -37.11 -62.05 -3.31
N ASN X 147 -37.91 -63.04 -3.72
CA ASN X 147 -38.29 -63.14 -5.12
C ASN X 147 -39.16 -61.96 -5.54
N GLY X 148 -40.12 -61.58 -4.70
CA GLY X 148 -41.06 -60.53 -5.08
C GLY X 148 -40.38 -59.18 -5.24
N ARG X 149 -39.53 -58.81 -4.29
CA ARG X 149 -38.81 -57.54 -4.40
C ARG X 149 -37.90 -57.51 -5.62
N LEU X 150 -37.26 -58.64 -5.92
CA LEU X 150 -36.38 -58.72 -7.08
C LEU X 150 -37.15 -58.52 -8.38
N ALA X 151 -38.31 -59.18 -8.50
CA ALA X 151 -39.09 -59.06 -9.73
C ALA X 151 -39.70 -57.66 -9.87
N MET X 152 -39.98 -57.00 -8.75
CA MET X 152 -40.48 -55.62 -8.81
C MET X 152 -39.45 -54.71 -9.46
N LEU X 153 -38.17 -54.89 -9.13
CA LEU X 153 -37.12 -54.15 -9.82
C LEU X 153 -36.87 -54.70 -11.21
N ALA X 154 -37.09 -56.01 -11.41
CA ALA X 154 -36.86 -56.61 -12.71
C ALA X 154 -37.85 -56.12 -13.74
N VAL X 155 -39.15 -56.17 -13.42
CA VAL X 155 -40.16 -55.71 -14.37
C VAL X 155 -40.04 -54.20 -14.55
N SER X 156 -39.56 -53.48 -13.53
CA SER X 156 -39.28 -52.06 -13.68
C SER X 156 -38.20 -51.83 -14.72
N GLY X 157 -37.12 -52.61 -14.67
CA GLY X 157 -36.11 -52.53 -15.69
C GLY X 157 -36.60 -53.03 -17.04
N ILE X 158 -37.49 -54.03 -17.03
CA ILE X 158 -38.02 -54.56 -18.28
C ILE X 158 -38.85 -53.50 -18.99
N PHE X 159 -39.79 -52.88 -18.27
CA PHE X 159 -40.68 -51.92 -18.90
C PHE X 159 -39.91 -50.71 -19.41
N THR X 160 -38.99 -50.18 -18.61
CA THR X 160 -38.26 -48.99 -19.01
C THR X 160 -37.27 -49.28 -20.13
N ALA X 161 -36.44 -50.31 -19.96
CA ALA X 161 -35.44 -50.61 -20.97
C ALA X 161 -36.07 -51.10 -22.27
N GLY X 162 -37.12 -51.92 -22.16
CA GLY X 162 -37.73 -52.47 -23.36
C GLY X 162 -38.40 -51.42 -24.23
N ILE X 163 -39.02 -50.41 -23.60
CA ILE X 163 -39.73 -49.41 -24.39
C ILE X 163 -38.81 -48.27 -24.79
N PHE X 164 -37.76 -48.00 -24.01
CA PHE X 164 -36.82 -46.94 -24.37
C PHE X 164 -35.90 -47.38 -25.50
N TRP X 165 -35.25 -48.53 -25.33
CA TRP X 165 -34.35 -49.08 -26.33
C TRP X 165 -35.08 -49.88 -27.41
N ASP X 166 -36.40 -49.98 -27.31
CA ASP X 166 -37.23 -50.66 -28.31
C ASP X 166 -36.84 -52.12 -28.46
N GLN X 167 -36.89 -52.84 -27.34
CA GLN X 167 -36.58 -54.27 -27.33
C GLN X 167 -37.82 -55.13 -27.44
N HIS X 168 -38.74 -55.00 -26.48
CA HIS X 168 -40.06 -55.63 -26.48
C HIS X 168 -40.01 -57.15 -26.37
N HIS X 169 -38.87 -57.73 -26.00
CA HIS X 169 -38.72 -59.17 -25.92
C HIS X 169 -37.76 -59.51 -24.78
N PHE X 170 -37.71 -60.80 -24.41
CA PHE X 170 -37.06 -61.25 -23.17
C PHE X 170 -35.69 -60.66 -22.90
N PRO X 171 -34.77 -60.57 -23.87
CA PRO X 171 -33.49 -59.91 -23.55
C PRO X 171 -33.66 -58.49 -23.06
N PHE X 172 -34.65 -57.76 -23.58
CA PHE X 172 -34.97 -56.39 -23.17
C PHE X 172 -33.71 -55.52 -23.17
N ILE X 173 -32.97 -55.59 -24.27
CA ILE X 173 -31.72 -54.87 -24.43
C ILE X 173 -31.63 -54.27 -25.83
N GLU Y 4 -24.04 -95.57 9.23
CA GLU Y 4 -24.70 -94.27 9.28
C GLU Y 4 -24.62 -93.57 7.93
N LEU Y 5 -25.39 -92.49 7.78
CA LEU Y 5 -25.40 -91.68 6.57
C LEU Y 5 -25.67 -92.51 5.32
N GLY Y 6 -24.69 -92.55 4.42
CA GLY Y 6 -24.88 -93.15 3.11
C GLY Y 6 -24.89 -94.68 3.09
N VAL Y 7 -24.89 -95.31 4.25
CA VAL Y 7 -24.98 -96.76 4.25
C VAL Y 7 -26.33 -97.03 3.67
N GLN Y 8 -26.38 -97.95 2.73
CA GLN Y 8 -27.66 -98.12 2.10
C GLN Y 8 -28.40 -99.34 2.52
N ALA Y 9 -29.29 -99.76 1.65
CA ALA Y 9 -30.13 -100.92 1.96
C ALA Y 9 -29.74 -102.15 1.13
N PRO Y 10 -29.58 -102.05 -0.20
CA PRO Y 10 -29.27 -103.25 -0.98
C PRO Y 10 -27.86 -103.79 -0.76
N VAL Y 11 -26.95 -103.00 -0.17
CA VAL Y 11 -25.58 -103.42 0.08
C VAL Y 11 -25.13 -102.81 1.41
N GLY Y 12 -24.02 -103.33 1.94
CA GLY Y 12 -23.53 -102.87 3.22
C GLY Y 12 -22.57 -101.70 3.11
N PHE Y 13 -21.33 -101.90 3.56
CA PHE Y 13 -20.31 -100.86 3.45
C PHE Y 13 -19.66 -100.82 2.07
N TRP Y 14 -19.90 -101.84 1.24
CA TRP Y 14 -19.41 -101.93 -0.13
C TRP Y 14 -17.97 -101.43 -0.26
N ASP Y 15 -17.10 -102.08 0.52
CA ASP Y 15 -15.68 -101.72 0.58
C ASP Y 15 -14.80 -102.94 0.35
N PRO Y 16 -14.76 -103.46 -0.89
CA PRO Y 16 -13.81 -104.54 -1.19
C PRO Y 16 -12.40 -104.03 -1.43
N VAL Y 17 -12.20 -102.74 -1.18
CA VAL Y 17 -10.88 -102.13 -1.35
C VAL Y 17 -10.44 -101.47 -0.04
N ASP Y 22 -11.86 -97.11 1.54
CA ASP Y 22 -11.38 -96.55 2.80
C ASP Y 22 -11.53 -97.56 3.95
N GLY Y 23 -12.48 -97.30 4.85
CA GLY Y 23 -12.66 -98.14 6.02
C GLY Y 23 -12.06 -97.53 7.27
N ASN Y 24 -12.28 -96.24 7.47
CA ASN Y 24 -11.78 -95.51 8.64
C ASN Y 24 -12.76 -94.38 8.93
N VAL Y 25 -12.33 -93.40 9.71
CA VAL Y 25 -13.17 -92.27 10.10
C VAL Y 25 -12.77 -90.99 9.36
N ALA Y 26 -11.54 -90.52 9.56
CA ALA Y 26 -11.09 -89.29 8.91
C ALA Y 26 -10.98 -89.48 7.40
N SER Y 27 -10.42 -90.61 6.96
CA SER Y 27 -10.29 -90.88 5.53
C SER Y 27 -11.66 -91.04 4.88
N PHE Y 28 -12.60 -91.69 5.57
CA PHE Y 28 -13.96 -91.80 5.04
C PHE Y 28 -14.61 -90.43 4.91
N ARG Y 29 -14.34 -89.53 5.86
CA ARG Y 29 -14.94 -88.20 5.81
C ARG Y 29 -14.53 -87.45 4.55
N ARG Y 30 -13.24 -87.50 4.21
CA ARG Y 30 -12.78 -86.89 2.96
C ARG Y 30 -13.37 -87.60 1.75
N ARG Y 31 -13.45 -88.94 1.80
CA ARG Y 31 -14.05 -89.68 0.70
C ARG Y 31 -15.53 -89.36 0.57
N ARG Y 32 -16.23 -89.20 1.70
CA ARG Y 32 -17.63 -88.83 1.66
C ARG Y 32 -17.82 -87.47 0.99
N THR Y 33 -16.94 -86.51 1.29
CA THR Y 33 -17.03 -85.20 0.64
C THR Y 33 -16.88 -85.34 -0.87
N VAL Y 34 -15.94 -86.18 -1.31
CA VAL Y 34 -15.80 -86.45 -2.73
C VAL Y 34 -17.06 -87.11 -3.29
N GLU Y 35 -17.62 -88.06 -2.54
CA GLU Y 35 -18.78 -88.80 -3.04
C GLU Y 35 -19.98 -87.88 -3.24
N LEU Y 36 -20.34 -87.09 -2.23
CA LEU Y 36 -21.47 -86.18 -2.37
C LEU Y 36 -21.20 -85.17 -3.47
N LYS Y 37 -19.98 -84.63 -3.51
CA LYS Y 37 -19.64 -83.63 -4.52
C LYS Y 37 -19.82 -84.18 -5.93
N HIS Y 38 -19.31 -85.39 -6.18
CA HIS Y 38 -19.50 -86.01 -7.49
C HIS Y 38 -20.97 -86.32 -7.74
N GLY Y 39 -21.72 -86.65 -6.69
CA GLY Y 39 -23.14 -86.90 -6.85
C GLY Y 39 -23.90 -85.68 -7.33
N ARG Y 40 -23.60 -84.51 -6.77
CA ARG Y 40 -24.33 -83.29 -7.13
C ARG Y 40 -24.11 -82.95 -8.60
N ILE Y 41 -22.88 -83.03 -9.07
CA ILE Y 41 -22.56 -82.63 -10.44
C ILE Y 41 -23.26 -83.54 -11.44
N SER Y 42 -23.24 -84.85 -11.19
CA SER Y 42 -23.87 -85.79 -12.10
C SER Y 42 -25.37 -85.52 -12.23
N MET Y 43 -26.04 -85.29 -11.10
CA MET Y 43 -27.45 -84.96 -11.14
C MET Y 43 -27.70 -83.66 -11.90
N LEU Y 44 -26.84 -82.66 -11.68
CA LEU Y 44 -26.91 -81.44 -12.47
C LEU Y 44 -26.59 -81.73 -13.94
N ALA Y 45 -25.57 -82.56 -14.19
CA ALA Y 45 -25.18 -82.85 -15.56
C ALA Y 45 -26.22 -83.73 -16.26
N ALA Y 46 -26.76 -84.73 -15.56
CA ALA Y 46 -27.73 -85.64 -16.17
C ALA Y 46 -28.99 -84.89 -16.60
N MET Y 47 -29.61 -84.17 -15.67
CA MET Y 47 -30.74 -83.32 -16.04
C MET Y 47 -30.27 -82.17 -16.92
N GLY Y 48 -28.99 -81.79 -16.80
CA GLY Y 48 -28.46 -80.75 -17.67
C GLY Y 48 -28.32 -81.19 -19.10
N TYR Y 49 -28.03 -82.48 -19.33
CA TYR Y 49 -27.89 -82.99 -20.68
C TYR Y 49 -29.23 -83.22 -21.37
N MET Y 50 -30.28 -83.53 -20.61
CA MET Y 50 -31.59 -83.80 -21.20
C MET Y 50 -32.28 -82.53 -21.69
N THR Y 51 -31.84 -81.37 -21.25
CA THR Y 51 -32.50 -80.11 -21.55
C THR Y 51 -32.17 -79.53 -22.93
N PRO Y 52 -30.91 -79.58 -23.40
CA PRO Y 52 -30.65 -79.19 -24.81
C PRO Y 52 -31.37 -80.09 -25.80
N GLU Y 53 -31.82 -81.25 -25.34
CA GLU Y 53 -32.82 -82.10 -25.99
C GLU Y 53 -34.16 -81.44 -25.73
N ILE Y 54 -35.24 -82.21 -25.68
CA ILE Y 54 -36.60 -81.69 -25.54
C ILE Y 54 -36.63 -80.47 -24.64
N THR Y 55 -37.36 -79.44 -25.07
CA THR Y 55 -37.28 -78.01 -24.75
C THR Y 55 -36.15 -77.34 -25.55
N GLY Y 56 -35.36 -78.08 -26.31
CA GLY Y 56 -34.43 -77.49 -27.25
C GLY Y 56 -33.21 -76.87 -26.58
N LYS Y 57 -32.38 -76.25 -27.43
CA LYS Y 57 -31.16 -75.58 -26.98
C LYS Y 57 -31.49 -74.19 -26.44
N PHE Y 58 -32.14 -74.17 -25.28
CA PHE Y 58 -32.67 -72.94 -24.71
C PHE Y 58 -31.54 -72.04 -24.24
N PRO Y 59 -31.44 -70.79 -24.74
CA PRO Y 59 -30.41 -69.87 -24.25
C PRO Y 59 -30.74 -68.43 -24.64
N GLY Y 60 -30.22 -67.98 -25.77
CA GLY Y 60 -30.59 -66.68 -26.32
C GLY Y 60 -29.92 -65.51 -25.63
N TYR Y 61 -30.30 -64.31 -26.09
CA TYR Y 61 -29.90 -63.03 -25.52
C TYR Y 61 -28.43 -62.70 -25.77
N LEU Y 62 -28.04 -61.46 -25.49
CA LEU Y 62 -26.75 -60.92 -25.91
C LEU Y 62 -25.63 -61.48 -25.04
N SER Y 63 -24.86 -62.41 -25.61
CA SER Y 63 -23.76 -63.07 -24.93
C SER Y 63 -22.42 -62.71 -25.57
N PRO Y 64 -21.31 -62.89 -24.85
CA PRO Y 64 -19.99 -62.44 -25.35
C PRO Y 64 -19.57 -63.28 -26.55
N SER Y 65 -19.46 -62.62 -27.71
CA SER Y 65 -19.23 -63.28 -28.99
C SER Y 65 -20.31 -64.30 -29.30
N THR Y 66 -21.40 -64.28 -28.54
CA THR Y 66 -22.52 -65.19 -28.71
C THR Y 66 -23.84 -64.45 -28.51
N LEU Y 67 -23.95 -63.24 -29.06
CA LEU Y 67 -25.18 -62.47 -28.90
C LEU Y 67 -26.35 -63.20 -29.54
N LEU Y 68 -27.44 -63.34 -28.77
CA LEU Y 68 -28.63 -64.06 -29.22
C LEU Y 68 -28.29 -65.49 -29.62
N LYS Y 69 -27.37 -66.11 -28.88
CA LYS Y 69 -26.95 -67.48 -29.18
C LYS Y 69 -27.99 -68.45 -28.65
N TYR Y 70 -28.61 -69.22 -29.56
CA TYR Y 70 -29.56 -70.24 -29.15
C TYR Y 70 -28.81 -71.49 -28.73
N ASP Y 71 -27.84 -71.34 -27.84
CA ASP Y 71 -27.01 -72.44 -27.34
C ASP Y 71 -26.43 -73.24 -28.51
N ASP Y 72 -25.63 -72.56 -29.32
CA ASP Y 72 -25.08 -73.15 -30.53
C ASP Y 72 -24.07 -74.26 -30.25
N ILE Y 73 -23.82 -74.61 -28.99
CA ILE Y 73 -22.98 -75.75 -28.67
C ILE Y 73 -23.83 -77.01 -28.77
N PRO Y 74 -23.76 -77.73 -29.87
CA PRO Y 74 -24.61 -78.92 -30.05
C PRO Y 74 -23.92 -80.18 -29.57
N ASN Y 75 -24.67 -81.28 -29.60
CA ASN Y 75 -24.21 -82.62 -29.23
C ASN Y 75 -23.93 -82.73 -27.74
N GLY Y 76 -23.82 -83.96 -27.25
CA GLY Y 76 -23.63 -84.17 -25.82
C GLY Y 76 -22.31 -83.60 -25.31
N LEU Y 77 -21.26 -83.71 -26.11
CA LEU Y 77 -19.97 -83.16 -25.70
C LEU Y 77 -19.98 -81.64 -25.72
N GLY Y 78 -20.88 -81.04 -26.51
CA GLY Y 78 -20.97 -79.61 -26.63
C GLY Y 78 -20.05 -79.00 -27.67
N ALA Y 79 -18.97 -79.70 -28.03
CA ALA Y 79 -17.95 -79.21 -28.98
C ALA Y 79 -17.50 -77.82 -28.51
N ILE Y 80 -17.36 -76.83 -29.39
CA ILE Y 80 -17.02 -75.47 -29.02
C ILE Y 80 -17.20 -74.57 -30.23
N SER Y 81 -16.11 -74.28 -30.93
CA SER Y 81 -16.12 -73.40 -32.10
C SER Y 81 -16.72 -72.04 -31.76
N LYS Y 82 -16.34 -71.51 -30.60
CA LYS Y 82 -16.80 -70.21 -30.12
C LYS Y 82 -18.32 -70.17 -29.99
N VAL Y 83 -18.91 -71.31 -29.64
CA VAL Y 83 -20.36 -71.42 -29.48
C VAL Y 83 -20.67 -71.89 -28.07
N PRO Y 84 -21.07 -70.98 -27.15
CA PRO Y 84 -21.54 -71.38 -25.81
C PRO Y 84 -20.56 -72.22 -24.98
N ALA Y 85 -19.84 -73.16 -25.62
CA ALA Y 85 -18.87 -73.95 -24.88
C ALA Y 85 -17.73 -73.09 -24.38
N LEU Y 86 -17.35 -72.07 -25.15
CA LEU Y 86 -16.42 -71.06 -24.62
C LEU Y 86 -17.03 -70.34 -23.43
N GLY Y 87 -18.35 -70.13 -23.47
CA GLY Y 87 -19.05 -69.60 -22.32
C GLY Y 87 -19.19 -70.60 -21.18
N TRP Y 88 -19.06 -71.89 -21.47
CA TRP Y 88 -19.02 -72.88 -20.40
C TRP Y 88 -17.81 -72.68 -19.51
N ALA Y 89 -16.76 -72.04 -20.03
CA ALA Y 89 -15.63 -71.68 -19.19
C ALA Y 89 -16.03 -70.70 -18.10
N GLN Y 90 -16.96 -69.79 -18.40
CA GLN Y 90 -17.52 -68.92 -17.36
C GLN Y 90 -18.25 -69.75 -16.32
N ILE Y 91 -18.97 -70.79 -16.75
CA ILE Y 91 -19.53 -71.74 -15.80
C ILE Y 91 -18.43 -72.36 -14.97
N PHE Y 92 -17.32 -72.73 -15.62
CA PHE Y 92 -16.19 -73.32 -14.91
C PHE Y 92 -15.60 -72.33 -13.90
N VAL Y 93 -15.48 -71.06 -14.29
CA VAL Y 93 -14.90 -70.05 -13.40
C VAL Y 93 -15.82 -69.80 -12.20
N TYR Y 94 -17.11 -69.59 -12.48
CA TYR Y 94 -18.03 -69.29 -11.38
C TYR Y 94 -18.31 -70.52 -10.54
N CYS Y 95 -18.16 -71.72 -11.11
CA CYS Y 95 -18.20 -72.93 -10.29
C CYS Y 95 -17.07 -72.94 -9.27
N GLY Y 96 -15.90 -72.43 -9.66
CA GLY Y 96 -14.79 -72.33 -8.72
C GLY Y 96 -15.06 -71.33 -7.61
N TYR Y 97 -15.76 -70.23 -7.92
CA TYR Y 97 -16.06 -69.23 -6.92
C TYR Y 97 -16.88 -69.82 -5.78
N ALA Y 98 -17.91 -70.61 -6.13
CA ALA Y 98 -18.66 -71.32 -5.09
C ALA Y 98 -17.81 -72.41 -4.45
N GLU Y 99 -16.83 -72.94 -5.18
CA GLU Y 99 -15.95 -73.97 -4.64
C GLU Y 99 -14.83 -73.40 -3.77
N LEU Y 100 -14.63 -72.08 -3.79
CA LEU Y 100 -13.64 -71.45 -2.93
C LEU Y 100 -14.27 -70.58 -1.84
N SER Y 101 -15.56 -70.28 -1.95
CA SER Y 101 -16.28 -69.55 -0.90
C SER Y 101 -17.10 -70.50 -0.03
N GLN Y 102 -18.00 -71.28 -0.63
CA GLN Y 102 -18.78 -72.27 0.09
C GLN Y 102 -18.17 -73.64 -0.22
N ASP Y 103 -17.12 -73.98 0.52
CA ASP Y 103 -16.24 -75.09 0.20
C ASP Y 103 -16.22 -76.11 1.34
N GLN Y 104 -15.32 -77.09 1.21
CA GLN Y 104 -15.22 -78.19 2.16
C GLN Y 104 -14.24 -77.92 3.30
N THR Y 105 -13.30 -77.00 3.13
CA THR Y 105 -12.43 -76.63 4.25
C THR Y 105 -13.20 -76.07 5.43
N PRO Y 106 -14.13 -75.13 5.27
CA PRO Y 106 -15.02 -74.77 6.38
C PRO Y 106 -16.30 -75.58 6.45
N GLY Y 107 -16.44 -76.61 5.62
CA GLY Y 107 -17.59 -77.48 5.62
C GLY Y 107 -17.49 -78.53 6.72
N SER Y 108 -17.82 -78.15 7.96
CA SER Y 108 -17.59 -78.99 9.13
C SER Y 108 -18.10 -80.42 9.00
N PRO Y 109 -19.33 -80.69 8.53
CA PRO Y 109 -19.72 -82.09 8.29
C PRO Y 109 -19.17 -82.61 6.97
N GLY Y 110 -19.61 -83.79 6.55
CA GLY Y 110 -19.14 -84.37 5.31
C GLY Y 110 -19.17 -83.43 4.11
N ALA Y 111 -20.38 -83.06 3.67
CA ALA Y 111 -20.54 -82.14 2.55
C ALA Y 111 -21.68 -81.17 2.81
N GLU Y 112 -21.74 -80.62 4.03
CA GLU Y 112 -22.75 -79.64 4.40
C GLU Y 112 -22.27 -78.23 4.07
N GLY Y 113 -23.10 -77.48 3.35
CA GLY Y 113 -22.80 -76.10 3.03
C GLY Y 113 -23.67 -75.15 3.83
N ASN Y 114 -24.12 -75.60 5.00
CA ASN Y 114 -24.97 -74.86 5.93
C ASN Y 114 -26.38 -74.65 5.41
N PHE Y 115 -26.73 -75.25 4.28
CA PHE Y 115 -28.10 -75.21 3.75
C PHE Y 115 -28.55 -73.77 3.51
N GLY Y 116 -27.87 -73.11 2.57
CA GLY Y 116 -28.19 -71.71 2.29
C GLY Y 116 -29.64 -71.51 1.91
N PHE Y 117 -30.17 -72.37 1.03
CA PHE Y 117 -31.55 -72.27 0.60
C PHE Y 117 -32.55 -72.55 1.72
N LYS Y 118 -32.11 -73.19 2.81
CA LYS Y 118 -33.00 -73.57 3.91
C LYS Y 118 -34.15 -74.43 3.42
N VAL Y 119 -33.91 -75.23 2.37
CA VAL Y 119 -34.93 -76.13 1.85
C VAL Y 119 -35.34 -77.15 2.92
N LEU Y 120 -34.42 -77.49 3.80
CA LEU Y 120 -34.65 -78.47 4.84
C LEU Y 120 -35.28 -77.89 6.10
N THR Y 121 -35.39 -76.56 6.19
CA THR Y 121 -36.07 -75.96 7.31
C THR Y 121 -37.58 -76.12 7.12
N SER Y 122 -38.02 -77.37 7.03
CA SER Y 122 -39.41 -77.78 6.89
C SER Y 122 -40.02 -77.45 5.54
N SER Y 123 -39.24 -76.87 4.62
CA SER Y 123 -39.77 -76.61 3.28
C SER Y 123 -40.09 -77.90 2.55
N ASP Y 124 -39.35 -78.99 2.84
CA ASP Y 124 -39.67 -80.38 2.48
C ASP Y 124 -38.55 -81.33 2.90
N PRO Y 125 -37.27 -81.10 2.52
CA PRO Y 125 -36.19 -81.99 3.00
C PRO Y 125 -36.06 -82.02 4.52
N ASP Y 126 -35.44 -83.06 5.05
CA ASP Y 126 -35.25 -83.24 6.48
C ASP Y 126 -33.77 -83.52 6.76
N SER Y 127 -33.40 -83.32 8.03
CA SER Y 127 -32.02 -83.56 8.46
C SER Y 127 -31.83 -85.04 8.75
N LEU Y 128 -30.77 -85.61 8.17
CA LEU Y 128 -30.39 -87.00 8.40
C LEU Y 128 -31.45 -87.96 7.89
N GLU Y 129 -31.41 -89.20 8.35
CA GLU Y 129 -32.41 -90.24 8.04
C GLU Y 129 -32.41 -90.47 6.54
N LYS Y 130 -33.58 -90.64 5.92
CA LYS Y 130 -33.64 -91.01 4.51
C LYS Y 130 -33.08 -89.92 3.61
N LYS Y 131 -33.37 -88.66 3.91
CA LYS Y 131 -33.02 -87.57 3.01
C LYS Y 131 -31.52 -87.50 2.76
N LEU Y 132 -30.72 -87.61 3.83
CA LEU Y 132 -29.27 -87.64 3.65
C LEU Y 132 -28.84 -88.91 2.93
N ALA Y 133 -29.52 -90.03 3.20
CA ALA Y 133 -29.24 -91.26 2.48
C ALA Y 133 -29.77 -91.20 1.06
N SER Y 134 -30.90 -90.50 0.85
CA SER Y 134 -31.47 -90.43 -0.50
C SER Y 134 -30.63 -89.55 -1.41
N GLU Y 135 -30.04 -88.48 -0.88
CA GLU Y 135 -29.20 -87.61 -1.69
C GLU Y 135 -28.00 -88.36 -2.23
N ILE Y 136 -27.29 -89.08 -1.36
CA ILE Y 136 -26.07 -89.77 -1.77
C ILE Y 136 -26.40 -90.93 -2.71
N ALA Y 137 -27.47 -91.67 -2.42
CA ALA Y 137 -27.85 -92.79 -3.28
C ALA Y 137 -28.24 -92.30 -4.66
N ASN Y 138 -29.00 -91.20 -4.74
CA ASN Y 138 -29.37 -90.64 -6.03
C ASN Y 138 -28.14 -90.14 -6.77
N GLY Y 139 -27.18 -89.57 -6.05
CA GLY Y 139 -25.95 -89.13 -6.68
C GLY Y 139 -25.19 -90.28 -7.32
N ARG Y 140 -25.13 -91.42 -6.63
CA ARG Y 140 -24.44 -92.59 -7.18
C ARG Y 140 -25.09 -93.06 -8.47
N LEU Y 141 -26.42 -93.08 -8.51
CA LEU Y 141 -27.12 -93.49 -9.74
C LEU Y 141 -26.83 -92.53 -10.88
N ALA Y 142 -26.84 -91.22 -10.60
CA ALA Y 142 -26.63 -90.24 -11.64
C ALA Y 142 -25.20 -90.29 -12.17
N MET Y 143 -24.23 -90.55 -11.29
CA MET Y 143 -22.83 -90.62 -11.72
C MET Y 143 -22.63 -91.74 -12.74
N MET Y 144 -23.21 -92.91 -12.48
CA MET Y 144 -23.17 -93.98 -13.47
C MET Y 144 -23.97 -93.60 -14.70
N ALA Y 145 -25.12 -92.95 -14.52
CA ALA Y 145 -25.95 -92.55 -15.66
C ALA Y 145 -25.22 -91.54 -16.53
N PHE Y 146 -24.55 -90.56 -15.91
CA PHE Y 146 -23.83 -89.57 -16.69
C PHE Y 146 -22.67 -90.20 -17.45
N THR Y 147 -21.94 -91.11 -16.81
CA THR Y 147 -20.86 -91.81 -17.49
C THR Y 147 -21.39 -92.69 -18.61
N GLY Y 148 -22.48 -93.41 -18.35
CA GLY Y 148 -23.10 -94.19 -19.42
C GLY Y 148 -23.61 -93.32 -20.55
N MET Y 149 -24.11 -92.13 -20.22
CA MET Y 149 -24.52 -91.19 -21.25
C MET Y 149 -23.33 -90.67 -22.04
N ALA Y 150 -22.18 -90.56 -21.39
CA ALA Y 150 -20.96 -90.16 -22.10
C ALA Y 150 -20.56 -91.21 -23.13
N THR Y 151 -20.69 -92.49 -22.78
CA THR Y 151 -20.39 -93.56 -23.74
C THR Y 151 -21.36 -93.52 -24.91
N GLN Y 152 -22.63 -93.20 -24.64
CA GLN Y 152 -23.63 -93.18 -25.69
C GLN Y 152 -23.32 -92.12 -26.74
N ASP Y 153 -22.96 -90.92 -26.30
CA ASP Y 153 -22.67 -89.84 -27.25
C ASP Y 153 -21.41 -90.14 -28.05
N GLY Y 154 -20.42 -90.77 -27.44
CA GLY Y 154 -19.16 -91.03 -28.09
C GLY Y 154 -19.22 -92.00 -29.26
N LEU Y 155 -19.84 -93.17 -29.07
CA LEU Y 155 -19.81 -94.21 -30.08
C LEU Y 155 -21.16 -94.88 -30.32
N THR Y 156 -22.25 -94.33 -29.79
CA THR Y 156 -23.57 -94.93 -29.97
C THR Y 156 -24.60 -93.85 -30.31
N GLY Y 157 -24.23 -92.90 -31.13
CA GLY Y 157 -25.15 -91.86 -31.57
C GLY Y 157 -25.21 -90.72 -30.57
N SER Y 158 -26.42 -90.27 -30.26
CA SER Y 158 -26.65 -89.19 -29.31
C SER Y 158 -27.51 -89.72 -28.16
N ALA Y 159 -27.90 -88.80 -27.27
CA ALA Y 159 -28.65 -89.18 -26.07
C ALA Y 159 -29.95 -89.88 -26.44
N TRP Y 160 -30.85 -89.18 -27.13
CA TRP Y 160 -32.10 -89.78 -27.58
C TRP Y 160 -32.48 -89.23 -28.96
N GLU Z 1 -106.93 18.59 8.62
CA GLU Z 1 -106.52 18.64 7.22
C GLU Z 1 -107.56 19.35 6.36
N SER Z 2 -108.24 20.34 6.94
CA SER Z 2 -109.24 21.11 6.23
C SER Z 2 -109.11 22.61 6.47
N GLU Z 3 -108.10 23.06 7.21
CA GLU Z 3 -107.90 24.48 7.50
C GLU Z 3 -106.41 24.81 7.46
N ARG Z 4 -105.71 24.29 6.45
CA ARG Z 4 -104.25 24.45 6.35
C ARG Z 4 -103.89 24.99 4.96
N GLY Z 5 -103.67 26.30 4.87
CA GLY Z 5 -103.14 26.90 3.67
C GLY Z 5 -104.10 26.96 2.51
N ALA Z 6 -104.61 25.80 2.09
CA ALA Z 6 -105.47 25.70 0.92
C ALA Z 6 -106.93 25.75 1.38
N GLN Z 7 -107.39 26.95 1.70
CA GLN Z 7 -108.79 27.21 2.00
C GLN Z 7 -109.24 28.42 1.20
N PRO Z 8 -109.41 28.25 -0.11
CA PRO Z 8 -109.75 29.38 -0.96
C PRO Z 8 -111.26 29.56 -1.05
N PRO Z 9 -111.73 30.50 -1.85
CA PRO Z 9 -113.13 30.49 -2.28
C PRO Z 9 -113.31 29.51 -3.44
N PHE Z 10 -114.56 29.40 -3.91
CA PHE Z 10 -114.94 28.48 -4.97
C PHE Z 10 -114.57 27.04 -4.63
N GLY Z 11 -114.45 26.72 -3.34
CA GLY Z 11 -114.04 25.42 -2.88
C GLY Z 11 -113.28 25.49 -1.59
N PHE Z 12 -113.53 24.55 -0.68
CA PHE Z 12 -112.88 24.55 0.62
C PHE Z 12 -112.75 23.11 1.10
N TRP Z 13 -111.53 22.70 1.44
CA TRP Z 13 -111.23 21.31 1.76
C TRP Z 13 -111.74 20.39 0.65
N ASP Z 14 -111.20 20.61 -0.54
CA ASP Z 14 -111.72 19.97 -1.74
C ASP Z 14 -111.51 18.47 -1.66
N PRO Z 15 -112.55 17.69 -1.38
CA PRO Z 15 -112.37 16.24 -1.27
C PRO Z 15 -112.81 15.46 -2.50
N LEU Z 16 -112.14 14.34 -2.74
CA LEU Z 16 -112.69 13.23 -3.52
C LEU Z 16 -112.23 11.96 -2.82
N GLY Z 17 -112.04 12.05 -1.52
CA GLY Z 17 -111.21 11.10 -0.80
C GLY Z 17 -109.80 11.68 -0.68
N LEU Z 18 -108.84 10.78 -0.46
CA LEU Z 18 -107.41 11.12 -0.46
C LEU Z 18 -107.07 12.22 0.55
N SER Z 19 -107.97 12.50 1.49
CA SER Z 19 -107.71 13.50 2.53
C SER Z 19 -108.10 13.02 3.92
N ALA Z 20 -108.84 11.92 4.04
CA ALA Z 20 -109.22 11.36 5.33
C ALA Z 20 -108.06 10.53 5.90
N ASP Z 21 -108.37 9.72 6.91
CA ASP Z 21 -107.46 8.78 7.55
C ASP Z 21 -106.46 9.49 8.46
N GLY Z 22 -106.48 10.82 8.45
CA GLY Z 22 -105.68 11.63 9.36
C GLY Z 22 -104.21 11.28 9.43
N ASP Z 23 -103.48 11.47 8.33
CA ASP Z 23 -102.03 11.28 8.30
C ASP Z 23 -101.38 12.65 8.11
N VAL Z 24 -100.73 13.14 9.17
CA VAL Z 24 -100.08 14.45 9.09
C VAL Z 24 -98.95 14.42 8.08
N ALA Z 25 -98.20 13.32 8.04
CA ALA Z 25 -97.06 13.23 7.11
C ALA Z 25 -97.52 13.31 5.67
N THR Z 26 -98.62 12.63 5.32
CA THR Z 26 -99.10 12.65 3.94
C THR Z 26 -99.45 14.06 3.51
N PHE Z 27 -100.16 14.81 4.36
CA PHE Z 27 -100.41 16.21 4.07
C PHE Z 27 -99.10 16.99 3.98
N LYS Z 28 -98.18 16.72 4.90
CA LYS Z 28 -96.86 17.34 4.82
C LYS Z 28 -96.12 16.88 3.57
N ARG Z 29 -96.40 15.67 3.08
CA ARG Z 29 -95.75 15.18 1.88
C ARG Z 29 -96.47 15.65 0.61
N ARG Z 30 -97.78 15.39 0.53
CA ARG Z 30 -98.51 15.72 -0.68
C ARG Z 30 -98.53 17.23 -0.93
N ARG Z 31 -98.74 18.03 0.12
CA ARG Z 31 -98.71 19.48 -0.05
C ARG Z 31 -97.34 19.94 -0.52
N ALA Z 32 -96.27 19.33 0.00
CA ALA Z 32 -94.94 19.60 -0.53
C ALA Z 32 -94.86 19.22 -2.00
N SER Z 33 -95.41 18.06 -2.35
CA SER Z 33 -95.51 17.68 -3.76
C SER Z 33 -96.42 18.65 -4.52
N GLU Z 34 -97.47 19.14 -3.88
CA GLU Z 34 -98.35 20.10 -4.51
C GLU Z 34 -97.62 21.41 -4.79
N ILE Z 35 -96.89 21.93 -3.80
CA ILE Z 35 -96.17 23.18 -4.01
C ILE Z 35 -94.99 22.97 -4.95
N LYS Z 36 -94.29 21.84 -4.81
CA LYS Z 36 -93.13 21.57 -5.66
C LYS Z 36 -93.51 21.55 -7.14
N HIS Z 37 -94.73 21.12 -7.47
CA HIS Z 37 -95.22 21.26 -8.82
C HIS Z 37 -95.59 22.70 -9.15
N GLY Z 38 -96.19 23.39 -8.18
CA GLY Z 38 -96.59 24.77 -8.43
C GLY Z 38 -95.40 25.66 -8.73
N ARG Z 39 -94.34 25.55 -7.93
CA ARG Z 39 -93.11 26.27 -8.23
C ARG Z 39 -92.50 25.85 -9.56
N ILE Z 40 -92.82 24.65 -10.03
CA ILE Z 40 -92.40 24.17 -11.34
C ILE Z 40 -93.37 24.61 -12.43
N ALA Z 41 -94.68 24.42 -12.17
CA ALA Z 41 -95.68 24.71 -13.19
C ALA Z 41 -95.70 26.18 -13.55
N MET Z 42 -95.52 27.06 -12.57
CA MET Z 42 -95.44 28.49 -12.86
C MET Z 42 -94.31 28.79 -13.84
N LEU Z 43 -93.12 28.27 -13.57
CA LEU Z 43 -92.01 28.40 -14.50
C LEU Z 43 -92.30 27.68 -15.81
N ALA Z 44 -92.90 26.49 -15.72
CA ALA Z 44 -93.22 25.74 -16.94
C ALA Z 44 -94.21 26.50 -17.81
N ALA Z 45 -95.21 27.12 -17.20
CA ALA Z 45 -96.15 27.94 -17.97
C ALA Z 45 -95.47 29.17 -18.53
N MET Z 46 -94.66 29.86 -17.71
CA MET Z 46 -93.99 31.07 -18.18
C MET Z 46 -92.99 30.73 -19.29
N GLY Z 47 -92.26 29.63 -19.14
CA GLY Z 47 -91.37 29.20 -20.20
C GLY Z 47 -92.06 28.77 -21.46
N TYR Z 48 -93.38 28.57 -21.41
CA TYR Z 48 -94.16 28.20 -22.59
C TYR Z 48 -94.76 29.41 -23.28
N MET Z 49 -94.84 30.57 -22.61
CA MET Z 49 -95.42 31.78 -23.18
C MET Z 49 -94.37 32.81 -23.55
N THR Z 50 -93.44 33.12 -22.65
CA THR Z 50 -92.44 34.16 -22.90
C THR Z 50 -91.66 33.96 -24.19
N PRO Z 51 -91.17 32.75 -24.52
CA PRO Z 51 -90.54 32.59 -25.84
C PRO Z 51 -91.58 32.36 -26.94
N GLU Z 52 -92.68 33.08 -26.88
CA GLU Z 52 -93.67 33.16 -27.96
C GLU Z 52 -94.11 34.58 -28.26
N ILE Z 53 -94.25 35.43 -27.23
CA ILE Z 53 -94.65 36.82 -27.42
C ILE Z 53 -93.42 37.70 -27.31
N THR Z 54 -92.75 37.64 -26.16
CA THR Z 54 -91.48 38.35 -26.00
C THR Z 54 -90.47 37.86 -27.02
N GLY Z 55 -90.36 36.53 -27.18
CA GLY Z 55 -89.47 35.97 -28.17
C GLY Z 55 -88.04 36.42 -28.03
N LYS Z 56 -87.52 36.43 -26.79
CA LYS Z 56 -86.17 36.93 -26.57
C LYS Z 56 -85.15 36.17 -27.40
N PHE Z 57 -85.16 34.85 -27.29
CA PHE Z 57 -84.32 33.93 -28.06
C PHE Z 57 -82.89 34.47 -28.21
N PRO Z 58 -82.16 34.63 -27.11
CA PRO Z 58 -80.87 35.32 -27.17
C PRO Z 58 -79.68 34.41 -27.47
N GLY Z 59 -78.78 34.93 -28.30
CA GLY Z 59 -77.50 34.32 -28.56
C GLY Z 59 -77.60 32.93 -29.17
N TYR Z 60 -76.61 32.10 -28.86
CA TYR Z 60 -76.53 30.73 -29.34
C TYR Z 60 -76.50 29.77 -28.16
N LEU Z 61 -77.03 28.57 -28.38
CA LEU Z 61 -77.16 27.56 -27.34
C LEU Z 61 -76.07 26.50 -27.39
N SER Z 62 -75.77 25.98 -28.58
CA SER Z 62 -74.74 24.94 -28.76
C SER Z 62 -73.80 25.37 -29.88
N PRO Z 63 -72.81 26.20 -29.57
CA PRO Z 63 -71.93 26.73 -30.64
C PRO Z 63 -71.24 25.65 -31.45
N SER Z 64 -70.92 24.51 -30.84
CA SER Z 64 -70.29 23.42 -31.58
C SER Z 64 -71.23 22.89 -32.66
N THR Z 65 -72.49 22.65 -32.31
CA THR Z 65 -73.46 22.07 -33.22
C THR Z 65 -74.40 23.11 -33.83
N GLY Z 66 -74.13 24.40 -33.61
CA GLY Z 66 -75.03 25.44 -34.09
C GLY Z 66 -76.15 25.66 -33.10
N VAL Z 67 -77.32 25.08 -33.39
CA VAL Z 67 -78.45 25.02 -32.46
C VAL Z 67 -78.66 26.38 -31.81
N LYS Z 68 -78.81 27.41 -32.62
CA LYS Z 68 -78.95 28.76 -32.08
C LYS Z 68 -80.21 28.84 -31.22
N TYR Z 69 -80.12 29.61 -30.14
CA TYR Z 69 -81.24 29.76 -29.22
C TYR Z 69 -82.43 30.48 -29.85
N ALA Z 70 -82.33 30.84 -31.13
CA ALA Z 70 -83.42 31.47 -31.88
C ALA Z 70 -84.19 30.47 -32.74
N ASP Z 71 -83.52 29.43 -33.24
CA ASP Z 71 -84.15 28.46 -34.13
C ASP Z 71 -84.78 27.30 -33.38
N ILE Z 72 -84.74 27.29 -32.05
CA ILE Z 72 -85.29 26.19 -31.27
C ILE Z 72 -86.82 26.21 -31.35
N PRO Z 73 -87.46 25.13 -31.76
CA PRO Z 73 -88.93 25.11 -31.81
C PRO Z 73 -89.51 25.14 -30.40
N ASN Z 74 -90.29 26.18 -30.11
CA ASN Z 74 -90.89 26.32 -28.80
C ASN Z 74 -91.89 25.20 -28.55
N GLY Z 75 -91.96 24.75 -27.31
CA GLY Z 75 -92.92 23.74 -26.91
C GLY Z 75 -92.32 22.35 -26.78
N LEU Z 76 -93.18 21.35 -27.00
CA LEU Z 76 -92.74 19.96 -26.89
C LEU Z 76 -91.71 19.62 -27.94
N ALA Z 77 -91.71 20.34 -29.07
CA ALA Z 77 -90.71 20.09 -30.11
C ALA Z 77 -89.31 20.47 -29.65
N ALA Z 78 -89.19 21.22 -28.54
CA ALA Z 78 -87.88 21.66 -28.08
C ALA Z 78 -87.05 20.51 -27.54
N ILE Z 79 -87.69 19.50 -26.96
CA ILE Z 79 -86.93 18.39 -26.39
C ILE Z 79 -86.56 17.44 -27.53
N SER Z 80 -85.47 17.77 -28.22
CA SER Z 80 -85.00 17.11 -29.43
C SER Z 80 -83.98 18.03 -30.11
N LYS Z 81 -84.25 19.33 -30.07
CA LYS Z 81 -83.37 20.33 -30.67
C LYS Z 81 -82.26 20.75 -29.71
N VAL Z 82 -82.61 21.08 -28.47
CA VAL Z 82 -81.59 21.35 -27.46
C VAL Z 82 -80.77 20.09 -27.25
N PRO Z 83 -79.43 20.16 -27.29
CA PRO Z 83 -78.62 18.95 -27.18
C PRO Z 83 -78.88 18.20 -25.89
N VAL Z 84 -78.83 16.87 -25.97
CA VAL Z 84 -79.05 16.03 -24.79
C VAL Z 84 -78.01 16.31 -23.73
N VAL Z 85 -76.83 16.78 -24.14
CA VAL Z 85 -75.83 17.24 -23.17
C VAL Z 85 -76.39 18.41 -22.36
N GLY Z 86 -77.02 19.36 -23.06
CA GLY Z 86 -77.64 20.47 -22.36
C GLY Z 86 -78.77 20.04 -21.45
N TRP Z 87 -79.62 19.12 -21.92
CA TRP Z 87 -80.71 18.63 -21.08
C TRP Z 87 -80.17 17.90 -19.86
N LEU Z 88 -79.11 17.11 -20.03
CA LEU Z 88 -78.50 16.44 -18.89
C LEU Z 88 -77.94 17.45 -17.89
N GLN Z 89 -77.30 18.51 -18.40
CA GLN Z 89 -76.77 19.54 -17.51
C GLN Z 89 -77.88 20.26 -16.76
N ILE Z 90 -79.05 20.41 -17.39
CA ILE Z 90 -80.20 21.00 -16.71
C ILE Z 90 -80.66 20.10 -15.58
N PHE Z 91 -80.82 18.81 -15.86
CA PHE Z 91 -81.27 17.88 -14.83
C PHE Z 91 -80.23 17.74 -13.71
N ALA Z 92 -78.95 17.65 -14.07
CA ALA Z 92 -77.92 17.50 -13.05
C ALA Z 92 -77.81 18.73 -12.17
N TRP Z 93 -77.91 19.92 -12.76
CA TRP Z 93 -77.85 21.15 -11.97
C TRP Z 93 -79.04 21.24 -11.01
N THR Z 94 -80.24 20.97 -11.52
CA THR Z 94 -81.42 21.00 -10.66
C THR Z 94 -81.35 19.92 -9.59
N ALA Z 95 -80.62 18.83 -9.85
CA ALA Z 95 -80.34 17.87 -8.79
C ALA Z 95 -79.51 18.50 -7.68
N VAL Z 96 -78.50 19.29 -8.05
CA VAL Z 96 -77.69 19.98 -7.06
C VAL Z 96 -78.55 20.89 -6.21
N CYS Z 97 -79.47 21.62 -6.83
CA CYS Z 97 -80.45 22.39 -6.08
C CYS Z 97 -81.31 21.47 -5.23
N GLU Z 98 -81.80 20.37 -5.82
CA GLU Z 98 -82.73 19.50 -5.13
C GLU Z 98 -82.11 18.81 -3.92
N LEU Z 99 -80.78 18.67 -3.88
CA LEU Z 99 -80.13 17.92 -2.82
C LEU Z 99 -79.02 18.69 -2.09
N TRP Z 100 -78.71 19.92 -2.52
CA TRP Z 100 -77.65 20.66 -1.83
C TRP Z 100 -78.00 22.09 -1.47
N GLU Z 101 -78.89 22.78 -2.19
CA GLU Z 101 -79.13 24.19 -1.93
C GLU Z 101 -80.57 24.54 -2.31
N ASP Z 102 -81.26 25.23 -1.41
CA ASP Z 102 -82.64 25.70 -1.59
C ASP Z 102 -83.65 24.56 -1.63
N GLN Z 103 -83.20 23.31 -1.55
CA GLN Z 103 -84.14 22.20 -1.48
C GLN Z 103 -83.69 21.08 -0.54
N VAL Z 104 -82.75 21.33 0.36
CA VAL Z 104 -82.37 20.33 1.36
C VAL Z 104 -83.60 20.05 2.23
N PRO Z 105 -84.20 18.86 2.12
CA PRO Z 105 -85.49 18.61 2.81
C PRO Z 105 -85.31 18.32 4.29
N GLY Z 106 -84.97 19.36 5.05
CA GLY Z 106 -84.91 19.23 6.49
C GLY Z 106 -86.27 18.92 7.08
N THR Z 107 -86.37 17.78 7.76
CA THR Z 107 -87.66 17.37 8.32
C THR Z 107 -88.26 18.39 9.30
N PRO Z 108 -87.51 18.98 10.23
CA PRO Z 108 -88.12 20.01 11.09
C PRO Z 108 -88.67 21.19 10.30
N GLY Z 109 -88.12 21.49 9.14
CA GLY Z 109 -88.63 22.55 8.30
C GLY Z 109 -90.07 22.31 7.89
N HIS Z 110 -90.76 23.37 7.45
CA HIS Z 110 -92.17 23.27 7.15
C HIS Z 110 -92.40 22.46 5.88
N GLU Z 111 -93.66 22.39 5.46
CA GLU Z 111 -94.04 21.58 4.31
C GLU Z 111 -93.27 21.96 3.05
N GLY Z 112 -93.05 23.26 2.84
CA GLY Z 112 -92.36 23.72 1.67
C GLY Z 112 -91.35 24.81 1.96
N GLU Z 113 -90.72 24.75 3.13
CA GLU Z 113 -89.83 25.80 3.61
C GLU Z 113 -88.42 25.26 3.81
N PHE Z 114 -87.45 26.05 3.38
CA PHE Z 114 -86.03 25.78 3.58
C PHE Z 114 -85.29 27.10 3.37
N CYS Z 115 -83.97 27.03 3.26
CA CYS Z 115 -83.16 28.22 2.95
C CYS Z 115 -83.60 28.83 1.64
N PHE Z 116 -84.17 30.03 1.70
CA PHE Z 116 -84.75 30.67 0.52
C PHE Z 116 -84.33 32.12 0.40
N LYS Z 117 -83.13 32.47 0.87
CA LYS Z 117 -82.60 33.81 0.63
C LYS Z 117 -82.33 34.06 -0.84
N ALA Z 118 -82.15 32.99 -1.62
CA ALA Z 118 -81.98 33.10 -3.07
C ALA Z 118 -83.36 33.22 -3.71
N PHE Z 119 -83.85 34.46 -3.77
CA PHE Z 119 -85.11 34.80 -4.41
C PHE Z 119 -86.30 34.18 -3.67
N LYS Z 120 -87.32 33.78 -4.42
CA LYS Z 120 -88.57 33.27 -3.87
C LYS Z 120 -89.19 34.29 -2.92
N VAL Z 121 -89.01 34.06 -1.62
CA VAL Z 121 -89.42 35.02 -0.60
C VAL Z 121 -88.79 34.63 0.74
N THR Z 122 -88.56 35.61 1.60
CA THR Z 122 -87.95 35.38 2.91
C THR Z 122 -88.65 36.24 3.96
N SER Z 123 -89.98 36.26 3.93
CA SER Z 123 -90.75 37.15 4.79
C SER Z 123 -90.80 36.58 6.21
N ASP Z 124 -91.65 37.16 7.06
CA ASP Z 124 -91.72 36.78 8.46
C ASP Z 124 -93.17 36.94 8.94
N ALA Z 125 -93.40 36.51 10.19
CA ALA Z 125 -94.69 36.59 10.86
C ALA Z 125 -95.77 35.88 10.06
N PRO Z 126 -97.03 36.31 10.17
CA PRO Z 126 -98.09 35.66 9.38
C PRO Z 126 -98.98 36.67 8.67
N GLU Z 127 -100.30 36.48 8.75
CA GLU Z 127 -101.27 37.36 8.12
C GLU Z 127 -100.98 37.54 6.63
N THR Z 128 -100.37 38.67 6.28
CA THR Z 128 -100.00 38.91 4.88
C THR Z 128 -99.04 37.85 4.37
N ARG Z 129 -98.19 37.32 5.25
CA ARG Z 129 -97.32 36.22 4.87
C ARG Z 129 -98.14 34.98 4.52
N GLU Z 130 -99.20 34.72 5.29
CA GLU Z 130 -100.08 33.60 4.99
C GLU Z 130 -100.89 33.84 3.73
N THR Z 131 -101.39 35.06 3.54
CA THR Z 131 -102.12 35.38 2.31
C THR Z 131 -101.20 35.27 1.09
N LYS Z 132 -99.94 35.68 1.25
CA LYS Z 132 -98.96 35.45 0.20
C LYS Z 132 -98.73 33.95 -0.01
N LEU Z 133 -98.70 33.19 1.08
CA LEU Z 133 -98.56 31.73 0.96
C LEU Z 133 -99.73 31.13 0.22
N ALA Z 134 -100.95 31.55 0.55
CA ALA Z 134 -102.11 31.09 -0.21
C ALA Z 134 -102.04 31.56 -1.65
N SER Z 135 -101.46 32.74 -1.89
CA SER Z 135 -101.26 33.22 -3.25
C SER Z 135 -100.32 32.29 -4.02
N GLU Z 136 -99.23 31.87 -3.37
CA GLU Z 136 -98.32 30.92 -4.01
C GLU Z 136 -99.01 29.60 -4.30
N LEU Z 137 -99.78 29.10 -3.33
CA LEU Z 137 -100.50 27.85 -3.51
C LEU Z 137 -101.54 27.98 -4.63
N ALA Z 138 -102.32 29.06 -4.61
CA ALA Z 138 -103.40 29.22 -5.58
C ALA Z 138 -102.87 29.34 -6.99
N ASN Z 139 -101.80 30.12 -7.18
CA ASN Z 139 -101.21 30.27 -8.52
C ASN Z 139 -100.62 28.96 -9.02
N GLY Z 140 -100.05 28.17 -8.11
CA GLY Z 140 -99.39 26.94 -8.54
C GLY Z 140 -100.36 25.96 -9.18
N ARG Z 141 -101.53 25.76 -8.55
CA ARG Z 141 -102.50 24.84 -9.10
C ARG Z 141 -103.15 25.38 -10.36
N LEU Z 142 -103.30 26.70 -10.45
CA LEU Z 142 -103.71 27.31 -11.71
C LEU Z 142 -102.67 27.02 -12.79
N ALA Z 143 -101.39 27.18 -12.46
CA ALA Z 143 -100.33 26.85 -13.41
C ALA Z 143 -100.29 25.36 -13.70
N MET Z 144 -100.48 24.53 -12.67
CA MET Z 144 -100.43 23.08 -12.86
C MET Z 144 -101.45 22.62 -13.90
N MET Z 145 -102.68 23.10 -13.80
CA MET Z 145 -103.68 22.77 -14.81
C MET Z 145 -103.33 23.42 -16.14
N ALA Z 146 -102.81 24.64 -16.12
CA ALA Z 146 -102.51 25.35 -17.36
C ALA Z 146 -101.42 24.64 -18.17
N ILE Z 147 -100.34 24.22 -17.51
CA ILE Z 147 -99.20 23.70 -18.25
C ILE Z 147 -99.54 22.40 -18.97
N ILE Z 148 -100.28 21.51 -18.31
CA ILE Z 148 -100.70 20.29 -18.98
C ILE Z 148 -101.68 20.61 -20.10
N GLY Z 149 -102.46 21.69 -19.96
CA GLY Z 149 -103.26 22.17 -21.06
C GLY Z 149 -102.39 22.67 -22.21
N LEU Z 150 -101.30 23.37 -21.88
CA LEU Z 150 -100.35 23.78 -22.92
C LEU Z 150 -99.73 22.57 -23.60
N PHE Z 151 -99.34 21.55 -22.82
CA PHE Z 151 -98.75 20.35 -23.39
C PHE Z 151 -99.74 19.63 -24.30
N PHE Z 152 -100.98 19.44 -23.82
CA PHE Z 152 -101.98 18.74 -24.63
C PHE Z 152 -102.28 19.50 -25.91
N GLN Z 153 -102.38 20.83 -25.82
CA GLN Z 153 -102.58 21.65 -27.02
C GLN Z 153 -101.38 21.53 -27.95
N ASP Z 154 -100.17 21.51 -27.40
CA ASP Z 154 -98.96 21.46 -28.22
C ASP Z 154 -98.87 20.14 -28.98
N GLY Z 155 -98.82 19.03 -28.25
CA GLY Z 155 -98.64 17.74 -28.89
C GLY Z 155 -99.75 17.40 -29.86
N LEU Z 156 -100.97 17.83 -29.54
CA LEU Z 156 -102.10 17.48 -30.39
C LEU Z 156 -102.07 18.23 -31.72
N THR Z 157 -101.88 19.55 -31.70
CA THR Z 157 -102.12 20.28 -32.94
C THR Z 157 -100.92 20.26 -33.89
N GLY Z 158 -99.93 21.12 -33.65
CA GLY Z 158 -98.62 20.94 -34.24
C GLY Z 158 -97.49 21.58 -33.46
N SER Z 159 -97.85 22.30 -32.41
CA SER Z 159 -96.95 23.23 -31.73
C SER Z 159 -97.69 23.83 -30.55
N ALA Z 160 -96.98 24.67 -29.79
CA ALA Z 160 -97.52 25.20 -28.54
C ALA Z 160 -98.90 25.82 -28.72
N TYR Z 161 -99.13 26.53 -29.82
CA TYR Z 161 -100.42 27.15 -30.07
C TYR Z 161 -100.83 27.03 -31.54
N PHE AA 1 -97.01 -18.34 11.56
CA PHE AA 1 -97.29 -17.08 10.89
C PHE AA 1 -98.63 -17.14 10.16
N GLU AA 2 -99.71 -16.82 10.86
CA GLU AA 2 -101.05 -16.82 10.28
C GLU AA 2 -101.66 -15.42 10.26
N ASN AA 3 -100.83 -14.38 10.35
CA ASN AA 3 -101.31 -13.01 10.30
C ASN AA 3 -100.43 -12.09 9.48
N GLU AA 4 -99.32 -12.58 8.92
CA GLU AA 4 -98.36 -11.72 8.23
C GLU AA 4 -98.76 -11.54 6.76
N LEU AA 5 -99.91 -10.90 6.57
CA LEU AA 5 -100.45 -10.56 5.26
C LEU AA 5 -100.58 -11.79 4.36
N GLY AA 6 -100.84 -11.56 3.07
CA GLY AA 6 -100.92 -12.64 2.11
C GLY AA 6 -102.18 -13.48 2.21
N VAL AA 7 -102.81 -13.49 3.38
CA VAL AA 7 -104.06 -14.24 3.58
C VAL AA 7 -105.19 -13.23 3.37
N GLN AA 8 -105.57 -13.07 2.09
CA GLN AA 8 -106.56 -12.05 1.76
C GLN AA 8 -107.99 -12.55 1.96
N ALA AA 9 -108.41 -13.54 1.17
CA ALA AA 9 -109.79 -14.01 1.19
C ALA AA 9 -110.05 -15.28 0.37
N PRO AA 10 -109.66 -15.33 -0.92
CA PRO AA 10 -110.01 -16.53 -1.71
C PRO AA 10 -109.51 -17.81 -1.10
N THR AA 11 -108.36 -17.77 -0.44
CA THR AA 11 -107.90 -18.87 0.40
C THR AA 11 -107.13 -18.28 1.58
N GLY AA 12 -107.15 -18.99 2.69
CA GLY AA 12 -106.48 -18.52 3.89
C GLY AA 12 -105.00 -18.85 3.86
N PHE AA 13 -104.50 -19.47 4.94
CA PHE AA 13 -103.10 -19.87 4.99
C PHE AA 13 -102.85 -20.94 3.94
N TRP AA 14 -102.19 -20.57 2.84
CA TRP AA 14 -101.93 -21.49 1.74
C TRP AA 14 -100.53 -22.07 1.92
N ASP AA 15 -100.44 -23.08 2.76
CA ASP AA 15 -99.19 -23.80 3.02
C ASP AA 15 -99.46 -25.31 2.94
N PRO AA 16 -99.69 -25.83 1.74
CA PRO AA 16 -99.98 -27.27 1.62
C PRO AA 16 -98.85 -28.16 2.11
N LEU AA 17 -97.64 -27.95 1.60
CA LEU AA 17 -96.49 -28.75 2.02
C LEU AA 17 -95.97 -28.37 3.39
N GLY AA 18 -96.48 -27.30 3.98
CA GLY AA 18 -96.02 -26.89 5.30
C GLY AA 18 -94.57 -26.44 5.33
N PHE AA 19 -94.14 -25.74 4.27
CA PHE AA 19 -92.77 -25.25 4.21
C PHE AA 19 -92.47 -24.20 5.27
N ALA AA 20 -93.49 -23.62 5.89
CA ALA AA 20 -93.33 -22.66 6.98
C ALA AA 20 -94.15 -23.10 8.19
N LYS AA 21 -94.17 -24.41 8.45
CA LYS AA 21 -94.91 -24.97 9.57
C LYS AA 21 -94.01 -25.31 10.75
N ASP AA 22 -92.92 -24.58 10.94
CA ASP AA 22 -91.99 -24.84 12.03
C ASP AA 22 -91.83 -23.67 12.99
N GLY AA 23 -92.10 -22.44 12.55
CA GLY AA 23 -91.92 -21.27 13.38
C GLY AA 23 -90.61 -20.55 13.20
N SER AA 24 -89.81 -20.91 12.19
CA SER AA 24 -88.54 -20.24 11.96
C SER AA 24 -88.78 -18.84 11.42
N MET AA 25 -88.82 -17.85 12.32
CA MET AA 25 -89.02 -16.47 11.89
C MET AA 25 -87.91 -16.01 10.97
N LYS AA 26 -86.70 -16.52 11.15
CA LYS AA 26 -85.60 -16.19 10.24
C LYS AA 26 -85.86 -16.73 8.84
N ALA AA 27 -86.23 -18.02 8.73
CA ALA AA 27 -86.51 -18.60 7.43
C ALA AA 27 -87.72 -17.95 6.78
N PHE AA 28 -88.77 -17.69 7.57
CA PHE AA 28 -89.94 -17.00 7.02
C PHE AA 28 -89.58 -15.59 6.59
N LYS AA 29 -88.71 -14.92 7.35
CA LYS AA 29 -88.26 -13.59 6.95
C LYS AA 29 -87.56 -13.63 5.61
N ARG AA 30 -86.69 -14.63 5.42
CA ARG AA 30 -86.06 -14.82 4.11
C ARG AA 30 -87.08 -15.19 3.05
N ARG AA 31 -88.05 -16.05 3.41
CA ARG AA 31 -89.05 -16.49 2.45
C ARG AA 31 -89.94 -15.34 2.01
N ARG AA 32 -90.46 -14.57 2.97
CA ARG AA 32 -91.34 -13.44 2.63
C ARG AA 32 -90.59 -12.38 1.86
N ALA AA 33 -89.36 -12.07 2.27
CA ALA AA 33 -88.58 -11.04 1.57
C ALA AA 33 -88.31 -11.45 0.13
N SER AA 34 -87.96 -12.71 -0.10
CA SER AA 34 -87.77 -13.18 -1.47
C SER AA 34 -89.09 -13.26 -2.23
N GLU AA 35 -90.19 -13.58 -1.54
CA GLU AA 35 -91.49 -13.60 -2.18
C GLU AA 35 -91.87 -12.21 -2.67
N ILE AA 36 -91.72 -11.21 -1.81
CA ILE AA 36 -92.10 -9.85 -2.17
C ILE AA 36 -91.23 -9.34 -3.30
N LYS AA 37 -89.91 -9.57 -3.22
CA LYS AA 37 -89.01 -9.10 -4.25
C LYS AA 37 -89.33 -9.73 -5.60
N HIS AA 38 -89.67 -11.03 -5.59
CA HIS AA 38 -90.06 -11.69 -6.83
C HIS AA 38 -91.35 -11.13 -7.40
N GLY AA 39 -92.32 -10.84 -6.53
CA GLY AA 39 -93.52 -10.17 -7.00
C GLY AA 39 -93.21 -8.86 -7.67
N ARG AA 40 -92.33 -8.06 -7.05
CA ARG AA 40 -91.96 -6.78 -7.64
C ARG AA 40 -91.28 -6.95 -8.99
N ILE AA 41 -90.35 -7.91 -9.08
CA ILE AA 41 -89.61 -8.11 -10.32
C ILE AA 41 -90.52 -8.67 -11.41
N ALA AA 42 -91.35 -9.65 -11.05
CA ALA AA 42 -92.30 -10.19 -12.02
C ALA AA 42 -93.30 -9.13 -12.47
N MET AA 43 -93.68 -8.22 -11.57
CA MET AA 43 -94.58 -7.13 -11.94
C MET AA 43 -93.97 -6.25 -13.01
N LEU AA 44 -92.68 -5.91 -12.86
CA LEU AA 44 -92.00 -5.13 -13.89
C LEU AA 44 -91.74 -5.97 -15.13
N ALA AA 45 -91.44 -7.25 -14.94
CA ALA AA 45 -91.14 -8.12 -16.09
C ALA AA 45 -92.36 -8.29 -16.98
N THR AA 46 -93.51 -8.61 -16.39
CA THR AA 46 -94.72 -8.80 -17.18
C THR AA 46 -95.11 -7.51 -17.89
N MET AA 47 -95.01 -6.37 -17.20
CA MET AA 47 -95.19 -5.08 -17.86
C MET AA 47 -94.15 -4.88 -18.94
N GLY AA 48 -92.95 -5.43 -18.76
CA GLY AA 48 -91.91 -5.31 -19.78
C GLY AA 48 -92.12 -6.28 -20.93
N TYR AA 49 -92.96 -7.29 -20.74
CA TYR AA 49 -93.24 -8.24 -21.81
C TYR AA 49 -94.33 -7.72 -22.73
N ILE AA 50 -95.41 -7.18 -22.14
CA ILE AA 50 -96.57 -6.77 -22.94
C ILE AA 50 -96.26 -5.53 -23.77
N THR AA 51 -95.62 -4.52 -23.16
CA THR AA 51 -95.60 -3.20 -23.79
C THR AA 51 -94.81 -3.17 -25.10
N PRO AA 52 -93.52 -3.58 -25.15
CA PRO AA 52 -92.75 -3.40 -26.40
C PRO AA 52 -93.41 -4.04 -27.61
N GLU AA 53 -94.21 -5.09 -27.39
CA GLU AA 53 -95.01 -5.65 -28.47
C GLU AA 53 -96.19 -4.74 -28.81
N LEU AA 54 -96.92 -4.28 -27.79
CA LEU AA 54 -98.14 -3.53 -28.05
C LEU AA 54 -97.84 -2.13 -28.61
N THR AA 55 -96.94 -1.41 -27.95
CA THR AA 55 -96.58 -0.04 -28.35
C THR AA 55 -95.31 0.36 -27.59
N GLY AA 56 -94.96 1.63 -27.68
CA GLY AA 56 -94.02 2.22 -26.75
C GLY AA 56 -92.55 1.93 -27.00
N LYS AA 57 -92.22 1.17 -28.05
CA LYS AA 57 -90.83 0.89 -28.39
C LYS AA 57 -90.00 2.16 -28.38
N PHE AA 58 -88.92 2.15 -27.60
CA PHE AA 58 -88.21 3.37 -27.27
C PHE AA 58 -87.62 4.01 -28.52
N PRO AA 59 -87.61 5.35 -28.59
CA PRO AA 59 -87.36 6.04 -29.87
C PRO AA 59 -85.97 5.83 -30.46
N GLY AA 60 -84.92 6.10 -29.68
CA GLY AA 60 -83.58 6.19 -30.22
C GLY AA 60 -82.93 4.88 -30.58
N LEU AA 61 -81.60 4.83 -30.48
CA LEU AA 61 -80.82 3.63 -30.79
C LEU AA 61 -80.30 3.03 -29.49
N LEU AA 62 -80.46 1.71 -29.33
CA LEU AA 62 -79.90 1.04 -28.17
C LEU AA 62 -78.38 1.04 -28.21
N SER AA 63 -77.80 0.76 -29.37
CA SER AA 63 -76.35 0.76 -29.58
C SER AA 63 -76.04 1.53 -30.85
N PRO AA 64 -75.90 2.86 -30.77
CA PRO AA 64 -75.63 3.64 -31.99
C PRO AA 64 -74.37 3.23 -32.71
N SER AA 65 -73.34 2.82 -31.98
CA SER AA 65 -72.11 2.33 -32.60
C SER AA 65 -72.31 1.04 -33.36
N MET AA 66 -73.43 0.35 -33.16
CA MET AA 66 -73.79 -0.81 -33.95
C MET AA 66 -75.09 -0.62 -34.71
N GLY AA 67 -75.67 0.58 -34.68
CA GLY AA 67 -76.88 0.86 -35.43
C GLY AA 67 -78.14 0.31 -34.82
N LEU AA 68 -77.99 -0.64 -33.89
CA LEU AA 68 -79.14 -1.33 -33.32
C LEU AA 68 -80.03 -0.37 -32.54
N LYS AA 69 -81.26 -0.21 -33.00
CA LYS AA 69 -82.27 0.59 -32.32
C LYS AA 69 -83.23 -0.32 -31.58
N TYR AA 70 -84.00 0.28 -30.66
CA TYR AA 70 -84.90 -0.49 -29.80
C TYR AA 70 -85.94 -1.24 -30.61
N GLU AA 71 -86.38 -0.67 -31.75
CA GLU AA 71 -87.38 -1.32 -32.58
C GLU AA 71 -86.87 -2.64 -33.14
N ASP AA 72 -85.60 -2.68 -33.55
CA ASP AA 72 -85.09 -3.83 -34.28
C ASP AA 72 -85.08 -5.09 -33.42
N ILE AA 73 -84.71 -4.96 -32.15
CA ILE AA 73 -84.51 -6.12 -31.28
C ILE AA 73 -85.85 -6.82 -31.05
N PRO AA 74 -85.86 -8.14 -30.91
CA PRO AA 74 -87.12 -8.84 -30.66
C PRO AA 74 -87.62 -8.61 -29.25
N ASN AA 75 -88.90 -8.90 -29.04
CA ASN AA 75 -89.54 -8.75 -27.74
C ASN AA 75 -89.83 -10.15 -27.18
N GLY AA 76 -89.09 -10.53 -26.14
CA GLY AA 76 -89.27 -11.82 -25.52
C GLY AA 76 -87.98 -12.62 -25.45
N LEU AA 77 -88.06 -13.86 -24.96
CA LEU AA 77 -86.90 -14.73 -24.90
C LEU AA 77 -86.34 -14.93 -26.31
N GLY AA 78 -85.12 -14.44 -26.53
CA GLY AA 78 -84.56 -14.34 -27.87
C GLY AA 78 -83.89 -13.00 -28.02
N ALA AA 79 -84.41 -12.01 -27.28
CA ALA AA 79 -83.73 -10.73 -27.16
C ALA AA 79 -82.46 -10.81 -26.33
N ILE AA 80 -82.27 -11.89 -25.58
CA ILE AA 80 -81.07 -12.06 -24.76
C ILE AA 80 -79.82 -12.20 -25.60
N SER AA 81 -79.95 -12.44 -26.91
CA SER AA 81 -78.81 -12.47 -27.81
C SER AA 81 -78.73 -11.25 -28.71
N LYS AA 82 -79.70 -10.35 -28.63
CA LYS AA 82 -79.70 -9.12 -29.42
C LYS AA 82 -79.34 -7.88 -28.61
N VAL AA 83 -79.83 -7.77 -27.38
CA VAL AA 83 -79.33 -6.76 -26.46
C VAL AA 83 -77.88 -7.10 -26.20
N PRO AA 84 -76.94 -6.18 -26.45
CA PRO AA 84 -75.52 -6.52 -26.29
C PRO AA 84 -75.20 -6.92 -24.86
N ALA AA 85 -74.29 -7.87 -24.71
CA ALA AA 85 -73.95 -8.38 -23.39
C ALA AA 85 -73.43 -7.28 -22.47
N VAL AA 86 -72.81 -6.25 -23.04
CA VAL AA 86 -72.42 -5.08 -22.24
C VAL AA 86 -73.66 -4.39 -21.69
N GLY AA 87 -74.73 -4.33 -22.50
CA GLY AA 87 -75.98 -3.80 -22.00
C GLY AA 87 -76.58 -4.66 -20.91
N TRP AA 88 -76.49 -5.99 -21.06
CA TRP AA 88 -76.96 -6.88 -20.01
C TRP AA 88 -76.12 -6.72 -18.75
N ALA AA 89 -74.81 -6.50 -18.90
CA ALA AA 89 -73.97 -6.25 -17.75
C ALA AA 89 -74.39 -4.99 -17.01
N GLN AA 90 -74.74 -3.94 -17.76
CA GLN AA 90 -75.22 -2.71 -17.14
C GLN AA 90 -76.57 -2.92 -16.46
N ILE AA 91 -77.44 -3.74 -17.06
CA ILE AA 91 -78.72 -4.05 -16.42
C ILE AA 91 -78.49 -4.77 -15.10
N LEU AA 92 -77.58 -5.74 -15.08
CA LEU AA 92 -77.27 -6.44 -13.84
C LEU AA 92 -76.64 -5.50 -12.82
N ALA AA 93 -75.70 -4.65 -13.27
CA ALA AA 93 -74.97 -3.79 -12.35
C ALA AA 93 -75.88 -2.73 -11.74
N TYR AA 94 -76.77 -2.15 -12.54
CA TYR AA 94 -77.69 -1.13 -12.01
C TYR AA 94 -78.64 -1.75 -10.99
N THR AA 95 -79.28 -2.86 -11.36
CA THR AA 95 -80.17 -3.55 -10.42
C THR AA 95 -79.42 -3.99 -9.16
N PHE AA 96 -78.12 -4.25 -9.29
CA PHE AA 96 -77.30 -4.50 -8.10
C PHE AA 96 -77.26 -3.27 -7.22
N TYR AA 97 -77.04 -2.10 -7.82
CA TYR AA 97 -76.99 -0.84 -7.08
C TYR AA 97 -78.33 -0.49 -6.47
N CYS AA 98 -79.42 -1.14 -6.89
CA CYS AA 98 -80.74 -0.91 -6.34
C CYS AA 98 -81.22 -2.03 -5.42
N GLU AA 99 -80.58 -3.21 -5.49
CA GLU AA 99 -80.99 -4.37 -4.66
C GLU AA 99 -80.05 -4.49 -3.46
N GLN AA 100 -78.74 -4.46 -3.68
CA GLN AA 100 -77.77 -4.53 -2.56
C GLN AA 100 -77.45 -3.11 -2.10
N SER AA 101 -78.06 -2.10 -2.71
CA SER AA 101 -77.84 -0.69 -2.31
C SER AA 101 -79.09 0.10 -2.67
N GLN AA 102 -79.24 1.29 -2.10
CA GLN AA 102 -80.49 2.06 -2.32
C GLN AA 102 -81.65 1.21 -1.79
N ASP AA 103 -81.54 -0.12 -1.84
CA ASP AA 103 -82.61 -0.92 -1.21
C ASP AA 103 -81.99 -2.10 -0.46
N GLN AA 104 -80.90 -1.88 0.28
CA GLN AA 104 -80.31 -2.97 1.11
C GLN AA 104 -80.88 -2.78 2.52
N SER AA 105 -81.49 -3.81 3.10
CA SER AA 105 -82.17 -3.58 4.40
C SER AA 105 -81.89 -4.68 5.43
N GLU AA 106 -82.20 -4.41 6.71
CA GLU AA 106 -82.03 -5.42 7.78
C GLU AA 106 -82.66 -4.90 9.07
N GLY AA 107 -83.19 -5.78 9.92
CA GLY AA 107 -83.78 -5.35 11.20
C GLY AA 107 -84.76 -4.20 11.00
N SER AA 108 -85.65 -4.32 10.01
CA SER AA 108 -86.61 -3.22 9.70
C SER AA 108 -88.02 -3.78 9.55
N ALA AA 109 -88.22 -4.66 8.57
CA ALA AA 109 -89.53 -5.26 8.32
C ALA AA 109 -89.33 -6.38 7.31
N GLY AA 110 -90.43 -6.92 6.80
CA GLY AA 110 -90.37 -7.96 5.79
C GLY AA 110 -89.60 -7.55 4.55
N GLU AA 111 -90.11 -6.58 3.81
CA GLU AA 111 -89.41 -6.05 2.65
C GLU AA 111 -89.54 -4.53 2.60
N ALA AA 112 -89.36 -3.87 3.74
CA ALA AA 112 -89.38 -2.41 3.80
C ALA AA 112 -87.97 -1.90 3.51
N GLY AA 113 -87.68 -1.79 2.22
CA GLY AA 113 -86.34 -1.45 1.76
C GLY AA 113 -85.91 -0.01 2.01
N ASP AA 114 -86.61 0.68 2.92
CA ASP AA 114 -86.32 2.05 3.30
C ASP AA 114 -86.61 3.00 2.15
N PHE AA 115 -85.56 3.54 1.52
CA PHE AA 115 -85.75 4.48 0.42
C PHE AA 115 -86.64 3.87 -0.65
N GLY AA 116 -87.83 4.43 -0.84
CA GLY AA 116 -88.80 3.88 -1.76
C GLY AA 116 -90.09 3.44 -1.08
N LYS AA 118 -90.29 5.73 -5.28
CA LYS AA 118 -88.87 5.81 -4.95
C LYS AA 118 -88.64 6.88 -3.88
N VAL AA 119 -89.72 7.35 -3.28
CA VAL AA 119 -89.68 8.36 -2.23
C VAL AA 119 -89.83 7.67 -0.89
N LEU AA 120 -89.01 8.07 0.08
CA LEU AA 120 -89.22 7.64 1.46
C LEU AA 120 -90.63 8.01 1.90
N THR AA 121 -91.41 7.00 2.28
CA THR AA 121 -92.82 7.22 2.60
C THR AA 121 -93.27 6.16 3.58
N SER AA 122 -93.80 6.59 4.72
CA SER AA 122 -94.35 5.69 5.73
C SER AA 122 -95.84 5.97 5.88
N LYS AA 123 -96.65 4.95 5.69
CA LYS AA 123 -98.10 5.04 5.77
C LYS AA 123 -98.57 4.62 7.15
N ASP AA 124 -99.88 4.47 7.31
CA ASP AA 124 -100.46 4.04 8.58
C ASP AA 124 -101.82 3.40 8.31
N GLU AA 125 -102.41 2.85 9.38
CA GLU AA 125 -103.78 2.37 9.41
C GLU AA 125 -103.97 1.08 8.61
N GLU AA 126 -105.18 0.53 8.65
CA GLU AA 126 -105.53 -0.65 7.86
C GLU AA 126 -105.32 -0.44 6.37
N GLY AA 127 -105.39 0.83 5.89
CA GLY AA 127 -105.09 1.10 4.51
C GLY AA 127 -103.73 0.60 4.10
N LEU AA 128 -102.76 0.64 5.01
CA LEU AA 128 -101.48 0.00 4.77
C LEU AA 128 -101.64 -1.50 4.58
N LYS AA 129 -102.47 -2.13 5.43
CA LYS AA 129 -102.70 -3.57 5.31
C LYS AA 129 -103.35 -3.93 3.99
N ARG AA 130 -104.37 -3.18 3.58
CA ARG AA 130 -105.06 -3.47 2.32
C ARG AA 130 -104.13 -3.29 1.14
N LYS AA 131 -103.36 -2.20 1.12
CA LYS AA 131 -102.42 -1.95 0.04
C LYS AA 131 -101.32 -2.99 0.02
N LEU AA 132 -100.73 -3.29 1.18
CA LEU AA 132 -99.63 -4.24 1.23
C LEU AA 132 -100.09 -5.63 0.83
N ASN AA 133 -101.27 -6.04 1.28
CA ASN AA 133 -101.82 -7.33 0.84
C ASN AA 133 -102.12 -7.31 -0.66
N SER AA 134 -102.57 -6.17 -1.18
CA SER AA 134 -102.79 -6.05 -2.62
C SER AA 134 -101.49 -6.20 -3.38
N GLU AA 135 -100.40 -5.64 -2.86
CA GLU AA 135 -99.11 -5.78 -3.53
C GLU AA 135 -98.68 -7.23 -3.58
N LEU AA 136 -98.86 -7.97 -2.48
CA LEU AA 136 -98.55 -9.39 -2.50
C LEU AA 136 -99.41 -10.14 -3.50
N ALA AA 137 -100.71 -9.81 -3.55
CA ALA AA 137 -101.61 -10.47 -4.49
C ALA AA 137 -101.21 -10.17 -5.93
N ASN AA 138 -100.87 -8.91 -6.22
CA ASN AA 138 -100.43 -8.56 -7.56
C ASN AA 138 -99.11 -9.24 -7.91
N GLY AA 139 -98.19 -9.31 -6.97
CA GLY AA 139 -96.91 -9.96 -7.22
C GLY AA 139 -97.07 -11.45 -7.50
N ARG AA 140 -97.96 -12.11 -6.75
CA ARG AA 140 -98.21 -13.52 -6.98
C ARG AA 140 -98.77 -13.76 -8.37
N LEU AA 141 -99.72 -12.92 -8.80
CA LEU AA 141 -100.25 -13.03 -10.15
C LEU AA 141 -99.17 -12.77 -11.19
N ALA AA 142 -98.33 -11.76 -10.94
CA ALA AA 142 -97.26 -11.43 -11.88
C ALA AA 142 -96.25 -12.57 -11.97
N MET AA 143 -95.91 -13.19 -10.84
CA MET AA 143 -94.94 -14.28 -10.84
C MET AA 143 -95.46 -15.46 -11.66
N MET AA 144 -96.74 -15.81 -11.48
CA MET AA 144 -97.33 -16.85 -12.31
C MET AA 144 -97.39 -16.44 -13.78
N ALA AA 145 -97.75 -15.18 -14.03
CA ALA AA 145 -97.93 -14.72 -15.41
C ALA AA 145 -96.62 -14.73 -16.17
N ILE AA 146 -95.53 -14.24 -15.56
CA ILE AA 146 -94.29 -14.04 -16.31
C ILE AA 146 -93.68 -15.38 -16.71
N ILE AA 147 -93.75 -16.38 -15.84
CA ILE AA 147 -93.27 -17.70 -16.23
C ILE AA 147 -94.16 -18.28 -17.32
N GLY AA 148 -95.45 -17.94 -17.31
CA GLY AA 148 -96.34 -18.36 -18.38
C GLY AA 148 -95.94 -17.74 -19.71
N MET AA 149 -95.69 -16.43 -19.72
CA MET AA 149 -95.29 -15.76 -20.95
C MET AA 149 -93.97 -16.32 -21.48
N PHE AA 150 -92.99 -16.49 -20.58
CA PHE AA 150 -91.68 -16.98 -21.00
C PHE AA 150 -91.75 -18.42 -21.48
N PHE AA 151 -92.45 -19.29 -20.73
CA PHE AA 151 -92.54 -20.69 -21.12
C PHE AA 151 -93.28 -20.86 -22.43
N GLN AA 152 -94.39 -20.13 -22.61
CA GLN AA 152 -95.14 -20.22 -23.86
C GLN AA 152 -94.28 -19.77 -25.05
N ASP AA 153 -93.59 -18.64 -24.91
CA ASP AA 153 -92.78 -18.12 -26.01
C ASP AA 153 -91.71 -19.11 -26.44
N GLY AA 154 -91.23 -19.94 -25.50
CA GLY AA 154 -90.29 -20.98 -25.87
C GLY AA 154 -90.89 -22.02 -26.80
N LEU AA 155 -92.18 -22.31 -26.65
CA LEU AA 155 -92.86 -23.31 -27.45
C LEU AA 155 -93.90 -22.70 -28.40
N THR AA 156 -93.91 -21.37 -28.57
CA THR AA 156 -94.81 -20.76 -29.54
C THR AA 156 -94.09 -19.71 -30.39
N GLY AA 157 -92.78 -19.55 -30.26
CA GLY AA 157 -92.06 -18.53 -30.98
C GLY AA 157 -92.17 -17.18 -30.32
N SER AA 158 -92.95 -16.28 -30.91
CA SER AA 158 -93.17 -14.96 -30.34
C SER AA 158 -94.45 -14.39 -30.92
N ALA AA 159 -94.92 -13.30 -30.32
CA ALA AA 159 -96.12 -12.60 -30.74
C ALA AA 159 -97.35 -13.51 -30.70
N TRP AA 160 -98.37 -13.16 -31.48
CA TRP AA 160 -99.61 -13.94 -31.51
C TRP AA 160 -99.38 -15.35 -32.05
C DD6 BA . -45.67 38.13 -10.20
C1 DD6 BA . -44.99 37.56 -8.99
C10 DD6 BA . -40.49 31.47 -14.90
C11 DD6 BA . -39.78 30.36 -15.08
C12 DD6 BA . -39.45 29.48 -13.90
C13 DD6 BA . -39.29 30.03 -16.42
C14 DD6 BA . -40.12 29.90 -17.46
C15 DD6 BA . -39.53 29.57 -18.82
C16 DD6 BA . -39.58 30.62 -19.92
C17 DD6 BA . -39.13 30.11 -21.28
C18 DD6 BA . -38.15 28.95 -21.21
C19 DD6 BA . -38.85 27.76 -20.58
C2 DD6 BA . -44.03 36.64 -9.13
C20 DD6 BA . -39.19 28.12 -19.14
C21 DD6 BA . -39.56 27.04 -18.14
C22 DD6 BA . -38.72 31.81 -19.52
C23 DD6 BA . -41.02 31.10 -20.06
C24 DD6 BA . -45.39 38.00 -7.64
C25 DD6 BA . -46.50 38.67 -7.46
C26 DD6 BA . -46.86 39.09 -6.11
C27 DD6 BA . -46.96 40.40 -5.86
C28 DD6 BA . -46.70 41.38 -6.95
C29 DD6 BA . -47.24 40.79 -4.70
C3 DD6 BA . -43.61 36.20 -10.45
C30 DD6 BA . -47.46 41.14 -3.60
C31 DD6 BA . -47.79 41.51 -2.44
C32 DD6 BA . -47.19 42.75 -1.83
C33 DD6 BA . -46.79 42.44 -0.40
C34 DD6 BA . -48.01 41.88 0.35
C35 DD6 BA . -48.40 40.56 -0.28
C36 DD6 BA . -48.66 40.80 -1.74
C37 DD6 BA . -49.88 40.25 -2.40
C4 DD6 BA . -42.99 35.03 -10.57
C40 DD6 BA . -48.19 43.88 -1.86
C41 DD6 BA . -45.93 43.15 -2.63
C5 DD6 BA . -42.56 34.61 -11.90
C6 DD6 BA . -41.87 33.47 -12.03
C7 DD6 BA . -41.55 32.62 -10.84
C8 DD6 BA . -41.43 33.04 -13.37
C9 DD6 BA . -40.95 31.82 -13.57
O1 DD6 BA . -38.21 29.04 -18.63
O2 DD6 BA . -37.75 28.59 -22.55
O4 DD6 BA . -47.67 41.69 1.73
C DD6 CA . -28.51 57.34 -9.73
C1 DD6 CA . -29.27 58.02 -8.63
C10 DD6 CA . -31.81 65.28 -13.89
C11 DD6 CA . -32.07 66.28 -14.76
C12 DD6 CA . -32.61 67.57 -14.20
C13 DD6 CA . -31.84 66.03 -16.20
C14 DD6 CA . -31.77 66.87 -17.26
C15 DD6 CA . -31.94 68.38 -17.32
C16 DD6 CA . -30.71 69.29 -17.20
C17 DD6 CA . -31.12 70.70 -16.77
C18 DD6 CA . -32.25 71.23 -17.62
C19 DD6 CA . -33.54 70.48 -17.26
C2 DD6 CA . -29.96 59.15 -8.89
C20 DD6 CA . -33.34 68.98 -17.42
C21 DD6 CA . -34.54 68.05 -17.29
C22 DD6 CA . -30.01 69.36 -18.54
C23 DD6 CA . -29.73 68.74 -16.17
C24 DD6 CA . -29.27 57.46 -7.26
C25 DD6 CA . -28.80 56.24 -7.01
C26 DD6 CA . -28.82 55.74 -5.64
C27 DD6 CA . -28.59 54.45 -5.37
C28 DD6 CA . -28.33 53.47 -6.47
C29 DD6 CA . -28.65 54.02 -4.19
C3 DD6 CA . -29.98 59.71 -10.25
C30 DD6 CA . -28.75 53.62 -3.08
C31 DD6 CA . -28.90 53.15 -1.92
C32 DD6 CA . -27.67 52.74 -1.15
C33 DD6 CA . -28.04 52.18 0.22
C34 DD6 CA . -29.18 52.96 0.84
C35 DD6 CA . -30.41 52.66 0.00
C36 DD6 CA . -30.13 53.03 -1.45
C37 DD6 CA . -31.32 53.23 -2.35
C4 DD6 CA . -30.55 60.90 -10.49
C40 DD6 CA . -26.94 51.68 -1.96
C41 DD6 CA . -26.78 53.97 -0.99
C5 DD6 CA . -30.54 61.40 -11.87
C6 DD6 CA . -31.09 62.56 -12.25
C7 DD6 CA . -31.77 63.41 -11.23
C8 DD6 CA . -30.99 62.90 -13.70
C9 DD6 CA . -31.29 64.02 -14.39
O1 DD6 CA . -32.57 68.68 -18.57
O2 DD6 CA . -32.44 72.63 -17.38
O4 DD6 CA . -29.39 52.52 2.18
C DD6 DA . -36.81 39.83 -5.04
C1 DD6 DA . -35.80 39.83 -3.98
C10 DD6 DA . -30.68 46.61 -8.78
C11 DD6 DA . -29.55 47.29 -8.96
C12 DD6 DA . -28.48 47.19 -7.91
C13 DD6 DA . -29.31 48.11 -10.15
C14 DD6 DA . -29.71 47.69 -11.35
C15 DD6 DA . -29.53 48.46 -12.64
C16 DD6 DA . -28.52 47.95 -13.66
C17 DD6 DA . -28.22 49.01 -14.70
C18 DD6 DA . -29.51 49.59 -15.21
C19 DD6 DA . -29.98 50.57 -14.17
C2 DD6 DA . -34.70 40.59 -4.08
C20 DD6 DA . -30.36 49.76 -12.91
C21 DD6 DA . -31.07 50.42 -11.80
C22 DD6 DA . -29.09 46.72 -14.35
C23 DD6 DA . -27.22 47.57 -12.95
C24 DD6 DA . -36.11 38.98 -2.82
C25 DD6 DA . -37.17 38.17 -2.87
C26 DD6 DA . -37.48 37.33 -1.72
C27 DD6 DA . -38.69 36.76 -1.61
C28 DD6 DA . -39.70 36.96 -2.67
C29 DD6 DA . -38.97 36.06 -0.62
C3 DD6 DA . -34.45 41.43 -5.25
C30 DD6 DA . -39.27 35.41 0.33
C31 DD6 DA . -39.62 34.76 1.34
C32 DD6 DA . -39.69 33.26 1.24
C33 DD6 DA . -40.14 32.65 2.54
C34 DD6 DA . -39.50 33.36 3.70
C35 DD6 DA . -40.10 34.74 3.77
C36 DD6 DA . -39.89 35.42 2.44
C37 DD6 DA . -40.02 36.91 2.37
C4 DD6 DA . -33.44 42.29 -5.25
C40 DD6 DA . -40.70 32.90 0.15
C41 DD6 DA . -38.33 32.72 0.86
C5 DD6 DA . -33.15 43.16 -6.40
C6 DD6 DA . -32.14 44.04 -6.38
C7 DD6 DA . -31.26 44.18 -5.17
C8 DD6 DA . -31.88 44.89 -7.57
C9 DD6 DA . -30.89 45.78 -7.59
O1 DD6 DA . -30.82 48.47 -13.27
O2 DD6 DA . -29.28 50.28 -16.44
O4 DD6 DA . -39.82 32.68 4.90
C7 UIX EA . -44.70 46.58 -13.62
C8 UIX EA . -42.71 44.48 -14.34
C9 UIX EA . -42.24 46.37 -15.87
O1 UIX EA . -42.99 45.46 -18.71
C1 UIX EA . -45.45 46.56 -16.13
C5 UIX EA . -44.10 45.23 -17.85
C6 UIX EA . -46.08 47.86 -15.63
C4 UIX EA . -43.60 44.45 -16.63
O4 UIX EA . -34.57 63.84 3.93
C3 UIX EA . -44.73 46.57 -17.47
O3 UIX EA . -38.20 60.57 3.53
C2 UIX EA . -43.27 45.33 -15.46
C UIX EA . -44.52 46.05 -15.02
O UIX EA . -45.67 45.32 -15.44
C10 UIX EA . -43.73 47.22 -12.99
C11 UIX EA . -43.98 47.71 -11.62
C12 UIX EA . -45.17 47.22 -10.86
C13 UIX EA . -43.15 48.60 -11.07
C14 UIX EA . -43.36 49.12 -9.73
C15 UIX EA . -38.47 62.28 0.86
C16 UIX EA . -37.44 60.41 2.34
C17 UIX EA . -37.10 62.88 0.74
C18 UIX EA . -36.32 62.72 2.03
C19 UIX EA . -36.18 61.26 2.43
C20 UIX EA . -38.30 60.82 1.18
C21 UIX EA . -39.22 62.44 -0.45
C22 UIX EA . -39.23 62.97 1.99
C23 UIX EA . -42.43 49.93 -9.24
C24 UIX EA . -37.06 58.95 2.19
C25 UIX EA . -38.87 59.93 0.50
C26 UIX EA . -42.53 50.54 -7.92
C27 UIX EA . -34.59 64.18 2.77
C28 UIX EA . -39.46 59.04 -0.14
O2 UIX EA . -35.02 63.20 1.79
C29 UIX EA . -43.48 50.01 -6.88
C30 UIX EA . -41.76 51.61 -7.67
C31 UIX EA . -34.18 65.54 2.30
C32 UIX EA . -38.98 58.54 -1.44
C33 UIX EA . -37.67 59.01 -1.98
C34 UIX EA . -41.76 52.35 -6.42
C35 UIX EA . -39.75 57.67 -2.10
C36 UIX EA . -39.44 57.08 -3.40
C37 UIX EA . -40.99 53.44 -6.34
C38 UIX EA . -40.21 56.05 -3.73
C39 UIX EA . -40.98 54.25 -5.13
C40 UIX EA . -40.14 55.28 -4.97
C41 UIX EA . -39.17 55.62 -6.05
C DD6 FA . -33.15 39.90 -9.30
C1 DD6 FA . -33.15 38.97 -10.43
C10 DD6 FA . -41.09 35.72 -6.57
C11 DD6 FA . -41.93 34.71 -6.34
C12 DD6 FA . -41.73 33.37 -6.95
C13 DD6 FA . -43.07 34.97 -5.46
C14 DD6 FA . -43.94 34.05 -5.09
C15 DD6 FA . -45.07 34.52 -4.21
C16 DD6 FA . -44.87 34.58 -2.70
C17 DD6 FA . -46.17 34.91 -1.99
C18 DD6 FA . -46.98 35.93 -2.76
C19 DD6 FA . -47.60 35.22 -3.94
C2 DD6 FA . -34.10 38.05 -10.49
C20 DD6 FA . -46.39 34.98 -4.89
C21 DD6 FA . -46.66 34.51 -6.30
C22 DD6 FA . -43.85 35.65 -2.36
C23 DD6 FA . -44.33 33.24 -2.25
C24 DD6 FA . -32.11 39.14 -11.44
C25 DD6 FA . -31.39 40.25 -11.42
C26 DD6 FA . -30.38 40.43 -12.45
C27 DD6 FA . -29.74 41.58 -12.61
C28 DD6 FA . -30.01 42.76 -11.73
C29 DD6 FA . -28.92 41.65 -13.54
C3 DD6 FA . -35.11 38.00 -9.46
C30 DD6 FA . -28.19 41.67 -14.47
C31 DD6 FA . -27.48 41.67 -15.48
C32 DD6 FA . -26.59 42.82 -15.82
C33 DD6 FA . -26.46 42.83 -17.33
C34 DD6 FA . -25.78 41.58 -17.84
C35 DD6 FA . -26.32 40.32 -17.16
C36 DD6 FA . -27.51 40.64 -16.31
C37 DD6 FA . -28.73 39.79 -16.37
C4 DD6 FA . -35.64 36.85 -9.07
C40 DD6 FA . -25.24 42.64 -15.15
C41 DD6 FA . -27.24 44.10 -15.36
C5 DD6 FA . -36.69 36.93 -8.06
C6 DD6 FA . -37.68 36.03 -8.08
C7 DD6 FA . -37.71 34.98 -9.12
C8 DD6 FA . -38.76 36.13 -7.09
C9 DD6 FA . -39.94 35.64 -7.45
O1 DD6 FA . -45.31 35.87 -4.66
O2 DD6 FA . -48.01 36.46 -1.94
O4 DD6 FA . -26.04 41.50 -19.24
MG CLA GA . -52.52 33.44 2.24
CHA CLA GA . -52.81 36.79 3.14
CHB CLA GA . -55.60 32.81 3.54
CHC CLA GA . -52.23 30.17 1.20
CHD CLA GA . -49.33 34.15 0.87
NA CLA GA . -53.95 34.62 3.19
C1A CLA GA . -53.89 36.01 3.46
C2A CLA GA . -55.17 36.46 4.17
C3A CLA GA . -55.97 35.16 4.38
C4A CLA GA . -55.13 34.11 3.65
CMA CLA GA . -56.16 34.85 5.84
CAA CLA GA . -55.95 37.41 3.27
CBA CLA GA . -56.03 36.88 1.86
CGA CLA GA . -56.79 37.82 0.97
O1A CLA GA . -57.85 38.41 1.21
O2A CLA GA . -56.18 38.02 -0.24
NB CLA GA . -53.71 31.82 2.31
C1B CLA GA . -54.92 31.75 2.91
C2B CLA GA . -55.46 30.36 2.81
C3B CLA GA . -54.52 29.61 2.15
C4B CLA GA . -53.38 30.52 1.84
CMB CLA GA . -56.75 29.97 3.37
CAB CLA GA . -54.52 28.22 1.82
CBB CLA GA . -54.36 27.70 0.59
NC CLA GA . -51.04 32.36 1.24
C1C CLA GA . -51.12 31.03 0.93
C2C CLA GA . -49.92 30.59 0.23
C3C CLA GA . -49.10 31.72 0.12
C4C CLA GA . -49.81 32.82 0.75
CMC CLA GA . -49.68 29.23 -0.24
CAC CLA GA . -47.79 31.77 -0.53
CBC CLA GA . -46.69 32.06 0.47
ND CLA GA . -51.27 35.02 2.10
C1D CLA GA . -49.99 35.19 1.49
C2D CLA GA . -49.56 36.59 1.65
C3D CLA GA . -50.60 37.25 2.27
C4D CLA GA . -51.64 36.24 2.51
CMD CLA GA . -48.27 37.13 1.20
CAD CLA GA . -51.07 38.51 2.81
OBD CLA GA . -50.49 39.60 2.90
CBD CLA GA . -52.54 38.27 3.31
CGD CLA GA . -52.75 38.80 4.70
O1D CLA GA . -52.76 39.98 5.06
O2D CLA GA . -52.96 37.85 5.66
CED CLA GA . -53.70 38.23 6.81
C1 CLA GA . -57.04 37.97 -1.39
C2 CLA GA . -56.21 37.55 -2.54
C3 CLA GA . -56.74 37.05 -3.67
C4 CLA GA . -55.89 36.63 -4.81
MG CLA HA . -52.72 46.50 -1.15
CHA CLA HA . -51.47 49.14 0.72
CHB CLA HA . -55.45 46.35 0.88
CHC CLA HA . -53.99 44.01 -3.15
CHD CLA HA . -49.91 46.75 -3.29
NA CLA HA . -53.32 47.55 0.55
C1A CLA HA . -52.66 48.63 1.16
C2A CLA HA . -53.46 49.12 2.38
C3A CLA HA . -54.64 48.13 2.47
C4A CLA HA . -54.48 47.28 1.21
CMA CLA HA . -54.61 47.32 3.75
CAA CLA HA . -53.96 50.55 2.17
CBA CLA HA . -55.08 50.62 1.14
CGA CLA HA . -54.55 51.06 -0.20
O1A CLA HA . -53.74 50.49 -0.93
O2A CLA HA . -55.11 52.23 -0.64
NB CLA HA . -54.40 45.38 -1.13
C1B CLA HA . -55.43 45.50 -0.25
C2B CLA HA . -56.54 44.59 -0.63
C3B CLA HA . -56.14 43.92 -1.76
C4B CLA HA . -54.76 44.41 -2.09
CMB CLA HA . -57.79 44.48 0.12
CAB CLA HA . -56.83 42.93 -2.54
CBB CLA HA . -56.38 41.72 -2.86
NC CLA HA . -52.04 45.51 -2.86
C1C CLA HA . -52.71 44.51 -3.50
C2C CLA HA . -51.95 44.06 -4.66
C3C CLA HA . -50.81 44.86 -4.72
C4C CLA HA . -50.87 45.78 -3.60
CMC CLA HA . -52.37 42.98 -5.56
CAC CLA HA . -49.75 44.80 -5.73
CBC CLA HA . -48.69 43.78 -5.39
ND CLA HA . -51.01 47.57 -1.26
C1D CLA HA . -49.96 47.59 -2.20
C2D CLA HA . -48.98 48.64 -1.81
C3D CLA HA . -49.50 49.26 -0.69
C4D CLA HA . -50.78 48.58 -0.40
CMD CLA HA . -47.73 48.92 -2.52
CAD CLA HA . -49.31 50.29 0.33
OBD CLA HA . -48.36 51.03 0.50
CBD CLA HA . -50.60 50.29 1.21
CGD CLA HA . -50.33 50.21 2.69
O1D CLA HA . -50.33 51.14 3.50
O2D CLA HA . -50.06 48.95 3.15
CED CLA HA . -50.23 48.70 4.54
C1 CLA HA . -54.77 53.42 0.10
MG CLA IA . -39.99 40.03 3.57
CHA CLA IA . -41.58 39.55 6.61
CHB CLA IA . -36.98 40.06 5.17
CHC CLA IA . -38.44 40.34 0.52
CHD CLA IA . -43.15 40.04 1.97
NA CLA IA . -39.40 39.83 5.56
C1A CLA IA . -40.22 39.63 6.68
C2A CLA IA . -39.40 39.51 7.95
C3A CLA IA . -37.97 39.86 7.48
C4A CLA IA . -38.10 39.91 5.96
CMA CLA IA . -37.53 41.18 8.06
CAA CLA IA . -39.42 38.08 8.44
CBA CLA IA . -39.33 37.09 7.29
CGA CLA IA . -38.01 36.41 7.25
O1A CLA IA . -37.64 35.44 7.91
O2A CLA IA . -37.12 36.97 6.36
NB CLA IA . -38.08 40.25 2.97
C1B CLA IA . -36.99 40.12 3.77
C2B CLA IA . -35.75 40.06 2.93
C3B CLA IA . -36.15 40.15 1.62
C4B CLA IA . -37.64 40.26 1.63
CMB CLA IA . -34.42 39.93 3.51
CAB CLA IA . -35.38 40.11 0.40
CBB CLA IA . -34.19 40.68 0.21
NC CLA IA . -40.69 40.18 1.61
C1C CLA IA . -39.88 40.31 0.51
C2C CLA IA . -40.68 40.41 -0.70
C3C CLA IA . -42.01 40.31 -0.29
C4C CLA IA . -42.01 40.17 1.16
CMC CLA IA . -40.16 40.55 -2.06
CAC CLA IA . -43.20 40.35 -1.16
CBC CLA IA . -43.77 38.98 -1.42
ND CLA IA . -41.93 39.79 4.08
C1D CLA IA . -43.14 39.86 3.34
C2D CLA IA . -44.29 39.70 4.26
C3D CLA IA . -43.75 39.56 5.53
C4D CLA IA . -42.29 39.65 5.36
CMD CLA IA . -45.69 39.68 3.86
CAD CLA IA . -44.01 39.37 6.95
OBD CLA IA . -45.07 39.19 7.53
CBD CLA IA . -42.64 39.42 7.68
CGD CLA IA . -42.54 40.59 8.61
O1D CLA IA . -42.10 41.71 8.36
O2D CLA IA . -42.98 40.34 9.89
CED CLA IA . -42.74 41.36 10.87
C1 CLA IA . -37.23 36.57 4.98
C2 CLA IA . -35.92 36.08 4.50
C3 CLA IA . -35.57 36.11 3.20
C4 CLA IA . -36.49 36.65 2.16
C5 CLA IA . -34.26 35.60 2.73
C6 CLA IA . -34.29 35.01 1.32
C7 CLA IA . -34.79 33.59 1.32
C8 CLA IA . -34.60 32.88 -0.02
C9 CLA IA . -33.13 32.76 -0.34
C10 CLA IA . -35.32 33.62 -1.14
C11 CLA IA . -35.05 32.99 -2.49
C12 CLA IA . -36.19 32.12 -2.97
C13 CLA IA . -37.30 32.94 -3.61
C14 CLA IA . -38.24 32.06 -4.42
C15 CLA IA . -36.76 34.05 -4.49
MG CLA JA . -29.51 39.79 -1.99
CHA CLA JA . -28.29 39.91 1.26
CHB CLA JA . -31.88 37.55 -1.00
CHC CLA JA . -30.77 39.80 -5.18
CHD CLA JA . -27.03 42.13 -2.96
NA CLA JA . -29.98 38.88 -0.16
C1A CLA JA . -29.36 39.07 1.08
C2A CLA JA . -30.03 38.23 2.16
C3A CLA JA . -31.09 37.43 1.39
C4A CLA JA . -31.00 37.99 -0.03
CMA CLA JA . -30.79 35.95 1.44
CAA CLA JA . -30.72 39.12 3.19
CBA CLA JA . -31.33 38.30 4.30
CGA CLA JA . -30.26 37.80 5.21
O1A CLA JA . -29.51 38.45 5.94
O2A CLA JA . -30.13 36.45 5.19
NB CLA JA . -31.04 38.87 -2.91
C1B CLA JA . -31.89 37.98 -2.33
C2B CLA JA . -32.85 37.46 -3.35
C3B CLA JA . -32.56 38.09 -4.54
C4B CLA JA . -31.39 38.99 -4.27
CMB CLA JA . -33.89 36.48 -3.03
CAB CLA JA . -33.16 37.96 -5.83
CBB CLA JA . -33.48 36.80 -6.42
NC CLA JA . -28.98 40.78 -3.75
C1C CLA JA . -29.63 40.64 -4.95
C2C CLA JA . -29.01 41.48 -5.95
C3C CLA JA . -27.95 42.14 -5.32
C4C CLA JA . -27.95 41.69 -3.94
CMC CLA JA . -29.44 41.59 -7.35
CAC CLA JA . -27.02 43.10 -5.94
CBC CLA JA . -27.32 44.53 -5.55
ND CLA JA . -27.97 40.78 -1.13
C1D CLA JA . -27.03 41.71 -1.63
C2D CLA JA . -26.12 42.12 -0.54
C3D CLA JA . -26.55 41.45 0.59
C4D CLA JA . -27.71 40.65 0.17
CMD CLA JA . -25.00 43.06 -0.70
CAD CLA JA . -26.34 41.21 2.01
OBD CLA JA . -25.48 41.65 2.76
CBD CLA JA . -27.45 40.22 2.47
CGD CLA JA . -26.86 38.95 3.03
O1D CLA JA . -26.22 38.09 2.42
O2D CLA JA . -27.08 38.77 4.35
CED CLA JA . -25.94 38.81 5.22
C1 CLA JA . -29.52 35.83 6.35
C2 CLA JA . -28.13 35.46 5.97
C3 CLA JA . -27.86 34.42 5.19
C4 CLA JA . -28.92 33.55 4.62
C5 CLA JA . -26.45 34.08 4.83
C6 CLA JA . -25.98 34.71 3.52
C7 CLA JA . -26.08 33.74 2.37
C8 CLA JA . -24.73 33.47 1.73
C9 CLA JA . -24.90 32.67 0.45
C10 CLA JA . -23.81 32.72 2.69
MG CLA KA . -29.42 55.53 -13.06
CHA CLA KA . -27.43 56.30 -15.80
CHB CLA KA . -27.23 53.08 -12.16
CHC CLA KA . -31.39 54.86 -10.32
CHD CLA KA . -31.62 58.14 -13.99
NA CLA KA . -27.63 54.82 -13.87
C1A CLA KA . -26.96 55.28 -15.02
C2A CLA KA . -25.67 54.49 -15.24
C3A CLA KA . -25.66 53.45 -14.10
C4A CLA KA . -26.93 53.79 -13.30
CMA CLA KA . -25.69 52.03 -14.64
CAA CLA KA . -24.46 55.40 -15.09
CBA CLA KA . -24.19 55.75 -13.64
CGA CLA KA . -24.76 57.08 -13.26
O1A CLA KA . -25.69 57.72 -13.80
O2A CLA KA . -24.17 57.63 -12.17
NB CLA KA . -29.29 54.27 -11.50
C1B CLA KA . -28.37 53.28 -11.35
C2B CLA KA . -28.73 52.40 -10.21
C3B CLA KA . -29.91 52.89 -9.69
C4B CLA KA . -30.28 54.08 -10.51
CMB CLA KA . -27.93 51.25 -9.82
CAB CLA KA . -30.75 52.46 -8.59
CBB CLA KA . -30.70 51.28 -7.96
NC CLA KA . -31.19 56.35 -12.31
C1C CLA KA . -31.82 55.92 -11.17
C2C CLA KA . -33.01 56.71 -10.93
C3C CLA KA . -33.10 57.64 -11.96
C4C CLA KA . -31.94 57.41 -12.83
CMC CLA KA . -33.93 56.52 -9.80
CAC CLA KA . -34.14 58.66 -12.14
CBC CLA KA . -33.77 60.00 -11.56
ND CLA KA . -29.61 56.85 -14.58
C1D CLA KA . -30.54 57.90 -14.81
C2D CLA KA . -30.16 58.62 -16.05
C3D CLA KA . -28.98 58.02 -16.49
C4D CLA KA . -28.67 56.96 -15.52
CMD CLA KA . -30.91 59.73 -16.63
CAD CLA KA . -27.94 58.02 -17.50
OBD CLA KA . -27.84 58.67 -18.53
CBD CLA KA . -26.87 56.97 -17.05
CGD CLA KA . -26.52 55.98 -18.12
O1D CLA KA . -25.52 55.25 -18.18
O2D CLA KA . -27.43 55.91 -19.14
CED CLA KA . -26.98 55.37 -20.38
C1 CLA KA . -24.91 58.63 -11.45
C2 CLA KA . -24.07 59.05 -10.29
C3 CLA KA . -24.45 59.97 -9.40
MG CLA LA . -15.36 51.88 3.77
CHA CLA LA . -14.94 52.98 7.04
CHB CLA LA . -15.35 55.09 2.67
CHC CLA LA . -15.61 50.71 0.54
CHD CLA LA . -15.37 48.54 4.96
NA CLA LA . -15.19 53.72 4.72
C1A CLA LA . -15.00 53.97 6.09
C2A CLA LA . -14.93 55.48 6.36
C3A CLA LA . -15.19 56.11 4.98
C4A CLA LA . -15.24 54.91 4.03
CMA CLA LA . -16.48 56.89 4.99
CAA CLA LA . -13.55 55.87 6.89
CBA CLA LA . -12.71 56.61 5.86
CGA CLA LA . -11.46 57.10 6.50
O1A CLA LA . -11.32 57.66 7.60
O2A CLA LA . -10.34 56.89 5.75
NB CLA LA . -15.46 52.74 1.94
C1B CLA LA . -15.43 54.07 1.70
C2B CLA LA . -15.52 54.31 0.24
C3B CLA LA . -15.59 53.09 -0.38
C4B CLA LA . -15.55 52.06 0.70
CMB CLA LA . -15.53 55.66 -0.35
CAB CLA LA . -15.69 52.80 -1.80
CBB CLA LA . -16.39 51.82 -2.37
NC CLA LA . -15.49 49.97 2.92
C1C CLA LA . -15.59 49.73 1.58
C2C CLA LA . -15.65 48.29 1.33
C3C CLA LA . -15.58 47.67 2.57
C4C CLA LA . -15.48 48.73 3.57
CMC CLA LA . -15.76 47.66 0.01
CAC CLA LA . -15.59 46.23 2.85
CBC CLA LA . -14.20 45.68 3.08
ND CLA LA . -15.26 50.92 5.55
C1D CLA LA . -15.27 49.55 5.90
C2D CLA LA . -15.15 49.41 7.37
C3D CLA LA . -15.01 50.71 7.85
C4D CLA LA . -15.07 51.61 6.69
CMD CLA LA . -15.17 48.15 8.10
CAD CLA LA . -14.85 51.54 9.04
OBD CLA LA . -14.79 51.21 10.22
CBD CLA LA . -14.74 53.02 8.54
CGD CLA LA . -15.68 53.93 9.29
O1D CLA LA . -15.65 54.22 10.49
O2D CLA LA . -16.68 54.49 8.55
CED CLA LA . -17.18 55.76 8.96
C1 CLA LA . -9.12 57.51 6.20
C2 CLA LA . -8.28 57.73 5.01
C3 CLA LA . -7.52 56.77 4.45
C4 CLA LA . -6.68 57.02 3.26
C5 CLA LA . -7.48 55.39 5.02
C6 CLA LA . -7.88 54.32 4.03
C7 CLA LA . -6.77 53.32 3.83
C8 CLA LA . -6.49 53.07 2.36
C9 CLA LA . -7.25 51.86 1.86
C10 CLA LA . -4.99 52.88 2.11
MG CLA MA . -24.26 47.30 0.05
CHA CLA MA . -26.06 45.30 2.24
CHB CLA MA . -21.80 47.60 2.37
CHC CLA MA . -22.39 49.03 -2.25
CHD CLA MA . -26.86 46.97 -2.33
NA CLA MA . -24.02 46.59 2.00
C1A CLA MA . -24.87 45.75 2.72
C2A CLA MA . -24.32 45.48 4.12
C3A CLA MA . -23.12 46.45 4.21
C4A CLA MA . -22.93 46.91 2.76
CMA CLA MA . -23.47 47.60 5.12
CAA CLA MA . -23.88 44.04 4.29
CBA CLA MA . -22.94 43.58 3.19
CGA CLA MA . -22.62 42.13 3.38
O1A CLA MA . -22.61 41.47 4.42
O2A CLA MA . -22.30 41.49 2.21
NB CLA MA . -22.46 48.20 0.08
C1B CLA MA . -21.54 48.08 1.08
C2B CLA MA . -20.21 48.53 0.61
C3B CLA MA . -20.37 48.94 -0.71
C4B CLA MA . -21.80 48.74 -1.05
CMB CLA MA . -19.02 48.54 1.45
CAB CLA MA . -19.39 49.47 -1.62
CBB CLA MA . -19.11 48.98 -2.83
NC CLA MA . -24.61 47.94 -1.91
C1C CLA MA . -23.71 48.67 -2.64
C2C CLA MA . -24.28 48.97 -3.96
C3C CLA MA . -25.53 48.35 -3.99
C4C CLA MA . -25.73 47.70 -2.70
CMC CLA MA . -23.62 49.75 -5.00
CAC CLA MA . -26.49 48.37 -5.12
CBC CLA MA . -27.31 49.64 -5.16
ND CLA MA . -26.07 46.42 -0.06
C1D CLA MA . -27.04 46.35 -1.10
C2D CLA MA . -28.19 45.54 -0.64
C3D CLA MA . -27.86 45.10 0.63
C4D CLA MA . -26.53 45.68 0.93
CMD CLA MA . -29.40 45.28 -1.41
CAD CLA MA . -28.29 44.35 1.81
OBD CLA MA . -29.35 43.77 2.03
CBD CLA MA . -27.13 44.43 2.85
CGD CLA MA . -27.56 44.92 4.21
O1D CLA MA . -27.32 46.01 4.72
O2D CLA MA . -28.27 44.01 4.91
CED CLA MA . -28.58 44.32 6.28
C1 CLA MA . -22.70 40.11 2.11
C2 CLA MA . -21.96 39.54 0.95
C3 CLA MA . -22.54 38.79 0.00
C4 CLA MA . -21.76 38.25 -1.14
C5 CLA MA . -24.00 38.48 0.04
C6 CLA MA . -24.37 37.17 -0.63
C7 CLA MA . -25.14 37.42 -1.91
C8 CLA MA . -26.61 37.02 -1.81
C9 CLA MA . -26.78 35.73 -1.04
C10 CLA MA . -27.22 36.89 -3.21
C11 CLA MA . -26.86 38.05 -4.09
C12 CLA MA . -27.11 37.77 -5.56
C13 CLA MA . -25.89 38.09 -6.43
C14 CLA MA . -25.11 39.27 -5.88
C15 CLA MA . -26.28 38.28 -7.89
C16 CLA MA . -26.20 39.73 -8.36
C17 CLA MA . -25.10 39.93 -9.37
C18 CLA MA . -25.60 40.60 -10.64
C19 CLA MA . -25.90 42.07 -10.40
C20 CLA MA . -24.58 40.46 -11.75
MG CLA NA . -37.91 55.96 3.09
CHA CLA NA . -36.90 56.86 6.28
CHB CLA NA . -41.17 56.19 4.07
CHC CLA NA . -38.87 55.27 -0.13
CHD CLA NA . -34.51 55.83 2.11
NA CLA NA . -38.85 56.43 4.89
C1A CLA NA . -38.25 56.80 6.10
C2A CLA NA . -39.31 57.08 7.17
C3A CLA NA . -40.64 56.73 6.48
C4A CLA NA . -40.21 56.44 5.03
CMA CLA NA . -41.31 55.54 7.12
CAA CLA NA . -39.30 58.56 7.49
CBA CLA NA . -39.23 59.45 6.25
CGA CLA NA . -40.58 59.94 5.87
O1A CLA NA . -41.59 60.04 6.57
O2A CLA NA . -40.68 60.34 4.56
NB CLA NA . -39.68 55.78 2.14
C1B CLA NA . -40.90 55.89 2.72
C2B CLA NA . -41.97 55.64 1.71
C3B CLA NA . -41.33 55.37 0.51
C4B CLA NA . -39.86 55.46 0.78
CMB CLA NA . -43.39 55.68 2.04
CAB CLA NA . -41.84 55.06 -0.80
CBB CLA NA . -43.09 54.71 -1.13
NC CLA NA . -36.87 55.59 1.32
C1C CLA NA . -37.47 55.33 0.12
C2C CLA NA . -36.44 55.13 -0.90
C3C CLA NA . -35.21 55.31 -0.28
C4C CLA NA . -35.49 55.61 1.13
CMC CLA NA . -36.70 54.83 -2.31
CAC CLA NA . -33.88 55.23 -0.90
CBC CLA NA . -33.40 56.57 -1.38
ND CLA NA . -36.09 56.18 3.95
C1D CLA NA . -34.77 56.10 3.44
C2D CLA NA . -33.80 56.35 4.54
C3D CLA NA . -34.57 56.63 5.66
C4D CLA NA . -35.98 56.54 5.23
CMD CLA NA . -32.36 56.30 4.40
CAD CLA NA . -34.56 56.98 7.06
OBD CLA NA . -33.61 57.09 7.84
CBD CLA NA . -36.04 57.18 7.49
CGD CLA NA . -36.42 56.32 8.68
O1D CLA NA . -36.93 56.69 9.74
O2D CLA NA . -36.17 55.00 8.49
CED CLA NA . -37.25 54.09 8.63
C1 CLA NA . -41.88 59.97 3.86
C2 CLA NA . -41.99 60.82 2.65
C3 CLA NA . -42.84 60.53 1.64
C4 CLA NA . -43.73 59.36 1.69
C5 CLA NA . -42.92 61.40 0.43
C6 CLA NA . -43.47 60.68 -0.79
C7 CLA NA . -42.35 60.24 -1.72
C8 CLA NA . -42.47 60.89 -3.09
C9 CLA NA . -43.11 59.95 -4.09
C10 CLA NA . -41.11 61.33 -3.61
NB KC1 OA . -45.65 54.32 -6.04
ND KC1 OA . -48.65 52.62 -4.18
C1A KC1 OA . -47.75 54.94 -2.39
C1B KC1 OA . -44.96 55.39 -5.61
C1C KC1 OA . -46.58 52.08 -7.74
C1D KC1 OA . -49.39 51.58 -4.59
C2A KC1 OA . -47.28 56.08 -1.60
C2B KC1 OA . -43.97 55.75 -6.56
C2C KC1 OA . -47.07 51.01 -8.59
C2D KC1 OA . -50.39 51.34 -3.61
C3A KC1 OA . -46.24 56.63 -2.33
C3B KC1 OA . -44.07 54.85 -7.59
C3C KC1 OA . -48.10 50.43 -7.94
C3D KC1 OA . -50.21 52.28 -2.60
C4A KC1 OA . -46.07 55.86 -3.49
C4B KC1 OA . -45.15 53.96 -7.22
C4C KC1 OA . -48.28 51.14 -6.69
C4D KC1 OA . -49.12 53.07 -2.98
CAA KC1 OA . -47.84 56.53 -0.32
CAB KC1 OA . -43.24 54.82 -8.81
CAC KC1 OA . -48.92 49.27 -8.43
CAD KC1 OA . -50.70 52.78 -1.30
CBA KC1 OA . -47.10 56.94 0.74
CBB KC1 OA . -43.72 55.30 -9.95
CBC KC1 OA . -50.07 49.78 -9.29
CBD KC1 OA . -49.84 54.00 -1.02
CED KC1 OA . -51.57 56.39 -2.94
CGA KC1 OA . -47.67 57.90 1.62
CGD KC1 OA . -50.72 55.23 -1.04
CHA KC1 OA . -48.80 54.05 -2.10
CHB KC1 OA . -45.09 56.13 -4.45
CHC KC1 OA . -45.51 52.92 -8.06
CHD KC1 OA . -49.27 50.83 -5.74
CMA KC1 OA . -45.40 57.83 -1.97
CMB KC1 OA . -43.00 56.89 -6.46
CMC KC1 OA . -46.53 50.59 -9.93
CMD KC1 OA . -51.44 50.28 -3.65
NA KC1 OA . -46.98 54.83 -3.54
NC KC1 OA . -47.33 52.13 -6.60
O1A KC1 OA . -48.87 58.04 1.61
O1D KC1 OA . -51.39 55.49 -0.08
O2A KC1 OA . -46.90 58.92 2.02
O2D KC1 OA . -50.50 56.17 -1.98
OBD KC1 OA . -51.76 52.51 -0.79
MG KC1 OA . -47.12 53.46 -5.06
MG CLA PA . -43.48 39.23 -15.06
CHA CLA PA . -43.86 38.45 -18.43
CHB CLA PA . -46.11 41.40 -15.29
CHC CLA PA . -43.02 40.04 -11.77
CHD CLA PA . -40.78 36.96 -14.89
NA CLA PA . -44.78 39.79 -16.62
C1A CLA PA . -44.78 39.34 -17.94
C2A CLA PA . -45.92 40.00 -18.74
C3A CLA PA . -46.66 40.85 -17.68
C4A CLA PA . -45.80 40.67 -16.42
CMA CLA PA . -46.78 42.28 -18.11
CAA CLA PA . -46.88 38.96 -19.30
CBA CLA PA . -47.09 37.78 -18.38
CGA CLA PA . -48.36 37.92 -17.60
O1A CLA PA . -49.12 38.89 -17.53
O2A CLA PA . -48.66 36.81 -16.86
NB CLA PA . -44.44 40.43 -13.75
C1B CLA PA . -45.38 41.34 -14.08
C2B CLA PA . -45.58 42.31 -12.96
C3B CLA PA . -44.71 41.94 -11.96
C4B CLA PA . -43.97 40.73 -12.45
CMB CLA PA . -46.53 43.42 -13.01
CAB CLA PA . -44.50 42.55 -10.67
CBB CLA PA . -44.50 41.91 -9.51
NC CLA PA . -42.16 38.58 -13.59
C1C CLA PA . -42.17 39.03 -12.30
C2C CLA PA . -41.14 38.34 -11.53
C3C CLA PA . -40.47 37.49 -12.41
C4C CLA PA . -41.13 37.64 -13.71
CMC CLA PA . -40.89 38.57 -10.10
CAC CLA PA . -39.37 36.56 -12.11
CBC CLA PA . -38.09 37.25 -11.73
ND CLA PA . -42.49 37.99 -16.31
C1D CLA PA . -41.39 37.11 -16.11
C2D CLA PA . -41.06 36.45 -17.40
C3D CLA PA . -41.95 36.96 -18.33
C4D CLA PA . -42.83 37.89 -17.60
CMD CLA PA . -39.98 35.50 -17.59
CAD CLA PA . -42.40 36.93 -19.71
OBD CLA PA . -41.95 36.32 -20.67
CBD CLA PA . -43.64 37.88 -19.81
CGD CLA PA . -43.41 39.00 -20.78
O1D CLA PA . -43.35 40.20 -20.51
O2D CLA PA . -43.27 38.63 -22.08
CED CLA PA . -42.79 39.63 -22.98
C1 CLA PA . -48.94 35.59 -17.58
C2 CLA PA . -49.37 34.60 -16.57
C3 CLA PA . -50.65 34.52 -16.14
C4 CLA PA . -51.72 35.41 -16.64
C5 CLA PA . -51.04 33.51 -15.11
C6 CLA PA . -51.26 34.13 -13.74
C7 CLA PA . -51.89 33.13 -12.80
MG CLA QA . -32.94 34.36 -13.42
CHA CLA QA . -33.09 33.52 -16.78
CHB CLA QA . -35.81 32.61 -12.86
CHC CLA QA . -32.59 34.97 -10.06
CHD CLA QA . -30.00 36.23 -14.07
NA CLA QA . -34.24 33.27 -14.64
C1A CLA QA . -34.11 33.02 -16.01
C2A CLA QA . -35.28 32.16 -16.49
C3A CLA QA . -36.26 32.20 -15.31
C4A CLA QA . -35.37 32.70 -14.17
CMA CLA QA . -37.42 33.13 -15.57
CAA CLA QA . -34.84 30.72 -16.68
CBA CLA QA . -33.41 30.44 -16.23
CGA CLA QA . -33.27 29.78 -14.89
O1A CLA QA . -33.34 28.59 -14.62
O2A CLA QA . -32.99 30.65 -13.88
NB CLA QA . -34.05 33.95 -11.78
C1B CLA QA . -35.08 33.07 -11.74
C2B CLA QA . -35.37 32.65 -10.35
C3B CLA QA . -34.46 33.32 -9.55
C4B CLA QA . -33.62 34.15 -10.45
CMB CLA QA . -36.44 31.71 -10.02
CAB CLA QA . -34.28 33.31 -8.12
CBB CLA QA . -34.59 32.32 -7.27
NC CLA QA . -31.57 35.45 -12.28
C1C CLA QA . -31.63 35.59 -10.93
C2C CLA QA . -30.54 36.43 -10.46
C3C CLA QA . -29.79 36.76 -11.59
C4C CLA QA . -30.44 36.15 -12.74
CMC CLA QA . -30.30 36.80 -9.07
CAC CLA QA . -28.57 37.60 -11.63
CBC CLA QA . -27.30 36.80 -11.88
ND CLA QA . -31.77 34.81 -15.01
C1D CLA QA . -30.60 35.60 -15.15
C2D CLA QA . -30.19 35.60 -16.57
C3D CLA QA . -31.09 34.80 -17.24
C4D CLA QA . -32.07 34.34 -16.22
CMD CLA QA . -29.02 36.30 -17.10
CAD CLA QA . -31.50 34.23 -18.52
OBD CLA QA . -30.96 34.31 -19.62
CBD CLA QA . -32.81 33.41 -18.26
CGD CLA QA . -33.97 33.93 -19.07
O1D CLA QA . -34.51 33.41 -20.05
O2D CLA QA . -34.44 35.13 -18.62
CED CLA QA . -35.78 35.19 -18.12
C1 CLA QA . -33.35 30.22 -12.55
C2 CLA QA . -32.11 29.78 -11.85
C3 CLA QA . -32.11 29.49 -10.53
C4 CLA QA . -33.32 29.61 -9.70
C5 CLA QA . -30.86 29.05 -9.84
C6 CLA QA . -30.95 27.64 -9.30
C7 CLA QA . -31.01 27.61 -7.79
C8 CLA QA . -29.69 27.20 -7.16
C9 CLA QA . -29.91 26.15 -6.09
C10 CLA QA . -28.97 28.41 -6.55
C1A DGD RA . -35.59 12.60 -18.01
C2A DGD RA . -35.05 12.31 -16.63
C3A DGD RA . -34.42 13.56 -16.05
O1A DGD RA . -35.62 13.74 -18.43
C1B DGD RA . -37.67 8.64 -19.53
C2B DGD RA . -38.76 8.07 -18.65
C3B DGD RA . -38.64 6.55 -18.60
C4B DGD RA . -38.03 6.08 -17.28
C5B DGD RA . -38.11 4.56 -17.18
C6B DGD RA . -37.74 4.07 -15.79
O1B DGD RA . -36.60 8.07 -19.64
O1G DGD RA . -36.10 11.53 -18.83
C1G DGD RA . -36.39 11.72 -20.22
C2G DGD RA . -36.69 10.36 -20.83
O2G DGD RA . -37.89 9.88 -20.24
C3G DGD RA . -36.86 10.46 -22.35
O3G DGD RA . -38.01 11.22 -22.69
C1D DGD RA . -38.63 10.74 -23.88
C2D DGD RA . -40.01 11.38 -24.04
O2D DGD RA . -40.99 10.36 -24.16
C3D DGD RA . -40.05 12.28 -25.26
O3D DGD RA . -39.14 13.37 -25.09
C4D DGD RA . -39.67 11.49 -26.51
O4D DGD RA . -39.38 12.40 -27.58
C5D DGD RA . -38.46 10.61 -26.24
O5D DGD RA . -36.27 10.00 -27.02
C6D DGD RA . -37.48 10.64 -27.40
O6D DGD RA . -37.82 11.04 -25.03
C1E DGD RA . -36.13 8.71 -27.61
C2E DGD RA . -34.81 8.08 -27.14
O2E DGD RA . -34.00 9.09 -26.51
C3E DGD RA . -34.06 7.50 -28.33
O3E DGD RA . -34.86 6.48 -28.92
C4E DGD RA . -33.78 8.58 -29.35
O4E DGD RA . -33.29 7.99 -30.56
C5E DGD RA . -35.04 9.39 -29.65
O6E DGD RA . -36.18 8.77 -29.03
C6E DGD RA . -35.28 9.51 -31.15
O5E DGD RA . -34.10 10.05 -31.78
C1 LMG SA . -37.63 21.41 -18.91
O1 LMG SA . -37.13 21.32 -17.59
C2 LMG SA . -36.87 22.57 -19.58
O2 LMG SA . -37.18 23.71 -18.84
C3 LMG SA . -37.51 22.69 -20.97
O3 LMG SA . -36.84 23.73 -21.60
C4 LMG SA . -37.32 21.36 -21.75
O4 LMG SA . -35.96 21.21 -22.01
C5 LMG SA . -37.79 20.16 -20.85
O5 LMG SA . -37.58 17.84 -20.57
C6 LMG SA . -37.32 18.85 -21.50
O6 LMG SA . -37.25 20.21 -19.55
C7 LMG SA . -36.65 20.05 -17.19
C8 LMG SA . -37.71 19.46 -16.22
C9 LMG SA . -37.01 18.51 -15.22
O7 LMG SA . -38.33 20.52 -15.44
C10 LMG SA . -37.60 21.24 -14.56
O9 LMG SA . -37.04 22.24 -14.96
C11 LMG SA . -38.10 21.05 -13.15
C12 LMG SA . -37.21 21.75 -12.16
C13 LMG SA . -36.94 20.91 -10.91
C14 LMG SA . -38.07 21.17 -9.93
C15 LMG SA . -37.71 22.35 -9.04
C16 LMG SA . -38.95 22.81 -8.31
C17 LMG SA . -38.60 22.91 -6.84
C18 LMG SA . -38.81 24.35 -6.42
O8 LMG SA . -37.38 17.20 -15.60
C28 LMG SA . -37.82 16.37 -14.62
O10 LMG SA . -37.13 15.43 -14.26
C29 LMG SA . -39.27 16.54 -14.30
C30 LMG SA . -39.70 15.59 -13.20
C31 LMG SA . -41.07 15.05 -13.56
C32 LMG SA . -42.05 15.56 -12.51
C33 LMG SA . -42.83 14.36 -12.02
C34 LMG SA . -44.24 14.79 -11.72
C35 LMG SA . -44.57 14.26 -10.34
MG CLA TA . -34.08 22.71 -11.36
CHA CLA TA . -33.06 19.92 -13.17
CHB CLA TA . -33.34 21.08 -8.46
CHC CLA TA . -35.12 25.48 -9.61
CHD CLA TA . -34.83 24.35 -14.40
NA CLA TA . -33.30 20.81 -10.92
C1A CLA TA . -32.95 19.79 -11.81
C2A CLA TA . -32.42 18.57 -11.07
C3A CLA TA . -32.57 18.97 -9.57
C4A CLA TA . -33.10 20.40 -9.63
CMA CLA TA . -33.53 18.04 -8.85
CAA CLA TA . -30.97 18.33 -11.39
CBA CLA TA . -30.27 17.42 -10.39
CGA CLA TA . -30.10 16.06 -10.97
O1A CLA TA . -29.68 15.75 -12.08
O2A CLA TA . -30.45 15.07 -10.10
NB CLA TA . -34.20 23.20 -9.41
C1B CLA TA . -33.84 22.39 -8.36
C2B CLA TA . -34.08 23.10 -7.07
C3B CLA TA . -34.58 24.35 -7.39
C4B CLA TA . -34.67 24.42 -8.88
CMB CLA TA . -33.80 22.48 -5.78
CAB CLA TA . -35.01 25.45 -6.57
CBB CLA TA . -34.71 25.67 -5.28
NC CLA TA . -34.85 24.57 -11.92
C1C CLA TA . -35.22 25.55 -11.03
C2C CLA TA . -35.74 26.70 -11.76
C3C CLA TA . -35.64 26.39 -13.12
C4C CLA TA . -35.09 25.05 -13.21
CMC CLA TA . -36.23 27.94 -11.16
CAC CLA TA . -36.05 27.23 -14.26
CBC CLA TA . -37.34 26.74 -14.89
ND CLA TA . -34.00 22.30 -13.34
C1D CLA TA . -34.31 23.08 -14.48
C2D CLA TA . -34.03 22.28 -15.70
C3D CLA TA . -33.59 21.05 -15.25
C4D CLA TA . -33.56 21.12 -13.78
CMD CLA TA . -34.24 22.76 -17.06
CAD CLA TA . -33.10 19.74 -15.63
OBD CLA TA . -32.96 19.24 -16.75
CBD CLA TA . -32.76 18.97 -14.32
CGD CLA TA . -33.57 17.71 -14.24
O1D CLA TA . -33.58 16.76 -15.05
O2D CLA TA . -34.38 17.60 -13.15
CED CLA TA . -34.56 16.31 -12.57
C1 LMG UA . -30.26 24.40 13.34
O1 LMG UA . -29.81 24.72 12.05
C2 LMG UA . -29.08 24.77 14.26
O2 LMG UA . -28.11 23.80 14.02
C3 LMG UA . -29.60 24.57 15.71
O3 LMG UA . -28.55 24.98 16.53
C4 LMG UA . -30.83 25.48 15.93
O4 LMG UA . -30.45 26.81 15.75
C5 LMG UA . -31.87 25.13 14.83
O5 LMG UA . -32.57 27.36 15.10
C6 LMG UA . -33.10 26.07 14.97
O6 LMG UA . -31.32 25.31 13.55
C7 LMG UA . -30.17 23.78 11.08
C8 LMG UA . -29.36 24.17 9.82
C9 LMG UA . -29.96 23.44 8.59
O7 LMG UA . -29.50 25.58 9.60
C10 LMG UA . -30.73 26.15 9.46
O9 LMG UA . -31.30 26.56 10.47
C11 LMG UA . -30.90 26.74 8.09
C12 LMG UA . -30.14 28.03 7.98
C13 LMG UA . -30.33 28.70 6.63
C14 LMG UA . -29.55 27.87 5.62
C15 LMG UA . -29.79 28.42 4.24
C16 LMG UA . -29.41 29.89 4.21
C17 LMG UA . -30.36 30.58 3.25
C18 LMG UA . -29.90 30.24 1.85
C19 LMG UA . -29.01 31.38 1.39
C20 LMG UA . -29.62 31.88 0.10
O8 LMG UA . -29.24 23.89 7.48
C28 LMG UA . -28.16 23.16 7.11
O10 LMG UA . -27.84 22.19 7.77
C29 LMG UA . -27.64 23.49 5.75
C30 LMG UA . -26.48 24.46 5.83
C31 LMG UA . -25.88 24.57 4.45
C32 LMG UA . -24.78 25.63 4.50
C33 LMG UA . -24.31 25.84 3.08
C34 LMG UA . -25.17 26.91 2.45
C35 LMG UA . -24.23 28.05 2.08
MG CLA VA . -26.95 23.92 -11.49
CHA CLA VA . -29.06 23.61 -14.23
CHB CLA VA . -27.33 27.31 -11.60
CHC CLA VA . -25.00 24.17 -8.68
CHD CLA VA . -26.74 20.40 -11.32
NA CLA VA . -28.01 25.22 -12.75
C1A CLA VA . -28.84 24.90 -13.82
C2A CLA VA . -29.45 26.16 -14.43
C3A CLA VA . -28.85 27.31 -13.59
C4A CLA VA . -27.99 26.58 -12.56
CMA CLA VA . -28.05 28.29 -14.43
CAA CLA VA . -30.95 26.19 -14.23
CBA CLA VA . -31.34 26.26 -12.77
CGA CLA VA . -31.47 24.87 -12.22
O1A CLA VA . -31.82 23.86 -12.83
O2A CLA VA . -31.11 24.73 -10.91
NB CLA VA . -26.32 25.45 -10.33
C1B CLA VA . -26.52 26.77 -10.59
C2B CLA VA . -25.74 27.60 -9.62
C3B CLA VA . -25.07 26.72 -8.80
C4B CLA VA . -25.43 25.34 -9.23
CMB CLA VA . -25.75 29.06 -9.65
CAB CLA VA . -24.19 26.97 -7.69
CBB CLA VA . -24.37 27.90 -6.74
NC CLA VA . -26.01 22.53 -10.25
C1C CLA VA . -25.25 22.86 -9.15
C2C CLA VA . -24.78 21.64 -8.50
C3C CLA VA . -25.26 20.57 -9.23
C4C CLA VA . -26.05 21.13 -10.33
CMC CLA VA . -23.95 21.62 -7.30
CAC CLA VA . -25.06 19.14 -8.89
CBC CLA VA . -24.53 18.26 -10.00
ND CLA VA . -27.57 22.34 -12.58
C1D CLA VA . -27.45 20.94 -12.37
C2D CLA VA . -28.18 20.22 -13.44
C3D CLA VA . -28.80 21.19 -14.20
C4D CLA VA . -28.43 22.50 -13.59
CMD CLA VA . -28.21 18.77 -13.60
CAD CLA VA . -29.66 21.48 -15.34
OBD CLA VA . -30.11 20.72 -16.19
CBD CLA VA . -29.93 23.02 -15.33
CGD CLA VA . -29.68 23.66 -16.67
O1D CLA VA . -28.64 23.64 -17.34
O2D CLA VA . -30.77 24.31 -17.18
CED CLA VA . -30.93 24.31 -18.60
C1 CLA VA . -30.10 23.73 -10.67
C2 CLA VA . -30.49 22.89 -9.51
C3 CLA VA . -29.75 22.81 -8.39
C4 CLA VA . -28.49 23.57 -8.26
C5 CLA VA . -30.15 21.97 -7.24
C6 CLA VA . -29.29 20.73 -7.10
C7 CLA VA . -29.86 19.78 -6.07
C DD6 WA . -64.86 1.07 -12.68
C1 DD6 WA . -63.96 0.91 -11.50
C10 DD6 WA . -57.60 -3.85 -16.92
C11 DD6 WA . -56.74 -4.83 -17.22
C12 DD6 WA . -56.31 -5.82 -16.18
C13 DD6 WA . -56.20 -4.88 -18.59
C14 DD6 WA . -56.15 -5.97 -19.35
C15 DD6 WA . -55.54 -5.81 -20.73
C16 DD6 WA . -56.33 -5.12 -21.84
C17 DD6 WA . -55.88 -5.65 -23.20
C18 DD6 WA . -54.38 -5.54 -23.34
C19 DD6 WA . -53.72 -6.59 -22.45
C2 DD6 WA . -62.74 0.36 -11.62
C20 DD6 WA . -54.20 -6.47 -21.01
C21 DD6 WA . -53.55 -7.32 -19.92
C22 DD6 WA . -56.10 -3.63 -21.79
C23 DD6 WA . -57.82 -5.40 -21.66
C24 DD6 WA . -64.36 1.38 -10.15
C25 DD6 WA . -65.55 1.89 -9.87
C26 DD6 WA . -65.75 2.31 -8.49
C27 DD6 WA . -66.65 3.24 -8.17
C28 DD6 WA . -67.52 3.86 -9.24
C29 DD6 WA . -66.76 3.61 -6.97
C3 DD6 WA . -62.20 -0.10 -12.89
C30 DD6 WA . -66.76 3.99 -5.85
C31 DD6 WA . -66.76 4.42 -4.67
C32 DD6 WA . -66.79 5.90 -4.42
C33 DD6 WA . -66.19 6.23 -3.06
C34 DD6 WA . -66.86 5.38 -2.00
C35 DD6 WA . -66.44 3.95 -2.24
C36 DD6 WA . -66.72 3.54 -3.67
C37 DD6 WA . -66.94 2.08 -3.97
C4 DD6 WA . -61.16 -0.91 -12.87
C40 DD6 WA . -68.25 6.35 -4.45
C41 DD6 WA . -66.03 6.63 -5.51
C5 DD6 WA . -60.56 -1.35 -14.13
C6 DD6 WA . -59.57 -2.24 -14.14
C7 DD6 WA . -59.05 -2.82 -12.86
C8 DD6 WA . -58.96 -2.61 -15.43
C9 DD6 WA . -58.17 -3.66 -15.59
O1 DD6 WA . -54.31 -5.11 -20.59
O2 DD6 WA . -53.99 -5.77 -24.70
O4 DD6 WA . -66.42 5.80 -0.70
C7 UIX XA . -51.95 21.49 -7.88
C8 UIX XA . -49.94 21.80 -5.39
C9 UIX XA . -49.91 19.69 -6.64
O1 UIX XA . -52.28 19.81 -2.35
C1 UIX XA . -53.40 21.03 -5.70
C5 UIX XA . -52.17 20.42 -3.64
C6 UIX XA . -54.58 20.92 -6.65
C4 UIX XA . -51.04 19.78 -4.44
O4 UIX XA . -48.94 36.65 -29.09
C3 UIX XA . -53.42 20.16 -4.44
O3 UIX XA . -47.39 33.01 -24.36
C2 UIX XA . -50.76 20.57 -5.73
C UIX XA . -52.05 21.01 -6.43
O UIX XA . -52.54 22.16 -5.73
C10 UIX XA . -52.22 20.72 -8.93
C11 UIX XA . -52.10 21.24 -10.30
C12 UIX XA . -51.51 20.39 -11.38
C13 UIX XA . -52.53 22.48 -10.60
C14 UIX XA . -52.38 22.97 -11.97
C15 UIX XA . -50.50 33.09 -26.00
C16 UIX XA . -48.04 32.26 -25.39
C17 UIX XA . -49.86 33.84 -27.17
C18 UIX XA . -48.41 34.20 -26.88
C19 UIX XA . -47.67 32.87 -26.74
C20 UIX XA . -49.53 32.29 -25.17
C21 UIX XA . -51.52 32.10 -26.55
C22 UIX XA . -51.22 34.07 -25.08
C23 UIX XA . -52.68 24.22 -12.29
C24 UIX XA . -47.55 30.82 -25.33
C25 UIX XA . -50.01 31.60 -24.25
C26 UIX XA . -52.50 24.65 -13.68
C27 UIX XA . -48.43 36.27 -28.04
C28 UIX XA . -50.52 30.88 -23.35
O2 UIX XA . -47.89 34.93 -27.99
C29 UIX XA . -52.26 23.63 -14.75
C30 UIX XA . -52.55 25.95 -14.00
C31 UIX XA . -48.36 37.15 -26.83
C32 UIX XA . -50.47 31.20 -21.92
C33 UIX XA . -49.92 32.50 -21.41
C34 UIX XA . -52.37 26.36 -15.38
C35 UIX XA . -50.96 30.27 -21.09
C36 UIX XA . -51.01 30.37 -19.63
C37 UIX XA . -52.19 27.64 -15.71
C38 UIX XA . -51.53 29.30 -19.04
C39 UIX XA . -52.01 27.94 -17.12
C40 UIX XA . -51.68 29.15 -17.58
C41 UIX XA . -51.50 30.31 -16.65
C DD6 YA . -56.54 5.07 -9.00
C1 DD6 YA . -55.85 5.58 -7.77
C10 DD6 YA . -52.90 12.95 -13.11
C11 DD6 YA . -52.40 14.10 -13.59
C12 DD6 YA . -51.78 15.12 -12.70
C13 DD6 YA . -52.48 14.30 -15.04
C14 DD6 YA . -52.16 15.45 -15.64
C15 DD6 YA . -52.28 15.51 -17.15
C16 DD6 YA . -51.07 15.16 -18.01
C17 DD6 YA . -51.16 15.84 -19.37
C18 DD6 YA . -52.51 15.62 -20.01
C19 DD6 YA . -53.55 16.44 -19.26
C2 DD6 YA . -55.14 6.72 -7.79
C20 DD6 YA . -53.54 16.10 -17.77
C21 DD6 YA . -54.56 16.74 -16.86
C22 DD6 YA . -50.98 13.66 -18.20
C23 DD6 YA . -49.81 15.65 -17.29
C24 DD6 YA . -55.96 4.84 -6.49
C25 DD6 YA . -56.57 3.65 -6.39
C26 DD6 YA . -56.61 2.99 -5.09
C27 DD6 YA . -57.27 1.80 -4.94
C28 DD6 YA . -57.96 1.19 -6.10
C29 DD6 YA . -57.29 1.23 -3.82
C3 DD6 YA . -54.97 7.52 -9.00
C30 DD6 YA . -57.38 0.78 -2.73
C31 DD6 YA . -57.39 0.16 -1.63
C32 DD6 YA . -56.98 -1.28 -1.55
C33 DD6 YA . -57.28 -1.83 -0.18
C34 DD6 YA . -56.73 -0.87 0.88
C35 DD6 YA . -57.60 0.37 0.87
C36 DD6 YA . -57.85 0.83 -0.56
C37 DD6 YA . -58.62 2.12 -0.75
C4 DD6 YA . -54.17 8.59 -8.98
C40 DD6 YA . -55.52 -1.36 -1.88
C41 DD6 YA . -57.80 -2.04 -2.59
C5 DD6 YA . -54.00 9.37 -10.20
C6 DD6 YA . -53.43 10.58 -10.23
C7 DD6 YA . -52.95 11.24 -8.97
C8 DD6 YA . -53.32 11.25 -11.53
C9 DD6 YA . -52.92 12.51 -11.71
O1 DD6 YA . -53.39 14.70 -17.55
O2 DD6 YA . -52.47 16.06 -21.37
O4 DD6 YA . -56.80 -1.49 2.16
C DD6 ZA . -63.23 19.84 -10.70
C1 DD6 ZA . -63.71 19.35 -9.38
C10 DD6 ZA . -65.73 11.34 -14.17
C11 DD6 ZA . -66.35 10.18 -14.43
C12 DD6 ZA . -67.08 9.43 -13.36
C13 DD6 ZA . -66.27 9.65 -15.79
C14 DD6 ZA . -66.60 8.40 -16.09
C15 DD6 ZA . -66.49 7.96 -17.52
C16 DD6 ZA . -67.73 7.98 -18.41
C17 DD6 ZA . -67.53 7.11 -19.65
C18 DD6 ZA . -66.19 7.37 -20.30
C19 DD6 ZA . -65.12 6.76 -19.42
C2 DD6 ZA . -64.18 18.10 -9.23
C20 DD6 ZA . -65.16 7.40 -18.03
C21 DD6 ZA . -64.06 7.12 -17.02
C22 DD6 ZA . -68.04 9.41 -18.84
C23 DD6 ZA . -68.91 7.45 -17.61
C24 DD6 ZA . -63.68 20.25 -8.21
C25 DD6 ZA . -63.25 21.50 -8.35
C26 DD6 ZA . -63.22 22.38 -7.18
C27 DD6 ZA . -62.71 23.61 -7.24
C28 DD6 ZA . -62.12 24.13 -8.51
C29 DD6 ZA . -62.73 24.31 -6.20
C3 DD6 ZA . -64.23 17.20 -10.38
C30 DD6 ZA . -62.78 24.97 -5.22
C31 DD6 ZA . -62.84 25.61 -4.14
C32 DD6 ZA . -62.41 24.93 -2.87
C33 DD6 ZA . -62.65 25.88 -1.71
C34 DD6 ZA . -61.95 27.19 -2.02
C35 DD6 ZA . -62.66 27.88 -3.18
C36 DD6 ZA . -63.29 26.87 -4.11
C37 DD6 ZA . -64.45 27.27 -4.97
C4 DD6 ZA . -64.61 15.94 -10.24
C40 DD6 ZA . -60.94 24.57 -2.98
C41 DD6 ZA . -63.25 23.67 -2.71
C5 DD6 ZA . -64.66 15.11 -11.44
C6 DD6 ZA . -65.11 13.86 -11.44
C7 DD6 ZA . -65.59 13.20 -10.17
C8 DD6 ZA . -65.14 13.12 -12.72
C9 DD6 ZA . -65.74 11.96 -12.85
O1 DD6 ZA . -65.47 8.78 -18.12
O2 DD6 ZA . -66.15 6.74 -21.58
O4 DD6 ZA . -61.98 28.04 -0.87
C DD6 AB . -53.44 6.91 -13.20
C1 DD6 AB . -52.84 5.82 -14.04
C10 DD6 AB . -58.84 0.07 -9.25
C11 DD6 AB . -59.36 -1.05 -8.75
C12 DD6 AB . -58.85 -2.40 -9.17
C13 DD6 AB . -60.46 -0.93 -7.77
C14 DD6 AB . -61.34 -1.91 -7.60
C15 DD6 AB . -62.46 -1.72 -6.60
C16 DD6 AB . -62.21 -1.90 -5.10
C17 DD6 AB . -63.48 -2.36 -4.39
C18 DD6 AB . -64.66 -1.46 -4.76
C19 DD6 AB . -65.06 -1.78 -6.19
C2 DD6 AB . -53.19 4.54 -13.83
C20 DD6 AB . -63.88 -1.62 -7.15
C21 DD6 AB . -64.08 -1.82 -8.64
C22 DD6 AB . -61.73 -0.59 -4.49
C23 DD6 AB . -61.12 -2.95 -4.91
C24 DD6 AB . -51.88 6.16 -15.11
C25 DD6 AB . -51.62 7.42 -15.41
C26 DD6 AB . -50.71 7.74 -16.51
C27 DD6 AB . -50.56 9.01 -16.89
C28 DD6 AB . -51.33 10.09 -16.19
C29 DD6 AB . -49.80 9.32 -17.85
C3 DD6 AB . -54.17 4.21 -12.80
C30 DD6 AB . -49.12 9.59 -18.78
C31 DD6 AB . -48.43 9.90 -19.78
C32 DD6 AB . -47.03 10.43 -19.56
C33 DD6 AB . -46.46 11.05 -20.83
C34 DD6 AB . -46.78 10.20 -22.06
C35 DD6 AB . -48.29 10.29 -22.24
C36 DD6 AB . -48.97 9.75 -21.00
C37 DD6 AB . -50.29 9.04 -21.16
C4 DD6 AB . -54.68 2.98 -12.75
C40 DD6 AB . -46.15 9.28 -19.10
C41 DD6 AB . -47.11 11.49 -18.48
C5 DD6 AB . -55.70 2.68 -11.74
C6 DD6 AB . -56.17 1.45 -11.51
C7 DD6 AB . -55.65 0.29 -12.29
C8 DD6 AB . -57.23 1.28 -10.51
C9 DD6 AB . -57.78 0.10 -10.24
O1 DD6 AB . -63.10 -0.46 -6.84
O2 DD6 AB . -65.77 -1.77 -3.90
O4 DD6 AB . -46.13 10.74 -23.20
MG CLA BB . -68.22 -4.92 0.39
CHA CLA BB . -69.59 -1.73 0.50
CHB CLA BB . -71.10 -6.21 1.64
CHC CLA BB . -66.77 -8.03 0.36
CHD CLA BB . -65.19 -3.51 -0.80
NA CLA BB . -70.05 -4.08 0.93
C1A CLA BB . -70.44 -2.74 0.91
C2A CLA BB . -71.88 -2.57 1.38
C3A CLA BB . -72.32 -4.00 1.75
C4A CLA BB . -71.09 -4.84 1.41
CMA CLA BB . -72.69 -4.11 3.21
CAA CLA BB . -72.74 -2.07 0.23
CBA CLA BB . -72.69 -3.03 -0.93
CGA CLA BB . -73.19 -2.39 -2.18
O1A CLA BB . -73.94 -1.42 -2.29
O2A CLA BB . -72.75 -2.99 -3.33
NB CLA BB . -68.83 -6.77 0.90
C1B CLA BB . -70.04 -7.09 1.39
C2B CLA BB . -70.10 -8.56 1.67
C3B CLA BB . -68.88 -9.08 1.31
C4B CLA BB . -68.05 -7.95 0.81
CMB CLA BB . -71.28 -9.22 2.22
CAB CLA BB . -68.42 -10.45 1.38
CBB CLA BB . -67.92 -11.16 0.37
NC CLA BB . -66.34 -5.63 -0.16
C1C CLA BB . -65.97 -6.95 -0.11
C2C CLA BB . -64.59 -7.10 -0.57
C3C CLA BB . -64.13 -5.82 -0.88
C4C CLA BB . -65.23 -4.90 -0.62
CMC CLA BB . -63.87 -8.37 -0.66
CAC CLA BB . -62.79 -5.47 -1.39
CBC CLA BB . -62.69 -5.62 -2.89
ND CLA BB . -67.53 -3.09 -0.14
C1D CLA BB . -66.25 -2.64 -0.56
C2D CLA BB . -66.27 -1.16 -0.71
C3D CLA BB . -67.54 -0.76 -0.32
C4D CLA BB . -68.27 -2.00 0.05
CMD CLA BB . -65.15 -0.34 -1.16
CAD CLA BB . -68.45 0.36 -0.14
OBD CLA BB . -68.29 1.55 -0.40
CBD CLA BB . -69.76 -0.22 0.47
CGD CLA BB . -69.95 0.30 1.87
O1D CLA BB . -69.08 0.49 2.73
O2D CLA BB . -71.25 0.56 2.22
CED CLA BB . -71.49 1.04 3.54
C1 CLA BB . -73.64 -2.98 -4.46
C2 CLA BB . -73.14 -3.98 -5.43
C3 CLA BB . -72.67 -3.66 -6.64
C4 CLA BB . -72.17 -4.68 -7.59
MG CLA CB . -73.00 7.59 -3.81
CHA CLA CB . -72.66 10.58 -2.09
CHB CLA CB . -75.51 6.66 -1.70
CHC CLA CB . -73.41 4.74 -5.66
CHD CLA CB . -70.44 8.63 -6.03
NA CLA CB . -73.90 8.49 -2.15
C1A CLA CB . -73.62 9.74 -1.60
C2A CLA CB . -74.53 10.02 -0.39
C3A CLA CB . -75.30 8.69 -0.21
C4A CLA CB . -74.90 7.87 -1.43
CMA CLA CB . -74.94 8.01 1.09
CAA CLA CB . -75.49 11.15 -0.72
CBA CLA CB . -76.24 10.90 -2.01
CGA CLA CB . -76.71 12.18 -2.63
O1A CLA CB . -77.13 13.20 -2.08
O2A CLA CB . -76.67 12.16 -3.99
NB CLA CB . -74.18 5.98 -3.66
C1B CLA CB . -75.21 5.83 -2.80
C2B CLA CB . -76.03 4.63 -3.18
C3B CLA CB . -75.43 4.09 -4.29
C4B CLA CB . -74.25 4.94 -4.61
CMB CLA CB . -77.21 4.23 -2.43
CAB CLA CB . -75.76 2.95 -5.11
CBB CLA CB . -74.98 1.89 -5.30
NC CLA CB . -72.06 6.81 -5.50
C1C CLA CB . -72.38 5.61 -6.08
C2C CLA CB . -71.52 5.37 -7.24
C3C CLA CB . -70.71 6.48 -7.37
C4C CLA CB . -71.04 7.39 -6.28
CMC CLA CB . -71.58 4.17 -8.08
CAC CLA CB . -69.67 6.69 -8.39
CBC CLA CB . -70.26 7.35 -9.63
ND CLA CB . -71.79 9.19 -4.05
C1D CLA CB . -70.76 9.49 -4.99
C2D CLA CB . -70.17 10.81 -4.67
C3D CLA CB . -70.86 11.27 -3.57
C4D CLA CB . -71.85 10.23 -3.22
CMD CLA CB . -69.09 11.43 -5.41
CAD CLA CB . -71.01 12.35 -2.60
OBD CLA CB . -70.38 13.40 -2.52
CBD CLA CB . -72.16 11.93 -1.63
CGD CLA CB . -71.73 11.91 -0.19
O1D CLA CB . -70.87 11.20 0.33
O2D CLA CB . -72.41 12.79 0.61
CED CLA CB . -72.35 12.57 2.02
C1 CLA CB . -77.17 13.32 -4.68
MG CLA DB . -58.80 5.41 -0.03
CHA CLA DB . -60.11 4.69 3.10
CHB CLA DB . -55.89 6.41 1.42
CHC CLA DB . -57.52 6.00 -3.14
CHD CLA DB . -61.85 4.34 -1.48
NA CLA DB . -58.13 5.53 1.94
C1A CLA DB . -58.83 5.18 3.11
C2A CLA DB . -57.98 5.41 4.34
C3A CLA DB . -56.71 6.09 3.79
C4A CLA DB . -56.89 6.00 2.28
CMA CLA DB . -56.61 7.52 4.28
CAA CLA DB . -57.62 4.07 4.96
CBA CLA DB . -57.21 3.07 3.89
CGA CLA DB . -55.77 2.71 4.06
O1A CLA DB . -55.28 2.03 4.95
O2A CLA DB . -54.94 3.25 3.11
NB CLA DB . -57.07 6.16 -0.72
C1B CLA DB . -55.95 6.38 0.02
C2B CLA DB . -54.77 6.60 -0.85
C3B CLA DB . -55.22 6.48 -2.15
C4B CLA DB . -56.68 6.19 -2.08
CMB CLA DB . -53.43 6.86 -0.33
CAB CLA DB . -54.49 6.57 -3.39
CBB CLA DB . -53.53 7.45 -3.68
NC CLA DB . -59.57 5.23 -1.96
C1C CLA DB . -58.87 5.56 -3.10
C2C CLA DB . -59.72 5.34 -4.26
C3C CLA DB . -60.94 4.84 -3.79
C4C CLA DB . -60.83 4.78 -2.35
CMC CLA DB . -59.34 5.60 -5.66
CAC CLA DB . -62.11 4.47 -4.60
CBC CLA DB . -62.32 2.98 -4.67
ND CLA DB . -60.56 4.62 0.58
C1D CLA DB . -61.75 4.26 -0.11
C2D CLA DB . -62.77 3.83 0.87
C3D CLA DB . -62.19 3.95 2.12
C4D CLA DB . -60.83 4.47 1.88
CMD CLA DB . -64.10 3.34 0.52
CAD CLA DB . -62.36 3.79 3.54
OBD CLA DB . -63.29 3.31 4.18
CBD CLA DB . -61.06 4.33 4.22
CGD CLA DB . -61.35 5.54 5.06
O1D CLA DB . -61.96 6.56 4.72
O2D CLA DB . -60.89 5.47 6.34
CED CLA DB . -59.98 6.48 6.79
C1 CLA DB . -55.19 2.92 1.73
C2 CLA DB . -53.88 2.85 1.02
C3 CLA DB . -53.77 2.77 -0.31
C4 CLA DB . -54.96 2.74 -1.19
C5 CLA DB . -52.44 2.70 -0.98
C6 CLA DB . -52.47 2.06 -2.35
C7 CLA DB . -52.12 0.59 -2.29
C8 CLA DB . -51.77 0.02 -3.66
C9 CLA DB . -50.27 -0.21 -3.77
MG CLA EB . -49.28 7.63 -5.72
CHA CLA EB . -47.67 8.10 -2.68
CHB CLA EB . -50.81 4.86 -4.48
CHC CLA EB . -50.92 7.26 -8.72
CHD CLA EB . -47.69 10.54 -6.95
NA CLA EB . -49.23 6.65 -3.87
C1A CLA EB . -48.50 7.01 -2.73
C2A CLA EB . -48.76 6.03 -1.59
C3A CLA EB . -49.70 4.97 -2.22
C4A CLA EB . -49.95 5.52 -3.63
CMA CLA EB . -49.07 3.61 -2.24
CAA CLA EB . -49.47 6.72 -0.43
CBA CLA EB . -49.86 5.73 0.65
CGA CLA EB . -48.61 5.20 1.29
O1A CLA EB . -47.85 5.77 2.07
O2A CLA EB . -48.34 3.90 0.93
NB CLA EB . -50.64 6.32 -6.45
C1B CLA EB . -51.12 5.24 -5.79
C2B CLA EB . -52.02 4.46 -6.69
C3B CLA EB . -52.06 5.13 -7.90
C4B CLA EB . -51.17 6.33 -7.75
CMB CLA EB . -52.68 3.23 -6.25
CAB CLA EB . -52.75 4.85 -9.13
CBB CLA EB . -53.33 3.71 -9.48
NC CLA EB . -49.29 8.71 -7.51
C1C CLA EB . -50.03 8.38 -8.60
C2C CLA EB . -49.80 9.35 -9.68
C3C CLA EB . -48.90 10.29 -9.17
C4C CLA EB . -48.58 9.88 -7.81
CMC CLA EB . -50.42 9.30 -10.99
CAC CLA EB . -48.36 11.46 -9.88
CBC CLA EB . -46.92 11.30 -10.32
ND CLA EB . -47.96 9.02 -5.06
C1D CLA EB . -47.38 10.16 -5.66
C2D CLA EB . -46.46 10.81 -4.71
C3D CLA EB . -46.53 10.05 -3.55
C4D CLA EB . -47.48 8.95 -3.82
CMD CLA EB . -45.66 12.00 -4.99
CAD CLA EB . -46.05 9.88 -2.19
OBD CLA EB . -45.25 10.56 -1.55
CBD CLA EB . -46.77 8.63 -1.60
CGD CLA EB . -45.77 7.57 -1.21
O1D CLA EB . -44.98 6.99 -1.96
O2D CLA EB . -45.76 7.25 0.11
CED CLA EB . -44.73 6.39 0.56
C1 CLA EB . -47.29 3.24 1.66
C2 CLA EB . -46.10 3.18 0.79
C3 CLA EB . -45.93 2.22 -0.13
C4 CLA EB . -46.90 1.13 -0.32
C5 CLA EB . -44.71 2.20 -1.00
MG CLA FB . -54.75 21.63 -18.48
CHA CLA FB . -53.36 22.54 -21.52
CHB CLA FB . -51.80 20.19 -17.57
CHC CLA FB . -56.11 20.92 -15.40
CHD CLA FB . -57.79 23.15 -19.47
NA CLA FB . -52.90 21.40 -19.42
C1A CLA FB . -52.52 21.86 -20.69
C2A CLA FB . -51.08 21.50 -20.99
C3A CLA FB . -50.65 20.64 -19.78
C4A CLA FB . -51.85 20.73 -18.84
CMA CLA FB . -50.34 19.22 -20.20
CAA CLA FB . -50.24 22.77 -21.02
CBA CLA FB . -50.39 23.61 -19.76
CGA CLA FB . -51.41 24.68 -19.95
O1A CLA FB . -51.37 25.65 -20.72
O2A CLA FB . -52.50 24.54 -19.15
NB CLA FB . -54.09 20.72 -16.81
C1B CLA FB . -52.84 20.21 -16.63
C2B CLA FB . -52.73 19.65 -15.25
C3B CLA FB . -53.94 19.86 -14.63
C4B CLA FB . -54.82 20.54 -15.62
CMB CLA FB . -51.49 19.03 -14.75
CAB CLA FB . -54.39 19.52 -13.30
CBB CLA FB . -54.17 18.36 -12.67
NC CLA FB . -56.62 21.95 -17.61
C1C CLA FB . -56.96 21.58 -16.34
C2C CLA FB . -58.34 21.97 -16.05
C3C CLA FB . -58.82 22.61 -17.21
C4C CLA FB . -57.73 22.60 -18.18
CMC CLA FB . -59.04 21.74 -14.80
CAC CLA FB . -60.15 23.18 -17.40
CBC CLA FB . -60.16 24.68 -17.29
ND CLA FB . -55.49 22.57 -20.11
C1D CLA FB . -56.75 23.16 -20.38
C2D CLA FB . -56.72 23.75 -21.75
C3D CLA FB . -55.45 23.54 -22.23
C4D CLA FB . -54.72 22.81 -21.17
CMD CLA FB . -57.84 24.42 -22.40
CAD CLA FB . -54.53 23.72 -23.35
OBD CLA FB . -54.74 24.22 -24.45
CBD CLA FB . -53.17 23.11 -22.91
CGD CLA FB . -52.64 22.08 -23.88
O1D CLA FB . -51.46 21.83 -24.15
O2D CLA FB . -53.61 21.35 -24.49
CED CLA FB . -53.22 20.48 -25.56
C1 CLA FB . -53.50 25.58 -19.20
C2 CLA FB . -54.54 25.25 -18.20
C3 CLA FB . -55.53 26.09 -17.87
C4 CLA FB . -55.66 27.43 -18.50
C5 CLA FB . -56.56 25.72 -16.85
C6 CLA FB . -56.12 25.98 -15.43
C7 CLA FB . -57.33 25.98 -14.50
C8 CLA FB . -57.03 25.32 -13.16
C9 CLA FB . -56.18 26.22 -12.29
C10 CLA FB . -56.35 23.98 -13.35
MG CLA GB . -46.94 31.47 -16.08
CHA CLA GB . -46.51 30.78 -19.46
CHB CLA GB . -45.16 34.35 -16.44
CHC CLA GB . -47.52 32.17 -12.77
CHD CLA GB . -48.65 28.39 -15.72
NA CLA GB . -45.99 32.38 -17.70
C1A CLA GB . -45.93 31.95 -19.03
C2A CLA GB . -45.11 32.90 -19.88
C3A CLA GB . -44.55 33.92 -18.85
C4A CLA GB . -45.29 33.56 -17.56
CMA CLA GB . -43.06 33.76 -18.71
CAA CLA GB . -45.98 33.58 -20.94
CBA CLA GB . -46.52 34.92 -20.48
CGA CLA GB . -46.82 35.77 -21.66
O1A CLA GB . -46.47 36.94 -21.89
O2A CLA GB . -47.59 35.13 -22.60
NB CLA GB . -46.37 32.93 -14.82
C1B CLA GB . -45.78 34.10 -15.20
C2B CLA GB . -45.87 35.10 -14.10
C3B CLA GB . -46.53 34.49 -13.06
C4B CLA GB . -46.87 33.11 -13.51
CMB CLA GB . -45.32 36.46 -14.19
CAB CLA GB . -46.89 35.01 -11.77
CBB CLA GB . -48.12 35.09 -11.27
NC CLA GB . -47.90 30.44 -14.54
C1C CLA GB . -48.00 30.91 -13.26
C2C CLA GB . -48.72 29.95 -12.42
C3C CLA GB . -49.05 28.87 -13.26
C4C CLA GB . -48.51 29.19 -14.58
CMC CLA GB . -49.02 30.12 -11.00
CAC CLA GB . -49.77 27.65 -12.88
CBC CLA GB . -48.87 26.59 -12.29
ND CLA GB . -47.54 29.95 -17.27
C1D CLA GB . -48.19 28.72 -16.99
C2D CLA GB . -48.32 27.95 -18.25
C3D CLA GB . -47.74 28.72 -19.24
C4D CLA GB . -47.24 29.93 -18.57
CMD CLA GB . -48.99 26.66 -18.39
CAD CLA GB . -47.41 28.83 -20.65
OBD CLA GB . -47.73 28.12 -21.59
CBD CLA GB . -46.53 30.12 -20.81
CGD CLA GB . -45.14 29.81 -21.28
O1D CLA GB . -44.11 29.76 -20.59
O2D CLA GB . -45.04 29.57 -22.62
CED CLA GB . -43.77 29.12 -23.12
C1 CLA GB . -48.60 35.93 -23.25
C2 CLA GB . -49.56 36.39 -22.21
C3 CLA GB . -50.63 37.14 -22.49
C4 CLA GB . -50.96 37.57 -23.88
C5 CLA GB . -51.57 37.58 -21.42
C6 CLA GB . -50.85 38.33 -20.31
C7 CLA GB . -51.51 39.67 -20.06
MG CLA HB . -45.83 16.26 -4.70
CHA CLA HB . -46.94 14.11 -2.21
CHB CLA HB . -43.27 17.26 -2.70
CHC CLA HB . -44.62 18.14 -7.30
CHD CLA HB . -48.53 15.20 -6.74
NA CLA HB . -45.25 15.79 -2.75
C1A CLA HB . -45.83 14.84 -1.89
C2A CLA HB . -45.07 14.80 -0.56
C3A CLA HB . -44.07 15.97 -0.67
C4A CLA HB . -44.18 16.38 -2.15
CMA CLA HB . -44.39 17.10 0.26
CAA CLA HB . -44.34 13.48 -0.38
CBA CLA HB . -43.28 13.27 -1.45
CGA CLA HB . -42.65 11.92 -1.32
O1A CLA HB . -42.36 11.30 -0.31
O2A CLA HB . -42.39 11.35 -2.54
NB CLA HB . -44.26 17.48 -4.94
C1B CLA HB . -43.28 17.72 -4.03
C2B CLA HB . -42.21 18.57 -4.63
C3B CLA HB . -42.59 18.83 -5.93
C4B CLA HB . -43.90 18.14 -6.15
CMB CLA HB . -41.03 19.01 -3.89
CAB CLA HB . -41.94 19.59 -6.96
CBB CLA HB . -40.67 19.45 -7.36
NC CLA HB . -46.49 16.64 -6.65
C1C CLA HB . -45.85 17.45 -7.53
C2C CLA HB . -46.57 17.48 -8.79
C3C CLA HB . -47.67 16.65 -8.65
C4C CLA HB . -47.62 16.11 -7.29
CMC CLA HB . -46.16 18.24 -9.97
CAC CLA HB . -48.70 16.35 -9.66
CBC CLA HB . -49.77 17.41 -9.76
ND CLA HB . -47.44 15.04 -4.54
C1D CLA HB . -48.46 14.68 -5.46
C2D CLA HB . -49.36 13.69 -4.83
C3D CLA HB . -48.82 13.42 -3.58
C4D CLA HB . -47.62 14.28 -3.46
CMD CLA HB . -50.55 13.11 -5.46
CAD CLA HB . -48.95 12.69 -2.33
OBD CLA HB . -49.84 11.93 -1.97
CBD CLA HB . -47.73 13.06 -1.45
CGD CLA HB . -48.20 13.51 -0.09
O1D CLA HB . -48.11 12.89 0.98
O2D CLA HB . -48.79 14.73 -0.10
CED CLA HB . -48.08 15.80 0.53
C1 CLA HB . -41.72 10.08 -2.51
C2 CLA HB . -41.39 9.73 -3.92
C3 CLA HB . -42.33 9.62 -4.88
MG CLA IB . -61.73 20.92 -1.55
CHA CLA IB . -60.94 22.34 1.50
CHB CLA IB . -64.80 20.05 -0.35
CHC CLA IB . -62.57 19.79 -4.68
CHD CLA IB . -58.54 21.88 -2.74
NA CLA IB . -62.67 21.14 0.28
C1A CLA IB . -62.19 21.80 1.42
C2A CLA IB . -63.21 21.76 2.54
C3A CLA IB . -64.30 20.81 2.01
C4A CLA IB . -63.93 20.66 0.53
CMA CLA IB . -64.26 19.49 2.73
CAA CLA IB . -63.78 23.16 2.72
CBA CLA IB . -64.08 23.88 1.41
CGA CLA IB . -65.46 23.56 0.92
O1A CLA IB . -66.39 23.04 1.54
O2A CLA IB . -65.67 23.90 -0.39
NB CLA IB . -63.35 20.02 -2.34
C1B CLA IB . -64.53 19.86 -1.71
C2B CLA IB . -65.58 19.43 -2.70
C3B CLA IB . -64.96 19.36 -3.92
C4B CLA IB . -63.53 19.73 -3.71
CMB CLA IB . -66.96 19.18 -2.29
CAB CLA IB . -65.47 19.02 -5.24
CBB CLA IB . -66.71 18.62 -5.56
NC CLA IB . -60.71 20.80 -3.37
C1C CLA IB . -61.24 20.28 -4.52
C2C CLA IB . -60.25 20.36 -5.58
C3C CLA IB . -59.13 20.99 -5.04
C4C CLA IB . -59.42 21.26 -3.65
CMC CLA IB . -60.43 19.89 -6.95
CAC CLA IB . -57.88 21.30 -5.75
CBC CLA IB . -57.77 22.77 -6.10
ND CLA IB . -60.08 21.85 -0.85
C1D CLA IB . -58.82 22.17 -1.43
C2D CLA IB . -57.96 22.83 -0.41
C3D CLA IB . -58.73 22.92 0.74
C4D CLA IB . -60.03 22.31 0.41
CMD CLA IB . -56.59 23.27 -0.63
CAD CLA IB . -58.79 23.36 2.13
OBD CLA IB . -57.95 23.90 2.82
CBD CLA IB . -60.23 23.01 2.65
CGD CLA IB . -60.20 22.10 3.86
O1D CLA IB . -59.77 20.95 3.92
O2D CLA IB . -60.74 22.66 4.98
CED CLA IB . -60.99 21.80 6.09
C1 CLA IB . -66.34 22.92 -1.22
C2 CLA IB . -67.63 23.47 -1.70
C3 CLA IB . -68.04 23.39 -2.97
C4 CLA IB . -69.34 23.94 -3.41
C5 CLA IB . -67.20 22.75 -4.03
C6 CLA IB . -67.53 23.25 -5.43
C7 CLA IB . -66.28 23.62 -6.19
C8 CLA IB . -66.56 23.96 -7.65
C9 CLA IB . -66.87 25.44 -7.80
C10 CLA IB . -67.70 23.13 -8.22
NB KC1 JB . -69.10 16.55 -9.41
ND KC1 JB . -71.39 14.29 -7.18
C1A KC1 JB . -71.06 16.91 -5.65
C1B KC1 JB . -68.74 17.82 -9.13
C1C KC1 JB . -69.45 14.00 -10.86
C1D KC1 JB . -71.86 13.06 -7.47
C2A KC1 JB . -70.89 18.21 -5.00
C2B KC1 JB . -67.93 18.34 -10.19
C2C KC1 JB . -69.68 12.75 -11.56
C2D KC1 JB . -72.68 12.66 -6.40
C3A KC1 JB . -70.12 18.96 -5.85
C3B KC1 JB . -67.81 17.33 -11.12
C3C KC1 JB . -70.49 12.00 -10.81
C3D KC1 JB . -72.68 13.68 -5.45
C4A KC1 JB . -69.81 18.17 -6.98
C4B KC1 JB . -68.56 16.22 -10.59
C4C KC1 JB . -70.80 12.75 -9.61
C4D KC1 JB . -71.88 14.69 -5.98
CAA KC1 JB . -71.43 18.63 -3.71
CAB KC1 JB . -67.06 17.39 -12.38
CAC KC1 JB . -71.01 10.62 -11.16
CAD KC1 JB . -73.20 14.13 -4.15
CBA KC1 JB . -70.62 18.98 -2.68
CBB KC1 JB . -67.71 17.43 -13.54
CBC KC1 JB . -72.46 10.73 -11.66
CBD KC1 JB . -72.64 15.54 -3.99
CED KC1 JB . -75.12 18.23 -4.94
CGA KC1 JB . -70.78 20.24 -2.09
CGD KC1 JB . -73.80 16.50 -3.96
CHA KC1 JB . -71.77 15.79 -5.18
CHB KC1 JB . -69.04 18.62 -8.05
CHC KC1 JB . -68.65 15.05 -11.30
CHD KC1 JB . -71.64 12.29 -8.58
CMA KC1 JB . -69.66 20.38 -5.63
CMB KC1 JB . -67.32 19.72 -10.26
CMC KC1 JB . -69.11 12.37 -12.91
CMD KC1 JB . -73.42 11.35 -6.28
NA KC1 JB . -70.38 16.92 -6.86
NC KC1 JB . -70.15 13.96 -9.67
O1A KC1 JB . -69.83 21.00 -2.07
O1D KC1 JB . -74.45 16.64 -2.95
O2A KC1 JB . -72.02 20.77 -1.99
O2D KC1 JB . -74.07 17.22 -5.06
OBD KC1 JB . -74.15 13.67 -3.55
MG KC1 JB . -70.22 15.42 -8.26
MG CLA KB . -63.13 1.97 -17.57
CHA CLA KB . -63.77 0.73 -20.75
CHB CLA KB . -66.32 3.14 -17.40
CHC CLA KB . -62.45 3.19 -14.42
CHD CLA KB . -59.82 0.73 -17.79
NA CLA KB . -64.77 1.91 -18.86
C1A CLA KB . -64.84 1.33 -20.14
C2A CLA KB . -66.23 1.49 -20.74
C3A CLA KB . -67.02 2.25 -19.65
C4A CLA KB . -65.98 2.45 -18.54
CMA CLA KB . -67.58 3.54 -20.17
CAA CLA KB . -66.88 0.14 -20.96
NB CLA KB . -64.20 2.93 -16.16
C1B CLA KB . -65.46 3.41 -16.32
C2B CLA KB . -65.81 4.30 -15.17
C3B CLA KB . -64.73 4.32 -14.33
C4B CLA KB . -63.69 3.45 -14.94
CMB CLA KB . -67.12 4.96 -15.07
CAB CLA KB . -64.50 5.00 -13.07
CBB CLA KB . -65.42 5.46 -12.23
NC CLA KB . -61.45 1.93 -16.34
C1C CLA KB . -61.41 2.47 -15.07
C2C CLA KB . -60.08 2.23 -14.48
C3C CLA KB . -59.33 1.56 -15.45
C4C CLA KB . -60.20 1.37 -16.60
CMC CLA KB . -59.68 2.66 -13.14
CAC CLA KB . -57.94 1.09 -15.32
CBC CLA KB . -56.91 2.20 -15.44
ND CLA KB . -62.00 0.98 -18.91
C1D CLA KB . -60.65 0.53 -18.89
C2D CLA KB . -60.33 -0.12 -20.18
C3D CLA KB . -61.48 -0.04 -20.94
C4D CLA KB . -62.49 0.63 -20.11
CMD CLA KB . -59.04 -0.69 -20.52
CAD CLA KB . -62.11 -0.36 -22.21
OBD CLA KB . -61.63 -0.89 -23.21
CBD CLA KB . -63.59 0.12 -22.11
CGD CLA KB . -63.91 1.13 -23.19
O1D CLA KB . -64.17 2.32 -23.02
O2D CLA KB . -63.90 0.63 -24.45
CED CLA KB . -63.11 1.31 -25.42
MG CLA LB . -44.09 14.48 -15.97
CHA CLA LB . -40.97 14.56 -17.45
CHB CLA LB . -44.16 11.09 -16.25
CHC CLA LB . -47.22 14.48 -14.55
CHD CLA LB . -44.02 18.02 -15.76
NA CLA LB . -42.74 13.07 -16.71
C1A CLA LB . -41.50 13.31 -17.29
C2A CLA LB . -40.83 11.99 -17.70
C3A CLA LB . -41.90 10.92 -17.37
C4A CLA LB . -43.02 11.73 -16.72
CMA CLA LB . -42.37 10.20 -18.61
CAA CLA LB . -39.58 11.74 -16.87
CBA CLA LB . -39.86 11.91 -15.40
CGA CLA LB . -38.87 11.14 -14.58
O1A CLA LB . -38.17 10.18 -14.91
O2A CLA LB . -38.77 11.62 -13.30
NB CLA LB . -45.46 13.06 -15.54
C1B CLA LB . -45.25 11.72 -15.64
C2B CLA LB . -46.40 11.00 -15.02
C3B CLA LB . -47.27 11.94 -14.55
C4B CLA LB . -46.68 13.27 -14.85
CMB CLA LB . -46.48 9.54 -14.98
CAB CLA LB . -48.51 11.74 -13.84
CBB CLA LB . -49.66 12.38 -14.10
NC CLA LB . -45.37 15.98 -15.27
C1C CLA LB . -46.60 15.75 -14.73
C2C CLA LB . -47.23 17.01 -14.36
C3C CLA LB . -46.33 18.01 -14.70
C4C CLA LB . -45.16 17.36 -15.27
CMC CLA LB . -48.56 17.14 -13.75
CAC CLA LB . -46.50 19.46 -14.51
CBC CLA LB . -45.83 19.90 -13.23
ND CLA LB . -42.79 15.98 -16.37
C1D CLA LB . -42.90 17.39 -16.28
C2D CLA LB . -41.67 18.02 -16.83
C3D CLA LB . -40.89 16.97 -17.29
C4D CLA LB . -41.64 15.73 -16.99
CMD CLA LB . -41.40 19.45 -16.86
CAD CLA LB . -39.64 16.58 -17.92
OBD CLA LB . -38.69 17.27 -18.27
CBD CLA LB . -39.70 15.04 -18.11
CGD CLA LB . -39.76 14.69 -19.57
O1D CLA LB . -40.78 14.51 -20.25
O2D CLA LB . -38.56 14.57 -20.19
CED CLA LB . -38.59 14.18 -21.56
C1 CLA LB . -37.43 11.81 -12.79
C1 LMG MB . -50.30 -4.72 8.02
O1 LMG MB . -50.27 -5.18 6.69
C2 LMG MB . -50.83 -5.93 8.83
O2 LMG MB . -52.18 -6.04 8.48
C3 LMG MB . -50.75 -5.50 10.31
O3 LMG MB . -51.18 -6.61 11.03
C4 LMG MB . -49.28 -5.17 10.65
O4 LMG MB . -48.50 -6.31 10.44
C5 LMG MB . -48.80 -4.07 9.66
O5 LMG MB . -47.09 -4.02 11.27
C6 LMG MB . -47.31 -3.78 9.92
O6 LMG MB . -48.94 -4.49 8.33
C7 LMG MB . -50.28 -4.14 5.74
C8 LMG MB . -49.11 -4.46 4.78
C9 LMG MB . -49.17 -5.94 4.39
O7 LMG MB . -49.33 -3.73 3.60
C10 LMG MB . -48.81 -2.49 3.54
O9 LMG MB . -49.32 -1.58 4.16
C11 LMG MB . -47.42 -2.50 2.98
C12 LMG MB . -46.74 -1.18 3.28
C13 LMG MB . -45.52 -0.95 2.41
C14 LMG MB . -44.83 0.28 2.95
C15 LMG MB . -43.37 -0.01 3.10
C16 LMG MB . -42.72 1.11 3.89
C17 LMG MB . -41.22 0.95 3.71
C18 LMG MB . -40.57 1.74 4.83
C19 LMG MB . -40.59 3.19 4.42
C20 LMG MB . -40.47 4.00 5.69
C21 LMG MB . -39.86 5.32 5.31
C22 LMG MB . -38.38 5.07 5.22
O8 LMG MB . -49.33 -5.96 2.99
C28 LMG MB . -48.37 -6.61 2.28
O10 LMG MB . -47.81 -6.03 1.36
C29 LMG MB . -47.95 -7.92 2.86
C30 LMG MB . -47.01 -8.64 1.92
C31 LMG MB . -47.81 -9.67 1.16
C32 LMG MB . -47.38 -9.60 -0.30
C33 LMG MB . -47.06 -11.01 -0.74
C34 LMG MB . -47.96 -11.38 -1.89
C35 LMG MB . -47.05 -11.60 -3.09
C36 LMG MB . -47.93 -11.94 -4.25
C37 LMG MB . -47.78 -13.42 -4.53
C38 LMG MB . -48.35 -13.55 -5.91
C DD6 NB . -47.56 -15.89 -1.10
C1 DD6 NB . -48.93 -15.39 -1.40
C10 DD6 NB . -48.84 -20.71 -9.45
C11 DD6 NB . -49.40 -20.95 -10.65
C12 DD6 NB . -50.74 -20.33 -10.97
C13 DD6 NB . -48.73 -21.77 -11.66
C14 DD6 NB . -47.40 -21.80 -11.69
C15 DD6 NB . -46.62 -22.60 -12.74
C16 DD6 NB . -45.88 -21.81 -13.82
C17 DD6 NB . -45.85 -22.59 -15.11
C18 DD6 NB . -45.26 -23.98 -14.88
C19 DD6 NB . -46.26 -24.82 -14.10
C2 DD6 NB . -49.58 -15.81 -2.50
C20 DD6 NB . -46.76 -24.12 -12.83
C21 DD6 NB . -47.66 -24.91 -11.90
C22 DD6 NB . -44.46 -21.55 -13.35
C23 DD6 NB . -46.58 -20.48 -14.06
C24 DD6 NB . -49.58 -14.40 -0.51
C25 DD6 NB . -49.11 -14.14 0.70
C26 DD6 NB . -49.81 -13.12 1.48
C27 DD6 NB . -49.45 -12.83 2.73
C28 DD6 NB . -48.31 -13.55 3.40
C29 DD6 NB . -50.07 -11.92 3.34
C3 DD6 NB . -48.96 -16.75 -3.41
C30 DD6 NB . -50.65 -11.04 3.86
C31 DD6 NB . -51.24 -10.06 4.40
C32 DD6 NB . -51.27 -10.00 5.91
C33 DD6 NB . -52.29 -8.98 6.39
C34 DD6 NB . -52.13 -7.69 5.60
C35 DD6 NB . -52.60 -7.99 4.19
C36 DD6 NB . -51.77 -9.10 3.62
C37 DD6 NB . -51.52 -9.14 2.13
C4 DD6 NB . -49.63 -17.17 -4.47
C40 DD6 NB . -49.88 -9.62 6.38
C41 DD6 NB . -51.63 -11.38 6.42
C5 DD6 NB . -48.98 -18.08 -5.40
C6 DD6 NB . -49.61 -18.50 -6.50
C7 DD6 NB . -51.00 -18.04 -6.80
C8 DD6 NB . -48.92 -19.40 -7.44
C9 DD6 NB . -49.55 -19.86 -8.51
O1 DD6 NB . -45.70 -23.50 -12.10
O2 DD6 NB . -45.00 -24.60 -16.14
O4 DD6 NB . -52.95 -6.67 6.18
C1A DGD OB . -51.14 -4.15 -17.78
C2A DGD OB . -51.10 -5.38 -16.90
C3A DGD OB . -51.51 -5.03 -15.47
C4A DGD OB . -51.49 -6.29 -14.62
C5A DGD OB . -52.34 -7.39 -15.26
C6A DGD OB . -51.93 -8.75 -14.72
C7A DGD OB . -52.10 -8.79 -13.20
C8A DGD OB . -51.29 -9.93 -12.60
C9A DGD OB . -51.56 -10.05 -11.11
CAA DGD OB . -50.98 -11.35 -10.56
O1A DGD OB . -51.37 -3.05 -17.31
C1B DGD OB . -49.86 -5.93 -21.78
C2B DGD OB . -50.17 -7.40 -21.61
C3B DGD OB . -48.92 -8.13 -21.10
C4B DGD OB . -49.22 -8.84 -19.78
C5B DGD OB . -50.43 -9.76 -19.91
C6B DGD OB . -50.72 -10.48 -18.61
C7B DGD OB . -49.62 -11.49 -18.27
C8B DGD OB . -50.00 -12.31 -17.04
C9B DGD OB . -48.96 -13.36 -16.71
CAB DGD OB . -49.48 -14.29 -15.62
CBB DGD OB . -48.52 -15.44 -15.37
CCB DGD OB . -49.28 -16.68 -14.90
CDB DGD OB . -50.10 -16.38 -13.64
CEB DGD OB . -50.97 -17.58 -13.26
O1B DGD OB . -48.71 -5.55 -21.95
O1G DGD OB . -50.89 -4.30 -19.19
C1G DGD OB . -51.00 -3.19 -20.10
C2G DGD OB . -50.42 -3.65 -21.43
O2G DGD OB . -50.93 -4.95 -21.71
C3G DGD OB . -50.86 -2.69 -22.52
O3G DGD OB . -51.34 -3.44 -23.63
C1D DGD OB . -50.84 -2.90 -24.85
C2D DGD OB . -51.66 -3.39 -26.03
O2D DGD OB . -51.60 -4.81 -26.10
C3D DGD OB . -51.12 -2.78 -27.32
O3D DGD OB . -51.97 -3.11 -28.41
C4D DGD OB . -51.02 -1.27 -27.20
O4D DGD OB . -52.33 -0.69 -27.22
C5D DGD OB . -50.29 -0.87 -25.92
O5D DGD OB . -49.81 1.25 -26.93
C6D DGD OB . -50.31 0.64 -25.74
O6D DGD OB . -50.91 -1.48 -24.79
C1E DGD OB . -49.84 2.66 -26.85
C2E DGD OB . -49.67 3.27 -28.24
O2E DGD OB . -50.59 2.65 -29.14
C3E DGD OB . -48.26 3.07 -28.77
O3E DGD OB . -48.07 3.84 -29.97
C4E DGD OB . -47.23 3.49 -27.73
O4E DGD OB . -47.34 4.90 -27.50
C5E DGD OB . -47.49 2.75 -26.43
O6E DGD OB . -48.79 3.11 -25.97
C6E DGD OB . -46.45 3.08 -25.37
O5E DGD OB . -46.38 4.50 -25.19
C1A DGD PB . -11.49 52.01 3.55
C2A DGD PB . -12.14 50.99 2.65
C3A DGD PB . -11.16 49.87 2.29
C4A DGD PB . -11.69 49.08 1.10
C5A DGD PB . -11.14 47.66 1.05
C6A DGD PB . -9.77 47.61 0.40
C7A DGD PB . -9.43 46.18 -0.03
O1A DGD PB . -11.33 53.15 3.16
C1B DGD PB . -8.63 50.58 7.85
C2B DGD PB . -7.59 49.61 7.34
C3B DGD PB . -7.83 49.35 5.85
C4B DGD PB . -6.72 48.49 5.27
C5B DGD PB . -6.90 48.32 3.76
C6B DGD PB . -5.79 47.47 3.17
C7B DGD PB . -5.76 46.08 3.79
C8B DGD PB . -4.79 45.17 3.04
O1B DGD PB . -9.22 50.34 8.89
O1G DGD PB . -11.07 51.67 4.89
C1G DGD PB . -10.76 52.71 5.81
C2G DGD PB . -10.32 52.12 7.15
O2G DGD PB . -8.93 51.78 7.08
C3G DGD PB . -10.56 53.14 8.25
O3G DGD PB . -10.93 52.45 9.44
C1D DGD PB . -11.40 53.33 10.45
C2D DGD PB . -11.77 52.52 11.68
O2D DGD PB . -12.81 51.58 11.35
C3D DGD PB . -12.24 53.43 12.81
O3D DGD PB . -11.53 53.13 14.01
C4D DGD PB . -12.08 54.91 12.44
O4D DGD PB . -12.26 55.72 13.61
C5D DGD PB . -10.73 55.21 11.78
O5D DGD PB . -9.48 56.61 13.34
C6D DGD PB . -9.63 55.28 12.84
O6D DGD PB . -10.35 54.23 10.83
C1E DGD PB . -9.38 56.63 14.76
C2E DGD PB . -8.81 57.96 15.22
O2E DGD PB . -8.01 58.54 14.18
C3E DGD PB . -7.98 57.78 16.49
O3E DGD PB . -8.83 57.25 17.52
C4E DGD PB . -6.82 56.83 16.25
O4E DGD PB . -6.41 56.26 17.49
C5E DGD PB . -7.19 55.72 15.28
O6E DGD PB . -8.61 55.53 15.27
C6E DGD PB . -6.53 54.41 15.69
O5E DGD PB . -7.02 54.01 16.97
C DD6 QB . -7.71 66.45 -3.20
C1 DD6 QB . -7.09 65.47 -2.26
C10 DD6 QB . -7.64 58.32 -8.87
C11 DD6 QB . -7.55 57.01 -9.16
C12 DD6 QB . -7.08 56.04 -8.12
C13 DD6 QB . -7.89 56.53 -10.52
C14 DD6 QB . -8.26 55.27 -10.71
C15 DD6 QB . -8.63 54.74 -12.09
C16 DD6 QB . -7.54 54.31 -13.08
C17 DD6 QB . -8.07 53.56 -14.31
C18 DD6 QB . -9.58 53.58 -14.57
C19 DD6 QB . -10.21 54.89 -14.13
C2 DD6 QB . -6.85 64.21 -2.65
C20 DD6 QB . -10.02 55.04 -12.63
C21 DD6 QB . -11.00 55.86 -11.81
C22 DD6 QB . -6.55 53.42 -12.35
C23 DD6 QB . -6.79 55.53 -13.59
C24 DD6 QB . -6.74 65.87 -0.89
C25 DD6 QB . -5.46 65.93 -0.51
C26 DD6 QB . -5.09 66.30 0.85
C27 DD6 QB . -5.03 67.56 1.30
C28 DD6 QB . -5.33 68.72 0.39
C29 DD6 QB . -4.69 67.76 2.49
C3 DD6 QB . -7.18 63.74 -4.00
C30 DD6 QB . -4.40 67.94 3.62
C31 DD6 QB . -4.07 68.07 4.82
C32 DD6 QB . -2.96 69.02 5.18
C33 DD6 QB . -2.40 68.73 6.57
C34 DD6 QB . -3.52 68.55 7.57
C35 DD6 QB . -4.25 67.27 7.17
C36 DD6 QB . -4.76 67.41 5.76
C37 DD6 QB . -6.08 66.78 5.40
C4 DD6 QB . -7.00 62.46 -4.31
C40 DD6 QB . -3.50 70.44 5.13
C41 DD6 QB . -1.85 68.87 4.14
C5 DD6 QB . -7.32 61.95 -5.64
C6 DD6 QB . -7.13 60.65 -5.91
C7 DD6 QB . -6.60 59.72 -4.86
C8 DD6 QB . -7.46 60.12 -7.25
C9 DD6 QB . -7.31 58.83 -7.54
O1 DD6 QB . -9.70 53.79 -12.01
O2 DD6 QB . -9.81 53.39 -15.97
O4 DD6 QB . -2.98 68.40 8.88
C7 UIX RB . 17.79 68.53 3.74
C8 UIX RB . 19.90 67.25 5.93
C9 UIX RB . 18.22 65.86 4.75
O1 UIX RB . 17.36 67.25 9.34
C1 UIX RB . 17.02 69.24 6.15
C5 UIX RB . 17.72 67.73 8.04
C6 UIX RB . 15.98 70.04 5.38
C4 UIX RB . 17.82 66.55 7.09
O4 UIX RB . 33.23 85.12 -9.42
C3 UIX RB . 16.62 68.63 7.50
O3 UIX RB . 29.38 82.57 -10.94
C2 UIX RB . 18.42 66.99 5.76
C UIX RB . 17.74 68.26 5.22
O UIX RB . 18.40 69.37 5.85
C10 UIX RB . 18.68 69.42 3.29
C11 UIX RB . 18.84 69.78 1.87
C12 UIX RB . 18.08 69.05 0.80
C13 UIX RB . 19.67 70.77 1.57
C14 UIX RB . 19.92 71.23 0.21
C15 UIX RB . 30.93 79.98 -9.82
C16 UIX RB . 29.64 82.26 -9.58
C17 UIX RB . 32.17 80.74 -9.38
C18 UIX RB . 32.13 82.18 -9.85
C19 UIX RB . 30.97 82.87 -9.16
C20 UIX RB . 29.69 80.76 -9.40
C21 UIX RB . 30.91 78.60 -9.17
C22 UIX RB . 30.93 79.82 -11.34
C23 UIX RB . 20.70 72.29 0.08
C24 UIX RB . 28.52 82.84 -8.72
C25 UIX RB . 28.68 80.15 -8.96
C26 UIX RB . 21.07 72.86 -1.22
C27 UIX RB . 33.49 84.14 -10.10
C28 UIX RB . 27.66 79.53 -8.54
O2 UIX RB . 33.36 82.82 -9.52
C29 UIX RB . 20.53 72.29 -2.50
C30 UIX RB . 21.92 73.89 -1.23
C31 UIX RB . 33.91 84.27 -11.53
C32 UIX RB . 27.47 79.23 -7.11
C33 UIX RB . 28.46 79.70 -6.09
C34 UIX RB . 22.38 74.51 -2.47
C35 UIX RB . 26.39 78.53 -6.75
C36 UIX RB . 26.11 78.16 -5.36
C37 UIX RB . 23.17 75.59 -2.42
C38 UIX RB . 24.95 77.56 -5.12
C39 UIX RB . 23.63 76.14 -3.69
C40 UIX RB . 24.55 77.11 -3.77
C41 UIX RB . 25.17 77.72 -2.55
C DD6 SB . 4.09 62.41 0.55
C1 DD6 SB . 4.86 61.93 1.70
C10 DD6 SB . 12.71 65.94 -2.20
C11 DD6 SB . 14.03 66.02 -2.38
C12 DD6 SB . 14.99 65.28 -1.51
C13 DD6 SB . 14.55 66.87 -3.48
C14 DD6 SB . 14.54 66.45 -4.74
C15 DD6 SB . 15.07 67.34 -5.84
C16 DD6 SB . 14.12 68.34 -6.49
C17 DD6 SB . 14.46 68.47 -7.96
C18 DD6 SB . 15.90 68.87 -8.06
C19 DD6 SB . 16.75 67.63 -7.84
C2 DD6 SB . 6.17 62.22 1.78
C20 DD6 SB . 16.53 67.13 -6.37
C21 DD6 SB . 17.23 65.85 -5.95
C22 DD6 SB . 14.29 69.69 -5.82
C23 DD6 SB . 12.70 67.87 -6.32
C24 DD6 SB . 4.15 61.18 2.73
C25 DD6 SB . 2.88 60.84 2.54
C26 DD6 SB . 2.19 60.10 3.58
C27 DD6 SB . 0.86 60.17 3.68
C28 DD6 SB . 0.09 61.00 2.71
C29 DD6 SB . 0.24 59.56 4.59
C3 DD6 SB . 6.82 62.97 0.71
C30 DD6 SB . -0.33 59.01 5.44
C31 DD6 SB . -0.96 58.44 6.36
C32 DD6 SB . -1.96 57.37 6.07
C33 DD6 SB . -2.78 57.17 7.33
C34 DD6 SB . -1.90 56.77 8.51
C35 DD6 SB . -0.71 57.70 8.67
C36 DD6 SB . -0.76 58.77 7.63
C37 DD6 SB . -0.55 60.20 8.01
C4 DD6 SB . 8.14 63.09 0.71
C40 DD6 SB . -2.86 57.80 4.93
C41 DD6 SB . -1.23 56.10 5.69
C5 DD6 SB . 8.83 63.83 -0.32
C6 DD6 SB . 10.06 64.31 -0.08
C7 DD6 SB . 10.71 64.06 1.25
C8 DD6 SB . 10.79 65.08 -1.10
C9 DD6 SB . 12.11 65.13 -1.13
O1 DD6 SB . 16.20 68.08 -5.37
O2 DD6 SB . 16.15 69.39 -9.37
O4 DD6 SB . -2.68 56.86 9.69
C DD6 TB . 9.95 76.89 2.29
C1 DD6 TB . 9.01 76.98 3.42
C10 DD6 TB . 2.33 73.65 -2.69
C11 DD6 TB . 1.05 73.40 -2.96
C12 DD6 TB . 0.01 73.64 -1.92
C13 DD6 TB . 0.65 72.88 -4.28
C14 DD6 TB . 1.01 73.50 -5.38
C15 DD6 TB . 0.63 73.00 -6.75
C16 DD6 TB . -0.44 73.76 -7.52
C17 DD6 TB . -0.90 73.03 -8.76
C18 DD6 TB . 0.25 72.35 -9.47
C19 DD6 TB . 0.62 71.15 -8.63
C2 DD6 TB . 7.74 76.65 3.20
C20 DD6 TB . 1.35 71.72 -7.38
C21 DD6 TB . 1.96 70.73 -6.43
C22 DD6 TB . 0.11 75.13 -7.89
C23 DD6 TB . -1.64 73.95 -6.59
C24 DD6 TB . 9.54 77.44 4.72
C25 DD6 TB . 10.84 77.67 4.82
C26 DD6 TB . 11.40 78.12 6.10
C27 DD6 TB . 12.72 78.20 6.26
C28 DD6 TB . 13.63 77.86 5.12
C29 DD6 TB . 13.20 78.57 7.35
C3 DD6 TB . 7.32 76.20 1.88
C30 DD6 TB . 13.62 78.91 8.39
C31 DD6 TB . 14.03 79.28 9.51
C32 DD6 TB . 14.76 80.58 9.59
C33 DD6 TB . 15.57 80.65 10.87
C34 DD6 TB . 14.64 80.33 12.03
C35 DD6 TB . 14.31 78.86 11.95
C36 DD6 TB . 13.79 78.52 10.57
C37 DD6 TB . 12.95 77.31 10.41
C4 DD6 TB . 6.11 75.67 1.71
C40 DD6 TB . 13.73 81.70 9.60
C41 DD6 TB . 15.66 80.70 8.39
C5 DD6 TB . 5.66 75.20 0.41
C6 DD6 TB . 4.45 74.63 0.27
C7 DD6 TB . 3.57 74.47 1.46
C8 DD6 TB . 4.01 74.14 -1.04
C9 DD6 TB . 2.72 74.16 -1.38
O1 DD6 TB . 1.86 73.04 -7.50
O2 DD6 TB . -0.15 71.94 -10.78
O4 DD6 TB . 15.34 80.59 13.25
C1 PID UB . 14.16 62.70 -7.25
C2 PID UB . 15.08 63.20 -8.32
C3 PID UB . 14.34 63.45 -9.61
C4 PID UB . 13.65 62.19 -10.07
C5 PID UB . 12.58 61.66 -9.09
C6 PID UB . 12.95 61.96 -7.63
C7 PID UB . 12.39 60.99 -6.62
C8 PID UB . 11.15 61.00 -6.13
C9 PID UB . 10.72 60.12 -5.15
C10 PID UB . 9.36 60.03 -4.57
C11 PID UB . 11.49 59.15 -4.51
C12 PID UB . 10.68 58.49 -3.54
C13 PID UB . 11.11 57.47 -2.62
C14 PID UB . 10.38 56.75 -1.78
C15 PID UB . 11.01 55.98 -0.83
C16 PID UB . 10.40 55.21 0.13
C17 PID UB . 10.92 54.37 1.10
C18 PID UB . 10.16 53.62 1.98
C19 PID UB . 10.63 52.70 2.91
C20 PID UB . 9.92 51.95 3.81
C21 PID UB . 10.39 51.01 4.72
C22 PID UB . 9.55 50.32 5.71
C23 PID UB . 9.98 49.30 6.40
C24 PID UB . 10.43 48.32 7.13
C25 PID UB . 10.35 48.38 8.66
C26 PID UB . 11.72 47.98 9.24
C27 PID UB . 12.26 46.69 8.65
C28 PID UB . 12.41 46.82 7.15
C29 PID UB . 11.09 47.11 6.46
C30 PID UB . 14.07 45.20 9.32
C31 PID UB . 12.97 44.19 9.17
CM1 PID UB . 14.77 62.50 -5.88
CM2 PID UB . 12.45 60.17 -9.36
CM3 PID UB . 11.26 62.36 -9.44
CM4 PID UB . 8.87 56.67 -1.80
CM5 PID UB . 11.84 50.71 4.73
CM6 PID UB . 10.00 49.79 9.13
CM7 PID UB . 9.28 47.43 9.18
CM8 PID UB . 11.28 47.27 4.97
O1 PID UB . 12.87 63.36 -7.26
O2 PID UB . 15.26 63.89 -10.62
O3 PID UB . 8.35 60.62 -4.80
O4 PID UB . 9.39 59.01 -3.61
O5 PID UB . 10.28 45.94 6.70
O6 PID UB . 13.60 46.47 9.20
O7 PID UB . 15.21 44.95 9.53
C1 PID VB . 16.13 57.73 -9.77
C2 PID VB . 16.19 58.24 -11.18
C3 PID VB . 17.47 59.02 -11.45
C4 PID VB . 17.68 60.07 -10.39
C5 PID VB . 17.91 59.49 -8.99
C6 PID VB . 16.97 58.32 -8.71
C7 PID VB . 16.51 58.17 -7.28
C8 PID VB . 17.14 57.47 -6.33
C9 PID VB . 16.72 57.32 -5.01
C10 PID VB . 15.57 57.98 -4.37
C11 PID VB . 17.29 56.49 -4.04
C12 PID VB . 16.50 56.55 -2.85
C13 PID VB . 16.72 55.79 -1.65
C14 PID VB . 15.98 55.72 -0.53
C15 PID VB . 16.42 54.92 0.50
C16 PID VB . 15.86 54.77 1.75
C17 PID VB . 16.24 53.96 2.81
C18 PID VB . 15.70 53.93 4.09
C19 PID VB . 16.10 53.13 5.15
C20 PID VB . 15.74 53.14 6.48
C21 PID VB . 16.24 52.37 7.53
C22 PID VB . 16.04 52.67 8.96
C23 PID VB . 16.61 52.00 9.92
C24 PID VB . 17.25 51.37 10.86
C25 PID VB . 18.08 52.14 11.90
C26 PID VB . 19.24 51.24 12.36
C27 PID VB . 18.84 49.89 12.90
C28 PID VB . 17.52 49.38 12.36
C29 PID VB . 17.17 49.83 10.95
C30 PID VB . 19.94 47.73 13.10
C31 PID VB . 21.01 46.89 12.51
CM1 PID VB . 14.87 57.00 -9.41
CM2 PID VB . 17.68 60.64 -7.99
CM3 PID VB . 19.37 59.04 -8.92
CM4 PID VB . 14.68 56.45 -0.32
CM5 PID VB . 17.03 51.15 7.19
CM6 PID VB . 18.66 53.41 11.26
CM7 PID VB . 17.24 52.58 13.10
CM8 PID VB . 18.05 49.15 9.93
O1 PID VB . 17.35 57.08 -9.36
O2 PID VB . 17.39 59.64 -12.74
O3 PID VB . 14.77 58.79 -4.76
O4 PID VB . 15.49 57.50 -3.05
O5 PID VB . 15.80 49.42 10.75
O6 PID VB . 19.87 48.93 12.48
O7 PID VB . 19.23 47.43 14.02
C DD6 WB . 34.32 63.91 1.56
C1 DD6 WB . 34.50 65.26 0.94
C10 DD6 WB . 32.10 69.11 9.38
C11 DD6 WB . 31.88 70.13 10.21
C12 DD6 WB . 31.95 71.55 9.73
C13 DD6 WB . 31.52 69.83 11.61
C14 DD6 WB . 31.40 70.79 12.51
C15 DD6 WB . 31.03 70.40 13.92
C16 DD6 WB . 29.57 70.50 14.34
C17 DD6 WB . 29.47 70.76 15.84
C18 DD6 WB . 30.29 69.73 16.62
C19 DD6 WB . 31.77 69.99 16.41
C2 DD6 WB . 34.46 66.36 1.70
C20 DD6 WB . 32.13 70.07 14.93
C21 DD6 WB . 33.58 70.22 14.49
C22 DD6 WB . 28.87 69.20 13.98
C23 DD6 WB . 28.90 71.64 13.59
C24 DD6 WB . 34.69 65.41 -0.51
C25 DD6 WB . 34.46 64.40 -1.33
C26 DD6 WB . 34.64 64.63 -2.76
C27 DD6 WB . 34.37 63.68 -3.66
C28 DD6 WB . 33.89 62.32 -3.23
C29 DD6 WB . 34.52 63.96 -4.87
C3 DD6 WB . 34.23 66.25 3.14
C30 DD6 WB . 34.62 64.27 -6.01
C31 DD6 WB . 34.73 64.65 -7.20
C32 DD6 WB . 35.07 66.09 -7.49
C33 DD6 WB . 35.90 66.12 -8.76
C34 DD6 WB . 35.27 65.44 -9.98
C35 DD6 WB . 34.38 64.24 -9.62
C36 DD6 WB . 34.54 63.78 -8.19
C37 DD6 WB . 34.46 62.31 -7.90
C4 DD6 WB . 33.87 67.35 3.78
C40 DD6 WB . 35.88 66.64 -6.33
C41 DD6 WB . 33.80 66.93 -7.62
C5 DD6 WB . 33.57 67.29 5.21
C6 DD6 WB . 33.20 68.40 5.86
C7 DD6 WB . 33.09 69.71 5.15
C8 DD6 WB . 32.88 68.28 7.28
C9 DD6 WB . 32.42 69.32 7.98
O1 DD6 WB . 31.47 69.06 14.16
O2 DD6 WB . 29.99 69.84 18.01
O4 DD6 WB . 34.51 66.39 -10.72
MG CLA XB . -6.50 74.66 7.35
CHA CLA XB . -4.02 76.11 9.30
CHB CLA XB . -8.83 75.50 9.67
CHC CLA XB . -8.90 73.21 5.36
CHD CLA XB . -4.02 73.81 4.95
NA CLA XB . -6.41 75.65 9.18
C1A CLA XB . -5.29 76.19 9.83
C2A CLA XB . -5.68 76.84 11.15
C3A CLA XB . -7.20 76.62 11.24
C4A CLA XB . -7.52 75.88 9.94
CMA CLA XB . -7.59 75.84 12.46
CAA CLA XB . -5.38 78.34 11.13
CBA CLA XB . -6.03 79.02 9.95
CGA CLA XB . -5.27 80.26 9.59
O1A CLA XB . -4.54 80.95 10.30
O2A CLA XB . -5.47 80.65 8.29
NB CLA XB . -8.49 74.48 7.45
C1B CLA XB . -9.25 74.79 8.53
C2B CLA XB . -10.63 74.25 8.36
C3B CLA XB . -10.67 73.61 7.15
C4B CLA XB . -9.30 73.73 6.56
CMB CLA XB . -11.69 74.42 9.37
CAB CLA XB . -11.73 72.90 6.48
CBB CLA XB . -12.52 71.99 7.07
NC CLA XB . -6.45 73.70 5.49
C1C CLA XB . -7.56 73.19 4.86
C2C CLA XB . -7.18 72.60 3.59
C3C CLA XB . -5.81 72.75 3.46
C4C CLA XB . -5.35 73.45 4.67
CMC CLA XB . -8.12 71.97 2.66
CAC CLA XB . -4.97 72.30 2.34
CBC CLA XB . -5.07 73.20 1.13
ND CLA XB . -4.48 74.80 7.15
C1D CLA XB . -3.59 74.43 6.11
C2D CLA XB . -2.22 74.83 6.48
C3D CLA XB . -2.32 75.45 7.72
C4D CLA XB . -3.75 75.44 8.07
CMD CLA XB . -1.02 74.58 5.68
CAD CLA XB . -1.61 76.12 8.79
OBD CLA XB . -0.40 76.32 8.93
CBD CLA XB . -2.68 76.59 9.83
CGD CLA XB . -2.42 76.06 11.21
O1D CLA XB . -2.47 74.89 11.58
O2D CLA XB . -2.08 77.02 12.12
CED CLA XB . -2.18 76.67 13.50
C1 CLA XB . -4.43 81.46 7.70
C2 CLA XB . -4.85 81.69 6.28
C3 CLA XB . -4.01 82.17 5.35
C4 CLA XB . -4.46 82.38 3.95
C5 CLA XB . -2.60 82.49 5.66
C6 CLA XB . -1.65 82.19 4.52
MG CLA YB . 1.69 62.43 9.06
CHA CLA YB . 0.06 62.15 12.12
CHB CLA YB . 4.21 60.45 10.24
CHC CLA YB . 3.16 62.57 5.97
CHD CLA YB . -1.05 64.33 7.85
NA CLA YB . 2.06 61.50 10.89
C1A CLA YB . 1.25 61.48 12.03
C2A CLA YB . 1.89 60.65 13.13
C3A CLA YB . 3.28 60.30 12.57
C4A CLA YB . 3.19 60.76 11.13
CMA CLA YB . 4.37 61.01 13.34
CAA CLA YB . 1.10 59.36 13.31
CBA CLA YB . 0.71 58.72 11.98
CGA CLA YB . 1.62 57.57 11.68
O1A CLA YB . 2.03 56.71 12.45
O2A CLA YB . 2.04 57.52 10.38
NB CLA YB . 3.38 61.70 8.27
C1B CLA YB . 4.26 60.86 8.89
C2B CLA YB . 5.33 60.43 7.94
C3B CLA YB . 5.04 61.04 6.73
C4B CLA YB . 3.80 61.84 6.93
CMB CLA YB . 6.41 59.54 8.33
CAB CLA YB . 5.71 60.97 5.45
CBB CLA YB . 6.92 60.50 5.19
NC CLA YB . 1.17 63.34 7.25
C1C CLA YB . 1.92 63.28 6.12
C2C CLA YB . 1.28 64.03 5.06
C3C CLA YB . 0.06 64.48 5.57
C4C CLA YB . 0.00 64.04 6.96
CMC CLA YB . 1.80 64.20 3.70
CAC CLA YB . -0.95 65.28 4.86
CBC CLA YB . -2.02 64.41 4.24
ND CLA YB . -0.07 63.15 9.77
C1D CLA YB . -1.10 63.93 9.17
C2D CLA YB . -2.15 64.20 10.18
C3D CLA YB . -1.74 63.55 11.34
C4D CLA YB . -0.46 62.90 11.01
CMD CLA YB . -3.35 65.00 9.94
CAD CLA YB . -2.06 63.24 12.72
OBD CLA YB . -3.01 63.60 13.41
CBD CLA YB . -0.91 62.33 13.26
CGD CLA YB . -0.21 62.94 14.44
O1D CLA YB . 0.97 63.28 14.50
O2D CLA YB . -0.99 63.13 15.53
CED CLA YB . -0.36 63.62 16.71
C1 CLA YB . 3.41 57.14 10.18
C2 CLA YB . 3.53 56.26 8.99
C3 CLA YB . 3.34 56.67 7.71
C4 CLA YB . 3.00 58.08 7.39
C5 CLA YB . 3.48 55.72 6.58
C6 CLA YB . 3.14 56.35 5.24
C7 CLA YB . 3.30 55.37 4.11
C8 CLA YB . 2.05 55.32 3.22
C9 CLA YB . 1.81 53.92 2.72
C10 CLA YB . 2.16 56.30 2.06
C11 CLA YB . 0.92 56.31 1.20
C12 CLA YB . 0.78 57.59 0.41
C13 CLA YB . -0.27 57.45 -0.69
C14 CLA YB . 0.30 57.88 -2.03
C15 CLA YB . -1.55 58.21 -0.37
C16 CLA YB . -1.52 59.64 -0.86
C17 CLA YB . -2.69 60.43 -0.31
C18 CLA YB . -2.75 61.85 -0.86
C19 CLA YB . -3.78 62.68 -0.13
C20 CLA YB . -1.39 62.52 -0.78
MG CLA ZB . 10.43 58.27 2.41
CHA CLA ZB . 11.32 56.67 5.36
CHB CLA ZB . 7.16 57.48 2.97
CHC CLA ZB . 9.57 60.04 -0.41
CHD CLA ZB . 13.83 59.08 1.88
NA CLA ZB . 9.43 57.23 3.93
C1A CLA ZB . 9.97 56.65 5.08
C2A CLA ZB . 8.89 56.00 5.93
C3A CLA ZB . 7.61 56.18 5.09
C4A CLA ZB . 8.08 57.03 3.91
CMA CLA ZB . 7.05 54.85 4.63
CAA CLA ZB . 8.75 56.77 7.23
CBA CLA ZB . 7.80 56.09 8.20
CGA CLA ZB . 8.28 54.69 8.44
O1A CLA ZB . 9.12 54.29 9.25
O2A CLA ZB . 7.66 53.79 7.64
NB CLA ZB . 8.69 58.71 1.49
C1B CLA ZB . 7.46 58.26 1.84
C2B CLA ZB . 6.46 58.66 0.82
C3B CLA ZB . 7.13 59.39 -0.15
C4B CLA ZB . 8.55 59.43 0.27
CMB CLA ZB . 5.04 58.30 0.91
CAB CLA ZB . 6.66 60.01 -1.35
CBB CLA ZB . 5.73 59.54 -2.19
NC CLA ZB . 11.51 59.35 1.00
C1C CLA ZB . 10.95 60.00 -0.07
C2C CLA ZB . 12.00 60.68 -0.83
C3C CLA ZB . 13.21 60.40 -0.20
C4C CLA ZB . 12.89 59.56 0.95
CMC CLA ZB . 11.77 61.49 -2.04
CAC CLA ZB . 14.53 60.86 -0.61
CBC CLA ZB . 14.90 62.15 0.08
ND CLA ZB . 12.20 57.91 3.30
C1D CLA ZB . 13.53 58.30 2.98
C2D CLA ZB . 14.45 57.76 4.02
C3D CLA ZB . 13.65 57.13 4.96
C4D CLA ZB . 12.27 57.26 4.47
CMD CLA ZB . 15.90 57.92 4.02
CAD CLA ZB . 13.62 56.38 6.20
OBD CLA ZB . 14.54 56.02 6.92
CBD CLA ZB . 12.12 56.09 6.51
CGD CLA ZB . 11.86 54.62 6.70
O1D CLA ZB . 11.40 53.83 5.89
O2D CLA ZB . 12.19 54.16 7.94
CED CLA ZB . 11.94 52.79 8.24
C1 CLA ZB . 7.79 52.40 7.98
C2 CLA ZB . 6.84 52.15 9.09
C3 CLA ZB . 5.63 51.62 8.89
C4 CLA ZB . 4.70 51.39 10.03
C5 CLA ZB . 5.15 51.27 7.53
C6 CLA ZB . 4.56 49.87 7.47
C7 CLA ZB . 3.29 49.86 6.64
C8 CLA ZB . 2.79 48.44 6.35
C9 CLA ZB . 1.37 48.48 5.86
C10 CLA ZB . 2.88 47.57 7.59
MG CLA AC . 18.21 73.59 -6.45
CHA CLA AC . 20.18 73.75 -9.31
CHB CLA AC . 19.31 70.42 -5.86
CHC CLA AC . 16.27 73.49 -3.61
CHD CLA AC . 17.15 76.92 -7.06
NA CLA AC . 19.53 72.31 -7.45
C1A CLA AC . 20.25 72.57 -8.62
C2A CLA AC . 21.12 71.38 -8.99
C3A CLA AC . 20.81 70.32 -7.90
C4A CLA AC . 19.80 71.05 -7.00
CMA CLA AC . 20.25 69.05 -8.51
CAA CLA AC . 22.59 71.77 -8.87
CBA CLA AC . 22.93 72.23 -7.47
CGA CLA AC . 22.83 73.72 -7.32
O1A CLA AC . 23.56 74.59 -7.80
O2A CLA AC . 21.77 74.12 -6.55
NB CLA AC . 17.86 72.22 -5.02
C1B CLA AC . 18.38 70.97 -4.96
C2B CLA AC . 17.81 70.22 -3.80
C3B CLA AC . 16.95 71.09 -3.16
C4B CLA AC . 16.97 72.36 -3.93
CMB CLA AC . 18.17 68.85 -3.47
CAB CLA AC . 16.14 70.92 -1.97
CBB CLA AC . 15.44 69.82 -1.66
NC CLA AC . 16.96 74.96 -5.51
C1C CLA AC . 16.27 74.71 -4.36
C2C CLA AC . 15.52 75.89 -3.97
C3C CLA AC . 15.75 76.86 -4.93
C4C CLA AC . 16.66 76.27 -5.91
CMC CLA AC . 14.69 75.98 -2.76
CAC CLA AC . 15.20 78.23 -4.95
CBC CLA AC . 16.20 79.24 -4.43
ND CLA AC . 18.53 75.04 -7.83
C1D CLA AC . 18.03 76.36 -7.97
C2D CLA AC . 18.60 76.96 -9.19
C3D CLA AC . 19.41 76.01 -9.75
C4D CLA AC . 19.34 74.83 -8.87
CMD CLA AC . 18.30 78.32 -9.67
CAD CLA AC . 20.32 75.68 -10.84
OBD CLA AC . 20.66 76.36 -11.81
CBD CLA AC . 20.83 74.23 -10.59
CGD CLA AC . 20.53 73.30 -11.74
O1D CLA AC . 21.24 72.39 -12.17
O2D CLA AC . 19.33 73.54 -12.33
CED CLA AC . 18.64 72.43 -12.92
C1 CLA AC . 21.58 75.54 -6.37
C2 CLA AC . 20.54 75.72 -5.32
C3 CLA AC . 20.28 76.89 -4.71
C4 CLA AC . 21.03 78.12 -5.02
C5 CLA AC . 19.22 76.99 -3.67
C6 CLA AC . 19.74 76.83 -2.26
C7 CLA AC . 18.64 77.13 -1.25
C8 CLA AC . 18.67 76.17 -0.06
C9 CLA AC . 18.17 74.81 -0.49
C10 CLA AC . 17.84 76.70 1.09
C11 CLA AC . 18.68 76.94 2.32
C12 CLA AC . 17.94 77.77 3.35
C13 CLA AC . 18.89 78.34 4.40
C14 CLA AC . 18.44 77.95 5.79
C15 CLA AC . 19.02 79.84 4.27
MG CLA BC . 18.98 60.79 5.04
CHA CLA BC . 16.41 59.67 7.07
CHB CLA BC . 21.22 59.05 6.94
CHC CLA BC . 21.47 61.77 2.90
CHD CLA BC . 16.62 62.65 3.16
NA CLA BC . 18.81 59.58 6.74
C1A CLA BC . 17.65 59.23 7.42
C2A CLA BC . 17.97 58.31 8.60
C3A CLA BC . 19.51 58.26 8.61
C4A CLA BC . 19.90 59.01 7.34
CMA CLA BC . 20.08 58.93 9.83
CAA CLA BC . 17.41 56.92 8.35
CBA CLA BC . 17.71 56.45 6.94
CGA CLA BC . 18.44 55.14 6.99
O1A CLA BC . 18.51 54.34 7.92
O2A CLA BC . 19.09 54.85 5.82
NB CLA BC . 20.96 60.43 4.92
C1B CLA BC . 21.70 59.73 5.81
C2B CLA BC . 23.14 59.77 5.43
C3B CLA BC . 23.22 60.54 4.28
C4B CLA BC . 21.83 60.97 3.95
CMB CLA BC . 24.17 59.11 6.22
CAB CLA BC . 24.35 60.94 3.46
CBB CLA BC . 25.65 60.78 3.73
NC CLA BC . 19.04 62.02 3.35
C1C CLA BC . 20.16 62.28 2.63
C2C CLA BC . 19.84 63.14 1.50
C3C CLA BC . 18.48 63.40 1.57
C4C CLA BC . 17.97 62.69 2.74
CMC CLA BC . 20.81 63.62 0.51
CAC CLA BC . 17.70 64.24 0.65
CBC CLA BC . 17.28 65.56 1.25
ND CLA BC . 17.00 61.20 5.10
C1D CLA BC . 16.15 61.95 4.25
C2D CLA BC . 14.76 61.84 4.74
C3D CLA BC . 14.79 60.97 5.81
C4D CLA BC . 16.22 60.60 5.99
CMD CLA BC . 13.60 62.50 4.13
CAD CLA BC . 14.03 60.31 6.86
OBD CLA BC . 12.83 60.37 7.12
CBD CLA BC . 15.03 59.43 7.65
CGD CLA BC . 14.99 59.69 9.13
O1D CLA BC . 15.86 60.19 9.84
O2D CLA BC . 13.81 59.30 9.70
CED CLA BC . 13.67 59.47 11.10
C1 CLA BC . 20.15 55.73 5.43
C2 CLA BC . 21.01 54.99 4.48
C3 CLA BC . 21.82 55.60 3.60
C4 CLA BC . 22.67 54.84 2.66
C5 CLA BC . 21.91 57.09 3.53
C6 CLA BC . 21.66 57.64 2.14
C7 CLA BC . 20.23 57.42 1.71
C8 CLA BC . 19.63 58.69 1.12
C9 CLA BC . 18.16 58.79 1.44
C10 CLA BC . 19.82 58.74 -0.39
C11 CLA BC . 18.97 59.82 -1.02
C12 CLA BC . 19.63 60.43 -2.23
C13 CLA BC . 18.83 61.63 -2.73
C14 CLA BC . 17.56 61.19 -3.42
C15 CLA BC . 19.68 62.49 -3.68
C16 CLA BC . 20.16 63.74 -2.98
C17 CLA BC . 21.04 64.57 -3.89
C18 CLA BC . 21.77 65.68 -3.14
C19 CLA BC . 22.40 66.66 -4.11
C20 CLA BC . 20.83 66.40 -2.20
MG CLA CC . 11.64 74.85 10.81
CHA CLA CC . 13.16 74.48 13.91
CHB CLA CC . 8.94 76.28 12.30
CHC CLA CC . 10.25 75.34 7.70
CHD CLA CC . 14.50 73.44 9.29
NA CLA CC . 11.15 75.27 12.79
C1A CLA CC . 11.92 75.06 13.94
C2A CLA CC . 11.19 75.53 15.18
C3A CLA CC . 9.80 75.97 14.65
C4A CLA CC . 9.95 75.85 13.14
CMA CLA CC . 8.70 75.12 15.20
CAA CLA CC . 11.91 76.74 15.77
CBA CLA CC . 12.31 77.71 14.68
CGA CLA CC . 11.35 78.86 14.62
O1A CLA CC . 11.32 79.84 15.36
O2A CLA CC . 10.42 78.77 13.63
NB CLA CC . 9.89 75.60 10.14
C1B CLA CC . 8.96 76.22 10.90
C2B CLA CC . 7.91 76.84 10.04
C3B CLA CC . 8.28 76.57 8.73
C4B CLA CC . 9.55 75.78 8.78
CMB CLA CC . 6.78 77.58 10.56
CAB CLA CC . 7.65 76.95 7.49
CBB CLA CC . 6.35 76.87 7.21
NC CLA CC . 12.25 74.42 8.86
C1C CLA CC . 11.52 74.68 7.74
C2C CLA CC . 12.25 74.26 6.56
C3C CLA CC . 13.47 73.76 6.99
C4C CLA CC . 13.47 73.87 8.45
CMC CLA CC . 11.77 74.36 5.18
CAC CLA CC . 14.55 73.20 6.17
CBC CLA CC . 15.70 74.17 6.00
ND CLA CC . 13.43 74.11 11.39
C1D CLA CC . 14.51 73.54 10.67
C2D CLA CC . 15.55 73.11 11.62
C3D CLA CC . 15.10 73.44 12.88
C4D CLA CC . 13.77 74.06 12.68
CMD CLA CC . 16.80 72.46 11.22
CAD CLA CC . 15.36 73.44 14.31
OBD CLA CC . 16.34 73.02 14.92
CBD CLA CC . 14.14 74.09 15.00
CGD CLA CC . 13.49 73.19 16.01
O1D CLA CC . 13.66 73.18 17.24
O2D CLA CC . 12.62 72.30 15.47
CED CLA CC . 11.59 71.77 16.30
C1 CLA CC . 10.67 79.51 12.42
C2 CLA CC . 9.52 80.43 12.21
C3 CLA CC . 9.24 80.97 11.02
C4 CLA CC . 8.10 81.90 10.81
C5 CLA CC . 10.09 80.66 9.83
C6 CLA CC . 9.36 80.80 8.50
C7 CLA CC . 10.03 81.84 7.63
C8 CLA CC . 9.62 81.74 6.17
NB KC1 DC . 3.60 78.95 2.89
ND KC1 DC . 0.39 78.85 5.14
C1A KC1 DC . 2.62 79.92 6.92
C1B KC1 DC . 4.78 79.49 3.24
C1C KC1 DC . 1.42 77.82 1.25
C1D KC1 DC . -0.86 78.54 4.77
C2A KC1 DC . 3.72 80.53 7.67
C2B KC1 DC . 5.70 79.39 2.16
C2C KC1 DC . 0.33 77.36 0.41
C2D KC1 DC . -1.70 78.68 5.90
C3A KC1 DC . 4.77 80.64 6.78
C3B KC1 DC . 5.03 78.77 1.13
C3C KC1 DC . -0.81 77.42 1.14
C3D KC1 DC . -0.90 79.08 6.96
C4A KC1 DC . 4.35 80.13 5.55
C4B KC1 DC . 3.70 78.51 1.63
C4C KC1 DC . -0.43 77.93 2.45
C4D KC1 DC . 0.40 79.19 6.45
CAA KC1 DC . 3.72 80.94 9.08
CAB KC1 DC . 5.57 78.45 -0.20
CAC KC1 DC . -2.18 77.04 0.66
CAD KC1 DC . -0.87 79.47 8.38
CBA KC1 DC . 4.62 80.48 9.97
CBB KC1 DC . 5.05 78.98 -1.30
CBC KC1 DC . -2.86 75.96 1.51
CBD KC1 DC . 0.54 80.00 8.58
CED KC1 DC . 0.16 83.68 7.82
CGA KC1 DC . 4.75 81.12 11.23
CGD KC1 DC . 0.49 81.50 8.72
CHA KC1 DC . 1.33 79.60 7.37
CHB KC1 DC . 5.17 80.09 4.43
CHC KC1 DC . 2.76 77.89 0.83
CHD KC1 DC . -1.32 78.14 3.52
CMA KC1 DC . 6.13 81.20 7.06
CMB KC1 DC . 7.12 79.87 2.15
CMC KC1 DC . 0.45 76.90 -1.02
CMD KC1 DC . -3.18 78.42 5.95
NA KC1 DC . 3.05 79.68 5.62
NC KC1 DC . 0.93 78.15 2.47
O1A KC1 DC . 4.24 82.21 11.39
O1D KC1 DC . 0.29 81.99 9.81
O2A KC1 DC . 5.13 80.40 12.31
O2D KC1 DC . 0.37 82.26 7.62
OBD KC1 DC . -1.83 79.67 9.10
MG KC1 DC . 2.02 78.87 4.05
MG CLA EC . -5.81 62.81 -9.52
CHA CLA EC . -6.13 60.17 -11.76
CHB CLA EC . -8.31 64.47 -11.12
CHC CLA EC . -5.45 65.39 -7.28
CHD CLA EC . -3.16 61.07 -7.93
NA CLA EC . -7.03 62.36 -11.16
C1A CLA EC . -7.00 61.21 -11.97
C2A CLA EC . -8.06 61.30 -13.07
C3A CLA EC . -8.67 62.71 -12.88
C4A CLA EC . -7.97 63.23 -11.63
CMA CLA EC . -8.43 63.58 -14.08
CAA CLA EC . -9.12 60.24 -12.89
NB CLA EC . -6.67 64.61 -9.28
C1B CLA EC . -7.74 65.08 -9.98
C2B CLA EC . -8.24 66.34 -9.37
C3B CLA EC . -7.44 66.60 -8.29
C4B CLA EC . -6.43 65.51 -8.22
CMB CLA EC . -9.39 67.07 -9.89
CAB CLA EC . -7.50 67.70 -7.36
CBB CLA EC . -6.51 68.58 -7.14
NC CLA EC . -4.54 63.15 -7.90
C1C CLA EC . -4.56 64.29 -7.13
C2C CLA EC . -3.52 64.20 -6.10
C3C CLA EC . -2.89 62.98 -6.27
C4C CLA EC . -3.52 62.32 -7.41
CMC CLA EC . -3.25 65.24 -5.10
CAC CLA EC . -1.76 62.45 -5.48
CBC CLA EC . -2.19 61.38 -4.50
ND CLA EC . -4.89 61.01 -9.68
C1D CLA EC . -3.79 60.44 -8.98
C2D CLA EC . -3.47 59.13 -9.59
C3D CLA EC . -4.35 58.97 -10.66
C4D CLA EC . -5.19 60.18 -10.68
CMD CLA EC . -2.43 58.22 -9.11
CAD CLA EC . -4.77 58.11 -11.74
OBD CLA EC . -4.39 56.98 -12.03
CBD CLA EC . -5.88 58.89 -12.53
CGD CLA EC . -5.48 59.16 -13.95
O1D CLA EC . -6.04 59.92 -14.75
O2D CLA EC . -4.39 58.48 -14.37
CED CLA EC . -4.49 57.76 -15.61
MG CLA FC . 27.08 60.73 -4.21
CHA CLA FC . 24.64 58.41 -5.04
CHB CLA FC . 26.27 60.41 -0.92
CHC CLA FC . 29.61 62.93 -3.43
CHD CLA FC . 27.92 61.01 -7.64
NA CLA FC . 25.66 59.61 -3.18
C1A CLA FC . 24.73 58.70 -3.70
C2A CLA FC . 23.87 58.10 -2.59
C3A CLA FC . 24.31 58.88 -1.33
C4A CLA FC . 25.50 59.70 -1.82
CMA CLA FC . 23.21 59.78 -0.80
CAA CLA FC . 24.14 56.62 -2.42
CBA CLA FC . 23.02 55.92 -1.68
CGA CLA FC . 22.92 54.50 -2.16
O1A CLA FC . 23.79 53.64 -2.21
O2A CLA FC . 21.66 54.18 -2.58
NB CLA FC . 27.76 61.57 -2.51
C1B CLA FC . 27.39 61.20 -1.26
C2B CLA FC . 28.34 61.75 -0.25
C3B CLA FC . 29.28 62.47 -0.96
C4B CLA FC . 28.92 62.37 -2.40
CMB CLA FC . 28.20 61.54 1.19
CAB CLA FC . 30.43 63.21 -0.51
CBB CLA FC . 31.27 62.83 0.45
NC CLA FC . 28.47 61.82 -5.34
C1C CLA FC . 29.39 62.68 -4.82
C2C CLA FC . 30.15 63.30 -5.89
C3C CLA FC . 29.72 62.72 -7.08
C4C CLA FC . 28.65 61.78 -6.73
CMC CLA FC . 31.20 64.30 -5.70
CAC CLA FC . 30.21 63.02 -8.44
CBC CLA FC . 29.56 64.25 -9.03
ND CLA FC . 26.47 59.95 -5.97
C1D CLA FC . 26.91 60.13 -7.30
C2D CLA FC . 26.08 59.27 -8.21
C3D CLA FC . 25.20 58.60 -7.38
C4D CLA FC . 25.48 59.05 -6.01
CMD CLA FC . 26.24 59.19 -9.65
CAD CLA FC . 24.11 57.64 -7.33
OBD CLA FC . 23.55 57.04 -8.23
CBD CLA FC . 23.73 57.48 -5.81
CGD CLA FC . 22.27 57.77 -5.56
O1D CLA FC . 21.37 56.96 -5.36
O2D CLA FC . 21.98 59.10 -5.55
CED CLA FC . 20.60 59.47 -5.55
C1 CLA FC . 20.70 53.85 -1.56
MG CLA GC . 29.74 76.39 -1.24
CHA CLA GC . 30.19 76.49 -4.69
CHB CLA GC . 32.67 78.06 -0.80
CHC CLA GC . 29.21 76.33 2.17
CHD CLA GC . 26.70 74.66 -1.72
NA CLA GC . 31.18 77.15 -2.55
C1A CLA GC . 31.18 77.10 -3.95
C2A CLA GC . 32.44 77.79 -4.51
C3A CLA GC . 33.23 78.21 -3.25
C4A CLA GC . 32.30 77.79 -2.10
CMA CLA GC . 34.57 77.54 -3.18
CAA CLA GC . 32.08 79.00 -5.34
CBA CLA GC . 32.32 80.31 -4.62
CGA CLA GC . 31.07 80.77 -3.93
O1A CLA GC . 30.44 80.21 -3.03
O2A CLA GC . 30.61 81.96 -4.41
NB CLA GC . 30.72 77.09 0.38
C1B CLA GC . 31.93 77.72 0.34
C2B CLA GC . 32.38 78.01 1.73
C3B CLA GC . 31.42 77.53 2.59
C4B CLA GC . 30.36 76.93 1.73
CMB CLA GC . 33.65 78.68 2.01
CAB CLA GC . 31.37 77.55 4.02
CBB CLA GC . 30.39 78.07 4.77
NC CLA GC . 28.23 75.62 0.00
C1C CLA GC . 28.22 75.71 1.36
C2C CLA GC . 27.01 75.08 1.89
C3C CLA GC . 26.30 74.62 0.79
C4C CLA GC . 27.07 74.96 -0.40
CMC CLA GC . 26.68 74.99 3.31
CAC CLA GC . 25.01 73.92 0.82
CBC CLA GC . 25.17 72.43 0.80
ND CLA GC . 28.67 75.67 -2.79
C1D CLA GC . 27.43 74.97 -2.85
C2D CLA GC . 27.11 74.70 -4.27
C3D CLA GC . 28.13 75.26 -5.01
C4D CLA GC . 29.07 75.86 -4.04
CMD CLA GC . 25.92 73.96 -4.72
CAD CLA GC . 28.65 75.49 -6.34
OBD CLA GC . 28.20 75.13 -7.42
CBD CLA GC . 29.98 76.31 -6.18
CGD CLA GC . 31.09 75.61 -6.91
O1D CLA GC . 31.05 74.49 -7.42
O2D CLA GC . 32.25 76.32 -7.01
CED CLA GC . 33.25 75.84 -7.90
C1 CLA GC . 30.56 83.05 -3.46
MG CLA HC . 27.13 55.34 9.70
CHA CLA HC . 27.79 57.56 12.28
CHB CLA HC . 27.04 52.78 11.93
CHC CLA HC . 26.45 53.18 7.11
CHD CLA HC . 27.36 58.02 7.41
NA CLA HC . 27.36 55.22 11.77
C1A CLA HC . 27.62 56.27 12.68
C2A CLA HC . 27.73 55.73 14.12
C3A CLA HC . 27.59 54.21 13.93
C4A CLA HC . 27.29 54.04 12.45
CMA CLA HC . 28.86 53.49 14.31
CAA CLA HC . 26.64 56.23 15.08
CBA CLA HC . 25.46 56.99 14.48
CGA CLA HC . 24.63 56.15 13.56
O1A CLA HC . 24.57 54.93 13.50
O2A CLA HC . 23.86 56.91 12.72
NB CLA HC . 26.85 53.35 9.55
C1B CLA HC . 26.76 52.48 10.58
C2B CLA HC . 26.36 51.13 10.10
C3B CLA HC . 26.18 51.23 8.73
C4B CLA HC . 26.50 52.65 8.37
CMB CLA HC . 26.18 49.98 10.99
CAB CLA HC . 25.78 50.26 7.75
CBB CLA HC . 26.04 48.96 7.76
NC CLA HC . 26.93 55.57 7.63
C1C CLA HC . 26.64 54.55 6.77
C2C CLA HC . 26.57 55.07 5.41
C3C CLA HC . 26.84 56.44 5.48
C4C CLA HC . 27.06 56.75 6.88
CMC CLA HC . 26.28 54.26 4.22
CAC CLA HC . 26.88 57.38 4.35
CBC CLA HC . 28.20 57.35 3.60
ND CLA HC . 27.40 57.34 9.77
C1D CLA HC . 27.52 58.32 8.74
C2D CLA HC . 27.82 59.63 9.37
C3D CLA HC . 27.91 59.40 10.73
C4D CLA HC . 27.67 57.97 10.91
CMD CLA HC . 27.98 60.89 8.63
CAD CLA HC . 28.15 59.98 12.05
OBD CLA HC . 28.32 61.15 12.38
CBD CLA HC . 28.15 58.80 13.06
CGD CLA HC . 29.48 58.61 13.72
O1D CLA HC . 29.80 58.91 14.88
O2D CLA HC . 30.40 58.02 12.93
CED CLA HC . 31.79 58.27 13.19
C1 CLA HC . 24.09 56.77 11.30
C2 CLA HC . 23.33 55.58 10.85
C3 CLA HC . 22.86 55.40 9.60
C4 CLA HC . 23.05 56.42 8.54
C5 CLA HC . 22.12 54.17 9.24
C6 CLA HC . 22.52 53.62 7.89
C7 CLA HC . 22.84 52.13 7.98
C8 CLA HC . 21.60 51.27 8.23
C9 CLA HC . 21.71 50.58 9.57
C10 CLA HC . 21.40 50.24 7.13
C11 CLA HC . 21.81 50.76 5.77
C12 CLA HC . 21.92 49.64 4.75
C13 CLA HC . 20.58 49.37 4.08
C14 CLA HC . 20.32 50.38 2.98
C16 CLA HC . 22.07 47.89 -1.67
C19 CLA HC . 12.19 48.16 -3.83
MG CLA IC . 4.70 35.84 8.44
CHA CLA IC . 5.73 36.54 11.68
CHB CLA IC . 1.76 34.62 9.64
CHC CLA IC . 3.71 35.23 5.21
CHD CLA IC . 7.80 37.08 7.26
NA CLA IC . 3.90 35.63 10.35
C1A CLA IC . 4.47 35.99 11.58
C2A CLA IC . 3.54 35.65 12.74
C3A CLA IC . 2.37 34.92 12.07
C4A CLA IC . 2.67 35.06 10.57
CMA CLA IC . 2.29 33.47 12.50
CAA CLA IC . 3.05 36.92 13.43
CBA CLA IC . 1.82 37.51 12.77
CGA CLA IC . 2.13 38.83 12.16
O1A CLA IC . 3.22 39.34 11.89
O2A CLA IC . 0.99 39.55 11.86
NB CLA IC . 3.07 35.02 7.59
C1B CLA IC . 1.94 34.68 8.24
C2B CLA IC . 0.86 34.36 7.26
C3B CLA IC . 1.40 34.52 6.00
C4B CLA IC . 2.81 34.95 6.20
CMB CLA IC . -0.49 33.95 7.69
CAB CLA IC . 0.85 34.36 4.68
CBB CLA IC . -0.36 33.88 4.35
NC CLA IC . 5.60 36.10 6.57
C1C CLA IC . 5.03 35.77 5.38
C2C CLA IC . 5.94 36.06 4.28
C3C CLA IC . 7.09 36.60 4.86
C4C CLA IC . 6.88 36.62 6.30
CMC CLA IC . 5.66 35.84 2.87
CAC CLA IC . 8.30 37.05 4.15
CBC CLA IC . 8.47 38.55 4.17
ND CLA IC . 6.38 36.66 9.21
C1D CLA IC . 7.58 37.12 8.62
C2D CLA IC . 8.51 37.59 9.69
C3D CLA IC . 7.85 37.39 10.88
C4D CLA IC . 6.53 36.81 10.53
CMD CLA IC . 9.84 38.13 9.45
CAD CLA IC . 7.91 37.50 12.33
OBD CLA IC . 8.81 37.93 13.04
CBD CLA IC . 6.55 36.95 12.88
CGD CLA IC . 6.74 35.79 13.83
O1D CLA IC . 6.47 34.61 13.62
O2D CLA IC . 7.28 36.14 15.03
CED CLA IC . 7.50 35.09 15.98
C1 CLA IC . 1.17 40.95 11.58
C2 CLA IC . 1.04 41.14 10.12
C3 CLA IC . 1.44 42.24 9.47
C4 CLA IC . 2.07 43.37 10.19
C1A DGD JC . 21.61 38.50 13.07
C2A DGD JC . 21.40 37.07 12.68
C3A DGD JC . 22.26 36.73 11.48
C4A DGD JC . 21.39 36.56 10.24
C5A DGD JC . 20.37 35.46 10.44
C6A DGD JC . 19.52 35.27 9.21
C7A DGD JC . 19.91 36.27 8.13
O1A DGD JC . 22.27 39.25 12.35
C1B DGD JC . 17.61 39.19 12.27
C2B DGD JC . 17.70 38.22 11.12
C3B DGD JC . 16.36 37.51 11.02
C4B DGD JC . 16.04 37.12 9.59
C5B DGD JC . 14.55 36.91 9.42
C6B DGD JC . 14.27 36.22 8.09
C7B DGD JC . 12.88 36.55 7.59
O1B DGD JC . 16.69 39.04 13.04
O1G DGD JC . 21.03 39.02 14.28
C1G DGD JC . 19.63 39.19 14.35
C2G DGD JC . 19.22 40.49 13.66
O2G DGD JC . 18.56 40.27 12.39
C3G DGD JC . 18.37 41.33 14.59
O3G DGD JC . 17.89 40.51 15.64
C1D DGD JC . 17.31 41.31 16.66
C2D DGD JC . 15.91 40.78 16.95
O2D DGD JC . 15.02 41.53 16.09
C3D DGD JC . 15.40 40.93 18.39
O3D DGD JC . 14.90 39.67 18.83
C4D DGD JC . 16.39 41.44 19.42
O4D DGD JC . 16.84 40.34 20.23
C5D DGD JC . 17.60 42.10 18.79
O5D DGD JC . 19.30 43.60 19.66
C6D DGD JC . 18.66 42.34 19.86
O6D DGD JC . 18.11 41.23 17.81
C1E DGD JC . 18.92 44.58 20.63
C2E DGD JC . 20.09 44.91 21.55
O2E DGD JC . 20.90 43.77 21.82
C3E DGD JC . 19.65 45.55 22.87
O3E DGD JC . 19.66 46.97 22.77
C4E DGD JC . 18.28 45.04 23.35
O4E DGD JC . 17.80 45.80 24.45
C5E DGD JC . 17.23 44.93 22.25
O6E DGD JC . 17.78 44.05 21.31
C6E DGD JC . 16.73 46.19 21.55
O5E DGD JC . 15.80 45.80 20.55
C DD6 KC . 66.26 69.48 4.28
C1 DD6 KC . 65.19 68.66 4.94
C10 DD6 KC . 59.95 69.85 -3.10
C11 DD6 KC . 58.89 69.51 -3.84
C12 DD6 KC . 57.82 68.63 -3.27
C13 DD6 KC . 58.74 70.02 -5.22
C14 DD6 KC . 59.81 70.24 -5.98
C15 DD6 KC . 59.73 70.74 -7.41
C16 DD6 KC . 59.08 72.08 -7.76
C17 DD6 KC . 59.31 72.54 -9.20
C18 DD6 KC . 59.95 71.53 -10.15
C19 DD6 KC . 59.38 70.13 -9.92
C2 DD6 KC . 64.03 68.42 4.31
C20 DD6 KC . 59.80 69.71 -8.53
C21 DD6 KC . 59.93 68.23 -8.17
C22 DD6 KC . 59.64 73.15 -6.82
C23 DD6 KC . 57.56 72.03 -7.56
C24 DD6 KC . 65.40 68.09 6.27
C25 DD6 KC . 66.51 68.32 6.97
C26 DD6 KC . 66.63 67.69 8.28
C27 DD6 KC . 67.82 67.51 8.85
C28 DD6 KC . 69.07 67.95 8.16
C29 DD6 KC . 67.90 66.93 9.97
C3 DD6 KC . 63.78 68.95 2.97
C30 DD6 KC . 67.99 66.41 11.02
C31 DD6 KC . 68.08 65.82 12.14
C32 DD6 KC . 69.32 65.02 12.45
C33 DD6 KC . 69.05 64.00 13.54
C34 DD6 KC . 68.34 64.66 14.71
C35 DD6 KC . 66.95 65.06 14.21
C36 DD6 KC . 67.08 65.96 13.01
C37 DD6 KC . 66.03 67.00 12.78
C4 DD6 KC . 62.62 68.75 2.37
C40 DD6 KC . 70.43 65.97 12.88
C41 DD6 KC . 69.74 64.29 11.18
C5 DD6 KC . 62.41 69.27 1.02
C6 DD6 KC . 61.24 69.12 0.38
C7 DD6 KC . 60.09 68.41 1.03
C8 DD6 KC . 61.12 69.65 -0.99
C9 DD6 KC . 60.07 69.32 -1.74
O1 DD6 KC . 60.93 70.47 -8.12
O2 DD6 KC . 59.69 71.93 -11.51
O4 DD6 KC . 68.21 63.73 15.78
C DD6 LC . 75.91 46.70 -3.81
C1 DD6 LC . 76.61 45.76 -2.87
C10 DD6 LC . 81.83 43.41 -10.54
C11 DD6 LC . 82.54 42.47 -11.18
C12 DD6 LC . 82.85 41.18 -10.47
C13 DD6 LC . 83.00 42.66 -12.56
C14 DD6 LC . 83.90 41.79 -13.01
C15 DD6 LC . 84.50 41.82 -14.40
C16 DD6 LC . 84.03 40.83 -15.45
C17 DD6 LC . 85.13 39.79 -15.65
C18 DD6 LC . 86.34 40.46 -16.29
C19 DD6 LC . 86.95 41.51 -15.36
C2 DD6 LC . 77.69 45.08 -3.29
C20 DD6 LC . 85.99 42.13 -14.35
C21 DD6 LC . 86.56 42.58 -13.00
C22 DD6 LC . 83.71 41.52 -16.77
C23 DD6 LC . 82.77 40.12 -14.96
C24 DD6 LC . 76.10 45.57 -1.50
C25 DD6 LC . 74.95 46.14 -1.14
C26 DD6 LC . 74.43 45.96 0.21
C27 DD6 LC . 73.23 46.40 0.50
C28 DD6 LC . 72.41 47.10 -0.57
C29 DD6 LC . 72.74 46.27 1.66
C3 DD6 LC . 78.19 45.24 -4.64
C30 DD6 LC . 72.36 46.19 2.77
C31 DD6 LC . 71.89 46.06 3.94
C32 DD6 LC . 70.79 45.05 4.14
C33 DD6 LC . 70.25 45.12 5.57
C34 DD6 LC . 71.39 45.22 6.57
C35 DD6 LC . 72.02 46.59 6.37
C36 DD6 LC . 72.41 46.80 4.94
C37 DD6 LC . 73.41 47.86 4.62
C4 DD6 LC . 79.19 44.49 -5.08
C40 DD6 LC . 69.68 45.38 3.16
C41 DD6 LC . 71.34 43.67 3.85
C5 DD6 LC . 79.66 44.70 -6.45
C6 DD6 LC . 80.52 43.86 -7.04
C7 DD6 LC . 81.05 42.67 -6.30
C8 DD6 LC . 80.95 44.13 -8.41
C9 DD6 LC . 81.41 43.15 -9.17
O1 DD6 LC . 85.04 43.06 -14.88
O2 DD6 LC . 87.33 39.45 -16.56
O4 DD6 LC . 70.88 45.10 7.89
C DD6 MC . 66.67 53.64 2.56
C1 DD6 MC . 66.97 54.86 1.75
C10 DD6 MC . 61.21 59.86 7.66
C11 DD6 MC . 60.76 60.93 8.34
C12 DD6 MC . 61.19 62.31 7.97
C13 DD6 MC . 59.81 60.70 9.45
C14 DD6 MC . 59.42 61.68 10.27
C15 DD6 MC . 58.44 61.37 11.38
C16 DD6 MC . 57.04 61.99 11.34
C17 DD6 MC . 56.18 61.74 12.57
C18 DD6 MC . 56.65 60.60 13.46
C19 DD6 MC . 58.06 60.90 13.92
C2 DD6 MC . 66.47 56.05 2.11
C20 DD6 MC . 58.98 60.87 12.71
C21 DD6 MC . 60.49 60.80 12.88
C22 DD6 MC . 56.31 61.48 10.09
C23 DD6 MC . 57.21 63.50 11.22
C24 DD6 MC . 67.79 54.79 0.54
C25 DD6 MC . 68.20 53.65 -0.02
C26 DD6 MC . 68.98 53.76 -1.25
C27 DD6 MC . 69.37 52.71 -1.99
C28 DD6 MC . 69.03 51.31 -1.56
C29 DD6 MC . 70.01 52.92 -3.05
C3 DD6 MC . 65.61 56.23 3.28
C30 DD6 MC . 70.55 53.15 -4.07
C31 DD6 MC . 71.09 53.38 -5.20
C32 DD6 MC . 70.22 53.22 -6.43
C33 DD6 MC . 71.02 53.39 -7.71
C34 DD6 MC . 72.06 54.48 -7.59
C35 DD6 MC . 73.07 54.00 -6.57
C36 DD6 MC . 72.37 53.78 -5.26
C37 DD6 MC . 73.12 54.01 -4.00
C4 DD6 MC . 65.05 57.41 3.49
C40 DD6 MC . 69.12 54.28 -6.37
C41 DD6 MC . 69.61 51.84 -6.38
C5 DD6 MC . 64.14 57.59 4.62
C6 DD6 MC . 63.66 58.79 5.00
C7 DD6 MC . 64.06 60.04 4.26
C8 DD6 MC . 62.73 58.84 6.13
C9 DD6 MC . 62.13 59.96 6.53
O1 DD6 MC . 58.47 59.98 11.71
O2 DD6 MC . 55.78 60.52 14.60
O4 DD6 MC . 72.71 54.68 -8.85
C7 UIX NC . 74.32 66.96 1.94
C8 UIX NC . 73.33 65.81 -0.99
C9 UIX NC . 71.78 66.93 0.53
O1 UIX NC . 73.73 69.17 -3.33
C1 UIX NC . 75.22 68.56 0.04
C5 UIX NC . 73.78 69.10 -1.89
C6 UIX NC . 76.57 68.32 0.72
C4 UIX NC . 72.66 68.17 -1.42
O4 UIX NC . 83.42 44.52 10.28
C3 UIX NC . 75.16 68.62 -1.48
O3 UIX NC . 83.19 48.23 9.69
C2 UIX NC . 73.01 67.15 -0.33
C UIX NC . 74.15 67.61 0.59
O UIX NC . 74.10 69.03 0.78
C10 UIX NC . 74.73 65.71 2.06
C11 UIX NC . 74.88 65.05 3.37
C12 UIX NC . 74.37 65.71 4.62
C13 UIX NC . 75.45 63.84 3.39
C14 UIX NC . 75.67 63.05 4.60
C15 UIX NC . 80.54 47.98 11.90
C16 UIX NC . 83.02 48.55 11.07
C17 UIX NC . 81.18 46.80 12.63
C18 UIX NC . 82.37 46.27 11.84
C19 UIX NC . 83.43 47.35 11.91
C20 UIX NC . 81.57 48.92 11.30
C21 UIX NC . 79.72 48.77 12.91
C22 UIX NC . 79.64 47.49 10.78
C23 UIX NC . 76.09 61.80 4.41
C24 UIX NC . 83.90 49.75 11.40
C25 UIX NC . 81.18 50.06 10.96
C26 UIX NC . 76.39 60.87 5.51
C27 UIX NC . 83.40 44.17 11.45
C28 UIX NC . 80.79 51.21 10.65
O2 UIX NC . 82.84 45.07 12.44
C29 UIX NC . 75.99 61.18 6.92
C30 UIX NC . 77.05 59.73 5.21
C31 UIX NC . 83.91 42.82 11.88
C32 UIX NC . 80.61 51.66 9.26
C33 UIX NC . 80.77 50.72 8.11
C34 UIX NC . 77.40 58.77 6.24
C35 UIX NC . 80.27 52.94 9.07
C36 UIX NC . 80.04 53.57 7.78
C37 UIX NC . 78.12 57.71 5.91
C38 UIX NC . 79.46 54.76 7.87
C39 UIX NC . 78.49 56.76 6.96
C40 UIX NC . 79.12 55.61 6.71
C41 UIX NC . 79.48 55.19 5.31
C DD6 OC . 64.41 58.81 -0.28
C1 DD6 OC . 63.68 59.70 -1.26
C10 DD6 OC . 61.90 65.95 5.90
C11 DD6 OC . 61.48 67.10 6.44
C12 DD6 OC . 60.62 68.05 5.67
C13 DD6 OC . 61.89 67.40 7.83
C14 DD6 OC . 61.51 68.51 8.46
C15 DD6 OC . 61.98 68.82 9.87
C16 DD6 OC . 61.50 67.99 11.09
C17 DD6 OC . 61.88 68.57 12.45
C18 DD6 OC . 62.91 69.68 12.43
C19 DD6 OC . 62.39 70.80 11.54
C2 DD6 OC . 63.12 60.85 -0.84
C20 DD6 OC . 62.34 70.27 10.11
C21 DD6 OC . 62.24 71.25 8.94
C22 DD6 OC . 62.06 66.57 11.04
C23 DD6 OC . 59.99 67.95 11.06
C24 DD6 OC . 63.58 59.32 -2.68
C25 DD6 OC . 64.20 58.24 -3.12
C26 DD6 OC . 64.13 57.90 -4.54
C27 DD6 OC . 64.75 56.79 -4.98
C28 DD6 OC . 65.48 55.90 -4.01
C29 DD6 OC . 64.72 56.48 -6.20
C3 DD6 OC . 63.22 61.30 0.55
C30 DD6 OC . 64.70 56.15 -7.34
C31 DD6 OC . 64.71 55.88 -8.56
C32 DD6 OC . 64.55 54.43 -8.97
C33 DD6 OC . 65.10 54.20 -10.38
C34 DD6 OC . 64.66 55.28 -11.34
C35 DD6 OC . 65.29 56.58 -10.86
C36 DD6 OC . 64.82 56.86 -9.46
C37 DD6 OC . 64.44 58.24 -9.05
C4 DD6 OC . 62.57 62.40 0.92
C40 DD6 OC . 63.08 54.06 -8.93
C41 DD6 OC . 65.31 53.55 -7.98
C5 DD6 OC . 62.68 62.89 2.28
C6 DD6 OC . 62.01 63.97 2.69
C7 DD6 OC . 61.08 64.70 1.76
C8 DD6 OC . 62.19 64.46 4.07
C9 DD6 OC . 61.59 65.55 4.54
O1 DD6 OC . 63.33 69.26 9.92
O2 DD6 OC . 63.06 70.18 13.77
O4 DD6 OC . 65.12 54.98 -12.66
NB KC1 PC . 64.97 72.84 12.42
ND KC1 PC . 64.60 72.17 16.27
C1A KC1 PC . 66.76 70.25 15.29
C1B KC1 PC . 65.91 72.31 11.62
C1C KC1 PC . 62.77 74.56 13.39
C1D KC1 PC . 63.81 72.82 17.14
C2A KC1 PC . 67.84 69.42 14.75
C2B KC1 PC . 65.74 72.77 10.29
C2C KC1 PC . 61.73 75.45 13.89
C2D KC1 PC . 64.02 72.24 18.41
C3A KC1 PC . 67.98 69.80 13.43
C3B KC1 PC . 64.68 73.63 10.31
C3C KC1 PC . 61.69 75.30 15.23
C3D KC1 PC . 64.95 71.22 18.27
C4A KC1 PC . 67.06 70.80 13.16
C4B KC1 PC . 64.21 73.65 11.68
C4C KC1 PC . 62.68 74.30 15.59
C4D KC1 PC . 65.29 71.21 16.91
CAA KC1 PC . 68.61 68.40 15.47
CAB KC1 PC . 64.11 74.38 9.16
CAC KC1 PC . 60.77 76.02 16.18
CAD KC1 PC . 65.72 70.16 18.94
CBA KC1 PC . 69.93 68.55 15.66
CBB KC1 PC . 64.33 75.68 9.06
CBC KC1 PC . 59.57 75.14 16.53
CBD KC1 PC . 66.69 69.67 17.89
CED KC1 PC . 70.08 71.34 17.72
CGA KC1 PC . 70.59 67.74 16.61
CGD KC1 PC . 68.09 70.14 18.21
CHA KC1 PC . 66.22 70.26 16.58
CHB KC1 PC . 66.93 71.41 11.91
CHC KC1 PC . 63.12 74.42 12.04
CHD KC1 PC . 62.93 73.87 16.90
CMA KC1 PC . 68.97 69.25 12.43
CMB KC1 PC . 66.58 72.42 9.09
CMC KC1 PC . 60.88 76.39 13.07
CMD KC1 PC . 63.33 72.64 19.69
NA KC1 PC . 66.30 71.08 14.27
NC KC1 PC . 63.32 73.88 14.44
O1A KC1 PC . 69.93 67.11 17.42
O1D KC1 PC . 68.69 69.63 19.12
O2A KC1 PC . 71.85 67.33 16.35
O2D KC1 PC . 68.68 71.06 17.45
OBD KC1 PC . 65.81 70.00 20.14
MG KC1 PC . 64.80 72.49 14.35
MG CLA QC . 74.41 68.44 15.69
CHA CLA QC . 75.87 65.54 16.97
CHB CLA QC . 74.99 70.03 18.64
CHC CLA QC . 73.01 71.28 14.36
CHD CLA QC . 73.88 66.75 12.62
NA CLA QC . 75.29 67.85 17.50
C1A CLA QC . 75.84 66.61 17.84
C2A CLA QC . 76.37 66.62 19.27
C3A CLA QC . 76.08 68.05 19.77
C4A CLA QC . 75.39 68.71 18.57
CMA CLA QC . 75.20 68.05 21.00
CAA CLA QC . 77.88 66.37 19.31
CBA CLA QC . 78.61 67.29 18.35
CGA CLA QC . 80.00 66.78 18.13
O1A CLA QC . 80.71 66.11 18.88
O2A CLA QC . 80.51 67.16 16.92
NB CLA QC . 74.12 70.32 16.35
C1B CLA QC . 74.35 70.76 17.62
C2B CLA QC . 73.80 72.13 17.79
C3B CLA QC . 73.24 72.49 16.58
C4B CLA QC . 73.43 71.35 15.66
CMB CLA QC . 73.88 72.87 19.05
CAB CLA QC . 72.57 73.72 16.23
CBB CLA QC . 71.39 73.83 15.61
NC CLA QC . 73.59 68.91 13.84
C1C CLA QC . 73.07 70.13 13.51
C2C CLA QC . 72.59 70.12 12.13
C3C CLA QC . 72.83 68.84 11.64
C4C CLA QC . 73.46 68.09 12.71
CMC CLA QC . 71.97 71.27 11.45
CAC CLA QC . 72.52 68.34 10.29
CBC CLA QC . 73.70 68.45 9.36
ND CLA QC . 74.67 66.57 14.95
C1D CLA QC . 74.44 66.02 13.65
C2D CLA QC . 74.89 64.61 13.65
C3D CLA QC . 75.43 64.37 14.89
C4D CLA QC . 75.29 65.63 15.65
CMD CLA QC . 74.76 63.71 12.50
CAD CLA QC . 76.05 63.39 15.77
OBD CLA QC . 76.27 62.20 15.57
CBD CLA QC . 76.42 64.14 17.09
CGD CLA QC . 75.95 63.41 18.33
O1D CLA QC . 74.84 62.93 18.55
O2D CLA QC . 76.90 63.28 19.30
CED CLA QC . 76.47 62.91 20.61
MG CLA RC . 62.84 58.58 13.63
CHA CLA RC . 62.22 59.02 17.00
CHB CLA RC . 61.49 55.46 13.78
CHC CLA RC . 63.39 58.24 10.26
CHD CLA RC . 64.31 61.80 13.53
NA CLA RC . 61.99 57.45 15.16
C1A CLA RC . 61.82 57.82 16.50
C2A CLA RC . 61.16 56.68 17.29
C3A CLA RC . 61.07 55.52 16.27
C4A CLA RC . 61.53 56.18 14.96
CMA CLA RC . 61.93 54.36 16.67
CAA CLA RC . 59.77 57.10 17.75
CBA CLA RC . 58.99 57.82 16.68
CGA CLA RC . 58.17 56.87 15.86
O1A CLA RC . 57.27 56.12 16.22
O2A CLA RC . 58.55 56.87 14.55
NB CLA RC . 62.56 57.10 12.28
C1B CLA RC . 61.89 55.94 12.52
C2B CLA RC . 61.64 55.22 11.24
C3B CLA RC . 62.18 56.00 10.23
C4B CLA RC . 62.77 57.20 10.90
CMB CLA RC . 60.94 53.94 11.18
CAB CLA RC . 62.23 55.83 8.80
CBB CLA RC . 61.67 54.86 8.07
NC CLA RC . 63.70 59.80 12.17
C1C CLA RC . 63.83 59.46 10.85
C2C CLA RC . 64.49 60.55 10.12
C3C CLA RC . 64.73 61.55 11.04
C4C CLA RC . 64.24 61.08 12.33
CMC CLA RC . 64.80 60.55 8.69
CAC CLA RC . 65.37 62.85 10.79
CBC CLA RC . 64.38 63.92 10.38
ND CLA RC . 63.14 60.13 14.89
C1D CLA RC . 63.82 61.36 14.74
C2D CLA RC . 63.84 62.07 16.05
C3D CLA RC . 63.20 61.24 16.93
C4D CLA RC . 62.82 60.02 16.18
CMD CLA RC . 64.43 63.39 16.26
CAD CLA RC . 62.74 61.04 18.31
OBD CLA RC . 62.74 61.84 19.24
CBD CLA RC . 62.21 59.59 18.41
CGD CLA RC . 63.09 58.76 19.30
O1D CLA RC . 64.28 58.49 19.14
O2D CLA RC . 62.47 58.26 20.41
CED CLA RC . 63.29 58.00 21.55
C1 CLA RC . 57.75 56.07 13.65
C2 CLA RC . 57.81 56.72 12.32
C3 CLA RC . 57.58 56.06 11.17
C4 CLA RC . 57.23 54.62 11.15
C5 CLA RC . 57.66 56.77 9.86
C6 CLA RC . 56.36 56.67 9.08
C7 CLA RC . 55.87 58.04 8.67
C8 CLA RC . 54.56 57.97 7.89
C9 CLA RC . 53.56 57.08 8.60
C10 CLA RC . 54.81 57.45 6.48
MG CLA SC . 60.56 52.55 3.84
CHA CLA SC . 59.23 49.93 5.68
CHB CLA SC . 59.02 54.77 5.90
CHC CLA SC . 62.02 55.11 2.07
CHD CLA SC . 62.12 50.20 1.71
NA CLA SC . 59.32 52.36 5.51
C1A CLA SC . 58.90 51.18 6.14
C2A CLA SC . 58.01 51.48 7.35
C3A CLA SC . 57.90 53.02 7.33
C4A CLA SC . 58.82 53.44 6.18
CMA CLA SC . 56.48 53.47 7.12
CAA CLA SC . 58.72 51.05 8.62
CBA CLA SC . 57.86 51.23 9.85
CGA CLA SC . 56.88 50.11 9.95
O1A CLA SC . 57.10 48.92 10.23
O2A CLA SC . 55.60 50.49 9.69
NB CLA SC . 60.56 54.56 3.98
C1B CLA SC . 59.81 55.28 4.86
C2B CLA SC . 59.94 56.74 4.56
C3B CLA SC . 60.80 56.85 3.47
C4B CLA SC . 61.19 55.46 3.10
CMB CLA SC . 59.25 57.76 5.34
CAB CLA SC . 61.28 57.99 2.74
CBB CLA SC . 60.87 59.26 2.86
NC CLA SC . 61.84 52.63 2.18
C1C CLA SC . 62.33 53.78 1.63
C2C CLA SC . 63.21 53.47 0.52
C3C CLA SC . 63.22 52.08 0.40
C4C CLA SC . 62.36 51.56 1.45
CMC CLA SC . 63.91 54.46 -0.30
CAC CLA SC . 63.97 51.28 -0.58
CBC CLA SC . 65.16 50.56 0.02
ND CLA SC . 60.64 50.54 3.64
C1D CLA SC . 61.33 49.70 2.72
C2D CLA SC . 61.05 48.29 3.06
C3D CLA SC . 60.25 48.32 4.19
C4D CLA SC . 60.04 49.75 4.51
CMD CLA SC . 61.57 47.13 2.32
CAD CLA SC . 59.53 47.54 5.17
OBD CLA SC . 59.44 46.32 5.29
CBD CLA SC . 58.87 48.54 6.16
CGD CLA SC . 57.37 48.35 6.22
O1D CLA SC . 56.67 48.21 7.22
O2D CLA SC . 56.77 48.34 4.99
CED CLA SC . 55.39 48.67 4.92
C1 CLA SC . 54.61 49.43 9.66
C2 CLA SC . 53.44 49.92 10.43
C3 CLA SC . 53.09 49.41 11.62
C4 CLA SC . 53.86 48.32 12.26
C5 CLA SC . 51.92 49.94 12.37
C6 CLA SC . 51.25 51.11 11.68
C7 CLA SC . 49.74 50.98 11.73
C8 CLA SC . 49.04 52.26 11.32
C9 CLA SC . 47.61 52.27 11.81
C10 CLA SC . 49.09 52.46 9.81
MG CLA TC . 77.48 51.22 -5.67
CHA CLA TC . 78.02 50.82 -9.07
CHB CLA TC . 74.28 50.14 -6.04
CHC CLA TC . 77.04 51.53 -2.27
CHD CLA TC . 80.84 52.30 -5.32
NA CLA TC . 76.35 50.60 -7.31
C1A CLA TC . 76.76 50.50 -8.64
C2A CLA TC . 75.64 49.95 -9.52
C3A CLA TC . 74.44 49.84 -8.54
C4A CLA TC . 75.05 50.21 -7.19
CMA CLA TC . 73.30 50.75 -8.94
CAA CLA TC . 76.05 48.57 -9.98
CBA CLA TC . 76.23 47.59 -8.81
CGA CLA TC . 77.66 47.41 -8.40
O1A CLA TC . 78.51 46.63 -8.85
O2A CLA TC . 78.05 48.21 -7.36
NB CLA TC . 75.95 50.91 -4.40
C1B CLA TC . 74.71 50.46 -4.74
C2B CLA TC . 73.86 50.36 -3.54
C3B CLA TC . 74.63 50.76 -2.46
C4B CLA TC . 75.98 51.10 -3.00
CMB CLA TC . 72.47 49.92 -3.59
CAB CLA TC . 74.32 50.85 -1.05
CBB CLA TC . 73.13 51.08 -0.50
NC CLA TC . 78.72 51.82 -4.09
C1C CLA TC . 78.33 51.86 -2.78
C2C CLA TC . 79.44 52.31 -1.95
C3C CLA TC . 80.52 52.54 -2.81
C4C CLA TC . 80.06 52.21 -4.16
CMC CLA TC . 79.38 52.49 -0.50
CAC CLA TC . 81.87 53.00 -2.44
CBC CLA TC . 82.88 51.87 -2.43
ND CLA TC . 79.09 51.54 -6.86
C1D CLA TC . 80.40 51.98 -6.60
C2D CLA TC . 81.18 52.03 -7.86
C3D CLA TC . 80.29 51.61 -8.85
C4D CLA TC . 79.02 51.31 -8.17
CMD CLA TC . 82.56 52.45 -7.98
CAD CLA TC . 80.11 51.34 -10.27
OBD CLA TC . 80.91 51.47 -11.19
CBD CLA TC . 78.65 50.81 -10.45
CGD CLA TC . 77.87 51.64 -11.43
O1D CLA TC . 77.34 51.27 -12.49
O2D CLA TC . 77.75 52.95 -11.06
CED CLA TC . 76.92 53.79 -11.86
C1 CLA TC . 79.44 48.12 -6.95
C2 CLA TC . 79.51 48.58 -5.54
C3 CLA TC . 80.55 48.33 -4.73
C4 CLA TC . 81.73 47.55 -5.17
C5 CLA TC . 80.55 48.82 -3.33
C6 CLA TC . 79.87 47.85 -2.39
C7 CLA TC . 79.88 48.35 -0.96
C8 CLA TC . 78.76 47.72 -0.13
C9 CLA TC . 77.54 48.61 -0.14
C10 CLA TC . 79.22 47.48 1.30
C11 CLA TC . 78.85 46.08 1.77
C12 CLA TC . 77.54 46.07 2.53
C13 CLA TC . 77.37 44.78 3.32
C14 CLA TC . 76.00 44.18 3.09
C15 CLA TC . 77.59 45.00 4.81
C16 CLA TC . 78.73 44.15 5.33
C17 CLA TC . 80.08 44.78 5.02
C18 CLA TC . 80.37 45.96 5.92
C19 CLA TC . 81.26 45.57 7.09
C20 CLA TC . 81.01 47.09 5.14
MG CLA UC . 79.09 38.09 -7.87
CHA CLA UC . 79.16 39.42 -11.07
CHB CLA UC . 80.13 35.10 -9.11
CHC CLA UC . 79.16 36.86 -4.67
CHD CLA UC . 77.90 41.20 -6.66
NA CLA UC . 79.54 37.40 -9.79
C1A CLA UC . 79.52 38.11 -11.00
C2A CLA UC . 79.92 37.21 -12.16
C3A CLA UC . 80.06 35.81 -11.51
C4A CLA UC . 79.91 36.10 -10.02
CMA CLA UC . 79.00 34.86 -12.00
CAA CLA UC . 81.23 37.66 -12.78
CBA CLA UC . 82.40 37.47 -11.83
CGA CLA UC . 83.59 36.96 -12.58
O1A CLA UC . 83.65 36.61 -13.76
O2A CLA UC . 84.72 36.90 -11.82
NB CLA UC . 79.49 36.29 -7.06
C1B CLA UC . 80.02 35.24 -7.71
C2B CLA UC . 80.51 34.22 -6.74
C3B CLA UC . 80.24 34.70 -5.48
C4B CLA UC . 79.58 36.03 -5.66
CMB CLA UC . 81.15 32.96 -7.15
CAB CLA UC . 80.51 34.14 -4.19
CBB CLA UC . 81.68 33.63 -3.78
NC CLA UC . 78.60 38.89 -6.00
C1C CLA UC . 78.70 38.20 -4.83
C2C CLA UC . 78.27 39.06 -3.72
C3C CLA UC . 77.92 40.29 -4.28
C4C CLA UC . 78.13 40.17 -5.71
CMC CLA UC . 78.24 38.66 -2.31
CAC CLA UC . 77.45 41.48 -3.57
CBC CLA UC . 75.95 41.50 -3.40
ND CLA UC . 78.67 39.93 -8.61
C1D CLA UC . 78.15 41.10 -8.01
C2D CLA UC . 77.97 42.14 -9.06
C3D CLA UC . 78.39 41.56 -10.25
C4D CLA UC . 78.78 40.18 -9.92
CMD CLA UC . 77.47 43.49 -8.83
CAD CLA UC . 78.57 41.73 -11.68
OBD CLA UC . 78.42 42.74 -12.36
CBD CLA UC . 79.02 40.36 -12.25
CGD CLA UC . 78.05 39.83 -13.28
O1D CLA UC . 76.91 39.43 -13.09
O2D CLA UC . 78.55 39.81 -14.54
CED CLA UC . 77.62 39.77 -15.62
C1 CLA UC . 85.17 38.13 -11.21
MG CLA VC . 64.38 43.96 3.12
CHA CLA VC . 62.84 45.32 5.91
CHB CLA VC . 63.14 40.89 3.95
CHC CLA VC . 65.71 42.70 0.23
CHD CLA VC . 65.71 47.15 2.35
NA CLA VC . 63.21 43.25 4.70
C1A CLA VC . 62.65 43.97 5.75
C2A CLA VC . 61.86 43.07 6.69
C3A CLA VC . 62.19 41.65 6.17
C4A CLA VC . 62.88 41.92 4.84
CMA CLA VC . 63.06 40.88 7.13
CAA CLA VC . 60.36 43.35 6.58
CBA CLA VC . 59.85 43.12 5.17
CGA CLA VC . 58.44 43.59 5.00
O1A CLA VC . 57.57 43.74 5.85
O2A CLA VC . 58.13 43.85 3.69
NB CLA VC . 64.50 42.12 2.30
C1B CLA VC . 63.78 41.04 2.71
C2B CLA VC . 63.75 40.00 1.64
C3B CLA VC . 64.48 40.51 0.57
C4B CLA VC . 64.96 41.86 0.99
CMB CLA VC . 63.05 38.73 1.81
CAB CLA VC . 64.79 39.96 -0.73
CBB CLA VC . 64.58 38.72 -1.15
NC CLA VC . 65.54 44.78 1.60
C1C CLA VC . 66.00 44.07 0.52
C2C CLA VC . 66.79 44.95 -0.34
C3C CLA VC . 66.77 46.21 0.24
C4C CLA VC . 65.98 46.10 1.47
CMC CLA VC . 67.44 44.52 -1.58
CAC CLA VC . 67.42 47.43 -0.26
CBC CLA VC . 68.89 47.51 0.11
ND CLA VC . 64.31 45.83 3.89
C1D CLA VC . 64.92 47.05 3.49
C2D CLA VC . 64.56 48.11 4.46
C3D CLA VC . 63.73 47.51 5.40
C4D CLA VC . 63.63 46.09 5.00
CMD CLA VC . 65.00 49.51 4.38
CAD CLA VC . 62.96 47.68 6.61
OBD CLA VC . 62.77 48.69 7.28
CBD CLA VC . 62.38 46.28 6.98
CGD CLA VC . 62.81 45.81 8.34
O1D CLA VC . 63.78 45.10 8.61
O2D CLA VC . 62.03 46.25 9.35
CED CLA VC . 62.65 46.46 10.61
C1 CLA VC . 57.22 44.94 3.42
C2 CLA VC . 56.81 44.81 2.00
C3 CLA VC . 56.92 45.81 1.11
C4 CLA VC . 56.49 45.64 -0.30
C5 CLA VC . 57.49 47.13 1.49
C6 CLA VC . 56.65 48.29 0.98
C7 CLA VC . 57.48 49.23 0.12
C8 CLA VC . 57.95 50.46 0.90
C9 CLA VC . 56.78 51.11 1.60
C10 CLA VC . 58.63 51.46 -0.03
MG CLA WC . 76.96 50.76 12.87
CHA CLA WC . 76.87 48.40 15.41
CHB CLA WC . 78.03 53.11 15.08
CHC CLA WC . 77.21 53.00 10.28
CHD CLA WC . 75.91 48.25 10.60
NA CLA WC . 77.36 50.73 14.92
C1A CLA WC . 77.29 49.65 15.80
C2A CLA WC . 77.68 50.06 17.20
C3A CLA WC . 77.90 51.59 17.09
C4A CLA WC . 77.77 51.85 15.60
CMA CLA WC . 76.89 52.35 17.91
CAA CLA WC . 78.97 49.38 17.62
CBA CLA WC . 80.01 49.33 16.50
CGA CLA WC . 80.88 50.55 16.51
O1A CLA WC . 81.09 51.34 17.42
O2A CLA WC . 81.52 50.74 15.32
NB CLA WC . 77.54 52.68 12.71
C1B CLA WC . 77.91 53.49 13.74
C2B CLA WC . 78.17 54.87 13.24
C3B CLA WC . 77.95 54.85 11.87
C4B CLA WC . 77.53 53.45 11.52
CMB CLA WC . 78.58 55.97 14.10
CAB CLA WC . 78.04 55.90 10.90
CBB CLA WC . 79.07 56.74 10.75
NC CLA WC . 76.59 50.64 10.81
C1C CLA WC . 76.76 51.68 9.94
C2C CLA WC . 76.43 51.25 8.58
C3C CLA WC . 76.07 49.91 8.67
C4C CLA WC . 76.18 49.53 10.07
CMC CLA WC . 76.49 52.09 7.39
CAC CLA WC . 75.67 49.01 7.57
CBC CLA WC . 76.80 48.14 7.08
ND CLA WC . 76.41 48.81 12.93
C1D CLA WC . 76.00 47.90 11.93
C2D CLA WC . 75.73 46.58 12.55
C3D CLA WC . 76.05 46.72 13.89
C4D CLA WC . 76.48 48.12 14.07
CMD CLA WC . 75.24 45.40 11.83
CAD CLA WC . 76.10 46.08 15.19
OBD CLA WC . 75.77 44.94 15.51
CBD CLA WC . 76.68 47.12 16.19
CGD CLA WC . 75.80 47.33 17.39
O1D CLA WC . 74.82 48.07 17.48
O2D CLA WC . 76.18 46.61 18.49
CED CLA WC . 76.17 47.29 19.75
C1 CLA WC . 81.22 51.97 14.61
C2 CLA WC . 82.24 52.99 15.00
C3 CLA WC . 82.97 53.63 14.07
C4 CLA WC . 83.99 54.64 14.43
C5 CLA WC . 82.78 53.35 12.62
C6 CLA WC . 83.04 54.56 11.73
C7 CLA WC . 83.72 54.13 10.44
C8 CLA WC . 83.62 55.18 9.35
C9 CLA WC . 83.52 54.51 7.99
C10 CLA WC . 84.80 56.12 9.39
NB KC1 XC . 80.02 61.61 8.34
ND KC1 XC . 79.17 63.71 11.54
C1A KC1 XC . 80.66 61.24 12.52
C1B KC1 XC . 80.68 60.43 8.33
C1C KC1 XC . 78.67 64.07 7.43
C1D KC1 XC . 78.55 64.91 11.59
C2A KC1 XC . 81.40 60.04 12.92
C2B KC1 XC . 80.85 59.98 6.98
C2C KC1 XC . 78.01 65.30 6.99
C2D KC1 XC . 78.52 65.30 12.96
C3A KC1 XC . 81.65 59.35 11.74
C3B KC1 XC . 80.28 60.93 6.18
C3C KC1 XC . 77.71 66.01 8.09
C3D KC1 XC . 79.15 64.30 13.70
C4A KC1 XC . 81.10 60.08 10.68
C4B KC1 XC . 79.76 61.95 7.07
C4C KC1 XC . 78.16 65.24 9.23
C4D KC1 XC . 79.54 63.32 12.78
CAA KC1 XC . 81.80 59.66 14.27
CAB KC1 XC . 80.21 60.91 4.71
CAC KC1 XC . 77.02 67.35 8.12
CAD KC1 XC . 79.56 63.87 15.04
CBA KC1 XC . 81.45 58.47 14.84
CBB KC1 XC . 81.04 61.67 4.00
CBC KC1 XC . 78.07 68.45 8.36
CBD KC1 XC . 80.41 62.63 14.77
CED KC1 XC . 83.89 62.75 16.23
CGA KC1 XC . 82.43 57.80 15.59
CGD KC1 XC . 81.86 62.96 15.01
CHA KC1 XC . 80.18 62.27 13.34
CHB KC1 XC . 81.16 59.66 9.36
CHC KC1 XC . 79.13 63.06 6.57
CHD KC1 XC . 78.02 65.66 10.57
CMA KC1 XC . 82.38 58.04 11.60
CMB KC1 XC . 81.53 58.72 6.54
CMC KC1 XC . 77.74 65.70 5.56
CMD KC1 XC . 77.92 66.57 13.50
NA KC1 XC . 80.49 61.23 11.14
NC KC1 XC . 78.73 64.07 8.79
O1A KC1 XC . 83.58 57.78 15.18
O1D KC1 XC . 82.30 64.01 14.59
O2A KC1 XC . 82.24 57.67 16.92
O2D KC1 XC . 82.57 62.25 15.89
OBD KC1 XC . 79.57 64.54 16.04
MG KC1 XC . 79.56 62.61 9.95
MG CLA YC . 67.56 69.85 -1.20
CHA CLA YC . 67.58 72.04 -3.91
CHB CLA YC . 70.39 71.32 0.00
CHC CLA YC . 67.52 67.65 1.44
CHD CLA YC . 64.65 68.32 -2.52
NA CLA YC . 68.76 71.43 -1.86
C1A CLA YC . 68.60 72.22 -3.01
C2A CLA YC . 69.71 73.28 -3.10
C3A CLA YC . 70.60 72.98 -1.87
C4A CLA YC . 69.88 71.84 -1.17
CMA CLA YC . 72.01 72.63 -2.25
CAA CLA YC . 69.14 74.68 -3.00
NB CLA YC . 68.74 69.53 0.41
C1B CLA YC . 69.84 70.26 0.74
C2B CLA YC . 70.40 69.76 2.04
C3B CLA YC . 69.59 68.74 2.45
C4B CLA YC . 68.53 68.57 1.41
CMB CLA YC . 71.58 70.35 2.66
CAB CLA YC . 69.65 67.89 3.62
CBB CLA YC . 70.76 67.35 4.13
NC CLA YC . 66.31 68.28 -0.64
C1C CLA YC . 66.47 67.52 0.48
C2C CLA YC . 65.42 66.51 0.55
C3C CLA YC . 64.61 66.70 -0.57
C4C CLA YC . 65.17 67.81 -1.32
CMC CLA YC . 65.27 65.52 1.62
CAC CLA YC . 63.40 65.93 -0.92
CBC CLA YC . 63.71 64.65 -1.66
ND CLA YC . 66.35 70.09 -2.80
C1D CLA YC . 65.18 69.39 -3.23
C2D CLA YC . 64.71 69.97 -4.50
C3D CLA YC . 65.59 70.99 -4.81
C4D CLA YC . 66.59 71.02 -3.72
CMD CLA YC . 63.54 69.51 -5.24
CAD CLA YC . 65.95 72.03 -5.76
OBD CLA YC . 65.39 72.36 -6.80
CBD CLA YC . 67.24 72.73 -5.21
CGD CLA YC . 68.38 72.66 -6.19
O1D CLA YC . 69.46 73.26 -6.14
O2D CLA YC . 68.15 71.82 -7.24
CED CLA YC . 69.28 71.10 -7.75
MG CLA ZC . 64.81 48.06 -7.52
CHA CLA ZC . 63.14 46.37 -10.07
CHB CLA ZC . 62.38 50.45 -7.54
CHC CLA ZC . 66.50 49.70 -5.03
CHD CLA ZC . 67.32 45.56 -7.58
NA CLA ZC . 63.05 48.33 -8.63
C1A CLA ZC . 62.53 47.51 -9.65
C2A CLA ZC . 61.23 48.10 -10.20
C3A CLA ZC . 61.06 49.42 -9.42
C4A CLA ZC . 62.24 49.41 -8.45
CMA CLA ZC . 61.09 50.62 -10.35
CAA CLA ZC . 60.06 47.17 -9.90
CBA CLA ZC . 60.09 46.72 -8.45
CGA CLA ZC . 58.87 45.93 -8.08
O1A CLA ZC . 58.51 45.58 -6.95
O2A CLA ZC . 58.09 45.56 -9.15
NB CLA ZC . 64.52 49.77 -6.50
C1B CLA ZC . 63.43 50.57 -6.60
C2B CLA ZC . 63.50 51.65 -5.57
C3B CLA ZC . 64.66 51.44 -4.85
C4B CLA ZC . 65.33 50.24 -5.44
CMB CLA ZC . 62.48 52.69 -5.41
CAB CLA ZC . 65.20 52.19 -3.75
CBB CLA ZC . 66.45 52.63 -3.65
NC CLA ZC . 66.59 47.69 -6.51
C1C CLA ZC . 67.10 48.51 -5.53
C2C CLA ZC . 68.36 47.97 -5.04
C3C CLA ZC . 68.59 46.80 -5.75
C4C CLA ZC . 67.48 46.63 -6.67
CMC CLA ZC . 69.18 48.58 -4.00
CAC CLA ZC . 69.75 45.91 -5.61
CBC CLA ZC . 69.57 44.93 -4.47
ND CLA ZC . 65.18 46.34 -8.51
C1D CLA ZC . 66.27 45.41 -8.44
C2D CLA ZC . 66.03 44.33 -9.43
C3D CLA ZC . 64.87 44.65 -10.09
C4D CLA ZC . 64.38 45.91 -9.49
CMD CLA ZC . 66.93 43.19 -9.63
CAD CLA ZC . 63.91 44.26 -11.12
OBD CLA ZC . 63.93 43.30 -11.87
CBD CLA ZC . 62.80 45.36 -11.15
CGD CLA ZC . 62.69 45.99 -12.51
O1D CLA ZC . 61.68 46.09 -13.23
O2D CLA ZC . 63.86 46.51 -12.97
CED CLA ZC . 63.91 47.00 -14.32
C1 CLA ZC . 56.69 45.29 -8.88
C2 CLA ZC . 56.57 43.86 -8.53
MG CLA AD . 60.46 61.14 -5.82
CHA CLA AD . 60.63 60.03 -9.10
CHB CLA AD . 60.70 64.36 -6.89
CHC CLA AD . 60.12 62.18 -2.56
CHD CLA AD . 60.23 57.77 -4.75
NA CLA AD . 60.64 62.03 -7.70
C1A CLA AD . 60.69 61.39 -8.95
C2A CLA AD . 60.82 62.42 -10.07
C3A CLA AD . 60.98 63.76 -9.33
C4A CLA AD . 60.75 63.37 -7.87
CMA CLA AD . 62.35 64.34 -9.54
CAA CLA AD . 59.57 62.44 -10.93
NB CLA AD . 60.41 62.93 -4.90
C1B CLA AD . 60.52 64.14 -5.52
C2B CLA AD . 60.43 65.23 -4.51
C3B CLA AD . 60.26 64.63 -3.28
C4B CLA AD . 60.25 63.16 -3.51
CMB CLA AD . 60.51 66.64 -4.85
CAB CLA AD . 60.13 65.24 -1.98
CBB CLA AD . 59.20 64.95 -1.08
NC CLA AD . 60.24 60.14 -3.99
C1C CLA AD . 60.12 60.77 -2.78
C2C CLA AD . 59.96 59.78 -1.73
C3C CLA AD . 59.99 58.53 -2.34
C4C CLA AD . 60.17 58.76 -3.77
CMC CLA AD . 59.79 60.09 -0.30
CAC CLA AD . 59.88 57.21 -1.68
CBC CLA AD . 61.17 56.44 -1.62
ND CLA AD . 60.48 59.30 -6.66
C1D CLA AD . 60.38 57.99 -6.10
C2D CLA AD . 60.43 57.00 -7.20
C3D CLA AD . 60.52 57.72 -8.37
C4D CLA AD . 60.54 59.15 -7.97
CMD CLA AD . 60.37 55.54 -7.01
CAD CLA AD . 60.61 57.67 -9.82
OBD CLA AD . 60.64 56.69 -10.56
CBD CLA AD . 60.67 59.14 -10.33
CGD CLA AD . 61.89 59.41 -11.17
O1D CLA AD . 62.78 60.24 -10.98
O2D CLA AD . 61.99 58.60 -12.27
CED CLA AD . 63.16 58.73 -13.09
O6 SQD BD . 58.53 40.32 18.57
C44 SQD BD . 58.24 39.66 17.34
C45 SQD BD . 56.78 39.73 16.98
C46 SQD BD . 56.35 41.11 16.52
O47 SQD BD . 56.45 38.66 16.04
C7 SQD BD . 56.29 38.95 14.74
O49 SQD BD . 55.22 39.26 14.28
C8 SQD BD . 57.54 38.83 13.92
C9 SQD BD . 57.36 39.32 12.52
C10 SQD BD . 58.60 39.10 11.65
C11 SQD BD . 58.39 39.49 10.21
C12 SQD BD . 59.38 38.87 9.25
C13 SQD BD . 59.06 39.14 7.80
C14 SQD BD . 59.77 38.24 6.83
C15 SQD BD . 59.38 38.45 5.39
C16 SQD BD . 59.95 37.43 4.44
C17 SQD BD . 59.59 37.66 2.99
C18 SQD BD . 60.10 36.61 2.04
C19 SQD BD . 59.80 36.88 0.60
C20 SQD BD . 60.30 35.81 -0.35
O48 SQD BD . 57.19 41.53 15.44
C23 SQD BD . 56.85 42.67 14.84
O10 SQD BD . 56.10 43.47 15.32
C24 SQD BD . 57.50 42.78 13.49
C25 SQD BD . 56.73 43.63 12.52
C26 SQD BD . 55.33 43.09 12.26
C27 SQD BD . 54.54 43.89 11.25
C28 SQD BD . 55.13 43.89 9.86
C29 SQD BD . 54.22 44.49 8.81
C30 SQD BD . 54.69 44.31 7.39
C31 SQD BD . 53.66 44.64 6.35
C32 SQD BD . 54.07 44.28 4.94
C33 SQD BD . 52.98 44.40 3.91
C34 SQD BD . 52.44 45.80 3.74
C35 SQD BD . 51.39 45.92 2.65
C36 SQD BD . 51.88 45.48 1.29
C1 SQD BD . 58.47 39.51 19.72
C2 SQD BD . 59.74 38.66 19.82
O2 SQD BD . 60.74 39.11 18.90
C3 SQD BD . 59.39 37.20 19.67
O3 SQD BD . 60.58 36.40 19.77
C4 SQD BD . 58.41 36.80 20.75
O4 SQD BD . 57.99 35.44 20.57
C5 SQD BD . 57.19 37.71 20.70
C6 SQD BD . 56.91 38.46 21.99
O5 SQD BD . 57.33 38.66 19.62
S SQD BD . 55.45 39.48 21.98
O7 SQD BD . 54.34 38.66 21.63
O8 SQD BD . 55.33 39.91 23.46
O9 SQD BD . 55.73 40.63 21.16
MG CLA CD . 56.94 32.23 -13.50
CHA CLA CD . 59.61 32.79 -15.64
CHB CLA CD . 58.55 29.52 -12.21
CHC CLA CD . 54.40 31.89 -11.21
CHD CLA CD . 55.39 35.15 -14.76
NA CLA CD . 58.75 31.29 -13.93
C1A CLA CD . 59.74 31.69 -14.84
C2A CLA CD . 60.92 30.73 -14.82
C3A CLA CD . 60.43 29.57 -13.92
C4A CLA CD . 59.15 30.15 -13.28
CMA CLA CD . 60.16 28.32 -14.71
CAA CLA CD . 62.14 31.39 -14.18
CBA CLA CD . 61.76 32.49 -13.20
CGA CLA CD . 62.33 32.25 -11.84
O1A CLA CD . 62.12 32.86 -10.79
O2A CLA CD . 63.20 31.18 -11.81
NB CLA CD . 56.52 30.91 -12.03
C1B CLA CD . 57.38 29.96 -11.58
C2B CLA CD . 56.86 29.40 -10.29
C3B CLA CD . 55.70 30.06 -10.00
C4B CLA CD . 55.45 31.03 -11.11
CMB CLA CD . 57.56 28.34 -9.54
CAB CLA CD . 54.80 29.92 -8.88
CBB CLA CD . 54.92 30.57 -7.71
NC CLA CD . 55.17 33.28 -13.13
C1C CLA CD . 54.25 32.93 -12.17
C2C CLA CD . 53.14 33.86 -12.21
C3C CLA CD . 53.44 34.83 -13.16
C4C CLA CD . 54.73 34.45 -13.74
CMC CLA CD . 51.96 33.79 -11.33
CAC CLA CD . 52.62 35.98 -13.56
CBC CLA CD . 53.13 37.28 -12.98
ND CLA CD . 57.30 33.62 -14.93
C1D CLA CD . 56.60 34.79 -15.31
C2D CLA CD . 57.38 35.49 -16.37
C3D CLA CD . 58.52 34.74 -16.56
C4D CLA CD . 58.44 33.61 -15.62
CMD CLA CD . 56.95 36.73 -17.02
CAD CLA CD . 59.76 34.60 -17.30
OBD CLA CD . 60.19 35.25 -18.25
CBD CLA CD . 60.54 33.40 -16.67
CGD CLA CD . 60.97 32.40 -17.70
O1D CLA CD . 61.90 31.59 -17.63
O2D CLA CD . 60.23 32.41 -18.84
CED CLA CD . 59.83 31.16 -19.40
C1 CLA CD . 63.96 31.01 -10.60
MG CLA DD . 56.69 67.87 3.82
CHA CLA DD . 56.77 70.05 6.53
CHB CLA DD . 55.66 70.42 1.81
CHC CLA DD . 56.71 65.69 1.16
CHD CLA DD . 57.84 65.28 5.93
NA CLA DD . 56.28 69.89 4.15
C1A CLA DD . 56.39 70.61 5.34
C2A CLA DD . 56.01 72.08 5.13
C3A CLA DD . 55.61 72.15 3.64
C4A CLA DD . 55.86 70.73 3.14
CMA CLA DD . 54.18 72.58 3.45
CAA CLA DD . 57.21 72.98 5.36
CBA CLA DD . 56.88 74.44 5.15
CGA CLA DD . 55.67 74.79 5.97
O1A CLA DD . 54.67 75.41 5.63
O2A CLA DD . 55.77 74.36 7.26
NB CLA DD . 56.35 68.04 1.83
C1B CLA DD . 55.83 69.14 1.24
C2B CLA DD . 55.42 68.82 -0.16
C3B CLA DD . 55.71 67.49 -0.37
C4B CLA DD . 56.30 66.97 0.90
CMB CLA DD . 54.81 69.78 -1.07
CAB CLA DD . 55.46 66.71 -1.55
CBB CLA DD . 56.15 65.64 -2.00
NC CLA DD . 57.17 65.85 3.60
C1C CLA DD . 57.12 65.17 2.41
C2C CLA DD . 57.55 63.78 2.63
C3C CLA DD . 57.86 63.66 3.97
C4C CLA DD . 57.63 64.97 4.57
CMC CLA DD . 57.62 62.75 1.58
CAC CLA DD . 58.35 62.45 4.68
CBC CLA DD . 57.30 61.78 5.51
ND CLA DD . 57.08 67.62 5.78
C1D CLA DD . 57.58 66.50 6.50
C2D CLA DD . 57.76 66.89 7.91
C3D CLA DD . 57.44 68.23 7.99
C4D CLA DD . 57.06 68.65 6.63
CMD CLA DD . 58.20 65.95 8.94
CAD CLA DD . 57.30 69.40 8.85
OBD CLA DD . 57.41 69.49 10.07
CBD CLA DD . 56.98 70.61 7.93
CGD CLA DD . 55.79 71.40 8.43
O1D CLA DD . 55.78 72.22 9.36
O2D CLA DD . 54.63 71.15 7.78
CED CLA DD . 53.41 71.35 8.50
C1 CLA DD . 56.64 75.10 8.14
FE1 SF4 ED . 8.59 -3.24 28.09
FE2 SF4 ED . 8.74 -3.69 30.79
FE3 SF4 ED . 8.94 -1.14 29.81
FE4 SF4 ED . 10.98 -2.93 29.41
S1 SF4 ED . 10.26 -2.10 31.41
S2 SF4 ED . 10.07 -1.52 27.87
S3 SF4 ED . 9.81 -4.87 29.15
S4 SF4 ED . 7.13 -2.51 29.68
FE1 SF4 FD . 4.22 6.17 35.27
FE2 SF4 FD . 4.34 3.76 36.55
FE3 SF4 FD . 2.24 5.45 37.00
FE4 SF4 FD . 4.73 6.07 37.95
S1 SF4 FD . 3.43 4.30 38.56
S2 SF4 FD . 3.29 7.48 36.87
S3 SF4 FD . 6.05 5.25 36.29
S4 SF4 FD . 2.77 4.43 35.04
MG CLA GD . -8.42 20.50 10.68
CHA CLA GD . -11.17 22.61 10.75
CHB CLA GD . -10.48 17.85 10.07
CHC CLA GD . -5.65 18.50 10.31
CHD CLA GD . -6.32 23.28 11.29
NA CLA GD . -10.49 20.28 10.50
C1A CLA GD . -11.46 21.29 10.54
C2A CLA GD . -12.86 20.70 10.35
C3A CLA GD . -12.61 19.18 10.36
C4A CLA GD . -11.09 19.07 10.30
CMA CLA GD . -13.20 18.53 11.60
CAA CLA GD . -13.43 21.14 9.01
CBA CLA GD . -13.02 20.24 7.86
CGA CLA GD . -13.00 21.00 6.56
O1A CLA GD . -13.04 22.21 6.36
O2A CLA GD . -12.93 20.17 5.47
NB CLA GD . -8.12 18.54 10.28
C1B CLA GD . -9.09 17.63 10.01
C2B CLA GD . -8.48 16.33 9.65
C3B CLA GD . -7.11 16.50 9.72
C4B CLA GD . -6.87 17.91 10.13
CMB CLA GD . -9.25 15.14 9.30
CAB CLA GD . -6.05 15.57 9.46
CBB CLA GD . -5.19 15.13 10.39
NC CLA GD . -6.36 20.83 10.83
C1C CLA GD . -5.41 19.87 10.65
C2C CLA GD . -4.07 20.44 10.81
C3C CLA GD . -4.26 21.79 11.08
C4C CLA GD . -5.70 22.04 11.09
CMC CLA GD . -2.82 19.71 10.67
CAC CLA GD . -3.19 22.79 11.29
CBC CLA GD . -2.66 22.83 12.71
ND CLA GD . -8.63 22.48 11.06
C1D CLA GD . -7.69 23.51 11.28
C2D CLA GD . -8.41 24.79 11.43
C3D CLA GD . -9.75 24.51 11.23
C4D CLA GD . -9.83 23.05 10.98
CMD CLA GD . -7.77 26.08 11.72
CAD CLA GD . -11.10 25.04 11.17
OBD CLA GD . -11.50 26.19 11.33
CBD CLA GD . -12.04 23.84 10.82
CGD CLA GD . -13.15 23.68 11.83
O1D CLA GD . -13.05 23.31 13.00
O2D CLA GD . -14.38 24.00 11.35
CED CLA GD . -15.13 24.98 12.07
C1 CLA GD . -13.69 20.56 4.30
C2 CLA GD . -14.49 19.37 3.93
C3 CLA GD . -14.99 19.17 2.69
C4 CLA GD . -14.76 20.14 1.59
C5 CLA GD . -15.79 17.96 2.37
C6 CLA GD . -15.41 17.30 1.07
C7 CLA GD . -16.20 16.02 0.87
C8 CLA GD . -16.39 15.67 -0.59
C9 CLA GD . -17.72 16.20 -1.09
C10 CLA GD . -16.31 14.17 -0.80
MG CLA HD . -15.20 29.31 -0.90
CHA CLA HD . -16.87 32.00 0.52
CHB CLA HD . -15.54 30.74 -3.97
CHC CLA HD . -13.38 26.73 -2.22
CHD CLA HD . -14.89 27.87 2.33
NA CLA HD . -16.10 31.06 -1.59
C1A CLA HD . -16.74 32.06 -0.84
C2A CLA HD . -17.27 33.17 -1.74
C3A CLA HD . -16.95 32.67 -3.17
C4A CLA HD . -16.13 31.40 -2.92
CMA CLA HD . -18.21 32.40 -3.97
CAA CLA HD . -16.55 34.48 -1.48
CBA CLA HD . -17.54 35.57 -1.16
CGA CLA HD . -17.73 36.46 -2.35
O1A CLA HD . -16.88 36.88 -3.13
O2A CLA HD . -19.04 36.81 -2.55
NB CLA HD . -14.63 28.79 -2.76
C1B CLA HD . -14.77 29.57 -3.86
C2B CLA HD . -13.97 28.99 -4.98
C3B CLA HD . -13.36 27.85 -4.50
C4B CLA HD . -13.77 27.71 -3.08
CMB CLA HD . -13.93 29.62 -6.31
CAB CLA HD . -12.47 26.89 -5.12
CBB CLA HD . -12.29 26.67 -6.42
NC CLA HD . -14.33 27.59 -0.09
C1C CLA HD . -13.65 26.66 -0.82
C2C CLA HD . -13.19 25.58 0.05
C3C CLA HD . -13.60 25.91 1.34
C4C CLA HD . -14.32 27.18 1.24
CMC CLA HD . -12.44 24.41 -0.40
CAC CLA HD . -13.36 25.13 2.57
CBC CLA HD . -14.32 23.98 2.74
ND CLA HD . -15.73 29.76 1.00
C1D CLA HD . -15.56 29.07 2.24
C2D CLA HD . -16.15 29.89 3.33
C3D CLA HD . -16.64 31.04 2.72
C4D CLA HD . -16.37 30.90 1.28
CMD CLA HD . -16.15 29.52 4.74
CAD CLA HD . -17.31 32.30 2.93
OBD CLA HD . -17.67 32.84 3.96
CBD CLA HD . -17.51 32.95 1.52
CGD CLA HD . -18.94 33.25 1.22
O1D CLA HD . -19.72 32.61 0.49
O2D CLA HD . -19.41 34.39 1.82
CED CLA HD . -20.80 34.65 1.77
C1 CLA HD . -19.85 35.88 -3.29
MG CLA ID . 6.92 45.66 -11.65
CHA CLA ID . 4.29 47.91 -11.86
CHB CLA ID . 6.35 45.30 -8.32
CHC CLA ID . 9.43 43.33 -11.54
CHD CLA ID . 7.54 46.16 -15.10
NA CLA ID . 5.53 46.48 -10.33
C1A CLA ID . 4.50 47.39 -10.61
C2A CLA ID . 3.70 47.73 -9.34
C3A CLA ID . 4.45 46.96 -8.23
C4A CLA ID . 5.52 46.17 -8.99
CMA CLA ID . 5.06 47.92 -7.23
CAA CLA ID . 2.28 47.20 -9.47
CBA CLA ID . 1.76 46.62 -8.17
CGA CLA ID . 0.70 47.51 -7.60
O1A CLA ID . 0.18 47.49 -6.49
O2A CLA ID . 0.27 48.47 -8.49
NB CLA ID . 7.73 44.52 -10.21
C1B CLA ID . 7.36 44.52 -8.89
C2B CLA ID . 8.25 43.59 -8.13
C3B CLA ID . 9.12 43.03 -9.03
C4B CLA ID . 8.79 43.61 -10.37
CMB CLA ID . 8.11 43.39 -6.69
CAB CLA ID . 10.18 42.07 -8.85
CBB CLA ID . 11.03 42.02 -7.82
NC CLA ID . 8.24 44.89 -13.07
C1C CLA ID . 9.17 43.92 -12.81
C2C CLA ID . 9.89 43.58 -14.03
C3C CLA ID . 9.38 44.41 -15.03
C4C CLA ID . 8.34 45.22 -14.43
CMC CLA ID . 10.95 42.58 -14.13
CAC CLA ID . 9.80 44.43 -16.45
CBC CLA ID . 11.00 45.33 -16.69
ND CLA ID . 6.16 46.76 -13.17
C1D CLA ID . 6.52 46.90 -14.54
C2D CLA ID . 5.62 47.87 -15.19
C3D CLA ID . 4.73 48.28 -14.21
C4D CLA ID . 5.11 47.57 -12.97
CMD CLA ID . 5.70 48.28 -16.59
CAD CLA ID . 3.58 49.12 -13.89
OBD CLA ID . 2.93 49.87 -14.61
CBD CLA ID . 3.28 48.92 -12.37
CGD CLA ID . 3.39 50.20 -11.59
O1D CLA ID . 4.29 51.04 -11.63
O2D CLA ID . 2.34 50.42 -10.74
CED CLA ID . 2.59 51.23 -9.59
C1 CLA ID . -0.31 49.67 -7.93
C1 BCR JD . -5.52 35.34 8.76
C2 BCR JD . -6.90 35.01 8.22
C3 BCR JD . -7.01 35.43 6.77
C4 BCR JD . -6.95 36.94 6.68
C5 BCR JD . -5.80 37.48 7.49
C6 BCR JD . -5.04 36.68 8.26
C7 BCR JD . -3.67 37.09 8.65
C8 BCR JD . -2.71 37.23 7.74
C9 BCR JD . -1.36 37.64 8.14
C10 BCR JD . -0.45 37.92 7.19
C11 BCR JD . 0.90 38.34 7.57
C33 BCR JD . -5.52 38.95 7.43
C31 BCR JD . -4.54 34.27 8.29
C32 BCR JD . -5.54 35.38 10.28
C34 BCR JD . -0.99 37.75 9.59
C12 BCR JD . 1.78 38.63 6.62
C13 BCR JD . 3.15 39.04 7.01
C14 BCR JD . 4.03 39.40 6.08
C15 BCR JD . 3.65 39.39 4.68
C16 BCR JD . 4.56 39.69 3.75
C17 BCR JD . 4.16 39.68 2.34
C18 BCR JD . 5.04 40.02 1.38
C19 BCR JD . 4.60 40.01 -0.02
C20 BCR JD . 5.41 40.41 -0.99
C21 BCR JD . 4.88 40.37 -2.36
C22 BCR JD . 5.63 40.67 -3.41
C23 BCR JD . 5.01 40.59 -4.75
C24 BCR JD . 5.69 40.98 -5.84
C25 BCR JD . 5.07 40.92 -7.19
C26 BCR JD . 4.20 41.86 -7.56
C27 BCR JD . 3.49 41.76 -8.88
C28 BCR JD . 4.49 41.25 -9.90
C29 BCR JD . 4.93 39.86 -9.50
C30 BCR JD . 5.50 39.77 -8.09
C35 BCR JD . 3.54 39.06 8.46
C36 BCR JD . 6.45 40.41 1.74
C37 BCR JD . 7.07 41.05 -3.25
C38 BCR JD . 3.92 43.06 -6.70
C39 BCR JD . 7.02 39.79 -8.16
C40 BCR JD . 5.03 38.47 -7.46
C7 UIX KD . 32.88 48.16 -1.59
C8 UIX KD . 35.05 49.95 -3.39
C9 UIX KD . 33.03 48.90 -4.38
O1 UIX KD . 37.42 46.76 -4.84
C1 UIX KD . 35.06 46.74 -1.91
C5 UIX KD . 36.46 47.28 -3.91
C6 UIX KD . 34.32 45.76 -0.99
C4 UIX KD . 35.26 47.84 -4.65
O4 UIX KD . 34.19 67.55 17.27
C3 UIX KD . 35.96 46.17 -3.02
O3 UIX KD . 32.69 64.79 11.15
C2 UIX KD . 34.37 48.61 -3.70
C UIX KD . 34.11 47.84 -2.40
O UIX KD . 35.22 48.10 -1.53
C10 UIX KD . 32.97 49.20 -0.76
C11 UIX KD . 31.89 49.67 0.12
C12 UIX KD . 30.55 49.00 0.15
C13 UIX KD . 32.16 50.72 0.90
C14 UIX KD . 31.22 51.32 1.84
C15 UIX KD . 31.56 63.83 14.58
C16 UIX KD . 31.86 65.13 12.27
C17 UIX KD . 31.73 65.23 15.14
C18 UIX KD . 32.94 65.86 14.48
C19 UIX KD . 32.57 66.24 13.05
C20 UIX KD . 31.63 63.87 13.07
C21 UIX KD . 30.21 63.28 14.99
C22 UIX KD . 32.68 62.94 15.10
C23 UIX KD . 31.69 52.36 2.51
C24 UIX KD . 30.52 65.62 11.74
C25 UIX KD . 31.47 62.78 12.47
C26 UIX KD . 30.94 53.11 3.52
C27 UIX KD . 34.18 66.77 16.33
C28 UIX KD . 31.21 61.70 11.89
O2 UIX KD . 33.32 67.04 15.19
C29 UIX KD . 29.55 52.72 3.90
C30 UIX KD . 31.55 54.15 4.11
C31 UIX KD . 35.06 65.56 16.32
C32 UIX KD . 32.05 61.08 10.86
C33 UIX KD . 33.51 61.35 10.74
C34 UIX KD . 30.93 54.97 5.14
C35 UIX KD . 31.42 60.23 10.02
C36 UIX KD . 32.08 59.50 8.95
C37 UIX KD . 31.65 55.96 5.64
C38 UIX KD . 31.32 58.62 8.29
C39 UIX KD . 31.11 56.81 6.69
C40 UIX KD . 31.86 57.81 7.20
C41 UIX KD . 33.24 58.06 6.68
MG CLA LD . 33.32 43.96 10.94
CHA CLA LD . 36.02 43.57 13.09
CHB CLA LD . 31.87 46.10 13.15
CHC CLA LD . 30.74 44.41 8.72
CHD CLA LD . 34.87 41.72 8.67
NA CLA LD . 33.88 44.68 12.82
C1A CLA LD . 35.05 44.41 13.54
C2A CLA LD . 35.06 45.16 14.87
C3A CLA LD . 33.67 45.85 14.91
C4A CLA LD . 33.08 45.54 13.53
CMA CLA LD . 32.82 45.34 16.03
CAA CLA LD . 36.15 46.22 14.89
CBA CLA LD . 36.23 46.97 13.58
CGA CLA LD . 37.16 48.14 13.69
O1A CLA LD . 37.02 49.18 14.34
O2A CLA LD . 38.31 47.99 12.96
NB CLA LD . 31.64 45.06 10.92
C1B CLA LD . 31.21 45.88 11.93
C2B CLA LD . 29.91 46.50 11.55
C3B CLA LD . 29.60 46.03 10.30
C4B CLA LD . 30.68 45.10 9.88
CMB CLA LD . 29.18 47.43 12.42
CAB CLA LD . 28.45 46.29 9.46
CBB CLA LD . 27.17 46.05 9.80
NC CLA LD . 32.89 43.18 9.05
C1C CLA LD . 31.77 43.51 8.32
C2C CLA LD . 31.79 42.79 7.05
C3C CLA LD . 32.95 42.02 7.03
C4C CLA LD . 33.64 42.28 8.29
CMC CLA LD . 30.75 42.89 6.02
CAC CLA LD . 33.42 41.13 5.95
CBC CLA LD . 32.76 39.76 6.00
ND CLA LD . 35.00 42.82 10.86
C1D CLA LD . 35.53 41.96 9.87
C2D CLA LD . 36.83 41.41 10.33
C3D CLA LD . 37.07 41.99 11.55
C4D CLA LD . 35.90 42.87 11.84
CMD CLA LD . 37.66 40.47 9.57
CAD CLA LD . 37.98 42.10 12.68
OBD CLA LD . 39.05 41.53 12.88
CBD CLA LD . 37.34 43.12 13.68
CGD CLA LD . 37.17 42.53 15.05
O1D CLA LD . 36.23 41.84 15.46
O2D CLA LD . 38.19 42.81 15.91
CED CLA LD . 38.19 42.17 17.18
C1 CLA LD . 38.81 49.16 12.29
C2 CLA LD . 39.79 48.67 11.28
C3 CLA LD . 40.25 49.43 10.28
C4 CLA LD . 39.79 50.83 10.08
C5 CLA LD . 41.23 48.90 9.29
C6 CLA LD . 40.58 48.56 7.96
C7 CLA LD . 40.82 47.10 7.61
C8 CLA LD . 41.90 46.96 6.53
C9 CLA LD . 41.41 46.09 5.40
C10 CLA LD . 43.17 46.38 7.14
C DD6 MD . 50.45 42.60 -4.89
C1 DD6 MD . 50.89 42.26 -6.29
C10 DD6 MD . 42.71 46.32 -9.14
C11 DD6 MD . 41.68 46.58 -9.95
C12 DD6 MD . 41.76 46.31 -11.42
C13 DD6 MD . 40.45 47.13 -9.35
C14 DD6 MD . 39.52 47.73 -10.08
C15 DD6 MD . 38.29 48.27 -9.39
C16 DD6 MD . 36.96 47.53 -9.56
C17 DD6 MD . 35.79 48.50 -9.44
C18 DD6 MD . 35.91 49.37 -8.20
C19 DD6 MD . 37.05 50.36 -8.41
C2 DD6 MD . 50.12 42.56 -7.33
C20 DD6 MD . 38.35 49.66 -8.78
C21 DD6 MD . 39.61 50.49 -9.01
C22 DD6 MD . 36.84 46.45 -8.51
C23 DD6 MD . 36.93 46.89 -10.94
C24 DD6 MD . 52.19 41.59 -6.52
C25 DD6 MD . 52.96 41.18 -5.52
C26 DD6 MD . 54.20 40.52 -5.87
C27 DD6 MD . 55.13 40.20 -4.94
C28 DD6 MD . 54.90 40.53 -3.49
C29 DD6 MD . 56.17 39.63 -5.32
C3 DD6 MD . 48.83 43.21 -7.16
C30 DD6 MD . 57.17 39.12 -5.68
C31 DD6 MD . 58.23 38.58 -6.10
C32 DD6 MD . 58.68 38.97 -7.50
C33 DD6 MD . 59.90 38.20 -7.96
C34 DD6 MD . 60.82 37.78 -6.83
C35 DD6 MD . 60.02 36.90 -5.89
C36 DD6 MD . 58.89 37.73 -5.33
C37 DD6 MD . 58.53 37.59 -3.88
C4 DD6 MD . 48.15 43.62 -8.22
C40 DD6 MD . 58.99 40.46 -7.49
C41 DD6 MD . 57.51 38.71 -8.45
C5 DD6 MD . 46.85 44.25 -8.01
C6 DD6 MD . 46.14 44.79 -9.02
C7 DD6 MD . 46.67 44.79 -10.42
C8 DD6 MD . 44.84 45.39 -8.70
C9 DD6 MD . 43.97 45.75 -9.62
O1 DD6 MD . 38.58 48.49 -8.01
O2 DD6 MD . 34.70 50.07 -7.98
O4 DD6 MD . 61.92 37.04 -7.35
C1 BCR ND . 39.67 -1.85 -7.30
C2 BCR ND . 41.08 -1.74 -7.89
C3 BCR ND . 41.59 -3.12 -8.28
C4 BCR ND . 41.78 -4.00 -7.05
C5 BCR ND . 40.69 -3.70 -6.05
C6 BCR ND . 39.57 -3.10 -6.46
C7 BCR ND . 38.21 -3.61 -6.18
C8 BCR ND . 37.97 -4.80 -5.67
C9 BCR ND . 36.58 -5.24 -5.43
C10 BCR ND . 36.33 -6.56 -5.46
C11 BCR ND . 35.00 -7.11 -5.25
C33 BCR ND . 40.95 -4.03 -4.60
C31 BCR ND . 38.66 -1.97 -8.41
C32 BCR ND . 39.37 -0.64 -6.42
C34 BCR ND . 35.48 -4.26 -5.17
C12 BCR ND . 34.89 -8.39 -5.54
C13 BCR ND . 33.65 -9.16 -5.41
C14 BCR ND . 33.66 -10.43 -5.83
C15 BCR ND . 32.47 -11.26 -5.76
C16 BCR ND . 32.54 -12.52 -6.14
C17 BCR ND . 31.30 -13.28 -6.08
C18 BCR ND . 31.19 -14.48 -6.67
C19 BCR ND . 29.90 -15.17 -6.57
C20 BCR ND . 29.61 -16.17 -7.40
C21 BCR ND . 28.30 -16.78 -7.25
C22 BCR ND . 27.86 -17.65 -8.16
C23 BCR ND . 26.52 -18.23 -7.99
C24 BCR ND . 25.72 -18.28 -9.06
C25 BCR ND . 24.35 -18.82 -9.06
C26 BCR ND . 23.65 -19.15 -7.96
C27 BCR ND . 22.29 -18.53 -7.77
C28 BCR ND . 21.62 -18.32 -9.11
C29 BCR ND . 22.19 -19.25 -10.18
C30 BCR ND . 23.67 -18.96 -10.40
C35 BCR ND . 32.41 -8.54 -4.85
C36 BCR ND . 32.32 -15.07 -7.44
C37 BCR ND . 28.70 -18.03 -9.34
C38 BCR ND . 24.13 -20.17 -6.95
C39 BCR ND . 23.85 -17.65 -11.16
C40 BCR ND . 24.34 -20.10 -11.17
C1 LMG OD . -43.02 13.16 14.26
O1 LMG OD . -42.66 12.95 12.90
C2 LMG OD . -43.96 11.98 14.61
O2 LMG OD . -45.16 12.27 13.97
C3 LMG OD . -44.22 12.06 16.13
O3 LMG OD . -44.97 10.92 16.44
C4 LMG OD . -42.88 12.01 16.89
O4 LMG OD . -42.24 10.81 16.59
C5 LMG OD . -42.00 13.17 16.35
O5 LMG OD . -40.84 13.68 18.32
C6 LMG OD . -40.64 13.15 17.04
O6 LMG OD . -41.80 13.03 14.96
C7 LMG OD . -42.83 14.10 12.08
C8 LMG OD . -41.83 13.92 10.90
C9 LMG OD . -42.50 13.09 9.78
O7 LMG OD . -41.59 15.20 10.35
C10 LMG OD . -40.31 15.63 10.22
O9 LMG OD . -39.91 16.52 10.95
C11 LMG OD . -39.72 15.25 8.90
C12 LMG OD . -38.45 16.03 8.63
C13 LMG OD . -38.12 16.13 7.15
C14 LMG OD . -37.78 14.73 6.66
C15 LMG OD . -37.12 14.83 5.31
O8 LMG OD . -43.31 13.99 9.05
C28 LMG OD . -42.88 14.32 7.80
O10 LMG OD . -42.65 15.49 7.53
C29 LMG OD . -42.50 13.15 6.95
C30 LMG OD . -41.86 13.60 5.66
C31 LMG OD . -42.59 12.92 4.51
C32 LMG OD . -42.07 13.50 3.20
C33 LMG OD . -40.57 13.25 3.16
C34 LMG OD . -40.20 12.91 1.74
C35 LMG OD . -40.44 14.19 0.93
C36 LMG OD . -39.10 14.83 0.74
C37 LMG OD . -39.17 15.66 -0.52
C1 BCR PD . -22.04 3.43 -7.29
C2 BCR PD . -22.86 3.17 -6.02
C3 BCR PD . -24.24 3.78 -6.11
C4 BCR PD . -24.13 5.28 -6.27
C5 BCR PD . -23.31 5.58 -7.50
C6 BCR PD . -22.23 4.85 -7.80
C7 BCR PD . -21.18 5.41 -8.68
C8 BCR PD . -20.41 6.39 -8.22
C9 BCR PD . -19.36 7.00 -9.05
C10 BCR PD . -19.03 8.27 -8.81
C11 BCR PD . -17.99 8.99 -9.54
C33 BCR PD . -23.76 6.70 -8.40
C31 BCR PD . -22.45 2.47 -8.39
C32 BCR PD . -20.57 3.23 -6.97
C34 BCR PD . -18.66 6.21 -10.12
C12 BCR PD . -18.02 10.31 -9.45
C13 BCR PD . -17.03 11.18 -10.11
C14 BCR PD . -17.31 12.48 -10.23
C15 BCR PD . -16.35 13.39 -10.83
C16 BCR PD . -16.58 14.69 -10.72
C17 BCR PD . -15.64 15.64 -11.28
C18 BCR PD . -15.76 16.94 -10.98
C19 BCR PD . -14.79 17.90 -11.51
C20 BCR PD . -14.59 19.05 -10.87
C21 BCR PD . -13.61 19.99 -11.40
C22 BCR PD . -13.43 21.18 -10.83
C23 BCR PD . -12.41 22.08 -11.39
C24 BCR PD . -12.40 23.36 -11.04
C25 BCR PD . -11.38 24.31 -11.58
C26 BCR PD . -11.56 24.91 -12.77
C27 BCR PD . -10.90 26.22 -13.08
C28 BCR PD . -10.38 26.83 -11.79
C29 BCR PD . -9.44 25.84 -11.13
C30 BCR PD . -10.16 24.56 -10.73
C35 BCR PD . -15.73 10.63 -10.60
C36 BCR PD . -16.88 17.41 -10.09
C37 BCR PD . -14.23 21.59 -9.63
C38 BCR PD . -12.43 24.31 -13.83
C39 BCR PD . -10.61 24.67 -9.28
C40 BCR PD . -9.22 23.38 -10.86
C1A DGD QD . -44.47 8.35 5.60
C2A DGD QD . -43.50 8.56 4.46
C3A DGD QD . -43.32 7.25 3.71
C4A DGD QD . -41.99 7.23 2.96
C5A DGD QD . -41.83 8.48 2.09
C6A DGD QD . -40.50 8.46 1.36
O1A DGD QD . -45.11 7.33 5.69
C1B DGD QD . -42.09 9.55 9.14
C2B DGD QD . -41.08 9.04 8.15
C3B DGD QD . -40.42 10.19 7.42
C4B DGD QD . -39.46 9.69 6.35
C5B DGD QD . -38.71 10.85 5.70
O1B DGD QD . -41.86 9.51 10.34
O1G DGD QD . -44.60 9.38 6.61
C1G DGD QD . -45.38 9.14 7.78
C2G DGD QD . -44.44 9.18 8.97
O2G DGD QD . -43.37 10.09 8.69
C3G DGD QD . -45.18 9.60 10.23
O3G DGD QD . -44.41 9.19 11.35
C1D DGD QD . -45.19 8.42 12.26
C2D DGD QD . -44.27 7.54 13.11
O2D DGD QD . -43.52 6.66 12.24
C3D DGD QD . -45.10 6.73 14.09
O3D DGD QD . -44.24 6.00 14.96
C4D DGD QD . -46.00 7.63 14.90
O4D DGD QD . -45.21 8.42 15.80
C5D DGD QD . -46.80 8.55 13.98
O5D DGD QD . -48.27 8.82 15.84
C6D DGD QD . -47.63 9.54 14.80
O6D DGD QD . -45.92 9.28 13.12
C1E DGD QD . -49.08 9.66 16.67
C2E DGD QD . -49.38 8.94 17.97
O2E DGD QD . -48.16 8.55 18.59
C3E DGD QD . -50.25 7.71 17.70
O3E DGD QD . -50.63 7.11 18.95
C4E DGD QD . -51.49 8.11 16.93
O4E DGD QD . -52.28 9.00 17.73
C5E DGD QD . -51.08 8.83 15.65
O6E DGD QD . -50.29 9.98 15.98
C6E DGD QD . -52.32 9.25 14.86
O5E DGD QD . -51.93 9.86 13.63
MG CLA RD . -17.74 11.30 6.81
CHA CLA RD . -15.53 13.67 8.07
CHB CLA RD . -16.00 11.24 3.88
CHC CLA RD . -19.92 8.92 5.62
CHD CLA RD . -19.45 11.33 9.90
NA CLA RD . -16.04 12.31 6.11
C1A CLA RD . -15.26 13.26 6.79
C2A CLA RD . -14.11 13.74 5.91
C3A CLA RD . -14.33 12.99 4.58
C4A CLA RD . -15.53 12.11 4.86
CMA CLA RD . -14.56 13.94 3.44
CAA CLA RD . -12.76 13.36 6.51
CBA CLA RD . -11.60 13.92 5.72
CGA CLA RD . -11.70 15.41 5.58
O1A CLA RD . -12.55 16.07 4.98
O2A CLA RD . -10.70 16.08 6.24
NB CLA RD . -17.94 10.30 5.06
C1B CLA RD . -17.10 10.38 4.01
C2B CLA RD . -17.51 9.40 2.96
C3B CLA RD . -18.61 8.74 3.43
C4B CLA RD . -18.91 9.30 4.78
CMB CLA RD . -16.79 9.24 1.69
CAB CLA RD . -19.37 7.69 2.79
CBB CLA RD . -20.70 7.56 2.78
NC CLA RD . -19.40 10.32 7.61
C1C CLA RD . -20.16 9.40 6.95
C2C CLA RD . -21.25 8.94 7.80
C3C CLA RD . -21.10 9.60 9.02
C4C CLA RD . -19.93 10.46 8.90
CMC CLA RD . -22.27 7.98 7.41
CAC CLA RD . -21.96 9.47 10.20
CBC CLA RD . -23.13 10.43 10.18
ND CLA RD . -17.58 12.23 8.59
C1D CLA RD . -18.35 12.14 9.78
C2D CLA RD . -17.80 13.11 10.78
C3D CLA RD . -16.73 13.73 10.16
C4D CLA RD . -16.63 13.14 8.81
CMD CLA RD . -18.34 13.32 12.12
CAD CLA RD . -15.69 14.73 10.29
OBD CLA RD . -15.43 15.49 11.23
CBD CLA RD . -14.87 14.70 8.96
CGD CLA RD . -14.75 16.05 8.31
O1D CLA RD . -13.88 16.92 8.51
O2D CLA RD . -15.74 16.31 7.41
CED CLA RD . -15.77 17.59 6.79
C1 CLA RD . -10.81 17.51 6.31
C2 CLA RD . -10.17 18.07 5.09
C3 CLA RD . -9.66 19.31 5.06
C4 CLA RD . -9.70 20.19 6.24
C5 CLA RD . -9.03 19.86 3.82
C6 CLA RD . -10.01 20.56 2.91
C7 CLA RD . -10.24 19.77 1.64
C8 CLA RD . -10.18 20.66 0.40
C9 CLA RD . -11.56 20.82 -0.19
C10 CLA RD . -9.25 20.05 -0.65
C1 PID SD . -25.53 20.14 -17.60
C2 PID SD . -25.86 20.50 -19.00
C3 PID SD . -24.59 20.49 -19.85
C4 PID SD . -23.57 21.45 -19.28
C5 PID SD . -23.10 21.10 -17.85
C6 PID SD . -24.17 20.37 -17.04
C7 PID SD . -23.93 20.32 -15.55
C8 PID SD . -23.29 19.27 -15.02
C9 PID SD . -22.76 19.11 -13.73
C10 PID SD . -22.68 20.09 -12.64
C11 PID SD . -22.21 17.93 -13.22
C12 PID SD . -21.80 18.14 -11.88
C13 PID SD . -21.24 17.13 -11.03
C14 PID SD . -20.94 17.11 -9.72
C15 PID SD . -20.55 15.93 -9.14
C16 PID SD . -20.29 15.64 -7.81
C17 PID SD . -20.02 14.43 -7.17
C18 PID SD . -19.81 14.22 -5.81
C19 PID SD . -19.63 13.03 -5.12
C20 PID SD . -19.40 12.83 -3.76
C21 PID SD . -19.23 11.63 -3.06
C22 PID SD . -18.89 11.57 -1.62
C23 PID SD . -19.79 11.70 -0.69
C24 PID SD . -20.69 11.83 0.25
C25 PID SD . -20.46 12.73 1.46
C26 PID SD . -20.88 12.01 2.74
C27 PID SD . -22.26 11.41 2.63
C28 PID SD . -22.30 10.37 1.54
C29 PID SD . -21.96 10.96 0.17
C30 PID SD . -23.18 11.44 4.88
C31 PID SD . -23.83 12.67 4.38
CM1 PID SD . -26.70 20.00 -16.65
CM2 PID SD . -22.72 22.43 -17.20
CM3 PID SD . -21.84 20.24 -18.00
CM4 PID SD . -20.99 18.34 -8.82
CM5 PID SD . -19.39 10.34 -3.77
CM6 PID SD . -18.99 13.14 1.56
CM7 PID SD . -21.30 14.01 1.32
CM8 PID SD . -21.86 9.86 -0.87
O1 PID SD . -24.55 19.06 -17.54
O2 PID SD . -24.90 20.85 -21.19
O3 PID SD . -23.02 21.25 -12.57
O4 PID SD . -22.05 19.48 -11.56
O5 PID SD . -23.09 11.81 -0.15
O6 PID SD . -22.60 10.73 3.88
O7 PID SD . -23.15 11.09 6.03
MG CLA TD . -7.77 26.01 -14.49
CHA CLA TD . -9.87 26.99 -17.07
CHB CLA TD . -7.28 29.26 -13.64
CHC CLA TD . -5.76 24.97 -11.91
CHD CLA TD . -8.27 22.63 -15.45
NA CLA TD . -8.48 27.82 -15.25
C1A CLA TD . -9.37 28.02 -16.32
C2A CLA TD . -9.63 29.51 -16.54
C3A CLA TD . -8.77 30.20 -15.45
C4A CLA TD . -8.12 29.03 -14.72
CMA CLA TD . -7.75 31.13 -16.05
CAA CLA TD . -11.10 29.84 -16.36
CBA CLA TD . -11.43 30.20 -14.93
CGA CLA TD . -12.35 31.38 -14.93
O1A CLA TD . -12.21 32.46 -15.50
O2A CLA TD . -13.48 31.18 -14.19
NB CLA TD . -6.81 26.93 -12.98
C1B CLA TD . -6.61 28.28 -12.91
C2B CLA TD . -5.53 28.58 -11.93
C3B CLA TD . -5.09 27.37 -11.43
C4B CLA TD . -5.90 26.31 -12.10
CMB CLA TD . -5.07 29.94 -11.64
CAB CLA TD . -4.05 27.07 -10.48
CBB CLA TD . -3.80 27.73 -9.35
NC CLA TD . -7.15 24.13 -13.81
C1C CLA TD . -6.33 23.95 -12.73
C2C CLA TD . -6.13 22.52 -12.51
C3C CLA TD . -6.81 21.86 -13.52
C4C CLA TD . -7.45 22.88 -14.34
CMC CLA TD . -5.32 21.96 -11.42
CAC CLA TD . -6.90 20.39 -13.71
CBC CLA TD . -7.99 19.75 -12.90
ND CLA TD . -8.71 24.99 -15.98
C1D CLA TD . -8.86 23.61 -16.23
C2D CLA TD . -9.72 23.43 -17.43
C3D CLA TD . -10.13 24.70 -17.80
C4D CLA TD . -9.49 25.63 -16.85
CMD CLA TD . -10.04 22.15 -18.02
CAD CLA TD . -10.88 25.50 -18.75
OBD CLA TD . -11.47 25.17 -19.78
CBD CLA TD . -10.82 26.97 -18.25
CGD CLA TD . -10.40 27.95 -19.31
O1D CLA TD . -11.06 28.90 -19.76
O2D CLA TD . -9.15 27.74 -19.79
CED CLA TD . -8.28 28.88 -19.91
C1 CLA TD . -14.14 32.38 -13.72
C2 CLA TD . -14.30 32.23 -12.26
C3 CLA TD . -14.29 33.28 -11.43
C4 CLA TD . -14.10 34.67 -11.91
C5 CLA TD . -14.46 33.08 -9.96
C6 CLA TD . -14.93 34.31 -9.23
C7 CLA TD . -14.69 34.17 -7.74
C8 CLA TD . -15.97 34.30 -6.93
C9 CLA TD . -16.99 33.29 -7.40
C10 CLA TD . -16.54 35.71 -7.03
C11 CLA TD . -15.77 36.67 -6.15
C12 CLA TD . -16.26 38.09 -6.31
C13 CLA TD . -15.51 39.04 -5.40
C1A DGD UD . -44.76 -4.98 5.09
C2A DGD UD . -44.01 -5.35 3.84
C3A DGD UD . -43.83 -4.17 2.90
C4A DGD UD . -43.29 -4.66 1.57
C5A DGD UD . -43.17 -3.55 0.54
C6A DGD UD . -41.90 -2.73 0.76
C7A DGD UD . -41.60 -1.88 -0.46
O1A DGD UD . -45.25 -3.88 5.24
C1B DGD UD . -46.39 -9.82 6.58
C2B DGD UD . -46.09 -10.91 5.58
C3B DGD UD . -44.59 -11.20 5.62
C4B DGD UD . -44.19 -12.15 4.49
C5B DGD UD . -43.23 -11.46 3.53
C6B DGD UD . -42.09 -12.38 3.14
C7B DGD UD . -41.10 -11.69 2.21
C8B DGD UD . -39.87 -12.56 1.99
C9B DGD UD . -38.94 -11.94 0.95
CAB DGD UD . -39.65 -11.82 -0.40
CBB DGD UD . -38.71 -11.24 -1.46
CCB DGD UD . -39.45 -11.06 -2.77
CDB DGD UD . -38.55 -10.43 -3.83
O1B DGD UD . -46.98 -10.07 7.61
O1G DGD UD . -44.89 -5.99 6.13
C1G DGD UD . -46.09 -6.13 6.89
C2G DGD UD . -46.13 -7.56 7.40
O2G DGD UD . -45.97 -8.45 6.30
C3G DGD UD . -45.00 -7.79 8.40
O3G DGD UD . -44.61 -6.55 8.98
C1D DGD UD . -44.37 -6.72 10.37
C2D DGD UD . -43.89 -5.42 10.98
O2D DGD UD . -42.66 -5.02 10.36
C3D DGD UD . -43.69 -5.60 12.47
O3D DGD UD . -43.29 -4.36 13.07
C4D DGD UD . -44.98 -6.10 13.10
O4D DGD UD . -45.96 -5.05 13.06
C5D DGD UD . -45.51 -7.32 12.37
O5D DGD UD . -46.84 -7.92 14.29
C6D DGD UD . -46.90 -7.67 12.89
O6D DGD UD . -45.60 -7.08 10.98
C1E DGD UD . -47.99 -7.43 14.98
C2E DGD UD . -47.69 -7.47 16.47
O2E DGD UD . -46.48 -6.77 16.73
C3E DGD UD . -47.56 -8.91 16.93
O3E DGD UD . -47.40 -8.95 18.35
C4E DGD UD . -48.79 -9.71 16.52
O4E DGD UD . -49.93 -9.19 17.21
C5E DGD UD . -49.00 -9.59 15.02
O6E DGD UD . -49.13 -8.22 14.67
C6E DGD UD . -50.25 -10.35 14.59
O5E DGD UD . -50.58 -10.03 13.24
C1 BCR VD . 33.44 -19.43 -10.88
C2 BCR VD . 34.76 -19.23 -10.14
C3 BCR VD . 35.00 -20.29 -9.09
C4 BCR VD . 35.01 -21.67 -9.73
C5 BCR VD . 33.72 -21.87 -10.48
C6 BCR VD . 32.91 -20.83 -10.75
C7 BCR VD . 31.47 -21.09 -10.98
C8 BCR VD . 30.69 -21.38 -9.94
C9 BCR VD . 29.25 -21.67 -10.10
C10 BCR VD . 28.62 -22.19 -9.06
C11 BCR VD . 27.20 -22.55 -9.05
C33 BCR VD . 33.37 -23.24 -10.95
C31 BCR VD . 33.65 -19.16 -12.37
C32 BCR VD . 32.41 -18.45 -10.33
C34 BCR VD . 28.54 -21.39 -11.39
C12 BCR VD . 26.77 -23.10 -7.93
C13 BCR VD . 25.39 -23.56 -7.72
C14 BCR VD . 25.13 -24.21 -6.58
C15 BCR VD . 23.81 -24.74 -6.27
C16 BCR VD . 23.66 -25.37 -5.12
C17 BCR VD . 22.36 -25.95 -4.77
C18 BCR VD . 22.13 -26.43 -3.55
C19 BCR VD . 20.81 -27.01 -3.25
C20 BCR VD . 20.64 -27.86 -2.25
C21 BCR VD . 19.30 -28.40 -2.05
C22 BCR VD . 19.03 -29.31 -1.12
C23 BCR VD . 20.06 -29.84 -0.20
C24 BCR VD . 19.63 -30.40 0.93
C25 BCR VD . 20.53 -30.96 1.94
C26 BCR VD . 21.10 -32.15 1.75
C27 BCR VD . 22.28 -32.54 2.59
C28 BCR VD . 21.84 -32.36 4.04
C29 BCR VD . 21.53 -30.90 4.31
C30 BCR VD . 20.75 -30.17 3.22
C35 BCR VD . 24.32 -23.31 -8.74
C36 BCR VD . 23.20 -26.37 -2.49
C37 BCR VD . 17.63 -29.82 -0.98
C38 BCR VD . 20.56 -33.11 0.73
C39 BCR VD . 21.50 -28.90 2.86
C40 BCR VD . 19.36 -29.80 3.75
MG CLA WD . 26.80 -45.26 1.36
CHA CLA WD . 28.74 -47.89 2.52
CHB CLA WD . 29.23 -44.46 -0.89
CHC CLA WD . 24.79 -42.75 0.16
CHD CLA WD . 24.33 -46.09 3.75
NA CLA WD . 28.68 -46.06 0.92
C1A CLA WD . 29.30 -47.16 1.52
C2A CLA WD . 30.65 -47.42 0.87
C3A CLA WD . 30.88 -46.18 -0.02
C4A CLA WD . 29.51 -45.51 -0.02
CMA CLA WD . 31.93 -45.30 0.58
CAA CLA WD . 30.54 -48.67 0.02
CBA CLA WD . 29.47 -48.58 -1.04
CGA CLA WD . 28.13 -49.04 -0.53
O1A CLA WD . 27.89 -49.90 0.31
O2A CLA WD . 27.08 -48.37 -1.10
NB CLA WD . 27.02 -43.81 -0.02
C1B CLA WD . 28.01 -43.78 -0.96
C2B CLA WD . 27.62 -42.88 -2.08
C3B CLA WD . 26.37 -42.39 -1.80
C4B CLA WD . 25.98 -42.97 -0.48
CMB CLA WD . 28.48 -42.64 -3.25
CAB CLA WD . 25.55 -41.50 -2.57
CBB CLA WD . 24.30 -41.73 -2.96
NC CLA WD . 24.91 -44.54 1.89
C1C CLA WD . 24.28 -43.49 1.27
C2C CLA WD . 23.00 -43.23 1.90
C3C CLA WD . 22.85 -44.20 2.90
C4C CLA WD . 24.06 -45.01 2.88
CMC CLA WD . 22.06 -42.19 1.51
CAC CLA WD . 21.70 -44.36 3.81
CBC CLA WD . 20.87 -45.57 3.49
ND CLA WD . 26.49 -46.70 2.75
C1D CLA WD . 25.45 -46.89 3.70
C2D CLA WD . 25.79 -48.06 4.55
C3D CLA WD . 27.02 -48.50 4.11
C4D CLA WD . 27.43 -47.60 3.02
CMD CLA WD . 24.93 -48.60 5.60
CAD CLA WD . 28.07 -49.49 4.28
OBD CLA WD . 28.12 -50.49 4.99
CBD CLA WD . 29.25 -49.06 3.34
CGD CLA WD . 30.45 -48.68 4.17
O1D CLA WD . 30.49 -48.51 5.39
O2D CLA WD . 31.60 -48.51 3.47
CED CLA WD . 32.63 -47.73 4.06
C1 CLA WD . 25.76 -48.79 -0.65
C2 CLA WD . 24.81 -48.48 -1.74
C3 CLA WD . 24.23 -47.27 -1.89
C4 CLA WD . 24.51 -46.14 -0.98
C5 CLA WD . 23.27 -47.00 -3.00
C6 CLA WD . 23.83 -46.02 -4.01
C7 CLA WD . 25.16 -46.51 -4.55
C8 CLA WD . 25.88 -45.48 -5.40
C9 CLA WD . 25.00 -44.98 -6.51
C10 CLA WD . 27.18 -46.05 -5.95
C11 CLA WD . 27.94 -46.83 -4.90
C12 CLA WD . 29.35 -46.31 -4.71
C13 CLA WD . 30.40 -47.10 -5.49
C14 CLA WD . 29.88 -48.45 -5.92
C15 CLA WD . 31.68 -47.27 -4.66
C16 CLA WD . 32.59 -48.34 -5.23
C17 CLA WD . 33.39 -47.84 -6.40
C18 CLA WD . 33.64 -48.96 -7.41
C19 CLA WD . 32.62 -48.90 -8.55
C20 CLA WD . 35.04 -48.87 -7.98
MG CLA XD . 24.87 -33.49 0.71
CHA CLA XD . 25.06 -36.65 2.15
CHB CLA XD . 23.43 -34.82 -2.07
CHC CLA XD . 24.48 -30.31 -0.54
CHD CLA XD . 26.32 -32.15 3.63
NA CLA XD . 24.39 -35.44 0.14
C1A CLA XD . 24.52 -36.61 0.89
C2A CLA XD . 24.01 -37.81 0.09
C3A CLA XD . 23.63 -37.22 -1.29
C4A CLA XD . 23.82 -35.71 -1.08
CMA CLA XD . 24.50 -37.76 -2.39
CAA CLA XD . 22.76 -38.35 0.76
CBA CLA XD . 21.73 -37.24 0.93
CGA CLA XD . 20.67 -37.65 1.91
O1A CLA XD . 20.20 -38.77 2.10
O2A CLA XD . 20.22 -36.60 2.66
NB CLA XD . 24.06 -32.72 -0.95
C1B CLA XD . 23.56 -33.43 -2.00
C2B CLA XD . 23.18 -32.50 -3.11
C3B CLA XD . 23.47 -31.22 -2.68
C4B CLA XD . 24.05 -31.34 -1.31
CMB CLA XD . 22.62 -32.98 -4.38
CAB CLA XD . 23.34 -29.93 -3.33
CBB CLA XD . 23.29 -29.70 -4.64
NC CLA XD . 25.37 -31.58 1.41
C1C CLA XD . 25.12 -30.42 0.73
C2C CLA XD . 25.57 -29.28 1.52
C3C CLA XD . 26.08 -29.79 2.71
C4C CLA XD . 25.95 -31.24 2.63
CMC CLA XD . 25.46 -27.88 1.11
CAC CLA XD . 26.64 -29.03 3.84
CBC CLA XD . 25.80 -29.14 5.09
ND CLA XD . 25.70 -34.18 2.42
C1D CLA XD . 26.21 -33.52 3.57
C2D CLA XD . 26.57 -34.51 4.60
C3D CLA XD . 26.15 -35.73 4.11
C4D CLA XD . 25.59 -35.48 2.77
CMD CLA XD . 27.20 -34.19 5.88
CAD CLA XD . 26.08 -37.16 4.34
OBD CLA XD . 26.53 -37.82 5.27
CBD CLA XD . 25.27 -37.78 3.16
CGD CLA XD . 25.94 -39.01 2.61
O1D CLA XD . 25.97 -40.13 3.12
O2D CLA XD . 26.56 -38.83 1.40
CED CLA XD . 27.10 -39.99 0.77
C1 CLA XD . 19.39 -36.94 3.79
C2 CLA XD . 19.30 -35.75 4.66
C3 CLA XD . 18.56 -34.67 4.38
C4 CLA XD . 18.51 -33.51 5.28
C5 CLA XD . 17.73 -34.59 3.15
C6 CLA XD . 16.26 -34.41 3.46
C7 CLA XD . 15.55 -33.58 2.41
C8 CLA XD . 14.10 -33.32 2.80
C9 CLA XD . 13.99 -33.13 4.31
C10 CLA XD . 13.19 -34.46 2.34
C11 CLA XD . 12.05 -34.72 3.30
C12 CLA XD . 10.74 -34.99 2.58
C13 CLA XD . 10.81 -36.30 1.81
C14 CLA XD . 9.94 -36.24 0.58
C15 CLA XD . 10.41 -37.48 2.70
MG CLA YD . 23.60 -35.69 -13.02
CHA CLA YD . 25.09 -38.52 -14.37
CHB CLA YD . 24.06 -34.05 -15.97
CHC CLA YD . 21.92 -33.00 -11.72
CHD CLA YD . 23.10 -37.47 -10.00
NA CLA YD . 24.47 -36.22 -14.84
C1A CLA YD . 25.02 -37.45 -15.21
C2A CLA YD . 25.53 -37.42 -16.66
C3A CLA YD . 25.32 -35.95 -17.07
C4A CLA YD . 24.55 -35.34 -15.89
CMA CLA YD . 26.64 -35.28 -17.34
CAA CLA YD . 24.66 -38.32 -17.51
CBA CLA YD . 24.89 -38.10 -18.99
CGA CLA YD . 25.99 -38.99 -19.45
O1A CLA YD . 26.72 -38.87 -20.44
O2A CLA YD . 26.17 -40.07 -18.64
NB CLA YD . 23.14 -33.84 -13.69
C1B CLA YD . 23.35 -33.39 -14.95
C2B CLA YD . 22.70 -32.05 -15.12
C3B CLA YD . 22.09 -31.75 -13.92
C4B CLA YD . 22.37 -32.89 -13.00
CMB CLA YD . 22.74 -31.32 -16.38
CAB CLA YD . 21.31 -30.61 -13.52
CBB CLA YD . 21.46 -29.34 -13.93
NC CLA YD . 22.70 -35.31 -11.18
C1C CLA YD . 22.07 -34.13 -10.86
C2C CLA YD . 21.55 -34.21 -9.50
C3C CLA YD . 21.87 -35.47 -9.02
C4C CLA YD . 22.60 -36.16 -10.08
CMC CLA YD . 20.81 -33.13 -8.82
CAC CLA YD . 21.55 -36.00 -7.69
CBC CLA YD . 20.14 -36.57 -7.67
ND CLA YD . 23.96 -37.54 -12.29
C1D CLA YD . 23.73 -38.14 -11.03
C2D CLA YD . 24.25 -39.53 -11.05
C3D CLA YD . 24.78 -39.73 -12.31
C4D CLA YD . 24.58 -38.47 -13.04
CMD CLA YD . 24.20 -40.47 -9.93
CAD CLA YD . 25.44 -40.66 -13.20
OBD CLA YD . 25.76 -41.83 -13.02
CBD CLA YD . 25.69 -39.90 -14.54
CGD CLA YD . 27.16 -39.81 -14.85
O1D CLA YD . 27.86 -38.79 -14.86
O2D CLA YD . 27.75 -41.00 -15.14
CED CLA YD . 29.15 -40.99 -15.41
C1 CLA YD . 27.46 -40.70 -18.65
C2 CLA YD . 27.41 -41.77 -19.67
C3 CLA YD . 27.37 -43.07 -19.36
C4 CLA YD . 27.30 -44.11 -20.42
C5 CLA YD . 27.38 -43.53 -17.94
C6 CLA YD . 28.08 -44.86 -17.75
C7 CLA YD . 27.09 -45.94 -17.38
C8 CLA YD . 27.51 -46.71 -16.13
C9 CLA YD . 27.80 -45.75 -14.99
C10 CLA YD . 28.73 -47.58 -16.41
C11 CLA YD . 29.03 -48.48 -15.24
C12 CLA YD . 30.30 -49.28 -15.47
C13 CLA YD . 31.06 -49.56 -14.17
C14 CLA YD . 30.54 -48.76 -13.01
C15 CLA YD . 32.55 -49.30 -14.35
C16 CLA YD . 33.34 -49.89 -13.21
C17 CLA YD . 33.19 -51.40 -13.15
C18 CLA YD . 34.08 -52.08 -14.18
C19 CLA YD . 35.54 -51.80 -13.89
C20 CLA YD . 33.83 -53.58 -14.17
C1 BCR ZD . 31.77 -6.36 4.22
C2 BCR ZD . 32.49 -5.14 4.79
C3 BCR ZD . 33.69 -5.54 5.63
C4 BCR ZD . 34.74 -6.25 4.79
C5 BCR ZD . 34.09 -7.26 3.87
C6 BCR ZD . 32.76 -7.42 3.78
C7 BCR ZD . 32.26 -8.68 3.19
C8 BCR ZD . 32.10 -9.79 3.89
C9 BCR ZD . 31.62 -11.01 3.22
C10 BCR ZD . 31.82 -12.20 3.78
C11 BCR ZD . 31.41 -13.44 3.16
C33 BCR ZD . 34.99 -8.11 3.02
C31 BCR ZD . 30.95 -5.95 3.01
C32 BCR ZD . 30.87 -6.93 5.31
C34 BCR ZD . 30.93 -10.91 1.89
C12 BCR ZD . 31.74 -14.56 3.80
C13 BCR ZD . 31.47 -15.92 3.30
C14 BCR ZD . 31.81 -16.93 4.11
C15 BCR ZD . 31.70 -18.35 3.81
C16 BCR ZD . 31.34 -19.21 4.75
C17 BCR ZD . 31.33 -20.64 4.44
C18 BCR ZD . 30.97 -21.53 5.37
C19 BCR ZD . 31.04 -22.96 5.06
C20 BCR ZD . 30.47 -23.93 5.78
C21 BCR ZD . 30.74 -25.29 5.37
C22 BCR ZD . 30.25 -26.34 6.04
C23 BCR ZD . 30.61 -27.70 5.63
C24 BCR ZD . 29.79 -28.58 5.04
C25 BCR ZD . 30.29 -29.94 4.70
C26 BCR ZD . 30.23 -30.88 5.65
C27 BCR ZD . 30.92 -32.22 5.54
C28 BCR ZD . 30.95 -32.63 4.08
C29 BCR ZD . 31.61 -31.53 3.28
C30 BCR ZD . 30.79 -30.23 3.30
C35 BCR ZD . 30.85 -16.16 1.95
C36 BCR ZD . 30.57 -21.07 6.74
C37 BCR ZD . 29.36 -26.12 7.23
C38 BCR ZD . 29.44 -30.63 6.89
C39 BCR ZD . 29.61 -30.36 2.35
C40 BCR ZD . 31.71 -29.11 2.82
C1 BCR AE . 14.95 -40.10 -5.27
C2 BCR AE . 13.53 -40.31 -5.83
C3 BCR AE . 13.36 -40.38 -7.34
C4 BCR AE . 14.63 -40.83 -8.04
C5 BCR AE . 15.68 -39.83 -7.62
C6 BCR AE . 15.97 -39.75 -6.33
C7 BCR AE . 17.32 -39.33 -5.88
C8 BCR AE . 18.41 -39.98 -6.27
C9 BCR AE . 19.75 -39.56 -5.83
C10 BCR AE . 20.81 -40.09 -6.45
C11 BCR AE . 22.18 -39.72 -6.09
C33 BCR AE . 16.31 -38.94 -8.65
C31 BCR AE . 15.41 -41.37 -4.57
C32 BCR AE . 14.91 -38.95 -4.28
C34 BCR AE . 19.92 -38.58 -4.72
C12 BCR AE . 23.15 -40.41 -6.66
C13 BCR AE . 24.58 -40.16 -6.43
C14 BCR AE . 25.47 -41.10 -6.76
C15 BCR AE . 26.90 -40.89 -6.56
C16 BCR AE . 27.74 -41.90 -6.77
C17 BCR AE . 29.16 -41.64 -6.56
C18 BCR AE . 30.11 -42.52 -6.88
C19 BCR AE . 31.51 -42.12 -6.64
C20 BCR AE . 32.53 -42.96 -6.76
C21 BCR AE . 33.85 -42.40 -6.49
C22 BCR AE . 34.98 -43.10 -6.61
C23 BCR AE . 36.25 -42.41 -6.34
C24 BCR AE . 37.40 -43.08 -6.21
C25 BCR AE . 38.68 -42.38 -5.95
C26 BCR AE . 38.90 -41.80 -4.76
C27 BCR AE . 40.03 -40.82 -4.55
C28 BCR AE . 41.22 -41.22 -5.42
C29 BCR AE . 40.77 -41.31 -6.86
C30 BCR AE . 39.72 -42.40 -7.06
C35 BCR AE . 25.03 -38.87 -5.82
C36 BCR AE . 29.76 -43.85 -7.46
C37 BCR AE . 34.94 -44.54 -7.01
C38 BCR AE . 38.04 -42.14 -3.57
C39 BCR AE . 40.36 -43.77 -7.08
C40 BCR AE . 39.01 -42.14 -8.38
MG CLA BE . 41.74 -27.82 -5.78
CHA CLA BE . 43.39 -29.69 -3.35
CHB CLA BE . 40.64 -25.68 -3.38
CHC CLA BE . 40.21 -25.96 -8.24
CHD CLA BE . 42.85 -30.13 -8.24
NA CLA BE . 41.98 -27.74 -3.71
C1A CLA BE . 42.71 -28.60 -2.88
C2A CLA BE . 42.61 -28.17 -1.42
C3A CLA BE . 41.62 -26.99 -1.45
C4A CLA BE . 41.39 -26.76 -2.94
CMA CLA BE . 40.34 -27.30 -0.72
CAA CLA BE . 43.97 -27.71 -0.90
NB CLA BE . 40.58 -26.18 -5.79
C1B CLA BE . 40.35 -25.37 -4.72
C2B CLA BE . 39.71 -24.09 -5.17
C3B CLA BE . 39.59 -24.17 -6.54
C4B CLA BE . 40.14 -25.50 -6.96
CMB CLA BE . 39.34 -23.03 -4.25
CAB CLA BE . 39.05 -23.22 -7.48
CBB CLA BE . 39.39 -21.93 -7.55
NC CLA BE . 41.55 -28.03 -7.85
C1C CLA BE . 40.87 -27.15 -8.66
C2C CLA BE . 40.93 -27.61 -10.05
C3C CLA BE . 41.69 -28.77 -10.06
C4C CLA BE . 42.07 -29.03 -8.67
CMC CLA BE . 40.31 -26.91 -11.17
CAC CLA BE . 42.02 -29.61 -11.22
CBC CLA BE . 43.46 -29.46 -11.65
ND CLA BE . 42.88 -29.48 -5.86
C1D CLA BE . 43.24 -30.35 -6.94
C2D CLA BE . 44.08 -31.46 -6.40
C3D CLA BE . 44.18 -31.24 -5.04
C4D CLA BE . 43.40 -30.01 -4.76
CMD CLA BE . 44.65 -32.53 -7.22
CAD CLA BE . 44.73 -31.72 -3.78
OBD CLA BE . 45.46 -32.67 -3.56
CBD CLA BE . 44.19 -30.77 -2.66
CGD CLA BE . 43.36 -31.52 -1.66
O1D CLA BE . 42.15 -31.77 -1.71
O2D CLA BE . 44.07 -31.95 -0.56
CED CLA BE . 43.40 -31.97 0.69
MG CLA CE . 41.24 -39.13 -15.06
CHA CLA CE . 41.89 -37.82 -18.21
CHB CLA CE . 40.85 -42.23 -16.44
CHC CLA CE . 40.75 -40.42 -11.91
CHD CLA CE . 41.66 -35.91 -13.68
NA CLA CE . 41.33 -39.87 -17.02
C1A CLA CE . 41.64 -39.17 -18.20
C2A CLA CE . 41.61 -40.10 -19.41
C3A CLA CE . 41.16 -41.45 -18.82
C4A CLA CE . 41.11 -41.19 -17.32
CMA CLA CE . 39.83 -41.89 -19.38
CAA CLA CE . 42.99 -40.23 -20.03
NB CLA CE . 40.89 -40.97 -14.32
C1B CLA CE . 40.76 -42.12 -15.05
C2B CLA CE . 40.47 -43.27 -14.13
C3B CLA CE . 40.44 -42.76 -12.86
C4B CLA CE . 40.70 -41.30 -12.95
CMB CLA CE . 40.27 -44.64 -14.61
CAB CLA CE . 40.20 -43.42 -11.60
CBB CLA CE . 39.18 -44.24 -11.33
NC CLA CE . 41.18 -38.30 -13.15
C1C CLA CE . 40.97 -39.02 -12.01
C2C CLA CE . 41.01 -38.11 -10.85
C3C CLA CE . 41.26 -36.84 -11.35
C4C CLA CE . 41.38 -36.97 -12.80
CMC CLA CE . 40.80 -38.53 -9.46
CAC CLA CE . 41.39 -35.60 -10.56
CBC CLA CE . 42.83 -35.12 -10.45
ND CLA CE . 41.59 -37.26 -15.73
C1D CLA CE . 41.75 -36.02 -15.05
C2D CLA CE . 42.05 -34.97 -16.05
C3D CLA CE . 42.11 -35.60 -17.27
C4D CLA CE . 41.83 -37.03 -17.02
CMD CLA CE . 42.25 -33.55 -15.73
CAD CLA CE . 42.30 -35.43 -18.71
OBD CLA CE . 42.51 -34.41 -19.37
CBD CLA CE . 42.21 -36.86 -19.34
CGD CLA CE . 41.22 -36.94 -20.46
O1D CLA CE . 41.15 -37.80 -21.35
O2D CLA CE . 40.30 -35.94 -20.47
CED CLA CE . 39.39 -35.89 -21.57
CHA CLA DE . -11.87 -31.09 0.53
CHB CLA DE . -12.05 -27.08 -2.20
CHC CLA DE . -10.77 -24.37 1.65
CHD CLA DE . -10.44 -28.43 4.40
NA CLA DE . -11.90 -28.91 -0.55
C1A CLA DE . -12.06 -30.30 -0.58
C2A CLA DE . -12.46 -30.78 -1.98
C3A CLA DE . -12.39 -29.50 -2.83
C4A CLA DE . -12.11 -28.40 -1.81
CMA CLA DE . -11.31 -29.58 -3.88
CAA CLA DE . -13.87 -31.33 -1.95
CBA CLA DE . -14.44 -31.50 -3.34
CGA CLA DE . -14.27 -32.92 -3.79
O1A CLA DE . -14.94 -33.90 -3.50
O2A CLA DE . -13.19 -33.08 -4.62
NB CLA DE . -11.31 -26.06 -0.09
C1B CLA DE . -11.80 -25.98 -1.35
C2B CLA DE . -12.02 -24.57 -1.74
C3B CLA DE . -11.67 -23.79 -0.66
C4B CLA DE . -11.21 -24.72 0.41
CMB CLA DE . -12.55 -24.16 -3.05
CAB CLA DE . -11.70 -22.36 -0.50
CBB CLA DE . -12.29 -21.70 0.49
NC CLA DE . -10.74 -26.61 2.73
C1C CLA DE . -10.56 -25.25 2.74
C2C CLA DE . -10.10 -24.83 4.06
C3C CLA DE . -10.02 -25.97 4.85
C4C CLA DE . -10.41 -27.09 4.00
CMC CLA DE . -9.81 -23.44 4.44
CAC CLA DE . -9.59 -26.05 6.26
CBC CLA DE . -8.10 -26.24 6.41
ND CLA DE . -11.33 -29.31 2.28
C1D CLA DE . -10.87 -29.49 3.62
C2D CLA DE . -10.96 -30.92 3.98
C3D CLA DE . -11.38 -31.58 2.84
C4D CLA DE . -11.54 -30.54 1.80
CMD CLA DE . -10.66 -31.48 5.29
CAD CLA DE . -11.73 -32.85 2.24
OBD CLA DE . -11.88 -33.95 2.77
CBD CLA DE . -11.91 -32.60 0.72
CGD CLA DE . -10.82 -33.30 -0.04
O1D CLA DE . -10.60 -34.51 -0.11
O2D CLA DE . -9.97 -32.46 -0.71
CED CLA DE . -8.57 -32.66 -0.52
C1 CLA DE . -13.46 -33.71 -5.88
MG CLA EE . 10.97 -31.28 4.59
CHA CLA EE . 9.99 -32.38 7.73
CHB CLA EE . 13.81 -29.98 5.92
CHC CLA EE . 11.83 -30.15 1.46
CHD CLA EE . 7.93 -32.54 3.27
NA CLA EE . 11.77 -31.24 6.52
C1A CLA EE . 11.21 -31.75 7.70
C2A CLA EE . 12.14 -31.50 8.89
C3A CLA EE . 13.33 -30.73 8.26
C4A CLA EE . 12.97 -30.64 6.79
CMA CLA EE . 13.50 -29.36 8.86
CAA CLA EE . 12.64 -32.75 9.59
CBA CLA EE . 12.61 -34.02 8.75
CGA CLA EE . 13.87 -34.19 7.98
O1A CLA EE . 14.55 -33.35 7.41
O2A CLA EE . 14.27 -35.51 7.92
NB CLA EE . 12.52 -30.25 3.83
C1B CLA EE . 13.60 -29.80 4.54
C2B CLA EE . 14.55 -29.10 3.64
C3B CLA EE . 13.99 -29.14 2.37
C4B CLA EE . 12.70 -29.88 2.47
CMB CLA EE . 15.80 -28.51 4.09
CAB CLA EE . 14.52 -28.59 1.14
CBB CLA EE . 14.47 -29.17 -0.05
NC CLA EE . 10.05 -31.38 2.70
C1C CLA EE . 10.59 -30.85 1.56
C2C CLA EE . 9.70 -31.10 0.43
C3C CLA EE . 8.58 -31.76 0.95
C4C CLA EE . 8.81 -31.93 2.37
CMC CLA EE . 9.95 -30.68 -0.94
CAC CLA EE . 7.40 -32.20 0.18
CBC CLA EE . 7.32 -33.70 0.02
ND CLA EE . 9.37 -32.32 5.26
C1D CLA EE . 8.16 -32.74 4.62
C2D CLA EE . 7.27 -33.37 5.63
C3D CLA EE . 7.93 -33.26 6.83
C4D CLA EE . 9.21 -32.58 6.55
CMD CLA EE . 5.97 -33.95 5.33
CAD CLA EE . 7.90 -33.55 8.27
OBD CLA EE . 7.05 -34.17 8.92
CBD CLA EE . 9.18 -32.93 8.89
CGD CLA EE . 8.88 -31.87 9.90
O1D CLA EE . 9.05 -30.65 9.78
O2D CLA EE . 8.37 -32.35 11.08
CED CLA EE . 8.42 -31.49 12.22
C1 CLA EE . 14.40 -36.08 6.60
C2 CLA EE . 14.51 -37.55 6.78
C3 CLA EE . 14.75 -38.39 5.77
C4 CLA EE . 14.86 -39.85 5.99
C5 CLA EE . 14.91 -37.90 4.37
C6 CLA EE . 14.40 -38.88 3.33
C7 CLA EE . 14.61 -38.34 1.92
C8 CLA EE . 15.72 -39.10 1.19
C9 CLA EE . 17.06 -38.60 1.65
C10 CLA EE . 15.60 -38.94 -0.32
C11 CLA EE . 16.35 -40.04 -1.06
C12 CLA EE . 17.65 -39.54 -1.68
C13 CLA EE . 18.78 -40.54 -1.43
C14 CLA EE . 20.11 -39.82 -1.27
C15 CLA EE . 18.85 -41.57 -2.56
C16 CLA EE . 20.20 -42.26 -2.63
C17 CLA EE . 20.08 -43.73 -2.95
C18 CLA EE . 19.31 -44.49 -1.87
C19 CLA EE . 20.16 -45.57 -1.26
C20 CLA EE . 18.04 -45.10 -2.44
MG CLA FE . 0.75 -30.34 7.22
CHA CLA FE . 0.19 -33.00 9.39
CHB CLA FE . 4.09 -30.97 7.34
CHC CLA FE . 1.23 -27.87 4.90
CHD CLA FE . -2.72 -29.69 7.22
NA CLA FE . 1.92 -31.75 8.23
C1A CLA FE . 1.51 -32.78 9.08
C2A CLA FE . 2.70 -33.57 9.61
C3A CLA FE . 3.91 -32.74 9.14
C4A CLA FE . 3.29 -31.75 8.15
CMA CLA FE . 4.59 -32.05 10.29
CAA CLA FE . 2.74 -34.96 9.00
CBA CLA FE . 3.98 -35.21 8.19
CGA CLA FE . 4.20 -36.68 8.03
O1A CLA FE . 4.25 -37.55 8.90
O2A CLA FE . 4.38 -37.07 6.73
NB CLA FE . 2.36 -29.51 6.36
C1B CLA FE . 3.61 -30.02 6.42
C2B CLA FE . 4.46 -29.43 5.34
C3B CLA FE . 3.66 -28.56 4.65
C4B CLA FE . 2.32 -28.58 5.29
CMB CLA FE . 5.86 -29.81 5.14
CAB CLA FE . 3.96 -27.71 3.51
CBB CLA FE . 4.59 -28.10 2.40
NC CLA FE . -0.53 -29.00 6.26
C1C CLA FE . -0.11 -28.06 5.36
C2C CLA FE . -1.26 -27.28 4.89
C3C CLA FE . -2.38 -27.81 5.53
C4C CLA FE . -1.91 -28.89 6.40
CMC CLA FE . -1.20 -26.19 3.93
CAC CLA FE . -3.77 -27.36 5.38
CBC CLA FE . -4.64 -28.35 4.64
ND CLA FE . -0.92 -31.13 8.04
C1D CLA FE . -2.29 -30.75 7.98
C2D CLA FE . -3.09 -31.65 8.85
C3D CLA FE . -2.19 -32.56 9.39
C4D CLA FE . -0.87 -32.17 8.87
CMD CLA FE . -4.54 -31.58 9.03
CAD CLA FE . -2.00 -33.70 10.27
OBD CLA FE . -2.83 -34.36 10.89
CBD CLA FE . -0.47 -33.99 10.32
CGD CLA FE . 0.11 -33.88 11.70
O1D CLA FE . -0.03 -32.96 12.51
O2D CLA FE . 0.89 -34.94 12.05
CED CLA FE . 0.53 -35.67 13.23
C1 CLA FE . 4.12 -38.46 6.43
MG CLA GE . 0.20 -33.68 -0.75
CHA CLA GE . -1.28 -31.21 -2.70
CHB CLA GE . 1.53 -31.27 1.26
CHC CLA GE . 1.59 -36.15 1.19
CHD CLA GE . -1.13 -36.12 -2.92
NA CLA GE . 0.11 -31.59 -0.74
C1A CLA GE . -0.56 -30.75 -1.63
C2A CLA GE . -0.36 -29.28 -1.25
C3A CLA GE . 0.63 -29.35 -0.08
C4A CLA GE . 0.77 -30.85 0.20
CMA CLA GE . 1.97 -28.79 -0.48
CAA CLA GE . -1.69 -28.73 -0.76
CBA CLA GE . -1.61 -27.32 -0.21
CGA CLA GE . -2.94 -26.67 -0.41
O1A CLA GE . -3.70 -26.79 -1.37
O2A CLA GE . -3.32 -25.85 0.61
NB CLA GE . 1.41 -33.71 0.86
C1B CLA GE . 1.74 -32.62 1.62
C2B CLA GE . 2.38 -33.05 2.89
C3B CLA GE . 2.39 -34.43 2.88
C4B CLA GE . 1.78 -34.86 1.59
CMB CLA GE . 2.84 -32.12 3.92
CAB CLA GE . 2.88 -35.35 3.86
CBB CLA GE . 2.36 -35.48 5.08
NC CLA GE . 0.21 -35.77 -0.85
C1C CLA GE . 0.85 -36.57 0.04
C2C CLA GE . 0.67 -37.98 -0.33
C3C CLA GE . -0.10 -37.98 -1.50
C4C CLA GE . -0.37 -36.58 -1.82
CMC CLA GE . 1.20 -39.12 0.41
CAC CLA GE . -0.52 -39.18 -2.25
CBC CLA GE . -2.02 -39.34 -2.40
ND CLA GE . -1.01 -33.73 -2.36
C1D CLA GE . -1.43 -34.81 -3.20
C2D CLA GE . -2.24 -34.27 -4.32
C3D CLA GE . -2.23 -32.89 -4.16
C4D CLA GE . -1.42 -32.62 -2.96
CMD CLA GE . -2.89 -35.07 -5.35
CAD CLA GE . -2.68 -31.62 -4.69
OBD CLA GE . -3.44 -31.38 -5.63
CBD CLA GE . -2.01 -30.50 -3.82
CGD CLA GE . -1.11 -29.64 -4.65
O1D CLA GE . -1.40 -28.93 -5.62
O2D CLA GE . 0.20 -29.67 -4.26
CED CLA GE . 1.20 -29.40 -5.23
C1 CLA GE . -4.08 -26.46 1.68
C2 CLA GE . -5.46 -25.92 1.62
C3 CLA GE . -5.78 -24.69 2.01
C4 CLA GE . -7.17 -24.17 1.93
C5 CLA GE . -4.76 -23.75 2.55
C6 CLA GE . -5.23 -22.98 3.78
C7 CLA GE . -5.04 -23.79 5.04
C8 CLA GE . -4.32 -22.98 6.11
C9 CLA GE . -3.04 -23.67 6.54
C10 CLA GE . -5.22 -22.74 7.31
C11 CLA GE . -5.27 -23.92 8.25
C12 CLA GE . -6.28 -23.73 9.36
C13 CLA GE . -6.01 -22.46 10.15
C14 CLA GE . -5.26 -22.77 11.43
C15 CLA GE . -7.31 -21.73 10.49
C16 CLA GE . -7.48 -20.52 9.59
C17 CLA GE . -8.12 -20.88 8.27
C18 CLA GE . -9.63 -20.71 8.32
C19 CLA GE . -10.24 -20.92 6.95
C20 CLA GE . -9.98 -19.34 8.84
C1 BCR HE . 43.70 3.33 4.03
C2 BCR HE . 43.10 2.90 5.36
C3 BCR HE . 41.70 2.30 5.27
C4 BCR HE . 41.65 1.21 4.20
C5 BCR HE . 42.08 1.85 2.91
C6 BCR HE . 43.27 2.46 2.89
C7 BCR HE . 44.21 2.28 1.75
C8 BCR HE . 44.10 2.80 0.52
C9 BCR HE . 45.20 2.43 -0.38
C10 BCR HE . 45.10 1.34 -1.15
C11 BCR HE . 46.20 0.94 -2.01
C33 BCR HE . 41.17 1.79 1.72
C31 BCR HE . 45.22 3.26 4.14
C32 BCR HE . 43.27 4.77 3.72
C34 BCR HE . 46.43 3.29 -0.44
C12 BCR HE . 46.09 -0.08 -2.85
C13 BCR HE . 47.29 -0.44 -3.62
C14 BCR HE . 47.43 -1.69 -4.10
C15 BCR HE . 48.65 -2.03 -4.80
C16 BCR HE . 48.87 -3.26 -5.27
C17 BCR HE . 50.17 -3.46 -5.89
C18 BCR HE . 50.65 -4.68 -6.21
C19 BCR HE . 52.01 -4.72 -6.77
C20 BCR HE . 52.69 -5.84 -6.96
C21 BCR HE . 54.06 -5.67 -7.46
C22 BCR HE . 54.95 -6.66 -7.48
C23 BCR HE . 56.30 -6.36 -7.97
C24 BCR HE . 57.15 -7.30 -8.40
C25 BCR HE . 58.49 -6.88 -8.85
C26 BCR HE . 59.40 -6.60 -7.92
C27 BCR HE . 60.48 -5.58 -8.17
C28 BCR HE . 60.99 -5.74 -9.59
C29 BCR HE . 59.84 -5.71 -10.58
C30 BCR HE . 58.83 -6.82 -10.32
C35 BCR HE . 48.36 0.58 -3.85
C36 BCR HE . 49.84 -5.92 -5.98
C37 BCR HE . 54.59 -8.03 -6.99
C38 BCR HE . 59.36 -7.29 -6.59
C39 BCR HE . 59.41 -8.16 -10.75
C40 BCR HE . 57.57 -6.52 -11.12
MG CLA IE . 47.76 -9.35 5.86
CHA CLA IE . 46.50 -8.66 9.02
CHB CLA IE . 45.93 -6.79 4.58
CHC CLA IE . 49.06 -10.04 2.75
CHD CLA IE . 49.64 -12.01 7.23
NA CLA IE . 46.44 -7.95 6.69
C1A CLA IE . 46.06 -7.81 8.03
C2A CLA IE . 45.09 -6.64 8.20
C3A CLA IE . 44.93 -6.09 6.77
C4A CLA IE . 45.83 -6.99 5.93
CMA CLA IE . 43.50 -6.15 6.29
CAA CLA IE . 45.72 -5.57 9.07
CBA CLA IE . 45.03 -4.23 8.89
CGA CLA IE . 44.09 -4.01 10.03
O1A CLA IE . 44.35 -3.51 11.14
O2A CLA IE . 42.82 -4.45 9.80
NB CLA IE . 47.65 -8.47 4.04
C1B CLA IE . 46.70 -7.57 3.71
C2B CLA IE . 46.51 -7.53 2.23
C3B CLA IE . 47.40 -8.45 1.70
C4B CLA IE . 48.12 -9.05 2.85
CMB CLA IE . 45.53 -6.66 1.60
CAB CLA IE . 47.66 -8.88 0.34
CBB CLA IE . 46.83 -8.78 -0.70
NC CLA IE . 49.12 -10.77 5.14
C1C CLA IE . 49.52 -10.86 3.83
C2C CLA IE . 50.50 -11.93 3.68
C3C CLA IE . 50.64 -12.51 4.95
C4C CLA IE . 49.77 -11.77 5.85
CMC CLA IE . 51.15 -12.30 2.43
CAC CLA IE . 51.51 -13.63 5.30
CBC CLA IE . 52.82 -13.18 5.92
ND CLA IE . 47.95 -10.27 7.64
C1D CLA IE . 48.79 -11.33 8.09
C2D CLA IE . 48.58 -11.53 9.54
C3D CLA IE . 47.70 -10.55 9.95
C4D CLA IE . 47.36 -9.76 8.73
CMD CLA IE . 49.24 -12.57 10.34
CAD CLA IE . 46.96 -9.97 11.05
OBD CLA IE . 46.86 -10.37 12.21
CBD CLA IE . 46.24 -8.70 10.51
CGD CLA IE . 44.76 -8.71 10.82
O1D CLA IE . 44.12 -7.87 11.44
O2D CLA IE . 44.11 -9.81 10.33
CED CLA IE . 42.75 -9.63 9.91
C1 CLA IE . 42.03 -4.69 10.98
C2 CLA IE . 40.91 -5.60 10.61
C3 CLA IE . 39.80 -5.18 9.98
C4 CLA IE . 39.61 -3.76 9.58
C5 CLA IE . 38.71 -6.12 9.63
C6 CLA IE . 38.45 -6.22 8.14
C7 CLA IE . 39.67 -6.76 7.43
C8 CLA IE . 39.33 -8.00 6.60
C9 CLA IE . 39.94 -9.24 7.23
C10 CLA IE . 39.82 -7.84 5.17
C11 CLA IE . 39.15 -6.66 4.49
C12 CLA IE . 39.72 -6.42 3.11
C13 CLA IE . 38.80 -5.51 2.30
C14 CLA IE . 38.01 -6.31 1.29
C15 CLA IE . 39.59 -4.41 1.59
MG CLA JE . -50.79 2.13 -17.08
CHA CLA JE . -49.01 3.55 -19.70
CHB CLA JE . -52.52 0.22 -19.29
CHC CLA JE . -52.39 0.64 -14.44
CHD CLA JE . -48.99 4.18 -14.83
NA CLA JE . -50.76 1.95 -19.16
C1A CLA JE . -49.93 2.62 -20.08
C2A CLA JE . -50.23 2.17 -21.51
C3A CLA JE . -51.44 1.23 -21.35
C4A CLA JE . -51.60 1.09 -19.83
CMA CLA JE . -52.68 1.80 -21.98
CAA CLA JE . -49.05 1.38 -22.05
CBA CLA JE . -48.49 0.44 -21.00
CGA CLA JE . -47.57 -0.57 -21.60
O1A CLA JE . -47.21 -0.70 -22.77
O2A CLA JE . -47.08 -1.46 -20.67
NB CLA JE . -52.19 0.70 -16.90
C1B CLA JE . -52.77 0.02 -17.93
C2B CLA JE . -53.74 -0.97 -17.40
C3B CLA JE . -53.72 -0.86 -16.02
C4B CLA JE . -52.73 0.21 -15.69
CMB CLA JE . -54.53 -1.85 -18.25
CAB CLA JE . -54.45 -1.57 -15.01
CBB CLA JE . -54.55 -2.91 -14.91
NC CLA JE . -50.71 2.38 -15.02
C1C CLA JE . -51.45 1.66 -14.12
C2C CLA JE . -51.14 2.08 -12.76
C3C CLA JE . -50.18 3.09 -12.87
C4C CLA JE . -49.92 3.27 -14.28
CMC CLA JE . -51.73 1.52 -11.55
CAC CLA JE . -49.55 3.83 -11.76
CBC CLA JE . -50.13 5.21 -11.56
ND CLA JE . -49.35 3.56 -17.17
C1D CLA JE . -48.71 4.32 -16.17
C2D CLA JE . -47.72 5.22 -16.81
C3D CLA JE . -47.79 4.96 -18.17
C4D CLA JE . -48.82 3.92 -18.33
CMD CLA JE . -46.85 6.16 -16.10
CAD CLA JE . -47.28 5.29 -19.49
OBD CLA JE . -46.40 6.10 -19.81
CBD CLA JE . -48.05 4.41 -20.51
CGD CLA JE . -48.77 5.24 -21.53
O1D CLA JE . -49.91 5.71 -21.44
O2D CLA JE . -48.06 5.48 -22.66
CED CLA JE . -48.48 6.57 -23.49
MG CLA KE . 5.85 3.77 -15.83
CHA CLA KE . 3.71 1.21 -14.98
CHB CLA KE . 6.34 4.42 -12.56
CHC CLA KE . 8.30 5.96 -16.72
CHD CLA KE . 5.27 3.06 -19.23
NA CLA KE . 5.05 3.00 -14.08
C1A CLA KE . 4.22 1.89 -13.93
C2A CLA KE . 3.85 1.70 -12.46
C3A CLA KE . 4.42 2.97 -11.81
C4A CLA KE . 5.35 3.52 -12.86
CMA CLA KE . 3.32 3.94 -11.52
CAA CLA KE . 4.49 0.48 -11.85
CBA CLA KE . 4.06 0.38 -10.41
CGA CLA KE . 4.38 -0.96 -9.86
O1A CLA KE . 4.05 -1.45 -8.79
O2A CLA KE . 5.16 -1.71 -10.68
NB CLA KE . 7.05 5.02 -14.83
C1B CLA KE . 7.22 4.99 -13.49
C2B CLA KE . 8.47 5.70 -13.15
C3B CLA KE . 9.03 6.13 -14.31
C4B CLA KE . 8.11 5.72 -15.41
CMB CLA KE . 8.95 5.86 -11.78
CAB CLA KE . 10.22 6.87 -14.56
CBB CLA KE . 10.53 8.02 -13.95
NC CLA KE . 6.58 4.45 -17.66
C1C CLA KE . 7.56 5.38 -17.78
C2C CLA KE . 7.81 5.63 -19.19
C3C CLA KE . 6.99 4.77 -19.90
C4C CLA KE . 6.22 4.03 -18.93
CMC CLA KE . 8.77 6.59 -19.71
CAC CLA KE . 6.85 4.65 -21.34
CBC CLA KE . 5.48 5.08 -21.78
ND CLA KE . 4.66 2.56 -16.91
C1D CLA KE . 4.55 2.35 -18.30
C2D CLA KE . 3.56 1.31 -18.55
C3D CLA KE . 3.24 0.81 -17.31
C4D CLA KE . 3.96 1.62 -16.33
CMD CLA KE . 3.09 0.88 -19.86
CAD CLA KE . 2.36 -0.03 -16.57
OBD CLA KE . 1.35 -0.63 -16.91
CBD CLA KE . 2.86 -0.03 -15.12
CGD CLA KE . 1.71 -0.16 -14.20
O1D CLA KE . 0.66 0.47 -14.23
O2D CLA KE . 1.92 -1.16 -13.31
CED CLA KE . 2.72 -2.25 -13.75
C1 CLA KE . 5.45 -3.04 -10.25
C2 CLA KE . 6.18 -3.65 -11.37
C3 CLA KE . 5.83 -4.83 -11.87
C4 CLA KE . 4.69 -5.58 -11.32
C5 CLA KE . 6.57 -5.43 -13.00
C6 CLA KE . 6.12 -4.87 -14.33
C7 CLA KE . 7.30 -4.41 -15.14
C8 CLA KE . 8.18 -5.58 -15.57
C9 CLA KE . 9.11 -5.14 -16.67
C10 CLA KE . 7.34 -6.74 -16.06
C11 CLA KE . 8.21 -7.94 -16.36
C12 CLA KE . 7.59 -9.19 -15.79
C13 CLA KE . 8.55 -10.37 -15.83
C14 CLA KE . 7.81 -11.64 -16.15
C15 CLA KE . 9.25 -10.53 -14.50
C16 CLA KE . 8.34 -10.15 -13.37
C17 CLA KE . 8.92 -10.52 -12.03
C18 CLA KE . 7.84 -10.96 -11.07
C19 CLA KE . 8.43 -11.70 -9.90
C20 CLA KE . 7.06 -9.75 -10.59
MG CLA LE . 6.15 14.44 -0.05
CHA CLA LE . 6.29 17.25 1.94
CHB CLA LE . 3.73 15.90 -1.89
CHC CLA LE . 6.37 11.86 -2.25
CHD CLA LE . 8.62 12.96 1.95
NA CLA LE . 5.15 16.26 0.07
C1A CLA LE . 5.38 17.30 0.95
C2A CLA LE . 4.43 18.43 0.70
C3A CLA LE . 3.44 17.84 -0.29
C4A CLA LE . 4.14 16.58 -0.77
CMA CLA LE . 2.16 17.48 0.40
CAA CLA LE . 5.23 19.54 0.07
CBA CLA LE . 4.42 20.81 0.03
CGA CLA LE . 3.65 20.79 -1.23
O1A CLA LE . 4.09 20.88 -2.38
O2A CLA LE . 2.31 20.67 -1.05
NB CLA LE . 5.20 13.96 -1.73
C1B CLA LE . 4.32 14.73 -2.38
C2B CLA LE . 4.01 14.15 -3.71
C3B CLA LE . 4.76 13.01 -3.82
C4B CLA LE . 5.53 12.86 -2.55
CMB CLA LE . 3.07 14.75 -4.63
CAB CLA LE . 4.87 12.04 -4.86
CBB CLA LE . 4.27 12.12 -6.05
NC CLA LE . 7.25 12.69 -0.09
C1C CLA LE . 7.17 11.75 -1.08
C2C CLA LE . 8.08 10.67 -0.81
C3C CLA LE . 8.74 10.99 0.37
C4C CLA LE . 8.20 12.27 0.82
CMC CLA LE . 8.24 9.49 -1.65
CAC CLA LE . 9.75 10.21 1.07
CBC CLA LE . 9.23 9.71 2.40
ND CLA LE . 7.17 14.90 1.63
C1D CLA LE . 8.17 14.20 2.33
C2D CLA LE . 8.58 15.01 3.49
C3D CLA LE . 7.92 16.21 3.36
C4D CLA LE . 7.06 16.09 2.19
CMD CLA LE . 9.54 14.57 4.48
CAD CLA LE . 7.62 17.49 3.96
OBD CLA LE . 7.95 17.94 5.04
CBD CLA LE . 6.72 18.27 2.97
CGD CLA LE . 5.58 18.95 3.64
O1D CLA LE . 4.80 18.50 4.46
O2D CLA LE . 5.43 20.24 3.27
CED CLA LE . 4.52 21.02 4.06
C1 CLA LE . 1.52 20.78 -2.24
C2 CLA LE . 0.62 19.60 -2.22
C3 CLA LE . 0.51 18.79 -3.28
C4 CLA LE . 1.28 19.01 -4.51
C5 CLA LE . -0.39 17.61 -3.24
C6 CLA LE . -1.53 17.75 -4.21
C7 CLA LE . -2.70 18.43 -3.55
C8 CLA LE . -3.88 18.49 -4.50
C9 CLA LE . -3.92 17.24 -5.34
C10 CLA LE . -3.78 19.73 -5.38
MG CLA ME . 9.45 -5.80 -8.81
CHA CLA ME . 10.82 -3.49 -11.01
CHB CLA ME . 11.14 -8.28 -10.40
CHC CLA ME . 8.33 -7.98 -6.45
CHD CLA ME . 7.62 -3.18 -7.29
NA CLA ME . 10.71 -5.87 -10.48
C1A CLA ME . 11.16 -4.79 -11.26
C2A CLA ME . 12.05 -5.29 -12.40
C3A CLA ME . 11.85 -6.82 -12.36
C4A CLA ME . 11.20 -7.03 -10.99
CMA CLA ME . 10.97 -7.30 -13.48
CAA CLA ME . 13.49 -4.89 -12.16
CBA CLA ME . 14.32 -4.95 -13.43
CGA CLA ME . 15.03 -6.26 -13.48
O1A CLA ME . 15.03 -7.16 -12.64
O2A CLA ME . 15.73 -6.44 -14.64
NB CLA ME . 9.57 -7.80 -8.57
C1B CLA ME . 10.56 -8.53 -9.15
C2B CLA ME . 10.97 -9.66 -8.26
C3B CLA ME . 10.18 -9.58 -7.14
C4B CLA ME . 9.27 -8.41 -7.33
CMB CLA ME . 12.02 -10.61 -8.63
CAB CLA ME . 10.13 -10.40 -5.95
CBB CLA ME . 10.85 -11.48 -5.68
NC CLA ME . 8.14 -5.63 -7.21
C1C CLA ME . 7.77 -6.67 -6.40
C2C CLA ME . 6.79 -6.20 -5.42
C3C CLA ME . 6.64 -4.84 -5.62
C4C CLA ME . 7.47 -4.48 -6.76
CMC CLA ME . 6.17 -7.05 -4.40
CAC CLA ME . 5.73 -3.93 -4.91
CBC CLA ME . 4.32 -3.94 -5.45
ND CLA ME . 9.27 -3.80 -9.00
C1D CLA ME . 8.46 -2.84 -8.33
C2D CLA ME . 8.74 -1.50 -8.90
C3D CLA ME . 9.70 -1.68 -9.88
C4D CLA ME . 9.94 -3.13 -9.94
CMD CLA ME . 8.15 -0.25 -8.41
CAD CLA ME . 10.56 -1.06 -10.87
OBD CLA ME . 10.83 0.11 -11.07
CBD CLA ME . 11.20 -2.22 -11.70
CGD CLA ME . 10.74 -2.20 -13.13
O1D CLA ME . 9.60 -2.40 -13.55
O2D CLA ME . 11.73 -1.93 -14.03
CED CLA ME . 11.39 -1.06 -15.09
C1 CLA ME . 16.46 -7.67 -14.81
C2 CLA ME . 17.68 -7.59 -13.97
C3 CLA ME . 18.91 -7.80 -14.45
C4 CLA ME . 19.16 -8.15 -15.87
C5 CLA ME . 20.10 -7.71 -13.56
C6 CLA ME . 20.59 -9.09 -13.16
C7 CLA ME . 21.75 -9.00 -12.18
C8 CLA ME . 21.68 -10.11 -11.15
C9 CLA ME . 20.39 -10.02 -10.37
C10 CLA ME . 22.87 -10.06 -10.20
C11 CLA ME . 24.15 -9.73 -10.92
C12 CLA ME . 25.34 -9.81 -9.98
C13 CLA ME . 26.54 -9.04 -10.50
C14 CLA ME . 26.89 -9.46 -11.91
C15 CLA ME . 27.74 -9.23 -9.58
C16 CLA ME . 28.97 -8.54 -10.12
C17 CLA ME . 29.97 -8.25 -9.03
C18 CLA ME . 31.39 -8.60 -9.46
C19 CLA ME . 32.41 -8.00 -8.51
C20 CLA ME . 31.66 -8.14 -10.87
MG CLA NE . -21.78 3.17 5.98
CHA CLA NE . -23.08 3.84 9.12
CHB CLA NE . -24.31 0.96 5.41
CHC CLA NE . -20.51 2.60 2.84
CHD CLA NE . -19.11 5.38 6.67
NA CLA NE . -23.41 2.52 7.10
C1A CLA NE . -23.79 2.92 8.39
C2A CLA NE . -25.04 2.18 8.85
C3A CLA NE . -25.30 1.17 7.71
C4A CLA NE . -24.29 1.57 6.65
CMA CLA NE . -25.06 -0.23 8.18
CAA CLA NE . -26.21 3.13 9.05
CBA CLA NE . -26.98 3.42 7.78
CGA CLA NE . -28.18 4.23 8.19
O1A CLA NE . -28.97 4.00 9.11
O2A CLA NE . -28.38 5.34 7.43
NB CLA NE . -22.30 1.98 4.43
C1B CLA NE . -23.40 1.20 4.37
C2B CLA NE . -23.54 0.60 3.01
C3B CLA NE . -22.46 1.07 2.26
C4B CLA NE . -21.67 1.95 3.17
CMB CLA NE . -24.64 -0.29 2.63
CAB CLA NE . -22.10 0.80 0.90
CBB CLA NE . -22.24 -0.34 0.24
NC CLA NE . -20.11 3.87 4.95
C1C CLA NE . -19.77 3.50 3.67
C2C CLA NE . -18.54 4.17 3.28
C3C CLA NE . -18.14 4.95 4.36
C4C CLA NE . -19.13 4.76 5.41
CMC CLA NE . -17.88 4.01 1.98
CAC CLA NE . -16.94 5.81 4.43
CBC CLA NE . -15.72 5.08 4.97
ND CLA NE . -21.19 4.38 7.49
C1D CLA NE . -20.05 5.21 7.66
C2D CLA NE . -20.11 5.84 9.00
C3D CLA NE . -21.28 5.37 9.59
C4D CLA NE . -21.88 4.45 8.62
CMD CLA NE . -19.13 6.78 9.53
CAD CLA NE . -22.12 5.39 10.77
OBD CLA NE . -22.01 6.04 11.81
CBD CLA NE . -23.29 4.37 10.51
CGD CLA NE . -23.34 3.25 11.50
O1D CLA NE . -23.01 2.07 11.30
O2D CLA NE . -23.82 3.57 12.72
CED CLA NE . -24.46 2.54 13.46
C1 CLA NE . -29.76 5.64 7.10
C2 CLA NE . -30.08 4.76 5.96
C3 CLA NE . -30.56 5.24 4.80
C4 CLA NE . -30.88 4.33 3.67
C5 CLA NE . -30.79 6.70 4.60
C6 CLA NE . -30.22 7.22 3.29
C7 CLA NE . -31.31 7.85 2.45
C8 CLA NE . -31.75 6.95 1.31
C9 CLA NE . -30.54 6.40 0.56
C10 CLA NE . -32.67 7.67 0.34
MG CLA OE . -21.29 -8.59 4.60
CHA CLA OE . -21.76 -11.15 2.33
CHB CLA OE . -22.13 -6.31 2.21
CHC CLA OE . -20.77 -6.07 6.88
CHD CLA OE . -20.36 -10.99 7.03
NA CLA OE . -21.87 -8.75 2.60
C1A CLA OE . -22.01 -9.90 1.83
C2A CLA OE . -22.46 -9.58 0.42
C3A CLA OE . -22.42 -8.04 0.38
C4A CLA OE . -22.15 -7.66 1.84
CMA CLA OE . -21.29 -7.57 -0.49
CAA CLA OE . -23.89 -10.07 0.23
CBA CLA OE . -24.20 -10.42 -1.21
CGA CLA OE . -24.50 -9.18 -1.98
O1A CLA OE . -25.56 -8.56 -2.05
O2A CLA OE . -23.41 -8.72 -2.66
NB CLA OE . -21.41 -6.58 4.55
C1B CLA OE . -21.85 -5.83 3.49
C2B CLA OE . -21.97 -4.40 3.89
C3B CLA OE . -21.57 -4.32 5.21
C4B CLA OE . -21.21 -5.70 5.64
CMB CLA OE . -22.40 -3.36 2.96
CAB CLA OE . -21.47 -3.20 6.12
CBB CLA OE . -22.04 -1.99 5.98
NC CLA OE . -20.68 -8.55 6.59
C1C CLA OE . -20.51 -7.40 7.33
C2C CLA OE . -20.04 -7.73 8.65
C3C CLA OE . -19.95 -9.13 8.72
C4C CLA OE . -20.34 -9.63 7.40
CMC CLA OE . -19.73 -6.78 9.72
CAC CLA OE . -19.51 -9.92 9.86
CBC CLA OE . -18.01 -10.14 9.87
ND CLA OE . -21.14 -10.60 4.74
C1D CLA OE . -20.73 -11.47 5.79
C2D CLA OE . -20.75 -12.86 5.31
C3D CLA OE . -21.12 -12.80 3.97
C4D CLA OE . -21.34 -11.38 3.67
CMD CLA OE . -20.42 -14.03 6.11
CAD CLA OE . -21.40 -13.54 2.76
OBD CLA OE . -21.36 -14.76 2.55
CBD CLA OE . -21.77 -12.50 1.66
CGD CLA OE . -20.76 -12.48 0.54
O1D CLA OE . -20.91 -12.08 -0.61
O2D CLA OE . -19.53 -12.95 0.91
CED CLA OE . -18.40 -12.52 0.15
C1 CLA OE . -22.91 -9.55 -3.72
C2 CLA OE . -23.74 -9.26 -4.91
C3 CLA OE . -24.67 -10.11 -5.37
C4 CLA OE . -24.93 -11.41 -4.72
C5 CLA OE . -25.48 -9.77 -6.58
C6 CLA OE . -26.11 -10.99 -7.25
C7 CLA OE . -27.62 -10.91 -7.21
C8 CLA OE . -28.25 -12.00 -6.37
C9 CLA OE . -27.61 -13.35 -6.65
C10 CLA OE . -29.75 -12.06 -6.61
C11 CLA OE . -30.42 -13.24 -5.93
C12 CLA OE . -31.93 -13.20 -6.09
C13 CLA OE . -32.34 -13.04 -7.55
MG CLA PE . -19.22 -3.81 -3.43
CHA CLA PE . -18.67 -1.75 -0.68
CHB CLA PE . -17.99 -6.45 -1.69
CHC CLA PE . -20.08 -5.85 -6.06
CHD CLA PE . -20.53 -1.02 -5.18
NA CLA PE . -18.42 -4.03 -1.52
C1A CLA PE . -18.29 -3.06 -0.51
C2A CLA PE . -17.66 -3.66 0.74
C3A CLA PE . -17.22 -5.06 0.28
C4A CLA PE . -17.94 -5.23 -1.06
CMA CLA PE . -15.72 -5.16 0.14
CAA CLA PE . -18.71 -3.78 1.83
CBA CLA PE . -18.46 -2.87 3.02
CGA CLA PE . -17.45 -3.46 3.95
O1A CLA PE . -17.60 -3.78 5.13
O2A CLA PE . -16.24 -3.64 3.37
NB CLA PE . -19.00 -5.77 -3.83
C1B CLA PE . -18.60 -6.71 -2.94
C2B CLA PE . -18.86 -8.08 -3.47
C3B CLA PE . -19.45 -7.92 -4.70
C4B CLA PE . -19.54 -6.44 -4.95
CMB CLA PE . -18.53 -9.31 -2.75
CAB CLA PE . -19.91 -8.92 -5.63
CBB CLA PE . -19.56 -9.01 -6.91
NC CLA PE . -20.09 -3.48 -5.30
C1C CLA PE . -20.32 -4.45 -6.22
C2C CLA PE . -20.93 -3.88 -7.42
C3C CLA PE . -21.09 -2.51 -7.16
C4C CLA PE . -20.55 -2.28 -5.83
CMC CLA PE . -21.30 -4.62 -8.62
CAC CLA PE . -21.65 -1.50 -8.07
CBC CLA PE . -20.58 -0.68 -8.74
ND CLA PE . -19.52 -1.84 -3.09
C1D CLA PE . -20.05 -0.80 -3.90
C2D CLA PE . -20.01 0.48 -3.14
C3D CLA PE . -19.51 0.16 -1.89
C4D CLA PE . -19.21 -1.29 -1.91
CMD CLA PE . -20.46 1.78 -3.64
CAD CLA PE . -19.13 0.67 -0.59
OBD CLA PE . -19.19 1.81 -0.15
CBD CLA PE . -18.59 -0.55 0.23
CGD CLA PE . -17.19 -0.30 0.73
O1D CLA PE . -16.85 0.20 1.81
O2D CLA PE . -16.22 -0.70 -0.15
CED CLA PE . -15.26 0.28 -0.55
C1 CLA PE . -15.13 -2.92 3.95
C2 CLA PE . -14.19 -2.65 2.83
C3 CLA PE . -12.87 -2.45 3.01
C4 CLA PE . -12.24 -2.48 4.35
C5 CLA PE . -11.99 -2.18 1.85
C6 CLA PE . -12.57 -2.73 0.56
C7 CLA PE . -11.99 -2.04 -0.65
C8 CLA PE . -11.39 -3.03 -1.63
C9 CLA PE . -10.92 -2.32 -2.89
C10 CLA PE . -12.37 -4.15 -1.98
C11 CLA PE . -13.14 -3.91 -3.26
C12 CLA PE . -14.54 -3.40 -3.00
C13 CLA PE . -15.50 -3.74 -4.15
C14 CLA PE . -15.14 -5.06 -4.79
C15 CLA PE . -15.52 -2.63 -5.20
C16 CLA PE . -15.97 -1.32 -4.60
C17 CLA PE . -16.25 -0.27 -5.65
C18 CLA PE . -16.76 1.03 -5.05
C19 CLA PE . -15.68 1.68 -4.22
C20 CLA PE . -17.21 1.98 -6.15
MG CLA QE . -26.58 8.07 -14.47
CHA CLA QE . -26.03 10.79 -16.56
CHB CLA QE . -23.23 7.86 -13.88
CHC CLA QE . -27.18 5.40 -12.39
CHD CLA QE . -30.05 8.31 -15.15
NA CLA QE . -24.92 9.17 -15.12
C1A CLA QE . -24.90 10.27 -15.99
C2A CLA QE . -23.47 10.79 -16.18
C3A CLA QE . -22.62 9.82 -15.34
C4A CLA QE . -23.64 8.88 -14.72
CMA CLA QE . -21.61 9.09 -16.18
CAA CLA QE . -23.34 12.19 -15.62
CBA CLA QE . -24.03 12.34 -14.29
CGA CLA QE . -24.20 13.79 -13.93
O1A CLA QE . -24.47 14.72 -14.67
O2A CLA QE . -24.01 14.03 -12.60
NB CLA QE . -25.43 6.89 -13.31
C1B CLA QE . -24.07 6.92 -13.27
C2B CLA QE . -23.57 5.77 -12.45
C3B CLA QE . -24.67 5.07 -12.04
C4B CLA QE . -25.87 5.77 -12.57
CMB CLA QE . -22.16 5.51 -12.21
CAB CLA QE . -24.76 3.88 -11.23
CBB CLA QE . -25.29 3.81 -10.02
NC CLA QE . -28.30 7.06 -13.87
C1C CLA QE . -28.32 6.00 -12.99
C2C CLA QE . -29.69 5.56 -12.78
C3C CLA QE . -30.50 6.36 -13.59
C4C CLA QE . -29.62 7.30 -14.26
CMC CLA QE . -30.11 4.46 -11.90
CAC CLA QE . -31.96 6.28 -13.70
CBC CLA QE . -32.68 7.12 -12.66
ND CLA QE . -27.81 9.22 -15.59
C1D CLA QE . -29.21 9.22 -15.79
C2D CLA QE . -29.58 10.29 -16.74
C3D CLA QE . -28.40 10.92 -17.07
C4D CLA QE . -27.33 10.23 -16.33
CMD CLA QE . -30.94 10.58 -17.19
CAD CLA QE . -27.78 11.99 -17.84
OBD CLA QE . -28.29 12.80 -18.60
CBD CLA QE . -26.25 11.93 -17.54
CGD CLA QE . -25.43 11.74 -18.79
O1D CLA QE . -24.77 10.74 -19.12
O2D CLA QE . -25.46 12.80 -19.64
CED CLA QE . -25.04 12.58 -20.99
C1 CLA QE . -25.15 14.48 -11.86
C2 CLA QE . -24.72 14.64 -10.45
C3 CLA QE . -25.58 14.81 -9.43
C4 CLA QE . -27.04 14.85 -9.64
C5 CLA QE . -25.09 14.97 -8.03
C6 CLA QE . -25.87 14.11 -7.04
MG CLA RE . -16.72 5.85 -16.95
CHA CLA RE . -18.32 2.84 -17.57
CHB CLA RE . -19.23 6.73 -14.82
CHC CLA RE . -14.99 8.73 -16.19
CHD CLA RE . -14.18 4.93 -19.22
NA CLA RE . -18.48 4.93 -16.34
C1A CLA RE . -18.97 3.66 -16.69
C2A CLA RE . -20.29 3.37 -16.00
C3A CLA RE . -20.63 4.70 -15.30
C4A CLA RE . -19.36 5.53 -15.47
CMA CLA RE . -21.83 5.36 -15.95
CAA CLA RE . -20.13 2.27 -14.98
CBA CLA RE . -20.09 2.78 -13.55
CGA CLA RE . -18.81 2.41 -12.87
O1A CLA RE . -17.66 2.49 -13.30
O2A CLA RE . -19.00 1.90 -11.61
NB CLA RE . -17.04 7.42 -15.72
C1B CLA RE . -18.11 7.59 -14.92
C2B CLA RE . -17.99 8.87 -14.16
C3B CLA RE . -16.79 9.44 -14.54
C4B CLA RE . -16.17 8.53 -15.55
CMB CLA RE . -19.01 9.32 -13.21
CAB CLA RE . -16.18 10.68 -14.13
CBB CLA RE . -16.81 11.86 -14.03
NC CLA RE . -14.92 6.68 -17.62
C1C CLA RE . -14.40 7.87 -17.17
C2C CLA RE . -13.12 8.14 -17.84
C3C CLA RE . -12.90 7.07 -18.71
C4C CLA RE . -14.04 6.16 -18.56
CMC CLA RE . -12.28 9.31 -17.62
CAC CLA RE . -11.76 6.89 -19.62
CBC CLA RE . -12.14 7.23 -21.04
ND CLA RE . -16.32 4.31 -18.19
C1D CLA RE . -15.22 4.05 -19.07
C2D CLA RE . -15.44 2.73 -19.71
C3D CLA RE . -16.61 2.23 -19.17
C4D CLA RE . -17.11 3.24 -18.23
CMD CLA RE . -14.54 2.13 -20.69
CAD CLA RE . -17.56 1.13 -19.18
OBD CLA RE . -17.56 0.09 -19.84
CBD CLA RE . -18.66 1.47 -18.12
CGD CLA RE . -20.04 1.40 -18.70
O1D CLA RE . -20.74 0.40 -18.90
O2D CLA RE . -20.56 2.62 -19.02
CED CLA RE . -21.99 2.77 -19.01
C1 CLA RE . -18.29 2.56 -10.54
C2 CLA RE . -17.02 1.83 -10.34
C3 CLA RE . -15.96 2.36 -9.70
C4 CLA RE . -15.99 3.74 -9.15
C5 CLA RE . -14.70 1.59 -9.53
C6 CLA RE . -13.48 2.36 -9.99
C7 CLA RE . -12.24 1.48 -9.97
C8 CLA RE . -11.50 1.55 -11.30
C9 CLA RE . -12.01 0.51 -12.27
C10 CLA RE . -10.00 1.39 -11.10
C11 CLA RE . -9.23 2.51 -11.76
C12 CLA RE . -9.85 3.86 -11.44
C13 CLA RE . -9.38 4.94 -12.41
C14 CLA RE . -9.99 4.74 -13.78
C15 CLA RE . -7.87 4.96 -12.51
C16 CLA RE . -7.30 6.32 -12.13
C17 CLA RE . -7.51 6.62 -10.66
C18 CLA RE . -6.74 7.86 -10.23
C19 CLA RE . -5.33 7.83 -10.78
C20 CLA RE . -7.46 9.11 -10.70
MG CLA SE . -14.93 15.78 -16.22
CHA CLA SE . -17.96 14.09 -16.55
CHB CLA SE . -16.54 18.34 -14.67
CHC CLA SE . -11.93 17.43 -15.98
CHD CLA SE . -13.32 13.14 -17.91
NA CLA SE . -16.93 16.12 -15.68
C1A CLA SE . -18.04 15.30 -15.89
C2A CLA SE . -19.32 15.96 -15.34
C3A CLA SE . -18.80 17.25 -14.67
C4A CLA SE . -17.32 17.27 -15.02
CMA CLA SE . -19.53 18.46 -15.19
CAA CLA SE . -20.10 15.11 -14.35
CBA CLA SE . -19.23 14.55 -13.25
CGA CLA SE . -19.84 13.24 -12.86
O1A CLA SE . -20.01 12.25 -13.58
O2A CLA SE . -20.24 13.17 -11.56
NB CLA SE . -14.33 17.51 -15.38
C1B CLA SE . -15.17 18.49 -14.93
C2B CLA SE . -14.43 19.77 -14.77
C3B CLA SE . -13.12 19.52 -15.15
C4B CLA SE . -13.04 18.08 -15.53
CMB CLA SE . -15.05 21.02 -14.33
CAB CLA SE . -11.99 20.41 -15.20
CBB CLA SE . -11.09 20.56 -14.23
NC CLA SE . -12.98 15.34 -16.80
C1C CLA SE . -11.89 16.14 -16.58
C2C CLA SE . -10.68 15.51 -17.08
C3C CLA SE . -11.08 14.31 -17.67
C4C CLA SE . -12.52 14.21 -17.48
CMC CLA SE . -9.34 16.07 -17.00
CAC CLA SE . -10.21 13.31 -18.33
CBC CLA SE . -9.90 12.14 -17.42
ND CLA SE . -15.45 14.04 -17.08
C1D CLA SE . -14.68 13.05 -17.75
C2D CLA SE . -15.58 11.96 -18.18
C3D CLA SE . -16.85 12.30 -17.73
C4D CLA SE . -16.71 13.60 -17.06
CMD CLA SE . -15.17 10.78 -18.92
CAD CLA SE . -18.24 11.91 -17.67
OBD CLA SE . -18.79 10.90 -18.09
CBD CLA SE . -18.99 13.05 -16.92
CGD CLA SE . -20.07 13.64 -17.78
O1D CLA SE . -20.00 14.68 -18.44
O2D CLA SE . -21.21 12.91 -17.82
CED CLA SE . -22.04 13.02 -18.97
C1 CLA SE . -20.81 11.91 -11.14
C2 CLA SE . -21.75 12.20 -10.03
C3 CLA SE . -22.58 11.26 -9.55
C4 CLA SE . -22.62 9.89 -10.10
C5 CLA SE . -23.52 11.57 -8.44
C6 CLA SE . -23.32 10.66 -7.24
C7 CLA SE . -23.84 11.30 -5.98
C8 CLA SE . -23.97 10.31 -4.83
C9 CLA SE . -24.08 11.06 -3.51
C10 CLA SE . -22.79 9.35 -4.79
MG CLA TE . -37.51 -10.98 4.37
CHA CLA TE . -39.79 -11.91 6.82
CHB CLA TE . -35.70 -13.80 5.00
CHC CLA TE . -35.41 -10.15 1.79
CHD CLA TE . -39.51 -8.14 3.68
NA CLA TE . -37.72 -12.57 5.71
C1A CLA TE . -38.75 -12.78 6.64
C2A CLA TE . -38.54 -14.08 7.39
C3A CLA TE . -37.14 -14.55 6.93
C4A CLA TE . -36.82 -13.59 5.78
CMA CLA TE . -36.14 -14.48 8.05
CAA CLA TE . -39.58 -15.07 6.90
CBA CLA TE . -39.93 -14.91 5.44
CGA CLA TE . -39.84 -16.20 4.70
O1A CLA TE . -40.49 -17.24 4.87
O2A CLA TE . -38.91 -16.19 3.69
NB CLA TE . -35.89 -11.83 3.53
C1B CLA TE . -35.28 -12.98 3.95
C2B CLA TE . -34.08 -13.25 3.12
C3B CLA TE . -33.98 -12.21 2.20
C4B CLA TE . -35.13 -11.29 2.46
CMB CLA TE . -33.22 -14.40 3.35
CAB CLA TE . -33.02 -11.93 1.16
CBB CLA TE . -31.86 -12.57 0.93
NC CLA TE . -37.45 -9.40 3.01
C1C CLA TE . -36.49 -9.24 2.05
C2C CLA TE . -36.76 -8.04 1.28
C3C CLA TE . -37.94 -7.49 1.79
C4C CLA TE . -38.37 -8.36 2.88
CMC CLA TE . -35.94 -7.55 0.18
CAC CLA TE . -38.64 -6.27 1.34
CBC CLA TE . -39.88 -6.60 0.54
ND CLA TE . -39.17 -10.09 5.13
C1D CLA TE . -39.90 -8.95 4.74
C2D CLA TE . -41.08 -8.80 5.63
C3D CLA TE . -41.07 -9.90 6.46
C4D CLA TE . -39.89 -10.69 6.08
CMD CLA TE . -42.03 -7.69 5.59
CAD CLA TE . -41.72 -10.58 7.56
OBD CLA TE . -42.68 -10.23 8.25
CBD CLA TE . -40.99 -11.94 7.76
CGD CLA TE . -40.56 -12.17 9.18
O1D CLA TE . -39.71 -11.54 9.83
O2D CLA TE . -41.20 -13.21 9.78
CED CLA TE . -41.47 -13.11 11.18
MG CLA UE . -31.56 2.93 9.59
CHA CLA UE . -29.09 1.88 11.78
CHB CLA UE . -32.49 5.35 11.80
CHC CLA UE . -33.78 4.13 7.26
CHD CLA UE . -30.55 0.42 7.32
NA CLA UE . -30.90 3.47 11.49
C1A CLA UE . -29.84 2.94 12.22
C2A CLA UE . -29.66 3.66 13.56
C3A CLA UE . -30.88 4.61 13.62
C4A CLA UE . -31.47 4.50 12.20
CMA CLA UE . -31.86 4.20 14.69
CAA CLA UE . -28.39 4.48 13.53
CBA CLA UE . -28.13 5.07 12.15
CGA CLA UE . -27.16 6.21 12.16
O1A CLA UE . -26.90 6.99 13.08
O2A CLA UE . -26.51 6.37 10.98
NB CLA UE . -32.86 4.46 9.53
C1B CLA UE . -33.12 5.32 10.54
C2B CLA UE . -34.19 6.28 10.14
C3B CLA UE . -34.56 5.94 8.86
C4B CLA UE . -33.72 4.78 8.45
CMB CLA UE . -34.70 7.32 11.02
CAB CLA UE . -35.54 6.53 7.99
CBB CLA UE . -35.62 7.83 7.68
NC CLA UE . -32.09 2.35 7.66
C1C CLA UE . -33.03 2.98 6.89
C2C CLA UE . -33.12 2.33 5.58
C3C CLA UE . -32.21 1.28 5.60
C4C CLA UE . -31.56 1.30 6.91
CMC CLA UE . -34.02 2.73 4.51
CAC CLA UE . -31.93 0.33 4.52
CBC CLA UE . -30.60 0.62 3.86
ND CLA UE . -30.24 1.39 9.55
C1D CLA UE . -29.92 0.45 8.56
C2D CLA UE . -28.84 -0.44 9.05
C3D CLA UE . -28.47 0.07 10.29
C4D CLA UE . -29.36 1.22 10.53
CMD CLA UE . -28.30 -1.58 8.32
CAD CLA UE . -27.61 -0.07 11.46
OBD CLA UE . -26.77 -0.92 11.70
CBD CLA UE . -27.95 1.12 12.42
CGD CLA UE . -28.34 0.67 13.80
O1D CLA UE . -29.06 -0.28 14.13
O2D CLA UE . -27.82 1.44 14.80
CED CLA UE . -26.76 0.90 15.58
C1 CLA UE . -26.65 7.65 10.34
C2 CLA UE . -26.36 7.47 8.89
C3 CLA UE . -26.70 8.37 7.95
C4 CLA UE . -27.40 9.63 8.31
C5 CLA UE . -26.40 8.15 6.52
C6 CLA UE . -25.71 6.84 6.25
C7 CLA UE . -25.87 6.42 4.80
C8 CLA UE . -24.81 5.43 4.35
C9 CLA UE . -23.42 6.01 4.54
C10 CLA UE . -25.00 5.04 2.90
C11 CLA UE . -26.02 3.93 2.74
C12 CLA UE . -26.11 3.46 1.30
C13 CLA UE . -27.56 3.25 0.87
C14 CLA UE . -28.17 2.07 1.59
C15 CLA UE . -27.67 3.06 -0.63
MG CLA VE . -30.92 -16.31 1.23
CHA CLA VE . -28.17 -14.34 2.01
CHB CLA VE . -30.62 -15.41 -2.02
CHC CLA VE . -33.63 -18.28 0.51
CHD CLA VE . -31.25 -17.13 4.65
NA CLA VE . -29.59 -15.09 0.19
C1A CLA VE . -28.49 -14.36 0.68
C2A CLA VE . -27.77 -13.61 -0.44
C3A CLA VE . -28.57 -14.00 -1.70
C4A CLA VE . -29.66 -14.91 -1.17
CMA CLA VE . -29.14 -12.78 -2.39
CAA CLA VE . -26.35 -14.11 -0.56
CBA CLA VE . -25.68 -13.66 -1.84
CGA CLA VE . -24.21 -13.93 -1.74
O1A CLA VE . -23.59 -14.34 -0.75
O2A CLA VE . -23.50 -13.67 -2.88
NB CLA VE . -31.84 -16.87 -0.46
C1B CLA VE . -31.69 -16.23 -1.64
C2B CLA VE . -32.85 -16.50 -2.54
C3B CLA VE . -33.70 -17.32 -1.83
C4B CLA VE . -33.08 -17.56 -0.50
CMB CLA VE . -32.97 -15.92 -3.88
CAB CLA VE . -34.98 -17.87 -2.21
CBB CLA VE . -35.28 -19.17 -2.21
NC CLA VE . -32.19 -17.50 2.38
C1C CLA VE . -33.23 -18.25 1.88
C2C CLA VE . -33.88 -18.98 2.95
C3C CLA VE . -33.24 -18.63 4.14
C4C CLA VE . -32.16 -17.70 3.77
CMC CLA VE . -35.04 -19.86 2.77
CAC CLA VE . -33.55 -19.08 5.51
CBC CLA VE . -33.22 -20.53 5.82
ND CLA VE . -30.04 -15.81 2.98
C1D CLA VE . -30.24 -16.24 4.31
C2D CLA VE . -29.23 -15.60 5.19
C3D CLA VE . -28.42 -14.84 4.37
C4D CLA VE . -28.95 -15.02 2.99
CMD CLA VE . -29.15 -15.78 6.64
CAD CLA VE . -27.29 -13.94 4.28
OBD CLA VE . -26.58 -13.48 5.17
CBD CLA VE . -27.08 -13.63 2.77
CGD CLA VE . -27.14 -12.16 2.47
O1D CLA VE . -26.32 -11.48 1.85
O2D CLA VE . -28.26 -11.55 2.96
CED CLA VE . -29.03 -10.74 2.05
C1 CLA VE . -22.10 -13.99 -2.82
C2 CLA VE . -21.42 -13.18 -3.86
C3 CLA VE . -21.36 -13.57 -5.13
C4 CLA VE . -21.97 -14.84 -5.60
C5 CLA VE . -20.65 -12.71 -6.14
C6 CLA VE . -20.95 -13.10 -7.58
C7 CLA VE . -22.14 -12.33 -8.12
C8 CLA VE . -22.30 -12.52 -9.63
C9 CLA VE . -22.11 -13.97 -10.01
C10 CLA VE . -21.32 -11.64 -10.38
C11 CLA VE . -22.01 -10.80 -11.44
C12 CLA VE . -23.29 -10.19 -10.92
C13 CLA VE . -23.27 -8.68 -11.05
C14 CLA VE . -22.18 -8.07 -10.18
C15 CLA VE . -24.62 -8.09 -10.68
MG CLA WE . -36.87 -13.71 -18.38
CHA CLA WE . -37.52 -10.98 -20.41
CHB CLA WE . -34.14 -12.13 -17.11
CHC CLA WE . -36.39 -16.38 -16.24
CHD CLA WE . -39.72 -15.32 -19.72
NA CLA WE . -35.98 -11.86 -18.74
C1A CLA WE . -36.41 -10.85 -19.62
C2A CLA WE . -35.46 -9.66 -19.57
C3A CLA WE . -34.35 -10.10 -18.60
C4A CLA WE . -34.84 -11.47 -18.10
CMA CLA WE . -33.01 -10.20 -19.28
CAA CLA WE . -36.17 -8.42 -19.03
CBA CLA WE . -37.04 -8.76 -17.83
CGA CLA WE . -37.83 -7.56 -17.40
O1A CLA WE . -37.47 -6.38 -17.33
O2A CLA WE . -39.12 -7.86 -17.06
NB CLA WE . -35.56 -14.14 -16.90
C1B CLA WE . -34.47 -13.40 -16.58
C2B CLA WE . -33.64 -14.12 -15.57
C3B CLA WE . -34.27 -15.31 -15.31
C4B CLA WE . -35.50 -15.35 -16.18
CMB CLA WE . -32.40 -13.56 -15.05
CAB CLA WE . -33.91 -16.41 -14.46
CBB CLA WE . -33.19 -16.34 -13.33
NC CLA WE . -37.86 -15.53 -18.06
C1C CLA WE . -37.49 -16.47 -17.14
C2C CLA WE . -38.42 -17.59 -17.18
C3C CLA WE . -39.37 -17.30 -18.16
C4C CLA WE . -39.01 -16.00 -18.71
CMC CLA WE . -38.34 -18.78 -16.33
CAC CLA WE . -40.51 -18.14 -18.57
CBC CLA WE . -40.37 -18.70 -19.96
ND CLA WE . -38.24 -13.37 -19.83
C1D CLA WE . -39.38 -14.09 -20.25
C2D CLA WE . -40.09 -13.32 -21.29
C3D CLA WE . -39.42 -12.11 -21.39
C4D CLA WE . -38.29 -12.19 -20.44
CMD CLA WE . -41.28 -13.78 -22.01
CAD CLA WE . -39.35 -10.84 -22.08
OBD CLA WE . -40.03 -10.41 -23.00
CBD CLA WE . -38.19 -10.04 -21.40
CGD CLA WE . -37.25 -9.45 -22.41
O1D CLA WE . -37.43 -8.45 -23.11
O2D CLA WE . -36.08 -10.12 -22.56
CED CLA WE . -35.63 -10.33 -23.89
MG CLA XE . -44.08 -10.21 -20.97
CHA CLA XE . -44.52 -6.99 -22.19
CHB CLA XE . -41.46 -9.15 -19.08
CHC CLA XE . -43.80 -13.39 -19.67
CHD CLA XE . -46.79 -11.29 -22.98
NA CLA XE . -43.15 -8.37 -20.71
C1A CLA XE . -43.49 -7.14 -21.29
C2A CLA XE . -42.55 -6.04 -20.81
C3A CLA XE . -41.49 -6.79 -19.98
C4A CLA XE . -42.06 -8.20 -19.89
CMA CLA XE . -40.13 -6.76 -20.63
CAA CLA XE . -43.30 -5.04 -19.94
CBA CLA XE . -44.44 -5.64 -19.15
CGA CLA XE . -43.94 -6.35 -17.93
O1A CLA XE . -43.16 -5.95 -17.06
O2A CLA XE . -44.43 -7.62 -17.81
NB CLA XE . -42.84 -11.11 -19.66
C1B CLA XE . -41.87 -10.48 -18.94
C2B CLA XE . -41.27 -11.44 -17.96
C3B CLA XE . -41.94 -12.64 -18.12
C4B CLA XE . -42.94 -12.44 -19.20
CMB CLA XE . -40.20 -11.08 -17.03
CAB CLA XE . -41.78 -13.90 -17.44
CBB CLA XE . -41.79 -14.07 -16.12
NC CLA XE . -45.10 -12.01 -21.30
C1C CLA XE . -44.81 -13.19 -20.66
C2C CLA XE . -45.71 -14.24 -21.12
C3C CLA XE . -46.56 -13.65 -22.05
C4C CLA XE . -46.18 -12.25 -22.16
CMC CLA XE . -45.67 -15.63 -20.66
CAC CLA XE . -47.65 -14.31 -22.80
CBC CLA XE . -47.16 -14.99 -24.06
ND CLA XE . -45.39 -9.40 -22.29
C1D CLA XE . -46.44 -9.96 -23.05
C2D CLA XE . -47.05 -8.88 -23.87
C3D CLA XE . -46.37 -7.72 -23.56
C4D CLA XE . -45.34 -8.10 -22.58
CMD CLA XE . -48.17 -9.08 -24.79
CAD CLA XE . -46.23 -6.30 -23.82
OBD CLA XE . -46.90 -5.58 -24.56
CBD CLA XE . -45.04 -5.79 -22.95
CGD CLA XE . -43.97 -5.16 -23.79
O1D CLA XE . -43.11 -5.73 -24.47
O2D CLA XE . -43.98 -3.80 -23.78
CED CLA XE . -44.76 -3.12 -24.77
MG CLA YE . -21.31 -27.39 -19.28
CHA CLA YE . -18.90 -24.91 -19.71
CHB CLA YE . -22.33 -26.94 -22.49
CHC CLA YE . -23.59 -29.92 -18.84
CHD CLA YE . -20.26 -27.76 -15.91
NA CLA YE . -20.70 -26.12 -20.83
C1A CLA YE . -19.67 -25.17 -20.81
C2A CLA YE . -19.56 -24.47 -22.17
C3A CLA YE . -20.76 -25.03 -22.96
C4A CLA YE . -21.31 -26.12 -22.05
CMA CLA YE . -21.78 -23.96 -23.27
CAA CLA YE . -18.27 -24.84 -22.87
CBA CLA YE . -18.40 -26.12 -23.68
CGA CLA YE . -17.07 -26.68 -24.06
O1A CLA YE . -16.07 -26.09 -24.47
O2A CLA YE . -17.01 -28.05 -23.94
NB CLA YE . -22.70 -28.27 -20.45
C1B CLA YE . -22.95 -27.95 -21.75
C2B CLA YE . -24.03 -28.83 -22.28
C3B CLA YE . -24.40 -29.68 -21.25
C4B CLA YE . -23.54 -29.33 -20.07
CMB CLA YE . -24.55 -28.74 -23.64
CAB CLA YE . -25.39 -30.71 -21.25
CBB CLA YE . -25.20 -31.98 -20.88
NC CLA YE . -21.83 -28.60 -17.66
C1C CLA YE . -22.80 -29.57 -17.71
C2C CLA YE . -22.89 -30.23 -16.41
C3C CLA YE . -21.96 -29.62 -15.57
C4C CLA YE . -21.30 -28.60 -16.37
CMC CLA YE . -23.82 -31.32 -16.10
CAC CLA YE . -21.69 -29.95 -14.17
CBC CLA YE . -20.40 -30.71 -13.98
ND CLA YE . -19.94 -26.57 -18.03
C1D CLA YE . -19.62 -26.80 -16.67
C2D CLA YE . -18.52 -25.90 -16.27
C3D CLA YE . -18.21 -25.16 -17.39
C4D CLA YE . -19.12 -25.61 -18.47
CMD CLA YE . -17.93 -25.85 -14.93
CAD CLA YE . -17.35 -24.12 -17.96
OBD CLA YE . -16.45 -23.49 -17.42
CBD CLA YE . -17.79 -23.92 -19.45
CGD CLA YE . -18.26 -22.52 -19.68
O1D CLA YE . -19.26 -21.98 -19.23
O2D CLA YE . -17.45 -21.79 -20.50
CED CLA YE . -17.51 -20.36 -20.39
C1 CLA YE . -15.84 -28.69 -24.45
C2 CLA YE . -16.09 -30.16 -24.43
MG CLA ZE . -24.41 -19.32 -15.61
CHA CLA ZE . -24.43 -16.99 -18.17
CHB CLA ZE . -21.78 -20.90 -17.07
CHC CLA ZE . -24.44 -21.60 -13.03
CHD CLA ZE . -27.18 -17.67 -14.16
NA CLA ZE . -23.30 -18.97 -17.34
C1A CLA ZE . -23.46 -17.95 -18.28
C2A CLA ZE . -22.43 -18.08 -19.41
C3A CLA ZE . -21.71 -19.42 -19.09
C4A CLA ZE . -22.28 -19.81 -17.73
CMA CLA ZE . -22.00 -20.46 -20.15
CAA CLA ZE . -21.42 -16.94 -19.37
CBA CLA ZE . -19.99 -17.45 -19.44
CGA CLA ZE . -19.29 -17.29 -18.13
O1A CLA ZE . -18.75 -16.29 -17.66
O2A CLA ZE . -19.28 -18.43 -17.37
NB CLA ZE . -23.37 -20.98 -15.18
C1B CLA ZE . -22.24 -21.38 -15.82
C2B CLA ZE . -21.53 -22.44 -15.04
C3B CLA ZE . -22.28 -22.64 -13.89
C4B CLA ZE . -23.45 -21.72 -13.97
CMB CLA ZE . -20.30 -23.05 -15.49
CAB CLA ZE . -22.06 -23.53 -12.79
CBB CLA ZE . -21.61 -24.79 -12.85
NC CLA ZE . -25.61 -19.58 -13.91
C1C CLA ZE . -25.45 -20.59 -13.01
C2C CLA ZE . -26.47 -20.49 -11.97
C3C CLA ZE . -27.23 -19.37 -12.27
C4C CLA ZE . -26.69 -18.81 -13.50
CMC CLA ZE . -26.60 -21.41 -10.85
CAC CLA ZE . -28.40 -18.87 -11.51
CBC CLA ZE . -28.01 -17.82 -10.50
ND CLA ZE . -25.52 -17.67 -15.96
C1D CLA ZE . -26.66 -17.10 -15.30
C2D CLA ZE . -27.12 -15.92 -16.07
C3D CLA ZE . -26.30 -15.83 -17.18
C4D CLA ZE . -25.34 -16.95 -17.08
CMD CLA ZE . -28.23 -15.06 -15.67
CAD CLA ZE . -25.98 -15.10 -18.39
OBD CLA ZE . -26.49 -14.07 -18.84
CBD CLA ZE . -24.82 -15.85 -19.10
CGD CLA ZE . -25.23 -16.40 -20.44
O1D CLA ZE . -25.56 -17.57 -20.70
O2D CLA ZE . -25.21 -15.49 -21.46
CED CLA ZE . -25.20 -16.00 -22.79
C1 CLA ZE . -18.17 -18.58 -16.47
C2 CLA ZE . -18.64 -19.38 -15.31
C3 CLA ZE . -17.79 -19.97 -14.45
C4 CLA ZE . -16.33 -19.85 -14.60
C5 CLA ZE . -18.28 -20.76 -13.29
C6 CLA ZE . -17.45 -22.01 -13.05
C7 CLA ZE . -17.91 -22.72 -11.78
C8 CLA ZE . -16.95 -23.82 -11.31
C9 CLA ZE . -15.78 -24.00 -12.24
C10 CLA ZE . -17.69 -25.15 -11.15
C11 CLA ZE . -17.83 -25.52 -9.69
C12 CLA ZE . -18.78 -26.68 -9.49
MG CLA AF . -17.25 -36.38 -1.33
CHA CLA AF . -15.29 -39.14 -0.57
CHB CLA AF . -15.43 -34.48 0.82
CHC CLA AF . -19.20 -33.67 -2.17
CHD CLA AF . -19.14 -38.40 -3.54
NA CLA AF . -15.62 -36.78 -0.10
C1A CLA AF . -14.93 -37.99 0.07
C2A CLA AF . -13.78 -37.83 1.08
C3A CLA AF . -13.91 -36.36 1.54
C4A CLA AF . -15.06 -35.81 0.69
CMA CLA AF . -14.21 -36.28 3.01
CAA CLA AF . -12.40 -38.06 0.48
CBA CLA AF . -12.31 -37.98 -1.04
CGA CLA AF . -12.14 -36.58 -1.53
O1A CLA AF . -12.92 -35.63 -1.44
O2A CLA AF . -10.94 -36.38 -2.15
NB CLA AF . -17.29 -34.44 -0.80
C1B CLA AF . -16.47 -33.85 0.11
C2B CLA AF . -16.85 -32.42 0.30
C3B CLA AF . -17.91 -32.18 -0.55
C4B CLA AF . -18.21 -33.46 -1.25
CMB CLA AF . -16.16 -31.52 1.21
CAB CLA AF . -18.65 -30.97 -0.76
CBB CLA AF . -18.74 -30.32 -1.93
NC CLA AF . -18.88 -36.10 -2.62
C1C CLA AF . -19.51 -34.90 -2.81
C2C CLA AF . -20.58 -35.06 -3.78
C3C CLA AF . -20.58 -36.39 -4.17
C4C CLA AF . -19.50 -37.04 -3.44
CMC CLA AF . -21.47 -33.98 -4.23
CAC CLA AF . -21.47 -37.04 -5.14
CBC CLA AF . -20.82 -37.23 -6.50
ND CLA AF . -17.30 -38.31 -1.93
C1D CLA AF . -18.13 -39.01 -2.85
C2D CLA AF . -17.69 -40.43 -2.90
C3D CLA AF . -16.62 -40.54 -2.03
C4D CLA AF . -16.40 -39.19 -1.47
CMD CLA AF . -18.32 -41.47 -3.72
CAD CLA AF . -15.62 -41.42 -1.45
OBD CLA AF . -15.44 -42.62 -1.62
CBD CLA AF . -14.73 -40.54 -0.51
CGD CLA AF . -14.70 -41.04 0.91
O1D CLA AF . -13.81 -40.87 1.75
O2D CLA AF . -15.80 -41.77 1.26
CED CLA AF . -15.85 -42.27 2.60
C1 CLA AF . -10.98 -36.22 -3.58
MG CLA BF . -19.72 -23.26 2.82
CHA CLA BF . -22.31 -21.69 1.11
CHB CLA BF . -17.90 -23.34 -0.06
CHC CLA BF . -17.14 -24.68 4.57
CHD CLA BF . -21.69 -23.20 5.75
NA CLA BF . -20.07 -22.61 0.86
C1A CLA BF . -21.20 -21.97 0.35
C2A CLA BF . -21.04 -21.65 -1.13
C3A CLA BF . -19.74 -22.37 -1.50
C4A CLA BF . -19.16 -22.79 -0.15
CMA CLA BF . -20.00 -23.55 -2.40
CAA CLA BF . -20.86 -20.16 -1.27
CBA CLA BF . -21.76 -19.53 -2.32
CGA CLA BF . -22.71 -18.58 -1.67
O1A CLA BF . -22.57 -17.93 -0.64
O2A CLA BF . -23.88 -18.44 -2.39
NB CLA BF . -17.89 -23.95 2.34
C1B CLA BF . -17.28 -23.78 1.13
C2B CLA BF . -15.86 -24.17 1.23
C3B CLA BF . -15.62 -24.55 2.54
C4B CLA BF . -16.92 -24.42 3.25
CMB CLA BF . -14.94 -24.11 0.10
CAB CLA BF . -14.42 -25.01 3.17
CBB CLA BF . -13.89 -26.22 3.03
NC CLA BF . -19.48 -23.84 4.80
C1C CLA BF . -18.34 -24.41 5.31
C2C CLA BF . -18.52 -24.70 6.72
C3C CLA BF . -19.80 -24.27 7.06
C4C CLA BF . -20.40 -23.73 5.84
CMC CLA BF . -17.52 -25.31 7.59
CAC CLA BF . -20.42 -24.36 8.39
CBC CLA BF . -21.42 -25.48 8.49
ND CLA BF . -21.53 -22.56 3.39
C1D CLA BF . -22.25 -22.65 4.61
C2D CLA BF . -23.59 -22.06 4.42
C3D CLA BF . -23.66 -21.66 3.10
C4D CLA BF . -22.37 -22.02 2.50
CMD CLA BF . -24.61 -21.94 5.46
CAD CLA BF . -24.48 -21.06 2.07
OBD CLA BF . -25.60 -20.57 2.15
CBD CLA BF . -23.65 -21.11 0.75
CGD CLA BF . -24.31 -21.96 -0.31
O1D CLA BF . -25.07 -21.58 -1.20
O2D CLA BF . -24.00 -23.28 -0.22
CED CLA BF . -24.29 -24.11 -1.34
C1 CLA BF . -24.80 -17.44 -1.93
C2 CLA BF . -25.86 -17.35 -2.97
MG CLA CF . -4.85 -19.65 -6.76
CHA CLA CF . -5.30 -20.11 -10.17
CHB CLA CF . -5.66 -22.91 -6.22
CHC CLA CF . -4.28 -19.18 -3.40
CHD CLA CF . -4.09 -16.24 -7.36
NA CLA CF . -5.39 -21.23 -8.01
C1A CLA CF . -5.50 -21.23 -9.42
C2A CLA CF . -5.92 -22.60 -9.94
C3A CLA CF . -6.07 -23.45 -8.65
C4A CLA CF . -5.67 -22.48 -7.53
CMA CLA CF . -7.48 -23.97 -8.50
CAA CLA CF . -4.84 -23.20 -10.83
CBA CLA CF . -4.20 -24.44 -10.25
CGA CLA CF . -3.13 -24.94 -11.17
O1A CLA CF . -2.12 -24.36 -11.55
O2A CLA CF . -3.34 -26.22 -11.59
NB CLA CF . -4.94 -20.83 -5.13
C1B CLA CF . -5.32 -22.13 -5.11
C2B CLA CF . -5.36 -22.62 -3.69
C3B CLA CF . -4.98 -21.56 -2.89
C4B CLA CF . -4.70 -20.42 -3.79
CMB CLA CF . -5.73 -23.98 -3.34
CAB CLA CF . -4.83 -21.47 -1.46
CBB CLA CF . -4.36 -22.42 -0.65
NC CLA CF . -4.27 -18.01 -5.61
C1C CLA CF . -4.08 -18.05 -4.25
C2C CLA CF . -3.63 -16.75 -3.77
C3C CLA CF . -3.62 -15.89 -4.88
C4C CLA CF . -4.03 -16.70 -6.03
CMC CLA CF . -3.30 -16.45 -2.39
CAC CLA CF . -3.26 -14.47 -4.90
CBC CLA CF . -1.89 -14.24 -5.47
ND CLA CF . -4.72 -18.40 -8.34
C1D CLA CF . -4.41 -17.02 -8.46
C2D CLA CF . -4.48 -16.62 -9.88
C3D CLA CF . -4.80 -17.76 -10.59
C4D CLA CF . -4.95 -18.85 -9.58
CMD CLA CF . -4.23 -15.28 -10.39
CAD CLA CF . -5.09 -18.34 -11.89
OBD CLA CF . -5.10 -17.81 -12.99
CBD CLA CF . -5.40 -19.85 -11.66
CGD CLA CF . -6.77 -20.21 -12.16
O1D CLA CF . -7.72 -20.64 -11.50
O2D CLA CF . -6.94 -20.02 -13.49
CED CLA CF . -8.28 -20.00 -14.00
C1 CLA CF . -2.18 -27.00 -11.90
C2 CLA CF . -1.89 -27.85 -10.73
C3 CLA CF . -1.54 -29.15 -10.82
C4 CLA CF . -1.42 -29.82 -12.14
C5 CLA CF . -1.27 -29.96 -9.60
C6 CLA CF . 0.01 -30.78 -9.66
C7 CLA CF . 0.41 -31.22 -8.28
C8 CLA CF . 1.30 -32.45 -8.28
C9 CLA CF . 0.45 -33.71 -8.38
C10 CLA CF . 2.17 -32.50 -7.02
C11 CLA CF . 1.43 -33.03 -5.81
C12 CLA CF . 2.25 -32.97 -4.54
C13 CLA CF . 3.06 -34.25 -4.30
C14 CLA CF . 2.38 -35.48 -4.86
C15 CLA CF . 3.33 -34.45 -2.81
C16 CLA CF . 4.32 -35.58 -2.58
C17 CLA CF . 4.23 -36.15 -1.19
MG CLA DF . -10.77 -25.14 -17.53
CHA CLA DF . -9.23 -24.42 -14.52
CHB CLA DF . -13.24 -26.78 -15.86
CHC CLA DF . -12.32 -25.72 -20.53
CHD CLA DF . -8.14 -23.47 -19.22
NA CLA DF . -11.15 -25.53 -15.51
C1A CLA DF . -10.38 -25.14 -14.40
C2A CLA DF . -11.02 -25.65 -13.11
C3A CLA DF . -12.20 -26.51 -13.59
C4A CLA DF . -12.23 -26.25 -15.10
CMA CLA DF . -11.96 -27.97 -13.29
CAA CLA DF . -11.54 -24.50 -12.26
CBA CLA DF . -12.42 -24.98 -11.13
CGA CLA DF . -11.93 -24.43 -9.84
O1A CLA DF . -11.24 -23.43 -9.62
O2A CLA DF . -12.32 -25.18 -8.76
NB CLA DF . -12.44 -26.11 -18.10
C1B CLA DF . -13.38 -26.63 -17.25
C2B CLA DF . -14.58 -27.06 -18.02
C3B CLA DF . -14.32 -26.77 -19.34
C4B CLA DF . -12.96 -26.17 -19.41
CMB CLA DF . -15.75 -27.68 -17.41
CAB CLA DF . -15.15 -26.98 -20.49
CBB CLA DF . -15.44 -26.06 -21.40
NC CLA DF . -10.30 -24.69 -19.51
C1C CLA DF . -11.07 -25.03 -20.59
C2C CLA DF . -10.44 -24.60 -21.82
C3C CLA DF . -9.26 -23.95 -21.46
C4C CLA DF . -9.18 -24.01 -20.00
CMC CLA DF . -10.99 -24.80 -23.17
CAC CLA DF . -8.26 -23.34 -22.35
CBC CLA DF . -7.05 -24.22 -22.55
ND CLA DF . -9.08 -24.13 -17.05
C1D CLA DF . -8.08 -23.50 -17.84
C2D CLA DF . -7.05 -22.95 -16.95
C3D CLA DF . -7.42 -23.28 -15.66
C4D CLA DF . -8.70 -24.01 -15.78
CMD CLA DF . -5.86 -22.21 -17.40
CAD CLA DF . -7.10 -23.20 -14.25
OBD CLA DF . -6.13 -22.68 -13.70
CBD CLA DF . -8.23 -23.94 -13.47
CGD CLA DF . -7.70 -25.12 -12.70
O1D CLA DF . -8.17 -25.63 -11.68
O2D CLA DF . -6.57 -25.65 -13.23
CED CLA DF . -6.52 -27.06 -13.42
C1 CLA DF . -13.66 -24.92 -8.29
C2 CLA DF . -13.61 -23.65 -7.55
C3 CLA DF . -14.59 -23.26 -6.73
C4 CLA DF . -14.54 -21.98 -5.99
C5 CLA DF . -15.80 -24.11 -6.52
C6 CLA DF . -15.81 -24.76 -5.15
C7 CLA DF . -17.03 -25.65 -5.00
C8 CLA DF . -16.73 -26.91 -4.20
C9 CLA DF . -16.45 -26.57 -2.76
C10 CLA DF . -15.53 -27.66 -4.80
C11 CLA DF . -15.81 -28.16 -6.19
C12 CLA DF . -15.24 -29.54 -6.42
C13 CLA DF . -14.15 -29.60 -7.51
C14 CLA DF . -13.24 -28.39 -7.47
C15 CLA DF . -14.74 -29.80 -8.90
C16 CLA DF . -14.92 -28.52 -9.68
C17 CLA DF . -14.70 -28.74 -11.16
C18 CLA DF . -15.67 -29.75 -11.74
C19 CLA DF . -14.99 -30.64 -12.75
C20 CLA DF . -16.83 -29.03 -12.39
MG CLA EF . -12.85 -2.69 -13.04
CHA CLA EF . -16.06 -1.77 -13.99
CHB CLA EF . -12.00 -3.06 -16.31
CHC CLA EF . -9.62 -3.21 -12.08
CHD CLA EF . -13.82 -2.38 -9.65
NA CLA EF . -13.90 -2.50 -14.83
C1A CLA EF . -15.23 -2.09 -15.02
C2A CLA EF . -15.57 -2.10 -16.50
C3A CLA EF . -14.39 -2.85 -17.14
C4A CLA EF . -13.33 -2.79 -16.04
CMA CLA EF . -14.77 -4.27 -17.49
CAA CLA EF . -15.69 -0.69 -17.04
CBA CLA EF . -14.54 0.21 -16.65
CGA CLA EF . -15.00 1.28 -15.71
O1A CLA EF . -16.09 1.86 -15.70
O2A CLA EF . -14.07 1.65 -14.78
NB CLA EF . -11.15 -3.17 -14.01
C1B CLA EF . -10.98 -3.05 -15.35
C2B CLA EF . -9.53 -2.91 -15.69
C3B CLA EF . -8.84 -2.94 -14.49
C4B CLA EF . -9.87 -3.13 -13.41
CMB CLA EF . -9.06 -2.76 -17.06
CAB CLA EF . -7.43 -2.85 -14.19
CBB CLA EF . -6.46 -2.40 -14.98
NC CLA EF . -11.91 -2.84 -11.19
C1C CLA EF . -10.57 -3.10 -11.03
C2C CLA EF . -10.25 -3.17 -9.61
C3C CLA EF . -11.43 -2.90 -8.91
C4C CLA EF . -12.47 -2.69 -9.91
CMC CLA EF . -8.92 -3.44 -9.07
CAC CLA EF . -11.60 -2.85 -7.45
CBC CLA EF . -11.58 -1.44 -6.90
ND CLA EF . -14.51 -2.22 -11.99
C1D CLA EF . -14.78 -2.14 -10.60
C2D CLA EF . -16.20 -1.75 -10.40
C3D CLA EF . -16.73 -1.56 -11.67
C4D CLA EF . -15.64 -1.89 -12.61
CMD CLA EF . -16.84 -1.58 -9.10
CAD CLA EF . -17.91 -1.23 -12.45
OBD CLA EF . -19.02 -0.91 -12.05
CBD CLA EF . -17.52 -1.36 -13.95
CGD CLA EF . -18.40 -2.33 -14.68
O1D CLA EF . -18.74 -3.46 -14.34
O2D CLA EF . -18.89 -1.85 -15.86
CED CLA EF . -20.17 -1.22 -15.85
C1 CLA EF . -14.47 2.66 -13.84
C2 CLA EF . -13.74 3.91 -14.18
C3 CLA EF . -14.10 5.11 -13.71
C4 CLA EF . -15.25 5.29 -12.82
C5 CLA EF . -13.33 6.33 -14.09
C6 CLA EF . -12.84 7.11 -12.88
C7 CLA EF . -11.67 8.01 -13.26
C8 CLA EF . -11.66 9.33 -12.49
C9 CLA EF . -12.30 9.17 -11.12
C10 CLA EF . -12.37 10.43 -13.27
C11 CLA EF . -11.65 11.75 -13.13
C12 CLA EF . -12.57 12.93 -13.34
C13 CLA EF . -11.89 14.24 -13.01
MG CLA FF . -18.70 -9.83 -12.94
CHA CLA FF . -20.09 -10.35 -16.08
CHB CLA FF . -18.86 -6.47 -13.44
CHC CLA FF . -17.55 -9.36 -9.74
CHD CLA FF . -18.52 -13.34 -12.48
NA CLA FF . -19.34 -8.63 -14.53
C1A CLA FF . -19.90 -9.04 -15.74
C2A CLA FF . -20.23 -7.83 -16.62
C3A CLA FF . -19.60 -6.65 -15.85
C4A CLA FF . -19.25 -7.27 -14.49
CMA CLA FF . -18.39 -6.10 -16.56
CAA CLA FF . -21.73 -7.66 -16.75
CBA CLA FF . -22.43 -7.62 -15.40
CGA CLA FF . -23.74 -8.35 -15.44
O1A CLA FF . -24.85 -7.92 -15.69
O2A CLA FF . -23.60 -9.69 -15.17
NB CLA FF . -18.22 -8.22 -11.82
C1B CLA FF . -18.51 -6.93 -12.16
C2B CLA FF . -18.38 -6.06 -10.96
C3B CLA FF . -18.02 -6.85 -9.91
C4B CLA FF . -17.90 -8.24 -10.45
CMB CLA FF . -18.62 -4.61 -11.03
CAB CLA FF . -17.76 -6.52 -8.53
CBB CLA FF . -17.12 -5.44 -8.08
NC CLA FF . -18.08 -11.12 -11.43
C1C CLA FF . -17.61 -10.71 -10.21
C2C CLA FF . -17.23 -11.86 -9.41
C3C CLA FF . -17.55 -13.00 -10.15
C4C CLA FF . -18.08 -12.53 -11.43
CMC CLA FF . -16.66 -11.78 -8.07
CAC CLA FF . -17.34 -14.41 -9.76
CBC CLA FF . -18.62 -15.15 -9.48
ND CLA FF . -19.15 -11.49 -13.99
C1D CLA FF . -19.04 -12.87 -13.68
C2D CLA FF . -19.55 -13.66 -14.83
C3D CLA FF . -19.96 -12.75 -15.77
C4D CLA FF . -19.69 -11.41 -15.20
CMD CLA FF . -19.60 -15.13 -14.89
CAD CLA FF . -20.53 -12.55 -17.09
OBD CLA FF . -20.88 -13.40 -17.92
CBD CLA FF . -20.64 -11.02 -17.32
CGD CLA FF . -19.92 -10.58 -18.56
O1D CLA FF . -18.87 -11.03 -19.04
O2D CLA FF . -20.52 -9.53 -19.21
CED CLA FF . -20.34 -9.46 -20.64
C1 CLA FF . -24.80 -10.40 -14.80
C2 CLA FF . -24.41 -11.81 -14.54
C3 CLA FF . -24.10 -12.68 -15.51
C4 CLA FF . -24.14 -12.32 -16.94
C5 CLA FF . -23.73 -14.09 -15.18
C6 CLA FF . -23.70 -14.35 -13.68
C7 CLA FF . -22.73 -15.47 -13.34
C8 CLA FF . -23.44 -16.75 -12.92
C9 CLA FF . -24.21 -16.54 -11.63
C10 CLA FF . -22.45 -17.91 -12.76
C11 CLA FF . -21.74 -17.88 -11.43
C12 CLA FF . -21.02 -19.19 -11.14
C13 CLA FF . -21.88 -20.19 -10.38
C14 CLA FF . -22.84 -19.50 -9.44
C15 CLA FF . -20.99 -21.19 -9.63
C16 CLA FF . -21.73 -21.90 -8.50
C17 CLA FF . -21.06 -21.65 -7.16
C18 CLA FF . -20.85 -22.92 -6.37
C19 CLA FF . -22.12 -23.76 -6.31
C20 CLA FF . -19.73 -23.74 -6.97
MG CLA GF . -12.98 -6.30 5.17
CHA CLA GF . -12.15 -4.93 8.26
CHB CLA GF . -16.22 -6.53 6.15
CHC CLA GF . -13.79 -7.45 2.02
CHD CLA GF . -9.59 -6.02 4.19
NA CLA GF . -13.99 -5.82 6.94
C1A CLA GF . -13.47 -5.23 8.09
C2A CLA GF . -14.57 -5.03 9.14
C3A CLA GF . -15.80 -5.70 8.50
C4A CLA GF . -15.33 -6.04 7.09
CMA CLA GF . -16.18 -6.94 9.26
CAA CLA GF . -14.83 -3.55 9.33
CBA CLA GF . -14.73 -2.79 8.02
CGA CLA GF . -14.91 -1.32 8.24
O1A CLA GF . -15.44 -0.75 9.19
O2A CLA GF . -14.41 -0.55 7.22
NB CLA GF . -14.68 -6.82 4.24
C1B CLA GF . -15.89 -6.90 4.83
C2B CLA GF . -16.88 -7.50 3.89
C3B CLA GF . -16.21 -7.76 2.71
C4B CLA GF . -14.79 -7.34 2.93
CMB CLA GF . -18.26 -7.72 4.27
CAB CLA GF . -16.65 -8.35 1.47
CBB CLA GF . -17.74 -9.08 1.26
NC CLA GF . -11.88 -6.69 3.43
C1C CLA GF . -12.41 -7.14 2.26
C2C CLA GF . -11.36 -7.27 1.26
C3C CLA GF . -10.18 -6.88 1.86
C4C CLA GF . -10.51 -6.50 3.23
CMC CLA GF . -11.58 -7.73 -0.12
CAC CLA GF . -8.85 -6.82 1.24
CBC CLA GF . -8.46 -5.41 0.84
ND CLA GF . -11.22 -5.77 6.02
C1D CLA GF . -9.91 -5.67 5.49
C2D CLA GF . -9.02 -5.15 6.55
C3D CLA GF . -9.81 -4.85 7.62
C4D CLA GF . -11.18 -5.22 7.23
CMD CLA GF . -7.58 -4.97 6.42
CAD CLA GF . -9.86 -4.35 8.98
OBD CLA GF . -8.94 -4.03 9.74
CBD CLA GF . -11.37 -4.29 9.40
CGD CLA GF . -11.60 -4.92 10.75
O1D CLA GF . -11.24 -4.48 11.85
O2D CLA GF . -12.27 -6.10 10.73
CED CLA GF . -12.84 -6.56 11.95
C1 CLA GF . -15.09 0.70 6.98
C2 CLA GF . -15.06 0.95 5.53
C3 CLA GF . -14.12 1.68 4.92
C4 CLA GF . -13.01 2.31 5.69
C5 CLA GF . -14.14 1.90 3.45
C6 CLA GF . -13.17 2.97 2.99
C7 CLA GF . -12.87 2.87 1.50
C8 CLA GF . -11.66 2.00 1.16
C9 CLA GF . -10.78 1.76 2.37
C10 CLA GF . -10.86 2.61 0.03
C11 CLA GF . -11.42 2.23 -1.33
C12 CLA GF . -10.95 3.16 -2.42
C13 CLA GF . -11.86 3.09 -3.64
C14 CLA GF . -12.08 1.66 -4.07
C15 CLA GF . -11.30 3.90 -4.81
C16 CLA GF . -11.83 5.32 -4.81
C17 CLA GF . -12.05 5.83 -6.20
C18 CLA GF . -11.11 6.97 -6.57
C19 CLA GF . -11.19 7.30 -8.04
C20 CLA GF . -11.42 8.21 -5.75
MG CLA HF . 18.58 -25.83 -8.47
CHA CLA HF . 18.17 -24.77 -5.19
CHB CLA HF . 20.52 -23.10 -9.10
CHC CLA HF . 19.00 -26.96 -11.68
CHD CLA HF . 16.50 -28.61 -7.77
NA CLA HF . 19.23 -24.22 -7.31
C1A CLA HF . 18.95 -23.95 -5.97
C2A CLA HF . 19.60 -22.65 -5.51
C3A CLA HF . 20.22 -22.09 -6.81
C4A CLA HF . 20.00 -23.21 -7.82
CMA CLA HF . 19.55 -20.80 -7.21
CAA CLA HF . 20.68 -22.95 -4.49
CBA CLA HF . 20.47 -22.20 -3.20
CGA CLA HF . 20.73 -20.75 -3.45
O1A CLA HF . 21.42 -20.25 -4.34
O2A CLA HF . 20.14 -19.92 -2.55
NB CLA HF . 19.52 -25.13 -10.10
C1B CLA HF . 20.36 -24.06 -10.12
C2B CLA HF . 21.11 -24.03 -11.41
C3B CLA HF . 20.69 -25.11 -12.14
C4B CLA HF . 19.67 -25.83 -11.32
CMB CLA HF . 22.09 -23.00 -11.76
CAB CLA HF . 21.08 -25.56 -13.45
CBB CLA HF . 22.32 -25.92 -13.78
NC CLA HF . 17.86 -27.48 -9.53
C1C CLA HF . 18.15 -27.74 -10.84
C2C CLA HF . 17.46 -28.95 -11.27
C3C CLA HF . 16.77 -29.44 -10.16
C4C CLA HF . 17.02 -28.50 -9.07
CMC CLA HF . 17.53 -29.52 -12.62
CAC CLA HF . 15.93 -30.64 -10.10
CBC CLA HF . 14.47 -30.36 -10.38
ND CLA HF . 17.60 -26.60 -6.87
C1D CLA HF . 16.75 -27.74 -6.73
C2D CLA HF . 16.24 -27.79 -5.34
C3D CLA HF . 16.77 -26.68 -4.70
C4D CLA HF . 17.58 -25.97 -5.71
CMD CLA HF . 15.36 -28.82 -4.81
CAD CLA HF . 16.84 -25.92 -3.46
OBD CLA HF . 16.35 -26.16 -2.37
CBD CLA HF . 17.70 -24.66 -3.76
CGD CLA HF . 16.95 -23.37 -3.55
O1D CLA HF . 16.37 -22.70 -4.40
O2D CLA HF . 16.94 -22.93 -2.27
CED CLA HF . 15.76 -22.27 -1.81
C1 CLA HF . 20.75 -18.63 -2.37
C2 CLA HF . 20.09 -18.00 -1.21
C3 CLA HF . 20.66 -17.01 -0.51
C4 CLA HF . 19.99 -16.39 0.65
C5 CLA HF . 22.01 -16.48 -0.88
C6 CLA HF . 22.01 -14.97 -1.02
C7 CLA HF . 23.41 -14.43 -0.79
C8 CLA HF . 23.70 -13.20 -1.65
C9 CLA HF . 24.26 -13.64 -2.99
C10 CLA HF . 24.66 -12.26 -0.96
C11 CLA HF . 24.15 -10.84 -0.94
C12 CLA HF . 25.02 -9.92 -0.12
C13 CLA HF . 24.38 -8.56 0.10
C14 CLA HF . 23.99 -7.95 -1.24
C15 CLA HF . 25.31 -7.63 0.85
C16 CLA HF . 25.49 -8.09 2.28
MG CLA IF . 22.85 -18.98 -15.30
CHA CLA IF . 25.42 -20.19 -17.28
CHB CLA IF . 21.35 -22.05 -15.43
CHC CLA IF . 20.40 -17.82 -13.19
CHD CLA IF . 24.36 -15.79 -15.35
NA CLA IF . 23.34 -20.81 -16.19
C1A CLA IF . 24.46 -21.12 -16.95
C2A CLA IF . 24.44 -22.57 -17.40
C3A CLA IF . 23.05 -23.05 -16.99
C4A CLA IF . 22.53 -21.90 -16.11
CMA CLA IF . 22.16 -23.29 -18.19
CAA CLA IF . 25.49 -23.31 -16.58
CBA CLA IF . 25.43 -22.98 -15.10
CGA CLA IF . 26.11 -24.02 -14.26
O1A CLA IF . 27.26 -24.43 -14.34
O2A CLA IF . 25.31 -24.55 -13.28
NB CLA IF . 21.17 -19.76 -14.52
C1B CLA IF . 20.77 -21.06 -14.62
C2B CLA IF . 19.61 -21.32 -13.73
C3B CLA IF . 19.34 -20.15 -13.10
C4B CLA IF . 20.32 -19.13 -13.57
CMB CLA IF . 18.95 -22.62 -13.64
CAB CLA IF . 18.33 -19.90 -12.12
CBB CLA IF . 18.21 -20.61 -11.00
NC CLA IF . 22.46 -17.13 -14.42
C1C CLA IF . 21.40 -16.88 -13.59
C2C CLA IF . 21.45 -15.48 -13.16
C3C CLA IF . 22.55 -14.90 -13.78
C4C CLA IF . 23.19 -15.95 -14.59
CMC CLA IF . 20.49 -14.87 -12.26
CAC CLA IF . 23.01 -13.51 -13.66
CBC CLA IF . 23.99 -13.32 -12.54
ND CLA IF . 24.54 -18.14 -16.02
C1D CLA IF . 25.01 -16.80 -16.03
C2D CLA IF . 26.25 -16.73 -16.84
C3D CLA IF . 26.47 -18.02 -17.32
C4D CLA IF . 25.36 -18.84 -16.81
CMD CLA IF . 27.05 -15.53 -17.04
CAD CLA IF . 27.32 -18.87 -18.12
OBD CLA IF . 28.39 -18.62 -18.67
CBD CLA IF . 26.64 -20.28 -18.18
CGD CLA IF . 26.30 -20.65 -19.60
O1D CLA IF . 27.08 -20.73 -20.55
O2D CLA IF . 24.99 -20.94 -19.83
CED CLA IF . 24.69 -21.93 -20.81
C1 CLA IF . 25.98 -24.96 -12.07
C2 CLA IF . 25.03 -25.75 -11.25
C3 CLA IF . 25.40 -26.39 -10.13
C4 CLA IF . 26.78 -26.37 -9.62
C5 CLA IF . 24.43 -27.18 -9.32
C6 CLA IF . 23.02 -27.11 -9.89
C7 CLA IF . 21.99 -27.22 -8.79
C8 CLA IF . 21.81 -28.65 -8.29
C9 CLA IF . 21.53 -29.58 -9.46
C10 CLA IF . 20.67 -28.72 -7.27
C11 CLA IF . 20.22 -30.13 -6.99
C12 CLA IF . 19.52 -30.25 -5.67
C13 CLA IF . 19.21 -31.70 -5.32
C14 CLA IF . 18.13 -32.24 -6.23
C15 CLA IF . 18.81 -31.82 -3.85
C16 CLA IF . 18.04 -33.10 -3.58
C17 CLA IF . 18.95 -34.28 -3.33
C18 CLA IF . 18.73 -34.89 -1.95
C19 CLA IF . 19.39 -36.25 -1.86
C20 CLA IF . 17.25 -35.01 -1.65
MG CLA JF . -2.48 -20.84 -17.69
CHA CLA JF . -2.69 -23.87 -19.38
CHB CLA JF . -2.03 -22.50 -14.76
CHC CLA JF . -2.21 -17.81 -16.10
CHD CLA JF . -3.04 -19.17 -20.77
NA CLA JF . -2.37 -22.86 -17.18
C1A CLA JF . -2.48 -23.98 -18.03
C2A CLA JF . -2.35 -25.28 -17.25
C3A CLA JF . -2.24 -24.81 -15.77
C4A CLA JF . -2.19 -23.28 -15.90
CMA CLA JF . -3.40 -25.27 -14.95
CAA CLA JF . -1.10 -26.04 -17.67
CBA CLA JF . -1.41 -27.47 -18.04
CGA CLA JF . -1.72 -28.26 -16.82
O1A CLA JF . -1.52 -27.96 -15.65
O2A CLA JF . -2.32 -29.46 -17.10
NB CLA JF . -2.22 -20.26 -15.78
C1B CLA JF . -1.99 -21.10 -14.73
C2B CLA JF . -1.70 -20.30 -13.51
C3B CLA JF . -1.76 -18.97 -13.88
C4B CLA JF . -2.07 -18.93 -15.33
CMB CLA JF . -1.42 -20.89 -12.21
CAB CLA JF . -1.53 -17.80 -13.06
CBB CLA JF . -2.29 -16.71 -13.02
NC CLA JF . -2.59 -18.85 -18.33
C1C CLA JF . -2.45 -17.77 -17.51
C2C CLA JF . -2.58 -16.55 -18.28
C3C CLA JF . -2.82 -16.91 -19.60
C4C CLA JF . -2.83 -18.37 -19.62
CMC CLA JF . -2.47 -15.19 -17.73
CAC CLA JF . -3.03 -16.02 -20.75
CBC CLA JF . -1.86 -16.00 -21.70
ND CLA JF . -2.73 -21.33 -19.65
C1D CLA JF . -3.00 -20.55 -20.80
C2D CLA JF . -3.18 -21.45 -21.96
C3D CLA JF . -3.05 -22.73 -21.48
C4D CLA JF . -2.80 -22.61 -20.03
CMD CLA JF . -3.43 -21.02 -23.34
CAD CLA JF . -3.04 -24.15 -21.80
OBD CLA JF . -3.14 -24.70 -22.90
CBD CLA JF . -2.89 -24.92 -20.46
CGD CLA JF . -4.10 -25.77 -20.17
O1D CLA JF . -4.40 -26.85 -20.67
O2D CLA JF . -4.95 -25.22 -19.25
CED CLA JF . -5.89 -26.08 -18.61
C1 CLA JF . -3.67 -29.42 -17.57
MG CLA KF . 6.33 -26.84 -12.59
CHA CLA KF . 4.20 -26.63 -15.32
CHB CLA KF . 4.21 -24.87 -10.80
CHC CLA KF . 8.46 -27.11 -9.91
CHD CLA KF . 8.53 -28.81 -14.53
NA CLA KF . 4.50 -25.92 -13.01
C1A CLA KF . 3.77 -25.96 -14.21
C2A CLA KF . 2.48 -25.15 -14.09
C3A CLA KF . 2.53 -24.58 -12.65
C4A CLA KF . 3.83 -25.15 -12.09
CMA CLA KF . 2.53 -23.06 -12.67
CAA CLA KF . 1.27 -26.07 -14.23
CBA CLA KF . 1.22 -27.14 -13.15
CGA CLA KF . 1.90 -28.40 -13.59
O1A CLA KF . 2.07 -28.83 -14.73
O2A CLA KF . 2.37 -29.15 -12.54
NB CLA KF . 6.33 -26.12 -10.71
C1B CLA KF . 5.38 -25.34 -10.16
C2B CLA KF . 5.73 -25.02 -8.75
C3B CLA KF . 6.94 -25.65 -8.48
C4B CLA KF . 7.33 -26.36 -9.73
CMB CLA KF . 4.90 -24.20 -7.87
CAB CLA KF . 7.74 -25.72 -7.29
CBB CLA KF . 7.30 -25.78 -6.04
NC CLA KF . 8.15 -27.81 -12.29
C1C CLA KF . 8.85 -27.79 -11.10
C2C CLA KF . 10.07 -28.57 -11.23
C3C CLA KF . 10.10 -29.05 -12.54
C4C CLA KF . 8.90 -28.56 -13.20
CMC CLA KF . 11.04 -28.78 -10.16
CAC CLA KF . 11.14 -29.88 -13.15
CBC CLA KF . 10.74 -31.34 -13.24
ND CLA KF . 6.40 -27.62 -14.46
C1D CLA KF . 7.38 -28.39 -15.14
C2D CLA KF . 6.92 -28.62 -16.53
C3D CLA KF . 5.69 -27.99 -16.65
C4D CLA KF . 5.43 -27.36 -15.34
CMD CLA KF . 7.66 -29.40 -17.53
CAD CLA KF . 4.56 -27.69 -17.51
OBD CLA KF . 4.33 -28.08 -18.65
CBD CLA KF . 3.61 -26.76 -16.71
CGD CLA KF . 3.44 -25.42 -17.36
O1D CLA KF . 4.16 -24.42 -17.25
O2D CLA KF . 2.35 -25.32 -18.17
CED CLA KF . 1.95 -24.03 -18.61
C1 CLA KF . 3.79 -29.07 -12.28
C2 CLA KF . 4.38 -30.38 -12.61
C3 CLA KF . 5.12 -31.09 -11.73
C4 CLA KF . 5.71 -32.40 -12.07
C5 CLA KF . 5.37 -30.55 -10.37
C6 CLA KF . 6.64 -31.08 -9.72
C7 CLA KF . 6.58 -30.89 -8.21
C8 CLA KF . 7.35 -31.97 -7.48
C9 CLA KF . 6.57 -32.48 -6.29
C10 CLA KF . 8.71 -31.47 -7.03
MG CLA LF . 2.04 -25.53 -3.53
CHA CLA LF . 0.33 -25.26 -6.55
CHB CLA LF . -0.39 -23.75 -2.00
CHC CLA LF . 3.71 -25.94 -0.55
CHD CLA LF . 4.50 -27.47 -5.17
NA CLA LF . 0.29 -24.62 -4.20
C1A CLA LF . -0.26 -24.64 -5.49
C2A CLA LF . -1.57 -23.85 -5.53
C3A CLA LF . -1.66 -23.23 -4.12
C4A CLA LF . -0.51 -23.90 -3.36
CMA CLA LF . -1.51 -21.72 -4.17
CAA CLA LF . -2.74 -24.76 -5.79
CBA CLA LF . -2.71 -25.99 -4.89
CGA CLA LF . -4.03 -26.68 -4.93
O1A CLA LF . -4.51 -27.46 -4.11
O2A CLA LF . -4.75 -26.37 -6.04
NB CLA LF . 1.74 -24.91 -1.64
C1B CLA LF . 0.62 -24.30 -1.19
C2B CLA LF . 0.62 -24.26 0.31
C3B CLA LF . 1.78 -24.88 0.72
C4B CLA LF . 2.52 -25.28 -0.52
CMB CLA LF . -0.45 -23.67 1.10
CAB CLA LF . 2.29 -25.12 2.03
CBB CLA LF . 2.35 -24.22 3.03
NC CLA LF . 3.81 -26.50 -2.98
C1C CLA LF . 4.32 -26.51 -1.71
C2C CLA LF . 5.58 -27.24 -1.69
C3C CLA LF . 5.79 -27.72 -2.98
C4C CLA LF . 4.67 -27.24 -3.80
CMC CLA LF . 6.41 -27.45 -0.50
CAC CLA LF . 6.92 -28.53 -3.45
CBC CLA LF . 6.57 -29.99 -3.56
ND CLA LF . 2.43 -26.18 -5.41
C1D CLA LF . 3.46 -27.00 -5.94
C2D CLA LF . 3.22 -27.20 -7.39
C3D CLA LF . 2.04 -26.53 -7.69
C4D CLA LF . 1.58 -25.94 -6.41
CMD CLA LF . 4.09 -27.96 -8.28
CAD CLA LF . 1.08 -26.16 -8.71
OBD CLA LF . 1.11 -26.36 -9.92
CBD CLA LF . -0.07 -25.40 -7.99
CGD CLA LF . -0.40 -24.06 -8.61
O1D CLA LF . -1.52 -23.57 -8.78
O2D CLA LF . 0.68 -23.33 -8.97
CED CLA LF . 0.47 -21.92 -9.16
C1 CLA LF . -5.81 -27.29 -6.40
C2 CLA LF . -5.17 -28.43 -7.11
C3 CLA LF . -5.42 -28.71 -8.40
C4 CLA LF . -6.35 -27.89 -9.21
C5 CLA LF . -4.76 -29.86 -9.07
C6 CLA LF . -5.51 -31.17 -8.88
C7 CLA LF . -5.39 -32.04 -10.12
C8 CLA LF . -5.20 -33.52 -9.80
C9 CLA LF . -6.10 -33.94 -8.65
C10 CLA LF . -3.75 -33.83 -9.48
C11 CLA LF . -3.38 -35.24 -9.90
MG CLA MF . -4.04 26.69 7.85
CHA CLA MF . -0.70 27.48 7.33
CHB CLA MF . -4.71 29.96 8.52
CHC CLA MF . -7.35 25.88 8.25
CHD CLA MF . -3.29 23.29 7.21
NA CLA MF . -2.88 28.42 7.91
C1A CLA MF . -1.50 28.54 7.66
C2A CLA MF . -1.06 30.00 7.81
C3A CLA MF . -2.32 30.73 8.31
C4A CLA MF . -3.40 29.65 8.24
CMA CLA MF . -2.14 31.25 9.71
CAA CLA MF . -0.62 30.56 6.47
CBA CLA MF . -1.76 30.65 5.46
CGA CLA MF . -1.86 29.36 4.71
O1A CLA MF . -0.96 28.55 4.47
O2A CLA MF . -3.10 29.07 4.23
NB CLA MF . -5.71 27.73 8.31
C1B CLA MF . -5.79 29.07 8.51
C2B CLA MF . -7.21 29.46 8.76
C3B CLA MF . -7.96 28.31 8.69
C4B CLA MF . -7.02 27.19 8.40
CMB CLA MF . -7.62 30.84 9.02
CAB CLA MF . -9.38 28.11 8.85
CBB CLA MF . -10.14 28.66 9.80
NC CLA MF . -5.12 24.91 7.76
C1C CLA MF . -6.47 24.80 7.95
C2C CLA MF . -6.88 23.41 7.80
C3C CLA MF . -5.74 22.68 7.51
C4C CLA MF . -4.63 23.62 7.49
CMC CLA MF . -8.26 22.95 7.93
CAC CLA MF . -5.65 21.23 7.28
CBC CLA MF . -5.47 20.89 5.81
ND CLA MF . -2.42 25.58 7.40
C1D CLA MF . -2.25 24.20 7.15
C2D CLA MF . -0.83 23.92 6.85
C3D CLA MF . -0.18 25.15 6.89
C4D CLA MF . -1.22 26.15 7.24
CMD CLA MF . -0.30 22.60 6.57
CAD CLA MF . 1.07 25.87 6.78
OBD CLA MF . 2.19 25.42 6.52
CBD CLA MF . 0.77 27.38 7.02
CGD CLA MF . 1.62 27.97 8.13
O1D CLA MF . 1.65 27.63 9.32
O2D CLA MF . 2.40 29.01 7.73
CED CLA MF . 2.45 30.17 8.55
C1 CLA MF . -3.20 27.93 3.38
C2 CLA MF . -4.12 26.95 4.01
C3 CLA MF . -4.15 25.65 3.66
C4 CLA MF . -3.26 25.09 2.62
C5 CLA MF . -5.08 24.70 4.32
C6 CLA MF . -6.37 24.54 3.54
C7 CLA MF . -7.35 25.65 3.91
C8 CLA MF . -8.60 25.08 4.58
C9 CLA MF . -9.24 24.04 3.70
C10 CLA MF . -9.59 26.19 4.88
C11 CLA MF . -10.67 25.72 5.83
C12 CLA MF . -11.47 26.89 6.35
C13 CLA MF . -12.73 26.44 7.10
C14 CLA MF . -13.44 25.35 6.33
C15 CLA MF . -13.65 27.64 7.32
C16 CLA MF . -15.03 27.21 7.78
C17 CLA MF . -15.83 28.40 8.26
C18 CLA MF . -17.23 28.02 8.71
C19 CLA MF . -17.97 29.21 9.27
C20 CLA MF . -17.18 26.91 9.74
MG CLA NF . -6.47 10.67 -0.84
CHA CLA NF . -7.91 8.23 1.17
CHB CLA NF . -7.76 9.17 -3.61
CHC CLA NF . -5.04 13.13 -2.76
CHD CLA NF . -5.04 12.12 2.06
NA CLA NF . -7.66 8.98 -1.14
C1A CLA NF . -8.16 8.09 -0.18
C2A CLA NF . -8.99 6.99 -0.84
C3A CLA NF . -8.88 7.30 -2.34
C4A CLA NF . -8.05 8.58 -2.39
CMA CLA NF . -8.24 6.16 -3.10
CAA CLA NF . -10.44 7.04 -0.41
CBA CLA NF . -11.23 8.05 -1.23
CGA CLA NF . -12.67 8.05 -0.82
O1A CLA NF . -13.46 8.99 -0.82
O2A CLA NF . -13.11 6.82 -0.43
NB CLA NF . -6.41 11.08 -2.81
C1B CLA NF . -7.01 10.35 -3.79
C2B CLA NF . -6.74 10.97 -5.12
C3B CLA NF . -5.97 12.09 -4.89
C4B CLA NF . -5.75 12.18 -3.41
CMB CLA NF . -7.25 10.42 -6.37
CAB CLA NF . -5.46 13.04 -5.85
CBB CLA NF . -4.25 13.60 -5.85
NC CLA NF . -5.28 12.33 -0.41
C1C CLA NF . -4.80 13.21 -1.35
C2C CLA NF . -4.01 14.24 -0.71
C3C CLA NF . -3.99 13.96 0.65
C4C CLA NF . -4.79 12.74 0.83
CMC CLA NF . -3.36 15.36 -1.41
CAC CLA NF . -3.32 14.72 1.72
CBC CLA NF . -1.87 14.33 1.91
ND CLA NF . -6.47 10.34 1.16
C1D CLA NF . -5.82 11.00 2.24
C2D CLA NF . -6.14 10.29 3.49
C3D CLA NF . -6.95 9.23 3.15
C4D CLA NF . -7.10 9.29 1.68
CMD CLA NF . -5.67 10.68 4.82
CAD CLA NF . -7.71 8.08 3.62
OBD CLA NF . -7.88 7.68 4.76
CBD CLA NF . -8.31 7.38 2.36
CGD CLA NF . -7.81 5.97 2.23
O1D CLA NF . -6.75 5.58 1.73
O2D CLA NF . -8.68 5.03 2.71
CED CLA NF . -8.46 4.55 4.04
C1 CLA NF . -14.52 6.74 -0.13
C2 CLA NF . -14.95 5.34 -0.38
C3 CLA NF . -16.06 5.04 -1.07
C4 CLA NF . -16.47 3.65 -1.31
C5 CLA NF . -16.92 6.13 -1.64
C6 CLA NF . -17.65 5.72 -2.90
C7 CLA NF . -16.75 5.85 -4.13
C8 CLA NF . -16.88 7.20 -4.81
C9 CLA NF . -18.24 7.32 -5.46
C10 CLA NF . -15.78 7.38 -5.84
C11 CLA NF . -15.81 8.76 -6.47
C12 CLA NF . -14.84 9.71 -5.79
C13 CLA NF . -15.23 11.18 -6.00
C14 CLA NF . -16.71 11.34 -6.27
C15 CLA NF . -14.42 11.82 -7.12
C16 CLA NF . -14.81 13.29 -7.30
C17 CLA NF . -14.27 14.16 -6.19
C18 CLA NF . -15.27 15.21 -5.73
C19 CLA NF . -16.00 15.84 -6.90
C20 CLA NF . -16.26 14.62 -4.75
C1 PQN OF . 2.24 10.78 5.85
O1 PQN OF . 2.95 10.47 4.87
C2 PQN OF . 1.56 12.10 5.89
C2M PQN OF . 1.76 13.05 4.74
C3 PQN OF . 0.72 12.47 7.04
C4 PQN OF . 0.55 11.51 8.17
O4 PQN OF . -0.18 11.82 9.14
C5 PQN OF . 1.22 10.19 8.13
C6 PQN OF . 1.07 9.28 9.17
C7 PQN OF . 1.71 8.05 9.10
C8 PQN OF . 2.51 7.71 8.02
C9 PQN OF . 2.69 8.58 6.95
C10 PQN OF . 2.06 9.82 6.97
C11 PQN OF . 0.03 13.81 7.08
C12 PQN OF . -1.22 13.67 6.23
C13 PQN OF . -2.45 13.90 6.68
C14 PQN OF . -2.68 14.33 8.10
C15 PQN OF . -3.61 13.72 5.73
C16 PQN OF . -4.83 14.52 6.16
C17 PQN OF . -4.92 15.82 5.37
C18 PQN OF . -6.35 16.11 4.94
C19 PQN OF . -7.31 16.03 6.13
C20 PQN OF . -6.77 15.12 3.86
C21 PQN OF . -8.02 15.63 3.16
C22 PQN OF . -7.94 15.52 1.63
C23 PQN OF . -6.99 16.54 0.99
C24 PQN OF . -6.96 17.87 1.74
C25 PQN OF . -7.41 16.78 -0.45
C26 PQN OF . -7.45 15.50 -1.27
C27 PQN OF . -8.25 15.71 -2.55
C28 PQN OF . -7.66 16.83 -3.40
C29 PQN OF . -7.13 16.28 -4.72
C30 PQN OF . -8.68 17.93 -3.65
O1 LHG PF . -7.26 -0.72 17.73
C1 LHG PF . -7.42 0.68 17.82
C2 LHG PF . -7.35 1.34 16.45
O2 LHG PF . -8.35 0.78 15.59
C3 LHG PF . -5.98 1.24 15.80
O3 LHG PF . -6.04 1.63 14.40
P LHG PF . -6.41 0.52 13.30
O4 LHG PF . -7.81 0.03 13.58
O5 LHG PF . -5.28 -0.46 13.22
O6 LHG PF . -6.45 1.35 11.92
C4 LHG PF . -6.77 0.64 10.70
C5 LHG PF . -6.74 1.56 9.50
C6 LHG PF . -7.10 0.85 8.21
O7 LHG PF . -7.69 2.63 9.66
C7 LHG PF . -7.78 3.56 8.69
O9 LHG PF . -6.85 3.86 7.99
C8 LHG PF . -9.17 4.10 8.52
C9 LHG PF . -9.29 5.14 7.45
C10 LHG PF . -10.73 5.32 6.98
O8 LHG PF . -8.53 0.65 8.17
C23 LHG PF . -8.95 -0.59 8.34
O10 LHG PF . -8.32 -1.43 8.92
C24 LHG PF . -10.27 -0.83 7.66
C11 LHG PF . -10.95 6.48 6.04
C12 LHG PF . -12.37 6.60 5.55
C13 LHG PF . -12.76 7.97 5.06
C14 LHG PF . -12.09 8.42 3.79
C15 LHG PF . -12.61 9.73 3.26
C16 LHG PF . -12.06 10.13 1.91
C17 LHG PF . -10.59 10.40 1.88
C18 LHG PF . -10.16 11.59 2.71
C19 LHG PF . -10.84 12.89 2.32
C20 LHG PF . -10.65 13.29 0.87
C21 LHG PF . -11.33 14.58 0.50
C25 LHG PF . -10.42 -0.11 6.34
C26 LHG PF . -9.22 -0.28 5.43
C27 LHG PF . -8.73 -1.70 5.29
C28 LHG PF . -7.32 -1.82 4.77
C29 LHG PF . -7.21 -2.12 3.31
C30 LHG PF . -7.70 -1.03 2.38
C31 LHG PF . -7.68 -1.42 0.93
C32 LHG PF . -6.35 -1.99 0.49
C33 LHG PF . -6.35 -2.60 -0.89
C34 LHG PF . -6.25 -1.62 -2.03
C35 LHG PF . -7.54 -1.00 -2.47
C36 LHG PF . -7.45 -0.23 -3.77
C37 LHG PF . -8.75 0.31 -4.29
C38 LHG PF . -8.64 0.95 -5.64
C1 BCR QF . -33.46 -8.12 -12.10
C2 BCR QF . -31.94 -7.97 -12.10
C3 BCR QF . -31.43 -7.26 -13.34
C4 BCR QF . -31.83 -8.03 -14.59
C5 BCR QF . -33.32 -8.22 -14.58
C6 BCR QF . -33.96 -8.56 -13.46
C7 BCR QF . -35.21 -9.36 -13.55
C8 BCR QF . -35.12 -10.66 -13.83
C9 BCR QF . -36.33 -11.49 -13.91
C10 BCR QF . -36.23 -12.76 -13.52
C11 BCR QF . -37.39 -13.65 -13.57
C33 BCR QF . -34.10 -8.02 -15.85
C31 BCR QF . -34.13 -6.80 -11.76
C32 BCR QF . -33.86 -9.15 -11.05
C34 BCR QF . -37.62 -10.92 -14.41
C12 BCR QF . -37.23 -14.87 -13.06
C13 BCR QF . -38.34 -15.83 -13.07
C14 BCR QF . -38.13 -17.07 -12.59
C15 BCR QF . -39.21 -18.04 -12.58
C16 BCR QF . -38.97 -19.28 -12.14
C17 BCR QF . -40.06 -20.23 -12.14
C18 BCR QF . -39.88 -21.46 -11.65
C19 BCR QF . -41.03 -22.39 -11.68
C20 BCR QF . -40.93 -23.64 -11.28
C21 BCR QF . -42.14 -24.45 -11.35
C22 BCR QF . -42.19 -25.72 -10.97
C23 BCR QF . -43.48 -26.41 -11.08
C24 BCR QF . -43.57 -27.75 -11.02
C25 BCR QF . -44.89 -28.39 -11.13
C26 BCR QF . -45.46 -28.57 -12.33
C27 BCR QF . -46.82 -29.20 -12.46
C28 BCR QF . -46.88 -30.32 -11.44
C29 BCR QF . -46.79 -29.73 -10.05
C30 BCR QF . -45.55 -28.85 -9.84
C35 BCR QF . -39.68 -15.45 -13.60
C36 BCR QF . -38.55 -21.89 -11.11
C37 BCR QF . -40.97 -26.42 -10.44
C38 BCR QF . -44.76 -28.16 -13.60
C39 BCR QF . -44.50 -29.62 -9.06
C40 BCR QF . -45.96 -27.62 -9.04
MG CLA RF . 7.13 12.91 -8.10
CHA CLA RF . 6.08 10.98 -10.80
CHB CLA RF . 5.38 15.54 -9.34
CHC CLA RF . 7.87 14.65 -5.26
CHD CLA RF . 8.96 10.14 -6.89
NA CLA RF . 6.01 13.22 -9.83
C1A CLA RF . 5.68 12.29 -10.83
C2A CLA RF . 4.85 12.95 -11.93
C3A CLA RF . 4.93 14.45 -11.59
C4A CLA RF . 5.47 14.43 -10.16
CMA CLA RF . 5.84 15.20 -12.53
CAA CLA RF . 3.44 12.42 -11.87
CBA CLA RF . 2.80 12.38 -13.25
CGA CLA RF . 2.14 13.70 -13.48
O1A CLA RF . 2.38 14.54 -14.33
O2A CLA RF . 1.15 13.93 -12.56
NB CLA RF . 6.82 14.81 -7.48
C1B CLA RF . 5.84 15.60 -8.02
C2B CLA RF . 5.30 16.53 -7.00
C3B CLA RF . 6.00 16.29 -5.83
C4B CLA RF . 6.98 15.21 -6.13
CMB CLA RF . 4.23 17.49 -7.29
CAB CLA RF . 5.89 16.92 -4.54
CBB CLA RF . 5.60 18.20 -4.29
NC CLA RF . 8.31 12.50 -6.43
C1C CLA RF . 8.52 13.38 -5.41
C2C CLA RF . 9.43 12.80 -4.43
C3C CLA RF . 9.68 11.49 -4.86
C4C CLA RF . 8.98 11.32 -6.12
CMC CLA RF . 9.90 13.46 -3.22
CAC CLA RF . 10.55 10.50 -4.21
CBC CLA RF . 11.94 10.47 -4.78
ND CLA RF . 7.52 11.02 -8.68
C1D CLA RF . 8.27 9.98 -8.08
C2D CLA RF . 8.14 8.74 -8.90
C3D CLA RF . 7.26 9.06 -9.93
C4D CLA RF . 6.93 10.49 -9.75
CMD CLA RF . 8.77 7.47 -8.57
CAD CLA RF . 6.55 8.59 -11.11
OBD CLA RF . 6.46 7.48 -11.59
CBD CLA RF . 5.79 9.81 -11.70
CGD CLA RF . 6.12 10.07 -13.15
O1D CLA RF . 5.47 10.72 -13.97
O2D CLA RF . 7.28 9.48 -13.57
CED CLA RF . 7.42 9.21 -14.96
C1 CLA RF . 1.02 15.28 -12.08
C2 CLA RF . -0.02 15.91 -12.91
C3 CLA RF . -1.31 15.88 -12.58
C4 CLA RF . -2.33 16.52 -13.44
C5 CLA RF . -1.77 15.21 -11.33
C6 CLA RF . -3.19 15.55 -10.91
C7 CLA RF . -3.23 16.71 -9.95
C8 CLA RF . -4.64 17.26 -9.78
C9 CLA RF . -5.29 17.47 -11.13
C10 CLA RF . -4.61 18.56 -8.99
C11 CLA RF . -5.92 19.32 -9.05
C12 CLA RF . -7.02 18.65 -8.23
C13 CLA RF . -8.32 19.43 -8.37
C14 CLA RF . -8.18 20.83 -7.81
C15 CLA RF . -9.48 18.70 -7.71
C16 CLA RF . -10.76 18.96 -8.48
C17 CLA RF . -11.87 19.45 -7.58
C18 CLA RF . -12.86 18.36 -7.18
C19 CLA RF . -12.81 17.16 -8.11
C20 CLA RF . -12.63 17.93 -5.75
C1 BCR SF . -7.59 -34.42 -15.40
C2 BCR SF . -7.60 -34.36 -16.92
C3 BCR SF . -8.48 -33.23 -17.43
C4 BCR SF . -9.93 -33.53 -17.06
C5 BCR SF . -10.01 -33.93 -15.61
C6 BCR SF . -8.90 -33.89 -14.85
C7 BCR SF . -8.88 -33.35 -13.48
C8 BCR SF . -9.68 -32.36 -13.04
C9 BCR SF . -9.53 -31.93 -11.64
C10 BCR SF . -9.82 -30.69 -11.28
C11 BCR SF . -9.63 -30.28 -9.90
C33 BCR SF . -11.32 -34.43 -15.06
C31 BCR SF . -6.46 -33.56 -14.85
C32 BCR SF . -7.44 -35.86 -14.93
C34 BCR SF . -8.99 -32.90 -10.63
C12 BCR SF . -9.83 -29.00 -9.55
C13 BCR SF . -9.61 -28.56 -8.17
C14 BCR SF . -9.73 -27.26 -7.88
C15 BCR SF . -9.50 -26.77 -6.52
C16 BCR SF . -9.68 -25.47 -6.28
C17 BCR SF . -9.43 -24.97 -4.93
C18 BCR SF . -9.40 -23.65 -4.69
C19 BCR SF . -9.11 -23.20 -3.32
C20 BCR SF . -8.83 -21.93 -3.05
C21 BCR SF . -8.54 -21.63 -1.66
C22 BCR SF . -8.20 -20.41 -1.23
C23 BCR SF . -7.91 -20.24 0.20
C24 BCR SF . -7.86 -19.05 0.78
C25 BCR SF . -7.55 -18.93 2.23
C26 BCR SF . -8.47 -19.23 3.17
C27 BCR SF . -8.19 -19.05 4.64
C28 BCR SF . -6.71 -18.99 4.94
C29 BCR SF . -6.08 -17.96 4.02
C30 BCR SF . -6.17 -18.45 2.57
C35 BCR SF . -9.26 -29.55 -7.09
C36 BCR SF . -9.62 -22.67 -5.80
C37 BCR SF . -8.12 -19.25 -2.18
C38 BCR SF . -9.83 -19.77 2.80
C39 BCR SF . -5.19 -19.59 2.38
C40 BCR SF . -5.82 -17.29 1.64
FE1 SF4 TF . 6.26 0.44 16.22
FE2 SF4 TF . 6.75 2.41 14.39
FE3 SF4 TF . 8.23 0.11 14.36
FE4 SF4 TF . 8.55 1.92 16.39
S1 SF4 TF . 9.02 2.24 14.19
S2 SF4 TF . 8.37 -0.35 16.60
S3 SF4 TF . 6.42 2.67 16.63
S4 SF4 TF . 6.00 0.30 13.96
MG CLA UF . -27.73 -33.13 -24.08
CHA CLA UF . -24.84 -32.01 -25.68
CHB CLA UF . -25.96 -35.65 -22.63
CHC CLA UF . -30.66 -34.32 -22.74
CHD CLA UF . -29.54 -30.53 -25.66
NA CLA UF . -25.70 -33.69 -24.12
C1A CLA UF . -24.66 -33.11 -24.86
C2A CLA UF . -23.35 -33.87 -24.60
C3A CLA UF . -23.72 -34.88 -23.50
C4A CLA UF . -25.24 -34.75 -23.40
CMA CLA UF . -23.28 -36.28 -23.83
CAA CLA UF . -22.15 -33.00 -24.20
CBA CLA UF . -22.39 -32.08 -23.04
CGA CLA UF . -21.20 -31.16 -22.92
O1A CLA UF . -20.66 -30.48 -23.80
O2A CLA UF . -20.68 -31.11 -21.66
NB CLA UF . -28.21 -34.68 -22.90
C1B CLA UF . -27.35 -35.64 -22.45
C2B CLA UF . -28.11 -36.68 -21.71
C3B CLA UF . -29.43 -36.32 -21.73
C4B CLA UF . -29.52 -35.03 -22.48
CMB CLA UF . -27.47 -37.85 -21.09
CAB CLA UF . -30.58 -36.99 -21.16
CBB CLA UF . -31.46 -36.45 -20.32
NC CLA UF . -29.71 -32.49 -24.15
C1C CLA UF . -30.75 -33.13 -23.51
C2C CLA UF . -32.00 -32.42 -23.77
C3C CLA UF . -31.69 -31.36 -24.61
C4C CLA UF . -30.26 -31.41 -24.85
CMC CLA UF . -33.31 -32.80 -23.22
CAC CLA UF . -32.62 -30.36 -25.15
CBC CLA UF . -32.50 -29.01 -24.47
ND CLA UF . -27.33 -31.54 -25.28
C1D CLA UF . -28.17 -30.58 -25.89
C2D CLA UF . -27.36 -29.69 -26.75
C3D CLA UF . -26.08 -30.19 -26.70
C4D CLA UF . -26.12 -31.36 -25.80
CMD CLA UF . -27.88 -28.54 -27.49
CAD CLA UF . -24.71 -30.03 -27.15
OBD CLA UF . -24.21 -29.16 -27.84
CBD CLA UF . -23.90 -31.23 -26.58
CGD CLA UF . -23.37 -32.06 -27.72
O1D CLA UF . -22.66 -31.67 -28.65
O2D CLA UF . -23.75 -33.37 -27.71
CED CLA UF . -23.63 -34.09 -28.94
C1 CLA UF . -19.54 -30.23 -21.47
MG CLA VF . 20.85 -21.92 4.56
CHA CLA VF . 17.65 -22.97 3.67
CHB CLA VF . 21.83 -25.16 4.85
CHC CLA VF . 24.01 -20.83 5.35
CHD CLA VF . 19.76 -18.56 4.31
NA CLA VF . 19.87 -23.75 4.31
C1A CLA VF . 18.54 -23.98 3.93
C2A CLA VF . 18.25 -25.47 3.85
C3A CLA VF . 19.55 -26.12 4.38
C4A CLA VF . 20.50 -24.95 4.51
CMA CLA VF . 19.31 -26.79 5.71
CAA CLA VF . 18.01 -25.90 2.42
CBA CLA VF . 19.01 -25.28 1.45
CGA CLA VF . 18.36 -24.16 0.72
O1A CLA VF . 17.22 -24.14 0.24
O2A CLA VF . 19.12 -23.04 0.60
NB CLA VF . 22.58 -22.82 5.03
C1B CLA VF . 22.79 -24.16 5.03
C2B CLA VF . 24.24 -24.43 5.29
C3B CLA VF . 24.87 -23.22 5.43
C4B CLA VF . 23.81 -22.17 5.28
CMB CLA VF . 24.79 -25.78 5.35
CAB CLA VF . 26.24 -22.90 5.69
CBB CLA VF . 27.04 -23.52 6.56
NC CLA VF . 21.71 -20.03 4.80
C1C CLA VF . 23.02 -19.82 5.13
C2C CLA VF . 23.29 -18.39 5.22
C3C CLA VF . 22.09 -17.75 4.92
C4C CLA VF . 21.10 -18.79 4.66
CMC CLA VF . 24.58 -17.79 5.56
CAC CLA VF . 21.86 -16.30 4.89
CBC CLA VF . 22.12 -15.71 3.52
ND CLA VF . 19.14 -20.93 4.10
C1D CLA VF . 18.82 -19.54 4.05
C2D CLA VF . 17.40 -19.38 3.68
C3D CLA VF . 16.91 -20.66 3.51
C4D CLA VF . 18.03 -21.59 3.79
CMD CLA VF . 16.71 -18.11 3.52
CAD CLA VF . 15.75 -21.48 3.18
OBD CLA VF . 14.61 -21.13 2.88
CBD CLA VF . 16.18 -22.96 3.29
CGD CLA VF . 15.31 -23.65 4.31
O1D CLA VF . 14.73 -23.11 5.25
O2D CLA VF . 15.16 -24.99 4.12
CED CLA VF . 13.83 -25.51 4.04
C1 CLA VF . 20.54 -23.20 0.38
C2 CLA VF . 21.13 -21.84 0.47
C3 CLA VF . 22.38 -21.61 0.92
C4 CLA VF . 22.95 -20.24 1.01
C5 CLA VF . 23.25 -22.73 1.38
C6 CLA VF . 24.73 -22.35 1.48
C7 CLA VF . 25.56 -23.15 0.51
C8 CLA VF . 26.88 -23.58 1.14
C9 CLA VF . 26.63 -24.55 2.28
C10 CLA VF . 27.66 -22.38 1.64
C11 CLA VF . 29.13 -22.69 1.80
C12 CLA VF . 29.84 -22.69 0.45
C13 CLA VF . 30.51 -21.35 0.20
C14 CLA VF . 30.35 -20.93 -1.24
C15 CLA VF . 31.99 -21.40 0.58
C16 CLA VF . 32.69 -20.07 0.36
C17 CLA VF . 34.06 -20.06 0.98
C18 CLA VF . 34.83 -18.77 0.69
C19 CLA VF . 34.79 -18.43 -0.78
C20 CLA VF . 34.30 -17.61 1.51
C1 BCR WF . -10.07 33.13 -9.56
C2 BCR WF . -9.49 33.02 -10.98
C3 BCR WF . -10.43 32.29 -11.92
C4 BCR WF . -10.67 30.88 -11.39
C5 BCR WF . -11.24 30.97 -10.00
C6 BCR WF . -10.78 31.87 -9.12
C7 BCR WF . -10.97 31.64 -7.67
C8 BCR WF . -10.29 30.66 -7.08
C9 BCR WF . -10.40 30.32 -5.64
C10 BCR WF . -9.86 29.18 -5.24
C11 BCR WF . -9.89 28.76 -3.85
C33 BCR WF . -12.37 30.05 -9.63
C31 BCR WF . -11.05 34.28 -9.50
C32 BCR WF . -8.91 33.40 -8.61
C34 BCR WF . -11.08 31.23 -4.66
C12 BCR WF . -9.28 27.60 -3.61
C13 BCR WF . -9.17 27.00 -2.27
C14 BCR WF . -8.44 25.89 -2.18
C15 BCR WF . -8.20 25.19 -0.94
C16 BCR WF . -7.35 24.17 -1.00
C17 BCR WF . -7.00 23.41 0.19
C18 BCR WF . -6.19 22.36 0.06
C19 BCR WF . -5.79 21.61 1.27
C20 BCR WF . -4.71 20.85 1.22
C21 BCR WF . -4.28 20.13 2.40
C22 BCR WF . -3.09 19.51 2.42
C23 BCR WF . -2.63 18.80 3.62
C24 BCR WF . -1.41 19.13 4.05
C25 BCR WF . -0.72 18.57 5.24
C26 BCR WF . -1.23 18.60 6.48
C27 BCR WF . -0.30 18.89 7.64
C28 BCR WF . 0.93 18.01 7.51
C29 BCR WF . 1.59 18.26 6.16
C30 BCR WF . 0.66 18.00 4.99
C35 BCR WF . -9.83 27.62 -1.08
C36 BCR WF . -5.68 21.94 -1.28
C37 BCR WF . -2.22 19.54 1.19
C38 BCR WF . -2.67 18.35 6.81
C39 BCR WF . 0.53 16.50 4.73
C40 BCR WF . 1.25 18.69 3.76
MG CLA XF . 11.77 4.07 -15.36
CHA CLA XF . 13.85 6.70 -14.39
CHB CLA XF . 11.21 3.33 -12.09
CHC CLA XF . 9.41 1.80 -16.36
CHD CLA XF . 12.39 4.90 -18.73
NA CLA XF . 12.50 4.84 -13.57
C1A CLA XF . 13.33 5.95 -13.37
C2A CLA XF . 13.61 6.14 -11.87
C3A CLA XF . 13.09 4.83 -11.25
C4A CLA XF . 12.18 4.29 -12.35
CMA CLA XF . 14.21 3.90 -10.91
CAA CLA XF . 12.88 7.34 -11.33
CBA CLA XF . 12.93 7.38 -9.81
CGA CLA XF . 12.45 8.69 -9.29
O1A CLA XF . 12.22 9.02 -8.12
O2A CLA XF . 12.22 9.63 -10.27
NB CLA XF . 10.61 2.74 -14.40
C1B CLA XF . 10.36 2.76 -13.06
C2B CLA XF . 9.06 2.09 -12.76
C3B CLA XF . 8.55 1.66 -13.97
C4B CLA XF . 9.54 2.04 -15.02
CMB CLA XF . 8.49 1.95 -11.42
CAB CLA XF . 7.35 0.95 -14.26
CBB CLA XF . 7.27 -0.38 -14.41
NC CLA XF . 11.11 3.40 -17.22
C1C CLA XF . 10.16 2.42 -17.39
C2C CLA XF . 9.96 2.19 -18.82
C3C CLA XF . 10.76 3.10 -19.49
C4C CLA XF . 11.48 3.86 -18.48
CMC CLA XF . 9.03 1.22 -19.40
CAC CLA XF . 10.90 3.26 -20.96
CBC CLA XF . 12.01 2.41 -21.53
ND CLA XF . 12.92 5.38 -16.38
C1D CLA XF . 13.06 5.63 -17.77
C2D CLA XF . 13.96 6.78 -17.97
C3D CLA XF . 14.28 7.25 -16.71
C4D CLA XF . 13.60 6.34 -15.76
CMD CLA XF . 14.36 7.29 -19.27
CAD CLA XF . 15.04 8.21 -15.93
OBD CLA XF . 15.83 9.07 -16.32
CBD CLA XF . 14.71 7.95 -14.42
CGD CLA XF . 15.93 7.90 -13.55
O1D CLA XF . 17.02 7.37 -13.80
O2D CLA XF . 15.77 8.53 -12.35
CED CLA XF . 16.65 9.62 -12.05
C1 CLA XF . 11.06 10.44 -10.08
C2 CLA XF . 11.38 11.81 -10.55
C3 CLA XF . 10.88 12.29 -11.71
C4 CLA XF . 11.21 13.66 -12.17
C5 CLA XF . 9.99 11.46 -12.55
C6 CLA XF . 9.66 12.08 -13.90
C7 CLA XF . 8.26 12.64 -13.91
C8 CLA XF . 8.05 13.67 -15.01
C9 CLA XF . 7.85 12.98 -16.35
C10 CLA XF . 9.21 14.65 -15.08
C11 CLA XF . 8.76 16.04 -14.69
C12 CLA XF . 9.92 17.01 -14.50
C13 CLA XF . 9.44 18.32 -13.92
C14 CLA XF . 10.56 19.33 -13.84
C15 CLA XF . 8.83 18.11 -12.54
C16 CLA XF . 7.78 19.17 -12.22
C17 CLA XF . 7.43 19.15 -10.76
C18 CLA XF . 6.07 19.78 -10.48
C19 CLA XF . 4.95 18.79 -10.79
C20 CLA XF . 5.97 20.23 -9.04
MG CLA YF . 10.15 -8.78 -1.64
CHA CLA YF . 9.65 -11.80 -0.07
CHB CLA YF . 12.74 -10.10 -3.35
CHC CLA YF . 10.33 -5.89 -3.46
CHD CLA YF . 7.51 -7.42 0.24
NA CLA YF . 11.06 -10.65 -1.64
C1A CLA YF . 10.67 -11.79 -0.95
C2A CLA YF . 11.63 -12.94 -1.21
C3A CLA YF . 12.72 -12.28 -2.08
C4A CLA YF . 12.15 -10.91 -2.40
CMA CLA YF . 14.00 -12.14 -1.33
CAA CLA YF . 10.91 -14.05 -1.94
CBA CLA YF . 11.42 -14.18 -3.35
CGA CLA YF . 12.70 -14.93 -3.37
O1A CLA YF . 13.21 -15.56 -2.45
O2A CLA YF . 13.34 -14.86 -4.56
NB CLA YF . 11.35 -8.11 -3.10
C1B CLA YF . 12.31 -8.82 -3.72
C2B CLA YF . 12.84 -8.06 -4.86
C3B CLA YF . 12.16 -6.87 -4.90
C4B CLA YF . 11.19 -6.89 -3.78
CMB CLA YF . 13.89 -8.54 -5.73
CAB CLA YF . 12.29 -5.77 -5.80
CBB CLA YF . 12.29 -5.87 -7.12
NC CLA YF . 9.12 -6.97 -1.58
C1C CLA YF . 9.38 -5.92 -2.41
C2C CLA YF . 8.47 -4.84 -2.11
C3C CLA YF . 7.66 -5.25 -1.07
C4C CLA YF . 8.08 -6.60 -0.74
CMC CLA YF . 8.44 -3.56 -2.81
CAC CLA YF . 6.57 -4.47 -0.47
CBC CLA YF . 6.61 -4.44 1.04
ND CLA YF . 8.89 -9.39 -0.20
C1D CLA YF . 7.87 -8.71 0.50
C2D CLA YF . 7.30 -9.62 1.49
C3D CLA YF . 7.90 -10.85 1.27
C4D CLA YF . 8.90 -10.63 0.23
CMD CLA YF . 6.24 -9.24 2.41
CAD CLA YF . 8.05 -12.19 1.74
OBD CLA YF . 7.55 -12.73 2.72
CBD CLA YF . 9.05 -12.91 0.78
CGD CLA YF . 10.05 -13.76 1.49
O1D CLA YF . 11.16 -13.45 1.88
O2D CLA YF . 9.61 -15.02 1.68
CED CLA YF . 10.49 -16.08 1.29
C1 CLA YF . 14.78 -14.82 -4.54
C2 CLA YF . 15.16 -13.40 -4.60
C3 CLA YF . 15.40 -12.75 -5.75
C4 CLA YF . 15.79 -11.33 -5.78
C5 CLA YF . 15.30 -13.42 -7.06
C6 CLA YF . 16.48 -13.07 -7.94
C7 CLA YF . 17.74 -13.63 -7.34
C8 CLA YF . 18.94 -13.36 -8.22
C9 CLA YF . 18.46 -12.83 -9.55
C10 CLA YF . 19.76 -14.62 -8.43
C11 CLA YF . 21.00 -14.60 -7.57
C12 CLA YF . 21.95 -13.51 -8.00
C13 CLA YF . 23.39 -13.99 -7.94
C14 CLA YF . 23.57 -14.96 -6.79
C15 CLA YF . 24.35 -12.83 -7.80
C16 CLA YF . 25.14 -12.95 -6.52
C17 CLA YF . 25.28 -11.62 -5.82
C18 CLA YF . 26.56 -10.93 -6.23
C19 CLA YF . 27.00 -9.96 -5.16
C20 CLA YF . 27.64 -11.96 -6.45
MG CLA ZF . 37.89 1.70 7.27
CHA CLA ZF . 38.25 0.32 10.44
CHB CLA ZF . 39.76 4.38 8.25
CHC CLA ZF . 37.75 2.89 4.05
CHD CLA ZF . 36.01 -1.12 6.29
NA CLA ZF . 38.79 2.26 9.07
C1A CLA ZF . 38.84 1.54 10.27
C2A CLA ZF . 39.62 2.31 11.34
C3A CLA ZF . 39.91 3.68 10.66
C4A CLA ZF . 39.47 3.45 9.22
CMA CLA ZF . 39.17 4.81 11.32
CAA CLA ZF . 40.92 1.59 11.65
CBA CLA ZF . 41.76 1.34 10.41
CGA CLA ZF . 41.54 -0.04 9.87
O1A CLA ZF . 41.85 -1.12 10.38
O2A CLA ZF . 40.90 -0.05 8.66
NB CLA ZF . 38.62 3.33 6.33
C1B CLA ZF . 39.40 4.30 6.89
C2B CLA ZF . 39.81 5.28 5.85
C3B CLA ZF . 39.25 4.86 4.67
C4B CLA ZF . 38.47 3.62 4.96
CMB CLA ZF . 40.65 6.44 6.14
CAB CLA ZF . 39.29 5.43 3.35
CBB CLA ZF . 39.06 6.71 3.03
NC CLA ZF . 36.98 1.03 5.51
C1C CLA ZF . 37.04 1.69 4.31
C2C CLA ZF . 36.30 0.93 3.30
C3C CLA ZF . 35.82 -0.21 3.93
C4C CLA ZF . 36.26 -0.15 5.32
CMC CLA ZF . 36.12 1.33 1.91
CAC CLA ZF . 35.02 -1.28 3.33
CBC CLA ZF . 33.53 -1.13 3.57
ND CLA ZF . 37.14 0.03 8.14
C1D CLA ZF . 36.42 -1.06 7.61
C2D CLA ZF . 36.21 -2.07 8.68
C3D CLA ZF . 36.90 -1.59 9.79
C4D CLA ZF . 37.48 -0.29 9.39
CMD CLA ZF . 35.47 -3.31 8.52
CAD CLA ZF . 37.24 -1.81 11.18
OBD CLA ZF . 36.90 -2.72 11.93
CBD CLA ZF . 38.18 -0.65 11.60
CGD CLA ZF . 37.77 0.00 12.89
O1D CLA ZF . 38.48 0.31 13.85
O2D CLA ZF . 36.43 0.26 12.97
CED CLA ZF . 35.98 1.14 14.00
C1 CLA ZF . 41.30 -1.09 7.74
C2 CLA ZF . 40.32 -1.14 6.63
C3 CLA ZF . 40.40 -2.09 5.67
C4 CLA ZF . 39.43 -2.15 4.55
C5 CLA ZF . 41.46 -3.12 5.70
C6 CLA ZF . 42.24 -3.22 4.39
C7 CLA ZF . 43.18 -2.04 4.21
C8 CLA ZF . 44.41 -2.41 3.39
C9 CLA ZF . 45.16 -1.16 2.96
C10 CLA ZF . 44.04 -3.24 2.17
C11 CLA ZF . 43.48 -2.40 1.04
C12 CLA ZF . 42.96 -3.26 -0.10
C13 CLA ZF . 43.84 -3.13 -1.34
C14 CLA ZF . 43.18 -2.22 -2.35
C15 CLA ZF . 44.16 -4.49 -1.94
C16 CLA ZF . 44.52 -4.39 -3.41
C17 CLA ZF . 45.82 -5.11 -3.72
C18 CLA ZF . 45.64 -6.62 -3.71
C19 CLA ZF . 44.64 -7.06 -4.76
C20 CLA ZF . 46.97 -7.32 -3.93
MG CLA AG . 36.95 13.97 7.76
CHA CLA AG . 37.68 16.82 5.93
CHB CLA AG . 37.81 12.04 5.09
CHC CLA AG . 36.31 11.17 9.64
CHD CLA AG . 35.85 16.01 10.41
NA CLA AG . 37.63 14.39 5.84
C1A CLA AG . 37.86 15.64 5.26
C2A CLA AG . 38.35 15.51 3.82
C3A CLA AG . 38.20 14.00 3.54
C4A CLA AG . 37.88 13.42 4.92
CMA CLA AG . 37.07 13.76 2.57
CAA CLA AG . 39.80 15.97 3.69
CBA CLA AG . 40.56 15.22 2.62
CGA CLA AG . 40.14 15.66 1.26
O1A CLA AG . 40.09 14.99 0.22
O2A CLA AG . 39.75 16.97 1.19
NB CLA AG . 36.98 11.98 7.41
C1B CLA AG . 37.49 11.39 6.29
C2B CLA AG . 37.68 9.93 6.53
C3B CLA AG . 37.27 9.68 7.82
C4B CLA AG . 36.81 10.98 8.39
CMB CLA AG . 38.22 9.05 5.50
CAB CLA AG . 37.21 8.45 8.59
CBB CLA AG . 37.21 7.20 8.11
NC CLA AG . 36.23 13.66 9.69
C1C CLA AG . 36.04 12.42 10.26
C2C CLA AG . 35.52 12.58 11.61
C3C CLA AG . 35.36 13.95 11.82
C4C CLA AG . 35.80 14.62 10.61
CMC CLA AG . 35.22 11.47 12.53
CAC CLA AG . 34.85 14.60 13.04
CBC CLA AG . 33.34 14.76 13.01
ND CLA AG . 36.90 15.94 8.20
C1D CLA AG . 36.36 16.66 9.30
C2D CLA AG . 36.52 18.11 9.05
C3D CLA AG . 37.10 18.23 7.80
C4D CLA AG . 37.24 16.84 7.29
CMD CLA AG . 36.17 19.16 10.01
CAD CLA AG . 37.65 19.11 6.78
OBD CLA AG . 37.97 20.30 6.84
CBD CLA AG . 37.86 18.25 5.49
CGD CLA AG . 36.90 18.62 4.39
O1D CLA AG . 37.18 19.05 3.26
O2D CLA AG . 35.59 18.44 4.71
CED CLA AG . 34.62 18.58 3.66
C1 CLA AG . 39.32 17.42 -0.12
C2 CLA AG . 38.97 18.86 -0.01
C3 CLA AG . 38.43 19.54 -1.03
MG CLA BG . 35.69 10.30 -0.63
CHA CLA BG . 35.10 7.95 1.87
CHB CLA BG . 34.02 12.63 1.19
CHC CLA BG . 36.54 12.65 -2.98
CHD CLA BG . 37.36 7.81 -2.51
NA CLA BG . 34.70 10.26 1.22
C1A CLA BG . 34.58 9.19 2.12
C2A CLA BG . 33.76 9.60 3.34
C3A CLA BG . 33.24 11.00 2.95
C4A CLA BG . 34.05 11.35 1.71
CMA CLA BG . 31.76 10.95 2.65
CAA CLA BG . 34.61 9.69 4.59
CBA CLA BG . 33.76 9.72 5.84
CGA CLA BG . 33.28 8.34 6.15
O1A CLA BG . 33.84 7.27 5.88
O2A CLA BG . 32.09 8.28 6.81
NB CLA BG . 35.30 12.26 -0.87
C1B CLA BG . 34.70 13.06 0.04
C2B CLA BG . 34.85 14.50 -0.37
C3B CLA BG . 35.56 14.51 -1.54
C4B CLA BG . 35.85 13.08 -1.89
CMB CLA BG . 34.30 15.60 0.43
CAB CLA BG . 35.99 15.59 -2.38
CBB CLA BG . 36.40 16.80 -1.97
NC CLA BG . 36.72 10.23 -2.43
C1C CLA BG . 36.94 11.31 -3.25
C2C CLA BG . 37.69 10.89 -4.44
C3C CLA BG . 37.93 9.53 -4.30
C4C CLA BG . 37.32 9.12 -3.04
CMC CLA BG . 38.10 11.78 -5.53
CAC CLA BG . 38.64 8.66 -5.24
CBC CLA BG . 37.70 7.92 -6.15
ND CLA BG . 36.14 8.33 -0.44
C1D CLA BG . 36.83 7.43 -1.30
C2D CLA BG . 36.87 6.10 -0.65
C3D CLA BG . 36.25 6.25 0.57
C4D CLA BG . 35.80 7.65 0.65
CMD CLA BG . 37.49 4.91 -1.22
CAD CLA BG . 35.83 5.60 1.80
OBD CLA BG . 36.00 4.44 2.16
CBD CLA BG . 35.07 6.66 2.65
CGD CLA BG . 33.68 6.19 2.94
O1D CLA BG . 33.29 5.48 3.89
O2D CLA BG . 32.76 6.58 2.02
CED CLA BG . 31.75 5.65 1.68
C1 CLA BG . 30.96 8.96 6.22
C2 CLA BG . 30.61 8.26 4.95
C3 CLA BG . 29.41 8.39 4.38
C4 CLA BG . 28.34 9.23 4.97
C5 CLA BG . 29.07 7.70 3.10
C6 CLA BG . 28.23 8.56 2.19
C7 CLA BG . 28.92 8.76 0.85
C8 CLA BG . 27.92 8.69 -0.31
C9 CLA BG . 28.06 7.36 -1.00
C10 CLA BG . 28.13 9.82 -1.31
C11 CLA BG . 28.73 11.06 -0.69
C12 CLA BG . 29.36 11.98 -1.72
C13 CLA BG . 30.80 12.31 -1.37
C14 CLA BG . 31.37 13.28 -2.38
C15 CLA BG . 31.67 11.06 -1.30
C16 CLA BG . 31.90 10.47 -2.68
C17 CLA BG . 33.01 9.45 -2.68
C18 CLA BG . 32.48 8.02 -2.80
C19 CLA BG . 32.13 7.46 -1.44
C20 CLA BG . 33.50 7.12 -3.49
MG CLA CG . 43.96 -0.67 -12.63
CHA CLA CG . 43.25 -3.39 -14.66
CHB CLA CG . 40.63 -0.31 -11.97
CHC CLA CG . 44.73 1.84 -10.46
CHD CLA CG . 47.40 -1.08 -13.37
NA CLA CG . 42.24 -1.69 -13.25
C1A CLA CG . 42.15 -2.81 -14.08
C2A CLA CG . 40.70 -3.23 -14.27
C3A CLA CG . 39.90 -2.09 -13.59
C4A CLA CG . 40.98 -1.30 -12.86
CMA CLA CG . 39.14 -1.28 -14.60
CAA CLA CG . 40.44 -4.56 -13.57
CBA CLA CG . 40.64 -4.49 -12.07
CGA CLA CG . 41.96 -5.09 -11.68
O1A CLA CG . 42.26 -6.27 -11.57
O2A CLA CG . 42.92 -4.14 -11.44
NB CLA CG . 42.88 0.58 -11.48
C1B CLA CG . 41.54 0.48 -11.24
C2B CLA CG . 41.15 1.36 -10.11
C3B CLA CG . 42.30 1.97 -9.67
C4B CLA CG . 43.42 1.48 -10.53
CMB CLA CG . 39.78 1.47 -9.63
CAB CLA CG . 42.49 2.90 -8.58
CBB CLA CG . 41.71 3.95 -8.30
NC CLA CG . 45.74 0.25 -12.08
C1C CLA CG . 45.82 1.29 -11.20
C2C CLA CG . 47.21 1.72 -11.06
C3C CLA CG . 47.97 0.86 -11.84
C4C CLA CG . 47.04 -0.06 -12.48
CMC CLA CG . 47.66 2.84 -10.22
CAC CLA CG . 49.43 0.90 -12.03
CBC CLA CG . 50.15 -0.08 -11.14
ND CLA CG . 45.11 -1.88 -13.76
C1D CLA CG . 46.52 -1.96 -13.98
C2D CLA CG . 46.81 -3.05 -14.92
C3D CLA CG . 45.59 -3.64 -15.22
C4D CLA CG . 44.57 -2.88 -14.46
CMD CLA CG . 48.14 -3.42 -15.41
CAD CLA CG . 44.90 -4.65 -15.98
OBD CLA CG . 45.36 -5.44 -16.80
CBD CLA CG . 43.38 -4.56 -15.61
CGD CLA CG . 42.49 -4.41 -16.81
O1D CLA CG . 41.78 -5.27 -17.34
O2D CLA CG . 42.52 -3.16 -17.34
CED CLA CG . 41.89 -2.96 -18.61
C1 CLA CG . 44.15 -4.61 -10.88
C2 CLA CG . 45.02 -3.42 -10.65
C3 CLA CG . 45.95 -3.39 -9.69
C4 CLA CG . 46.20 -4.54 -8.79
C5 CLA CG . 46.80 -2.18 -9.47
C6 CLA CG . 46.51 -1.51 -8.14
C7 CLA CG . 45.07 -1.06 -8.09
C8 CLA CG . 44.86 0.26 -7.35
C9 CLA CG . 46.14 1.08 -7.33
C10 CLA CG . 44.35 0.02 -5.94
C11 CLA CG . 43.34 1.07 -5.55
C12 CLA CG . 42.39 0.56 -4.49
C13 CLA CG . 41.50 1.67 -3.95
C14 CLA CG . 42.24 2.48 -2.91
C15 CLA CG . 40.21 1.11 -3.35
C16 CLA CG . 40.48 0.31 -2.09
C17 CLA CG . 39.19 -0.03 -1.38
C18 CLA CG . 38.40 -1.11 -2.08
C19 CLA CG . 38.49 -2.43 -1.34
C20 CLA CG . 36.95 -0.70 -2.25
MG CLA DG . 35.03 2.13 -15.61
CHA CLA DG . 36.28 5.35 -16.08
CHB CLA DG . 37.43 1.54 -13.28
CHC CLA DG . 33.56 -0.89 -14.96
CHD CLA DG . 32.48 2.85 -17.94
NA CLA DG . 36.62 3.25 -14.87
C1A CLA DG . 36.98 4.57 -15.18
C2A CLA DG . 38.19 5.00 -14.37
C3A CLA DG . 38.69 3.68 -13.74
C4A CLA DG . 37.50 2.73 -13.96
CMA CLA DG . 39.94 3.18 -14.41
CAA CLA DG . 37.72 5.96 -13.30
CBA CLA DG . 36.67 5.42 -12.33
CGA CLA DG . 35.28 5.44 -12.89
O1A CLA DG . 34.78 6.27 -13.65
O2A CLA DG . 34.50 4.39 -12.53
NB CLA DG . 35.47 0.56 -14.42
C1B CLA DG . 36.39 0.60 -13.42
C2B CLA DG . 36.17 -0.52 -12.47
C3B CLA DG . 35.09 -1.22 -12.92
C4B CLA DG . 34.63 -0.54 -14.18
CMB CLA DG . 37.00 -0.74 -11.30
CAB CLA DG . 34.49 -2.38 -12.31
CBB CLA DG . 33.62 -3.24 -12.84
NC CLA DG . 33.38 1.12 -16.40
C1C CLA DG . 32.99 -0.13 -16.02
C2C CLA DG . 31.82 -0.54 -16.79
C3C CLA DG . 31.47 0.55 -17.59
C4C CLA DG . 32.46 1.59 -17.33
CMC CLA DG . 31.14 -1.83 -16.67
CAC CLA DG . 30.36 0.65 -18.54
CBC CLA DG . 29.19 1.43 -17.98
ND CLA DG . 34.50 3.66 -16.83
C1D CLA DG . 33.42 3.83 -17.71
C2D CLA DG . 33.46 5.19 -18.29
C3D CLA DG . 34.55 5.82 -17.69
C4D CLA DG . 35.15 4.82 -16.78
CMD CLA DG . 32.52 5.72 -19.26
CAD CLA DG . 35.35 7.03 -17.61
OBD CLA DG . 35.23 8.08 -18.25
CBD CLA DG . 36.44 6.79 -16.53
CGD CLA DG . 37.80 7.20 -17.04
O1D CLA DG . 38.14 8.32 -17.43
O2D CLA DG . 38.74 6.21 -17.04
CED CLA DG . 40.03 6.55 -17.57
C1 CLA DG . 33.18 4.37 -13.13
C2 CLA DG . 32.53 3.06 -12.90
C3 CLA DG . 31.47 2.65 -13.62
C4 CLA DG . 30.88 3.49 -14.69
C5 CLA DG . 30.82 1.34 -13.39
C6 CLA DG . 31.03 0.81 -11.98
C7 CLA DG . 29.82 1.08 -11.12
C8 CLA DG . 30.02 0.56 -9.70
C9 CLA DG . 30.03 -0.94 -9.67
C10 CLA DG . 28.92 1.09 -8.78
C11 CLA DG . 29.47 2.07 -7.76
C12 CLA DG . 30.55 1.46 -6.91
C13 CLA DG . 30.73 2.19 -5.58
C14 CLA DG . 30.47 3.68 -5.72
C15 CLA DG . 32.12 1.95 -5.01
MG CLA EG . 31.08 -7.61 -16.87
CHA CLA EG . 33.98 -5.73 -16.56
CHB CLA EG . 32.18 -9.71 -14.43
CHC CLA EG . 28.11 -9.34 -17.09
CHD CLA EG . 29.97 -5.40 -19.39
NA CLA EG . 32.82 -7.71 -15.73
C1A CLA EG . 33.92 -6.83 -15.74
C2A CLA EG . 34.98 -7.27 -14.75
C3A CLA EG . 34.45 -8.62 -14.21
C4A CLA EG . 33.05 -8.71 -14.82
CMA CLA EG . 35.33 -9.79 -14.59
CAA CLA EG . 35.12 -6.24 -13.64
CBA CLA EG . 35.41 -6.85 -12.29
CGA CLA EG . 35.77 -5.75 -11.33
O1A CLA EG . 36.58 -4.85 -11.49
O2A CLA EG . 35.09 -5.82 -10.15
NB CLA EG . 30.32 -9.25 -15.99
C1B CLA EG . 30.87 -9.90 -14.93
C2B CLA EG . 29.89 -10.85 -14.34
C3B CLA EG . 28.74 -10.75 -15.08
C4B CLA EG . 29.00 -9.74 -16.15
CMB CLA EG . 30.19 -11.68 -13.19
CAB CLA EG . 27.48 -11.44 -14.95
CBB CLA EG . 27.34 -12.77 -14.83
NC CLA EG . 29.37 -7.43 -18.07
C1C CLA EG . 28.28 -8.26 -18.00
C2C CLA EG . 27.28 -7.84 -18.97
C3C CLA EG . 27.79 -6.72 -19.62
C4C CLA EG . 29.11 -6.46 -19.04
CMC CLA EG . 25.99 -8.50 -19.18
CAC CLA EG . 27.14 -5.95 -20.68
CBC CLA EG . 27.43 -6.50 -22.07
ND CLA EG . 31.76 -5.96 -17.81
C1D CLA EG . 31.21 -5.15 -18.83
C2D CLA EG . 32.14 -4.05 -19.13
C3D CLA EG . 33.22 -4.21 -18.27
C4D CLA EG . 32.93 -5.42 -17.49
CMD CLA EG . 31.92 -2.99 -20.11
CAD CLA EG . 34.51 -3.69 -17.85
OBD CLA EG . 35.11 -2.71 -18.24
CBD CLA EG . 35.04 -4.66 -16.75
CGD CLA EG . 36.39 -5.22 -17.11
O1D CLA EG . 36.71 -5.82 -18.14
O2D CLA EG . 37.33 -5.03 -16.15
CED CLA EG . 38.67 -5.38 -16.49
C1 CLA EG . 34.90 -4.57 -9.46
C2 CLA EG . 33.55 -4.63 -8.83
C3 CLA EG . 32.98 -3.58 -8.23
C4 CLA EG . 33.65 -2.26 -8.14
C5 CLA EG . 31.63 -3.69 -7.62
C6 CLA EG . 31.66 -3.61 -6.11
C7 CLA EG . 30.27 -3.82 -5.53
MG CLA FG . 32.18 -16.04 -13.33
CHA CLA FG . 31.57 -18.61 -15.56
CHB CLA FG . 35.40 -15.85 -14.42
CHC CLA FG . 32.69 -13.36 -11.22
CHD CLA FG . 28.81 -16.21 -12.28
NA CLA FG . 33.29 -17.09 -14.75
C1A CLA FG . 32.84 -18.11 -15.60
C2A CLA FG . 33.97 -18.59 -16.50
C3A CLA FG . 35.21 -17.84 -15.97
C4A CLA FG . 34.61 -16.83 -14.99
CMA CLA FG . 36.18 -18.78 -15.31
CAA CLA FG . 33.70 -18.17 -17.93
CBA CLA FG . 34.77 -18.66 -18.89
CGA CLA FG . 34.55 -20.10 -19.18
O1A CLA FG . 33.74 -20.62 -19.95
O2A CLA FG . 35.39 -20.92 -18.47
NB CLA FG . 33.74 -14.84 -12.90
C1B CLA FG . 34.97 -14.90 -13.49
C2B CLA FG . 35.83 -13.78 -12.99
C3B CLA FG . 35.07 -13.07 -12.08
C4B CLA FG . 33.74 -13.75 -12.00
CMB CLA FG . 37.20 -13.56 -13.42
CAB CLA FG . 35.43 -11.91 -11.30
CBB CLA FG . 34.71 -10.79 -11.17
NC CLA FG . 30.98 -15.02 -11.96
C1C CLA FG . 31.39 -13.97 -11.18
C2C CLA FG . 30.31 -13.50 -10.35
C3C CLA FG . 29.18 -14.27 -10.67
C4C CLA FG . 29.62 -15.22 -11.68
CMC CLA FG . 30.40 -12.40 -9.38
CAC CLA FG . 27.84 -14.16 -10.08
CBC CLA FG . 27.03 -13.06 -10.72
ND CLA FG . 30.55 -17.17 -13.71
C1D CLA FG . 29.22 -17.12 -13.23
C2D CLA FG . 28.43 -18.19 -13.88
C3D CLA FG . 29.30 -18.83 -14.75
C4D CLA FG . 30.59 -18.12 -14.64
CMD CLA FG . 27.03 -18.50 -13.60
CAD CLA FG . 29.48 -19.89 -15.71
OBD CLA FG . 28.72 -20.80 -16.03
CBD CLA FG . 30.90 -19.73 -16.33
CGD CLA FG . 31.68 -21.00 -16.19
O1D CLA FG . 32.66 -21.36 -16.87
O2D CLA FG . 31.25 -21.81 -15.19
CED CLA FG . 32.21 -22.20 -14.21
C1 CLA FG . 35.16 -22.34 -18.60
C2 CLA FG . 35.59 -22.97 -17.33
C3 CLA FG . 36.88 -23.23 -17.05
C4 CLA FG . 37.96 -22.92 -18.01
C5 CLA FG . 37.27 -23.86 -15.75
C6 CLA FG . 38.00 -22.90 -14.83
C7 CLA FG . 37.71 -23.23 -13.38
C8 CLA FG . 38.94 -23.12 -12.47
C9 CLA FG . 38.96 -21.80 -11.76
C10 CLA FG . 40.23 -23.33 -13.26
MG CLA GG . 53.78 18.50 9.72
CHA CLA GG . 54.09 18.60 13.18
CHB CLA GG . 50.53 19.52 9.99
CHC CLA GG . 53.54 18.49 6.29
CHD CLA GG . 57.13 17.43 9.50
NA CLA GG . 52.54 18.99 11.34
C1A CLA GG . 52.86 18.98 12.70
C2A CLA GG . 51.68 19.44 13.53
C3A CLA GG . 50.55 19.64 12.51
C4A CLA GG . 51.24 19.38 11.17
CMA CLA GG . 49.39 18.70 12.73
CAA CLA GG . 52.05 20.79 14.12
CBA CLA GG . 52.31 21.84 13.05
CGA CLA GG . 53.78 21.97 12.78
O1A CLA GG . 54.67 22.20 13.59
O2A CLA GG . 54.12 21.81 11.45
NB CLA GG . 52.35 19.01 8.40
C1B CLA GG . 51.06 19.29 8.71
C2B CLA GG . 50.23 19.28 7.48
C3B CLA GG . 51.06 19.00 6.43
C4B CLA GG . 52.42 18.82 7.00
CMB CLA GG . 48.80 19.52 7.50
CAB CLA GG . 50.77 18.87 5.03
NC CLA GG . 55.10 18.02 8.18
C1C CLA GG . 54.80 18.11 6.85
C2C CLA GG . 55.96 17.74 6.05
C3C CLA GG . 56.98 17.43 6.95
C4C CLA GG . 56.43 17.62 8.29
CMC CLA GG . 56.00 17.70 4.58
CAC CLA GG . 58.34 16.99 6.64
CBC CLA GG . 58.44 15.49 6.51
ND CLA GG . 55.27 17.99 10.99
C1D CLA GG . 56.62 17.60 10.76
C2D CLA GG . 57.29 17.43 12.08
C3D CLA GG . 56.36 17.77 13.03
C4D CLA GG . 55.13 18.14 12.31
CMD CLA GG . 58.66 17.00 12.27
CAD CLA GG . 56.08 17.93 14.46
OBD CLA GG . 56.80 17.66 15.42
CBD CLA GG . 54.64 18.50 14.59
CGD CLA GG . 53.77 17.63 15.46
O1D CLA GG . 53.09 16.66 15.12
O2D CLA GG . 53.76 18.00 16.77
CED CLA GG . 52.60 17.68 17.54
C1 CLA GG . 55.44 21.24 11.24
C2 CLA GG . 55.76 21.02 9.81
C3 CLA GG . 56.22 21.95 8.96
C4 CLA GG . 56.41 23.37 9.34
C5 CLA GG . 56.53 21.60 7.54
C6 CLA GG . 58.02 21.64 7.23
C7 CLA GG . 58.25 21.96 5.76
C8 CLA GG . 59.34 21.08 5.14
C9 CLA GG . 60.65 21.83 5.09
C10 CLA GG . 58.95 20.65 3.73
MG CLA HG . 46.90 21.90 6.48
CHA CLA HG . 44.60 19.33 6.21
CHB CLA HG . 47.36 21.84 3.11
CHC CLA HG . 49.10 24.53 6.80
CHD CLA HG . 46.44 21.87 9.99
NA CLA HG . 46.09 20.76 4.94
C1A CLA HG . 45.13 19.76 5.02
C2A CLA HG . 44.80 19.18 3.65
C3A CLA HG . 45.79 19.91 2.71
C4A CLA HG . 46.46 20.93 3.63
CMA CLA HG . 46.79 18.94 2.15
CAA CLA HG . 43.37 19.52 3.26
CBA CLA HG . 42.81 18.59 2.20
CGA CLA HG . 43.22 19.05 0.84
O1A CLA HG . 44.22 18.75 0.19
O2A CLA HG . 42.32 19.93 0.29
NB CLA HG . 47.97 23.01 5.20
C1B CLA HG . 48.07 22.80 3.86
C2B CLA HG . 49.08 23.72 3.27
C3B CLA HG . 49.59 24.49 4.30
C4B CLA HG . 48.89 24.04 5.54
CMB CLA HG . 49.42 23.72 1.86
CAB CLA HG . 50.60 25.52 4.30
CBB CLA HG . 51.76 25.47 3.66
NC CLA HG . 47.63 23.00 8.10
C1C CLA HG . 48.51 24.04 8.00
C2C CLA HG . 48.78 24.60 9.33
C3C CLA HG . 48.05 23.84 10.23
C4C CLA HG . 47.31 22.84 9.46
CMC CLA HG . 49.67 25.72 9.59
CAC CLA HG . 47.99 24.01 11.69
CBC CLA HG . 49.13 23.31 12.39
ND CLA HG . 45.85 20.85 7.85
C1D CLA HG . 45.74 20.94 9.26
C2D CLA HG . 44.80 19.91 9.74
C3D CLA HG . 44.33 19.26 8.61
C4D CLA HG . 45.00 19.89 7.46
CMD CLA HG . 44.45 19.69 11.13
CAD CLA HG . 43.48 18.21 8.09
OBD CLA HG . 42.79 17.39 8.71
CBD CLA HG . 43.60 18.25 6.53
CGD CLA HG . 44.05 16.94 5.96
O1D CLA HG . 43.55 16.32 5.01
O2D CLA HG . 45.15 16.43 6.57
CED CLA HG . 46.09 15.77 5.74
C1 CLA HG . 42.73 20.58 -0.94
C2 CLA HG . 42.00 21.87 -0.99
C3 CLA HG . 42.22 22.80 -1.92
C4 CLA HG . 43.23 22.61 -2.99
C5 CLA HG . 41.47 24.08 -1.94
C6 CLA HG . 40.50 24.18 -3.10
C7 CLA HG . 39.72 25.48 -3.03
C8 CLA HG . 38.98 25.63 -1.71
C9 CLA HG . 37.89 24.59 -1.59
C10 CLA HG . 38.42 27.04 -1.53
C11 CLA HG . 37.81 27.59 -2.80
C12 CLA HG . 38.46 28.90 -3.22
C13 CLA HG . 37.48 30.07 -3.16
C14 CLA HG . 36.90 30.23 -1.78
C15 CLA HG . 36.37 29.93 -4.20
C16 CLA HG . 35.22 30.88 -3.96
C17 CLA HG . 35.53 32.30 -4.40
C18 CLA HG . 34.33 33.22 -4.19
C19 CLA HG . 34.75 34.67 -4.28
C20 CLA HG . 33.25 32.93 -5.20
MG CLA IG . 53.19 21.84 -13.41
CHA CLA IG . 53.85 19.20 -15.58
CHB CLA IG . 50.29 20.33 -12.45
CHC CLA IG . 52.66 24.41 -11.18
CHD CLA IG . 56.20 23.39 -14.47
NA CLA IG . 52.24 20.06 -13.96
C1A CLA IG . 52.68 19.09 -14.87
C2A CLA IG . 51.68 17.94 -14.97
C3A CLA IG . 50.51 18.39 -14.05
C4A CLA IG . 51.03 19.69 -13.43
CMA CLA IG . 49.22 18.59 -14.80
CAA CLA IG . 52.30 16.66 -14.43
CBA CLA IG . 52.56 16.73 -12.94
CGA CLA IG . 53.99 16.38 -12.65
O1A CLA IG . 54.57 16.37 -11.56
O2A CLA IG . 54.69 16.03 -13.77
NB CLA IG . 51.76 22.28 -12.07
C1B CLA IG . 50.64 21.53 -11.81
C2B CLA IG . 49.84 22.18 -10.74
C3B CLA IG . 50.50 23.34 -10.37
C4B CLA IG . 51.73 23.41 -11.22
CMB CLA IG . 48.58 21.60 -10.26
CAB CLA IG . 50.19 24.36 -9.40
CBB CLA IG . 48.99 24.63 -8.87
NC CLA IG . 54.24 23.59 -12.94
C1C CLA IG . 53.83 24.50 -12.00
C2C CLA IG . 54.80 25.59 -11.93
C3C CLA IG . 55.80 25.31 -12.85
C4C CLA IG . 55.43 24.04 -13.49
CMC CLA IG . 54.68 26.74 -11.03
CAC CLA IG . 56.99 26.11 -13.14
CBC CLA IG . 56.69 27.29 -14.03
ND CLA IG . 54.68 21.47 -14.73
C1D CLA IG . 55.86 22.19 -15.06
C2D CLA IG . 56.61 21.43 -16.09
C3D CLA IG . 55.89 20.27 -16.32
C4D CLA IG . 54.70 20.35 -15.44
CMD CLA IG . 57.88 21.86 -16.68
CAD CLA IG . 55.81 19.03 -17.07
OBD CLA IG . 56.57 18.59 -17.93
CBD CLA IG . 54.50 18.30 -16.61
CGD CLA IG . 53.59 18.00 -17.76
O1D CLA IG . 53.27 16.90 -18.20
O2D CLA IG . 53.08 19.12 -18.35
CED CLA IG . 51.93 18.98 -19.19
C1 CLA IG . 56.00 15.47 -13.56
MG CLA JG . 45.77 42.61 -13.41
CHA CLA JG . 44.69 44.07 -16.37
CHB CLA JG . 48.91 42.31 -14.70
CHC CLA JG . 46.79 41.15 -10.46
CHD CLA JG . 42.48 42.86 -12.14
NA CLA JG . 46.64 43.13 -15.24
C1A CLA JG . 46.03 43.74 -16.34
C2A CLA JG . 47.04 43.96 -17.48
C3A CLA JG . 48.35 43.37 -16.92
C4A CLA JG . 47.97 42.90 -15.52
CMA CLA JG . 48.86 42.25 -17.78
CAA CLA JG . 47.22 45.45 -17.75
CBA CLA JG . 48.31 46.08 -16.91
CGA CLA JG . 47.81 46.46 -15.54
O1A CLA JG . 47.45 45.74 -14.63
O2A CLA JG . 47.80 47.81 -15.32
NB CLA JG . 47.52 41.89 -12.71
C1B CLA JG . 48.68 41.82 -13.40
C2B CLA JG . 49.72 41.14 -12.58
C3B CLA JG . 49.13 40.81 -11.39
C4B CLA JG . 47.72 41.29 -11.45
CMB CLA JG . 51.08 40.91 -13.06
CAB CLA JG . 49.67 40.14 -10.22
CBB CLA JG . 50.90 40.27 -9.72
NC CLA JG . 44.80 42.13 -11.63
C1C CLA JG . 45.42 41.55 -10.54
C2C CLA JG . 44.45 41.36 -9.46
C3C CLA JG . 43.22 41.82 -9.94
C4C CLA JG . 43.45 42.31 -11.30
CMC CLA JG . 44.75 40.80 -8.15
CAC CLA JG . 41.94 41.84 -9.21
CBC CLA JG . 41.76 43.06 -8.35
ND CLA JG . 43.97 43.30 -14.04
C1D CLA JG . 42.70 43.33 -13.43
C2D CLA JG . 41.72 43.93 -14.37
C3D CLA JG . 42.43 44.23 -15.52
C4D CLA JG . 43.83 43.82 -15.26
CMD CLA JG . 40.30 44.13 -14.09
CAD CLA JG . 42.38 44.77 -16.87
OBD CLA JG . 41.43 45.23 -17.49
CBD CLA JG . 43.82 44.68 -17.45
CGD CLA JG . 43.90 43.86 -18.72
O1D CLA JG . 44.51 42.81 -18.90
O2D CLA JG . 43.18 44.38 -19.77
CED CLA JG . 43.69 44.16 -21.08
C1 CLA JG . 47.88 48.21 -13.94
C2 CLA JG . 49.30 48.04 -13.53
C3 CLA JG . 49.69 48.10 -12.24
C4 CLA JG . 51.12 47.93 -11.86
C5 CLA JG . 48.71 48.32 -11.15
C6 CLA JG . 49.21 47.86 -9.79
C7 CLA JG . 48.26 48.28 -8.68
C8 CLA JG . 48.81 48.03 -7.28
C9 CLA JG . 49.62 46.75 -7.24
C10 CLA JG . 47.68 47.98 -6.27
C11 CLA JG . 48.16 47.56 -4.90
C12 CLA JG . 47.29 48.16 -3.82
C13 CLA JG . 47.60 47.55 -2.45
C14 CLA JG . 46.49 46.61 -2.02
C15 CLA JG . 47.83 48.62 -1.40
MG CLA KG . 37.25 35.37 -13.04
CHA CLA KG . 35.17 32.91 -14.36
CHB CLA KG . 38.86 35.61 -16.03
CHC CLA KG . 39.20 37.87 -11.73
CHD CLA KG . 35.57 35.04 -9.93
NA CLA KG . 37.04 34.39 -14.88
C1A CLA KG . 36.11 33.40 -15.22
C2A CLA KG . 36.31 32.96 -16.67
C3A CLA KG . 37.59 33.71 -17.12
C4A CLA KG . 37.86 34.65 -15.94
CMA CLA KG . 38.73 32.77 -17.38
CAA CLA KG . 35.13 33.37 -17.54
CBA CLA KG . 35.15 34.86 -17.82
CGA CLA KG . 33.94 35.29 -18.60
O1A CLA KG . 33.63 35.00 -19.76
O2A CLA KG . 33.12 36.11 -17.88
NB CLA KG . 38.76 36.50 -13.73
C1B CLA KG . 39.22 36.50 -15.01
C2B CLA KG . 40.24 37.59 -15.18
C3B CLA KG . 40.33 38.23 -13.97
C4B CLA KG . 39.40 37.55 -13.04
CMB CLA KG . 40.93 37.83 -16.45
CAB CLA KG . 41.15 39.34 -13.56
CBB CLA KG . 41.48 40.41 -14.30
NC CLA KG . 37.36 36.27 -11.16
C1C CLA KG . 38.25 37.27 -10.85
C2C CLA KG . 38.06 37.66 -9.45
C3C CLA KG . 37.03 36.87 -8.94
C4C CLA KG . 36.59 36.00 -10.03
CMC CLA KG . 38.84 38.70 -8.76
CAC CLA KG . 36.48 36.91 -7.58
CBC CLA KG . 35.24 37.76 -7.48
ND CLA KG . 35.72 34.27 -12.26
C1D CLA KG . 35.15 34.22 -10.96
C2D CLA KG . 34.06 33.21 -10.96
C3D CLA KG . 34.02 32.69 -12.24
C4D CLA KG . 35.08 33.38 -13.01
CMD CLA KG . 33.23 32.88 -9.80
CAD CLA KG . 33.37 31.75 -13.13
OBD CLA KG . 32.43 30.99 -12.93
CBD CLA KG . 34.12 31.84 -14.51
CGD CLA KG . 34.74 30.52 -14.87
O1D CLA KG . 35.67 29.96 -14.29
O2D CLA KG . 34.21 29.92 -15.97
CED CLA KG . 34.46 28.53 -16.13
C1 CLA KG . 32.60 37.26 -18.56
C2 CLA KG . 31.64 37.91 -17.64
C3 CLA KG . 30.41 37.42 -17.38
C4 CLA KG . 29.92 36.17 -18.01
C5 CLA KG . 29.48 38.11 -16.44
MG CLA LG . 40.48 27.22 -10.62
CHA CLA LG . 41.13 25.00 -13.21
CHB CLA LG . 37.94 28.56 -12.43
CHC CLA LG . 39.76 29.27 -7.97
CHD CLA LG . 43.17 25.80 -8.79
NA CLA LG . 39.71 26.84 -12.52
C1A CLA LG . 40.11 25.87 -13.44
C2A CLA LG . 39.27 25.94 -14.72
C3A CLA LG . 38.42 27.23 -14.52
C4A CLA LG . 38.68 27.58 -13.05
CMA CLA LG . 38.86 28.32 -15.46
CAA CLA LG . 38.37 24.72 -14.84
CBA CLA LG . 36.92 24.99 -14.52
CGA CLA LG . 36.71 25.04 -13.03
O1A CLA LG . 37.54 24.91 -12.14
O2A CLA LG . 35.40 25.29 -12.67
NB CLA LG . 39.17 28.70 -10.30
C1B CLA LG . 38.10 28.98 -11.09
C2B CLA LG . 37.12 29.82 -10.37
C3B CLA LG . 37.62 30.03 -9.11
C4B CLA LG . 38.93 29.33 -9.05
CMB CLA LG . 35.87 30.27 -10.97
CAB CLA LG . 37.10 30.76 -7.97
CBB CLA LG . 36.36 31.87 -8.03
NC CLA LG . 41.34 27.49 -8.74
C1C CLA LG . 40.88 28.41 -7.83
C2C CLA LG . 41.70 28.37 -6.63
C3C CLA LG . 42.66 27.37 -6.83
C4C CLA LG . 42.43 26.83 -8.17
CMC CLA LG . 41.48 29.21 -5.46
CAC CLA LG . 43.71 26.96 -5.89
CBC CLA LG . 43.20 25.94 -4.90
ND CLA LG . 41.84 25.73 -10.85
C1D CLA LG . 42.91 25.27 -10.03
C2D CLA LG . 43.62 24.19 -10.75
C3D CLA LG . 42.98 24.02 -11.96
C4D CLA LG . 41.88 25.03 -11.98
CMD CLA LG . 44.77 23.46 -10.22
CAD CLA LG . 42.93 23.31 -13.23
OBD CLA LG . 43.64 22.39 -13.62
CBD CLA LG . 41.77 23.92 -14.06
CGD CLA LG . 42.23 24.50 -15.37
O1D CLA LG . 42.14 25.67 -15.76
O2D CLA LG . 42.82 23.59 -16.20
CED CLA LG . 42.85 23.90 -17.59
C1 CLA LG . 35.01 26.67 -12.72
C2 CLA LG . 33.99 26.90 -11.66
C3 CLA LG . 34.25 26.89 -10.34
C4 CLA LG . 33.18 27.13 -9.35
C5 CLA LG . 35.61 26.64 -9.80
C6 CLA LG . 35.61 25.60 -8.69
C7 CLA LG . 36.12 26.17 -7.38
C8 CLA LG . 37.40 25.51 -6.90
C9 CLA LG . 38.31 26.55 -6.25
C10 CLA LG . 38.14 24.80 -8.03
C11 CLA LG . 39.48 24.25 -7.61
C12 CLA LG . 39.35 23.13 -6.58
C13 CLA LG . 40.58 22.24 -6.54
C14 CLA LG . 41.85 23.00 -6.88
C15 CLA LG . 40.40 21.02 -7.45
C16 CLA LG . 41.09 21.17 -8.80
C17 CLA LG . 40.25 20.61 -9.92
C18 CLA LG . 41.12 20.18 -11.10
C19 CLA LG . 41.15 18.68 -11.24
C20 CLA LG . 40.63 20.81 -12.38
MG CLA MG . 53.62 36.48 4.42
CHA CLA MG . 52.43 35.87 7.63
CHB CLA MG . 55.37 39.15 5.56
CHC CLA MG . 54.76 37.03 1.22
CHD CLA MG . 51.84 33.64 3.28
NA CLA MG . 53.84 37.36 6.30
C1A CLA MG . 53.27 36.95 7.53
C2A CLA MG . 53.72 37.88 8.65
C3A CLA MG . 54.65 38.89 7.96
C4A CLA MG . 54.63 38.45 6.49
CMA CLA MG . 54.18 40.31 8.15
CAA CLA MG . 54.49 37.13 9.73
CBA CLA MG . 55.56 36.23 9.12
CGA CLA MG . 55.09 34.81 9.13
O1A CLA MG . 54.56 34.18 10.05
O2A CLA MG . 55.28 34.17 7.94
NB CLA MG . 54.89 37.78 3.57
C1B CLA MG . 55.43 38.87 4.19
C2B CLA MG . 56.10 39.73 3.18
C3B CLA MG . 55.95 39.14 1.96
C4B CLA MG . 55.15 37.90 2.18
CMB CLA MG . 56.78 40.97 3.54
CAB CLA MG . 56.39 39.60 0.66
CBB CLA MG . 57.08 38.88 -0.23
NC CLA MG . 53.33 35.51 2.59
C1C CLA MG . 53.90 35.90 1.41
C2C CLA MG . 53.51 35.00 0.33
C3C CLA MG . 52.68 34.04 0.91
C4C CLA MG . 52.58 34.36 2.33
CMC CLA MG . 53.92 35.13 -1.07
CAC CLA MG . 52.06 32.90 0.22
CBC CLA MG . 53.03 31.75 0.03
ND CLA MG . 52.33 35.12 5.18
C1D CLA MG . 51.70 33.97 4.60
C2D CLA MG . 50.92 33.27 5.65
C3D CLA MG . 51.15 33.97 6.82
C4D CLA MG . 52.06 35.09 6.49
CMD CLA MG . 50.11 32.08 5.44
CAD CLA MG . 50.85 34.06 8.24
OBD CLA MG . 50.08 33.39 8.91
CBD CLA MG . 51.73 35.22 8.81
CGD CLA MG . 50.93 36.20 9.64
O1D CLA MG . 50.78 36.18 10.87
O2D CLA MG . 50.33 37.17 8.93
CED CLA MG . 49.46 38.07 9.64
C1 CLA MG . 54.49 32.99 7.73
C2 CLA MG . 54.53 32.71 6.27
C3 CLA MG . 55.38 31.83 5.70
C4 CLA MG . 56.34 31.05 6.51
C5 CLA MG . 55.38 31.60 4.24
C6 CLA MG . 56.30 32.56 3.51
MG CLA NG . 42.50 43.49 10.03
CHA CLA NG . 44.51 44.15 12.78
CHB CLA NG . 39.96 45.25 11.46
CHC CLA NG . 40.60 42.92 7.22
CHD CLA NG . 45.20 41.78 8.54
NA CLA NG . 42.29 44.50 11.84
C1A CLA NG . 43.25 44.69 12.84
C2A CLA NG . 42.69 45.53 13.98
C3A CLA NG . 41.22 45.79 13.57
C4A CLA NG . 41.13 45.14 12.19
CMA CLA NG . 40.24 45.21 14.56
CAA CLA NG . 43.44 46.86 14.02
CBA CLA NG . 43.07 47.74 12.84
CGA CLA NG . 44.28 48.38 12.23
O1A CLA NG . 45.26 48.85 12.80
O2A CLA NG . 44.23 48.43 10.87
NB CLA NG . 40.66 44.03 9.43
C1B CLA NG . 39.75 44.68 10.19
C2B CLA NG . 38.43 44.72 9.50
C3B CLA NG . 38.59 44.06 8.30
C4B CLA NG . 40.01 43.62 8.24
CMB CLA NG . 37.25 45.34 10.07
CAB CLA NG . 37.62 43.79 7.26
CBB CLA NG . 37.76 44.06 5.96
NC CLA NG . 42.83 42.50 8.22
C1C CLA NG . 41.92 42.38 7.21
C2C CLA NG . 42.50 41.67 6.10
C3C CLA NG . 43.81 41.35 6.47
C4C CLA NG . 44.01 41.89 7.80
CMC CLA NG . 41.81 41.36 4.84
CAC CLA NG . 44.81 40.65 5.68
CBC CLA NG . 45.77 41.63 5.04
ND CLA NG . 44.37 42.91 10.54
C1D CLA NG . 45.39 42.25 9.82
C2D CLA NG . 46.61 42.17 10.66
C3D CLA NG . 46.31 42.84 11.83
C4D CLA NG . 44.92 43.34 11.69
CMD CLA NG . 47.84 41.48 10.28
CAD CLA NG . 46.79 43.27 13.13
OBD CLA NG . 47.84 43.00 13.70
CBD CLA NG . 45.70 44.20 13.73
CGD CLA NG . 45.31 43.81 15.14
O1D CLA NG . 44.73 44.50 15.97
O2D CLA NG . 45.66 42.55 15.50
CED CLA NG . 45.75 42.25 16.88
C1 CLA NG . 44.78 49.61 10.24
MG CLA OG . 29.92 10.11 -10.99
CHA CLA OG . 33.10 9.40 -12.15
CHB CLA OG . 28.94 10.89 -14.16
CHC CLA OG . 26.73 10.62 -9.83
CHD CLA OG . 30.97 9.30 -7.71
NA CLA OG . 30.90 10.18 -12.83
C1A CLA OG . 32.23 9.84 -13.11
C2A CLA OG . 32.53 10.03 -14.59
C3A CLA OG . 31.28 10.74 -15.13
C4A CLA OG . 30.28 10.59 -13.98
CMA CLA OG . 31.55 12.18 -15.46
CAA CLA OG . 32.73 8.69 -15.29
CBA CLA OG . 31.86 7.58 -14.73
CGA CLA OG . 30.55 7.51 -15.45
O1A CLA OG . 30.34 7.36 -16.65
O2A CLA OG . 29.47 7.61 -14.62
NB CLA OG . 28.18 10.73 -11.82
C1B CLA OG . 27.95 10.80 -13.16
C2B CLA OG . 26.49 10.80 -13.43
C3B CLA OG . 25.86 10.72 -12.21
C4B CLA OG . 26.93 10.70 -11.17
CMB CLA OG . 25.93 10.86 -14.78
CAB CLA OG . 24.46 10.69 -11.83
CBB CLA OG . 23.43 10.28 -12.58
NC CLA OG . 29.04 10.04 -9.09
C1C CLA OG . 27.73 10.33 -8.85
C2C CLA OG . 27.45 10.22 -7.42
C3C CLA OG . 28.64 9.79 -6.82
C4C CLA OG . 29.64 9.69 -7.88
CMC CLA OG . 26.17 10.47 -6.79
CAC CLA OG . 28.87 9.53 -5.39
CBC CLA OG . 28.93 8.06 -5.06
ND CLA OG . 31.61 9.51 -10.07
C1D CLA OG . 31.90 9.19 -8.72
C2D CLA OG . 33.32 8.77 -8.62
C3D CLA OG . 33.83 8.82 -9.90
C4D CLA OG . 32.72 9.30 -10.77
CMD CLA OG . 33.99 8.37 -7.38
CAD CLA OG . 34.99 8.63 -10.75
OBD CLA OG . 36.12 8.25 -10.45
CBD CLA OG . 34.56 8.99 -12.20
CGD CLA OG . 35.43 10.06 -12.79
O1D CLA OG . 35.53 11.24 -12.42
O2D CLA OG . 36.18 9.65 -13.84
CED CLA OG . 37.58 9.90 -13.78
C1 CLA OG . 28.81 6.38 -14.24
C2 CLA OG . 27.89 6.71 -13.13
C3 CLA OG . 28.28 6.71 -11.84
C4 CLA OG . 27.33 7.06 -10.75
C5 CLA OG . 29.66 6.36 -11.42
C6 CLA OG . 29.70 5.47 -10.19
C7 CLA OG . 30.87 5.82 -9.30
C8 CLA OG . 32.14 5.07 -9.68
MG CLA PG . 35.35 17.11 -9.46
CHA CLA PG . 36.68 18.09 -12.51
CHB CLA PG . 35.27 13.89 -10.52
CHC CLA PG . 34.18 16.18 -6.36
CHD CLA PG . 35.51 20.47 -8.37
NA CLA PG . 35.84 16.17 -11.27
C1A CLA PG . 36.40 16.75 -12.41
C2A CLA PG . 36.60 15.69 -13.51
C3A CLA PG . 35.95 14.43 -12.91
C4A CLA PG . 35.66 14.83 -11.47
CMA CLA PG . 34.70 14.03 -13.66
CAA CLA PG . 38.07 15.45 -13.84
CBA CLA PG . 38.98 15.55 -12.63
CGA CLA PG . 40.27 14.85 -12.92
O1A CLA PG . 40.46 13.66 -13.15
O2A CLA PG . 41.36 15.67 -12.88
NB CLA PG . 34.75 15.37 -8.63
C1B CLA PG . 34.97 14.15 -9.17
C2B CLA PG . 34.83 13.10 -8.13
C3B CLA PG . 34.52 13.74 -6.95
C4B CLA PG . 34.46 15.19 -7.26
CMB CLA PG . 35.01 11.68 -8.42
CAB CLA PG . 34.28 13.21 -5.63
CBB CLA PG . 33.58 12.11 -5.33
NC CLA PG . 34.87 18.15 -7.71
C1C CLA PG . 34.37 17.58 -6.58
C2C CLA PG . 34.12 18.60 -5.57
C3C CLA PG . 34.55 19.81 -6.11
C4C CLA PG . 35.01 19.52 -7.46
CMC CLA PG . 33.57 18.35 -4.24
CAC CLA PG . 34.50 21.14 -5.48
CBC CLA PG . 35.81 21.52 -4.85
ND CLA PG . 35.90 18.90 -10.21
C1D CLA PG . 35.93 20.19 -9.65
C2D CLA PG . 36.47 21.13 -10.66
C3D CLA PG . 36.78 20.38 -11.78
C4D CLA PG . 36.41 18.99 -11.44
CMD CLA PG . 36.62 22.56 -10.42
CAD CLA PG . 37.29 20.39 -13.13
OBD CLA PG . 37.67 21.34 -13.82
CBD CLA PG . 37.29 18.91 -13.64
CGD CLA PG . 36.54 18.75 -14.93
O1D CLA PG . 35.41 19.14 -15.20
O2D CLA PG . 37.24 18.07 -15.89
CED CLA PG . 36.58 17.76 -17.10
C1 CLA PG . 42.65 15.04 -12.99
MG CLA QG . 28.68 11.72 7.32
CHA CLA QG . 27.57 10.12 10.19
CHB CLA QG . 31.86 11.64 8.52
CHC CLA QG . 29.76 13.07 4.36
CHD CLA QG . 25.34 11.87 6.17
NA CLA QG . 29.55 11.00 9.07
C1A CLA QG . 28.91 10.33 10.13
C2A CLA QG . 29.93 9.92 11.19
C3A CLA QG . 31.26 10.51 10.69
C4A CLA QG . 30.89 11.08 9.32
CMA CLA QG . 31.76 11.58 11.62
CAA CLA QG . 30.02 8.40 11.16
CBA CLA QG . 30.18 7.87 9.74
CGA CLA QG . 29.58 6.52 9.56
O1A CLA QG . 28.56 6.05 10.08
O2A CLA QG . 30.27 5.74 8.67
NB CLA QG . 30.47 12.16 6.54
C1B CLA QG . 31.62 12.22 7.25
C2B CLA QG . 32.63 13.03 6.53
C3B CLA QG . 32.06 13.44 5.35
C4B CLA QG . 30.67 12.90 5.34
CMB CLA QG . 33.95 13.26 7.07
CAB CLA QG . 32.59 14.24 4.27
CBB CLA QG . 33.41 15.28 4.40
NC CLA QG . 27.72 12.33 5.57
C1C CLA QG . 28.37 12.79 4.46
C2C CLA QG . 27.42 13.01 3.38
C3C CLA QG . 26.15 12.77 3.92
C4C CLA QG . 26.35 12.33 5.30
CMC CLA QG . 27.77 13.45 2.02
CAC CLA QG . 24.86 12.85 3.21
CBC CLA QG . 24.52 11.56 2.53
ND CLA QG . 26.83 11.24 8.01
C1D CLA QG . 25.54 11.36 7.44
C2D CLA QG . 24.55 10.84 8.40
C3D CLA QG . 25.27 10.32 9.46
C4D CLA QG . 26.69 10.60 9.16
CMD CLA QG . 23.11 10.83 8.20
CAD CLA QG . 25.20 9.67 10.76
OBD CLA QG . 24.22 9.32 11.40
CBD CLA QG . 26.67 9.48 11.24
CGD CLA QG . 26.90 10.05 12.62
O1D CLA QG . 27.76 10.86 12.98
O2D CLA QG . 26.04 9.57 13.56
CED CLA QG . 25.87 10.36 14.74
C1 CLA QG . 29.59 4.58 8.13
C2 CLA QG . 29.25 4.88 6.72
C3 CLA QG . 29.00 3.93 5.81
C4 CLA QG . 29.01 2.49 6.15
C5 CLA QG . 28.66 4.27 4.39
C6 CLA QG . 27.63 3.35 3.77
C7 CLA QG . 27.30 3.78 2.36
C8 CLA QG . 27.82 2.79 1.32
C9 CLA QG . 29.28 3.07 1.01
C10 CLA QG . 27.02 2.85 0.03
C11 CLA QG . 27.34 1.65 -0.84
C12 CLA QG . 26.82 1.80 -2.26
C13 CLA QG . 27.05 0.53 -3.05
C14 CLA QG . 28.50 0.13 -3.00
C15 CLA QG . 26.58 0.66 -4.49
C16 CLA QG . 26.48 -0.70 -5.15
C17 CLA QG . 26.49 -0.59 -6.67
C18 CLA QG . 25.17 -1.04 -7.29
C19 CLA QG . 25.27 -1.08 -8.80
C20 CLA QG . 24.77 -2.40 -6.77
MG CLA RG . 14.88 34.17 11.98
CHA CLA RG . 15.77 36.24 14.65
CHB CLA RG . 11.72 35.43 12.06
CHC CLA RG . 14.07 32.15 9.32
CHD CLA RG . 18.15 32.82 12.01
NA CLA RG . 13.93 35.61 13.16
C1A CLA RG . 14.47 36.37 14.22
C2A CLA RG . 13.42 37.32 14.79
C3A CLA RG . 12.13 36.94 14.02
C4A CLA RG . 12.62 35.94 12.99
CMA CLA RG . 11.10 36.34 14.94
CAA CLA RG . 13.80 38.76 14.50
CBA CLA RG . 12.71 39.54 13.78
CGA CLA RG . 12.97 39.65 12.31
O1A CLA RG . 12.28 39.25 11.38
O2A CLA RG . 14.14 40.29 12.00
NB CLA RG . 13.22 33.86 10.89
C1B CLA RG . 12.02 34.48 11.07
C2B CLA RG . 11.04 33.98 10.07
C3B CLA RG . 11.69 33.05 9.29
C4B CLA RG . 13.09 32.96 9.80
CMB CLA RG . 9.65 34.44 10.00
CAB CLA RG . 11.21 32.28 8.18
CBB CLA RG . 10.61 32.77 7.10
NC CLA RG . 15.92 32.75 10.87
C1C CLA RG . 15.40 32.04 9.83
C2C CLA RG . 16.41 31.14 9.27
C3C CLA RG . 17.57 31.32 10.04
C4C CLA RG . 17.25 32.33 11.04
CMC CLA RG . 16.20 30.23 8.14
CAC CLA RG . 18.86 30.62 9.87
CBC CLA RG . 19.91 31.49 9.20
ND CLA RG . 16.60 34.42 13.03
C1D CLA RG . 17.86 33.79 12.95
C2D CLA RG . 18.75 34.35 13.99
C3D CLA RG . 18.01 35.31 14.65
C4D CLA RG . 16.67 35.31 14.02
CMD CLA RG . 20.14 33.95 14.20
CAD CLA RG . 17.99 36.31 15.70
OBD CLA RG . 18.90 36.67 16.45
CBD CLA RG . 16.55 36.90 15.76
CGD CLA RG . 15.94 36.72 17.12
O1D CLA RG . 16.27 37.26 18.17
O2D CLA RG . 14.89 35.84 17.16
CED CLA RG . 14.15 35.77 18.38
C1 CLA RG . 14.01 41.56 11.32
C2 CLA RG . 15.16 41.72 10.40
C3 CLA RG . 15.12 41.37 9.10
C4 CLA RG . 16.30 41.55 8.20
C5 CLA RG . 13.89 40.79 8.50
MG CLA SG . -4.04 30.31 -4.59
CHA CLA SG . -2.90 29.76 -1.35
CHB CLA SG . -5.72 27.37 -4.50
CHC CLA SG . -5.19 30.95 -7.76
CHD CLA SG . -2.20 33.35 -4.65
NA CLA SG . -4.25 28.82 -3.13
C1A CLA SG . -3.71 28.77 -1.85
C2A CLA SG . -4.11 27.49 -1.12
C3A CLA SG . -4.95 26.73 -2.17
C4A CLA SG . -5.00 27.69 -3.36
CMA CLA SG . -4.35 25.39 -2.55
CAA CLA SG . -4.92 27.77 0.13
CBA CLA SG . -6.38 28.04 -0.20
CGA CLA SG . -6.89 29.21 0.58
O1A CLA SG . -6.86 30.40 0.26
O2A CLA SG . -7.44 28.86 1.77
NB CLA SG . -5.21 29.33 -5.89
C1B CLA SG . -5.85 28.15 -5.65
C2B CLA SG . -6.72 27.81 -6.80
C3B CLA SG . -6.57 28.81 -7.73
C4B CLA SG . -5.61 29.80 -7.16
CMB CLA SG . -7.54 26.60 -6.86
CAB CLA SG . -7.19 28.95 -9.02
CBB CLA SG . -7.91 30.00 -9.43
NC CLA SG . -3.74 31.87 -5.95
C1C CLA SG . -4.30 31.92 -7.19
C2C CLA SG . -3.87 33.14 -7.87
C3C CLA SG . -3.02 33.81 -7.00
C4C CLA SG . -2.94 33.00 -5.79
CMC CLA SG . -4.28 33.53 -9.22
CAC CLA SG . -2.33 35.09 -7.23
CBC CLA SG . -0.93 34.90 -7.75
ND CLA SG . -2.85 31.37 -3.33
C1D CLA SG . -2.15 32.60 -3.49
C2D CLA SG . -1.39 32.89 -2.24
C3D CLA SG . -1.67 31.85 -1.38
C4D CLA SG . -2.56 30.92 -2.11
CMD CLA SG . -0.58 34.08 -2.04
CAD CLA SG . -1.44 31.28 -0.07
OBD CLA SG . -0.80 31.73 0.88
CBD CLA SG . -2.19 29.91 -0.02
CGD CLA SG . -1.24 28.76 0.17
O1D CLA SG . -0.92 27.91 -0.65
O2D CLA SG . -0.71 28.68 1.42
CED CLA SG . 0.10 27.53 1.70
C1 CLA SG . -8.25 29.84 2.47
C2 CLA SG . -7.32 30.71 3.23
C3 CLA SG . -6.84 30.42 4.45
C4 CLA SG . -7.24 29.19 5.17
C5 CLA SG . -5.92 31.35 5.16
C6 CLA SG . -5.74 32.69 4.46
C7 CLA SG . -4.52 32.72 3.56
C8 CLA SG . -4.76 33.59 2.33
C9 CLA SG . -3.56 33.58 1.42
C10 CLA SG . -5.12 35.03 2.74
C11 CLA SG . -3.90 35.88 3.03
C12 CLA SG . -4.22 37.35 2.92
C13 CLA SG . -3.10 38.21 3.47
C14 CLA SG . -3.66 39.36 4.30
C15 CLA SG . -2.22 38.77 2.36
C16 CLA SG . -0.97 37.90 2.19
C17 CLA SG . 0.10 38.61 1.40
C18 CLA SG . 1.24 37.66 1.01
C19 CLA SG . 0.86 36.85 -0.21
C20 CLA SG . 1.59 36.74 2.15
MG CLA TG . 8.17 33.52 -8.48
CHA CLA TG . 10.69 33.79 -10.86
CHB CLA TG . 10.26 31.73 -6.48
CHC CLA TG . 5.70 33.43 -6.10
CHD CLA TG . 6.03 35.34 -10.63
NA CLA TG . 10.15 32.87 -8.66
C1A CLA TG . 11.03 33.09 -9.73
C2A CLA TG . 12.39 32.44 -9.46
C3A CLA TG . 12.17 31.69 -8.13
C4A CLA TG . 10.77 32.12 -7.69
CMA CLA TG . 12.29 30.19 -8.32
CAA CLA TG . 13.45 33.53 -9.28
CBA CLA TG . 13.22 34.37 -8.03
CGA CLA TG . 12.40 35.59 -8.32
O1A CLA TG . 12.68 36.57 -9.01
O2A CLA TG . 11.18 35.56 -7.70
NB CLA TG . 7.99 32.69 -6.66
C1B CLA TG . 8.98 32.06 -5.98
C2B CLA TG . 8.53 31.75 -4.58
C3B CLA TG . 7.24 32.22 -4.47
C4B CLA TG . 6.89 32.83 -5.79
CMB CLA TG . 9.40 31.07 -3.61
CAB CLA TG . 6.32 32.22 -3.37
CBB CLA TG . 6.33 31.44 -2.29
NC CLA TG . 6.20 34.24 -8.40
C1C CLA TG . 5.38 34.09 -7.33
C2C CLA TG . 4.08 34.72 -7.61
C3C CLA TG . 4.17 35.25 -8.89
C4C CLA TG . 5.51 34.95 -9.38
CMC CLA TG . 2.94 34.77 -6.71
CAC CLA TG . 3.13 35.99 -9.63
CBC CLA TG . 2.33 35.11 -10.56
ND CLA TG . 8.27 34.41 -10.30
C1D CLA TG . 7.31 35.10 -11.08
C2D CLA TG . 7.92 35.50 -12.36
C3D CLA TG . 9.21 35.03 -12.32
C4D CLA TG . 9.38 34.35 -11.03
CMD CLA TG . 7.24 36.24 -13.42
CAD CLA TG . 10.49 34.92 -13.03
OBD CLA TG . 10.82 35.38 -14.13
CBD CLA TG . 11.45 34.10 -12.12
CGD CLA TG . 11.94 32.85 -12.81
O1D CLA TG . 11.90 31.70 -12.38
O2D CLA TG . 12.49 33.07 -14.04
CED CLA TG . 13.30 32.04 -14.60
C1 CLA TG . 10.58 36.83 -7.39
C2 CLA TG . 10.17 36.80 -5.97
C3 CLA TG . 8.90 36.58 -5.58
C4 CLA TG . 7.82 36.39 -6.57
C5 CLA TG . 8.51 36.55 -4.14
C6 CLA TG . 7.08 36.96 -3.90
C7 CLA TG . 6.47 36.18 -2.76
C8 CLA TG . 5.02 36.57 -2.49
C9 CLA TG . 4.69 36.42 -1.02
C10 CLA TG . 4.07 35.72 -3.33
C11 CLA TG . 2.66 36.26 -3.33
C12 CLA TG . 2.58 37.65 -3.93
C13 CLA TG . 1.13 38.08 -4.14
C14 CLA TG . 0.38 37.03 -4.93
C15 CLA TG . 1.03 39.43 -4.83
C16 CLA TG . -0.41 39.86 -4.96
C17 CLA TG . -0.55 41.26 -5.54
C18 CLA TG . -1.97 41.78 -5.37
C19 CLA TG . -2.18 42.38 -4.00
C20 CLA TG . -2.30 42.80 -6.44
MG CLA UG . 13.35 31.02 0.42
CHA CLA UG . 15.07 30.84 -2.59
CHB CLA UG . 15.55 28.82 1.80
CHC CLA UG . 11.58 31.19 3.36
CHD CLA UG . 11.02 33.20 -1.11
NA CLA UG . 15.05 30.03 -0.30
C1A CLA UG . 15.61 30.07 -1.58
C2A CLA UG . 16.84 29.18 -1.68
C3A CLA UG . 16.91 28.50 -0.29
C4A CLA UG . 15.77 29.15 0.48
CMA CLA UG . 16.74 27.00 -0.39
CAA CLA UG . 18.11 29.97 -1.95
CBA CLA UG . 18.17 31.26 -1.18
CGA CLA UG . 19.20 32.16 -1.78
O1A CLA UG . 19.37 32.44 -2.98
O2A CLA UG . 20.04 32.73 -0.86
NB CLA UG . 13.48 30.10 2.21
C1B CLA UG . 14.53 29.35 2.62
C2B CLA UG . 14.46 29.12 4.09
C3B CLA UG . 13.34 29.78 4.54
C4B CLA UG . 12.71 30.42 3.35
CMB CLA UG . 15.44 28.35 4.84
CAB CLA UG . 12.81 29.90 5.88
CBB CLA UG . 11.62 29.46 6.26
NC CLA UG . 11.63 32.03 1.02
C1C CLA UG . 11.07 31.95 2.26
C2C CLA UG . 9.86 32.76 2.33
C3C CLA UG . 9.70 33.34 1.07
C4C CLA UG . 10.81 32.87 0.24
CMC CLA UG . 9.01 32.91 3.50
CAC CLA UG . 8.62 34.24 0.63
CBC CLA UG . 9.06 35.69 0.54
ND CLA UG . 13.13 31.96 -1.36
C1D CLA UG . 12.09 32.79 -1.87
C2D CLA UG . 12.39 33.10 -3.29
C3D CLA UG . 13.53 32.40 -3.61
C4D CLA UG . 13.92 31.67 -2.38
CMD CLA UG . 11.58 33.99 -4.13
CAD CLA UG . 14.51 32.09 -4.64
OBD CLA UG . 14.63 32.54 -5.77
CBD CLA UG . 15.46 31.00 -4.04
CGD CLA UG . 15.32 29.69 -4.76
O1D CLA UG . 14.77 28.67 -4.35
O2D CLA UG . 15.86 29.67 -6.02
CED CLA UG . 15.83 28.44 -6.74
C1 CLA UG . 21.16 33.47 -1.39
C2 CLA UG . 20.70 34.87 -1.60
MG CLA VG . 24.31 -16.44 8.66
CHA CLA VG . 26.98 -18.65 8.89
CHB CLA VG . 26.48 -13.82 8.60
CHC CLA VG . 21.64 -14.33 8.21
CHD CLA VG . 22.09 -19.21 8.70
NA CLA VG . 26.38 -16.29 8.76
C1A CLA VG . 27.32 -17.32 8.83
C2A CLA VG . 28.74 -16.77 8.85
C3A CLA VG . 28.53 -15.24 8.95
C4A CLA VG . 27.02 -15.08 8.74
CMA CLA VG . 28.98 -14.73 10.29
CAA CLA VG . 29.46 -17.13 7.56
CBA CLA VG . 28.68 -16.70 6.33
CGA CLA VG . 28.21 -17.89 5.55
O1A CLA VG . 28.19 -19.08 5.89
O2A CLA VG . 27.73 -17.57 4.30
NB CLA VG . 24.10 -14.45 8.45
C1B CLA VG . 25.10 -13.54 8.41
C2B CLA VG . 24.55 -12.18 8.18
C3B CLA VG . 23.18 -12.32 8.08
C4B CLA VG . 22.88 -13.77 8.25
CMB CLA VG . 25.39 -10.98 8.10
CAB CLA VG . 22.15 -11.33 7.85
CBB CLA VG . 22.04 -10.16 8.49
NC CLA VG . 22.24 -16.73 8.53
C1C CLA VG . 21.33 -15.72 8.36
C2C CLA VG . 19.99 -16.27 8.29
C3C CLA VG . 20.11 -17.65 8.42
C4C CLA VG . 21.53 -17.94 8.56
CMC CLA VG . 18.77 -15.48 8.12
CAC CLA VG . 19.01 -18.64 8.41
CBC CLA VG . 18.72 -19.25 9.76
ND CLA VG . 24.43 -18.46 8.83
C1D CLA VG . 23.45 -19.49 8.82
C2D CLA VG . 24.11 -20.79 8.97
C3D CLA VG . 25.47 -20.54 9.01
C4D CLA VG . 25.61 -19.07 8.91
CMD CLA VG . 23.42 -22.08 9.02
CAD CLA VG . 26.80 -21.09 9.13
OBD CLA VG . 27.14 -22.26 9.32
CBD CLA VG . 27.81 -19.90 9.01
CGD CLA VG . 28.75 -19.84 10.18
O1D CLA VG . 28.46 -19.77 11.38
O2D CLA VG . 30.06 -19.84 9.84
CED CLA VG . 31.01 -20.35 10.79
C1 CLA VG . 27.38 -18.68 3.45
C2 CLA VG . 27.65 -18.25 2.05
C3 CLA VG . 26.73 -17.68 1.27
C4 CLA VG . 25.35 -17.42 1.72
C5 CLA VG . 27.07 -17.28 -0.13
C6 CLA VG . 26.10 -17.80 -1.16
C7 CLA VG . 26.27 -19.30 -1.36
C8 CLA VG . 25.79 -19.77 -2.73
C9 CLA VG . 24.53 -19.03 -3.15
C10 CLA VG . 25.54 -21.27 -2.75
C11 CLA VG . 26.83 -22.02 -2.98
C12 CLA VG . 26.59 -23.51 -3.16
C13 CLA VG . 27.88 -24.32 -3.04
C14 CLA VG . 29.07 -23.57 -3.61
C15 CLA VG . 27.73 -25.67 -3.73
C16 CLA VG . 27.26 -26.74 -2.76
C17 CLA VG . 27.13 -28.08 -3.44
C18 CLA VG . 27.28 -29.25 -2.47
C19 CLA VG . 27.61 -30.52 -3.24
C20 CLA VG . 28.36 -28.99 -1.45
MG CLA WG . 21.28 -5.73 -1.80
CHA CLA WG . 23.39 -4.02 0.36
CHB CLA WG . 22.43 -3.88 -4.41
CHC CLA WG . 19.16 -7.45 -3.88
CHD CLA WG . 20.06 -7.56 0.97
NA CLA WG . 22.70 -4.21 -1.97
C1A CLA WG . 23.47 -3.62 -0.96
C2A CLA WG . 24.38 -2.54 -1.52
C3A CLA WG . 23.97 -2.45 -3.01
C4A CLA WG . 22.97 -3.59 -3.17
CMA CLA WG . 23.36 -1.10 -3.35
CAA CLA WG . 25.83 -2.96 -1.43
CBA CLA WG . 25.99 -4.43 -1.76
CGA CLA WG . 27.37 -4.73 -2.23
O1A CLA WG . 27.76 -4.95 -3.38
O2A CLA WG . 28.29 -4.74 -1.21
NB CLA WG . 20.84 -5.65 -3.76
C1B CLA WG . 21.49 -4.89 -4.68
C2B CLA WG . 21.04 -5.26 -6.06
C3B CLA WG . 20.13 -6.27 -5.92
C4B CLA WG . 19.98 -6.53 -4.45
CMB CLA WG . 21.55 -4.63 -7.27
CAB CLA WG . 19.39 -6.99 -6.93
CBB CLA WG . 19.32 -8.32 -7.06
NC CLA WG . 19.87 -7.23 -1.50
C1C CLA WG . 19.11 -7.78 -2.49
C2C CLA WG . 18.22 -8.80 -1.93
C3C CLA WG . 18.49 -8.84 -0.56
C4C CLA WG . 19.52 -7.85 -0.30
CMC CLA WG . 17.26 -9.58 -2.69
CAC CLA WG . 17.84 -9.72 0.44
CBC CLA WG . 16.55 -9.14 0.95
ND CLA WG . 21.64 -5.86 0.19
C1D CLA WG . 21.04 -6.63 1.22
C2D CLA WG . 21.66 -6.29 2.52
C3D CLA WG . 22.58 -5.29 2.24
C4D CLA WG . 22.51 -5.05 0.78
CMD CLA WG . 21.32 -6.89 3.81
CAD CLA WG . 23.58 -4.38 2.78
OBD CLA WG . 23.99 -4.28 3.94
CBD CLA WG . 24.09 -3.51 1.60
CGD CLA WG . 23.80 -2.05 1.83
O1D CLA WG . 22.83 -1.40 1.43
O2D CLA WG . 24.75 -1.41 2.57
CED CLA WG . 24.63 0.01 2.72
C1 CLA WG . 29.40 -5.63 -1.36
C2 CLA WG . 28.87 -7.01 -1.25
C3 CLA WG . 29.67 -8.09 -1.24
C4 CLA WG . 31.14 -7.98 -1.34
C5 CLA WG . 29.09 -9.45 -1.12
C6 CLA WG . 29.44 -10.33 -2.31
C7 CLA WG . 29.76 -11.74 -1.85
C8 CLA WG . 28.51 -12.59 -1.65
C9 CLA WG . 28.25 -12.82 -0.18
C10 CLA WG . 28.68 -13.94 -2.35
C11 CLA WG . 30.01 -14.55 -1.96
C12 CLA WG . 30.15 -15.98 -2.44
C13 CLA WG . 31.61 -16.41 -2.38
C14 CLA WG . 32.46 -15.57 -3.31
C15 CLA WG . 31.77 -17.89 -2.74
C16 CLA WG . 30.94 -18.24 -3.96
C17 CLA WG . 31.36 -19.59 -4.54
C18 CLA WG . 30.56 -19.95 -5.77
C19 CLA WG . 30.83 -21.38 -6.18
C20 CLA WG . 29.07 -19.76 -5.52
C1 PQN XG . 13.47 -6.49 4.97
O1 PQN XG . 12.87 -5.95 4.03
C2 PQN XG . 14.20 -7.76 4.77
C2M PQN XG . 14.22 -8.41 3.41
C3 PQN XG . 14.92 -8.40 5.90
C4 PQN XG . 14.90 -7.78 7.24
O4 PQN XG . 15.50 -8.32 8.19
C5 PQN XG . 14.16 -6.50 7.45
C6 PQN XG . 14.13 -5.90 8.69
C7 PQN XG . 13.44 -4.71 8.85
C8 PQN XG . 12.76 -4.11 7.78
C9 PQN XG . 12.77 -4.67 6.52
C10 PQN XG . 13.45 -5.86 6.31
C11 PQN XG . 15.66 -9.70 5.69
C12 PQN XG . 17.11 -9.53 5.38
C13 PQN XG . 18.03 -10.08 6.17
C14 PQN XG . 17.61 -10.86 7.38
C15 PQN XG . 19.50 -9.93 5.86
C16 PQN XG . 19.74 -10.43 4.44
C17 PQN XG . 21.23 -10.63 4.18
C18 PQN XG . 21.48 -11.15 2.76
C19 PQN XG . 20.70 -12.42 2.48
C20 PQN XG . 22.98 -11.39 2.60
C21 PQN XG . 23.52 -12.23 3.75
C22 PQN XG . 25.01 -12.00 3.95
C23 PQN XG . 25.83 -13.17 3.42
C24 PQN XG . 25.52 -14.43 4.20
C25 PQN XG . 27.31 -12.81 3.52
C26 PQN XG . 27.72 -12.69 4.98
C27 PQN XG . 28.65 -11.51 5.21
C28 PQN XG . 29.07 -11.43 6.68
C29 PQN XG . 29.98 -12.59 7.05
C30 PQN XG . 29.73 -10.09 6.99
C1 BCR YG . 49.67 46.33 10.29
C2 BCR YG . 48.85 46.97 11.41
C3 BCR YG . 47.37 47.20 11.12
C4 BCR YG . 46.75 46.01 10.41
C5 BCR YG . 47.54 45.88 9.14
C6 BCR YG . 48.84 45.62 9.25
C7 BCR YG . 49.56 44.66 8.38
C8 BCR YG . 49.02 43.69 7.66
C9 BCR YG . 49.94 42.86 6.86
C10 BCR YG . 49.70 42.67 5.57
C11 BCR YG . 50.62 41.89 4.76
C33 BCR YG . 46.84 46.11 7.82
C31 BCR YG . 50.60 45.30 10.91
C32 BCR YG . 50.50 47.41 9.58
C34 BCR YG . 51.16 42.26 7.50
C12 BCR YG . 50.37 41.75 3.46
C13 BCR YG . 51.29 40.99 2.60
C14 BCR YG . 50.87 40.55 1.41
C15 BCR YG . 51.78 39.80 0.56
C16 BCR YG . 51.38 39.42 -0.65
C17 BCR YG . 52.33 38.69 -1.47
C18 BCR YG . 52.02 38.30 -2.71
C19 BCR YG . 53.07 37.60 -3.47
C20 BCR YG . 52.96 37.16 -4.71
C21 BCR YG . 54.15 36.52 -5.25
C22 BCR YG . 54.26 36.11 -6.52
C23 BCR YG . 55.55 35.49 -6.90
C24 BCR YG . 55.64 34.45 -7.71
C25 BCR YG . 56.95 33.87 -8.07
C26 BCR YG . 57.61 33.05 -7.25
C27 BCR YG . 58.28 31.82 -7.82
C28 BCR YG . 59.09 32.24 -9.04
C29 BCR YG . 58.20 32.96 -10.04
C30 BCR YG . 57.54 34.18 -9.43
C35 BCR YG . 52.69 40.73 3.06
C36 BCR YG . 50.68 38.57 -3.30
C37 BCR YG . 53.15 36.27 -7.49
C38 BCR YG . 57.75 33.32 -5.78
C39 BCR YG . 56.40 34.67 -10.33
C40 BCR YG . 58.54 35.31 -9.32
C DD6 ZG . 51.25 25.15 -2.78
C1 DD6 ZG . 51.36 24.33 -1.53
C10 DD6 ZG . 44.04 18.77 -4.20
C11 DD6 ZG . 43.13 17.81 -4.06
C12 DD6 ZG . 43.10 16.93 -2.84
C13 DD6 ZG . 42.14 17.64 -5.14
C14 DD6 ZG . 41.54 16.48 -5.35
C15 DD6 ZG . 40.55 16.43 -6.48
C16 DD6 ZG . 39.06 16.48 -6.18
C17 DD6 ZG . 38.30 15.69 -7.24
C18 DD6 ZG . 38.69 16.15 -8.63
C19 DD6 ZG . 40.11 15.70 -8.96
C2 DD6 ZG . 50.55 23.29 -1.31
C20 DD6 ZG . 41.09 16.12 -7.88
C21 DD6 ZG . 42.56 15.78 -8.03
C22 DD6 ZG . 38.79 15.90 -4.81
C23 DD6 ZG . 38.60 17.93 -6.20
C24 DD6 ZG . 52.33 24.66 -0.48
C25 DD6 ZG . 53.30 25.55 -0.63
C26 DD6 ZG . 54.14 25.75 0.54
C27 DD6 ZG . 55.07 26.72 0.63
C28 DD6 ZG . 55.34 27.66 -0.49
C29 DD6 ZG . 55.71 26.80 1.69
C3 DD6 ZG . 49.53 22.89 -2.26
C30 DD6 ZG . 56.27 26.90 2.72
C31 DD6 ZG . 56.82 26.98 3.84
C32 DD6 ZG . 55.96 26.84 5.07
C33 DD6 ZG . 56.86 26.78 6.30
C34 DD6 ZG . 57.97 25.81 5.97
C35 DD6 ZG . 58.93 26.50 5.02
C36 DD6 ZG . 58.14 27.18 3.92
C37 DD6 ZG . 58.82 28.06 2.93
C4 DD6 ZG . 48.72 21.90 -1.87
C40 DD6 ZG . 55.15 25.56 4.96
C41 DD6 ZG . 55.01 28.03 5.14
C5 DD6 ZG . 47.67 21.47 -2.77
C6 DD6 ZG . 46.99 20.34 -2.54
C7 DD6 ZG . 47.31 19.47 -1.36
C8 DD6 ZG . 45.91 19.98 -3.47
C9 DD6 ZG . 45.06 19.01 -3.20
O1 DD6 ZG . 40.88 17.45 -7.42
O2 DD6 ZG . 37.84 15.50 -9.57
O4 DD6 ZG . 58.64 25.41 7.18
C1 BCR AH . 29.53 -5.25 -13.77
C2 BCR AH . 29.72 -4.90 -15.23
C3 BCR AH . 28.38 -4.65 -15.90
C4 BCR AH . 27.69 -3.44 -15.31
C5 BCR AH . 27.95 -3.31 -13.82
C6 BCR AH . 28.60 -4.24 -13.12
C7 BCR AH . 28.42 -4.31 -11.66
C8 BCR AH . 27.34 -4.89 -11.17
C9 BCR AH . 27.09 -4.99 -9.72
C10 BCR AH . 26.00 -5.67 -9.35
C11 BCR AH . 25.62 -5.87 -7.95
C33 BCR AH . 27.43 -2.08 -13.12
C31 BCR AH . 30.86 -5.20 -13.03
C32 BCR AH . 28.93 -6.64 -13.65
C34 BCR AH . 28.02 -4.38 -8.72
C12 BCR AH . 24.77 -6.85 -7.76
C13 BCR AH . 24.24 -7.22 -6.45
C14 BCR AH . 23.39 -8.25 -6.39
C15 BCR AH . 22.81 -8.69 -5.15
C16 BCR AH . 22.07 -9.78 -5.16
C17 BCR AH . 21.46 -10.21 -3.92
C18 BCR AH . 20.70 -11.31 -3.86
C19 BCR AH . 20.10 -11.64 -2.57
C20 BCR AH . 19.46 -12.77 -2.31
C21 BCR AH . 18.94 -12.83 -0.95
C22 BCR AH . 18.04 -13.72 -0.55
C23 BCR AH . 17.60 -13.62 0.85
C24 BCR AH . 16.70 -14.47 1.36
C25 BCR AH . 16.27 -14.31 2.76
C26 BCR AH . 17.12 -14.37 3.79
C27 BCR AH . 16.79 -13.74 5.13
C28 BCR AH . 15.42 -13.10 5.10
C29 BCR AH . 14.44 -14.04 4.42
C30 BCR AH . 14.78 -14.08 2.95
C35 BCR AH . 24.65 -6.48 -5.21
C36 BCR AH . 20.46 -12.15 -5.08
C37 BCR AH . 17.49 -14.76 -1.47
C38 BCR AH . 18.45 -15.05 3.69
C39 BCR AH . 14.43 -12.75 2.31
C40 BCR AH . 14.03 -15.20 2.26
C1 LMG BH . 22.57 3.45 13.72
O1 LMG BH . 23.36 3.16 12.59
C2 LMG BH . 22.32 2.10 14.43
O2 LMG BH . 21.52 1.37 13.55
C3 LMG BH . 21.47 2.47 15.66
O3 LMG BH . 21.26 1.25 16.34
C4 LMG BH . 22.27 3.45 16.56
O4 LMG BH . 23.39 2.79 17.06
C5 LMG BH . 22.75 4.65 15.69
O5 LMG BH . 23.85 6.73 15.82
C6 LMG BH . 23.72 5.52 16.52
O6 LMG BH . 23.41 4.23 14.53
C7 LMG BH . 23.48 4.23 11.69
C8 LMG BH . 22.94 3.69 10.35
C9 LMG BH . 23.03 4.80 9.30
O7 LMG BH . 23.82 2.68 9.91
C10 LMG BH . 23.32 1.43 9.76
O9 LMG BH . 22.22 1.17 10.21
C11 LMG BH . 24.09 0.64 8.74
C12 LMG BH . 23.36 -0.66 8.42
C13 LMG BH . 23.75 -1.22 7.06
C14 LMG BH . 25.27 -1.40 7.06
C15 LMG BH . 25.67 -1.95 5.72
C16 LMG BH . 27.18 -2.10 5.69
C17 LMG BH . 27.64 -1.57 4.36
C18 LMG BH . 28.64 -2.57 3.80
C19 LMG BH . 28.80 -2.26 2.34
C20 LMG BH . 29.81 -1.14 2.25
O8 LMG BH . 24.18 5.55 9.62
C28 LMG BH . 24.97 5.92 8.59
O10 LMG BH . 26.08 5.43 8.47
C29 LMG BH . 24.47 7.11 7.85
C30 LMG BH . 25.57 7.74 7.02
C31 LMG BH . 25.54 7.10 5.65
C32 LMG BH . 24.50 7.84 4.82
C33 LMG BH . 24.95 7.75 3.38
C34 LMG BH . 23.73 7.73 2.49
C35 LMG BH . 23.83 6.45 1.68
C36 LMG BH . 23.89 6.87 0.24
C37 LMG BH . 24.69 5.84 -0.51
C38 LMG BH . 24.05 5.83 -1.86
C39 LMG BH . 24.92 6.55 -2.85
C40 LMG BH . 25.57 5.41 -3.58
C41 LMG BH . 25.35 5.59 -5.06
C1 LMG CH . 22.01 25.62 -12.92
O1 LMG CH . 23.06 25.57 -11.97
C2 LMG CH . 21.20 26.94 -12.69
O2 LMG CH . 19.97 26.53 -12.18
C3 LMG CH . 20.94 27.60 -14.07
O3 LMG CH . 22.15 28.21 -14.42
C4 LMG CH . 20.59 26.50 -15.12
O4 LMG CH . 20.36 27.10 -16.35
C5 LMG CH . 21.81 25.54 -15.24
O5 LMG CH . 23.86 25.35 -16.37
C6 LMG CH . 22.58 25.87 -16.55
O6 LMG CH . 22.70 25.70 -14.16
C7 LMG CH . 22.77 26.12 -10.70
C8 LMG CH . 22.44 24.93 -9.76
C9 LMG CH . 20.94 24.98 -9.41
O7 LMG CH . 22.64 23.73 -10.47
C10 LMG CH . 23.28 22.72 -9.85
O9 LMG CH . 24.44 22.88 -9.48
C11 LMG CH . 22.35 21.64 -9.41
C12 LMG CH . 22.72 21.12 -8.03
C13 LMG CH . 22.48 22.15 -6.94
C14 LMG CH . 22.01 21.39 -5.71
C15 LMG CH . 21.80 22.35 -4.58
C16 LMG CH . 23.15 22.90 -4.14
C17 LMG CH . 22.90 24.29 -3.57
C18 LMG CH . 22.32 24.11 -2.18
O8 LMG CH . 20.87 25.00 -8.00
C28 LMG CH . 20.50 26.16 -7.42
O10 LMG CH . 19.89 26.99 -8.10
C29 LMG CH . 21.16 26.42 -6.12
C30 LMG CH . 20.40 27.49 -5.33
MG CLA DH . 60.60 28.96 7.65
CHA CLA DH . 58.50 30.31 10.03
CHB CLA DH . 60.68 26.03 9.38
CHC CLA DH . 62.55 27.61 5.15
CHD CLA DH . 60.40 32.00 5.82
NA CLA DH . 59.74 28.31 9.43
C1A CLA DH . 58.86 29.02 10.27
C2A CLA DH . 58.46 28.18 11.47
C3A CLA DH . 59.29 26.90 11.33
C4A CLA DH . 59.95 27.07 9.94
CMA CLA DH . 60.28 26.84 12.46
CAA CLA DH . 56.97 27.85 11.45
CBA CLA DH . 56.47 27.47 10.07
CGA CLA DH . 54.99 27.25 10.09
O1A CLA DH . 54.18 27.58 10.97
O2A CLA DH . 54.51 26.61 8.98
NB CLA DH . 61.49 27.17 7.35
C1B CLA DH . 61.33 26.07 8.13
C2B CLA DH . 61.95 24.89 7.45
C3B CLA DH . 62.49 25.33 6.27
C4B CLA DH . 62.21 26.79 6.19
CMB CLA DH . 61.96 23.55 8.03
CAB CLA DH . 63.20 24.63 5.22
CBB CLA DH . 63.96 23.55 5.34
NC CLA DH . 61.38 29.69 5.85
C1C CLA DH . 62.18 28.98 5.00
C2C CLA DH . 62.56 29.80 3.85
C3C CLA DH . 61.90 31.02 4.01
C4C CLA DH . 61.17 30.95 5.27
CMC CLA DH . 63.42 29.35 2.76
CAC CLA DH . 61.96 32.18 3.11
CBC CLA DH . 63.24 32.98 3.25
ND CLA DH . 59.73 30.77 7.84
C1D CLA DH . 59.72 31.93 7.02
C2D CLA DH . 58.92 32.99 7.69
C3D CLA DH . 58.46 32.43 8.88
C4D CLA DH . 58.97 31.05 8.90
CMD CLA DH . 58.72 34.34 7.17
CAD CLA DH . 57.72 32.64 10.11
OBD CLA DH . 57.26 33.67 10.58
CBD CLA DH . 57.64 31.26 10.84
CGD CLA DH . 58.11 31.35 12.26
O1D CLA DH . 59.16 30.91 12.73
O2D CLA DH . 57.25 32.01 13.10
CED CLA DH . 57.35 31.74 14.50
C1 CLA DH . 53.50 25.60 9.21
C2 CLA DH . 53.17 25.02 7.89
C3 CLA DH . 52.74 23.75 7.72
C4 CLA DH . 52.56 22.83 8.86
C5 CLA DH . 52.43 23.23 6.36
C6 CLA DH . 53.56 22.43 5.75
C7 CLA DH . 53.27 22.14 4.29
C8 CLA DH . 54.46 21.55 3.55
C9 CLA DH . 55.23 22.63 2.83
C10 CLA DH . 54.03 20.49 2.55
C11 CLA DH . 52.68 20.80 1.93
C12 CLA DH . 52.45 20.06 0.64
C13 CLA DH . 52.46 18.55 0.84
C14 CLA DH . 53.55 17.90 0.02
C15 CLA DH . 51.11 17.93 0.51
C DD6 EH . 81.41 30.05 -2.55
C1 DD6 EH . 80.17 29.77 -1.81
C10 DD6 EH . 75.32 33.96 -9.02
C11 DD6 EH . 74.18 34.38 -9.58
C12 DD6 EH . 72.89 34.21 -8.85
C13 DD6 EH . 74.21 34.99 -10.93
C14 DD6 EH . 73.66 34.33 -11.94
C15 DD6 EH . 73.65 34.86 -13.37
C16 DD6 EH . 74.85 34.60 -14.25
C17 DD6 EH . 74.85 35.37 -15.56
C18 DD6 EH . 73.45 35.70 -16.07
C19 DD6 EH . 72.82 36.63 -15.07
C2 DD6 EH . 79.00 30.10 -2.36
C20 DD6 EH . 72.51 35.81 -13.81
C21 DD6 EH . 71.67 36.46 -12.70
C22 DD6 EH . 74.92 33.11 -14.55
C23 DD6 EH . 76.09 35.02 -13.49
C24 DD6 EH . 80.30 29.14 -0.50
C25 DD6 EH . 81.51 28.84 -0.05
C26 DD6 EH . 81.63 28.21 1.26
C27 DD6 EH . 82.73 27.60 1.68
C28 DD6 EH . 83.94 27.54 0.80
C29 DD6 EH . 82.73 27.09 2.82
C3 DD6 EH . 78.96 30.72 -3.67
C30 DD6 EH . 82.70 26.62 3.89
C31 DD6 EH . 82.64 26.15 5.06
C32 DD6 EH . 82.51 27.09 6.20
C33 DD6 EH . 82.64 26.29 7.48
C34 DD6 EH . 81.57 25.22 7.45
C35 DD6 EH . 81.92 24.20 6.38
C36 DD6 EH . 82.70 24.84 5.28
C37 DD6 EH . 83.56 23.98 4.41
C4 DD6 EH . 77.83 31.33 -4.06
C40 DD6 EH . 81.14 27.74 6.14
C41 DD6 EH . 83.59 28.16 6.13
C5 DD6 EH . 77.72 31.97 -5.37
C6 DD6 EH . 76.56 32.48 -5.77
C8 DD6 EH . 76.48 33.11 -7.10
C9 DD6 EH . 75.32 33.35 -7.70
O1 DD6 EH . 72.44 34.40 -14.00
O2 DD6 EH . 73.54 36.36 -17.33
O4 DD6 EH . 81.54 24.57 8.71
C DD6 FH . 79.37 5.79 -9.02
C1 DD6 FH . 79.79 5.38 -7.64
C10 DD6 FH . 88.23 2.65 -11.34
C11 DD6 FH . 89.35 1.93 -11.50
C12 DD6 FH . 89.76 0.90 -10.49
C13 DD6 FH . 90.16 2.21 -12.69
C14 DD6 FH . 91.19 1.45 -13.07
C15 DD6 FH . 92.01 1.81 -14.29
C16 DD6 FH . 91.48 1.51 -15.71
C17 DD6 FH . 92.49 1.76 -16.83
C18 DD6 FH . 93.77 2.46 -16.43
C19 DD6 FH . 94.42 1.68 -15.31
C2 DD6 FH . 81.01 4.88 -7.42
C20 DD6 FH . 93.51 1.77 -14.09
C21 DD6 FH . 94.05 1.43 -12.70
C22 DD6 FH . 90.24 2.35 -16.02
C23 DD6 FH . 91.11 0.04 -15.74
C24 DD6 FH . 78.89 5.53 -6.49
C25 DD6 FH . 77.75 6.20 -6.56
C26 DD6 FH . 76.97 6.30 -5.34
C27 DD6 FH . 75.82 6.98 -5.26
C28 DD6 FH . 75.25 7.68 -6.45
C29 DD6 FH . 75.25 7.03 -4.14
C3 DD6 FH . 82.00 4.72 -8.48
C30 DD6 FH . 74.78 7.11 -3.06
C31 DD6 FH . 74.30 7.22 -1.91
C32 DD6 FH . 72.81 7.08 -1.73
C33 DD6 FH . 72.37 7.58 -0.37
C34 DD6 FH . 73.28 7.03 0.71
C35 DD6 FH . 74.63 7.68 0.53
C36 DD6 FH . 75.12 7.46 -0.89
C37 DD6 FH . 76.59 7.54 -1.17
C4 DD6 FH . 83.08 3.97 -8.27
C40 DD6 FH . 72.14 7.88 -2.84
C41 DD6 FH . 72.44 5.60 -1.88
C5 DD6 FH . 84.07 3.88 -9.34
C6 DD6 FH . 85.22 3.20 -9.15
C7 DD6 FH . 85.50 2.50 -7.87
C8 DD6 FH . 86.21 3.20 -10.25
C9 DD6 FH . 87.34 2.51 -10.19
O1 DD6 FH . 92.78 2.99 -14.12
O2 DD6 FH . 94.66 2.52 -17.55
O4 DD6 FH . 72.77 7.36 2.01
C DD6 GH . 74.64 23.26 -1.77
C1 DD6 GH . 73.79 22.39 -0.89
C10 DD6 GH . 74.94 15.67 -7.64
C11 DD6 GH . 74.76 14.58 -8.39
C12 DD6 GH . 73.85 13.47 -7.95
C13 DD6 GH . 75.45 14.51 -9.69
C14 DD6 GH . 75.53 13.39 -10.40
C15 DD6 GH . 76.27 13.46 -11.72
C16 DD6 GH . 75.48 13.74 -12.99
C17 DD6 GH . 76.18 13.14 -14.20
C18 DD6 GH . 77.64 13.55 -14.24
C19 DD6 GH . 78.40 12.84 -13.13
C2 DD6 GH . 73.48 21.13 -1.27
C20 DD6 GH . 77.75 13.08 -11.77
C21 DD6 GH . 78.42 12.57 -10.49
C22 DD6 GH . 75.34 15.24 -13.19
C23 DD6 GH . 74.10 13.12 -12.87
C24 DD6 GH . 73.29 22.89 0.40
C25 DD6 GH . 73.57 24.11 0.81
C26 DD6 GH . 73.03 24.55 2.10
C27 DD6 GH . 73.30 25.77 2.59
C28 DD6 GH . 74.16 26.73 1.81
C29 DD6 GH . 72.82 26.13 3.70
C3 DD6 GH . 73.96 20.59 -2.55
C30 DD6 GH . 72.32 26.45 4.72
C31 DD6 GH . 71.84 26.78 5.83
C32 DD6 GH . 71.10 28.10 5.94
C33 DD6 GH . 70.55 28.33 7.34
C34 DD6 GH . 70.06 27.01 7.94
C35 DD6 GH . 71.29 26.17 8.19
C36 DD6 GH . 72.02 25.97 6.88
C37 DD6 GH . 72.97 24.83 6.76
C4 DD6 GH . 73.58 19.39 -2.95
C40 DD6 GH . 72.08 29.21 5.59
C41 DD6 GH . 69.96 28.08 4.93
C5 DD6 GH . 74.08 18.87 -4.21
C6 DD6 GH . 73.87 17.60 -4.59
C7 DD6 GH . 73.10 16.66 -3.72
C8 DD6 GH . 74.42 17.15 -5.88
C9 DD6 GH . 74.33 15.91 -6.34
O1 DD6 GH . 77.31 14.43 -11.61
O2 DD6 GH . 78.21 13.16 -15.49
O4 DD6 GH . 69.39 27.25 9.17
C7 UIX HH . 87.10 23.63 -5.59
C8 UIX HH . 89.51 23.96 -7.90
C9 UIX HH . 89.17 25.53 -6.02
O1 UIX HH . 87.45 26.74 -10.41
C1 UIX HH . 86.00 24.38 -7.86
C5 UIX HH . 87.46 25.71 -9.42
C6 UIX HH . 84.71 24.20 -7.06
C4 UIX HH . 88.36 26.13 -8.27
O4 UIX HH . 84.15 -0.99 5.98
C3 UIX HH . 86.07 25.53 -8.87
O3 UIX HH . 87.13 4.19 2.99
C2 UIX HH . 88.55 24.98 -7.30
C UIX HH . 87.23 24.30 -6.95
O UIX HH . 86.93 23.31 -7.94
C10 UIX HH . 87.16 22.31 -5.50
C11 UIX HH . 87.03 21.64 -4.19
C12 UIX HH . 87.21 22.41 -2.92
C13 UIX HH . 86.74 20.32 -4.17
C14 UIX HH . 86.60 19.58 -2.92
C15 UIX HH . 83.64 3.86 4.43
C16 UIX HH . 86.19 3.50 3.81
C17 UIX HH . 83.35 2.57 3.67
C18 UIX HH . 84.50 1.57 3.60
C19 UIX HH . 85.78 2.23 3.07
C20 UIX HH . 85.00 4.39 4.02
C21 UIX HH . 83.56 3.64 5.93
C22 UIX HH . 82.59 4.90 4.04
C23 UIX HH . 86.15 18.34 -2.99
C24 UIX HH . 86.90 3.19 5.13
C25 UIX HH . 85.18 5.62 3.82
C26 UIX HH . 86.01 17.48 -1.79
C27 UIX HH . 84.17 -0.41 4.91
C28 UIX HH . 85.38 6.85 3.62
O2 UIX HH . 84.72 0.94 4.86
C29 UIX HH . 86.02 18.08 -0.42
C30 UIX HH . 85.88 16.16 -1.97
C31 UIX HH . 83.66 -1.07 3.66
C32 UIX HH . 85.35 7.41 2.25
C33 UIX HH . 84.98 6.55 1.08
C34 UIX HH . 85.77 15.24 -0.83
C35 UIX HH . 85.66 8.70 2.10
C36 UIX HH . 85.67 9.42 0.83
C37 UIX HH . 85.81 13.93 -1.09
C38 UIX HH . 85.66 10.75 0.92
C39 UIX HH . 85.74 12.97 -0.01
C40 UIX HH . 85.69 11.65 -0.24
C41 UIX HH . 85.68 11.11 -1.64
C DD6 IH . 73.87 21.29 -7.16
C1 DD6 IH . 73.35 22.30 -8.15
C10 DD6 IH . 75.03 28.75 -1.31
C11 DD6 IH . 75.32 29.94 -0.78
C12 DD6 IH . 75.09 31.21 -1.53
C13 DD6 IH . 75.91 29.95 0.57
C14 DD6 IH . 76.39 31.06 1.13
C15 DD6 IH . 77.00 30.98 2.52
C16 DD6 IH . 76.11 30.79 3.74
C17 DD6 IH . 76.78 31.35 4.98
C18 DD6 IH . 78.20 30.87 5.12
C19 DD6 IH . 79.05 31.56 4.06
C2 DD6 IH . 73.23 23.58 -7.80
C20 DD6 IH . 78.47 31.34 2.67
C21 DD6 IH . 79.21 31.86 1.45
C22 DD6 IH . 75.82 29.31 3.97
C23 DD6 IH . 74.79 31.52 3.52
C24 DD6 IH . 73.00 21.88 -9.51
C25 DD6 IH . 73.23 20.63 -9.91
C26 DD6 IH . 72.91 20.22 -11.26
C27 DD6 IH . 73.29 18.99 -11.65
C28 DD6 IH . 74.00 18.09 -10.69
C29 DD6 IH . 73.07 18.59 -12.83
C3 DD6 IH . 73.62 24.03 -6.48
C30 DD6 IH . 72.91 18.26 -13.95
C31 DD6 IH . 72.79 17.89 -15.14
C32 DD6 IH . 71.55 17.10 -15.53
C33 DD6 IH . 71.61 16.59 -16.96
C34 DD6 IH . 72.34 17.56 -17.89
C35 DD6 IH . 73.77 17.62 -17.40
C36 DD6 IH . 73.75 18.20 -16.00
C37 DD6 IH . 74.85 19.14 -15.60
C4 DD6 IH . 73.64 25.33 -6.20
C40 DD6 IH . 70.34 18.02 -15.36
C41 DD6 IH . 71.44 15.93 -14.57
C5 DD6 IH . 74.07 25.76 -4.87
C6 DD6 IH . 73.89 27.02 -4.45
C7 DD6 IH . 73.22 28.05 -5.31
C8 DD6 IH . 74.40 27.35 -3.10
C9 DD6 IH . 74.47 28.60 -2.65
O1 DD6 IH . 78.03 29.99 2.50
O2 DD6 IH . 78.71 31.21 6.41
O4 DD6 IH . 72.31 17.06 -19.22
MG CLA JH . 79.08 34.35 11.67
CHA CLA JH . 81.52 31.91 12.14
CHB CLA JH . 80.75 36.40 13.81
CHC CLA JH . 76.66 36.73 11.17
CHD CLA JH . 77.37 32.16 9.47
NA CLA JH . 80.84 34.16 12.77
C1A CLA JH . 81.72 33.07 12.84
C2A CLA JH . 82.90 33.36 13.77
C3A CLA JH . 82.57 34.76 14.34
C4A CLA JH . 81.30 35.16 13.60
CMA CLA JH . 82.37 34.71 15.84
CAA CLA JH . 84.20 33.42 13.00
CBA CLA JH . 84.29 34.67 12.16
CGA CLA JH . 85.30 34.52 11.05
O1A CLA JH . 86.43 34.05 11.11
O2A CLA JH . 84.84 34.96 9.84
NB CLA JH . 78.75 36.21 12.37
C1B CLA JH . 79.58 36.89 13.20
C2B CLA JH . 79.06 38.28 13.41
C3B CLA JH . 77.90 38.38 12.67
C4B CLA JH . 77.69 37.07 12.00
CMB CLA JH . 79.72 39.26 14.25
CAB CLA JH . 77.03 39.53 12.53
CBB CLA JH . 75.70 39.53 12.49
NC CLA JH . 77.33 34.42 10.53
C1C CLA JH . 76.48 35.49 10.49
C2C CLA JH . 75.35 35.20 9.62
C3C CLA JH . 75.55 33.91 9.12
C4C CLA JH . 76.80 33.43 9.71
CMC CLA JH . 74.24 36.11 9.36
CAC CLA JH . 74.67 33.17 8.21
CBC CLA JH . 74.76 33.67 6.78
ND CLA JH . 79.33 32.48 10.93
C1D CLA JH . 78.55 31.69 10.04
C2D CLA JH . 79.20 30.38 9.85
C3D CLA JH . 80.34 30.41 10.64
C4D CLA JH . 80.38 31.74 11.28
CMD CLA JH . 78.70 29.31 9.02
CAD CLA JH . 81.52 29.67 11.08
OBD CLA JH . 81.89 28.54 10.79
CBD CLA JH . 82.30 30.61 12.06
CGD CLA JH . 82.53 29.98 13.41
O1D CLA JH . 83.52 29.35 13.79
O2D CLA JH . 81.49 30.13 14.28
CED CLA JH . 81.53 29.39 15.50
C1 CLA JH . 85.82 35.13 8.80
C2 CLA JH . 85.09 35.36 7.53
C3 CLA JH . 84.50 36.52 7.23
C4 CLA JH . 83.78 36.72 5.94
MG CLA KH . 89.12 24.77 8.74
CHA CLA KH . 88.91 21.50 9.91
CHB CLA KH . 90.44 25.77 11.71
CHC CLA KH . 89.38 27.97 7.49
CHD CLA KH . 87.79 23.69 5.64
NA CLA KH . 89.58 23.77 10.52
C1A CLA KH . 89.43 22.41 10.80
C2A CLA KH . 89.90 22.10 12.23
C3A CLA KH . 90.31 23.48 12.79
C4A CLA KH . 90.10 24.42 11.60
CMA CLA KH . 89.48 23.88 13.99
CAA CLA KH . 91.10 21.16 12.22
CBA CLA KH . 92.40 21.89 11.96
CGA CLA KH . 92.86 21.67 10.56
O1A CLA KH . 93.10 20.61 9.97
O2A CLA KH . 93.02 22.84 9.86
NB CLA KH . 89.80 26.52 9.46
C1B CLA KH . 90.30 26.73 10.71
C2B CLA KH . 90.66 28.17 10.88
C3B CLA KH . 90.36 28.80 9.68
C4B CLA KH . 89.81 27.76 8.77
CMB CLA KH . 91.22 28.72 12.11
CAB CLA KH . 90.51 30.18 9.29
CBB CLA KH . 90.11 31.24 10.01
NC CLA KH . 88.64 25.66 6.91
C1C CLA KH . 88.83 26.98 6.62
C2C CLA KH . 88.40 27.26 5.26
C3C CLA KH . 87.97 26.06 4.72
C4C CLA KH . 88.13 25.05 5.77
CMC CLA KH . 88.45 28.57 4.61
CAC CLA KH . 87.45 25.81 3.37
CBC CLA KH . 85.98 26.12 3.29
ND CLA KH . 88.42 23.05 7.93
C1D CLA KH . 87.91 22.75 6.64
C2D CLA KH . 87.58 21.30 6.58
C3D CLA KH . 87.92 20.78 7.81
C4D CLA KH . 88.46 21.91 8.61
CMD CLA KH . 87.00 20.63 5.42
CAD CLA KH . 87.96 19.60 8.65
OBD CLA KH . 87.57 18.46 8.42
CBD CLA KH . 88.64 20.02 9.99
CGD CLA KH . 87.80 19.68 11.19
O1D CLA KH . 86.74 20.21 11.54
O2D CLA KH . 88.30 18.68 11.96
CED CLA KH . 87.55 18.28 13.11
MG CLA LH . 74.38 22.10 7.80
CHA CLA LH . 74.27 22.53 11.24
CHB CLA LH . 71.63 20.09 7.97
CHC CLA LH . 74.40 21.87 4.37
CHD CLA LH . 77.20 24.24 7.68
NA CLA LH . 73.17 21.43 9.37
C1A CLA LH . 73.28 21.74 10.72
C2A CLA LH . 72.18 21.05 11.53
C3A CLA LH . 71.50 20.14 10.50
C4A CLA LH . 72.12 20.59 9.16
CMA CLA LH . 71.77 18.70 10.81
CAA CLA LH . 71.19 22.10 12.02
CBA CLA LH . 70.91 23.17 10.97
CGA CLA LH . 69.53 23.05 10.42
O1A CLA LH . 68.48 22.92 11.04
O2A CLA LH . 69.47 23.09 9.06
NB CLA LH . 73.26 21.12 6.43
C1B CLA LH . 72.14 20.42 6.70
C2B CLA LH . 71.49 19.99 5.42
C3B CLA LH . 72.27 20.49 4.39
C4B CLA LH . 73.41 21.22 5.03
CMB CLA LH . 70.26 19.21 5.39
CAB CLA LH . 72.14 20.40 2.96
CBB CLA LH . 71.07 20.02 2.26
NC CLA LH . 75.60 22.88 6.30
C1C CLA LH . 75.44 22.64 4.97
C2C CLA LH . 76.48 23.35 4.21
C3C CLA LH . 77.26 24.03 5.14
C4C CLA LH . 76.71 23.73 6.46
CMC CLA LH . 76.62 23.32 2.75
CAC CLA LH . 78.43 24.89 4.87
CBC CLA LH . 78.06 26.35 4.92
ND CLA LH . 75.52 23.15 9.10
C1D CLA LH . 76.67 23.96 8.92
C2D CLA LH . 77.13 24.45 10.24
C3D CLA LH . 76.24 23.92 11.17
C4D CLA LH . 75.27 23.13 10.41
CMD CLA LH . 78.28 25.32 10.47
CAD CLA LH . 75.88 23.83 12.58
OBD CLA LH . 76.41 24.33 13.56
CBD CLA LH . 74.61 22.92 12.66
CGD CLA LH . 74.87 21.70 13.50
O1D CLA LH . 75.87 20.98 13.50
O2D CLA LH . 73.85 21.38 14.35
CED CLA LH . 73.87 20.08 14.95
C1 CLA LH . 68.83 21.97 8.40
C2 CLA LH . 68.02 22.46 7.25
C3 CLA LH . 68.52 22.91 6.09
C4 CLA LH . 69.99 22.99 5.84
C5 CLA LH . 67.64 23.37 4.99
C6 CLA LH . 68.18 24.57 4.26
C7 CLA LH . 67.52 24.76 2.90
C8 CLA LH . 67.46 26.23 2.51
C9 CLA LH . 66.03 26.62 2.19
C10 CLA LH . 68.36 26.51 1.33
C11 CLA LH . 68.97 27.90 1.43
C12 CLA LH . 70.32 27.98 0.74
C13 CLA LH . 70.17 28.27 -0.75
C14 CLA LH . 70.64 27.09 -1.58
C15 CLA LH . 70.93 29.53 -1.14
C16 CLA LH . 70.09 30.41 -2.05
C17 CLA LH . 70.83 30.79 -3.31
C18 CLA LH . 70.75 32.28 -3.61
C19 CLA LH . 69.34 32.80 -3.37
C20 CLA LH . 71.74 33.04 -2.77
MG CLA MH . 67.88 18.63 -1.49
CHA CLA MH . 65.65 17.24 0.77
CHB CLA MH . 68.26 21.32 0.57
CHC CLA MH . 70.15 19.93 -3.72
CHD CLA MH . 67.49 15.78 -3.56
NA CLA MH . 67.08 19.15 0.37
C1A CLA MH . 66.18 18.44 1.16
C2A CLA MH . 65.86 19.16 2.46
C3A CLA MH . 66.65 20.48 2.33
C4A CLA MH . 67.41 20.32 1.01
CMA CLA MH . 65.72 21.66 2.30
CAA CLA MH . 66.44 18.36 3.62
CBA CLA MH . 65.91 18.76 4.99
CGA CLA MH . 64.58 18.14 5.26
O1A CLA MH . 63.46 18.58 4.96
O2A CLA MH . 64.65 16.94 5.91
NB CLA MH . 69.02 20.28 -1.54
C1B CLA MH . 68.98 21.29 -0.64
C2B CLA MH . 69.80 22.44 -1.13
C3B CLA MH . 70.34 22.06 -2.33
C4B CLA MH . 69.86 20.68 -2.62
CMB CLA MH . 69.94 23.69 -0.38
CAB CLA MH . 71.21 22.77 -3.24
CBB CLA MH . 71.05 24.04 -3.63
NC CLA MH . 68.67 17.96 -3.31
C1C CLA MH . 69.60 18.66 -4.04
C2C CLA MH . 69.94 17.90 -5.24
C3C CLA MH . 69.19 16.72 -5.21
C4C CLA MH . 68.39 16.77 -3.98
CMC CLA MH . 70.90 18.33 -6.25
CAC CLA MH . 69.20 15.64 -6.21
CBC CLA MH . 70.16 14.53 -5.85
ND CLA MH . 66.81 16.91 -1.49
C1D CLA MH . 66.74 15.82 -2.41
C2D CLA MH . 65.75 14.84 -1.90
C3D CLA MH . 65.28 15.35 -0.70
C4D CLA MH . 65.99 16.63 -0.49
CMD CLA MH . 65.39 13.60 -2.58
CAD CLA MH . 64.40 15.16 0.43
OBD CLA MH . 63.58 14.27 0.66
CBD CLA MH . 64.60 16.35 1.41
CGD CLA MH . 63.34 17.14 1.59
O1D CLA MH . 62.92 18.04 0.86
O2D CLA MH . 62.60 16.80 2.69
CED CLA MH . 61.32 17.41 2.82
C1 CLA MH . 64.43 15.76 5.11
C2 CLA MH . 63.63 14.78 5.88
C3 CLA MH . 62.97 13.78 5.28
C4 CLA MH . 63.00 13.62 3.81
C5 CLA MH . 62.17 12.79 6.04
C6 CLA MH . 60.69 12.84 5.72
C7 CLA MH . 60.23 11.62 4.94
C8 CLA MH . 59.63 11.99 3.58
C9 CLA MH . 59.11 13.41 3.55
C10 CLA MH . 58.50 11.02 3.22
MG CLA NH . 80.87 8.22 -11.86
CHA CLA NH . 81.03 7.30 -15.19
CHB CLA NH . 77.58 8.98 -12.22
CHC CLA NH . 80.78 9.09 -8.54
CHD CLA NH . 84.34 7.54 -11.56
NA CLA NH . 79.55 8.13 -13.45
C1A CLA NH . 79.80 7.72 -14.77
C2A CLA NH . 78.55 7.81 -15.63
C3A CLA NH . 77.50 8.43 -14.69
C4A CLA NH . 78.24 8.51 -13.35
CMA CLA NH . 77.06 9.79 -15.19
CAA CLA NH . 78.08 6.42 -16.06
CBA CLA NH . 78.14 5.43 -14.92
CGA CLA NH . 77.40 4.18 -15.28
O1A CLA NH . 77.04 3.80 -16.39
O2A CLA NH . 77.10 3.41 -14.19
NB CLA NH . 79.48 8.98 -10.63
C1B CLA NH . 78.16 9.11 -10.94
C2B CLA NH . 77.37 9.40 -9.71
C3B CLA NH . 78.27 9.44 -8.67
C4B CLA NH . 79.62 9.16 -9.24
CMB CLA NH . 75.92 9.59 -9.70
CAB CLA NH . 78.07 9.67 -7.27
CBB CLA NH . 77.53 10.77 -6.76
NC CLA NH . 82.30 8.28 -10.33
C1C CLA NH . 82.04 8.66 -9.04
C2C CLA NH . 83.27 8.59 -8.25
C3C CLA NH . 84.28 8.16 -9.10
C4C CLA NH . 83.67 7.98 -10.41
CMC CLA NH . 83.38 8.92 -6.82
CAC CLA NH . 85.70 7.96 -8.76
CBC CLA NH . 86.02 6.56 -8.31
ND CLA NH . 82.35 7.45 -13.01
C1D CLA NH . 83.73 7.29 -12.78
C2D CLA NH . 84.38 6.81 -14.02
C3D CLA NH . 83.38 6.76 -14.97
C4D CLA NH . 82.15 7.23 -14.30
CMD CLA NH . 85.79 6.46 -14.12
CAD CLA NH . 83.02 6.45 -16.35
OBD CLA NH . 83.70 5.92 -17.23
CBD CLA NH . 81.55 6.91 -16.55
CGD CLA NH . 81.45 8.09 -17.47
O1D CLA NH . 80.88 9.16 -17.26
O2D CLA NH . 82.08 7.92 -18.67
CED CLA NH . 81.40 7.14 -19.64
C1 CLA NH . 78.13 2.50 -13.74
C2 CLA NH . 77.69 1.98 -12.41
C3 CLA NH . 76.70 1.08 -12.26
C4 CLA NH . 75.95 0.54 -13.42
C5 CLA NH . 76.30 0.58 -10.91
C6 CLA NH . 77.40 0.74 -9.88
C7 CLA NH . 76.94 0.31 -8.50
C8 CLA NH . 76.48 1.47 -7.62
C9 CLA NH . 77.08 2.79 -8.07
C10 CLA NH . 76.84 1.23 -6.16
C11 CLA NH . 75.68 0.65 -5.37
C12 CLA NH . 74.55 1.64 -5.22
C13 CLA NH . 74.50 2.29 -3.84
C14 CLA NH . 75.27 3.60 -3.86
C15 CLA NH . 74.99 1.36 -2.74
C16 CLA NH . 76.17 1.90 -1.95
C17 CLA NH . 75.80 2.27 -0.53
C18 CLA NH . 76.94 2.99 0.18
C19 CLA NH . 77.44 2.16 1.35
C20 CLA NH . 76.51 4.35 0.66
MG CLA OH . 66.87 9.59 -2.65
CHA CLA OH . 66.54 11.46 0.25
CHB CLA OH . 64.15 7.73 -1.76
CHC CLA OH . 67.06 7.96 -5.67
CHD CLA OH . 69.70 11.53 -3.53
NA CLA OH . 65.61 9.59 -0.99
C1A CLA OH . 65.62 10.46 0.10
C2A CLA OH . 64.51 10.10 1.09
C3A CLA OH . 63.96 8.76 0.54
C4A CLA OH . 64.60 8.67 -0.84
CMA CLA OH . 64.37 7.61 1.43
CAA CLA OH . 63.41 11.15 1.08
CBA CLA OH . 62.91 11.41 -0.33
CGA CLA OH . 61.65 12.22 -0.31
O1A CLA OH . 60.68 12.10 0.45
O2A CLA OH . 61.63 13.19 -1.26
NB CLA OH . 65.81 8.12 -3.54
C1B CLA OH . 64.68 7.55 -3.04
C2B CLA OH . 64.10 6.63 -4.07
C3B CLA OH . 64.91 6.69 -5.17
C4B CLA OH . 66.02 7.63 -4.84
CMB CLA OH . 62.88 5.85 -3.85
CAB CLA OH . 64.80 6.00 -6.43
CBB CLA OH . 64.67 6.57 -7.63
NC CLA OH . 68.18 9.70 -4.27
C1C CLA OH . 68.09 8.92 -5.40
C2C CLA OH . 69.17 9.25 -6.32
C3C CLA OH . 69.90 10.27 -5.73
C4C CLA OH . 69.27 10.55 -4.44
CMC CLA OH . 69.38 8.60 -7.62
CAC CLA OH . 71.09 10.92 -6.28
CBC CLA OH . 72.32 10.06 -6.16
ND CLA OH . 67.98 11.07 -1.84
C1D CLA OH . 69.10 11.80 -2.32
C2D CLA OH . 69.46 12.85 -1.31
C3D CLA OH . 68.50 12.77 -0.32
C4D CLA OH . 67.60 11.66 -0.70
CMD CLA OH . 70.58 13.77 -1.44
CAD CLA OH . 68.03 13.30 0.95
OBD CLA OH . 68.52 14.17 1.66
CBD CLA OH . 66.73 12.52 1.32
CGD CLA OH . 66.79 11.95 2.71
O1D CLA OH . 66.75 10.77 3.06
O2D CLA OH . 66.92 12.90 3.68
CED CLA OH . 66.38 12.62 4.97
C1 CLA OH . 60.46 14.04 -1.27
C2 CLA OH . 60.15 14.34 -2.69
C3 CLA OH . 60.82 15.26 -3.42
C4 CLA OH . 60.48 15.52 -4.83
C5 CLA OH . 61.93 16.05 -2.83
C6 CLA OH . 61.76 17.54 -3.05
MG CLA PH . 81.68 8.13 5.90
CHA CLA PH . 80.28 6.08 8.34
CHB CLA PH . 83.86 9.36 8.19
CHC CLA PH . 83.04 10.10 3.44
CHD CLA PH . 79.41 6.76 3.54
NA CLA PH . 82.00 7.76 7.93
C1A CLA PH . 81.32 6.86 8.76
C2A CLA PH . 81.88 6.90 10.18
C3A CLA PH . 82.97 8.01 10.11
C4A CLA PH . 82.96 8.41 8.65
CMA CLA PH . 82.64 9.16 11.03
CAA CLA PH . 82.52 5.57 10.55
CBA CLA PH . 83.29 4.95 9.39
CGA CLA PH . 84.69 5.48 9.34
O1A CLA PH . 85.35 5.99 10.24
O2A CLA PH . 85.26 5.35 8.10
NB CLA PH . 83.18 9.46 5.83
C1B CLA PH . 83.96 9.83 6.88
C2B CLA PH . 84.93 10.87 6.43
C3B CLA PH . 84.71 11.09 5.08
C4B CLA PH . 83.58 10.20 4.69
CMB CLA PH . 85.92 11.48 7.33
CAB CLA PH . 85.35 11.97 4.15
CBB CLA PH . 86.66 12.23 4.06
NC CLA PH . 81.29 8.38 3.87
C1C CLA PH . 81.96 9.24 3.05
C2C CLA PH . 81.44 9.16 1.69
C3C CLA PH . 80.42 8.21 1.72
C4C CLA PH . 80.33 7.73 3.09
CMC CLA PH . 81.92 9.94 0.56
CAC CLA PH . 79.60 7.78 0.58
CBC CLA PH . 80.00 6.42 0.07
ND CLA PH . 80.16 6.78 5.88
C1D CLA PH . 79.30 6.31 4.85
C2D CLA PH . 78.36 5.32 5.40
C3D CLA PH . 78.68 5.21 6.75
C4D CLA PH . 79.81 6.12 6.98
CMD CLA PH . 77.31 4.65 4.64
CAD CLA PH . 78.35 4.57 8.01
OBD CLA PH . 77.47 3.76 8.29
CBD CLA PH . 79.40 5.10 9.06
CGD CLA PH . 78.73 5.74 10.24
O1D CLA PH . 77.90 6.65 10.25
O2D CLA PH . 79.16 5.25 11.45
CED CLA PH . 79.02 6.09 12.59
C1 CLA PH . 85.98 6.49 7.58
C2 CLA PH . 87.39 6.36 8.02
C3 CLA PH . 88.42 6.95 7.39
C4 CLA PH . 89.82 6.80 7.87
C5 CLA PH . 88.20 7.76 6.17
C6 CLA PH . 89.08 7.30 5.02
C7 CLA PH . 88.89 8.19 3.80
C8 CLA PH . 89.90 7.87 2.71
C9 CLA PH . 91.24 8.51 3.02
C10 CLA PH . 89.40 8.33 1.35
C11 CLA PH . 88.96 7.16 0.51
C12 CLA PH . 89.73 7.08 -0.80
C13 CLA PH . 88.81 7.23 -2.00
C14 CLA PH . 88.42 8.68 -2.21
C15 CLA PH . 87.56 6.36 -1.85
C16 CLA PH . 86.61 6.54 -3.01
C17 CLA PH . 85.29 5.83 -2.77
C18 CLA PH . 84.51 5.64 -4.06
C19 CLA PH . 85.34 4.89 -5.09
C20 CLA PH . 83.22 4.89 -3.79
NB KC1 QH . 89.71 15.71 1.60
ND KC1 QH . 90.46 17.95 4.72
C1A KC1 QH . 90.42 15.09 5.75
C1B KC1 QH . 89.64 14.36 1.60
C1C KC1 QH . 89.76 18.51 0.66
C1D KC1 QH . 90.62 19.29 4.76
C2A KC1 QH . 90.42 13.68 6.16
C2B KC1 QH . 89.37 13.89 0.29
C2C KC1 QH . 89.81 19.89 0.20
C2D KC1 QH . 90.90 19.66 6.09
C3A KC1 QH . 90.18 12.95 5.00
C3B KC1 QH . 89.29 15.00 -0.52
C3C KC1 QH . 90.10 20.66 1.28
C3D KC1 QH . 90.92 18.49 6.85
C4A KC1 QH . 90.04 13.85 3.94
C4B KC1 QH . 89.51 16.14 0.35
C4C KC1 QH . 90.22 19.78 2.42
C4D KC1 QH . 90.64 17.45 5.96
CAA KC1 QH . 90.62 13.16 7.52
CAB KC1 QH . 89.04 15.01 -1.97
CAC KC1 QH . 90.27 22.16 1.28
CAD KC1 QH . 91.11 17.90 8.19
CBA KC1 QH . 89.75 12.33 8.11
CBB KC1 QH . 89.97 15.42 -2.82
CBC KC1 QH . 91.76 22.51 1.31
CBD KC1 QH . 91.11 16.40 7.95
CED KC1 QH . 93.47 16.04 10.26
CGA KC1 QH . 90.16 11.01 8.44
CGD KC1 QH . 92.49 15.85 8.10
CHA KC1 QH . 90.62 16.22 6.55
CHB KC1 QH . 89.78 13.46 2.63
CHC KC1 QH . 89.49 17.41 -0.16
CHD KC1 QH . 90.52 20.21 3.73
CMA KC1 QH . 90.08 11.45 4.89
CMB KC1 QH . 89.23 12.45 -0.14
CMC KC1 QH . 89.61 20.38 -1.21
CMD KC1 QH . 91.15 21.05 6.60
NA KC1 QH . 90.18 15.15 4.38
NC KC1 QH . 90.01 18.47 2.01
O1A KC1 QH . 89.52 10.07 8.03
O1D KC1 QH . 93.15 15.64 7.10
O2A KC1 QH . 91.41 10.81 8.91
O2D KC1 QH . 92.83 15.23 9.24
OBD KC1 QH . 91.47 18.47 9.20
MG KC1 QH . 90.06 16.82 3.18
MG CLA RH . 82.35 29.57 -7.98
CHA CLA RH . 83.09 31.58 -10.71
CHB CLA RH . 85.64 29.54 -7.11
CHC CLA RH . 81.56 27.63 -5.25
CHD CLA RH . 78.95 29.59 -8.94
NA CLA RH . 84.06 30.44 -8.80
C1A CLA RH . 84.17 31.25 -9.93
C2A CLA RH . 85.62 31.68 -10.17
C3A CLA RH . 86.40 30.99 -9.03
C4A CLA RH . 85.31 30.27 -8.23
CMA CLA RH . 87.43 30.03 -9.57
CAA CLA RH . 85.76 33.19 -10.04
NB CLA RH . 83.40 28.76 -6.45
C1B CLA RH . 84.74 28.83 -6.30
C2B CLA RH . 85.16 28.02 -5.12
C3B CLA RH . 84.01 27.47 -4.58
C4B CLA RH . 82.88 27.94 -5.43
CMB CLA RH . 86.55 27.89 -4.68
CAB CLA RH . 83.81 26.60 -3.45
CBB CLA RH . 84.58 25.56 -3.11
NC CLA RH . 80.57 28.78 -7.23
C1C CLA RH . 80.47 28.02 -6.09
C2C CLA RH . 79.08 27.66 -5.86
C3C CLA RH . 78.34 28.18 -6.92
C4C CLA RH . 79.29 28.89 -7.77
CMC CLA RH . 78.61 26.86 -4.72
CAC CLA RH . 76.90 28.06 -7.12
CBC CLA RH . 76.15 29.36 -6.89
ND CLA RH . 81.22 30.36 -9.45
C1D CLA RH . 79.83 30.29 -9.73
C2D CLA RH . 79.55 31.06 -10.96
C3D CLA RH . 80.76 31.57 -11.39
C4D CLA RH . 81.77 31.10 -10.41
CMD CLA RH . 78.21 31.21 -11.53
CAD CLA RH . 81.46 32.35 -12.40
OBD CLA RH . 81.02 32.90 -13.40
CBD CLA RH . 82.96 32.40 -11.98
CGD CLA RH . 83.87 31.87 -13.06
O1D CLA RH . 85.09 32.00 -13.15
O2D CLA RH . 83.22 31.19 -14.05
CED CLA RH . 83.40 31.64 -15.40
MG CLA SH . 68.42 12.01 -13.77
CHA CLA SH . 66.21 11.19 -16.31
CHB CLA SH . 67.59 15.29 -14.11
CHC CLA SH . 70.58 12.76 -11.21
CHD CLA SH . 69.27 8.58 -13.47
NA CLA SH . 67.11 13.05 -15.03
C1A CLA SH . 66.27 12.53 -16.02
C2A CLA SH . 65.48 13.64 -16.72
C3A CLA SH . 66.02 14.93 -16.06
C4A CLA SH . 66.98 14.41 -14.98
CMA CLA SH . 66.72 15.82 -17.06
CAA CLA SH . 63.99 13.50 -16.49
CBA CLA SH . 63.64 13.29 -15.03
CGA CLA SH . 62.16 13.32 -14.84
O1A CLA SH . 61.34 14.09 -15.36
O2A CLA SH . 61.70 12.37 -13.98
NB CLA SH . 69.03 13.71 -12.88
C1B CLA SH . 68.48 14.94 -13.08
C2B CLA SH . 68.99 15.90 -12.06
C3B CLA SH . 69.84 15.19 -11.24
C4B CLA SH . 69.87 13.79 -11.75
CMB CLA SH . 68.59 17.30 -12.01
CAB CLA SH . 70.57 15.64 -10.08
CBB CLA SH . 71.89 15.49 -9.91
NC CLA SH . 69.71 10.87 -12.57
C1C CLA SH . 70.51 11.39 -11.59
C2C CLA SH . 71.28 10.32 -10.97
C3C CLA SH . 70.90 9.13 -11.58
C4C CLA SH . 69.91 9.49 -12.60
CMC CLA SH . 72.24 10.54 -9.88
CAC CLA SH . 71.38 7.78 -11.29
CBC CLA SH . 72.84 7.55 -11.64
ND CLA SH . 67.88 10.26 -14.62
C1D CLA SH . 68.32 8.91 -14.41
C2D CLA SH . 67.60 8.03 -15.36
C3D CLA SH . 66.78 8.84 -16.11
C4D CLA SH . 66.99 10.22 -15.61
CMD CLA SH . 67.79 6.57 -15.44
CAD CLA SH . 65.80 8.91 -17.17
OBD CLA SH . 65.32 8.00 -17.84
CBD CLA SH . 65.42 10.41 -17.35
CGD CLA SH . 65.68 10.91 -18.74
O1D CLA SH . 64.87 11.11 -19.65
O2D CLA SH . 67.00 11.18 -18.99
CED CLA SH . 67.31 12.14 -20.00
C1 CLA SH . 60.41 12.63 -13.38
MG CLA TH . 71.75 25.94 -11.71
CHA CLA TH . 71.74 24.35 -14.81
CHB CLA TH . 73.50 28.52 -13.04
CHC CLA TH . 71.66 27.49 -8.64
CHD CLA TH . 69.96 23.20 -10.35
NA CLA TH . 72.49 26.34 -13.62
C1A CLA TH . 72.39 25.56 -14.78
C2A CLA TH . 73.08 26.25 -15.96
C3A CLA TH . 73.65 27.55 -15.35
C4A CLA TH . 73.19 27.48 -13.90
CMA CLA TH . 75.16 27.64 -15.46
CAA CLA TH . 72.11 26.55 -17.09
CBA CLA TH . 71.32 27.82 -16.82
CGA CLA TH . 69.90 27.50 -16.45
O1A CLA TH . 68.93 28.25 -16.35
O2A CLA TH . 69.71 26.17 -16.19
NB CLA TH . 72.45 27.67 -10.98
C1B CLA TH . 73.14 28.61 -11.68
C2B CLA TH . 73.49 29.75 -10.80
C3B CLA TH . 72.97 29.47 -9.56
C4B CLA TH . 72.30 28.14 -9.66
CMB CLA TH . 74.24 30.91 -11.25
CAB CLA TH . 73.03 30.24 -8.34
CBB CLA TH . 71.96 30.77 -7.71
NC CLA TH . 70.94 25.43 -9.85
C1C CLA TH . 71.02 26.21 -8.73
C2C CLA TH . 70.35 25.55 -7.61
C3C CLA TH . 69.88 24.34 -8.08
C4C CLA TH . 70.26 24.26 -9.50
CMC CLA TH . 70.23 26.12 -6.27
CAC CLA TH . 69.13 23.32 -7.33
CBC CLA TH . 70.04 22.32 -6.64
ND CLA TH . 71.00 24.17 -12.36
C1D CLA TH . 70.30 23.14 -11.70
C2D CLA TH . 69.99 22.06 -12.67
C3D CLA TH . 70.50 22.48 -13.88
C4D CLA TH . 71.13 23.80 -13.63
CMD CLA TH . 69.26 20.83 -12.35
CAD CLA TH . 70.68 22.16 -15.28
OBD CLA TH . 70.28 21.20 -15.93
CBD CLA TH . 71.50 23.33 -15.91
CGD CLA TH . 72.77 22.79 -16.50
O1D CLA TH . 73.74 22.31 -15.89
O2D CLA TH . 72.84 22.85 -17.86
CED CLA TH . 73.27 21.68 -18.55
C1 LMG UH . 86.39 29.02 10.46
O1 LMG UH . 85.55 30.02 9.95
C2 LMG UH . 86.28 29.12 12.00
O2 LMG UH . 86.95 30.30 12.32
C3 LMG UH . 87.09 27.94 12.57
O3 LMG UH . 86.89 27.98 13.95
C4 LMG UH . 86.55 26.60 12.01
O4 LMG UH . 85.24 26.42 12.44
C5 LMG UH . 86.53 26.71 10.45
O5 LMG UH . 85.94 24.46 10.85
C6 LMG UH . 85.88 25.43 9.85
O6 LMG UH . 85.78 27.82 10.03
C7 LMG UH . 85.79 30.33 8.60
C8 LMG UH . 84.47 30.96 8.08
C9 LMG UH . 83.94 31.94 9.12
O7 LMG UH . 84.75 31.77 6.92
C10 LMG UH . 85.98 31.75 6.34
O9 LMG UH . 86.83 32.54 6.74
C11 LMG UH . 85.88 31.23 4.95
C12 LMG UH . 85.10 32.23 4.11
C13 LMG UH . 84.50 31.61 2.86
C14 LMG UH . 83.44 32.59 2.37
O8 LMG UH . 82.53 31.91 8.99
C28 LMG UH . 82.01 32.55 7.91
O10 LMG UH . 81.55 31.87 6.99
C29 LMG UH . 81.73 33.99 8.13
C30 LMG UH . 80.29 34.30 7.79
C31 LMG UH . 80.15 35.79 7.60
C32 LMG UH . 78.72 36.06 7.18
C33 LMG UH . 78.51 35.39 5.85
C34 LMG UH . 78.13 36.44 4.84
C35 LMG UH . 76.85 35.95 4.17
C36 LMG UH . 77.08 36.05 2.69
C37 LMG UH . 76.25 34.98 2.03
C38 LMG UH . 76.30 35.36 0.58
C39 LMG UH . 77.57 34.81 -0.03
C40 LMG UH . 77.34 35.06 -1.50
C1 PID VH . 38.69 100.12 14.59
C2 PID VH . 39.15 99.95 16.00
C3 PID VH . 40.49 99.24 16.05
C4 PID VH . 40.39 97.90 15.35
C5 PID VH . 40.03 97.99 13.86
C6 PID VH . 39.12 99.19 13.54
C7 PID VH . 38.27 99.05 12.31
C8 PID VH . 38.68 99.10 11.03
C9 PID VH . 37.83 99.26 9.93
C10 PID VH . 36.40 99.59 9.96
C11 PID VH . 38.17 99.12 8.58
C12 PID VH . 37.04 99.50 7.78
C13 PID VH . 36.92 99.58 6.35
C14 PID VH . 36.09 100.41 5.70
C15 PID VH . 35.52 100.09 4.50
C16 PID VH . 34.78 100.94 3.70
C17 PID VH . 33.89 100.71 2.65
C18 PID VH . 33.35 101.67 1.80
C19 PID VH . 32.26 101.52 0.96
C20 PID VH . 31.77 102.31 -0.08
C21 PID VH . 30.55 102.22 -0.73
C22 PID VH . 30.22 102.84 -2.02
C23 PID VH . 28.99 102.83 -2.47
C24 PID VH . 27.76 102.88 -2.90
C25 PID VH . 27.42 102.39 -4.32
C26 PID VH . 26.49 103.40 -4.99
C27 PID VH . 25.30 103.76 -4.12
C28 PID VH . 25.76 104.38 -2.83
C29 PID VH . 26.65 103.45 -2.02
C30 PID VH . 23.74 104.36 -5.86
C31 PID VH . 23.09 105.54 -6.51
CM1 PID VH . 37.40 100.89 14.42
CM2 PID VH . 39.30 96.68 13.57
CM3 PID VH . 41.33 98.02 13.05
CM4 PID VH . 35.74 101.76 6.27
CM5 PID VH . 29.47 101.43 -0.09
CM6 PID VH . 28.69 102.24 -5.17
CM7 PID VH . 26.72 101.02 -4.26
CM8 PID VH . 27.19 104.17 -0.79
O1 PID VH . 39.75 100.49 13.68
O2 PID VH . 40.89 99.03 17.41
O3 PID VH . 35.63 99.73 10.87
O4 PID VH . 35.98 99.77 8.64
O5 PID VH . 25.77 102.38 -1.58
O6 PID VH . 24.48 104.76 -4.79
O7 PID VH . 23.63 103.22 -6.20
C1 PID WH . 42.11 76.79 10.12
C2 PID WH . 41.84 76.38 11.54
C3 PID WH . 41.95 77.58 12.45
C4 PID WH . 43.33 78.18 12.36
C5 PID WH . 43.73 78.66 10.95
C6 PID WH . 43.01 77.93 9.82
C7 PID WH . 43.60 78.11 8.44
C8 PID WH . 44.59 77.41 7.88
C9 PID WH . 45.04 77.53 6.56
C10 PID WH . 44.44 78.32 5.48
C11 PID WH . 46.17 76.93 6.01
C12 PID WH . 46.20 77.17 4.61
C13 PID WH . 47.12 76.60 3.67
C14 PID WH . 47.06 76.53 2.34
C15 PID WH . 47.97 75.72 1.69
C16 PID WH . 47.97 75.27 0.39
C17 PID WH . 48.85 74.40 -0.22
C18 PID WH . 48.79 73.83 -1.49
C19 PID WH . 49.71 72.93 -2.02
C20 PID WH . 49.70 72.24 -3.21
C21 PID WH . 50.66 71.34 -3.71
C22 PID WH . 50.48 70.58 -4.95
C23 PID WH . 51.41 69.97 -5.65
C24 PID WH . 52.33 69.30 -6.28
C25 PID WH . 52.02 67.90 -6.83
C26 PID WH . 53.27 67.01 -6.73
C27 PID WH . 54.52 67.69 -7.26
C28 PID WH . 54.81 68.94 -6.47
C29 PID WH . 53.69 69.95 -6.59
C30 PID WH . 56.04 66.24 -6.00
C31 PID WH . 57.13 65.24 -6.21
CM1 PID WH . 41.88 75.73 9.07
CM2 PID WH . 45.26 78.49 10.92
CM3 PID WH . 43.39 80.16 10.87
CM4 PID WH . 46.08 77.28 1.48
CM5 PID WH . 51.88 71.10 -2.91
CM6 PID WH . 50.89 67.26 -6.02
CM7 PID WH . 51.57 67.98 -8.29
CM8 PID WH . 53.96 71.17 -5.71
O1 PID WH . 41.57 78.10 9.81
O2 PID WH . 41.68 77.19 13.80
O3 PID WH . 43.49 79.08 5.46
O4 PID WH . 45.18 78.08 4.32
O5 PID WH . 53.71 70.39 -7.97
O6 PID WH . 55.69 66.81 -7.18
O7 PID WH . 55.56 66.51 -4.94
C DD6 XH . 36.99 84.78 6.54
C1 DD6 XH . 37.20 85.86 5.51
C10 DD6 XH . 31.68 91.66 10.58
C11 DD6 XH . 30.65 92.49 10.78
C12 DD6 XH . 30.56 93.77 10.01
C13 DD6 XH . 29.62 92.06 11.74
C14 DD6 XH . 29.14 92.68 12.83
C15 DD6 XH . 29.56 94.01 13.40
C16 DD6 XH . 30.73 94.06 14.38
C17 DD6 XH . 30.50 94.94 15.61
C18 DD6 XH . 29.04 95.15 15.95
C19 DD6 XH . 28.39 95.87 14.78
C2 DD6 XH . 36.66 87.07 5.65
C20 DD6 XH . 28.38 94.95 13.55
C21 DD6 XH . 27.05 94.50 12.96
C22 DD6 XH . 31.96 94.59 13.64
C23 DD6 XH . 31.04 92.65 14.86
C24 DD6 XH . 38.01 85.60 4.29
C25 DD6 XH . 38.40 84.40 3.92
C26 DD6 XH . 39.15 84.30 2.66
C27 DD6 XH . 39.54 83.12 2.16
C28 DD6 XH . 39.23 81.84 2.89
C29 DD6 XH . 40.16 83.07 1.07
C3 DD6 XH . 35.81 87.49 6.76
C30 DD6 XH . 40.69 83.06 0.01
C31 DD6 XH . 41.22 83.01 -1.13
C32 DD6 XH . 40.39 82.46 -2.27
C33 DD6 XH . 41.28 82.14 -3.45
C34 DD6 XH . 42.14 83.33 -3.79
C35 DD6 XH . 43.15 83.52 -2.66
C36 DD6 XH . 42.47 83.46 -1.30
C37 DD6 XH . 43.26 83.90 -0.11
C4 DD6 XH . 35.45 88.77 6.83
C40 DD6 XH . 39.37 83.52 -2.67
C41 DD6 XH . 39.68 81.20 -1.80
C5 DD6 XH . 34.54 89.20 7.89
C6 DD6 XH . 34.17 90.48 8.07
C7 DD6 XH . 34.68 91.57 7.17
C8 DD6 XH . 33.19 90.74 9.13
C9 DD6 XH . 32.73 91.90 9.60
O1 DD6 XH . 29.41 95.18 12.58
O2 DD6 XH . 28.37 93.91 16.21
O4 DD6 XH . 42.85 83.11 -5.02
C1 PID YH . 48.15 75.38 8.83
C2 PID YH . 47.79 75.80 10.22
C3 PID YH . 48.74 76.86 10.73
C4 PID YH . 50.17 76.37 10.63
C5 PID YH . 50.65 76.11 9.20
C6 PID YH . 49.52 75.54 8.31
C7 PID YH . 49.98 74.80 7.08
C8 PID YH . 50.17 73.49 6.89
C9 PID YH . 50.46 72.89 5.65
C10 PID YH . 50.48 73.57 4.34
C11 PID YH . 50.81 71.56 5.41
C12 PID YH . 51.02 71.38 4.00
C13 PID YH . 51.41 70.17 3.31
C14 PID YH . 51.50 69.93 1.99
C15 PID YH . 51.89 68.69 1.51
C16 PID YH . 51.72 68.24 0.22
C17 PID YH . 52.08 67.09 -0.48
C18 PID YH . 51.54 66.72 -1.71
C19 PID YH . 51.86 65.70 -2.59
C20 PID YH . 52.90 64.79 -2.69
C21 PID YH . 53.06 63.74 -3.60
C22 PID YH . 52.02 63.26 -4.51
C23 PID YH . 52.23 62.41 -5.49
C24 PID YH . 52.47 61.53 -6.40
C25 PID YH . 51.73 60.19 -6.41
C26 PID YH . 52.77 59.06 -6.57
C27 PID YH . 53.73 59.29 -7.72
C28 PID YH . 54.47 60.60 -7.56
C29 PID YH . 53.53 61.79 -7.48
C30 PID YH . 55.55 58.07 -8.75
C31 PID YH . 56.58 57.03 -8.49
CM1 PID YH . 47.22 74.38 8.19
CM2 PID YH . 51.85 75.16 9.33
CM3 PID YH . 51.13 77.45 8.64
CM4 PID YH . 51.19 70.96 0.93
CM5 PID YH . 54.37 63.04 -3.67
CM6 PID YH . 50.96 59.97 -5.10
CM7 PID YH . 50.72 60.11 -7.56
CM8 PID YH . 54.30 63.08 -7.25
O1 PID YH . 48.50 76.51 7.99
O2 PID YH . 48.44 77.17 12.09
O3 PID YH . 50.27 74.71 4.02
O4 PID YH . 50.79 72.61 3.39
O5 PID YH . 52.89 61.86 -8.78
O6 PID YH . 54.74 58.23 -7.69
O7 PID YH . 55.43 58.70 -9.77
C1 PID ZH . 43.39 97.20 -0.03
C2 PID ZH . 43.07 97.95 -1.28
C3 PID ZH . 44.33 98.56 -1.87
C4 PID ZH . 44.99 99.45 -0.85
C5 PID ZH . 45.50 98.71 0.40
C6 PID ZH . 44.58 97.54 0.77
C7 PID ZH . 44.72 97.05 2.20
C8 PID ZH . 44.98 95.77 2.50
C9 PID ZH . 45.24 95.22 3.76
C10 PID ZH . 45.31 95.93 5.05
C11 PID ZH . 45.50 93.88 4.04
C12 PID ZH . 45.76 93.72 5.44
C13 PID ZH . 46.07 92.50 6.09
C14 PID ZH . 46.51 92.25 7.34
C15 PID ZH . 47.07 91.02 7.59
C16 PID ZH . 47.81 90.59 8.68
C17 PID ZH . 48.48 89.38 8.82
C18 PID ZH . 49.30 88.93 9.85
C19 PID ZH . 49.96 87.71 9.87
C20 PID ZH . 50.86 87.14 10.77
C21 PID ZH . 51.48 85.90 10.70
C22 PID ZH . 52.48 85.39 11.65
C23 PID ZH . 52.91 84.16 11.66
C24 PID ZH . 53.35 82.93 11.58
C25 PID ZH . 54.85 82.65 11.46
C26 PID ZH . 55.06 81.68 10.29
C27 PID ZH . 54.15 80.47 10.34
C28 PID ZH . 52.69 80.88 10.36
C29 PID ZH . 52.38 81.76 11.57
C30 PID ZH . 55.17 78.62 9.11
C31 PID ZH . 55.60 78.25 10.49
CM1 PID ZH . 42.23 96.48 0.61
CM2 PID ZH . 45.56 99.76 1.52
CM3 PID ZH . 46.91 98.21 0.10
CM4 PID ZH . 46.39 93.22 8.49
CM5 PID ZH . 51.16 85.02 9.55
CM6 PID ZH . 55.40 82.02 12.75
CM7 PID ZH . 55.64 83.94 11.19
CM8 PID ZH . 50.92 82.19 11.56
O1 PID ZH . 44.61 96.42 -0.14
O2 PID ZH . 43.99 99.33 -3.04
O3 PID ZH . 45.14 97.08 5.35
O4 PID ZH . 45.62 94.98 6.02
O5 PID ZH . 52.61 80.90 12.71
O6 PID ZH . 54.32 79.68 9.12
O7 PID ZH . 55.51 78.07 8.11
C1 PID AI . 49.96 97.54 -3.91
C2 PID AI . 49.75 97.64 -5.39
C3 PID AI . 49.58 96.28 -6.03
C4 PID AI . 50.72 95.37 -5.65
C5 PID AI . 50.80 95.05 -4.15
C6 PID AI . 50.45 96.28 -3.30
C7 PID AI . 51.12 96.35 -1.95
C8 PID AI . 50.73 95.72 -0.84
C9 PID AI . 51.42 95.70 0.37
C10 PID AI . 52.69 96.38 0.67
C11 PID AI . 51.06 95.01 1.53
C12 PID AI . 52.06 95.22 2.53
C13 PID AI . 52.16 94.63 3.83
C14 PID AI . 52.88 95.06 4.88
C15 PID AI . 53.29 94.18 5.86
C16 PID AI . 53.69 94.49 7.15
C17 PID AI . 54.29 93.71 8.13
C18 PID AI . 54.29 94.01 9.49
C19 PID AI . 55.06 93.44 10.50
C20 PID AI . 56.20 92.65 10.47
C21 PID AI . 56.87 92.05 11.54
C22 PID AI . 56.31 91.88 12.89
C23 PID AI . 57.05 91.60 13.92
C24 PID AI . 57.79 91.36 14.97
C25 PID AI . 57.44 90.23 15.95
C26 PID AI . 58.69 89.42 16.28
C27 PID AI . 59.98 90.03 15.80
C28 PID AI . 60.01 91.51 16.11
C29 PID AI . 59.00 92.26 15.26
C30 PID AI . 62.36 89.64 16.12
C31 PID AI . 63.34 89.05 17.07
CM1 PID AI . 50.15 98.84 -3.17
CM2 PID AI . 52.24 94.58 -3.89
CM3 PID AI . 49.83 93.90 -3.87
CM4 PID AI . 53.27 96.51 5.06
CM5 PID AI . 58.23 91.52 11.32
CM6 PID AI . 56.85 90.81 17.25
CM7 PID AI . 56.39 89.30 15.32
CM8 PID AI . 58.63 93.59 15.90
O1 PID AI . 49.04 96.61 -3.27
O2 PID AI . 49.53 96.42 -7.45
O3 PID AI . 53.42 97.06 0.00
O4 PID AI . 53.01 96.11 2.00
O5 PID AI . 59.69 92.53 14.01
O6 PID AI . 61.09 89.43 16.55
O7 PID AI . 62.61 90.22 15.10
C1 PID BI . 30.82 90.34 -7.76
C2 PID BI . 30.85 90.92 -9.14
C3 PID BI . 31.47 92.31 -9.16
C4 PID BI . 30.79 93.20 -8.14
C5 PID BI . 30.99 92.74 -6.68
C6 PID BI . 30.92 91.21 -6.56
C7 PID BI . 30.36 90.67 -5.26
C8 PID BI . 30.98 90.45 -4.10
C9 PID BI . 30.40 89.78 -3.01
C10 PID BI . 29.11 89.07 -3.01
C11 PID BI . 30.93 89.66 -1.72
C12 PID BI . 29.99 88.93 -0.91
C13 PID BI . 30.04 88.65 0.50
C14 PID BI . 29.27 87.78 1.21
C15 PID BI . 28.97 88.02 2.53
C16 PID BI . 28.40 87.16 3.46
C17 PID BI . 27.82 87.42 4.70
C18 PID BI . 27.56 86.53 5.73
C19 PID BI . 26.82 86.73 6.88
C20 PID BI . 26.84 86.07 8.11
C21 PID BI . 25.97 86.17 9.20
C22 PID BI . 26.35 85.83 10.58
C23 PID BI . 25.52 85.67 11.58
C24 PID BI . 24.72 85.44 12.58
C25 PID BI . 25.00 86.06 13.96
C26 PID BI . 23.70 86.62 14.58
C27 PID BI . 22.43 86.17 13.90
C28 PID BI . 22.51 84.71 13.50
C29 PID BI . 23.52 84.50 12.39
C30 PID BI . 20.86 87.51 15.15
C31 PID BI . 19.84 87.45 16.24
CM1 PID BI . 30.20 88.98 -7.63
CM2 PID BI . 29.90 93.43 -5.87
CM3 PID BI . 32.36 93.25 -6.24
CM4 PID BI . 28.71 86.53 0.60
CM5 PID BI . 24.60 86.67 8.99
CM6 PID BI . 25.59 85.01 14.91
CM7 PID BI . 26.02 87.20 13.83
CM8 PID BI . 23.93 83.04 12.32
O1 PID BI . 32.09 90.50 -7.05
O2 PID BI . 31.32 92.88 -10.46
O3 PID BI . 28.28 88.91 -3.86
O4 PID BI . 28.93 88.53 -1.74
O5 PID BI . 22.82 84.86 11.18
O6 PID BI . 21.32 86.28 14.85
O7 PID BI . 21.23 88.50 14.60
MG CLA CI . 45.00 101.40 16.27
CHA CLA CI . 46.79 98.72 17.58
CHB CLA CI . 45.84 103.27 18.98
CHC CLA CI . 43.23 104.02 14.91
CHD CLA CI . 44.34 99.48 13.38
NA CLA CI . 46.09 101.02 18.01
C1A CLA CI . 46.77 99.84 18.36
C2A CLA CI . 47.47 100.00 19.72
C3A CLA CI . 47.07 101.42 20.17
C4A CLA CI . 46.27 101.97 18.99
CMA CLA CI . 46.28 101.39 21.46
CAA CLA CI . 48.98 99.93 19.56
CBA CLA CI . 49.44 100.86 18.46
CGA CLA CI . 50.94 100.89 18.39
O1A CLA CI . 51.75 101.04 19.31
O2A CLA CI . 51.40 100.72 17.12
NB CLA CI . 44.61 103.29 16.84
C1B CLA CI . 45.05 103.89 17.98
C2B CLA CI . 44.55 105.29 18.04
C3B CLA CI . 43.82 105.51 16.90
C4B CLA CI . 43.84 104.24 16.13
CMB CLA CI . 44.84 106.19 19.16
CAB CLA CI . 43.12 106.70 16.47
CBB CLA CI . 41.82 106.77 16.17
NC CLA CI . 43.94 101.67 14.49
C1C CLA CI . 43.28 102.82 14.16
C2C CLA CI . 42.63 102.66 12.86
C3C CLA CI . 42.97 101.39 12.40
C4C CLA CI . 43.80 100.77 13.44
CMC CLA CI . 41.81 103.68 12.19
CAC CLA CI . 42.56 100.76 11.13
CBC CLA CI . 43.69 100.70 10.13
ND CLA CI . 45.34 99.52 15.62
C1D CLA CI . 45.06 98.86 14.39
C2D CLA CI . 45.63 97.50 14.41
C3D CLA CI . 46.28 97.38 15.63
C4D CLA CI . 46.10 98.67 16.32
CMD CLA CI . 45.50 96.52 13.34
CAD CLA CI . 47.07 96.52 16.49
OBD CLA CI . 47.41 95.36 16.33
CBD CLA CI . 47.47 97.38 17.74
CGD CLA CI . 47.12 96.70 19.04
O1D CLA CI . 46.04 96.23 19.38
O2D CLA CI . 48.16 96.63 19.91
CED CLA CI . 47.87 96.33 21.28
C1 CLA CI . 52.74 100.18 16.99
C2 CLA CI . 53.01 100.03 15.54
MG CLA DI . 34.03 91.99 16.35
CHA CLA DI . 33.67 93.11 19.61
CHB CLA DI . 32.61 89.02 17.21
CHC CLA DI . 34.36 90.95 13.09
CHD CLA DI . 35.40 95.14 15.47
NA CLA DI . 33.27 91.22 18.14
C1A CLA DI . 33.21 91.84 19.39
C2A CLA DI . 32.58 90.92 20.43
C3A CLA DI . 32.34 89.61 19.66
C4A CLA DI . 32.76 89.95 18.22
CMA CLA DI . 33.14 88.46 20.22
CAA CLA DI . 31.24 91.48 20.89
CBA CLA DI . 30.44 92.04 19.73
CGA CLA DI . 29.38 91.07 19.30
O1A CLA DI . 28.28 90.85 19.82
O2A CLA DI . 29.70 90.39 18.15
NB CLA DI . 33.62 90.29 15.36
C1B CLA DI . 32.96 89.21 15.87
C2B CLA DI . 32.68 88.23 14.79
C3B CLA DI . 33.17 88.76 13.62
C4B CLA DI . 33.78 90.08 13.97
CMB CLA DI . 31.98 86.96 15.05
CAB CLA DI . 33.18 88.27 12.26
CBB CLA DI . 33.10 87.01 11.86
NC CLA DI . 34.78 92.88 14.61
C1C CLA DI . 34.83 92.26 13.39
C2C CLA DI . 35.43 93.16 12.41
C3C CLA DI . 35.68 94.36 13.06
C4C CLA DI . 35.27 94.17 14.45
CMC CLA DI . 35.68 92.83 11.01
CAC CLA DI . 36.26 95.56 12.47
CBC CLA DI . 35.21 96.62 12.17
ND CLA DI . 34.45 93.75 17.26
C1D CLA DI . 35.03 94.96 16.79
C2D CLA DI . 35.17 95.90 17.92
C3D CLA DI . 34.66 95.25 19.03
C4D CLA DI . 34.23 93.91 18.57
CMD CLA DI . 35.73 97.25 17.82
CAD CLA DI . 34.37 95.32 20.45
OBD CLA DI . 34.55 96.26 21.23
CBD CLA DI . 33.76 93.95 20.87
CGD CLA DI . 34.61 93.26 21.90
O1D CLA DI . 35.80 92.94 21.81
O2D CLA DI . 33.96 92.99 23.08
CED CLA DI . 34.76 92.81 24.25
C1 CLA DI . 28.82 90.54 17.03
NB KC1 EI . 31.99 85.47 7.49
ND KC1 EI . 32.07 81.87 9.06
C1A KC1 EI . 30.53 83.62 11.03
C1B KC1 EI . 31.39 86.55 8.03
C1C KC1 EI . 33.50 83.76 5.62
C1D KC1 EI . 32.66 80.78 8.54
C2A KC1 EI . 29.80 84.54 11.93
C2B KC1 EI . 31.56 87.67 7.17
C2C KC1 EI . 34.24 82.90 4.71
C2D KC1 EI . 32.43 79.72 9.45
C3A KC1 EI . 29.82 85.77 11.31
C3B KC1 EI . 32.27 87.24 6.08
C3C KC1 EI . 34.27 81.68 5.25
C3D KC1 EI . 31.70 80.22 10.52
C4A KC1 EI . 30.52 85.63 10.10
C4B KC1 EI . 32.53 85.83 6.32
C4C KC1 EI . 33.56 81.73 6.51
C4D KC1 EI . 31.49 81.58 10.23
CAA KC1 EI . 29.17 84.25 13.22
CAB KC1 EI . 32.69 88.05 4.92
CAC KC1 EI . 34.94 80.46 4.68
CAD KC1 EI . 31.05 79.92 11.81
CBA KC1 EI . 29.90 83.95 14.31
CBB KC1 EI . 32.16 87.83 3.73
CBC KC1 EI . 36.45 80.55 4.94
CBD KC1 EI . 30.45 81.24 12.26
CED KC1 EI . 26.88 81.15 11.26
CGA KC1 EI . 29.32 83.17 15.35
CGD KC1 EI . 28.96 81.09 12.40
CHA KC1 EI . 30.78 82.25 11.20
CHB KC1 EI . 30.71 86.69 9.22
CHC KC1 EI . 33.24 85.10 5.40
CHD KC1 EI . 33.37 80.63 7.36
CMA KC1 EI . 29.21 87.04 11.84
CMB KC1 EI . 31.04 89.06 7.40
CMC KC1 EI . 34.86 83.32 3.39
CMD KC1 EI . 32.91 78.30 9.28
NA KC1 EI . 30.95 84.34 9.92
NC KC1 EI . 33.10 83.02 6.70
O1A KC1 EI . 29.52 81.97 15.35
O1D KC1 EI . 28.51 80.21 13.09
O2A KC1 EI . 28.32 83.69 16.08
O2D KC1 EI . 28.16 81.75 11.54
OBD KC1 EI . 30.86 78.82 12.30
MG KC1 EI . 32.02 83.68 8.30
MG CLA FI . 47.93 80.85 -1.64
CHA CLA FI . 48.71 79.90 -4.90
CHB CLA FI . 44.78 79.64 -2.04
CHC CLA FI . 47.27 81.66 1.63
CHD CLA FI . 51.22 82.11 -1.28
NA CLA FI . 46.93 79.94 -3.23
C1A CLA FI . 47.43 79.62 -4.49
C2A CLA FI . 46.36 78.94 -5.35
C3A CLA FI . 45.09 79.00 -4.47
C4A CLA FI . 45.62 79.55 -3.14
CMA CLA FI . 44.02 79.87 -5.06
CAA CLA FI . 46.74 77.50 -5.63
CBA CLA FI . 46.80 76.64 -4.39
CGA CLA FI . 48.18 76.62 -3.80
O1A CLA FI . 49.23 76.30 -4.35
O2A CLA FI . 48.21 77.01 -2.49
NB CLA FI . 46.32 80.69 -0.44
C1B CLA FI . 45.13 80.14 -0.78
C2B CLA FI . 44.21 80.14 0.40
C3B CLA FI . 44.92 80.71 1.44
C4B CLA FI . 46.26 81.07 0.92
CMB CLA FI . 42.85 79.61 0.35
CAB CLA FI . 44.53 80.97 2.81
CBB CLA FI . 43.34 81.41 3.22
NC CLA FI . 49.05 81.73 -0.11
C1C CLA FI . 48.58 81.96 1.14
C2C CLA FI . 49.62 82.59 1.96
C3C CLA FI . 50.74 82.71 1.14
C4C CLA FI . 50.37 82.18 -0.17
CMC CLA FI . 49.47 82.96 3.36
CAC CLA FI . 52.05 83.28 1.51
CBC CLA FI . 53.07 82.21 1.78
ND CLA FI . 49.61 81.03 -2.77
C1D CLA FI . 50.88 81.57 -2.51
C2D CLA FI . 51.72 81.44 -3.72
C3D CLA FI . 50.95 80.80 -4.66
C4D CLA FI . 49.64 80.55 -4.02
CMD CLA FI . 53.10 81.92 -3.83
CAD CLA FI . 50.88 80.27 -6.01
OBD CLA FI . 51.73 80.25 -6.90
CBD CLA FI . 49.44 79.68 -6.20
CGD CLA FI . 48.71 80.31 -7.36
O1D CLA FI . 48.50 79.81 -8.48
O2D CLA FI . 48.26 81.57 -7.11
CED CLA FI . 47.39 82.17 -8.07
C1 CLA FI . 49.46 77.54 -2.01
MG CLA GI . 48.00 66.93 -2.87
CHA CLA GI . 46.98 67.79 -6.09
CHB CLA GI . 48.79 63.82 -3.94
CHC CLA GI . 48.74 66.08 0.37
CHD CLA GI . 47.15 70.20 -1.80
NA CLA GI . 47.94 65.99 -4.74
C1A CLA GI . 47.48 66.51 -5.96
C2A CLA GI . 47.63 65.47 -7.08
C3A CLA GI . 48.38 64.30 -6.39
C4A CLA GI . 48.38 64.71 -4.91
CMA CLA GI . 47.74 62.94 -6.61
CAA CLA GI . 48.44 66.00 -8.25
CBA CLA GI . 48.71 64.97 -9.33
CGA CLA GI . 47.82 65.21 -10.51
O1A CLA GI . 47.37 66.28 -10.93
O2A CLA GI . 47.49 64.05 -11.18
NB CLA GI . 48.67 65.27 -1.96
C1B CLA GI . 48.86 64.07 -2.56
C2B CLA GI . 49.19 63.03 -1.54
C3B CLA GI . 49.18 63.67 -0.32
C4B CLA GI . 48.85 65.10 -0.56
CMB CLA GI . 49.46 61.63 -1.87
CAB CLA GI . 49.42 63.13 1.00
CBB CLA GI . 50.39 63.54 1.82
NC CLA GI . 47.99 67.98 -1.05
C1C CLA GI . 48.34 67.42 0.15
C2C CLA GI . 48.22 68.44 1.21
C3C CLA GI . 47.76 69.60 0.59
C4C CLA GI . 47.62 69.30 -0.83
CMC CLA GI . 48.52 68.20 2.63
CAC CLA GI . 47.48 70.90 1.25
CBC CLA GI . 46.03 71.28 1.22
ND CLA GI . 47.32 68.65 -3.69
C1D CLA GI . 47.00 69.92 -3.14
C2D CLA GI . 46.48 70.81 -4.19
C3D CLA GI . 46.42 70.02 -5.33
C4D CLA GI . 46.95 68.70 -4.98
CMD CLA GI . 46.07 72.20 -3.99
CAD CLA GI . 46.08 69.99 -6.74
OBD CLA GI . 45.62 70.89 -7.44
CBD CLA GI . 46.41 68.55 -7.25
CGD CLA GI . 45.21 67.86 -7.85
O1D CLA GI . 44.53 66.97 -7.34
O2D CLA GI . 44.88 68.31 -9.10
CED CLA GI . 44.04 67.47 -9.90
C1 CLA GI . 48.58 63.21 -11.59
MG CLA HI . 36.23 75.31 10.00
CHA CLA HI . 34.70 77.18 12.50
CHB CLA HI . 35.34 72.44 11.60
CHC CLA HI . 37.52 73.51 7.38
CHD CLA HI . 37.25 78.32 8.42
NA CLA HI . 35.20 74.91 11.78
C1A CLA HI . 34.63 75.82 12.66
C2A CLA HI . 33.98 75.10 13.84
C3A CLA HI . 34.43 73.63 13.66
C4A CLA HI . 35.01 73.63 12.24
CMA CLA HI . 35.45 73.25 14.69
CAA CLA HI . 32.46 75.21 13.75
CBA CLA HI . 31.95 74.99 12.33
CGA CLA HI . 30.51 75.36 12.20
O1A CLA HI . 29.58 75.15 12.99
O2A CLA HI . 30.23 76.00 11.03
NB CLA HI . 36.47 73.34 9.62
C1B CLA HI . 35.89 72.33 10.31
C2B CLA HI . 35.93 71.08 9.52
C3B CLA HI . 36.55 71.38 8.32
C4B CLA HI . 36.90 72.82 8.37
CMB CLA HI . 35.40 69.81 10.03
CAB CLA HI . 36.86 70.58 7.17
CBB CLA HI . 36.25 69.45 6.78
NC CLA HI . 37.24 75.83 8.25
C1C CLA HI . 37.69 74.93 7.33
C2C CLA HI . 38.37 75.62 6.24
C3C CLA HI . 38.28 76.99 6.52
C4C CLA HI . 37.57 77.11 7.79
CMC CLA HI . 38.98 74.97 5.08
CAC CLA HI . 38.82 78.08 5.69
CBC CLA HI . 40.27 78.36 5.99
ND CLA HI . 36.03 77.29 10.32
C1D CLA HI . 36.53 78.43 9.60
C2D CLA HI . 36.10 79.65 10.31
C3D CLA HI . 35.37 79.24 11.41
C4D CLA HI . 35.38 77.75 11.38
CMD CLA HI . 36.41 81.01 9.87
CAD CLA HI . 34.60 79.64 12.58
OBD CLA HI . 34.30 80.76 12.96
CBD CLA HI . 34.20 78.33 13.34
CGD CLA HI . 34.78 78.30 14.73
O1D CLA HI . 35.74 77.64 15.12
O2D CLA HI . 34.13 79.11 15.62
CED CLA HI . 33.41 78.48 16.68
MG CLA II . 48.09 84.36 16.89
CHA CLA II . 47.78 82.39 19.74
CHB CLA II . 49.18 86.94 18.81
CHC CLA II . 48.27 86.29 14.07
CHD CLA II . 46.99 81.62 14.94
NA CLA II . 48.44 84.59 18.94
C1A CLA II . 48.24 83.66 19.97
C2A CLA II . 48.64 84.26 21.33
C3A CLA II . 49.16 85.66 20.96
C4A CLA II . 48.92 85.76 19.46
CMA CLA II . 48.47 86.74 21.74
CAA CLA II . 49.80 83.53 21.97
CBA CLA II . 49.53 82.95 23.34
CGA CLA II . 49.42 84.01 24.38
O1A CLA II . 49.99 85.10 24.42
O2A CLA II . 48.58 83.65 25.40
NB CLA II . 48.62 86.26 16.51
C1B CLA II . 49.02 87.16 17.43
C2B CLA II . 49.29 88.47 16.78
C3B CLA II . 49.04 88.31 15.44
C4B CLA II . 48.61 86.89 15.24
CMB CLA II . 49.75 89.65 17.52
CAB CLA II . 49.19 89.28 14.40
CBB CLA II . 49.96 89.15 13.32
NC CLA II . 47.71 84.00 14.87
C1C CLA II . 47.86 84.94 13.88
C2C CLA II . 47.50 84.35 12.59
C3C CLA II . 47.14 83.03 12.84
C4C CLA II . 47.27 82.81 14.27
CMC CLA II . 47.54 85.06 11.31
CAC CLA II . 46.70 82.03 11.84
CBC CLA II . 47.68 80.91 11.63
ND CLA II . 47.56 82.43 17.18
C1D CLA II . 47.10 81.41 16.30
C2D CLA II . 46.80 80.20 17.08
C3D CLA II . 47.01 80.53 18.40
C4D CLA II . 47.49 81.92 18.41
CMD CLA II . 46.31 78.94 16.50
CAD CLA II . 47.00 80.06 19.78
OBD CLA II . 46.69 78.96 20.21
CBD CLA II . 47.46 81.25 20.67
CGD CLA II . 46.40 81.64 21.68
O1D CLA II . 45.36 82.25 21.47
O2D CLA II . 46.67 81.25 22.96
CED CLA II . 47.57 80.18 23.22
C1 CLA II . 48.74 82.33 25.95
NB KC1 JI . 50.60 93.71 10.06
ND KC1 JI . 50.24 95.96 13.25
C1A KC1 JI . 51.73 93.45 14.17
C1B KC1 JI . 51.21 92.51 10.02
C1C KC1 JI . 49.19 96.18 9.23
C1D KC1 JI . 49.68 97.19 13.33
C2A KC1 JI . 52.44 92.22 14.52
C2B KC1 JI . 51.19 92.00 8.69
C2C KC1 JI . 48.52 97.41 8.83
C2D KC1 JI . 49.82 97.63 14.66
C3A KC1 JI . 52.54 91.50 13.36
C3B KC1 JI . 50.53 92.92 7.92
C3C KC1 JI . 48.41 98.18 9.92
C3D KC1 JI . 50.47 96.63 15.38
C4A KC1 JI . 51.91 92.22 12.34
C4B KC1 JI . 50.18 94.00 8.82
C4C KC1 JI . 49.00 97.45 11.04
C4D KC1 JI . 50.72 95.60 14.47
CAA KC1 JI . 53.00 91.81 15.82
CAB KC1 JI . 50.30 92.78 6.47
CAC KC1 JI . 47.78 99.55 10.00
CAD KC1 JI . 51.00 96.21 16.68
CBA KC1 JI . 52.32 91.88 16.98
CBB KC1 JI . 49.26 93.29 5.81
CBC KC1 JI . 48.88 100.61 10.07
CBD KC1 JI . 51.79 94.95 16.38
CED KC1 JI . 55.41 95.18 17.44
CGA KC1 JI . 53.00 91.58 18.19
CGD KC1 JI . 53.26 95.22 16.40
CHA KC1 JI . 51.37 94.52 15.00
CHB KC1 JI . 51.82 91.77 11.02
CHC KC1 JI . 49.49 95.11 8.38
CHD KC1 JI . 49.08 97.94 12.35
CMA KC1 JI . 53.21 90.16 13.20
CMB KC1 JI . 51.77 90.69 8.23
CMC KC1 JI . 48.04 97.75 7.44
CMD KC1 JI . 49.34 98.96 15.19
NA KC1 JI . 51.40 93.41 12.82
NC KC1 JI . 49.47 96.23 10.57
O1A KC1 JI . 53.78 90.63 18.21
O1D KC1 JI . 53.84 95.47 15.36
O2A KC1 JI . 53.12 92.53 19.13
O2D KC1 JI . 53.97 95.00 17.52
OBD KC1 JI . 50.67 96.61 17.78
MG KC1 JI . 50.39 94.80 11.69
MG CLA KI . 36.89 99.45 -0.59
CHA CLA KI . 36.59 101.42 -3.43
CHB CLA KI . 40.10 100.52 -0.18
CHC CLA KI . 37.08 97.59 2.29
CHD CLA KI . 33.57 98.34 -1.07
NA CLA KI . 38.12 100.75 -1.67
C1A CLA KI . 37.82 101.49 -2.81
C2A CLA KI . 39.01 102.33 -3.27
C3A CLA KI . 40.13 101.92 -2.28
C4A CLA KI . 39.42 101.00 -1.28
CMA CLA KI . 41.28 101.22 -2.98
CAA CLA KI . 38.71 103.80 -3.15
NB CLA KI . 38.33 99.09 0.77
C1B CLA KI . 39.55 99.67 0.81
C2B CLA KI . 40.29 99.26 2.03
C3B CLA KI . 39.44 98.43 2.75
C4B CLA KI . 38.18 98.32 1.95
CMB CLA KI . 41.64 99.72 2.35
CAB CLA KI . 39.63 97.76 4.00
CBB CLA KI . 40.09 98.33 5.12
NC CLA KI . 35.56 98.19 0.41
C1C CLA KI . 35.86 97.53 1.57
C2C CLA KI . 34.69 96.75 2.00
C3C CLA KI . 33.70 96.95 1.04
C4C CLA KI . 34.26 97.86 0.04
CMC CLA KI . 34.64 95.93 3.21
CAC CLA KI . 32.34 96.37 1.04
CBC CLA KI . 31.30 97.35 1.56
ND CLA KI . 35.39 99.75 -1.91
C1D CLA KI . 34.07 99.23 -2.00
C2D CLA KI . 33.41 99.78 -3.20
C3D CLA KI . 34.32 100.65 -3.77
C4D CLA KI . 35.54 100.59 -2.94
CMD CLA KI . 32.04 99.48 -3.61
CAD CLA KI . 34.59 101.57 -4.87
OBD CLA KI . 33.86 101.92 -5.79
CBD CLA KI . 36.05 102.09 -4.68
CGD CLA KI . 36.90 101.83 -5.89
O1D CLA KI . 37.93 101.15 -5.96
O2D CLA KI . 36.45 102.43 -7.03
CED CLA KI . 37.15 102.18 -8.24
C1 LMG LI . 44.69 62.88 -9.58
O1 LMG LI . 44.26 62.61 -8.27
C2 LMG LI . 44.97 61.48 -10.20
O2 LMG LI . 46.15 61.05 -9.60
C3 LMG LI . 45.25 61.72 -11.70
O3 LMG LI . 45.38 60.44 -12.26
C4 LMG LI . 44.06 62.46 -12.35
O4 LMG LI . 42.93 61.67 -12.25
C5 LMG LI . 43.82 63.75 -11.53
O5 LMG LI . 42.75 64.48 -13.49
C6 LMG LI . 42.59 64.48 -12.10
O6 LMG LI . 43.55 63.45 -10.20
C7 LMG LI . 43.42 63.60 -7.74
C8 LMG LI . 43.27 63.25 -6.25
C9 LMG LI . 44.51 63.76 -5.51
O7 LMG LI . 42.20 64.00 -5.74
C10 LMG LI . 41.53 63.53 -4.65
O9 LMG LI . 41.79 62.39 -4.25
C11 LMG LI . 40.39 64.40 -4.26
C12 LMG LI . 39.67 63.81 -3.06
C13 LMG LI . 40.09 64.47 -1.76
C14 LMG LI . 39.05 64.09 -0.73
C15 LMG LI . 39.34 64.83 0.56
C16 LMG LI . 38.05 65.46 1.06
C17 LMG LI . 37.97 65.16 2.53
C18 LMG LI . 38.20 66.47 3.27
C19 LMG LI . 37.52 66.37 4.60
C20 LMG LI . 38.16 65.22 5.33
C21 LMG LI . 38.46 65.66 6.74
C22 LMG LI . 37.14 66.06 7.34
C23 LMG LI . 37.22 65.78 8.82
O8 LMG LI . 44.98 62.68 -4.74
C28 LMG LI . 44.79 62.79 -3.40
O10 LMG LI . 44.08 63.69 -2.97
C29 LMG LI . 45.78 62.02 -2.59
C30 LMG LI . 45.29 61.85 -1.17
C31 LMG LI . 45.75 63.04 -0.36
C32 LMG LI . 44.86 63.13 0.87
C33 LMG LI . 44.29 64.53 0.90
C34 LMG LI . 45.39 65.48 1.30
C35 LMG LI . 44.99 66.09 2.63
C36 LMG LI . 45.78 65.38 3.69
C37 LMG LI . 45.83 66.29 4.90
C38 LMG LI . 46.41 65.39 5.96
C39 LMG LI . 47.90 65.35 5.80
C41 LMG LI . 47.54 62.87 9.17
C42 LMG LI . 48.16 62.27 7.93
C43 LMG LI . 47.01 61.86 7.01
C44 LMG LI . 47.59 61.64 5.64
C DD6 MI . 58.05 -59.69 -10.65
C1 DD6 MI . 57.49 -58.51 -9.89
C10 DD6 MI . 60.38 -52.31 -16.80
C11 DD6 MI . 60.89 -51.07 -16.88
C12 DD6 MI . 60.88 -50.19 -15.67
C13 DD6 MI . 61.46 -50.58 -18.15
C14 DD6 MI . 60.68 -50.36 -19.20
C15 DD6 MI . 61.22 -49.85 -20.52
C16 DD6 MI . 61.95 -50.78 -21.49
C17 DD6 MI . 62.28 -50.16 -22.85
C18 DD6 MI . 61.86 -48.71 -23.06
C19 DD6 MI . 62.26 -47.87 -21.85
C2 DD6 MI . 57.51 -57.28 -10.44
C20 DD6 MI . 61.43 -48.34 -20.67
C21 DD6 MI . 61.12 -47.41 -19.51
C22 DD6 MI . 61.10 -52.03 -21.71
C23 DD6 MI . 63.28 -51.22 -20.88
C24 DD6 MI . 56.94 -58.70 -8.54
C25 DD6 MI . 56.81 -59.94 -8.07
C26 DD6 MI . 56.28 -60.22 -6.74
C27 DD6 MI . 56.17 -61.51 -6.38
C28 DD6 MI . 56.60 -62.57 -7.35
C29 DD6 MI . 55.73 -61.84 -5.25
C3 DD6 MI . 58.06 -57.09 -11.78
C30 DD6 MI . 55.31 -62.20 -4.20
C31 DD6 MI . 54.87 -62.55 -3.07
C32 DD6 MI . 53.56 -63.28 -2.97
C33 DD6 MI . 53.50 -64.25 -1.78
C34 DD6 MI . 54.66 -64.14 -0.80
C35 DD6 MI . 55.09 -62.70 -0.64
C36 DD6 MI . 55.57 -62.23 -1.99
C37 DD6 MI . 56.80 -61.39 -2.09
C4 DD6 MI . 58.17 -55.85 -12.26
C40 DD6 MI . 53.28 -64.04 -4.27
C41 DD6 MI . 52.44 -62.26 -2.85
C5 DD6 MI . 58.72 -55.60 -13.58
C6 DD6 MI . 58.97 -54.34 -13.93
C7 DD6 MI . 58.71 -53.23 -12.96
C8 DD6 MI . 59.53 -54.02 -15.26
C9 DD6 MI . 59.83 -52.75 -15.51
O1 DD6 MI . 60.25 -49.00 -21.15
O2 DD6 MI . 62.50 -48.19 -24.23
O4 DD6 MI . 54.22 -64.64 0.47
C1 PID NI . 34.30 -61.18 -6.04
C2 PID NI . 34.74 -61.07 -4.61
C3 PID NI . 33.69 -60.31 -3.81
C4 PID NI . 33.44 -58.95 -4.43
C5 PID NI . 32.86 -59.00 -5.85
C6 PID NI . 33.36 -60.21 -6.65
C7 PID NI . 33.31 -60.08 -8.15
C8 PID NI . 32.29 -60.49 -8.90
C9 PID NI . 32.22 -60.40 -10.30
C10 PID NI . 33.20 -59.76 -11.19
C11 PID NI . 31.22 -60.92 -11.12
C12 PID NI . 31.54 -60.62 -12.49
C13 PID NI . 30.78 -60.97 -13.66
C14 PID NI . 31.04 -60.72 -14.96
C15 PID NI . 30.14 -61.06 -15.94
C16 PID NI . 30.21 -60.73 -17.28
C17 PID NI . 29.38 -61.06 -18.34
C18 PID NI . 28.29 -61.92 -18.29
C19 PID NI . 27.38 -62.27 -19.29
C20 PID NI . 27.15 -61.86 -20.59
C21 PID NI . 26.21 -62.37 -21.48
C22 PID NI . 25.81 -61.79 -22.76
C23 PID NI . 24.93 -62.40 -23.52
C24 PID NI . 24.01 -63.01 -24.20
C25 PID NI . 22.63 -62.39 -24.37
C26 PID NI . 21.57 -63.44 -24.05
C27 PID NI . 21.79 -64.73 -24.81
C28 PID NI . 23.14 -65.32 -24.49
C29 PID NI . 24.28 -64.38 -24.83
C30 PID NI . 20.07 -66.40 -25.29
C31 PID NI . 20.35 -65.92 -26.68
CM1 PID NI . 35.23 -61.95 -6.95
CM2 PID NI . 33.29 -57.69 -6.51
CM3 PID NI . 31.33 -59.03 -5.73
CM4 PID NI . 32.32 -60.08 -15.43
CM5 PID NI . 25.51 -63.62 -21.10
CM6 PID NI . 22.44 -61.19 -23.41
CM7 PID NI . 22.42 -61.87 -25.80
CM8 PID NI . 25.61 -64.97 -24.39
O1 PID NI . 32.89 -61.51 -6.18
O2 PID NI . 34.15 -60.16 -2.47
O3 PID NI . 34.24 -59.19 -10.97
O4 PID NI . 32.74 -59.91 -12.50
O5 PID NI . 24.28 -64.27 -26.26
O6 PID NI . 20.79 -65.70 -24.36
O7 PID NI . 19.33 -67.28 -24.99
C DD6 OI . 41.58 -55.15 -8.09
C1 DD6 OI . 42.70 -55.28 -9.08
C10 DD6 OI . 49.59 -53.76 -2.39
C11 DD6 OI . 50.88 -53.92 -2.07
C12 DD6 OI . 51.86 -54.41 -3.10
C13 DD6 OI . 51.33 -53.62 -0.71
C14 DD6 OI . 52.48 -54.06 -0.21
C15 DD6 OI . 52.85 -53.68 1.20
C16 DD6 OI . 53.81 -52.50 1.42
C17 DD6 OI . 54.44 -52.55 2.80
C18 DD6 OI . 53.37 -52.77 3.87
C19 DD6 OI . 52.91 -54.21 3.78
C2 DD6 OI . 43.97 -55.22 -8.68
C20 DD6 OI . 52.40 -54.53 2.38
C21 DD6 OI . 51.77 -55.88 2.10
C22 DD6 OI . 53.05 -51.18 1.25
C23 DD6 OI . 54.90 -52.57 0.37
C24 DD6 OI . 42.41 -55.51 -10.51
C25 DD6 OI . 41.16 -55.56 -10.96
C26 DD6 OI . 40.96 -55.81 -12.40
C27 DD6 OI . 39.73 -55.78 -12.93
C28 DD6 OI . 38.55 -55.50 -12.06
C29 DD6 OI . 39.52 -56.00 -14.14
C3 DD6 OI . 44.34 -55.00 -7.29
C30 DD6 OI . 39.39 -56.13 -15.31
C31 DD6 OI . 39.29 -56.27 -16.56
C32 DD6 OI . 39.02 -55.07 -17.40
C33 DD6 OI . 38.65 -55.46 -18.82
C34 DD6 OI . 39.60 -56.51 -19.33
C35 DD6 OI . 39.33 -57.78 -18.56
C36 DD6 OI . 39.43 -57.51 -17.07
C37 DD6 OI . 39.69 -58.70 -16.18
C4 DD6 OI . 45.63 -54.96 -6.97
C40 DD6 OI . 40.27 -54.17 -17.39
C41 DD6 OI . 37.86 -54.34 -16.74
C5 DD6 OI . 46.07 -54.72 -5.60
C6 DD6 OI . 47.37 -54.61 -5.32
C7 DD6 OI . 48.38 -54.70 -6.42
C8 DD6 OI . 47.83 -54.36 -3.94
C9 DD6 OI . 49.10 -54.03 -3.74
O1 DD6 OI . 51.62 -53.44 1.90
O2 DD6 OI . 53.94 -52.52 5.16
O4 DD6 OI . 39.36 -56.73 -20.73
C1 PID PI . 52.50 -61.71 -15.57
C2 PID PI . 52.84 -61.05 -16.88
C3 PID PI . 53.17 -62.05 -17.98
C4 PID PI . 54.11 -63.11 -17.47
C5 PID PI . 53.49 -64.00 -16.37
C6 PID PI . 52.78 -63.14 -15.32
C7 PID PI . 53.09 -63.51 -13.88
C8 PID PI . 52.39 -64.02 -12.84
C9 PID PI . 51.10 -64.53 -12.72
C10 PID PI . 50.15 -64.93 -13.78
C11 PID PI . 50.44 -64.78 -11.51
C12 PID PI . 49.12 -65.27 -11.77
C13 PID PI . 48.13 -65.66 -10.79
C14 PID PI . 46.90 -66.16 -10.98
C15 PID PI . 46.11 -66.53 -9.92
C16 PID PI . 44.83 -67.06 -10.01
C17 PID PI . 43.91 -67.60 -9.12
C18 PID PI . 42.68 -68.12 -9.52
C19 PID PI . 41.72 -68.85 -8.84
C20 PID PI . 40.65 -69.53 -9.40
C21 PID PI . 39.70 -70.35 -8.81
C22 PID PI . 38.73 -71.16 -9.59
C23 PID PI . 37.55 -71.53 -9.20
C24 PID PI . 36.32 -71.83 -8.88
C25 PID PI . 35.65 -73.07 -9.44
C26 PID PI . 34.36 -72.63 -10.17
C27 PID PI . 33.47 -71.74 -9.33
C28 PID PI . 34.21 -70.51 -8.83
C29 PID PI . 35.47 -70.85 -8.04
C30 PID PI . 31.40 -72.06 -10.58
C31 PID PI . 31.07 -73.07 -9.54
CM1 PID PI . 52.33 -60.76 -14.42
CM2 PID PI . 54.65 -64.79 -15.77
CM3 PID PI . 52.53 -64.95 -17.07
CM4 PID PI . 46.29 -66.35 -12.35
CM5 PID PI . 39.66 -70.49 -7.35
CM6 PID PI . 36.57 -73.79 -10.44
CM7 PID PI . 35.28 -74.07 -8.33
CM8 PID PI . 36.23 -69.58 -7.67
O1 PID PI . 51.44 -62.70 -15.69
O2 PID PI . 53.79 -61.35 -19.07
O3 PID PI . 50.23 -64.96 -14.97
O4 PID PI . 48.96 -65.32 -13.16
O5 PID PI . 35.01 -71.49 -6.84
O6 PID PI . 32.40 -71.23 -10.18
O7 PID PI . 30.88 -71.97 -11.65
C1 PID QI . 45.67 -43.99 -17.26
C2 PID QI . 46.00 -43.65 -18.69
C3 PID QI . 45.42 -44.66 -19.66
C4 PID QI . 45.86 -46.05 -19.27
C5 PID QI . 45.34 -46.52 -17.91
C6 PID QI . 45.33 -45.39 -16.89
C7 PID QI . 45.52 -45.81 -15.45
C8 PID QI . 44.58 -46.26 -14.61
C9 PID QI . 44.83 -46.70 -13.31
C10 PID QI . 46.15 -46.87 -12.68
C11 PID QI . 43.88 -47.03 -12.34
C12 PID QI . 44.56 -47.26 -11.09
C13 PID QI . 43.97 -47.49 -9.79
C14 PID QI . 44.56 -47.46 -8.58
C15 PID QI . 43.80 -47.72 -7.45
C16 PID QI . 44.07 -47.58 -6.10
C17 PID QI . 45.12 -47.13 -5.30
C18 PID QI . 45.12 -47.03 -3.92
C19 PID QI . 44.05 -47.34 -3.08
C20 PID QI . 43.80 -47.35 -1.72
C21 PID QI . 44.55 -46.87 -0.63
C22 PID QI . 44.39 -47.37 0.74
C23 PID QI . 44.92 -46.81 1.80
C24 PID QI . 45.39 -46.24 2.87
C25 PID QI . 46.31 -47.05 3.79
C26 PID QI . 46.46 -46.40 5.17
C27 PID QI . 46.62 -44.91 5.08
C28 PID QI . 45.33 -44.33 4.55
C29 PID QI . 45.05 -44.76 3.12
C30 PID QI . 48.03 -44.42 7.01
C31 PID QI . 49.12 -44.42 5.98
CM1 PID QI . 46.20 -43.06 -16.21
CM2 PID QI . 46.27 -47.67 -17.48
CM3 PID QI . 43.92 -47.08 -18.10
CM4 PID QI . 46.03 -47.17 -8.40
CM5 PID QI . 45.56 -45.81 -0.85
CM6 PID QI . 45.74 -48.47 3.98
CM7 PID QI . 47.70 -47.19 3.16
CM8 PID QI . 43.60 -44.44 2.79
O1 PID QI . 44.29 -44.41 -17.08
O2 PID QI . 45.87 -44.36 -20.97
O3 PID QI . 47.26 -46.75 -13.10
O4 PID QI . 45.93 -47.27 -11.36
O5 PID QI . 45.90 -43.93 2.30
O6 PID QI . 46.80 -44.37 6.43
O7 PID QI . 48.20 -44.45 8.19
C1 PID RI . 30.83 -67.51 -9.18
C2 PID RI . 31.77 -67.82 -8.05
C3 PID RI . 31.49 -66.91 -6.87
C4 PID RI . 31.59 -65.46 -7.29
C5 PID RI . 30.54 -65.04 -8.34
C6 PID RI . 30.21 -66.19 -9.31
C7 PID RI . 29.66 -65.76 -10.65
C8 PID RI . 28.35 -65.66 -10.90
C9 PID RI . 27.77 -65.31 -12.13
C10 PID RI . 28.47 -64.87 -13.34
C11 PID RI . 26.41 -65.33 -12.44
C12 PID RI . 26.23 -64.91 -13.79
C13 PID RI . 24.99 -64.79 -14.49
C14 PID RI . 24.73 -64.38 -15.75
C15 PID RI . 23.44 -64.33 -16.22
C16 PID RI . 23.00 -63.84 -17.43
C17 PID RI . 21.74 -63.77 -18.00
C18 PID RI . 21.40 -63.19 -19.21
C19 PID RI . 20.16 -63.20 -19.83
C20 PID RI . 19.75 -62.65 -21.05
C21 PID RI . 18.54 -62.84 -21.72
C22 PID RI . 18.27 -62.37 -23.09
C23 PID RI . 17.25 -62.79 -23.79
C24 PID RI . 16.22 -63.17 -24.49
C25 PID RI . 16.42 -63.64 -25.93
C26 PID RI . 15.17 -63.34 -26.79
C27 PID RI . 13.90 -63.75 -26.09
C28 PID RI . 13.74 -62.90 -24.86
C29 PID RI . 14.82 -63.15 -23.84
C30 PID RI . 11.56 -63.96 -26.67
C31 PID RI . 10.52 -63.49 -27.63
CM1 PID RI . 30.96 -68.39 -10.40
CM2 PID RI . 31.15 -63.84 -9.08
CM3 PID RI . 29.30 -64.60 -7.57
CM4 PID RI . 25.82 -63.96 -16.72
CM5 PID RI . 17.45 -63.58 -21.03
CM6 PID RI . 17.64 -62.97 -26.57
CM7 PID RI . 16.67 -65.16 -25.94
CM8 PID RI . 14.72 -62.12 -22.73
O1 PID RI . 29.47 -67.28 -8.73
O2 PID RI . 32.45 -67.17 -5.83
O3 PID RI . 29.63 -64.69 -13.59
O4 PID RI . 27.50 -64.64 -14.32
O5 PID RI . 14.55 -64.45 -23.29
O6 PID RI . 12.77 -63.44 -26.97
O7 PID RI . 11.38 -64.70 -25.75
MG CLA SI . 55.20 -69.41 -1.39
CHA CLA SI . 52.07 -70.85 -1.02
CHB CLA SI . 56.40 -71.36 1.14
CHC CLA SI . 58.31 -68.02 -1.85
CHD CLA SI . 53.95 -67.47 -4.07
NA CLA SI . 54.34 -70.86 -0.14
C1A CLA SI . 53.02 -71.33 -0.17
C2A CLA SI . 52.81 -72.40 0.90
C3A CLA SI . 54.18 -72.49 1.62
C4A CLA SI . 55.06 -71.50 0.83
CMA CLA SI . 54.06 -72.13 3.08
CAA CLA SI . 52.53 -73.75 0.24
CBA CLA SI . 53.49 -73.99 -0.91
CGA CLA SI . 53.47 -75.42 -1.34
O1A CLA SI . 53.77 -76.43 -0.69
O2A CLA SI . 53.07 -75.58 -2.64
NB CLA SI . 57.01 -69.65 -0.52
C1B CLA SI . 57.30 -70.49 0.50
C2B CLA SI . 58.74 -70.35 0.88
C3B CLA SI . 59.28 -69.41 0.04
C4B CLA SI . 58.19 -68.95 -0.87
CMB CLA SI . 59.36 -71.12 1.95
CAB CLA SI . 60.62 -68.89 -0.06
CBB CLA SI . 61.34 -68.43 0.97
NC CLA SI . 55.97 -67.99 -2.70
C1C CLA SI . 57.28 -67.57 -2.72
C2C CLA SI . 57.48 -66.59 -3.76
C3C CLA SI . 56.26 -66.44 -4.41
C4C CLA SI . 55.31 -67.32 -3.74
CMC CLA SI . 58.75 -65.92 -4.06
CAC CLA SI . 56.00 -65.56 -5.55
CBC CLA SI . 55.85 -66.31 -6.86
ND CLA SI . 53.43 -69.12 -2.32
C1D CLA SI . 53.06 -68.29 -3.41
C2D CLA SI . 51.61 -68.51 -3.70
C3D CLA SI . 51.18 -69.46 -2.80
C4D CLA SI . 52.35 -69.83 -1.98
CMD CLA SI . 50.85 -67.81 -4.72
CAD CLA SI . 50.05 -70.25 -2.32
OBD CLA SI . 48.88 -70.23 -2.68
CBD CLA SI . 50.60 -71.20 -1.21
CGD CLA SI . 49.83 -71.09 0.08
O1D CLA SI . 49.53 -70.06 0.70
O2D CLA SI . 49.43 -72.29 0.59
CED CLA SI . 49.04 -72.32 1.96
C1 CLA SI . 52.01 -76.53 -2.88
MG CLA TI . 48.72 -57.49 2.65
CHA CLA TI . 49.74 -58.55 5.79
CHB CLA TI . 46.16 -55.75 4.06
CHC CLA TI . 47.84 -56.36 -0.47
CHD CLA TI . 51.41 -59.30 1.23
NA CLA TI . 48.07 -57.22 4.61
C1A CLA TI . 48.64 -57.73 5.78
C2A CLA TI . 47.85 -57.29 7.02
C3A CLA TI . 46.64 -56.53 6.42
C4A CLA TI . 46.97 -56.47 4.93
CMA CLA TI . 45.34 -57.26 6.69
CAA CLA TI . 48.68 -56.34 7.87
CBA CLA TI . 49.61 -55.46 7.04
CGA CLA TI . 48.89 -54.24 6.51
O1A CLA TI . 48.19 -53.43 7.13
O2A CLA TI . 49.08 -54.05 5.17
NB CLA TI . 47.24 -56.33 1.93
C1B CLA TI . 46.35 -55.63 2.68
C2B CLA TI . 45.57 -54.70 1.80
C3B CLA TI . 46.04 -54.87 0.53
C4B CLA TI . 47.11 -55.91 0.59
CMB CLA TI . 44.53 -53.81 2.31
CAB CLA TI . 45.66 -54.22 -0.71
CBB CLA TI . 44.46 -54.33 -1.28
NC CLA TI . 49.48 -57.81 0.73
C1C CLA TI . 48.94 -57.25 -0.40
C2C CLA TI . 49.70 -57.69 -1.57
C3C CLA TI . 50.74 -58.48 -1.09
C4C CLA TI . 50.60 -58.55 0.35
CMC CLA TI . 49.43 -57.32 -2.95
CAC CLA TI . 51.78 -59.12 -1.89
CBC CLA TI . 53.07 -58.33 -1.91
ND CLA TI . 50.26 -58.64 3.28
C1D CLA TI . 51.27 -59.36 2.59
C2D CLA TI . 52.09 -60.12 3.57
C3D CLA TI . 51.55 -59.83 4.82
C4D CLA TI . 50.41 -58.92 4.57
CMD CLA TI . 53.21 -60.98 3.21
CAD CLA TI . 51.63 -60.06 6.25
OBD CLA TI . 52.44 -60.73 6.89
CBD CLA TI . 50.45 -59.27 6.91
CGD CLA TI . 49.49 -60.18 7.62
O1D CLA TI . 48.75 -61.02 7.12
O2D CLA TI . 49.48 -60.02 8.98
CED CLA TI . 48.70 -60.94 9.74
C1 CLA TI . 48.68 -52.76 4.65
NB KC1 UI . 43.77 -51.38 -5.26
ND KC1 UI . 40.18 -51.07 -3.71
C1A KC1 UI . 42.11 -50.76 -1.37
C1B KC1 UI . 44.92 -51.23 -4.60
C1C KC1 UI . 41.84 -51.64 -7.49
C1D KC1 UI . 39.02 -51.05 -4.38
C2A KC1 UI . 43.13 -50.56 -0.32
C2B KC1 UI . 46.02 -51.32 -5.49
C2C KC1 UI . 40.89 -51.71 -8.59
C2D KC1 UI . 37.99 -50.83 -3.43
C3A KC1 UI . 44.35 -50.64 -0.95
C3B KC1 UI . 45.48 -51.53 -6.74
C3C KC1 UI . 39.66 -51.56 -8.06
C3D KC1 UI . 38.58 -50.71 -2.18
C4A KC1 UI . 44.12 -50.89 -2.31
C4B KC1 UI . 44.06 -51.55 -6.55
C4C KC1 UI . 39.82 -51.40 -6.62
C4D KC1 UI . 39.96 -50.85 -2.39
CAA KC1 UI . 42.97 -50.31 1.11
CAB KC1 UI . 46.23 -51.70 -8.00
CAC KC1 UI . 38.36 -51.57 -8.81
CAD KC1 UI . 38.36 -50.49 -0.75
CBA KC1 UI . 42.13 -50.97 1.93
CBB KC1 UI . 46.25 -50.69 -8.87
CBC KC1 UI . 37.86 -53.00 -8.91
CBD KC1 UI . 39.77 -50.39 -0.16
CED KC1 UI . 40.86 -46.78 0.10
CGA KC1 UI . 41.81 -50.38 3.19
CGD KC1 UI . 39.99 -48.98 0.33
CHA KC1 UI . 40.72 -50.76 -1.26
CHB KC1 UI . 45.15 -51.03 -3.25
CHC KC1 UI . 43.22 -51.75 -7.64
CHD KC1 UI . 38.76 -51.22 -5.72
CMA KC1 UI . 45.70 -50.51 -0.30
CMB KC1 UI . 47.48 -51.21 -5.14
CMC KC1 UI . 41.21 -51.91 -10.05
CMD KC1 UI . 36.52 -50.74 -3.75
NA KC1 UI . 42.78 -50.96 -2.58
NC KC1 UI . 41.17 -51.47 -6.31
O1A KC1 UI . 40.69 -49.95 3.36
O1D KC1 UI . 39.28 -48.53 1.19
O2A KC1 UI . 42.81 -49.92 3.96
O2D KC1 UI . 40.84 -48.18 -0.32
OBD KC1 UI . 37.33 -50.13 -0.22
MG KC1 UI . 41.98 -51.30 -4.45
MG CLA VI . 35.99 -62.42 -19.13
CHA CLA VI . 35.26 -62.13 -22.52
CHB CLA VI . 35.25 -59.13 -18.69
CHC CLA VI . 36.65 -62.77 -15.77
CHD CLA VI . 36.77 -65.83 -19.66
NA CLA VI . 35.35 -60.89 -20.41
C1A CLA VI . 35.10 -60.97 -21.79
C2A CLA VI . 34.63 -59.61 -22.32
C3A CLA VI . 34.74 -58.67 -21.11
C4A CLA VI . 35.13 -59.61 -19.97
CMA CLA VI . 35.77 -57.60 -21.33
CAA CLA VI . 33.19 -59.63 -22.79
CBA CLA VI . 32.34 -60.79 -22.30
CGA CLA VI . 32.04 -60.73 -20.84
O1A CLA VI . 32.10 -59.78 -20.07
O2A CLA VI . 31.63 -61.94 -20.35
NB CLA VI . 35.98 -61.18 -17.54
C1B CLA VI . 35.61 -59.88 -17.55
C2B CLA VI . 35.65 -59.32 -16.17
C3B CLA VI . 36.04 -60.35 -15.34
C4B CLA VI . 36.26 -61.54 -16.20
CMB CLA VI . 35.29 -57.93 -15.86
CAB CLA VI . 36.24 -60.37 -13.91
CBB CLA VI . 36.82 -59.42 -13.18
NC CLA VI . 36.60 -64.02 -17.94
C1C CLA VI . 36.81 -63.94 -16.59
C2C CLA VI . 37.23 -65.24 -16.08
C3C CLA VI . 37.26 -66.11 -17.18
C4C CLA VI . 36.87 -65.33 -18.34
CMC CLA VI . 37.53 -65.55 -14.68
CAC CLA VI . 37.62 -67.54 -17.16
CBC CLA VI . 36.39 -68.44 -17.15
ND CLA VI . 35.99 -63.73 -20.67
C1D CLA VI . 36.36 -65.11 -20.76
C2D CLA VI . 36.22 -65.56 -22.16
C3D CLA VI . 35.78 -64.46 -22.88
C4D CLA VI . 35.68 -63.34 -21.91
CMD CLA VI . 36.48 -66.91 -22.65
CAD CLA VI . 35.39 -63.95 -24.18
OBD CLA VI . 35.27 -64.54 -25.24
CBD CLA VI . 35.09 -62.42 -24.00
CGD CLA VI . 36.00 -61.60 -24.88
O1D CLA VI . 36.26 -61.79 -26.07
O2D CLA VI . 36.59 -60.53 -24.28
CED CLA VI . 38.00 -60.36 -24.43
C1 CLA VI . 32.59 -62.68 -19.57
MG CLA WI . 21.88 -59.02 -20.18
CHA CLA WI . 23.02 -57.79 -23.23
CHB CLA WI . 18.67 -58.89 -21.32
CHC CLA WI . 20.81 -60.27 -17.16
CHD CLA WI . 25.24 -59.22 -19.06
NA CLA WI . 21.02 -58.43 -21.98
C1A CLA WI . 21.65 -57.95 -23.14
C2A CLA WI . 20.63 -57.65 -24.24
C3A CLA WI . 19.27 -57.99 -23.59
C4A CLA WI . 19.66 -58.48 -22.19
CMA CLA WI . 18.34 -56.80 -23.56
CAA CLA WI . 20.86 -58.54 -25.44
CBA CLA WI . 19.97 -58.19 -26.61
CGA CLA WI . 20.78 -57.57 -27.72
O1A CLA WI . 20.93 -57.96 -28.87
O2A CLA WI . 21.41 -56.43 -27.32
NB CLA WI . 20.09 -59.51 -19.39
C1B CLA WI . 18.88 -59.35 -20.00
C2B CLA WI . 17.79 -59.73 -19.07
C3B CLA WI . 18.38 -60.13 -17.90
C4B CLA WI . 19.85 -59.99 -18.08
CMB CLA WI . 16.37 -59.67 -19.43
CAB CLA WI . 17.78 -60.59 -16.68
CBB CLA WI . 17.85 -61.83 -16.21
NC CLA WI . 22.85 -59.63 -18.43
C1C CLA WI . 22.21 -60.10 -17.31
C2C CLA WI . 23.19 -60.45 -16.29
C3C CLA WI . 24.45 -60.15 -16.82
C4C CLA WI . 24.23 -59.64 -18.17
CMC CLA WI . 22.87 -60.98 -14.96
CAC CLA WI . 25.75 -60.34 -16.16
CBC CLA WI . 26.38 -59.05 -15.74
ND CLA WI . 23.72 -58.59 -20.90
C1D CLA WI . 25.02 -58.72 -20.33
C2D CLA WI . 26.02 -58.26 -21.31
C3D CLA WI . 25.31 -57.87 -22.44
C4D CLA WI . 23.88 -58.12 -22.13
CMD CLA WI . 27.46 -58.22 -21.08
CAD CLA WI . 25.38 -57.36 -23.80
OBD CLA WI . 26.37 -57.03 -24.46
CBD CLA WI . 23.92 -57.29 -24.34
CGD CLA WI . 23.52 -55.93 -24.82
O1D CLA WI . 22.39 -55.44 -24.86
O2D CLA WI . 24.54 -55.14 -25.29
CED CLA WI . 24.17 -53.91 -25.90
C1 CLA WI . 20.75 -55.20 -27.63
MG CLA XI . 32.73 -52.97 -4.25
CHA CLA XI . 34.89 -53.05 -1.58
CHB CLA XI . 30.30 -51.76 -2.23
CHC CLA XI . 30.79 -52.44 -7.01
CHD CLA XI . 35.32 -54.18 -6.31
NA CLA XI . 32.61 -52.56 -2.21
C1A CLA XI . 33.64 -52.63 -1.28
C2A CLA XI . 33.15 -52.21 0.10
C3A CLA XI . 31.64 -52.00 -0.12
C4A CLA XI . 31.48 -52.10 -1.62
CMA CLA XI . 30.84 -53.06 0.58
CAA CLA XI . 33.82 -50.92 0.49
CBA CLA XI . 33.84 -49.94 -0.66
CGA CLA XI . 34.64 -48.74 -0.30
O1A CLA XI . 34.98 -48.35 0.82
O2A CLA XI . 35.03 -48.00 -1.39
NB CLA XI . 30.90 -52.22 -4.56
C1B CLA XI . 30.05 -51.81 -3.60
C2B CLA XI . 28.76 -51.43 -4.22
C3B CLA XI . 28.90 -51.61 -5.57
C4B CLA XI . 30.27 -52.12 -5.81
CMB CLA XI . 27.63 -50.96 -3.45
CAB CLA XI . 27.97 -51.40 -6.63
CBB CLA XI . 27.07 -50.41 -6.66
NC CLA XI . 33.00 -53.32 -6.28
C1C CLA XI . 32.07 -53.03 -7.23
C2C CLA XI . 32.59 -53.35 -8.54
C3C CLA XI . 33.86 -53.86 -8.36
C4C CLA XI . 34.11 -53.83 -6.93
CMC CLA XI . 31.86 -53.15 -9.80
CAC CLA XI . 34.77 -54.32 -9.41
CBC CLA XI . 35.13 -55.77 -9.27
ND CLA XI . 34.61 -53.68 -4.02
C1D CLA XI . 35.57 -54.10 -4.97
C2D CLA XI . 36.83 -54.38 -4.26
C3D CLA XI . 36.63 -53.98 -2.95
C4D CLA XI . 35.24 -53.53 -2.88
CMD CLA XI . 38.02 -54.91 -4.89
CAD CLA XI . 37.19 -53.85 -1.63
OBD CLA XI . 38.29 -54.19 -1.21
CBD CLA XI . 36.13 -53.18 -0.74
CGD CLA XI . 35.86 -53.99 0.47
O1D CLA XI . 34.91 -54.75 0.66
O2D CLA XI . 36.79 -53.84 1.44
CED CLA XI . 36.41 -53.08 2.59
C1 CLA XI . 35.96 -46.90 -1.17
MG CLA YI . 37.15 -68.42 -2.18
CHA CLA YI . 34.89 -68.43 0.44
CHB CLA YI . 39.21 -70.46 -0.42
CHC CLA YI . 39.39 -68.35 -4.79
CHD CLA YI . 34.95 -66.36 -4.04
NA CLA YI . 37.05 -69.26 -0.27
C1A CLA YI . 36.03 -69.15 0.68
C2A CLA YI . 36.41 -69.90 1.97
C3A CLA YI . 37.76 -70.58 1.62
C4A CLA YI . 38.05 -70.05 0.21
CMA CLA YI . 38.89 -70.21 2.53
CAA CLA YI . 35.38 -70.88 2.53
CBA CLA YI . 35.99 -71.89 3.48
CGA CLA YI . 34.96 -72.54 4.34
O1A CLA YI . 33.84 -72.95 4.03
O2A CLA YI . 35.37 -72.70 5.63
NB CLA YI . 38.95 -69.25 -2.54
C1B CLA YI . 39.62 -70.08 -1.70
C2B CLA YI . 40.88 -70.55 -2.34
C3B CLA YI . 40.94 -69.95 -3.58
C4B CLA YI . 39.72 -69.11 -3.71
CMB CLA YI . 41.82 -71.46 -1.69
CAB CLA YI . 41.93 -70.04 -4.61
CBB CLA YI . 43.25 -69.94 -4.42
NC CLA YI . 37.16 -67.50 -4.06
C1C CLA YI . 38.20 -67.59 -4.96
C2C CLA YI . 37.89 -66.81 -6.15
C3C CLA YI . 36.62 -66.27 -5.95
C4C CLA YI . 36.17 -66.71 -4.64
CMC CLA YI . 38.78 -66.67 -7.30
CAC CLA YI . 35.89 -65.39 -6.89
CBC CLA YI . 35.11 -66.14 -7.94
ND CLA YI . 35.37 -67.51 -1.91
C1D CLA YI . 34.56 -66.72 -2.76
C2D CLA YI . 33.30 -66.40 -2.06
C3D CLA YI . 33.37 -67.02 -0.83
C4D CLA YI . 34.67 -67.71 -0.79
CMD CLA YI . 32.22 -65.58 -2.62
CAD CLA YI . 32.70 -67.26 0.44
OBD CLA YI . 31.62 -66.85 0.86
CBD CLA YI . 33.63 -68.22 1.26
CGD CLA YI . 33.90 -67.76 2.67
O1D CLA YI . 34.87 -67.12 3.08
O2D CLA YI . 32.94 -68.12 3.57
CED CLA YI . 32.16 -69.30 3.31
C1 CLA YI . 35.54 -74.06 6.08
NB KC1 ZI . 46.67 -71.32 -8.84
ND KC1 ZI . 49.03 -72.35 -5.89
C1A KC1 ZI . 46.25 -73.35 -5.13
C1B KC1 ZI . 45.37 -71.66 -8.97
C1C KC1 ZI . 49.37 -70.26 -9.48
C1D KC1 ZI . 50.37 -72.16 -5.80
C2A KC1 ZI . 44.90 -73.86 -4.87
C2B KC1 ZI . 44.86 -71.13 -10.17
C2C KC1 ZI . 50.71 -69.80 -9.81
C2D KC1 ZI . 50.78 -72.71 -4.58
C3A KC1 ZI . 44.16 -73.53 -5.98
C3B KC1 ZI . 45.87 -70.45 -10.79
C3C KC1 ZI . 51.53 -70.23 -8.83
C3D KC1 ZI . 49.66 -73.23 -3.93
C4A KC1 ZI . 44.99 -72.86 -6.89
C4B KC1 ZI . 47.02 -70.59 -9.92
C4C KC1 ZI . 50.72 -70.95 -7.87
C4D KC1 ZI . 48.59 -72.98 -4.79
CAA KC1 ZI . 44.45 -74.56 -3.66
CAB KC1 ZI . 45.80 -69.74 -12.07
CAC KC1 ZI . 53.02 -70.00 -8.74
CAD KC1 ZI . 49.13 -73.92 -2.75
CBA KC1 ZI . 43.87 -75.79 -3.72
CBB KC1 ZI . 46.46 -70.19 -13.14
CBC KC1 ZI . 53.33 -68.87 -7.75
CBD KC1 ZI . 47.76 -74.40 -3.24
CED KC1 ZI . 46.78 -77.70 -4.72
CGA KC1 ZI . 43.02 -76.21 -2.67
CGD KC1 ZI . 47.88 -75.79 -3.83
CHA KC1 ZI . 47.39 -73.43 -4.31
CHB KC1 ZI . 44.57 -72.39 -8.12
CHC KC1 ZI . 48.23 -70.02 -10.25
CHD KC1 ZI . 51.23 -71.56 -6.70
CMA KC1 ZI . 42.70 -73.83 -6.21
CMB KC1 ZI . 43.44 -71.27 -10.68
CMC KC1 ZI . 51.11 -69.00 -11.02
CMD KC1 ZI . 52.20 -72.73 -4.06
NA KC1 ZI . 46.27 -72.74 -6.38
NC KC1 ZI . 49.41 -70.96 -8.30
O1A KC1 ZI . 42.30 -77.17 -2.82
O1D KC1 ZI . 48.79 -76.05 -4.58
O2A KC1 ZI . 43.17 -75.68 -1.43
O2D KC1 ZI . 46.84 -76.63 -3.74
OBD KC1 ZI . 49.73 -74.30 -1.77
MG KC1 ZI . 47.84 -71.83 -7.35
MG CLA AJ . 56.27 -56.89 -15.46
CHA CLA AJ . 57.95 -56.29 -18.45
CHB CLA AJ . 57.24 -60.14 -15.56
CHC CLA AJ . 54.57 -57.43 -12.51
CHD CLA AJ . 55.23 -53.50 -15.43
NA CLA AJ . 57.43 -58.01 -16.79
C1A CLA AJ . 58.05 -57.58 -17.97
C2A CLA AJ . 58.81 -58.73 -18.64
C3A CLA AJ . 58.57 -59.92 -17.69
C4A CLA AJ . 57.69 -59.34 -16.59
CMA CLA AJ . 57.89 -61.07 -18.41
CAA CLA AJ . 60.30 -58.43 -18.70
NB CLA AJ . 55.97 -58.48 -14.26
C1B CLA AJ . 56.43 -59.74 -14.49
C2B CLA AJ . 55.93 -60.65 -13.42
C3B CLA AJ . 55.18 -59.89 -12.56
C4B CLA AJ . 55.19 -58.50 -13.08
CMB CLA AJ . 56.27 -62.08 -13.38
CAB CLA AJ . 54.47 -60.24 -11.34
CBB CLA AJ . 53.84 -61.39 -11.10
NC CLA AJ . 55.13 -55.67 -14.19
C1C CLA AJ . 54.55 -56.09 -13.03
C2C CLA AJ . 53.85 -54.99 -12.39
C3C CLA AJ . 54.02 -53.88 -13.22
C4C CLA AJ . 54.83 -54.32 -14.35
CMC CLA AJ . 53.13 -55.08 -11.12
CAC CLA AJ . 53.50 -52.53 -12.98
CBC CLA AJ . 54.47 -51.67 -12.19
ND CLA AJ . 56.53 -55.23 -16.59
C1D CLA AJ . 56.02 -53.91 -16.48
C2D CLA AJ . 56.48 -53.12 -17.64
C3D CLA AJ . 57.23 -53.98 -18.42
C4D CLA AJ . 57.22 -55.28 -17.74
CMD CLA AJ . 56.18 -51.71 -17.87
CAD CLA AJ . 58.03 -54.12 -19.62
OBD CLA AJ . 58.34 -53.28 -20.46
CBD CLA AJ . 58.47 -55.62 -19.71
CGD CLA AJ . 57.95 -56.25 -20.98
O1D CLA AJ . 58.09 -55.84 -22.13
O2D CLA AJ . 57.24 -57.39 -20.79
CED CLA AJ . 56.30 -57.76 -21.80
C1 PID BJ . 22.79 -95.58 -7.90
C2 PID BJ . 22.35 -95.80 -6.48
C3 PID BJ . 20.97 -96.43 -6.42
C4 PID BJ . 19.99 -95.61 -7.22
C5 PID BJ . 20.29 -95.57 -8.73
C6 PID BJ . 21.80 -95.49 -8.99
C7 PID BJ . 22.21 -94.81 -10.28
C8 PID BJ . 22.10 -95.32 -11.52
C9 PID BJ . 22.65 -94.73 -12.67
C10 PID BJ . 23.60 -93.61 -12.70
C11 PID BJ . 22.38 -95.06 -14.00
C12 PID BJ . 23.04 -94.13 -14.86
C13 PID BJ . 23.01 -94.03 -16.29
C14 PID BJ . 23.38 -92.97 -17.02
C15 PID BJ . 23.73 -93.07 -18.35
C16 PID BJ . 24.15 -92.00 -19.13
C17 PID BJ . 24.73 -91.85 -20.38
C18 PID BJ . 25.08 -90.60 -20.88
C19 PID BJ . 25.83 -90.22 -21.99
C20 PID BJ . 26.12 -88.94 -22.40
C21 PID BJ . 26.94 -88.49 -23.44
C22 PID BJ . 27.07 -87.08 -23.84
C23 PID BJ . 27.91 -86.66 -24.75
C24 PID BJ . 28.72 -86.28 -25.69
C25 PID BJ . 28.29 -85.19 -26.67
C26 PID BJ . 29.55 -84.50 -27.22
C27 PID BJ . 30.64 -84.43 -26.20
C28 PID BJ . 31.19 -85.82 -25.91
C29 PID BJ . 30.12 -86.89 -25.80
C30 PID BJ . 32.39 -82.74 -25.95
C31 PID BJ . 31.69 -82.56 -24.64
CM1 PID BJ . 24.14 -94.96 -8.08
CM2 PID BJ . 19.54 -94.35 -9.28
CM3 PID BJ . 19.69 -96.84 -9.34
CM4 PID BJ . 23.41 -91.57 -16.44
CM5 PID BJ . 27.72 -89.48 -24.20
CM6 PID BJ . 27.47 -85.77 -27.84
CM7 PID BJ . 27.42 -84.13 -25.96
CM8 PID BJ . 30.24 -87.87 -26.96
O1 PID BJ . 22.51 -96.72 -8.76
O2 PID BJ . 20.55 -96.51 -5.06
O3 PID BJ . 24.16 -92.98 -11.84
O4 PID BJ . 23.83 -93.30 -14.05
O5 PID BJ . 30.43 -87.60 -24.57
O6 PID BJ . 31.75 -83.65 -26.74
O7 PID BJ . 33.36 -82.16 -26.30
C1 PID CJ . 2.68 -86.23 -7.59
C2 PID CJ . 3.33 -86.23 -6.23
C3 PID CJ . 3.09 -84.92 -5.52
C4 PID CJ . 3.55 -83.77 -6.38
C5 PID CJ . 2.76 -83.60 -7.69
C6 PID CJ . 2.37 -84.96 -8.29
C7 PID CJ . 2.08 -84.96 -9.76
C8 PID CJ . 0.93 -85.47 -10.25
C9 PID CJ . 0.51 -85.54 -11.57
C10 PID CJ . 1.20 -85.06 -12.78
C11 PID CJ . -0.69 -86.10 -12.01
C12 PID CJ . -0.84 -85.86 -13.41
C13 PID CJ . -2.00 -86.16 -14.19
C14 PID CJ . -2.26 -85.92 -15.48
C15 PID CJ . -3.58 -85.80 -15.88
C16 PID CJ . -4.08 -85.36 -17.08
C17 PID CJ . -5.41 -85.19 -17.48
C18 PID CJ . -5.88 -84.70 -18.70
C19 PID CJ . -7.21 -84.59 -19.09
C20 PID CJ . -7.76 -84.16 -20.27
C21 PID CJ . -9.11 -84.18 -20.67
C22 PID CJ . -9.58 -83.81 -22.02
C23 PID CJ . -10.46 -84.49 -22.71
C24 PID CJ . -11.40 -85.12 -23.35
C25 PID CJ . -12.23 -84.41 -24.44
C26 PID CJ . -13.71 -84.83 -24.29
C27 PID CJ . -13.87 -86.33 -24.25
C28 PID CJ . -13.15 -86.90 -23.04
C29 PID CJ . -11.66 -86.61 -23.08
C30 PID CJ . -16.01 -86.88 -25.25
C31 PID CJ . -15.15 -87.10 -26.44
CM1 PID CJ . 2.83 -87.50 -8.38
CM2 PID CJ . 3.65 -82.79 -8.64
CM3 PID CJ . 1.51 -82.79 -7.36
CM4 PID CJ . -1.18 -85.83 -16.55
CM5 PID CJ . -10.15 -84.50 -19.66
CM6 PID CJ . -12.12 -82.89 -24.29
CM7 PID CJ . -11.74 -84.81 -25.84
CM8 PID CJ . -10.99 -87.10 -21.81
O1 PID CJ . 1.34 -85.68 -7.55
O2 PID CJ . 3.82 -84.91 -4.29
O3 PID CJ . 2.28 -84.55 -12.94
O4 PID CJ . 0.35 -85.28 -13.86
O5 PID CJ . -11.16 -87.40 -24.18
O6 PID CJ . -15.27 -86.68 -24.11
O7 PID CJ . -17.21 -86.87 -25.26
C DD6 DJ . 11.62 -83.16 -13.23
C1 DD6 DJ . 12.17 -83.75 -14.49
C10 DD6 DJ . 20.60 -84.84 -9.94
C11 DD6 DJ . 21.68 -85.54 -9.60
C12 DD6 DJ . 22.16 -86.69 -10.43
C13 DD6 DJ . 22.41 -85.13 -8.39
C14 DD6 DJ . 23.33 -85.90 -7.81
C15 DD6 DJ . 24.02 -85.38 -6.58
C16 DD6 DJ . 25.27 -84.52 -6.76
C17 DD6 DJ . 26.13 -84.55 -5.50
C18 DD6 DJ . 25.29 -84.28 -4.26
C19 DD6 DJ . 24.44 -85.50 -3.98
C2 DD6 DJ . 13.45 -84.14 -14.56
C20 DD6 DJ . 23.56 -85.83 -5.20
C21 DD6 DJ . 22.51 -86.92 -5.09
C22 DD6 DJ . 24.89 -83.08 -7.05
C23 DD6 DJ . 26.08 -85.07 -7.92
C24 DD6 DJ . 11.32 -83.91 -15.68
C25 DD6 DJ . 10.07 -83.46 -15.71
C26 DD6 DJ . 9.30 -83.65 -16.94
C27 DD6 DJ . 8.09 -83.08 -17.10
C28 DD6 DJ . 7.50 -82.27 -15.99
C29 DD6 DJ . 7.43 -83.26 -18.16
C3 DD6 DJ . 14.35 -83.98 -13.41
C30 DD6 DJ . 6.90 -83.37 -19.20
C31 DD6 DJ . 6.38 -83.56 -20.33
C32 DD6 DJ . 6.51 -82.46 -21.36
C33 DD6 DJ . 5.66 -82.72 -22.59
C34 DD6 DJ . 5.71 -84.17 -23.00
C35 DD6 DJ . 5.05 -84.98 -21.91
C36 DD6 DJ . 5.71 -84.70 -20.58
C37 DD6 DJ . 5.57 -85.73 -19.49
C4 DD6 DJ . 15.58 -84.49 -13.48
C40 DD6 DJ . 7.97 -82.34 -21.74
C41 DD6 DJ . 6.07 -81.16 -20.70
C5 DD6 DJ . 16.48 -84.32 -12.35
C6 DD6 DJ . 17.72 -84.84 -12.36
C7 DD6 DJ . 18.22 -85.60 -13.54
C8 DD6 DJ . 18.59 -84.61 -11.19
C9 DD6 DJ . 19.81 -85.13 -11.13
O1 DD6 DJ . 23.06 -84.64 -5.80
O2 DD6 DJ . 26.16 -84.02 -3.15
O4 DD6 DJ . 5.01 -84.34 -24.23
MG CLA EJ . 19.08 -102.34 -7.12
CHA CLA EJ . 15.94 -102.07 -5.67
CHB CLA EJ . 20.04 -104.47 -4.63
CHC CLA EJ . 22.22 -102.44 -8.49
CHD CLA EJ . 18.04 -100.11 -9.66
NA CLA EJ . 18.10 -103.17 -5.45
C1A CLA EJ . 16.80 -102.92 -5.01
C2A CLA EJ . 16.49 -103.74 -3.74
C3A CLA EJ . 17.77 -104.55 -3.52
C4A CLA EJ . 18.72 -104.05 -4.60
CMA CLA EJ . 18.33 -104.37 -2.13
CAA CLA EJ . 15.28 -104.65 -3.91
CBA CLA EJ . 15.42 -105.60 -5.07
CGA CLA EJ . 14.20 -106.46 -5.17
O1A CLA EJ . 13.61 -107.08 -4.28
O2A CLA EJ . 13.69 -106.53 -6.44
NB CLA EJ . 20.80 -103.27 -6.65
C1B CLA EJ . 21.00 -104.07 -5.57
C2B CLA EJ . 22.43 -104.50 -5.51
C3B CLA EJ . 23.06 -103.93 -6.60
C4B CLA EJ . 22.02 -103.15 -7.35
CMB CLA EJ . 22.98 -105.37 -4.47
CAB CLA EJ . 24.43 -104.03 -7.03
CBB CLA EJ . 25.26 -102.99 -7.22
NC CLA EJ . 19.95 -101.47 -8.80
C1C CLA EJ . 21.25 -101.67 -9.18
C2C CLA EJ . 21.52 -100.90 -10.40
C3C CLA EJ . 20.35 -100.22 -10.73
C4C CLA EJ . 19.36 -100.59 -9.71
CMC CLA EJ . 22.82 -100.88 -11.09
CAC CLA EJ . 20.13 -99.34 -11.87
CBC CLA EJ . 19.46 -100.04 -13.04
ND CLA EJ . 17.38 -101.38 -7.66
C1D CLA EJ . 17.11 -100.46 -8.70
C2D CLA EJ . 15.71 -99.97 -8.56
C3D CLA EJ . 15.22 -100.55 -7.40
C4D CLA EJ . 16.31 -101.41 -6.88
CMD CLA EJ . 15.06 -99.04 -9.48
CAD CLA EJ . 14.08 -100.71 -6.53
OBD CLA EJ . 12.94 -100.26 -6.64
CBD CLA EJ . 14.54 -101.60 -5.34
CGD CLA EJ . 14.54 -100.86 -4.03
O1D CLA EJ . 14.85 -99.68 -3.84
O2D CLA EJ . 14.15 -101.61 -2.96
CED CLA EJ . 14.78 -101.34 -1.71
C1 CLA EJ . 14.43 -107.33 -7.38
C2 CLA EJ . 13.70 -107.25 -8.68
MG CLA FJ . 19.22 -87.66 -4.40
CHA CLA FJ . 20.37 -88.77 -1.33
CHB CLA FJ . 17.94 -84.88 -2.92
CHC CLA FJ . 18.25 -86.53 -7.50
CHD CLA FJ . 20.66 -90.52 -5.92
NA CLA FJ . 19.15 -86.98 -2.43
C1A CLA FJ . 19.71 -87.57 -1.30
C2A CLA FJ . 19.45 -86.73 -0.05
C3A CLA FJ . 18.56 -85.58 -0.58
C4A CLA FJ . 18.54 -85.81 -2.08
CMA CLA FJ . 17.18 -85.62 0.03
CAA CLA FJ . 20.73 -86.18 0.52
CBA CLA FJ . 21.73 -85.78 -0.55
CGA CLA FJ . 21.48 -84.36 -0.99
O1A CLA FJ . 21.53 -83.33 -0.32
O2A CLA FJ . 21.19 -84.27 -2.32
NB CLA FJ . 18.29 -86.01 -5.08
C1B CLA FJ . 17.83 -84.98 -4.32
C2B CLA FJ . 17.20 -83.94 -5.19
C3B CLA FJ . 17.29 -84.40 -6.49
C4B CLA FJ . 17.97 -85.73 -6.43
CMB CLA FJ . 16.62 -82.71 -4.64
CAB CLA FJ . 16.84 -83.83 -7.73
CBB CLA FJ . 15.79 -83.03 -7.90
NC CLA FJ . 19.38 -88.42 -6.35
C1C CLA FJ . 18.89 -87.80 -7.46
C2C CLA FJ . 19.18 -88.61 -8.65
C3C CLA FJ . 19.89 -89.72 -8.20
C4C CLA FJ . 20.02 -89.59 -6.76
CMC CLA FJ . 18.78 -88.28 -10.01
CAC CLA FJ . 20.41 -90.83 -9.04
CBC CLA FJ . 21.87 -90.65 -9.40
ND CLA FJ . 20.18 -89.34 -3.82
C1D CLA FJ . 20.75 -90.43 -4.54
C2D CLA FJ . 21.38 -91.37 -3.58
C3D CLA FJ . 21.24 -90.79 -2.34
C4D CLA FJ . 20.53 -89.52 -2.55
CMD CLA FJ . 22.01 -92.64 -3.95
CAD CLA FJ . 21.49 -90.93 -0.91
OBD CLA FJ . 21.95 -91.88 -0.28
CBD CLA FJ . 21.02 -89.59 -0.24
CGD CLA FJ . 20.10 -89.78 0.93
O1D CLA FJ . 18.89 -90.01 0.91
O2D CLA FJ . 20.71 -89.66 2.14
CED CLA FJ . 19.95 -89.97 3.31
C1 CLA FJ . 20.91 -82.94 -2.80
C2 CLA FJ . 20.76 -83.01 -4.27
C3 CLA FJ . 20.86 -81.93 -5.04
C4 CLA FJ . 21.13 -80.59 -4.47
C5 CLA FJ . 20.70 -82.02 -6.53
C6 CLA FJ . 21.66 -81.10 -7.26
C7 CLA FJ . 21.93 -81.60 -8.66
C8 CLA FJ . 23.05 -80.83 -9.34
C9 CLA FJ . 22.77 -79.34 -9.33
C10 CLA FJ . 23.26 -81.32 -10.77
C11 CLA FJ . 23.81 -82.72 -10.81
C12 CLA FJ . 24.28 -83.11 -12.19
C13 CLA FJ . 23.12 -83.26 -13.17
C14 CLA FJ . 22.81 -84.72 -13.44
C15 CLA FJ . 23.40 -82.54 -14.48
C16 CLA FJ . 22.29 -82.77 -15.49
C17 CLA FJ . 22.74 -82.43 -16.89
C18 CLA FJ . 21.80 -81.43 -17.55
C19 CLA FJ . 22.19 -80.00 -17.20
C20 CLA FJ . 21.79 -81.61 -19.05
NB KC1 GJ . 15.94 -79.75 -11.19
ND KC1 GJ . 12.92 -77.85 -9.59
C1A KC1 GJ . 15.05 -78.03 -7.41
C1B KC1 GJ . 17.09 -80.07 -10.56
C1C KC1 GJ . 13.86 -79.52 -13.28
C1D KC1 GJ . 11.73 -77.54 -10.16
C2A KC1 GJ . 16.10 -78.16 -6.41
C2B KC1 GJ . 17.96 -80.75 -11.46
C2C KC1 GJ . 12.81 -79.41 -14.29
C2D KC1 GJ . 10.96 -76.85 -9.19
C3A KC1 GJ . 17.11 -78.86 -7.03
C3B KC1 GJ . 17.29 -80.84 -12.66
C3C KC1 GJ . 11.76 -78.79 -13.72
C3D KC1 GJ . 11.71 -76.76 -8.04
C4A KC1 GJ . 16.72 -79.14 -8.34
C4B KC1 GJ . 16.02 -80.19 -12.45
C4C KC1 GJ . 12.13 -78.47 -12.35
C4D KC1 GJ . 12.93 -77.39 -8.31
CAA KC1 GJ . 16.10 -77.68 -5.02
CAB KC1 GJ . 17.78 -81.47 -13.89
CAC KC1 GJ . 10.45 -78.46 -14.38
CAD KC1 GJ . 11.76 -76.27 -6.65
CBA KC1 GJ . 15.26 -78.24 -4.12
CBB KC1 GJ . 18.07 -80.73 -14.96
CBC KC1 GJ . 9.42 -79.53 -14.04
CBD KC1 GJ . 13.18 -76.58 -6.18
CED KC1 GJ . 15.26 -73.82 -4.67
CGA KC1 GJ . 15.35 -77.92 -2.74
CGD KC1 GJ . 13.96 -75.30 -5.99
CHA KC1 GJ . 13.80 -77.39 -7.27
CHB KC1 GJ . 17.50 -79.83 -9.26
CHC KC1 GJ . 15.10 -80.11 -13.47
CHD KC1 GJ . 11.29 -77.82 -11.43
CMA KC1 GJ . 18.42 -79.25 -6.40
CMB KC1 GJ . 19.33 -81.28 -11.16
CMC KC1 GJ . 12.89 -79.92 -15.71
CMD KC1 GJ . 9.56 -76.32 -9.40
NA KC1 GJ . 15.45 -78.63 -8.59
NC KC1 GJ . 13.41 -78.94 -12.11
O1A KC1 GJ . 16.24 -77.17 -2.37
O1D KC1 GJ . 14.46 -74.76 -6.95
O2A KC1 GJ . 14.44 -78.39 -1.87
O2D KC1 GJ . 14.35 -74.95 -4.76
OBD KC1 GJ . 11.02 -75.44 -6.15
MG KC1 GJ . 14.45 -78.79 -10.37
MG CLA HJ . 0.69 -87.75 -20.66
CHA CLA HJ . -0.62 -86.96 -23.78
CHB CLA HJ . 1.54 -84.49 -20.19
CHC CLA HJ . 1.83 -88.56 -17.52
CHD CLA HJ . -0.10 -91.15 -21.25
NA CLA HJ . 0.47 -86.02 -21.81
C1A CLA HJ . -0.12 -85.90 -23.08
C2A CLA HJ . -0.07 -84.46 -23.56
C3A CLA HJ . 0.74 -83.73 -22.46
C4A CLA HJ . 0.93 -84.80 -21.39
CMA CLA HJ . 2.06 -83.27 -23.01
CAA CLA HJ . -1.47 -83.88 -23.68
CBA CLA HJ . -2.10 -83.59 -22.34
CGA CLA HJ . -3.01 -84.72 -21.97
O1A CLA HJ . -4.03 -85.12 -22.56
O2A CLA HJ . -2.62 -85.37 -20.84
NB CLA HJ . 1.53 -86.72 -19.15
C1B CLA HJ . 1.80 -85.38 -19.14
C2B CLA HJ . 2.44 -85.00 -17.86
C3B CLA HJ . 2.53 -86.15 -17.10
C4B CLA HJ . 1.95 -87.25 -17.91
CMB CLA HJ . 2.86 -83.63 -17.56
CAB CLA HJ . 3.05 -86.35 -15.77
CBB CLA HJ . 4.23 -85.89 -15.32
NC CLA HJ . 0.82 -89.53 -19.58
C1C CLA HJ . 1.31 -89.63 -18.30
C2C CLA HJ . 1.21 -91.01 -17.85
C3C CLA HJ . 0.70 -91.75 -18.92
C4C CLA HJ . 0.46 -90.81 -20.00
CMC CLA HJ . 1.62 -91.48 -16.53
CAC CLA HJ . 0.43 -93.20 -18.93
CBC CLA HJ . -1.00 -93.52 -18.58
ND CLA HJ . -0.17 -88.86 -22.12
C1D CLA HJ . -0.39 -90.25 -22.26
C2D CLA HJ . -0.99 -90.52 -23.59
C3D CLA HJ . -1.14 -89.28 -24.19
C4D CLA HJ . -0.59 -88.29 -23.26
CMD CLA HJ . -1.36 -91.84 -24.09
CAD CLA HJ . -1.57 -88.56 -25.38
OBD CLA HJ . -2.13 -88.99 -26.39
CBD CLA HJ . -1.21 -87.07 -25.16
CGD CLA HJ . -0.23 -86.56 -26.21
O1D CLA HJ . 0.81 -85.93 -26.02
O2D CLA HJ . -0.58 -86.88 -27.48
CED CLA HJ . 0.37 -87.63 -28.24
C1 CLA HJ . -3.32 -86.61 -20.55
C2 CLA HJ . -2.57 -87.29 -19.46
C3 CLA HJ . -2.98 -88.44 -18.91
C4 CLA HJ . -4.23 -89.11 -19.33
C5 CLA HJ . -2.20 -89.09 -17.82
C6 CLA HJ . -2.99 -89.24 -16.53
MG CLA IJ . 5.46 -77.03 -8.12
CHA CLA IJ . 7.93 -77.88 -5.84
CHB CLA IJ . 4.12 -74.85 -5.88
CHC CLA IJ . 3.09 -76.15 -10.47
CHD CLA IJ . 6.88 -79.30 -10.44
NA CLA IJ . 5.95 -76.50 -6.16
C1A CLA IJ . 7.03 -76.95 -5.39
C2A CLA IJ . 7.01 -76.29 -4.00
C3A CLA IJ . 5.75 -75.40 -4.03
C4A CLA IJ . 5.21 -75.59 -5.46
CMA CLA IJ . 4.75 -75.78 -2.98
CAA CLA IJ . 8.25 -75.45 -3.76
CBA CLA IJ . 8.36 -74.34 -4.78
CGA CLA IJ . 9.24 -73.25 -4.24
O1A CLA IJ . 10.01 -73.28 -3.28
O2A CLA IJ . 9.12 -72.08 -4.94
NB CLA IJ . 3.95 -75.70 -8.19
C1B CLA IJ . 3.51 -74.95 -7.15
C2B CLA IJ . 2.27 -74.22 -7.52
C3B CLA IJ . 1.97 -74.58 -8.82
C4B CLA IJ . 3.03 -75.54 -9.25
CMB CLA IJ . 1.55 -73.34 -6.60
CAB CLA IJ . 0.87 -74.21 -9.67
CBB CLA IJ . 0.39 -72.97 -9.82
NC CLA IJ . 5.05 -77.64 -10.09
C1C CLA IJ . 4.03 -77.16 -10.85
C2C CLA IJ . 4.05 -77.79 -12.17
C3C CLA IJ . 5.13 -78.69 -12.17
C4C CLA IJ . 5.75 -78.58 -10.86
CMC CLA IJ . 3.11 -77.51 -13.25
CAC CLA IJ . 5.56 -79.56 -13.27
CBC CLA IJ . 4.82 -80.87 -13.29
ND CLA IJ . 6.95 -78.40 -8.15
C1D CLA IJ . 7.45 -79.23 -9.19
C2D CLA IJ . 8.66 -79.94 -8.68
C3D CLA IJ . 8.88 -79.46 -7.41
C4D CLA IJ . 7.80 -78.49 -7.14
CMD CLA IJ . 9.41 -80.93 -9.45
CAD CLA IJ . 9.70 -79.55 -6.23
OBD CLA IJ . 10.65 -80.29 -6.00
CBD CLA IJ . 9.19 -78.47 -5.22
CGD CLA IJ . 8.97 -78.98 -3.82
O1D CLA IJ . 7.90 -79.33 -3.30
O2D CLA IJ . 10.10 -79.04 -3.07
CED CLA IJ . 9.99 -78.70 -1.68
C1 CLA IJ . 9.22 -72.17 -6.38
MG CLA JJ . 3.97 -94.14 -4.78
CHA CLA JJ . 2.68 -93.20 -1.71
CHB CLA JJ . 5.38 -96.88 -3.35
CHC CLA JJ . 5.03 -95.14 -7.90
CHD CLA JJ . 2.50 -91.25 -6.22
NA CLA JJ . 4.02 -94.88 -2.84
C1A CLA JJ . 3.39 -94.36 -1.70
C2A CLA JJ . 3.69 -95.23 -0.48
C3A CLA JJ . 4.71 -96.25 -1.00
C4A CLA JJ . 4.71 -96.02 -2.51
CMA CLA JJ . 6.07 -95.95 -0.41
CAA CLA JJ . 2.43 -95.98 -0.03
CBA CLA JJ . 1.91 -95.52 1.31
CGA CLA JJ . 2.95 -95.64 2.39
O1A CLA JJ . 4.10 -96.08 2.32
O2A CLA JJ . 2.50 -95.18 3.60
NB CLA JJ . 5.00 -95.71 -5.49
C1B CLA JJ . 5.48 -96.75 -4.76
C2B CLA JJ . 6.17 -97.73 -5.64
C3B CLA JJ . 6.08 -97.25 -6.92
C4B CLA JJ . 5.33 -95.95 -6.85
CMB CLA JJ . 6.79 -98.95 -5.14
CAB CLA JJ . 6.56 -97.81 -8.15
CBB CLA JJ . 7.40 -97.20 -9.01
NC CLA JJ . 3.82 -93.31 -6.69
C1C CLA JJ . 4.33 -93.89 -7.83
C2C CLA JJ . 4.02 -93.08 -8.99
C3C CLA JJ . 3.31 -91.98 -8.53
C4C CLA JJ . 3.18 -92.14 -7.08
CMC CLA JJ . 4.42 -93.39 -10.36
CAC CLA JJ . 2.78 -90.87 -9.32
CBC CLA JJ . 1.27 -90.95 -9.50
ND CLA JJ . 2.91 -92.54 -4.16
C1D CLA JJ . 2.36 -91.42 -4.86
C2D CLA JJ . 1.66 -90.55 -3.88
C3D CLA JJ . 1.74 -91.18 -2.66
C4D CLA JJ . 2.52 -92.42 -2.89
CMD CLA JJ . 0.99 -89.29 -4.22
CAD CLA JJ . 1.41 -91.14 -1.24
OBD CLA JJ . 0.82 -90.27 -0.62
CBD CLA JJ . 1.97 -92.45 -0.60
CGD CLA JJ . 2.88 -92.17 0.56
O1D CLA JJ . 4.07 -92.45 0.68
O2D CLA JJ . 2.27 -91.53 1.60
CED CLA JJ . 1.11 -92.13 2.17
C1 CLA JJ . 1.25 -95.73 4.07
C2 CLA JJ . 1.00 -95.14 5.41
NB KC1 KJ . 9.75 -100.13 -12.40
ND KC1 KJ . 12.00 -102.18 -9.94
C1A KC1 KJ . 9.24 -102.09 -8.68
C1B KC1 KJ . 8.42 -99.96 -12.29
C1C KC1 KJ . 12.49 -100.13 -13.54
C1D KC1 KJ . 13.28 -102.55 -10.12
C2A KC1 KJ . 7.87 -102.08 -8.15
C2B KC1 KJ . 7.94 -99.18 -13.37
C2C KC1 KJ . 13.82 -100.21 -14.12
C2D KC1 KJ . 13.66 -103.29 -8.98
C3A KC1 KJ . 7.11 -101.43 -9.12
C3B KC1 KJ . 9.02 -98.88 -14.16
C3C KC1 KJ . 14.56 -101.01 -13.32
C3D KC1 KJ . 12.57 -103.36 -8.13
C4A KC1 KJ . 7.97 -101.07 -10.17
C4B KC1 KJ . 10.16 -99.50 -13.52
C4C KC1 KJ . 13.71 -101.44 -12.22
C4D KC1 KJ . 11.54 -102.65 -8.76
CAA KC1 KJ . 7.39 -102.62 -6.88
CAB KC1 KJ . 9.03 -98.09 -15.41
CAC KC1 KJ . 16.00 -101.37 -13.53
CAD KC1 KJ . 12.02 -103.85 -6.85
CBA KC1 KJ . 7.96 -102.19 -5.73
CBB KC1 KJ . 9.28 -98.67 -16.57
CBC KC1 KJ . 16.08 -102.72 -14.27
CBD KC1 KJ . 10.53 -103.73 -7.07
CED KC1 KJ . 9.66 -106.14 -5.57
CGA KC1 KJ . 7.37 -102.51 -4.48
CGD KC1 KJ . 9.98 -105.01 -7.64
CHA KC1 KJ . 10.37 -102.62 -8.06
CHB KC1 KJ . 7.54 -100.40 -11.32
CHC KC1 KJ . 11.42 -99.40 -14.06
CHD KC1 KJ . 14.13 -102.28 -11.18
CMA KC1 KJ . 5.63 -101.18 -9.05
CMB KC1 KJ . 6.52 -98.76 -13.60
CMC KC1 KJ . 14.28 -99.53 -15.39
CMD KC1 KJ . 15.02 -103.91 -8.74
NA KC1 KJ . 9.25 -101.46 -9.91
NC KC1 KJ . 12.46 -100.88 -12.39
O1A KC1 KJ . 6.39 -103.24 -4.44
O1D KC1 KJ . 10.36 -105.40 -8.73
O2A KC1 KJ . 7.70 -101.78 -3.39
O2D KC1 KJ . 9.19 -105.80 -6.90
OBD KC1 KJ . 12.60 -104.01 -5.79
MG KC1 KJ . 10.86 -101.14 -11.15
MG CLA LJ . 21.52 -91.76 -23.91
CHA CLA LJ . 22.50 -91.56 -27.22
CHB CLA LJ . 20.04 -94.76 -24.53
CHC CLA LJ . 20.57 -91.91 -20.60
CHD CLA LJ . 22.90 -88.55 -23.36
NA CLA LJ . 21.34 -92.97 -25.61
C1A CLA LJ . 21.81 -92.70 -26.90
C2A CLA LJ . 21.44 -93.84 -27.86
C3A CLA LJ . 20.59 -94.79 -26.99
C4A CLA LJ . 20.65 -94.15 -25.60
CMA CLA LJ . 19.17 -94.89 -27.50
CAA CLA LJ . 22.69 -94.54 -28.37
NB CLA LJ . 20.40 -93.03 -22.82
C1B CLA LJ . 20.02 -94.27 -23.21
C2B CLA LJ . 19.58 -95.08 -22.04
C3B CLA LJ . 19.73 -94.28 -20.93
C4B CLA LJ . 20.27 -92.97 -21.40
CMB CLA LJ . 19.12 -96.47 -22.15
CAB CLA LJ . 19.48 -94.56 -19.54
CBB CLA LJ . 20.04 -95.55 -18.85
NC CLA LJ . 21.74 -90.48 -22.28
C1C CLA LJ . 21.28 -90.74 -21.01
C2C CLA LJ . 21.58 -89.63 -20.12
C3C CLA LJ . 22.23 -88.66 -20.90
C4C CLA LJ . 22.31 -89.20 -22.26
CMC CLA LJ . 21.25 -89.58 -18.70
CAC CLA LJ . 22.72 -87.35 -20.45
CBC CLA LJ . 24.04 -87.44 -19.70
ND CLA LJ . 22.67 -90.43 -24.92
C1D CLA LJ . 23.06 -89.10 -24.62
C2D CLA LJ . 23.68 -88.49 -25.82
C3D CLA LJ . 23.55 -89.43 -26.82
C4D CLA LJ . 22.85 -90.58 -26.24
CMD CLA LJ . 24.29 -87.17 -25.86
CAD CLA LJ . 23.82 -89.75 -28.22
OBD CLA LJ . 24.54 -89.18 -29.04
CBD CLA LJ . 22.99 -91.03 -28.55
CGD CLA LJ . 21.83 -90.70 -29.43
O1D CLA LJ . 21.04 -91.49 -29.97
O2D CLA LJ . 21.65 -89.37 -29.64
CED CLA LJ . 20.72 -88.66 -28.81
MG CLA MJ . 6.61 -76.19 -22.53
CHA CLA MJ . 9.04 -75.84 -24.98
CHB CLA MJ . 8.64 -78.31 -20.80
CHC CLA MJ . 4.20 -76.40 -20.09
CHD CLA MJ . 4.50 -74.04 -24.40
NA CLA MJ . 8.54 -76.94 -22.87
C1A CLA MJ . 9.39 -76.68 -23.94
C2A CLA MJ . 10.71 -77.44 -23.79
C3A CLA MJ . 10.50 -78.29 -22.52
C4A CLA MJ . 9.13 -77.81 -22.00
CMA CLA MJ . 10.52 -79.76 -22.82
CAA CLA MJ . 11.85 -76.47 -23.57
CBA CLA MJ . 13.08 -76.85 -24.37
CGA CLA MJ . 13.64 -75.63 -25.06
O1A CLA MJ . 13.97 -74.56 -24.55
O2A CLA MJ . 13.77 -75.79 -26.41
NB CLA MJ . 6.43 -77.20 -20.81
C1B CLA MJ . 7.41 -77.96 -20.24
C2B CLA MJ . 6.97 -78.39 -18.87
C3B CLA MJ . 5.73 -77.87 -18.66
C4B CLA MJ . 5.36 -77.10 -19.89
CMB CLA MJ . 7.81 -79.22 -18.00
CAB CLA MJ . 4.85 -77.96 -17.53
CBB CLA MJ . 4.59 -79.07 -16.83
NC CLA MJ . 4.70 -75.37 -22.30
C1C CLA MJ . 3.90 -75.59 -21.22
C2C CLA MJ . 2.65 -74.86 -21.37
C3C CLA MJ . 2.72 -74.20 -22.60
C4C CLA MJ . 4.01 -74.52 -23.17
CMC CLA MJ . 1.56 -74.86 -20.38
CAC CLA MJ . 1.70 -73.32 -23.21
CBC CLA MJ . 0.92 -74.03 -24.30
ND CLA MJ . 6.71 -75.12 -24.25
C1D CLA MJ . 5.76 -74.30 -24.92
C2D CLA MJ . 6.34 -73.81 -26.19
C3D CLA MJ . 7.62 -74.35 -26.25
C4D CLA MJ . 7.79 -75.17 -25.03
CMD CLA MJ . 5.68 -72.93 -27.13
CAD CLA MJ . 8.85 -74.46 -27.01
OBD CLA MJ . 9.17 -73.90 -28.06
CBD CLA MJ . 9.78 -75.45 -26.25
CGD CLA MJ . 10.12 -76.65 -27.09
O1D CLA MJ . 11.15 -77.32 -27.07
O2D CLA MJ . 9.13 -77.00 -27.95
CED CLA MJ . 9.44 -77.11 -29.34
C1 CLA MJ . 13.27 -74.72 -27.23
MG CLA NJ . -41.02 -24.87 -20.54
CHA CLA NJ . -43.67 -24.95 -22.77
CHB CLA NJ . -42.62 -22.44 -18.75
CHC CLA NJ . -38.46 -24.95 -18.27
CHD CLA NJ . -39.39 -27.36 -22.45
NA CLA NJ . -42.85 -23.88 -20.76
C1A CLA NJ . -43.82 -24.05 -21.76
C2A CLA NJ . -45.01 -23.11 -21.53
C3A CLA NJ . -44.54 -22.20 -20.36
C4A CLA NJ . -43.25 -22.89 -19.90
CMA CLA NJ . -44.31 -20.79 -20.81
CAA CLA NJ . -46.25 -23.88 -21.10
CBA CLA NJ . -45.95 -25.22 -20.45
CGA CLA NJ . -46.02 -25.14 -18.95
O1A CLA NJ . -46.12 -24.15 -18.23
O2A CLA NJ . -45.95 -26.38 -18.37
NB CLA NJ . -40.60 -23.86 -18.84
C1B CLA NJ . -41.42 -22.97 -18.22
C2B CLA NJ . -40.87 -22.60 -16.89
C3B CLA NJ . -39.70 -23.31 -16.75
C4B CLA NJ . -39.51 -24.11 -17.99
CMB CLA NJ . -41.51 -21.66 -15.98
CAB CLA NJ . -38.76 -23.31 -15.66
CBB CLA NJ . -38.56 -24.34 -14.82
NC CLA NJ . -39.23 -25.93 -20.42
C1C CLA NJ . -38.31 -25.78 -19.41
C2C CLA NJ . -37.17 -26.66 -19.65
C3C CLA NJ . -37.44 -27.37 -20.82
C4C CLA NJ . -38.74 -26.91 -21.30
CMC CLA NJ . -36.00 -26.75 -18.77
CAC CLA NJ . -36.58 -28.40 -21.44
CBC CLA NJ . -36.05 -28.02 -22.81
ND CLA NJ . -41.38 -25.92 -22.22
C1D CLA NJ . -40.62 -26.92 -22.90
C2D CLA NJ . -41.38 -27.36 -24.10
C3D CLA NJ . -42.56 -26.64 -24.09
C4D CLA NJ . -42.51 -25.77 -22.91
CMD CLA NJ . -40.91 -28.38 -25.05
CAD CLA NJ . -43.82 -26.39 -24.77
OBD CLA NJ . -44.27 -26.90 -25.78
CBD CLA NJ . -44.57 -25.29 -23.95
CGD CLA NJ . -44.89 -24.10 -24.81
O1D CLA NJ . -44.33 -23.75 -25.85
O2D CLA NJ . -45.94 -23.35 -24.37
CED CLA NJ . -45.96 -21.96 -24.71
C1 CLA NJ . -47.16 -26.88 -17.75
C2 CLA NJ . -46.76 -28.03 -16.90
C3 CLA NJ . -46.59 -29.27 -17.39
C4 CLA NJ . -46.78 -29.58 -18.82
C5 CLA NJ . -46.19 -30.39 -16.49
C6 CLA NJ . -47.32 -31.38 -16.25
C7 CLA NJ . -46.77 -32.72 -15.80
C8 CLA NJ . -47.77 -33.51 -14.96
C9 CLA NJ . -48.32 -32.63 -13.86
C10 CLA NJ . -47.12 -34.74 -14.35
C11 CLA NJ . -47.96 -35.99 -14.59
C12 CLA NJ . -47.63 -36.62 -15.93
C13 CLA NJ . -48.30 -37.98 -16.08
C14 CLA NJ . -48.01 -38.87 -14.89
C15 CLA NJ . -47.85 -38.67 -17.37
C DD6 OJ . -11.28 -62.76 -12.65
C1 DD6 OJ . -10.55 -63.83 -11.90
C10 DD6 OJ . -10.45 -68.40 -20.41
C11 DD6 OJ . -10.53 -69.55 -21.08
C12 DD6 OJ . -10.52 -70.85 -20.33
C13 DD6 OJ . -10.63 -69.56 -22.56
C14 DD6 OJ . -10.03 -70.56 -23.21
C15 DD6 OJ . -10.03 -70.72 -24.72
C16 DD6 OJ . -10.60 -71.99 -25.33
C17 DD6 OJ . -9.47 -72.84 -25.85
C18 DD6 OJ . -8.77 -72.16 -27.03
C19 DD6 OJ . -8.23 -70.78 -26.67
C2 DD6 OJ . -10.03 -64.88 -12.57
C20 DD6 OJ . -8.76 -70.16 -25.37
C21 DD6 OJ . -7.82 -69.31 -24.54
C22 DD6 OJ . -11.60 -71.65 -26.44
C23 DD6 OJ . -11.34 -72.77 -24.25
C24 DD6 OJ . -10.47 -63.73 -10.44
C25 DD6 OJ . -10.90 -62.61 -9.86
C26 DD6 OJ . -10.85 -62.45 -8.40
C27 DD6 OJ . -11.28 -61.31 -7.84
C28 DD6 OJ . -11.77 -60.19 -8.70
C29 DD6 OJ . -11.26 -61.14 -6.60
C3 DD6 OJ . -10.14 -64.93 -14.02
C30 DD6 OJ . -11.26 -60.96 -5.42
C31 DD6 OJ . -11.35 -60.74 -4.19
C32 DD6 OJ . -10.50 -59.69 -3.55
C33 DD6 OJ . -10.15 -60.10 -2.13
C34 DD6 OJ . -11.45 -60.36 -1.39
C35 DD6 OJ . -12.05 -61.63 -1.95
C36 DD6 OJ . -12.21 -61.49 -3.46
C37 DD6 OJ . -13.36 -62.15 -4.16
C4 DD6 OJ . -10.02 -66.08 -14.68
C40 DD6 OJ . -11.26 -58.39 -3.44
C41 DD6 OJ . -9.28 -59.42 -4.38
C5 DD6 OJ . -10.14 -66.11 -16.13
C6 DD6 OJ . -10.12 -67.27 -16.80
C7 DD6 OJ . -9.96 -68.57 -16.05
C8 DD6 OJ . -10.23 -67.27 -18.27
C9 DD6 OJ . -10.35 -68.41 -18.95
O1 DD6 OJ . -10.04 -69.54 -25.53
O2 DD6 OJ . -7.68 -72.99 -27.45
O4 DD6 OJ . -11.22 -60.54 0.02
C DD6 PJ . 9.83 -46.75 -11.38
C1 DD6 PJ . 10.02 -45.96 -10.13
C10 DD6 PJ . 14.61 -39.97 -15.96
C11 DD6 PJ . 15.47 -38.97 -16.13
C12 DD6 PJ . 16.03 -38.24 -14.95
C13 DD6 PJ . 15.89 -38.61 -17.49
C14 DD6 PJ . 15.11 -37.92 -18.31
C15 DD6 PJ . 15.67 -37.64 -19.68
C16 DD6 PJ . 16.63 -36.48 -19.90
C17 DD6 PJ . 16.72 -36.09 -21.37
C18 DD6 PJ . 16.94 -37.32 -22.25
C19 DD6 PJ . 15.65 -38.10 -22.30
C2 DD6 PJ . 10.52 -44.73 -10.22
C20 DD6 PJ . 15.37 -38.66 -20.84
C21 DD6 PJ . 14.14 -39.53 -20.68
C22 DD6 PJ . 18.01 -36.87 -19.42
C23 DD6 PJ . 16.16 -35.27 -19.11
C24 DD6 PJ . 9.68 -46.58 -8.86
C25 DD6 PJ . 9.38 -47.87 -8.82
C26 DD6 PJ . 9.10 -48.46 -7.53
C27 DD6 PJ . 8.78 -49.75 -7.40
C28 DD6 PJ . 8.71 -50.62 -8.62
C29 DD6 PJ . 8.59 -50.21 -6.27
C3 DD6 PJ . 10.85 -44.24 -11.55
C30 DD6 PJ . 8.50 -50.63 -5.17
C31 DD6 PJ . 8.49 -51.07 -4.00
C32 DD6 PJ . 9.65 -51.89 -3.55
C33 DD6 PJ . 9.21 -52.69 -2.35
C34 DD6 PJ . 8.82 -51.69 -1.29
C35 DD6 PJ . 7.54 -50.98 -1.71
C36 DD6 PJ . 7.46 -50.80 -3.21
C37 DD6 PJ . 6.20 -50.28 -3.79
C4 DD6 PJ . 11.66 -43.20 -11.67
C40 DD6 PJ . 10.10 -52.81 -4.67
C41 DD6 PJ . 10.77 -50.96 -3.15
C5 DD6 PJ . 12.03 -42.74 -13.01
C6 DD6 PJ . 12.94 -41.78 -13.13
C7 DD6 PJ . 13.56 -41.16 -11.92
C8 DD6 PJ . 13.35 -41.33 -14.47
C9 DD6 PJ . 14.21 -40.35 -14.61
O1 DD6 PJ . 16.47 -38.80 -19.97
O2 DD6 PJ . 17.26 -36.91 -23.58
O4 DD6 PJ . 8.58 -52.40 -0.09
C DD6 QJ . -1.43 -62.99 -8.37
C1 DD6 QJ . -0.62 -62.87 -7.15
C10 DD6 QJ . 4.16 -56.09 -12.13
C11 DD6 QJ . 5.27 -55.35 -12.27
C12 DD6 QJ . 6.30 -55.39 -11.19
C13 DD6 QJ . 5.50 -54.49 -13.44
C14 DD6 QJ . 4.94 -54.78 -14.61
C15 DD6 QJ . 5.16 -53.90 -15.82
C16 DD6 QJ . 6.03 -54.40 -16.95
C17 DD6 QJ . 6.45 -53.28 -17.88
C18 DD6 QJ . 5.25 -52.41 -18.24
C19 DD6 QJ . 4.95 -51.57 -17.03
C2 DD6 QJ . 0.33 -61.93 -7.09
C20 DD6 QJ . 4.49 -52.50 -15.87
C21 DD6 QJ . 3.96 -51.87 -14.61
C22 DD6 QJ . 5.26 -55.43 -17.74
C23 DD6 QJ . 7.27 -55.04 -16.35
C24 DD6 QJ . -0.96 -63.79 -6.05
C25 DD6 QJ . -1.89 -64.70 -6.28
C26 DD6 QJ . -2.29 -65.63 -5.23
C27 DD6 QJ . -3.46 -66.26 -5.32
C28 DD6 QJ . -4.35 -66.00 -6.49
C29 DD6 QJ . -3.84 -67.04 -4.41
C3 DD6 QJ . 0.57 -61.07 -8.25
C30 DD6 QJ . -4.24 -67.72 -3.53
C31 DD6 QJ . -4.72 -68.37 -2.57
C32 DD6 QJ . -5.28 -69.75 -2.76
C33 DD6 QJ . -6.04 -70.09 -1.51
C34 DD6 QJ . -5.11 -70.06 -0.32
C35 DD6 QJ . -4.51 -68.67 -0.15
C36 DD6 QJ . -4.75 -67.83 -1.37
C37 DD6 QJ . -5.03 -66.37 -1.21
C4 DD6 QJ . 1.47 -60.09 -8.22
C40 DD6 QJ . -6.21 -69.74 -3.96
C41 DD6 QJ . -4.14 -70.72 -2.98
C5 DD6 QJ . 1.68 -59.25 -9.40
C6 DD6 QJ . 2.70 -58.39 -9.50
C7 DD6 QJ . 3.70 -58.27 -8.38
C8 DD6 QJ . 2.86 -57.57 -10.70
C9 DD6 QJ . 4.00 -56.91 -10.93
O1 DD6 QJ . 3.85 -53.67 -16.36
O2 DD6 QJ . 5.59 -51.56 -19.33
O4 DD6 QJ . -5.84 -70.36 0.87
C7 UIX RJ . -9.07 -53.99 -14.72
C8 UIX RJ . -9.22 -57.16 -16.17
C9 UIX RJ . -7.18 -55.86 -15.82
O1 UIX RJ . -9.53 -55.98 -20.09
C1 UIX RJ . -10.39 -54.01 -16.97
C5 UIX RJ . -9.67 -55.73 -18.69
C6 UIX RJ . -10.63 -52.55 -16.58
C4 UIX RJ . -8.32 -55.82 -18.01
O4 UIX RJ . -0.19 -41.52 5.42
C3 UIX RJ . -10.18 -54.32 -18.46
O3 UIX RJ . -3.21 -43.65 3.40
C2 UIX RJ . -8.52 -55.85 -16.51
C UIX RJ . -9.37 -54.67 -16.04
O UIX RJ . -10.76 -55.05 -16.08
C10 UIX RJ . -9.24 -54.62 -13.56
C11 UIX RJ . -8.94 -53.93 -12.29
C12 UIX RJ . -9.77 -54.26 -11.09
C13 UIX RJ . -7.94 -53.04 -12.20
C14 UIX RJ . -7.64 -52.34 -10.95
C15 UIX RJ . -3.54 -41.14 1.47
C16 UIX RJ . -2.45 -43.39 2.22
C17 UIX RJ . -2.24 -40.47 1.86
C18 UIX RJ . -1.57 -41.18 3.03
C19 UIX RJ . -1.21 -42.59 2.58
C20 UIX RJ . -3.29 -42.61 1.24
C21 UIX RJ . -4.10 -40.50 0.20
C22 UIX RJ . -4.58 -40.97 2.58
C23 UIX RJ . -6.70 -52.72 -10.08
C24 UIX RJ . -2.04 -44.73 1.62
C25 UIX RJ . -3.78 -43.19 0.23
C26 UIX RJ . -6.55 -51.87 -8.88
C27 UIX RJ . 0.39 -41.10 4.44
C28 UIX RJ . -4.30 -43.77 -0.76
O2 UIX RJ . -0.39 -40.46 3.39
C29 UIX RJ . -7.39 -52.15 -7.67
C30 UIX RJ . -5.68 -50.84 -8.85
C31 UIX RJ . 1.89 -41.19 4.29
C32 UIX RJ . -3.53 -44.28 -1.91
C33 UIX RJ . -2.11 -43.87 -2.13
C34 UIX RJ . -5.61 -50.00 -7.65
C35 UIX RJ . -4.15 -45.13 -2.73
C36 UIX RJ . -3.59 -45.75 -3.93
C37 UIX RJ . -4.55 -49.28 -7.28
C38 UIX RJ . -4.28 -46.78 -4.43
C39 UIX RJ . -4.75 -48.49 -6.07
C40 UIX RJ . -3.91 -47.52 -5.65
C41 UIX RJ . -2.66 -47.19 -6.41
MG CLA SJ . -15.34 -56.19 -1.05
CHA CLA SJ . -13.85 -53.51 0.59
CHB CLA SJ . -17.52 -56.57 1.53
CHC CLA SJ . -16.78 -58.84 -2.72
CHD CLA SJ . -13.17 -55.66 -3.79
NA CLA SJ . -15.61 -55.20 0.77
C1A CLA SJ . -14.90 -54.09 1.26
C2A CLA SJ . -15.44 -53.66 2.62
C3A CLA SJ . -16.60 -54.64 2.88
C4A CLA SJ . -16.59 -55.55 1.65
CMA CLA SJ . -16.41 -55.42 4.17
CAA CLA SJ . -16.01 -52.25 2.55
CBA CLA SJ . -16.91 -52.08 1.34
CGA CLA SJ . -17.33 -50.65 1.21
O1A CLA SJ . -17.57 -49.83 2.09
O2A CLA SJ . -17.49 -50.26 -0.10
NB CLA SJ . -16.91 -57.42 -0.69
C1B CLA SJ . -17.62 -57.47 0.46
C2B CLA SJ . -18.53 -58.64 0.45
C3B CLA SJ . -18.32 -59.29 -0.76
C4B CLA SJ . -17.28 -58.53 -1.49
CMB CLA SJ . -19.43 -58.99 1.55
CAB CLA SJ . -18.92 -60.49 -1.29
CBB CLA SJ . -18.97 -61.67 -0.65
NC CLA SJ . -15.00 -57.10 -2.90
C1C CLA SJ . -15.70 -58.18 -3.37
C2C CLA SJ . -15.21 -58.56 -4.69
C3C CLA SJ . -14.21 -57.64 -5.02
C4C CLA SJ . -14.09 -56.71 -3.89
CMC CLA SJ . -15.70 -59.69 -5.47
CAC CLA SJ . -13.40 -57.62 -6.25
CBC CLA SJ . -14.18 -57.15 -7.46
ND CLA SJ . -13.77 -55.01 -1.50
C1D CLA SJ . -12.99 -54.87 -2.68
C2D CLA SJ . -12.02 -53.76 -2.48
C3D CLA SJ . -12.27 -53.24 -1.22
C4D CLA SJ . -13.40 -54.01 -0.68
CMD CLA SJ . -11.00 -53.38 -3.46
CAD CLA SJ . -11.89 -52.26 -0.23
OBD CLA SJ . -10.94 -51.48 -0.21
CBD CLA SJ . -12.96 -52.34 0.91
CGD CLA SJ . -12.35 -52.46 2.28
O1D CLA SJ . -11.67 -53.39 2.72
O2D CLA SJ . -12.62 -51.40 3.10
CED CLA SJ . -12.80 -51.66 4.49
C1 CLA SJ . -18.37 -49.14 -0.33
MG CLA TJ . -3.88 -63.59 0.21
CHA CLA TJ . -5.36 -64.32 3.27
CHB CLA TJ . -0.81 -64.22 1.54
CHC CLA TJ . -2.47 -63.01 -2.88
CHD CLA TJ . -7.08 -62.96 -1.13
NA CLA TJ . -3.22 -64.14 2.11
C1A CLA TJ . -3.99 -64.42 3.26
C2A CLA TJ . -3.09 -64.80 4.42
C3A CLA TJ . -1.67 -64.60 3.88
C4A CLA TJ . -1.89 -64.31 2.40
CMA CLA TJ . -0.96 -63.47 4.60
CAA CLA TJ . -3.28 -66.26 4.80
CBA CLA TJ . -2.29 -67.13 4.05
CGA CLA TJ . -2.89 -67.55 2.74
O1A CLA TJ . -4.03 -67.35 2.34
O2A CLA TJ . -2.02 -68.25 1.95
NB CLA TJ . -1.99 -63.55 -0.51
C1B CLA TJ . -0.88 -63.96 0.16
C2B CLA TJ . 0.27 -64.08 -0.77
C3B CLA TJ . -0.19 -63.74 -2.02
C4B CLA TJ . -1.64 -63.40 -1.87
CMB CLA TJ . 1.60 -64.51 -0.33
CAB CLA TJ . 0.48 -63.70 -3.29
CBB CLA TJ . 1.69 -63.16 -3.51
NC CLA TJ . -4.64 -63.04 -1.65
C1C CLA TJ . -3.89 -62.84 -2.77
C2C CLA TJ . -4.75 -62.46 -3.89
C3C CLA TJ . -6.05 -62.48 -3.40
C4C CLA TJ . -5.98 -62.84 -2.00
CMC CLA TJ . -4.29 -62.15 -5.24
CAC CLA TJ . -7.27 -62.17 -4.17
CBC CLA TJ . -8.08 -63.40 -4.49
ND CLA TJ . -5.79 -63.61 0.85
C1D CLA TJ . -7.02 -63.32 0.20
C2D CLA TJ . -8.13 -63.47 1.15
C3D CLA TJ . -7.55 -63.87 2.35
C4D CLA TJ . -6.10 -63.93 2.10
CMD CLA TJ . -9.54 -63.25 0.81
CAD CLA TJ . -7.78 -64.24 3.73
OBD CLA TJ . -8.84 -64.33 4.35
CBD CLA TJ . -6.37 -64.51 4.37
CGD CLA TJ . -6.12 -63.60 5.55
O1D CLA TJ . -5.04 -63.22 5.98
O2D CLA TJ . -7.25 -63.15 6.16
CED CLA TJ . -7.24 -62.99 7.57
C1 CLA TJ . -0.69 -67.72 1.82
C2 CLA TJ . -0.08 -68.39 0.64
C3 CLA TJ . -0.45 -68.12 -0.62
C4 CLA TJ . -1.49 -67.13 -0.96
C5 CLA TJ . 0.21 -68.83 -1.76
C6 CLA TJ . 0.10 -68.08 -3.08
C7 CLA TJ . -0.79 -68.82 -4.06
C8 CLA TJ . -0.19 -70.15 -4.51
C9 CLA TJ . 1.24 -69.97 -4.99
C10 CLA TJ . -1.01 -70.75 -5.64
C11 CLA TJ . -1.64 -69.69 -6.52
C12 CLA TJ . -1.22 -69.85 -7.97
C13 CLA TJ . -2.33 -69.41 -8.91
C14 CLA TJ . -3.48 -70.40 -8.87
C15 CLA TJ . -1.82 -69.23 -10.34
C16 CLA TJ . -1.28 -67.83 -10.54
C17 CLA TJ . -2.14 -67.04 -11.51
C18 CLA TJ . -3.49 -66.68 -10.92
C19 CLA TJ . -3.64 -65.18 -10.77
C20 CLA TJ . -4.61 -67.23 -11.78
MG CLA UJ . 6.55 -63.45 -6.72
CHA CLA UJ . 6.54 -65.94 -4.29
CHB CLA UJ . 3.49 -64.49 -7.78
CHC CLA UJ . 6.71 -61.14 -9.26
CHD CLA UJ . 9.75 -62.45 -5.62
NA CLA UJ . 5.22 -64.94 -6.07
C1A CLA UJ . 5.41 -65.89 -5.06
C2A CLA UJ . 4.18 -66.78 -4.92
C3A CLA UJ . 3.18 -66.19 -5.95
C4A CLA UJ . 4.00 -65.12 -6.66
CMA CLA UJ . 2.64 -67.22 -6.90
CAA CLA UJ . 3.57 -66.71 -3.52
CBA CLA UJ . 3.59 -68.04 -2.83
CGA CLA UJ . 4.22 -67.93 -1.47
O1A CLA UJ . 4.49 -68.84 -0.68
O2A CLA UJ . 4.52 -66.65 -1.13
NB CLA UJ . 5.33 -62.91 -8.23
C1B CLA UJ . 4.15 -63.50 -8.53
C2B CLA UJ . 3.62 -62.94 -9.79
C3B CLA UJ . 4.51 -61.98 -10.22
C4B CLA UJ . 5.61 -61.94 -9.22
CMB CLA UJ . 2.34 -63.38 -10.37
CAB CLA UJ . 4.47 -61.13 -11.38
CBB CLA UJ . 5.38 -61.10 -12.35
NC CLA UJ . 7.95 -62.01 -7.28
C1C CLA UJ . 7.80 -61.15 -8.34
C2C CLA UJ . 8.96 -60.27 -8.44
C3C CLA UJ . 9.84 -60.67 -7.44
C4C CLA UJ . 9.20 -61.76 -6.72
CMC CLA UJ . 9.12 -59.21 -9.45
CAC CLA UJ . 11.16 -60.08 -7.14
CBC CLA UJ . 12.24 -60.53 -8.12
ND CLA UJ . 7.82 -63.92 -5.22
C1D CLA UJ . 9.14 -63.46 -4.92
C2D CLA UJ . 9.65 -64.24 -3.78
C3D CLA UJ . 8.70 -65.20 -3.50
C4D CLA UJ . 7.60 -64.98 -4.44
CMD CLA UJ . 10.94 -64.00 -3.13
CAD CLA UJ . 8.33 -66.30 -2.63
OBD CLA UJ . 8.88 -66.73 -1.62
CBD CLA UJ . 7.01 -66.88 -3.21
CGD CLA UJ . 7.28 -68.25 -3.79
O1D CLA UJ . 8.20 -68.57 -4.54
O2D CLA UJ . 6.41 -69.22 -3.41
CED CLA UJ . 6.92 -70.53 -3.17
C1 CLA UJ . 5.28 -66.47 0.08
MG CLA VJ . 6.49 -47.25 -15.02
CHA CLA VJ . 8.01 -46.27 -17.99
CHB CLA VJ . 8.39 -50.07 -14.97
CHC CLA VJ . 5.00 -48.13 -12.04
CHD CLA VJ . 4.49 -44.34 -15.14
NA CLA VJ . 7.96 -48.02 -16.30
C1A CLA VJ . 8.45 -47.47 -17.49
C2A CLA VJ . 9.52 -48.37 -18.09
C3A CLA VJ . 9.56 -49.59 -17.15
C4A CLA VJ . 8.58 -49.22 -16.05
CMA CLA VJ . 9.19 -50.87 -17.86
CAA CLA VJ . 10.87 -47.67 -18.08
CBA CLA VJ . 11.27 -47.22 -16.70
CGA CLA VJ . 10.79 -45.82 -16.43
O1A CLA VJ . 11.05 -44.79 -17.04
O2A CLA VJ . 9.94 -45.73 -15.36
NB CLA VJ . 6.65 -48.81 -13.76
C1B CLA VJ . 7.51 -49.85 -13.90
C2B CLA VJ . 7.37 -50.78 -12.73
C3B CLA VJ . 6.41 -50.23 -11.91
C4B CLA VJ . 5.95 -48.98 -12.55
CMB CLA VJ . 8.15 -52.00 -12.58
CAB CLA VJ . 5.89 -50.69 -10.65
CBB CLA VJ . 5.41 -51.92 -10.42
NC CLA VJ . 5.02 -46.39 -13.82
C1C CLA VJ . 4.57 -46.91 -12.64
C2C CLA VJ . 3.56 -46.04 -12.06
C3C CLA VJ . 3.39 -44.99 -12.94
C4C CLA VJ . 4.31 -45.20 -14.05
CMC CLA VJ . 2.86 -46.25 -10.79
CAC CLA VJ . 2.47 -43.85 -12.78
CBC CLA VJ . 3.26 -42.64 -12.38
ND CLA VJ . 6.26 -45.64 -16.22
C1D CLA VJ . 5.40 -44.52 -16.17
C2D CLA VJ . 5.66 -43.63 -17.32
C3D CLA VJ . 6.68 -44.24 -18.04
C4D CLA VJ . 7.00 -45.50 -17.33
CMD CLA VJ . 4.98 -42.36 -17.58
CAD CLA VJ . 7.56 -44.16 -19.18
OBD CLA VJ . 7.69 -43.25 -19.99
CBD CLA VJ . 8.39 -45.47 -19.23
CGD CLA VJ . 8.15 -46.24 -20.50
O1D CLA VJ . 8.65 -46.04 -21.61
O2D CLA VJ . 7.26 -47.26 -20.37
CED CLA VJ . 7.35 -48.36 -21.27
C1 CLA VJ . 9.56 -44.38 -15.01
C2 CLA VJ . 8.44 -44.43 -14.03
C3 CLA VJ . 7.92 -43.30 -13.52
C4 CLA VJ . 8.42 -41.96 -13.88
C5 CLA VJ . 6.80 -43.36 -12.54
C6 CLA VJ . 7.19 -42.86 -11.17
C7 CLA VJ . 6.10 -43.15 -10.16
C8 CLA VJ . 6.60 -44.00 -9.00
C9 CLA VJ . 6.22 -45.46 -9.23
C10 CLA VJ . 6.04 -43.50 -7.68
C11 CLA VJ . 6.57 -44.30 -6.51
MG CLA WJ . 18.15 -41.69 -15.81
CHA CLA WJ . 17.81 -42.25 -19.22
CHB CLA WJ . 20.74 -39.59 -16.42
CHC CLA WJ . 18.40 -41.11 -12.44
CHD CLA WJ . 15.45 -43.89 -15.22
NA CLA WJ . 19.13 -41.06 -17.55
C1A CLA WJ . 18.84 -41.41 -18.88
C2A CLA WJ . 19.83 -40.74 -19.85
C3A CLA WJ . 20.85 -40.05 -18.91
C4A CLA WJ . 20.21 -40.23 -17.52
CMA CLA WJ . 22.22 -40.67 -18.99
CAA CLA WJ . 19.20 -39.73 -20.79
CBA CLA WJ . 20.11 -39.40 -21.94
CGA CLA WJ . 20.05 -40.48 -22.98
O1A CLA WJ . 19.19 -40.65 -23.85
O2A CLA WJ . 21.09 -41.35 -22.90
NB CLA WJ . 19.44 -40.68 -14.63
C1B CLA WJ . 20.23 -39.69 -15.11
C2B CLA WJ . 20.50 -38.69 -14.06
C3B CLA WJ . 19.85 -39.09 -12.93
C4B CLA WJ . 19.17 -40.38 -13.27
CMB CLA WJ . 21.31 -37.50 -14.32
CAB CLA WJ . 19.78 -38.49 -11.63
CBB CLA WJ . 18.68 -37.99 -11.07
NC CLA WJ . 17.14 -42.41 -14.13
C1C CLA WJ . 17.44 -42.07 -12.83
C2C CLA WJ . 16.60 -42.81 -11.91
C3C CLA WJ . 15.70 -43.54 -12.70
C4C CLA WJ . 16.06 -43.29 -14.09
CMC CLA WJ . 16.67 -42.71 -10.45
CAC CLA WJ . 14.66 -44.44 -12.19
CBC CLA WJ . 15.00 -45.88 -12.40
ND CLA WJ . 16.84 -42.77 -16.91
C1D CLA WJ . 15.79 -43.65 -16.53
C2D CLA WJ . 15.20 -44.22 -17.76
C3D CLA WJ . 15.93 -43.71 -18.82
C4D CLA WJ . 16.95 -42.83 -18.23
CMD CLA WJ . 14.07 -45.15 -17.78
CAD CLA WJ . 16.10 -43.67 -20.26
OBD CLA WJ . 15.44 -44.23 -21.14
CBD CLA WJ . 17.35 -42.77 -20.56
CGD CLA WJ . 18.46 -43.51 -21.25
O1D CLA WJ . 19.62 -43.64 -20.87
O2D CLA WJ . 18.10 -44.08 -22.45
CED CLA WJ . 19.15 -44.32 -23.39
C1 CLA WJ . 21.96 -41.42 -24.05
MG CLA XJ . 12.55 -57.80 -4.95
CHA CLA XJ . 10.89 -59.56 -2.46
CHB CLA XJ . 15.53 -58.48 -3.44
CHC CLA XJ . 14.16 -56.22 -7.54
CHD CLA XJ . 9.43 -57.13 -6.48
NA CLA XJ . 13.09 -58.83 -3.21
C1A CLA XJ . 12.25 -59.51 -2.32
C2A CLA XJ . 13.06 -60.13 -1.18
C3A CLA XJ . 14.51 -59.64 -1.45
C4A CLA XJ . 14.39 -58.94 -2.80
CMA CLA XJ . 14.99 -58.72 -0.36
CAA CLA XJ . 12.98 -61.65 -1.20
CBA CLA XJ . 14.11 -62.31 -1.98
CGA CLA XJ . 14.04 -63.79 -1.78
O1A CLA XJ . 13.60 -64.41 -0.82
O2A CLA XJ . 14.56 -64.52 -2.82
NB CLA XJ . 14.48 -57.42 -5.40
C1B CLA XJ . 15.55 -57.82 -4.68
C2B CLA XJ . 16.81 -57.44 -5.40
C3B CLA XJ . 16.43 -56.80 -6.56
C4B CLA XJ . 14.93 -56.77 -6.56
CMB CLA XJ . 18.13 -57.75 -4.85
CAB CLA XJ . 17.20 -56.23 -7.63
CBB CLA XJ . 18.51 -55.92 -7.62
NC CLA XJ . 11.90 -56.81 -6.67
C1C CLA XJ . 12.74 -56.23 -7.59
C2C CLA XJ . 11.95 -55.63 -8.66
C3C CLA XJ . 10.61 -55.90 -8.38
C4C CLA XJ . 10.59 -56.64 -7.13
CMC CLA XJ . 12.50 -54.92 -9.81
CAC CLA XJ . 9.44 -55.52 -9.17
CBC CLA XJ . 8.87 -54.19 -8.76
ND CLA XJ . 10.60 -58.14 -4.58
C1D CLA XJ . 9.41 -57.84 -5.31
C2D CLA XJ . 8.24 -58.40 -4.58
C3D CLA XJ . 8.75 -59.06 -3.48
C4D CLA XJ . 10.22 -58.88 -3.53
CMD CLA XJ . 6.85 -58.27 -5.00
CAD CLA XJ . 8.45 -59.83 -2.29
OBD CLA XJ . 7.36 -60.13 -1.81
CBD CLA XJ . 9.81 -60.23 -1.64
CGD CLA XJ . 9.88 -59.85 -0.19
O1D CLA XJ . 10.59 -58.98 0.33
O2D CLA XJ . 9.08 -60.59 0.62
CED CLA XJ . 9.52 -60.85 1.95
C1 CLA XJ . 14.31 -64.07 -4.16
C2 CLA XJ . 14.07 -65.28 -4.99
MG CLA YJ . -0.01 -48.31 1.80
CHA CLA YJ . 1.71 -48.39 4.82
CHB CLA YJ . -2.96 -48.10 3.49
CHC CLA YJ . -1.66 -48.15 -1.21
CHD CLA YJ . 3.08 -48.47 0.10
NA CLA YJ . -0.51 -48.26 3.83
C1A CLA YJ . 0.35 -48.29 4.93
C2A CLA YJ . -0.43 -48.19 6.23
C3A CLA YJ . -1.90 -48.23 5.77
C4A CLA YJ . -1.81 -48.17 4.26
CMA CLA YJ . -2.58 -49.49 6.25
CAA CLA YJ . -0.13 -46.82 6.82
CBA CLA YJ . -0.45 -45.67 5.87
CGA CLA YJ . 0.79 -45.13 5.21
O1A CLA YJ . 1.68 -44.44 5.69
O2A CLA YJ . 0.88 -45.46 3.89
NB CLA YJ . -1.94 -48.15 1.25
C1B CLA YJ . -3.00 -48.08 2.08
C2B CLA YJ . -4.27 -48.01 1.30
C3B CLA YJ . -3.91 -48.02 -0.03
C4B CLA YJ . -2.42 -48.11 -0.08
CMB CLA YJ . -5.58 -47.93 1.92
CAB CLA YJ . -4.74 -47.97 -1.21
CBB CLA YJ . -5.89 -48.61 -1.40
NC CLA YJ . 0.61 -48.32 -0.19
C1C CLA YJ . -0.24 -48.24 -1.26
C2C CLA YJ . 0.54 -48.26 -2.50
C3C CLA YJ . 1.88 -48.36 -2.14
C4C CLA YJ . 1.92 -48.39 -0.68
CMC CLA YJ . -0.02 -48.19 -3.85
CAC CLA YJ . 3.05 -48.40 -3.04
CBC CLA YJ . 3.80 -47.09 -3.06
ND CLA YJ . 1.95 -48.42 2.27
C1D CLA YJ . 3.12 -48.48 1.47
C2D CLA YJ . 4.31 -48.58 2.36
C3D CLA YJ . 3.82 -48.58 3.65
C4D CLA YJ . 2.35 -48.46 3.54
CMD CLA YJ . 5.68 -48.67 1.88
CAD CLA YJ . 4.15 -48.61 5.07
OBD CLA YJ . 5.24 -48.72 5.61
CBD CLA YJ . 2.80 -48.51 5.86
CGD CLA YJ . 2.63 -49.76 6.69
O1D CLA YJ . 3.13 -50.86 6.48
O2D CLA YJ . 1.82 -49.64 7.76
CED CLA YJ . 1.31 -50.86 8.31
C1 CLA YJ . 1.77 -44.62 3.10
C2 CLA YJ . 1.55 -44.94 1.67
C3 CLA YJ . 1.89 -44.12 0.67
C4 CLA YJ . 1.67 -44.46 -0.75
C5 CLA YJ . 2.51 -42.80 0.96
C6 CLA YJ . 3.68 -42.46 0.04
C7 CLA YJ . 5.00 -42.83 0.68
C8 CLA YJ . 6.19 -42.24 -0.07
NB KC1 ZJ . -9.19 -48.09 -6.40
ND KC1 ZJ . -11.90 -49.37 -3.89
C1A KC1 ZJ . -10.19 -47.41 -2.33
C1B KC1 ZJ . -8.33 -47.08 -6.17
C1C KC1 ZJ . -10.82 -50.08 -7.84
C1D KC1 ZJ . -12.95 -50.17 -4.16
C2A KC1 ZJ . -9.39 -46.37 -1.68
C2B KC1 ZJ . -7.53 -46.85 -7.33
C2C KC1 ZJ . -11.70 -50.97 -8.58
C2D KC1 ZJ . -13.69 -50.31 -2.97
C3A KC1 ZJ . -8.56 -45.86 -2.66
C3B KC1 ZJ . -7.94 -47.74 -8.28
C3C KC1 ZJ . -12.71 -51.32 -7.75
C3D KC1 ZJ . -13.05 -49.57 -1.97
C4A KC1 ZJ . -8.81 -46.57 -3.84
C4B KC1 ZJ . -9.00 -48.51 -7.65
C4C KC1 ZJ . -12.47 -50.65 -6.48
C4D KC1 ZJ . -11.93 -48.99 -2.59
CAA KC1 ZJ . -9.49 -45.94 -0.29
CAB KC1 ZJ . -7.41 -47.89 -9.65
CAC KC1 ZJ . -13.88 -52.21 -8.08
CAD KC1 ZJ . -13.05 -49.15 -0.56
CBA KC1 ZJ . -8.43 -46.03 0.57
CBB KC1 ZJ . -8.17 -47.56 -10.69
CBC KC1 ZJ . -13.60 -53.66 -7.71
CBD KC1 ZJ . -12.05 -48.00 -0.57
CED KC1 ZJ . -13.51 -44.58 0.13
CGA KC1 ZJ . -8.11 -44.89 1.36
CGD KC1 ZJ . -12.78 -46.70 -0.71
CHA KC1 ZJ . -11.18 -48.22 -1.76
CHB KC1 ZJ . -8.13 -46.31 -5.04
CHC KC1 ZJ . -9.65 -49.51 -8.36
CHD KC1 ZJ . -13.31 -50.76 -5.35
CMA KC1 ZJ . -7.54 -44.76 -2.48
CMB KC1 ZJ . -6.44 -45.81 -7.48
CMC KC1 ZJ . -11.53 -51.43 -10.00
CMD KC1 ZJ . -14.95 -51.12 -2.78
NA KC1 ZJ . -9.79 -47.50 -3.66
NC KC1 ZJ . -11.31 -49.91 -6.58
O1A KC1 ZJ . -8.24 -43.79 0.87
O1D KC1 ZJ . -13.52 -46.53 -1.64
O2A KC1 ZJ . -8.17 -45.01 2.70
O2D KC1 ZJ . -12.66 -45.75 0.24
OBD KC1 ZJ . -13.94 -49.32 0.24
MG KC1 ZJ . -10.50 -48.75 -5.11
MG CLA AK . -9.50 -62.22 -17.54
CHA CLA AK . -10.82 -62.90 -20.69
CHB CLA AK . -11.86 -59.81 -17.09
CHC CLA AK . -8.17 -61.61 -14.44
CHD CLA AK . -7.04 -64.70 -18.11
NA CLA AK . -11.08 -61.50 -18.72
C1A CLA AK . -11.47 -61.92 -20.00
C2A CLA AK . -12.67 -61.10 -20.49
C3A CLA AK . -12.89 -60.06 -19.37
C4A CLA AK . -11.88 -60.48 -18.30
CMA CLA AK . -12.66 -58.66 -19.87
CAA CLA AK . -13.89 -61.99 -20.64
NB CLA AK . -9.90 -60.92 -16.06
C1B CLA AK . -10.96 -60.07 -16.03
C2B CLA AK . -11.04 -59.42 -14.69
C3B CLA AK . -10.00 -59.91 -13.94
C4B CLA AK . -9.27 -60.88 -14.81
CMB CLA AK . -12.09 -58.44 -14.34
CAB CLA AK . -9.60 -59.63 -12.58
CBB CLA AK . -9.61 -58.43 -11.99
NC CLA AK . -7.89 -63.02 -16.48
C1C CLA AK . -7.52 -62.62 -15.22
C2C CLA AK . -6.36 -63.37 -14.77
C3C CLA AK . -6.04 -64.25 -15.81
C4C CLA AK . -7.00 -64.02 -16.88
CMC CLA AK . -5.69 -63.21 -13.49
CAC CLA AK . -4.93 -65.22 -15.82
CBC CLA AK . -5.36 -66.58 -15.33
ND CLA AK . -9.03 -63.57 -18.98
C1D CLA AK . -7.96 -64.50 -19.11
C2D CLA AK . -8.06 -65.17 -20.42
C3D CLA AK . -9.15 -64.61 -21.07
C4D CLA AK . -9.70 -63.60 -20.14
CMD CLA AK . -7.15 -66.22 -20.90
CAD CLA AK . -9.98 -64.59 -22.26
OBD CLA AK . -9.90 -65.30 -23.27
CBD CLA AK . -11.03 -63.47 -22.08
CGD CLA AK . -10.91 -62.39 -23.13
O1D CLA AK . -9.89 -62.05 -23.75
O2D CLA AK . -12.08 -61.75 -23.41
CED CLA AK . -11.99 -60.40 -23.90
MG CLA BK . -12.06 -44.29 -19.58
CHA CLA BK . -14.56 -44.48 -21.97
CHB CLA BK . -12.60 -40.94 -19.29
CHC CLA BK . -9.55 -44.15 -17.23
CHD CLA BK . -11.51 -47.77 -19.95
NA CLA BK . -13.39 -42.96 -20.48
C1A CLA BK . -14.36 -43.23 -21.46
C2A CLA BK . -15.14 -41.97 -21.83
C3A CLA BK . -14.48 -40.87 -20.97
C4A CLA BK . -13.41 -41.62 -20.17
CMA CLA BK . -13.88 -39.76 -21.82
CAA CLA BK . -16.60 -42.09 -21.46
CBA CLA BK . -16.79 -42.64 -20.06
CGA CLA BK . -17.31 -44.04 -20.12
O1A CLA BK . -18.31 -44.46 -20.73
O2A CLA BK . -16.58 -44.94 -19.39
NB CLA BK . -11.24 -42.83 -18.46
C1B CLA BK . -11.58 -41.51 -18.51
C2B CLA BK . -10.68 -40.72 -17.60
C3B CLA BK . -9.82 -41.63 -17.02
C4B CLA BK . -10.16 -42.98 -17.55
CMB CLA BK . -10.79 -39.27 -17.44
CAB CLA BK . -8.75 -41.43 -16.06
CBB CLA BK . -8.84 -40.71 -14.95
NC CLA BK . -10.79 -45.71 -18.74
C1C CLA BK . -9.84 -45.43 -17.78
C2C CLA BK . -9.15 -46.66 -17.40
C3C CLA BK . -9.69 -47.69 -18.17
C4C CLA BK . -10.72 -47.07 -19.01
CMC CLA BK . -8.09 -46.73 -16.39
CAC CLA BK . -9.33 -49.11 -18.14
CBC CLA BK . -8.07 -49.43 -18.92
ND CLA BK . -12.83 -45.82 -20.65
C1D CLA BK . -12.49 -47.20 -20.72
C2D CLA BK . -13.36 -47.85 -21.73
C3D CLA BK . -14.17 -46.86 -22.25
C4D CLA BK . -13.79 -45.61 -21.55
CMD CLA BK . -13.31 -49.27 -22.08
CAD CLA BK . -15.24 -46.54 -23.18
OBD CLA BK . -15.86 -47.27 -23.95
CBD CLA BK . -15.49 -45.00 -23.06
CGD CLA BK . -15.25 -44.29 -24.36
O1D CLA BK . -14.28 -43.59 -24.67
O2D CLA BK . -16.23 -44.47 -25.29
CED CLA BK . -15.83 -44.57 -26.66
C1 CLA BK . -16.88 -46.33 -19.59
MG CLA CK . 1.40 -38.45 -14.82
CHA CLA CK . -0.61 -37.40 -17.43
CHB CLA CK . -1.36 -39.22 -12.99
CHC CLA CK . 3.45 -39.35 -12.22
CHD CLA CK . 4.25 -37.56 -16.74
NA CLA CK . -0.65 -38.35 -15.19
C1A CLA CK . -1.29 -37.88 -16.34
C2A CLA CK . -2.81 -37.99 -16.20
C3A CLA CK . -3.01 -38.51 -14.75
C4A CLA CK . -1.58 -38.73 -14.26
CMA CLA CK . -3.76 -37.52 -13.89
CAA CLA CK . -3.37 -38.99 -17.18
CBA CLA CK . -2.58 -40.29 -17.14
CGA CLA CK . -3.33 -41.40 -16.47
O1A CLA CK . -3.02 -42.04 -15.47
O2A CLA CK . -4.51 -41.69 -17.11
NB CLA CK . 1.10 -39.07 -12.93
C1B CLA CK . -0.10 -39.44 -12.41
C2B CLA CK . 0.09 -40.13 -11.10
C3B CLA CK . 1.45 -40.16 -10.87
C4B CLA CK . 2.10 -39.49 -12.03
CMB CLA CK . -1.01 -40.64 -10.29
CAB CLA CK . 2.16 -40.74 -9.76
CBB CLA CK . 3.11 -40.14 -9.04
NC CLA CK . 3.48 -38.49 -14.55
C1C CLA CK . 4.10 -38.91 -13.41
C2C CLA CK . 5.54 -38.78 -13.56
C3C CLA CK . 5.77 -38.27 -14.84
C4C CLA CK . 4.46 -38.09 -15.45
CMC CLA CK . 6.53 -39.14 -12.53
CAC CLA CK . 7.07 -37.97 -15.45
CBC CLA CK . 7.47 -36.52 -15.28
ND CLA CK . 1.80 -37.84 -16.71
C1D CLA CK . 3.01 -37.42 -17.34
C2D CLA CK . 2.70 -36.87 -18.68
C3D CLA CK . 1.33 -36.85 -18.77
C4D CLA CK . 0.81 -37.42 -17.50
CMD CLA CK . 3.69 -36.43 -19.66
CAD CLA CK . 0.18 -36.54 -19.60
OBD CLA CK . 0.12 -36.20 -20.77
CBD CLA CK . -1.09 -36.74 -18.70
CGD CLA CK . -1.72 -35.41 -18.38
O1D CLA CK . -2.06 -34.99 -17.27
O2D CLA CK . -1.89 -34.59 -19.46
CED CLA CK . -2.11 -33.20 -19.21
C1 CLA CK . -5.28 -42.79 -16.56
C1A DGD DK . -38.77 -30.04 -18.24
C2A DGD DK . -37.73 -29.86 -17.16
O1A DGD DK . -38.69 -30.98 -19.03
C1B DGD DK . -42.44 -27.00 -17.23
C2B DGD DK . -42.03 -25.88 -16.30
C3B DGD DK . -41.59 -26.46 -14.95
C4B DGD DK . -40.34 -27.33 -15.11
C5B DGD DK . -39.75 -27.66 -13.73
C6B DGD DK . -38.41 -28.36 -13.87
O1B DGD DK . -43.38 -27.72 -16.95
O1G DGD DK . -39.88 -29.11 -18.35
C1G DGD DK . -40.80 -29.21 -19.44
C2G DGD DK . -42.07 -28.47 -19.06
O2G DGD DK . -41.71 -27.23 -18.46
C3G DGD DK . -42.92 -28.22 -20.29
O3G DGD DK . -43.24 -29.46 -20.92
C1D DGD DK . -44.02 -29.25 -22.08
C2D DGD DK . -44.08 -30.52 -22.91
O2D DGD DK . -42.75 -30.86 -23.36
C3D DGD DK . -44.98 -30.34 -24.13
O3D DGD DK . -45.17 -31.60 -24.78
C4D DGD DK . -46.32 -29.76 -23.72
O4D DGD DK . -47.09 -30.73 -23.01
C5D DGD DK . -46.13 -28.52 -22.85
O5D DGD DK . -48.14 -27.48 -23.60
C6D DGD DK . -47.48 -27.95 -22.43
O6D DGD DK . -45.35 -28.86 -21.71
C1E DGD DK . -49.53 -27.24 -23.41
C2E DGD DK . -50.21 -27.21 -24.76
O2E DGD DK . -49.97 -28.43 -25.45
C3E DGD DK . -49.69 -26.04 -25.58
O3E DGD DK . -50.41 -25.95 -26.81
C4E DGD DK . -49.85 -24.74 -24.80
O4E DGD DK . -51.24 -24.45 -24.63
C5E DGD DK . -49.19 -24.87 -23.42
O6E DGD DK . -49.72 -25.99 -22.72
C6E DGD DK . -49.46 -23.61 -22.61
O5E DGD DK . -48.94 -22.46 -23.30
C DD6 EK . -61.48 -41.68 -9.39
C1 DD6 EK . -60.50 -41.14 -8.40
C10 DD6 EK . -53.62 -42.18 -15.10
C11 DD6 EK . -52.34 -42.24 -15.50
C12 DD6 EK . -51.21 -42.09 -14.52
C13 DD6 EK . -52.06 -42.47 -16.93
C14 DD6 EK . -51.64 -41.42 -17.64
C15 DD6 EK . -51.33 -41.52 -19.12
C16 DD6 EK . -50.15 -42.35 -19.63
C17 DD6 EK . -49.57 -41.76 -20.91
C18 DD6 EK . -50.66 -41.45 -21.92
C19 DD6 EK . -51.42 -40.22 -21.42
C2 DD6 EK . -59.21 -40.99 -8.75
C20 DD6 EK . -51.95 -40.44 -20.00
C21 DD6 EK . -52.77 -39.36 -19.33
C22 DD6 EK . -50.61 -43.78 -19.90
C23 DD6 EK . -49.04 -42.38 -18.59
C24 DD6 EK . -60.92 -40.73 -7.06
C25 DD6 EK . -62.20 -40.75 -6.70
C26 DD6 EK . -62.57 -40.31 -5.36
C27 DD6 EK . -63.84 -40.35 -4.94
C28 DD6 EK . -64.88 -40.88 -5.89
C29 DD6 EK . -64.15 -39.94 -3.79
C3 DD6 EK . -58.73 -41.34 -10.08
C30 DD6 EK . -64.41 -39.49 -2.74
C31 DD6 EK . -64.62 -38.97 -1.60
C32 DD6 EK . -65.60 -37.82 -1.45
C33 DD6 EK . -65.40 -37.08 -0.15
C34 DD6 EK . -65.35 -38.09 0.98
C35 DD6 EK . -64.03 -38.83 0.83
C36 DD6 EK . -63.95 -39.46 -0.53
C37 DD6 EK . -63.10 -40.68 -0.71
C4 DD6 EK . -57.43 -41.30 -10.33
C40 DD6 EK . -67.01 -38.38 -1.48
C41 DD6 EK . -65.40 -36.88 -2.63
C5 DD6 EK . -56.95 -41.60 -11.68
C6 DD6 EK . -55.64 -41.72 -11.96
C7 DD6 EK . -54.62 -41.56 -10.88
C8 DD6 EK . -55.24 -42.00 -13.34
C9 DD6 EK . -53.96 -41.92 -13.70
O1 DD6 EK . -52.52 -41.74 -19.87
O2 DD6 EK . -50.09 -41.16 -23.20
O4 DD6 EK . -65.40 -37.42 2.24
C DD6 FK . -64.02 -16.12 -14.50
C1 DD6 FK . -64.72 -15.23 -13.53
C10 DD6 FK . -67.20 -10.21 -21.30
C11 DD6 FK . -67.49 -9.07 -21.94
C12 DD6 FK . -67.88 -7.84 -21.16
C13 DD6 FK . -67.43 -9.02 -23.41
C14 DD6 FK . -67.79 -7.94 -24.08
C15 DD6 FK . -67.70 -7.95 -25.60
C16 DD6 FK . -66.72 -7.02 -26.30
C17 DD6 FK . -67.20 -6.64 -27.69
C18 DD6 FK . -67.62 -7.87 -28.47
C19 DD6 FK . -68.94 -8.36 -27.90
C2 DD6 FK . -65.46 -14.21 -13.97
C20 DD6 FK . -68.83 -8.59 -26.39
C21 DD6 FK . -70.05 -9.06 -25.61
C22 DD6 FK . -65.36 -7.69 -26.39
C23 DD6 FK . -66.59 -5.74 -25.47
C24 DD6 FK . -64.58 -15.47 -12.08
C25 DD6 FK . -63.60 -16.23 -11.61
C26 DD6 FK . -63.50 -16.45 -10.18
C27 DD6 FK . -62.46 -17.13 -9.65
C28 DD6 FK . -61.39 -17.67 -10.53
C29 DD6 FK . -62.42 -17.30 -8.41
C3 DD6 FK . -65.59 -13.94 -15.40
C30 DD6 FK . -62.32 -17.48 -7.25
C31 DD6 FK . -62.28 -17.65 -5.99
C32 DD6 FK . -61.07 -17.15 -5.24
C33 DD6 FK . -61.03 -17.67 -3.82
C34 DD6 FK . -62.41 -17.66 -3.19
C35 DD6 FK . -63.23 -18.68 -3.94
C36 DD6 FK . -63.31 -18.24 -5.38
C37 DD6 FK . -64.57 -18.47 -6.15
C4 DD6 FK . -66.34 -12.94 -15.84
C40 DD6 FK . -59.81 -17.58 -5.99
C41 DD6 FK . -61.13 -15.63 -5.22
C5 DD6 FK . -66.43 -12.72 -17.28
C6 DD6 FK . -67.00 -11.63 -17.80
C7 DD6 FK . -67.59 -10.57 -16.92
C8 DD6 FK . -67.02 -11.48 -19.27
C9 DD6 FK . -67.21 -10.30 -19.84
O1 DD6 FK . -67.63 -9.30 -26.07
O2 DD6 FK . -67.81 -7.52 -29.85
O4 DD6 FK . -62.32 -18.05 -1.82
C DD6 GK . -57.22 -32.92 -6.35
C1 DD6 GK . -56.96 -31.94 -5.24
C10 DD6 GK . -59.12 -25.08 -11.61
C11 DD6 GK . -59.13 -23.90 -12.24
C12 DD6 GK . -58.75 -22.63 -11.54
C13 DD6 GK . -59.51 -23.91 -13.68
C14 DD6 GK . -59.65 -22.80 -14.41
C15 DD6 GK . -60.04 -22.96 -15.86
C16 DD6 GK . -58.96 -22.76 -16.94
C17 DD6 GK . -59.59 -22.25 -18.23
C18 DD6 GK . -60.71 -23.18 -18.66
C19 DD6 GK . -61.89 -23.00 -17.73
C2 DD6 GK . -57.13 -30.63 -5.45
C20 DD6 GK . -61.49 -23.16 -16.26
C21 DD6 GK . -62.57 -23.11 -15.18
C22 DD6 GK . -58.24 -24.07 -17.19
C23 DD6 GK . -57.94 -21.74 -16.45
C24 DD6 GK . -56.53 -32.42 -3.91
C25 DD6 GK . -56.29 -33.71 -3.70
C26 DD6 GK . -55.85 -34.15 -2.37
C27 DD6 GK . -55.83 -35.46 -2.06
C28 DD6 GK . -56.28 -36.48 -3.06
C29 DD6 GK . -55.44 -35.81 -0.92
C3 DD6 GK . -57.55 -30.12 -6.75
C30 DD6 GK . -55.09 -36.13 0.16
C31 DD6 GK . -54.68 -36.51 1.29
C32 DD6 GK . -53.41 -37.34 1.38
C33 DD6 GK . -53.06 -37.69 2.82
C34 DD6 GK . -53.42 -36.58 3.79
C35 DD6 GK . -54.94 -36.49 3.77
C36 DD6 GK . -55.37 -36.15 2.37
C37 DD6 GK . -56.64 -35.38 2.19
C4 DD6 GK . -57.78 -28.82 -6.91
C40 DD6 GK . -53.65 -38.61 0.59
C41 DD6 GK . -52.29 -36.54 0.74
C5 DD6 GK . -58.17 -28.31 -8.23
C6 DD6 GK . -58.29 -27.00 -8.47
C7 DD6 GK . -58.04 -25.99 -7.39
C8 DD6 GK . -58.67 -26.56 -9.83
C9 DD6 GK . -58.75 -25.29 -10.20
O1 DD6 GK . -60.61 -24.26 -16.05
O2 DD6 GK . -61.12 -22.83 -20.00
O4 DD6 GK . -52.99 -36.93 5.10
C DD6 HK . -71.12 -24.84 -8.42
C1 DD6 HK . -71.34 -25.45 -7.07
C10 DD6 HK . -68.46 -33.86 -10.91
C11 DD6 HK . -68.36 -35.21 -10.88
C12 DD6 HK . -68.81 -35.96 -9.67
C13 DD6 HK . -67.83 -35.98 -12.01
C14 DD6 HK . -68.22 -35.79 -13.27
C15 DD6 HK . -67.62 -36.63 -14.37
C16 DD6 HK . -66.16 -36.41 -14.79
C17 DD6 HK . -65.97 -36.77 -16.26
C18 DD6 HK . -66.53 -38.16 -16.55
C19 DD6 HK . -68.04 -38.08 -16.53
C2 DD6 HK . -71.07 -26.75 -6.87
C20 DD6 HK . -68.55 -37.47 -15.22
C21 DD6 HK . -70.05 -37.33 -14.99
C22 DD6 HK . -65.24 -37.28 -13.96
C23 DD6 HK . -65.75 -34.98 -14.57
C24 DD6 HK . -71.85 -24.62 -5.97
C25 DD6 HK . -72.10 -23.32 -6.14
C26 DD6 HK . -72.59 -22.51 -5.02
C27 DD6 HK . -72.68 -21.18 -5.14
C28 DD6 HK . -72.25 -20.52 -6.42
C29 DD6 HK . -73.10 -20.47 -4.19
C3 DD6 HK . -70.56 -27.58 -7.95
C30 DD6 HK . -73.48 -19.82 -3.28
C31 DD6 HK . -73.88 -19.12 -2.32
C32 DD6 HK . -73.03 -19.06 -1.08
C33 DD6 HK . -73.77 -18.44 0.09
C34 DD6 HK . -74.53 -17.21 -0.37
C35 DD6 HK . -75.65 -17.72 -1.26
C36 DD6 HK . -75.03 -18.44 -2.43
C37 DD6 HK . -75.72 -18.38 -3.77
C4 DD6 HK . -70.24 -28.86 -7.72
C40 DD6 HK . -72.63 -20.47 -0.73
C41 DD6 HK . -71.79 -18.24 -1.40
C5 DD6 HK . -69.74 -29.69 -8.82
C6 DD6 HK . -69.46 -30.99 -8.65
C7 DD6 HK . -69.68 -31.63 -7.30
C8 DD6 HK . -68.94 -31.78 -9.78
C9 DD6 HK . -68.98 -33.11 -9.77
O1 DD6 HK . -67.86 -38.01 -14.09
O2 DD6 HK . -66.08 -38.58 -17.84
O4 DD6 HK . -75.05 -16.51 0.75
C DD6 IK . -56.13 -30.77 -10.69
C1 DD6 IK . -55.43 -31.61 -11.71
C10 DD6 IK . -56.34 -39.42 -5.99
C11 DD6 IK . -56.34 -40.75 -5.92
C12 DD6 IK . -55.90 -41.56 -7.10
C13 DD6 IK . -56.79 -41.44 -4.70
C14 DD6 IK . -57.89 -41.03 -4.07
C15 DD6 IK . -58.36 -41.75 -2.83
C16 DD6 IK . -59.32 -42.92 -2.95
C17 DD6 IK . -60.31 -42.94 -1.79
C18 DD6 IK . -59.55 -42.95 -0.47
C19 DD6 IK . -58.94 -41.57 -0.26
C2 DD6 IK . -55.19 -32.91 -11.47
C20 DD6 IK . -58.12 -41.09 -1.47
C21 DD6 IK . -57.45 -39.73 -1.44
C22 DD6 IK . -58.54 -44.22 -2.99
C23 DD6 IK . -60.11 -42.77 -4.25
C24 DD6 IK . -55.02 -31.04 -12.99
C25 DD6 IK . -55.13 -29.73 -13.22
C26 DD6 IK . -54.72 -29.20 -14.52
C27 DD6 IK . -54.87 -27.89 -14.79
C28 DD6 IK . -55.45 -27.01 -13.73
C29 DD6 IK . -54.54 -27.42 -15.89
C3 DD6 IK . -55.60 -33.53 -10.21
C30 DD6 IK . -54.26 -26.97 -16.96
C31 DD6 IK . -53.97 -26.49 -18.09
C32 DD6 IK . -54.50 -27.18 -19.32
C33 DD6 IK . -53.63 -26.86 -20.54
C34 DD6 IK . -53.34 -25.37 -20.61
C35 DD6 IK . -52.49 -25.02 -19.41
C36 DD6 IK . -53.28 -25.36 -18.16
C37 DD6 IK . -53.27 -24.41 -17.01
C4 DD6 IK . -55.36 -34.83 -10.03
C40 DD6 IK . -55.92 -26.69 -19.56
C41 DD6 IK . -54.52 -28.68 -19.07
C5 DD6 IK . -55.77 -35.48 -8.78
C6 DD6 IK . -55.58 -36.79 -8.60
C7 DD6 IK . -54.93 -37.60 -9.69
C8 DD6 IK . -56.00 -37.43 -7.36
C9 DD6 IK . -55.91 -38.75 -7.22
O1 DD6 IK . -57.26 -42.10 -1.98
O2 DD6 IK . -60.45 -43.22 0.60
O4 DD6 IK . -52.63 -25.08 -21.82
NB KC1 JK . -62.83 -45.58 -1.59
ND KC1 JK . -63.57 -45.52 2.26
C1A KC1 JK . -65.50 -43.52 1.01
C1B KC1 JK . -63.46 -44.84 -2.52
C1C KC1 JK . -61.01 -47.54 -0.33
C1D KC1 JK . -62.96 -46.25 3.22
C2A KC1 JK . -66.40 -42.58 0.34
C2B KC1 JK . -62.94 -45.14 -3.80
C2C KC1 JK . -60.11 -48.50 0.31
C2D KC1 JK . -63.57 -45.91 4.46
C3A KC1 JK . -66.07 -42.64 -1.00
C3B KC1 JK . -61.97 -46.09 -3.63
C3C KC1 JK . -60.36 -48.46 1.64
C3D KC1 JK . -64.56 -44.97 4.19
C4A KC1 JK . -65.04 -43.57 -1.15
C4B KC1 JK . -61.93 -46.35 -2.21
C4C KC1 JK . -61.41 -47.48 1.85
C4D KC1 JK . -64.53 -44.75 2.82
CAA KC1 JK . -67.40 -41.74 1.01
CAB KC1 JK . -61.14 -46.74 -4.67
CAC KC1 JK . -59.68 -49.27 2.70
CAD KC1 JK . -65.61 -44.12 4.77
CBA KC1 JK . -68.67 -41.54 0.60
CBB KC1 JK . -60.29 -46.05 -5.42
CBC KC1 JK . -58.59 -48.44 3.38
CBD KC1 JK . -66.28 -43.47 3.56
CED KC1 JK . -69.48 -44.89 2.11
CGA KC1 JK . -69.42 -40.56 1.30
CGD KC1 JK . -67.69 -43.99 3.40
CHA KC1 JK . -65.43 -43.83 2.37
CHB KC1 JK . -64.46 -43.90 -2.38
CHC KC1 JK . -61.06 -47.28 -1.69
CHD KC1 JK . -61.94 -47.16 3.12
CMA KC1 JK . -66.69 -41.87 -2.13
CMB KC1 JK . -63.38 -44.51 -5.11
CMC KC1 JK . -59.09 -49.36 -0.38
CMD KC1 JK . -63.19 -46.49 5.80
NA KC1 JK . -64.68 -44.12 0.06
NC KC1 JK . -61.78 -46.94 0.64
O1A KC1 JK . -69.29 -40.51 2.50
O1D KC1 JK . -68.51 -43.80 4.26
O2A KC1 JK . -69.73 -39.42 0.65
O2D KC1 JK . -68.07 -44.54 2.24
OBD KC1 JK . -66.12 -44.25 5.87
MG KC1 JK . -63.21 -45.52 0.34
MG CLA KK . -72.35 -40.44 -0.38
CHA CLA KK . -73.42 -37.37 0.88
CHB CLA KK . -74.18 -42.05 1.99
CHC CLA KK . -71.32 -43.44 -1.70
CHD CLA KK . -70.53 -38.71 -2.88
NA CLA KK . -73.58 -39.78 1.18
C1A CLA KK . -73.91 -38.47 1.54
C2A CLA KK . -74.85 -38.45 2.74
C3A CLA KK . -75.04 -39.94 3.10
C4A CLA KK . -74.21 -40.66 2.02
CMA CLA KK . -74.57 -40.24 4.50
CAA CLA KK . -76.20 -37.85 2.38
CBA CLA KK . -77.18 -38.89 1.86
CGA CLA KK . -77.31 -38.80 0.37
O1A CLA KK . -77.56 -37.82 -0.34
O2A CLA KK . -77.11 -40.00 -0.25
NB CLA KK . -72.69 -42.37 0.06
C1B CLA KK . -73.46 -42.83 1.07
C2B CLA KK . -73.44 -44.33 1.09
C3B CLA KK . -72.63 -44.73 0.06
C4B CLA KK . -72.14 -43.49 -0.62
CMB CLA KK . -74.18 -45.12 2.06
CAB CLA KK . -72.28 -46.05 -0.38
CBB CLA KK . -73.02 -46.82 -1.18
NC CLA KK . -71.13 -40.97 -2.00
C1C CLA KK . -70.85 -42.26 -2.35
C2C CLA KK . -69.97 -42.27 -3.52
C3C CLA KK . -69.75 -40.94 -3.87
C4C CLA KK . -70.49 -40.13 -2.90
CMC CLA KK . -69.48 -43.48 -4.17
CAC CLA KK . -68.96 -40.48 -5.02
CBC CLA KK . -67.85 -39.51 -4.69
ND CLA KK . -71.98 -38.51 -0.91
C1D CLA KK . -71.21 -37.94 -1.95
C2D CLA KK . -71.29 -36.47 -1.86
C3D CLA KK . -72.11 -36.20 -0.78
C4D CLA KK . -72.52 -37.50 -0.23
CMD CLA KK . -70.60 -35.54 -2.76
CAD CLA KK . -72.72 -35.16 0.03
OBD CLA KK . -72.63 -33.94 -0.05
CBD CLA KK . -73.60 -35.89 1.11
CGD CLA KK . -73.23 -35.48 2.51
C1 CLA KK . -76.44 -39.97 -1.52
C2 CLA KK . -76.09 -41.36 -1.89
C3 CLA KK . -75.23 -41.66 -2.88
C4 CLA KK . -74.91 -43.06 -3.24
C5 CLA KK . -74.57 -40.59 -3.67
MG CLA LK . -58.99 -33.29 2.73
CHA CLA LK . -59.49 -34.36 6.00
CHB CLA LK . -57.19 -30.64 3.88
CHC CLA LK . -58.44 -32.35 -0.52
CHD CLA LK . -60.88 -36.06 1.61
NA CLA LK . -58.45 -32.63 4.64
C1A CLA LK . -58.75 -33.22 5.88
C2A CLA LK . -58.15 -32.41 7.02
C3A CLA LK . -57.56 -31.17 6.32
C4A CLA LK . -57.72 -31.49 4.83
CMA CLA LK . -58.28 -29.91 6.72
CAA CLA LK . -57.04 -33.21 7.69
CBA CLA LK . -55.99 -33.71 6.70
CGA CLA LK . -54.81 -32.77 6.67
O1A CLA LK . -54.38 -32.08 7.59
O2A CLA LK . -54.18 -32.72 5.46
NB CLA LK . -58.09 -31.72 1.85
C1B CLA LK . -57.28 -30.84 2.49
C2B CLA LK . -56.47 -30.07 1.49
C3B CLA LK . -56.82 -30.55 0.25
C4B CLA LK . -57.85 -31.61 0.46
CMB CLA LK . -55.50 -29.06 1.88
CAB CLA LK . -56.34 -30.20 -1.07
CBB CLA LK . -56.04 -28.98 -1.51
NC CLA LK . -59.57 -34.06 0.89
C1C CLA LK . -59.25 -33.51 -0.32
C2C CLA LK . -59.84 -34.29 -1.40
C3C CLA LK . -60.51 -35.36 -0.80
C4C CLA LK . -60.34 -35.21 0.64
CMC CLA LK . -59.72 -33.99 -2.82
CAC CLA LK . -61.27 -36.43 -1.46
CBC CLA LK . -60.57 -37.78 -1.40
ND CLA LK . -59.89 -34.92 3.54
C1D CLA LK . -60.69 -35.95 2.97
C2D CLA LK . -61.22 -36.82 4.05
C3D CLA LK . -60.78 -36.26 5.23
C4D CLA LK . -59.98 -35.07 4.86
CMD CLA LK . -62.05 -38.00 3.83
CAD CLA LK . -60.75 -36.37 6.68
OBD CLA LK . -61.18 -37.26 7.40
CBD CLA LK . -60.03 -35.10 7.22
CGD CLA LK . -61.03 -34.24 7.94
O1D CLA LK . -62.13 -33.87 7.52
O2D CLA LK . -60.65 -33.83 9.18
CED CLA LK . -61.44 -32.81 9.78
C1 CLA LK . -53.89 -31.39 4.97
C2 CLA LK . -52.76 -31.48 4.00
C3 CLA LK . -52.87 -31.98 2.76
C4 CLA LK . -54.15 -32.51 2.24
C5 CLA LK . -51.69 -32.02 1.85
C6 CLA LK . -52.06 -31.86 0.39
C7 CLA LK . -51.75 -33.12 -0.39
C8 CLA LK . -50.27 -33.21 -0.77
MG CLA MK . -52.66 -26.41 -4.35
CHA CLA MK . -51.54 -24.68 -1.56
CHB CLA MK . -52.31 -29.34 -2.67
CHC CLA MK . -53.97 -28.05 -7.08
CHD CLA MK . -53.07 -23.32 -6.03
NA CLA MK . -52.01 -26.90 -2.43
C1A CLA MK . -51.60 -26.04 -1.40
C2A CLA MK . -51.24 -26.81 -0.15
C3A CLA MK . -51.38 -28.29 -0.58
C4A CLA MK . -51.95 -28.19 -1.99
CMA CLA MK . -50.04 -29.00 -0.54
CAA CLA MK . -52.25 -26.51 0.94
CBA CLA MK . -51.97 -27.28 2.23
CGA CLA MK . -50.69 -26.79 2.82
O1A CLA MK . -50.41 -25.66 3.23
O2A CLA MK . -49.75 -27.77 2.92
NB CLA MK . -53.10 -28.33 -4.77
C1B CLA MK . -52.83 -29.39 -3.97
C2B CLA MK . -53.14 -30.66 -4.69
C3B CLA MK . -53.61 -30.30 -5.94
C4B CLA MK . -53.59 -28.82 -6.01
CMB CLA MK . -52.94 -31.97 -4.07
CAB CLA MK . -54.06 -31.10 -7.05
CBB CLA MK . -53.91 -32.43 -7.21
NC CLA MK . -53.37 -25.79 -6.22
C1C CLA MK . -53.86 -26.63 -7.17
C2C CLA MK . -54.29 -25.86 -8.34
C3C CLA MK . -54.03 -24.52 -8.06
C4C CLA MK . -53.46 -24.48 -6.71
CMC CLA MK . -54.87 -26.43 -9.56
CAC CLA MK . -54.30 -23.36 -8.92
CBC CLA MK . -53.04 -22.69 -9.41
ND CLA MK . -52.32 -24.45 -3.99
C1D CLA MK . -52.53 -23.28 -4.76
C2D CLA MK . -52.10 -22.09 -3.98
C3D CLA MK . -51.71 -22.57 -2.74
C4D CLA MK . -51.88 -24.04 -2.79
CMD CLA MK . -52.13 -20.72 -4.46
CAD CLA MK . -51.20 -22.24 -1.43
OBD CLA MK . -50.89 -21.15 -0.97
CBD CLA MK . -51.11 -23.57 -0.63
CGD CLA MK . -49.71 -23.82 -0.13
O1D CLA MK . -48.72 -24.16 -0.79
O2D CLA MK . -49.55 -23.63 1.21
CED CLA MK . -48.22 -23.71 1.74
C1 CLA MK . -48.54 -27.44 3.65
C2 CLA MK . -47.41 -27.59 2.70
C3 CLA MK . -46.93 -28.79 2.31
C4 CLA MK . -47.50 -30.06 2.80
C5 CLA MK . -45.79 -28.88 1.35
C6 CLA MK . -46.14 -29.62 0.08
C7 CLA MK . -44.96 -29.66 -0.86
C8 CLA MK . -45.28 -30.40 -2.16
C9 CLA MK . -46.10 -29.53 -3.09
C10 CLA MK . -46.01 -31.71 -1.88
MG CLA NK . -65.80 -19.62 -17.37
CHA CLA NK . -65.64 -18.51 -20.67
CHB CLA NK . -62.48 -19.00 -16.99
CHC CLA NK . -66.05 -20.67 -14.12
CHD CLA NK . -69.28 -20.17 -17.80
NA CLA NK . -64.32 -18.88 -18.65
C1A CLA NK . -64.45 -18.48 -19.98
C2A CLA NK . -63.11 -17.99 -20.52
C3A CLA NK . -62.13 -18.20 -19.36
C4A CLA NK . -63.02 -18.74 -18.24
CMA CLA NK . -61.01 -19.16 -19.70
CAA CLA NK . -63.19 -16.50 -20.85
CBA CLA NK . -63.67 -15.67 -19.66
CGA CLA NK . -65.15 -15.46 -19.70
O1A CLA NK . -65.84 -14.87 -20.52
O2A CLA NK . -65.79 -16.05 -18.64
NB CLA NK . -64.51 -19.82 -15.85
C1B CLA NK . -63.19 -19.49 -15.88
C2B CLA NK . -62.58 -19.73 -14.54
C3B CLA NK . -63.58 -20.20 -13.72
C4B CLA NK . -64.82 -20.27 -14.54
CMB CLA NK . -61.17 -19.46 -14.27
CAB CLA NK . -63.55 -20.59 -12.33
CBB CLA NK . -62.58 -21.28 -11.73
NC CLA NK . -67.37 -20.32 -16.19
C1C CLA NK . -67.24 -20.71 -14.89
C2C CLA NK . -68.54 -21.14 -14.37
C3C CLA NK . -69.46 -20.98 -15.39
C4C CLA NK . -68.72 -20.46 -16.54
CMC CLA NK . -68.79 -21.63 -13.00
CAC CLA NK . -70.90 -21.28 -15.35
CBC CLA NK . -71.75 -20.03 -15.20
ND CLA NK . -67.18 -19.43 -18.85
C1D CLA NK . -68.58 -19.69 -18.89
C2D CLA NK . -69.09 -19.36 -20.24
C3D CLA NK . -68.01 -18.91 -20.97
C4D CLA NK . -66.85 -18.96 -20.06
CMD CLA NK . -70.48 -19.50 -20.66
CAD CLA NK . -67.54 -18.41 -22.24
OBD CLA NK . -68.16 -18.20 -23.28
CBD CLA NK . -66.01 -18.13 -22.09
CGD CLA NK . -65.20 -18.87 -23.12
O1D CLA NK . -64.88 -18.49 -24.25
O2D CLA NK . -64.78 -20.10 -22.71
CED CLA NK . -64.25 -20.99 -23.69
C1 CLA NK . -67.22 -15.87 -18.53
C2 CLA NK . -67.65 -16.52 -17.26
C3 CLA NK . -68.78 -16.21 -16.63
C4 CLA NK . -69.72 -15.19 -17.14
C5 CLA NK . -69.16 -16.88 -15.35
C6 CLA NK . -68.39 -16.35 -14.17
C7 CLA NK . -68.96 -16.89 -12.87
C8 CLA NK . -67.94 -16.81 -11.73
C9 CLA NK . -66.99 -17.99 -11.80
C10 CLA NK . -68.63 -16.79 -10.38
MG CLA OK . -63.83 -6.48 -17.67
CHA CLA OK . -63.56 -7.37 -21.02
CHB CLA OK . -63.57 -3.20 -18.53
CHC CLA OK . -64.37 -5.64 -14.39
CHD CLA OK . -63.94 -9.92 -16.82
NA CLA OK . -63.58 -5.48 -19.49
C1A CLA OK . -63.52 -6.03 -20.76
C2A CLA OK . -63.33 -4.94 -21.82
C3A CLA OK . -63.04 -3.69 -20.97
C4A CLA OK . -63.45 -4.13 -19.56
CMA CLA OK . -61.58 -3.40 -21.00
CAA CLA OK . -64.60 -4.79 -22.65
CBA CLA OK . -65.30 -3.46 -22.43
CGA CLA OK . -65.67 -2.87 -23.76
O1A CLA OK . -65.02 -2.87 -24.81
O2A CLA OK . -66.90 -2.28 -23.77
NB CLA OK . -63.93 -4.75 -16.65
C1B CLA OK . -63.89 -3.51 -17.19
C2B CLA OK . -64.18 -2.48 -16.15
C3B CLA OK . -64.41 -3.17 -14.97
C4B CLA OK . -64.24 -4.62 -15.27
CMB CLA OK . -64.20 -1.05 -16.41
CAB CLA OK . -64.71 -2.66 -13.66
CBB CLA OK . -65.80 -2.97 -12.95
NC CLA OK . -64.07 -7.59 -15.92
C1C CLA OK . -64.28 -7.04 -14.68
C2C CLA OK . -64.42 -8.10 -13.69
C3C CLA OK . -64.30 -9.31 -14.37
C4C CLA OK . -64.08 -8.98 -15.77
CMC CLA OK . -64.64 -7.88 -12.26
CAC CLA OK . -64.37 -10.67 -13.79
CBC CLA OK . -63.08 -11.10 -13.14
ND CLA OK . -63.73 -8.27 -18.62
C1D CLA OK . -63.78 -9.60 -18.16
C2D CLA OK . -63.65 -10.52 -19.31
C3D CLA OK . -63.60 -9.71 -20.44
C4D CLA OK . -63.65 -8.32 -19.95
CMD CLA OK . -63.62 -11.98 -19.24
CAD CLA OK . -63.46 -9.67 -21.88
OBD CLA OK . -63.37 -10.59 -22.68
CBD CLA OK . -63.45 -8.16 -22.30
CGD CLA OK . -62.22 -7.77 -23.09
O1D CLA OK . -61.12 -7.44 -22.65
O2D CLA OK . -62.40 -7.80 -24.44
CED CLA OK . -62.07 -8.99 -25.14
C1 CLA OK . -67.21 -1.45 -24.90
MG CLA PK . -54.24 -17.35 -3.74
CHA CLA PK . -54.20 -19.56 -1.09
CHB CLA PK . -52.78 -14.98 -1.77
CHC CLA PK . -54.03 -15.29 -6.48
CHD CLA PK . -55.72 -19.87 -5.76
NA CLA PK . -53.65 -17.29 -1.74
C1A CLA PK . -53.69 -18.33 -0.80
C2A CLA PK . -53.14 -17.86 0.54
C3A CLA PK . -52.93 -16.35 0.34
C4A CLA PK . -53.11 -16.17 -1.16
CMA CLA PK . -53.92 -15.54 1.15
CAA CLA PK . -51.83 -18.57 0.80
CBA CLA PK . -50.62 -17.66 0.85
CGA CLA PK . -49.46 -18.40 1.46
O1A CLA PK . -49.40 -18.96 2.55
O2A CLA PK . -48.34 -18.42 0.68
NB CLA PK . -53.54 -15.49 -4.06
C1B CLA PK . -52.94 -14.70 -3.14
C2B CLA PK . -52.45 -13.44 -3.79
C3B CLA PK . -52.80 -13.52 -5.11
C4B CLA PK . -53.51 -14.81 -5.31
CMB CLA PK . -51.77 -12.38 -3.04
CAB CLA PK . -52.60 -12.59 -6.19
CBB CLA PK . -51.48 -11.90 -6.43
NC CLA PK . -54.84 -17.53 -5.73
C1C CLA PK . -54.68 -16.55 -6.68
C2C CLA PK . -55.20 -17.00 -7.96
C3C CLA PK . -55.66 -18.31 -7.77
C4C CLA PK . -55.43 -18.63 -6.36
CMC CLA PK . -55.21 -16.21 -9.19
CAC CLA PK . -56.27 -19.19 -8.77
CBC CLA PK . -57.73 -18.89 -9.03
ND CLA PK . -54.94 -19.23 -3.51
C1D CLA PK . -55.50 -20.18 -4.42
C2D CLA PK . -55.77 -21.44 -3.71
C3D CLA PK . -55.29 -21.26 -2.42
C4D CLA PK . -54.77 -19.88 -2.35
CMD CLA PK . -56.38 -22.63 -4.29
CAD CLA PK . -55.13 -21.84 -1.09
OBD CLA PK . -55.51 -22.91 -0.65
CBD CLA PK . -54.34 -20.80 -0.23
CGD CLA PK . -55.04 -20.49 1.07
O1D CLA PK . -56.07 -19.83 1.24
O2D CLA PK . -54.43 -21.03 2.16
CED CLA PK . -55.25 -21.49 3.24
C1 CLA PK . -48.27 -19.45 -0.34
C2 CLA PK . -46.99 -20.17 -0.15
C3 CLA PK . -46.10 -20.34 -1.12
C4 CLA PK . -44.82 -21.07 -0.90
C5 CLA PK . -46.33 -19.80 -2.50
C6 CLA PK . -45.11 -19.17 -3.11
C7 CLA PK . -45.47 -17.95 -3.93
C8 CLA PK . -44.37 -17.55 -4.90
C9 CLA PK . -43.83 -16.17 -4.54
C10 CLA PK . -44.86 -17.56 -6.33
MG CLA QK . -70.21 -22.41 0.32
CHA CLA QK . -70.29 -20.55 3.25
CHB CLA QK . -72.26 -24.73 1.74
CHC CLA QK . -70.23 -24.12 -2.65
CHD CLA QK . -68.16 -19.91 -1.13
NA CLA QK . -71.09 -22.60 2.21
C1A CLA QK . -71.02 -21.71 3.28
C2A CLA QK . -71.83 -22.23 4.47
C3A CLA QK . -72.33 -23.60 4.00
C4A CLA QK . -71.88 -23.66 2.54
CMA CLA QK . -71.75 -24.72 4.83
CAA CLA QK . -73.01 -21.30 4.75
CBA CLA QK . -73.73 -20.87 3.48
CGA CLA QK . -74.84 -21.82 3.16
O1A CLA QK . -75.31 -22.71 3.86
O2A CLA QK . -75.38 -21.62 1.92
NB CLA QK . -71.06 -24.11 -0.33
C1B CLA QK . -71.90 -24.91 0.39
C2B CLA QK . -72.38 -26.04 -0.46
C3B CLA QK . -71.82 -25.87 -1.70
C4B CLA QK . -70.96 -24.65 -1.63
CMB CLA QK . -73.30 -27.05 0.05
CAB CLA QK . -71.93 -26.64 -2.91
CBB CLA QK . -72.30 -27.91 -3.03
NC CLA QK . -69.32 -22.09 -1.53
C1C CLA QK . -69.44 -22.93 -2.62
C2C CLA QK . -68.69 -22.41 -3.74
C3C CLA QK . -68.13 -21.19 -3.33
C4C CLA QK . -68.54 -21.00 -1.94
CMC CLA QK . -68.59 -23.05 -5.06
CAC CLA QK . -67.29 -20.29 -4.13
CBC CLA QK . -68.06 -19.12 -4.68
ND CLA QK . -69.35 -20.66 0.87
C1D CLA QK . -68.53 -19.73 0.18
C2D CLA QK . -68.19 -18.61 1.09
C3D CLA QK . -68.82 -18.89 2.29
C4D CLA QK . -69.55 -20.16 2.10
CMD CLA QK . -67.33 -17.48 0.73
CAD CLA QK . -69.08 -18.45 3.65
OBD CLA QK . -68.65 -17.46 4.25
CBD CLA QK . -70.04 -19.48 4.29
CGD CLA QK . -69.49 -20.09 5.55
O1D CLA QK . -68.47 -20.77 5.68
O2D CLA QK . -70.22 -19.83 6.67
CED CLA QK . -70.23 -20.82 7.71
C1 CLA QK . -74.99 -22.56 0.90
C2 CLA QK . -76.14 -23.46 0.64
C3 CLA QK . -76.65 -23.65 -0.59
C4 CLA QK . -77.80 -24.55 -0.83
C5 CLA QK . -76.07 -22.95 -1.77
C6 CLA QK . -75.73 -23.90 -2.90
C7 CLA QK . -76.01 -23.26 -4.24
C8 CLA QK . -75.78 -24.21 -5.40
NB KC1 RK . -74.10 -30.77 -6.81
ND KC1 RK . -74.75 -33.60 -4.17
C1A KC1 RK . -75.73 -31.02 -2.89
C1B KC1 RK . -74.47 -29.48 -6.68
C1C KC1 RK . -73.13 -33.30 -8.00
C1D KC1 RK . -74.54 -34.92 -4.32
C2A KC1 RK . -76.24 -29.76 -2.36
C2B KC1 RK . -74.12 -28.76 -7.85
C2C KC1 RK . -72.72 -34.56 -8.60
C2D KC1 RK . -74.96 -35.55 -3.13
C3A KC1 RK . -76.04 -28.83 -3.36
C3B KC1 RK . -73.52 -29.65 -8.70
C3C KC1 RK . -73.00 -35.55 -7.73
C3D KC1 RK . -75.42 -34.56 -2.27
C4A KC1 RK . -75.44 -29.48 -4.45
C4B KC1 RK . -73.53 -30.93 -8.01
C4C KC1 RK . -73.59 -34.92 -6.55
C4D KC1 RK . -75.27 -33.36 -2.96
CAA KC1 RK . -76.85 -29.51 -1.05
CAB KC1 RK . -72.98 -29.37 -10.04
CAC KC1 RK . -72.75 -37.02 -7.95
CAD KC1 RK . -76.01 -34.25 -0.95
CBA KC1 RK . -78.18 -29.37 -0.97
CBB KC1 RK . -73.64 -29.76 -11.12
CBC KC1 RK . -71.81 -37.65 -6.92
CBD KC1 RK . -76.52 -32.84 -1.14
CED KC1 RK . -79.39 -33.87 0.06
CGA KC1 RK . -78.76 -28.55 0.04
CGD KC1 RK . -77.97 -32.87 -1.56
CHA KC1 RK . -75.69 -32.26 -2.24
CHB KC1 RK . -75.10 -28.83 -5.63
CHC KC1 RK . -73.00 -32.05 -8.61
CHD KC1 RK . -74.03 -35.60 -5.40
CMA KC1 RK . -76.42 -27.37 -3.30
CMB KC1 RK . -74.35 -27.29 -8.11
CMC KC1 RK . -72.11 -34.72 -9.97
CMD KC1 RK . -74.91 -37.02 -2.84
NA KC1 RK . -75.24 -30.81 -4.18
NC KC1 RK . -73.65 -33.55 -6.76
O1A KC1 RK . -78.04 -28.02 0.86
O1D KC1 RK . -78.24 -32.77 -2.74
O2A KC1 RK . -80.04 -28.16 -0.08
O2D KC1 RK . -78.93 -32.68 -0.65
OBD KC1 RK . -76.39 -35.06 -0.13
MG KC1 RK . -74.39 -32.16 -5.46
MG CLA SK . -61.37 -40.61 -14.98
CHA CLA SK . -61.14 -42.22 -18.05
CHB CLA SK . -64.63 -41.53 -14.74
CHC CLA SK . -61.54 -38.96 -11.97
CHD CLA SK . -57.95 -39.71 -15.28
NA CLA SK . -62.65 -41.71 -16.20
C1A CLA SK . -62.37 -42.31 -17.45
C2A CLA SK . -63.60 -43.04 -17.99
C3A CLA SK . -64.68 -42.79 -16.91
C4A CLA SK . -63.96 -41.96 -15.86
CMA CLA SK . -65.90 -42.09 -17.48
CAA CLA SK . -63.34 -44.52 -18.11
NB CLA SK . -62.81 -40.33 -13.59
C1B CLA SK . -64.09 -40.75 -13.71
C2B CLA SK . -64.89 -40.23 -12.55
C3B CLA SK . -64.02 -39.51 -11.76
C4B CLA SK . -62.68 -39.55 -12.42
CMB CLA SK . -66.31 -40.50 -12.37
CAB CLA SK . -64.29 -38.79 -10.54
CBB CLA SK . -63.73 -39.02 -9.35
NC CLA SK . -59.99 -39.54 -13.83
C1C CLA SK . -60.27 -38.95 -12.63
C2C CLA SK . -59.07 -38.30 -12.11
C3C CLA SK . -58.06 -38.51 -13.04
C4C CLA SK . -58.64 -39.29 -14.12
CMC CLA SK . -58.99 -37.58 -10.84
CAC CLA SK . -56.65 -38.07 -12.96
CBC CLA SK . -56.42 -36.63 -13.34
ND CLA SK . -59.86 -40.86 -16.31
C1D CLA SK . -58.51 -40.43 -16.32
C2D CLA SK . -57.85 -40.88 -17.56
C3D CLA SK . -58.83 -41.56 -18.28
C4D CLA SK . -60.05 -41.52 -17.45
CMD CLA SK . -56.47 -40.61 -17.93
CAD CLA SK . -59.14 -42.30 -19.48
OBD CLA SK . -58.41 -42.56 -20.45
CBD CLA SK . -60.63 -42.73 -19.39
CGD CLA SK . -61.41 -42.16 -20.53
O1D CLA SK . -61.12 -41.19 -21.24
O2D CLA SK . -62.59 -42.81 -20.80
CED CLA SK . -62.93 -43.04 -22.17
MG CLA TK . -52.43 -19.47 -16.15
CHA CLA TK . -50.24 -17.84 -18.29
CHB CLA TK . -50.24 -22.07 -15.91
CHC CLA TK . -54.64 -21.05 -14.07
CHD CLA TK . -54.73 -16.81 -16.57
NA CLA TK . -50.54 -19.85 -16.95
C1A CLA TK . -49.79 -19.06 -17.83
C2A CLA TK . -48.47 -19.71 -18.17
C3A CLA TK . -48.56 -21.09 -17.52
C4A CLA TK . -49.86 -21.02 -16.70
CMA CLA TK . -48.63 -22.19 -18.55
CAA CLA TK . -47.35 -18.93 -17.51
CBA CLA TK . -46.29 -18.45 -18.47
CGA CLA TK . -45.00 -18.28 -17.74
O1A CLA TK . -44.19 -19.15 -17.40
O2A CLA TK . -44.71 -16.97 -17.44
NB CLA TK . -52.46 -21.26 -15.21
C1B CLA TK . -51.42 -22.13 -15.15
C2B CLA TK . -51.73 -23.21 -14.16
C3B CLA TK . -52.98 -22.94 -13.64
C4B CLA TK . -53.45 -21.68 -14.30
CMB CLA TK . -50.82 -24.31 -13.87
CAB CLA TK . -53.71 -23.67 -12.64
CBB CLA TK . -55.03 -23.83 -12.57
NC CLA TK . -54.33 -19.00 -15.44
C1C CLA TK . -55.05 -19.80 -14.60
C2C CLA TK . -56.35 -19.19 -14.31
C3C CLA TK . -56.38 -17.99 -15.02
C4C CLA TK . -55.11 -17.87 -15.74
CMC CLA TK . -57.37 -19.78 -13.45
CAC CLA TK . -57.50 -17.02 -15.07
CBC CLA TK . -57.71 -16.29 -13.77
ND CLA TK . -52.47 -17.67 -17.06
C1D CLA TK . -53.51 -16.68 -17.20
C2D CLA TK . -53.02 -15.60 -18.09
C3D CLA TK . -51.76 -15.99 -18.52
C4D CLA TK . -51.49 -17.30 -17.89
CMD CLA TK . -53.74 -14.38 -18.44
CAD CLA TK . -50.59 -15.63 -19.31
OBD CLA TK . -50.34 -14.59 -19.92
CBD CLA TK . -49.64 -16.87 -19.29
CGD CLA TK . -49.58 -17.52 -20.64
O1D CLA TK . -50.39 -18.32 -21.13
O2D CLA TK . -48.50 -17.18 -21.39
CED CLA TK . -48.04 -18.13 -22.36
C1 CLA TK . -44.98 -16.55 -16.08
C2 CLA TK . -43.85 -17.00 -15.24
C3 CLA TK . -43.93 -17.11 -13.90
C4 CLA TK . -42.78 -17.57 -13.09
C5 CLA TK . -45.18 -16.76 -13.19
C6 CLA TK . -44.94 -16.18 -11.80
C7 CLA TK . -45.75 -16.93 -10.76
MG CLA UK . -51.52 -33.11 -15.51
CHA CLA UK . -50.85 -31.56 -18.53
CHB CLA UK . -51.96 -36.08 -17.12
CHC CLA UK . -52.02 -34.64 -12.46
CHD CLA UK . -51.08 -30.01 -13.87
NA CLA UK . -51.42 -33.69 -17.51
C1A CLA UK . -51.12 -32.90 -18.62
C2A CLA UK . -51.16 -33.72 -19.91
C3A CLA UK . -51.64 -35.12 -19.43
C4A CLA UK . -51.68 -34.98 -17.91
CMA CLA UK . -53.00 -35.47 -19.98
CAA CLA UK . -49.77 -33.83 -20.52
CBA CLA UK . -48.87 -34.72 -19.69
CGA CLA UK . -47.45 -34.23 -19.74
O1A CLA UK . -46.45 -34.73 -19.21
O2A CLA UK . -47.29 -33.11 -20.49
NB CLA UK . -51.95 -34.99 -14.91
C1B CLA UK . -52.05 -36.08 -15.72
C2B CLA UK . -52.23 -37.31 -14.90
C3B CLA UK . -52.25 -36.91 -13.59
C4B CLA UK . -52.07 -35.43 -13.58
CMB CLA UK . -52.36 -38.65 -15.48
CAB CLA UK . -52.39 -37.70 -12.39
CBB CLA UK . -51.43 -37.91 -11.49
NC CLA UK . -51.57 -32.43 -13.53
C1C CLA UK . -51.79 -33.24 -12.45
C2C CLA UK . -51.74 -32.44 -11.23
C3C CLA UK . -51.48 -31.12 -11.61
C4C CLA UK . -51.37 -31.12 -13.06
CMC CLA UK . -51.93 -32.98 -9.89
CAC CLA UK . -51.33 -29.95 -10.73
CBC CLA UK . -52.64 -29.40 -10.23
ND CLA UK . -51.08 -31.21 -16.01
C1D CLA UK . -50.94 -30.02 -15.24
C2D CLA UK . -50.62 -28.89 -16.14
C3D CLA UK . -50.56 -29.43 -17.42
C4D CLA UK . -50.86 -30.87 -17.27
CMD CLA UK . -50.41 -27.51 -15.72
CAD CLA UK . -50.34 -29.17 -18.83
OBD CLA UK . -50.06 -28.11 -19.39
CBD CLA UK . -50.52 -30.52 -19.58
CGD CLA UK . -51.60 -30.46 -20.62
O1D CLA UK . -52.74 -30.94 -20.54
O2D CLA UK . -51.26 -29.80 -21.76
CED CLA UK . -51.50 -30.45 -23.01
C1 CLA UK . -45.94 -32.62 -20.63
C1 PID VK . -68.46 -55.54 -21.13
C2 PID VK . -69.14 -56.22 -22.31
C3 PID VK . -70.07 -55.29 -23.05
C4 PID VK . -71.01 -54.59 -22.08
C5 PID VK . -70.30 -53.67 -21.08
C6 PID VK . -69.01 -54.30 -20.55
C7 PID VK . -68.72 -54.04 -19.10
C8 PID VK . -68.07 -53.00 -18.54
C9 PID VK . -68.00 -52.80 -17.16
C10 PID VK . -68.65 -53.63 -16.12
C11 PID VK . -67.31 -51.79 -16.48
C12 PID VK . -67.53 -51.92 -15.07
C13 PID VK . -67.05 -51.09 -14.01
C14 PID VK . -67.28 -51.18 -12.67
C15 PID VK . -66.73 -50.29 -11.79
C16 PID VK . -66.91 -50.32 -10.42
C17 PID VK . -66.47 -49.55 -9.35
C18 PID VK . -66.81 -49.82 -8.03
C19 PID VK . -66.49 -49.17 -6.83
C20 PID VK . -66.92 -49.54 -5.57
C21 PID VK . -66.70 -48.95 -4.32
C22 PID VK . -67.32 -49.47 -3.10
C23 PID VK . -67.04 -49.21 -1.85
C24 PID VK . -66.78 -48.88 -0.61
C25 PID VK . -67.97 -48.55 0.32
C26 PID VK . -67.51 -47.97 1.66
C27 PID VK . -66.28 -48.65 2.19
C28 PID VK . -65.14 -48.35 1.26
C29 PID VK . -65.33 -49.01 -0.09
C30 PID VK . -66.76 -48.39 4.53
C31 PID VK . -66.54 -47.49 5.70
CM1 PID VK . -67.57 -56.44 -20.30
CM2 PID VK . -71.32 -53.40 -19.97
CM3 PID VK . -70.00 -52.36 -21.81
CM4 PID VK . -68.16 -52.25 -12.06
CM5 PID VK . -65.86 -47.74 -4.22
CM6 PID VK . -68.89 -47.53 -0.36
CM7 PID VK . -68.79 -49.83 0.58
CM8 PID VK . -64.32 -48.46 -1.09
O1 PID VK . -67.89 -54.26 -21.47
O2 PID VK . -70.83 -56.04 -24.00
O3 PID VK . -69.33 -54.60 -16.18
O4 PID VK . -68.31 -53.07 -14.89
O5 PID VK . -65.04 -50.40 0.13
O6 PID VK . -65.96 -48.07 3.49
O7 PID VK . -67.53 -49.32 4.50
C DD6 WK . -30.53 -52.55 -10.07
C1 DD6 WK . -31.61 -52.06 -9.18
C10 DD6 WK . -31.20 -45.13 -15.61
C11 DD6 WK . -31.45 -43.95 -16.20
C12 DD6 WK . -32.22 -42.88 -15.48
C13 DD6 WK . -30.94 -43.75 -17.56
C14 DD6 WK . -30.78 -42.56 -18.12
C15 DD6 WK . -30.26 -42.57 -19.53
C16 DD6 WK . -28.76 -42.67 -19.75
C17 DD6 WK . -28.37 -42.04 -21.07
C18 DD6 WK . -29.23 -42.60 -22.18
C19 DD6 WK . -30.61 -41.97 -22.06
C2 DD6 WK . -32.29 -50.97 -9.57
C20 DD6 WK . -31.27 -42.41 -20.72
C21 DD6 WK . -32.63 -41.83 -20.37
C22 DD6 WK . -28.36 -44.14 -19.79
C23 DD6 WK . -28.04 -41.99 -18.61
C24 DD6 WK . -31.91 -52.77 -7.93
C25 DD6 WK . -31.14 -53.76 -7.49
C26 DD6 WK . -31.53 -54.40 -6.25
C27 DD6 WK . -31.48 -55.73 -6.12
C28 DD6 WK . -31.01 -56.57 -7.26
C29 DD6 WK . -31.85 -56.25 -5.05
C3 DD6 WK . -31.92 -50.34 -10.83
C30 DD6 WK . -32.26 -56.73 -4.04
C31 DD6 WK . -32.71 -57.22 -2.99
C32 DD6 WK . -33.52 -58.48 -3.08
C33 DD6 WK . -34.34 -58.70 -1.83
C34 DD6 WK . -33.46 -58.49 -0.62
C35 DD6 WK . -33.13 -57.02 -0.55
C36 DD6 WK . -32.44 -56.63 -1.84
C37 DD6 WK . -31.44 -55.52 -1.80
C4 DD6 WK . -31.77 -49.03 -10.91
C40 DD6 WK . -32.59 -59.65 -3.30
C41 DD6 WK . -34.45 -58.35 -4.27
C5 DD6 WK . -31.42 -48.45 -12.20
C6 DD6 WK . -31.73 -47.20 -12.53
C7 DD6 WK . -32.44 -46.30 -11.56
C8 DD6 WK . -31.34 -46.70 -13.86
C9 DD6 WK . -31.65 -45.48 -14.27
O1 DD6 WK . -30.88 -43.68 -20.19
O2 DD6 WK . -28.67 -42.29 -23.45
O4 DD6 WK . -34.17 -58.87 0.55
C DD6 XK . -40.06 -50.96 -7.69
C1 DD6 XK . -41.22 -51.06 -6.78
C10 DD6 XK . -46.76 -54.39 -14.08
C11 DD6 XK . -48.03 -54.55 -14.45
C12 DD6 XK . -49.12 -54.28 -13.46
C13 DD6 XK . -48.42 -54.99 -15.81
C14 DD6 XK . -47.69 -54.66 -16.86
C15 DD6 XK . -48.06 -55.09 -18.26
C16 DD6 XK . -48.71 -54.08 -19.21
C17 DD6 XK . -49.15 -54.72 -20.52
C18 DD6 XK . -48.18 -55.80 -20.98
C19 DD6 XK . -48.39 -56.98 -20.07
C2 DD6 XK . -42.40 -51.51 -7.21
C20 DD6 XK . -47.78 -56.54 -18.74
C21 DD6 XK . -47.61 -57.63 -17.65
C22 DD6 XK . -47.71 -52.99 -19.52
C23 DD6 XK . -49.94 -53.48 -18.56
C24 DD6 XK . -40.97 -50.63 -5.39
C25 DD6 XK . -39.77 -50.18 -5.07
C26 DD6 XK . -39.52 -49.76 -3.69
C27 DD6 XK . -38.31 -49.38 -3.31
C28 DD6 XK . -37.18 -49.39 -4.27
C29 DD6 XK . -38.11 -49.03 -2.12
C3 DD6 XK . -42.59 -51.92 -8.60
C30 DD6 XK . -37.91 -48.72 -1.02
C31 DD6 XK . -37.66 -48.38 0.16
C32 DD6 XK . -36.91 -47.13 0.45
C33 DD6 XK . -36.40 -47.24 1.87
C34 DD6 XK . -37.59 -47.35 2.79
C35 DD6 XK . -38.39 -48.60 2.50
C36 DD6 XK . -38.05 -49.18 1.16
C37 DD6 XK . -38.14 -50.64 0.95
C4 DD6 XK . -43.78 -52.37 -9.02
C40 DD6 XK . -35.74 -46.99 -0.51
C41 DD6 XK . -37.84 -45.95 0.32
C5 DD6 XK . -43.93 -52.77 -10.42
C6 DD6 XK . -45.10 -53.28 -10.85
C7 DD6 XK . -46.23 -53.44 -9.90
C8 DD6 XK . -45.28 -53.69 -12.25
C9 DD6 XK . -46.49 -53.96 -12.70
O1 DD6 XK . -46.81 -55.50 -18.85
O2 DD6 XK . -48.47 -56.17 -22.33
O4 DD6 XK . -37.09 -47.43 4.14
C DD6 YK . -44.02 -66.41 -11.69
C1 DD6 YK . -43.57 -66.52 -10.27
C10 DD6 YK . -36.09 -61.43 -13.29
C11 DD6 YK . -34.90 -60.81 -13.33
C12 DD6 YK . -34.06 -60.67 -12.10
C13 DD6 YK . -34.47 -60.24 -14.61
C14 DD6 YK . -33.38 -59.49 -14.73
C15 DD6 YK . -33.04 -58.96 -16.11
C16 DD6 YK . -32.07 -59.72 -17.00
C17 DD6 YK . -31.38 -58.77 -17.98
C18 DD6 YK . -32.40 -57.89 -18.69
C19 DD6 YK . -32.94 -56.87 -17.71
C2 DD6 YK . -42.43 -65.95 -9.87
C20 DD6 YK . -33.52 -57.55 -16.47
C21 DD6 YK . -34.21 -56.73 -15.39
C22 DD6 YK . -32.82 -60.78 -17.79
C23 DD6 YK . -31.02 -60.39 -16.14
C24 DD6 YK . -44.39 -67.24 -9.28
C25 DD6 YK . -45.53 -67.83 -9.62
C26 DD6 YK . -46.28 -68.53 -8.58
C27 DD6 YK . -47.40 -69.22 -8.86
C28 DD6 YK . -47.94 -69.28 -10.25
C29 DD6 YK . -47.97 -69.80 -7.91
C3 DD6 YK . -41.59 -65.22 -10.82
C30 DD6 YK . -48.52 -70.29 -6.99
C31 DD6 YK . -49.10 -70.84 -6.02
C32 DD6 YK . -48.97 -70.18 -4.66
C33 DD6 YK . -49.57 -71.07 -3.60
C34 DD6 YK . -50.97 -71.45 -4.04
C35 DD6 YK . -50.87 -72.40 -5.23
C36 DD6 YK . -49.80 -71.96 -6.19
C37 DD6 YK . -49.53 -72.81 -7.39
C4 DD6 YK . -40.53 -64.53 -10.40
C40 DD6 YK . -49.71 -68.85 -4.73
C41 DD6 YK . -47.49 -69.95 -4.41
C5 DD6 YK . -39.73 -63.85 -11.41
C6 DD6 YK . -38.58 -63.23 -11.11
C7 DD6 YK . -38.03 -63.23 -9.71
C8 DD6 YK . -37.85 -62.58 -12.22
C9 DD6 YK . -36.65 -62.03 -12.08
O1 DD6 YK . -34.26 -58.73 -16.81
O2 DD6 YK . -31.76 -57.21 -19.78
O4 DD6 YK . -51.66 -72.08 -2.96
C DD6 ZK . -42.61 -49.94 -12.89
C1 DD6 ZK . -42.18 -48.84 -13.80
C10 DD6 ZK . -34.89 -48.23 -7.66
C11 DD6 ZK . -33.64 -48.02 -7.23
C12 DD6 ZK . -32.72 -47.09 -7.99
C13 DD6 ZK . -33.18 -48.69 -6.02
C14 DD6 ZK . -31.92 -48.64 -5.62
C15 DD6 ZK . -31.48 -49.37 -4.37
C16 DD6 ZK . -31.84 -48.83 -2.99
C17 DD6 ZK . -30.74 -49.14 -1.98
C18 DD6 ZK . -30.40 -50.62 -2.00
C19 DD6 ZK . -29.67 -50.94 -3.29
C2 DD6 ZK . -41.07 -48.14 -13.53
C20 DD6 ZK . -30.42 -50.45 -4.52
C21 DD6 ZK . -29.82 -50.65 -5.91
C22 DD6 ZK . -33.15 -49.44 -2.52
C23 DD6 ZK . -32.00 -47.31 -3.07
C24 DD6 ZK . -42.94 -48.55 -15.03
C25 DD6 ZK . -44.03 -49.24 -15.32
C26 DD6 ZK . -44.75 -48.94 -16.56
C27 DD6 ZK . -45.73 -49.78 -16.97
C28 DD6 ZK . -46.05 -50.99 -16.18
C29 DD6 ZK . -46.32 -49.54 -18.06
C3 DD6 ZK . -40.29 -48.45 -12.34
C30 DD6 ZK . -46.93 -49.36 -19.05
C31 DD6 ZK . -47.55 -49.13 -20.12
C32 DD6 ZK . -48.97 -48.63 -20.06
C33 DD6 ZK . -49.65 -48.70 -21.42
C34 DD6 ZK . -48.72 -48.28 -22.54
C35 DD6 ZK . -47.62 -49.32 -22.60
C36 DD6 ZK . -46.90 -49.33 -21.28
C37 DD6 ZK . -45.42 -49.57 -21.26
C4 DD6 ZK . -39.11 -47.88 -12.12
C40 DD6 ZK . -48.94 -47.18 -19.57
C41 DD6 ZK . -49.73 -49.49 -19.07
C5 DD6 ZK . -38.37 -48.27 -10.93
C6 DD6 ZK . -37.29 -47.60 -10.50
C7 DD6 ZK . -36.79 -46.39 -11.22
C8 DD6 ZK . -36.61 -48.09 -9.28
C9 DD6 ZK . -35.45 -47.62 -8.86
O1 DD6 ZK . -31.81 -50.76 -4.47
O2 DD6 ZK . -29.55 -50.93 -0.89
O4 DD6 ZK . -49.44 -48.29 -23.78
C DD6 AL . -52.39 -69.09 -19.02
C1 DD6 AL . -52.57 -68.08 -20.11
C10 DD6 AL . -52.91 -61.58 -13.00
C11 DD6 AL . -52.85 -60.31 -12.57
C12 DD6 AL . -52.94 -59.20 -13.56
C13 DD6 AL . -52.69 -59.99 -11.14
C14 DD6 AL . -53.66 -60.27 -10.27
C15 DD6 AL . -53.53 -59.95 -8.79
C16 DD6 AL . -54.46 -58.90 -8.20
C17 DD6 AL . -54.10 -58.55 -6.77
C18 DD6 AL . -53.68 -59.78 -6.00
C19 DD6 AL . -52.28 -60.11 -6.47
C2 DD6 AL . -52.63 -66.78 -19.81
C20 DD6 AL . -52.48 -60.67 -7.88
C21 DD6 AL . -51.31 -61.35 -8.56
C22 DD6 AL . -55.88 -59.44 -8.22
C23 DD6 AL . -54.40 -57.65 -9.06
C24 DD6 AL . -52.66 -68.62 -21.46
C25 DD6 AL . -52.39 -69.92 -21.56
C26 DD6 AL . -52.45 -70.62 -22.83
C27 DD6 AL . -53.51 -71.42 -23.05
C28 DD6 AL . -54.57 -71.55 -22.00
C29 DD6 AL . -53.60 -72.06 -24.10
C3 DD6 AL . -52.53 -66.36 -18.42
C30 DD6 AL . -53.68 -72.70 -25.10
C31 DD6 AL . -53.75 -73.34 -26.16
C32 DD6 AL . -52.55 -73.46 -27.04
C33 DD6 AL . -52.99 -73.15 -28.46
C34 DD6 AL . -54.12 -74.07 -28.87
C35 DD6 AL . -55.32 -73.89 -27.96
C36 DD6 AL . -54.89 -73.94 -26.52
C37 DD6 AL . -55.72 -74.65 -25.50
C4 DD6 AL . -52.78 -65.10 -18.07
C40 DD6 AL . -52.03 -74.89 -26.94
C41 DD6 AL . -51.50 -72.47 -26.57
C5 DD6 AL . -52.66 -64.71 -16.67
C6 DD6 AL . -52.80 -63.43 -16.31
C7 DD6 AL . -53.09 -62.41 -17.36
C8 DD6 AL . -52.67 -63.06 -14.90
C9 DD6 AL . -53.06 -61.87 -14.43
O1 DD6 AL . -53.80 -61.19 -8.11
O2 DD6 AL . -53.67 -59.53 -4.59
O4 DD6 AL . -54.50 -73.75 -30.23
NB KC1 BL . -26.83 -53.57 -2.36
ND KC1 BL . -26.67 -54.80 1.35
C1A KC1 BL . -28.25 -56.91 -0.18
C1B KC1 BL . -27.29 -54.28 -3.40
C1C KC1 BL . -25.52 -51.43 -0.79
C1D KC1 BL . -26.02 -54.22 2.38
C2A KC1 BL . -28.91 -57.93 -0.99
C2B KC1 BL . -27.20 -53.51 -4.59
C2C KC1 BL . -24.80 -50.42 -0.02
C2D KC1 BL . -26.24 -55.02 3.53
C3A KC1 BL . -28.80 -57.50 -2.30
C3B KC1 BL . -26.66 -52.30 -4.24
C3C KC1 BL . -24.61 -50.92 1.22
C3D KC1 BL . -27.05 -56.09 3.14
C4A KC1 BL . -28.11 -56.28 -2.30
C4B KC1 BL . -26.45 -52.37 -2.81
C4C KC1 BL . -25.23 -52.24 1.25
C4D KC1 BL . -27.30 -55.91 1.77
CAA KC1 BL . -29.57 -59.16 -0.50
CAB KC1 BL . -26.38 -51.16 -5.13
CAC KC1 BL . -23.91 -50.23 2.36
CAD KC1 BL . -27.74 -57.32 3.58
CBA KC1 BL . -29.25 -60.40 -0.93
CBB KC1 BL . -25.12 -50.84 -5.41
CBC KC1 BL . -24.94 -49.61 3.30
CBD KC1 BL . -28.21 -57.94 2.26
CED KC1 BL . -25.99 -60.09 0.22
CGA KC1 BL . -29.96 -61.49 -0.38
CGD KC1 BL . -27.35 -59.12 1.90
CHA KC1 BL . -28.09 -56.88 1.22
CHB KC1 BL . -27.81 -55.56 -3.45
CHC KC1 BL . -25.90 -51.29 -2.13
CHD KC1 BL . -25.25 -53.07 2.39
CMA KC1 BL . -29.31 -58.19 -3.53
CMB KC1 BL . -27.61 -53.94 -5.98
CMC KC1 BL . -24.33 -49.08 -0.53
CMD KC1 BL . -25.71 -54.77 4.90
NA KC1 BL . -27.77 -55.91 -1.01
NC KC1 BL . -25.77 -52.51 0.02
O1A KC1 BL . -30.07 -61.55 0.83
O1D KC1 BL . -27.85 -60.21 1.93
O2A KC1 BL . -30.94 -62.05 -1.11
O2D KC1 BL . -26.33 -58.94 1.04
OBD KC1 BL . -27.62 -57.87 4.65
MG KC1 BL . -26.76 -54.21 -0.51
MG CLA CL . -29.19 -64.10 -2.28
CHA CLA CL . -31.72 -66.23 -1.20
CHB CLA CL . -27.09 -65.42 0.05
CHC CLA CL . -26.72 -62.01 -3.43
CHD CLA CL . -31.45 -62.72 -4.65
NA CLA CL . -29.39 -65.60 -0.84
C1A CLA CL . -30.51 -66.38 -0.55
C2A CLA CL . -30.22 -67.37 0.55
C3A CLA CL . -28.78 -67.04 0.99
C4A CLA CL . -28.36 -65.95 0.00
CMA CLA CL . -28.71 -66.57 2.42
CAA CLA CL . -30.25 -68.76 -0.06
CBA CLA CL . -29.28 -68.89 -1.21
CGA CLA CL . -29.70 -69.96 -2.18
O1A CLA CL . -30.68 -70.70 -2.12
O2A CLA CL . -28.85 -70.09 -3.25
NB CLA CL . -27.27 -63.79 -1.79
C1B CLA CL . -26.59 -64.40 -0.79
C2B CLA CL . -25.21 -63.84 -0.69
C3B CLA CL . -25.10 -62.88 -1.67
C4B CLA CL . -26.41 -62.83 -2.38
CMB CLA CL . -24.24 -64.30 0.29
CAB CLA CL . -24.00 -62.03 -2.03
CBB CLA CL . -22.75 -62.44 -2.27
NC CLA CL . -29.11 -62.65 -3.78
C1C CLA CL . -27.99 -61.93 -4.08
C2C CLA CL . -28.27 -61.02 -5.19
C3C CLA CL . -29.60 -61.20 -5.52
C4C CLA CL . -30.13 -62.22 -4.63
CMC CLA CL . -27.29 -60.10 -5.79
CAC CLA CL . -30.35 -60.50 -6.58
CBC CLA CL . -30.13 -61.12 -7.94
ND CLA CL . -31.12 -64.37 -2.85
C1D CLA CL . -31.93 -63.72 -3.83
C2D CLA CL . -33.29 -64.30 -3.78
C3D CLA CL . -33.27 -65.27 -2.79
C4D CLA CL . -31.89 -65.27 -2.25
CMD CLA CL . -34.41 -63.89 -4.64
CAD CLA CL . -34.03 -66.28 -2.06
OBD CLA CL . -35.20 -66.61 -2.20
CBD CLA CL . -33.06 -66.91 -1.02
CGD CLA CL . -33.56 -66.78 0.39
O1D CLA CL . -33.02 -66.17 1.33
O2D CLA CL . -34.75 -67.41 0.63
CED CLA CL . -34.94 -67.99 1.91
C1 CLA CL . -29.41 -69.76 -4.54
C2 CLA CL . -29.15 -70.91 -5.44
C3 CLA CL . -29.93 -71.19 -6.51
C4 CLA CL . -29.66 -72.35 -7.39
C5 CLA CL . -31.09 -70.34 -6.84
C6 CLA CL . -31.41 -70.30 -8.32
C7 CLA CL . -32.91 -70.35 -8.55
C8 CLA CL . -33.28 -70.03 -9.99
MG CLA DL . -39.73 -53.28 1.36
CHA CLA DL . -39.04 -53.84 4.71
CHB CLA DL . -42.84 -52.16 2.21
CHC CLA DL . -40.35 -52.66 -1.95
CHD CLA DL . -36.49 -54.42 0.54
NA CLA DL . -40.76 -53.06 3.18
C1A CLA DL . -40.28 -53.34 4.47
C2A CLA DL . -41.35 -53.02 5.52
C3A CLA DL . -42.57 -52.59 4.69
C4A CLA DL . -42.04 -52.59 3.25
CMA CLA DL . -43.72 -53.54 4.88
CAA CLA DL . -40.91 -51.89 6.43
CBA CLA DL . -40.20 -50.77 5.68
CGA CLA DL . -41.20 -49.78 5.19
O1A CLA DL . -41.92 -49.02 5.85
O2A CLA DL . -41.27 -49.72 3.83
NB CLA DL . -41.30 -52.57 0.32
C1B CLA DL . -42.48 -52.11 0.85
C2B CLA DL . -43.34 -51.57 -0.23
C3B CLA DL . -42.65 -51.71 -1.41
C4B CLA DL . -41.34 -52.35 -1.07
CMB CLA DL . -44.67 -51.01 0.04
CAB CLA DL . -43.00 -51.36 -2.77
CBB CLA DL . -43.70 -50.28 -3.15
NC CLA DL . -38.62 -53.51 -0.39
C1C CLA DL . -39.08 -53.21 -1.64
C2C CLA DL . -38.04 -53.51 -2.62
C3C CLA DL . -36.94 -53.99 -1.92
C4C CLA DL . -37.31 -53.99 -0.51
CMC CLA DL . -38.18 -53.31 -4.07
CAC CLA DL . -35.65 -54.43 -2.48
CBC CLA DL . -34.59 -53.34 -2.40
ND CLA DL . -38.11 -53.98 2.33
C1D CLA DL . -36.84 -54.43 1.88
C2D CLA DL . -36.03 -54.88 3.05
C3D CLA DL . -36.84 -54.69 4.16
C4D CLA DL . -38.11 -54.12 3.66
CMD CLA DL . -34.68 -55.42 2.97
CAD CLA DL . -36.96 -54.82 5.60
OBD CLA DL . -36.15 -55.27 6.41
CBD CLA DL . -38.36 -54.26 6.00
CGD CLA DL . -39.21 -55.24 6.74
O1D CLA DL . -40.03 -56.05 6.27
O2D CLA DL . -39.04 -55.23 8.09
CED CLA DL . -39.08 -56.48 8.79
C1 CLA DL . -42.31 -48.88 3.27
C2 CLA DL . -41.67 -48.09 2.20
C3 CLA DL . -42.37 -47.38 1.29
C4 CLA DL . -43.84 -47.36 1.28
C5 CLA DL . -41.67 -46.60 0.24
C6 CLA DL . -42.28 -46.76 -1.14
C7 CLA DL . -41.37 -46.15 -2.19
C8 CLA DL . -41.21 -44.65 -2.02
C9 CLA DL . -42.52 -43.94 -2.31
C10 CLA DL . -40.11 -44.11 -2.91
MG CLA EL . -47.60 -48.30 -6.22
CHA CLA EL . -49.70 -47.87 -3.50
CHB CLA EL . -44.94 -47.29 -4.35
CHC CLA EL . -45.53 -48.88 -8.92
CHD CLA EL . -50.37 -49.41 -8.12
NA CLA EL . -47.39 -47.66 -4.25
C1A CLA EL . -48.38 -47.58 -3.25
C2A CLA EL . -47.79 -47.08 -1.94
C3A CLA EL . -46.30 -46.82 -2.27
C4A CLA EL . -46.18 -47.29 -3.72
CMA CLA EL . -45.93 -45.36 -2.13
CAA CLA EL . -47.91 -48.14 -0.86
CBA CLA EL . -47.40 -47.65 0.48
CGA CLA EL . -47.77 -46.22 0.69
O1A CLA EL . -48.88 -45.69 0.58
O2A CLA EL . -46.71 -45.43 1.04
NB CLA EL . -45.62 -48.13 -6.56
C1B CLA EL . -44.69 -47.68 -5.67
C2B CLA EL . -43.35 -47.66 -6.31
C3B CLA EL . -43.50 -48.10 -7.61
C4B CLA EL . -44.96 -48.41 -7.78
CMB CLA EL . -42.15 -47.22 -5.59
CAB CLA EL . -42.55 -48.29 -8.67
CBB CLA EL . -41.43 -47.59 -8.87
NC CLA EL . -47.91 -48.99 -8.17
C1C CLA EL . -46.92 -49.16 -9.11
C2C CLA EL . -47.49 -49.67 -10.35
C3C CLA EL . -48.86 -49.83 -10.11
C4C CLA EL . -49.12 -49.41 -8.75
CMC CLA EL . -46.74 -49.96 -11.56
CAC CLA EL . -49.87 -50.33 -11.06
CBC CLA EL . -50.20 -51.79 -10.83
ND CLA EL . -49.59 -48.54 -5.96
C1D CLA EL . -50.61 -49.01 -6.82
C2D CLA EL . -51.90 -48.98 -6.10
C3D CLA EL . -51.61 -48.53 -4.81
C4D CLA EL . -50.16 -48.30 -4.78
CMD CLA EL . -53.19 -49.36 -6.67
CAD CLA EL . -52.14 -48.21 -3.50
OBD CLA EL . -53.30 -48.21 -3.10
CBD CLA EL . -50.92 -47.81 -2.61
CGD CLA EL . -51.09 -46.45 -1.99
O1D CLA EL . -51.63 -46.16 -0.91
O2D CLA EL . -50.56 -45.44 -2.74
CED CLA EL . -51.20 -44.17 -2.70
C1 CLA EL . -47.01 -44.25 1.82
C2 CLA EL . -45.76 -43.46 1.91
C3 CLA EL . -45.70 -42.27 2.52
MG CLA FL . -50.87 -61.94 -19.67
CHA CLA FL . -52.32 -61.82 -22.82
CHB CLA FL . -51.78 -58.71 -19.14
CHC CLA FL . -49.46 -62.13 -16.55
CHD CLA FL . -49.90 -65.29 -20.30
NA CLA FL . -51.89 -60.53 -20.81
C1A CLA FL . -52.43 -60.66 -22.10
C2A CLA FL . -53.09 -59.37 -22.57
C3A CLA FL . -52.83 -58.38 -21.41
C4A CLA FL . -52.13 -59.25 -20.36
CMA CLA FL . -51.98 -57.21 -21.84
CAA CLA FL . -54.58 -59.55 -22.77
CBA CLA FL . -55.34 -59.71 -21.46
CGA CLA FL . -55.77 -61.14 -21.31
O1A CLA FL . -55.24 -62.14 -21.77
O2A CLA FL . -56.89 -61.29 -20.54
NB CLA FL . -50.62 -60.66 -18.15
C1B CLA FL . -51.13 -59.39 -18.09
C2B CLA FL . -50.87 -58.81 -16.75
C3B CLA FL . -50.22 -59.76 -16.01
C4B CLA FL . -50.05 -60.96 -16.89
CMB CLA FL . -51.30 -57.45 -16.38
CAB CLA FL . -49.74 -59.73 -14.65
CBB CLA FL . -49.11 -58.72 -14.06
NC CLA FL . -49.87 -63.44 -18.62
C1C CLA FL . -49.37 -63.30 -17.35
C2C CLA FL . -48.73 -64.55 -16.93
C3C CLA FL . -48.85 -65.44 -17.99
C4C CLA FL . -49.57 -64.74 -19.05
CMC CLA FL . -48.10 -64.77 -15.63
CAC CLA FL . -48.36 -66.83 -18.03
CBC CLA FL . -49.30 -67.81 -17.40
ND CLA FL . -51.09 -63.31 -21.14
C1D CLA FL . -50.61 -64.64 -21.29
C2D CLA FL . -51.01 -65.16 -22.62
C3D CLA FL . -51.67 -64.12 -23.26
C4D CLA FL . -51.67 -62.99 -22.30
CMD CLA FL . -50.72 -66.50 -23.11
CAD CLA FL . -52.38 -63.68 -24.45
OBD CLA FL . -52.65 -64.31 -25.46
CBD CLA FL . -52.74 -62.19 -24.23
CGD CLA FL . -52.04 -61.32 -25.23
O1D CLA FL . -52.52 -60.72 -26.19
O2D CLA FL . -50.70 -61.20 -25.00
CED CLA FL . -50.05 -59.98 -25.36
C1 CLA FL . -57.14 -62.61 -20.02
MG CLA GL . -55.60 -53.07 -6.93
CHA CLA GL . -53.92 -51.93 -4.13
CHB CLA GL . -58.58 -52.60 -5.32
CHC CLA GL . -57.24 -54.00 -9.81
CHD CLA GL . -52.50 -53.52 -8.55
NA CLA GL . -56.14 -52.40 -5.02
C1A CLA GL . -55.29 -51.94 -4.01
C2A CLA GL . -56.09 -51.52 -2.78
C3A CLA GL . -57.54 -51.89 -3.14
C4A CLA GL . -57.43 -52.32 -4.60
CMA CLA GL . -58.06 -52.99 -2.24
CAA CLA GL . -55.99 -50.00 -2.62
CBA CLA GL . -56.39 -49.29 -3.90
CGA CLA GL . -56.42 -47.80 -3.75
O1A CLA GL . -56.58 -47.13 -2.73
O2A CLA GL . -56.24 -47.14 -4.93
NB CLA GL . -57.53 -53.22 -7.48
C1B CLA GL . -58.61 -53.04 -6.65
C2B CLA GL . -59.85 -53.39 -7.38
C3B CLA GL . -59.49 -53.78 -8.65
C4B CLA GL . -58.01 -53.68 -8.72
CMB CLA GL . -61.16 -53.31 -6.74
CAB CLA GL . -60.29 -54.21 -9.76
CBB CLA GL . -61.32 -53.52 -10.26
NC CLA GL . -54.98 -53.69 -8.82
C1C CLA GL . -55.83 -54.02 -9.84
C2C CLA GL . -55.06 -54.38 -11.03
C3C CLA GL . -53.71 -54.25 -10.69
C4C CLA GL . -53.67 -53.81 -9.30
CMC CLA GL . -55.66 -54.79 -12.31
CAC CLA GL . -52.55 -54.50 -11.56
CBC CLA GL . -52.35 -55.96 -11.89
ND CLA GL . -53.65 -52.91 -6.47
C1D CLA GL . -52.47 -53.11 -7.24
C2D CLA GL . -51.28 -52.79 -6.40
C3D CLA GL . -51.79 -52.34 -5.20
C4D CLA GL . -53.26 -52.42 -5.30
CMD CLA GL . -49.90 -52.92 -6.83
CAD CLA GL . -51.48 -51.85 -3.86
OBD CLA GL . -50.39 -51.71 -3.31
CBD CLA GL . -52.83 -51.52 -3.16
CGD CLA GL . -52.98 -52.22 -1.84
O1D CLA GL . -53.77 -53.13 -1.56
O2D CLA GL . -52.15 -51.77 -0.87
CED CLA GL . -52.28 -52.34 0.43
C1 CLA GL . -55.11 -46.26 -5.02
C2 CLA GL . -55.04 -45.77 -6.42
C3 CLA GL . -54.00 -45.06 -6.89
MG CLA HL . -47.21 -66.84 -2.81
CHA CLA HL . -49.15 -67.59 -0.04
CHB CLA HL . -44.51 -68.24 -1.27
CHC CLA HL . -45.38 -66.29 -5.65
CHD CLA HL . -50.07 -65.43 -4.35
NA CLA HL . -46.90 -67.74 -0.95
C1A CLA HL . -47.83 -67.96 0.06
C2A CLA HL . -47.19 -68.65 1.25
C3A CLA HL . -45.70 -68.63 0.92
C4A CLA HL . -45.68 -68.19 -0.54
CMA CLA HL . -44.98 -67.66 1.82
CAA CLA HL . -47.68 -70.10 1.31
CBA CLA HL . -47.84 -70.72 -0.06
CGA CLA HL . -46.57 -71.36 -0.54
O1A CLA HL . -45.51 -71.50 0.06
O2A CLA HL . -46.65 -71.83 -1.82
NB CLA HL . -45.28 -67.13 -3.33
C1B CLA HL . -44.37 -67.83 -2.60
C2B CLA HL . -43.16 -68.11 -3.43
C3B CLA HL . -43.39 -67.56 -4.66
C4B CLA HL . -44.75 -66.93 -4.62
CMB CLA HL . -42.01 -68.83 -2.90
CAB CLA HL . -42.54 -67.56 -5.83
CBB CLA HL . -41.23 -67.30 -5.84
NC CLA HL . -47.65 -65.97 -4.65
C1C CLA HL . -46.73 -65.82 -5.67
C2C CLA HL . -47.37 -65.15 -6.80
C3C CLA HL . -48.70 -64.95 -6.45
C4C CLA HL . -48.87 -65.47 -5.09
CMC CLA HL . -46.70 -64.82 -8.06
CAC CLA HL . -49.75 -64.32 -7.26
CBC CLA HL . -50.59 -65.33 -8.01
ND CLA HL . -49.17 -66.55 -2.37
C1D CLA HL . -50.22 -65.93 -3.07
C2D CLA HL . -51.45 -65.95 -2.23
C3D CLA HL . -51.09 -66.58 -1.05
C4D CLA HL . -49.66 -66.93 -1.19
CMD CLA HL . -52.74 -65.40 -2.63
CAD CLA HL . -51.52 -67.03 0.26
OBD CLA HL . -52.63 -66.97 0.78
CBD CLA HL . -50.28 -67.66 0.96
CGD CLA HL . -49.89 -66.89 2.20
O1D CLA HL . -49.93 -65.68 2.36
O2D CLA HL . -49.44 -67.67 3.23
CED CLA HL . -48.91 -67.00 4.37
C1 CLA HL . -45.39 -72.17 -2.45
NB KC1 IL . -37.53 -67.69 -9.61
ND KC1 IL . -34.72 -67.69 -6.88
C1A KC1 IL . -36.93 -69.48 -5.80
C1B KC1 IL . -38.66 -68.42 -9.56
C1C KC1 IL . -35.34 -65.97 -10.62
C1D KC1 IL . -33.50 -67.09 -6.95
C2A KC1 IL . -38.00 -70.37 -5.37
C2B KC1 IL . -39.41 -68.22 -10.75
C2C KC1 IL . -34.24 -65.19 -11.14
C2D KC1 IL . -32.81 -67.42 -5.76
C3A KC1 IL . -38.93 -70.36 -6.39
C3B KC1 IL . -38.69 -67.35 -11.53
C3C KC1 IL . -33.24 -65.21 -10.21
C3D KC1 IL . -33.63 -68.23 -4.99
C4A KC1 IL . -38.46 -69.51 -7.40
C4B KC1 IL . -37.51 -67.04 -10.77
C4C KC1 IL . -33.72 -66.03 -9.11
C4D KC1 IL . -34.83 -68.37 -5.73
CAA KC1 IL . -38.10 -71.14 -4.12
CAB KC1 IL . -39.06 -66.84 -12.86
CAC KC1 IL . -31.88 -64.57 -10.28
CAD KC1 IL . -33.79 -69.00 -3.75
CBA KC1 IL . -38.08 -70.54 -2.92
CBB KC1 IL . -38.37 -67.20 -13.93
CBC KC1 IL . -31.91 -63.04 -10.33
CBD KC1 IL . -35.03 -69.83 -4.00
CED KC1 IL . -34.82 -72.32 -2.36
CGA KC1 IL . -38.07 -71.34 -1.75
CGD KC1 IL . -34.63 -71.22 -4.45
CHA KC1 IL . -35.76 -69.15 -5.11
CHB KC1 IL . -39.15 -69.26 -8.59
CHC KC1 IL . -36.56 -66.18 -11.28
CHD KC1 IL . -32.98 -66.30 -7.95
CMA KC1 IL . -40.22 -71.14 -6.42
CMB KC1 IL . -40.74 -68.85 -11.09
CMC KC1 IL . -34.22 -64.48 -12.47
CMD KC1 IL . -31.43 -66.97 -5.41
NA KC1 IL . -37.25 -68.96 -7.05
NC KC1 IL . -35.01 -66.46 -9.38
O1A KC1 IL . -38.34 -72.52 -1.85
O1D KC1 IL . -33.90 -71.35 -5.41
O2A KC1 IL . -37.32 -70.95 -0.68
O2D KC1 IL . -35.06 -72.30 -3.79
OBD KC1 IL . -32.88 -69.30 -2.99
MG KC1 IL . -36.16 -67.65 -8.20
MG CLA JL . -31.41 -52.05 -16.20
CHA CLA JL . -29.59 -51.09 -19.00
CHB CLA JL . -29.73 -55.01 -16.12
CHC CLA JL . -33.20 -52.93 -13.40
CHD CLA JL . -33.26 -49.05 -16.43
NA CLA JL . -29.89 -52.88 -17.37
C1A CLA JL . -29.26 -52.33 -18.49
C2A CLA JL . -28.20 -53.28 -19.04
C3A CLA JL . -28.32 -54.53 -18.14
C4A CLA JL . -29.38 -54.13 -17.12
CMA CLA JL . -28.73 -55.74 -18.93
CAA CLA JL . -26.80 -52.67 -18.91
NB CLA JL . -31.49 -53.68 -15.01
C1B CLA JL . -30.70 -54.78 -15.12
C2B CLA JL . -30.99 -55.73 -14.01
C3B CLA JL . -31.98 -55.15 -13.24
C4B CLA JL . -32.29 -53.83 -13.85
CMB CLA JL . -30.29 -57.01 -13.87
CAB CLA JL . -32.65 -55.59 -12.03
CBB CLA JL . -32.69 -56.82 -11.53
NC CLA JL . -32.93 -51.12 -15.10
C1C CLA JL . -33.49 -51.65 -13.97
C2C CLA JL . -34.50 -50.73 -13.44
C3C CLA JL . -34.55 -49.66 -14.33
C4C CLA JL . -33.57 -49.91 -15.37
CMC CLA JL . -35.29 -50.96 -12.24
CAC CLA JL . -35.43 -48.47 -14.21
CBC CLA JL . -34.70 -47.18 -14.01
ND CLA JL . -31.40 -50.38 -17.33
C1D CLA JL . -32.26 -49.24 -17.36
C2D CLA JL . -31.85 -48.36 -18.48
C3D CLA JL . -30.81 -49.00 -19.12
C4D CLA JL . -30.60 -50.27 -18.39
CMD CLA JL . -32.47 -47.08 -18.79
CAD CLA JL . -29.84 -48.94 -20.19
OBD CLA JL . -29.59 -48.03 -20.96
CBD CLA JL . -29.12 -50.32 -20.22
CGD CLA JL . -29.39 -51.01 -21.54
O1D CLA JL . -29.46 -50.47 -22.65
O2D CLA JL . -29.58 -52.35 -21.47
CED CLA JL . -28.84 -53.16 -22.38
MG CLA KL . -54.89 -49.36 -17.41
CHA CLA KL . -57.62 -47.65 -18.71
CHB CLA KL . -53.14 -46.45 -17.26
CHC CLA KL . -52.27 -51.09 -16.05
CHD CLA KL . -56.78 -52.36 -17.56
NA CLA KL . -55.34 -47.38 -17.92
C1A CLA KL . -56.53 -46.87 -18.44
C2A CLA KL . -56.42 -45.36 -18.66
C3A CLA KL . -54.96 -45.04 -18.30
C4A CLA KL . -54.42 -46.37 -17.78
CMA CLA KL . -54.20 -44.55 -19.51
CAA CLA KL . -57.36 -44.63 -17.70
CBA CLA KL . -56.94 -44.80 -16.25
CGA CLA KL . -58.15 -44.98 -15.37
O1A CLA KL . -58.79 -46.01 -15.16
O2A CLA KL . -58.52 -43.83 -14.74
NB CLA KL . -53.07 -48.87 -16.75
C1B CLA KL . -52.52 -47.62 -16.78
C2B CLA KL . -51.15 -47.65 -16.22
C3B CLA KL . -50.88 -48.95 -15.87
C4B CLA KL . -52.10 -49.75 -16.22
CMB CLA KL . -50.30 -46.46 -16.11
CAB CLA KL . -49.67 -49.50 -15.31
CBB CLA KL . -49.56 -50.49 -14.43
NC CLA KL . -54.58 -51.37 -16.93
C1C CLA KL . -53.43 -51.85 -16.38
C2C CLA KL . -53.54 -53.29 -16.17
C3C CLA KL . -54.83 -53.66 -16.59
C4C CLA KL . -55.47 -52.44 -17.06
CMC CLA KL . -52.48 -54.13 -15.61
CAC CLA KL . -55.43 -55.01 -16.54
CBC CLA KL . -54.89 -55.98 -17.59
ND CLA KL . -56.72 -49.95 -18.05
C1D CLA KL . -57.38 -51.21 -18.03
C2D CLA KL . -58.74 -51.05 -18.59
C3D CLA KL . -58.88 -49.71 -18.89
C4D CLA KL . -57.60 -49.06 -18.51
CMD CLA KL . -59.69 -52.14 -18.78
CAD CLA KL . -59.74 -48.67 -19.43
OBD CLA KL . -60.86 -48.77 -19.94
CBD CLA KL . -59.00 -47.32 -19.26
CGD CLA KL . -58.91 -46.54 -20.55
O1D CLA KL . -57.90 -46.32 -21.24
O2D CLA KL . -60.10 -46.04 -20.99
CED CLA KL . -60.43 -46.19 -22.36
C1 CLA KL . -59.91 -43.72 -14.37
C2 CLA KL . -60.04 -44.21 -12.97
C3 CLA KL . -61.22 -44.49 -12.40
C4 CLA KL . -61.29 -44.98 -11.00
C5 CLA KL . -62.50 -44.32 -13.14
C6 CLA KL . -63.66 -43.91 -12.24
C7 CLA KL . -64.73 -44.99 -12.22
MG CLA LL . -41.23 -44.53 -16.67
CHA CLA LL . -43.17 -44.50 -19.56
CHB CLA LL . -38.42 -44.08 -18.55
CHC CLA LL . -39.37 -44.56 -13.79
CHD CLA LL . -44.17 -45.03 -14.76
NA CLA LL . -40.88 -44.33 -18.73
C1A CLA LL . -41.81 -44.34 -19.77
C2A CLA LL . -41.13 -44.15 -21.12
C3A CLA LL . -39.62 -44.04 -20.76
C4A CLA LL . -39.62 -44.15 -19.23
CMA CLA LL . -38.78 -45.11 -21.41
CAA CLA LL . -41.58 -42.86 -21.78
CBA CLA LL . -41.40 -41.68 -20.85
CGA CLA LL . -42.43 -40.63 -21.14
O1A CLA LL . -42.49 -39.47 -20.73
O2A CLA LL . -43.41 -41.06 -21.98
NB CLA LL . -39.26 -44.39 -16.25
C1B CLA LL . -38.27 -44.17 -17.15
C2B CLA LL . -36.97 -44.01 -16.44
C3B CLA LL . -37.23 -44.14 -15.10
C4B CLA LL . -38.70 -44.38 -14.96
CMB CLA LL . -35.70 -43.76 -17.14
CAB CLA LL . -36.34 -44.06 -13.97
CBB CLA LL . -35.58 -43.01 -13.65
NC CLA LL . -41.70 -44.74 -14.65
C1C CLA LL . -40.78 -44.72 -13.64
C2C CLA LL . -41.45 -44.90 -12.36
C3C CLA LL . -42.80 -45.04 -12.62
C4C CLA LL . -42.96 -44.95 -14.07
CMC CLA LL . -40.77 -44.91 -11.05
CAC CLA LL . -43.90 -45.23 -11.65
CBC CLA LL . -44.33 -46.68 -11.54
ND CLA LL . -43.22 -44.68 -17.01
C1D CLA LL . -44.31 -44.91 -16.13
C2D CLA LL . -45.56 -44.98 -16.93
C3D CLA LL . -45.18 -44.82 -18.25
C4D CLA LL . -43.72 -44.66 -18.24
CMD CLA LL . -46.90 -45.20 -16.38
CAD CLA LL . -45.62 -44.75 -19.63
OBD CLA LL . -46.76 -44.78 -20.09
CBD CLA LL . -44.35 -44.59 -20.51
CGD CLA LL . -44.19 -45.74 -21.46
O1D CLA LL . -43.21 -46.47 -21.58
O2D CLA LL . -45.27 -45.97 -22.25
CED CLA LL . -45.66 -44.97 -23.19
C1 CLA LL . -43.89 -40.11 -22.96
MG CLA ML . -66.51 -55.27 -5.80
CHA CLA ML . -68.34 -56.83 -3.30
CHB CLA ML . -67.43 -57.70 -7.99
CHC CLA ML . -64.79 -53.60 -8.26
CHD CLA ML . -65.39 -52.88 -3.42
NA CLA ML . -67.71 -56.96 -5.65
C1A CLA ML . -68.40 -57.45 -4.52
C2A CLA ML . -69.18 -58.71 -4.85
C3A CLA ML . -68.78 -59.02 -6.31
C4A CLA ML . -67.93 -57.80 -6.70
CMA CLA ML . -68.02 -60.31 -6.42
CAA CLA ML . -70.66 -58.43 -4.76
CBA CLA ML . -71.45 -59.03 -5.92
CGA CLA ML . -72.33 -58.00 -6.57
O1A CLA ML . -72.93 -57.05 -6.05
O2A CLA ML . -72.47 -58.19 -7.91
NB CLA ML . -66.16 -55.60 -7.75
C1B CLA ML . -66.62 -56.65 -8.47
C2B CLA ML . -66.15 -56.55 -9.88
C3B CLA ML . -65.41 -55.39 -9.97
C4B CLA ML . -65.41 -54.77 -8.61
CMB CLA ML . -66.49 -57.52 -10.91
CAB CLA ML . -64.73 -54.82 -11.11
CBB CLA ML . -64.92 -53.60 -11.58
NC CLA ML . -65.34 -53.53 -5.83
C1C CLA ML . -64.77 -53.01 -6.96
C2C CLA ML . -64.09 -51.76 -6.64
C3C CLA ML . -64.19 -51.60 -5.25
C4C CLA ML . -64.98 -52.72 -4.76
CMC CLA ML . -63.41 -50.90 -7.61
CAC CLA ML . -63.64 -50.49 -4.45
CBC CLA ML . -62.21 -50.70 -4.06
ND CLA ML . -66.84 -54.82 -3.85
C1D CLA ML . -66.27 -53.86 -2.98
C2D CLA ML . -66.79 -54.08 -1.60
C3D CLA ML . -67.63 -55.17 -1.68
C4D CLA ML . -67.58 -55.63 -3.09
CMD CLA ML . -66.47 -53.25 -0.44
CAD CLA ML . -68.52 -56.06 -0.97
OBD CLA ML . -68.94 -55.97 0.18
CBD CLA ML . -68.90 -57.20 -1.95
CGD CLA ML . -68.35 -58.52 -1.49
O1D CLA ML . -68.58 -59.65 -1.96
O2D CLA ML . -67.49 -58.43 -0.43
CED CLA ML . -67.92 -58.97 0.81
C1 CLA ML . -73.33 -57.29 -8.63
C1 PID NL . -27.34 -100.10 -6.29
C2 PID NL . -27.47 -99.85 -4.81
C3 PID NL . -28.05 -98.48 -4.54
C4 PID NL . -27.22 -97.41 -5.23
C5 PID NL . -27.23 -97.52 -6.77
C6 PID NL . -27.26 -98.98 -7.24
C7 PID NL . -26.66 -99.22 -8.61
C8 PID NL . -27.31 -99.08 -9.78
C9 PID NL . -26.74 -99.24 -11.05
C10 PID NL . -25.33 -99.56 -11.35
C11 PID NL . -27.40 -99.15 -12.28
C12 PID NL . -26.44 -99.32 -13.34
C13 PID NL . -26.65 -99.32 -14.76
C14 PID NL . -25.68 -99.09 -15.68
C15 PID NL . -25.66 -99.72 -16.89
C16 PID NL . -24.64 -99.62 -17.84
C17 PID NL . -24.32 -100.36 -18.97
C18 PID NL . -23.17 -100.18 -19.75
C19 PID NL . -22.65 -101.02 -20.72
C20 PID NL . -21.49 -100.93 -21.48
C21 PID NL . -20.91 -101.86 -22.32
C22 PID NL . -19.68 -101.65 -23.10
C23 PID NL . -19.05 -102.62 -23.73
C24 PID NL . -18.48 -103.57 -24.39
C25 PID NL . -17.68 -103.25 -25.67
C26 PID NL . -16.60 -104.33 -25.86
C27 PID NL . -16.11 -104.89 -24.55
C28 PID NL . -17.21 -105.70 -23.90
C29 PID NL . -18.57 -105.01 -23.90
C30 PID NL . -14.14 -106.10 -23.82
C31 PID NL . -14.03 -105.00 -22.83
CM1 PID NL . -26.81 -101.45 -6.68
CM2 PID NL . -25.94 -96.81 -7.22
CM3 PID NL . -28.44 -96.74 -7.28
CM4 PID NL . -24.58 -98.10 -15.41
CM5 PID NL . -21.58 -103.18 -22.49
CM6 PID NL . -18.59 -103.21 -26.91
CM7 PID NL . -17.01 -101.88 -25.54
CM8 PID NL . -19.58 -105.84 -24.68
O1 PID NL . -28.52 -99.66 -7.02
O2 PID NL . -28.07 -98.24 -3.14
O3 PID NL . -24.39 -99.79 -10.65
O4 PID NL . -25.20 -99.55 -12.74
O5 PID NL . -18.97 -105.02 -22.50
O6 PID NL . -15.02 -105.80 -24.81
O7 PID NL . -13.54 -107.14 -23.78
C1 PID OL . -22.30 -78.17 -6.46
C2 PID OL . -21.89 -78.82 -5.17
C3 PID OL . -20.42 -78.60 -4.86
C4 PID OL . -19.57 -78.98 -6.06
C5 PID OL . -19.81 -78.10 -7.29
C6 PID OL . -21.30 -77.83 -7.49
C7 PID OL . -21.72 -77.61 -8.91
C8 PID OL . -22.32 -76.49 -9.29
C9 PID OL . -22.78 -76.15 -10.55
C10 PID OL . -22.69 -76.94 -11.79
C11 PID OL . -23.44 -74.98 -10.89
C12 PID OL . -23.75 -74.98 -12.28
C13 PID OL . -24.39 -73.93 -12.98
C14 PID OL . -24.70 -73.82 -14.28
C15 PID OL . -25.18 -72.63 -14.73
C16 PID OL . -25.52 -72.31 -16.02
C17 PID OL . -25.96 -71.09 -16.50
C18 PID OL . -26.34 -70.75 -17.78
C19 PID OL . -26.71 -69.46 -18.10
C20 PID OL . -27.14 -68.84 -19.25
C21 PID OL . -27.34 -67.47 -19.41
C22 PID OL . -27.74 -66.80 -20.63
C23 PID OL . -27.92 -65.51 -20.61
C24 PID OL . -28.03 -64.22 -20.54
C25 PID OL . -26.93 -63.36 -21.19
C26 PID OL . -27.02 -61.89 -20.80
C27 PID OL . -28.42 -61.38 -20.68
C28 PID OL . -29.12 -62.13 -19.58
C29 PID OL . -29.30 -63.60 -19.93
C30 PID OL . -28.16 -59.02 -21.18
C31 PID OL . -28.65 -59.42 -22.53
CM1 PID OL . -23.74 -78.37 -6.86
CM2 PID OL . -19.15 -78.78 -8.50
CM3 PID OL . -19.15 -76.74 -7.04
CM4 PID OL . -24.56 -74.93 -15.29
CM5 PID OL . -27.07 -66.59 -18.24
CM6 PID OL . -25.55 -63.90 -20.79
CM7 PID OL . -27.04 -63.48 -22.73
CM8 PID OL . -29.78 -64.37 -18.71
O1 PID OL . -21.81 -76.81 -6.60
O2 PID OL . -20.05 -79.39 -3.73
O3 PID OL . -22.22 -78.02 -12.03
O4 PID OL . -23.31 -76.20 -12.80
O5 PID OL . -30.34 -63.62 -20.92
O6 PID OL . -28.38 -59.98 -20.25
O7 PID OL . -27.62 -57.98 -20.93
C DD6 PL . -18.58 -85.78 -12.66
C1 DD6 PL . -19.17 -86.58 -13.77
C10 DD6 PL . -16.88 -94.84 -9.27
C11 DD6 PL . -17.24 -96.10 -9.00
C12 DD6 PL . -18.26 -96.80 -9.84
C13 DD6 PL . -16.60 -96.82 -7.87
C14 DD6 PL . -17.01 -98.01 -7.48
C15 DD6 PL . -16.32 -98.67 -6.31
C16 DD6 PL . -15.44 -99.90 -6.55
C17 DD6 PL . -15.29 -100.73 -5.28
C18 DD6 PL . -14.93 -99.82 -4.12
C19 DD6 PL . -16.18 -99.08 -3.70
C2 DD6 PL . -19.16 -87.92 -13.72
C20 DD6 PL . -16.70 -98.26 -4.89
C21 DD6 PL . -17.87 -97.32 -4.71
C22 DD6 PL . -14.06 -99.47 -7.01
C23 DD6 PL . -16.09 -100.75 -7.62
C24 DD6 PL . -19.77 -85.91 -14.94
C25 DD6 PL . -19.53 -84.63 -15.16
C26 DD6 PL . -20.13 -83.99 -16.33
C27 DD6 PL . -19.69 -82.80 -16.73
C28 DD6 PL . -18.57 -82.12 -16.00
C29 DD6 PL . -20.17 -82.26 -17.76
C3 DD6 PL . -18.59 -88.63 -12.60
C30 DD6 PL . -20.72 -81.77 -18.68
C31 DD6 PL . -21.19 -81.22 -19.71
C32 DD6 PL . -20.28 -81.04 -20.90
C33 DD6 PL . -20.94 -80.25 -22.02
C34 DD6 PL . -22.41 -80.59 -22.14
C35 DD6 PL . -23.09 -80.11 -20.87
C36 DD6 PL . -22.49 -80.87 -19.72
C37 DD6 PL . -23.35 -81.22 -18.54
C4 DD6 PL . -18.56 -89.96 -12.63
C40 DD6 PL . -19.87 -82.42 -21.41
C41 DD6 PL . -19.04 -80.29 -20.41
C5 DD6 PL . -17.97 -90.70 -11.52
C6 DD6 PL . -18.06 -92.04 -11.49
C7 DD6 PL . -18.74 -92.77 -12.61
C8 DD6 PL . -17.45 -92.79 -10.38
C9 DD6 PL . -17.49 -94.12 -10.37
O1 DD6 PL . -15.60 -97.66 -5.58
O2 DD6 PL . -14.43 -100.57 -3.02
O4 DD6 PL . -22.97 -79.88 -23.27
MG CLA QL . -33.47 -98.88 -3.98
CHA CLA QL . -33.92 -95.85 -2.34
CHB CLA QL . -35.08 -100.49 -1.45
CHC CLA QL . -33.01 -101.85 -5.66
CHD CLA QL . -31.79 -97.17 -6.59
NA CLA QL . -34.35 -98.25 -2.20
C1A CLA QL . -34.45 -96.93 -1.70
C2A CLA QL . -35.20 -96.91 -0.36
C3A CLA QL . -35.53 -98.41 -0.10
C4A CLA QL . -34.96 -99.12 -1.33
CMA CLA QL . -34.91 -98.91 1.18
CAA CLA QL . -36.49 -96.12 -0.49
CBA CLA QL . -37.29 -96.56 -1.72
CGA CLA QL . -38.60 -95.84 -1.77
O1A CLA QL . -39.48 -95.78 -0.91
O2A CLA QL . -38.81 -95.20 -2.95
NB CLA QL . -33.97 -100.80 -3.63
C1B CLA QL . -34.60 -101.26 -2.52
C2B CLA QL . -34.70 -102.76 -2.59
C3B CLA QL . -34.12 -103.14 -3.77
C4B CLA QL . -33.64 -101.91 -4.46
CMB CLA QL . -35.33 -103.57 -1.54
CAB CLA QL . -33.95 -104.47 -4.33
CBB CLA QL . -32.79 -105.03 -4.64
NC CLA QL . -32.57 -99.40 -5.80
C1C CLA QL . -32.51 -100.68 -6.29
C2C CLA QL . -31.82 -100.68 -7.57
C3C CLA QL . -31.47 -99.36 -7.85
C4C CLA QL . -31.95 -98.56 -6.72
CMC CLA QL . -31.58 -101.86 -8.40
CAC CLA QL . -30.78 -98.86 -9.05
CBC CLA QL . -31.73 -98.40 -10.13
ND CLA QL . -32.93 -96.98 -4.42
C1D CLA QL . -32.24 -96.41 -5.52
C2D CLA QL . -32.12 -94.95 -5.31
C3D CLA QL . -32.73 -94.69 -4.11
C4D CLA QL . -33.23 -95.98 -3.60
CMD CLA QL . -31.46 -94.03 -6.23
CAD CLA QL . -33.11 -93.66 -3.15
OBD CLA QL . -32.90 -92.45 -3.18
CBD CLA QL . -33.86 -94.38 -1.98
CGD CLA QL . -33.18 -94.16 -0.67
O1D CLA QL . -32.02 -94.44 -0.37
O2D CLA QL . -33.96 -93.57 0.28
CED CLA QL . -33.46 -93.52 1.62
C1 CLA QL . -39.43 -95.97 -4.01
C2 CLA QL . -39.60 -95.05 -5.17
MG CLA RL . -19.33 -94.71 -3.50
CHA CLA RL . -19.75 -96.33 -0.46
CHB CLA RL . -16.83 -92.82 -2.15
CHC CLA RL . -18.83 -93.27 -6.57
CHD CLA RL . -21.84 -96.79 -4.89
NA CLA RL . -18.47 -94.59 -1.60
C1A CLA RL . -18.78 -95.35 -0.47
C2A CLA RL . -17.88 -94.95 0.71
C3A CLA RL . -17.10 -93.73 0.18
C4A CLA RL . -17.47 -93.70 -1.30
CMA CLA RL . -17.46 -92.46 0.88
CAA CLA RL . -16.91 -96.08 1.02
CBA CLA RL . -16.52 -96.88 -0.21
CGA CLA RL . -15.04 -96.84 -0.47
O1A CLA RL . -14.12 -96.81 0.34
O2A CLA RL . -14.73 -96.86 -1.80
NB CLA RL . -18.09 -93.29 -4.22
C1B CLA RL . -17.10 -92.68 -3.52
C2B CLA RL . -16.30 -91.81 -4.44
C3B CLA RL . -16.86 -91.93 -5.69
C4B CLA RL . -18.01 -92.87 -5.57
CMB CLA RL . -15.15 -91.03 -3.98
CAB CLA RL . -16.49 -91.32 -6.95
CBB CLA RL . -16.11 -90.06 -7.12
NC CLA RL . -20.22 -94.95 -5.37
C1C CLA RL . -19.88 -94.23 -6.48
C2C CLA RL . -20.72 -94.64 -7.61
C3C CLA RL . -21.53 -95.67 -7.15
C4C CLA RL . -21.22 -95.85 -5.74
CMC CLA RL . -20.66 -94.07 -8.96
CAC CLA RL . -22.54 -96.39 -7.93
CBC CLA RL . -22.07 -97.78 -8.33
ND CLA RL . -20.57 -96.18 -2.88
C1D CLA RL . -21.55 -96.95 -3.55
C2D CLA RL . -22.15 -97.91 -2.60
C3D CLA RL . -21.50 -97.71 -1.39
C4D CLA RL . -20.52 -96.63 -1.62
CMD CLA RL . -23.19 -98.87 -2.93
CAD CLA RL . -21.37 -98.12 0.00
OBD CLA RL . -21.99 -98.97 0.62
CBD CLA RL . -20.24 -97.25 0.63
CGD CLA RL . -20.73 -96.49 1.82
O1D CLA RL . -21.80 -95.88 1.95
O2D CLA RL . -19.87 -96.48 2.88
CED CLA RL . -20.27 -95.80 4.07
C1 CLA RL . -13.33 -96.70 -2.13
C2 CLA RL . -13.22 -96.83 -3.61
C3 CLA RL . -12.16 -96.41 -4.31
C4 CLA RL . -10.98 -95.78 -3.65
C5 CLA RL . -12.10 -96.57 -5.78
C6 CLA RL . -12.54 -95.32 -6.53
C7 CLA RL . -13.15 -95.68 -7.87
C8 CLA RL . -12.10 -96.21 -8.86
C9 CLA RL . -11.02 -95.18 -9.07
C10 CLA RL . -12.74 -96.59 -10.20
C11 CLA RL . -13.86 -97.59 -10.02
C12 CLA RL . -14.14 -98.35 -11.30
C13 CLA RL . -14.77 -97.46 -12.36
C14 CLA RL . -16.18 -97.91 -12.67
C15 CLA RL . -13.93 -97.42 -13.63
C16 CLA RL . -13.92 -96.02 -14.22
C17 CLA RL . -13.40 -96.03 -15.64
C18 CLA RL . -12.88 -94.66 -16.06
C19 CLA RL . -11.41 -94.52 -15.75
C20 CLA RL . -13.13 -94.42 -17.54
NB KC1 SL . -13.55 -89.52 -10.98
ND KC1 SL . -12.19 -86.09 -9.64
C1A KC1 SL . -11.43 -88.18 -7.55
C1B KC1 SL . -13.35 -90.72 -10.42
C1C KC1 SL . -14.38 -87.43 -12.91
C1D KC1 SL . -12.25 -84.89 -10.25
C2A KC1 SL . -11.04 -89.25 -6.63
C2B KC1 SL . -13.98 -91.73 -11.18
C2C KC1 SL . -14.73 -86.42 -13.89
C2D KC1 SL . -11.62 -83.96 -9.39
C3A KC1 SL . -11.47 -90.42 -7.20
C3B KC1 SL . -14.57 -91.10 -12.25
C3C KC1 SL . -14.19 -85.25 -13.47
C3D KC1 SL . -11.19 -84.64 -8.27
C4A KC1 SL . -12.10 -90.11 -8.42
C4B KC1 SL . -14.29 -89.69 -12.09
C4C KC1 SL . -13.50 -85.53 -12.22
C4D KC1 SL . -11.56 -85.98 -8.45
CAA KC1 SL . -10.33 -89.13 -5.35
CAB KC1 SL . -15.35 -91.74 -13.32
CAC KC1 SL . -14.29 -83.92 -14.16
CAD KC1 SL . -10.50 -84.53 -6.96
CBA KC1 SL . -11.02 -89.11 -4.18
CBB KC1 SL . -14.88 -91.78 -14.56
CBC KC1 SL . -15.52 -83.17 -13.64
CBD KC1 SL . -10.34 -85.98 -6.52
CED KC1 SL . -7.06 -87.58 -5.68
CGA KC1 SL . -10.31 -89.33 -2.97
CGD KC1 SL . -8.90 -86.41 -6.66
CHA KC1 SL . -11.21 -86.80 -7.42
CHB KC1 SL . -12.66 -91.06 -9.27
CHC KC1 SL . -14.76 -88.77 -12.99
CHD KC1 SL . -12.81 -84.56 -11.46
CMA KC1 SL . -11.30 -91.80 -6.62
CMB KC1 SL . -13.99 -93.21 -10.89
CMC KC1 SL . -15.55 -86.61 -15.15
CMD KC1 SL . -11.45 -82.49 -9.67
NA KC1 SL . -12.08 -88.75 -8.64
NC KC1 SL . -13.64 -86.87 -11.92
O1A KC1 SL . -9.23 -89.88 -3.01
O1D KC1 SL . -8.53 -86.85 -7.72
O2A KC1 SL . -10.62 -88.59 -1.88
O2D KC1 SL . -8.19 -86.66 -5.55
OBD KC1 SL . -9.91 -83.56 -6.52
MG KC1 SL . -12.87 -87.82 -10.28
MG CLA TL . -26.11 -76.98 -19.16
CHA CLA TL . -26.23 -75.92 -22.44
CHB CLA TL . -22.71 -76.75 -19.22
CHC CLA TL . -26.04 -78.08 -15.91
CHD CLA TL . -29.65 -76.94 -19.08
NA CLA TL . -24.72 -76.42 -20.61
C1A CLA TL . -24.97 -76.00 -21.92
C2A CLA TL . -23.68 -75.60 -22.64
C3A CLA TL . -22.60 -75.80 -21.56
C4A CLA TL . -23.37 -76.36 -20.37
CMA CLA TL . -21.50 -76.73 -22.03
CAA CLA TL . -23.75 -74.12 -22.99
CBA CLA TL . -24.04 -73.22 -21.80
CGA CLA TL . -25.51 -73.03 -21.51
O1A CLA TL . -26.38 -72.51 -22.21
O2A CLA TL . -25.87 -73.54 -20.30
NB CLA TL . -24.66 -77.23 -17.78
C1B CLA TL . -23.33 -77.29 -18.09
C2B CLA TL . -22.59 -78.06 -17.04
C3B CLA TL . -23.52 -78.45 -16.10
C4B CLA TL . -24.85 -77.93 -16.56
CMB CLA TL . -21.16 -78.29 -17.11
CAB CLA TL . -23.37 -79.20 -14.89
CBB CLA TL . -22.60 -80.28 -14.73
NC CLA TL . -27.58 -77.43 -17.75
C1C CLA TL . -27.33 -77.84 -16.48
C2C CLA TL . -28.59 -78.01 -15.75
C3C CLA TL . -29.61 -77.72 -16.65
C4C CLA TL . -28.96 -77.33 -17.91
CMC CLA TL . -28.73 -78.44 -14.37
CAC CLA TL . -31.06 -77.74 -16.39
CBC CLA TL . -31.60 -76.35 -16.12
ND CLA TL . -27.63 -76.71 -20.45
C1D CLA TL . -29.04 -76.63 -20.28
C2D CLA TL . -29.67 -76.25 -21.57
C3D CLA TL . -28.63 -76.08 -22.46
C4D CLA TL . -27.39 -76.29 -21.70
CMD CLA TL . -31.10 -76.14 -21.84
CAD CLA TL . -28.27 -75.75 -23.82
OBD CLA TL . -28.97 -75.71 -24.82
CBD CLA TL . -26.74 -75.48 -23.81
CGD CLA TL . -26.01 -76.15 -24.93
O1D CLA TL . -25.15 -75.65 -25.67
O2D CLA TL . -26.35 -77.45 -25.14
CED CLA TL . -25.37 -78.45 -24.87
C1 CLA TL . -27.23 -73.41 -19.85
C2 CLA TL . -27.27 -73.98 -18.48
C3 CLA TL . -28.31 -73.89 -17.62
C4 CLA TL . -29.56 -73.19 -17.97
C5 CLA TL . -28.23 -74.50 -16.26
C6 CLA TL . -28.65 -73.56 -15.15
NB KC1 UL . -22.08 -62.67 -16.10
ND KC1 UL . -22.55 -65.56 -18.69
C1A KC1 UL . -22.13 -63.02 -20.36
C1B KC1 UL . -22.06 -61.37 -16.39
C1C KC1 UL . -22.37 -65.15 -14.54
C1D KC1 UL . -22.91 -66.84 -18.40
C2A KC1 UL . -22.08 -61.71 -21.04
C2B KC1 UL . -21.96 -60.59 -15.21
C2C KC1 UL . -22.67 -66.35 -13.77
C2D KC1 UL . -23.04 -67.52 -19.63
C3A KC1 UL . -22.07 -60.76 -20.01
C3B KC1 UL . -21.94 -61.47 -14.16
C3C KC1 UL . -22.97 -67.32 -14.67
C3D KC1 UL . -22.77 -66.61 -20.65
C4A KC1 UL . -22.11 -61.43 -18.80
C4B KC1 UL . -22.02 -62.79 -14.76
C4C KC1 UL . -22.87 -66.75 -15.99
C4D KC1 UL . -22.46 -65.38 -20.01
CAA KC1 UL . -22.05 -61.37 -22.47
CAB KC1 UL . -21.85 -61.15 -12.73
CAC KC1 UL . -23.35 -68.75 -14.34
CAD KC1 UL . -22.69 -66.42 -22.09
CBA KC1 UL . -21.26 -60.39 -22.98
CBB KC1 UL . -22.85 -60.51 -12.14
CBC KC1 UL . -22.12 -69.56 -13.92
CBD KC1 UL . -22.21 -64.98 -22.26
CED KC1 UL . -18.81 -66.16 -23.29
CGA KC1 UL . -21.74 -59.47 -23.94
CGD KC1 UL . -20.91 -65.15 -23.00
CHA KC1 UL . -22.16 -64.36 -20.88
CHB KC1 UL . -22.11 -60.74 -17.61
CHC KC1 UL . -22.02 -63.92 -13.98
CHD KC1 UL . -23.11 -67.45 -17.18
CMA KC1 UL . -22.03 -59.24 -20.10
CMB KC1 UL . -21.91 -59.09 -15.14
CMC KC1 UL . -22.64 -66.46 -12.26
CMD KC1 UL . -23.43 -68.96 -19.81
NA KC1 UL . -22.14 -62.80 -18.98
NC KC1 UL . -22.50 -65.43 -15.88
O1A KC1 UL . -21.74 -59.78 -25.12
O1D KC1 UL . -21.01 -65.48 -24.16
O2A KC1 UL . -21.83 -58.16 -23.63
O2D KC1 UL . -19.80 -65.59 -22.39
OBD KC1 UL . -23.06 -67.19 -22.96
MG KC1 UL . -22.22 -64.11 -17.41
MG CLA VL . -13.78 -78.26 -8.87
CHA CLA VL . -12.96 -80.69 -6.53
CHB CLA VL . -12.00 -75.96 -7.09
CHC CLA VL . -14.35 -75.98 -11.35
CHD CLA VL . -15.59 -80.70 -10.68
NA CLA VL . -12.73 -78.32 -7.07
C1A CLA VL . -12.48 -79.43 -6.25
C2A CLA VL . -11.66 -79.02 -5.04
C3A CLA VL . -11.66 -77.47 -5.09
C4A CLA VL . -12.15 -77.21 -6.52
CMA CLA VL . -12.56 -76.88 -4.03
CAA CLA VL . -10.24 -79.53 -5.21
CBA CLA VL . -9.85 -79.83 -6.65
CGA CLA VL . -9.57 -78.59 -7.44
O1A CLA VL . -9.87 -78.36 -8.62
O2A CLA VL . -8.91 -77.62 -6.74
NB CLA VL . -13.31 -76.32 -9.14
C1B CLA VL . -12.43 -75.61 -8.38
C2B CLA VL . -11.99 -74.39 -9.11
C3B CLA VL . -12.64 -74.40 -10.32
C4B CLA VL . -13.51 -75.60 -10.34
CMB CLA VL . -11.04 -73.42 -8.55
CAB CLA VL . -12.60 -73.43 -11.39
CBB CLA VL . -11.55 -73.24 -12.19
NC CLA VL . -14.86 -78.31 -10.64
C1C CLA VL . -15.01 -77.25 -11.48
C2C CLA VL . -15.86 -77.61 -12.60
C3C CLA VL . -16.16 -78.97 -12.46
C4C CLA VL . -15.54 -79.40 -11.21
CMC CLA VL . -16.24 -76.69 -13.67
CAC CLA VL . -17.00 -79.78 -13.35
CBC CLA VL . -18.47 -79.43 -13.26
ND CLA VL . -14.30 -80.20 -8.65
C1D CLA VL . -15.00 -81.10 -9.49
C2D CLA VL . -14.98 -82.45 -8.89
C3D CLA VL . -14.21 -82.35 -7.75
C4D CLA VL . -13.80 -80.93 -7.66
CMD CLA VL . -15.64 -83.62 -9.47
CAD CLA VL . -13.67 -83.04 -6.60
OBD CLA VL . -13.82 -84.21 -6.24
CBD CLA VL . -12.78 -82.01 -5.82
CGD CLA VL . -13.09 -81.95 -4.34
O1D CLA VL . -13.38 -80.96 -3.68
O2D CLA VL . -13.05 -83.15 -3.70
CED CLA VL . -13.38 -83.15 -2.32
C1 CLA VL . -8.60 -76.41 -7.46
MG CLA WL . -28.90 -81.61 -1.46
CHA CLA WL . -27.81 -80.18 1.52
CHB CLA WL . -30.87 -83.77 0.29
CHC CLA WL . -29.88 -83.06 -4.42
CHD CLA WL . -26.87 -79.33 -3.26
NA CLA WL . -29.24 -81.92 0.58
C1A CLA WL . -28.69 -81.23 1.67
C2A CLA WL . -29.19 -81.84 2.99
C3A CLA WL . -30.24 -82.88 2.56
C4A CLA WL . -30.10 -82.89 1.04
CMA CLA WL . -30.01 -84.22 3.18
CAA CLA WL . -29.75 -80.88 4.04
CBA CLA WL . -29.21 -81.26 5.39
CGA CLA WL . -30.30 -81.20 6.42
O1A CLA WL . -31.50 -81.43 6.27
O2A CLA WL . -29.85 -80.83 7.66
NB CLA WL . -30.13 -83.12 -1.96
C1B CLA WL . -30.87 -83.87 -1.10
C2B CLA WL . -31.70 -84.85 -1.87
C3B CLA WL . -31.43 -84.65 -3.19
C4B CLA WL . -30.43 -83.56 -3.28
CMB CLA WL . -32.60 -85.81 -1.22
CAB CLA WL . -31.95 -85.34 -4.34
CBB CLA WL . -32.58 -84.75 -5.37
NC CLA WL . -28.45 -81.26 -3.47
C1C CLA WL . -28.95 -81.99 -4.51
C2C CLA WL . -28.41 -81.49 -5.76
C3C CLA WL . -27.59 -80.43 -5.46
C4C CLA WL . -27.61 -80.28 -4.00
CMC CLA WL . -28.73 -82.05 -7.09
CAC CLA WL . -26.84 -79.62 -6.42
CBC CLA WL . -27.46 -78.26 -6.66
ND CLA WL . -27.60 -80.12 -1.04
C1D CLA WL . -26.86 -79.24 -1.88
C2D CLA WL . -26.12 -78.28 -1.03
C3D CLA WL . -26.46 -78.59 0.28
C4D CLA WL . -27.38 -79.74 0.21
CMD CLA WL . -25.23 -77.23 -1.52
CAD CLA WL . -26.27 -78.25 1.68
OBD CLA WL . -25.58 -77.38 2.19
CBD CLA WL . -27.17 -79.23 2.51
CGD CLA WL . -26.43 -79.95 3.60
O1D CLA WL . -26.23 -81.16 3.72
O2D CLA WL . -25.95 -79.11 4.56
CED CLA WL . -26.86 -78.60 5.53
C1 CLA WL . -29.55 -79.44 7.85
C2 CLA WL . -30.57 -78.92 8.81
NB KC1 XL . -34.54 -88.69 -9.01
ND KC1 XL . -35.47 -91.49 -6.44
C1A KC1 XL . -35.91 -88.85 -4.98
C1B KC1 XL . -34.68 -87.37 -8.81
C1C KC1 XL . -34.04 -91.29 -10.34
C1D KC1 XL . -35.48 -92.82 -6.64
C2A KC1 XL . -36.16 -87.55 -4.37
C2B KC1 XL . -34.25 -86.66 -9.97
C2C KC1 XL . -33.84 -92.57 -11.00
C2D KC1 XL . -35.88 -93.44 -5.44
C3A KC1 XL . -35.88 -86.62 -5.35
C3B KC1 XL . -33.86 -87.60 -10.89
C3C KC1 XL . -34.24 -93.54 -10.13
C3D KC1 XL . -36.12 -92.43 -4.50
C4A KC1 XL . -35.50 -87.30 -6.51
C4B KC1 XL . -34.05 -88.87 -10.24
C4C KC1 XL . -34.68 -92.87 -8.92
C4D KC1 XL . -35.85 -91.23 -5.17
CAA KC1 XL . -36.59 -87.27 -3.00
CAB KC1 XL . -33.33 -87.35 -12.23
CAC KC1 XL . -34.21 -95.02 -10.39
CAD KC1 XL . -36.54 -92.11 -3.14
CBA KC1 XL . -35.83 -87.64 -1.95
CBB KC1 XL . -34.04 -87.69 -13.31
CBC KC1 XL . -35.63 -95.54 -10.63
CBD KC1 XL . -36.76 -90.60 -3.18
CED KC1 XL . -38.85 -90.53 -1.00
CGA KC1 XL . -36.07 -87.08 -0.67
CGD KC1 XL . -38.24 -90.31 -3.29
CHA KC1 XL . -36.04 -90.12 -4.39
CHB KC1 XL . -35.15 -86.68 -7.71
CHC KC1 XL . -33.75 -90.04 -10.90
CHD KC1 XL . -35.16 -93.53 -7.78
CMA KC1 XL . -36.00 -85.12 -5.20
CMB KC1 XL . -34.25 -85.16 -10.15
CMC KC1 XL . -33.31 -92.78 -12.39
CMD KC1 XL . -36.04 -94.91 -5.20
NA KC1 XL . -35.51 -88.66 -6.30
NC KC1 XL . -34.54 -91.50 -9.08
O1A KC1 XL . -36.80 -86.11 -0.56
O1D KC1 XL . -38.86 -90.72 -4.24
O2A KC1 XL . -35.61 -87.70 0.44
O2D KC1 XL . -38.90 -89.79 -2.24
OBD KC1 XL . -36.87 -92.88 -2.26
MG KC1 XL . -35.01 -90.08 -7.70
C1 PID YL . -109.82 26.54 -7.68
C2 PID YL . -109.40 26.94 -6.30
C3 PID YL . -108.28 27.96 -6.32
C4 PID YL . -107.14 27.46 -7.17
C5 PID YL . -107.50 27.30 -8.66
C6 PID YL . -108.91 26.72 -8.83
C7 PID YL . -109.13 25.90 -10.07
C8 PID YL . -109.21 26.34 -11.33
C9 PID YL . -109.49 25.53 -12.42
C10 PID YL . -109.94 24.13 -12.38
C11 PID YL . -109.35 25.86 -13.78
C12 PID YL . -109.64 24.69 -14.57
C13 PID YL . -109.59 24.54 -16.00
C14 PID YL . -109.56 23.37 -16.67
C15 PID YL . -109.91 23.30 -17.99
C16 PID YL . -109.88 22.15 -18.75
C17 PID YL . -110.26 21.85 -20.06
C18 PID YL . -110.08 20.61 -20.66
C19 PID YL . -110.56 20.18 -21.89
C20 PID YL . -110.39 18.97 -22.54
C21 PID YL . -111.03 18.50 -23.68
C22 PID YL . -110.78 17.20 -24.31
C23 PID YL . -111.65 16.67 -25.13
C24 PID YL . -112.50 16.17 -25.98
C25 PID YL . -112.02 15.22 -27.09
C26 PID YL . -113.19 14.33 -27.50
C27 PID YL . -114.12 14.05 -26.37
C28 PID YL . -114.87 15.31 -25.98
C29 PID YL . -113.98 16.54 -25.87
C30 PID YL . -115.77 12.31 -25.89
C31 PID YL . -114.98 12.16 -24.64
CM1 PID YL . -110.91 25.51 -7.77
CM2 PID YL . -106.42 26.39 -9.26
CM3 PID YL . -107.39 28.69 -9.30
CM4 PID YL . -109.07 22.09 -16.04
CM5 PID YL . -112.02 19.38 -24.35
CM6 PID YL . -111.49 16.00 -28.30
CM7 PID YL . -110.88 14.33 -26.56
CM8 PID YL . -114.41 17.57 -26.91
O1 PID YL . -109.98 27.67 -8.58
O2 PID YL . -107.82 28.18 -4.99
O3 PID YL . -110.21 23.40 -11.46
O4 PID YL . -110.05 23.68 -13.70
O5 PID YL . -114.23 17.07 -24.56
O6 PID YL . -115.14 13.09 -26.81
O7 PID YL . -116.84 11.81 -26.09
C1 PID ZL . -88.14 24.57 -8.13
C2 PID ZL . -88.80 24.20 -6.84
C3 PID ZL . -87.96 23.21 -6.06
C4 PID ZL . -87.63 22.00 -6.91
C5 PID ZL . -86.78 22.33 -8.15
C6 PID ZL . -87.13 23.69 -8.76
C7 PID ZL . -86.78 23.84 -10.22
C8 PID ZL . -86.15 24.87 -10.78
C9 PID ZL . -85.88 25.01 -12.14
C10 PID ZL . -86.29 24.12 -13.23
C11 PID ZL . -85.14 26.04 -12.74
C12 PID ZL . -84.92 25.72 -14.11
C13 PID ZL . -84.08 26.43 -15.02
C14 PID ZL . -83.63 26.07 -16.23
C15 PID ZL . -82.58 26.77 -16.76
C16 PID ZL . -81.88 26.52 -17.92
C17 PID ZL . -80.75 27.17 -18.40
C18 PID ZL . -80.03 26.89 -19.54
C19 PID ZL . -78.86 27.51 -19.93
C20 PID ZL . -78.05 27.32 -21.04
C21 PID ZL . -76.85 27.95 -21.34
C22 PID ZL . -76.07 27.69 -22.56
C23 PID ZL . -75.29 28.59 -23.10
C24 PID ZL . -74.48 29.47 -23.60
C25 PID ZL . -73.10 29.05 -24.11
C26 PID ZL . -72.05 30.08 -23.65
C27 PID ZL . -72.46 31.50 -23.98
C28 PID ZL . -73.75 31.84 -23.27
C29 PID ZL . -74.90 30.94 -23.71
C30 PID ZL . -71.02 33.42 -24.27
C31 PID ZL . -71.58 33.32 -25.65
CM1 PID ZL . -88.90 25.54 -8.99
CM2 PID ZL . -87.04 21.20 -9.16
CM3 PID ZL . -85.31 22.29 -7.71
CM4 PID ZL . -84.20 24.95 -17.06
CM5 PID ZL . -76.26 28.88 -20.35
CM6 PID ZL . -72.72 27.66 -23.60
CM7 PID ZL . -73.10 29.01 -25.65
CM8 PID ZL . -76.16 31.25 -22.91
O1 PID ZL . -86.72 24.84 -7.97
O2 PID ZL . -88.65 22.79 -4.88
O3 PID ZL . -86.99 23.15 -13.26
O4 PID ZL . -85.70 24.59 -14.41
O5 PID ZL . -75.15 31.27 -25.09
O6 PID ZL . -71.44 32.41 -23.48
O7 PID ZL . -70.27 34.28 -23.90
C DD6 AM . -94.95 19.75 -13.21
C1 DD6 AM . -95.82 19.99 -14.42
C10 DD6 AM . -103.83 17.57 -9.56
C11 DD6 AM . -105.16 17.64 -9.43
C12 DD6 AM . -106.01 18.26 -10.49
C13 DD6 AM . -105.77 17.05 -8.23
C14 DD6 AM . -107.06 17.22 -7.95
C15 DD6 AM . -107.59 16.57 -6.70
C16 DD6 AM . -108.32 15.24 -6.84
C17 DD6 AM . -109.29 15.03 -5.69
C18 DD6 AM . -108.60 15.26 -4.35
C19 DD6 AM . -108.35 16.75 -4.19
C2 DD6 AM . -97.14 19.80 -14.34
C20 DD6 AM . -107.58 17.31 -5.37
C21 DD6 AM . -107.23 18.80 -5.41
C22 DD6 AM . -107.31 14.10 -6.85
C23 DD6 AM . -109.08 15.23 -8.15
C24 DD6 AM . -95.23 20.46 -15.68
C25 DD6 AM . -93.92 20.48 -15.86
C26 DD6 AM . -93.40 20.96 -17.15
C27 DD6 AM . -92.08 21.04 -17.35
C28 DD6 AM . -91.12 20.62 -16.29
C29 DD6 AM . -91.64 21.41 -18.47
C3 DD6 AM . -97.78 19.33 -13.13
C30 DD6 AM . -91.27 21.84 -19.51
C31 DD6 AM . -90.86 22.21 -20.63
C32 DD6 AM . -90.25 21.18 -21.56
C33 DD6 AM . -89.65 21.81 -22.80
C34 DD6 AM . -90.56 22.92 -23.32
C35 DD6 AM . -90.50 24.04 -22.29
C36 DD6 AM . -90.95 23.51 -20.95
C37 DD6 AM . -91.54 24.47 -19.97
C4 DD6 AM . -99.10 19.17 -13.14
C40 DD6 AM . -91.34 20.19 -21.94
C41 DD6 AM . -89.16 20.45 -20.77
C5 DD6 AM . -99.79 18.69 -11.95
C6 DD6 AM . -101.13 18.63 -11.95
C7 DD6 AM . -101.90 19.07 -13.15
C8 DD6 AM . -101.84 18.12 -10.77
C9 DD6 AM . -103.16 18.10 -10.75
O1 DD6 AM . -106.51 16.46 -5.77
O2 DD6 AM . -109.46 14.81 -3.30
O4 DD6 AM . -90.06 23.39 -24.58
C1 PID BM . -82.64 28.41 -7.39
C2 PID BM . -83.46 28.39 -6.14
C3 PID BM . -84.85 28.95 -6.42
C4 PID BM . -84.74 30.35 -6.99
C5 PID BM . -84.03 30.43 -8.35
C6 PID BM . -82.92 29.37 -8.47
C7 PID BM . -81.87 29.64 -9.53
C8 PID BM . -81.89 28.91 -10.65
C9 PID BM . -80.96 28.89 -11.70
C10 PID BM . -81.02 28.00 -12.86
C11 PID BM . -79.82 29.68 -11.84
C12 PID BM . -79.15 29.30 -13.06
C13 PID BM . -77.92 29.79 -13.60
C14 PID BM . -77.28 29.43 -14.74
C15 PID BM . -76.01 29.87 -15.01
C16 PID BM . -75.17 29.35 -15.97
C17 PID BM . -73.95 29.79 -16.49
C18 PID BM . -73.09 29.05 -17.29
C19 PID BM . -71.96 29.50 -17.95
C20 PID BM . -70.94 28.80 -18.56
C21 PID BM . -69.93 29.26 -19.41
C22 PID BM . -68.85 28.41 -19.92
C23 PID BM . -67.98 28.75 -20.83
C24 PID BM . -67.10 29.11 -21.73
C25 PID BM . -66.58 28.03 -22.69
C26 PID BM . -65.48 28.56 -23.60
C27 PID BM . -65.75 29.97 -24.05
C28 PID BM . -65.61 30.87 -22.84
C29 PID BM . -66.65 30.58 -21.77
C30 PID BM . -64.93 30.10 -26.33
C31 PID BM . -66.36 29.83 -26.65
CM1 PID BM . -81.26 27.81 -7.28
CM2 PID BM . -83.48 31.86 -8.46
CM3 PID BM . -85.09 30.20 -9.43
CM4 PID BM . -77.91 28.57 -15.80
CM5 PID BM . -69.96 30.67 -19.86
CM6 PID BM . -66.04 26.82 -21.91
CM7 PID BM . -67.73 27.53 -23.57
CM8 PID BM . -66.13 31.06 -20.41
O1 PID BM . -83.39 28.00 -8.56
O2 PID BM . -85.60 28.97 -5.22
O3 PID BM . -81.79 27.14 -13.19
O4 PID BM . -79.92 28.31 -13.67
O5 PID BM . -67.78 31.40 -22.14
O6 PID BM . -64.75 30.39 -25.02
O7 PID BM . -64.03 30.06 -27.12
C1 PID CM . -103.81 27.74 -21.92
C2 PID CM . -104.88 27.12 -22.76
C3 PID CM . -105.19 28.06 -23.90
C4 PID CM . -105.75 29.36 -23.38
C5 PID CM . -104.80 30.12 -22.44
C6 PID CM . -103.68 29.24 -21.83
C7 PID CM . -103.12 29.84 -20.52
C8 PID CM . -103.38 29.56 -19.23
C9 PID CM . -102.57 30.03 -18.20
C10 PID CM . -101.30 30.72 -18.34
C11 PID CM . -102.80 29.96 -16.81
C12 PID CM . -101.67 30.54 -16.14
C13 PID CM . -101.20 30.45 -14.80
C14 PID CM . -99.96 30.81 -14.43
C15 PID CM . -99.68 31.36 -13.22
C16 PID CM . -98.56 32.12 -12.91
C17 PID CM . -97.51 31.92 -12.02
C18 PID CM . -96.24 32.47 -12.06
C19 PID CM . -95.37 32.71 -11.01
C20 PID CM . -93.98 32.75 -10.96
C21 PID CM . -93.16 33.67 -10.30
C22 PID CM . -92.02 34.37 -10.91
C23 PID CM . -90.95 34.71 -10.23
C24 PID CM . -89.85 35.05 -9.65
C25 PID CM . -88.91 36.07 -10.32
C26 PID CM . -88.14 36.89 -9.27
C27 PID CM . -87.60 36.09 -8.12
C28 PID CM . -88.70 35.34 -7.41
C29 PID CM . -89.46 34.38 -8.32
C30 PID CM . -85.50 35.53 -9.15
C31 PID CM . -84.86 36.59 -8.32
CM1 PID CM . -103.21 26.87 -20.86
CM2 PID CM . -105.65 30.77 -21.34
CM3 PID CM . -104.16 31.24 -23.29
CM4 PID CM . -98.78 30.63 -15.35
CM5 PID CM . -93.44 34.00 -8.90
CM6 PID CM . -87.92 35.35 -11.23
CM7 PID CM . -89.74 37.05 -11.18
CM8 PID CM . -88.66 33.11 -8.54
O1 PID CM . -102.84 28.48 -22.72
O2 PID CM . -106.14 27.43 -24.78
O3 PID CM . -100.55 30.86 -19.28
O4 PID CM . -101.00 31.29 -17.11
O5 PID CM . -90.67 34.06 -7.60
O6 PID CM . -86.65 35.10 -8.61
O7 PID CM . -85.06 35.10 -10.19
C7 UIX DM . -100.15 8.44 -6.58
C8 UIX DM . -102.47 8.15 -4.65
C9 UIX DM . -100.96 10.06 -4.24
O1 UIX DM . -100.34 6.29 -1.25
C1 UIX DM . -99.12 6.80 -4.75
C5 UIX DM . -100.38 6.69 -2.62
C6 UIX DM . -97.85 6.73 -5.59
C4 UIX DM . -100.87 8.12 -2.74
O4 UIX DM . -101.03 14.41 -31.35
C3 UIX DM . -98.99 6.66 -3.23
O3 UIX DM . -97.37 15.00 -26.89
C2 UIX DM . -101.07 8.55 -4.19
C UIX DM . -100.05 7.94 -5.16
O UIX DM . -100.39 6.56 -5.31
C10 UIX DM . -99.34 9.32 -7.18
C11 UIX DM . -99.69 9.66 -8.57
C12 UIX DM . -100.99 9.16 -9.13
C13 UIX DM . -98.89 10.39 -9.35
C14 UIX DM . -99.37 10.64 -10.71
C15 UIX DM . -100.92 13.96 -26.28
C16 UIX DM . -98.35 13.97 -26.91
C17 UIX DM . -100.98 13.03 -27.49
C18 UIX DM . -100.24 13.63 -28.66
C19 UIX DM . -98.74 13.72 -28.37
C20 UIX DM . -99.51 14.42 -26.05
C21 UIX DM . -101.44 13.24 -25.04
C22 UIX DM . -101.77 15.20 -26.54
C23 UIX DM . -98.60 11.12 -11.68
C24 UIX DM . -97.72 12.71 -26.29
C25 UIX DM . -99.28 15.22 -25.09
C26 UIX DM . -99.22 11.35 -12.99
C27 UIX DM . -100.25 13.51 -31.06
C28 UIX DM . -99.08 16.05 -24.18
O2 UIX DM . -100.44 12.81 -29.80
C29 UIX DM . -100.68 11.04 -13.18
C30 UIX DM . -98.51 11.84 -14.02
C31 UIX DM . -99.15 13.10 -31.98
C32 UIX DM . -98.50 15.68 -22.87
C33 UIX DM . -97.06 16.04 -22.59
C34 UIX DM . -99.17 12.05 -15.30
C35 UIX DM . -99.21 15.05 -21.94
C36 UIX DM . -98.60 14.73 -20.65
C37 UIX DM . -98.50 12.64 -16.29
C38 UIX DM . -99.27 14.05 -19.72
C39 UIX DM . -99.16 12.88 -17.57
C40 UIX DM . -98.62 13.77 -18.42
C41 UIX DM . -97.37 14.51 -18.04
C1 PID EM . -102.07 34.41 -26.08
C2 PID EM . -102.16 33.83 -27.46
C3 PID EM . -101.29 32.59 -27.58
C4 PID EM . -99.86 32.89 -27.18
C5 PID EM . -99.70 33.32 -25.71
C6 PID EM . -100.89 34.15 -25.23
C7 PID EM . -100.62 35.06 -24.05
C8 PID EM . -100.37 34.63 -22.80
C9 PID EM . -100.25 35.42 -21.67
C10 PID EM . -100.61 36.84 -21.53
C11 PID EM . -99.73 35.03 -20.43
C12 PID EM . -99.78 36.14 -19.54
C13 PID EM . -99.32 36.20 -18.19
C14 PID EM . -99.62 37.13 -17.25
C15 PID EM . -98.76 37.36 -16.22
C16 PID EM . -98.91 38.23 -15.16
C17 PID EM . -98.03 38.54 -14.13
C18 PID EM . -98.28 39.38 -13.05
C19 PID EM . -97.41 39.70 -12.02
C20 PID EM . -97.65 40.44 -10.87
C21 PID EM . -96.77 40.76 -9.83
C22 PID EM . -97.20 41.43 -8.59
C23 PID EM . -96.44 41.86 -7.63
C24 PID EM . -95.71 42.36 -6.67
C25 PID EM . -96.18 42.32 -5.21
C26 PID EM . -96.05 43.72 -4.62
C27 PID EM . -94.68 44.32 -4.81
C28 PID EM . -94.33 44.41 -6.29
C29 PID EM . -94.38 43.07 -6.99
C30 PID EM . -94.83 45.89 -2.98
C31 PID EM . -95.05 47.33 -2.67
CM1 PID EM . -102.92 35.63 -25.82
CM2 PID EM . -98.37 34.09 -25.65
CM3 PID EM . -99.59 32.05 -24.87
CM4 PID EM . -100.90 37.91 -17.27
CM5 PID EM . -95.35 40.36 -9.96
CM6 PID EM . -97.65 41.88 -5.15
CM7 PID EM . -95.35 41.33 -4.39
CM8 PID EM . -94.17 43.27 -8.48
O1 PID EM . -102.11 33.40 -25.04
O2 PID EM . -101.33 32.11 -28.93
O3 PID EM . -101.09 37.63 -22.31
O4 PID EM . -100.33 37.22 -20.23
O5 PID EM . -93.27 42.32 -6.45
O6 PID EM . -94.69 45.69 -4.30
O7 PID EM . -94.75 45.01 -2.16
MG CLA FM . -109.52 33.62 -6.97
CHA CLA FM . -106.66 34.51 -5.22
CHB CLA FM . -111.44 35.21 -4.65
CHC CLA FM . -112.32 32.66 -8.72
CHD CLA FM . -107.48 32.11 -9.44
NA CLA FM . -109.10 34.66 -5.21
C1A CLA FM . -107.84 34.94 -4.64
C2A CLA FM . -107.98 35.75 -3.36
C3A CLA FM . -109.50 35.94 -3.20
C4A CLA FM . -110.07 35.22 -4.43
CMA CLA FM . -110.02 35.36 -1.92
CAA CLA FM . -107.30 37.10 -3.47
CBA CLA FM . -108.04 38.00 -4.43
CGA CLA FM . -107.12 39.04 -4.99
O1A CLA FM . -106.36 39.80 -4.38
O2A CLA FM . -107.14 39.11 -6.35
NB CLA FM . -111.50 33.92 -6.76
C1B CLA FM . -112.09 34.56 -5.71
C2B CLA FM . -113.58 34.42 -5.81
C3B CLA FM . -113.84 33.70 -6.96
C4B CLA FM . -112.51 33.37 -7.57
CMB CLA FM . -114.50 34.97 -4.82
CAB CLA FM . -115.09 33.29 -7.52
CBB CLA FM . -115.48 32.02 -7.71
NC CLA FM . -109.83 32.56 -8.75
C1C CLA FM . -111.06 32.27 -9.27
C2C CLA FM . -110.91 31.52 -10.51
C3C CLA FM . -109.55 31.38 -10.73
C4C CLA FM . -108.87 32.04 -9.62
CMC CLA FM . -112.03 31.04 -11.34
CAC CLA FM . -108.90 30.69 -11.86
CBC CLA FM . -108.58 31.64 -12.99
ND CLA FM . -107.55 33.27 -7.28
C1D CLA FM . -106.84 32.67 -8.35
C2D CLA FM . -105.39 32.76 -8.07
C3D CLA FM . -105.26 33.43 -6.87
C4D CLA FM . -106.64 33.75 -6.43
CMD CLA FM . -104.34 32.22 -8.95
CAD CLA FM . -104.35 33.97 -5.88
OBD CLA FM . -103.13 33.90 -5.83
CBD CLA FM . -105.21 34.70 -4.81
CGD CLA FM . -104.96 34.17 -3.42
O1D CLA FM . -105.19 33.04 -2.99
O2D CLA FM . -104.44 35.09 -2.57
CED CLA FM . -104.66 34.90 -1.17
C1 CLA FM . -108.44 39.15 -6.99
C2 CLA FM . -108.20 39.24 -8.44
MG CLA GM . -104.51 20.19 -3.92
CHA CLA GM . -106.13 20.52 -0.88
CHB CLA GM . -102.36 17.94 -2.53
CHC CLA GM . -103.06 19.74 -7.01
CHD CLA GM . -106.85 22.42 -5.35
NA CLA GM . -104.28 19.41 -1.99
C1A CLA GM . -105.07 19.65 -0.87
C2A CLA GM . -104.57 18.86 0.34
C3A CLA GM . -103.32 18.13 -0.20
C4A CLA GM . -103.30 18.50 -1.69
CMA CLA GM . -102.08 18.55 0.54
CAA CLA GM . -105.61 17.85 0.78
CBA CLA GM . -106.28 17.14 -0.38
CGA CLA GM . -105.42 16.00 -0.83
O1A CLA GM . -104.80 15.18 -0.15
O2A CLA GM . -105.33 15.90 -2.19
NB CLA GM . -103.01 19.04 -4.63
C1B CLA GM . -102.23 18.20 -3.90
C2B CLA GM . -101.20 17.58 -4.78
C3B CLA GM . -101.39 18.09 -6.05
C4B CLA GM . -102.54 19.03 -5.97
CMB CLA GM . -100.21 16.62 -4.31
CAB CLA GM . -100.69 17.85 -7.28
CBB CLA GM . -100.33 16.65 -7.74
NC CLA GM . -104.87 20.97 -5.82
C1C CLA GM . -104.15 20.65 -6.94
C2C CLA GM . -104.69 21.36 -8.10
C3C CLA GM . -105.78 22.11 -7.63
C4C CLA GM . -105.89 21.85 -6.20
CMC CLA GM . -104.16 21.26 -9.46
CAC CLA GM . -106.65 22.97 -8.43
CBC CLA GM . -107.79 22.22 -9.07
ND CLA GM . -106.05 21.33 -3.30
C1D CLA GM . -106.95 22.20 -4.00
C2D CLA GM . -107.93 22.74 -3.04
C3D CLA GM . -107.65 22.15 -1.82
C4D CLA GM . -106.50 21.26 -2.05
CMD CLA GM . -108.96 23.72 -3.37
CAD CLA GM . -108.00 22.04 -0.41
OBD CLA GM . -108.85 22.67 0.21
CBD CLA GM . -107.09 20.94 0.21
CGD CLA GM . -106.36 21.37 1.46
O1D CLA GM . -105.16 21.64 1.56
O2D CLA GM . -107.14 21.45 2.58
CED CLA GM . -106.48 21.75 3.81
C1 CLA GM . -104.38 14.92 -2.67
C2 CLA GM . -104.15 15.18 -4.11
C3 CLA GM . -103.53 14.28 -4.90
C4 CLA GM . -103.05 12.99 -4.38
C5 CLA GM . -103.29 14.55 -6.34
C6 CLA GM . -103.75 13.39 -7.20
C7 CLA GM . -103.91 13.80 -8.65
C8 CLA GM . -104.64 12.74 -9.46
C9 CLA GM . -103.83 11.46 -9.50
C10 CLA GM . -104.93 13.23 -10.87
C11 CLA GM . -105.64 14.57 -10.85
C12 CLA GM . -106.48 14.80 -12.08
C13 CLA GM . -105.62 14.82 -13.35
C14 CLA GM . -104.80 16.09 -13.41
C15 CLA GM . -106.49 14.67 -14.59
C16 CLA GM . -105.67 14.82 -15.86
C17 CLA GM . -104.89 13.56 -16.18
C18 CLA GM . -104.09 13.72 -17.46
C19 CLA GM . -102.79 14.45 -17.20
C20 CLA GM . -103.80 12.37 -18.08
NB KC1 HM . -97.90 15.00 -11.33
ND KC1 HM . -94.45 14.40 -9.59
C1A KC1 HM . -96.55 13.43 -7.60
C1B KC1 HM . -99.09 14.65 -10.82
C1C KC1 HM . -95.81 15.92 -13.22
C1D KC1 HM . -93.22 14.61 -10.11
C2A KC1 HM . -97.60 12.93 -6.73
C2B KC1 HM . -100.13 14.97 -11.75
C2C KC1 HM . -94.78 16.31 -14.16
C2D KC1 HM . -92.27 14.20 -9.14
C3A KC1 HM . -98.78 13.14 -7.43
C3B KC1 HM . -99.52 15.52 -12.84
C3C KC1 HM . -93.59 16.07 -13.56
C3D KC1 HM . -92.97 13.73 -8.04
C4A KC1 HM . -98.47 13.73 -8.66
C4B KC1 HM . -98.10 15.52 -12.54
C4C KC1 HM . -93.87 15.51 -12.26
C4D KC1 HM . -94.33 13.87 -8.36
CAA KC1 HM . -97.51 12.31 -5.40
CAB KC1 HM . -100.18 16.02 -14.07
CAC KC1 HM . -92.23 16.32 -14.16
CAD KC1 HM . -92.89 13.15 -6.68
CBA KC1 HM . -97.01 12.95 -4.32
CBB KC1 HM . -99.93 15.49 -15.25
CBC KC1 HM . -91.66 17.60 -13.57
CBD KC1 HM . -94.30 12.60 -6.49
CED KC1 HM . -95.57 9.14 -7.08
CGA KC1 HM . -97.22 12.36 -3.05
CGD KC1 HM . -94.35 11.17 -6.96
CHA KC1 HM . -95.16 13.45 -7.36
CHB KC1 HM . -99.43 14.08 -9.62
CHC KC1 HM . -97.19 16.02 -13.45
CHD KC1 HM . -92.87 15.13 -11.33
CMA KC1 HM . -100.15 12.79 -6.94
CMB KC1 HM . -101.60 14.75 -11.56
CMC KC1 HM . -94.99 16.89 -15.54
CMD KC1 HM . -90.77 14.25 -9.31
NA KC1 HM . -97.11 13.92 -8.77
NC KC1 HM . -95.23 15.44 -12.07
O1A KC1 HM . -98.28 11.77 -2.86
O1D KC1 HM . -93.95 10.90 -8.08
O2A KC1 HM . -96.16 12.00 -2.31
O2D KC1 HM . -95.13 10.30 -6.33
OBD KC1 HM . -91.89 12.81 -6.10
MG KC1 HM . -96.18 14.73 -10.41
MG CLA IM . -87.27 28.49 -20.92
CHA CLA IM . -85.70 28.84 -23.98
CHB CLA IM . -86.82 25.13 -21.05
CHC CLA IM . -88.73 28.22 -17.81
CHD CLA IM . -87.72 32.01 -20.81
NA CLA IM . -86.41 27.22 -22.32
C1A CLA IM . -85.80 27.55 -23.53
C2A CLA IM . -85.29 26.30 -24.24
C3A CLA IM . -85.77 25.14 -23.35
C4A CLA IM . -86.38 25.85 -22.14
CMA CLA IM . -86.76 24.26 -24.05
CAA CLA IM . -83.76 26.32 -24.31
CBA CLA IM . -83.11 26.23 -22.94
CGA CLA IM . -82.95 27.58 -22.30
O1A CLA IM . -82.50 28.61 -22.79
O2A CLA IM . -83.40 27.61 -21.01
NB CLA IM . -87.73 26.96 -19.69
C1B CLA IM . -87.40 25.66 -19.90
C2B CLA IM . -87.76 24.84 -18.70
C3B CLA IM . -88.30 25.71 -17.78
C4B CLA IM . -88.29 27.07 -18.40
CMB CLA IM . -87.52 23.40 -18.63
CAB CLA IM . -88.80 25.48 -16.44
CBB CLA IM . -89.40 24.37 -16.00
NC CLA IM . -88.09 29.87 -19.57
C1C CLA IM . -88.64 29.53 -18.36
C2C CLA IM . -89.12 30.74 -17.69
C3C CLA IM . -88.82 31.82 -18.53
C4C CLA IM . -88.18 31.26 -19.71
CMC CLA IM . -89.77 30.76 -16.38
CAC CLA IM . -89.10 33.24 -18.27
CBC CLA IM . -87.88 34.00 -17.84
ND CLA IM . -86.85 30.10 -22.08
C1D CLA IM . -87.09 31.49 -21.92
C2D CLA IM . -86.57 32.20 -23.10
C3D CLA IM . -86.02 31.24 -23.92
C4D CLA IM . -86.22 29.94 -23.24
CMD CLA IM . -86.64 33.65 -23.31
CAD CLA IM . -85.33 30.95 -25.17
OBD CLA IM . -84.96 31.73 -26.05
CBD CLA IM . -85.11 29.42 -25.24
CGD CLA IM . -85.74 28.83 -26.48
O1D CLA IM . -85.18 28.25 -27.41
O2D CLA IM . -87.10 28.96 -26.52
CED CLA IM . -87.84 28.01 -27.30
C1 CLA IM . -83.54 28.91 -20.38
C2 CLA IM . -84.24 28.71 -19.10
C3 CLA IM . -84.65 29.71 -18.29
C4 CLA IM . -84.42 31.13 -18.65
C5 CLA IM . -85.34 29.43 -17.01
C6 CLA IM . -84.92 30.35 -15.89
NB KC1 JM . -72.13 24.92 -18.91
ND KC1 JM . -75.25 24.21 -21.16
C1A KC1 JM . -72.82 23.99 -22.99
C1B KC1 JM . -70.85 24.97 -19.32
C1C KC1 JM . -74.52 25.15 -17.17
C1D KC1 JM . -76.55 24.24 -20.81
C2A KC1 JM . -71.61 23.95 -23.83
C2B KC1 JM . -70.00 25.30 -18.22
C2C KC1 JM . -75.71 25.30 -16.35
C2D KC1 JM . -77.31 23.96 -21.96
C3A KC1 JM . -70.55 24.23 -22.97
C3B KC1 JM . -70.81 25.45 -17.12
C3C KC1 JM . -76.78 25.08 -17.14
C3D KC1 JM . -76.43 23.76 -23.02
C4A KC1 JM . -71.09 24.44 -21.69
C4B KC1 JM . -72.16 25.21 -17.60
C4C KC1 JM . -76.28 24.79 -18.47
C4D KC1 JM . -75.14 23.92 -22.48
CAA KC1 JM . -71.57 23.67 -25.28
CAB KC1 JM . -70.40 25.81 -15.75
CAC KC1 JM . -78.24 25.13 -16.76
CAD KC1 JM . -76.29 23.43 -24.45
CBA KC1 JM . -70.53 23.10 -25.94
CBB KC1 JM . -70.53 27.05 -15.33
CBC KC1 JM . -78.62 23.98 -15.85
CBD KC1 JM . -74.79 23.35 -24.67
CED KC1 JM . -72.62 20.37 -25.19
CGA KC1 JM . -70.33 23.42 -27.31
CGD KC1 JM . -74.41 21.93 -25.06
CHA KC1 JM . -74.14 23.77 -23.39
CHB KC1 JM . -70.31 24.75 -20.57
CHC KC1 JM . -73.22 25.30 -16.72
CHD KC1 JM . -77.10 24.51 -19.57
CMA KC1 JM . -69.09 24.32 -23.27
CMB KC1 JM . -68.50 25.45 -18.24
CMC KC1 JM . -75.71 25.65 -14.87
CMD KC1 JM . -78.81 23.89 -22.03
NA KC1 JM . -72.46 24.30 -21.69
NC KC1 JM . -74.90 24.84 -18.46
O1A KC1 JM . -71.29 23.70 -28.00
O1D KC1 JM . -74.79 21.50 -26.12
O2A KC1 JM . -69.10 23.79 -27.72
O2D KC1 JM . -73.40 21.32 -24.42
OBD KC1 JM . -77.16 22.99 -25.18
MG KC1 JM . -73.67 24.52 -20.05
MG CLA KM . -86.79 16.36 -8.37
CHA CLA KM . -89.33 15.74 -6.08
CHB CLA KM . -84.64 14.51 -6.47
CHC CLA KM . -84.42 16.75 -10.80
CHD CLA KM . -89.06 18.27 -10.30
NA CLA KM . -86.97 15.36 -6.55
C1A CLA KM . -88.11 15.19 -5.76
C2A CLA KM . -87.79 14.38 -4.51
C3A CLA KM . -86.26 14.27 -4.53
C4A CLA KM . -85.91 14.74 -5.95
CMA CLA KM . -85.62 15.13 -3.47
CAA CLA KM . -88.45 13.01 -4.63
CBA CLA KM . -87.84 12.13 -5.72
CGA CLA KM . -88.87 11.27 -6.36
O1A CLA KM . -89.86 10.74 -5.84
O2A CLA KM . -88.65 11.07 -7.69
NB CLA KM . -84.86 15.83 -8.55
C1B CLA KM . -84.24 14.91 -7.76
C2B CLA KM . -83.04 14.36 -8.45
C3B CLA KM . -82.97 14.99 -9.68
C4B CLA KM . -84.12 15.94 -9.74
CMB CLA KM . -82.17 13.35 -7.84
CAB CLA KM . -82.04 14.87 -10.78
CBB CLA KM . -81.16 13.89 -10.99
NC CLA KM . -86.73 17.40 -10.18
C1C CLA KM . -85.64 17.46 -11.00
C2C CLA KM . -85.92 18.29 -12.16
C3C CLA KM . -87.26 18.68 -12.06
C4C CLA KM . -87.76 18.12 -10.80
CMC CLA KM . -84.97 18.59 -13.23
CAC CLA KM . -88.01 19.54 -12.99
CBC CLA KM . -88.38 18.84 -14.28
ND CLA KM . -88.72 16.94 -8.26
C1D CLA KM . -89.53 17.72 -9.13
C2D CLA KM . -90.88 17.82 -8.56
C3D CLA KM . -90.88 17.06 -7.40
C4D CLA KM . -89.50 16.54 -7.26
CMD CLA KM . -91.97 18.56 -9.18
CAD CLA KM . -91.64 16.59 -6.24
OBD CLA KM . -92.81 16.79 -5.95
CBD CLA KM . -90.67 15.71 -5.39
CGD CLA KM . -90.61 16.14 -3.96
O1D CLA KM . -89.64 16.62 -3.36
O2D CLA KM . -91.77 15.96 -3.27
CED CLA KM . -91.69 15.34 -1.98
C1 CLA KM . -89.68 10.37 -8.43
MG CLA LM . -92.43 31.13 -3.68
CHA CLA LM . -91.17 30.30 -0.56
CHB CLA LM . -94.67 33.25 -2.25
CHC CLA LM . -93.74 31.78 -6.79
CHD CLA LM . -89.99 29.04 -5.16
NA CLA LM . -92.84 31.67 -1.70
C1A CLA LM . -92.20 31.21 -0.54
C2A CLA LM . -92.84 31.87 0.70
C3A CLA LM . -93.80 32.93 0.10
C4A CLA LM . -93.80 32.59 -1.38
CMA CLA LM . -95.17 32.88 0.72
CAA CLA LM . -91.86 32.51 1.67
CBA CLA LM . -92.07 31.97 3.06
CGA CLA LM . -92.15 33.10 4.05
O1A CLA LM . -92.42 34.28 3.82
O2A CLA LM . -91.91 32.72 5.34
NB CLA LM . -93.87 32.36 -4.39
C1B CLA LM . -94.76 33.03 -3.63
C2B CLA LM . -95.88 33.53 -4.48
C3B CLA LM . -95.62 33.12 -5.76
C4B CLA LM . -94.35 32.36 -5.73
CMB CLA LM . -97.01 34.30 -3.93
CAB CLA LM . -96.36 33.29 -7.00
CBB CLA LM . -97.13 34.33 -7.33
NC CLA LM . -91.94 30.53 -5.62
C1C CLA LM . -92.60 30.93 -6.75
C2C CLA LM . -91.97 30.33 -7.93
C3C CLA LM . -90.92 29.55 -7.47
C4C CLA LM . -90.90 29.69 -6.02
CMC CLA LM . -92.42 30.53 -9.31
CAC CLA LM . -89.99 28.77 -8.28
CBC CLA LM . -88.66 29.47 -8.47
ND CLA LM . -90.98 29.87 -3.07
C1D CLA LM . -90.02 29.10 -3.79
C2D CLA LM . -89.13 28.42 -2.83
C3D CLA LM . -89.54 28.82 -1.58
C4D CLA LM . -90.68 29.75 -1.78
CMD CLA LM . -88.04 27.52 -3.20
CAD CLA LM . -89.32 28.69 -0.15
OBD CLA LM . -88.54 27.99 0.47
CBD CLA LM . -90.30 29.71 0.53
CGD CLA LM . -91.11 29.07 1.64
O1D CLA LM . -92.32 28.81 1.63
O2D CLA LM . -90.40 28.76 2.76
CED CLA LM . -89.33 29.61 3.18
C1 CLA LM . -90.72 31.94 5.59
C2 CLA LM . -89.55 32.84 5.37
NB KC1 MM . -99.11 35.91 -11.22
ND KC1 MM . -102.19 36.50 -8.87
C1A KC1 MM . -99.75 37.36 -7.27
C1B KC1 MM . -97.85 36.27 -10.96
C1C KC1 MM . -101.52 34.94 -12.66
C1D KC1 MM . -103.49 36.34 -9.16
C2A KC1 MM . -98.53 37.83 -6.60
C2B KC1 MM . -97.01 35.90 -12.04
C2C KC1 MM . -102.71 34.54 -13.39
C2D KC1 MM . -104.24 36.69 -8.02
C3A KC1 MM . -97.52 37.70 -7.52
C3B KC1 MM . -97.80 35.30 -12.98
C3C KC1 MM . -103.77 34.85 -12.62
C3D KC1 MM . -103.34 37.07 -7.03
C4A KC1 MM . -98.06 37.17 -8.70
C4B KC1 MM . -99.14 35.32 -12.43
C4C KC1 MM . -103.27 35.45 -11.40
C4D KC1 MM . -102.06 36.95 -7.60
CAA KC1 MM . -98.43 38.35 -5.23
CAB KC1 MM . -97.43 34.73 -14.30
CAC KC1 MM . -105.22 34.62 -12.97
CAD KC1 MM . -103.16 37.57 -5.65
CBA KC1 MM . -97.65 37.79 -4.29
CBB KC1 MM . -96.52 35.26 -15.10
CBC KC1 MM . -105.91 35.94 -13.33
CBD KC1 MM . -101.70 37.98 -5.60
CED KC1 MM . -101.76 40.42 -3.58
CGA KC1 MM . -97.35 38.51 -3.11
CGD KC1 MM . -101.57 39.48 -5.76
CHA KC1 MM . -101.05 37.30 -6.76
CHB KC1 MM . -97.32 36.91 -9.86
CHC KC1 MM . -100.21 34.78 -13.12
CHD KC1 MM . -104.07 35.90 -10.34
CMA KC1 MM . -96.07 38.06 -7.31
CMB KC1 MM . -95.52 36.16 -12.10
CMC KC1 MM . -102.76 33.90 -14.75
CMD KC1 MM . -105.74 36.66 -7.89
NA KC1 MM . -99.41 36.96 -8.56
NC KC1 MM . -101.89 35.47 -11.46
O1A KC1 MM . -96.25 38.43 -2.60
O1D KC1 MM . -101.64 39.95 -6.87
O2A KC1 MM . -98.24 39.40 -2.62
O2D KC1 MM . -100.98 40.19 -4.78
OBD KC1 MM . -104.02 37.79 -4.82
MG KC1 MM . -100.64 36.20 -10.02
MG CLA NM . -107.92 23.10 -22.71
CHA CLA NM . -108.86 22.72 -26.03
CHB CLA NM . -108.76 26.40 -22.84
CHC CLA NM . -106.82 23.44 -19.48
CHD CLA NM . -106.95 19.69 -22.66
NA CLA NM . -108.73 24.33 -24.19
C1A CLA NM . -109.06 23.99 -25.52
C2A CLA NM . -109.64 25.20 -26.26
C3A CLA NM . -109.73 26.29 -25.17
C4A CLA NM . -109.03 25.64 -23.97
CMA CLA NM . -109.11 27.59 -25.61
CAA CLA NM . -111.03 24.91 -26.82
NB CLA NM . -107.83 24.62 -21.40
C1B CLA NM . -108.14 25.92 -21.67
C2B CLA NM . -107.72 26.79 -20.53
C3B CLA NM . -107.17 25.96 -19.57
C4B CLA NM . -107.24 24.57 -20.11
CMB CLA NM . -107.94 28.24 -20.53
CAB CLA NM . -106.63 26.26 -18.27
CBB CLA NM . -105.92 27.34 -17.94
NC CLA NM . -107.12 21.78 -21.31
C1C CLA NM . -106.78 22.13 -20.02
C2C CLA NM . -106.30 20.96 -19.30
C3C CLA NM . -106.26 19.91 -20.22
C4C CLA NM . -106.77 20.43 -21.48
CMC CLA NM . -105.91 20.95 -17.90
CAC CLA NM . -105.85 18.52 -19.94
CBC CLA NM . -106.99 17.66 -19.48
ND CLA NM . -107.98 21.50 -23.96
C1D CLA NM . -107.49 20.17 -23.83
C2D CLA NM . -107.70 19.46 -25.10
C3D CLA NM . -108.23 20.39 -25.98
C4D CLA NM . -108.36 21.65 -25.23
CMD CLA NM . -107.38 18.05 -25.34
CAD CLA NM . -108.74 20.63 -27.32
OBD CLA NM . -108.92 19.83 -28.24
CBD CLA NM . -109.06 22.15 -27.42
CGD CLA NM . -108.15 22.85 -28.39
O1D CLA NM . -108.12 24.05 -28.67
O2D CLA NM . -107.27 22.02 -29.03
CED CLA NM . -105.88 22.18 -28.74
C1 LMG OM . -72.12 2.20 -1.45
O1 LMG OM . -71.92 2.09 -2.84
C2 LMG OM . -72.16 3.72 -1.08
O2 LMG OM . -70.86 4.20 -1.17
C3 LMG OM . -72.55 3.78 0.42
O3 LMG OM . -72.64 5.14 0.72
C4 LMG OM . -73.92 3.11 0.62
O4 LMG OM . -74.86 3.78 -0.16
C5 LMG OM . -73.80 1.66 0.10
O5 LMG OM . -75.14 0.30 1.45
C6 LMG OM . -75.17 0.99 0.23
O6 LMG OM . -73.41 1.63 -1.25
C7 LMG OM . -70.57 2.10 -3.25
C8 LMG OM . -70.31 0.92 -4.25
C9 LMG OM . -70.80 -0.40 -3.63
O7 LMG OM . -71.07 1.12 -5.43
C10 LMG OM . -70.41 1.11 -6.60
O9 LMG OM . -69.38 1.79 -6.71
C11 LMG OM . -70.73 -0.10 -7.42
C12 LMG OM . -69.93 -0.11 -8.71
C13 LMG OM . -68.78 -1.09 -8.69
O8 LMG OM . -70.09 -1.41 -4.34
C28 LMG OM . -69.58 -2.44 -3.61
O10 LMG OM . -69.89 -2.56 -2.43
C29 LMG OM . -68.84 -3.45 -4.41
C30 LMG OM . -69.35 -4.85 -4.13
C31 LMG OM . -68.46 -5.48 -3.10
C1 PID PM . -104.80 -17.58 -5.56
C2 PID PM . -104.84 -16.92 -4.22
C3 PID PM . -104.46 -15.45 -4.28
C4 PID PM . -103.19 -15.27 -5.08
C5 PID PM . -103.36 -15.63 -6.56
C6 PID PM . -104.11 -16.96 -6.71
C7 PID PM . -103.59 -17.88 -7.78
C8 PID PM . -103.84 -17.86 -9.10
C9 PID PM . -103.46 -18.87 -9.99
C10 PID PM . -102.94 -20.20 -9.62
C11 PID PM . -103.46 -18.82 -11.39
C12 PID PM . -102.95 -20.05 -11.90
C13 PID PM . -102.78 -20.45 -13.27
C14 PID PM . -102.09 -21.49 -13.77
C15 PID PM . -102.21 -21.87 -15.10
C16 PID PM . -101.39 -22.79 -15.72
C17 PID PM . -101.45 -23.45 -16.95
C18 PID PM . -100.43 -24.25 -17.45
C19 PID PM . -100.44 -25.15 -18.50
C20 PID PM . -99.42 -25.89 -19.07
C21 PID PM . -99.49 -26.98 -19.94
C22 PID PM . -98.34 -27.63 -20.58
C23 PID PM . -98.45 -28.80 -21.14
C24 PID PM . -98.60 -29.95 -21.74
C25 PID PM . -97.77 -30.28 -22.99
C26 PID PM . -97.84 -31.79 -23.24
C27 PID PM . -97.77 -32.58 -21.96
C28 PID PM . -99.02 -32.38 -21.13
C29 PID PM . -99.62 -30.97 -21.19
C30 PID PM . -97.02 -34.85 -21.49
C31 PID PM . -96.09 -34.12 -20.58
CM1 PID PM . -105.04 -19.07 -5.56
CM2 PID PM . -101.97 -15.66 -7.21
CM3 PID PM . -104.16 -14.48 -7.17
CM4 PID PM . -101.14 -22.32 -12.94
CM5 PID PM . -100.83 -27.53 -20.27
CM6 PID PM . -98.30 -29.52 -24.21
CM7 PID PM . -96.30 -29.88 -22.76
CM8 PID PM . -100.91 -30.98 -22.00
O1 PID PM . -105.54 -16.86 -6.58
O2 PID PM . -104.28 -14.95 -2.95
O3 PID PM . -102.74 -20.73 -8.57
O4 PID PM . -102.64 -20.87 -10.82
O5 PID PM . -99.92 -30.64 -19.83
O6 PID PM . -97.71 -34.01 -22.29
O7 PID PM . -97.13 -36.04 -21.54
C1 PID QM . -87.39 -4.63 -8.12
C2 PID QM . -87.56 -5.09 -6.70
C3 PID QM . -86.35 -4.76 -5.87
C4 PID QM . -85.10 -5.35 -6.51
C5 PID QM . -84.77 -4.74 -7.89
C6 PID QM . -86.04 -4.43 -8.69
C7 PID QM . -85.88 -4.45 -10.19
C8 PID QM . -85.66 -3.34 -10.91
C9 PID QM . -85.40 -3.28 -12.27
C10 PID QM . -85.25 -4.40 -13.21
C11 PID QM . -85.21 -2.11 -13.01
C12 PID QM . -84.84 -2.47 -14.34
C13 PID QM . -84.48 -1.56 -15.38
C14 PID QM . -84.04 -1.78 -16.63
C15 PID QM . -83.63 -0.69 -17.36
C16 PID QM . -83.04 -0.65 -18.61
C17 PID QM . -82.61 0.48 -19.28
C18 PID QM . -81.97 0.57 -20.50
C19 PID QM . -81.50 1.75 -21.05
C20 PID QM . -80.77 2.02 -22.19
C21 PID QM . -80.30 3.25 -22.64
C22 PID QM . -79.48 3.42 -23.85
C23 PID QM . -79.29 4.54 -24.49
C24 PID QM . -79.06 5.68 -25.08
C25 PID QM . -77.65 6.02 -25.58
C26 PID QM . -77.33 7.48 -25.24
C27 PID QM . -78.42 8.42 -25.67
C28 PID QM . -79.73 8.09 -24.98
C29 PID QM . -80.19 6.68 -25.31
C30 PID QM . -77.23 10.49 -26.08
C31 PID QM . -77.36 10.08 -27.51
CM1 PID QM . -88.55 -4.87 -9.04
CM2 PID QM . -83.86 -5.74 -8.59
CM3 PID QM . -83.98 -3.44 -7.64
CM4 PID QM . -84.00 -3.13 -17.30
CM5 PID QM . -80.58 4.45 -21.82
CM6 PID QM . -76.60 5.10 -24.93
CM7 PID QM . -77.58 5.83 -27.10
CM8 PID QM . -81.47 6.35 -24.55
O1 PID QM . -86.80 -3.30 -8.21
O2 PID QM . -86.51 -5.30 -4.56
O3 PID QM . -85.37 -5.59 -13.07
O4 PID QM . -84.91 -3.86 -14.45
O5 PID QM . -80.51 6.72 -26.73
O6 PID QM . -78.07 9.79 -25.27
O7 PID QM . -76.48 11.32 -25.65
C DD6 RM . -88.62 -13.55 -11.31
C1 DD6 RM . -89.49 -14.13 -12.39
C10 DD6 RM . -94.09 -20.30 -6.47
C11 DD6 RM . -95.18 -21.02 -6.23
C12 DD6 RM . -96.23 -21.24 -7.27
C13 DD6 RM . -95.33 -21.62 -4.89
C14 DD6 RM . -96.44 -22.25 -4.49
C15 DD6 RM . -96.46 -22.82 -3.10
C16 DD6 RM . -96.19 -24.32 -2.92
C17 DD6 RM . -96.76 -24.83 -1.61
C18 DD6 RM . -96.37 -23.93 -0.46
C19 DD6 RM . -97.17 -22.64 -0.57
C2 DD6 RM . -90.38 -15.09 -12.11
C20 DD6 RM . -96.93 -21.98 -1.92
C21 DD6 RM . -97.53 -20.61 -2.21
C22 DD6 RM . -94.69 -24.57 -2.95
C23 DD6 RM . -96.84 -25.08 -4.08
C24 DD6 RM . -89.36 -13.66 -13.79
C25 DD6 RM . -88.46 -12.76 -14.16
C26 DD6 RM . -88.40 -12.36 -15.57
C27 DD6 RM . -87.55 -11.41 -15.97
C28 DD6 RM . -86.64 -10.74 -14.98
C29 DD6 RM . -87.51 -11.09 -17.18
C3 DD6 RM . -90.57 -15.62 -10.77
C30 DD6 RM . -87.46 -10.84 -18.34
C31 DD6 RM . -87.42 -10.55 -19.56
C32 DD6 RM . -86.23 -10.98 -20.35
C33 DD6 RM . -86.11 -10.25 -21.69
C34 DD6 RM . -87.48 -10.11 -22.34
C35 DD6 RM . -88.28 -9.18 -21.44
C36 DD6 RM . -88.41 -9.80 -20.09
C37 DD6 RM . -89.67 -9.63 -19.30
C4 DD6 RM . -91.59 -16.45 -10.59
C40 DD6 RM . -86.38 -12.48 -20.62
C41 DD6 RM . -84.94 -10.75 -19.54
C5 DD6 RM . -91.85 -17.04 -9.28
C6 DD6 RM . -92.78 -17.99 -9.16
C7 DD6 RM . -93.54 -18.44 -10.38
C8 DD6 RM . -93.06 -18.61 -7.86
C9 DD6 RM . -93.84 -19.68 -7.78
O1 DD6 RM . -95.55 -22.06 -2.29
O2 DD6 RM . -96.67 -24.57 0.79
O4 DD6 RM . -87.35 -9.52 -23.64
C1 PID SM . -86.20 1.30 -9.00
C2 PID SM . -86.76 1.05 -7.63
C3 PID SM . -88.27 1.22 -7.58
C4 PID SM . -88.67 2.55 -8.17
C5 PID SM . -88.34 2.69 -9.67
C6 PID SM . -86.97 2.07 -10.00
C7 PID SM . -86.26 2.76 -11.14
C8 PID SM . -85.65 2.21 -12.21
C9 PID SM . -84.97 2.97 -13.16
C10 PID SM . -84.87 4.44 -13.20
C11 PID SM . -84.25 2.49 -14.26
C12 PID SM . -83.59 3.59 -14.91
C13 PID SM . -82.64 3.59 -15.97
C14 PID SM . -81.77 4.56 -16.26
C15 PID SM . -81.05 4.59 -17.44
C16 PID SM . -80.19 5.60 -17.79
C17 PID SM . -79.30 5.86 -18.82
C18 PID SM . -78.59 7.04 -18.88
C19 PID SM . -77.65 7.51 -19.79
C20 PID SM . -77.08 8.77 -19.80
C21 PID SM . -76.15 9.33 -20.68
C22 PID SM . -75.79 10.75 -20.68
C23 PID SM . -74.76 11.26 -21.30
C24 PID SM . -73.76 11.74 -21.99
C25 PID SM . -74.02 12.73 -23.13
C26 PID SM . -73.21 14.02 -22.88
C27 PID SM . -72.17 13.90 -21.78
C28 PID SM . -71.42 12.60 -21.85
C29 PID SM . -72.32 11.41 -21.56
C30 PID SM . -70.52 15.24 -23.01
C31 PID SM . -69.76 16.52 -22.89
CM1 PID SM . -84.72 1.19 -9.12
CM2 PID SM . -88.36 4.20 -9.96
CM3 PID SM . -89.46 2.00 -10.46
CM4 PID SM . -81.46 5.69 -15.31
CM5 PID SM . -75.51 8.47 -21.70
CM6 PID SM . -73.59 12.12 -24.48
CM7 PID SM . -75.50 13.09 -23.21
CM8 PID SM . -71.78 10.15 -22.21
O1 PID SM . -86.96 0.63 -10.05
O2 PID SM . -88.71 1.13 -6.23
O3 PID SM . -85.31 5.29 -12.50
O4 PID SM . -84.10 4.76 -14.32
O5 PID SM . -72.27 11.26 -20.13
O6 PID SM . -71.22 15.00 -21.86
O7 PID SM . -70.52 14.52 -23.95
C1 PID TM . -100.77 -15.08 -20.01
C2 PID TM . -101.11 -16.37 -20.67
C3 PID TM . -102.20 -16.18 -21.69
C4 PID TM . -103.42 -15.56 -21.04
C5 PID TM . -103.19 -14.15 -20.49
C6 PID TM . -101.77 -13.98 -19.94
C7 PID TM . -101.57 -12.81 -19.01
C8 PID TM . -101.57 -12.74 -17.66
C9 PID TM . -101.23 -11.58 -16.97
C10 PID TM . -100.79 -10.30 -17.56
C11 PID TM . -101.23 -11.38 -15.58
C12 PID TM . -100.68 -10.09 -15.29
C13 PID TM . -100.37 -9.50 -14.02
C14 PID TM . -99.62 -8.40 -13.80
C15 PID TM . -99.59 -7.73 -12.61
C16 PID TM . -98.84 -6.59 -12.40
C17 PID TM . -98.71 -5.62 -11.42
C18 PID TM . -97.86 -4.52 -11.60
C19 PID TM . -97.64 -3.39 -10.82
C20 PID TM . -96.95 -2.25 -11.22
C21 PID TM . -96.77 -1.04 -10.53
C22 PID TM . -96.25 0.18 -11.16
C23 PID TM . -95.81 1.22 -10.48
C24 PID TM . -95.31 2.23 -9.84
C25 PID TM . -95.70 3.66 -10.20
C26 PID TM . -94.78 4.64 -9.47
C27 PID TM . -93.31 4.26 -9.47
C28 PID TM . -93.05 2.85 -8.97
C29 PID TM . -94.28 2.00 -8.72
C30 PID TM . -91.92 5.34 -11.15
C31 PID TM . -91.64 6.23 -9.98
CM1 PID TM . -99.61 -15.11 -19.04
CM2 PID TM . -104.27 -13.93 -19.42
CM3 PID TM . -103.42 -13.17 -21.64
CM4 PID TM . -98.70 -7.83 -14.87
CM5 PID TM . -97.16 -0.95 -9.11
CM6 PID TM . -95.59 3.87 -11.72
CM7 PID TM . -97.15 3.94 -9.79
CM8 PID TM . -93.90 0.54 -8.57
O1 PID TM . -100.73 -13.97 -20.96
O2 PID TM . -102.55 -17.44 -22.26
O3 PID TM . -100.65 -9.95 -18.70
O4 PID TM . -100.53 -9.42 -16.52
O5 PID TM . -94.83 2.47 -7.46
O6 PID TM . -92.75 4.33 -10.83
O7 PID TM . -91.46 5.49 -12.25
C7 UIX UM . -85.75 -24.15 -2.76
C8 UIX UM . -87.30 -25.55 -0.39
C9 UIX UM . -87.55 -23.11 -0.61
O1 UIX UM . -84.55 -24.78 2.86
C1 UIX UM . -83.95 -24.44 -0.82
C5 UIX UM . -84.85 -24.82 1.46
C6 UIX UM . -82.92 -23.89 -1.82
C4 UIX UM . -86.11 -24.04 1.16
O4 UIX UM . -88.06 -25.00 -28.04
C3 UIX UM . -83.73 -24.17 0.67
O3 UIX UM . -86.83 -21.55 -23.59
C2 UIX UM . -86.56 -24.23 -0.28
C UIX UM . -85.39 -24.21 -1.28
O UIX UM . -84.80 -25.52 -1.18
C10 UIX UM . -85.74 -23.05 -3.52
C11 UIX UM . -86.13 -23.25 -4.93
C12 UIX UM . -86.48 -24.64 -5.39
C13 UIX UM . -86.18 -22.25 -5.81
C14 UIX UM . -86.61 -22.55 -7.17
C15 UIX UM . -89.07 -24.49 -22.96
C16 UIX UM . -86.97 -22.98 -23.49
C17 UIX UM . -88.33 -25.44 -23.89
C18 UIX UM . -87.92 -24.74 -25.17
C19 UIX UM . -87.00 -23.53 -24.92
C20 UIX UM . -88.25 -23.25 -22.73
C21 UIX UM . -89.31 -25.16 -21.61
C22 UIX UM . -90.40 -24.08 -23.59
C23 UIX UM . -86.10 -21.96 -8.26
C24 UIX UM . -85.77 -23.50 -22.71
C25 UIX UM . -88.65 -22.41 -21.88
C26 UIX UM . -86.65 -22.38 -9.57
C27 UIX UM . -87.06 -25.22 -27.37
C28 UIX UM . -89.09 -21.58 -21.05
O2 UIX UM . -87.23 -25.67 -26.00
C29 UIX UM . -87.80 -23.34 -9.61
C30 UIX UM . -86.12 -21.92 -10.72
C31 UIX UM . -85.68 -25.05 -27.94
C32 UIX UM . -88.37 -21.21 -19.80
C33 UIX UM . -88.13 -19.76 -19.51
C34 UIX UM . -86.71 -22.36 -11.99
C35 UIX UM . -87.94 -22.16 -18.95
C36 UIX UM . -87.25 -21.78 -17.72
C37 UIX UM . -86.47 -21.70 -13.11
C38 UIX UM . -87.95 -21.63 -16.61
C39 UIX UM . -87.08 -22.14 -14.37
C40 UIX UM . -87.34 -21.23 -15.32
C41 UIX UM . -87.00 -19.80 -15.08
C1 PID VM . -103.20 -9.60 -25.89
C2 PID VM . -103.26 -9.78 -27.37
C3 PID VM . -101.91 -10.19 -27.93
C4 PID VM . -100.86 -9.18 -27.52
C5 PID VM . -100.62 -9.10 -26.00
C6 PID VM . -101.92 -9.29 -25.21
C7 PID VM . -101.94 -8.72 -23.81
C8 PID VM . -102.31 -7.49 -23.42
C9 PID VM . -102.47 -7.04 -22.12
C10 PID VM . -102.51 -7.85 -20.89
C11 PID VM . -102.62 -5.71 -21.71
C12 PID VM . -102.78 -5.67 -20.28
C13 PID VM . -102.98 -4.50 -19.48
C14 PID VM . -103.29 -4.37 -18.18
C15 PID VM . -103.32 -3.12 -17.60
C16 PID VM . -103.60 -2.80 -16.28
C17 PID VM . -103.58 -1.60 -15.59
C18 PID VM . -103.90 -1.41 -14.24
C19 PID VM . -103.83 -0.24 -13.51
C20 PID VM . -104.15 0.01 -12.18
C21 PID VM . -104.03 1.19 -11.46
C22 PID VM . -104.38 1.35 -10.04
C23 PID VM . -104.36 2.52 -9.44
C24 PID VM . -104.38 3.67 -8.85
C25 PID VM . -103.74 3.86 -7.47
C26 PID VM . -104.68 4.66 -6.56
C27 PID VM . -105.17 5.93 -7.21
C28 PID VM . -105.95 5.59 -8.46
C29 PID VM . -105.10 4.86 -9.50
C30 PID VM . -106.34 7.92 -6.45
C31 PID VM . -105.19 8.62 -7.10
CM1 PID VM . -104.52 -9.27 -25.23
CM2 PID VM . -99.96 -7.73 -25.79
CM3 PID VM . -99.62 -10.20 -25.64
CM4 PID VM . -103.62 -5.54 -17.28
CM5 PID VM . -103.48 2.39 -12.15
CM6 PID VM . -103.45 2.50 -6.82
CM7 PID VM . -102.40 4.61 -7.59
CM8 PID VM . -105.96 4.45 -10.68
O1 PID VM . -102.44 -10.65 -25.23
O2 PID VM . -101.98 -10.26 -29.36
O3 PID VM . -102.43 -9.04 -20.70
O4 PID VM . -102.70 -6.98 -19.81
O5 PID VM . -104.13 5.84 -9.94
O6 PID VM . -106.11 6.59 -6.31
O7 PID VM . -107.35 8.45 -6.09
MG CLA WM . -108.83 -11.83 -5.43
CHA CLA WM . -107.52 -8.80 -4.37
CHB CLA WM . -111.29 -11.59 -3.08
CHC CLA WM . -110.12 -14.82 -6.55
CHD CLA WM . -106.32 -11.99 -7.93
NA CLA WM . -109.30 -10.41 -3.97
C1A CLA WM . -108.64 -9.21 -3.70
C2A CLA WM . -109.32 -8.44 -2.56
C3A CLA WM . -110.49 -9.36 -2.16
C4A CLA WM . -110.38 -10.55 -3.13
CMA CLA WM . -110.38 -9.76 -0.70
CAA CLA WM . -109.87 -7.12 -3.05
CBA CLA WM . -110.61 -7.29 -4.36
CGA CLA WM . -111.01 -5.95 -4.91
O1A CLA WM . -111.74 -5.10 -4.42
O2A CLA WM . -110.45 -5.69 -6.13
NB CLA WM . -110.40 -12.98 -4.92
C1B CLA WM . -111.29 -12.72 -3.92
C2B CLA WM . -112.28 -13.82 -3.83
C3B CLA WM . -111.96 -14.75 -4.80
C4B CLA WM . -110.76 -14.22 -5.51
CMB CLA WM . -113.37 -13.85 -2.85
CAB CLA WM . -112.60 -15.99 -5.13
CBB CLA WM . -112.02 -17.18 -5.19
NC CLA WM . -108.29 -13.17 -6.95
C1C CLA WM . -108.96 -14.33 -7.22
C2C CLA WM . -108.32 -15.02 -8.34
C3C CLA WM . -107.26 -14.22 -8.75
C4C CLA WM . -107.25 -13.04 -7.88
CMC CLA WM . -108.76 -16.30 -8.89
CAC CLA WM . -106.33 -14.49 -9.86
CBC CLA WM . -106.68 -13.73 -11.12
ND CLA WM . -107.25 -10.73 -6.03
C1D CLA WM . -106.29 -10.91 -7.07
C2D CLA WM . -105.34 -9.76 -7.04
C3D CLA WM . -105.75 -8.94 -6.02
C4D CLA WM . -106.95 -9.58 -5.44
CMD CLA WM . -104.20 -9.61 -7.95
CAD CLA WM . -105.49 -7.72 -5.28
OBD CLA WM . -104.59 -6.90 -5.42
CBD CLA WM . -106.64 -7.58 -4.23
CGD CLA WM . -106.11 -7.47 -2.82
O1D CLA WM . -105.40 -8.28 -2.21
O2D CLA WM . -106.47 -6.32 -2.18
CED CLA WM . -106.70 -6.40 -0.77
C1 CLA WM . -111.22 -4.86 -7.03
C2 CLA WM . -110.34 -4.54 -8.17
MG CLA XM . -96.18 -17.48 -1.49
CHA CLA XM . -97.82 -17.59 1.56
CHB CLA XM . -93.18 -17.46 0.10
CHC CLA XM . -94.62 -17.40 -4.57
CHD CLA XM . -99.32 -17.60 -3.12
NA CLA XM . -95.61 -17.52 0.52
C1A CLA XM . -96.45 -17.57 1.65
C2A CLA XM . -95.61 -17.60 2.92
C3A CLA XM . -94.15 -17.55 2.42
C4A CLA XM . -94.30 -17.51 0.90
CMA CLA XM . -93.40 -16.36 2.97
CAA CLA XM . -95.83 -18.90 3.69
CBA CLA XM . -95.92 -20.11 2.78
CGA CLA XM . -94.58 -20.72 2.56
O1A CLA XM . -93.88 -21.34 3.36
O2A CLA XM . -94.11 -20.56 1.28
NB CLA XM . -94.26 -17.45 -2.12
C1B CLA XM . -93.17 -17.42 -1.32
C2B CLA XM . -91.93 -17.32 -2.14
C3B CLA XM . -92.33 -17.30 -3.47
C4B CLA XM . -93.82 -17.38 -3.46
CMB CLA XM . -90.60 -17.26 -1.55
CAB CLA XM . -91.60 -17.21 -4.70
CBB CLA XM . -90.27 -17.12 -4.86
NC CLA XM . -96.85 -17.48 -3.47
C1C CLA XM . -96.04 -17.44 -4.58
C2C CLA XM . -96.85 -17.46 -5.79
C3C CLA XM . -98.17 -17.55 -5.38
C4C CLA XM . -98.17 -17.56 -3.92
CMC CLA XM . -96.33 -17.42 -7.16
CAC CLA XM . -99.35 -17.61 -6.25
CBC CLA XM . -99.87 -19.03 -6.41
ND CLA XM . -98.14 -17.53 -0.97
C1D CLA XM . -99.33 -17.57 -1.74
C2D CLA XM . -100.50 -17.59 -0.83
C3D CLA XM . -99.97 -17.57 0.46
C4D CLA XM . -98.51 -17.56 0.31
CMD CLA XM . -101.89 -17.60 -1.26
CAD CLA XM . -100.27 -17.58 1.88
OBD CLA XM . -101.35 -17.57 2.45
CBD CLA XM . -98.89 -17.61 2.63
CGD CLA XM . -98.77 -16.46 3.59
O1D CLA XM . -99.00 -15.26 3.36
O2D CLA XM . -98.35 -16.81 4.83
CED CLA XM . -98.63 -15.91 5.90
C1 CLA XM . -92.71 -20.84 1.08
C2 CLA XM . -92.45 -20.67 -0.36
C3 CLA XM . -92.15 -21.70 -1.18
C4 CLA XM . -92.02 -23.09 -0.69
C5 CLA XM . -91.91 -21.45 -2.64
C6 CLA XM . -91.46 -22.69 -3.38
C7 CLA XM . -91.95 -22.66 -4.81
C8 CLA XM . -91.24 -23.71 -5.66
C9 CLA XM . -89.78 -23.34 -5.80
C10 CLA XM . -91.87 -23.84 -7.03
C11 CLA XM . -93.38 -23.94 -6.96
C12 CLA XM . -93.99 -24.47 -8.25
C13 CLA XM . -93.41 -23.77 -9.47
C14 CLA XM . -94.49 -23.00 -10.20
C15 CLA XM . -92.75 -24.76 -10.42
C16 CLA XM . -92.13 -24.08 -11.61
C17 CLA XM . -92.09 -25.01 -12.81
C18 CLA XM . -90.69 -25.14 -13.39
C19 CLA XM . -89.68 -25.48 -12.31
C20 CLA XM . -90.68 -26.22 -14.44
NB KC1 YM . -87.61 -18.33 -8.34
ND KC1 YM . -84.65 -16.36 -6.71
C1A KC1 YM . -85.96 -17.92 -4.45
C1B KC1 YM . -88.39 -19.22 -7.72
C1C KC1 YM . -86.39 -16.66 -10.47
C1D KC1 YM . -83.78 -15.52 -7.31
C2A KC1 YM . -86.62 -18.73 -3.42
C2B KC1 YM . -89.37 -19.72 -8.63
C2C KC1 YM . -85.77 -15.86 -11.52
C2D KC1 YM . -82.90 -15.02 -6.31
C3A KC1 YM . -87.60 -19.46 -4.08
C3B KC1 YM . -89.14 -19.12 -9.84
C3C KC1 YM . -84.70 -15.23 -10.95
C3D KC1 YM . -83.31 -15.56 -5.09
C4A KC1 YM . -87.54 -19.11 -5.45
C4B KC1 YM . -88.01 -18.23 -9.62
C4C KC1 YM . -84.65 -15.63 -9.56
C4D KC1 YM . -84.39 -16.39 -5.38
CAA KC1 YM . -86.32 -18.79 -1.99
CAB KC1 YM . -89.89 -19.31 -11.08
CAC KC1 YM . -83.76 -14.30 -11.65
CAD KC1 YM . -83.05 -15.64 -3.64
CBA KC1 YM . -87.15 -18.26 -1.05
CBB KC1 YM . -89.35 -19.99 -12.09
CBC KC1 YM . -84.29 -12.87 -11.54
CBD KC1 YM . -83.86 -16.86 -3.23
CED KC1 YM . -83.28 -20.43 -3.06
CGA KC1 YM . -87.14 -18.81 0.25
CGD KC1 YM . -82.99 -18.09 -3.24
CHA KC1 YM . -84.91 -17.01 -4.28
CHB KC1 YM . -88.38 -19.66 -6.42
CHC KC1 YM . -87.53 -17.46 -10.65
CHD KC1 YM . -83.68 -15.18 -8.65
CMA KC1 YM . -88.54 -20.44 -3.46
CMB KC1 YM . -90.43 -20.73 -8.33
CMC KC1 YM . -86.21 -15.75 -12.95
CMD KC1 YM . -81.76 -14.06 -6.53
NA KC1 YM . -86.56 -18.18 -5.67
NC KC1 YM . -85.70 -16.49 -9.30
O1A KC1 YM . -87.17 -20.02 0.36
O1D KC1 YM . -82.31 -18.30 -4.21
O2A KC1 YM . -86.60 -18.10 1.26
O2D KC1 YM . -83.33 -19.12 -2.45
OBD KC1 YM . -82.13 -15.15 -3.04
MG KC1 YM . -86.12 -17.37 -7.51
MG CLA ZM . -88.17 -3.44 -20.89
CHA CLA ZM . -87.07 -2.89 -24.13
CHB CLA ZM . -85.67 -5.70 -20.42
CHC CLA ZM . -89.28 -3.91 -17.66
CHD CLA ZM . -90.83 -1.19 -21.47
NA CLA ZM . -86.61 -4.14 -22.09
C1A CLA ZM . -86.32 -3.78 -23.42
C2A CLA ZM . -85.09 -4.53 -23.92
C3A CLA ZM . -84.72 -5.47 -22.74
C4A CLA ZM . -85.72 -5.08 -21.66
CMA CLA ZM . -84.81 -6.93 -23.12
CAA CLA ZM . -83.96 -3.57 -24.20
CBA CLA ZM . -83.42 -2.92 -22.93
CGA CLA ZM . -84.09 -1.61 -22.67
O1A CLA ZM . -83.94 -0.54 -23.26
O2A CLA ZM . -84.98 -1.65 -21.63
NB CLA ZM . -87.62 -4.63 -19.35
C1B CLA ZM . -86.54 -5.43 -19.33
C2B CLA ZM . -86.36 -6.03 -17.97
C3B CLA ZM . -87.39 -5.53 -17.19
C4B CLA ZM . -88.19 -4.62 -18.06
CMB CLA ZM . -85.26 -6.93 -17.65
CAB CLA ZM . -87.70 -5.73 -15.80
CBB CLA ZM . -87.45 -6.83 -15.08
NC CLA ZM . -89.75 -2.65 -19.77
C1C CLA ZM . -90.02 -2.97 -18.47
C2C CLA ZM . -91.19 -2.24 -18.00
C3C CLA ZM . -91.64 -1.49 -19.09
C4C CLA ZM . -90.74 -1.77 -20.19
CMC CLA ZM . -91.75 -2.31 -16.65
CAC CLA ZM . -92.81 -0.58 -19.11
CBC CLA ZM . -92.42 0.87 -19.07
ND CLA ZM . -88.77 -2.18 -22.35
C1D CLA ZM . -89.93 -1.38 -22.49
C2D CLA ZM . -89.95 -0.79 -23.84
C3D CLA ZM . -88.85 -1.30 -24.50
C4D CLA ZM . -88.18 -2.20 -23.55
CMD CLA ZM . -90.97 0.14 -24.31
CAD CLA ZM . -88.07 -1.31 -25.73
OBD CLA ZM . -88.17 -0.60 -26.72
CBD CLA ZM . -87.00 -2.43 -25.57
CGD CLA ZM . -87.32 -3.56 -26.49
O1D CLA ZM . -87.11 -3.65 -27.70
O2D CLA ZM . -87.98 -4.59 -25.87
CED CLA ZM . -87.58 -5.93 -26.17
C1 CLA ZM . -85.53 -0.39 -21.18
C2 CLA ZM . -86.21 -0.65 -19.89
C3 CLA ZM . -86.45 0.31 -18.98
C4 CLA ZM . -86.06 1.72 -19.20
C5 CLA ZM . -87.14 -0.01 -17.69
C6 CLA ZM . -88.17 1.03 -17.30
NB KC1 AN . -75.29 4.13 -19.53
ND KC1 AN . -77.04 1.04 -21.19
C1A KC1 AN . -75.04 2.07 -23.25
C1B KC1 AN . -74.43 4.96 -20.13
C1C KC1 AN . -77.20 3.06 -17.55
C1D KC1 AN . -78.06 0.31 -20.69
C2A KC1 AN . -74.12 2.68 -24.22
C2B KC1 AN . -74.03 6.00 -19.24
C2C KC1 AN . -78.20 2.57 -16.60
C2D KC1 AN . -78.38 -0.67 -21.65
C3A KC1 AN . -73.62 3.82 -23.59
C3B KC1 AN . -74.71 5.78 -18.07
C3C KC1 AN . -78.86 1.57 -17.21
C3D KC1 AN . -77.54 -0.50 -22.74
C4A KC1 AN . -74.19 3.89 -22.31
C4B KC1 AN . -75.51 4.59 -18.29
C4C KC1 AN . -78.28 1.40 -18.53
C4D KC1 AN . -76.71 0.58 -22.42
CAA KC1 AN . -73.82 2.20 -25.57
CAB KC1 AN . -74.64 6.58 -16.83
CAC KC1 AN . -79.99 0.79 -16.59
CAD KC1 AN . -77.17 -1.00 -24.07
CBA KC1 AN . -72.58 2.05 -26.10
CBB KC1 AN . -75.23 7.77 -16.78
CBC KC1 AN . -79.67 -0.70 -16.46
CBD KC1 AN . -76.19 0.04 -24.59
CED KC1 AN . -72.79 -1.50 -25.23
CGA KC1 AN . -72.42 2.26 -27.49
CGD KC1 AN . -75.03 -0.69 -25.21
CHA KC1 AN . -75.80 0.89 -23.40
CHB KC1 AN . -73.90 4.92 -21.41
CHC KC1 AN . -76.31 4.10 -17.29
CHD KC1 AN . -78.70 0.45 -19.47
CMA KC1 AN . -72.63 4.80 -24.17
CMB KC1 AN . -73.07 7.12 -19.51
CMC KC1 AN . -78.45 3.11 -15.22
CMD KC1 AN . -79.46 -1.71 -21.51
NA KC1 AN . -75.05 2.84 -22.10
NC KC1 AN . -77.27 2.32 -18.70
O1A KC1 AN . -71.73 1.50 -28.14
O1D KC1 AN . -75.06 -0.96 -26.38
O2A KC1 AN . -73.07 3.27 -28.10
O2D KC1 AN . -73.94 -0.96 -24.50
OBD KC1 AN . -77.32 -2.13 -24.48
MG KC1 AN . -76.12 2.56 -20.37
MG CLA BN . -80.50 -9.66 -6.50
CHA CLA BN . -82.14 -11.29 -3.91
CHB CLA BN . -77.87 -9.03 -4.43
CHC CLA BN . -78.79 -8.41 -9.18
CHD CLA BN . -83.27 -10.33 -8.60
NA CLA BN . -80.12 -10.05 -4.49
C1A CLA BN . -80.91 -10.77 -3.58
C2A CLA BN . -80.24 -10.85 -2.22
C3A CLA BN . -79.06 -9.85 -2.35
C4A CLA BN . -78.98 -9.63 -3.86
CMA CLA BN . -79.30 -8.58 -1.57
CAA CLA BN . -79.75 -12.27 -1.98
CBA CLA BN . -79.08 -12.85 -3.22
CGA CLA BN . -79.12 -14.35 -3.23
O1A CLA BN . -79.29 -15.14 -2.30
O2A CLA BN . -78.92 -14.87 -4.49
NB CLA BN . -78.72 -8.76 -6.73
C1B CLA BN . -77.72 -8.81 -5.81
C2B CLA BN . -76.40 -8.58 -6.47
C3B CLA BN . -76.66 -8.41 -7.81
C4B CLA BN . -78.13 -8.50 -7.99
CMB CLA BN . -75.14 -8.58 -5.72
CAB CLA BN . -75.79 -8.18 -8.95
CBB CLA BN . -74.46 -8.13 -8.96
NC CLA BN . -80.98 -9.35 -8.51
C1C CLA BN . -80.13 -8.81 -9.43
C2C CLA BN . -80.79 -8.74 -10.73
C3C CLA BN . -82.04 -9.30 -10.58
C4C CLA BN . -82.17 -9.68 -9.17
CMC CLA BN . -80.16 -8.21 -11.95
CAC CLA BN . -83.08 -9.47 -11.62
CBC CLA BN . -83.70 -8.17 -12.09
ND CLA BN . -82.30 -10.57 -6.35
C1D CLA BN . -83.35 -10.74 -7.28
C2D CLA BN . -84.47 -11.46 -6.62
C3D CLA BN . -84.05 -11.73 -5.33
C4D CLA BN . -82.70 -11.13 -5.21
CMD CLA BN . -85.72 -11.80 -7.29
CAD CLA BN . -84.38 -12.30 -4.04
OBD CLA BN . -85.40 -12.90 -3.70
CBD CLA BN . -83.17 -12.05 -3.10
CGD CLA BN . -83.58 -11.31 -1.84
O1D CLA BN . -83.43 -10.12 -1.59
O2D CLA BN . -84.18 -12.11 -0.91
CED CLA BN . -83.54 -12.25 0.35
C1 CLA BN . -78.92 -16.31 -4.61
MG CLA CN . -94.51 -1.20 -3.37
CHA CLA CN . -93.14 -0.25 -0.32
CHB CLA CN . -97.64 -0.84 -2.10
CHC CLA CN . -95.78 -2.38 -6.33
CHD CLA CN . -91.22 -1.55 -4.67
NA CLA CN . -95.24 -0.60 -1.51
C1A CLA CN . -94.52 -0.25 -0.36
C2A CLA CN . -95.48 0.13 0.78
C3A CLA CN . -96.88 0.08 0.11
C4A CLA CN . -96.59 -0.50 -1.27
CMA CLA CN . -97.87 -0.75 0.89
CAA CLA CN . -95.24 1.51 1.36
CBA CLA CN . -94.84 1.42 2.81
CGA CLA CN . -95.96 1.82 3.72
O1A CLA CN . -97.15 1.48 3.68
O2A CLA CN . -95.56 2.67 4.71
NB CLA CN . -96.36 -1.52 -4.10
C1B CLA CN . -97.51 -1.38 -3.40
C2B CLA CN . -98.66 -1.85 -4.21
C3B CLA CN . -98.14 -2.28 -5.41
C4B CLA CN . -96.67 -2.08 -5.35
CMB CLA CN . -100.03 -1.83 -3.72
CAB CLA CN . -98.80 -2.86 -6.56
CBB CLA CN . -99.70 -3.83 -6.54
NC CLA CN . -93.65 -1.81 -5.18
C1C CLA CN . -94.37 -2.25 -6.27
C2C CLA CN . -93.47 -2.61 -7.36
C3C CLA CN . -92.17 -2.37 -6.89
C4C CLA CN . -92.30 -1.87 -5.53
CMC CLA CN . -93.89 -3.11 -8.66
CAC CLA CN . -90.92 -2.58 -7.63
CBC CLA CN . -90.60 -1.46 -8.59
ND CLA CN . -92.60 -0.92 -2.73
C1D CLA CN . -91.34 -1.13 -3.37
C2D CLA CN . -90.27 -0.81 -2.40
C3D CLA CN . -90.90 -0.50 -1.22
C4D CLA CN . -92.35 -0.58 -1.47
CMD CLA CN . -88.84 -0.89 -2.70
CAD CLA CN . -90.72 -0.09 0.16
OBD CLA CN . -89.68 0.12 0.78
CBD CLA CN . -92.14 0.04 0.79
CGD CLA CN . -92.33 -0.87 1.97
O1D CLA CN . -92.61 -2.07 1.93
O2D CLA CN . -92.17 -0.30 3.20
CED CLA CN . -91.37 0.87 3.37
C1 CLA CN . -95.07 2.06 5.93
C2 CLA CN . -93.60 2.25 5.98
NB KC1 DN . -102.45 -4.56 -12.01
ND KC1 DN . -105.23 -5.61 -9.46
C1A KC1 DN . -103.97 -3.09 -8.32
C1B KC1 DN . -101.70 -3.44 -11.93
C1C KC1 DN . -103.66 -7.07 -13.03
C1D KC1 DN . -106.08 -6.66 -9.56
C2A KC1 DN . -103.36 -1.83 -7.87
C2B KC1 DN . -100.81 -3.37 -13.03
C2C KC1 DN . -104.28 -8.27 -13.55
C2D KC1 DN . -106.91 -6.63 -8.42
C3A KC1 DN . -102.44 -1.50 -8.84
C3B KC1 DN . -101.06 -4.48 -13.80
C3C KC1 DN . -105.28 -8.60 -12.69
C3D KC1 DN . -106.54 -5.55 -7.64
C4A KC1 DN . -102.48 -2.47 -9.84
C4B KC1 DN . -102.09 -5.22 -13.12
C4C KC1 DN . -105.29 -7.61 -11.64
C4D KC1 DN . -105.47 -4.94 -8.32
CAA KC1 DN . -103.65 -1.08 -6.64
CAB KC1 DN . -100.36 -4.86 -15.05
CAC KC1 DN . -106.21 -9.77 -12.83
CAD KC1 DN . -106.78 -4.79 -6.40
CBA KC1 DN . -102.87 -1.20 -5.55
CBB KC1 DN . -100.49 -4.13 -16.16
CBC KC1 DN . -107.58 -9.31 -13.33
CBD KC1 DN . -105.87 -3.56 -6.54
CED KC1 DN . -107.12 -1.66 -4.57
CGA KC1 DN . -103.12 -0.37 -4.43
CGD KC1 DN . -106.71 -2.34 -6.81
CHA KC1 DN . -104.97 -3.84 -7.69
CHB KC1 DN . -101.69 -2.44 -10.99
CHC KC1 DN . -102.58 -6.41 -13.63
CHD KC1 DN . -106.19 -7.61 -10.56
CMA KC1 DN . -101.55 -0.28 -8.83
CMB KC1 DN . -99.82 -2.28 -13.31
CMC KC1 DN . -103.91 -9.02 -14.80
CMD KC1 DN . -108.02 -7.61 -8.11
NA KC1 DN . -103.41 -3.44 -9.54
NC KC1 DN . -104.28 -6.69 -11.87
O1A KC1 DN . -102.59 0.72 -4.37
O1D KC1 DN . -107.27 -2.22 -7.88
O2A KC1 DN . -104.11 -0.68 -3.57
O2D KC1 DN . -106.74 -1.34 -5.92
OBD KC1 DN . -107.73 -4.90 -5.65
MG KC1 DN . -103.82 -5.08 -10.71
MG CLA EN . -100.77 -21.15 -19.85
CHA CLA EN . -101.09 -22.76 -22.91
CHB CLA EN . -103.78 -19.65 -20.32
CHC CLA EN . -100.37 -19.56 -16.82
CHD CLA EN . -97.60 -22.69 -19.43
NA CLA EN . -102.20 -21.22 -21.37
C1A CLA EN . -102.15 -21.96 -22.57
C2A CLA EN . -103.42 -21.73 -23.40
C3A CLA EN . -104.26 -20.77 -22.53
C4A CLA EN . -103.37 -20.52 -21.31
CMA CLA EN . -104.65 -19.52 -23.27
CAA CLA EN . -104.18 -23.03 -23.62
NB CLA EN . -101.87 -19.87 -18.76
C1B CLA EN . -103.06 -19.32 -19.15
C2B CLA EN . -103.49 -18.30 -18.15
C3B CLA EN . -102.54 -18.28 -17.16
C4B CLA EN . -101.50 -19.27 -17.53
CMB CLA EN . -104.74 -17.53 -18.28
CAB CLA EN . -102.45 -17.48 -15.96
CBB CLA EN . -102.65 -16.17 -15.87
NC CLA EN . -99.27 -21.16 -18.39
C1C CLA EN . -99.33 -20.45 -17.22
C2C CLA EN . -98.14 -20.73 -16.41
C3C CLA EN . -97.33 -21.58 -17.17
C4C CLA EN . -98.05 -21.85 -18.41
CMC CLA EN . -97.88 -20.16 -15.10
CAC CLA EN . -96.02 -22.13 -16.78
CBC CLA EN . -96.12 -23.54 -16.26
ND CLA EN . -99.58 -22.43 -20.86
C1D CLA EN . -98.31 -22.98 -20.58
C2D CLA EN . -97.90 -23.86 -21.70
C3D CLA EN . -98.92 -23.81 -22.62
C4D CLA EN . -99.94 -22.90 -22.06
CMD CLA EN . -96.65 -24.60 -21.74
CAD CLA EN . -99.41 -24.27 -23.91
OBD CLA EN . -98.89 -25.03 -24.71
CBD CLA EN . -100.81 -23.61 -24.13
CGD CLA EN . -100.85 -22.77 -25.39
O1D CLA EN . -101.80 -22.62 -26.16
O2D CLA EN . -99.67 -22.15 -25.67
CED CLA EN . -99.73 -20.81 -26.15
#